data_8BHY
#
_entry.id   8BHY
#
_cell.length_a   1.00
_cell.length_b   1.00
_cell.length_c   1.00
_cell.angle_alpha   90.00
_cell.angle_beta   90.00
_cell.angle_gamma   90.00
#
_symmetry.space_group_name_H-M   'P 1'
#
loop_
_entity.id
_entity.type
_entity.pdbx_description
1 polymer 'DNA-dependent protein kinase catalytic subunit'
2 polymer 'X-ray repair cross-complementing protein 6'
3 polymer 'X-ray repair cross-complementing protein 5'
4 polymer 'Protein PAXX'
5 polymer 'DNA repair protein XRCC4'
6 polymer 'DNA ligase 4'
7 polymer 'DNA (25-MER)'
8 polymer 'DNA (27-MER)'
9 polymer 'DNA (26-MER)'
10 polymer "DNA (5'-D(P*AP*AP*TP*AP*AP*TP*AP*GP*TP*TP*TP*TP*TP*AP*GP*TP*TP*TP*AP*TP*TP*GP*GP*G)-3')"
11 polymer 'Non-homologous end-joining factor 1'
#
loop_
_entity_poly.entity_id
_entity_poly.type
_entity_poly.pdbx_seq_one_letter_code
_entity_poly.pdbx_strand_id
1 'polypeptide(L)'
;MAGSGAGVRCSLLRLQETLSAADRCGAALAGHQLIRGLGQECVLSSSPAVLALQTSLVFSRDFGLLVFVRKSLNSIEFRE
CREEILKFLCIFLEKMGQKIAPYSVEIKNTCTSVYTKDRAAKCKIPALDLLIKLLQTFRSSRLMDEFKIGELFSKFYGEL
ALKKKIPDTVLEKVYELLGLLGEVHPSEMINNAENLFRAFLGELKTQMTSAVREPKLPVLAGCLKGLSSLLCNFTKSMEE
DPQTSREIFNFVLKAIRPQIDLKRYAVPSAGLRLFALHASQFSTCLLDNYVSLFEVLLKWCAHTNVELKKAALSALESFL
KQVSNMVAKNAEMHKNKLQYFMEQFYGIIRNVDSNNKELSIAIRGYGLFAGPCKVINAKDVDFMYVELIQRCKQMFLTQT
DTGDDRVYQMPSFLQSVASVLLYLDTVPEVYTPVLEHLVVMQIDSFPQYSPKMQLVCCRAIVKVFLALAAKGPVLRNCIS
TVVHQGLIRICSKPVVLPKGPESESEDHRASGEVRTGKWKVPTYKDYVDLFRHLLSSDQMMDSILADEAFFSVNSSSESL
NHLLYDEFVKSVLKIVEKLDLTLEIQTVGEQENGDEAPGVWMIPTSDPAANLHPAKPKDFSAFINLVEFCREILPEKQAE
FFEPWVYSFSYELILQSTRLPLISGFYKLLSITVRNAKKIKYFEGVSPKSLKHSPEDPEKYSCFALFVKFGKEVAVKMKQ
YKDELLASCLTFLLSLPHNIIELDVRAYVPALQMAFKLGLSYTPLAEVGLNALEEWSIYIDRHVMQPYYKDILPCLDGYL
KTSALSDETKNNWEVSALSRAAQKGFNKVVLKHLKKTKNLSSNEAISLEEIRIRVVQMLGSLGGQINKNLLTVTSSDEMM
KSYVAWDREKRLSFAVPFREMKPVIFLDVFLPRVTELALTASDRQTKVAACELLHSMVMFMLGKATQMPEGGQGAPPMYQ
LYKRTFPVLLRLACDVDQVTRQLYEPLVMQLIHWFTNNKKFESQDTVALLEAILDGIVDPVDSTLRDFCGRCIREFLKWS
IKQITPQQQEKSPVNTKSLFKRLYSLALHPNAFKRLGASLAFNNIYREFREEESLVEQFVFEALVIYMESLALAHADEKS
LGTIQQCCDAIDHLCRIIEKKHVSLNKAKKRRLPRGFPPSASLCLLDLVKWLLAHCGRPQTECRHKSIELFYKFVPLLPG
NRSPNLWLKDVLKEEGVSFLINTFEGGGCGQPSGILAQPTLLYLRGPFSLQATLCWLDLLLAALECYNTFIGERTVGALQ
VLGTEAQSSLLKAVAFFLESIAMHDIIAAEKCFGTGAAGNRTSPQEGERYNYSKCTVVVRIMEFTTTLLNTSPEGWKLLK
KDLCNTHLMRVLVQTLCEPASIGFNIGDVQVMAHLPDVCVNLMKALKMSPYKDILETHLREKITAQSIEELCAVNLYGPD
AQVDRSRLAAVVSACKQLHRAGLLHNILPSQSTDLHHSVGTELLSLVYKGIAPGDERQCLPSLDLSCKQLASGLLELAFA
FGGLCERLVSLLLNPAVLSTASLGSSQGSVIHFSHGEYFYSLFSETINTELLKNLDLAVLELMQSSVDNTKMVSAVLNGM
LDQSFRERANQKHQGLKLATTILQHWKKCDSWWAKDSPLETKMAVLALLAKILQIDSSVSFNTSHGSFPEVFTTYISLLA
DTKLDLHLKGQAVTLLPFFTSLTGGSLEELRRVLEQLIVAHFPMQSREFPPGTPRFNNYVDCMKKFLDALELSQSPMLLE
LMTEVLCREQQHVMEELFQSSFRRIARRGSCVTQVGLLESVYEMFRKDDPRLSFTRQSFVDRSLLTLLWHCSLDALREFF
STIVVDAIDVLKSRFTKLNESTFDTQITKKMGYYKILDVMYSRLPKDDVHAKESKINQVFHGSCITEGNELTKTLIKLCY
DAFTENMAGENQLLERRRLYHCAAYNCAISVICCVFNELKFYQGFLFSEKPEKNLLIFENLIDLKRRYNFPVEVEVPMER
KKKYIEIRKEAREAANGDSDGPSYMSSLSYLADSTLSEEMSQFDFSTGVQSYSYSSQDPRPATGRFRRREQRDPTVHDDV
LELEMDELNRHECMAPLTALVKHMHRSLGPPQGEEDSVPRDLPSWMKFLHGKLGNPIVPLNIRLFLAKLVINTEEVFRPY
AKHWLSPLLQLAASENNGGEGIHYMVVEIVATILSWTGLATPTGVPKDEVLANRLLNFLMKHVFHPKRAVFRHNLEIIKT
LVECWKDCLSIPYRLIFEKFSGKDPNSKDNSVGIQLLGIVMANDLPPYDPQCGIQSSEYFQALVNNMSFVRYKEVYAAAA
EVLGLILRYVMERKNILEESLCELVAKQLKQHQNTMEDKFIVCLNKVTKSFPPLADRFMNAVFFLLPKFHGVLKTLCLEV
VLCRVEGMTELYFQLKSKDFVQVMRHRDDERQKVCLDIIYKMMPKLKPVELRELLNPVVEFVSHPSTTCREQMYNILMWI
HDNYRDPESETDNDSQEIFKLAKDVLIQGLIDENPGLQLIIRNFWSHETRLPSNTLDRLLALNSLYSPKIEVHFLSLATN
FLLEMTSMSPDYPNPMFEHPLSECEFQEYTIDSDWRFRSTVLTPMFVETQASQGTLQTRTQEGSLSARWPVAGQIRATQQ
QHDFTLTQTADGRSSFDWLTGSSTDPLVDHTSPSSDSLLFAHKRSERLQRAPLKSVGPDFGKKRLGLPGDEVDNKVKGAA
GRTDLLRLRRRFMRDQEKLSLMYARKGVAEQKREKEIKSELKMKQDAQVVLYRSYRHGDLPDIQIKHSSLITPLQAVAQR
DPIIAKQLFSSLFSGILKEMDKFKTLSEKNNITQKLLQDFNRFLNTTFSFFPPFVSCIQDISCQHAALLSLDPAAVSAGC
LASLQQPVGIRLLEEALLRLLPAELPAKRVRGKARLPPDVLRWVELAKLYRSIGEYDVLRGIFTSEIGTKQITQSALLAE
ARSDYSEAAKQYDEALNKQDWVDGEPTEAEKDFWELASLDCYNHLAEWKSLEYCSTASIDSENPPDLNKIWSEPFYQETY
LPYMIRSKLKLLLQGEADQSLLTFIDKAMHGELQKAILELHYSQELSLLYLLQDDVDRAKYYIQNGIQSFMQNYSSIDVL
LHQSRLTKLQSVQALTEIQEFISFISKQGNLSSQVPLKRLLNTWTNRYPDAKMDPMNIWDDIITNRCFFLSKIEEKLTPL
PEDNSMNVDQDGDPSDRMEVQEQEEDISSLIRSCKFSMKMKMIDSARKQNNFSLAMKLLKELHKESKTRDDWLVSWVQSY
CRLSHCRSRSQGCSEQVLTVLKTVSLLDENNVSSYLSKNILAFRDQNILLGTTYRIIANALSSEPACLAEIEEDKARRIL
ELSGSSSEDSEKVIAGLYQRAFQHLSEAVQAAEEEAQPPSWSCGPAAGVIDAYMTLADFCDQQLRKEEENASVIDSAELQ
AYPALVVEKMLKALKLNSNEARLKFPRLLQIIERYPEETLSLMTKEISSVPCWQFISWISHMVALLDKDQAVAVQHSVEE
ITDNYPQAIVYPFIISSESYSFKDTSTGHKNKEFVARIKSKLDQGGVIQDFINALDQLSNPELLFKDWSNDVRAELAKTP
VNKKNIEKMYERMYAALGDPKAPGLGAFRRKFIQTFGKEFDKHFGKGGSKLLRMKLSDFNDITNMLLLKMNKDSKPPGNL
KECSPWMSDFKVEFLRNELEIPGQYDGRGKPLPEYHVRIAGFDERVTVMASLRRPKRIIIRGHDEREHPFLVKGGEDLRQ
DQRVEQLFQVMNGILAQDSACSQRALQLRTYSVVPMTSRLGLIEWLENTVTLKDLLLNTMSQEEKAAYLSDPRAPPCEYK
DWLTKMSGKHDVGAYMLMYKGANRTETVTSFRKRESKVPADLLKRAFVRMSTSPEAFLALRSHFASSHALICISHWILGI
GDRHLNNFMVAMETGGVIGIDFGHAFGSATQFLPVPELMPFRLTRQFINLMLPMKETGLMYSIMVHALRAFRSDPGLLTN
TMDVFVKEPSFDWKNFEQKMLKKGGSWIQEINVAEKNWYPRQKICYAKRKLAGANPAVITCDELLLGHEKAPAFRDYVAV
ARGSKDHNIRAQEPESGLSEETQVKCLMDQATDPNILGRTWEGWEPWM
;
A,S
2 'polypeptide(L)'
;MSGWESYYKTEGDEEAEEEQEENLEASGDYKYSGRDSLIFLVDASKAMFESQSEDELTPFDMSIQCIQSVYISKIISSDR
DLLAVVFYGTEKDKNSVNFKNIYVLQELDNPGAKRILELDQFKGQQGQKRFQDMMGHGSDYSLSEVLWVCANLFSDVQFK
MSHKRIMLFTNEDNPHGNDSAKASRARTKAGDLRDTGIFLDLMHLKKPGGFDISLFYRDIISIAEDEDLRVHFEESSKLE
DLLRKVRAKETRKRALSRLKLKLNKDIVISVGIYNLVQKALKPPPIKLYRETNEPVKTKTRTFNTSTGGLLLPSDTKRSQ
IYGSRQIILEKEETEELKRFDDPGLMLMGFKPLVLLKKHHYLRPSLFVYPEESLVIGSSTLFSALLIKCLEKEVAALCRY
TPRRNIPPYFVALVPQEEELDDQKIQVTPPGFQLVFLPFADDKRKMPFTEKIMATPEQVGKMKAIVEKLRFTYRSDSFEN
PVLQQHFRNLEALALDLMEPEQAVDLTLPKVEAMNKRLGSLVDEFKELVYPPDYNPEGKVTKRKHDNEGSGSKRPKVEYS
EEELKTHISKGTLGKFTVPMLKEACRAYGLKSGLKKQELLEALTKHFQD
;
B,T
3 'polypeptide(L)'
;MVRSGNKAAVVLCMDVGFTMSNSIPGIESPFEQAKKVITMFVQRQVFAENKDEIALVLFGTDGTDNPLSGGDQYQNITVH
RHLMLPDFDLLEDIESKIQPGSQQADFLDALIVSMDVIQHETIGKKFEKRHIEIFTDLSSRFSKSQLDIIIHSLKKCDIS
LQFFLPFSLGKEDGSGDRGDGPFRLGGHGPSFPLKGITEQQKEGLEIVKMVMISLEGEDGLDEIYSFSESLRKLCVFKKI
ERHSIHWPCRLTIGSNLSIRIAAYKSILQERVKKTWTVVDAKTLKKEDIQKETVYCLNDDDETEVLKEDIIQGFRYGSDI
VPFSKVDEEQMKYKSEGKCFSVLGFCKSSQVQRRFFMGNQVLKVFAARDDEAAAVALSSLIHALDDLDMVAIVRYAYDKR
ANPQVGVAFPHIKHNYECLVYVQLPFMEDLRQYMFSSLKNSKKYAPTEAQLNAVDALIDSMSLAKKDEKTDTLEDLFPTT
KIPNPRFQRLFQCLLHRALHPREPLPPIQQHIWNMLNPPAEVTTKSQIPLSKIKTLFPLIEAKKKDQVTAQEIFQDNHED
GPTAKKLKTEQGGAHFSVSSLAEGSVTSVGSVNPAENFRVLVKQKKASFEEASNQLINHIEQFLDTNETPYFMKSIDCIR
AFREEAIKFSEEQRFNNFLKALQEKVEIKQLNHFWEIVVQDGITLITKEEASGSSVTAEEAKKFLAPKDKPSGDTAAVFE
EGGDVDDLLDMI
;
C,L
4 'polypeptide(L)'
;MDPLSPPLCTLPPGPEPPRFVCYCEGEESGEGDRGGFNLYVTDAAELWSTCFTPDSLAALKARFGLSAAEDITPRFRAAC
EQQAVALTLQEDRASLTLSGGPSALAFDLSKVPGPEAAPRLRALTLGLAKRVWSLERRLAAAEETAVSPRKSPRPAGPQL
FLPDPDPQRGGPGPGVRRRCPGESLINPGFKSKKPAGGVDFDET
;
D,M
5 'polypeptide(L)'
;MERKISRIHLVSEPSITHFLQVSWEKTLESGFVITLTDGHSAWTGTVSESEISQEADDMAMEKGKYVGELRKALLSGAGP
ADVYTFNFSKESCYFFFEKNLKDVSFRLGSFNLEKVENPAEVIRELICYCLDTIAENQAKNEHLQKENERLLRDWNDVQG
RFEKCVSAKEALETDLYKRFILVLNEKKTKIRSLHNKLLNAAQEREKDIKQEGETAICSEMTADRDPVYDESTDEESENQ
TDLSGLASAAVSKDDSIISSLDVTDIAPSRKRRQRMQRNLGTEPKMAPQENQLQEKENSRPDSSLPETSKKEHISAENMS
LETLRNSSPEDLFDEI
;
G,H,P,Q
6 'polypeptide(L)'
;MAASQTSQTVASHVPFADLCSTLERIQKSKGRAEKIRHFREFLDSWRKFHDALHKNHKDVTDSFYPAMRLILPQLERERM
AYGIKETMLAKLYIELLNLPRDGKDALKLLNYRTPTGTHGDAGDFAMIAYFVLKPRCLQKGSLTIQQVNDLLDSIASNNS
AKRKDLIKKSLLQLITQSSALEQKWLIRMIIKDLKLGVSQQTIFSVFHNDAAELHNVTTDLEKVCRQLHDPSVGLSDISI
TLFSAFKPMLAAIADIEHIEKDMKHQSFYIETKLDGERMQMHKDGDVYKYFSRNGYNYTDQFGASPTEGSLTPFIHNAFK
ADIQICILDGEMMAYNPNTQTFMQKGTKFDIKRMVEDSDLQTCYCVFDVLMVNNKKLGHETLRKRYEILSSIFTPIPGRI
EIVQKTQAHTKNEVIDALNEAIDKREEGIMVKQPLSIYKPDKRGEGWLKIKPEYVSGLMDELDILIVGGYWGKGSRGGMM
SHFLCAVAEKPPPGEKPSVFHTLSRVGSGCTMKELYDLGLKLAKYWKPFHRKAPPSSILCGTEKPEVYIEPCNSVIVQIK
AAEIVPSDMYKTGCTLRFPRIEKIRDDKEWHECMTLDDLEQLRGKASGKLASKHLYIGGDDEPQEKKRKAAPKMKKVIGI
IEHLKAPNLTNVNKISNIFEDVEFCVMSGTDSQPKPDLENRIAEFGGYIVQNPGPDTYCVIAGSENIRVKNIILSNKHDV
VKPAWLLECFKTKSFVPWQPRFMIHMCPSTKEHFAREYDCYGDSYFIDTDLNQLKEVFSGIKNSNEQTPEEMASLIADLE
YRYSWDCSPLSMFRRHTVYLDSYAVINDLSTKNEGTRLAIKALELRFHGAKVVSCLAEGVSHVIIGEDHSRVADFKAFRR
TFKRKFKILKESWVTDSIDKCELQEENQYLI
;
I,R
7 'polydeoxyribonucleotide'
;(DA)(DA)(DT)(DA)(DA)(DT)(DA)(DG)(DT)(DT)(DT)(DT)(DT)(DA)(DG)(DT)(DT)(DT)(DA)(DT)
(DT)(DG)(DG)(DG)(DC)
;
d
8 'polydeoxyribonucleotide'
;(DG)(DC)(DT)(DA)(DA)(DT)(DA)(DA)(DA)(DC)(DT)(DA)(DA)(DA)(DA)(DA)(DC)(DT)(DA)(DT)
(DT)(DA)(DT)(DT)(DA)(DT)(DG)
;
e
9 'polydeoxyribonucleotide'
;(DC)(DT)(DA)(DA)(DT)(DA)(DA)(DA)(DC)(DT)(DA)(DA)(DA)(DA)(DA)(DC)(DT)(DA)(DT)(DT)
(DA)(DT)(DT)(DA)(DT)(DG)
;
i
10 'polydeoxyribonucleotide'
;(DA)(DA)(DT)(DA)(DA)(DT)(DA)(DG)(DT)(DT)(DT)(DT)(DT)(DA)(DG)(DT)(DT)(DT)(DA)(DT)
(DT)(DG)(DG)(DG)
;
j
11 'polypeptide(L)'
;MEELEQGLLMQPWAWLQLAENSLLAKVFITKQGYALLVSDLQQVWHEQVDTSVVSQRAKELNKRLTAPPAAFLCHLDNLL
RPLLKDAAHPSEATFSCDCVADALILRVRSELSGLPFYWNFHCMLASPSLVSQHLIRPLMGMSLALQCQVRELATLLHMK
DLEIQDYQESGATLIRDRLKTEPFEENSFLEQFMIEKLPEACSIGDGKPFVMNLQDLYMAVTTQEVQVGQKHQGAGDPHT
SNSASLQGIDSQCVNQPEQLVSSAPTLSAPEKESTGTSGPLQRPQLSKVKRKKPRGLFS
;
f,m
#
loop_
_chem_comp.id
_chem_comp.type
_chem_comp.name
_chem_comp.formula
DA DNA linking 2'-DEOXYADENOSINE-5'-MONOPHOSPHATE 'C10 H14 N5 O6 P'
DC DNA linking 2'-DEOXYCYTIDINE-5'-MONOPHOSPHATE 'C9 H14 N3 O7 P'
DG DNA linking 2'-DEOXYGUANOSINE-5'-MONOPHOSPHATE 'C10 H14 N5 O7 P'
DT DNA linking THYMIDINE-5'-MONOPHOSPHATE 'C10 H15 N2 O8 P'
#
# COMPACT_ATOMS: atom_id res chain seq x y z
N CYS A 10 -58.50 -76.44 23.27
CA CYS A 10 -57.57 -75.36 22.95
C CYS A 10 -56.54 -75.18 24.07
N SER A 11 -55.43 -74.51 23.73
CA SER A 11 -54.32 -74.40 24.68
C SER A 11 -54.75 -73.75 25.98
N LEU A 12 -55.82 -72.96 25.95
CA LEU A 12 -56.37 -72.44 27.20
C LEU A 12 -56.70 -73.56 28.17
N LEU A 13 -57.36 -74.61 27.68
CA LEU A 13 -57.69 -75.73 28.54
C LEU A 13 -56.45 -76.50 28.96
N ARG A 14 -55.50 -76.67 28.05
CA ARG A 14 -54.26 -77.39 28.39
C ARG A 14 -53.55 -76.70 29.54
N LEU A 15 -53.38 -75.38 29.43
CA LEU A 15 -52.71 -74.66 30.50
C LEU A 15 -53.60 -74.57 31.74
N GLN A 16 -54.93 -74.58 31.56
CA GLN A 16 -55.82 -74.71 32.70
C GLN A 16 -55.46 -75.93 33.52
N GLU A 17 -55.34 -77.07 32.85
CA GLU A 17 -54.99 -78.31 33.54
C GLU A 17 -53.59 -78.23 34.15
N THR A 18 -52.62 -77.77 33.37
CA THR A 18 -51.24 -77.75 33.84
C THR A 18 -51.08 -76.84 35.04
N LEU A 19 -51.84 -75.76 35.11
CA LEU A 19 -51.72 -74.82 36.21
C LEU A 19 -52.57 -75.21 37.40
N SER A 20 -53.73 -75.82 37.17
CA SER A 20 -54.50 -76.41 38.26
C SER A 20 -53.76 -77.60 38.86
N ALA A 21 -52.78 -78.15 38.14
CA ALA A 21 -51.87 -79.13 38.71
C ALA A 21 -50.59 -78.50 39.22
N ALA A 22 -50.25 -77.30 38.77
CA ALA A 22 -49.03 -76.64 39.20
C ALA A 22 -49.04 -76.31 40.68
N ASP A 23 -50.21 -76.21 41.28
CA ASP A 23 -50.36 -75.94 42.71
C ASP A 23 -50.24 -77.19 43.56
N ARG A 24 -49.58 -78.23 43.05
CA ARG A 24 -49.51 -79.50 43.77
C ARG A 24 -48.96 -79.34 45.17
N CYS A 25 -48.07 -78.36 45.39
CA CYS A 25 -47.53 -78.14 46.73
C CYS A 25 -46.98 -76.72 46.79
N GLY A 26 -46.78 -76.26 48.03
CA GLY A 26 -46.24 -74.94 48.25
C GLY A 26 -44.80 -74.82 47.81
N ALA A 27 -44.57 -74.07 46.74
CA ALA A 27 -43.23 -73.87 46.21
C ALA A 27 -43.25 -72.65 45.30
N ALA A 28 -42.22 -71.82 45.43
CA ALA A 28 -42.12 -70.63 44.58
C ALA A 28 -42.07 -71.03 43.11
N LEU A 29 -41.48 -72.19 42.80
CA LEU A 29 -41.47 -72.68 41.43
C LEU A 29 -42.89 -72.83 40.90
N ALA A 30 -43.83 -73.22 41.77
CA ALA A 30 -45.23 -73.23 41.38
C ALA A 30 -45.69 -71.84 40.99
N GLY A 31 -45.32 -70.84 41.78
CA GLY A 31 -45.68 -69.47 41.43
C GLY A 31 -45.12 -69.06 40.09
N HIS A 32 -43.86 -69.43 39.82
CA HIS A 32 -43.24 -69.04 38.55
C HIS A 32 -43.93 -69.71 37.38
N GLN A 33 -44.16 -71.02 37.46
CA GLN A 33 -44.81 -71.70 36.34
C GLN A 33 -46.22 -71.19 36.14
N LEU A 34 -46.94 -70.93 37.25
CA LEU A 34 -48.29 -70.41 37.14
C LEU A 34 -48.29 -69.03 36.49
N ILE A 35 -47.39 -68.15 36.91
CA ILE A 35 -47.37 -66.81 36.36
C ILE A 35 -46.97 -66.84 34.89
N ARG A 36 -46.07 -67.76 34.51
CA ARG A 36 -45.69 -67.85 33.11
C ARG A 36 -46.84 -68.34 32.26
N GLY A 37 -47.47 -69.45 32.65
CA GLY A 37 -48.59 -69.96 31.89
C GLY A 37 -49.71 -68.96 31.82
N LEU A 38 -49.93 -68.23 32.91
CA LEU A 38 -50.96 -67.21 32.95
C LEU A 38 -50.64 -66.05 32.02
N GLY A 39 -49.37 -65.64 31.97
CA GLY A 39 -49.01 -64.56 31.06
C GLY A 39 -49.20 -64.93 29.61
N GLN A 40 -48.77 -66.13 29.23
CA GLN A 40 -49.02 -66.56 27.85
C GLN A 40 -50.51 -66.73 27.57
N GLU A 41 -51.28 -67.25 28.52
CA GLU A 41 -52.72 -67.35 28.29
C GLU A 41 -53.34 -65.97 28.13
N CYS A 42 -52.85 -64.99 28.88
CA CYS A 42 -53.35 -63.62 28.73
C CYS A 42 -53.03 -63.08 27.35
N VAL A 43 -51.77 -63.22 26.91
CA VAL A 43 -51.40 -62.66 25.62
C VAL A 43 -52.10 -63.40 24.49
N LEU A 44 -52.46 -64.67 24.69
CA LEU A 44 -53.21 -65.40 23.68
C LEU A 44 -54.67 -64.94 23.63
N SER A 45 -55.36 -65.05 24.76
CA SER A 45 -56.77 -64.67 24.84
C SER A 45 -56.99 -63.18 24.71
N SER A 46 -55.92 -62.37 24.76
CA SER A 46 -56.07 -60.95 24.45
C SER A 46 -56.53 -60.73 23.03
N SER A 47 -56.24 -61.67 22.13
CA SER A 47 -56.68 -61.61 20.74
C SER A 47 -57.39 -62.91 20.41
N PRO A 48 -58.59 -63.10 20.94
CA PRO A 48 -59.29 -64.38 20.75
C PRO A 48 -60.18 -64.40 19.52
N ALA A 49 -60.80 -65.54 19.27
CA ALA A 49 -61.82 -65.68 18.25
C ALA A 49 -63.19 -65.80 18.91
N VAL A 50 -64.23 -65.58 18.11
CA VAL A 50 -65.59 -65.60 18.65
C VAL A 50 -65.91 -66.97 19.24
N LEU A 51 -65.35 -68.03 18.67
CA LEU A 51 -65.54 -69.37 19.23
C LEU A 51 -64.72 -69.57 20.49
N ALA A 52 -63.55 -68.96 20.58
CA ALA A 52 -62.74 -69.07 21.79
C ALA A 52 -63.36 -68.30 22.95
N LEU A 53 -64.34 -67.44 22.69
CA LEU A 53 -64.93 -66.64 23.76
C LEU A 53 -65.63 -67.51 24.80
N GLN A 54 -66.49 -68.41 24.35
CA GLN A 54 -67.24 -69.24 25.29
C GLN A 54 -66.34 -70.26 25.96
N THR A 55 -65.36 -70.79 25.23
CA THR A 55 -64.38 -71.68 25.84
C THR A 55 -63.63 -70.96 26.95
N SER A 56 -63.13 -69.77 26.65
CA SER A 56 -62.46 -68.98 27.68
C SER A 56 -63.41 -68.62 28.81
N LEU A 57 -64.70 -68.48 28.51
CA LEU A 57 -65.67 -68.14 29.55
C LEU A 57 -65.84 -69.29 30.54
N VAL A 58 -65.98 -70.51 30.05
CA VAL A 58 -66.09 -71.64 30.95
C VAL A 58 -64.76 -71.89 31.66
N PHE A 59 -63.64 -71.69 30.96
CA PHE A 59 -62.35 -71.81 31.61
C PHE A 59 -62.19 -70.79 32.72
N SER A 60 -62.74 -69.59 32.52
CA SER A 60 -62.70 -68.57 33.56
C SER A 60 -63.67 -68.91 34.70
N ARG A 61 -64.80 -69.53 34.39
CA ARG A 61 -65.66 -70.05 35.43
C ARG A 61 -64.89 -71.02 36.32
N ASP A 62 -64.06 -71.85 35.71
CA ASP A 62 -63.13 -72.65 36.50
C ASP A 62 -62.14 -71.77 37.24
N PHE A 63 -61.52 -70.83 36.53
CA PHE A 63 -60.33 -70.11 37.00
C PHE A 63 -60.62 -69.24 38.20
N GLY A 64 -61.75 -68.56 38.21
CA GLY A 64 -62.06 -67.65 39.31
C GLY A 64 -62.00 -68.37 40.64
N LEU A 65 -62.92 -69.31 40.82
CA LEU A 65 -62.91 -70.12 42.04
C LEU A 65 -61.61 -70.90 42.17
N LEU A 66 -60.97 -71.25 41.05
CA LEU A 66 -59.76 -72.06 41.10
C LEU A 66 -58.64 -71.31 41.78
N VAL A 67 -58.34 -70.10 41.33
CA VAL A 67 -57.34 -69.27 41.97
C VAL A 67 -57.82 -68.83 43.34
N PHE A 68 -59.13 -68.69 43.52
CA PHE A 68 -59.67 -68.36 44.83
C PHE A 68 -59.23 -69.38 45.87
N VAL A 69 -59.60 -70.65 45.66
CA VAL A 69 -59.27 -71.68 46.62
C VAL A 69 -57.77 -71.96 46.61
N ARG A 70 -57.15 -71.91 45.44
CA ARG A 70 -55.73 -72.22 45.31
C ARG A 70 -54.89 -71.26 46.11
N LYS A 71 -55.13 -69.96 45.94
CA LYS A 71 -54.34 -68.98 46.66
C LYS A 71 -54.55 -69.14 48.15
N SER A 72 -55.75 -68.79 48.63
CA SER A 72 -56.17 -68.98 50.01
C SER A 72 -55.08 -68.60 51.01
N LEU A 73 -54.17 -67.71 50.61
CA LEU A 73 -52.94 -67.42 51.33
C LEU A 73 -52.34 -66.16 50.77
N ASN A 74 -51.66 -65.40 51.64
CA ASN A 74 -50.95 -64.20 51.21
C ASN A 74 -49.49 -64.51 50.90
N SER A 75 -49.27 -65.50 50.02
CA SER A 75 -47.94 -65.80 49.52
C SER A 75 -47.83 -65.29 48.09
N ILE A 76 -46.71 -64.61 47.80
CA ILE A 76 -46.56 -63.91 46.54
C ILE A 76 -46.65 -64.86 45.35
N GLU A 77 -46.33 -66.14 45.56
CA GLU A 77 -46.50 -67.12 44.49
C GLU A 77 -47.92 -67.15 43.99
N PHE A 78 -48.88 -66.75 44.83
CA PHE A 78 -50.24 -66.53 44.38
C PHE A 78 -50.52 -65.07 44.06
N ARG A 79 -49.76 -64.12 44.64
CA ARG A 79 -50.07 -62.72 44.45
C ARG A 79 -49.73 -62.27 43.03
N GLU A 80 -48.59 -62.70 42.50
CA GLU A 80 -48.28 -62.35 41.12
C GLU A 80 -49.34 -62.88 40.17
N CYS A 81 -49.78 -64.11 40.40
CA CYS A 81 -50.84 -64.69 39.58
C CYS A 81 -52.12 -63.89 39.72
N ARG A 82 -52.46 -63.49 40.95
CA ARG A 82 -53.68 -62.72 41.17
C ARG A 82 -53.62 -61.39 40.41
N GLU A 83 -52.47 -60.70 40.49
CA GLU A 83 -52.35 -59.41 39.82
C GLU A 83 -52.43 -59.55 38.31
N GLU A 84 -51.73 -60.54 37.75
CA GLU A 84 -51.79 -60.75 36.31
C GLU A 84 -53.21 -61.12 35.88
N ILE A 85 -53.87 -61.98 36.66
CA ILE A 85 -55.25 -62.34 36.39
C ILE A 85 -56.12 -61.11 36.34
N LEU A 86 -56.00 -60.25 37.36
CA LEU A 86 -56.85 -59.08 37.45
C LEU A 86 -56.58 -58.10 36.32
N LYS A 87 -55.30 -57.92 35.98
CA LYS A 87 -54.95 -57.09 34.83
C LYS A 87 -55.61 -57.62 33.56
N PHE A 88 -55.51 -58.93 33.36
CA PHE A 88 -56.14 -59.52 32.18
C PHE A 88 -57.64 -59.33 32.21
N LEU A 89 -58.25 -59.47 33.38
CA LEU A 89 -59.70 -59.33 33.47
C LEU A 89 -60.13 -57.92 33.14
N CYS A 90 -59.39 -56.92 33.62
CA CYS A 90 -59.73 -55.54 33.30
C CYS A 90 -59.60 -55.28 31.81
N ILE A 91 -58.46 -55.68 31.22
CA ILE A 91 -58.30 -55.52 29.79
C ILE A 91 -59.23 -56.44 29.00
N PHE A 92 -59.85 -57.40 29.67
CA PHE A 92 -60.80 -58.31 29.05
C PHE A 92 -62.17 -57.68 28.93
N LEU A 93 -62.72 -57.23 30.06
CA LEU A 93 -63.97 -56.49 30.01
C LEU A 93 -63.80 -55.13 29.34
N GLU A 94 -62.55 -54.71 29.10
CA GLU A 94 -62.31 -53.45 28.41
C GLU A 94 -63.15 -53.35 27.12
N LYS A 95 -62.96 -54.29 26.18
CA LYS A 95 -63.94 -54.36 25.09
C LYS A 95 -64.05 -55.80 24.59
N MET A 96 -64.89 -56.58 25.28
CA MET A 96 -65.52 -57.78 24.72
C MET A 96 -66.94 -57.94 25.25
N GLY A 97 -67.59 -56.82 25.59
CA GLY A 97 -69.01 -56.83 25.87
C GLY A 97 -69.35 -57.40 27.23
N GLN A 98 -70.65 -57.40 27.52
CA GLN A 98 -71.19 -57.98 28.74
C GLN A 98 -71.76 -59.37 28.50
N LYS A 99 -71.11 -60.14 27.62
CA LYS A 99 -71.46 -61.55 27.50
C LYS A 99 -71.08 -62.35 28.74
N ILE A 100 -70.29 -61.75 29.63
CA ILE A 100 -69.87 -62.38 30.87
C ILE A 100 -70.95 -62.13 31.92
N ALA A 101 -72.05 -61.50 31.49
CA ALA A 101 -73.15 -61.23 32.41
C ALA A 101 -73.63 -62.46 33.16
N PRO A 102 -73.70 -63.66 32.58
CA PRO A 102 -73.93 -64.84 33.42
C PRO A 102 -72.97 -64.94 34.59
N TYR A 103 -71.69 -64.66 34.36
CA TYR A 103 -70.70 -64.69 35.42
C TYR A 103 -70.69 -63.42 36.26
N SER A 104 -71.38 -62.37 35.82
CA SER A 104 -71.28 -61.06 36.46
C SER A 104 -71.53 -61.15 37.95
N VAL A 105 -72.65 -61.76 38.34
CA VAL A 105 -72.90 -62.00 39.76
C VAL A 105 -71.89 -62.97 40.34
N GLU A 106 -71.58 -64.03 39.58
CA GLU A 106 -70.67 -65.06 40.07
C GLU A 106 -69.31 -64.49 40.37
N ILE A 107 -68.66 -63.91 39.35
CA ILE A 107 -67.35 -63.32 39.54
C ILE A 107 -67.42 -62.10 40.45
N LYS A 108 -68.58 -61.43 40.49
CA LYS A 108 -68.74 -60.29 41.38
C LYS A 108 -68.57 -60.72 42.82
N ASN A 109 -69.38 -61.68 43.28
CA ASN A 109 -69.24 -62.19 44.62
C ASN A 109 -67.89 -62.88 44.81
N THR A 110 -67.37 -63.50 43.75
CA THR A 110 -66.09 -64.18 43.82
C THR A 110 -64.98 -63.20 44.20
N CYS A 111 -64.86 -62.11 43.44
CA CYS A 111 -63.82 -61.14 43.73
C CYS A 111 -64.10 -60.37 45.02
N THR A 112 -65.38 -60.16 45.34
CA THR A 112 -65.71 -59.58 46.63
C THR A 112 -65.10 -60.40 47.76
N SER A 113 -65.35 -61.71 47.73
CA SER A 113 -64.73 -62.60 48.70
C SER A 113 -63.23 -62.58 48.60
N VAL A 114 -62.70 -62.59 47.38
CA VAL A 114 -61.25 -62.67 47.18
C VAL A 114 -60.55 -61.54 47.90
N TYR A 115 -61.00 -60.31 47.65
CA TYR A 115 -60.39 -59.18 48.33
C TYR A 115 -60.72 -59.20 49.82
N THR A 116 -62.01 -59.24 50.14
CA THR A 116 -62.45 -58.98 51.52
C THR A 116 -61.89 -60.01 52.49
N LYS A 117 -61.63 -61.22 52.03
CA LYS A 117 -61.10 -62.26 52.90
C LYS A 117 -59.61 -62.05 53.10
N ASP A 118 -58.92 -63.07 53.60
CA ASP A 118 -57.51 -63.01 54.01
C ASP A 118 -56.64 -62.22 53.03
N ARG A 119 -57.01 -62.20 51.75
CA ARG A 119 -56.31 -61.36 50.78
C ARG A 119 -56.59 -59.87 50.99
N ALA A 120 -57.39 -59.51 51.99
CA ALA A 120 -57.45 -58.10 52.40
C ALA A 120 -56.17 -57.69 53.11
N ALA A 121 -55.48 -58.64 53.74
CA ALA A 121 -54.20 -58.35 54.37
C ALA A 121 -53.12 -58.01 53.35
N LYS A 122 -53.36 -58.28 52.07
CA LYS A 122 -52.49 -57.84 50.99
C LYS A 122 -53.24 -56.84 50.11
N CYS A 123 -53.95 -55.91 50.75
CA CYS A 123 -54.75 -54.94 50.04
C CYS A 123 -53.83 -54.00 49.27
N LYS A 124 -53.62 -54.32 48.00
CA LYS A 124 -52.57 -53.70 47.22
C LYS A 124 -53.03 -53.66 45.76
N ILE A 125 -52.08 -53.52 44.85
CA ILE A 125 -52.29 -53.66 43.41
C ILE A 125 -53.25 -54.82 43.12
N PRO A 126 -53.13 -55.98 43.79
CA PRO A 126 -54.21 -56.98 43.68
C PRO A 126 -55.56 -56.40 44.02
N ALA A 127 -55.69 -55.87 45.23
CA ALA A 127 -56.97 -55.34 45.68
C ALA A 127 -57.41 -54.18 44.80
N LEU A 128 -56.49 -53.28 44.46
CA LEU A 128 -56.84 -52.14 43.63
C LEU A 128 -57.37 -52.58 42.27
N ASP A 129 -56.71 -53.56 41.67
CA ASP A 129 -57.16 -54.08 40.39
C ASP A 129 -58.53 -54.73 40.52
N LEU A 130 -58.77 -55.41 41.64
CA LEU A 130 -60.09 -55.99 41.89
C LEU A 130 -61.15 -54.90 41.96
N LEU A 131 -60.84 -53.80 42.66
CA LEU A 131 -61.79 -52.69 42.74
C LEU A 131 -62.07 -52.13 41.36
N ILE A 132 -61.03 -51.94 40.55
CA ILE A 132 -61.20 -51.43 39.20
C ILE A 132 -62.08 -52.36 38.39
N LYS A 133 -61.87 -53.67 38.56
CA LYS A 133 -62.66 -54.66 37.82
C LYS A 133 -64.13 -54.55 38.17
N LEU A 134 -64.46 -54.57 39.46
CA LEU A 134 -65.87 -54.51 39.80
C LEU A 134 -66.47 -53.17 39.43
N LEU A 135 -65.67 -52.10 39.47
CA LEU A 135 -66.14 -50.79 39.03
C LEU A 135 -66.55 -50.82 37.57
N GLN A 136 -65.65 -51.28 36.70
CA GLN A 136 -65.98 -51.36 35.28
C GLN A 136 -67.14 -52.31 35.05
N THR A 137 -67.27 -53.32 35.89
CA THR A 137 -68.42 -54.22 35.80
C THR A 137 -69.71 -53.45 36.01
N PHE A 138 -69.78 -52.67 37.09
CA PHE A 138 -70.98 -51.90 37.38
C PHE A 138 -71.22 -50.84 36.32
N ARG A 139 -70.15 -50.33 35.72
CA ARG A 139 -70.33 -49.43 34.58
C ARG A 139 -70.99 -50.17 33.43
N SER A 140 -70.61 -51.43 33.22
CA SER A 140 -71.25 -52.24 32.19
C SER A 140 -72.58 -52.80 32.67
N SER A 141 -72.56 -53.56 33.77
CA SER A 141 -73.76 -54.21 34.26
C SER A 141 -74.70 -53.19 34.90
N ARG A 142 -75.98 -53.24 34.51
CA ARG A 142 -76.96 -52.27 34.99
C ARG A 142 -78.30 -52.98 35.22
N LEU A 143 -78.58 -53.29 36.47
CA LEU A 143 -79.90 -53.75 36.92
C LEU A 143 -80.26 -55.12 36.35
N MET A 144 -79.30 -56.04 36.40
CA MET A 144 -79.58 -57.47 36.25
C MET A 144 -79.32 -58.22 37.54
N ASP A 145 -78.14 -58.06 38.12
CA ASP A 145 -77.83 -58.50 39.47
C ASP A 145 -77.15 -57.38 40.23
N GLU A 146 -77.64 -56.17 40.06
CA GLU A 146 -77.11 -55.01 40.75
C GLU A 146 -77.75 -54.80 42.11
N PHE A 147 -78.27 -55.86 42.72
CA PHE A 147 -79.07 -55.74 43.93
C PHE A 147 -78.43 -56.37 45.14
N LYS A 148 -77.55 -57.35 44.96
CA LYS A 148 -76.73 -57.80 46.07
C LYS A 148 -75.56 -56.86 46.23
N ILE A 149 -75.85 -55.56 46.32
CA ILE A 149 -74.84 -54.53 46.52
C ILE A 149 -75.11 -53.81 47.83
N GLY A 150 -76.39 -53.62 48.18
CA GLY A 150 -76.72 -52.92 49.40
C GLY A 150 -76.09 -53.55 50.63
N GLU A 151 -76.11 -54.88 50.69
CA GLU A 151 -75.29 -55.60 51.67
C GLU A 151 -73.83 -55.20 51.54
N LEU A 152 -73.31 -55.28 50.32
CA LEU A 152 -71.93 -54.90 50.07
C LEU A 152 -71.72 -53.43 50.34
N PHE A 153 -72.70 -52.59 50.00
CA PHE A 153 -72.58 -51.17 50.27
C PHE A 153 -72.39 -50.91 51.76
N SER A 154 -73.21 -51.57 52.58
CA SER A 154 -73.07 -51.46 54.02
C SER A 154 -71.70 -51.95 54.47
N LYS A 155 -71.22 -53.04 53.89
CA LYS A 155 -69.95 -53.57 54.35
C LYS A 155 -68.78 -52.67 53.97
N PHE A 156 -68.83 -52.03 52.79
CA PHE A 156 -67.76 -51.07 52.47
C PHE A 156 -67.88 -49.83 53.33
N TYR A 157 -69.10 -49.43 53.68
CA TYR A 157 -69.22 -48.35 54.65
C TYR A 157 -68.55 -48.71 55.96
N GLY A 158 -68.74 -49.96 56.40
CA GLY A 158 -68.13 -50.40 57.64
C GLY A 158 -66.63 -50.44 57.58
N GLU A 159 -66.08 -51.01 56.51
CA GLU A 159 -64.62 -51.08 56.39
C GLU A 159 -64.03 -49.69 56.18
N LEU A 160 -64.79 -48.78 55.58
CA LEU A 160 -64.39 -47.38 55.57
C LEU A 160 -64.54 -46.78 56.96
N ALA A 161 -65.54 -47.23 57.72
CA ALA A 161 -65.66 -46.81 59.11
C ALA A 161 -64.56 -47.41 59.97
N LEU A 162 -63.69 -48.23 59.41
CA LEU A 162 -62.44 -48.60 60.08
C LEU A 162 -61.54 -47.37 60.02
N LYS A 163 -61.55 -46.60 61.11
CA LYS A 163 -60.81 -45.34 61.15
C LYS A 163 -59.31 -45.53 61.18
N LYS A 164 -58.82 -46.77 61.21
CA LYS A 164 -57.39 -47.00 61.18
C LYS A 164 -56.79 -46.40 59.92
N LYS A 165 -55.64 -45.75 60.07
CA LYS A 165 -54.92 -45.19 58.94
C LYS A 165 -54.11 -46.22 58.17
N ILE A 166 -54.40 -47.51 58.39
CA ILE A 166 -53.69 -48.56 57.66
C ILE A 166 -53.84 -48.46 56.14
N PRO A 167 -55.02 -48.15 55.57
CA PRO A 167 -55.13 -48.20 54.11
C PRO A 167 -54.25 -47.15 53.45
N ASP A 168 -53.71 -47.51 52.30
CA ASP A 168 -52.96 -46.56 51.49
C ASP A 168 -53.90 -45.57 50.80
N THR A 169 -53.32 -44.44 50.40
CA THR A 169 -54.09 -43.43 49.68
C THR A 169 -54.64 -44.00 48.37
N VAL A 170 -53.90 -44.89 47.73
CA VAL A 170 -54.40 -45.55 46.53
C VAL A 170 -55.65 -46.36 46.86
N LEU A 171 -55.65 -47.03 48.01
CA LEU A 171 -56.83 -47.77 48.43
C LEU A 171 -58.02 -46.85 48.61
N GLU A 172 -57.78 -45.54 48.76
CA GLU A 172 -58.87 -44.60 48.88
C GLU A 172 -59.69 -44.47 47.61
N LYS A 173 -59.23 -45.06 46.50
CA LYS A 173 -60.10 -45.24 45.35
C LYS A 173 -61.37 -45.98 45.71
N VAL A 174 -61.42 -46.55 46.92
CA VAL A 174 -62.65 -47.09 47.49
C VAL A 174 -63.81 -46.12 47.36
N TYR A 175 -63.52 -44.82 47.31
CA TYR A 175 -64.58 -43.85 47.17
C TYR A 175 -65.31 -44.03 45.85
N GLU A 176 -64.55 -44.21 44.77
CA GLU A 176 -65.17 -44.57 43.50
C GLU A 176 -65.99 -45.84 43.64
N LEU A 177 -65.54 -46.75 44.49
CA LEU A 177 -66.34 -47.94 44.79
C LEU A 177 -67.69 -47.53 45.35
N LEU A 178 -67.68 -46.67 46.37
CA LEU A 178 -68.92 -46.21 46.97
C LEU A 178 -69.63 -45.19 46.11
N GLY A 179 -68.91 -44.51 45.22
CA GLY A 179 -69.57 -43.76 44.17
C GLY A 179 -70.38 -44.74 43.35
N LEU A 180 -71.70 -44.67 43.47
CA LEU A 180 -72.56 -45.73 42.95
C LEU A 180 -73.65 -45.15 42.07
N LEU A 181 -73.85 -45.78 40.92
CA LEU A 181 -74.95 -45.41 40.04
C LEU A 181 -75.60 -46.63 39.39
N GLY A 182 -75.18 -47.84 39.71
CA GLY A 182 -75.65 -49.04 39.05
C GLY A 182 -76.96 -49.59 39.56
N GLU A 183 -77.61 -48.94 40.51
CA GLU A 183 -78.88 -49.40 41.03
C GLU A 183 -79.79 -48.20 41.27
N VAL A 184 -81.05 -48.49 41.60
CA VAL A 184 -81.97 -47.47 42.07
C VAL A 184 -81.55 -46.89 43.42
N HIS A 185 -80.61 -47.53 44.09
CA HIS A 185 -80.08 -47.04 45.37
C HIS A 185 -81.21 -46.90 46.38
N PRO A 186 -81.69 -48.02 46.92
CA PRO A 186 -82.74 -47.96 47.94
C PRO A 186 -82.45 -46.97 49.05
N SER A 187 -83.49 -46.60 49.79
CA SER A 187 -83.42 -45.43 50.68
C SER A 187 -82.20 -45.48 51.59
N GLU A 188 -81.87 -46.67 52.10
CA GLU A 188 -80.72 -46.80 52.99
C GLU A 188 -79.45 -46.26 52.36
N MET A 189 -79.29 -46.45 51.06
CA MET A 189 -78.14 -45.88 50.37
C MET A 189 -78.10 -44.37 50.57
N ILE A 190 -79.24 -43.71 50.43
CA ILE A 190 -79.32 -42.28 50.68
C ILE A 190 -79.05 -41.97 52.14
N ASN A 191 -79.65 -42.76 53.04
CA ASN A 191 -79.56 -42.52 54.48
C ASN A 191 -78.13 -42.67 54.99
N ASN A 192 -77.27 -43.33 54.22
CA ASN A 192 -75.86 -43.36 54.55
C ASN A 192 -75.01 -42.43 53.68
N ALA A 193 -75.55 -42.02 52.52
CA ALA A 193 -74.78 -41.19 51.60
C ALA A 193 -74.42 -39.86 52.21
N GLU A 194 -75.34 -39.23 52.93
CA GLU A 194 -75.02 -37.97 53.57
C GLU A 194 -73.93 -38.14 54.61
N ASN A 195 -73.92 -39.28 55.31
CA ASN A 195 -72.86 -39.55 56.27
C ASN A 195 -71.52 -39.63 55.56
N LEU A 196 -71.51 -40.37 54.44
CA LEU A 196 -70.30 -40.41 53.62
C LEU A 196 -69.86 -39.01 53.23
N PHE A 197 -70.82 -38.21 52.74
CA PHE A 197 -70.51 -36.85 52.30
C PHE A 197 -69.86 -36.06 53.41
N ARG A 198 -70.46 -36.09 54.60
CA ARG A 198 -69.91 -35.34 55.73
C ARG A 198 -68.50 -35.80 56.06
N ALA A 199 -68.26 -37.11 56.03
CA ALA A 199 -66.91 -37.60 56.26
C ALA A 199 -65.94 -37.04 55.23
N PHE A 200 -66.35 -37.01 53.98
CA PHE A 200 -65.47 -36.49 52.93
C PHE A 200 -65.23 -35.00 53.12
N LEU A 201 -66.26 -34.26 53.52
CA LEU A 201 -66.06 -32.84 53.77
C LEU A 201 -65.07 -32.62 54.90
N GLY A 202 -65.19 -33.39 55.97
CA GLY A 202 -64.24 -33.25 57.07
C GLY A 202 -62.82 -33.55 56.65
N GLU A 203 -62.63 -34.66 55.93
CA GLU A 203 -61.28 -34.98 55.50
C GLU A 203 -60.75 -33.96 54.52
N LEU A 204 -61.59 -33.39 53.66
CA LEU A 204 -61.15 -32.30 52.81
C LEU A 204 -60.73 -31.07 53.59
N LYS A 205 -61.51 -30.72 54.62
CA LYS A 205 -61.12 -29.62 55.49
C LYS A 205 -59.74 -29.87 56.07
N THR A 206 -59.47 -31.12 56.43
CA THR A 206 -58.12 -31.48 56.82
C THR A 206 -57.14 -31.32 55.66
N GLN A 207 -57.56 -31.73 54.45
CA GLN A 207 -56.64 -31.79 53.32
C GLN A 207 -56.14 -30.42 52.92
N MET A 208 -57.05 -29.47 52.72
CA MET A 208 -56.62 -28.19 52.15
C MET A 208 -55.81 -27.36 53.13
N THR A 209 -55.93 -27.62 54.42
CA THR A 209 -55.25 -26.78 55.41
C THR A 209 -53.76 -26.97 55.23
N SER A 210 -53.13 -26.03 54.50
CA SER A 210 -51.69 -26.07 54.28
C SER A 210 -50.96 -25.90 55.60
N ALA A 211 -51.72 -25.68 56.67
CA ALA A 211 -51.15 -25.63 58.02
C ALA A 211 -50.61 -26.98 58.45
N VAL A 212 -50.99 -28.06 57.79
CA VAL A 212 -50.42 -29.37 58.09
C VAL A 212 -49.23 -29.57 57.17
N ARG A 213 -48.79 -28.47 56.54
CA ARG A 213 -47.77 -28.42 55.50
C ARG A 213 -48.36 -28.96 54.20
N GLU A 214 -49.55 -29.53 54.29
CA GLU A 214 -50.16 -30.22 53.16
C GLU A 214 -51.47 -29.57 52.78
N PRO A 215 -51.54 -28.91 51.63
CA PRO A 215 -52.82 -28.80 50.93
C PRO A 215 -53.07 -30.08 50.13
N LYS A 216 -52.36 -31.15 50.50
CA LYS A 216 -52.25 -32.36 49.70
C LYS A 216 -53.28 -33.43 50.07
N LEU A 217 -53.68 -34.21 49.06
CA LEU A 217 -54.51 -35.39 49.16
C LEU A 217 -54.34 -36.21 47.88
N PRO A 218 -53.15 -36.77 47.66
CA PRO A 218 -52.75 -37.23 46.32
C PRO A 218 -53.82 -38.01 45.56
N VAL A 219 -54.38 -39.04 46.16
CA VAL A 219 -55.36 -39.87 45.48
C VAL A 219 -56.76 -39.45 45.89
N LEU A 220 -56.87 -38.94 47.12
CA LEU A 220 -58.19 -38.73 47.74
C LEU A 220 -59.10 -37.89 46.85
N ALA A 221 -58.54 -36.86 46.21
CA ALA A 221 -59.37 -35.89 45.51
C ALA A 221 -60.20 -36.53 44.42
N GLY A 222 -59.56 -37.30 43.53
CA GLY A 222 -60.30 -37.94 42.46
C GLY A 222 -61.29 -38.96 42.97
N CYS A 223 -60.93 -39.67 44.04
CA CYS A 223 -61.82 -40.68 44.60
C CYS A 223 -63.12 -40.05 45.10
N LEU A 224 -63.01 -39.04 45.94
CA LEU A 224 -64.20 -38.36 46.43
C LEU A 224 -64.91 -37.63 45.30
N LYS A 225 -64.17 -37.17 44.30
CA LYS A 225 -64.80 -36.55 43.14
C LYS A 225 -65.74 -37.53 42.44
N GLY A 226 -65.24 -38.72 42.12
CA GLY A 226 -66.08 -39.71 41.48
C GLY A 226 -67.24 -40.13 42.37
N LEU A 227 -66.98 -40.27 43.67
CA LEU A 227 -68.05 -40.65 44.58
C LEU A 227 -69.18 -39.63 44.54
N SER A 228 -68.85 -38.36 44.77
CA SER A 228 -69.86 -37.31 44.77
C SER A 228 -70.47 -37.14 43.39
N SER A 229 -69.74 -37.48 42.34
CA SER A 229 -70.31 -37.47 41.00
C SER A 229 -71.47 -38.45 40.92
N LEU A 230 -71.21 -39.70 41.31
CA LEU A 230 -72.25 -40.73 41.18
C LEU A 230 -73.35 -40.58 42.21
N LEU A 231 -73.09 -39.92 43.34
CA LEU A 231 -74.07 -39.87 44.41
C LEU A 231 -74.89 -38.58 44.41
N CYS A 232 -74.33 -37.47 43.92
CA CYS A 232 -75.09 -36.25 43.80
C CYS A 232 -76.21 -36.37 42.78
N ASN A 233 -76.16 -37.39 41.92
CA ASN A 233 -77.25 -37.63 41.00
C ASN A 233 -78.55 -37.89 41.76
N PHE A 234 -78.46 -38.50 42.94
CA PHE A 234 -79.62 -38.84 43.72
C PHE A 234 -80.02 -37.75 44.72
N THR A 235 -79.17 -36.77 44.96
CA THR A 235 -79.35 -35.90 46.12
C THR A 235 -78.83 -34.50 45.83
N LYS A 236 -79.05 -33.62 46.81
CA LYS A 236 -78.33 -32.35 46.94
C LYS A 236 -78.58 -31.40 45.76
N SER A 237 -79.84 -31.02 45.61
CA SER A 237 -80.14 -29.83 44.82
C SER A 237 -79.96 -28.60 45.71
N MET A 238 -80.01 -27.42 45.09
CA MET A 238 -79.85 -26.20 45.86
C MET A 238 -81.03 -26.05 46.81
N GLU A 239 -80.79 -26.37 48.08
CA GLU A 239 -81.82 -26.25 49.10
C GLU A 239 -81.28 -25.73 50.42
N GLU A 240 -80.00 -25.39 50.50
CA GLU A 240 -79.36 -25.20 51.80
C GLU A 240 -77.96 -24.65 51.58
N ASP A 241 -77.31 -24.29 52.69
CA ASP A 241 -75.92 -23.85 52.71
C ASP A 241 -74.95 -24.95 52.29
N PRO A 242 -75.09 -26.22 52.77
CA PRO A 242 -74.15 -27.28 52.37
C PRO A 242 -73.82 -27.29 50.89
N GLN A 243 -74.80 -26.94 50.07
CA GLN A 243 -74.55 -26.76 48.65
C GLN A 243 -73.43 -25.74 48.43
N THR A 244 -73.58 -24.56 49.02
CA THR A 244 -72.54 -23.54 48.89
C THR A 244 -71.23 -24.01 49.50
N SER A 245 -71.31 -24.77 50.59
CA SER A 245 -70.10 -25.28 51.22
C SER A 245 -69.30 -26.14 50.23
N ARG A 246 -69.96 -27.13 49.63
CA ARG A 246 -69.26 -28.00 48.70
C ARG A 246 -68.80 -27.22 47.48
N GLU A 247 -69.59 -26.24 47.04
CA GLU A 247 -69.11 -25.33 46.00
C GLU A 247 -67.77 -24.74 46.41
N ILE A 248 -67.67 -24.26 47.66
CA ILE A 248 -66.44 -23.59 48.10
C ILE A 248 -65.27 -24.57 48.13
N PHE A 249 -65.48 -25.76 48.71
CA PHE A 249 -64.35 -26.70 48.78
C PHE A 249 -63.85 -27.01 47.38
N ASN A 250 -64.76 -27.11 46.41
CA ASN A 250 -64.28 -27.20 45.03
C ASN A 250 -63.58 -25.92 44.62
N PHE A 251 -64.09 -24.77 45.05
CA PHE A 251 -63.63 -23.48 44.53
C PHE A 251 -62.17 -23.24 44.84
N VAL A 252 -61.68 -23.81 45.94
CA VAL A 252 -60.30 -23.54 46.32
C VAL A 252 -59.32 -24.01 45.25
N LEU A 253 -59.78 -24.86 44.34
CA LEU A 253 -58.99 -25.32 43.21
C LEU A 253 -58.35 -24.16 42.45
N GLN A 259 -54.09 -24.17 43.29
CA GLN A 259 -52.75 -23.65 43.54
C GLN A 259 -51.73 -24.21 42.54
N ILE A 260 -51.34 -25.47 42.72
CA ILE A 260 -50.41 -26.12 41.81
C ILE A 260 -50.56 -27.63 41.96
N ASP A 261 -50.29 -28.35 40.87
CA ASP A 261 -50.40 -29.81 40.84
C ASP A 261 -49.16 -30.35 40.12
N LEU A 262 -49.19 -31.65 39.83
CA LEU A 262 -48.05 -32.33 39.23
C LEU A 262 -48.52 -33.57 38.48
N LYS A 263 -47.69 -34.02 37.55
CA LYS A 263 -47.91 -35.26 36.80
C LYS A 263 -49.28 -35.26 36.11
N ARG A 264 -49.39 -34.33 35.16
CA ARG A 264 -50.56 -34.16 34.29
C ARG A 264 -51.78 -33.62 35.03
N TYR A 265 -51.64 -33.27 36.30
CA TYR A 265 -52.59 -32.39 37.00
C TYR A 265 -54.01 -32.97 36.97
N ALA A 266 -54.16 -34.15 37.59
CA ALA A 266 -55.43 -34.87 37.50
C ALA A 266 -56.51 -34.22 38.35
N VAL A 267 -56.14 -33.71 39.52
CA VAL A 267 -57.13 -33.17 40.46
C VAL A 267 -57.94 -32.03 39.86
N PRO A 268 -57.34 -31.03 39.20
CA PRO A 268 -58.17 -29.99 38.59
C PRO A 268 -59.16 -30.55 37.59
N SER A 269 -58.74 -31.53 36.78
CA SER A 269 -59.66 -32.14 35.82
C SER A 269 -60.80 -32.85 36.54
N ALA A 270 -60.48 -33.54 37.63
CA ALA A 270 -61.53 -34.19 38.42
C ALA A 270 -62.55 -33.18 38.91
N GLY A 271 -62.06 -32.06 39.45
CA GLY A 271 -62.97 -31.02 39.89
C GLY A 271 -63.82 -30.47 38.75
N LEU A 272 -63.22 -30.33 37.58
CA LEU A 272 -63.93 -29.81 36.42
C LEU A 272 -65.08 -30.73 36.02
N ARG A 273 -64.80 -32.02 35.89
CA ARG A 273 -65.87 -32.97 35.59
C ARG A 273 -66.93 -32.95 36.66
N LEU A 274 -66.52 -32.96 37.93
CA LEU A 274 -67.48 -32.98 39.02
C LEU A 274 -68.43 -31.80 38.95
N PHE A 275 -67.89 -30.61 38.75
CA PHE A 275 -68.76 -29.44 38.63
C PHE A 275 -69.63 -29.53 37.40
N ALA A 276 -69.06 -29.97 36.27
CA ALA A 276 -69.80 -29.97 35.02
C ALA A 276 -71.02 -30.88 35.11
N LEU A 277 -70.87 -32.05 35.72
CA LEU A 277 -71.99 -32.97 35.81
C LEU A 277 -73.13 -32.42 36.63
N HIS A 278 -72.82 -31.64 37.67
CA HIS A 278 -73.83 -31.13 38.59
C HIS A 278 -73.69 -29.62 38.73
N ALA A 279 -73.58 -28.93 37.59
CA ALA A 279 -73.53 -27.48 37.60
C ALA A 279 -74.81 -26.89 38.16
N SER A 280 -75.96 -27.50 37.82
CA SER A 280 -77.24 -26.97 38.27
C SER A 280 -77.34 -26.97 39.78
N GLN A 281 -76.84 -28.02 40.44
CA GLN A 281 -76.86 -28.11 41.89
C GLN A 281 -75.95 -27.10 42.55
N PHE A 282 -75.33 -26.21 41.77
CA PHE A 282 -74.45 -25.18 42.30
C PHE A 282 -74.97 -23.78 42.05
N SER A 283 -76.17 -23.65 41.48
CA SER A 283 -76.72 -22.35 41.14
C SER A 283 -76.87 -21.47 42.38
N THR A 284 -77.16 -20.19 42.14
CA THR A 284 -77.46 -19.23 43.21
C THR A 284 -76.30 -19.05 44.18
N CYS A 285 -75.19 -19.70 43.91
CA CYS A 285 -73.95 -19.46 44.62
C CYS A 285 -72.77 -19.36 43.66
N LEU A 286 -73.00 -19.52 42.37
CA LEU A 286 -72.02 -19.24 41.33
C LEU A 286 -72.13 -17.80 40.83
N LEU A 287 -73.11 -17.04 41.33
CA LEU A 287 -73.33 -15.67 40.92
C LEU A 287 -72.26 -14.72 41.44
N ASP A 288 -71.34 -15.21 42.25
CA ASP A 288 -70.22 -14.45 42.75
C ASP A 288 -68.93 -15.03 42.20
N ASN A 289 -67.86 -14.25 42.26
CA ASN A 289 -66.53 -14.65 41.81
C ASN A 289 -66.50 -15.04 40.35
N TYR A 290 -67.56 -14.71 39.61
CA TYR A 290 -67.69 -15.15 38.22
C TYR A 290 -66.50 -14.72 37.39
N VAL A 291 -65.95 -13.54 37.68
CA VAL A 291 -64.74 -13.10 37.00
C VAL A 291 -63.62 -14.10 37.24
N SER A 292 -63.40 -14.46 38.50
CA SER A 292 -62.32 -15.36 38.86
C SER A 292 -62.58 -16.76 38.33
N LEU A 293 -63.80 -17.26 38.52
CA LEU A 293 -64.15 -18.57 38.00
C LEU A 293 -63.90 -18.63 36.50
N PHE A 294 -64.33 -17.59 35.80
CA PHE A 294 -64.19 -17.52 34.35
C PHE A 294 -62.73 -17.56 33.94
N GLU A 295 -61.90 -16.69 34.52
CA GLU A 295 -60.49 -16.64 34.10
C GLU A 295 -59.75 -17.91 34.49
N VAL A 296 -60.09 -18.50 35.64
CA VAL A 296 -59.48 -19.76 36.03
C VAL A 296 -59.83 -20.84 35.02
N LEU A 297 -61.08 -20.87 34.57
CA LEU A 297 -61.47 -21.81 33.53
C LEU A 297 -60.66 -21.56 32.25
N LEU A 298 -60.51 -20.29 31.88
CA LEU A 298 -59.79 -19.95 30.66
C LEU A 298 -58.35 -20.45 30.72
N LYS A 299 -57.67 -20.18 31.83
CA LYS A 299 -56.29 -20.64 31.93
C LYS A 299 -56.22 -22.16 31.95
N TRP A 300 -57.15 -22.82 32.66
CA TRP A 300 -57.09 -24.27 32.76
C TRP A 300 -57.25 -24.92 31.40
N CYS A 301 -58.21 -24.46 30.60
CA CYS A 301 -58.31 -25.00 29.25
C CYS A 301 -57.13 -24.56 28.40
N ALA A 302 -56.60 -23.36 28.64
CA ALA A 302 -55.40 -22.92 27.94
C ALA A 302 -54.18 -23.75 28.34
N HIS A 303 -54.21 -24.38 29.51
CA HIS A 303 -53.08 -25.19 29.95
C HIS A 303 -52.99 -26.46 29.13
N THR A 304 -51.91 -27.20 29.35
CA THR A 304 -51.62 -28.42 28.60
C THR A 304 -52.48 -29.56 29.13
N ASN A 305 -52.12 -30.79 28.76
CA ASN A 305 -52.82 -32.00 29.20
C ASN A 305 -54.27 -31.99 28.71
N VAL A 306 -54.41 -32.18 27.40
CA VAL A 306 -55.66 -32.00 26.66
C VAL A 306 -56.86 -32.60 27.40
N GLU A 307 -56.63 -33.60 28.24
CA GLU A 307 -57.67 -34.06 29.15
C GLU A 307 -58.12 -32.93 30.06
N LEU A 308 -57.16 -32.19 30.63
CA LEU A 308 -57.48 -31.01 31.41
C LEU A 308 -58.19 -29.96 30.55
N LYS A 309 -57.73 -29.79 29.31
CA LYS A 309 -58.37 -28.83 28.42
C LYS A 309 -59.85 -29.16 28.24
N LYS A 310 -60.16 -30.40 27.89
CA LYS A 310 -61.56 -30.77 27.63
C LYS A 310 -62.38 -30.78 28.90
N ALA A 311 -61.78 -31.14 30.04
CA ALA A 311 -62.50 -31.02 31.31
C ALA A 311 -62.87 -29.56 31.57
N ALA A 312 -61.93 -28.65 31.32
CA ALA A 312 -62.21 -27.23 31.48
C ALA A 312 -63.27 -26.78 30.49
N LEU A 313 -63.23 -27.30 29.27
CA LEU A 313 -64.26 -26.96 28.29
C LEU A 313 -65.64 -27.35 28.81
N SER A 314 -65.78 -28.60 29.25
CA SER A 314 -67.07 -29.09 29.72
C SER A 314 -67.56 -28.27 30.90
N ALA A 315 -66.69 -28.01 31.87
CA ALA A 315 -67.05 -27.16 32.99
C ALA A 315 -67.47 -25.79 32.50
N LEU A 316 -66.77 -25.27 31.49
CA LEU A 316 -67.12 -23.97 30.93
C LEU A 316 -68.54 -23.96 30.43
N GLU A 317 -68.89 -24.91 29.55
CA GLU A 317 -70.23 -24.86 28.96
C GLU A 317 -71.30 -25.06 30.02
N SER A 318 -71.06 -25.96 30.98
CA SER A 318 -72.02 -26.14 32.06
C SER A 318 -72.23 -24.83 32.82
N PHE A 319 -71.13 -24.16 33.15
CA PHE A 319 -71.21 -22.91 33.88
C PHE A 319 -71.95 -21.85 33.09
N LEU A 320 -71.62 -21.71 31.81
CA LEU A 320 -72.26 -20.69 30.99
C LEU A 320 -73.75 -20.94 30.85
N LYS A 321 -74.13 -22.20 30.62
CA LYS A 321 -75.54 -22.51 30.52
C LYS A 321 -76.25 -22.17 31.82
N GLN A 322 -75.67 -22.56 32.95
CA GLN A 322 -76.33 -22.33 34.23
C GLN A 322 -76.47 -20.84 34.51
N VAL A 323 -75.41 -20.06 34.25
CA VAL A 323 -75.48 -18.63 34.53
C VAL A 323 -76.44 -17.95 33.56
N SER A 324 -76.50 -18.41 32.31
CA SER A 324 -77.51 -17.87 31.40
C SER A 324 -78.90 -18.14 31.93
N ASN A 325 -79.13 -19.35 32.43
CA ASN A 325 -80.45 -19.67 32.98
C ASN A 325 -80.80 -18.77 34.15
N MET A 326 -79.87 -18.60 35.09
CA MET A 326 -80.18 -17.77 36.24
C MET A 326 -80.38 -16.32 35.82
N VAL A 327 -79.59 -15.83 34.86
CA VAL A 327 -79.70 -14.45 34.43
C VAL A 327 -81.03 -14.20 33.74
N ALA A 328 -81.48 -15.16 32.94
CA ALA A 328 -82.73 -14.98 32.19
C ALA A 328 -83.90 -14.76 33.14
N LYS A 329 -83.91 -15.44 34.28
CA LYS A 329 -85.01 -15.34 35.23
C LYS A 329 -84.79 -14.27 36.28
N ASN A 330 -83.70 -13.53 36.21
CA ASN A 330 -83.42 -12.51 37.21
C ASN A 330 -84.30 -11.29 37.00
N ALA A 331 -84.09 -10.28 37.84
CA ALA A 331 -84.42 -8.90 37.55
C ALA A 331 -83.18 -8.02 37.52
N GLU A 332 -82.07 -8.51 38.04
CA GLU A 332 -80.78 -7.82 38.06
C GLU A 332 -79.91 -8.18 36.87
N MET A 333 -80.47 -8.87 35.87
CA MET A 333 -79.65 -9.42 34.79
C MET A 333 -78.81 -8.34 34.12
N HIS A 334 -79.33 -7.12 34.10
CA HIS A 334 -78.65 -6.02 33.41
C HIS A 334 -77.28 -5.75 34.00
N LYS A 335 -77.16 -5.81 35.32
CA LYS A 335 -75.92 -5.45 35.99
C LYS A 335 -74.76 -6.29 35.47
N ASN A 336 -74.81 -7.59 35.74
CA ASN A 336 -73.76 -8.49 35.28
C ASN A 336 -73.71 -8.52 33.76
N LYS A 337 -74.86 -8.41 33.11
CA LYS A 337 -74.92 -8.42 31.65
C LYS A 337 -73.99 -7.37 31.07
N LEU A 338 -74.30 -6.09 31.30
CA LEU A 338 -73.52 -5.02 30.71
C LEU A 338 -72.17 -4.83 31.38
N GLN A 339 -71.99 -5.35 32.59
CA GLN A 339 -70.74 -5.17 33.30
C GLN A 339 -69.77 -6.33 33.12
N TYR A 340 -70.14 -7.37 32.39
CA TYR A 340 -69.31 -8.56 32.44
C TYR A 340 -68.95 -9.18 31.09
N PHE A 341 -69.83 -9.08 30.10
CA PHE A 341 -69.81 -10.04 29.01
C PHE A 341 -69.31 -9.49 27.68
N MET A 342 -69.94 -8.43 27.15
CA MET A 342 -69.58 -8.01 25.80
C MET A 342 -68.13 -7.56 25.72
N GLU A 343 -67.56 -7.08 26.83
CA GLU A 343 -66.18 -6.65 26.81
C GLU A 343 -65.24 -7.83 26.57
N GLN A 344 -65.36 -8.88 27.39
CA GLN A 344 -64.52 -10.05 27.20
C GLN A 344 -64.86 -10.76 25.91
N PHE A 345 -66.14 -10.75 25.52
CA PHE A 345 -66.54 -11.37 24.27
C PHE A 345 -65.85 -10.71 23.09
N TYR A 346 -65.81 -9.38 23.08
CA TYR A 346 -65.01 -8.68 22.08
C TYR A 346 -63.54 -9.07 22.21
N GLY A 347 -63.04 -9.17 23.44
CA GLY A 347 -61.64 -9.43 23.67
C GLY A 347 -61.18 -10.81 23.26
N ILE A 348 -62.12 -11.74 23.05
CA ILE A 348 -61.72 -13.07 22.59
C ILE A 348 -60.98 -12.98 21.28
N ILE A 349 -61.42 -12.09 20.39
CA ILE A 349 -60.77 -11.89 19.10
C ILE A 349 -59.35 -11.40 19.31
N ASN A 356 -57.02 -19.43 20.11
CA ASN A 356 -57.32 -20.48 19.15
C ASN A 356 -58.75 -20.98 19.33
N LYS A 357 -58.89 -22.04 20.14
CA LYS A 357 -60.20 -22.63 20.35
C LYS A 357 -61.14 -21.64 21.04
N GLU A 358 -60.58 -20.71 21.81
CA GLU A 358 -61.36 -19.75 22.59
C GLU A 358 -62.56 -19.20 21.82
N LEU A 359 -62.32 -18.72 20.61
CA LEU A 359 -63.37 -18.07 19.82
C LEU A 359 -64.60 -18.96 19.72
N SER A 360 -64.39 -20.24 19.38
CA SER A 360 -65.50 -21.18 19.27
C SER A 360 -66.35 -21.17 20.54
N ILE A 361 -65.69 -21.29 21.70
CA ILE A 361 -66.42 -21.21 22.95
C ILE A 361 -67.10 -19.85 23.06
N ALA A 362 -66.35 -18.78 22.77
CA ALA A 362 -66.93 -17.45 22.74
C ALA A 362 -68.17 -17.43 21.85
N ILE A 363 -68.11 -18.15 20.72
CA ILE A 363 -69.25 -18.19 19.82
C ILE A 363 -70.48 -18.67 20.57
N ARG A 364 -70.37 -19.79 21.27
CA ARG A 364 -71.46 -20.21 22.14
C ARG A 364 -71.77 -19.12 23.14
N GLY A 365 -70.73 -18.64 23.84
CA GLY A 365 -70.91 -17.54 24.75
C GLY A 365 -71.57 -16.35 24.11
N TYR A 366 -71.28 -16.13 22.82
CA TYR A 366 -72.01 -15.11 22.08
C TYR A 366 -73.49 -15.46 22.03
N GLY A 367 -73.83 -16.59 21.41
CA GLY A 367 -75.23 -16.96 21.28
C GLY A 367 -75.91 -17.13 22.61
N LEU A 368 -75.22 -17.76 23.57
CA LEU A 368 -75.74 -17.87 24.91
C LEU A 368 -76.02 -16.49 25.50
N PHE A 369 -75.09 -15.55 25.30
CA PHE A 369 -75.31 -14.20 25.81
C PHE A 369 -76.52 -13.54 25.17
N ALA A 370 -76.98 -14.05 24.03
CA ALA A 370 -78.18 -13.49 23.42
C ALA A 370 -79.42 -13.75 24.25
N GLY A 371 -79.36 -14.69 25.19
CA GLY A 371 -80.48 -14.95 26.07
C GLY A 371 -80.86 -13.74 26.90
N PRO A 372 -79.90 -13.17 27.63
CA PRO A 372 -80.16 -11.90 28.30
C PRO A 372 -80.59 -10.80 27.35
N CYS A 373 -80.00 -10.77 26.14
CA CYS A 373 -80.42 -9.79 25.16
C CYS A 373 -81.83 -10.05 24.66
N LYS A 374 -82.27 -11.30 24.70
CA LYS A 374 -83.69 -11.57 24.52
C LYS A 374 -84.50 -10.95 25.65
N VAL A 375 -83.98 -11.04 26.88
CA VAL A 375 -84.66 -10.44 28.02
C VAL A 375 -84.72 -8.93 27.89
N ILE A 376 -83.60 -8.30 27.59
CA ILE A 376 -83.50 -6.85 27.54
C ILE A 376 -82.82 -6.45 26.24
N ASN A 377 -83.29 -5.35 25.65
CA ASN A 377 -82.79 -4.85 24.38
C ASN A 377 -83.01 -5.87 23.26
N ALA A 378 -84.29 -6.12 22.97
CA ALA A 378 -84.66 -6.98 21.86
C ALA A 378 -84.12 -6.44 20.54
N LYS A 379 -83.84 -5.13 20.45
CA LYS A 379 -83.11 -4.61 19.32
C LYS A 379 -81.72 -5.22 19.23
N ASP A 380 -81.05 -5.36 20.37
CA ASP A 380 -79.72 -5.96 20.36
C ASP A 380 -79.77 -7.40 19.87
N VAL A 381 -80.90 -8.08 20.08
CA VAL A 381 -81.05 -9.44 19.55
C VAL A 381 -80.71 -9.46 18.08
N ASP A 382 -81.47 -8.71 17.28
CA ASP A 382 -81.21 -8.66 15.85
C ASP A 382 -79.87 -7.99 15.54
N PHE A 383 -79.42 -7.07 16.40
CA PHE A 383 -78.14 -6.42 16.17
C PHE A 383 -77.01 -7.44 16.14
N MET A 384 -76.83 -8.18 17.24
CA MET A 384 -75.86 -9.27 17.23
C MET A 384 -76.18 -10.25 16.11
N TYR A 385 -77.42 -10.74 16.04
CA TYR A 385 -77.76 -11.66 14.97
C TYR A 385 -77.17 -11.26 13.62
N VAL A 386 -77.38 -10.00 13.24
CA VAL A 386 -76.88 -9.52 11.96
C VAL A 386 -75.36 -9.53 11.93
N GLU A 387 -74.72 -9.05 13.02
CA GLU A 387 -73.26 -8.96 12.96
C GLU A 387 -72.64 -10.36 12.89
N LEU A 388 -73.22 -11.33 13.58
CA LEU A 388 -72.76 -12.71 13.48
C LEU A 388 -73.07 -13.30 12.11
N ILE A 389 -74.17 -12.89 11.47
CA ILE A 389 -74.42 -13.30 10.09
C ILE A 389 -73.30 -12.80 9.20
N GLN A 390 -72.90 -11.55 9.38
CA GLN A 390 -71.77 -11.03 8.62
C GLN A 390 -70.50 -11.80 8.94
N ARG A 391 -70.33 -12.17 10.20
CA ARG A 391 -69.14 -12.90 10.62
C ARG A 391 -69.04 -14.24 9.91
N CYS A 392 -70.13 -15.01 9.92
CA CYS A 392 -70.11 -16.30 9.25
C CYS A 392 -70.02 -16.14 7.74
N LYS A 393 -70.65 -15.09 7.21
CA LYS A 393 -70.51 -14.77 5.79
C LYS A 393 -69.04 -14.60 5.44
N GLN A 394 -68.30 -13.89 6.28
CA GLN A 394 -66.87 -13.75 6.06
C GLN A 394 -66.19 -15.11 6.12
N MET A 395 -66.43 -15.86 7.19
CA MET A 395 -65.58 -17.01 7.48
C MET A 395 -65.79 -18.14 6.47
N PHE A 396 -67.03 -18.37 6.04
CA PHE A 396 -67.24 -19.47 5.11
C PHE A 396 -66.68 -19.17 3.73
N LEU A 397 -66.44 -17.89 3.42
CA LEU A 397 -65.94 -17.50 2.11
C LEU A 397 -64.45 -17.69 1.97
N THR A 398 -63.78 -18.28 2.96
CA THR A 398 -62.34 -18.50 2.92
C THR A 398 -62.04 -19.65 1.96
N GLN A 399 -62.01 -19.32 0.67
CA GLN A 399 -61.75 -20.31 -0.36
C GLN A 399 -60.26 -20.55 -0.52
N ASP A 405 -60.04 -24.86 6.78
CA ASP A 405 -58.99 -25.00 7.77
C ASP A 405 -59.58 -25.05 9.17
N ARG A 406 -59.70 -23.90 9.82
CA ARG A 406 -60.36 -23.84 11.12
C ARG A 406 -61.84 -24.06 10.87
N VAL A 407 -62.29 -25.30 11.07
CA VAL A 407 -63.63 -25.72 10.68
C VAL A 407 -64.39 -26.39 11.80
N TYR A 408 -63.86 -26.41 13.01
CA TYR A 408 -64.55 -27.03 14.12
C TYR A 408 -65.43 -26.05 14.88
N GLN A 409 -65.61 -24.84 14.35
CA GLN A 409 -66.39 -23.82 14.99
C GLN A 409 -67.74 -23.59 14.34
N MET A 410 -68.00 -24.14 13.15
CA MET A 410 -69.35 -24.04 12.60
C MET A 410 -70.41 -24.62 13.53
N PRO A 411 -70.20 -25.75 14.22
CA PRO A 411 -71.22 -26.16 15.21
C PRO A 411 -71.50 -25.11 16.26
N SER A 412 -70.47 -24.41 16.71
CA SER A 412 -70.69 -23.29 17.63
C SER A 412 -71.51 -22.20 16.95
N PHE A 413 -71.20 -21.90 15.69
CA PHE A 413 -71.99 -20.94 14.94
C PHE A 413 -73.45 -21.35 14.90
N LEU A 414 -73.70 -22.63 14.64
CA LEU A 414 -75.06 -23.12 14.46
C LEU A 414 -75.83 -23.09 15.76
N GLN A 415 -75.19 -23.48 16.86
CA GLN A 415 -75.88 -23.41 18.15
C GLN A 415 -76.17 -21.96 18.53
N SER A 416 -75.24 -21.06 18.26
CA SER A 416 -75.47 -19.65 18.56
C SER A 416 -76.64 -19.11 17.76
N VAL A 417 -76.68 -19.40 16.45
CA VAL A 417 -77.76 -18.88 15.63
C VAL A 417 -79.08 -19.54 16.00
N ALA A 418 -79.06 -20.81 16.38
CA ALA A 418 -80.28 -21.45 16.86
C ALA A 418 -80.80 -20.73 18.09
N SER A 419 -79.91 -20.42 19.03
CA SER A 419 -80.32 -19.69 20.23
C SER A 419 -80.93 -18.35 19.86
N VAL A 420 -80.27 -17.59 18.98
CA VAL A 420 -80.74 -16.25 18.71
C VAL A 420 -82.06 -16.28 17.95
N LEU A 421 -82.22 -17.22 17.00
CA LEU A 421 -83.50 -17.35 16.32
C LEU A 421 -84.61 -17.80 17.26
N LEU A 422 -84.28 -18.63 18.25
CA LEU A 422 -85.26 -18.89 19.29
C LEU A 422 -85.64 -17.60 20.00
N TYR A 423 -84.65 -16.77 20.33
CA TYR A 423 -84.94 -15.45 20.84
C TYR A 423 -85.60 -14.58 19.79
N LEU A 424 -85.15 -14.69 18.54
CA LEU A 424 -85.69 -13.86 17.48
C LEU A 424 -87.10 -14.27 17.12
N ASP A 425 -87.87 -13.32 16.62
CA ASP A 425 -89.22 -13.56 16.13
C ASP A 425 -89.44 -13.08 14.72
N THR A 426 -88.42 -12.53 14.07
CA THR A 426 -88.47 -12.07 12.69
C THR A 426 -87.35 -12.75 11.91
N VAL A 427 -87.12 -12.29 10.68
CA VAL A 427 -86.05 -12.85 9.87
C VAL A 427 -85.64 -11.89 8.75
N PRO A 428 -84.35 -11.63 8.59
CA PRO A 428 -83.87 -11.01 7.35
C PRO A 428 -83.86 -12.03 6.22
N GLU A 429 -84.80 -11.90 5.29
CA GLU A 429 -84.96 -12.89 4.24
C GLU A 429 -83.73 -12.98 3.35
N VAL A 430 -83.00 -11.87 3.21
CA VAL A 430 -81.79 -11.87 2.40
C VAL A 430 -80.77 -12.86 2.95
N TYR A 431 -80.78 -13.07 4.27
CA TYR A 431 -79.86 -14.02 4.88
C TYR A 431 -80.27 -15.45 4.59
N THR A 432 -81.57 -15.67 4.33
CA THR A 432 -82.11 -17.02 4.19
C THR A 432 -81.33 -17.94 3.27
N PRO A 433 -80.93 -17.53 2.05
CA PRO A 433 -80.10 -18.43 1.24
C PRO A 433 -78.77 -18.73 1.92
N VAL A 434 -78.04 -17.67 2.25
CA VAL A 434 -76.76 -17.83 2.95
C VAL A 434 -76.90 -18.84 4.07
N LEU A 435 -77.88 -18.61 4.95
CA LEU A 435 -78.14 -19.51 6.06
C LEU A 435 -78.15 -20.96 5.60
N GLU A 436 -79.07 -21.31 4.70
CA GLU A 436 -79.11 -22.68 4.23
C GLU A 436 -77.82 -23.04 3.50
N HIS A 437 -77.34 -22.12 2.67
CA HIS A 437 -76.07 -22.36 1.99
C HIS A 437 -74.95 -22.59 2.98
N LEU A 438 -75.07 -22.03 4.19
CA LEU A 438 -74.08 -22.31 5.21
C LEU A 438 -74.19 -23.73 5.73
N VAL A 439 -75.41 -24.18 6.02
CA VAL A 439 -75.55 -25.44 6.74
C VAL A 439 -75.09 -26.61 5.87
N VAL A 440 -75.37 -26.54 4.56
CA VAL A 440 -74.86 -27.56 3.66
C VAL A 440 -73.33 -27.54 3.69
N MET A 441 -72.74 -26.35 3.73
CA MET A 441 -71.29 -26.25 3.94
C MET A 441 -70.88 -27.07 5.15
N GLN A 442 -71.61 -26.92 6.26
CA GLN A 442 -71.32 -27.69 7.45
C GLN A 442 -71.39 -29.18 7.14
N ILE A 443 -72.42 -29.59 6.39
CA ILE A 443 -72.53 -30.96 5.97
C ILE A 443 -71.44 -31.32 4.96
N ASP A 444 -71.06 -30.37 4.11
CA ASP A 444 -70.12 -30.67 3.02
C ASP A 444 -68.81 -31.19 3.56
N SER A 445 -68.27 -30.54 4.60
CA SER A 445 -66.98 -30.90 5.15
C SER A 445 -67.10 -31.91 6.28
N PHE A 446 -68.16 -32.70 6.31
CA PHE A 446 -68.34 -33.64 7.41
C PHE A 446 -67.23 -34.68 7.55
N PRO A 447 -66.50 -35.10 6.51
CA PRO A 447 -65.31 -35.90 6.74
C PRO A 447 -64.29 -35.14 7.57
N GLN A 448 -63.25 -35.86 7.97
CA GLN A 448 -62.14 -35.29 8.74
C GLN A 448 -62.63 -34.60 10.00
N TYR A 449 -63.63 -35.19 10.65
CA TYR A 449 -64.16 -34.72 11.93
C TYR A 449 -64.00 -35.76 13.03
N SER A 450 -63.54 -35.30 14.18
CA SER A 450 -63.59 -36.12 15.38
C SER A 450 -65.05 -36.37 15.76
N PRO A 451 -65.38 -37.60 16.18
CA PRO A 451 -66.80 -37.93 16.37
C PRO A 451 -67.51 -37.04 17.37
N LYS A 452 -66.82 -36.59 18.42
CA LYS A 452 -67.46 -35.77 19.44
C LYS A 452 -68.01 -34.48 18.83
N MET A 453 -67.20 -33.79 18.02
CA MET A 453 -67.70 -32.57 17.43
C MET A 453 -68.69 -32.87 16.31
N GLN A 454 -68.63 -34.07 15.72
CA GLN A 454 -69.69 -34.48 14.80
C GLN A 454 -71.02 -34.54 15.52
N LEU A 455 -71.03 -35.12 16.72
CA LEU A 455 -72.26 -35.12 17.52
C LEU A 455 -72.66 -33.72 17.92
N VAL A 456 -71.67 -32.86 18.19
CA VAL A 456 -71.96 -31.45 18.45
C VAL A 456 -72.67 -30.83 17.27
N CYS A 457 -72.19 -31.12 16.05
CA CYS A 457 -72.85 -30.64 14.85
C CYS A 457 -74.25 -31.20 14.73
N CYS A 458 -74.43 -32.48 15.08
CA CYS A 458 -75.77 -33.06 15.07
C CYS A 458 -76.70 -32.26 15.97
N ARG A 459 -76.27 -31.98 17.19
CA ARG A 459 -77.11 -31.22 18.11
C ARG A 459 -77.38 -29.82 17.55
N ALA A 460 -76.35 -29.17 17.03
CA ALA A 460 -76.52 -27.81 16.52
C ALA A 460 -77.51 -27.77 15.38
N ILE A 461 -77.40 -28.71 14.44
CA ILE A 461 -78.31 -28.69 13.31
C ILE A 461 -79.72 -29.05 13.75
N VAL A 462 -79.88 -30.02 14.64
CA VAL A 462 -81.24 -30.36 15.02
C VAL A 462 -81.90 -29.20 15.76
N LYS A 463 -81.12 -28.47 16.57
CA LYS A 463 -81.73 -27.32 17.23
C LYS A 463 -82.03 -26.20 16.25
N VAL A 464 -81.22 -26.05 15.19
CA VAL A 464 -81.58 -25.02 14.21
C VAL A 464 -82.83 -25.44 13.45
N PHE A 465 -83.04 -26.74 13.23
CA PHE A 465 -84.29 -27.16 12.62
C PHE A 465 -85.46 -26.86 13.54
N LEU A 466 -85.32 -27.11 14.83
CA LEU A 466 -86.38 -26.75 15.77
C LEU A 466 -86.65 -25.26 15.72
N ALA A 467 -85.60 -24.45 15.63
CA ALA A 467 -85.77 -23.00 15.57
C ALA A 467 -86.54 -22.60 14.31
N LEU A 468 -86.10 -23.07 13.16
CA LEU A 468 -86.79 -22.71 11.92
C LEU A 468 -88.19 -23.30 11.85
N ALA A 469 -88.48 -24.30 12.68
CA ALA A 469 -89.82 -24.87 12.74
C ALA A 469 -90.85 -23.90 13.32
N ALA A 470 -90.44 -22.66 13.62
CA ALA A 470 -91.40 -21.69 14.17
C ALA A 470 -92.51 -21.38 13.19
N LYS A 471 -92.17 -21.18 11.90
CA LYS A 471 -93.13 -20.79 10.89
C LYS A 471 -93.12 -21.80 9.75
N GLY A 472 -94.31 -22.18 9.30
CA GLY A 472 -94.49 -23.19 8.28
C GLY A 472 -93.71 -22.98 7.00
N PRO A 473 -93.96 -21.85 6.31
CA PRO A 473 -93.29 -21.65 5.01
C PRO A 473 -91.78 -21.70 5.11
N VAL A 474 -91.21 -20.97 6.06
CA VAL A 474 -89.76 -20.93 6.17
C VAL A 474 -89.23 -22.30 6.53
N LEU A 475 -89.87 -22.99 7.48
CA LEU A 475 -89.36 -24.30 7.87
C LEU A 475 -89.35 -25.24 6.67
N ARG A 476 -90.45 -25.29 5.93
CA ARG A 476 -90.55 -26.27 4.85
C ARG A 476 -89.57 -25.95 3.74
N ASN A 477 -89.50 -24.70 3.30
CA ASN A 477 -88.61 -24.39 2.20
C ASN A 477 -87.16 -24.60 2.61
N CYS A 478 -86.80 -24.17 3.81
CA CYS A 478 -85.42 -24.35 4.27
C CYS A 478 -85.06 -25.83 4.33
N ILE A 479 -85.90 -26.65 4.96
CA ILE A 479 -85.56 -28.06 5.10
C ILE A 479 -85.46 -28.71 3.73
N SER A 480 -86.41 -28.42 2.84
CA SER A 480 -86.37 -28.99 1.50
C SER A 480 -85.06 -28.64 0.81
N THR A 481 -84.72 -27.36 0.79
CA THR A 481 -83.52 -26.92 0.10
C THR A 481 -82.27 -27.55 0.69
N VAL A 482 -82.17 -27.55 2.03
CA VAL A 482 -80.94 -28.02 2.65
C VAL A 482 -80.77 -29.52 2.44
N VAL A 483 -81.85 -30.30 2.61
CA VAL A 483 -81.71 -31.74 2.41
C VAL A 483 -81.38 -32.02 0.96
N HIS A 484 -82.02 -31.29 0.04
CA HIS A 484 -81.76 -31.52 -1.38
C HIS A 484 -80.29 -31.28 -1.69
N GLN A 485 -79.77 -30.11 -1.34
CA GLN A 485 -78.39 -29.80 -1.70
C GLN A 485 -77.42 -30.73 -0.98
N GLY A 486 -77.69 -31.06 0.28
CA GLY A 486 -76.82 -31.95 1.00
C GLY A 486 -76.70 -33.30 0.32
N LEU A 487 -77.84 -33.91 -0.02
CA LEU A 487 -77.79 -35.21 -0.69
C LEU A 487 -77.17 -35.09 -2.06
N ILE A 488 -77.36 -33.95 -2.75
CA ILE A 488 -76.70 -33.74 -4.02
C ILE A 488 -75.20 -33.84 -3.86
N ARG A 489 -74.65 -33.15 -2.86
CA ARG A 489 -73.21 -33.26 -2.65
C ARG A 489 -72.84 -34.68 -2.24
N ILE A 490 -73.70 -35.34 -1.47
CA ILE A 490 -73.40 -36.67 -0.98
C ILE A 490 -73.19 -37.63 -2.14
N CYS A 491 -74.19 -37.72 -3.02
CA CYS A 491 -74.05 -38.58 -4.19
C CYS A 491 -72.97 -38.07 -5.12
N SER A 492 -72.69 -36.76 -5.08
CA SER A 492 -71.61 -36.22 -5.90
C SER A 492 -70.28 -36.85 -5.53
N LYS A 493 -70.08 -37.11 -4.25
CA LYS A 493 -68.87 -37.81 -3.81
C LYS A 493 -68.96 -39.26 -4.23
N PRO A 494 -68.00 -39.77 -5.01
CA PRO A 494 -68.07 -41.18 -5.43
C PRO A 494 -67.79 -42.15 -4.29
N VAL A 495 -67.89 -43.45 -4.59
CA VAL A 495 -67.69 -44.49 -3.60
C VAL A 495 -66.54 -45.39 -4.08
N VAL A 496 -65.95 -46.11 -3.14
CA VAL A 496 -64.75 -46.89 -3.42
C VAL A 496 -65.03 -47.99 -4.45
N LEU A 497 -64.06 -48.22 -5.32
CA LEU A 497 -64.05 -49.35 -6.23
C LEU A 497 -62.92 -50.29 -5.84
N PRO A 498 -63.19 -51.59 -5.64
CA PRO A 498 -62.17 -52.56 -5.21
C PRO A 498 -61.07 -52.77 -6.25
N TRP A 519 -57.47 -29.60 3.18
CA TRP A 519 -58.15 -30.86 3.46
C TRP A 519 -57.20 -32.04 3.33
N LYS A 520 -57.41 -33.08 4.15
CA LYS A 520 -56.54 -34.25 4.10
C LYS A 520 -57.10 -35.33 3.17
N VAL A 521 -58.25 -35.88 3.51
CA VAL A 521 -58.91 -36.92 2.72
C VAL A 521 -60.43 -36.80 2.85
N PRO A 522 -61.16 -36.66 1.75
CA PRO A 522 -62.62 -36.72 1.81
C PRO A 522 -63.10 -38.17 1.73
N THR A 523 -64.38 -38.35 2.04
CA THR A 523 -64.96 -39.69 2.01
C THR A 523 -66.47 -39.58 1.83
N TYR A 524 -67.09 -40.73 1.66
CA TYR A 524 -68.51 -40.86 1.34
C TYR A 524 -69.33 -41.51 2.44
N LYS A 525 -68.81 -42.58 3.04
CA LYS A 525 -69.58 -43.33 4.02
C LYS A 525 -69.79 -42.58 5.33
N ASP A 526 -69.09 -41.47 5.53
CA ASP A 526 -69.11 -40.77 6.81
C ASP A 526 -70.46 -40.17 7.16
N TYR A 527 -71.47 -40.28 6.30
CA TYR A 527 -72.73 -39.60 6.52
C TYR A 527 -73.84 -40.50 7.03
N VAL A 528 -73.65 -41.83 6.97
CA VAL A 528 -74.66 -42.74 7.47
C VAL A 528 -74.92 -42.50 8.96
N ASP A 529 -73.86 -42.36 9.74
CA ASP A 529 -74.01 -42.08 11.16
C ASP A 529 -74.71 -40.75 11.37
N LEU A 530 -74.31 -39.73 10.61
CA LEU A 530 -74.93 -38.42 10.73
C LEU A 530 -76.44 -38.52 10.54
N PHE A 531 -76.87 -39.17 9.47
CA PHE A 531 -78.29 -39.14 9.16
C PHE A 531 -79.08 -40.05 10.08
N ARG A 532 -78.49 -41.16 10.54
CA ARG A 532 -79.22 -41.93 11.54
C ARG A 532 -79.34 -41.15 12.84
N HIS A 533 -78.33 -40.35 13.19
CA HIS A 533 -78.46 -39.48 14.34
C HIS A 533 -79.59 -38.49 14.14
N LEU A 534 -79.75 -37.99 12.92
CA LEU A 534 -80.93 -37.17 12.65
C LEU A 534 -82.20 -37.97 12.91
N LEU A 535 -82.23 -39.21 12.45
CA LEU A 535 -83.38 -40.07 12.67
C LEU A 535 -83.40 -40.64 14.08
N SER A 536 -82.31 -40.49 14.84
CA SER A 536 -82.28 -40.88 16.24
C SER A 536 -81.91 -39.66 17.07
N SER A 537 -82.59 -38.53 16.81
CA SER A 537 -82.31 -37.27 17.47
C SER A 537 -83.34 -36.93 18.55
N ASP A 538 -84.32 -37.82 18.79
CA ASP A 538 -85.37 -37.51 19.75
C ASP A 538 -84.80 -37.32 21.16
N GLN A 539 -83.84 -38.16 21.54
CA GLN A 539 -83.16 -38.04 22.82
C GLN A 539 -82.34 -36.77 22.95
N MET A 540 -82.14 -36.04 21.86
CA MET A 540 -81.54 -34.71 21.91
C MET A 540 -82.59 -33.61 21.96
N MET A 541 -83.61 -33.70 21.11
CA MET A 541 -84.60 -32.64 21.06
C MET A 541 -85.43 -32.59 22.34
N ASP A 542 -85.64 -33.74 23.00
CA ASP A 542 -86.33 -33.71 24.28
C ASP A 542 -85.52 -32.93 25.31
N SER A 543 -84.21 -33.09 25.29
CA SER A 543 -83.35 -32.34 26.21
C SER A 543 -83.35 -30.86 25.86
N ILE A 544 -83.35 -30.53 24.57
CA ILE A 544 -83.10 -29.16 24.15
C ILE A 544 -84.38 -28.34 24.00
N LEU A 545 -85.55 -28.96 24.00
CA LEU A 545 -86.78 -28.20 23.89
C LEU A 545 -87.15 -27.48 25.18
N ALA A 546 -86.64 -27.94 26.32
CA ALA A 546 -86.91 -27.26 27.57
C ALA A 546 -86.35 -25.84 27.56
N ASP A 547 -85.04 -25.72 27.43
CA ASP A 547 -84.41 -24.43 27.28
C ASP A 547 -84.68 -23.86 25.90
N SER A 559 -92.08 -37.96 16.23
CA SER A 559 -92.84 -36.74 15.99
C SER A 559 -92.08 -35.82 15.06
N LEU A 560 -91.39 -34.84 15.66
CA LEU A 560 -90.60 -33.91 14.87
C LEU A 560 -89.52 -34.65 14.10
N ASN A 561 -88.86 -35.60 14.75
CA ASN A 561 -87.92 -36.47 14.06
C ASN A 561 -88.61 -37.23 12.93
N HIS A 562 -89.84 -37.68 13.18
CA HIS A 562 -90.62 -38.29 12.11
C HIS A 562 -90.90 -37.31 11.00
N LEU A 563 -91.12 -36.03 11.33
CA LEU A 563 -91.30 -35.02 10.29
C LEU A 563 -90.04 -34.88 9.46
N LEU A 564 -88.88 -34.93 10.11
CA LEU A 564 -87.62 -34.93 9.37
C LEU A 564 -87.54 -36.14 8.46
N TYR A 565 -87.96 -37.29 8.97
CA TYR A 565 -88.02 -38.51 8.16
C TYR A 565 -88.84 -38.26 6.90
N ASP A 566 -90.02 -37.68 7.08
CA ASP A 566 -90.92 -37.42 5.95
C ASP A 566 -90.29 -36.46 4.96
N GLU A 567 -89.66 -35.40 5.46
CA GLU A 567 -89.01 -34.45 4.58
C GLU A 567 -87.91 -35.12 3.78
N PHE A 568 -87.12 -35.96 4.44
CA PHE A 568 -86.09 -36.71 3.74
C PHE A 568 -86.69 -37.60 2.68
N VAL A 569 -87.82 -38.24 2.98
CA VAL A 569 -88.47 -39.11 2.00
C VAL A 569 -88.89 -38.30 0.79
N LYS A 570 -89.46 -37.13 1.03
CA LYS A 570 -89.87 -36.27 -0.09
C LYS A 570 -88.68 -35.83 -0.91
N SER A 571 -87.56 -35.52 -0.25
CA SER A 571 -86.36 -35.17 -0.99
C SER A 571 -85.90 -36.33 -1.86
N VAL A 572 -85.89 -37.53 -1.30
CA VAL A 572 -85.54 -38.72 -2.06
C VAL A 572 -86.43 -38.85 -3.28
N LEU A 573 -87.73 -38.66 -3.07
CA LEU A 573 -88.66 -38.64 -4.19
C LEU A 573 -88.17 -37.68 -5.26
N LYS A 574 -88.21 -36.39 -4.94
CA LYS A 574 -88.02 -35.36 -5.96
C LYS A 574 -86.72 -35.59 -6.72
N ILE A 575 -85.67 -36.01 -6.02
CA ILE A 575 -84.41 -36.27 -6.71
C ILE A 575 -84.56 -37.47 -7.64
N VAL A 576 -85.21 -38.54 -7.17
CA VAL A 576 -85.25 -39.72 -8.03
C VAL A 576 -86.08 -39.49 -9.27
N GLU A 577 -87.19 -38.76 -9.20
CA GLU A 577 -87.82 -38.54 -10.50
C GLU A 577 -87.02 -37.54 -11.33
N LYS A 578 -86.24 -36.67 -10.68
CA LYS A 578 -85.40 -35.76 -11.45
C LYS A 578 -84.36 -36.50 -12.27
N LEU A 579 -83.99 -37.70 -11.84
CA LEU A 579 -82.77 -38.32 -12.35
C LEU A 579 -82.87 -38.66 -13.83
N ASP A 580 -81.71 -38.69 -14.48
CA ASP A 580 -81.56 -39.04 -15.88
C ASP A 580 -80.97 -40.44 -15.99
N LEU A 581 -81.59 -41.29 -16.81
CA LEU A 581 -81.17 -42.68 -16.99
C LEU A 581 -81.04 -42.93 -18.49
N THR A 582 -79.86 -42.67 -19.04
CA THR A 582 -79.63 -42.82 -20.47
C THR A 582 -78.30 -43.49 -20.74
N LEU A 583 -78.31 -44.43 -21.68
CA LEU A 583 -77.11 -45.16 -22.02
C LEU A 583 -77.21 -45.62 -23.47
N GLU A 584 -76.07 -46.01 -24.02
CA GLU A 584 -76.00 -46.44 -25.42
C GLU A 584 -75.77 -47.94 -25.48
N ILE A 585 -75.68 -48.44 -26.72
CA ILE A 585 -75.62 -49.88 -26.95
C ILE A 585 -74.28 -50.46 -26.54
N GLN A 586 -73.20 -49.69 -26.68
CA GLN A 586 -71.85 -50.23 -26.53
C GLN A 586 -71.51 -50.62 -25.09
N ALA A 610 -73.48 -55.99 -27.16
CA ALA A 610 -74.06 -54.78 -26.60
C ALA A 610 -74.16 -54.88 -25.09
N ASN A 611 -73.92 -53.76 -24.41
CA ASN A 611 -73.91 -53.74 -22.95
C ASN A 611 -73.99 -52.28 -22.50
N LEU A 612 -73.75 -52.04 -21.22
CA LEU A 612 -73.85 -50.70 -20.65
C LEU A 612 -72.94 -49.72 -21.38
N HIS A 613 -73.53 -48.67 -21.93
CA HIS A 613 -72.78 -47.53 -22.46
C HIS A 613 -73.43 -46.26 -21.93
N PRO A 614 -73.22 -45.96 -20.65
CA PRO A 614 -73.91 -44.81 -20.04
C PRO A 614 -73.59 -43.50 -20.75
N ALA A 615 -74.64 -42.82 -21.22
CA ALA A 615 -74.45 -41.53 -21.86
C ALA A 615 -73.96 -40.49 -20.85
N LYS A 616 -74.44 -40.55 -19.62
CA LYS A 616 -74.03 -39.63 -18.55
C LYS A 616 -73.62 -40.45 -17.35
N PRO A 617 -72.50 -41.15 -17.44
CA PRO A 617 -72.15 -42.13 -16.41
C PRO A 617 -72.01 -41.55 -15.02
N LYS A 618 -71.60 -40.27 -14.92
CA LYS A 618 -71.47 -39.65 -13.61
C LYS A 618 -72.80 -39.60 -12.89
N ASP A 619 -73.89 -39.39 -13.64
CA ASP A 619 -75.21 -39.44 -13.03
C ASP A 619 -75.49 -40.80 -12.43
N PHE A 620 -75.12 -41.86 -13.15
CA PHE A 620 -75.34 -43.20 -12.62
C PHE A 620 -74.43 -43.50 -11.43
N SER A 621 -73.23 -42.93 -11.44
CA SER A 621 -72.35 -43.09 -10.28
C SER A 621 -72.96 -42.47 -9.04
N ALA A 622 -73.37 -41.21 -9.15
CA ALA A 622 -74.05 -40.59 -8.02
C ALA A 622 -75.31 -41.37 -7.66
N PHE A 623 -76.00 -41.89 -8.66
CA PHE A 623 -77.19 -42.70 -8.45
C PHE A 623 -76.89 -43.88 -7.55
N ILE A 624 -75.87 -44.65 -7.89
CA ILE A 624 -75.59 -45.85 -7.11
C ILE A 624 -75.13 -45.47 -5.72
N ASN A 625 -74.36 -44.38 -5.61
CA ASN A 625 -73.94 -43.93 -4.28
C ASN A 625 -75.15 -43.66 -3.41
N LEU A 626 -76.08 -42.86 -3.90
CA LEU A 626 -77.24 -42.50 -3.11
C LEU A 626 -78.15 -43.71 -2.87
N VAL A 627 -78.32 -44.57 -3.87
CA VAL A 627 -79.20 -45.71 -3.72
C VAL A 627 -78.68 -46.63 -2.63
N GLU A 628 -77.38 -46.93 -2.67
CA GLU A 628 -76.79 -47.67 -1.58
C GLU A 628 -77.01 -46.98 -0.25
N PHE A 629 -76.65 -45.70 -0.19
CA PHE A 629 -76.70 -44.96 1.07
C PHE A 629 -78.07 -45.07 1.70
N CYS A 630 -79.11 -44.78 0.92
CA CYS A 630 -80.46 -44.75 1.44
C CYS A 630 -80.95 -46.15 1.79
N ARG A 631 -80.51 -47.18 1.04
CA ARG A 631 -80.97 -48.50 1.44
C ARG A 631 -80.40 -48.91 2.80
N GLU A 632 -79.15 -48.53 3.13
CA GLU A 632 -78.78 -48.92 4.50
C GLU A 632 -79.40 -47.98 5.52
N ILE A 633 -79.66 -46.72 5.13
CA ILE A 633 -80.20 -45.77 6.09
C ILE A 633 -81.64 -46.14 6.47
N LEU A 634 -82.42 -46.61 5.51
CA LEU A 634 -83.86 -46.75 5.72
C LEU A 634 -84.25 -47.70 6.86
N PRO A 635 -83.74 -48.93 6.94
CA PRO A 635 -84.43 -49.95 7.76
C PRO A 635 -84.52 -49.63 9.26
N GLU A 636 -83.69 -48.72 9.76
CA GLU A 636 -83.67 -48.47 11.19
C GLU A 636 -85.01 -47.94 11.70
N LYS A 637 -85.63 -47.02 10.96
CA LYS A 637 -86.85 -46.38 11.40
C LYS A 637 -88.06 -47.20 10.96
N GLN A 638 -89.25 -46.69 11.25
CA GLN A 638 -90.47 -47.48 11.26
C GLN A 638 -91.37 -47.04 10.12
N ALA A 639 -92.17 -47.98 9.60
CA ALA A 639 -92.75 -47.83 8.27
C ALA A 639 -94.00 -46.95 8.23
N GLU A 640 -94.69 -46.73 9.34
CA GLU A 640 -95.78 -45.76 9.27
C GLU A 640 -95.25 -44.36 9.07
N PHE A 641 -94.00 -44.12 9.49
CA PHE A 641 -93.30 -42.92 9.05
C PHE A 641 -93.19 -42.90 7.53
N PHE A 642 -93.31 -44.05 6.89
CA PHE A 642 -93.20 -44.21 5.44
C PHE A 642 -94.56 -44.59 4.84
N GLU A 643 -95.61 -44.60 5.64
CA GLU A 643 -96.84 -45.29 5.28
C GLU A 643 -97.49 -44.79 4.00
N PRO A 644 -97.73 -43.50 3.79
CA PRO A 644 -98.26 -43.07 2.48
C PRO A 644 -97.33 -43.43 1.35
N TRP A 645 -96.04 -43.37 1.61
CA TRP A 645 -95.09 -43.74 0.58
C TRP A 645 -95.08 -45.24 0.34
N VAL A 646 -95.54 -46.04 1.31
CA VAL A 646 -95.70 -47.48 1.07
C VAL A 646 -96.43 -47.71 -0.25
N TYR A 647 -97.45 -46.89 -0.52
CA TYR A 647 -98.13 -46.97 -1.81
C TYR A 647 -97.45 -46.08 -2.85
N SER A 648 -97.34 -44.79 -2.56
CA SER A 648 -96.95 -43.83 -3.59
C SER A 648 -95.52 -44.08 -4.08
N PHE A 649 -94.58 -44.17 -3.14
CA PHE A 649 -93.18 -44.36 -3.47
C PHE A 649 -92.97 -45.68 -4.19
N SER A 650 -93.65 -46.73 -3.74
CA SER A 650 -93.58 -48.01 -4.43
C SER A 650 -94.11 -47.89 -5.85
N TYR A 651 -95.20 -47.15 -6.03
CA TYR A 651 -95.79 -47.00 -7.35
C TYR A 651 -94.83 -46.30 -8.30
N GLU A 652 -94.24 -45.20 -7.84
CA GLU A 652 -93.31 -44.48 -8.70
C GLU A 652 -92.04 -45.30 -8.93
N LEU A 653 -91.64 -46.12 -7.96
CA LEU A 653 -90.52 -47.03 -8.19
C LEU A 653 -90.85 -48.02 -9.28
N ILE A 654 -92.07 -48.55 -9.26
CA ILE A 654 -92.49 -49.46 -10.32
C ILE A 654 -92.44 -48.75 -11.66
N LEU A 655 -92.91 -47.51 -11.69
CA LEU A 655 -92.79 -46.69 -12.89
C LEU A 655 -91.35 -46.65 -13.39
N GLN A 656 -90.44 -46.21 -12.52
CA GLN A 656 -89.05 -46.01 -12.91
C GLN A 656 -88.42 -47.32 -13.37
N SER A 657 -88.70 -48.41 -12.67
CA SER A 657 -88.18 -49.71 -13.07
C SER A 657 -88.71 -50.10 -14.44
N THR A 658 -90.00 -49.88 -14.68
CA THR A 658 -90.55 -50.19 -15.99
C THR A 658 -89.89 -49.36 -17.08
N ARG A 659 -89.42 -48.16 -16.73
CA ARG A 659 -88.67 -47.39 -17.72
C ARG A 659 -87.39 -48.11 -18.13
N LEU A 660 -86.57 -48.48 -17.14
CA LEU A 660 -85.29 -49.14 -17.39
C LEU A 660 -85.17 -50.34 -16.45
N PRO A 661 -85.75 -51.46 -16.81
CA PRO A 661 -85.76 -52.65 -15.95
C PRO A 661 -84.43 -53.40 -15.94
N LEU A 662 -83.35 -52.66 -15.68
CA LEU A 662 -82.03 -53.28 -15.63
C LEU A 662 -81.16 -52.64 -14.55
N ILE A 663 -81.76 -52.03 -13.54
CA ILE A 663 -81.02 -51.30 -12.51
C ILE A 663 -81.22 -52.00 -11.18
N SER A 664 -80.12 -52.51 -10.62
CA SER A 664 -80.20 -53.26 -9.36
C SER A 664 -80.70 -52.40 -8.22
N GLY A 665 -80.39 -51.10 -8.25
CA GLY A 665 -80.82 -50.22 -7.18
C GLY A 665 -82.33 -50.20 -7.02
N PHE A 666 -83.04 -50.26 -8.14
CA PHE A 666 -84.50 -50.38 -8.09
C PHE A 666 -84.89 -51.57 -7.22
N TYR A 667 -84.29 -52.73 -7.50
CA TYR A 667 -84.66 -53.93 -6.76
C TYR A 667 -84.26 -53.84 -5.30
N LYS A 668 -83.11 -53.24 -5.01
CA LYS A 668 -82.71 -53.03 -3.62
C LYS A 668 -83.72 -52.17 -2.88
N LEU A 669 -84.15 -51.08 -3.50
CA LEU A 669 -85.09 -50.19 -2.86
C LEU A 669 -86.42 -50.88 -2.65
N LEU A 670 -86.88 -51.62 -3.66
CA LEU A 670 -88.13 -52.36 -3.54
C LEU A 670 -88.04 -53.39 -2.42
N SER A 671 -86.90 -54.08 -2.33
CA SER A 671 -86.75 -55.13 -1.33
C SER A 671 -86.78 -54.54 0.08
N ILE A 672 -86.03 -53.46 0.32
CA ILE A 672 -86.04 -52.89 1.65
C ILE A 672 -87.42 -52.33 1.97
N THR A 673 -88.08 -51.75 0.97
CA THR A 673 -89.42 -51.21 1.18
C THR A 673 -90.38 -52.32 1.59
N VAL A 674 -90.37 -53.43 0.87
CA VAL A 674 -91.31 -54.50 1.19
C VAL A 674 -90.92 -55.19 2.49
N ARG A 675 -89.63 -55.16 2.85
CA ARG A 675 -89.26 -55.68 4.16
C ARG A 675 -89.86 -54.85 5.27
N ASN A 676 -89.81 -53.53 5.12
CA ASN A 676 -90.49 -52.68 6.11
C ASN A 676 -91.99 -52.88 6.08
N ALA A 677 -92.56 -53.13 4.90
CA ALA A 677 -94.00 -53.32 4.79
C ALA A 677 -94.44 -54.60 5.50
N LYS A 678 -93.75 -55.70 5.22
CA LYS A 678 -94.05 -56.95 5.90
C LYS A 678 -93.75 -56.83 7.39
N LYS A 679 -92.79 -55.96 7.74
CA LYS A 679 -92.56 -55.65 9.15
C LYS A 679 -93.83 -55.09 9.79
N ILE A 680 -94.60 -54.31 9.03
CA ILE A 680 -95.89 -53.83 9.50
C ILE A 680 -97.06 -54.59 8.91
N LYS A 681 -96.81 -55.52 8.00
CA LYS A 681 -97.88 -56.29 7.34
C LYS A 681 -98.88 -55.35 6.67
N TYR A 682 -98.38 -54.64 5.66
CA TYR A 682 -99.25 -53.77 4.89
C TYR A 682 -100.35 -54.56 4.18
N PHE A 683 -100.14 -55.85 3.94
CA PHE A 683 -101.16 -56.67 3.32
C PHE A 683 -102.16 -57.17 4.37
N GLU A 684 -103.44 -57.15 4.00
CA GLU A 684 -104.47 -57.77 4.82
C GLU A 684 -105.49 -58.59 4.04
N GLY A 685 -105.55 -58.45 2.71
CA GLY A 685 -106.50 -59.18 1.92
C GLY A 685 -106.70 -58.60 0.53
N ASP A 697 -108.87 -52.01 1.67
CA ASP A 697 -108.55 -50.73 1.06
C ASP A 697 -108.15 -50.92 -0.40
N PRO A 698 -108.88 -50.26 -1.30
CA PRO A 698 -108.54 -50.36 -2.73
C PRO A 698 -107.10 -49.99 -3.02
N GLU A 699 -106.54 -49.03 -2.28
CA GLU A 699 -105.13 -48.70 -2.46
C GLU A 699 -104.25 -49.91 -2.15
N LYS A 700 -104.61 -50.68 -1.12
CA LYS A 700 -103.83 -51.86 -0.78
C LYS A 700 -103.91 -52.91 -1.88
N TYR A 701 -105.12 -53.14 -2.41
CA TYR A 701 -105.25 -54.08 -3.51
C TYR A 701 -104.47 -53.62 -4.73
N SER A 702 -104.47 -52.31 -5.00
CA SER A 702 -103.65 -51.78 -6.08
C SER A 702 -102.19 -52.06 -5.83
N CYS A 703 -101.73 -51.85 -4.60
CA CYS A 703 -100.35 -52.17 -4.25
C CYS A 703 -100.04 -53.62 -4.57
N PHE A 704 -100.91 -54.53 -4.13
CA PHE A 704 -100.67 -55.95 -4.33
C PHE A 704 -100.63 -56.30 -5.81
N ALA A 705 -101.52 -55.68 -6.60
CA ALA A 705 -101.52 -55.91 -8.04
C ALA A 705 -100.20 -55.45 -8.65
N LEU A 706 -99.73 -54.28 -8.27
CA LEU A 706 -98.43 -53.81 -8.76
C LEU A 706 -97.35 -54.81 -8.40
N PHE A 707 -97.38 -55.31 -7.18
CA PHE A 707 -96.36 -56.23 -6.71
C PHE A 707 -96.36 -57.50 -7.55
N VAL A 708 -97.54 -58.07 -7.76
CA VAL A 708 -97.62 -59.34 -8.48
C VAL A 708 -97.21 -59.15 -9.92
N LYS A 709 -97.66 -58.07 -10.56
CA LYS A 709 -97.26 -57.81 -11.94
C LYS A 709 -95.74 -57.71 -12.03
N PHE A 710 -95.15 -56.83 -11.23
CA PHE A 710 -93.72 -56.61 -11.34
C PHE A 710 -92.95 -57.88 -11.05
N GLY A 711 -93.37 -58.62 -10.03
CA GLY A 711 -92.66 -59.84 -9.67
C GLY A 711 -92.70 -60.88 -10.77
N LYS A 712 -93.89 -61.12 -11.33
CA LYS A 712 -93.97 -62.13 -12.38
C LYS A 712 -93.17 -61.69 -13.61
N GLU A 713 -93.21 -60.40 -13.94
CA GLU A 713 -92.49 -59.93 -15.11
C GLU A 713 -90.99 -60.09 -14.92
N VAL A 714 -90.47 -59.68 -13.77
CA VAL A 714 -89.03 -59.81 -13.56
C VAL A 714 -88.63 -61.27 -13.42
N ALA A 715 -89.50 -62.10 -12.87
CA ALA A 715 -89.18 -63.51 -12.71
C ALA A 715 -89.06 -64.19 -14.07
N VAL A 716 -90.03 -63.93 -14.96
CA VAL A 716 -89.92 -64.52 -16.29
C VAL A 716 -88.74 -63.91 -17.04
N LYS A 717 -88.46 -62.62 -16.82
CA LYS A 717 -87.33 -61.99 -17.46
C LYS A 717 -86.04 -62.21 -16.71
N MET A 718 -86.10 -62.90 -15.56
CA MET A 718 -84.89 -63.16 -14.79
C MET A 718 -83.86 -63.93 -15.59
N LYS A 719 -84.31 -64.93 -16.35
CA LYS A 719 -83.38 -65.71 -17.17
C LYS A 719 -82.69 -64.83 -18.18
N GLN A 720 -83.44 -63.90 -18.79
CA GLN A 720 -82.84 -62.97 -19.73
C GLN A 720 -81.81 -62.09 -19.06
N TYR A 721 -81.96 -61.85 -17.76
CA TYR A 721 -81.00 -61.03 -17.04
C TYR A 721 -79.69 -61.78 -16.90
N LYS A 722 -78.66 -61.02 -16.53
CA LYS A 722 -77.33 -61.56 -16.26
C LYS A 722 -77.01 -61.42 -14.79
N ASP A 723 -75.89 -62.04 -14.40
CA ASP A 723 -75.50 -62.09 -13.00
C ASP A 723 -75.38 -60.70 -12.40
N GLU A 724 -75.49 -60.64 -11.06
CA GLU A 724 -75.34 -59.46 -10.22
C GLU A 724 -76.44 -58.44 -10.53
N LEU A 725 -77.25 -58.73 -11.54
CA LEU A 725 -78.47 -57.99 -11.82
C LEU A 725 -79.70 -58.79 -11.46
N LEU A 726 -79.85 -59.98 -12.04
CA LEU A 726 -80.87 -60.90 -11.59
C LEU A 726 -80.68 -61.25 -10.13
N ALA A 727 -79.46 -61.14 -9.61
CA ALA A 727 -79.23 -61.30 -8.19
C ALA A 727 -80.06 -60.31 -7.40
N SER A 728 -80.01 -59.04 -7.79
CA SER A 728 -80.83 -58.03 -7.14
C SER A 728 -82.31 -58.30 -7.34
N CYS A 729 -82.68 -58.71 -8.55
CA CYS A 729 -84.08 -59.00 -8.83
C CYS A 729 -84.62 -60.03 -7.86
N LEU A 730 -83.94 -61.17 -7.76
CA LEU A 730 -84.42 -62.24 -6.89
C LEU A 730 -84.26 -61.87 -5.42
N THR A 731 -83.25 -61.07 -5.09
CA THR A 731 -83.11 -60.60 -3.72
C THR A 731 -84.37 -59.85 -3.31
N PHE A 732 -84.90 -59.04 -4.22
CA PHE A 732 -86.19 -58.43 -3.97
C PHE A 732 -87.31 -59.46 -4.00
N LEU A 733 -87.25 -60.40 -4.94
CA LEU A 733 -88.36 -61.32 -5.16
C LEU A 733 -88.64 -62.17 -3.94
N LEU A 734 -87.59 -62.71 -3.33
CA LEU A 734 -87.76 -63.44 -2.09
C LEU A 734 -88.29 -62.55 -0.98
N SER A 735 -88.08 -61.24 -1.10
CA SER A 735 -88.54 -60.31 -0.08
C SER A 735 -90.03 -59.97 -0.19
N LEU A 736 -90.73 -60.47 -1.19
CA LEU A 736 -92.17 -60.29 -1.22
C LEU A 736 -92.84 -61.05 -0.08
N PRO A 737 -93.89 -60.50 0.51
CA PRO A 737 -94.61 -61.23 1.56
C PRO A 737 -95.29 -62.47 1.00
N HIS A 738 -95.36 -63.51 1.84
CA HIS A 738 -96.02 -64.76 1.47
C HIS A 738 -97.39 -64.53 0.86
N ASN A 739 -98.04 -63.43 1.23
CA ASN A 739 -99.32 -63.07 0.64
C ASN A 739 -99.24 -63.07 -0.88
N ILE A 740 -98.16 -62.50 -1.42
CA ILE A 740 -97.95 -62.57 -2.86
C ILE A 740 -97.60 -63.99 -3.27
N ILE A 741 -96.72 -64.64 -2.50
CA ILE A 741 -96.35 -66.01 -2.79
C ILE A 741 -97.53 -66.94 -2.67
N GLU A 742 -98.59 -66.52 -1.98
CA GLU A 742 -99.80 -67.33 -1.91
C GLU A 742 -100.38 -67.63 -3.29
N LEU A 743 -100.00 -66.86 -4.31
CA LEU A 743 -100.49 -67.05 -5.66
C LEU A 743 -99.35 -67.48 -6.56
N ASP A 744 -99.58 -68.55 -7.33
CA ASP A 744 -98.64 -69.03 -8.34
C ASP A 744 -97.26 -69.30 -7.75
N VAL A 745 -97.21 -70.28 -6.84
CA VAL A 745 -95.93 -70.67 -6.25
C VAL A 745 -94.97 -71.16 -7.32
N ARG A 746 -95.50 -71.72 -8.41
CA ARG A 746 -94.65 -72.23 -9.48
C ARG A 746 -93.73 -71.14 -10.01
N ALA A 747 -94.25 -69.93 -10.18
CA ALA A 747 -93.45 -68.85 -10.74
C ALA A 747 -92.20 -68.60 -9.91
N TYR A 748 -92.33 -68.61 -8.59
CA TYR A 748 -91.16 -68.40 -7.75
C TYR A 748 -90.23 -69.60 -7.78
N VAL A 749 -90.78 -70.79 -8.05
CA VAL A 749 -90.08 -72.06 -7.88
C VAL A 749 -88.67 -72.01 -8.49
N PRO A 750 -88.50 -71.72 -9.78
CA PRO A 750 -87.15 -71.90 -10.38
C PRO A 750 -86.10 -71.00 -9.76
N ALA A 751 -86.36 -69.69 -9.75
CA ALA A 751 -85.37 -68.72 -9.28
C ALA A 751 -84.86 -69.09 -7.89
N LEU A 752 -85.77 -69.47 -7.01
CA LEU A 752 -85.38 -69.91 -5.68
C LEU A 752 -84.26 -70.92 -5.74
N GLN A 753 -84.48 -72.04 -6.44
CA GLN A 753 -83.42 -73.02 -6.61
C GLN A 753 -82.17 -72.35 -7.16
N MET A 754 -82.35 -71.59 -8.24
CA MET A 754 -81.20 -70.90 -8.83
C MET A 754 -80.59 -69.95 -7.81
N ALA A 755 -81.44 -69.21 -7.09
CA ALA A 755 -80.93 -68.36 -6.03
C ALA A 755 -80.19 -69.16 -4.99
N PHE A 756 -80.71 -70.34 -4.64
CA PHE A 756 -79.98 -71.20 -3.73
C PHE A 756 -78.61 -71.52 -4.30
N LYS A 757 -78.56 -71.81 -5.61
CA LYS A 757 -77.26 -71.99 -6.25
C LYS A 757 -76.43 -70.71 -6.18
N LEU A 758 -77.05 -69.56 -6.46
CA LEU A 758 -76.35 -68.31 -6.17
C LEU A 758 -76.05 -68.20 -4.69
N GLY A 759 -76.99 -68.62 -3.85
CA GLY A 759 -76.68 -68.75 -2.45
C GLY A 759 -75.51 -69.67 -2.24
N LEU A 760 -75.49 -70.80 -2.97
CA LEU A 760 -74.35 -71.71 -2.94
C LEU A 760 -73.06 -71.02 -3.34
N SER A 761 -73.12 -69.94 -4.10
CA SER A 761 -71.94 -69.16 -4.44
C SER A 761 -71.83 -67.87 -3.65
N TYR A 762 -72.84 -67.52 -2.85
CA TYR A 762 -72.81 -66.26 -2.13
C TYR A 762 -73.66 -66.35 -0.88
N THR A 763 -73.04 -66.07 0.27
CA THR A 763 -73.70 -66.30 1.55
C THR A 763 -74.99 -65.51 1.73
N PRO A 764 -75.05 -64.20 1.49
CA PRO A 764 -76.29 -63.48 1.81
C PRO A 764 -77.48 -64.01 1.03
N LEU A 765 -77.25 -64.42 -0.22
CA LEU A 765 -78.32 -64.94 -1.05
C LEU A 765 -78.88 -66.22 -0.47
N ALA A 766 -78.00 -67.14 -0.06
CA ALA A 766 -78.46 -68.36 0.60
C ALA A 766 -79.23 -68.03 1.86
N GLU A 767 -78.72 -67.08 2.64
CA GLU A 767 -79.39 -66.72 3.88
C GLU A 767 -80.81 -66.26 3.62
N VAL A 768 -80.98 -65.31 2.71
CA VAL A 768 -82.29 -64.71 2.50
C VAL A 768 -83.24 -65.70 1.83
N GLY A 769 -82.73 -66.51 0.90
CA GLY A 769 -83.59 -67.52 0.29
C GLY A 769 -84.07 -68.53 1.31
N LEU A 770 -83.16 -68.98 2.18
CA LEU A 770 -83.56 -69.88 3.25
C LEU A 770 -84.63 -69.24 4.11
N ASN A 771 -84.43 -67.96 4.46
CA ASN A 771 -85.45 -67.24 5.20
C ASN A 771 -86.81 -67.40 4.53
N ALA A 772 -86.88 -66.97 3.27
CA ALA A 772 -88.12 -67.05 2.50
C ALA A 772 -88.72 -68.44 2.61
N LEU A 773 -87.87 -69.45 2.55
CA LEU A 773 -88.33 -70.82 2.71
C LEU A 773 -89.02 -71.03 4.04
N GLU A 774 -88.43 -70.54 5.14
CA GLU A 774 -89.11 -70.85 6.40
C GLU A 774 -90.38 -70.04 6.59
N GLU A 775 -90.45 -68.77 6.17
CA GLU A 775 -91.75 -68.13 6.41
C GLU A 775 -92.81 -68.74 5.49
N TRP A 776 -92.43 -69.19 4.30
CA TRP A 776 -93.39 -69.93 3.49
C TRP A 776 -93.86 -71.18 4.21
N SER A 777 -92.92 -71.92 4.81
CA SER A 777 -93.30 -73.06 5.62
C SER A 777 -94.24 -72.66 6.75
N ILE A 778 -94.04 -71.47 7.31
CA ILE A 778 -94.83 -71.03 8.46
C ILE A 778 -96.25 -70.71 8.04
N TYR A 779 -96.40 -69.70 7.18
CA TYR A 779 -97.75 -69.23 6.87
C TYR A 779 -98.46 -70.14 5.89
N ILE A 780 -97.81 -70.47 4.78
CA ILE A 780 -98.47 -71.26 3.74
C ILE A 780 -98.69 -72.67 4.25
N ASP A 781 -99.75 -73.31 3.75
CA ASP A 781 -100.03 -74.68 4.14
C ASP A 781 -98.94 -75.61 3.62
N ARG A 782 -98.49 -76.51 4.50
CA ARG A 782 -97.48 -77.48 4.10
C ARG A 782 -98.02 -78.38 2.99
N HIS A 783 -99.30 -78.77 3.09
CA HIS A 783 -99.89 -79.66 2.11
C HIS A 783 -99.90 -79.02 0.72
N VAL A 784 -100.28 -77.74 0.65
CA VAL A 784 -100.33 -77.09 -0.65
C VAL A 784 -98.95 -76.83 -1.20
N MET A 785 -97.95 -76.69 -0.33
CA MET A 785 -96.58 -76.50 -0.79
C MET A 785 -95.90 -77.81 -1.13
N GLN A 786 -96.50 -78.93 -0.74
CA GLN A 786 -95.90 -80.25 -0.95
C GLN A 786 -95.49 -80.52 -2.38
N PRO A 787 -96.32 -80.31 -3.42
CA PRO A 787 -96.01 -80.89 -4.74
C PRO A 787 -94.67 -80.46 -5.32
N TYR A 788 -93.96 -79.54 -4.68
CA TYR A 788 -92.67 -79.08 -5.15
C TYR A 788 -91.61 -79.12 -4.05
N TYR A 789 -91.89 -79.80 -2.95
CA TYR A 789 -90.84 -80.05 -1.97
C TYR A 789 -89.71 -80.86 -2.57
N LYS A 790 -90.02 -81.76 -3.50
CA LYS A 790 -88.98 -82.47 -4.23
C LYS A 790 -88.18 -81.53 -5.11
N ASP A 791 -88.80 -80.46 -5.60
CA ASP A 791 -88.04 -79.46 -6.32
C ASP A 791 -87.12 -78.70 -5.37
N ILE A 792 -87.60 -78.46 -4.16
CA ILE A 792 -86.83 -77.66 -3.20
C ILE A 792 -85.62 -78.42 -2.70
N LEU A 793 -85.86 -79.62 -2.15
CA LEU A 793 -84.91 -80.22 -1.21
C LEU A 793 -83.55 -80.52 -1.83
N PRO A 794 -83.43 -81.34 -2.88
CA PRO A 794 -82.09 -81.73 -3.34
C PRO A 794 -81.27 -80.56 -3.84
N CYS A 795 -81.90 -79.43 -4.18
CA CYS A 795 -81.13 -78.24 -4.49
C CYS A 795 -80.34 -77.77 -3.29
N LEU A 796 -80.76 -78.13 -2.09
CA LEU A 796 -80.11 -77.71 -0.86
C LEU A 796 -78.99 -78.64 -0.43
N ASP A 797 -78.68 -79.67 -1.22
CA ASP A 797 -77.56 -80.53 -0.89
C ASP A 797 -76.26 -79.74 -0.81
N GLY A 798 -76.16 -78.66 -1.58
CA GLY A 798 -75.02 -77.77 -1.46
C GLY A 798 -74.96 -77.10 -0.11
N TYR A 799 -73.77 -76.63 0.23
CA TYR A 799 -73.42 -76.05 1.52
C TYR A 799 -73.47 -77.08 2.64
N LEU A 800 -73.85 -78.32 2.33
CA LEU A 800 -73.93 -79.38 3.31
C LEU A 800 -72.83 -80.42 3.14
N LYS A 801 -72.46 -80.72 1.89
CA LYS A 801 -71.26 -81.50 1.63
C LYS A 801 -69.99 -80.74 1.98
N THR A 802 -70.06 -79.42 2.11
CA THR A 802 -68.91 -78.63 2.51
C THR A 802 -68.64 -78.82 4.00
N SER A 803 -67.38 -79.00 4.34
CA SER A 803 -66.97 -79.19 5.73
C SER A 803 -67.03 -77.89 6.50
N PHE A 826 -49.83 -53.12 22.80
CA PHE A 826 -50.16 -53.86 21.59
C PHE A 826 -50.42 -55.33 21.94
N ASN A 827 -49.43 -56.18 21.65
CA ASN A 827 -49.53 -57.62 21.89
C ASN A 827 -48.56 -58.06 22.99
N LYS A 828 -48.41 -57.24 24.02
CA LYS A 828 -47.47 -57.50 25.09
C LYS A 828 -48.21 -57.92 26.36
N VAL A 829 -47.48 -58.62 27.24
CA VAL A 829 -48.06 -59.09 28.49
C VAL A 829 -48.23 -57.96 29.50
N VAL A 830 -47.65 -56.80 29.23
CA VAL A 830 -47.70 -55.70 30.20
C VAL A 830 -49.08 -55.07 30.21
N LEU A 831 -49.36 -54.33 31.29
CA LEU A 831 -50.59 -53.55 31.38
C LEU A 831 -50.42 -52.23 30.65
N LYS A 832 -51.28 -52.01 29.65
CA LYS A 832 -51.34 -50.72 28.98
C LYS A 832 -52.79 -50.36 28.67
N HIS A 833 -53.76 -51.16 29.12
CA HIS A 833 -55.14 -51.05 28.66
C HIS A 833 -55.17 -51.11 27.13
N LEU A 834 -54.37 -52.03 26.60
CA LEU A 834 -53.82 -51.97 25.25
C LEU A 834 -54.78 -51.35 24.23
N LYS A 835 -54.26 -50.38 23.48
CA LYS A 835 -55.02 -49.80 22.38
C LYS A 835 -55.47 -50.85 21.38
N LYS A 836 -54.76 -51.98 21.31
CA LYS A 836 -55.20 -53.07 20.45
C LYS A 836 -56.63 -53.48 20.75
N THR A 837 -57.06 -53.33 22.00
CA THR A 837 -58.44 -53.60 22.38
C THR A 837 -59.19 -52.36 22.86
N LYS A 838 -58.52 -51.21 22.97
CA LYS A 838 -59.27 -49.96 23.11
C LYS A 838 -60.16 -49.72 21.90
N ASN A 839 -59.74 -50.19 20.74
CA ASN A 839 -60.52 -50.10 19.51
C ASN A 839 -61.24 -51.42 19.28
N LEU A 840 -62.46 -51.33 18.75
CA LEU A 840 -63.25 -52.51 18.46
C LEU A 840 -62.70 -53.22 17.23
N SER A 847 -69.36 -67.49 6.82
CA SER A 847 -70.75 -67.52 7.26
C SER A 847 -71.41 -68.83 6.89
N LEU A 848 -70.72 -69.60 6.05
CA LEU A 848 -71.30 -70.82 5.51
C LEU A 848 -71.65 -71.81 6.62
N GLU A 849 -70.87 -71.81 7.69
CA GLU A 849 -71.09 -72.72 8.81
C GLU A 849 -72.47 -72.50 9.42
N GLU A 850 -72.76 -71.27 9.86
CA GLU A 850 -74.06 -71.01 10.44
C GLU A 850 -75.16 -71.09 9.40
N ILE A 851 -74.84 -70.83 8.13
CA ILE A 851 -75.78 -71.10 7.05
C ILE A 851 -76.29 -72.53 7.14
N ARG A 852 -75.38 -73.49 7.00
CA ARG A 852 -75.80 -74.88 7.02
C ARG A 852 -76.35 -75.30 8.38
N ILE A 853 -75.92 -74.63 9.45
CA ILE A 853 -76.46 -74.95 10.77
C ILE A 853 -77.95 -74.64 10.84
N ARG A 854 -78.33 -73.42 10.46
CA ARG A 854 -79.75 -73.11 10.47
C ARG A 854 -80.48 -73.91 9.40
N VAL A 855 -79.80 -74.28 8.32
CA VAL A 855 -80.42 -75.11 7.31
C VAL A 855 -80.85 -76.44 7.91
N VAL A 856 -79.93 -77.13 8.56
CA VAL A 856 -80.28 -78.42 9.15
C VAL A 856 -81.26 -78.22 10.30
N GLN A 857 -81.16 -77.10 11.00
CA GLN A 857 -82.11 -76.80 12.06
C GLN A 857 -83.53 -76.80 11.52
N MET A 858 -83.78 -76.02 10.47
CA MET A 858 -85.13 -75.95 9.93
C MET A 858 -85.53 -77.27 9.27
N LEU A 859 -84.58 -77.98 8.66
CA LEU A 859 -84.91 -79.28 8.08
C LEU A 859 -85.44 -80.23 9.14
N GLY A 860 -84.70 -80.38 10.25
CA GLY A 860 -85.15 -81.24 11.32
C GLY A 860 -86.43 -80.74 11.97
N SER A 861 -86.60 -79.42 12.03
CA SER A 861 -87.82 -78.86 12.57
C SER A 861 -89.03 -79.27 11.74
N LEU A 862 -88.87 -79.27 10.42
CA LEU A 862 -89.98 -79.64 9.56
C LEU A 862 -90.28 -81.13 9.62
N GLY A 863 -89.27 -81.94 9.90
CA GLY A 863 -89.46 -83.38 9.96
C GLY A 863 -89.14 -84.06 8.65
N GLY A 864 -88.96 -85.39 8.74
CA GLY A 864 -88.57 -86.16 7.58
C GLY A 864 -89.59 -86.16 6.47
N GLN A 865 -90.86 -85.88 6.78
CA GLN A 865 -91.89 -85.93 5.76
C GLN A 865 -91.61 -84.97 4.61
N ILE A 866 -90.81 -83.93 4.84
CA ILE A 866 -90.29 -83.11 3.77
C ILE A 866 -88.83 -83.43 3.47
N ASN A 867 -88.04 -83.78 4.47
CA ASN A 867 -86.60 -83.92 4.28
C ASN A 867 -86.25 -85.15 3.44
N LYS A 868 -87.14 -86.14 3.38
CA LYS A 868 -86.90 -87.29 2.54
C LYS A 868 -86.91 -86.94 1.06
N ASN A 869 -87.48 -85.79 0.71
CA ASN A 869 -87.47 -85.30 -0.65
C ASN A 869 -86.09 -84.80 -1.07
N LEU A 870 -85.09 -84.97 -0.22
CA LEU A 870 -83.75 -84.49 -0.51
C LEU A 870 -83.06 -85.27 -1.62
N LYS A 881 -78.93 -90.92 -11.38
CA LYS A 881 -77.58 -91.16 -10.91
C LYS A 881 -76.72 -89.90 -10.89
N SER A 882 -77.03 -88.89 -11.69
CA SER A 882 -76.27 -87.65 -11.79
C SER A 882 -74.86 -87.89 -12.30
N TYR A 883 -74.54 -89.15 -12.63
CA TYR A 883 -73.25 -89.49 -13.21
C TYR A 883 -73.47 -90.59 -14.24
N VAL A 884 -72.67 -90.56 -15.30
CA VAL A 884 -72.92 -91.40 -16.46
C VAL A 884 -71.68 -92.18 -16.90
N ALA A 885 -70.77 -92.47 -15.97
CA ALA A 885 -69.54 -93.21 -16.26
C ALA A 885 -68.76 -92.53 -17.39
N TRP A 886 -68.27 -91.34 -17.05
CA TRP A 886 -67.75 -90.38 -18.02
C TRP A 886 -66.74 -90.98 -19.01
N ASP A 887 -66.11 -92.09 -18.66
CA ASP A 887 -65.18 -92.76 -19.57
C ASP A 887 -65.59 -94.22 -19.71
N ARG A 888 -65.26 -94.82 -20.85
CA ARG A 888 -65.61 -96.21 -21.10
C ARG A 888 -64.42 -97.04 -21.58
N GLU A 889 -63.49 -96.43 -22.31
CA GLU A 889 -62.42 -97.18 -22.94
C GLU A 889 -61.07 -96.53 -22.66
N LYS A 890 -60.08 -97.37 -22.41
CA LYS A 890 -58.71 -96.92 -22.14
C LYS A 890 -57.99 -96.74 -23.47
N ARG A 891 -57.78 -95.49 -23.87
CA ARG A 891 -57.11 -95.21 -25.13
C ARG A 891 -56.09 -94.10 -25.00
N LEU A 892 -55.60 -93.83 -23.79
CA LEU A 892 -54.60 -92.78 -23.59
C LEU A 892 -53.69 -93.18 -22.45
N SER A 893 -52.39 -93.01 -22.67
CA SER A 893 -51.38 -93.40 -21.69
C SER A 893 -50.14 -92.55 -21.91
N PHE A 894 -49.12 -92.80 -21.09
CA PHE A 894 -47.84 -92.12 -21.22
C PHE A 894 -46.79 -92.87 -20.43
N ALA A 895 -45.64 -93.11 -21.06
CA ALA A 895 -44.51 -93.76 -20.41
C ALA A 895 -43.70 -92.70 -19.69
N VAL A 896 -43.65 -92.78 -18.37
CA VAL A 896 -42.88 -91.79 -17.60
C VAL A 896 -41.40 -92.08 -17.74
N PRO A 897 -40.59 -91.10 -18.12
CA PRO A 897 -39.15 -91.32 -18.25
C PRO A 897 -38.47 -91.30 -16.89
N PHE A 898 -37.21 -91.76 -16.89
CA PHE A 898 -36.34 -91.72 -15.73
C PHE A 898 -34.91 -91.81 -16.22
N ARG A 899 -33.97 -91.75 -15.29
CA ARG A 899 -32.67 -92.35 -15.54
C ARG A 899 -32.75 -93.86 -15.46
N GLU A 900 -33.72 -94.37 -14.73
CA GLU A 900 -34.00 -95.79 -14.63
C GLU A 900 -34.98 -96.20 -15.71
N MET A 901 -35.50 -97.42 -15.60
CA MET A 901 -36.49 -97.95 -16.51
C MET A 901 -37.78 -97.13 -16.47
N LYS A 902 -38.60 -97.31 -17.51
CA LYS A 902 -39.73 -96.41 -17.78
C LYS A 902 -41.06 -97.12 -17.66
N PRO A 903 -41.77 -97.00 -16.54
CA PRO A 903 -43.15 -97.47 -16.49
C PRO A 903 -44.06 -96.57 -17.33
N VAL A 904 -45.21 -97.14 -17.71
CA VAL A 904 -46.18 -96.47 -18.55
C VAL A 904 -47.47 -96.30 -17.77
N ILE A 905 -48.03 -95.09 -17.79
CA ILE A 905 -49.19 -94.75 -16.98
C ILE A 905 -50.33 -94.34 -17.89
N PHE A 906 -51.51 -94.95 -17.67
CA PHE A 906 -52.71 -94.54 -18.38
C PHE A 906 -53.13 -93.15 -17.92
N LEU A 907 -53.31 -92.24 -18.86
CA LEU A 907 -53.74 -90.89 -18.54
C LEU A 907 -55.25 -90.73 -18.62
N ASP A 908 -55.97 -91.80 -18.93
CA ASP A 908 -57.41 -91.71 -19.18
C ASP A 908 -58.20 -91.41 -17.91
N VAL A 909 -57.66 -91.72 -16.73
CA VAL A 909 -58.47 -91.69 -15.52
C VAL A 909 -58.60 -90.28 -14.95
N PHE A 910 -57.58 -89.44 -15.12
CA PHE A 910 -57.60 -88.14 -14.46
C PHE A 910 -58.63 -87.21 -15.09
N LEU A 911 -58.95 -87.45 -16.35
CA LEU A 911 -59.66 -86.48 -17.19
C LEU A 911 -60.95 -85.97 -16.59
N PRO A 912 -61.89 -86.81 -16.12
CA PRO A 912 -63.15 -86.24 -15.61
C PRO A 912 -62.94 -85.42 -14.36
N ARG A 913 -62.15 -85.93 -13.42
CA ARG A 913 -61.94 -85.23 -12.16
C ARG A 913 -61.29 -83.88 -12.38
N VAL A 914 -60.19 -83.86 -13.14
CA VAL A 914 -59.54 -82.60 -13.44
C VAL A 914 -60.47 -81.70 -14.26
N THR A 915 -61.37 -82.32 -15.03
CA THR A 915 -62.35 -81.54 -15.77
C THR A 915 -63.24 -80.74 -14.84
N GLU A 916 -63.84 -81.40 -13.85
CA GLU A 916 -64.69 -80.67 -12.93
C GLU A 916 -63.87 -79.67 -12.12
N LEU A 917 -62.62 -80.02 -11.82
CA LEU A 917 -61.79 -79.13 -11.03
C LEU A 917 -61.52 -77.82 -11.75
N ALA A 918 -61.04 -77.90 -12.99
CA ALA A 918 -60.89 -76.68 -13.76
C ALA A 918 -62.23 -76.03 -14.05
N LEU A 919 -63.31 -76.80 -14.01
CA LEU A 919 -64.63 -76.19 -14.10
C LEU A 919 -65.04 -75.56 -12.77
N THR A 920 -64.66 -76.19 -11.66
CA THR A 920 -65.02 -75.73 -10.32
C THR A 920 -63.78 -75.72 -9.44
N ALA A 921 -63.24 -74.52 -9.19
CA ALA A 921 -62.10 -74.39 -8.29
C ALA A 921 -61.90 -72.95 -7.86
N SER A 922 -61.86 -72.71 -6.55
CA SER A 922 -61.40 -71.44 -6.02
C SER A 922 -59.88 -71.43 -6.08
N ASP A 923 -59.25 -70.43 -5.45
CA ASP A 923 -57.80 -70.39 -5.36
C ASP A 923 -57.17 -70.42 -6.75
N ARG A 924 -57.32 -69.29 -7.46
CA ARG A 924 -56.94 -69.16 -8.85
C ARG A 924 -55.63 -69.89 -9.17
N GLN A 925 -54.71 -69.94 -8.21
CA GLN A 925 -53.57 -70.85 -8.32
C GLN A 925 -54.05 -72.23 -8.77
N THR A 926 -54.93 -72.85 -7.98
CA THR A 926 -55.40 -74.18 -8.28
C THR A 926 -56.19 -74.23 -9.59
N LYS A 927 -57.08 -73.26 -9.79
CA LYS A 927 -57.91 -73.25 -10.99
C LYS A 927 -57.05 -73.19 -12.24
N VAL A 928 -56.11 -72.24 -12.28
CA VAL A 928 -55.25 -72.06 -13.43
C VAL A 928 -54.33 -73.24 -13.62
N ALA A 929 -53.86 -73.84 -12.52
CA ALA A 929 -53.05 -75.05 -12.64
C ALA A 929 -53.85 -76.14 -13.33
N ALA A 930 -55.10 -76.32 -12.92
CA ALA A 930 -55.95 -77.32 -13.56
C ALA A 930 -56.15 -77.00 -15.03
N CYS A 931 -56.42 -75.73 -15.36
CA CYS A 931 -56.67 -75.38 -16.75
C CYS A 931 -55.45 -75.60 -17.63
N GLU A 932 -54.27 -75.18 -17.15
CA GLU A 932 -53.07 -75.36 -17.96
C GLU A 932 -52.71 -76.83 -18.08
N LEU A 933 -52.95 -77.61 -17.03
CA LEU A 933 -52.68 -79.04 -17.12
C LEU A 933 -53.62 -79.70 -18.12
N LEU A 934 -54.88 -79.27 -18.15
CA LEU A 934 -55.79 -79.73 -19.19
C LEU A 934 -55.28 -79.36 -20.56
N HIS A 935 -54.81 -78.12 -20.71
CA HIS A 935 -54.26 -77.70 -21.99
C HIS A 935 -53.14 -78.63 -22.42
N SER A 936 -52.21 -78.88 -21.51
CA SER A 936 -51.07 -79.72 -21.84
C SER A 936 -51.51 -81.13 -22.22
N MET A 937 -52.43 -81.70 -21.43
CA MET A 937 -52.82 -83.09 -21.69
C MET A 937 -53.57 -83.22 -23.00
N VAL A 938 -54.49 -82.29 -23.29
CA VAL A 938 -55.23 -82.39 -24.54
C VAL A 938 -54.30 -82.14 -25.71
N MET A 939 -53.36 -81.21 -25.54
CA MET A 939 -52.35 -80.95 -26.56
C MET A 939 -51.56 -82.20 -26.86
N PHE A 940 -51.20 -82.96 -25.82
CA PHE A 940 -50.43 -84.19 -26.04
C PHE A 940 -51.29 -85.27 -26.68
N MET A 941 -52.53 -85.42 -26.20
CA MET A 941 -53.34 -86.55 -26.62
C MET A 941 -53.85 -86.40 -28.04
N LEU A 942 -54.07 -85.16 -28.50
CA LEU A 942 -54.41 -84.99 -29.91
C LEU A 942 -53.27 -85.48 -30.81
N GLY A 943 -52.04 -85.15 -30.45
CA GLY A 943 -50.90 -85.65 -31.21
C GLY A 943 -50.70 -87.14 -31.05
N LYS A 944 -51.06 -87.67 -29.87
CA LYS A 944 -51.02 -89.11 -29.67
C LYS A 944 -52.00 -89.83 -30.59
N ALA A 945 -53.19 -89.26 -30.75
CA ALA A 945 -54.13 -89.78 -31.73
C ALA A 945 -53.55 -89.68 -33.14
N THR A 946 -52.89 -88.56 -33.43
CA THR A 946 -52.32 -88.36 -34.76
C THR A 946 -51.25 -89.40 -35.07
N GLN A 947 -50.36 -89.66 -34.12
CA GLN A 947 -49.20 -90.50 -34.37
C GLN A 947 -49.59 -91.95 -34.60
N MET A 948 -50.51 -92.47 -33.79
CA MET A 948 -51.14 -93.77 -34.07
C MET A 948 -52.63 -93.57 -34.28
N PRO A 949 -53.09 -93.57 -35.53
CA PRO A 949 -54.53 -93.38 -35.78
C PRO A 949 -55.30 -94.64 -35.41
N GLU A 950 -56.21 -94.50 -34.46
CA GLU A 950 -57.08 -95.59 -34.05
C GLU A 950 -58.33 -95.61 -34.92
N GLY A 951 -58.67 -96.78 -35.43
CA GLY A 951 -59.80 -96.92 -36.33
C GLY A 951 -61.08 -97.35 -35.63
N GLY A 952 -62.15 -97.40 -36.43
CA GLY A 952 -63.46 -97.78 -35.94
C GLY A 952 -64.59 -96.92 -36.49
N GLN A 953 -64.30 -95.63 -36.71
CA GLN A 953 -65.24 -94.72 -37.37
C GLN A 953 -64.52 -93.83 -38.37
N GLY A 954 -63.28 -94.14 -38.72
CA GLY A 954 -62.43 -93.27 -39.50
C GLY A 954 -61.38 -92.66 -38.60
N ALA A 955 -61.80 -92.23 -37.41
CA ALA A 955 -60.90 -91.78 -36.36
C ALA A 955 -61.63 -91.72 -35.03
N PRO A 956 -61.91 -92.84 -34.38
CA PRO A 956 -62.32 -92.81 -32.97
C PRO A 956 -61.17 -93.09 -32.03
N PRO A 957 -60.10 -92.28 -32.01
CA PRO A 957 -59.03 -92.59 -31.06
C PRO A 957 -59.45 -92.25 -29.64
N MET A 958 -60.08 -91.10 -29.46
CA MET A 958 -60.71 -90.68 -28.22
C MET A 958 -62.09 -90.10 -28.51
N TYR A 959 -62.73 -90.59 -29.58
CA TYR A 959 -63.99 -90.05 -30.08
C TYR A 959 -64.99 -89.80 -28.96
N GLN A 960 -65.33 -90.85 -28.23
CA GLN A 960 -66.26 -90.70 -27.11
C GLN A 960 -65.71 -89.68 -26.13
N LEU A 961 -64.45 -89.83 -25.77
CA LEU A 961 -63.83 -88.89 -24.85
C LEU A 961 -63.70 -87.51 -25.49
N TYR A 962 -63.53 -87.45 -26.81
CA TYR A 962 -63.56 -86.18 -27.51
C TYR A 962 -64.86 -85.45 -27.22
N LYS A 963 -65.98 -86.14 -27.39
CA LYS A 963 -67.28 -85.53 -27.16
C LYS A 963 -67.48 -85.21 -25.69
N ARG A 964 -66.90 -86.01 -24.79
CA ARG A 964 -66.99 -85.68 -23.37
C ARG A 964 -66.25 -84.40 -23.06
N THR A 965 -65.06 -84.23 -23.63
CA THR A 965 -64.15 -83.17 -23.19
C THR A 965 -64.45 -81.83 -23.87
N PHE A 966 -64.66 -81.85 -25.17
CA PHE A 966 -64.73 -80.59 -25.91
C PHE A 966 -65.73 -79.59 -25.36
N PRO A 967 -66.93 -79.96 -24.90
CA PRO A 967 -67.84 -78.95 -24.33
C PRO A 967 -67.24 -78.19 -23.16
N VAL A 968 -66.56 -78.86 -22.23
CA VAL A 968 -66.00 -78.10 -21.11
C VAL A 968 -64.86 -77.24 -21.59
N LEU A 969 -64.15 -77.68 -22.64
CA LEU A 969 -63.15 -76.82 -23.25
C LEU A 969 -63.80 -75.54 -23.75
N LEU A 970 -64.97 -75.67 -24.35
CA LEU A 970 -65.71 -74.51 -24.82
C LEU A 970 -66.11 -73.63 -23.63
N ARG A 971 -66.60 -74.24 -22.57
CA ARG A 971 -67.07 -73.48 -21.41
C ARG A 971 -65.94 -72.69 -20.77
N LEU A 972 -64.79 -73.31 -20.61
CA LEU A 972 -63.65 -72.61 -20.02
C LEU A 972 -62.95 -71.71 -21.00
N ALA A 973 -63.24 -71.84 -22.30
CA ALA A 973 -62.76 -70.85 -23.26
C ALA A 973 -63.51 -69.52 -23.10
N CYS A 974 -64.78 -69.58 -22.72
CA CYS A 974 -65.56 -68.40 -22.38
C CYS A 974 -65.58 -68.19 -20.87
N ASP A 975 -64.45 -68.46 -20.22
CA ASP A 975 -64.32 -68.35 -18.79
C ASP A 975 -64.50 -66.89 -18.35
N VAL A 976 -64.50 -66.68 -17.04
CA VAL A 976 -64.51 -65.33 -16.50
C VAL A 976 -63.11 -64.80 -16.27
N ASP A 977 -62.18 -65.65 -15.87
CA ASP A 977 -60.81 -65.21 -15.61
C ASP A 977 -60.15 -64.77 -16.91
N GLN A 978 -59.52 -63.60 -16.89
CA GLN A 978 -58.99 -63.03 -18.11
C GLN A 978 -57.91 -63.91 -18.73
N VAL A 979 -57.04 -64.48 -17.90
CA VAL A 979 -55.93 -65.28 -18.43
C VAL A 979 -56.45 -66.59 -19.00
N THR A 980 -57.42 -67.21 -18.32
CA THR A 980 -57.94 -68.49 -18.78
C THR A 980 -58.45 -68.40 -20.21
N ARG A 981 -59.34 -67.43 -20.46
CA ARG A 981 -59.77 -67.17 -21.81
C ARG A 981 -58.58 -66.77 -22.68
N GLN A 982 -57.92 -65.68 -22.32
CA GLN A 982 -56.87 -65.08 -23.13
C GLN A 982 -55.88 -66.10 -23.65
N LEU A 983 -55.75 -67.24 -22.97
CA LEU A 983 -54.96 -68.33 -23.53
C LEU A 983 -55.82 -69.43 -24.15
N TYR A 984 -57.11 -69.52 -23.81
CA TYR A 984 -57.96 -70.54 -24.41
C TYR A 984 -58.36 -70.21 -25.84
N GLU A 985 -58.72 -68.96 -26.12
CA GLU A 985 -59.02 -68.61 -27.50
C GLU A 985 -57.86 -68.92 -28.45
N PRO A 986 -56.59 -68.73 -28.10
CA PRO A 986 -55.53 -69.28 -28.95
C PRO A 986 -55.70 -70.77 -29.22
N LEU A 987 -56.12 -71.52 -28.20
CA LEU A 987 -56.32 -72.96 -28.41
C LEU A 987 -57.47 -73.22 -29.37
N VAL A 988 -58.57 -72.49 -29.19
CA VAL A 988 -59.74 -72.76 -30.02
C VAL A 988 -59.46 -72.37 -31.47
N MET A 989 -58.73 -71.28 -31.68
CA MET A 989 -58.41 -70.90 -33.05
C MET A 989 -57.42 -71.88 -33.67
N GLN A 990 -56.46 -72.37 -32.88
CA GLN A 990 -55.54 -73.37 -33.42
C GLN A 990 -56.28 -74.63 -33.83
N LEU A 991 -57.19 -75.10 -32.99
CA LEU A 991 -57.94 -76.30 -33.35
C LEU A 991 -58.85 -76.03 -34.54
N ILE A 992 -59.47 -74.86 -34.59
CA ILE A 992 -60.35 -74.52 -35.71
C ILE A 992 -59.58 -74.56 -37.02
N HIS A 993 -58.44 -73.87 -37.06
CA HIS A 993 -57.63 -73.88 -38.27
C HIS A 993 -57.02 -75.25 -38.52
N TRP A 994 -56.94 -76.08 -37.48
CA TRP A 994 -56.48 -77.44 -37.62
C TRP A 994 -57.63 -78.39 -37.93
N PHE A 995 -58.69 -78.34 -37.13
CA PHE A 995 -59.85 -79.19 -37.41
C PHE A 995 -60.75 -78.53 -38.43
N THR A 996 -60.16 -78.01 -39.49
CA THR A 996 -60.90 -77.76 -40.71
C THR A 996 -60.04 -78.11 -41.92
N ASN A 997 -58.88 -78.72 -41.70
CA ASN A 997 -57.98 -79.06 -42.77
C ASN A 997 -58.57 -80.16 -43.64
N ASN A 998 -57.89 -80.46 -44.74
CA ASN A 998 -58.27 -81.63 -45.52
C ASN A 998 -57.76 -82.92 -44.89
N LYS A 999 -56.82 -82.82 -43.96
CA LYS A 999 -56.46 -83.97 -43.15
C LYS A 999 -57.46 -84.14 -42.01
N LYS A 1000 -57.55 -83.13 -41.13
CA LYS A 1000 -58.61 -83.09 -40.14
C LYS A 1000 -59.85 -82.55 -40.86
N PHE A 1001 -60.54 -83.46 -41.52
CA PHE A 1001 -61.55 -83.09 -42.49
C PHE A 1001 -62.90 -83.74 -42.23
N GLU A 1002 -62.91 -84.98 -41.73
CA GLU A 1002 -64.16 -85.70 -41.52
C GLU A 1002 -64.01 -86.65 -40.34
N SER A 1003 -65.16 -87.02 -39.76
CA SER A 1003 -65.31 -88.03 -38.72
C SER A 1003 -64.75 -87.56 -37.39
N GLN A 1004 -64.03 -86.45 -37.41
CA GLN A 1004 -63.65 -85.75 -36.20
C GLN A 1004 -63.95 -84.27 -36.30
N ASP A 1005 -63.76 -83.68 -37.50
CA ASP A 1005 -64.35 -82.38 -37.77
C ASP A 1005 -65.85 -82.43 -37.54
N THR A 1006 -66.46 -83.59 -37.76
CA THR A 1006 -67.87 -83.77 -37.45
C THR A 1006 -68.15 -83.50 -35.98
N VAL A 1007 -67.30 -84.05 -35.10
CA VAL A 1007 -67.46 -83.83 -33.67
C VAL A 1007 -67.36 -82.35 -33.35
N ALA A 1008 -66.34 -81.69 -33.90
CA ALA A 1008 -66.12 -80.28 -33.62
C ALA A 1008 -67.31 -79.45 -34.07
N LEU A 1009 -67.81 -79.70 -35.28
CA LEU A 1009 -68.93 -78.91 -35.77
C LEU A 1009 -70.19 -79.16 -34.96
N LEU A 1010 -70.49 -80.42 -34.67
CA LEU A 1010 -71.72 -80.70 -33.93
C LEU A 1010 -71.68 -80.08 -32.55
N GLU A 1011 -70.54 -80.17 -31.87
CA GLU A 1011 -70.45 -79.61 -30.54
C GLU A 1011 -70.49 -78.09 -30.58
N ALA A 1012 -69.79 -77.48 -31.55
CA ALA A 1012 -69.78 -76.03 -31.65
C ALA A 1012 -71.12 -75.49 -32.14
N ILE A 1013 -71.99 -76.35 -32.66
CA ILE A 1013 -73.36 -75.95 -32.92
C ILE A 1013 -74.19 -76.08 -31.66
N LEU A 1014 -74.17 -77.24 -31.02
CA LEU A 1014 -75.07 -77.47 -29.90
C LEU A 1014 -74.71 -76.65 -28.66
N ASP A 1015 -73.46 -76.20 -28.55
CA ASP A 1015 -72.98 -75.60 -27.31
C ASP A 1015 -73.70 -74.31 -26.92
N GLY A 1016 -73.50 -73.25 -27.70
CA GLY A 1016 -73.97 -71.94 -27.32
C GLY A 1016 -75.22 -71.56 -28.09
N ILE A 1017 -76.12 -72.52 -28.27
CA ILE A 1017 -77.38 -72.24 -28.94
C ILE A 1017 -78.51 -72.67 -28.02
N VAL A 1018 -78.57 -73.95 -27.71
CA VAL A 1018 -79.61 -74.48 -26.84
C VAL A 1018 -79.30 -74.23 -25.37
N ASP A 1019 -78.10 -73.77 -25.05
CA ASP A 1019 -77.75 -73.53 -23.66
C ASP A 1019 -78.71 -72.50 -23.09
N PRO A 1020 -79.35 -72.79 -21.96
CA PRO A 1020 -80.32 -71.82 -21.41
C PRO A 1020 -79.69 -70.53 -20.97
N VAL A 1021 -78.38 -70.50 -20.74
CA VAL A 1021 -77.71 -69.36 -20.12
C VAL A 1021 -76.42 -69.07 -20.87
N ASP A 1022 -75.69 -68.08 -20.37
CA ASP A 1022 -74.36 -67.69 -20.86
C ASP A 1022 -74.41 -67.34 -22.35
N SER A 1023 -75.09 -66.22 -22.62
CA SER A 1023 -74.98 -65.61 -23.94
C SER A 1023 -73.52 -65.36 -24.30
N THR A 1024 -72.63 -65.31 -23.32
CA THR A 1024 -71.20 -65.33 -23.60
C THR A 1024 -70.84 -66.56 -24.43
N LEU A 1025 -71.33 -67.73 -24.02
CA LEU A 1025 -71.11 -68.93 -24.82
C LEU A 1025 -71.76 -68.80 -26.20
N ARG A 1026 -72.93 -68.19 -26.24
CA ARG A 1026 -73.62 -67.95 -27.51
C ARG A 1026 -72.71 -67.21 -28.49
N ASP A 1027 -72.27 -66.01 -28.12
CA ASP A 1027 -71.47 -65.20 -29.01
C ASP A 1027 -70.12 -65.84 -29.28
N PHE A 1028 -69.55 -66.49 -28.26
CA PHE A 1028 -68.27 -67.16 -28.44
C PHE A 1028 -68.34 -68.22 -29.51
N CYS A 1029 -69.31 -69.14 -29.38
CA CYS A 1029 -69.46 -70.18 -30.38
C CYS A 1029 -69.83 -69.61 -31.74
N GLY A 1030 -70.60 -68.52 -31.77
CA GLY A 1030 -70.95 -67.92 -33.05
C GLY A 1030 -69.73 -67.40 -33.79
N ARG A 1031 -68.88 -66.64 -33.10
CA ARG A 1031 -67.70 -66.12 -33.75
C ARG A 1031 -66.70 -67.22 -34.07
N CYS A 1032 -66.63 -68.24 -33.22
CA CYS A 1032 -65.78 -69.39 -33.52
C CYS A 1032 -66.26 -70.10 -34.78
N ILE A 1033 -67.59 -70.22 -34.95
CA ILE A 1033 -68.13 -70.83 -36.15
C ILE A 1033 -67.83 -69.98 -37.38
N ARG A 1034 -67.94 -68.66 -37.23
CA ARG A 1034 -67.60 -67.77 -38.34
C ARG A 1034 -66.15 -67.97 -38.77
N GLU A 1035 -65.24 -67.95 -37.78
CA GLU A 1035 -63.84 -68.25 -38.03
C GLU A 1035 -63.68 -69.60 -38.73
N PHE A 1036 -64.37 -70.61 -38.22
CA PHE A 1036 -64.21 -71.96 -38.75
C PHE A 1036 -64.66 -72.05 -40.19
N LEU A 1037 -65.83 -71.49 -40.51
CA LEU A 1037 -66.32 -71.60 -41.88
C LEU A 1037 -65.43 -70.82 -42.83
N LYS A 1038 -64.98 -69.62 -42.44
CA LYS A 1038 -64.13 -68.88 -43.37
C LYS A 1038 -62.79 -69.56 -43.54
N TRP A 1039 -62.26 -70.17 -42.48
CA TRP A 1039 -61.01 -70.91 -42.61
C TRP A 1039 -61.20 -72.17 -43.44
N SER A 1040 -62.37 -72.80 -43.35
CA SER A 1040 -62.68 -73.93 -44.22
C SER A 1040 -62.68 -73.51 -45.67
N ILE A 1041 -63.27 -72.35 -45.96
CA ILE A 1041 -63.20 -71.81 -47.31
C ILE A 1041 -61.75 -71.58 -47.71
N LYS A 1042 -60.96 -71.02 -46.78
CA LYS A 1042 -59.57 -70.68 -47.08
C LYS A 1042 -58.75 -71.91 -47.43
N GLN A 1043 -58.56 -72.81 -46.46
CA GLN A 1043 -57.57 -73.87 -46.61
C GLN A 1043 -58.16 -75.16 -47.17
N ILE A 1044 -59.41 -75.14 -47.62
CA ILE A 1044 -60.01 -76.27 -48.32
C ILE A 1044 -60.46 -75.79 -49.69
N THR A 1045 -60.07 -76.53 -50.72
CA THR A 1045 -60.56 -76.24 -52.05
C THR A 1045 -62.08 -76.38 -52.08
N PRO A 1046 -62.80 -75.51 -52.78
CA PRO A 1046 -64.25 -75.63 -52.81
C PRO A 1046 -64.72 -76.98 -53.31
N GLN A 1047 -63.93 -77.63 -54.17
CA GLN A 1047 -64.27 -78.96 -54.63
C GLN A 1047 -64.37 -79.94 -53.46
N GLN A 1048 -63.40 -79.87 -52.53
CA GLN A 1048 -63.47 -80.73 -51.36
C GLN A 1048 -64.62 -80.32 -50.45
N GLN A 1049 -64.90 -79.02 -50.36
CA GLN A 1049 -65.98 -78.54 -49.51
C GLN A 1049 -67.32 -79.10 -49.96
N GLU A 1050 -67.73 -78.76 -51.19
CA GLU A 1050 -68.99 -79.28 -51.71
C GLU A 1050 -68.96 -80.80 -51.83
N LYS A 1051 -67.78 -81.37 -52.09
CA LYS A 1051 -67.65 -82.82 -52.21
C LYS A 1051 -67.97 -83.50 -50.89
N SER A 1052 -67.50 -82.93 -49.80
CA SER A 1052 -67.70 -83.50 -48.47
C SER A 1052 -69.07 -83.15 -47.93
N PRO A 1053 -69.62 -83.99 -47.04
CA PRO A 1053 -70.78 -83.54 -46.25
C PRO A 1053 -70.44 -82.34 -45.39
N VAL A 1054 -69.19 -82.23 -44.94
CA VAL A 1054 -68.72 -81.06 -44.22
C VAL A 1054 -68.64 -79.92 -45.22
N ASN A 1055 -69.60 -79.00 -45.16
CA ASN A 1055 -69.69 -77.90 -46.11
C ASN A 1055 -70.64 -76.86 -45.54
N THR A 1056 -70.78 -75.76 -46.27
CA THR A 1056 -71.67 -74.69 -45.84
C THR A 1056 -73.12 -75.16 -45.83
N LYS A 1057 -73.54 -75.91 -46.85
CA LYS A 1057 -74.93 -76.29 -46.97
C LYS A 1057 -75.38 -77.19 -45.83
N SER A 1058 -74.49 -78.04 -45.32
CA SER A 1058 -74.81 -78.84 -44.14
C SER A 1058 -75.18 -77.95 -42.97
N LEU A 1059 -74.33 -76.96 -42.68
CA LEU A 1059 -74.60 -76.01 -41.62
C LEU A 1059 -75.88 -75.24 -41.90
N PHE A 1060 -76.15 -74.95 -43.17
CA PHE A 1060 -77.38 -74.28 -43.55
C PHE A 1060 -78.58 -75.09 -43.12
N LYS A 1061 -78.59 -76.37 -43.47
CA LYS A 1061 -79.71 -77.24 -43.09
C LYS A 1061 -79.81 -77.36 -41.58
N ARG A 1062 -78.66 -77.41 -40.89
CA ARG A 1062 -78.68 -77.44 -39.44
C ARG A 1062 -79.38 -76.21 -38.89
N LEU A 1063 -79.02 -75.04 -39.39
CA LEU A 1063 -79.66 -73.80 -38.93
C LEU A 1063 -81.15 -73.80 -39.25
N TYR A 1064 -81.51 -74.29 -40.44
CA TYR A 1064 -82.91 -74.31 -40.84
C TYR A 1064 -83.73 -75.16 -39.88
N SER A 1065 -83.28 -76.38 -39.64
CA SER A 1065 -83.93 -77.23 -38.64
C SER A 1065 -83.90 -76.59 -37.27
N LEU A 1066 -82.85 -75.83 -36.96
CA LEU A 1066 -82.75 -75.17 -35.68
C LEU A 1066 -83.87 -74.14 -35.50
N ALA A 1067 -84.21 -73.44 -36.58
CA ALA A 1067 -85.31 -72.47 -36.49
C ALA A 1067 -86.64 -73.16 -36.19
N LEU A 1068 -86.80 -74.42 -36.56
CA LEU A 1068 -88.06 -75.13 -36.43
C LEU A 1068 -88.32 -75.62 -35.02
N HIS A 1069 -87.44 -75.32 -34.10
CA HIS A 1069 -87.66 -75.74 -32.73
C HIS A 1069 -88.64 -74.81 -32.03
N PRO A 1070 -89.60 -75.35 -31.29
CA PRO A 1070 -90.46 -74.51 -30.46
C PRO A 1070 -89.78 -73.99 -29.21
N ASN A 1071 -88.59 -74.50 -28.88
CA ASN A 1071 -87.85 -73.97 -27.74
C ASN A 1071 -87.08 -72.72 -28.16
N ALA A 1072 -87.13 -71.72 -27.29
CA ALA A 1072 -86.62 -70.40 -27.65
C ALA A 1072 -85.14 -70.43 -27.99
N PHE A 1073 -84.35 -71.16 -27.20
CA PHE A 1073 -82.90 -71.10 -27.34
C PHE A 1073 -82.44 -71.48 -28.73
N LYS A 1074 -83.17 -72.37 -29.39
CA LYS A 1074 -82.70 -72.87 -30.68
C LYS A 1074 -82.73 -71.79 -31.74
N ARG A 1075 -83.91 -71.26 -32.05
CA ARG A 1075 -83.99 -70.17 -33.01
C ARG A 1075 -83.24 -68.94 -32.51
N LEU A 1076 -83.20 -68.76 -31.19
CA LEU A 1076 -82.40 -67.68 -30.62
C LEU A 1076 -80.96 -67.79 -31.09
N GLY A 1077 -80.36 -68.95 -30.90
CA GLY A 1077 -78.98 -69.15 -31.30
C GLY A 1077 -78.81 -69.08 -32.81
N ALA A 1078 -79.76 -69.64 -33.56
CA ALA A 1078 -79.70 -69.55 -35.00
C ALA A 1078 -79.58 -68.10 -35.44
N SER A 1079 -80.49 -67.27 -34.95
CA SER A 1079 -80.49 -65.85 -35.33
C SER A 1079 -79.21 -65.17 -34.91
N LEU A 1080 -78.81 -65.32 -33.64
CA LEU A 1080 -77.65 -64.59 -33.16
C LEU A 1080 -76.37 -65.04 -33.85
N ALA A 1081 -76.22 -66.35 -34.06
CA ALA A 1081 -75.02 -66.86 -34.72
C ALA A 1081 -74.95 -66.39 -36.16
N PHE A 1082 -76.09 -66.40 -36.88
CA PHE A 1082 -76.06 -65.85 -38.21
C PHE A 1082 -75.73 -64.37 -38.20
N ASN A 1083 -76.20 -63.64 -37.19
CA ASN A 1083 -75.84 -62.23 -37.09
C ASN A 1083 -74.34 -62.06 -36.91
N ASN A 1084 -73.74 -62.88 -36.06
CA ASN A 1084 -72.30 -62.78 -35.83
C ASN A 1084 -71.52 -63.12 -37.10
N ILE A 1085 -71.93 -64.18 -37.81
CA ILE A 1085 -71.27 -64.54 -39.05
C ILE A 1085 -71.62 -63.59 -40.19
N TYR A 1086 -72.64 -62.75 -40.03
CA TYR A 1086 -73.05 -61.84 -41.08
C TYR A 1086 -72.01 -60.76 -41.32
N ARG A 1087 -71.25 -60.39 -40.29
CA ARG A 1087 -70.24 -59.34 -40.43
C ARG A 1087 -69.22 -59.69 -41.49
N GLU A 1088 -69.02 -60.98 -41.76
CA GLU A 1088 -68.26 -61.45 -42.91
C GLU A 1088 -69.12 -62.02 -44.02
N PHE A 1089 -70.37 -62.36 -43.72
CA PHE A 1089 -71.25 -62.97 -44.70
C PHE A 1089 -71.88 -61.95 -45.63
N ARG A 1090 -71.64 -60.66 -45.40
CA ARG A 1090 -71.97 -59.66 -46.40
C ARG A 1090 -71.25 -59.97 -47.72
N GLU A 1091 -70.13 -60.67 -47.64
CA GLU A 1091 -69.37 -61.12 -48.79
C GLU A 1091 -69.85 -62.51 -49.19
N GLU A 1092 -69.09 -63.17 -50.07
CA GLU A 1092 -69.42 -64.51 -50.58
C GLU A 1092 -70.79 -64.48 -51.27
N GLU A 1093 -70.81 -63.75 -52.39
CA GLU A 1093 -72.04 -63.53 -53.13
C GLU A 1093 -72.62 -64.81 -53.73
N SER A 1094 -71.83 -65.87 -53.85
CA SER A 1094 -72.32 -67.09 -54.48
C SER A 1094 -73.45 -67.72 -53.68
N LEU A 1095 -73.25 -67.88 -52.37
CA LEU A 1095 -74.26 -68.51 -51.54
C LEU A 1095 -75.54 -67.69 -51.52
N VAL A 1096 -75.42 -66.39 -51.26
CA VAL A 1096 -76.61 -65.54 -51.21
C VAL A 1096 -77.29 -65.51 -52.56
N GLU A 1097 -76.51 -65.55 -53.64
CA GLU A 1097 -77.11 -65.70 -54.97
C GLU A 1097 -77.95 -66.97 -55.03
N GLN A 1098 -77.44 -68.06 -54.46
CA GLN A 1098 -78.20 -69.30 -54.46
C GLN A 1098 -79.10 -69.45 -53.25
N PHE A 1099 -78.74 -68.85 -52.11
CA PHE A 1099 -79.49 -69.03 -50.85
C PHE A 1099 -79.76 -67.66 -50.21
N VAL A 1100 -80.85 -67.03 -50.61
CA VAL A 1100 -81.43 -65.95 -49.82
C VAL A 1100 -82.91 -66.21 -49.58
N PHE A 1101 -83.66 -66.44 -50.67
CA PHE A 1101 -85.10 -66.64 -50.57
C PHE A 1101 -85.44 -67.69 -49.52
N GLU A 1102 -84.72 -68.81 -49.56
CA GLU A 1102 -84.88 -69.83 -48.53
C GLU A 1102 -84.58 -69.24 -47.16
N ALA A 1103 -83.40 -68.65 -47.01
CA ALA A 1103 -83.02 -68.09 -45.72
C ALA A 1103 -83.95 -66.96 -45.30
N LEU A 1104 -84.35 -66.12 -46.25
CA LEU A 1104 -85.20 -64.99 -45.93
C LEU A 1104 -86.54 -65.47 -45.40
N VAL A 1105 -87.18 -66.38 -46.13
CA VAL A 1105 -88.47 -66.85 -45.65
C VAL A 1105 -88.29 -67.58 -44.33
N ILE A 1106 -87.22 -68.35 -44.17
CA ILE A 1106 -87.01 -69.11 -42.95
C ILE A 1106 -86.89 -68.16 -41.76
N TYR A 1107 -86.14 -67.06 -41.91
CA TYR A 1107 -86.08 -66.10 -40.82
C TYR A 1107 -87.42 -65.42 -40.61
N MET A 1108 -88.22 -65.28 -41.67
CA MET A 1108 -89.56 -64.74 -41.50
C MET A 1108 -90.40 -65.63 -40.56
N GLU A 1109 -90.50 -66.93 -40.85
CA GLU A 1109 -91.32 -67.71 -39.91
C GLU A 1109 -90.59 -67.93 -38.59
N SER A 1110 -89.27 -67.77 -38.57
CA SER A 1110 -88.57 -67.83 -37.29
C SER A 1110 -89.03 -66.72 -36.37
N LEU A 1111 -89.09 -65.50 -36.89
CA LEU A 1111 -89.61 -64.41 -36.08
C LEU A 1111 -91.11 -64.57 -35.84
N ALA A 1112 -91.82 -65.19 -36.78
CA ALA A 1112 -93.23 -65.50 -36.52
C ALA A 1112 -93.38 -66.43 -35.32
N LEU A 1113 -92.54 -67.47 -35.25
CA LEU A 1113 -92.56 -68.37 -34.12
C LEU A 1113 -92.16 -67.66 -32.83
N ALA A 1114 -91.17 -66.76 -32.94
CA ALA A 1114 -90.75 -66.00 -31.76
C ALA A 1114 -91.88 -65.10 -31.28
N HIS A 1115 -92.66 -64.55 -32.20
CA HIS A 1115 -93.86 -63.82 -31.82
C HIS A 1115 -94.85 -64.75 -31.13
N ALA A 1116 -95.00 -65.97 -31.67
CA ALA A 1116 -95.96 -66.90 -31.12
C ALA A 1116 -95.61 -67.28 -29.68
N ASP A 1117 -94.33 -67.53 -29.40
CA ASP A 1117 -93.99 -68.17 -28.13
C ASP A 1117 -93.97 -67.17 -26.97
N GLU A 1118 -93.07 -66.19 -27.01
CA GLU A 1118 -92.97 -65.20 -25.95
C GLU A 1118 -92.69 -63.83 -26.56
N LYS A 1119 -93.32 -62.81 -25.99
CA LYS A 1119 -93.26 -61.45 -26.53
C LYS A 1119 -92.10 -60.66 -25.94
N SER A 1120 -91.89 -60.75 -24.63
CA SER A 1120 -90.76 -60.10 -24.00
C SER A 1120 -89.45 -60.81 -24.30
N LEU A 1121 -89.49 -61.91 -25.02
CA LEU A 1121 -88.33 -62.72 -25.27
C LEU A 1121 -87.30 -61.99 -26.12
N GLY A 1122 -86.03 -62.26 -25.85
CA GLY A 1122 -84.96 -61.65 -26.61
C GLY A 1122 -84.73 -62.23 -27.98
N THR A 1123 -85.39 -63.36 -28.30
CA THR A 1123 -85.23 -63.97 -29.61
C THR A 1123 -85.69 -63.03 -30.71
N ILE A 1124 -86.80 -62.33 -30.48
CA ILE A 1124 -87.39 -61.48 -31.52
C ILE A 1124 -86.39 -60.44 -31.98
N GLN A 1125 -85.63 -59.88 -31.04
CA GLN A 1125 -84.61 -58.90 -31.40
C GLN A 1125 -83.59 -59.52 -32.34
N GLN A 1126 -83.15 -60.74 -32.04
CA GLN A 1126 -82.16 -61.39 -32.88
C GLN A 1126 -82.73 -61.68 -34.27
N CYS A 1127 -83.97 -62.15 -34.33
CA CYS A 1127 -84.57 -62.45 -35.62
C CYS A 1127 -84.77 -61.19 -36.46
N CYS A 1128 -85.22 -60.10 -35.84
CA CYS A 1128 -85.41 -58.88 -36.62
C CYS A 1128 -84.08 -58.29 -37.03
N ASP A 1129 -83.05 -58.42 -36.20
CA ASP A 1129 -81.71 -58.02 -36.63
C ASP A 1129 -81.24 -58.86 -37.80
N ALA A 1130 -81.53 -60.16 -37.76
CA ALA A 1130 -81.14 -61.04 -38.85
C ALA A 1130 -81.80 -60.63 -40.15
N ILE A 1131 -83.12 -60.39 -40.11
CA ILE A 1131 -83.81 -59.98 -41.32
C ILE A 1131 -83.37 -58.58 -41.76
N ASP A 1132 -82.99 -57.74 -40.80
CA ASP A 1132 -82.43 -56.43 -41.15
C ASP A 1132 -81.14 -56.58 -41.92
N HIS A 1133 -80.25 -57.45 -41.47
CA HIS A 1133 -79.02 -57.71 -42.20
C HIS A 1133 -79.33 -58.30 -43.56
N LEU A 1134 -80.30 -59.21 -43.62
CA LEU A 1134 -80.68 -59.85 -44.88
C LEU A 1134 -81.10 -58.80 -45.90
N CYS A 1135 -82.04 -57.93 -45.52
CA CYS A 1135 -82.49 -56.91 -46.46
C CYS A 1135 -81.39 -55.89 -46.73
N ARG A 1136 -80.53 -55.64 -45.75
CA ARG A 1136 -79.47 -54.65 -45.92
C ARG A 1136 -78.43 -55.12 -46.94
N ILE A 1137 -78.24 -56.43 -47.06
CA ILE A 1137 -77.36 -56.93 -48.11
C ILE A 1137 -78.11 -57.25 -49.40
N ILE A 1138 -79.42 -57.47 -49.34
CA ILE A 1138 -80.19 -57.66 -50.56
C ILE A 1138 -80.28 -56.35 -51.33
N GLU A 1139 -80.47 -55.24 -50.62
CA GLU A 1139 -80.64 -53.95 -51.28
C GLU A 1139 -79.37 -53.55 -52.04
N LYS A 1140 -78.20 -53.85 -51.48
CA LYS A 1140 -76.96 -53.48 -52.16
C LYS A 1140 -76.73 -54.34 -53.39
N LYS A 1141 -77.12 -55.62 -53.34
CA LYS A 1141 -77.02 -56.53 -54.47
C LYS A 1141 -78.39 -57.16 -54.69
N HIS A 1142 -79.18 -56.57 -55.58
CA HIS A 1142 -80.54 -56.99 -55.81
C HIS A 1142 -80.85 -57.35 -57.26
N VAL A 1143 -80.11 -56.80 -58.22
CA VAL A 1143 -80.37 -57.11 -59.62
C VAL A 1143 -80.24 -58.60 -59.88
N SER A 1144 -79.36 -59.28 -59.13
CA SER A 1144 -79.28 -60.72 -59.22
C SER A 1144 -80.59 -61.38 -58.79
N LEU A 1145 -81.28 -60.78 -57.82
CA LEU A 1145 -82.61 -61.24 -57.47
C LEU A 1145 -83.65 -60.75 -58.47
N ASN A 1146 -83.44 -59.56 -59.03
CA ASN A 1146 -84.35 -59.05 -60.06
C ASN A 1146 -84.31 -59.93 -61.30
N LYS A 1147 -83.18 -60.54 -61.60
CA LYS A 1147 -83.08 -61.49 -62.70
C LYS A 1147 -83.50 -62.87 -62.21
N ALA A 1148 -84.30 -63.56 -63.02
CA ALA A 1148 -84.85 -64.84 -62.63
C ALA A 1148 -83.85 -65.95 -62.94
N LYS A 1149 -83.22 -66.47 -61.90
CA LYS A 1149 -82.31 -67.61 -62.02
C LYS A 1149 -82.88 -68.77 -61.21
N LYS A 1150 -82.42 -69.97 -61.54
CA LYS A 1150 -82.95 -71.18 -60.93
C LYS A 1150 -82.29 -71.38 -59.57
N ARG A 1151 -82.78 -70.63 -58.59
CA ARG A 1151 -82.45 -70.93 -57.21
C ARG A 1151 -83.32 -72.08 -56.71
N ARG A 1152 -82.84 -72.74 -55.67
CA ARG A 1152 -83.59 -73.84 -55.10
C ARG A 1152 -84.84 -73.32 -54.38
N LEU A 1153 -85.70 -74.25 -53.99
CA LEU A 1153 -87.02 -73.88 -53.51
C LEU A 1153 -87.02 -73.64 -52.00
N PRO A 1154 -87.38 -72.46 -51.54
CA PRO A 1154 -87.72 -72.31 -50.12
C PRO A 1154 -88.99 -73.07 -49.80
N ARG A 1155 -89.08 -73.57 -48.56
CA ARG A 1155 -90.29 -74.27 -48.15
C ARG A 1155 -91.48 -73.33 -48.16
N GLY A 1156 -91.28 -72.09 -47.72
CA GLY A 1156 -92.35 -71.12 -47.73
C GLY A 1156 -92.87 -70.85 -49.13
N PHE A 1157 -91.97 -70.86 -50.11
CA PHE A 1157 -92.38 -70.65 -51.50
C PHE A 1157 -92.89 -71.96 -52.07
N PRO A 1158 -94.15 -72.03 -52.49
CA PRO A 1158 -94.72 -73.31 -52.95
C PRO A 1158 -94.03 -73.82 -54.22
N PRO A 1159 -94.00 -73.06 -55.32
CA PRO A 1159 -93.54 -73.66 -56.57
C PRO A 1159 -92.05 -73.47 -56.82
N SER A 1160 -91.41 -74.54 -57.28
CA SER A 1160 -89.99 -74.52 -57.60
C SER A 1160 -89.84 -74.16 -59.07
N ALA A 1161 -89.21 -73.01 -59.34
CA ALA A 1161 -88.98 -72.56 -60.71
C ALA A 1161 -87.77 -71.62 -60.69
N SER A 1162 -87.59 -70.90 -61.79
CA SER A 1162 -86.55 -69.88 -61.85
C SER A 1162 -87.00 -68.70 -61.00
N LEU A 1163 -86.56 -68.67 -59.76
CA LEU A 1163 -87.07 -67.70 -58.79
C LEU A 1163 -86.66 -66.29 -59.16
N CYS A 1164 -87.50 -65.34 -58.76
CA CYS A 1164 -87.24 -63.92 -58.92
C CYS A 1164 -87.57 -63.20 -57.61
N LEU A 1165 -87.07 -61.97 -57.50
CA LEU A 1165 -87.34 -61.16 -56.32
C LEU A 1165 -88.85 -60.94 -56.15
N LEU A 1166 -89.50 -60.47 -57.21
CA LEU A 1166 -90.92 -60.16 -57.12
C LEU A 1166 -91.74 -61.40 -56.79
N ASP A 1167 -91.23 -62.59 -57.11
CA ASP A 1167 -91.94 -63.82 -56.78
C ASP A 1167 -92.22 -63.89 -55.29
N LEU A 1168 -91.16 -63.97 -54.49
CA LEU A 1168 -91.35 -64.01 -53.05
C LEU A 1168 -91.88 -62.71 -52.50
N VAL A 1169 -91.65 -61.59 -53.19
CA VAL A 1169 -92.25 -60.33 -52.76
C VAL A 1169 -93.77 -60.47 -52.71
N LYS A 1170 -94.38 -60.78 -53.85
CA LYS A 1170 -95.82 -60.96 -53.88
C LYS A 1170 -96.25 -62.16 -53.06
N TRP A 1171 -95.37 -63.14 -52.88
CA TRP A 1171 -95.68 -64.29 -52.03
C TRP A 1171 -95.93 -63.86 -50.60
N LEU A 1172 -95.00 -63.07 -50.04
CA LEU A 1172 -95.20 -62.56 -48.69
C LEU A 1172 -96.35 -61.55 -48.65
N LEU A 1173 -96.54 -60.79 -49.73
CA LEU A 1173 -97.66 -59.86 -49.78
C LEU A 1173 -98.98 -60.58 -49.65
N ALA A 1174 -99.14 -61.70 -50.35
CA ALA A 1174 -100.29 -62.56 -50.13
C ALA A 1174 -100.29 -63.10 -48.72
N HIS A 1175 -99.11 -63.40 -48.19
CA HIS A 1175 -99.02 -63.84 -46.81
C HIS A 1175 -99.34 -62.71 -45.84
N CYS A 1176 -99.04 -61.47 -46.21
CA CYS A 1176 -99.34 -60.32 -45.35
C CYS A 1176 -100.79 -60.35 -44.89
N GLY A 1177 -101.02 -59.84 -43.70
CA GLY A 1177 -102.23 -60.15 -42.97
C GLY A 1177 -102.07 -61.34 -42.05
N ARG A 1178 -100.85 -61.62 -41.60
CA ARG A 1178 -100.58 -62.79 -40.80
C ARG A 1178 -101.26 -62.68 -39.44
N PRO A 1179 -101.62 -63.81 -38.83
CA PRO A 1179 -101.94 -63.78 -37.40
C PRO A 1179 -100.76 -63.32 -36.56
N GLN A 1180 -99.54 -63.51 -37.04
CA GLN A 1180 -98.34 -63.03 -36.36
C GLN A 1180 -98.22 -61.53 -36.62
N THR A 1181 -98.99 -60.78 -35.83
CA THR A 1181 -99.08 -59.33 -36.01
C THR A 1181 -97.72 -58.67 -36.07
N GLU A 1182 -96.79 -59.11 -35.23
CA GLU A 1182 -95.45 -58.54 -35.27
C GLU A 1182 -94.71 -58.96 -36.53
N CYS A 1183 -94.73 -60.26 -36.84
CA CYS A 1183 -94.10 -60.72 -38.07
C CYS A 1183 -94.79 -60.12 -39.28
N ARG A 1184 -96.12 -60.04 -39.26
CA ARG A 1184 -96.87 -59.35 -40.28
C ARG A 1184 -96.36 -57.91 -40.45
N HIS A 1185 -96.24 -57.18 -39.34
CA HIS A 1185 -95.88 -55.78 -39.40
C HIS A 1185 -94.47 -55.58 -39.94
N LYS A 1186 -93.53 -56.40 -39.46
CA LYS A 1186 -92.18 -56.29 -39.99
C LYS A 1186 -92.16 -56.61 -41.48
N SER A 1187 -92.94 -57.61 -41.90
CA SER A 1187 -92.98 -57.98 -43.31
C SER A 1187 -93.51 -56.84 -44.15
N ILE A 1188 -94.59 -56.21 -43.70
CA ILE A 1188 -95.20 -55.16 -44.51
C ILE A 1188 -94.31 -53.93 -44.55
N GLU A 1189 -93.72 -53.55 -43.41
CA GLU A 1189 -92.82 -52.40 -43.41
C GLU A 1189 -91.60 -52.66 -44.27
N LEU A 1190 -91.03 -53.86 -44.17
CA LEU A 1190 -89.86 -54.18 -44.96
C LEU A 1190 -90.18 -54.19 -46.45
N PHE A 1191 -91.34 -54.73 -46.83
CA PHE A 1191 -91.73 -54.67 -48.23
C PHE A 1191 -91.91 -53.23 -48.69
N TYR A 1192 -92.54 -52.41 -47.86
CA TYR A 1192 -92.67 -50.99 -48.18
C TYR A 1192 -91.30 -50.38 -48.43
N LYS A 1193 -90.28 -50.88 -47.72
CA LYS A 1193 -88.91 -50.50 -48.05
C LYS A 1193 -88.41 -51.17 -49.32
N PHE A 1194 -89.02 -52.30 -49.73
CA PHE A 1194 -88.61 -53.03 -50.92
C PHE A 1194 -89.34 -52.59 -52.17
N VAL A 1195 -90.29 -51.66 -52.07
CA VAL A 1195 -90.95 -51.15 -53.27
C VAL A 1195 -89.94 -50.57 -54.26
N PRO A 1196 -88.93 -49.81 -53.84
CA PRO A 1196 -87.84 -49.48 -54.79
C PRO A 1196 -87.12 -50.71 -55.30
N LEU A 1197 -86.95 -51.72 -54.44
CA LEU A 1197 -86.26 -52.94 -54.84
C LEU A 1197 -86.99 -53.67 -55.94
N LEU A 1198 -88.29 -53.44 -56.06
CA LEU A 1198 -89.06 -54.05 -57.14
C LEU A 1198 -88.55 -53.54 -58.47
N PRO A 1199 -88.27 -54.42 -59.43
CA PRO A 1199 -87.80 -53.97 -60.74
C PRO A 1199 -88.87 -53.17 -61.46
N GLY A 1200 -88.42 -52.39 -62.45
CA GLY A 1200 -89.32 -51.54 -63.19
C GLY A 1200 -89.78 -50.36 -62.35
N ASN A 1201 -91.04 -50.36 -61.95
CA ASN A 1201 -91.58 -49.28 -61.14
C ASN A 1201 -90.90 -49.27 -59.78
N ARG A 1202 -90.48 -48.08 -59.35
CA ARG A 1202 -89.71 -47.90 -58.13
C ARG A 1202 -90.65 -47.63 -56.96
N SER A 1203 -90.10 -47.09 -55.86
CA SER A 1203 -90.77 -46.76 -54.61
C SER A 1203 -92.17 -46.18 -54.79
N PRO A 1204 -92.44 -45.35 -55.81
CA PRO A 1204 -93.83 -44.96 -56.09
C PRO A 1204 -94.81 -46.11 -56.00
N ASN A 1205 -95.83 -45.94 -55.15
CA ASN A 1205 -96.88 -46.94 -55.01
C ASN A 1205 -97.72 -47.07 -56.27
N LEU A 1206 -97.37 -46.34 -57.32
CA LEU A 1206 -98.06 -46.49 -58.60
C LEU A 1206 -98.01 -47.93 -59.07
N TRP A 1207 -96.89 -48.62 -58.82
CA TRP A 1207 -96.82 -50.04 -59.11
C TRP A 1207 -97.86 -50.80 -58.30
N LEU A 1208 -98.07 -50.39 -57.05
CA LEU A 1208 -99.09 -51.02 -56.23
C LEU A 1208 -100.47 -50.75 -56.81
N LYS A 1209 -100.68 -49.56 -57.37
CA LYS A 1209 -101.92 -49.30 -58.10
C LYS A 1209 -102.05 -50.25 -59.27
N ASP A 1210 -100.95 -50.46 -60.00
CA ASP A 1210 -100.98 -51.33 -61.17
C ASP A 1210 -101.39 -52.75 -60.78
N VAL A 1211 -100.76 -53.29 -59.73
CA VAL A 1211 -101.12 -54.64 -59.30
C VAL A 1211 -102.54 -54.65 -58.72
N LEU A 1212 -102.99 -53.53 -58.17
CA LEU A 1212 -104.36 -53.43 -57.68
C LEU A 1212 -105.36 -53.48 -58.82
N LYS A 1213 -104.97 -53.00 -60.00
CA LYS A 1213 -105.89 -52.95 -61.13
C LYS A 1213 -106.50 -54.33 -61.41
N GLU A 1214 -105.65 -55.35 -61.47
CA GLU A 1214 -106.13 -56.70 -61.73
C GLU A 1214 -106.66 -57.39 -60.47
N GLU A 1215 -106.54 -56.75 -59.31
CA GLU A 1215 -106.89 -57.35 -58.03
C GLU A 1215 -107.89 -56.42 -57.34
N GLY A 1216 -109.17 -56.65 -57.59
CA GLY A 1216 -110.21 -55.74 -57.12
C GLY A 1216 -110.79 -56.10 -55.77
N VAL A 1217 -112.07 -56.48 -55.74
CA VAL A 1217 -112.71 -56.84 -54.48
C VAL A 1217 -112.06 -58.07 -53.86
N SER A 1218 -111.43 -58.91 -54.69
CA SER A 1218 -110.68 -60.04 -54.15
C SER A 1218 -109.48 -59.57 -53.32
N PHE A 1219 -108.96 -58.39 -53.63
CA PHE A 1219 -107.82 -57.88 -52.87
C PHE A 1219 -108.15 -57.77 -51.39
N LEU A 1220 -109.42 -57.53 -51.06
CA LEU A 1220 -109.87 -57.53 -49.67
C LEU A 1220 -109.38 -58.79 -48.95
N ILE A 1221 -109.60 -59.95 -49.56
CA ILE A 1221 -109.12 -61.19 -48.97
C ILE A 1221 -107.68 -61.48 -49.37
N ASN A 1222 -107.15 -60.79 -50.38
CA ASN A 1222 -105.79 -61.04 -50.82
C ASN A 1222 -104.78 -60.57 -49.78
N THR A 1223 -104.97 -59.35 -49.27
CA THR A 1223 -104.05 -58.79 -48.29
C THR A 1223 -104.38 -59.17 -46.86
N PHE A 1224 -105.46 -59.92 -46.65
CA PHE A 1224 -105.87 -60.34 -45.31
C PHE A 1224 -106.19 -61.81 -45.33
N GLU A 1225 -105.35 -62.62 -44.68
CA GLU A 1225 -105.56 -64.06 -44.65
C GLU A 1225 -106.83 -64.40 -43.89
N GLY A 1226 -107.87 -64.80 -44.61
CA GLY A 1226 -109.16 -65.10 -44.02
C GLY A 1226 -110.05 -63.90 -43.82
N GLY A 1227 -109.52 -62.69 -43.94
CA GLY A 1227 -110.29 -61.51 -43.66
C GLY A 1227 -110.80 -61.52 -42.23
N GLY A 1228 -109.88 -61.68 -41.28
CA GLY A 1228 -110.28 -61.96 -39.91
C GLY A 1228 -110.98 -63.29 -39.78
N CYS A 1229 -110.58 -64.27 -40.60
CA CYS A 1229 -111.29 -65.54 -40.75
C CYS A 1229 -112.76 -65.28 -41.11
N GLY A 1230 -113.03 -64.14 -41.72
CA GLY A 1230 -114.37 -63.76 -42.10
C GLY A 1230 -115.29 -63.48 -40.93
N GLN A 1231 -116.55 -63.20 -41.27
CA GLN A 1231 -117.59 -63.07 -40.25
C GLN A 1231 -117.70 -64.29 -39.32
N PRO A 1232 -117.68 -65.56 -39.82
CA PRO A 1232 -117.86 -66.70 -38.91
C PRO A 1232 -116.96 -66.70 -37.68
N SER A 1233 -115.81 -66.04 -37.76
CA SER A 1233 -114.95 -65.95 -36.59
C SER A 1233 -115.69 -65.26 -35.44
N GLY A 1234 -116.24 -64.08 -35.70
CA GLY A 1234 -117.05 -63.43 -34.70
C GLY A 1234 -118.36 -64.15 -34.44
N ILE A 1235 -118.96 -64.69 -35.51
CA ILE A 1235 -120.24 -65.39 -35.37
C ILE A 1235 -120.13 -66.61 -34.46
N LEU A 1236 -118.93 -67.17 -34.33
CA LEU A 1236 -118.71 -68.28 -33.41
C LEU A 1236 -118.35 -67.81 -32.01
N ALA A 1237 -118.04 -66.53 -31.84
CA ALA A 1237 -117.64 -66.04 -30.52
C ALA A 1237 -118.78 -66.07 -29.51
N GLN A 1238 -120.00 -65.89 -29.96
CA GLN A 1238 -121.15 -65.88 -29.09
C GLN A 1238 -121.61 -67.30 -28.71
N PRO A 1239 -121.61 -68.28 -29.63
CA PRO A 1239 -121.86 -69.66 -29.19
C PRO A 1239 -120.71 -70.27 -28.43
N THR A 1240 -119.49 -70.12 -28.96
CA THR A 1240 -118.31 -70.75 -28.37
C THR A 1240 -117.08 -69.86 -28.53
N SER A 1249 -111.71 -71.54 -25.44
CA SER A 1249 -112.38 -70.75 -26.46
C SER A 1249 -111.87 -69.32 -26.44
N LEU A 1250 -111.48 -68.86 -25.26
CA LEU A 1250 -111.00 -67.49 -25.10
C LEU A 1250 -109.72 -67.25 -25.89
N GLN A 1251 -108.81 -68.22 -25.84
CA GLN A 1251 -107.53 -68.07 -26.54
C GLN A 1251 -107.73 -67.96 -28.04
N ALA A 1252 -108.59 -68.80 -28.61
CA ALA A 1252 -108.88 -68.71 -30.04
C ALA A 1252 -109.56 -67.39 -30.36
N THR A 1253 -110.39 -66.91 -29.44
CA THR A 1253 -111.02 -65.61 -29.62
C THR A 1253 -109.96 -64.52 -29.71
N LEU A 1254 -108.96 -64.55 -28.83
CA LEU A 1254 -107.90 -63.56 -28.91
C LEU A 1254 -107.04 -63.74 -30.15
N CYS A 1255 -106.88 -64.97 -30.62
CA CYS A 1255 -106.20 -65.17 -31.90
C CYS A 1255 -106.95 -64.46 -33.01
N TRP A 1256 -108.27 -64.62 -33.05
CA TRP A 1256 -109.08 -63.88 -34.00
C TRP A 1256 -108.91 -62.39 -33.83
N LEU A 1257 -108.89 -61.91 -32.58
CA LEU A 1257 -108.77 -60.49 -32.31
C LEU A 1257 -107.45 -59.94 -32.84
N ASP A 1258 -106.35 -60.64 -32.57
CA ASP A 1258 -105.06 -60.14 -33.03
C ASP A 1258 -104.94 -60.26 -34.55
N LEU A 1259 -105.62 -61.22 -35.16
CA LEU A 1259 -105.70 -61.22 -36.61
C LEU A 1259 -106.41 -59.97 -37.11
N LEU A 1260 -107.49 -59.59 -36.43
CA LEU A 1260 -108.16 -58.34 -36.76
C LEU A 1260 -107.23 -57.16 -36.60
N LEU A 1261 -106.43 -57.15 -35.53
CA LEU A 1261 -105.49 -56.06 -35.32
C LEU A 1261 -104.43 -56.02 -36.41
N ALA A 1262 -103.97 -57.19 -36.85
CA ALA A 1262 -103.01 -57.24 -37.94
C ALA A 1262 -103.60 -56.65 -39.21
N ALA A 1263 -104.84 -57.04 -39.52
CA ALA A 1263 -105.52 -56.47 -40.69
C ALA A 1263 -105.70 -54.96 -40.55
N LEU A 1264 -106.04 -54.52 -39.34
CA LEU A 1264 -106.25 -53.09 -39.09
C LEU A 1264 -104.96 -52.31 -39.27
N GLU A 1265 -103.84 -52.86 -38.81
CA GLU A 1265 -102.56 -52.18 -38.99
C GLU A 1265 -102.13 -52.21 -40.45
N CYS A 1266 -102.49 -53.26 -41.19
CA CYS A 1266 -102.30 -53.25 -42.63
C CYS A 1266 -103.04 -52.08 -43.24
N TYR A 1267 -104.32 -51.93 -42.91
CA TYR A 1267 -105.10 -50.78 -43.34
C TYR A 1267 -104.41 -49.48 -42.98
N ASN A 1268 -103.90 -49.40 -41.75
CA ASN A 1268 -103.24 -48.19 -41.26
C ASN A 1268 -102.06 -47.84 -42.15
N THR A 1269 -101.21 -48.81 -42.43
CA THR A 1269 -100.08 -48.57 -43.31
C THR A 1269 -100.56 -48.12 -44.69
N PHE A 1270 -101.55 -48.83 -45.23
CA PHE A 1270 -102.03 -48.56 -46.58
C PHE A 1270 -102.47 -47.11 -46.71
N ILE A 1271 -103.26 -46.64 -45.76
CA ILE A 1271 -103.88 -45.32 -45.89
C ILE A 1271 -102.95 -44.21 -45.39
N GLY A 1272 -102.25 -44.42 -44.27
CA GLY A 1272 -101.35 -43.39 -43.77
C GLY A 1272 -100.16 -43.16 -44.69
N GLU A 1273 -99.56 -44.24 -45.19
CA GLU A 1273 -98.48 -44.07 -46.14
C GLU A 1273 -98.95 -43.56 -47.49
N ARG A 1274 -100.27 -43.43 -47.69
CA ARG A 1274 -100.90 -43.04 -48.94
C ARG A 1274 -100.57 -44.02 -50.06
N THR A 1275 -99.95 -45.15 -49.74
CA THR A 1275 -99.62 -46.13 -50.75
C THR A 1275 -100.88 -46.80 -51.29
N VAL A 1276 -101.95 -46.83 -50.50
CA VAL A 1276 -103.25 -47.32 -50.95
C VAL A 1276 -104.31 -46.33 -50.46
N GLY A 1277 -105.21 -45.95 -51.36
CA GLY A 1277 -106.30 -45.07 -50.97
C GLY A 1277 -107.33 -45.81 -50.14
N ALA A 1278 -107.86 -45.12 -49.13
CA ALA A 1278 -108.90 -45.72 -48.29
C ALA A 1278 -110.17 -45.98 -49.10
N LEU A 1279 -110.56 -45.03 -49.95
CA LEU A 1279 -111.76 -45.19 -50.75
C LEU A 1279 -111.65 -46.33 -51.74
N GLN A 1280 -110.42 -46.77 -52.06
CA GLN A 1280 -110.25 -47.92 -52.93
C GLN A 1280 -110.89 -49.18 -52.34
N VAL A 1281 -111.05 -49.22 -51.02
CA VAL A 1281 -111.78 -50.30 -50.38
C VAL A 1281 -113.04 -49.82 -49.68
N LEU A 1282 -113.11 -48.56 -49.26
CA LEU A 1282 -114.28 -48.05 -48.56
C LEU A 1282 -115.42 -47.85 -49.54
N GLY A 1283 -116.58 -48.41 -49.22
CA GLY A 1283 -117.77 -48.26 -50.03
C GLY A 1283 -117.82 -49.13 -51.26
N THR A 1284 -116.74 -49.84 -51.59
CA THR A 1284 -116.73 -50.70 -52.77
C THR A 1284 -116.28 -52.11 -52.43
N GLU A 1285 -115.35 -52.25 -51.47
CA GLU A 1285 -114.84 -53.56 -51.09
C GLU A 1285 -114.68 -53.69 -49.58
N ALA A 1286 -115.37 -52.87 -48.79
CA ALA A 1286 -115.21 -52.91 -47.34
C ALA A 1286 -115.69 -54.25 -46.80
N GLN A 1287 -114.89 -54.84 -45.92
CA GLN A 1287 -115.23 -56.13 -45.33
C GLN A 1287 -116.26 -55.95 -44.23
N SER A 1288 -117.26 -56.84 -44.22
CA SER A 1288 -118.29 -56.79 -43.18
C SER A 1288 -117.76 -57.17 -41.82
N SER A 1289 -116.63 -57.90 -41.76
CA SER A 1289 -116.06 -58.26 -40.46
C SER A 1289 -115.60 -57.02 -39.70
N LEU A 1290 -115.30 -55.93 -40.40
CA LEU A 1290 -114.99 -54.69 -39.72
C LEU A 1290 -116.17 -54.22 -38.87
N LEU A 1291 -117.36 -54.22 -39.48
CA LEU A 1291 -118.55 -53.81 -38.74
C LEU A 1291 -118.94 -54.87 -37.71
N LYS A 1292 -118.65 -56.14 -38.00
CA LYS A 1292 -118.79 -57.18 -37.00
C LYS A 1292 -117.97 -56.84 -35.77
N ALA A 1293 -116.73 -56.41 -35.97
CA ALA A 1293 -115.88 -56.00 -34.85
C ALA A 1293 -116.43 -54.76 -34.16
N VAL A 1294 -117.02 -53.85 -34.93
CA VAL A 1294 -117.60 -52.64 -34.33
C VAL A 1294 -118.74 -53.01 -33.38
N ALA A 1295 -119.69 -53.80 -33.86
CA ALA A 1295 -120.77 -54.27 -33.00
C ALA A 1295 -120.21 -55.15 -31.88
N PHE A 1296 -119.10 -55.81 -32.13
CA PHE A 1296 -118.47 -56.62 -31.10
C PHE A 1296 -117.94 -55.74 -29.98
N PHE A 1297 -117.34 -54.60 -30.33
CA PHE A 1297 -116.95 -53.63 -29.31
C PHE A 1297 -118.18 -53.15 -28.55
N LEU A 1298 -119.29 -53.00 -29.26
CA LEU A 1298 -120.55 -52.71 -28.58
C LEU A 1298 -120.99 -53.84 -27.66
N GLU A 1299 -120.52 -55.08 -27.89
CA GLU A 1299 -120.87 -56.18 -27.01
C GLU A 1299 -119.68 -56.73 -26.25
N SER A 1300 -118.47 -56.23 -26.49
CA SER A 1300 -117.30 -56.70 -25.75
C SER A 1300 -116.59 -55.58 -25.01
N ILE A 1301 -116.29 -54.48 -25.70
CA ILE A 1301 -115.39 -53.47 -25.16
C ILE A 1301 -116.13 -52.66 -24.12
N ALA A 1302 -115.77 -52.87 -22.85
CA ALA A 1302 -116.25 -52.18 -21.64
C ALA A 1302 -117.60 -52.69 -21.13
N MET A 1303 -118.27 -53.61 -21.83
CA MET A 1303 -119.38 -54.33 -21.22
C MET A 1303 -119.16 -55.84 -21.15
N HIS A 1304 -118.14 -56.38 -21.81
CA HIS A 1304 -117.74 -57.77 -21.60
C HIS A 1304 -116.30 -57.78 -21.13
N ASP A 1305 -116.12 -57.88 -19.81
CA ASP A 1305 -114.82 -58.07 -19.21
C ASP A 1305 -114.68 -59.44 -18.58
N ILE A 1306 -115.69 -60.30 -18.70
CA ILE A 1306 -115.65 -61.64 -18.13
C ILE A 1306 -115.89 -62.72 -19.17
N ILE A 1307 -116.39 -62.38 -20.36
CA ILE A 1307 -116.77 -63.39 -21.34
C ILE A 1307 -116.70 -62.75 -22.71
N ALA A 1308 -116.58 -63.59 -23.74
CA ALA A 1308 -116.64 -63.17 -25.13
C ALA A 1308 -118.03 -63.41 -25.73
N ALA A 1309 -119.07 -63.29 -24.91
CA ALA A 1309 -120.45 -63.62 -25.22
C ALA A 1309 -120.64 -65.12 -25.44
N GLU A 1310 -119.58 -65.92 -25.36
CA GLU A 1310 -119.72 -67.36 -25.54
C GLU A 1310 -120.50 -68.00 -24.41
N LYS A 1311 -120.30 -67.51 -23.19
CA LYS A 1311 -121.00 -67.99 -22.00
C LYS A 1311 -120.79 -69.48 -21.75
N CYS A 1312 -119.70 -70.04 -22.28
CA CYS A 1312 -119.35 -71.43 -21.99
C CYS A 1312 -118.22 -71.55 -20.99
N PHE A 1313 -117.39 -70.52 -20.83
CA PHE A 1313 -116.35 -70.46 -19.82
C PHE A 1313 -115.39 -71.65 -19.90
N THR A 1322 -109.73 -62.14 -14.78
CA THR A 1322 -108.76 -62.56 -13.77
C THR A 1322 -108.12 -63.89 -14.15
N SER A 1323 -106.95 -64.14 -13.57
CA SER A 1323 -106.12 -65.31 -13.87
C SER A 1323 -106.88 -66.63 -13.85
N PRO A 1324 -107.86 -66.82 -12.96
CA PRO A 1324 -108.70 -68.03 -13.08
C PRO A 1324 -109.28 -68.22 -14.47
N GLN A 1325 -109.70 -67.13 -15.12
CA GLN A 1325 -110.01 -67.14 -16.54
C GLN A 1325 -108.98 -66.38 -17.36
N GLU A 1326 -107.94 -65.87 -16.70
CA GLU A 1326 -106.88 -65.07 -17.33
C GLU A 1326 -107.48 -63.89 -18.10
N GLY A 1327 -108.22 -63.06 -17.36
CA GLY A 1327 -108.75 -61.84 -17.94
C GLY A 1327 -107.70 -60.78 -18.16
N GLU A 1328 -106.55 -60.91 -17.51
CA GLU A 1328 -105.45 -59.97 -17.72
C GLU A 1328 -105.04 -59.92 -19.17
N ARG A 1329 -104.81 -61.09 -19.78
CA ARG A 1329 -104.60 -61.13 -21.23
C ARG A 1329 -105.85 -60.66 -21.95
N TYR A 1330 -107.03 -60.97 -21.42
CA TYR A 1330 -108.27 -60.58 -22.07
C TYR A 1330 -108.42 -59.06 -22.07
N ASN A 1331 -108.29 -58.44 -20.90
CA ASN A 1331 -108.42 -56.99 -20.84
C ASN A 1331 -107.28 -56.30 -21.58
N TYR A 1332 -106.09 -56.86 -21.50
CA TYR A 1332 -104.96 -56.28 -22.22
C TYR A 1332 -105.22 -56.29 -23.73
N SER A 1333 -105.73 -57.41 -24.24
CA SER A 1333 -106.11 -57.49 -25.64
C SER A 1333 -107.22 -56.50 -25.96
N LYS A 1334 -108.17 -56.34 -25.04
CA LYS A 1334 -109.25 -55.37 -25.26
C LYS A 1334 -108.69 -53.97 -25.45
N CYS A 1335 -107.78 -53.57 -24.55
CA CYS A 1335 -107.18 -52.24 -24.66
C CYS A 1335 -106.33 -52.12 -25.91
N THR A 1336 -105.65 -53.19 -26.30
CA THR A 1336 -104.90 -53.18 -27.55
C THR A 1336 -105.82 -52.94 -28.73
N VAL A 1337 -106.96 -53.63 -28.77
CA VAL A 1337 -107.92 -53.41 -29.83
C VAL A 1337 -108.41 -51.97 -29.80
N VAL A 1338 -108.65 -51.44 -28.60
CA VAL A 1338 -109.13 -50.06 -28.48
C VAL A 1338 -108.13 -49.10 -29.09
N VAL A 1339 -106.86 -49.23 -28.73
CA VAL A 1339 -105.87 -48.27 -29.23
C VAL A 1339 -105.71 -48.43 -30.73
N ARG A 1340 -105.73 -49.67 -31.24
CA ARG A 1340 -105.61 -49.87 -32.68
C ARG A 1340 -106.76 -49.21 -33.41
N ILE A 1341 -107.99 -49.43 -32.95
CA ILE A 1341 -109.14 -48.92 -33.68
C ILE A 1341 -109.18 -47.40 -33.59
N MET A 1342 -108.83 -46.82 -32.43
CA MET A 1342 -108.90 -45.37 -32.33
C MET A 1342 -107.81 -44.71 -33.16
N GLU A 1343 -106.60 -45.29 -33.17
CA GLU A 1343 -105.56 -44.74 -34.01
C GLU A 1343 -105.92 -44.85 -35.49
N PHE A 1344 -106.56 -45.96 -35.88
CA PHE A 1344 -106.97 -46.06 -37.28
C PHE A 1344 -108.07 -45.07 -37.61
N THR A 1345 -108.97 -44.80 -36.68
CA THR A 1345 -109.99 -43.78 -36.92
C THR A 1345 -109.35 -42.42 -37.09
N THR A 1346 -108.33 -42.12 -36.27
CA THR A 1346 -107.61 -40.86 -36.43
C THR A 1346 -106.97 -40.78 -37.82
N THR A 1347 -106.34 -41.87 -38.26
CA THR A 1347 -105.75 -41.90 -39.58
C THR A 1347 -106.82 -41.70 -40.65
N LEU A 1348 -107.98 -42.34 -40.48
CA LEU A 1348 -109.08 -42.16 -41.40
C LEU A 1348 -109.49 -40.69 -41.49
N LEU A 1349 -109.64 -40.04 -40.34
CA LEU A 1349 -110.12 -38.66 -40.33
C LEU A 1349 -109.11 -37.71 -40.94
N ASN A 1350 -107.82 -37.92 -40.63
CA ASN A 1350 -106.81 -36.96 -41.07
C ASN A 1350 -106.36 -37.23 -42.49
N THR A 1351 -105.88 -38.45 -42.76
CA THR A 1351 -105.44 -38.79 -44.11
C THR A 1351 -106.57 -38.67 -45.11
N SER A 1352 -107.78 -39.06 -44.72
CA SER A 1352 -108.95 -38.90 -45.56
C SER A 1352 -109.83 -37.81 -44.99
N PRO A 1353 -109.90 -36.64 -45.61
CA PRO A 1353 -110.70 -35.54 -45.06
C PRO A 1353 -112.19 -35.84 -45.00
N GLU A 1354 -112.98 -34.84 -44.55
CA GLU A 1354 -114.42 -35.02 -44.37
C GLU A 1354 -115.12 -35.53 -45.62
N GLY A 1355 -114.48 -35.46 -46.78
CA GLY A 1355 -115.05 -36.11 -47.95
C GLY A 1355 -115.25 -37.60 -47.74
N TRP A 1356 -114.43 -38.19 -46.87
CA TRP A 1356 -114.57 -39.59 -46.47
C TRP A 1356 -115.23 -39.73 -45.12
N LYS A 1357 -115.58 -38.62 -44.46
CA LYS A 1357 -116.31 -38.72 -43.20
C LYS A 1357 -117.66 -39.40 -43.39
N LEU A 1358 -118.23 -39.29 -44.59
CA LEU A 1358 -119.45 -40.03 -44.91
C LEU A 1358 -119.17 -41.52 -44.89
N LEU A 1359 -118.01 -41.94 -45.39
CA LEU A 1359 -117.56 -43.31 -45.19
C LEU A 1359 -117.37 -43.62 -43.71
N LYS A 1360 -116.92 -42.63 -42.93
CA LYS A 1360 -116.94 -42.78 -41.48
C LYS A 1360 -118.36 -43.00 -40.99
N LYS A 1361 -119.33 -42.34 -41.62
CA LYS A 1361 -120.73 -42.55 -41.28
C LYS A 1361 -121.17 -43.97 -41.62
N ASP A 1362 -120.40 -44.70 -42.42
CA ASP A 1362 -120.70 -46.11 -42.63
C ASP A 1362 -120.61 -46.91 -41.35
N LEU A 1363 -119.97 -46.36 -40.31
CA LEU A 1363 -120.08 -46.93 -38.98
C LEU A 1363 -121.55 -46.97 -38.58
N CYS A 1364 -121.93 -48.04 -37.88
CA CYS A 1364 -123.33 -48.25 -37.53
C CYS A 1364 -123.90 -47.01 -36.85
N ASN A 1365 -123.22 -46.53 -35.81
CA ASN A 1365 -123.56 -45.25 -35.22
C ASN A 1365 -122.33 -44.43 -34.86
N THR A 1366 -121.13 -44.96 -35.06
CA THR A 1366 -119.92 -44.43 -34.45
C THR A 1366 -120.14 -44.29 -32.95
N HIS A 1367 -120.39 -45.44 -32.31
CA HIS A 1367 -120.64 -45.48 -30.88
C HIS A 1367 -119.42 -45.08 -30.07
N LEU A 1368 -118.33 -44.70 -30.74
CA LEU A 1368 -117.18 -44.16 -30.05
C LEU A 1368 -117.55 -42.95 -29.22
N MET A 1369 -118.62 -42.25 -29.63
CA MET A 1369 -119.18 -41.17 -28.83
C MET A 1369 -119.37 -41.55 -27.36
N ARG A 1370 -119.60 -42.83 -27.08
CA ARG A 1370 -119.96 -43.27 -25.74
C ARG A 1370 -119.09 -44.39 -25.20
N VAL A 1371 -118.03 -44.78 -25.91
CA VAL A 1371 -117.15 -45.85 -25.46
C VAL A 1371 -115.75 -45.33 -25.13
N LEU A 1372 -115.23 -44.39 -25.92
CA LEU A 1372 -113.91 -43.85 -25.62
C LEU A 1372 -113.96 -42.79 -24.53
N VAL A 1373 -115.12 -42.20 -24.29
CA VAL A 1373 -115.21 -41.15 -23.28
C VAL A 1373 -114.93 -41.71 -21.90
N GLN A 1374 -115.33 -42.97 -21.65
CA GLN A 1374 -114.94 -43.62 -20.41
C GLN A 1374 -113.42 -43.70 -20.30
N THR A 1375 -112.75 -44.08 -21.38
CA THR A 1375 -111.29 -44.08 -21.38
C THR A 1375 -110.75 -42.70 -21.07
N LEU A 1376 -111.37 -41.68 -21.65
CA LEU A 1376 -110.92 -40.31 -21.41
C LEU A 1376 -111.03 -39.95 -19.94
N CYS A 1377 -112.15 -40.28 -19.31
CA CYS A 1377 -112.23 -40.05 -17.87
C CYS A 1377 -111.40 -41.06 -17.10
N GLU A 1378 -111.49 -42.35 -17.45
CA GLU A 1378 -110.64 -43.35 -16.82
C GLU A 1378 -110.60 -44.66 -17.59
N PRO A 1379 -109.41 -45.17 -17.92
CA PRO A 1379 -109.32 -46.53 -18.47
C PRO A 1379 -109.81 -47.59 -17.51
N ALA A 1380 -109.92 -47.27 -16.22
CA ALA A 1380 -110.51 -48.19 -15.26
C ALA A 1380 -112.01 -48.35 -15.46
N SER A 1381 -112.62 -47.54 -16.32
CA SER A 1381 -114.03 -47.70 -16.67
C SER A 1381 -114.25 -48.63 -17.84
N ILE A 1382 -113.25 -48.79 -18.71
CA ILE A 1382 -113.36 -49.70 -19.85
C ILE A 1382 -112.72 -51.05 -19.54
N GLY A 1383 -112.54 -51.35 -18.26
CA GLY A 1383 -111.70 -52.45 -17.84
C GLY A 1383 -110.75 -51.90 -16.81
N PHE A 1384 -109.46 -52.15 -16.96
CA PHE A 1384 -108.47 -51.43 -16.17
C PHE A 1384 -107.48 -50.66 -17.03
N ASN A 1385 -106.84 -51.32 -18.00
CA ASN A 1385 -105.73 -50.74 -18.74
C ASN A 1385 -104.68 -50.20 -17.77
N ILE A 1386 -104.36 -51.00 -16.77
CA ILE A 1386 -103.48 -50.62 -15.69
C ILE A 1386 -102.27 -51.57 -15.68
N GLY A 1387 -101.25 -51.18 -14.93
CA GLY A 1387 -100.03 -51.97 -14.84
C GLY A 1387 -98.80 -51.20 -15.25
N ASP A 1388 -98.93 -49.87 -15.35
CA ASP A 1388 -97.83 -48.96 -15.65
C ASP A 1388 -97.13 -49.27 -16.97
N VAL A 1389 -97.76 -50.07 -17.83
CA VAL A 1389 -97.20 -50.30 -19.15
C VAL A 1389 -97.28 -49.00 -19.94
N GLN A 1390 -96.26 -48.75 -20.77
CA GLN A 1390 -96.10 -47.44 -21.37
C GLN A 1390 -97.29 -47.03 -22.24
N VAL A 1391 -98.07 -48.00 -22.73
CA VAL A 1391 -99.16 -47.65 -23.64
C VAL A 1391 -100.17 -46.76 -22.94
N MET A 1392 -100.46 -47.00 -21.66
CA MET A 1392 -101.42 -46.17 -20.96
C MET A 1392 -100.92 -44.75 -20.83
N ALA A 1393 -99.63 -44.58 -20.56
CA ALA A 1393 -99.06 -43.24 -20.48
C ALA A 1393 -99.06 -42.55 -21.83
N HIS A 1394 -98.90 -43.32 -22.91
CA HIS A 1394 -98.99 -42.75 -24.24
C HIS A 1394 -100.42 -42.45 -24.66
N LEU A 1395 -101.39 -43.11 -24.04
CA LEU A 1395 -102.80 -42.94 -24.42
C LEU A 1395 -103.26 -41.50 -24.51
N PRO A 1396 -103.02 -40.64 -23.51
CA PRO A 1396 -103.55 -39.27 -23.61
C PRO A 1396 -103.07 -38.53 -24.84
N ASP A 1397 -101.86 -38.80 -25.30
CA ASP A 1397 -101.34 -38.13 -26.49
C ASP A 1397 -102.21 -38.46 -27.70
N VAL A 1398 -102.41 -39.75 -27.96
CA VAL A 1398 -103.16 -40.14 -29.14
C VAL A 1398 -104.64 -39.83 -28.95
N CYS A 1399 -105.13 -39.81 -27.71
CA CYS A 1399 -106.49 -39.38 -27.46
C CYS A 1399 -106.69 -37.93 -27.83
N VAL A 1400 -105.77 -37.05 -27.39
CA VAL A 1400 -105.83 -35.65 -27.76
C VAL A 1400 -105.74 -35.51 -29.27
N ASN A 1401 -104.90 -36.33 -29.90
CA ASN A 1401 -104.88 -36.39 -31.36
C ASN A 1401 -106.27 -36.70 -31.90
N LEU A 1402 -106.96 -37.66 -31.28
CA LEU A 1402 -108.29 -38.04 -31.74
C LEU A 1402 -109.28 -36.89 -31.60
N MET A 1403 -109.27 -36.20 -30.45
CA MET A 1403 -110.20 -35.08 -30.30
C MET A 1403 -109.88 -33.95 -31.27
N LYS A 1404 -108.60 -33.67 -31.51
CA LYS A 1404 -108.27 -32.63 -32.48
C LYS A 1404 -108.66 -33.06 -33.89
N ALA A 1405 -108.59 -34.36 -34.19
CA ALA A 1405 -109.13 -34.85 -35.45
C ALA A 1405 -110.63 -34.62 -35.52
N LEU A 1406 -111.34 -34.87 -34.41
CA LEU A 1406 -112.76 -34.57 -34.35
C LEU A 1406 -113.03 -33.09 -34.56
N LYS A 1407 -112.09 -32.23 -34.16
CA LYS A 1407 -112.26 -30.80 -34.34
C LYS A 1407 -112.52 -30.46 -35.80
N MET A 1408 -111.73 -31.02 -36.70
CA MET A 1408 -111.99 -30.83 -38.12
C MET A 1408 -113.28 -31.50 -38.54
N SER A 1409 -113.61 -32.63 -37.92
CA SER A 1409 -114.85 -33.31 -38.25
C SER A 1409 -116.05 -32.52 -37.76
N PRO A 1410 -117.17 -32.59 -38.46
CA PRO A 1410 -118.41 -32.02 -37.90
C PRO A 1410 -118.92 -32.83 -36.73
N TYR A 1411 -118.59 -34.12 -36.66
CA TYR A 1411 -119.11 -35.01 -35.64
C TYR A 1411 -118.62 -34.66 -34.24
N LYS A 1412 -117.74 -33.66 -34.15
CA LYS A 1412 -117.35 -33.16 -32.84
C LYS A 1412 -118.55 -32.64 -32.06
N ASP A 1413 -119.65 -32.30 -32.75
CA ASP A 1413 -120.85 -31.86 -32.07
C ASP A 1413 -121.38 -32.92 -31.12
N ILE A 1414 -121.63 -34.13 -31.64
CA ILE A 1414 -122.14 -35.19 -30.79
C ILE A 1414 -121.09 -35.61 -29.78
N LEU A 1415 -119.82 -35.53 -30.15
CA LEU A 1415 -118.76 -35.89 -29.22
C LEU A 1415 -118.77 -34.98 -28.00
N GLU A 1416 -118.78 -33.67 -28.22
CA GLU A 1416 -118.85 -32.74 -27.10
C GLU A 1416 -120.19 -32.82 -26.39
N THR A 1417 -121.24 -33.22 -27.10
CA THR A 1417 -122.52 -33.46 -26.46
C THR A 1417 -122.39 -34.57 -25.43
N HIS A 1418 -121.73 -35.65 -25.81
CA HIS A 1418 -121.50 -36.73 -24.87
C HIS A 1418 -120.55 -36.31 -23.76
N LEU A 1419 -119.58 -35.45 -24.08
CA LEU A 1419 -118.65 -34.96 -23.07
C LEU A 1419 -119.37 -34.19 -21.98
N ARG A 1420 -120.17 -33.20 -22.37
CA ARG A 1420 -120.96 -32.47 -21.40
C ARG A 1420 -122.01 -33.35 -20.75
N GLU A 1421 -122.45 -34.39 -21.48
CA GLU A 1421 -123.36 -35.36 -20.90
C GLU A 1421 -122.73 -36.09 -19.72
N LYS A 1422 -121.45 -36.45 -19.85
CA LYS A 1422 -120.74 -37.05 -18.74
C LYS A 1422 -120.67 -36.07 -17.57
N ILE A 1423 -120.19 -34.86 -17.84
CA ILE A 1423 -120.23 -33.75 -16.90
C ILE A 1423 -119.86 -32.49 -17.65
N THR A 1424 -120.34 -31.34 -17.17
CA THR A 1424 -119.90 -30.04 -17.64
C THR A 1424 -119.11 -29.32 -16.56
N ALA A 1425 -118.46 -30.09 -15.68
CA ALA A 1425 -117.79 -29.62 -14.48
C ALA A 1425 -118.76 -29.01 -13.48
N GLN A 1426 -120.06 -29.10 -13.75
CA GLN A 1426 -121.06 -28.58 -12.83
C GLN A 1426 -121.04 -29.35 -11.52
N SER A 1427 -121.10 -30.68 -11.60
CA SER A 1427 -121.12 -31.50 -10.40
C SER A 1427 -119.77 -31.52 -9.71
N ILE A 1428 -118.69 -31.43 -10.48
CA ILE A 1428 -117.37 -31.57 -9.89
C ILE A 1428 -117.09 -30.46 -8.89
N GLU A 1429 -117.78 -29.32 -9.03
CA GLU A 1429 -117.56 -28.20 -8.13
C GLU A 1429 -117.89 -28.59 -6.68
N GLU A 1430 -119.03 -29.24 -6.48
CA GLU A 1430 -119.33 -29.78 -5.16
C GLU A 1430 -118.56 -31.07 -4.91
N LEU A 1431 -118.23 -31.81 -5.97
CA LEU A 1431 -117.42 -33.01 -5.81
C LEU A 1431 -116.01 -32.68 -5.36
N CYS A 1432 -115.49 -31.52 -5.73
CA CYS A 1432 -114.23 -31.07 -5.16
C CYS A 1432 -114.42 -30.30 -3.86
N ALA A 1433 -115.65 -29.97 -3.51
CA ALA A 1433 -115.96 -29.35 -2.24
C ALA A 1433 -116.12 -30.36 -1.13
N VAL A 1434 -115.94 -31.65 -1.42
CA VAL A 1434 -116.11 -32.70 -0.41
C VAL A 1434 -115.06 -32.65 0.67
N ASN A 1435 -114.05 -31.78 0.55
CA ASN A 1435 -113.04 -31.56 1.57
C ASN A 1435 -112.32 -32.87 1.92
N LEU A 1436 -111.56 -33.35 0.95
CA LEU A 1436 -110.69 -34.50 1.17
C LEU A 1436 -109.48 -34.17 2.04
N TYR A 1437 -109.43 -32.98 2.65
CA TYR A 1437 -108.24 -32.54 3.38
C TYR A 1437 -107.92 -33.44 4.56
N GLY A 1438 -106.85 -34.21 4.44
CA GLY A 1438 -106.43 -35.08 5.51
C GLY A 1438 -106.81 -36.52 5.26
N PRO A 1439 -107.07 -37.27 6.35
CA PRO A 1439 -107.39 -38.69 6.25
C PRO A 1439 -108.84 -38.94 5.79
N ASP A 1440 -109.24 -38.23 4.74
CA ASP A 1440 -110.59 -38.31 4.22
C ASP A 1440 -110.64 -39.39 3.14
N ALA A 1441 -111.73 -39.41 2.37
CA ALA A 1441 -111.87 -40.40 1.32
C ALA A 1441 -110.79 -40.20 0.25
N GLN A 1442 -110.56 -41.25 -0.52
CA GLN A 1442 -109.61 -41.20 -1.62
C GLN A 1442 -110.27 -41.33 -2.99
N VAL A 1443 -111.45 -41.95 -3.06
CA VAL A 1443 -112.17 -42.02 -4.32
C VAL A 1443 -112.51 -40.62 -4.81
N ASP A 1444 -112.77 -39.69 -3.89
CA ASP A 1444 -112.89 -38.29 -4.27
C ASP A 1444 -111.63 -37.81 -4.95
N ARG A 1445 -110.48 -38.04 -4.30
CA ARG A 1445 -109.20 -37.69 -4.90
C ARG A 1445 -109.04 -38.35 -6.26
N SER A 1446 -109.42 -39.62 -6.35
CA SER A 1446 -109.28 -40.35 -7.61
C SER A 1446 -110.08 -39.68 -8.73
N ARG A 1447 -111.36 -39.42 -8.48
CA ARG A 1447 -112.20 -38.86 -9.53
C ARG A 1447 -111.79 -37.44 -9.86
N LEU A 1448 -111.36 -36.66 -8.87
CA LEU A 1448 -110.87 -35.32 -9.17
C LEU A 1448 -109.63 -35.38 -10.04
N ALA A 1449 -108.71 -36.29 -9.73
CA ALA A 1449 -107.54 -36.43 -10.59
C ALA A 1449 -107.93 -36.85 -11.99
N ALA A 1450 -108.90 -37.76 -12.10
CA ALA A 1450 -109.33 -38.23 -13.42
C ALA A 1450 -109.91 -37.09 -14.24
N VAL A 1451 -110.79 -36.30 -13.63
CA VAL A 1451 -111.40 -35.19 -14.37
C VAL A 1451 -110.36 -34.12 -14.66
N VAL A 1452 -109.38 -33.93 -13.78
CA VAL A 1452 -108.31 -32.99 -14.05
C VAL A 1452 -107.55 -33.42 -15.30
N SER A 1453 -107.20 -34.70 -15.35
CA SER A 1453 -106.46 -35.22 -16.50
C SER A 1453 -107.28 -35.10 -17.77
N ALA A 1454 -108.57 -35.44 -17.71
CA ALA A 1454 -109.41 -35.36 -18.90
C ALA A 1454 -109.55 -33.92 -19.38
N CYS A 1455 -109.74 -32.98 -18.45
CA CYS A 1455 -109.89 -31.59 -18.85
C CYS A 1455 -108.59 -31.05 -19.44
N LYS A 1456 -107.45 -31.48 -18.89
CA LYS A 1456 -106.19 -31.04 -19.48
C LYS A 1456 -105.96 -31.68 -20.84
N GLN A 1457 -106.44 -32.92 -21.03
CA GLN A 1457 -106.40 -33.51 -22.36
C GLN A 1457 -107.18 -32.65 -23.34
N LEU A 1458 -108.39 -32.27 -22.96
CA LEU A 1458 -109.23 -31.50 -23.86
C LEU A 1458 -108.68 -30.09 -24.05
N HIS A 1459 -107.98 -29.57 -23.04
CA HIS A 1459 -107.21 -28.35 -23.21
C HIS A 1459 -106.14 -28.53 -24.27
N ARG A 1460 -105.42 -29.64 -24.22
CA ARG A 1460 -104.50 -29.99 -25.29
C ARG A 1460 -105.27 -30.20 -26.59
N ALA A 1461 -106.47 -30.79 -26.51
CA ALA A 1461 -107.35 -30.83 -27.65
C ALA A 1461 -107.85 -29.44 -28.04
N GLY A 1462 -107.70 -28.45 -27.16
CA GLY A 1462 -108.03 -27.08 -27.48
C GLY A 1462 -109.46 -26.68 -27.23
N LEU A 1463 -110.21 -27.45 -26.45
CA LEU A 1463 -111.62 -27.16 -26.19
C LEU A 1463 -111.79 -26.87 -24.71
N LEU A 1464 -112.28 -25.68 -24.37
CA LEU A 1464 -112.52 -25.35 -22.98
C LEU A 1464 -113.91 -24.78 -22.76
N HIS A 1465 -114.44 -24.06 -23.76
CA HIS A 1465 -115.73 -23.42 -23.62
C HIS A 1465 -116.84 -24.16 -24.36
N ASN A 1466 -116.50 -25.11 -25.22
CA ASN A 1466 -117.49 -26.04 -25.75
C ASN A 1466 -117.80 -27.15 -24.77
N ILE A 1467 -117.09 -27.21 -23.64
CA ILE A 1467 -117.40 -28.12 -22.56
C ILE A 1467 -117.81 -27.30 -21.35
N LEU A 1468 -117.26 -26.10 -21.23
CA LEU A 1468 -117.57 -25.21 -20.11
C LEU A 1468 -117.45 -23.77 -20.60
N PRO A 1469 -118.53 -23.19 -21.08
CA PRO A 1469 -118.47 -21.82 -21.62
C PRO A 1469 -118.18 -20.78 -20.54
N SER A 1470 -118.14 -19.52 -20.94
CA SER A 1470 -117.93 -18.43 -20.00
C SER A 1470 -118.99 -18.46 -18.91
N GLN A 1471 -118.55 -18.33 -17.66
CA GLN A 1471 -119.48 -18.24 -16.56
C GLN A 1471 -120.31 -16.98 -16.73
N SER A 1472 -119.65 -15.83 -16.61
CA SER A 1472 -120.20 -14.55 -17.04
C SER A 1472 -119.21 -13.71 -17.85
N THR A 1473 -117.91 -13.89 -17.64
CA THR A 1473 -116.87 -13.17 -18.37
C THR A 1473 -115.82 -14.18 -18.79
N ASP A 1474 -114.66 -13.68 -19.21
CA ASP A 1474 -113.56 -14.58 -19.55
C ASP A 1474 -113.13 -15.40 -18.34
N LEU A 1475 -113.11 -14.78 -17.17
CA LEU A 1475 -112.72 -15.47 -15.95
C LEU A 1475 -113.70 -16.58 -15.60
N HIS A 1476 -113.25 -17.83 -15.70
CA HIS A 1476 -114.04 -18.97 -15.24
C HIS A 1476 -113.87 -19.08 -13.75
N HIS A 1477 -114.68 -18.33 -13.01
CA HIS A 1477 -114.66 -18.39 -11.56
C HIS A 1477 -115.04 -19.77 -11.07
N SER A 1478 -115.71 -20.56 -11.91
CA SER A 1478 -116.05 -21.94 -11.58
C SER A 1478 -114.84 -22.77 -11.18
N VAL A 1479 -113.64 -22.29 -11.45
CA VAL A 1479 -112.42 -22.92 -10.96
C VAL A 1479 -111.68 -22.01 -9.98
N GLY A 1480 -111.66 -20.70 -10.25
CA GLY A 1480 -110.87 -19.80 -9.43
C GLY A 1480 -111.40 -19.67 -8.02
N THR A 1481 -112.72 -19.62 -7.86
CA THR A 1481 -113.30 -19.49 -6.54
C THR A 1481 -112.95 -20.68 -5.66
N GLU A 1482 -113.14 -21.88 -6.20
CA GLU A 1482 -112.77 -23.09 -5.47
C GLU A 1482 -111.28 -23.11 -5.20
N LEU A 1483 -110.49 -22.69 -6.19
CA LEU A 1483 -109.04 -22.65 -6.00
C LEU A 1483 -108.66 -21.79 -4.82
N LEU A 1484 -109.16 -20.56 -4.78
CA LEU A 1484 -108.79 -19.64 -3.70
C LEU A 1484 -109.30 -20.15 -2.36
N SER A 1485 -110.53 -20.65 -2.32
CA SER A 1485 -111.09 -21.12 -1.05
C SER A 1485 -110.27 -22.27 -0.49
N LEU A 1486 -109.96 -23.25 -1.33
CA LEU A 1486 -109.21 -24.41 -0.86
C LEU A 1486 -107.78 -24.04 -0.53
N VAL A 1487 -107.15 -23.19 -1.33
CA VAL A 1487 -105.76 -22.83 -1.06
C VAL A 1487 -105.69 -22.04 0.23
N TYR A 1488 -106.75 -21.33 0.59
CA TYR A 1488 -106.75 -20.62 1.85
C TYR A 1488 -106.99 -21.56 3.03
N LYS A 1489 -108.14 -22.22 3.04
CA LYS A 1489 -108.57 -22.92 4.25
C LYS A 1489 -107.78 -24.19 4.52
N GLY A 1490 -106.95 -24.64 3.59
CA GLY A 1490 -106.25 -25.90 3.74
C GLY A 1490 -105.23 -25.95 4.86
N ILE A 1491 -105.20 -24.91 5.69
CA ILE A 1491 -104.23 -24.81 6.79
C ILE A 1491 -104.92 -24.70 8.14
N ALA A 1492 -105.94 -23.86 8.24
CA ALA A 1492 -106.61 -23.65 9.52
C ALA A 1492 -107.94 -24.39 9.56
N SER A 1502 -104.23 -28.77 7.67
CA SER A 1502 -103.07 -29.30 6.96
C SER A 1502 -103.49 -29.93 5.63
N LEU A 1503 -102.57 -30.68 5.02
CA LEU A 1503 -102.83 -31.30 3.73
C LEU A 1503 -101.87 -32.46 3.54
N ASP A 1504 -102.08 -33.21 2.47
CA ASP A 1504 -101.21 -34.31 2.07
C ASP A 1504 -100.53 -33.98 0.76
N LEU A 1505 -99.55 -34.80 0.40
CA LEU A 1505 -98.91 -34.63 -0.89
C LEU A 1505 -99.91 -34.83 -2.03
N SER A 1506 -100.75 -35.86 -1.93
CA SER A 1506 -101.78 -36.07 -2.93
C SER A 1506 -102.67 -34.84 -3.06
N CYS A 1507 -102.97 -34.20 -1.94
CA CYS A 1507 -103.62 -32.90 -1.99
C CYS A 1507 -102.78 -31.90 -2.78
N LYS A 1508 -101.46 -32.02 -2.70
CA LYS A 1508 -100.60 -31.09 -3.43
C LYS A 1508 -100.73 -31.30 -4.93
N GLN A 1509 -100.69 -32.56 -5.39
CA GLN A 1509 -100.85 -32.79 -6.83
C GLN A 1509 -102.24 -32.42 -7.30
N LEU A 1510 -103.26 -32.68 -6.48
CA LEU A 1510 -104.62 -32.30 -6.86
C LEU A 1510 -104.74 -30.79 -6.97
N ALA A 1511 -104.15 -30.07 -6.00
CA ALA A 1511 -104.17 -28.62 -6.06
C ALA A 1511 -103.44 -28.11 -7.29
N SER A 1512 -102.31 -28.74 -7.63
CA SER A 1512 -101.58 -28.35 -8.84
C SER A 1512 -102.43 -28.59 -10.07
N GLY A 1513 -103.15 -29.71 -10.12
CA GLY A 1513 -104.04 -29.96 -11.24
C GLY A 1513 -105.08 -28.86 -11.37
N LEU A 1514 -105.70 -28.50 -10.25
CA LEU A 1514 -106.63 -27.37 -10.25
C LEU A 1514 -105.94 -26.10 -10.72
N LEU A 1515 -104.66 -25.94 -10.38
CA LEU A 1515 -103.91 -24.77 -10.81
C LEU A 1515 -103.83 -24.70 -12.33
N GLU A 1516 -103.39 -25.79 -12.96
CA GLU A 1516 -103.28 -25.71 -14.42
C GLU A 1516 -104.65 -25.61 -15.07
N LEU A 1517 -105.68 -26.20 -14.46
CA LEU A 1517 -107.02 -26.05 -15.02
C LEU A 1517 -107.47 -24.61 -14.97
N ALA A 1518 -107.16 -23.90 -13.89
CA ALA A 1518 -107.41 -22.47 -13.84
C ALA A 1518 -106.56 -21.74 -14.88
N PHE A 1519 -105.33 -22.21 -15.09
CA PHE A 1519 -104.48 -21.62 -16.11
C PHE A 1519 -105.10 -21.76 -17.48
N ALA A 1520 -105.92 -22.79 -17.68
CA ALA A 1520 -106.64 -22.96 -18.94
C ALA A 1520 -107.69 -21.88 -19.18
N PHE A 1521 -107.85 -20.93 -18.27
CA PHE A 1521 -108.79 -19.83 -18.42
C PHE A 1521 -108.08 -18.50 -18.19
N GLY A 1522 -108.52 -17.48 -18.93
CA GLY A 1522 -107.85 -16.20 -18.92
C GLY A 1522 -108.40 -15.24 -17.87
N GLY A 1523 -107.77 -14.07 -17.81
CA GLY A 1523 -108.10 -13.07 -16.82
C GLY A 1523 -107.66 -13.39 -15.42
N LEU A 1524 -106.83 -14.42 -15.26
CA LEU A 1524 -106.50 -14.94 -13.94
C LEU A 1524 -105.28 -14.28 -13.32
N CYS A 1525 -104.46 -13.58 -14.11
CA CYS A 1525 -103.24 -13.00 -13.58
C CYS A 1525 -103.54 -12.00 -12.47
N GLU A 1526 -104.47 -11.09 -12.72
CA GLU A 1526 -104.84 -10.11 -11.72
C GLU A 1526 -105.46 -10.78 -10.50
N ARG A 1527 -106.31 -11.77 -10.75
CA ARG A 1527 -106.96 -12.50 -9.66
C ARG A 1527 -105.93 -13.13 -8.73
N LEU A 1528 -104.98 -13.86 -9.31
CA LEU A 1528 -103.96 -14.51 -8.49
C LEU A 1528 -103.05 -13.49 -7.82
N VAL A 1529 -102.73 -12.40 -8.51
CA VAL A 1529 -101.88 -11.37 -7.91
C VAL A 1529 -102.56 -10.80 -6.68
N SER A 1530 -103.86 -10.50 -6.79
CA SER A 1530 -104.61 -10.04 -5.64
C SER A 1530 -104.64 -11.08 -4.54
N LEU A 1531 -104.77 -12.35 -4.91
CA LEU A 1531 -104.78 -13.42 -3.92
C LEU A 1531 -103.48 -13.45 -3.14
N LEU A 1532 -102.36 -13.29 -3.82
CA LEU A 1532 -101.07 -13.19 -3.13
C LEU A 1532 -100.98 -11.93 -2.29
N LEU A 1533 -101.73 -10.90 -2.64
CA LEU A 1533 -101.76 -9.69 -1.83
C LEU A 1533 -102.76 -9.86 -0.70
N ASN A 1534 -102.65 -10.96 0.03
CA ASN A 1534 -103.56 -11.24 1.14
C ASN A 1534 -102.82 -11.02 2.44
N PRO A 1535 -103.09 -9.94 3.16
CA PRO A 1535 -102.44 -9.70 4.46
C PRO A 1535 -103.03 -10.49 5.61
N ALA A 1536 -103.98 -11.39 5.35
CA ALA A 1536 -104.57 -12.18 6.42
C ALA A 1536 -103.49 -13.01 7.10
N VAL A 1537 -103.44 -12.93 8.42
CA VAL A 1537 -102.34 -13.48 9.21
C VAL A 1537 -102.88 -14.55 10.14
N LEU A 1538 -102.03 -15.51 10.47
CA LEU A 1538 -102.37 -16.56 11.43
C LEU A 1538 -101.19 -16.79 12.36
N SER A 1539 -101.50 -17.16 13.59
CA SER A 1539 -100.47 -17.45 14.58
C SER A 1539 -100.33 -18.95 14.81
N HIS A 1552 -99.12 -14.62 13.11
CA HIS A 1552 -97.68 -14.65 12.87
C HIS A 1552 -97.33 -14.45 11.41
N PHE A 1553 -98.03 -15.15 10.53
CA PHE A 1553 -97.68 -15.25 9.13
C PHE A 1553 -98.87 -14.90 8.25
N SER A 1554 -98.62 -14.15 7.18
CA SER A 1554 -99.67 -13.85 6.22
C SER A 1554 -100.00 -15.11 5.41
N HIS A 1555 -100.93 -14.98 4.48
CA HIS A 1555 -101.36 -16.13 3.70
C HIS A 1555 -101.13 -15.98 2.22
N GLY A 1556 -101.36 -14.79 1.64
CA GLY A 1556 -101.13 -14.61 0.22
C GLY A 1556 -99.70 -14.93 -0.18
N GLU A 1557 -98.74 -14.38 0.57
CA GLU A 1557 -97.35 -14.80 0.41
C GLU A 1557 -97.20 -16.28 0.74
N TYR A 1558 -97.90 -16.75 1.77
CA TYR A 1558 -97.88 -18.17 2.08
C TYR A 1558 -98.47 -18.97 0.93
N PHE A 1559 -99.57 -18.47 0.35
CA PHE A 1559 -100.16 -19.11 -0.81
C PHE A 1559 -99.13 -19.26 -1.93
N TYR A 1560 -98.37 -18.20 -2.20
CA TYR A 1560 -97.33 -18.28 -3.21
C TYR A 1560 -96.29 -19.32 -2.84
N SER A 1561 -95.87 -19.32 -1.57
CA SER A 1561 -94.86 -20.28 -1.13
C SER A 1561 -95.35 -21.71 -1.33
N LEU A 1562 -96.67 -21.93 -1.27
CA LEU A 1562 -97.20 -23.27 -1.49
C LEU A 1562 -96.83 -23.79 -2.88
N PHE A 1563 -97.23 -23.07 -3.92
CA PHE A 1563 -97.08 -23.52 -5.30
C PHE A 1563 -96.38 -22.46 -6.14
N SER A 1564 -95.28 -21.93 -5.61
CA SER A 1564 -94.53 -20.91 -6.32
C SER A 1564 -94.12 -21.38 -7.71
N GLU A 1565 -93.78 -22.66 -7.84
CA GLU A 1565 -93.35 -23.20 -9.12
C GLU A 1565 -94.45 -23.11 -10.17
N THR A 1566 -95.67 -23.50 -9.79
CA THR A 1566 -96.79 -23.43 -10.73
C THR A 1566 -97.13 -21.98 -11.04
N ILE A 1567 -96.99 -21.12 -10.04
CA ILE A 1567 -97.25 -19.70 -10.25
C ILE A 1567 -96.27 -19.14 -11.27
N ASN A 1568 -95.00 -19.49 -11.16
CA ASN A 1568 -94.01 -19.07 -12.15
C ASN A 1568 -94.34 -19.66 -13.51
N THR A 1569 -94.77 -20.92 -13.54
CA THR A 1569 -95.13 -21.56 -14.79
C THR A 1569 -96.24 -20.79 -15.48
N GLU A 1570 -97.27 -20.42 -14.74
CA GLU A 1570 -98.37 -19.64 -15.29
C GLU A 1570 -97.88 -18.28 -15.78
N LEU A 1571 -97.15 -17.56 -14.92
CA LEU A 1571 -96.73 -16.22 -15.26
C LEU A 1571 -95.74 -16.20 -16.41
N LEU A 1572 -95.11 -17.33 -16.71
CA LEU A 1572 -94.25 -17.39 -17.88
C LEU A 1572 -95.04 -17.09 -19.15
N LYS A 1573 -96.26 -17.60 -19.25
CA LYS A 1573 -97.09 -17.31 -20.41
C LYS A 1573 -97.40 -15.82 -20.50
N ASN A 1574 -97.74 -15.20 -19.38
CA ASN A 1574 -97.92 -13.75 -19.38
C ASN A 1574 -96.57 -13.07 -19.58
N LEU A 1575 -96.57 -11.97 -20.33
CA LEU A 1575 -95.30 -11.28 -20.57
C LEU A 1575 -94.96 -10.34 -19.43
N ASP A 1576 -95.76 -9.29 -19.25
CA ASP A 1576 -95.46 -8.29 -18.24
C ASP A 1576 -96.68 -7.76 -17.51
N LEU A 1577 -97.88 -8.20 -17.87
CA LEU A 1577 -99.10 -7.60 -17.34
C LEU A 1577 -99.16 -7.74 -15.82
N ALA A 1578 -99.25 -8.97 -15.34
CA ALA A 1578 -99.14 -9.20 -13.90
C ALA A 1578 -97.80 -8.74 -13.38
N VAL A 1579 -96.76 -8.76 -14.23
CA VAL A 1579 -95.46 -8.23 -13.82
C VAL A 1579 -95.55 -6.74 -13.55
N LEU A 1580 -96.21 -6.00 -14.43
CA LEU A 1580 -96.36 -4.58 -14.21
C LEU A 1580 -97.24 -4.29 -13.01
N GLU A 1581 -98.30 -5.07 -12.83
CA GLU A 1581 -99.15 -4.90 -11.64
C GLU A 1581 -98.36 -5.19 -10.38
N LEU A 1582 -97.47 -6.17 -10.44
CA LEU A 1582 -96.54 -6.44 -9.35
C LEU A 1582 -95.66 -5.23 -9.07
N MET A 1583 -95.14 -4.61 -10.14
CA MET A 1583 -94.33 -3.42 -9.97
C MET A 1583 -95.13 -2.33 -9.27
N GLN A 1584 -96.41 -2.19 -9.63
CA GLN A 1584 -97.26 -1.21 -8.97
C GLN A 1584 -97.44 -1.57 -7.50
N SER A 1585 -97.65 -2.84 -7.20
CA SER A 1585 -97.84 -3.33 -5.85
C SER A 1585 -96.54 -3.48 -5.08
N SER A 1586 -95.42 -3.09 -5.67
CA SER A 1586 -94.14 -3.09 -4.97
C SER A 1586 -93.93 -1.83 -4.15
N VAL A 1587 -94.82 -0.84 -4.28
CA VAL A 1587 -94.68 0.37 -3.51
C VAL A 1587 -94.96 0.11 -2.03
N ASP A 1588 -95.92 -0.76 -1.74
CA ASP A 1588 -96.27 -1.10 -0.37
C ASP A 1588 -95.61 -2.38 0.12
N ASN A 1589 -95.40 -3.34 -0.76
CA ASN A 1589 -94.76 -4.60 -0.39
C ASN A 1589 -93.38 -4.68 -1.00
N THR A 1590 -92.45 -5.25 -0.22
CA THR A 1590 -91.12 -5.57 -0.72
C THR A 1590 -90.83 -7.07 -0.69
N LYS A 1591 -91.58 -7.85 0.08
CA LYS A 1591 -91.23 -9.26 0.28
C LYS A 1591 -91.74 -10.12 -0.86
N MET A 1592 -93.06 -10.18 -1.02
CA MET A 1592 -93.62 -11.09 -2.02
C MET A 1592 -93.27 -10.66 -3.43
N VAL A 1593 -93.15 -9.35 -3.66
CA VAL A 1593 -92.76 -8.88 -4.99
C VAL A 1593 -91.41 -9.48 -5.37
N SER A 1594 -90.42 -9.34 -4.49
CA SER A 1594 -89.10 -9.88 -4.75
C SER A 1594 -89.13 -11.41 -4.83
N ALA A 1595 -89.94 -12.03 -3.98
CA ALA A 1595 -90.03 -13.47 -3.97
C ALA A 1595 -90.49 -14.00 -5.32
N VAL A 1596 -91.57 -13.45 -5.84
CA VAL A 1596 -92.07 -13.93 -7.12
C VAL A 1596 -91.13 -13.53 -8.24
N LEU A 1597 -90.45 -12.39 -8.12
CA LEU A 1597 -89.47 -12.02 -9.14
C LEU A 1597 -88.37 -13.07 -9.23
N ASN A 1598 -87.76 -13.42 -8.11
CA ASN A 1598 -86.67 -14.39 -8.17
C ASN A 1598 -87.18 -15.77 -8.52
N GLY A 1599 -88.43 -16.08 -8.16
CA GLY A 1599 -89.02 -17.33 -8.62
C GLY A 1599 -89.08 -17.39 -10.13
N MET A 1600 -89.56 -16.31 -10.75
CA MET A 1600 -89.53 -16.20 -12.21
C MET A 1600 -88.10 -16.32 -12.73
N LEU A 1601 -87.15 -15.70 -12.03
CA LEU A 1601 -85.77 -15.73 -12.49
C LEU A 1601 -85.26 -17.17 -12.56
N ASP A 1602 -85.40 -17.91 -11.47
CA ASP A 1602 -84.94 -19.29 -11.45
C ASP A 1602 -85.73 -20.14 -12.44
N GLN A 1603 -87.03 -19.87 -12.58
CA GLN A 1603 -87.85 -20.64 -13.50
C GLN A 1603 -87.35 -20.49 -14.93
N SER A 1604 -87.11 -19.25 -15.36
CA SER A 1604 -86.57 -19.04 -16.70
C SER A 1604 -85.15 -19.55 -16.81
N PHE A 1605 -84.40 -19.49 -15.71
CA PHE A 1605 -83.00 -19.93 -15.75
C PHE A 1605 -82.91 -21.42 -16.02
N ARG A 1606 -83.65 -22.22 -15.25
CA ARG A 1606 -83.55 -23.67 -15.40
C ARG A 1606 -83.93 -24.10 -16.81
N GLU A 1607 -84.96 -23.49 -17.38
CA GLU A 1607 -85.40 -23.84 -18.72
C GLU A 1607 -84.50 -23.10 -19.72
N ARG A 1608 -83.63 -23.85 -20.39
CA ARG A 1608 -82.81 -23.31 -21.46
C ARG A 1608 -82.71 -24.20 -22.68
N ALA A 1609 -82.92 -25.51 -22.55
CA ALA A 1609 -82.97 -26.37 -23.72
C ALA A 1609 -84.04 -25.90 -24.69
N ASN A 1610 -85.13 -25.37 -24.16
CA ASN A 1610 -86.13 -24.71 -25.00
C ASN A 1610 -85.68 -23.30 -25.38
N GLN A 1611 -85.45 -22.45 -24.38
CA GLN A 1611 -85.19 -21.04 -24.61
C GLN A 1611 -84.85 -20.35 -23.29
N LYS A 1612 -84.05 -19.28 -23.34
CA LYS A 1612 -83.91 -18.40 -22.20
C LYS A 1612 -84.11 -16.94 -22.57
N HIS A 1613 -84.47 -16.65 -23.82
CA HIS A 1613 -84.85 -15.29 -24.18
C HIS A 1613 -86.09 -14.85 -23.41
N GLN A 1614 -86.84 -15.80 -22.86
CA GLN A 1614 -87.93 -15.48 -21.96
C GLN A 1614 -87.45 -14.54 -20.87
N GLY A 1615 -86.42 -14.97 -20.13
CA GLY A 1615 -85.89 -14.16 -19.06
C GLY A 1615 -85.32 -12.84 -19.54
N LEU A 1616 -84.74 -12.83 -20.74
CA LEU A 1616 -84.22 -11.58 -21.28
C LEU A 1616 -85.34 -10.57 -21.50
N LYS A 1617 -86.44 -11.02 -22.09
CA LYS A 1617 -87.58 -10.12 -22.27
C LYS A 1617 -88.16 -9.68 -20.93
N LEU A 1618 -88.22 -10.60 -19.97
CA LEU A 1618 -88.72 -10.24 -18.64
C LEU A 1618 -87.83 -9.18 -17.99
N ALA A 1619 -86.51 -9.33 -18.13
CA ALA A 1619 -85.59 -8.32 -17.61
C ALA A 1619 -85.80 -6.99 -18.30
N THR A 1620 -86.02 -7.03 -19.62
CA THR A 1620 -86.30 -5.79 -20.34
C THR A 1620 -87.55 -5.11 -19.78
N THR A 1621 -88.60 -5.89 -19.59
CA THR A 1621 -89.85 -5.34 -19.07
C THR A 1621 -89.66 -4.73 -17.69
N ILE A 1622 -89.02 -5.47 -16.79
CA ILE A 1622 -88.86 -4.95 -15.44
C ILE A 1622 -87.97 -3.71 -15.46
N LEU A 1623 -87.00 -3.64 -16.38
CA LEU A 1623 -86.26 -2.41 -16.55
C LEU A 1623 -87.19 -1.26 -16.92
N GLN A 1624 -88.13 -1.52 -17.83
CA GLN A 1624 -89.19 -0.54 -18.05
C GLN A 1624 -90.05 -0.41 -16.82
N HIS A 1625 -90.40 -1.53 -16.19
CA HIS A 1625 -91.21 -1.48 -14.97
C HIS A 1625 -90.45 -0.85 -13.81
N TRP A 1626 -89.13 -0.75 -13.91
CA TRP A 1626 -88.32 -0.35 -12.76
C TRP A 1626 -88.71 1.02 -12.25
N LYS A 1627 -88.90 1.98 -13.16
CA LYS A 1627 -89.18 3.35 -12.75
C LYS A 1627 -90.45 3.46 -11.93
N LYS A 1628 -91.38 2.53 -12.13
CA LYS A 1628 -92.69 2.63 -11.51
C LYS A 1628 -92.60 2.62 -10.00
N CYS A 1629 -91.63 1.90 -9.44
CA CYS A 1629 -91.40 1.95 -8.00
C CYS A 1629 -89.89 2.00 -7.77
N ASP A 1630 -89.44 3.06 -7.14
CA ASP A 1630 -88.02 3.30 -6.90
C ASP A 1630 -87.76 3.63 -5.44
N SER A 1631 -88.60 3.11 -4.54
CA SER A 1631 -88.48 3.40 -3.12
C SER A 1631 -87.19 2.85 -2.53
N TRP A 1632 -86.52 1.95 -3.23
CA TRP A 1632 -85.32 1.30 -2.73
C TRP A 1632 -84.10 2.15 -3.01
N TRP A 1633 -82.92 1.53 -2.91
CA TRP A 1633 -81.71 1.96 -3.63
C TRP A 1633 -81.35 3.41 -3.36
N ALA A 1634 -81.87 3.99 -2.29
CA ALA A 1634 -81.50 5.34 -1.91
C ALA A 1634 -81.58 5.43 -0.40
N LYS A 1635 -81.36 6.63 0.13
CA LYS A 1635 -81.54 6.87 1.57
C LYS A 1635 -83.02 7.04 1.85
N ASP A 1636 -83.81 6.08 1.38
CA ASP A 1636 -85.26 6.14 1.48
C ASP A 1636 -85.88 4.81 1.84
N SER A 1637 -85.09 3.77 2.07
CA SER A 1637 -85.61 2.43 2.29
C SER A 1637 -84.73 1.74 3.31
N PRO A 1638 -85.24 0.73 4.00
CA PRO A 1638 -84.38 -0.06 4.89
C PRO A 1638 -83.28 -0.75 4.11
N LEU A 1639 -82.21 -1.08 4.82
CA LEU A 1639 -81.05 -1.67 4.18
C LEU A 1639 -81.41 -2.98 3.49
N GLU A 1640 -82.18 -3.83 4.15
CA GLU A 1640 -82.48 -5.15 3.59
C GLU A 1640 -83.18 -5.01 2.25
N THR A 1641 -84.08 -4.03 2.13
CA THR A 1641 -84.69 -3.75 0.84
C THR A 1641 -83.63 -3.49 -0.21
N LYS A 1642 -82.62 -2.69 0.13
CA LYS A 1642 -81.60 -2.34 -0.84
C LYS A 1642 -80.74 -3.53 -1.23
N MET A 1643 -80.33 -4.36 -0.25
CA MET A 1643 -79.58 -5.55 -0.65
C MET A 1643 -80.45 -6.52 -1.43
N ALA A 1644 -81.75 -6.58 -1.16
CA ALA A 1644 -82.62 -7.47 -1.90
C ALA A 1644 -82.71 -7.03 -3.35
N VAL A 1645 -82.92 -5.74 -3.59
CA VAL A 1645 -82.97 -5.28 -4.97
C VAL A 1645 -81.60 -5.46 -5.63
N LEU A 1646 -80.53 -5.25 -4.88
CA LEU A 1646 -79.19 -5.51 -5.41
C LEU A 1646 -79.07 -6.95 -5.87
N ALA A 1647 -79.51 -7.88 -5.04
CA ALA A 1647 -79.41 -9.30 -5.37
C ALA A 1647 -80.23 -9.63 -6.61
N LEU A 1648 -81.43 -9.07 -6.72
CA LEU A 1648 -82.25 -9.44 -7.88
C LEU A 1648 -81.70 -8.82 -9.15
N LEU A 1649 -81.14 -7.61 -9.08
CA LEU A 1649 -80.39 -7.11 -10.22
C LEU A 1649 -79.24 -8.02 -10.57
N ALA A 1650 -78.53 -8.53 -9.57
CA ALA A 1650 -77.44 -9.45 -9.85
C ALA A 1650 -77.94 -10.69 -10.57
N LYS A 1651 -79.07 -11.23 -10.11
CA LYS A 1651 -79.62 -12.44 -10.72
C LYS A 1651 -80.01 -12.18 -12.17
N ILE A 1652 -80.71 -11.07 -12.42
CA ILE A 1652 -81.17 -10.81 -13.79
C ILE A 1652 -79.97 -10.57 -14.69
N LEU A 1653 -78.96 -9.85 -14.21
CA LEU A 1653 -77.78 -9.62 -15.03
C LEU A 1653 -77.04 -10.92 -15.32
N GLN A 1654 -76.93 -11.80 -14.33
CA GLN A 1654 -76.32 -13.09 -14.58
C GLN A 1654 -77.10 -13.86 -15.63
N ILE A 1655 -78.43 -13.86 -15.51
CA ILE A 1655 -79.25 -14.46 -16.55
C ILE A 1655 -79.10 -13.68 -17.86
N ASP A 1656 -79.11 -12.36 -17.79
CA ASP A 1656 -79.02 -11.54 -18.98
C ASP A 1656 -77.70 -11.75 -19.69
N SER A 1657 -77.76 -12.16 -20.95
CA SER A 1657 -76.58 -12.09 -21.80
C SER A 1657 -76.27 -10.62 -22.06
N SER A 1658 -75.05 -10.21 -21.73
CA SER A 1658 -74.69 -8.80 -21.78
C SER A 1658 -74.58 -8.33 -23.22
N VAL A 1659 -75.70 -8.25 -23.93
CA VAL A 1659 -75.72 -7.82 -25.32
C VAL A 1659 -76.49 -6.51 -25.42
N SER A 1660 -77.44 -6.31 -24.51
CA SER A 1660 -78.22 -5.08 -24.44
C SER A 1660 -78.22 -4.58 -23.00
N PHE A 1661 -78.33 -3.27 -22.85
CA PHE A 1661 -78.22 -2.58 -21.57
C PHE A 1661 -76.88 -2.83 -20.88
N ASN A 1662 -75.93 -3.43 -21.59
CA ASN A 1662 -74.54 -3.40 -21.14
C ASN A 1662 -73.91 -2.04 -21.43
N THR A 1663 -74.35 -1.40 -22.51
CA THR A 1663 -73.99 -0.03 -22.86
C THR A 1663 -75.30 0.77 -22.85
N SER A 1664 -75.25 2.02 -23.27
CA SER A 1664 -76.44 2.87 -23.24
C SER A 1664 -77.57 2.25 -24.05
N HIS A 1665 -78.61 1.80 -23.34
CA HIS A 1665 -79.78 1.21 -23.98
C HIS A 1665 -80.97 1.47 -23.08
N GLY A 1666 -82.02 2.06 -23.63
CA GLY A 1666 -83.29 2.15 -22.94
C GLY A 1666 -83.19 2.56 -21.49
N SER A 1667 -83.54 1.61 -20.60
CA SER A 1667 -83.52 1.84 -19.17
C SER A 1667 -82.17 1.55 -18.53
N PHE A 1668 -81.17 1.17 -19.32
CA PHE A 1668 -79.84 0.92 -18.74
C PHE A 1668 -79.29 2.08 -17.95
N PRO A 1669 -79.27 3.32 -18.46
CA PRO A 1669 -78.58 4.38 -17.70
C PRO A 1669 -79.14 4.56 -16.30
N GLU A 1670 -80.46 4.73 -16.19
CA GLU A 1670 -81.07 5.00 -14.89
C GLU A 1670 -80.74 3.89 -13.89
N VAL A 1671 -80.95 2.63 -14.28
CA VAL A 1671 -80.61 1.54 -13.39
C VAL A 1671 -79.11 1.54 -13.13
N PHE A 1672 -78.32 1.78 -14.17
CA PHE A 1672 -76.89 2.01 -13.97
C PHE A 1672 -76.68 3.17 -13.02
N THR A 1673 -77.40 4.26 -13.23
CA THR A 1673 -77.42 5.34 -12.25
C THR A 1673 -77.85 4.82 -10.89
N THR A 1674 -78.93 4.04 -10.86
CA THR A 1674 -79.32 3.37 -9.64
C THR A 1674 -78.17 2.50 -9.14
N TYR A 1675 -77.53 1.76 -10.05
CA TYR A 1675 -76.31 1.05 -9.71
C TYR A 1675 -75.30 2.00 -9.09
N ILE A 1676 -75.05 3.12 -9.77
CA ILE A 1676 -74.21 4.16 -9.18
C ILE A 1676 -74.77 4.57 -7.83
N SER A 1677 -76.09 4.84 -7.79
CA SER A 1677 -76.74 5.15 -6.53
C SER A 1677 -76.44 4.08 -5.49
N LEU A 1678 -76.49 2.81 -5.89
CA LEU A 1678 -76.18 1.72 -4.98
C LEU A 1678 -74.79 1.93 -4.38
N LEU A 1679 -73.80 2.12 -5.23
CA LEU A 1679 -72.46 2.40 -4.75
C LEU A 1679 -72.31 3.84 -4.27
N ALA A 1680 -73.24 4.72 -4.62
CA ALA A 1680 -73.25 6.05 -4.03
C ALA A 1680 -73.61 5.98 -2.55
N ASP A 1681 -74.48 5.06 -2.17
CA ASP A 1681 -74.84 4.87 -0.77
C ASP A 1681 -73.62 4.44 0.03
N THR A 1682 -73.13 5.32 0.90
CA THR A 1682 -71.95 5.04 1.69
C THR A 1682 -72.26 4.26 2.95
N LYS A 1683 -73.50 4.31 3.44
CA LYS A 1683 -73.86 3.61 4.67
C LYS A 1683 -73.82 2.11 4.51
N LEU A 1684 -73.74 1.60 3.28
CA LEU A 1684 -73.58 0.17 3.08
C LEU A 1684 -72.23 -0.29 3.63
N ASP A 1685 -72.22 -1.50 4.18
CA ASP A 1685 -70.96 -2.11 4.56
C ASP A 1685 -70.10 -2.30 3.31
N LEU A 1686 -68.78 -2.13 3.49
CA LEU A 1686 -67.86 -2.37 2.39
C LEU A 1686 -67.99 -3.79 1.88
N HIS A 1687 -68.41 -4.72 2.75
CA HIS A 1687 -68.79 -6.05 2.29
C HIS A 1687 -69.93 -5.96 1.28
N LEU A 1688 -70.99 -5.21 1.63
CA LEU A 1688 -72.11 -5.05 0.71
C LEU A 1688 -71.69 -4.28 -0.53
N LYS A 1689 -70.81 -3.31 -0.36
CA LYS A 1689 -70.33 -2.55 -1.50
C LYS A 1689 -69.59 -3.45 -2.48
N GLY A 1690 -68.75 -4.35 -1.97
CA GLY A 1690 -68.06 -5.28 -2.83
C GLY A 1690 -68.95 -6.30 -3.49
N GLN A 1691 -69.93 -6.84 -2.75
CA GLN A 1691 -70.85 -7.77 -3.39
C GLN A 1691 -71.65 -7.04 -4.47
N ALA A 1692 -71.88 -5.75 -4.28
CA ALA A 1692 -72.49 -4.94 -5.34
C ALA A 1692 -71.57 -4.83 -6.55
N VAL A 1693 -70.32 -4.43 -6.33
CA VAL A 1693 -69.43 -4.12 -7.44
C VAL A 1693 -69.04 -5.39 -8.17
N THR A 1694 -69.37 -6.55 -7.60
CA THR A 1694 -69.17 -7.81 -8.31
C THR A 1694 -69.80 -7.81 -9.70
N LEU A 1695 -70.65 -6.84 -10.01
CA LEU A 1695 -71.31 -6.71 -11.30
C LEU A 1695 -70.43 -6.00 -12.33
N LEU A 1696 -69.23 -5.55 -11.92
CA LEU A 1696 -68.41 -4.75 -12.81
C LEU A 1696 -68.02 -5.40 -14.14
N PRO A 1697 -67.91 -6.73 -14.28
CA PRO A 1697 -67.63 -7.27 -15.62
C PRO A 1697 -68.71 -6.93 -16.63
N PHE A 1698 -69.89 -6.55 -16.18
CA PHE A 1698 -71.00 -6.19 -17.05
C PHE A 1698 -70.92 -4.74 -17.50
N PHE A 1699 -69.74 -4.14 -17.47
CA PHE A 1699 -69.56 -2.76 -17.88
C PHE A 1699 -68.25 -2.56 -18.62
N LEU A 1707 -68.35 6.91 -19.01
CA LEU A 1707 -67.55 5.72 -18.76
C LEU A 1707 -66.47 6.03 -17.75
N GLU A 1708 -66.39 7.30 -17.40
CA GLU A 1708 -65.36 7.79 -16.50
C GLU A 1708 -65.85 7.77 -15.05
N GLU A 1709 -67.17 7.85 -14.89
CA GLU A 1709 -67.81 7.76 -13.59
C GLU A 1709 -67.42 6.48 -12.87
N LEU A 1710 -67.19 5.41 -13.63
CA LEU A 1710 -66.77 4.15 -13.05
C LEU A 1710 -65.57 4.34 -12.15
N ARG A 1711 -64.45 4.77 -12.72
CA ARG A 1711 -63.25 4.95 -11.91
C ARG A 1711 -63.38 6.10 -10.92
N ARG A 1712 -64.14 7.15 -11.24
CA ARG A 1712 -64.39 8.15 -10.20
C ARG A 1712 -64.93 7.49 -8.93
N VAL A 1713 -66.04 6.77 -9.05
CA VAL A 1713 -66.66 6.20 -7.86
C VAL A 1713 -65.78 5.11 -7.27
N LEU A 1714 -65.03 4.39 -8.12
CA LEU A 1714 -64.05 3.44 -7.60
C LEU A 1714 -63.12 4.11 -6.62
N GLU A 1715 -62.53 5.23 -7.03
CA GLU A 1715 -61.63 5.96 -6.16
C GLU A 1715 -62.35 6.44 -4.91
N GLN A 1716 -63.51 7.07 -5.10
CA GLN A 1716 -64.24 7.66 -3.98
C GLN A 1716 -64.65 6.63 -2.95
N LEU A 1717 -64.80 5.37 -3.36
CA LEU A 1717 -65.15 4.34 -2.38
C LEU A 1717 -63.91 3.71 -1.77
N ILE A 1718 -62.95 3.30 -2.60
CA ILE A 1718 -61.78 2.60 -2.09
C ILE A 1718 -60.93 3.49 -1.20
N VAL A 1719 -61.06 4.82 -1.33
CA VAL A 1719 -60.30 5.70 -0.46
C VAL A 1719 -60.69 5.52 1.00
N ALA A 1720 -61.97 5.24 1.25
CA ALA A 1720 -62.47 5.09 2.61
C ALA A 1720 -62.18 3.72 3.21
N HIS A 1721 -61.28 2.94 2.62
CA HIS A 1721 -61.01 1.58 3.08
C HIS A 1721 -59.57 1.36 3.50
N PHE A 1722 -58.62 1.75 2.67
CA PHE A 1722 -57.21 1.43 2.86
C PHE A 1722 -56.40 2.72 2.82
N PRO A 1723 -56.40 3.48 3.92
CA PRO A 1723 -55.65 4.75 3.94
C PRO A 1723 -54.15 4.55 3.83
N MET A 1724 -53.57 3.73 4.70
CA MET A 1724 -52.12 3.50 4.69
C MET A 1724 -51.76 2.05 4.44
N GLN A 1725 -52.26 1.12 5.25
CA GLN A 1725 -51.88 -0.28 5.16
C GLN A 1725 -53.13 -1.14 5.12
N SER A 1726 -52.91 -2.45 5.08
CA SER A 1726 -53.94 -3.43 5.40
C SER A 1726 -53.74 -4.05 6.78
N ARG A 1727 -52.53 -3.99 7.33
CA ARG A 1727 -52.24 -4.49 8.65
C ARG A 1727 -52.42 -3.44 9.74
N GLU A 1728 -52.69 -2.18 9.37
CA GLU A 1728 -53.00 -1.17 10.35
C GLU A 1728 -54.25 -1.53 11.15
N PHE A 1729 -55.13 -2.33 10.58
CA PHE A 1729 -56.21 -3.02 11.28
C PHE A 1729 -55.81 -4.47 11.51
N PRO A 1730 -55.83 -4.93 12.76
CA PRO A 1730 -55.13 -6.17 13.11
C PRO A 1730 -55.65 -7.36 12.31
N PRO A 1731 -54.75 -8.26 11.92
CA PRO A 1731 -55.17 -9.44 11.16
C PRO A 1731 -56.04 -10.37 11.98
N GLY A 1732 -56.87 -11.14 11.29
CA GLY A 1732 -57.78 -12.03 11.98
C GLY A 1732 -58.89 -11.32 12.70
N THR A 1733 -59.14 -10.06 12.37
CA THR A 1733 -60.15 -9.23 12.99
C THR A 1733 -61.19 -8.82 11.97
N PRO A 1734 -62.40 -8.45 12.41
CA PRO A 1734 -63.47 -8.15 11.44
C PRO A 1734 -63.07 -7.16 10.36
N ARG A 1735 -62.36 -6.09 10.71
CA ARG A 1735 -61.91 -5.15 9.69
C ARG A 1735 -61.01 -5.84 8.68
N PHE A 1736 -59.96 -6.50 9.17
CA PHE A 1736 -59.04 -7.22 8.30
C PHE A 1736 -59.76 -8.28 7.49
N ASN A 1737 -60.70 -8.99 8.13
CA ASN A 1737 -61.42 -10.04 7.43
C ASN A 1737 -62.23 -9.48 6.28
N ASN A 1738 -62.98 -8.40 6.52
CA ASN A 1738 -63.72 -7.76 5.43
C ASN A 1738 -62.77 -7.24 4.35
N TYR A 1739 -61.59 -6.79 4.75
CA TYR A 1739 -60.63 -6.30 3.77
C TYR A 1739 -60.18 -7.42 2.84
N VAL A 1740 -59.85 -8.59 3.41
CA VAL A 1740 -59.44 -9.68 2.55
C VAL A 1740 -60.61 -10.12 1.67
N ASP A 1741 -61.83 -10.09 2.21
CA ASP A 1741 -63.00 -10.40 1.40
C ASP A 1741 -63.09 -9.48 0.19
N CYS A 1742 -63.04 -8.17 0.44
CA CYS A 1742 -63.25 -7.24 -0.67
C CYS A 1742 -62.11 -7.30 -1.66
N MET A 1743 -60.88 -7.46 -1.19
CA MET A 1743 -59.78 -7.54 -2.15
C MET A 1743 -59.92 -8.78 -3.03
N LYS A 1744 -60.36 -9.91 -2.45
CA LYS A 1744 -60.67 -11.06 -3.27
C LYS A 1744 -61.76 -10.73 -4.29
N LYS A 1745 -62.80 -10.01 -3.84
CA LYS A 1745 -63.89 -9.67 -4.74
C LYS A 1745 -63.40 -8.87 -5.94
N PHE A 1746 -62.61 -7.82 -5.69
CA PHE A 1746 -62.08 -7.03 -6.81
C PHE A 1746 -61.20 -7.89 -7.69
N LEU A 1747 -60.33 -8.68 -7.07
CA LEU A 1747 -59.37 -9.44 -7.85
C LEU A 1747 -60.09 -10.37 -8.81
N ASP A 1748 -61.11 -11.09 -8.33
CA ASP A 1748 -61.81 -12.02 -9.21
C ASP A 1748 -62.66 -11.30 -10.26
N ALA A 1749 -63.40 -10.27 -9.84
CA ALA A 1749 -64.28 -9.59 -10.80
C ALA A 1749 -63.46 -8.97 -11.92
N LEU A 1750 -62.32 -8.38 -11.57
CA LEU A 1750 -61.40 -7.89 -12.58
C LEU A 1750 -60.75 -9.00 -13.39
N GLU A 1751 -60.39 -10.11 -12.76
CA GLU A 1751 -59.80 -11.21 -13.50
C GLU A 1751 -60.72 -11.62 -14.64
N LEU A 1752 -62.01 -11.74 -14.34
CA LEU A 1752 -62.97 -11.99 -15.42
C LEU A 1752 -63.04 -10.81 -16.37
N SER A 1753 -63.06 -9.58 -15.84
CA SER A 1753 -63.27 -8.41 -16.68
C SER A 1753 -62.06 -8.11 -17.55
N GLN A 1754 -60.86 -8.18 -16.96
CA GLN A 1754 -59.63 -7.73 -17.62
C GLN A 1754 -59.75 -6.27 -18.07
N SER A 1755 -60.14 -5.43 -17.11
CA SER A 1755 -60.26 -4.00 -17.34
C SER A 1755 -59.03 -3.30 -16.78
N PRO A 1756 -58.47 -2.30 -17.46
CA PRO A 1756 -57.17 -1.77 -17.01
C PRO A 1756 -57.28 -0.97 -15.72
N MET A 1757 -58.18 0.01 -15.68
CA MET A 1757 -58.19 0.98 -14.59
C MET A 1757 -58.23 0.31 -13.25
N LEU A 1758 -59.03 -0.75 -13.12
CA LEU A 1758 -59.05 -1.55 -11.91
C LEU A 1758 -57.68 -2.17 -11.66
N LEU A 1759 -57.04 -2.66 -12.72
CA LEU A 1759 -55.70 -3.25 -12.58
C LEU A 1759 -54.74 -2.27 -11.94
N GLU A 1760 -54.66 -1.04 -12.47
CA GLU A 1760 -53.76 -0.09 -11.83
C GLU A 1760 -54.19 0.15 -10.39
N LEU A 1761 -55.45 0.53 -10.17
CA LEU A 1761 -55.86 0.95 -8.83
C LEU A 1761 -55.46 -0.07 -7.78
N MET A 1762 -55.79 -1.34 -8.03
CA MET A 1762 -55.42 -2.38 -7.09
C MET A 1762 -53.91 -2.58 -7.07
N THR A 1763 -53.22 -2.22 -8.14
CA THR A 1763 -51.75 -2.34 -8.12
C THR A 1763 -51.13 -1.31 -7.20
N GLU A 1764 -51.47 -0.03 -7.36
CA GLU A 1764 -50.78 0.94 -6.50
C GLU A 1764 -51.19 0.74 -5.05
N VAL A 1765 -52.46 0.41 -4.80
CA VAL A 1765 -52.82 0.17 -3.41
C VAL A 1765 -52.08 -1.06 -2.90
N LEU A 1766 -51.83 -2.03 -3.77
CA LEU A 1766 -50.92 -3.12 -3.43
C LEU A 1766 -49.48 -2.63 -3.35
N CYS A 1767 -49.08 -1.74 -4.25
CA CYS A 1767 -47.70 -1.31 -4.31
C CYS A 1767 -47.43 -0.20 -3.31
N ARG A 1768 -47.86 -0.39 -2.07
CA ARG A 1768 -47.50 0.48 -0.96
C ARG A 1768 -46.74 -0.26 0.12
N GLU A 1769 -47.24 -1.41 0.55
CA GLU A 1769 -46.58 -2.24 1.54
C GLU A 1769 -46.33 -3.61 0.93
N GLN A 1770 -45.11 -4.11 1.09
CA GLN A 1770 -44.73 -5.36 0.45
C GLN A 1770 -45.47 -6.52 1.09
N GLN A 1771 -46.28 -7.22 0.30
CA GLN A 1771 -47.03 -8.40 0.73
C GLN A 1771 -47.90 -8.05 1.95
N HIS A 1772 -48.84 -7.16 1.71
CA HIS A 1772 -49.84 -6.82 2.71
C HIS A 1772 -51.25 -7.10 2.24
N VAL A 1773 -51.45 -7.38 0.96
CA VAL A 1773 -52.76 -7.63 0.40
C VAL A 1773 -52.74 -8.92 -0.41
N MET A 1774 -51.92 -9.87 0.01
CA MET A 1774 -51.90 -11.23 -0.54
C MET A 1774 -51.55 -11.22 -2.03
N GLU A 1775 -50.32 -10.80 -2.31
CA GLU A 1775 -49.87 -10.59 -3.68
C GLU A 1775 -49.70 -11.88 -4.47
N GLU A 1776 -49.78 -13.04 -3.82
CA GLU A 1776 -49.85 -14.29 -4.58
C GLU A 1776 -51.12 -14.34 -5.42
N LEU A 1777 -52.25 -13.90 -4.85
CA LEU A 1777 -53.46 -13.77 -5.63
C LEU A 1777 -53.25 -12.77 -6.77
N PHE A 1778 -52.50 -11.72 -6.48
CA PHE A 1778 -52.14 -10.71 -7.47
C PHE A 1778 -51.44 -11.34 -8.67
N GLN A 1779 -50.37 -12.09 -8.43
CA GLN A 1779 -49.65 -12.70 -9.55
C GLN A 1779 -50.46 -13.77 -10.24
N SER A 1780 -51.25 -14.54 -9.50
CA SER A 1780 -52.11 -15.52 -10.14
C SER A 1780 -53.12 -14.84 -11.04
N SER A 1781 -53.64 -13.69 -10.62
CA SER A 1781 -54.55 -12.93 -11.45
C SER A 1781 -53.86 -12.47 -12.73
N PHE A 1782 -52.62 -12.04 -12.63
CA PHE A 1782 -51.86 -11.77 -13.85
C PHE A 1782 -51.80 -12.99 -14.76
N ARG A 1783 -51.54 -14.17 -14.19
CA ARG A 1783 -51.45 -15.36 -15.04
C ARG A 1783 -52.78 -15.63 -15.75
N ARG A 1784 -53.88 -15.68 -14.99
CA ARG A 1784 -55.16 -16.01 -15.61
C ARG A 1784 -55.69 -14.89 -16.49
N ILE A 1785 -55.16 -13.68 -16.37
CA ILE A 1785 -55.52 -12.63 -17.32
C ILE A 1785 -54.70 -12.76 -18.58
N ALA A 1786 -53.38 -12.90 -18.44
CA ALA A 1786 -52.52 -12.95 -19.61
C ALA A 1786 -52.78 -14.19 -20.44
N ARG A 1787 -53.36 -15.24 -19.87
CA ARG A 1787 -53.79 -16.34 -20.73
C ARG A 1787 -55.02 -15.97 -21.55
N ARG A 1788 -55.91 -15.16 -21.00
CA ARG A 1788 -57.14 -14.81 -21.68
C ARG A 1788 -56.98 -13.48 -22.43
N GLY A 1789 -58.08 -13.01 -23.01
CA GLY A 1789 -58.13 -11.71 -23.64
C GLY A 1789 -57.44 -11.64 -24.99
N SER A 1790 -57.89 -10.71 -25.84
CA SER A 1790 -57.24 -10.49 -27.11
C SER A 1790 -55.87 -9.85 -26.92
N CYS A 1791 -54.97 -10.11 -27.86
CA CYS A 1791 -53.62 -9.57 -27.75
C CYS A 1791 -53.64 -8.05 -27.67
N VAL A 1792 -54.50 -7.41 -28.46
CA VAL A 1792 -54.58 -5.96 -28.44
C VAL A 1792 -55.08 -5.46 -27.09
N THR A 1793 -56.02 -6.19 -26.49
CA THR A 1793 -56.50 -5.82 -25.16
C THR A 1793 -55.37 -5.89 -24.15
N GLN A 1794 -54.60 -6.98 -24.19
CA GLN A 1794 -53.47 -7.13 -23.28
C GLN A 1794 -52.46 -6.01 -23.48
N VAL A 1795 -52.17 -5.66 -24.74
CA VAL A 1795 -51.23 -4.58 -25.02
C VAL A 1795 -51.76 -3.26 -24.47
N GLY A 1796 -53.07 -3.04 -24.58
CA GLY A 1796 -53.63 -1.83 -24.00
C GLY A 1796 -53.44 -1.78 -22.49
N LEU A 1797 -53.69 -2.91 -21.81
CA LEU A 1797 -53.45 -2.95 -20.38
C LEU A 1797 -51.98 -2.67 -20.05
N LEU A 1798 -51.08 -3.28 -20.80
CA LEU A 1798 -49.66 -3.08 -20.55
C LEU A 1798 -49.26 -1.64 -20.77
N GLU A 1799 -49.79 -0.99 -21.82
CA GLU A 1799 -49.47 0.40 -22.06
C GLU A 1799 -50.00 1.29 -20.94
N SER A 1800 -51.21 0.99 -20.46
CA SER A 1800 -51.76 1.79 -19.36
C SER A 1800 -50.89 1.67 -18.11
N VAL A 1801 -50.53 0.44 -17.74
CA VAL A 1801 -49.74 0.25 -16.54
C VAL A 1801 -48.30 0.69 -16.73
N TYR A 1802 -47.86 0.82 -17.97
CA TYR A 1802 -46.58 1.45 -18.24
C TYR A 1802 -46.66 2.96 -18.05
N GLU A 1803 -47.76 3.56 -18.52
CA GLU A 1803 -47.92 4.99 -18.42
C GLU A 1803 -48.10 5.44 -16.99
N MET A 1804 -48.73 4.61 -16.15
CA MET A 1804 -48.90 5.01 -14.76
C MET A 1804 -47.57 5.16 -14.03
N PHE A 1805 -46.46 4.68 -14.61
CA PHE A 1805 -45.16 4.81 -13.97
C PHE A 1805 -44.70 6.24 -13.83
N ARG A 1806 -45.33 7.19 -14.50
CA ARG A 1806 -44.93 8.59 -14.42
C ARG A 1806 -46.10 9.51 -14.77
N THR A 1815 -41.62 2.11 -3.37
CA THR A 1815 -41.78 3.52 -3.73
C THR A 1815 -42.41 3.69 -5.10
N ARG A 1816 -42.15 4.84 -5.73
CA ARG A 1816 -42.56 5.04 -7.11
C ARG A 1816 -42.03 3.91 -7.97
N GLN A 1817 -40.84 3.43 -7.66
CA GLN A 1817 -40.26 2.26 -8.32
C GLN A 1817 -41.17 1.05 -8.18
N SER A 1818 -41.61 0.77 -6.95
CA SER A 1818 -42.27 -0.50 -6.62
C SER A 1818 -43.50 -0.77 -7.46
N PHE A 1819 -44.01 0.23 -8.18
CA PHE A 1819 -45.21 0.04 -8.99
C PHE A 1819 -45.01 -1.08 -10.01
N VAL A 1820 -44.07 -0.87 -10.93
CA VAL A 1820 -43.75 -1.88 -11.93
C VAL A 1820 -43.13 -3.10 -11.28
N ASP A 1821 -42.34 -2.89 -10.23
CA ASP A 1821 -41.52 -3.97 -9.68
C ASP A 1821 -42.37 -5.16 -9.28
N ARG A 1822 -43.43 -4.91 -8.54
CA ARG A 1822 -44.25 -6.01 -8.02
C ARG A 1822 -45.10 -6.66 -9.09
N SER A 1823 -45.45 -5.93 -10.14
CA SER A 1823 -46.59 -6.28 -10.98
C SER A 1823 -46.22 -6.73 -12.39
N LEU A 1824 -45.48 -5.90 -13.13
CA LEU A 1824 -45.39 -6.07 -14.57
C LEU A 1824 -44.78 -7.40 -14.96
N LEU A 1825 -43.62 -7.72 -14.39
CA LEU A 1825 -42.85 -8.89 -14.80
C LEU A 1825 -43.71 -10.13 -14.98
N THR A 1826 -44.71 -10.31 -14.11
CA THR A 1826 -45.52 -11.51 -14.13
C THR A 1826 -46.26 -11.65 -15.46
N LEU A 1827 -47.16 -10.72 -15.74
CA LEU A 1827 -47.97 -10.84 -16.95
C LEU A 1827 -47.17 -10.56 -18.19
N LEU A 1828 -46.07 -9.79 -18.11
CA LEU A 1828 -45.19 -9.71 -19.27
C LEU A 1828 -44.60 -11.06 -19.61
N TRP A 1829 -44.24 -11.86 -18.61
CA TRP A 1829 -43.77 -13.20 -18.97
C TRP A 1829 -44.91 -14.06 -19.48
N HIS A 1830 -46.10 -13.91 -18.92
CA HIS A 1830 -47.25 -14.72 -19.32
C HIS A 1830 -47.95 -14.18 -20.55
N CYS A 1831 -47.47 -13.07 -21.12
CA CYS A 1831 -48.17 -12.45 -22.23
C CYS A 1831 -48.13 -13.34 -23.47
N SER A 1832 -49.14 -13.19 -24.31
CA SER A 1832 -49.13 -13.84 -25.61
C SER A 1832 -48.06 -13.22 -26.49
N LEU A 1833 -47.34 -14.07 -27.21
CA LEU A 1833 -46.17 -13.61 -27.96
C LEU A 1833 -46.55 -12.62 -29.06
N ASP A 1834 -47.75 -12.75 -29.62
CA ASP A 1834 -48.20 -11.76 -30.60
C ASP A 1834 -48.34 -10.39 -29.94
N ALA A 1835 -49.01 -10.34 -28.79
CA ALA A 1835 -49.05 -9.12 -28.02
C ALA A 1835 -47.66 -8.69 -27.59
N LEU A 1836 -46.76 -9.65 -27.40
CA LEU A 1836 -45.36 -9.32 -27.08
C LEU A 1836 -44.73 -8.52 -28.22
N ARG A 1837 -44.90 -8.99 -29.45
CA ARG A 1837 -44.37 -8.26 -30.61
C ARG A 1837 -45.03 -6.89 -30.73
N GLU A 1838 -46.35 -6.84 -30.52
CA GLU A 1838 -47.07 -5.58 -30.62
C GLU A 1838 -46.52 -4.56 -29.63
N PHE A 1839 -46.42 -4.95 -28.36
CA PHE A 1839 -45.94 -4.02 -27.34
C PHE A 1839 -44.47 -3.68 -27.53
N PHE A 1840 -43.66 -4.65 -27.97
CA PHE A 1840 -42.29 -4.36 -28.35
C PHE A 1840 -42.24 -3.21 -29.35
N SER A 1841 -42.81 -3.45 -30.54
CA SER A 1841 -42.80 -2.45 -31.59
C SER A 1841 -43.39 -1.13 -31.11
N THR A 1842 -44.33 -1.19 -30.15
CA THR A 1842 -44.84 0.03 -29.55
C THR A 1842 -43.77 0.78 -28.78
N ILE A 1843 -42.96 0.07 -27.99
CA ILE A 1843 -42.10 0.72 -27.01
C ILE A 1843 -40.64 0.76 -27.44
N VAL A 1844 -40.33 0.36 -28.67
CA VAL A 1844 -38.94 0.27 -29.12
C VAL A 1844 -38.21 1.58 -28.85
N VAL A 1845 -38.62 2.64 -29.53
CA VAL A 1845 -37.95 3.92 -29.35
C VAL A 1845 -38.35 4.58 -28.05
N ASP A 1846 -39.53 4.25 -27.51
CA ASP A 1846 -39.93 4.77 -26.21
C ASP A 1846 -38.94 4.38 -25.13
N ALA A 1847 -38.30 3.23 -25.28
CA ALA A 1847 -37.27 2.80 -24.35
C ALA A 1847 -35.86 3.12 -24.84
N ILE A 1848 -35.66 3.21 -26.15
CA ILE A 1848 -34.33 3.51 -26.67
C ILE A 1848 -33.86 4.88 -26.18
N ASP A 1849 -34.70 5.90 -26.36
CA ASP A 1849 -34.32 7.26 -26.02
C ASP A 1849 -34.03 7.39 -24.53
N VAL A 1850 -34.93 6.88 -23.70
CA VAL A 1850 -34.82 7.05 -22.25
C VAL A 1850 -33.65 6.27 -21.66
N LEU A 1851 -33.03 5.39 -22.46
CA LEU A 1851 -31.83 4.71 -21.99
C LEU A 1851 -30.73 5.67 -21.61
N LYS A 1852 -30.76 6.89 -22.14
CA LYS A 1852 -29.74 7.88 -21.86
C LYS A 1852 -30.20 8.83 -20.76
N THR A 1862 -33.87 14.55 -8.67
CA THR A 1862 -32.94 13.73 -7.91
C THR A 1862 -32.58 12.49 -8.72
N PHE A 1863 -31.43 11.89 -8.41
CA PHE A 1863 -30.91 10.79 -9.20
C PHE A 1863 -31.87 9.62 -9.27
N ASP A 1864 -32.73 9.47 -8.26
CA ASP A 1864 -33.56 8.27 -8.14
C ASP A 1864 -34.43 8.05 -9.37
N THR A 1865 -34.89 9.14 -9.99
CA THR A 1865 -35.88 9.04 -11.05
C THR A 1865 -35.37 8.20 -12.21
N GLN A 1866 -34.30 8.65 -12.86
CA GLN A 1866 -33.83 8.00 -14.07
C GLN A 1866 -33.33 6.59 -13.78
N ILE A 1867 -32.67 6.39 -12.64
CA ILE A 1867 -32.15 5.06 -12.34
C ILE A 1867 -33.31 4.08 -12.12
N THR A 1868 -34.36 4.53 -11.43
CA THR A 1868 -35.53 3.67 -11.25
C THR A 1868 -36.22 3.38 -12.57
N LYS A 1869 -36.34 4.39 -13.43
CA LYS A 1869 -36.95 4.15 -14.73
C LYS A 1869 -36.16 3.11 -15.51
N LYS A 1870 -34.83 3.21 -15.50
CA LYS A 1870 -34.02 2.24 -16.22
C LYS A 1870 -34.05 0.88 -15.53
N MET A 1871 -34.25 0.84 -14.22
CA MET A 1871 -34.63 -0.42 -13.56
C MET A 1871 -35.78 -1.06 -14.29
N GLY A 1872 -36.87 -0.29 -14.43
CA GLY A 1872 -38.03 -0.80 -15.12
C GLY A 1872 -37.70 -1.26 -16.52
N TYR A 1873 -36.88 -0.50 -17.23
CA TYR A 1873 -36.63 -0.81 -18.63
C TYR A 1873 -35.83 -2.10 -18.79
N TYR A 1874 -34.77 -2.27 -17.99
CA TYR A 1874 -34.03 -3.52 -18.03
C TYR A 1874 -34.94 -4.69 -17.68
N LYS A 1875 -35.71 -4.54 -16.59
CA LYS A 1875 -36.49 -5.66 -16.11
C LYS A 1875 -37.70 -5.96 -16.98
N ILE A 1876 -38.06 -5.08 -17.89
CA ILE A 1876 -39.13 -5.41 -18.84
C ILE A 1876 -38.57 -5.92 -20.16
N LEU A 1877 -37.41 -5.44 -20.57
CA LEU A 1877 -36.84 -5.94 -21.82
C LEU A 1877 -36.25 -7.33 -21.67
N ASP A 1878 -35.64 -7.63 -20.52
CA ASP A 1878 -34.94 -8.91 -20.39
C ASP A 1878 -35.89 -10.09 -20.58
N VAL A 1879 -37.08 -10.03 -19.99
CA VAL A 1879 -38.00 -11.15 -20.09
C VAL A 1879 -38.51 -11.31 -21.51
N MET A 1880 -38.83 -10.21 -22.19
CA MET A 1880 -39.31 -10.30 -23.55
C MET A 1880 -38.21 -10.64 -24.54
N TYR A 1881 -36.95 -10.62 -24.11
CA TYR A 1881 -35.87 -11.12 -24.95
C TYR A 1881 -35.91 -12.60 -25.13
N SER A 1882 -36.95 -13.27 -24.63
CA SER A 1882 -37.01 -14.73 -24.70
C SER A 1882 -37.32 -15.25 -26.09
N ARG A 1883 -37.70 -14.40 -27.04
CA ARG A 1883 -38.37 -14.88 -28.25
C ARG A 1883 -37.46 -15.02 -29.46
N LEU A 1884 -36.90 -13.93 -29.97
CA LEU A 1884 -36.39 -13.91 -31.33
C LEU A 1884 -35.51 -12.67 -31.51
N PRO A 1885 -34.71 -12.62 -32.59
CA PRO A 1885 -34.02 -11.41 -33.01
C PRO A 1885 -34.86 -10.55 -33.94
N ASN A 1909 -36.69 -5.61 -37.68
CA ASN A 1909 -35.84 -4.42 -37.76
C ASN A 1909 -34.37 -4.81 -37.72
N GLU A 1910 -33.48 -3.80 -37.72
CA GLU A 1910 -32.05 -4.04 -37.71
C GLU A 1910 -31.26 -3.16 -36.75
N LEU A 1911 -31.89 -2.20 -36.07
CA LEU A 1911 -31.16 -1.30 -35.19
C LEU A 1911 -30.70 -2.02 -33.92
N THR A 1912 -31.48 -3.00 -33.47
CA THR A 1912 -31.27 -3.63 -32.16
C THR A 1912 -29.85 -4.13 -31.99
N LYS A 1913 -29.20 -4.53 -33.09
CA LYS A 1913 -27.84 -5.06 -33.05
C LYS A 1913 -26.90 -4.15 -32.26
N THR A 1914 -27.22 -2.86 -32.14
CA THR A 1914 -26.37 -1.97 -31.36
C THR A 1914 -26.78 -1.89 -29.90
N LEU A 1915 -28.09 -1.78 -29.66
CA LEU A 1915 -28.63 -1.45 -28.35
C LEU A 1915 -27.99 -2.28 -27.25
N ILE A 1916 -27.63 -3.52 -27.57
CA ILE A 1916 -27.09 -4.45 -26.58
C ILE A 1916 -25.90 -3.84 -25.85
N LYS A 1917 -24.90 -3.38 -26.60
CA LYS A 1917 -23.71 -2.86 -25.95
C LYS A 1917 -24.06 -1.70 -25.05
N LEU A 1918 -25.11 -0.95 -25.39
CA LEU A 1918 -25.47 0.24 -24.66
C LEU A 1918 -25.82 -0.06 -23.21
N CYS A 1919 -26.11 -1.32 -22.88
CA CYS A 1919 -26.36 -1.65 -21.49
C CYS A 1919 -25.22 -2.43 -20.84
N TYR A 1920 -24.33 -3.03 -21.63
CA TYR A 1920 -23.24 -3.79 -21.03
C TYR A 1920 -22.37 -2.90 -20.16
N ASP A 1921 -21.91 -1.79 -20.73
CA ASP A 1921 -21.19 -0.77 -19.98
C ASP A 1921 -21.90 -0.40 -18.70
N ALA A 1922 -23.23 -0.53 -18.67
CA ALA A 1922 -24.01 -0.12 -17.51
C ALA A 1922 -23.64 -0.89 -16.26
N PHE A 1923 -22.99 -2.04 -16.40
CA PHE A 1923 -22.44 -2.70 -15.22
C PHE A 1923 -21.00 -2.26 -14.94
N THR A 1924 -20.23 -2.02 -15.99
CA THR A 1924 -18.80 -1.74 -15.86
C THR A 1924 -18.60 -0.28 -15.47
N GLU A 1925 -18.66 -0.03 -14.17
CA GLU A 1925 -18.38 1.29 -13.62
C GLU A 1925 -17.59 1.15 -12.33
N ASN A 1926 -16.66 2.07 -12.12
CA ASN A 1926 -15.84 2.07 -10.91
C ASN A 1926 -16.22 3.24 -10.00
N LEU A 1934 -27.87 4.95 -3.17
CA LEU A 1934 -26.49 4.55 -3.44
C LEU A 1934 -26.44 3.07 -3.79
N GLU A 1935 -27.11 2.25 -2.97
CA GLU A 1935 -27.28 0.84 -3.30
C GLU A 1935 -28.03 0.67 -4.60
N ARG A 1936 -28.82 1.67 -5.00
CA ARG A 1936 -29.49 1.64 -6.29
C ARG A 1936 -28.51 1.52 -7.43
N ARG A 1937 -27.26 1.90 -7.21
CA ARG A 1937 -26.23 1.74 -8.24
C ARG A 1937 -25.84 0.28 -8.40
N ARG A 1938 -25.65 -0.43 -7.29
CA ARG A 1938 -25.35 -1.86 -7.37
C ARG A 1938 -26.52 -2.61 -7.99
N LEU A 1939 -27.74 -2.28 -7.56
CA LEU A 1939 -28.93 -2.86 -8.16
C LEU A 1939 -29.02 -2.48 -9.63
N TYR A 1940 -28.57 -1.27 -9.96
CA TYR A 1940 -28.55 -0.83 -11.34
C TYR A 1940 -27.68 -1.74 -12.18
N HIS A 1941 -26.47 -2.00 -11.69
CA HIS A 1941 -25.55 -2.86 -12.41
C HIS A 1941 -26.09 -4.27 -12.52
N CYS A 1942 -26.72 -4.76 -11.44
CA CYS A 1942 -27.28 -6.12 -11.47
C CYS A 1942 -28.39 -6.21 -12.51
N ALA A 1943 -29.32 -5.26 -12.51
CA ALA A 1943 -30.43 -5.31 -13.45
C ALA A 1943 -29.93 -5.19 -14.89
N ALA A 1944 -29.00 -4.28 -15.13
CA ALA A 1944 -28.44 -4.13 -16.47
C ALA A 1944 -27.73 -5.41 -16.90
N TYR A 1945 -27.00 -6.04 -15.98
CA TYR A 1945 -26.28 -7.25 -16.33
C TYR A 1945 -27.24 -8.38 -16.63
N ASN A 1946 -28.36 -8.47 -15.91
CA ASN A 1946 -29.35 -9.49 -16.21
C ASN A 1946 -30.00 -9.24 -17.57
N CYS A 1947 -30.25 -7.97 -17.90
CA CYS A 1947 -30.74 -7.66 -19.23
C CYS A 1947 -29.74 -8.08 -20.30
N ALA A 1948 -28.45 -7.86 -20.03
CA ALA A 1948 -27.40 -8.34 -20.93
C ALA A 1948 -27.41 -9.86 -21.02
N ILE A 1949 -27.66 -10.53 -19.91
CA ILE A 1949 -27.77 -11.99 -19.92
C ILE A 1949 -28.87 -12.41 -20.87
N SER A 1950 -30.01 -11.72 -20.82
CA SER A 1950 -31.11 -12.05 -21.71
C SER A 1950 -30.72 -11.84 -23.17
N VAL A 1951 -30.06 -10.72 -23.47
CA VAL A 1951 -29.72 -10.48 -24.87
C VAL A 1951 -28.66 -11.49 -25.34
N ILE A 1952 -27.85 -12.01 -24.43
CA ILE A 1952 -26.91 -13.05 -24.81
C ILE A 1952 -27.66 -14.34 -25.10
N CYS A 1953 -28.57 -14.72 -24.22
CA CYS A 1953 -29.20 -16.03 -24.35
C CYS A 1953 -30.15 -16.08 -25.53
N CYS A 1954 -30.79 -14.96 -25.88
CA CYS A 1954 -31.75 -14.97 -26.98
C CYS A 1954 -31.05 -15.36 -28.27
N VAL A 1955 -30.13 -14.52 -28.73
CA VAL A 1955 -29.32 -14.82 -29.90
C VAL A 1955 -27.89 -14.47 -29.54
N PHE A 1956 -26.94 -15.16 -30.18
CA PHE A 1956 -25.52 -14.99 -29.89
C PHE A 1956 -25.24 -15.28 -28.41
N ASN A 1957 -25.38 -16.56 -28.07
CA ASN A 1957 -25.05 -17.06 -26.75
C ASN A 1957 -23.67 -17.72 -26.71
N GLU A 1958 -22.74 -17.19 -27.51
CA GLU A 1958 -21.36 -17.75 -27.59
C GLU A 1958 -20.46 -16.72 -28.28
N LEU A 1959 -19.20 -17.09 -28.59
CA LEU A 1959 -18.26 -16.20 -29.33
C LEU A 1959 -17.66 -15.14 -28.39
N LYS A 1960 -17.58 -15.43 -27.08
CA LYS A 1960 -16.91 -14.52 -26.12
C LYS A 1960 -17.71 -13.23 -25.88
N PHE A 1961 -18.05 -12.94 -24.62
CA PHE A 1961 -18.77 -11.73 -24.26
C PHE A 1961 -18.05 -10.88 -23.21
N TYR A 1962 -16.77 -11.13 -22.99
CA TYR A 1962 -15.98 -10.45 -21.96
C TYR A 1962 -16.64 -10.58 -20.58
N GLN A 1963 -16.66 -11.82 -20.10
CA GLN A 1963 -17.01 -12.08 -18.71
C GLN A 1963 -15.85 -11.83 -17.78
N ASP A 2033 -72.97 -29.58 -17.91
CA ASP A 2033 -72.45 -30.93 -18.01
C ASP A 2033 -73.39 -31.95 -17.37
N SER A 2034 -73.01 -32.43 -16.19
CA SER A 2034 -73.83 -33.41 -15.50
C SER A 2034 -75.16 -32.81 -15.07
N THR A 2035 -76.21 -33.64 -15.10
CA THR A 2035 -77.51 -33.21 -14.62
C THR A 2035 -77.41 -32.68 -13.20
N LEU A 2036 -76.76 -33.44 -12.32
CA LEU A 2036 -76.60 -32.99 -10.94
C LEU A 2036 -75.79 -31.71 -10.89
N SER A 2037 -74.73 -31.62 -11.69
CA SER A 2037 -73.92 -30.41 -11.70
C SER A 2037 -74.74 -29.22 -12.12
N GLU A 2038 -75.52 -29.37 -13.18
CA GLU A 2038 -76.32 -28.26 -13.68
C GLU A 2038 -77.36 -27.83 -12.65
N GLU A 2039 -78.03 -28.79 -12.02
CA GLU A 2039 -79.07 -28.41 -11.06
C GLU A 2039 -78.47 -27.80 -9.80
N MET A 2040 -77.32 -28.29 -9.34
CA MET A 2040 -76.71 -27.67 -8.17
C MET A 2040 -76.18 -26.28 -8.49
N SER A 2041 -75.67 -26.09 -9.71
CA SER A 2041 -75.26 -24.75 -10.12
C SER A 2041 -76.46 -23.81 -10.14
N GLN A 2042 -77.59 -24.30 -10.65
CA GLN A 2042 -78.81 -23.49 -10.61
C GLN A 2042 -79.21 -23.20 -9.17
N PHE A 2043 -79.05 -24.18 -8.28
CA PHE A 2043 -79.35 -23.99 -6.87
C PHE A 2043 -78.50 -22.88 -6.29
N ASP A 2044 -77.21 -22.90 -6.58
CA ASP A 2044 -76.31 -21.87 -6.06
C ASP A 2044 -76.64 -20.51 -6.68
N PHE A 2045 -77.02 -20.49 -7.95
CA PHE A 2045 -77.47 -19.26 -8.59
C PHE A 2045 -78.67 -18.68 -7.86
N SER A 2046 -79.65 -19.52 -7.54
CA SER A 2046 -80.78 -19.09 -6.74
C SER A 2046 -80.28 -18.57 -5.39
N THR A 2047 -79.33 -19.27 -4.80
CA THR A 2047 -78.66 -18.78 -3.61
C THR A 2047 -77.82 -17.55 -3.92
N GLY A 2048 -77.28 -17.46 -5.14
CA GLY A 2048 -76.36 -16.41 -5.48
C GLY A 2048 -74.94 -16.65 -5.04
N VAL A 2049 -74.63 -17.83 -4.52
CA VAL A 2049 -73.28 -18.14 -4.05
C VAL A 2049 -72.67 -19.27 -4.85
N ARG A 2090 -28.84 -16.93 2.25
CA ARG A 2090 -29.78 -16.99 1.14
C ARG A 2090 -29.28 -16.16 -0.05
N HIS A 2091 -29.90 -15.00 -0.24
CA HIS A 2091 -29.53 -14.08 -1.32
C HIS A 2091 -29.61 -14.77 -2.67
N GLU A 2092 -30.83 -15.12 -3.05
CA GLU A 2092 -31.07 -15.75 -4.35
C GLU A 2092 -31.44 -14.63 -5.33
N CYS A 2093 -30.40 -14.07 -5.96
CA CYS A 2093 -30.58 -13.02 -6.94
C CYS A 2093 -29.82 -13.29 -8.24
N MET A 2094 -28.86 -14.19 -8.24
CA MET A 2094 -28.02 -14.47 -9.38
C MET A 2094 -28.39 -15.79 -10.05
N ALA A 2095 -29.58 -16.31 -9.78
CA ALA A 2095 -30.00 -17.57 -10.37
C ALA A 2095 -29.99 -17.56 -11.90
N PRO A 2096 -30.52 -16.54 -12.59
CA PRO A 2096 -30.48 -16.59 -14.06
C PRO A 2096 -29.07 -16.66 -14.60
N LEU A 2097 -28.12 -16.15 -13.84
CA LEU A 2097 -26.72 -16.27 -14.22
C LEU A 2097 -26.34 -17.74 -14.36
N THR A 2098 -26.60 -18.53 -13.32
CA THR A 2098 -26.31 -19.95 -13.36
C THR A 2098 -27.14 -20.64 -14.43
N ALA A 2099 -28.37 -20.17 -14.63
CA ALA A 2099 -29.21 -20.75 -15.69
C ALA A 2099 -28.54 -20.61 -17.04
N LEU A 2100 -28.06 -19.41 -17.37
CA LEU A 2100 -27.37 -19.20 -18.64
C LEU A 2100 -26.07 -19.99 -18.67
N VAL A 2101 -25.38 -20.11 -17.54
CA VAL A 2101 -24.15 -20.90 -17.51
C VAL A 2101 -24.42 -22.32 -17.94
N LYS A 2102 -25.42 -22.96 -17.33
CA LYS A 2102 -25.72 -24.33 -17.70
C LYS A 2102 -26.25 -24.40 -19.12
N HIS A 2103 -26.99 -23.38 -19.56
CA HIS A 2103 -27.50 -23.33 -20.92
C HIS A 2103 -26.38 -23.36 -21.93
N MET A 2104 -25.43 -22.44 -21.80
CA MET A 2104 -24.29 -22.44 -22.71
C MET A 2104 -23.43 -23.68 -22.52
N HIS A 2105 -23.46 -24.28 -21.33
CA HIS A 2105 -22.72 -25.50 -21.09
C HIS A 2105 -23.23 -26.63 -21.97
N ARG A 2106 -24.50 -26.99 -21.82
CA ARG A 2106 -24.99 -28.12 -22.61
C ARG A 2106 -25.29 -27.73 -24.05
N SER A 2107 -25.38 -26.44 -24.36
CA SER A 2107 -25.48 -26.02 -25.74
C SER A 2107 -24.15 -26.17 -26.47
N LEU A 2108 -23.05 -26.11 -25.73
CA LEU A 2108 -21.73 -26.23 -26.33
C LEU A 2108 -20.93 -27.33 -25.62
N ARG A 2120 -8.87 -26.34 -21.09
CA ARG A 2120 -10.31 -26.21 -21.29
C ARG A 2120 -10.81 -24.96 -20.60
N ASP A 2121 -11.65 -24.20 -21.29
CA ASP A 2121 -12.35 -23.08 -20.67
C ASP A 2121 -13.61 -22.81 -21.47
N LEU A 2122 -14.23 -21.66 -21.24
CA LEU A 2122 -15.48 -21.33 -21.87
C LEU A 2122 -15.35 -20.01 -22.63
N PRO A 2123 -16.35 -19.62 -23.43
CA PRO A 2123 -16.40 -18.21 -23.86
C PRO A 2123 -16.50 -17.27 -22.69
N SER A 2124 -16.89 -17.78 -21.51
CA SER A 2124 -16.79 -17.07 -20.25
C SER A 2124 -15.42 -17.25 -19.61
N TRP A 2125 -14.53 -18.02 -20.24
CA TRP A 2125 -13.17 -18.22 -19.76
C TRP A 2125 -13.20 -18.83 -18.35
N MET A 2126 -13.65 -20.08 -18.31
CA MET A 2126 -13.58 -20.85 -17.08
C MET A 2126 -12.20 -20.75 -16.44
N LYS A 2127 -11.16 -20.47 -17.24
CA LYS A 2127 -9.89 -20.03 -16.68
C LYS A 2127 -10.07 -18.80 -15.81
N PHE A 2128 -10.74 -17.77 -16.34
CA PHE A 2128 -10.95 -16.54 -15.59
C PHE A 2128 -11.79 -16.80 -14.34
N LEU A 2129 -12.81 -17.65 -14.45
CA LEU A 2129 -13.61 -17.98 -13.29
C LEU A 2129 -12.77 -18.67 -12.22
N HIS A 2130 -11.92 -19.61 -12.64
CA HIS A 2130 -11.07 -20.30 -11.68
C HIS A 2130 -10.10 -19.34 -11.01
N GLY A 2131 -9.54 -18.41 -11.78
CA GLY A 2131 -8.66 -17.41 -11.19
C GLY A 2131 -9.39 -16.52 -10.21
N LYS A 2132 -10.58 -16.07 -10.58
CA LYS A 2132 -11.39 -15.24 -9.70
C LYS A 2132 -11.82 -15.99 -8.45
N LEU A 2133 -11.88 -17.32 -8.52
CA LEU A 2133 -12.24 -18.12 -7.36
C LEU A 2133 -11.05 -18.38 -6.45
N GLY A 2134 -9.92 -18.77 -7.02
CA GLY A 2134 -8.77 -19.18 -6.24
C GLY A 2134 -8.02 -18.07 -5.57
N ASN A 2135 -8.43 -16.82 -5.77
CA ASN A 2135 -7.73 -15.70 -5.15
C ASN A 2135 -7.89 -15.76 -3.64
N PRO A 2136 -6.80 -15.90 -2.88
CA PRO A 2136 -6.93 -15.83 -1.42
C PRO A 2136 -7.43 -14.48 -0.94
N ILE A 2137 -7.09 -13.42 -1.65
CA ILE A 2137 -7.51 -12.07 -1.29
C ILE A 2137 -8.71 -11.72 -2.16
N VAL A 2138 -9.89 -11.74 -1.54
CA VAL A 2138 -11.15 -11.45 -2.21
C VAL A 2138 -12.19 -11.24 -1.12
N PRO A 2139 -13.01 -10.19 -1.20
CA PRO A 2139 -13.86 -9.83 -0.07
C PRO A 2139 -14.83 -10.94 0.32
N LEU A 2140 -15.11 -10.99 1.63
CA LEU A 2140 -16.04 -11.99 2.15
C LEU A 2140 -17.41 -11.85 1.51
N ASN A 2141 -17.85 -10.62 1.22
CA ASN A 2141 -19.05 -10.45 0.42
C ASN A 2141 -18.87 -11.08 -0.96
N ILE A 2142 -17.74 -10.79 -1.61
CA ILE A 2142 -17.47 -11.42 -2.89
C ILE A 2142 -17.24 -12.92 -2.72
N ARG A 2143 -16.66 -13.33 -1.60
CA ARG A 2143 -16.45 -14.76 -1.35
C ARG A 2143 -17.78 -15.50 -1.29
N LEU A 2144 -18.75 -14.93 -0.57
CA LEU A 2144 -20.06 -15.56 -0.52
C LEU A 2144 -20.78 -15.46 -1.85
N PHE A 2145 -20.53 -14.39 -2.61
CA PHE A 2145 -21.04 -14.32 -3.98
C PHE A 2145 -20.56 -15.52 -4.78
N LEU A 2146 -19.25 -15.75 -4.77
CA LEU A 2146 -18.67 -16.87 -5.51
C LEU A 2146 -19.25 -18.20 -5.02
N ALA A 2147 -19.35 -18.35 -3.69
CA ALA A 2147 -19.86 -19.60 -3.14
C ALA A 2147 -21.29 -19.87 -3.59
N LYS A 2148 -22.15 -18.86 -3.48
CA LYS A 2148 -23.54 -19.02 -3.90
C LYS A 2148 -23.62 -19.35 -5.38
N LEU A 2149 -22.75 -18.73 -6.18
CA LEU A 2149 -22.73 -19.03 -7.61
C LEU A 2149 -22.35 -20.49 -7.86
N VAL A 2150 -21.34 -20.99 -7.14
CA VAL A 2150 -20.79 -22.31 -7.44
C VAL A 2150 -21.56 -23.44 -6.77
N ILE A 2151 -22.44 -23.14 -5.82
CA ILE A 2151 -23.22 -24.21 -5.18
C ILE A 2151 -24.00 -25.01 -6.21
N ASN A 2152 -24.63 -24.32 -7.16
CA ASN A 2152 -25.52 -24.98 -8.10
C ASN A 2152 -24.84 -25.35 -9.41
N THR A 2153 -23.58 -24.97 -9.59
CA THR A 2153 -22.85 -25.17 -10.84
C THR A 2153 -21.54 -25.87 -10.54
N GLU A 2154 -21.57 -27.20 -10.52
CA GLU A 2154 -20.38 -28.00 -10.32
C GLU A 2154 -20.34 -29.13 -11.34
N GLU A 2155 -21.52 -29.62 -11.71
CA GLU A 2155 -21.66 -30.61 -12.76
C GLU A 2155 -21.19 -30.09 -14.10
N VAL A 2156 -21.19 -28.77 -14.28
CA VAL A 2156 -20.77 -28.17 -15.54
C VAL A 2156 -19.31 -28.45 -15.83
N PHE A 2157 -18.45 -28.35 -14.82
CA PHE A 2157 -17.02 -28.50 -14.98
C PHE A 2157 -16.49 -29.76 -14.32
N ARG A 2158 -17.27 -30.85 -14.37
CA ARG A 2158 -16.81 -32.09 -13.76
C ARG A 2158 -15.44 -32.53 -14.27
N PRO A 2159 -15.19 -32.61 -15.60
CA PRO A 2159 -13.84 -32.97 -16.03
C PRO A 2159 -12.90 -31.77 -15.94
N TYR A 2160 -13.08 -31.00 -14.88
CA TYR A 2160 -12.12 -29.98 -14.48
C TYR A 2160 -12.05 -29.85 -12.97
N ALA A 2161 -12.89 -30.57 -12.23
CA ALA A 2161 -12.98 -30.38 -10.78
C ALA A 2161 -11.65 -30.63 -10.09
N LYS A 2162 -10.75 -31.38 -10.73
CA LYS A 2162 -9.43 -31.60 -10.16
C LYS A 2162 -8.74 -30.28 -9.84
N HIS A 2163 -8.89 -29.29 -10.71
CA HIS A 2163 -8.36 -27.96 -10.42
C HIS A 2163 -9.23 -27.27 -9.38
N TRP A 2164 -10.54 -27.43 -9.50
CA TRP A 2164 -11.49 -26.73 -8.65
C TRP A 2164 -11.37 -27.11 -7.19
N LEU A 2165 -10.68 -28.21 -6.89
CA LEU A 2165 -10.41 -28.54 -5.50
C LEU A 2165 -9.59 -27.45 -4.83
N SER A 2166 -8.60 -26.92 -5.53
CA SER A 2166 -7.67 -25.98 -4.89
C SER A 2166 -8.35 -24.71 -4.38
N PRO A 2167 -9.24 -24.03 -5.12
CA PRO A 2167 -9.89 -22.85 -4.54
C PRO A 2167 -10.77 -23.22 -3.37
N LEU A 2168 -11.64 -24.20 -3.61
CA LEU A 2168 -12.67 -24.55 -2.63
C LEU A 2168 -12.04 -24.80 -1.26
N LEU A 2169 -10.96 -25.58 -1.24
CA LEU A 2169 -10.29 -25.89 0.02
C LEU A 2169 -9.90 -24.63 0.77
N GLN A 2170 -9.20 -23.71 0.10
CA GLN A 2170 -8.84 -22.47 0.78
C GLN A 2170 -10.08 -21.62 1.02
N LEU A 2171 -11.10 -21.74 0.17
CA LEU A 2171 -12.39 -21.15 0.52
C LEU A 2171 -12.97 -21.82 1.75
N ALA A 2172 -12.84 -23.14 1.83
CA ALA A 2172 -13.25 -23.85 3.03
C ALA A 2172 -12.37 -23.48 4.20
N ALA A 2173 -11.08 -23.27 3.95
CA ALA A 2173 -10.14 -23.00 5.03
C ALA A 2173 -10.46 -21.69 5.71
N SER A 2174 -10.67 -21.76 7.03
CA SER A 2174 -10.91 -20.58 7.87
C SER A 2174 -12.05 -19.74 7.33
N GLU A 2175 -13.09 -20.40 6.83
CA GLU A 2175 -14.28 -19.69 6.39
C GLU A 2175 -14.93 -19.01 7.58
N ASN A 2176 -15.36 -17.78 7.40
CA ASN A 2176 -15.94 -17.01 8.49
C ASN A 2176 -17.35 -16.53 8.12
N GLY A 2179 -23.90 -11.83 4.90
CA GLY A 2179 -23.64 -13.19 5.35
C GLY A 2179 -24.77 -13.75 6.19
N GLU A 2180 -24.95 -15.08 6.13
CA GLU A 2180 -26.02 -15.74 6.86
C GLU A 2180 -25.55 -16.68 7.95
N GLY A 2181 -24.29 -17.11 7.90
CA GLY A 2181 -23.78 -18.05 8.89
C GLY A 2181 -22.74 -18.95 8.25
N ILE A 2182 -21.84 -19.45 9.10
CA ILE A 2182 -20.72 -20.24 8.60
C ILE A 2182 -21.17 -21.63 8.20
N HIS A 2183 -21.82 -22.34 9.13
CA HIS A 2183 -22.07 -23.77 8.94
C HIS A 2183 -22.95 -24.06 7.74
N TYR A 2184 -23.87 -23.15 7.40
CA TYR A 2184 -24.66 -23.34 6.18
C TYR A 2184 -23.75 -23.52 4.99
N MET A 2185 -22.95 -22.49 4.70
CA MET A 2185 -22.03 -22.54 3.59
C MET A 2185 -21.10 -23.73 3.73
N VAL A 2186 -20.63 -23.99 4.95
CA VAL A 2186 -19.72 -25.10 5.20
C VAL A 2186 -20.29 -26.40 4.66
N VAL A 2187 -21.48 -26.76 5.16
CA VAL A 2187 -22.05 -28.05 4.81
C VAL A 2187 -22.37 -28.09 3.32
N GLU A 2188 -22.88 -26.99 2.77
CA GLU A 2188 -23.27 -27.01 1.36
C GLU A 2188 -22.05 -27.19 0.47
N ILE A 2189 -20.96 -26.46 0.75
CA ILE A 2189 -19.79 -26.56 -0.10
C ILE A 2189 -19.13 -27.92 0.05
N VAL A 2190 -19.09 -28.46 1.27
CA VAL A 2190 -18.44 -29.76 1.41
C VAL A 2190 -19.26 -30.83 0.72
N ALA A 2191 -20.59 -30.72 0.74
CA ALA A 2191 -21.40 -31.66 -0.03
C ALA A 2191 -21.09 -31.57 -1.51
N THR A 2192 -21.04 -30.33 -2.04
CA THR A 2192 -20.75 -30.16 -3.45
C THR A 2192 -19.38 -30.69 -3.82
N ILE A 2193 -18.41 -30.56 -2.92
CA ILE A 2193 -17.08 -31.10 -3.16
C ILE A 2193 -17.11 -32.61 -3.19
N LEU A 2194 -17.72 -33.21 -2.17
CA LEU A 2194 -17.76 -34.65 -2.08
C LEU A 2194 -18.65 -35.30 -3.12
N SER A 2195 -19.38 -34.49 -3.89
CA SER A 2195 -20.17 -34.98 -5.03
C SER A 2195 -19.43 -36.04 -5.83
N TRP A 2196 -18.14 -35.82 -6.07
CA TRP A 2196 -17.29 -36.86 -6.66
C TRP A 2196 -16.65 -37.69 -5.56
N THR A 2197 -16.60 -38.99 -5.80
CA THR A 2197 -16.02 -39.93 -4.85
C THR A 2197 -14.83 -40.64 -5.49
N GLY A 2198 -13.95 -39.88 -6.13
CA GLY A 2198 -12.82 -40.45 -6.83
C GLY A 2198 -12.52 -39.72 -8.12
N LEU A 2199 -13.52 -39.02 -8.66
CA LEU A 2199 -13.29 -38.20 -9.84
C LEU A 2199 -12.34 -37.05 -9.55
N ALA A 2200 -12.23 -36.63 -8.30
CA ALA A 2200 -11.28 -35.61 -7.89
C ALA A 2200 -10.92 -35.86 -6.44
N THR A 2201 -9.62 -35.87 -6.13
CA THR A 2201 -9.15 -36.20 -4.80
C THR A 2201 -8.10 -35.21 -4.34
N PRO A 2202 -8.06 -34.91 -3.04
CA PRO A 2202 -7.02 -34.02 -2.49
C PRO A 2202 -5.77 -34.80 -2.08
N THR A 2203 -5.16 -35.48 -3.05
CA THR A 2203 -3.96 -36.27 -2.79
C THR A 2203 -2.86 -35.95 -3.80
N GLY A 2204 -2.93 -34.79 -4.45
CA GLY A 2204 -1.94 -34.41 -5.44
C GLY A 2204 -0.89 -33.50 -4.83
N VAL A 2205 -1.01 -32.20 -5.09
CA VAL A 2205 -0.10 -31.24 -4.44
C VAL A 2205 -0.24 -31.37 -2.94
N PRO A 2206 0.84 -31.27 -2.17
CA PRO A 2206 0.70 -31.33 -0.70
C PRO A 2206 -0.22 -30.26 -0.15
N LYS A 2207 -0.43 -29.17 -0.89
CA LYS A 2207 -1.32 -28.12 -0.42
C LYS A 2207 -2.73 -28.63 -0.24
N ASP A 2208 -3.24 -29.39 -1.22
CA ASP A 2208 -4.60 -29.89 -1.10
C ASP A 2208 -4.71 -30.88 0.06
N GLU A 2209 -3.70 -31.72 0.25
CA GLU A 2209 -3.72 -32.68 1.35
C GLU A 2209 -3.75 -31.97 2.70
N VAL A 2210 -2.84 -31.00 2.89
CA VAL A 2210 -2.80 -30.30 4.18
C VAL A 2210 -4.06 -29.48 4.39
N LEU A 2211 -4.62 -28.91 3.32
CA LEU A 2211 -5.90 -28.22 3.44
C LEU A 2211 -7.00 -29.18 3.87
N ALA A 2212 -7.03 -30.37 3.29
CA ALA A 2212 -8.01 -31.36 3.69
C ALA A 2212 -7.88 -31.67 5.16
N ASN A 2213 -6.65 -31.93 5.63
CA ASN A 2213 -6.46 -32.30 7.03
C ASN A 2213 -6.84 -31.16 7.97
N ARG A 2214 -6.44 -29.93 7.64
CA ARG A 2214 -6.78 -28.82 8.51
C ARG A 2214 -8.29 -28.57 8.52
N LEU A 2215 -8.97 -28.80 7.40
CA LEU A 2215 -10.42 -28.68 7.40
C LEU A 2215 -11.06 -29.79 8.23
N LEU A 2216 -10.47 -30.98 8.20
CA LEU A 2216 -10.94 -32.02 9.12
C LEU A 2216 -10.84 -31.55 10.55
N ASN A 2217 -9.70 -30.94 10.91
CA ASN A 2217 -9.53 -30.42 12.26
C ASN A 2217 -10.57 -29.35 12.57
N PHE A 2218 -10.82 -28.44 11.62
CA PHE A 2218 -11.80 -27.39 11.84
C PHE A 2218 -13.18 -27.96 12.12
N LEU A 2219 -13.61 -28.91 11.29
CA LEU A 2219 -14.96 -29.44 11.43
C LEU A 2219 -15.10 -30.31 12.66
N MET A 2220 -14.07 -31.08 13.01
CA MET A 2220 -14.12 -31.83 14.25
C MET A 2220 -14.04 -30.90 15.46
N LYS A 2221 -13.57 -29.67 15.27
CA LYS A 2221 -13.82 -28.66 16.27
C LYS A 2221 -15.25 -28.14 16.17
N HIS A 2222 -15.82 -28.14 14.96
CA HIS A 2222 -17.17 -27.65 14.74
C HIS A 2222 -18.25 -28.66 15.06
N VAL A 2223 -17.93 -29.95 15.11
CA VAL A 2223 -18.95 -31.00 15.01
C VAL A 2223 -19.69 -31.12 16.34
N PHE A 2224 -20.89 -30.54 16.39
CA PHE A 2224 -21.89 -30.80 17.42
C PHE A 2224 -23.21 -30.13 17.08
N HIS A 2225 -24.32 -30.75 17.48
CA HIS A 2225 -25.61 -30.12 17.38
C HIS A 2225 -26.50 -30.60 18.50
N PRO A 2226 -27.25 -29.71 19.14
CA PRO A 2226 -28.29 -30.16 20.07
C PRO A 2226 -29.32 -31.04 19.39
N LYS A 2227 -29.53 -30.84 18.09
CA LYS A 2227 -30.41 -31.71 17.32
C LYS A 2227 -29.86 -33.12 17.20
N ARG A 2228 -28.56 -33.29 17.45
CA ARG A 2228 -27.85 -34.56 17.65
C ARG A 2228 -28.18 -35.57 16.56
N ALA A 2229 -28.78 -35.11 15.47
CA ALA A 2229 -29.00 -35.90 14.27
C ALA A 2229 -28.29 -35.28 13.08
N VAL A 2230 -28.50 -33.98 12.86
CA VAL A 2230 -27.64 -33.25 11.95
C VAL A 2230 -26.21 -33.28 12.47
N PHE A 2231 -26.05 -33.40 13.79
CA PHE A 2231 -24.73 -33.68 14.36
C PHE A 2231 -24.26 -35.06 13.92
N ARG A 2232 -25.13 -36.07 14.06
CA ARG A 2232 -24.83 -37.37 13.51
C ARG A 2232 -24.67 -37.31 12.00
N HIS A 2233 -25.37 -36.38 11.34
CA HIS A 2233 -25.15 -36.17 9.92
C HIS A 2233 -23.72 -35.72 9.65
N ASN A 2234 -23.20 -34.83 10.47
CA ASN A 2234 -21.81 -34.43 10.31
C ASN A 2234 -20.87 -35.61 10.53
N LEU A 2235 -21.18 -36.42 11.55
CA LEU A 2235 -20.38 -37.61 11.83
C LEU A 2235 -20.32 -38.52 10.60
N GLU A 2236 -21.47 -38.83 10.01
CA GLU A 2236 -21.49 -39.73 8.86
C GLU A 2236 -20.86 -39.08 7.64
N ILE A 2237 -20.95 -37.75 7.52
CA ILE A 2237 -20.27 -37.08 6.43
C ILE A 2237 -18.76 -37.26 6.58
N ILE A 2238 -18.26 -37.15 7.80
CA ILE A 2238 -16.84 -37.39 8.05
C ILE A 2238 -16.48 -38.83 7.70
N LYS A 2239 -17.31 -39.78 8.11
CA LYS A 2239 -17.17 -41.16 7.68
C LYS A 2239 -16.96 -41.25 6.17
N THR A 2240 -17.92 -40.72 5.43
CA THR A 2240 -17.92 -40.86 3.98
C THR A 2240 -16.68 -40.25 3.37
N LEU A 2241 -16.30 -39.06 3.84
CA LEU A 2241 -15.18 -38.37 3.21
C LEU A 2241 -13.86 -39.06 3.51
N VAL A 2242 -13.65 -39.50 4.76
CA VAL A 2242 -12.41 -40.20 5.07
C VAL A 2242 -12.35 -41.52 4.32
N GLU A 2243 -13.48 -42.19 4.15
CA GLU A 2243 -13.47 -43.46 3.43
C GLU A 2243 -13.21 -43.25 1.94
N CYS A 2244 -13.82 -42.24 1.34
CA CYS A 2244 -13.65 -42.03 -0.09
C CYS A 2244 -12.31 -41.41 -0.42
N TRP A 2245 -11.64 -40.80 0.55
CA TRP A 2245 -10.30 -40.29 0.25
C TRP A 2245 -9.24 -41.38 0.41
N LYS A 2246 -9.10 -41.92 1.62
CA LYS A 2246 -8.07 -42.91 1.94
C LYS A 2246 -6.73 -42.49 1.34
N ASP A 2247 -6.27 -41.33 1.79
CA ASP A 2247 -5.11 -40.66 1.21
C ASP A 2247 -4.40 -39.95 2.35
N CYS A 2248 -3.57 -38.96 2.01
CA CYS A 2248 -2.80 -38.27 3.03
C CYS A 2248 -3.73 -37.59 4.02
N LEU A 2249 -3.86 -38.18 5.19
CA LEU A 2249 -4.77 -37.70 6.23
C LEU A 2249 -4.10 -37.87 7.58
N SER A 2250 -4.48 -37.02 8.53
CA SER A 2250 -3.85 -36.99 9.84
C SER A 2250 -4.89 -37.21 10.93
N ILE A 2251 -4.60 -38.14 11.83
CA ILE A 2251 -5.41 -38.35 13.03
C ILE A 2251 -4.67 -37.71 14.20
N PRO A 2252 -5.20 -36.66 14.80
CA PRO A 2252 -4.46 -36.00 15.89
C PRO A 2252 -4.30 -36.89 17.10
N TYR A 2253 -5.40 -37.50 17.53
CA TYR A 2253 -5.51 -38.26 18.78
C TYR A 2253 -5.43 -37.31 19.97
N ARG A 2254 -5.10 -36.04 19.71
CA ARG A 2254 -4.87 -35.07 20.76
C ARG A 2254 -6.17 -34.37 21.14
N LEU A 2255 -6.75 -33.65 20.20
CA LEU A 2255 -8.08 -33.09 20.41
C LEU A 2255 -9.07 -34.20 20.69
N ILE A 2256 -8.94 -35.30 19.96
CA ILE A 2256 -9.79 -36.46 20.17
C ILE A 2256 -9.67 -36.96 21.60
N PHE A 2257 -8.48 -36.86 22.19
CA PHE A 2257 -8.27 -37.39 23.53
C PHE A 2257 -9.22 -36.75 24.53
N GLU A 2258 -9.13 -35.43 24.69
CA GLU A 2258 -10.06 -34.75 25.56
C GLU A 2258 -11.49 -34.85 25.05
N LYS A 2259 -11.68 -35.04 23.75
CA LYS A 2259 -13.03 -35.12 23.21
C LYS A 2259 -13.75 -36.36 23.72
N PHE A 2260 -13.08 -37.52 23.73
CA PHE A 2260 -13.70 -38.70 24.33
C PHE A 2260 -13.47 -38.80 25.83
N SER A 2261 -12.56 -38.01 26.39
CA SER A 2261 -12.30 -38.03 27.82
C SER A 2261 -13.07 -36.95 28.57
N GLY A 2262 -13.01 -35.72 28.08
CA GLY A 2262 -13.76 -34.65 28.70
C GLY A 2262 -13.21 -34.32 30.08
N LYS A 2263 -14.06 -33.69 30.87
CA LYS A 2263 -13.73 -33.33 32.25
C LYS A 2263 -13.83 -34.50 33.20
N ASP A 2264 -13.92 -35.72 32.68
CA ASP A 2264 -14.09 -36.93 33.46
C ASP A 2264 -15.27 -36.83 34.45
N PRO A 2265 -16.44 -36.40 33.96
CA PRO A 2265 -17.56 -36.18 34.88
C PRO A 2265 -18.42 -37.42 35.04
N ASN A 2266 -19.50 -37.28 35.81
CA ASN A 2266 -20.62 -38.19 35.66
C ASN A 2266 -21.33 -37.97 34.33
N SER A 2267 -21.28 -36.75 33.81
CA SER A 2267 -22.11 -36.36 32.67
C SER A 2267 -21.66 -37.10 31.40
N LYS A 2268 -22.36 -36.81 30.31
CA LYS A 2268 -22.28 -37.60 29.09
C LYS A 2268 -21.65 -36.83 27.93
N ASP A 2269 -20.96 -35.74 28.21
CA ASP A 2269 -20.44 -34.88 27.17
C ASP A 2269 -19.43 -35.61 26.29
N ASN A 2270 -18.34 -36.08 26.90
CA ASN A 2270 -17.19 -36.63 26.19
C ASN A 2270 -17.58 -37.76 25.25
N SER A 2271 -18.79 -38.27 25.41
CA SER A 2271 -19.28 -39.32 24.52
C SER A 2271 -19.20 -38.89 23.06
N VAL A 2272 -19.35 -37.60 22.78
CA VAL A 2272 -19.24 -37.12 21.41
C VAL A 2272 -17.88 -37.47 20.83
N GLY A 2273 -16.81 -37.24 21.60
CA GLY A 2273 -15.49 -37.63 21.14
C GLY A 2273 -15.38 -39.12 20.93
N ILE A 2274 -16.13 -39.89 21.71
CA ILE A 2274 -16.18 -41.32 21.51
C ILE A 2274 -16.62 -41.65 20.09
N GLN A 2275 -17.60 -40.90 19.58
CA GLN A 2275 -18.08 -41.12 18.22
C GLN A 2275 -16.94 -41.03 17.22
N LEU A 2276 -15.99 -40.13 17.47
CA LEU A 2276 -14.84 -39.99 16.58
C LEU A 2276 -14.12 -41.31 16.40
N LEU A 2277 -13.94 -42.05 17.49
CA LEU A 2277 -13.23 -43.32 17.40
C LEU A 2277 -13.92 -44.27 16.43
N GLY A 2278 -15.24 -44.17 16.30
CA GLY A 2278 -15.93 -45.00 15.34
C GLY A 2278 -15.37 -44.85 13.95
N ILE A 2279 -15.08 -43.61 13.55
CA ILE A 2279 -14.46 -43.36 12.25
C ILE A 2279 -13.19 -44.19 12.10
N VAL A 2280 -12.33 -44.15 13.12
CA VAL A 2280 -11.09 -44.91 13.06
C VAL A 2280 -11.37 -46.38 12.81
N MET A 2281 -12.39 -46.92 13.47
CA MET A 2281 -12.71 -48.33 13.27
C MET A 2281 -13.67 -48.53 12.12
N ALA A 2282 -14.35 -47.47 11.67
CA ALA A 2282 -15.06 -47.58 10.41
C ALA A 2282 -14.10 -47.77 9.24
N ASN A 2283 -12.82 -47.56 9.47
CA ASN A 2283 -11.77 -47.68 8.48
C ASN A 2283 -10.84 -48.82 8.88
N ASP A 2284 -9.81 -49.02 8.06
CA ASP A 2284 -8.74 -49.95 8.38
C ASP A 2284 -7.67 -49.32 9.26
N LEU A 2285 -7.91 -48.10 9.72
CA LEU A 2285 -6.89 -47.35 10.44
C LEU A 2285 -6.57 -48.04 11.77
N PRO A 2286 -5.30 -48.13 12.14
CA PRO A 2286 -4.96 -48.57 13.49
C PRO A 2286 -5.63 -47.67 14.51
N PRO A 2287 -6.17 -48.25 15.59
CA PRO A 2287 -6.94 -47.44 16.54
C PRO A 2287 -6.18 -46.26 17.11
N TYR A 2288 -4.90 -46.45 17.43
CA TYR A 2288 -4.09 -45.36 17.97
C TYR A 2288 -2.69 -45.42 17.36
N ASP A 2289 -2.18 -44.24 17.04
CA ASP A 2289 -0.82 -44.11 16.56
C ASP A 2289 -0.08 -43.13 17.46
N PRO A 2290 1.06 -43.51 18.02
CA PRO A 2290 1.93 -42.55 18.68
C PRO A 2290 2.92 -41.89 17.71
N GLN A 2291 2.39 -41.43 16.56
CA GLN A 2291 3.25 -40.72 15.62
C GLN A 2291 3.81 -39.46 16.26
N CYS A 2292 2.98 -38.78 17.06
CA CYS A 2292 3.45 -37.84 18.05
C CYS A 2292 3.24 -38.36 19.46
N GLY A 2293 2.28 -39.27 19.64
CA GLY A 2293 1.98 -39.82 20.95
C GLY A 2293 1.43 -38.78 21.89
N ILE A 2294 0.79 -39.22 22.97
CA ILE A 2294 0.43 -38.29 24.03
C ILE A 2294 1.05 -38.86 25.30
N GLN A 2295 0.62 -40.07 25.65
CA GLN A 2295 1.35 -40.94 26.57
C GLN A 2295 1.44 -42.37 26.08
N SER A 2296 0.51 -42.83 25.24
CA SER A 2296 0.47 -44.15 24.63
C SER A 2296 0.24 -45.26 25.64
N SER A 2297 0.17 -44.95 26.93
CA SER A 2297 -0.03 -45.96 27.97
C SER A 2297 -1.38 -45.79 28.65
N GLU A 2298 -1.63 -44.65 29.27
CA GLU A 2298 -2.93 -44.33 29.80
C GLU A 2298 -3.74 -43.46 28.84
N TYR A 2299 -3.26 -43.36 27.60
CA TYR A 2299 -4.09 -42.80 26.53
C TYR A 2299 -5.40 -43.55 26.41
N PHE A 2300 -5.36 -44.87 26.66
CA PHE A 2300 -6.54 -45.71 26.67
C PHE A 2300 -7.19 -45.76 28.04
N GLN A 2301 -6.58 -45.13 29.05
CA GLN A 2301 -7.18 -45.11 30.38
C GLN A 2301 -8.50 -44.36 30.38
N ALA A 2302 -8.58 -43.27 29.61
CA ALA A 2302 -9.82 -42.50 29.55
C ALA A 2302 -10.99 -43.36 29.09
N LEU A 2303 -10.71 -44.38 28.31
CA LEU A 2303 -11.75 -45.30 27.86
C LEU A 2303 -12.34 -46.07 29.05
N VAL A 2304 -11.47 -46.63 29.90
CA VAL A 2304 -11.96 -47.31 31.10
C VAL A 2304 -12.59 -46.32 32.06
N ASN A 2305 -12.15 -45.06 32.02
CA ASN A 2305 -12.81 -44.04 32.83
C ASN A 2305 -14.24 -43.82 32.36
N ASN A 2306 -14.44 -43.75 31.05
CA ASN A 2306 -15.79 -43.65 30.50
C ASN A 2306 -16.62 -44.87 30.85
N MET A 2307 -15.98 -46.05 30.90
CA MET A 2307 -16.61 -47.20 31.51
C MET A 2307 -17.09 -46.86 32.92
N SER A 2308 -16.21 -46.28 33.73
CA SER A 2308 -16.55 -45.95 35.10
C SER A 2308 -17.59 -44.84 35.17
N PHE A 2309 -17.65 -43.97 34.17
CA PHE A 2309 -18.55 -42.82 34.20
C PHE A 2309 -19.96 -43.29 33.93
N VAL A 2310 -20.76 -43.38 34.99
CA VAL A 2310 -22.10 -43.97 34.92
C VAL A 2310 -23.06 -42.95 35.53
N ARG A 2311 -23.61 -42.08 34.68
CA ARG A 2311 -24.77 -41.28 35.04
C ARG A 2311 -25.78 -41.47 33.93
N TYR A 2312 -25.27 -41.73 32.73
CA TYR A 2312 -26.10 -42.12 31.60
C TYR A 2312 -25.47 -43.28 30.86
N LYS A 2313 -26.34 -44.12 30.30
CA LYS A 2313 -25.92 -45.38 29.72
C LYS A 2313 -25.02 -45.17 28.51
N GLU A 2314 -25.39 -44.22 27.65
CA GLU A 2314 -24.79 -44.16 26.32
C GLU A 2314 -23.28 -44.01 26.37
N VAL A 2315 -22.76 -43.36 27.41
CA VAL A 2315 -21.34 -43.08 27.49
C VAL A 2315 -20.57 -44.38 27.41
N TYR A 2316 -20.73 -45.22 28.44
CA TYR A 2316 -20.06 -46.50 28.44
C TYR A 2316 -20.63 -47.45 27.40
N ALA A 2317 -21.87 -47.25 26.94
CA ALA A 2317 -22.39 -48.08 25.86
C ALA A 2317 -21.53 -47.95 24.62
N ALA A 2318 -21.49 -46.75 24.04
CA ALA A 2318 -20.70 -46.51 22.85
C ALA A 2318 -19.23 -46.77 23.11
N ALA A 2319 -18.73 -46.34 24.28
CA ALA A 2319 -17.32 -46.53 24.55
C ALA A 2319 -16.96 -48.01 24.60
N ALA A 2320 -17.82 -48.84 25.18
CA ALA A 2320 -17.50 -50.25 25.30
C ALA A 2320 -17.62 -50.96 23.97
N GLU A 2321 -18.61 -50.59 23.15
CA GLU A 2321 -18.68 -51.24 21.84
C GLU A 2321 -17.46 -50.89 21.00
N VAL A 2322 -17.04 -49.62 21.02
CA VAL A 2322 -15.85 -49.28 20.24
C VAL A 2322 -14.61 -49.92 20.85
N LEU A 2323 -14.55 -50.07 22.17
CA LEU A 2323 -13.44 -50.79 22.78
C LEU A 2323 -13.40 -52.24 22.30
N GLY A 2324 -14.54 -52.90 22.23
CA GLY A 2324 -14.55 -54.27 21.74
C GLY A 2324 -14.06 -54.34 20.31
N LEU A 2325 -14.46 -53.37 19.49
CA LEU A 2325 -13.89 -53.28 18.14
C LEU A 2325 -12.37 -53.14 18.20
N ILE A 2326 -11.87 -52.31 19.12
CA ILE A 2326 -10.43 -52.12 19.23
C ILE A 2326 -9.75 -53.43 19.63
N LEU A 2327 -10.36 -54.17 20.54
CA LEU A 2327 -9.80 -55.47 20.91
C LEU A 2327 -9.75 -56.40 19.70
N ARG A 2328 -10.83 -56.44 18.92
CA ARG A 2328 -10.83 -57.33 17.77
C ARG A 2328 -10.06 -56.78 16.59
N TYR A 2329 -9.54 -55.56 16.68
CA TYR A 2329 -8.71 -55.04 15.62
C TYR A 2329 -7.52 -54.28 16.18
N VAL A 2330 -6.87 -54.82 17.21
CA VAL A 2330 -5.64 -54.22 17.70
C VAL A 2330 -4.68 -54.22 16.52
N MET A 2331 -4.41 -53.01 16.00
CA MET A 2331 -3.80 -52.82 14.69
C MET A 2331 -4.24 -53.92 13.73
N GLU A 2332 -5.55 -54.15 13.67
CA GLU A 2332 -6.15 -55.14 12.78
C GLU A 2332 -5.59 -56.53 13.04
N ARG A 2333 -5.21 -56.79 14.30
CA ARG A 2333 -4.81 -58.12 14.76
C ARG A 2333 -3.52 -58.63 14.10
N LYS A 2334 -2.91 -57.82 13.24
CA LYS A 2334 -1.63 -58.23 12.68
C LYS A 2334 -0.55 -58.31 13.75
N ASN A 2335 -0.72 -57.60 14.85
CA ASN A 2335 0.13 -57.73 16.02
C ASN A 2335 -0.74 -57.83 17.26
N ILE A 2336 -0.26 -58.59 18.23
CA ILE A 2336 -0.99 -58.82 19.48
C ILE A 2336 -0.03 -58.44 20.60
N LEU A 2337 -0.09 -57.19 21.05
CA LEU A 2337 0.65 -56.76 22.21
C LEU A 2337 -0.16 -55.84 23.12
N GLU A 2338 -1.43 -55.61 22.83
CA GLU A 2338 -2.30 -54.83 23.68
C GLU A 2338 -2.94 -55.66 24.77
N GLU A 2339 -2.33 -56.81 25.10
CA GLU A 2339 -2.82 -57.62 26.20
C GLU A 2339 -2.84 -56.83 27.50
N SER A 2340 -1.96 -55.83 27.61
CA SER A 2340 -2.04 -54.91 28.74
C SER A 2340 -3.40 -54.22 28.76
N LEU A 2341 -3.85 -53.75 27.61
CA LEU A 2341 -5.16 -53.09 27.55
C LEU A 2341 -6.29 -54.08 27.82
N CYS A 2342 -6.13 -55.31 27.35
CA CYS A 2342 -7.11 -56.35 27.69
C CYS A 2342 -7.19 -56.53 29.19
N GLU A 2343 -6.04 -56.52 29.86
CA GLU A 2343 -6.03 -56.64 31.31
C GLU A 2343 -6.65 -55.42 31.97
N LEU A 2344 -6.41 -54.23 31.41
CA LEU A 2344 -7.00 -53.02 31.96
C LEU A 2344 -8.52 -53.11 31.92
N VAL A 2345 -9.07 -53.50 30.77
CA VAL A 2345 -10.52 -53.57 30.66
C VAL A 2345 -11.07 -54.73 31.47
N ALA A 2346 -10.32 -55.83 31.60
CA ALA A 2346 -10.77 -56.91 32.47
C ALA A 2346 -10.84 -56.46 33.91
N LYS A 2347 -9.85 -55.69 34.36
CA LYS A 2347 -9.92 -55.10 35.70
C LYS A 2347 -11.12 -54.18 35.82
N GLN A 2348 -11.32 -53.32 34.82
CA GLN A 2348 -12.49 -52.45 34.82
C GLN A 2348 -13.77 -53.26 34.96
N LEU A 2349 -13.78 -54.46 34.40
CA LEU A 2349 -14.89 -55.38 34.65
C LEU A 2349 -14.91 -55.82 36.11
N LYS A 2350 -13.75 -56.16 36.66
CA LYS A 2350 -13.68 -56.44 38.09
C LYS A 2350 -13.94 -55.17 38.89
N GLN A 2351 -13.25 -54.09 38.55
CA GLN A 2351 -13.35 -52.84 39.28
C GLN A 2351 -14.75 -52.27 39.09
N HIS A 2352 -15.47 -52.09 40.19
CA HIS A 2352 -16.75 -51.39 40.29
C HIS A 2352 -17.84 -52.02 39.43
N GLN A 2353 -17.53 -53.04 38.65
CA GLN A 2353 -18.52 -53.69 37.80
C GLN A 2353 -18.80 -55.12 38.21
N ASN A 2354 -17.81 -55.82 38.74
CA ASN A 2354 -18.05 -57.06 39.46
C ASN A 2354 -18.49 -56.81 40.88
N THR A 2355 -18.96 -55.59 41.18
CA THR A 2355 -19.63 -55.28 42.42
C THR A 2355 -21.04 -54.79 42.24
N MET A 2356 -21.40 -54.30 41.05
CA MET A 2356 -22.78 -53.92 40.74
C MET A 2356 -23.41 -54.83 39.71
N GLU A 2357 -22.65 -55.24 38.69
CA GLU A 2357 -22.93 -56.34 37.80
C GLU A 2357 -24.11 -56.12 36.86
N ASP A 2358 -24.77 -54.96 36.92
CA ASP A 2358 -25.97 -54.77 36.11
C ASP A 2358 -25.62 -54.29 34.71
N LYS A 2359 -25.03 -53.11 34.60
CA LYS A 2359 -24.44 -52.67 33.34
C LYS A 2359 -23.22 -53.51 33.00
N PHE A 2360 -22.66 -54.19 33.98
CA PHE A 2360 -21.44 -54.94 33.78
C PHE A 2360 -21.65 -56.07 32.78
N ILE A 2361 -22.76 -56.81 32.92
CA ILE A 2361 -23.06 -57.82 31.93
C ILE A 2361 -23.35 -57.18 30.58
N VAL A 2362 -23.89 -55.97 30.58
CA VAL A 2362 -24.25 -55.32 29.31
C VAL A 2362 -22.99 -54.97 28.53
N CYS A 2363 -22.02 -54.36 29.21
CA CYS A 2363 -20.76 -54.06 28.55
C CYS A 2363 -19.99 -55.34 28.22
N LEU A 2364 -20.15 -56.38 29.04
CA LEU A 2364 -19.60 -57.68 28.67
C LEU A 2364 -20.16 -58.14 27.34
N ASN A 2365 -21.48 -58.02 27.17
CA ASN A 2365 -22.10 -58.42 25.91
C ASN A 2365 -21.56 -57.57 24.77
N LYS A 2366 -21.46 -56.27 24.97
CA LYS A 2366 -20.94 -55.41 23.91
C LYS A 2366 -19.55 -55.84 23.49
N VAL A 2367 -18.65 -56.03 24.46
CA VAL A 2367 -17.28 -56.34 24.14
C VAL A 2367 -17.16 -57.73 23.53
N THR A 2368 -17.96 -58.70 23.98
CA THR A 2368 -17.84 -60.04 23.44
C THR A 2368 -18.44 -60.14 22.04
N LYS A 2369 -19.50 -59.38 21.77
CA LYS A 2369 -19.97 -59.26 20.40
C LYS A 2369 -18.89 -58.64 19.53
N SER A 2370 -18.21 -57.63 20.06
CA SER A 2370 -17.15 -56.96 19.36
C SER A 2370 -15.77 -57.58 19.60
N PHE A 2371 -15.63 -58.45 20.61
CA PHE A 2371 -14.42 -59.25 20.76
C PHE A 2371 -14.71 -60.47 21.62
N PRO A 2372 -14.92 -61.64 21.02
CA PRO A 2372 -15.27 -62.84 21.78
C PRO A 2372 -14.21 -63.24 22.79
N PRO A 2373 -12.93 -63.40 22.37
CA PRO A 2373 -12.01 -64.20 23.21
C PRO A 2373 -11.86 -63.73 24.64
N LEU A 2374 -11.87 -62.42 24.89
CA LEU A 2374 -11.57 -61.92 26.23
C LEU A 2374 -12.58 -62.41 27.25
N ALA A 2375 -13.80 -62.71 26.81
CA ALA A 2375 -14.81 -63.21 27.73
C ALA A 2375 -14.35 -64.47 28.45
N ASP A 2376 -13.32 -65.14 27.92
CA ASP A 2376 -12.79 -66.33 28.58
C ASP A 2376 -12.41 -66.05 30.02
N ARG A 2377 -12.08 -64.81 30.33
CA ARG A 2377 -11.76 -64.46 31.71
C ARG A 2377 -13.00 -64.40 32.59
N PHE A 2378 -14.21 -64.59 32.04
CA PHE A 2378 -15.41 -64.31 32.81
C PHE A 2378 -16.52 -65.34 32.58
N MET A 2379 -16.16 -66.59 32.26
CA MET A 2379 -17.17 -67.64 32.21
C MET A 2379 -17.85 -67.82 33.56
N ASN A 2380 -17.08 -67.85 34.63
CA ASN A 2380 -17.66 -68.06 35.95
C ASN A 2380 -18.64 -66.95 36.30
N ALA A 2381 -18.26 -65.71 35.99
CA ALA A 2381 -19.15 -64.59 36.29
C ALA A 2381 -20.49 -64.72 35.58
N VAL A 2382 -20.45 -65.00 34.28
CA VAL A 2382 -21.70 -65.06 33.52
C VAL A 2382 -22.53 -66.26 33.96
N PHE A 2383 -21.89 -67.38 34.26
CA PHE A 2383 -22.63 -68.53 34.75
C PHE A 2383 -23.30 -68.22 36.08
N PHE A 2384 -22.58 -67.55 36.98
CA PHE A 2384 -23.11 -67.28 38.31
C PHE A 2384 -24.22 -66.24 38.26
N LEU A 2385 -24.11 -65.27 37.36
CA LEU A 2385 -25.05 -64.16 37.33
C LEU A 2385 -26.26 -64.40 36.46
N LEU A 2386 -26.26 -65.46 35.64
CA LEU A 2386 -27.45 -65.75 34.85
C LEU A 2386 -28.66 -66.06 35.71
N PRO A 2387 -28.60 -66.97 36.68
CA PRO A 2387 -29.77 -67.14 37.58
C PRO A 2387 -30.03 -65.91 38.42
N LYS A 2388 -29.03 -65.08 38.65
CA LYS A 2388 -29.26 -63.85 39.39
C LYS A 2388 -30.21 -62.93 38.64
N PHE A 2389 -30.05 -62.82 37.34
CA PHE A 2389 -30.88 -61.94 36.54
C PHE A 2389 -32.10 -62.69 36.04
N HIS A 2390 -33.08 -61.92 35.54
CA HIS A 2390 -34.29 -62.52 35.02
C HIS A 2390 -34.82 -61.88 33.76
N GLY A 2391 -34.40 -60.69 33.38
CA GLY A 2391 -34.95 -59.98 32.25
C GLY A 2391 -34.32 -60.40 30.95
N VAL A 2392 -34.29 -59.48 29.99
CA VAL A 2392 -33.58 -59.71 28.75
C VAL A 2392 -32.12 -59.99 29.03
N LEU A 2393 -31.64 -59.60 30.21
CA LEU A 2393 -30.35 -59.97 30.77
C LEU A 2393 -30.06 -61.43 30.46
N LYS A 2394 -31.06 -62.29 30.67
CA LYS A 2394 -30.96 -63.68 30.29
C LYS A 2394 -30.34 -63.83 28.91
N THR A 2395 -31.09 -63.41 27.88
CA THR A 2395 -30.56 -63.44 26.52
C THR A 2395 -29.20 -62.76 26.46
N LEU A 2396 -29.10 -61.61 27.13
CA LEU A 2396 -27.82 -60.90 27.21
C LEU A 2396 -26.70 -61.85 27.58
N CYS A 2397 -26.81 -62.49 28.74
CA CYS A 2397 -25.80 -63.45 29.16
C CYS A 2397 -25.65 -64.54 28.11
N LEU A 2398 -26.78 -65.05 27.64
CA LEU A 2398 -26.78 -66.03 26.56
C LEU A 2398 -26.00 -65.52 25.37
N GLU A 2399 -26.26 -64.27 24.98
CA GLU A 2399 -25.51 -63.66 23.88
C GLU A 2399 -24.02 -63.77 24.12
N VAL A 2400 -23.59 -63.46 25.34
CA VAL A 2400 -22.18 -63.60 25.69
C VAL A 2400 -21.71 -65.02 25.43
N VAL A 2401 -22.45 -66.01 25.96
CA VAL A 2401 -22.05 -67.39 25.75
C VAL A 2401 -22.39 -67.88 24.35
N LEU A 2402 -23.18 -67.11 23.58
CA LEU A 2402 -23.25 -67.37 22.15
C LEU A 2402 -21.88 -67.21 21.53
N CYS A 2403 -21.14 -66.20 21.95
CA CYS A 2403 -19.82 -65.95 21.38
C CYS A 2403 -18.80 -67.00 21.78
N ARG A 2404 -19.14 -67.89 22.70
CA ARG A 2404 -18.16 -68.82 23.26
C ARG A 2404 -18.14 -70.15 22.52
N VAL A 2405 -18.06 -70.08 21.19
CA VAL A 2405 -17.68 -71.28 20.43
C VAL A 2405 -16.29 -71.71 20.84
N GLU A 2406 -15.41 -70.74 21.07
CA GLU A 2406 -14.11 -71.01 21.67
C GLU A 2406 -14.25 -71.64 23.04
N GLY A 2407 -15.30 -71.30 23.78
CA GLY A 2407 -15.51 -71.87 25.09
C GLY A 2407 -16.20 -73.22 24.99
N MET A 2408 -15.41 -74.29 25.06
CA MET A 2408 -15.91 -75.65 24.86
C MET A 2408 -15.47 -76.53 26.02
N THR A 2409 -16.32 -76.63 27.03
CA THR A 2409 -16.17 -77.56 28.14
C THR A 2409 -17.46 -78.35 28.25
N GLU A 2410 -17.62 -79.09 29.35
CA GLU A 2410 -18.87 -79.79 29.55
C GLU A 2410 -19.96 -78.78 29.90
N LEU A 2411 -20.58 -78.22 28.87
CA LEU A 2411 -21.66 -77.26 29.10
C LEU A 2411 -22.95 -77.94 29.48
N TYR A 2412 -23.08 -79.24 29.20
CA TYR A 2412 -24.24 -79.99 29.65
C TYR A 2412 -24.40 -79.89 31.16
N PHE A 2413 -23.31 -80.12 31.88
CA PHE A 2413 -23.36 -79.89 33.31
C PHE A 2413 -23.53 -78.42 33.63
N GLN A 2414 -22.95 -77.54 32.82
CA GLN A 2414 -23.12 -76.11 33.08
C GLN A 2414 -24.58 -75.71 32.97
N LEU A 2415 -25.22 -76.07 31.85
CA LEU A 2415 -26.62 -75.75 31.68
C LEU A 2415 -27.50 -76.44 32.71
N LYS A 2416 -27.12 -77.66 33.09
CA LYS A 2416 -27.86 -78.38 34.12
C LYS A 2416 -27.83 -77.62 35.44
N SER A 2417 -26.64 -77.13 35.81
CA SER A 2417 -26.52 -76.34 37.03
C SER A 2417 -27.31 -75.05 36.91
N LYS A 2418 -27.25 -74.41 35.75
CA LYS A 2418 -27.96 -73.16 35.53
C LYS A 2418 -29.45 -73.36 35.27
N ASP A 2419 -29.89 -74.61 35.14
CA ASP A 2419 -31.25 -74.93 34.72
C ASP A 2419 -31.55 -74.21 33.40
N PHE A 2420 -30.54 -74.17 32.54
CA PHE A 2420 -30.72 -73.65 31.20
C PHE A 2420 -31.78 -74.38 30.40
N VAL A 2421 -32.06 -75.63 30.73
CA VAL A 2421 -33.10 -76.36 30.02
C VAL A 2421 -34.43 -75.64 30.16
N GLN A 2422 -34.65 -74.96 31.29
CA GLN A 2422 -35.94 -74.32 31.53
C GLN A 2422 -36.09 -73.08 30.66
N VAL A 2423 -35.18 -72.12 30.79
CA VAL A 2423 -35.26 -70.93 29.95
C VAL A 2423 -35.19 -71.31 28.49
N MET A 2424 -34.50 -72.41 28.18
CA MET A 2424 -34.50 -72.96 26.84
C MET A 2424 -35.91 -73.34 26.41
N ARG A 2425 -36.60 -74.13 27.23
CA ARG A 2425 -37.97 -74.49 26.90
C ARG A 2425 -38.95 -73.36 27.19
N HIS A 2426 -38.56 -72.38 27.99
CA HIS A 2426 -39.40 -71.21 28.21
C HIS A 2426 -39.49 -70.41 26.92
N ARG A 2427 -40.64 -70.48 26.26
CA ARG A 2427 -40.77 -70.00 24.89
C ARG A 2427 -40.68 -68.47 24.85
N ASP A 2428 -39.56 -67.96 24.35
CA ASP A 2428 -39.42 -66.55 23.99
C ASP A 2428 -38.51 -66.49 22.77
N ASP A 2429 -39.01 -65.90 21.69
CA ASP A 2429 -38.40 -66.09 20.37
C ASP A 2429 -36.90 -65.80 20.36
N GLU A 2430 -36.48 -64.70 21.01
CA GLU A 2430 -35.06 -64.41 21.02
C GLU A 2430 -34.29 -65.39 21.89
N ARG A 2431 -34.85 -65.74 23.06
CA ARG A 2431 -34.24 -66.80 23.87
C ARG A 2431 -34.16 -68.09 23.08
N GLN A 2432 -35.25 -68.46 22.41
CA GLN A 2432 -35.25 -69.74 21.71
C GLN A 2432 -34.22 -69.73 20.59
N LYS A 2433 -34.13 -68.63 19.84
CA LYS A 2433 -33.14 -68.51 18.79
C LYS A 2433 -31.74 -68.70 19.34
N VAL A 2434 -31.40 -67.95 20.40
CA VAL A 2434 -30.03 -68.00 20.90
C VAL A 2434 -29.75 -69.37 21.50
N CYS A 2435 -30.73 -69.97 22.18
CA CYS A 2435 -30.53 -71.29 22.77
C CYS A 2435 -30.25 -72.32 21.69
N LEU A 2436 -31.04 -72.30 20.61
CA LEU A 2436 -30.84 -73.27 19.54
C LEU A 2436 -29.52 -73.04 18.81
N ASP A 2437 -29.10 -71.78 18.65
CA ASP A 2437 -27.79 -71.53 18.06
C ASP A 2437 -26.69 -72.09 18.95
N ILE A 2438 -26.84 -71.91 20.26
CA ILE A 2438 -25.89 -72.53 21.20
C ILE A 2438 -25.85 -74.02 20.99
N ILE A 2439 -27.03 -74.65 20.92
CA ILE A 2439 -27.08 -76.10 20.77
C ILE A 2439 -26.41 -76.52 19.48
N TYR A 2440 -26.63 -75.76 18.41
CA TYR A 2440 -25.96 -76.07 17.15
C TYR A 2440 -24.45 -76.02 17.30
N LYS A 2441 -23.93 -74.97 17.93
CA LYS A 2441 -22.48 -74.85 18.01
C LYS A 2441 -21.85 -75.82 19.00
N MET A 2442 -22.63 -76.35 19.94
CA MET A 2442 -22.06 -77.23 20.97
C MET A 2442 -22.40 -78.70 20.78
N MET A 2443 -23.33 -79.04 19.89
CA MET A 2443 -23.78 -80.42 19.76
C MET A 2443 -22.70 -81.44 19.43
N PRO A 2444 -21.75 -81.21 18.51
CA PRO A 2444 -20.87 -82.33 18.10
C PRO A 2444 -20.06 -82.91 19.24
N LYS A 2445 -19.68 -82.08 20.21
CA LYS A 2445 -18.78 -82.52 21.27
C LYS A 2445 -19.50 -83.25 22.40
N LEU A 2446 -20.82 -83.31 22.39
CA LEU A 2446 -21.54 -83.93 23.48
C LEU A 2446 -21.76 -85.42 23.23
N LYS A 2447 -22.31 -86.07 24.19
CA LYS A 2447 -22.50 -87.49 24.34
C LYS A 2447 -23.88 -87.89 23.85
N PRO A 2448 -24.00 -89.09 23.27
CA PRO A 2448 -25.31 -89.50 22.73
C PRO A 2448 -26.41 -89.42 23.75
N VAL A 2449 -26.23 -90.05 24.91
CA VAL A 2449 -27.27 -90.02 25.94
C VAL A 2449 -27.51 -88.57 26.40
N GLU A 2450 -26.43 -87.83 26.64
CA GLU A 2450 -26.58 -86.43 27.03
C GLU A 2450 -27.41 -85.68 26.00
N LEU A 2451 -27.06 -85.82 24.72
CA LEU A 2451 -27.85 -85.20 23.68
C LEU A 2451 -29.29 -85.68 23.71
N ARG A 2452 -29.52 -86.92 24.16
CA ARG A 2452 -30.88 -87.46 24.20
C ARG A 2452 -31.72 -86.71 25.23
N GLU A 2453 -31.27 -86.68 26.49
CA GLU A 2453 -32.05 -85.93 27.48
C GLU A 2453 -32.04 -84.44 27.20
N LEU A 2454 -31.07 -83.96 26.42
CA LEU A 2454 -31.11 -82.56 26.02
C LEU A 2454 -32.23 -82.31 25.03
N LEU A 2455 -32.33 -83.17 24.01
CA LEU A 2455 -33.29 -82.97 22.94
C LEU A 2455 -34.72 -83.28 23.35
N ASN A 2456 -34.90 -84.14 24.36
CA ASN A 2456 -36.25 -84.44 24.82
C ASN A 2456 -37.06 -83.18 25.12
N PRO A 2457 -36.52 -82.15 25.79
CA PRO A 2457 -37.20 -80.85 25.84
C PRO A 2457 -36.81 -79.88 24.74
N VAL A 2458 -36.42 -80.34 23.55
CA VAL A 2458 -36.16 -79.42 22.46
C VAL A 2458 -37.22 -79.60 21.38
N VAL A 2459 -37.66 -80.84 21.16
CA VAL A 2459 -38.50 -81.17 20.03
C VAL A 2459 -39.81 -80.40 20.04
N GLU A 2460 -40.22 -79.88 21.20
CA GLU A 2460 -41.52 -79.22 21.29
C GLU A 2460 -41.59 -78.00 20.38
N PHE A 2461 -40.46 -77.36 20.11
CA PHE A 2461 -40.55 -76.13 19.34
C PHE A 2461 -40.97 -76.37 17.95
N VAL A 2462 -41.22 -77.59 17.50
CA VAL A 2462 -41.80 -77.76 16.18
C VAL A 2462 -43.12 -77.00 16.15
N SER A 2463 -43.36 -76.30 15.05
CA SER A 2463 -44.47 -75.34 14.93
C SER A 2463 -44.34 -74.20 15.93
N HIS A 2464 -43.13 -73.88 16.39
CA HIS A 2464 -42.96 -72.70 17.22
C HIS A 2464 -43.31 -71.47 16.40
N PRO A 2465 -43.91 -70.45 17.01
CA PRO A 2465 -44.33 -69.26 16.25
C PRO A 2465 -43.34 -68.78 15.20
N SER A 2466 -42.05 -68.72 15.55
CA SER A 2466 -41.03 -68.28 14.61
C SER A 2466 -40.54 -69.47 13.79
N THR A 2467 -40.57 -69.32 12.47
CA THR A 2467 -39.96 -70.33 11.61
C THR A 2467 -38.45 -70.35 11.74
N THR A 2468 -37.85 -69.29 12.27
CA THR A 2468 -36.40 -69.24 12.41
C THR A 2468 -35.91 -70.28 13.40
N CYS A 2469 -36.53 -70.32 14.58
CA CYS A 2469 -36.17 -71.36 15.55
C CYS A 2469 -36.39 -72.74 14.93
N ARG A 2470 -37.48 -72.90 14.20
CA ARG A 2470 -37.77 -74.17 13.57
C ARG A 2470 -36.66 -74.58 12.62
N GLU A 2471 -36.21 -73.66 11.76
CA GLU A 2471 -35.17 -74.01 10.80
C GLU A 2471 -33.84 -74.29 11.49
N GLN A 2472 -33.52 -73.54 12.55
CA GLN A 2472 -32.28 -73.81 13.28
C GLN A 2472 -32.30 -75.22 13.83
N MET A 2473 -33.38 -75.60 14.52
CA MET A 2473 -33.38 -76.93 15.09
C MET A 2473 -33.41 -77.97 13.99
N TYR A 2474 -34.02 -77.66 12.84
CA TYR A 2474 -34.03 -78.64 11.76
C TYR A 2474 -32.63 -78.87 11.22
N ASN A 2475 -31.82 -77.82 11.17
CA ASN A 2475 -30.40 -78.02 10.86
C ASN A 2475 -29.76 -78.93 11.88
N ILE A 2476 -30.03 -78.68 13.16
CA ILE A 2476 -29.50 -79.52 14.22
C ILE A 2476 -29.94 -80.97 14.03
N LEU A 2477 -31.21 -81.15 13.67
CA LEU A 2477 -31.81 -82.48 13.58
C LEU A 2477 -31.28 -83.25 12.39
N MET A 2478 -31.12 -82.58 11.25
CA MET A 2478 -30.52 -83.25 10.11
C MET A 2478 -29.07 -83.60 10.37
N TRP A 2479 -28.36 -82.73 11.10
CA TRP A 2479 -27.00 -83.06 11.51
C TRP A 2479 -26.98 -84.31 12.37
N ILE A 2480 -27.89 -84.38 13.35
CA ILE A 2480 -27.95 -85.56 14.23
C ILE A 2480 -28.32 -86.80 13.43
N HIS A 2481 -29.32 -86.67 12.56
CA HIS A 2481 -29.76 -87.78 11.72
C HIS A 2481 -28.61 -88.34 10.91
N ASP A 2482 -28.01 -87.50 10.06
CA ASP A 2482 -26.85 -87.94 9.29
C ASP A 2482 -25.71 -88.38 10.19
N ASN A 2483 -25.69 -87.92 11.43
CA ASN A 2483 -24.68 -88.31 12.41
C ASN A 2483 -25.05 -89.60 13.14
N TYR A 2484 -26.28 -90.09 12.99
CA TYR A 2484 -26.73 -91.25 13.74
C TYR A 2484 -27.41 -92.27 12.84
N ARG A 2485 -26.99 -92.36 11.58
CA ARG A 2485 -27.48 -93.41 10.69
C ARG A 2485 -26.77 -94.74 10.91
N ASP A 2486 -25.86 -94.81 11.88
CA ASP A 2486 -25.18 -96.05 12.22
C ASP A 2486 -26.15 -97.14 12.68
N THR A 2491 -25.32 -100.99 17.11
CA THR A 2491 -24.94 -99.71 17.68
C THR A 2491 -25.70 -99.45 18.99
N ASP A 2492 -25.48 -98.26 19.55
CA ASP A 2492 -26.10 -97.93 20.83
C ASP A 2492 -27.62 -97.87 20.70
N ASN A 2493 -28.31 -98.54 21.63
CA ASN A 2493 -29.77 -98.48 21.65
C ASN A 2493 -30.25 -97.07 21.92
N ASP A 2494 -29.60 -96.35 22.83
CA ASP A 2494 -29.99 -94.98 23.10
C ASP A 2494 -29.77 -94.10 21.89
N SER A 2495 -28.64 -94.29 21.20
CA SER A 2495 -28.42 -93.57 19.95
C SER A 2495 -29.49 -93.92 18.93
N GLN A 2496 -29.93 -95.18 18.92
CA GLN A 2496 -31.00 -95.58 18.01
C GLN A 2496 -32.30 -94.87 18.34
N GLU A 2497 -32.62 -94.73 19.63
CA GLU A 2497 -33.83 -94.02 20.03
C GLU A 2497 -33.73 -92.54 19.69
N ILE A 2498 -32.54 -91.97 19.85
CA ILE A 2498 -32.29 -90.60 19.41
C ILE A 2498 -32.56 -90.46 17.93
N PHE A 2499 -32.04 -91.42 17.15
CA PHE A 2499 -32.24 -91.40 15.71
C PHE A 2499 -33.72 -91.51 15.38
N LYS A 2500 -34.44 -92.36 16.11
CA LYS A 2500 -35.87 -92.52 15.90
C LYS A 2500 -36.60 -91.21 16.12
N LEU A 2501 -36.39 -90.59 17.27
CA LEU A 2501 -37.10 -89.35 17.56
C LEU A 2501 -36.71 -88.26 16.58
N ALA A 2502 -35.43 -88.21 16.20
CA ALA A 2502 -34.97 -87.21 15.25
C ALA A 2502 -35.65 -87.37 13.90
N LYS A 2503 -35.74 -88.61 13.40
CA LYS A 2503 -36.40 -88.80 12.12
C LYS A 2503 -37.90 -88.55 12.22
N ASP A 2504 -38.51 -88.86 13.37
CA ASP A 2504 -39.93 -88.57 13.55
C ASP A 2504 -40.19 -87.08 13.45
N VAL A 2505 -39.40 -86.28 14.18
CA VAL A 2505 -39.63 -84.84 14.14
C VAL A 2505 -39.23 -84.26 12.78
N LEU A 2506 -38.25 -84.88 12.11
CA LEU A 2506 -37.93 -84.44 10.75
C LEU A 2506 -39.10 -84.69 9.80
N ILE A 2507 -39.75 -85.84 9.93
CA ILE A 2507 -40.95 -86.12 9.15
C ILE A 2507 -42.03 -85.09 9.47
N GLN A 2508 -42.20 -84.79 10.75
CA GLN A 2508 -43.14 -83.74 11.14
C GLN A 2508 -42.75 -82.39 10.56
N GLY A 2509 -41.49 -82.19 10.24
CA GLY A 2509 -41.01 -81.00 9.59
C GLY A 2509 -41.17 -81.01 8.09
N LEU A 2510 -41.91 -81.96 7.54
CA LEU A 2510 -42.20 -82.00 6.12
C LEU A 2510 -43.52 -81.33 5.77
N ILE A 2511 -44.20 -80.75 6.75
CA ILE A 2511 -45.40 -79.95 6.53
C ILE A 2511 -45.12 -78.59 7.13
N ASP A 2512 -44.61 -77.66 6.31
CA ASP A 2512 -44.18 -76.35 6.78
C ASP A 2512 -44.99 -75.29 6.07
N GLU A 2513 -45.61 -74.40 6.85
CA GLU A 2513 -46.26 -73.24 6.28
C GLU A 2513 -45.26 -72.32 5.59
N ASN A 2514 -43.98 -72.39 5.96
CA ASN A 2514 -42.94 -71.69 5.24
C ASN A 2514 -42.53 -72.55 4.07
N PRO A 2515 -42.80 -72.15 2.82
CA PRO A 2515 -42.42 -72.99 1.68
C PRO A 2515 -40.92 -73.13 1.50
N GLY A 2516 -40.12 -72.19 1.99
CA GLY A 2516 -38.68 -72.35 1.91
C GLY A 2516 -38.19 -73.53 2.73
N LEU A 2517 -38.76 -73.70 3.91
CA LEU A 2517 -38.45 -74.87 4.72
C LEU A 2517 -38.85 -76.15 4.01
N GLN A 2518 -40.01 -76.13 3.35
CA GLN A 2518 -40.43 -77.30 2.59
C GLN A 2518 -39.46 -77.59 1.46
N LEU A 2519 -39.01 -76.55 0.76
CA LEU A 2519 -38.07 -76.75 -0.33
C LEU A 2519 -36.76 -77.33 0.18
N ILE A 2520 -36.24 -76.79 1.28
CA ILE A 2520 -34.94 -77.25 1.76
C ILE A 2520 -35.04 -78.67 2.30
N ILE A 2521 -36.13 -78.99 3.00
CA ILE A 2521 -36.31 -80.35 3.48
C ILE A 2521 -36.52 -81.30 2.32
N ARG A 2522 -37.15 -80.83 1.24
CA ARG A 2522 -37.27 -81.63 0.04
C ARG A 2522 -35.90 -81.91 -0.57
N ASN A 2523 -35.04 -80.89 -0.60
CA ASN A 2523 -33.68 -81.10 -1.09
C ASN A 2523 -32.96 -82.12 -0.22
N PHE A 2524 -33.14 -82.03 1.09
CA PHE A 2524 -32.48 -82.96 1.99
C PHE A 2524 -32.96 -84.39 1.76
N TRP A 2525 -34.28 -84.59 1.75
CA TRP A 2525 -34.80 -85.95 1.65
C TRP A 2525 -34.57 -86.54 0.27
N SER A 2526 -34.79 -85.75 -0.78
CA SER A 2526 -34.63 -86.23 -2.15
C SER A 2526 -33.20 -86.66 -2.42
N HIS A 2527 -32.25 -86.23 -1.60
CA HIS A 2527 -30.88 -86.71 -1.72
C HIS A 2527 -30.84 -88.22 -1.58
N GLU A 2528 -29.94 -88.85 -2.34
CA GLU A 2528 -29.99 -90.30 -2.51
C GLU A 2528 -29.77 -91.02 -1.18
N THR A 2529 -28.85 -90.52 -0.35
CA THR A 2529 -28.67 -91.12 0.96
C THR A 2529 -29.95 -91.07 1.77
N ARG A 2530 -30.74 -90.02 1.62
CA ARG A 2530 -32.05 -89.94 2.23
C ARG A 2530 -33.14 -90.54 1.36
N LEU A 2531 -32.88 -90.72 0.07
CA LEU A 2531 -33.85 -91.33 -0.84
C LEU A 2531 -33.12 -91.96 -2.01
N PRO A 2532 -32.84 -93.27 -1.95
CA PRO A 2532 -32.03 -93.92 -3.00
C PRO A 2532 -32.59 -93.67 -4.39
N SER A 2533 -31.84 -92.93 -5.21
CA SER A 2533 -32.38 -92.32 -6.41
C SER A 2533 -33.06 -93.30 -7.36
N ASN A 2534 -32.82 -94.60 -7.20
CA ASN A 2534 -33.59 -95.57 -7.97
C ASN A 2534 -35.06 -95.43 -7.65
N THR A 2535 -35.88 -95.30 -8.69
CA THR A 2535 -37.31 -95.08 -8.50
C THR A 2535 -37.92 -96.18 -7.64
N LEU A 2536 -37.61 -97.43 -7.94
CA LEU A 2536 -38.05 -98.52 -7.09
C LEU A 2536 -37.52 -98.36 -5.68
N ASP A 2537 -36.23 -98.01 -5.55
CA ASP A 2537 -35.66 -97.79 -4.24
C ASP A 2537 -36.23 -96.55 -3.58
N ARG A 2538 -36.52 -95.50 -4.36
CA ARG A 2538 -37.22 -94.35 -3.80
C ARG A 2538 -38.54 -94.78 -3.16
N LEU A 2539 -39.33 -95.57 -3.89
CA LEU A 2539 -40.61 -96.02 -3.37
C LEU A 2539 -40.43 -96.87 -2.13
N LEU A 2540 -39.51 -97.82 -2.18
CA LEU A 2540 -39.29 -98.69 -1.03
C LEU A 2540 -38.86 -97.90 0.19
N ALA A 2541 -37.98 -96.91 0.00
CA ALA A 2541 -37.54 -96.08 1.10
C ALA A 2541 -38.71 -95.30 1.69
N LEU A 2542 -39.46 -94.59 0.83
CA LEU A 2542 -40.56 -93.78 1.34
C LEU A 2542 -41.65 -94.62 1.98
N ASN A 2543 -41.71 -95.92 1.67
CA ASN A 2543 -42.64 -96.78 2.40
C ASN A 2543 -42.35 -96.75 3.88
N SER A 2544 -41.08 -96.86 4.25
CA SER A 2544 -40.71 -96.80 5.67
C SER A 2544 -41.05 -95.44 6.26
N LEU A 2545 -40.72 -94.36 5.55
CA LEU A 2545 -41.07 -93.03 6.00
C LEU A 2545 -42.59 -92.92 6.09
N TYR A 2546 -43.12 -92.73 7.30
CA TYR A 2546 -44.57 -92.63 7.47
C TYR A 2546 -44.87 -91.98 8.80
N SER A 2547 -45.91 -91.15 8.81
CA SER A 2547 -46.43 -90.58 10.04
C SER A 2547 -47.94 -90.54 9.91
N PRO A 2548 -48.69 -90.95 10.94
CA PRO A 2548 -50.13 -90.76 10.91
C PRO A 2548 -50.54 -89.30 10.96
N LYS A 2549 -49.63 -88.42 11.35
CA LYS A 2549 -49.88 -86.99 11.35
C LYS A 2549 -49.71 -86.36 9.99
N ILE A 2550 -49.14 -87.08 9.03
CA ILE A 2550 -48.85 -86.55 7.70
C ILE A 2550 -49.66 -87.25 6.63
N GLU A 2551 -50.58 -88.14 7.02
CA GLU A 2551 -51.32 -88.92 6.05
C GLU A 2551 -52.14 -88.05 5.11
N VAL A 2552 -52.46 -86.82 5.51
CA VAL A 2552 -53.22 -85.92 4.66
C VAL A 2552 -52.44 -85.64 3.38
N HIS A 2553 -51.15 -85.39 3.50
CA HIS A 2553 -50.33 -85.01 2.36
C HIS A 2553 -49.26 -86.04 2.03
N PHE A 2554 -49.15 -87.10 2.83
CA PHE A 2554 -48.13 -88.13 2.66
C PHE A 2554 -47.96 -88.51 1.19
N LEU A 2555 -49.05 -88.97 0.58
CA LEU A 2555 -49.02 -89.42 -0.80
C LEU A 2555 -48.63 -88.28 -1.74
N SER A 2556 -49.12 -87.08 -1.49
CA SER A 2556 -48.80 -85.96 -2.36
C SER A 2556 -47.30 -85.67 -2.33
N LEU A 2557 -46.72 -85.63 -1.14
CA LEU A 2557 -45.29 -85.36 -1.03
C LEU A 2557 -44.48 -86.49 -1.65
N ALA A 2558 -44.90 -87.74 -1.46
CA ALA A 2558 -44.18 -88.85 -2.05
C ALA A 2558 -44.20 -88.75 -3.58
N THR A 2559 -45.36 -88.45 -4.15
CA THR A 2559 -45.46 -88.29 -5.59
C THR A 2559 -44.58 -87.15 -6.07
N ASN A 2560 -44.56 -86.04 -5.34
CA ASN A 2560 -43.73 -84.92 -5.73
C ASN A 2560 -42.24 -85.29 -5.70
N PHE A 2561 -41.83 -86.01 -4.65
CA PHE A 2561 -40.44 -86.46 -4.56
C PHE A 2561 -40.09 -87.35 -5.74
N LEU A 2562 -40.98 -88.27 -6.09
CA LEU A 2562 -40.74 -89.10 -7.26
C LEU A 2562 -40.84 -88.32 -8.56
N LEU A 2563 -41.41 -87.12 -8.53
CA LEU A 2563 -41.54 -86.32 -9.74
C LEU A 2563 -40.29 -85.49 -10.01
N GLU A 2564 -39.94 -84.58 -9.11
CA GLU A 2564 -38.80 -83.73 -9.42
C GLU A 2564 -37.47 -84.47 -9.41
N MET A 2565 -37.42 -85.70 -8.88
CA MET A 2565 -36.24 -86.52 -9.12
C MET A 2565 -36.10 -86.81 -10.61
N THR A 2566 -37.22 -87.02 -11.29
CA THR A 2566 -37.24 -87.17 -12.74
C THR A 2566 -37.02 -85.78 -13.34
N SER A 2567 -35.78 -85.33 -13.29
CA SER A 2567 -35.39 -84.08 -13.92
C SER A 2567 -34.09 -84.21 -14.68
N MET A 2568 -33.45 -85.38 -14.65
CA MET A 2568 -32.24 -85.61 -15.42
C MET A 2568 -32.44 -86.68 -16.49
N SER A 2569 -33.65 -87.20 -16.62
CA SER A 2569 -33.92 -88.17 -17.67
C SER A 2569 -33.72 -87.51 -19.04
N PRO A 2570 -33.15 -88.22 -20.01
CA PRO A 2570 -32.99 -87.61 -21.35
C PRO A 2570 -34.31 -87.22 -21.99
N ASP A 2571 -35.36 -88.01 -21.77
CA ASP A 2571 -36.68 -87.70 -22.29
C ASP A 2571 -37.39 -86.64 -21.45
N TYR A 2572 -36.85 -86.30 -20.28
CA TYR A 2572 -37.49 -85.29 -19.44
C TYR A 2572 -37.54 -83.92 -20.10
N PRO A 2573 -36.42 -83.34 -20.59
CA PRO A 2573 -36.55 -82.12 -21.38
C PRO A 2573 -36.62 -82.45 -22.87
N ASN A 2574 -37.72 -83.05 -23.29
CA ASN A 2574 -37.81 -83.56 -24.65
C ASN A 2574 -39.14 -83.20 -25.26
N PRO A 2575 -39.18 -82.97 -26.58
CA PRO A 2575 -40.46 -82.73 -27.25
C PRO A 2575 -41.26 -84.03 -27.35
N MET A 2576 -42.52 -83.97 -26.94
CA MET A 2576 -43.37 -85.15 -27.05
C MET A 2576 -43.55 -85.55 -28.50
N PHE A 2577 -43.77 -84.58 -29.39
CA PHE A 2577 -43.96 -84.87 -30.80
C PHE A 2577 -43.18 -83.85 -31.61
N GLU A 2578 -42.15 -84.32 -32.30
CA GLU A 2578 -41.36 -83.47 -33.18
C GLU A 2578 -42.19 -82.92 -34.32
N HIS A 2579 -43.33 -83.54 -34.64
CA HIS A 2579 -44.17 -83.10 -35.74
C HIS A 2579 -45.23 -82.16 -35.20
N PRO A 2580 -45.19 -80.87 -35.52
CA PRO A 2580 -46.32 -79.99 -35.17
C PRO A 2580 -47.41 -80.15 -36.22
N LEU A 2581 -48.61 -80.52 -35.75
CA LEU A 2581 -49.72 -80.79 -36.66
C LEU A 2581 -50.01 -79.56 -37.50
N SER A 2582 -49.95 -79.72 -38.83
CA SER A 2582 -50.08 -78.61 -39.77
C SER A 2582 -49.01 -77.55 -39.49
N GLU A 2583 -47.77 -77.96 -39.74
CA GLU A 2583 -46.58 -77.14 -39.50
C GLU A 2583 -46.83 -75.67 -39.83
N CYS A 2584 -46.54 -74.81 -38.86
CA CYS A 2584 -46.82 -73.38 -38.97
C CYS A 2584 -45.75 -72.63 -38.19
N GLU A 2585 -45.99 -71.34 -37.98
CA GLU A 2585 -45.08 -70.50 -37.22
C GLU A 2585 -45.61 -70.38 -35.80
N PHE A 2586 -44.79 -70.79 -34.83
CA PHE A 2586 -45.22 -70.82 -33.43
C PHE A 2586 -44.26 -69.95 -32.62
N GLN A 2587 -44.65 -68.69 -32.43
CA GLN A 2587 -43.89 -67.76 -31.60
C GLN A 2587 -44.24 -68.02 -30.14
N GLU A 2588 -43.85 -67.11 -29.26
CA GLU A 2588 -44.09 -67.28 -27.83
C GLU A 2588 -45.35 -66.54 -27.41
N TYR A 2589 -46.10 -67.15 -26.50
CA TYR A 2589 -47.31 -66.56 -25.95
C TYR A 2589 -47.00 -66.05 -24.54
N THR A 2590 -47.35 -64.80 -24.28
CA THR A 2590 -47.19 -64.21 -22.97
C THR A 2590 -48.52 -64.15 -22.24
N ILE A 2591 -48.45 -64.15 -20.91
CA ILE A 2591 -49.64 -64.16 -20.06
C ILE A 2591 -49.47 -63.08 -19.00
N ASP A 2592 -50.51 -62.25 -18.84
CA ASP A 2592 -50.55 -61.23 -17.80
C ASP A 2592 -51.86 -61.30 -17.05
N SER A 2593 -51.79 -61.31 -15.74
CA SER A 2593 -52.96 -61.29 -14.87
C SER A 2593 -53.05 -59.96 -14.13
N ASP A 2594 -54.09 -59.82 -13.32
CA ASP A 2594 -54.25 -58.65 -12.49
C ASP A 2594 -54.87 -59.07 -11.16
N TRP A 2595 -54.56 -58.30 -10.12
CA TRP A 2595 -55.13 -58.58 -8.81
C TRP A 2595 -56.63 -58.35 -8.79
N ARG A 2596 -57.10 -57.35 -9.52
CA ARG A 2596 -58.50 -56.94 -9.44
C ARG A 2596 -59.43 -58.00 -9.99
N PHE A 2597 -60.51 -58.27 -9.27
CA PHE A 2597 -61.58 -59.15 -9.71
C PHE A 2597 -62.91 -58.43 -9.49
N ARG A 2598 -63.88 -58.74 -10.33
CA ARG A 2598 -65.07 -57.91 -10.48
C ARG A 2598 -66.33 -58.71 -10.16
N SER A 2599 -67.24 -58.07 -9.42
CA SER A 2599 -68.50 -58.69 -9.04
C SER A 2599 -69.43 -57.61 -8.50
N THR A 2600 -70.72 -57.72 -8.84
CA THR A 2600 -71.78 -56.88 -8.28
C THR A 2600 -71.50 -55.39 -8.48
N VAL A 2601 -70.99 -55.03 -9.65
CA VAL A 2601 -70.67 -53.65 -9.97
C VAL A 2601 -71.03 -53.38 -11.42
N LEU A 2602 -71.77 -52.30 -11.66
CA LEU A 2602 -72.11 -51.86 -13.01
C LEU A 2602 -71.32 -50.59 -13.36
N THR A 2603 -71.65 -50.02 -14.51
CA THR A 2603 -71.08 -48.75 -14.91
C THR A 2603 -72.19 -47.83 -15.40
N GLY A 2721 -20.75 -42.13 -4.67
CA GLY A 2721 -21.61 -41.41 -3.76
C GLY A 2721 -21.95 -40.01 -4.24
N ARG A 2722 -23.16 -39.85 -4.74
CA ARG A 2722 -23.60 -38.57 -5.28
C ARG A 2722 -24.85 -38.02 -4.62
N THR A 2723 -25.55 -38.81 -3.82
CA THR A 2723 -26.69 -38.33 -3.06
C THR A 2723 -26.28 -37.55 -1.82
N ASP A 2724 -24.98 -37.47 -1.55
CA ASP A 2724 -24.48 -36.79 -0.36
C ASP A 2724 -25.04 -35.38 -0.24
N LEU A 2725 -25.08 -34.64 -1.34
CA LEU A 2725 -25.70 -33.32 -1.31
C LEU A 2725 -27.20 -33.45 -1.00
N LEU A 2726 -27.85 -34.43 -1.60
CA LEU A 2726 -29.25 -34.69 -1.26
C LEU A 2726 -29.37 -35.13 0.20
N ARG A 2727 -28.40 -35.90 0.69
CA ARG A 2727 -28.41 -36.29 2.10
C ARG A 2727 -28.39 -35.07 2.99
N LEU A 2728 -27.52 -34.11 2.68
CA LEU A 2728 -27.44 -32.88 3.48
C LEU A 2728 -28.72 -32.07 3.36
N ARG A 2729 -29.20 -31.87 2.14
CA ARG A 2729 -30.36 -31.01 1.93
C ARG A 2729 -31.61 -31.58 2.59
N ARG A 2730 -31.75 -32.90 2.57
CA ARG A 2730 -32.85 -33.53 3.30
C ARG A 2730 -32.71 -33.28 4.80
N ARG A 2731 -31.48 -33.25 5.31
CA ARG A 2731 -31.21 -33.02 6.71
C ARG A 2731 -31.08 -31.54 7.05
N PHE A 2732 -31.69 -30.66 6.25
CA PHE A 2732 -31.68 -29.22 6.53
C PHE A 2732 -32.97 -28.88 7.25
N MET A 2733 -32.93 -28.94 8.59
CA MET A 2733 -34.04 -28.52 9.41
C MET A 2733 -33.62 -27.36 10.32
N ARG A 2734 -32.87 -26.41 9.77
CA ARG A 2734 -32.41 -25.27 10.54
C ARG A 2734 -33.52 -24.30 10.91
N ASP A 2735 -34.77 -24.64 10.63
CA ASP A 2735 -35.94 -23.90 11.07
C ASP A 2735 -36.64 -24.67 12.18
N GLN A 2736 -37.78 -24.14 12.62
CA GLN A 2736 -38.54 -24.75 13.71
C GLN A 2736 -39.62 -25.66 13.12
N GLU A 2737 -39.63 -26.93 13.54
CA GLU A 2737 -40.59 -27.89 13.02
C GLU A 2737 -41.13 -28.85 14.07
N LYS A 2738 -40.82 -28.67 15.35
CA LYS A 2738 -41.13 -29.69 16.35
C LYS A 2738 -42.64 -29.91 16.47
N LEU A 2739 -43.41 -28.82 16.56
CA LEU A 2739 -44.87 -28.95 16.59
C LEU A 2739 -45.37 -29.57 15.29
N SER A 2740 -44.84 -29.10 14.15
CA SER A 2740 -45.16 -29.73 12.89
C SER A 2740 -44.60 -31.13 12.79
N LEU A 2741 -43.53 -31.45 13.52
CA LEU A 2741 -43.04 -32.82 13.54
C LEU A 2741 -44.03 -33.75 14.24
N MET A 2742 -44.56 -33.34 15.39
CA MET A 2742 -45.57 -34.15 16.06
C MET A 2742 -46.84 -34.24 15.23
N TYR A 2743 -47.24 -33.13 14.62
CA TYR A 2743 -48.41 -33.17 13.74
C TYR A 2743 -48.17 -34.09 12.56
N ALA A 2744 -46.95 -34.11 12.02
CA ALA A 2744 -46.63 -34.99 10.92
C ALA A 2744 -46.65 -36.44 11.35
N ARG A 2745 -46.15 -36.74 12.55
CA ARG A 2745 -46.25 -38.10 13.08
C ARG A 2745 -47.71 -38.51 13.18
N LYS A 2746 -48.55 -37.65 13.73
CA LYS A 2746 -49.96 -37.99 13.88
C LYS A 2746 -50.64 -38.16 12.52
N GLY A 2747 -50.38 -37.25 11.58
CA GLY A 2747 -50.99 -37.35 10.27
C GLY A 2747 -50.52 -38.55 9.48
N VAL A 2748 -49.23 -38.87 9.60
CA VAL A 2748 -48.69 -40.07 8.95
C VAL A 2748 -49.32 -41.31 9.55
N ALA A 2749 -49.55 -41.32 10.86
CA ALA A 2749 -50.26 -42.43 11.48
C ALA A 2749 -51.68 -42.53 10.95
N GLU A 2750 -52.35 -41.39 10.74
CA GLU A 2750 -53.68 -41.39 10.16
C GLU A 2750 -53.66 -41.98 8.75
N GLN A 2751 -52.71 -41.56 7.93
CA GLN A 2751 -52.62 -42.08 6.57
C GLN A 2751 -52.30 -43.56 6.58
N LYS A 2752 -51.48 -44.01 7.52
CA LYS A 2752 -51.16 -45.43 7.62
C LYS A 2752 -52.40 -46.25 8.00
N ARG A 2753 -53.17 -45.78 8.99
CA ARG A 2753 -54.36 -46.54 9.35
C ARG A 2753 -55.40 -46.50 8.24
N GLU A 2754 -55.41 -45.43 7.43
CA GLU A 2754 -56.32 -45.39 6.30
C GLU A 2754 -55.91 -46.38 5.20
N LYS A 2755 -54.62 -46.38 4.84
CA LYS A 2755 -54.14 -47.26 3.78
C LYS A 2755 -54.07 -48.71 4.21
N GLU A 2756 -54.11 -48.96 5.51
CA GLU A 2756 -54.06 -50.31 6.03
C GLU A 2756 -55.24 -51.15 5.52
N ILE A 2757 -56.46 -50.64 5.67
CA ILE A 2757 -57.65 -51.33 5.19
C ILE A 2757 -57.55 -51.64 3.71
N LYS A 2758 -57.06 -50.67 2.92
CA LYS A 2758 -56.91 -50.89 1.49
C LYS A 2758 -55.88 -51.99 1.22
N SER A 2759 -54.84 -52.07 2.05
CA SER A 2759 -53.85 -53.11 1.87
C SER A 2759 -54.48 -54.49 2.05
N GLU A 2760 -55.28 -54.70 3.10
CA GLU A 2760 -55.92 -56.01 3.20
C GLU A 2760 -56.98 -56.21 2.12
N LEU A 2761 -57.64 -55.14 1.68
CA LEU A 2761 -58.57 -55.28 0.56
C LEU A 2761 -57.86 -55.81 -0.68
N LYS A 2762 -56.66 -55.32 -0.93
CA LYS A 2762 -55.89 -55.78 -2.09
C LYS A 2762 -55.38 -57.20 -1.91
N MET A 2763 -54.85 -57.53 -0.72
CA MET A 2763 -54.27 -58.85 -0.54
C MET A 2763 -55.33 -59.94 -0.45
N LYS A 2764 -56.55 -59.59 -0.04
CA LYS A 2764 -57.64 -60.56 -0.05
C LYS A 2764 -57.92 -61.06 -1.46
N GLN A 2765 -57.61 -60.24 -2.46
CA GLN A 2765 -57.66 -60.68 -3.85
C GLN A 2765 -56.62 -61.77 -4.08
N ASP A 2766 -56.94 -62.70 -4.97
CA ASP A 2766 -56.09 -63.86 -5.19
C ASP A 2766 -54.72 -63.43 -5.69
N ALA A 2767 -53.68 -64.03 -5.12
CA ALA A 2767 -52.31 -63.71 -5.52
C ALA A 2767 -52.05 -64.16 -6.95
N GLN A 2768 -51.10 -63.47 -7.60
CA GLN A 2768 -50.80 -63.77 -8.99
C GLN A 2768 -50.35 -65.20 -9.14
N VAL A 2769 -50.92 -65.88 -10.13
CA VAL A 2769 -50.71 -67.31 -10.33
C VAL A 2769 -49.41 -67.53 -11.11
N VAL A 2770 -48.70 -68.60 -10.79
CA VAL A 2770 -47.42 -68.91 -11.40
C VAL A 2770 -47.62 -69.97 -12.47
N LEU A 2771 -47.06 -69.73 -13.65
CA LEU A 2771 -47.09 -70.72 -14.71
C LEU A 2771 -46.06 -71.81 -14.45
N TYR A 2772 -46.30 -72.99 -15.02
CA TYR A 2772 -45.36 -74.10 -14.91
C TYR A 2772 -45.23 -74.86 -16.22
N ARG A 2773 -45.37 -74.17 -17.35
CA ARG A 2773 -45.32 -74.84 -18.63
C ARG A 2773 -45.12 -73.79 -19.71
N SER A 2774 -44.37 -74.14 -20.75
CA SER A 2774 -44.16 -73.21 -21.85
C SER A 2774 -45.42 -73.11 -22.71
N TYR A 2775 -45.73 -71.90 -23.15
CA TYR A 2775 -46.91 -71.62 -23.97
C TYR A 2775 -46.43 -70.95 -25.25
N ARG A 2776 -46.36 -71.72 -26.32
CA ARG A 2776 -45.78 -71.26 -27.59
C ARG A 2776 -46.90 -70.78 -28.49
N HIS A 2777 -46.93 -69.47 -28.73
CA HIS A 2777 -48.00 -68.85 -29.52
C HIS A 2777 -47.87 -69.27 -30.97
N GLY A 2778 -48.83 -70.06 -31.45
CA GLY A 2778 -48.85 -70.46 -32.84
C GLY A 2778 -50.25 -70.43 -33.38
N ASP A 2779 -50.34 -70.38 -34.71
CA ASP A 2779 -51.63 -70.48 -35.38
C ASP A 2779 -52.19 -71.89 -35.38
N LEU A 2780 -51.33 -72.89 -35.20
CA LEU A 2780 -51.74 -74.27 -35.35
C LEU A 2780 -51.10 -75.11 -34.25
N PRO A 2781 -51.49 -76.38 -34.10
CA PRO A 2781 -50.89 -77.20 -33.04
C PRO A 2781 -49.38 -77.33 -33.21
N ASP A 2782 -48.69 -77.40 -32.08
CA ASP A 2782 -47.24 -77.57 -32.05
C ASP A 2782 -46.89 -78.37 -30.79
N ILE A 2783 -46.36 -79.57 -30.97
CA ILE A 2783 -46.24 -80.52 -29.87
C ILE A 2783 -44.76 -80.76 -29.56
N GLN A 2784 -43.93 -79.78 -29.86
CA GLN A 2784 -42.51 -79.87 -29.56
C GLN A 2784 -42.18 -79.44 -28.15
N ILE A 2785 -43.21 -79.29 -27.31
CA ILE A 2785 -43.07 -78.81 -25.94
C ILE A 2785 -42.51 -79.94 -25.08
N LYS A 2786 -42.08 -79.63 -23.86
CA LYS A 2786 -41.29 -80.54 -23.04
C LYS A 2786 -42.17 -81.47 -22.21
N HIS A 2787 -41.66 -82.67 -21.98
CA HIS A 2787 -42.25 -83.56 -20.98
C HIS A 2787 -42.10 -82.95 -19.59
N SER A 2788 -41.05 -82.18 -19.37
CA SER A 2788 -40.92 -81.41 -18.14
C SER A 2788 -42.10 -80.46 -17.98
N SER A 2789 -42.51 -79.82 -19.07
CA SER A 2789 -43.69 -78.98 -19.06
C SER A 2789 -44.96 -79.79 -18.87
N LEU A 2790 -44.91 -81.09 -19.15
CA LEU A 2790 -46.04 -81.96 -18.81
C LEU A 2790 -46.11 -82.21 -17.31
N ILE A 2791 -44.96 -82.47 -16.70
CA ILE A 2791 -44.94 -82.97 -15.34
C ILE A 2791 -44.95 -81.86 -14.30
N THR A 2792 -44.50 -80.66 -14.64
CA THR A 2792 -44.57 -79.55 -13.68
C THR A 2792 -45.99 -79.22 -13.27
N PRO A 2793 -46.97 -79.09 -14.16
CA PRO A 2793 -48.36 -78.94 -13.69
C PRO A 2793 -48.87 -80.17 -12.96
N LEU A 2794 -48.31 -81.34 -13.26
CA LEU A 2794 -48.71 -82.54 -12.52
C LEU A 2794 -48.40 -82.40 -11.05
N GLN A 2795 -47.20 -81.94 -10.70
CA GLN A 2795 -46.89 -81.69 -9.31
C GLN A 2795 -47.62 -80.45 -8.79
N ALA A 2796 -47.87 -79.47 -9.66
CA ALA A 2796 -48.59 -78.29 -9.24
C ALA A 2796 -49.99 -78.65 -8.76
N VAL A 2797 -50.63 -79.62 -9.40
CA VAL A 2797 -51.97 -80.03 -9.00
C VAL A 2797 -51.95 -81.17 -7.99
N ALA A 2798 -50.86 -81.94 -7.93
CA ALA A 2798 -50.80 -83.05 -6.98
C ALA A 2798 -50.92 -82.56 -5.56
N GLN A 2799 -50.21 -81.48 -5.23
CA GLN A 2799 -50.31 -80.89 -3.91
C GLN A 2799 -51.71 -80.37 -3.63
N ARG A 2800 -52.47 -80.06 -4.67
CA ARG A 2800 -53.75 -79.39 -4.49
C ARG A 2800 -54.85 -80.37 -4.10
N ASP A 2801 -54.95 -81.49 -4.80
CA ASP A 2801 -56.11 -82.36 -4.66
C ASP A 2801 -55.72 -83.71 -4.08
N PRO A 2802 -56.31 -84.10 -2.94
CA PRO A 2802 -56.06 -85.45 -2.41
C PRO A 2802 -56.48 -86.57 -3.33
N ILE A 2803 -57.61 -86.46 -4.04
CA ILE A 2803 -58.04 -87.58 -4.85
C ILE A 2803 -57.11 -87.74 -6.04
N ILE A 2804 -56.75 -86.62 -6.70
CA ILE A 2804 -55.80 -86.71 -7.81
C ILE A 2804 -54.51 -87.32 -7.35
N ALA A 2805 -54.01 -86.89 -6.19
CA ALA A 2805 -52.82 -87.53 -5.65
C ALA A 2805 -53.03 -89.01 -5.50
N LYS A 2806 -54.24 -89.41 -5.11
CA LYS A 2806 -54.53 -90.83 -4.92
C LYS A 2806 -54.41 -91.60 -6.22
N GLN A 2807 -55.06 -91.14 -7.29
CA GLN A 2807 -54.98 -91.96 -8.50
C GLN A 2807 -53.62 -91.82 -9.16
N LEU A 2808 -52.97 -90.65 -9.01
CA LEU A 2808 -51.57 -90.55 -9.42
C LEU A 2808 -50.75 -91.66 -8.79
N PHE A 2809 -50.80 -91.77 -7.46
CA PHE A 2809 -49.87 -92.63 -6.77
C PHE A 2809 -50.23 -94.09 -7.01
N SER A 2810 -51.53 -94.39 -7.07
CA SER A 2810 -51.96 -95.76 -7.40
C SER A 2810 -51.51 -96.15 -8.80
N SER A 2811 -51.73 -95.27 -9.78
CA SER A 2811 -51.38 -95.58 -11.15
C SER A 2811 -49.89 -95.76 -11.31
N LEU A 2812 -49.10 -94.86 -10.73
CA LEU A 2812 -47.66 -94.98 -10.83
C LEU A 2812 -47.16 -96.22 -10.11
N PHE A 2813 -47.80 -96.59 -9.00
CA PHE A 2813 -47.41 -97.82 -8.32
C PHE A 2813 -47.67 -99.03 -9.20
N SER A 2814 -48.84 -99.09 -9.84
CA SER A 2814 -49.12 -100.20 -10.74
C SER A 2814 -48.13 -100.23 -11.89
N GLY A 2815 -47.81 -99.06 -12.45
CA GLY A 2815 -46.87 -99.01 -13.56
C GLY A 2815 -45.47 -99.46 -13.16
N ILE A 2816 -44.99 -98.99 -12.01
CA ILE A 2816 -43.66 -99.41 -11.59
C ILE A 2816 -43.67 -100.87 -11.20
N LEU A 2817 -44.79 -101.40 -10.71
CA LEU A 2817 -44.88 -102.83 -10.44
C LEU A 2817 -44.75 -103.64 -11.72
N LYS A 2818 -45.56 -103.31 -12.72
CA LYS A 2818 -45.49 -103.99 -14.01
C LYS A 2818 -44.20 -103.68 -14.75
N GLU A 2819 -43.43 -102.70 -14.30
CA GLU A 2819 -42.12 -102.43 -14.86
C GLU A 2819 -41.02 -103.21 -14.15
N MET A 2820 -41.13 -103.40 -12.84
CA MET A 2820 -40.11 -104.09 -12.07
C MET A 2820 -40.22 -105.60 -12.19
N ASP A 2821 -41.45 -106.13 -12.27
CA ASP A 2821 -41.60 -107.56 -12.43
C ASP A 2821 -40.99 -108.04 -13.75
N LYS A 2822 -40.74 -107.11 -14.68
CA LYS A 2822 -40.05 -107.43 -15.92
C LYS A 2822 -38.71 -108.10 -15.66
N PHE A 2823 -38.00 -107.66 -14.63
CA PHE A 2823 -36.64 -108.13 -14.38
C PHE A 2823 -36.46 -108.70 -12.98
N LYS A 2824 -37.15 -108.12 -12.00
CA LYS A 2824 -37.08 -108.65 -10.64
C LYS A 2824 -37.59 -110.07 -10.59
N THR A 2825 -36.81 -110.94 -9.96
CA THR A 2825 -37.17 -112.35 -9.85
C THR A 2825 -38.28 -112.53 -8.82
N LEU A 2826 -38.84 -113.73 -8.82
CA LEU A 2826 -40.01 -114.01 -7.98
C LEU A 2826 -39.69 -113.80 -6.51
N SER A 2827 -38.48 -114.17 -6.08
CA SER A 2827 -38.11 -113.94 -4.69
C SER A 2827 -38.07 -112.45 -4.37
N GLU A 2828 -37.49 -111.65 -5.26
CA GLU A 2828 -37.47 -110.21 -5.06
C GLU A 2828 -38.90 -109.68 -4.97
N LYS A 2829 -39.75 -110.08 -5.90
CA LYS A 2829 -41.11 -109.55 -5.95
C LYS A 2829 -41.90 -109.93 -4.70
N ASN A 2830 -41.80 -111.19 -4.27
CA ASN A 2830 -42.57 -111.61 -3.11
C ASN A 2830 -42.02 -111.00 -1.82
N ASN A 2831 -40.70 -110.85 -1.73
CA ASN A 2831 -40.13 -110.17 -0.56
C ASN A 2831 -40.62 -108.73 -0.49
N ILE A 2832 -40.59 -108.03 -1.62
CA ILE A 2832 -41.09 -106.67 -1.66
C ILE A 2832 -42.56 -106.64 -1.29
N THR A 2833 -43.31 -107.63 -1.76
CA THR A 2833 -44.73 -107.72 -1.43
C THR A 2833 -44.93 -107.85 0.07
N GLN A 2834 -44.14 -108.72 0.71
CA GLN A 2834 -44.27 -108.90 2.15
C GLN A 2834 -43.94 -107.63 2.91
N LYS A 2835 -42.86 -106.95 2.50
CA LYS A 2835 -42.49 -105.70 3.14
C LYS A 2835 -43.60 -104.68 3.00
N LEU A 2836 -44.16 -104.57 1.80
CA LEU A 2836 -45.22 -103.59 1.59
C LEU A 2836 -46.47 -103.93 2.38
N LEU A 2837 -46.82 -105.21 2.44
CA LEU A 2837 -48.01 -105.60 3.19
C LEU A 2837 -47.85 -105.29 4.67
N GLN A 2838 -46.69 -105.61 5.25
CA GLN A 2838 -46.49 -105.30 6.65
C GLN A 2838 -46.46 -103.80 6.88
N ASP A 2839 -45.93 -103.04 5.92
CA ASP A 2839 -46.01 -101.58 6.01
C ASP A 2839 -47.45 -101.12 6.05
N PHE A 2840 -48.30 -101.69 5.20
CA PHE A 2840 -49.71 -101.30 5.18
C PHE A 2840 -50.38 -101.66 6.48
N ASN A 2841 -50.06 -102.83 7.04
CA ASN A 2841 -50.61 -103.19 8.35
C ASN A 2841 -50.19 -102.17 9.39
N ARG A 2842 -48.92 -101.75 9.35
CA ARG A 2842 -48.45 -100.73 10.29
C ARG A 2842 -49.23 -99.44 10.12
N PHE A 2843 -49.48 -99.04 8.86
CA PHE A 2843 -50.24 -97.82 8.62
C PHE A 2843 -51.65 -97.95 9.17
N LEU A 2844 -52.27 -99.10 8.94
CA LEU A 2844 -53.65 -99.30 9.39
C LEU A 2844 -53.74 -99.23 10.90
N ASN A 2845 -52.88 -99.98 11.59
CA ASN A 2845 -52.95 -99.99 13.04
C ASN A 2845 -52.46 -98.69 13.65
N THR A 2846 -51.69 -97.90 12.90
CA THR A 2846 -51.14 -96.65 13.42
C THR A 2846 -51.99 -95.44 13.06
N THR A 2847 -52.85 -95.54 12.05
CA THR A 2847 -53.64 -94.40 11.64
C THR A 2847 -54.69 -94.07 12.68
N PHE A 2848 -54.78 -92.80 13.04
CA PHE A 2848 -55.77 -92.31 13.99
C PHE A 2848 -56.61 -91.18 13.43
N SER A 2849 -56.01 -90.28 12.66
CA SER A 2849 -56.74 -89.21 11.99
C SER A 2849 -57.04 -89.64 10.56
N PHE A 2850 -57.87 -90.67 10.46
CA PHE A 2850 -58.08 -91.39 9.21
C PHE A 2850 -58.46 -90.44 8.09
N PHE A 2851 -57.58 -90.35 7.09
CA PHE A 2851 -57.80 -89.48 5.95
C PHE A 2851 -58.48 -90.29 4.86
N PRO A 2852 -59.74 -90.03 4.55
CA PRO A 2852 -60.48 -90.86 3.59
C PRO A 2852 -59.77 -90.97 2.25
N PRO A 2853 -59.27 -89.87 1.67
CA PRO A 2853 -58.57 -90.02 0.39
C PRO A 2853 -57.34 -90.90 0.49
N PHE A 2854 -56.53 -90.69 1.52
CA PHE A 2854 -55.29 -91.46 1.67
C PHE A 2854 -55.56 -92.93 1.94
N VAL A 2855 -56.41 -93.21 2.93
CA VAL A 2855 -56.68 -94.59 3.29
C VAL A 2855 -57.37 -95.31 2.13
N SER A 2856 -58.24 -94.59 1.42
CA SER A 2856 -58.87 -95.16 0.24
C SER A 2856 -57.86 -95.44 -0.85
N CYS A 2857 -56.85 -94.59 -1.01
CA CYS A 2857 -55.80 -94.87 -1.96
C CYS A 2857 -55.07 -96.15 -1.60
N ILE A 2858 -54.79 -96.33 -0.31
CA ILE A 2858 -54.12 -97.56 0.12
C ILE A 2858 -54.98 -98.77 -0.20
N GLN A 2859 -56.28 -98.68 0.08
CA GLN A 2859 -57.17 -99.79 -0.19
C GLN A 2859 -57.25 -100.09 -1.68
N ASP A 2860 -57.26 -99.04 -2.50
CA ASP A 2860 -57.25 -99.23 -3.95
C ASP A 2860 -55.99 -99.93 -4.39
N ILE A 2861 -54.85 -99.54 -3.84
CA ILE A 2861 -53.60 -100.23 -4.13
C ILE A 2861 -53.73 -101.70 -3.81
N SER A 2862 -54.29 -102.00 -2.63
CA SER A 2862 -54.44 -103.39 -2.21
C SER A 2862 -55.30 -104.18 -3.18
N CYS A 2863 -56.40 -103.60 -3.63
CA CYS A 2863 -57.29 -104.33 -4.53
C CYS A 2863 -56.76 -104.40 -5.95
N GLN A 2864 -55.77 -103.57 -6.31
CA GLN A 2864 -55.23 -103.63 -7.66
C GLN A 2864 -54.57 -104.97 -7.94
N HIS A 2865 -53.87 -105.53 -6.96
CA HIS A 2865 -53.05 -106.71 -7.19
C HIS A 2865 -53.41 -107.80 -6.21
N ALA A 2866 -53.44 -109.04 -6.71
CA ALA A 2866 -53.81 -110.18 -5.89
C ALA A 2866 -52.80 -110.41 -4.78
N ALA A 2867 -51.51 -110.18 -5.07
CA ALA A 2867 -50.50 -110.29 -4.02
C ALA A 2867 -50.80 -109.35 -2.87
N LEU A 2868 -51.23 -108.13 -3.19
CA LEU A 2868 -51.69 -107.20 -2.17
C LEU A 2868 -53.04 -107.58 -1.61
N LEU A 2869 -53.77 -108.48 -2.28
CA LEU A 2869 -55.04 -108.96 -1.76
C LEU A 2869 -54.78 -110.05 -0.72
N SER A 2870 -53.92 -109.74 0.24
CA SER A 2870 -53.61 -110.67 1.31
C SER A 2870 -53.44 -109.95 2.64
N LEU A 2871 -53.76 -108.67 2.71
CA LEU A 2871 -53.58 -107.90 3.93
C LEU A 2871 -54.50 -108.40 5.03
N ASP A 2872 -54.19 -108.01 6.26
CA ASP A 2872 -55.03 -108.35 7.39
C ASP A 2872 -56.40 -107.72 7.21
N PRO A 2873 -57.44 -108.52 6.94
CA PRO A 2873 -58.76 -107.94 6.68
C PRO A 2873 -59.34 -107.20 7.87
N ALA A 2874 -58.97 -107.60 9.09
CA ALA A 2874 -59.53 -106.94 10.27
C ALA A 2874 -59.11 -105.49 10.35
N ALA A 2875 -57.81 -105.22 10.14
CA ALA A 2875 -57.33 -103.85 10.16
C ALA A 2875 -57.95 -103.04 9.04
N VAL A 2876 -58.10 -103.64 7.86
CA VAL A 2876 -58.71 -102.94 6.74
C VAL A 2876 -60.15 -102.56 7.08
N SER A 2877 -60.89 -103.50 7.66
CA SER A 2877 -62.27 -103.22 8.04
C SER A 2877 -62.34 -102.12 9.08
N ALA A 2878 -61.48 -102.19 10.10
CA ALA A 2878 -61.48 -101.17 11.13
C ALA A 2878 -61.18 -99.80 10.54
N GLY A 2879 -60.17 -99.72 9.67
CA GLY A 2879 -59.82 -98.44 9.08
C GLY A 2879 -60.91 -97.89 8.19
N CYS A 2880 -61.50 -98.74 7.35
CA CYS A 2880 -62.55 -98.26 6.46
C CYS A 2880 -63.77 -97.80 7.25
N LEU A 2881 -64.13 -98.54 8.30
CA LEU A 2881 -65.25 -98.12 9.13
C LEU A 2881 -64.96 -96.80 9.84
N ALA A 2882 -63.74 -96.64 10.36
CA ALA A 2882 -63.39 -95.40 11.02
C ALA A 2882 -63.41 -94.23 10.06
N SER A 2883 -62.93 -94.45 8.84
CA SER A 2883 -62.86 -93.41 7.82
C SER A 2883 -64.05 -93.44 6.87
N LEU A 2884 -65.06 -94.26 7.16
CA LEU A 2884 -66.27 -94.41 6.37
C LEU A 2884 -65.97 -95.02 5.00
N GLN A 2885 -64.73 -95.39 4.73
CA GLN A 2885 -64.33 -95.80 3.38
C GLN A 2885 -64.77 -97.24 3.10
N GLN A 2886 -66.08 -97.47 3.26
CA GLN A 2886 -66.62 -98.81 3.08
C GLN A 2886 -66.44 -99.32 1.65
N PRO A 2887 -67.03 -98.71 0.62
CA PRO A 2887 -67.19 -99.44 -0.65
C PRO A 2887 -65.90 -100.00 -1.22
N VAL A 2888 -64.81 -99.25 -1.15
CA VAL A 2888 -63.54 -99.76 -1.63
C VAL A 2888 -63.04 -100.91 -0.77
N GLY A 2889 -63.20 -100.80 0.55
CA GLY A 2889 -62.82 -101.90 1.42
C GLY A 2889 -63.65 -103.15 1.14
N ILE A 2890 -64.94 -102.96 0.89
CA ILE A 2890 -65.81 -104.08 0.54
C ILE A 2890 -65.34 -104.73 -0.74
N ARG A 2891 -65.06 -103.93 -1.76
CA ARG A 2891 -64.66 -104.49 -3.04
C ARG A 2891 -63.36 -105.27 -2.90
N LEU A 2892 -62.37 -104.69 -2.25
CA LEU A 2892 -61.10 -105.40 -2.09
C LEU A 2892 -61.28 -106.66 -1.26
N LEU A 2893 -62.09 -106.59 -0.21
CA LEU A 2893 -62.24 -107.75 0.64
C LEU A 2893 -62.93 -108.88 -0.09
N GLU A 2894 -63.99 -108.57 -0.85
CA GLU A 2894 -64.68 -109.64 -1.58
C GLU A 2894 -63.79 -110.22 -2.66
N GLU A 2895 -63.03 -109.39 -3.38
CA GLU A 2895 -62.20 -109.93 -4.45
C GLU A 2895 -61.05 -110.75 -3.86
N ALA A 2896 -60.47 -110.29 -2.76
CA ALA A 2896 -59.41 -111.06 -2.11
C ALA A 2896 -59.94 -112.38 -1.58
N LEU A 2897 -61.12 -112.37 -0.97
CA LEU A 2897 -61.72 -113.60 -0.48
C LEU A 2897 -62.01 -114.56 -1.61
N LEU A 2898 -62.51 -114.04 -2.74
CA LEU A 2898 -62.81 -114.89 -3.88
C LEU A 2898 -61.54 -115.48 -4.47
N ARG A 2899 -60.50 -114.67 -4.63
CA ARG A 2899 -59.27 -115.12 -5.26
C ARG A 2899 -58.51 -116.08 -4.35
N LEU A 2900 -58.56 -115.84 -3.04
CA LEU A 2900 -57.78 -116.63 -2.10
C LEU A 2900 -58.27 -118.06 -1.99
N LEU A 2901 -59.50 -118.33 -2.43
CA LEU A 2901 -60.09 -119.67 -2.37
C LEU A 2901 -60.11 -120.20 -0.94
N LEU A 2916 -60.04 -125.52 7.29
CA LEU A 2916 -60.81 -124.33 6.96
C LEU A 2916 -59.94 -123.08 6.95
N PRO A 2917 -59.93 -122.36 5.83
CA PRO A 2917 -59.17 -121.12 5.77
C PRO A 2917 -59.74 -120.10 6.75
N PRO A 2918 -58.89 -119.22 7.29
CA PRO A 2918 -59.38 -118.19 8.21
C PRO A 2918 -60.11 -117.07 7.48
N ASP A 2919 -60.36 -117.26 6.18
CA ASP A 2919 -61.11 -116.28 5.41
C ASP A 2919 -62.52 -116.11 5.95
N VAL A 2920 -63.00 -117.05 6.77
CA VAL A 2920 -64.27 -116.87 7.44
C VAL A 2920 -64.26 -115.54 8.18
N LEU A 2921 -63.14 -115.21 8.83
CA LEU A 2921 -63.00 -113.89 9.43
C LEU A 2921 -63.17 -112.80 8.38
N ARG A 2922 -62.38 -112.86 7.30
CA ARG A 2922 -62.57 -111.89 6.24
C ARG A 2922 -63.92 -112.06 5.59
N TRP A 2923 -64.56 -113.22 5.77
CA TRP A 2923 -65.97 -113.33 5.46
C TRP A 2923 -66.78 -112.40 6.37
N VAL A 2924 -66.76 -112.67 7.67
CA VAL A 2924 -67.69 -112.02 8.58
C VAL A 2924 -67.42 -110.52 8.65
N GLU A 2925 -66.14 -110.13 8.67
CA GLU A 2925 -65.82 -108.71 8.65
C GLU A 2925 -66.43 -108.05 7.43
N LEU A 2926 -66.33 -108.71 6.27
CA LEU A 2926 -67.00 -108.22 5.08
C LEU A 2926 -68.49 -108.04 5.35
N ALA A 2927 -69.13 -109.07 5.91
CA ALA A 2927 -70.53 -108.98 6.27
C ALA A 2927 -70.77 -107.79 7.18
N LYS A 2928 -69.84 -107.52 8.09
CA LYS A 2928 -69.96 -106.36 8.96
C LYS A 2928 -70.17 -105.09 8.15
N LEU A 2929 -69.31 -104.89 7.14
CA LEU A 2929 -69.44 -103.71 6.29
C LEU A 2929 -70.85 -103.59 5.77
N TYR A 2930 -71.44 -104.71 5.38
CA TYR A 2930 -72.79 -104.70 4.83
C TYR A 2930 -73.79 -104.10 5.79
N ARG A 2931 -73.82 -104.56 7.04
CA ARG A 2931 -74.76 -103.92 7.94
C ARG A 2931 -74.14 -102.72 8.62
N SER A 2932 -72.85 -102.46 8.39
CA SER A 2932 -72.29 -101.17 8.76
C SER A 2932 -72.97 -100.07 7.95
N ILE A 2933 -73.14 -100.30 6.65
CA ILE A 2933 -73.93 -99.40 5.82
C ILE A 2933 -75.39 -99.79 5.78
N GLY A 2934 -75.72 -101.02 6.19
CA GLY A 2934 -77.07 -101.53 6.16
C GLY A 2934 -77.30 -102.43 4.97
N GLU A 2935 -77.17 -103.74 5.20
CA GLU A 2935 -77.44 -104.76 4.20
C GLU A 2935 -77.46 -106.11 4.89
N TYR A 2936 -78.54 -106.87 4.74
CA TYR A 2936 -78.78 -107.96 5.67
C TYR A 2936 -79.06 -109.30 4.98
N ASP A 2937 -79.68 -109.26 3.81
CA ASP A 2937 -79.83 -110.48 3.03
C ASP A 2937 -78.49 -111.07 2.63
N VAL A 2938 -77.48 -110.20 2.48
CA VAL A 2938 -76.11 -110.66 2.33
C VAL A 2938 -75.66 -111.44 3.57
N LEU A 2939 -76.15 -111.05 4.75
CA LEU A 2939 -75.79 -111.80 5.95
C LEU A 2939 -76.38 -113.20 5.91
N ARG A 2940 -77.62 -113.35 5.43
CA ARG A 2940 -78.12 -114.69 5.18
C ARG A 2940 -77.26 -115.42 4.16
N GLY A 2941 -76.84 -114.73 3.10
CA GLY A 2941 -76.01 -115.38 2.10
C GLY A 2941 -74.73 -115.94 2.68
N ILE A 2942 -74.05 -115.15 3.50
CA ILE A 2942 -72.82 -115.62 4.13
C ILE A 2942 -73.11 -116.73 5.14
N PHE A 2943 -74.23 -116.60 5.87
CA PHE A 2943 -74.60 -117.66 6.81
C PHE A 2943 -74.94 -118.94 6.06
N THR A 2944 -75.67 -118.83 4.96
CA THR A 2944 -75.95 -119.98 4.13
C THR A 2944 -74.71 -120.49 3.42
N SER A 2945 -73.60 -119.76 3.45
CA SER A 2945 -72.39 -120.25 2.81
C SER A 2945 -71.70 -121.29 3.69
N GLU A 2946 -71.15 -120.85 4.82
CA GLU A 2946 -70.65 -121.77 5.83
C GLU A 2946 -70.87 -121.30 7.25
N ILE A 2947 -71.42 -120.11 7.46
CA ILE A 2947 -71.48 -119.54 8.80
C ILE A 2947 -72.70 -120.04 9.56
N GLY A 2948 -73.86 -120.02 8.92
CA GLY A 2948 -75.06 -120.56 9.56
C GLY A 2948 -75.05 -122.07 9.51
N THR A 2949 -74.77 -122.70 10.64
CA THR A 2949 -74.68 -124.15 10.74
C THR A 2949 -75.82 -124.77 11.54
N LYS A 2950 -76.26 -124.10 12.60
CA LYS A 2950 -77.37 -124.58 13.42
C LYS A 2950 -78.64 -123.87 12.96
N GLN A 2951 -79.60 -124.65 12.47
CA GLN A 2951 -80.80 -124.07 11.85
C GLN A 2951 -81.61 -123.21 12.81
N ILE A 2952 -81.25 -123.19 14.09
CA ILE A 2952 -81.87 -122.25 15.01
C ILE A 2952 -81.59 -120.81 14.56
N THR A 2953 -80.38 -120.56 14.07
CA THR A 2953 -80.07 -119.24 13.55
C THR A 2953 -80.84 -118.96 12.27
N GLN A 2954 -81.10 -119.99 11.45
CA GLN A 2954 -81.93 -119.79 10.27
C GLN A 2954 -83.36 -119.43 10.66
N SER A 2955 -83.88 -120.09 11.70
CA SER A 2955 -85.20 -119.76 12.21
C SER A 2955 -85.26 -118.32 12.69
N ALA A 2956 -84.25 -117.90 13.46
CA ALA A 2956 -84.23 -116.52 13.93
C ALA A 2956 -84.10 -115.54 12.77
N LEU A 2957 -83.33 -115.92 11.74
CA LEU A 2957 -83.15 -115.06 10.58
C LEU A 2957 -84.46 -114.87 9.83
N LEU A 2958 -85.20 -115.95 9.60
CA LEU A 2958 -86.49 -115.78 8.94
C LEU A 2958 -87.48 -115.06 9.84
N ALA A 2959 -87.35 -115.21 11.16
CA ALA A 2959 -88.20 -114.46 12.08
C ALA A 2959 -87.98 -112.96 11.92
N GLU A 2960 -86.73 -112.51 11.99
CA GLU A 2960 -86.46 -111.09 11.79
C GLU A 2960 -86.74 -110.66 10.36
N ALA A 2961 -86.70 -111.58 9.40
CA ALA A 2961 -87.14 -111.27 8.05
C ALA A 2961 -88.63 -110.94 8.04
N ARG A 2962 -89.42 -111.69 8.79
CA ARG A 2962 -90.82 -111.34 9.00
C ARG A 2962 -91.00 -110.36 10.16
N SER A 2963 -89.96 -109.59 10.49
CA SER A 2963 -90.01 -108.54 11.51
C SER A 2963 -90.35 -109.11 12.88
N ASP A 2964 -90.00 -110.37 13.13
CA ASP A 2964 -90.16 -110.97 14.44
C ASP A 2964 -88.81 -110.92 15.16
N TYR A 2965 -88.80 -110.29 16.32
CA TYR A 2965 -87.56 -110.02 17.04
C TYR A 2965 -87.53 -110.62 18.43
N SER A 2966 -88.68 -110.73 19.09
CA SER A 2966 -88.74 -111.51 20.33
C SER A 2966 -88.45 -112.98 20.04
N GLU A 2967 -89.04 -113.51 18.96
CA GLU A 2967 -88.77 -114.89 18.60
C GLU A 2967 -87.32 -115.07 18.17
N ALA A 2968 -86.78 -114.15 17.39
CA ALA A 2968 -85.38 -114.24 16.98
C ALA A 2968 -84.46 -114.17 18.20
N ALA A 2969 -84.78 -113.27 19.14
CA ALA A 2969 -84.02 -113.22 20.38
C ALA A 2969 -84.10 -114.54 21.11
N LYS A 2970 -85.28 -115.15 21.14
CA LYS A 2970 -85.44 -116.45 21.79
C LYS A 2970 -84.57 -117.50 21.12
N GLN A 2971 -84.56 -117.52 19.78
CA GLN A 2971 -83.80 -118.52 19.05
C GLN A 2971 -82.31 -118.38 19.33
N TYR A 2972 -81.79 -117.16 19.19
CA TYR A 2972 -80.37 -116.96 19.43
C TYR A 2972 -80.02 -117.22 20.89
N ASP A 2973 -80.91 -116.87 21.81
CA ASP A 2973 -80.64 -117.07 23.23
C ASP A 2973 -80.55 -118.55 23.57
N GLU A 2974 -81.54 -119.34 23.13
CA GLU A 2974 -81.48 -120.77 23.39
C GLU A 2974 -80.37 -121.45 22.63
N ALA A 2975 -79.93 -120.85 21.51
CA ALA A 2975 -78.76 -121.38 20.81
C ALA A 2975 -77.49 -121.17 21.63
N LEU A 2976 -77.30 -119.95 22.15
CA LEU A 2976 -76.09 -119.66 22.91
C LEU A 2976 -76.08 -120.38 24.24
N ASN A 2977 -77.25 -120.52 24.87
CA ASN A 2977 -77.33 -121.32 26.09
C ASN A 2977 -77.02 -122.78 25.80
N LYS A 2978 -77.45 -123.26 24.63
CA LYS A 2978 -77.18 -124.64 24.23
C LYS A 2978 -75.68 -124.79 23.96
N GLN A 2979 -74.97 -125.39 24.90
CA GLN A 2979 -73.61 -125.84 24.65
C GLN A 2979 -73.54 -127.33 24.38
N ASP A 2980 -74.57 -128.07 24.76
CA ASP A 2980 -74.74 -129.46 24.34
C ASP A 2980 -74.96 -129.47 22.83
N TRP A 2981 -73.98 -129.99 22.09
CA TRP A 2981 -74.00 -129.97 20.63
C TRP A 2981 -73.62 -131.35 20.13
N VAL A 2982 -74.63 -132.19 19.88
CA VAL A 2982 -74.38 -133.50 19.29
C VAL A 2982 -73.81 -133.37 17.89
N ASP A 2983 -74.04 -132.24 17.23
CA ASP A 2983 -73.46 -131.94 15.93
C ASP A 2983 -72.10 -131.26 16.04
N GLY A 2984 -71.52 -131.27 17.23
CA GLY A 2984 -70.30 -130.51 17.46
C GLY A 2984 -70.64 -129.06 17.76
N GLU A 2985 -69.87 -128.44 18.65
CA GLU A 2985 -70.16 -127.05 18.99
C GLU A 2985 -69.96 -126.16 17.77
N PRO A 2986 -70.83 -125.19 17.55
CA PRO A 2986 -70.72 -124.35 16.36
C PRO A 2986 -69.47 -123.50 16.40
N THR A 2987 -69.13 -122.95 15.25
CA THR A 2987 -68.00 -122.04 15.16
C THR A 2987 -68.24 -120.83 16.07
N GLU A 2988 -67.15 -120.32 16.65
CA GLU A 2988 -67.28 -119.18 17.54
C GLU A 2988 -67.91 -117.99 16.85
N ALA A 2989 -67.68 -117.84 15.55
CA ALA A 2989 -68.30 -116.75 14.79
C ALA A 2989 -69.81 -116.86 14.83
N GLU A 2990 -70.35 -118.06 14.68
CA GLU A 2990 -71.80 -118.24 14.70
C GLU A 2990 -72.38 -117.85 16.06
N LYS A 2991 -71.73 -118.26 17.15
CA LYS A 2991 -72.24 -117.94 18.47
C LYS A 2991 -72.11 -116.44 18.75
N ASP A 2992 -71.01 -115.82 18.32
CA ASP A 2992 -70.87 -114.38 18.46
C ASP A 2992 -71.96 -113.66 17.70
N PHE A 2993 -72.27 -114.11 16.48
CA PHE A 2993 -73.39 -113.54 15.76
C PHE A 2993 -74.71 -113.77 16.48
N TRP A 2994 -74.86 -114.94 17.11
CA TRP A 2994 -76.08 -115.20 17.85
C TRP A 2994 -76.28 -114.15 18.94
N GLU A 2995 -75.21 -113.88 19.69
CA GLU A 2995 -75.28 -112.86 20.73
C GLU A 2995 -75.58 -111.49 20.13
N LEU A 2996 -74.82 -111.09 19.11
CA LEU A 2996 -74.99 -109.75 18.55
C LEU A 2996 -76.36 -109.59 17.91
N ALA A 2997 -76.91 -110.64 17.32
CA ALA A 2997 -78.23 -110.57 16.71
C ALA A 2997 -79.32 -110.59 17.76
N SER A 2998 -79.10 -111.27 18.88
CA SER A 2998 -79.97 -111.08 20.04
C SER A 2998 -80.01 -109.61 20.40
N LEU A 2999 -78.83 -108.98 20.47
CA LEU A 2999 -78.77 -107.56 20.78
C LEU A 2999 -79.56 -106.74 19.76
N ASP A 3000 -79.36 -107.04 18.47
CA ASP A 3000 -79.97 -106.24 17.43
C ASP A 3000 -81.48 -106.38 17.42
N CYS A 3001 -82.01 -107.59 17.55
CA CYS A 3001 -83.45 -107.75 17.59
C CYS A 3001 -84.03 -107.20 18.89
N TYR A 3002 -83.25 -107.22 19.98
CA TYR A 3002 -83.66 -106.53 21.19
C TYR A 3002 -83.83 -105.04 20.92
N ASN A 3003 -82.89 -104.45 20.18
CA ASN A 3003 -83.04 -103.07 19.74
C ASN A 3003 -84.30 -102.91 18.89
N HIS A 3004 -84.54 -103.87 18.01
CA HIS A 3004 -85.75 -103.86 17.20
C HIS A 3004 -86.98 -103.95 18.09
N LEU A 3005 -86.90 -104.76 19.15
CA LEU A 3005 -87.96 -104.75 20.15
C LEU A 3005 -88.02 -103.38 20.82
N ALA A 3006 -89.24 -102.94 21.11
CA ALA A 3006 -89.47 -101.64 21.72
C ALA A 3006 -89.23 -101.65 23.21
N GLU A 3007 -88.57 -102.67 23.74
CA GLU A 3007 -88.37 -102.81 25.18
C GLU A 3007 -86.96 -102.39 25.54
N TRP A 3008 -86.86 -101.40 26.43
CA TRP A 3008 -85.59 -101.09 27.07
C TRP A 3008 -85.11 -102.22 27.96
N LYS A 3009 -86.02 -103.06 28.45
CA LYS A 3009 -85.59 -104.26 29.15
C LYS A 3009 -85.07 -105.31 28.18
N SER A 3010 -85.61 -105.35 26.97
CA SER A 3010 -84.95 -106.10 25.90
C SER A 3010 -83.55 -105.55 25.70
N LEU A 3011 -83.37 -104.24 25.86
CA LEU A 3011 -82.03 -103.66 25.81
C LEU A 3011 -81.21 -103.99 27.05
N GLU A 3012 -81.86 -104.32 28.16
CA GLU A 3012 -81.12 -104.69 29.36
C GLU A 3012 -80.62 -106.12 29.30
N TYR A 3013 -81.44 -107.03 28.74
CA TYR A 3013 -80.91 -108.32 28.33
C TYR A 3013 -79.83 -108.14 27.28
N CYS A 3014 -80.06 -107.23 26.34
CA CYS A 3014 -79.02 -106.77 25.44
C CYS A 3014 -77.86 -106.16 26.21
N SER A 3015 -78.15 -105.48 27.32
CA SER A 3015 -77.07 -104.97 28.15
C SER A 3015 -76.25 -106.09 28.78
N THR A 3016 -76.84 -107.28 28.92
CA THR A 3016 -76.18 -108.47 29.43
C THR A 3016 -75.56 -108.26 30.81
N ALA A 3017 -75.91 -107.18 31.49
CA ALA A 3017 -75.27 -106.80 32.75
C ALA A 3017 -73.76 -106.75 32.60
N SER A 3018 -73.30 -106.19 31.48
CA SER A 3018 -71.88 -106.10 31.15
C SER A 3018 -71.25 -107.50 31.14
N ILE A 3019 -71.68 -108.30 30.16
CA ILE A 3019 -71.28 -109.69 30.01
C ILE A 3019 -69.77 -109.83 30.16
N ASP A 3020 -69.33 -110.94 30.75
CA ASP A 3020 -67.97 -111.25 31.15
C ASP A 3020 -67.55 -110.44 32.37
N SER A 3021 -68.44 -109.63 32.94
CA SER A 3021 -68.16 -108.80 34.12
C SER A 3021 -66.95 -107.91 33.92
N GLU A 3022 -66.70 -107.52 32.67
CA GLU A 3022 -65.53 -106.72 32.33
C GLU A 3022 -65.79 -105.22 32.53
N LYS A 3029 -63.27 -95.84 31.61
CA LYS A 3029 -62.53 -96.51 30.54
C LYS A 3029 -62.57 -98.02 30.71
N ILE A 3030 -63.12 -98.47 31.83
CA ILE A 3030 -63.15 -99.90 32.12
C ILE A 3030 -63.95 -100.64 31.05
N TRP A 3031 -65.14 -100.17 30.77
CA TRP A 3031 -65.98 -100.81 29.76
C TRP A 3031 -65.80 -100.17 28.38
N SER A 3032 -64.55 -99.96 27.99
CA SER A 3032 -64.25 -99.53 26.62
C SER A 3032 -63.03 -100.18 26.01
N GLU A 3033 -62.14 -100.80 26.79
CA GLU A 3033 -60.83 -101.14 26.27
C GLU A 3033 -60.89 -102.41 25.42
N PRO A 3034 -61.49 -103.50 25.89
CA PRO A 3034 -61.89 -104.55 24.95
C PRO A 3034 -62.85 -104.01 23.92
N PHE A 3035 -62.63 -104.40 22.67
CA PHE A 3035 -63.48 -103.92 21.58
C PHE A 3035 -64.83 -104.60 21.60
N TYR A 3036 -64.94 -105.74 22.28
CA TYR A 3036 -66.25 -106.28 22.60
C TYR A 3036 -67.07 -105.26 23.38
N GLN A 3037 -66.44 -104.61 24.36
CA GLN A 3037 -67.10 -103.54 25.08
C GLN A 3037 -67.44 -102.37 24.16
N GLU A 3038 -66.59 -102.11 23.16
CA GLU A 3038 -66.90 -101.05 22.20
C GLU A 3038 -68.16 -101.39 21.42
N THR A 3039 -68.30 -102.65 21.00
CA THR A 3039 -69.51 -103.07 20.32
C THR A 3039 -70.71 -103.00 21.25
N TYR A 3040 -70.52 -103.35 22.52
CA TYR A 3040 -71.60 -103.30 23.49
C TYR A 3040 -72.07 -101.87 23.73
N LEU A 3041 -71.12 -100.94 23.77
CA LEU A 3041 -71.36 -99.59 24.28
C LEU A 3041 -72.58 -98.90 23.69
N PRO A 3042 -72.83 -98.92 22.38
CA PRO A 3042 -74.08 -98.35 21.87
C PRO A 3042 -75.30 -98.90 22.58
N TYR A 3043 -75.43 -100.23 22.62
CA TYR A 3043 -76.59 -100.83 23.28
C TYR A 3043 -76.53 -100.65 24.79
N MET A 3044 -75.32 -100.67 25.36
CA MET A 3044 -75.16 -100.39 26.78
C MET A 3044 -75.88 -99.09 27.13
N ILE A 3045 -75.43 -97.99 26.52
CA ILE A 3045 -76.04 -96.71 26.82
C ILE A 3045 -77.45 -96.60 26.27
N ARG A 3046 -77.82 -97.41 25.27
CA ARG A 3046 -79.21 -97.47 24.85
C ARG A 3046 -80.10 -97.84 26.03
N SER A 3047 -79.89 -99.04 26.57
CA SER A 3047 -80.66 -99.46 27.73
C SER A 3047 -80.50 -98.47 28.88
N LYS A 3048 -79.27 -98.02 29.11
CA LYS A 3048 -79.00 -97.13 30.23
C LYS A 3048 -79.86 -95.88 30.13
N LEU A 3049 -79.65 -95.06 29.11
CA LEU A 3049 -80.37 -93.80 29.02
C LEU A 3049 -81.86 -94.01 28.81
N LYS A 3050 -82.27 -95.14 28.23
CA LYS A 3050 -83.69 -95.44 28.21
C LYS A 3050 -84.24 -95.47 29.62
N LEU A 3051 -83.55 -96.18 30.52
CA LEU A 3051 -83.96 -96.19 31.92
C LEU A 3051 -83.82 -94.81 32.55
N LEU A 3052 -82.71 -94.12 32.26
CA LEU A 3052 -82.43 -92.81 32.85
C LEU A 3052 -83.55 -91.83 32.56
N LEU A 3053 -83.73 -91.49 31.27
CA LEU A 3053 -84.79 -90.58 30.89
C LEU A 3053 -86.16 -91.18 31.18
N GLN A 3054 -86.24 -92.49 31.36
CA GLN A 3054 -87.51 -93.10 31.77
C GLN A 3054 -87.75 -93.00 33.26
N GLY A 3055 -86.72 -92.71 34.05
CA GLY A 3055 -86.92 -92.43 35.46
C GLY A 3055 -86.16 -93.30 36.45
N GLU A 3056 -85.04 -93.89 36.02
CA GLU A 3056 -84.19 -94.64 36.93
C GLU A 3056 -82.74 -94.28 36.68
N ALA A 3057 -82.03 -93.90 37.73
CA ALA A 3057 -80.68 -93.37 37.63
C ALA A 3057 -79.67 -94.32 38.25
N ASP A 3058 -78.51 -94.43 37.60
CA ASP A 3058 -77.36 -95.16 38.13
C ASP A 3058 -76.11 -94.29 38.22
N GLN A 3059 -75.90 -93.41 37.25
CA GLN A 3059 -74.74 -92.53 37.16
C GLN A 3059 -73.43 -93.27 37.04
N SER A 3060 -73.46 -94.61 36.92
CA SER A 3060 -72.28 -95.33 36.51
C SER A 3060 -71.88 -94.91 35.10
N LEU A 3061 -72.86 -94.54 34.28
CA LEU A 3061 -72.56 -93.88 33.01
C LEU A 3061 -71.94 -92.51 33.24
N LEU A 3062 -72.41 -91.78 34.27
CA LEU A 3062 -71.74 -90.54 34.65
C LEU A 3062 -70.33 -90.81 35.16
N THR A 3063 -70.16 -91.91 35.89
CA THR A 3063 -68.82 -92.28 36.35
C THR A 3063 -67.91 -92.55 35.15
N PHE A 3064 -68.41 -93.27 34.15
CA PHE A 3064 -67.62 -93.49 32.94
C PHE A 3064 -67.38 -92.20 32.20
N ILE A 3065 -68.31 -91.25 32.28
CA ILE A 3065 -68.08 -89.92 31.73
C ILE A 3065 -66.87 -89.28 32.39
N ASP A 3066 -66.82 -89.37 33.72
CA ASP A 3066 -65.69 -88.83 34.46
C ASP A 3066 -64.40 -89.54 34.09
N LYS A 3067 -64.47 -90.87 33.90
CA LYS A 3067 -63.30 -91.62 33.48
C LYS A 3067 -62.82 -91.16 32.11
N ALA A 3068 -63.76 -91.03 31.17
CA ALA A 3068 -63.40 -90.78 29.78
C ALA A 3068 -62.94 -89.36 29.56
N MET A 3069 -63.46 -88.40 30.34
CA MET A 3069 -62.94 -87.05 30.21
C MET A 3069 -61.47 -86.96 30.62
N HIS A 3070 -60.95 -88.00 31.26
CA HIS A 3070 -59.51 -88.16 31.48
C HIS A 3070 -59.02 -89.17 30.46
N GLY A 3071 -58.21 -88.70 29.51
CA GLY A 3071 -57.88 -89.51 28.35
C GLY A 3071 -58.67 -89.04 27.15
N GLU A 3072 -58.01 -88.28 26.27
CA GLU A 3072 -58.73 -87.57 25.22
C GLU A 3072 -59.45 -88.51 24.28
N LEU A 3073 -58.89 -89.71 24.05
CA LEU A 3073 -59.52 -90.64 23.11
C LEU A 3073 -60.89 -91.09 23.58
N GLN A 3074 -61.02 -91.37 24.88
CA GLN A 3074 -62.27 -91.93 25.38
C GLN A 3074 -63.40 -90.90 25.33
N LYS A 3075 -63.14 -89.69 25.84
CA LYS A 3075 -64.16 -88.65 25.76
C LYS A 3075 -64.41 -88.23 24.32
N ALA A 3076 -63.38 -88.28 23.48
CA ALA A 3076 -63.58 -87.94 22.07
C ALA A 3076 -64.51 -88.92 21.39
N ILE A 3077 -64.33 -90.22 21.65
CA ILE A 3077 -65.23 -91.23 21.10
C ILE A 3077 -66.64 -91.03 21.64
N LEU A 3078 -66.75 -90.87 22.96
CA LEU A 3078 -68.04 -90.64 23.58
C LEU A 3078 -68.76 -89.48 22.90
N GLU A 3079 -68.06 -88.35 22.76
CA GLU A 3079 -68.64 -87.19 22.10
C GLU A 3079 -69.05 -87.53 20.68
N LEU A 3080 -68.08 -87.93 19.85
CA LEU A 3080 -68.26 -88.11 18.42
C LEU A 3080 -69.41 -89.03 18.09
N HIS A 3081 -69.65 -90.03 18.94
CA HIS A 3081 -70.67 -91.01 18.60
C HIS A 3081 -71.92 -90.94 19.47
N TYR A 3082 -71.92 -90.16 20.55
CA TYR A 3082 -73.05 -90.24 21.47
C TYR A 3082 -73.46 -88.87 22.02
N SER A 3083 -73.01 -87.77 21.41
CA SER A 3083 -73.32 -86.46 21.96
C SER A 3083 -74.80 -86.23 22.16
N GLN A 3084 -75.65 -86.86 21.34
CA GLN A 3084 -77.09 -86.72 21.48
C GLN A 3084 -77.57 -87.21 22.84
N GLU A 3085 -77.25 -88.47 23.17
CA GLU A 3085 -77.64 -89.01 24.46
C GLU A 3085 -76.89 -88.34 25.60
N LEU A 3086 -75.68 -87.85 25.33
CA LEU A 3086 -74.96 -87.11 26.36
C LEU A 3086 -75.71 -85.83 26.73
N SER A 3087 -76.18 -85.10 25.72
CA SER A 3087 -77.01 -83.93 26.00
C SER A 3087 -78.33 -84.32 26.66
N LEU A 3088 -78.89 -85.48 26.29
CA LEU A 3088 -80.12 -85.93 26.95
C LEU A 3088 -79.90 -86.12 28.44
N LEU A 3089 -78.80 -86.79 28.81
CA LEU A 3089 -78.49 -86.94 30.22
C LEU A 3089 -78.21 -85.60 30.87
N TYR A 3090 -77.54 -84.70 30.15
CA TYR A 3090 -77.33 -83.34 30.65
C TYR A 3090 -78.64 -82.67 31.02
N LEU A 3091 -79.64 -82.79 30.15
CA LEU A 3091 -80.97 -82.29 30.49
C LEU A 3091 -81.52 -83.00 31.71
N LEU A 3092 -81.34 -84.32 31.76
CA LEU A 3092 -81.74 -85.06 32.95
C LEU A 3092 -80.98 -84.58 34.18
N GLN A 3093 -79.73 -84.18 34.01
CA GLN A 3093 -78.93 -83.65 35.11
C GLN A 3093 -78.89 -82.13 35.12
N ASP A 3094 -79.71 -81.48 34.29
CA ASP A 3094 -79.80 -80.02 34.23
C ASP A 3094 -78.45 -79.40 33.90
N ASP A 3095 -77.78 -79.99 32.91
CA ASP A 3095 -76.49 -79.50 32.42
C ASP A 3095 -76.66 -78.77 31.11
N VAL A 3096 -77.71 -77.94 31.03
CA VAL A 3096 -78.12 -77.23 29.82
C VAL A 3096 -76.93 -76.61 29.11
N ASP A 3097 -75.92 -76.17 29.86
CA ASP A 3097 -74.69 -75.69 29.24
C ASP A 3097 -74.01 -76.81 28.46
N ARG A 3098 -73.68 -77.90 29.15
CA ARG A 3098 -73.12 -79.05 28.48
C ARG A 3098 -74.12 -79.67 27.51
N ALA A 3099 -75.42 -79.60 27.82
CA ALA A 3099 -76.41 -80.11 26.88
C ALA A 3099 -76.30 -79.40 25.53
N LYS A 3100 -76.29 -78.07 25.56
CA LYS A 3100 -76.13 -77.30 24.34
C LYS A 3100 -74.77 -77.56 23.70
N TYR A 3101 -73.72 -77.60 24.51
CA TYR A 3101 -72.38 -77.88 23.99
C TYR A 3101 -72.39 -79.16 23.17
N TYR A 3102 -72.95 -80.23 23.72
CA TYR A 3102 -72.90 -81.53 23.08
C TYR A 3102 -73.87 -81.61 21.93
N ILE A 3103 -75.00 -80.89 21.99
CA ILE A 3103 -75.94 -80.93 20.87
C ILE A 3103 -75.35 -80.19 19.67
N GLN A 3104 -74.67 -79.07 19.89
CA GLN A 3104 -74.05 -78.40 18.75
C GLN A 3104 -72.82 -79.17 18.27
N ASN A 3105 -72.13 -79.86 19.17
CA ASN A 3105 -71.08 -80.78 18.76
C ASN A 3105 -71.65 -81.87 17.85
N GLY A 3106 -72.81 -82.41 18.22
CA GLY A 3106 -73.45 -83.37 17.35
C GLY A 3106 -73.81 -82.79 16.00
N ILE A 3107 -74.39 -81.59 16.01
CA ILE A 3107 -74.77 -80.95 14.74
C ILE A 3107 -73.56 -80.81 13.85
N GLN A 3108 -72.46 -80.29 14.39
CA GLN A 3108 -71.25 -80.08 13.60
C GLN A 3108 -70.66 -81.41 13.14
N SER A 3109 -70.60 -82.39 14.03
CA SER A 3109 -70.00 -83.67 13.68
C SER A 3109 -70.79 -84.37 12.58
N PHE A 3110 -72.12 -84.31 12.66
CA PHE A 3110 -72.90 -84.95 11.61
C PHE A 3110 -72.94 -84.11 10.35
N MET A 3111 -72.68 -82.81 10.45
CA MET A 3111 -72.42 -82.06 9.23
C MET A 3111 -71.17 -82.61 8.55
N GLN A 3112 -70.14 -82.88 9.34
CA GLN A 3112 -68.94 -83.52 8.78
C GLN A 3112 -69.26 -84.88 8.21
N ASN A 3113 -70.08 -85.67 8.92
CA ASN A 3113 -70.44 -87.00 8.45
C ASN A 3113 -71.20 -86.91 7.13
N TYR A 3114 -72.10 -85.95 7.03
CA TYR A 3114 -72.81 -85.74 5.77
C TYR A 3114 -71.84 -85.36 4.67
N SER A 3115 -70.88 -84.48 4.99
CA SER A 3115 -69.82 -84.16 4.05
C SER A 3115 -69.06 -85.41 3.64
N SER A 3116 -69.07 -86.43 4.49
CA SER A 3116 -68.42 -87.69 4.18
C SER A 3116 -69.37 -88.68 3.51
N ILE A 3117 -70.57 -88.87 4.08
CA ILE A 3117 -71.48 -89.86 3.53
C ILE A 3117 -71.98 -89.40 2.16
N ASP A 3118 -72.04 -90.33 1.22
CA ASP A 3118 -72.43 -90.02 -0.15
C ASP A 3118 -73.94 -90.14 -0.33
N VAL A 3119 -74.46 -89.33 -1.25
CA VAL A 3119 -75.88 -89.41 -1.58
C VAL A 3119 -76.19 -90.75 -2.23
N LEU A 3120 -75.25 -91.28 -3.00
CA LEU A 3120 -75.38 -92.62 -3.55
C LEU A 3120 -75.45 -93.67 -2.46
N LEU A 3121 -75.06 -93.32 -1.23
CA LEU A 3121 -75.38 -94.11 -0.04
C LEU A 3121 -76.73 -93.63 0.50
N HIS A 3122 -77.78 -93.99 -0.23
CA HIS A 3122 -79.11 -93.44 0.06
C HIS A 3122 -79.60 -93.85 1.44
N GLN A 3123 -79.38 -95.11 1.81
CA GLN A 3123 -79.75 -95.57 3.13
C GLN A 3123 -78.98 -94.84 4.22
N SER A 3124 -77.71 -94.55 3.96
CA SER A 3124 -76.93 -93.75 4.90
C SER A 3124 -77.56 -92.39 5.08
N ARG A 3125 -77.98 -91.76 3.98
CA ARG A 3125 -78.64 -90.47 4.07
C ARG A 3125 -79.98 -90.57 4.80
N LEU A 3126 -80.69 -91.68 4.64
CA LEU A 3126 -81.94 -91.87 5.36
C LEU A 3126 -81.71 -91.92 6.85
N THR A 3127 -80.74 -92.75 7.27
CA THR A 3127 -80.39 -92.82 8.68
C THR A 3127 -79.92 -91.46 9.18
N LYS A 3128 -79.19 -90.74 8.34
CA LYS A 3128 -78.79 -89.39 8.67
C LYS A 3128 -80.00 -88.51 8.93
N LEU A 3129 -81.03 -88.64 8.09
CA LEU A 3129 -82.26 -87.90 8.28
C LEU A 3129 -82.88 -88.20 9.63
N GLN A 3130 -82.94 -89.49 9.99
CA GLN A 3130 -83.49 -89.87 11.28
C GLN A 3130 -82.73 -89.20 12.41
N SER A 3131 -81.40 -89.30 12.36
CA SER A 3131 -80.56 -88.73 13.41
C SER A 3131 -80.81 -87.23 13.53
N VAL A 3132 -80.79 -86.53 12.40
CA VAL A 3132 -80.84 -85.07 12.46
C VAL A 3132 -82.23 -84.59 12.90
N GLN A 3133 -83.29 -85.30 12.51
CA GLN A 3133 -84.61 -84.86 12.95
C GLN A 3133 -84.78 -85.08 14.44
N ALA A 3134 -84.27 -86.20 14.97
CA ALA A 3134 -84.29 -86.39 16.41
C ALA A 3134 -83.50 -85.29 17.12
N LEU A 3135 -82.33 -84.97 16.57
CA LEU A 3135 -81.51 -83.89 17.11
C LEU A 3135 -82.28 -82.60 17.17
N THR A 3136 -82.91 -82.23 16.06
CA THR A 3136 -83.60 -80.95 16.01
C THR A 3136 -84.79 -80.95 16.96
N GLU A 3137 -85.49 -82.07 17.07
CA GLU A 3137 -86.56 -82.17 18.05
C GLU A 3137 -86.06 -81.85 19.44
N ILE A 3138 -84.99 -82.54 19.86
CA ILE A 3138 -84.52 -82.33 21.24
C ILE A 3138 -83.95 -80.93 21.42
N GLN A 3139 -83.29 -80.40 20.39
CA GLN A 3139 -82.68 -79.07 20.51
C GLN A 3139 -83.74 -78.00 20.57
N GLU A 3140 -84.76 -78.09 19.72
CA GLU A 3140 -85.86 -77.14 19.80
C GLU A 3140 -86.58 -77.26 21.13
N PHE A 3141 -86.61 -78.47 21.71
CA PHE A 3141 -87.15 -78.60 23.06
C PHE A 3141 -86.33 -77.79 24.06
N ILE A 3142 -85.01 -77.99 24.07
CA ILE A 3142 -84.18 -77.29 25.03
C ILE A 3142 -84.19 -75.80 24.78
N SER A 3143 -84.54 -75.37 23.56
CA SER A 3143 -84.44 -73.97 23.20
C SER A 3143 -85.43 -73.07 23.93
N PHE A 3144 -86.42 -73.63 24.62
CA PHE A 3144 -87.46 -72.82 25.24
C PHE A 3144 -87.67 -73.14 26.71
N ILE A 3145 -86.71 -73.80 27.36
CA ILE A 3145 -86.92 -74.31 28.71
C ILE A 3145 -87.40 -73.18 29.64
N SER A 3146 -86.60 -72.13 29.75
CA SER A 3146 -87.07 -70.91 30.41
C SER A 3146 -86.54 -69.66 29.71
N LYS A 3147 -86.19 -69.77 28.42
CA LYS A 3147 -85.42 -68.72 27.76
C LYS A 3147 -86.19 -67.41 27.67
N GLN A 3148 -87.52 -67.49 27.62
CA GLN A 3148 -88.36 -66.31 27.54
C GLN A 3148 -89.39 -66.28 28.65
N GLY A 3149 -89.43 -67.29 29.50
CA GLY A 3149 -90.54 -67.48 30.40
C GLY A 3149 -91.45 -68.54 29.81
N ASN A 3150 -91.30 -69.78 30.26
CA ASN A 3150 -92.12 -70.88 29.77
C ASN A 3150 -93.09 -71.36 30.83
N LEU A 3151 -92.60 -71.60 32.03
CA LEU A 3151 -93.46 -71.66 33.21
C LEU A 3151 -93.77 -70.26 33.73
N SER A 3152 -92.90 -69.30 33.46
CA SER A 3152 -93.10 -67.91 33.84
C SER A 3152 -94.04 -67.17 32.90
N SER A 3153 -94.35 -67.74 31.74
CA SER A 3153 -95.28 -67.13 30.81
C SER A 3153 -96.07 -68.24 30.13
N GLN A 3154 -97.39 -68.10 30.10
CA GLN A 3154 -98.24 -69.11 29.50
C GLN A 3154 -98.11 -69.04 27.97
N VAL A 3155 -96.97 -69.45 27.45
CA VAL A 3155 -96.68 -69.30 26.03
C VAL A 3155 -97.58 -70.25 25.23
N PRO A 3156 -98.07 -69.84 24.06
CA PRO A 3156 -98.81 -70.76 23.20
C PRO A 3156 -97.93 -71.81 22.53
N LEU A 3157 -96.61 -71.73 22.74
CA LEU A 3157 -95.73 -72.79 22.24
C LEU A 3157 -96.10 -74.13 22.85
N LYS A 3158 -96.51 -74.13 24.12
CA LYS A 3158 -97.08 -75.33 24.72
C LYS A 3158 -98.28 -75.80 23.91
N ARG A 3159 -99.08 -74.85 23.45
CA ARG A 3159 -100.24 -75.20 22.60
C ARG A 3159 -99.76 -75.26 21.15
N LEU A 3160 -98.45 -75.51 20.94
CA LEU A 3160 -97.88 -75.55 19.57
C LEU A 3160 -97.00 -76.81 19.42
N LEU A 3161 -96.05 -77.02 20.33
CA LEU A 3161 -95.18 -78.23 20.26
C LEU A 3161 -96.07 -79.46 20.07
N ASN A 3162 -97.19 -79.52 20.77
CA ASN A 3162 -98.13 -80.66 20.64
C ASN A 3162 -98.62 -80.76 19.20
N THR A 3163 -98.88 -79.62 18.56
CA THR A 3163 -99.42 -79.61 17.17
C THR A 3163 -98.51 -80.39 16.23
N TRP A 3164 -99.02 -80.73 15.04
CA TRP A 3164 -98.24 -81.54 14.07
C TRP A 3164 -97.77 -82.82 14.75
N THR A 3165 -98.46 -83.24 15.82
CA THR A 3165 -98.02 -84.42 16.57
C THR A 3165 -96.54 -84.30 16.91
N ASN A 3166 -96.16 -83.12 17.36
CA ASN A 3166 -94.76 -82.74 17.53
C ASN A 3166 -93.98 -83.03 16.25
N ARG A 3167 -94.54 -82.54 15.14
CA ARG A 3167 -93.87 -82.50 13.84
C ARG A 3167 -93.71 -83.90 13.23
N TYR A 3168 -94.76 -84.71 13.34
CA TYR A 3168 -95.01 -85.82 12.41
C TYR A 3168 -93.88 -86.83 12.33
N PRO A 3169 -93.73 -87.69 13.34
CA PRO A 3169 -92.58 -88.61 13.36
C PRO A 3169 -92.61 -89.64 12.24
N ASP A 3170 -92.44 -89.18 11.00
CA ASP A 3170 -92.08 -90.02 9.86
C ASP A 3170 -93.13 -91.10 9.60
N ALA A 3171 -94.31 -90.64 9.19
CA ALA A 3171 -95.42 -91.53 8.93
C ALA A 3171 -95.07 -92.56 7.86
N LYS A 3172 -95.44 -93.83 8.13
CA LYS A 3172 -95.45 -94.92 7.16
C LYS A 3172 -94.03 -95.34 6.77
N MET A 3173 -93.04 -94.60 7.22
CA MET A 3173 -91.65 -94.86 6.90
C MET A 3173 -90.85 -94.78 8.20
N ASP A 3174 -89.56 -95.11 8.12
CA ASP A 3174 -88.66 -94.86 9.24
C ASP A 3174 -89.16 -95.60 10.47
N PRO A 3175 -88.98 -96.92 10.52
CA PRO A 3175 -89.79 -97.78 11.40
C PRO A 3175 -89.59 -97.57 12.89
N MET A 3176 -90.21 -98.47 13.66
CA MET A 3176 -90.50 -98.23 15.06
C MET A 3176 -89.33 -97.67 15.87
N ASN A 3177 -88.10 -98.02 15.51
CA ASN A 3177 -86.97 -97.46 16.24
C ASN A 3177 -86.99 -95.94 16.21
N ILE A 3178 -87.15 -95.36 15.03
CA ILE A 3178 -87.22 -93.91 14.90
C ILE A 3178 -88.50 -93.38 15.52
N TRP A 3179 -89.62 -94.07 15.29
CA TRP A 3179 -90.90 -93.67 15.86
C TRP A 3179 -90.79 -93.50 17.37
N ASP A 3180 -90.39 -94.58 18.04
CA ASP A 3180 -90.31 -94.59 19.49
C ASP A 3180 -89.21 -93.67 20.00
N ASP A 3181 -88.12 -93.52 19.26
CA ASP A 3181 -87.12 -92.53 19.64
C ASP A 3181 -87.76 -91.15 19.74
N ILE A 3182 -88.43 -90.74 18.66
CA ILE A 3182 -89.05 -89.43 18.63
C ILE A 3182 -90.05 -89.29 19.77
N ILE A 3183 -90.87 -90.32 19.97
CA ILE A 3183 -91.98 -90.15 20.89
C ILE A 3183 -91.54 -90.31 22.34
N THR A 3184 -90.49 -91.07 22.62
CA THR A 3184 -89.95 -91.09 23.97
C THR A 3184 -89.29 -89.76 24.28
N ASN A 3185 -88.60 -89.16 23.31
CA ASN A 3185 -88.12 -87.80 23.51
C ASN A 3185 -89.28 -86.87 23.81
N ARG A 3186 -90.35 -86.99 23.04
CA ARG A 3186 -91.51 -86.12 23.21
C ARG A 3186 -92.10 -86.26 24.60
N CYS A 3187 -92.35 -87.49 25.04
CA CYS A 3187 -93.01 -87.69 26.33
C CYS A 3187 -92.10 -87.28 27.48
N PHE A 3188 -90.78 -87.51 27.33
CA PHE A 3188 -89.86 -87.03 28.36
C PHE A 3188 -89.89 -85.51 28.43
N PHE A 3189 -89.94 -84.84 27.28
CA PHE A 3189 -90.00 -83.38 27.28
C PHE A 3189 -91.29 -82.89 27.91
N LEU A 3190 -92.40 -83.56 27.61
CA LEU A 3190 -93.67 -83.20 28.23
C LEU A 3190 -93.62 -83.40 29.73
N SER A 3191 -92.97 -84.48 30.18
CA SER A 3191 -92.79 -84.68 31.61
C SER A 3191 -92.01 -83.54 32.23
N LYS A 3192 -90.92 -83.12 31.57
CA LYS A 3192 -90.14 -82.00 32.08
C LYS A 3192 -90.98 -80.73 32.15
N ILE A 3193 -91.78 -80.48 31.12
CA ILE A 3193 -92.60 -79.27 31.09
C ILE A 3193 -93.63 -79.29 32.20
N GLU A 3194 -94.29 -80.43 32.40
CA GLU A 3194 -95.23 -80.55 33.51
C GLU A 3194 -94.52 -80.45 34.86
N GLU A 3195 -93.24 -80.82 34.89
CA GLU A 3195 -92.45 -80.63 36.11
C GLU A 3195 -92.25 -79.16 36.40
N LYS A 3196 -91.80 -78.39 35.41
CA LYS A 3196 -91.55 -76.97 35.64
C LYS A 3196 -92.84 -76.20 35.82
N LEU A 3197 -93.86 -76.51 35.03
CA LEU A 3197 -95.11 -75.78 35.08
C LEU A 3197 -96.26 -76.67 35.53
N ASP A 3226 -106.91 -78.08 32.57
CA ASP A 3226 -106.39 -77.07 31.66
C ASP A 3226 -105.11 -77.54 31.01
N ILE A 3227 -103.98 -76.96 31.44
CA ILE A 3227 -102.69 -77.33 30.88
C ILE A 3227 -102.39 -78.80 31.14
N SER A 3228 -102.67 -79.26 32.36
CA SER A 3228 -102.46 -80.67 32.68
C SER A 3228 -103.33 -81.56 31.82
N SER A 3229 -104.61 -81.20 31.65
CA SER A 3229 -105.49 -81.99 30.81
C SER A 3229 -104.97 -82.02 29.37
N LEU A 3230 -104.53 -80.87 28.87
CA LEU A 3230 -104.02 -80.78 27.51
C LEU A 3230 -102.80 -81.67 27.31
N ILE A 3231 -101.86 -81.62 28.25
CA ILE A 3231 -100.64 -82.40 28.08
C ILE A 3231 -100.93 -83.89 28.22
N ARG A 3232 -101.85 -84.26 29.11
CA ARG A 3232 -102.26 -85.66 29.20
C ARG A 3232 -102.87 -86.12 27.87
N SER A 3233 -103.75 -85.30 27.30
CA SER A 3233 -104.37 -85.67 26.04
C SER A 3233 -103.33 -85.79 24.93
N CYS A 3234 -102.34 -84.90 24.93
CA CYS A 3234 -101.27 -84.99 23.94
C CYS A 3234 -100.49 -86.29 24.08
N LYS A 3235 -100.14 -86.64 25.31
CA LYS A 3235 -99.44 -87.91 25.54
C LYS A 3235 -100.27 -89.09 25.09
N PHE A 3236 -101.58 -89.04 25.38
CA PHE A 3236 -102.49 -90.09 24.96
C PHE A 3236 -102.47 -90.24 23.45
N SER A 3237 -102.67 -89.13 22.74
CA SER A 3237 -102.67 -89.16 21.28
C SER A 3237 -101.34 -89.68 20.76
N MET A 3238 -100.25 -89.37 21.45
CA MET A 3238 -98.93 -89.82 21.00
C MET A 3238 -98.83 -91.33 21.11
N LYS A 3239 -99.33 -91.89 22.22
CA LYS A 3239 -99.39 -93.35 22.35
C LYS A 3239 -100.27 -93.96 21.27
N MET A 3240 -101.38 -93.29 20.95
CA MET A 3240 -102.26 -93.77 19.89
C MET A 3240 -101.52 -93.81 18.55
N LYS A 3241 -100.73 -92.77 18.27
CA LYS A 3241 -99.93 -92.77 17.06
C LYS A 3241 -98.97 -93.94 17.06
N MET A 3242 -98.36 -94.23 18.21
CA MET A 3242 -97.44 -95.36 18.28
C MET A 3242 -98.16 -96.66 17.96
N ILE A 3243 -99.36 -96.85 18.51
CA ILE A 3243 -100.10 -98.08 18.24
C ILE A 3243 -100.41 -98.19 16.76
N ASP A 3244 -100.98 -97.13 16.18
CA ASP A 3244 -101.39 -97.23 14.78
C ASP A 3244 -100.18 -97.36 13.87
N SER A 3245 -99.07 -96.70 14.19
CA SER A 3245 -97.87 -96.78 13.37
C SER A 3245 -97.25 -98.17 13.44
N ALA A 3246 -97.20 -98.77 14.63
CA ALA A 3246 -96.74 -100.15 14.72
C ALA A 3246 -97.64 -101.07 13.93
N ARG A 3247 -98.93 -100.75 13.86
CA ARG A 3247 -99.80 -101.48 12.95
C ARG A 3247 -99.40 -101.23 11.49
N LYS A 3248 -99.00 -100.00 11.17
CA LYS A 3248 -98.65 -99.66 9.79
C LYS A 3248 -97.46 -100.46 9.31
N GLN A 3249 -96.37 -100.43 10.05
CA GLN A 3249 -95.18 -101.17 9.64
C GLN A 3249 -95.31 -102.66 9.89
N ASN A 3250 -96.52 -103.08 10.27
CA ASN A 3250 -96.85 -104.49 10.50
C ASN A 3250 -95.93 -105.11 11.56
N ASN A 3251 -95.63 -104.34 12.59
CA ASN A 3251 -94.76 -104.80 13.67
C ASN A 3251 -95.61 -105.57 14.68
N PHE A 3252 -95.79 -106.87 14.39
CA PHE A 3252 -96.49 -107.73 15.33
C PHE A 3252 -95.75 -107.82 16.65
N SER A 3253 -94.44 -107.63 16.63
CA SER A 3253 -93.65 -107.52 17.85
C SER A 3253 -94.03 -106.21 18.52
N LEU A 3254 -94.91 -106.29 19.51
CA LEU A 3254 -95.45 -105.09 20.14
C LEU A 3254 -95.83 -105.44 21.57
N ALA A 3255 -95.70 -104.46 22.46
CA ALA A 3255 -96.06 -104.64 23.86
C ALA A 3255 -97.57 -104.54 23.99
N MET A 3256 -98.24 -105.69 24.09
CA MET A 3256 -99.64 -105.70 24.46
C MET A 3256 -99.85 -105.09 25.84
N LYS A 3257 -98.87 -105.27 26.74
CA LYS A 3257 -98.98 -104.63 28.04
C LYS A 3257 -98.93 -103.11 27.92
N LEU A 3258 -98.22 -102.60 26.91
CA LEU A 3258 -98.31 -101.17 26.62
C LEU A 3258 -99.74 -100.79 26.28
N LEU A 3259 -100.41 -101.62 25.48
CA LEU A 3259 -101.82 -101.38 25.18
C LEU A 3259 -102.65 -101.38 26.46
N LYS A 3260 -102.38 -102.31 27.37
CA LYS A 3260 -103.14 -102.36 28.61
C LYS A 3260 -102.88 -101.14 29.48
N GLU A 3261 -101.64 -100.64 29.47
CA GLU A 3261 -101.34 -99.40 30.18
C GLU A 3261 -102.14 -98.24 29.61
N LEU A 3262 -102.17 -98.13 28.28
CA LEU A 3262 -102.99 -97.11 27.65
C LEU A 3262 -104.47 -97.32 27.98
N HIS A 3263 -104.89 -98.56 28.15
CA HIS A 3263 -106.25 -98.84 28.56
C HIS A 3263 -106.53 -98.32 29.97
N LYS A 3264 -105.58 -98.54 30.89
CA LYS A 3264 -105.75 -98.07 32.25
C LYS A 3264 -105.82 -96.55 32.31
N GLU A 3265 -104.95 -95.87 31.56
CA GLU A 3265 -105.00 -94.42 31.53
C GLU A 3265 -106.08 -93.91 30.58
N SER A 3266 -106.72 -94.80 29.83
CA SER A 3266 -107.82 -94.45 28.94
C SER A 3266 -109.16 -94.51 29.65
N LYS A 3267 -109.30 -95.42 30.59
CA LYS A 3267 -110.48 -95.45 31.45
C LYS A 3267 -110.67 -94.14 32.22
N THR A 3268 -109.69 -93.24 32.17
CA THR A 3268 -109.84 -91.92 32.78
C THR A 3268 -111.00 -91.17 32.15
N ARG A 3269 -111.13 -91.24 30.83
CA ARG A 3269 -112.24 -90.62 30.13
C ARG A 3269 -112.77 -91.59 29.08
N ASP A 3270 -114.11 -91.69 29.01
CA ASP A 3270 -114.73 -92.69 28.15
C ASP A 3270 -114.33 -92.53 26.70
N ASP A 3271 -114.13 -91.29 26.24
CA ASP A 3271 -113.73 -91.06 24.86
C ASP A 3271 -112.38 -91.70 24.59
N TRP A 3272 -111.38 -91.38 25.41
CA TRP A 3272 -110.07 -91.99 25.22
C TRP A 3272 -110.11 -93.49 25.52
N LEU A 3273 -110.99 -93.90 26.45
CA LEU A 3273 -111.17 -95.32 26.73
C LEU A 3273 -111.58 -96.09 25.48
N VAL A 3274 -112.63 -95.64 24.81
CA VAL A 3274 -113.12 -96.37 23.65
C VAL A 3274 -112.23 -96.15 22.44
N SER A 3275 -111.50 -95.04 22.39
CA SER A 3275 -110.47 -94.92 21.37
C SER A 3275 -109.40 -95.99 21.55
N TRP A 3276 -109.00 -96.24 22.80
CA TRP A 3276 -108.08 -97.34 23.04
C TRP A 3276 -108.71 -98.67 22.63
N VAL A 3277 -109.99 -98.84 22.93
CA VAL A 3277 -110.69 -100.08 22.57
C VAL A 3277 -110.63 -100.31 21.07
N GLN A 3278 -110.92 -99.27 20.30
CA GLN A 3278 -110.90 -99.38 18.85
C GLN A 3278 -109.49 -99.58 18.33
N SER A 3279 -108.50 -98.95 18.95
CA SER A 3279 -107.11 -99.20 18.55
C SER A 3279 -106.74 -100.65 18.79
N TYR A 3280 -107.19 -101.21 19.92
CA TYR A 3280 -106.90 -102.60 20.22
C TYR A 3280 -107.56 -103.53 19.20
N CYS A 3281 -108.80 -103.24 18.83
CA CYS A 3281 -109.44 -104.09 17.83
C CYS A 3281 -108.79 -103.94 16.47
N ARG A 3282 -108.32 -102.73 16.14
CA ARG A 3282 -107.55 -102.53 14.92
C ARG A 3282 -106.28 -103.37 14.93
N LEU A 3283 -105.59 -103.41 16.07
CA LEU A 3283 -104.40 -104.24 16.19
C LEU A 3283 -104.76 -105.71 16.05
N SER A 3284 -105.90 -106.12 16.59
CA SER A 3284 -106.35 -107.49 16.42
C SER A 3284 -106.56 -107.81 14.94
N HIS A 3285 -107.16 -106.87 14.20
CA HIS A 3285 -107.31 -107.03 12.76
C HIS A 3285 -105.95 -107.13 12.09
N CYS A 3286 -104.99 -106.33 12.54
CA CYS A 3286 -103.65 -106.37 11.98
C CYS A 3286 -103.00 -107.72 12.20
N ARG A 3287 -103.19 -108.31 13.38
CA ARG A 3287 -102.60 -109.59 13.69
C ARG A 3287 -103.11 -110.70 12.79
N SER A 3288 -104.20 -110.46 12.07
CA SER A 3288 -104.68 -111.43 11.09
C SER A 3288 -103.57 -111.76 10.11
N ARG A 3289 -103.34 -113.05 9.90
CA ARG A 3289 -102.15 -113.53 9.22
C ARG A 3289 -102.52 -114.83 8.52
N SER A 3290 -101.50 -115.61 8.15
CA SER A 3290 -101.75 -116.92 7.56
C SER A 3290 -102.58 -117.80 8.48
N GLN A 3291 -102.26 -117.82 9.76
CA GLN A 3291 -103.06 -118.50 10.77
C GLN A 3291 -103.72 -117.48 11.71
N GLY A 3292 -104.19 -116.37 11.14
CA GLY A 3292 -105.01 -115.46 11.90
C GLY A 3292 -106.32 -116.06 12.34
N CYS A 3293 -106.82 -117.07 11.62
CA CYS A 3293 -108.09 -117.69 11.95
C CYS A 3293 -108.09 -118.21 13.38
N SER A 3294 -107.21 -119.16 13.67
CA SER A 3294 -107.20 -119.78 15.00
C SER A 3294 -107.00 -118.75 16.09
N GLU A 3295 -105.95 -117.92 15.95
CA GLU A 3295 -105.62 -116.98 17.02
C GLU A 3295 -106.75 -115.99 17.26
N GLN A 3296 -107.25 -115.37 16.21
CA GLN A 3296 -108.29 -114.36 16.38
C GLN A 3296 -109.61 -114.97 16.81
N VAL A 3297 -109.83 -116.25 16.53
CA VAL A 3297 -110.96 -116.94 17.13
C VAL A 3297 -110.73 -117.11 18.63
N LEU A 3298 -109.48 -117.38 19.01
CA LEU A 3298 -109.16 -117.48 20.44
C LEU A 3298 -109.34 -116.14 21.14
N THR A 3299 -108.79 -115.07 20.55
CA THR A 3299 -108.92 -113.73 21.10
C THR A 3299 -109.98 -112.97 20.29
N VAL A 3300 -111.22 -113.06 20.74
CA VAL A 3300 -112.33 -112.35 20.07
C VAL A 3300 -112.41 -110.98 20.73
N LEU A 3301 -111.59 -110.07 20.24
CA LEU A 3301 -111.62 -108.66 20.61
C LEU A 3301 -111.52 -108.44 22.11
N LYS A 3302 -110.96 -109.40 22.85
CA LYS A 3302 -110.71 -109.24 24.28
C LYS A 3302 -111.99 -108.88 25.03
N THR A 3303 -112.87 -109.88 25.13
CA THR A 3303 -114.24 -109.73 25.64
C THR A 3303 -115.07 -108.90 24.66
N VAL A 3304 -115.14 -109.38 23.42
CA VAL A 3304 -115.92 -108.86 22.29
C VAL A 3304 -116.14 -107.36 22.35
N SER A 3305 -115.48 -106.63 21.43
CA SER A 3305 -115.48 -105.17 21.42
C SER A 3305 -115.10 -104.62 22.79
N LEU A 3306 -114.25 -105.36 23.51
CA LEU A 3306 -113.82 -105.01 24.86
C LEU A 3306 -115.01 -104.71 25.77
N LEU A 3307 -116.19 -105.23 25.44
CA LEU A 3307 -117.43 -104.89 26.13
C LEU A 3307 -117.59 -103.38 26.28
N ASP A 3308 -117.33 -102.65 25.19
CA ASP A 3308 -117.45 -101.20 25.17
C ASP A 3308 -118.83 -100.73 24.75
N GLU A 3309 -119.86 -101.56 24.92
CA GLU A 3309 -121.21 -101.15 24.57
C GLU A 3309 -121.69 -100.00 25.42
N ASN A 3310 -121.01 -99.72 26.54
CA ASN A 3310 -121.25 -98.53 27.33
C ASN A 3310 -120.93 -97.25 26.58
N ASN A 3311 -120.41 -97.34 25.35
CA ASN A 3311 -120.06 -96.18 24.55
C ASN A 3311 -120.06 -96.58 23.09
N VAL A 3312 -121.10 -96.18 22.35
CA VAL A 3312 -121.13 -96.33 20.90
C VAL A 3312 -120.81 -94.96 20.31
N SER A 3313 -119.61 -94.82 19.75
CA SER A 3313 -119.04 -93.50 19.47
C SER A 3313 -119.05 -92.65 20.74
N SER A 3314 -118.70 -93.29 21.86
CA SER A 3314 -118.88 -92.71 23.19
C SER A 3314 -120.34 -92.29 23.39
N TYR A 3315 -121.25 -93.22 23.14
CA TYR A 3315 -122.69 -92.93 23.09
C TYR A 3315 -122.97 -91.78 22.13
N LEU A 3316 -122.34 -91.83 20.96
CA LEU A 3316 -122.44 -90.82 19.92
C LEU A 3316 -122.00 -89.44 20.37
N SER A 3317 -121.41 -89.33 21.56
CA SER A 3317 -120.87 -88.05 21.99
C SER A 3317 -119.61 -87.68 21.21
N LYS A 3318 -118.98 -88.66 20.58
CA LYS A 3318 -117.96 -88.37 19.59
C LYS A 3318 -118.63 -87.99 18.26
N ASN A 3319 -117.81 -87.65 17.27
CA ASN A 3319 -118.35 -87.19 16.00
C ASN A 3319 -118.99 -88.36 15.24
N ILE A 3320 -119.66 -88.01 14.14
CA ILE A 3320 -120.33 -89.01 13.32
C ILE A 3320 -119.32 -90.00 12.74
N LEU A 3321 -118.11 -89.51 12.41
CA LEU A 3321 -117.08 -90.40 11.89
C LEU A 3321 -116.68 -91.45 12.91
N ALA A 3322 -116.78 -91.12 14.21
CA ALA A 3322 -116.45 -92.09 15.23
C ALA A 3322 -117.44 -93.25 15.25
N PHE A 3323 -118.74 -92.95 15.14
CA PHE A 3323 -119.71 -94.03 15.06
C PHE A 3323 -119.58 -94.79 13.75
N ARG A 3324 -119.26 -94.07 12.67
CA ARG A 3324 -118.96 -94.73 11.41
C ARG A 3324 -117.87 -95.77 11.61
N ASP A 3325 -116.75 -95.37 12.21
CA ASP A 3325 -115.64 -96.27 12.42
C ASP A 3325 -115.96 -97.36 13.42
N GLN A 3326 -116.81 -97.08 14.40
CA GLN A 3326 -117.26 -98.12 15.32
C GLN A 3326 -118.00 -99.23 14.56
N ASN A 3327 -118.96 -98.85 13.73
CA ASN A 3327 -119.65 -99.83 12.92
C ASN A 3327 -118.70 -100.47 11.92
N ILE A 3328 -117.71 -99.71 11.45
CA ILE A 3328 -116.74 -100.22 10.49
C ILE A 3328 -115.94 -101.35 11.10
N LEU A 3329 -115.43 -101.13 12.32
CA LEU A 3329 -114.64 -102.15 12.99
C LEU A 3329 -115.51 -103.33 13.42
N LEU A 3330 -116.76 -103.07 13.77
CA LEU A 3330 -117.68 -104.15 14.07
C LEU A 3330 -117.85 -105.08 12.86
N GLY A 3331 -118.28 -104.51 11.74
CA GLY A 3331 -118.38 -105.30 10.52
C GLY A 3331 -117.05 -105.86 10.08
N THR A 3332 -115.96 -105.19 10.43
CA THR A 3332 -114.63 -105.63 10.03
C THR A 3332 -114.23 -106.90 10.76
N THR A 3333 -114.40 -106.93 12.08
CA THR A 3333 -114.09 -108.13 12.82
C THR A 3333 -115.04 -109.26 12.44
N TYR A 3334 -116.32 -108.93 12.20
CA TYR A 3334 -117.25 -109.96 11.75
C TYR A 3334 -116.79 -110.55 10.42
N ARG A 3335 -116.42 -109.70 9.47
CA ARG A 3335 -115.96 -110.17 8.18
C ARG A 3335 -114.67 -110.97 8.31
N ILE A 3336 -113.74 -110.51 9.13
CA ILE A 3336 -112.47 -111.20 9.31
C ILE A 3336 -112.71 -112.61 9.83
N ILE A 3337 -113.53 -112.71 10.89
CA ILE A 3337 -113.79 -114.02 11.47
C ILE A 3337 -114.53 -114.90 10.46
N ALA A 3338 -115.53 -114.35 9.78
CA ALA A 3338 -116.32 -115.15 8.84
C ALA A 3338 -115.45 -115.68 7.72
N ASN A 3339 -114.61 -114.82 7.14
CA ASN A 3339 -113.74 -115.26 6.06
C ASN A 3339 -112.69 -116.25 6.56
N ALA A 3340 -112.18 -116.04 7.78
CA ALA A 3340 -111.20 -116.96 8.33
C ALA A 3340 -111.80 -118.35 8.51
N LEU A 3341 -113.02 -118.43 9.01
CA LEU A 3341 -113.65 -119.73 9.22
C LEU A 3341 -114.05 -120.37 7.90
N SER A 3342 -114.60 -119.59 6.96
CA SER A 3342 -114.98 -120.16 5.68
C SER A 3342 -113.77 -120.68 4.91
N SER A 3343 -112.67 -119.92 4.93
CA SER A 3343 -111.44 -120.36 4.28
C SER A 3343 -110.72 -121.44 5.06
N GLU A 3344 -110.96 -121.56 6.35
CA GLU A 3344 -110.31 -122.56 7.20
C GLU A 3344 -111.38 -123.33 7.97
N PRO A 3345 -112.19 -124.14 7.27
CA PRO A 3345 -113.22 -124.91 7.97
C PRO A 3345 -112.68 -126.22 8.52
N ALA A 3346 -111.49 -126.16 9.13
CA ALA A 3346 -110.91 -127.31 9.81
C ALA A 3346 -110.16 -126.87 11.07
N CYS A 3347 -110.41 -125.65 11.55
CA CYS A 3347 -109.60 -125.05 12.59
C CYS A 3347 -109.72 -125.83 13.90
N LEU A 3348 -108.59 -125.96 14.60
CA LEU A 3348 -108.61 -126.52 15.94
C LEU A 3348 -109.38 -125.62 16.90
N ALA A 3349 -109.36 -124.32 16.65
CA ALA A 3349 -110.16 -123.39 17.45
C ALA A 3349 -111.64 -123.68 17.27
N GLU A 3350 -112.05 -124.03 16.05
CA GLU A 3350 -113.41 -124.52 15.84
C GLU A 3350 -113.64 -125.80 16.62
N ILE A 3351 -112.65 -126.71 16.61
CA ILE A 3351 -112.72 -127.89 17.46
C ILE A 3351 -112.64 -127.49 18.92
N GLU A 3352 -111.88 -126.44 19.24
CA GLU A 3352 -111.86 -125.93 20.60
C GLU A 3352 -113.23 -125.42 21.00
N GLU A 3353 -113.70 -125.85 22.17
CA GLU A 3353 -115.02 -125.49 22.69
C GLU A 3353 -114.81 -124.54 23.86
N ASP A 3354 -115.19 -123.29 23.68
CA ASP A 3354 -114.95 -122.25 24.69
C ASP A 3354 -115.98 -121.15 24.52
N LYS A 3355 -115.91 -120.16 25.41
CA LYS A 3355 -116.87 -119.06 25.39
C LYS A 3355 -116.84 -118.32 24.06
N ALA A 3356 -115.64 -118.17 23.47
CA ALA A 3356 -115.53 -117.44 22.21
C ALA A 3356 -116.31 -118.15 21.10
N ARG A 3357 -116.18 -119.47 21.01
CA ARG A 3357 -116.91 -120.20 19.98
C ARG A 3357 -118.41 -120.05 20.16
N ARG A 3358 -118.88 -120.16 21.40
CA ARG A 3358 -120.30 -120.01 21.66
C ARG A 3358 -120.79 -118.62 21.27
N ILE A 3359 -120.07 -117.58 21.69
CA ILE A 3359 -120.54 -116.22 21.45
C ILE A 3359 -120.52 -115.89 19.97
N LEU A 3360 -119.56 -116.42 19.22
CA LEU A 3360 -119.61 -116.25 17.77
C LEU A 3360 -120.74 -117.06 17.14
N GLU A 3361 -121.04 -118.23 17.69
CA GLU A 3361 -122.18 -119.00 17.19
C GLU A 3361 -123.48 -118.23 17.39
N LEU A 3362 -123.63 -117.56 18.53
CA LEU A 3362 -124.76 -116.67 18.73
C LEU A 3362 -124.68 -115.47 17.81
N SER A 3363 -123.48 -114.90 17.64
CA SER A 3363 -123.31 -113.73 16.80
C SER A 3363 -123.53 -114.01 15.32
N GLY A 3364 -123.55 -115.28 14.93
CA GLY A 3364 -123.79 -115.64 13.54
C GLY A 3364 -124.94 -116.60 13.36
N GLU A 3368 -124.02 -123.15 17.23
CA GLU A 3368 -124.54 -122.89 15.89
C GLU A 3368 -123.61 -123.43 14.83
N ASP A 3369 -124.19 -124.05 13.80
CA ASP A 3369 -123.39 -124.64 12.73
C ASP A 3369 -122.66 -123.56 11.95
N SER A 3370 -121.51 -123.93 11.38
CA SER A 3370 -120.59 -122.96 10.80
C SER A 3370 -121.27 -122.14 9.71
N GLU A 3371 -122.10 -122.78 8.87
CA GLU A 3371 -122.74 -122.05 7.79
C GLU A 3371 -123.64 -120.94 8.32
N LYS A 3372 -124.44 -121.25 9.34
CA LYS A 3372 -125.29 -120.23 9.93
C LYS A 3372 -124.46 -119.14 10.60
N VAL A 3373 -123.35 -119.52 11.24
CA VAL A 3373 -122.50 -118.53 11.88
C VAL A 3373 -121.93 -117.56 10.85
N ILE A 3374 -121.43 -118.10 9.74
CA ILE A 3374 -120.82 -117.24 8.73
C ILE A 3374 -121.88 -116.39 8.05
N ALA A 3375 -123.08 -116.94 7.83
CA ALA A 3375 -124.15 -116.12 7.27
C ALA A 3375 -124.53 -114.99 8.20
N GLY A 3376 -124.61 -115.28 9.51
CA GLY A 3376 -124.94 -114.24 10.46
C GLY A 3376 -123.88 -113.16 10.53
N LEU A 3377 -122.60 -113.56 10.48
CA LEU A 3377 -121.54 -112.56 10.43
C LEU A 3377 -121.58 -111.76 9.14
N TYR A 3378 -121.94 -112.39 8.03
CA TYR A 3378 -122.10 -111.66 6.77
C TYR A 3378 -123.17 -110.58 6.92
N GLN A 3379 -124.32 -110.94 7.48
CA GLN A 3379 -125.36 -109.95 7.70
C GLN A 3379 -124.93 -108.88 8.69
N ARG A 3380 -124.20 -109.28 9.73
CA ARG A 3380 -123.69 -108.31 10.69
C ARG A 3380 -122.82 -107.27 10.01
N ALA A 3381 -121.84 -107.74 9.23
CA ALA A 3381 -120.99 -106.82 8.48
C ALA A 3381 -121.81 -105.97 7.53
N PHE A 3382 -122.83 -106.57 6.89
CA PHE A 3382 -123.65 -105.84 5.94
C PHE A 3382 -124.33 -104.63 6.60
N GLN A 3383 -125.06 -104.89 7.69
CA GLN A 3383 -125.74 -103.79 8.39
C GLN A 3383 -124.76 -102.80 8.98
N HIS A 3384 -123.65 -103.27 9.56
CA HIS A 3384 -122.74 -102.33 10.20
C HIS A 3384 -122.06 -101.43 9.17
N LEU A 3385 -121.69 -101.99 8.01
CA LEU A 3385 -121.10 -101.15 6.97
C LEU A 3385 -122.14 -100.19 6.39
N SER A 3386 -123.39 -100.64 6.26
CA SER A 3386 -124.43 -99.73 5.76
C SER A 3386 -124.67 -98.57 6.72
N GLU A 3387 -124.72 -98.86 8.02
CA GLU A 3387 -124.94 -97.79 8.98
C GLU A 3387 -123.72 -96.88 9.09
N ALA A 3388 -122.52 -97.43 8.96
CA ALA A 3388 -121.34 -96.58 8.88
C ALA A 3388 -121.41 -95.65 7.66
N VAL A 3389 -121.86 -96.18 6.52
CA VAL A 3389 -121.96 -95.38 5.31
C VAL A 3389 -122.98 -94.25 5.51
N GLN A 3390 -124.15 -94.58 6.07
CA GLN A 3390 -125.17 -93.56 6.23
C GLN A 3390 -124.76 -92.52 7.27
N ALA A 3391 -124.00 -92.93 8.29
CA ALA A 3391 -123.43 -91.94 9.20
C ALA A 3391 -122.40 -91.07 8.49
N ALA A 3392 -121.68 -91.63 7.53
CA ALA A 3392 -120.67 -90.90 6.79
C ALA A 3392 -121.28 -89.95 5.75
N GLU A 3393 -122.50 -90.21 5.29
CA GLU A 3393 -123.07 -89.42 4.20
C GLU A 3393 -123.01 -87.92 4.48
N GLU A 3394 -123.47 -87.52 5.66
CA GLU A 3394 -123.29 -86.14 6.10
C GLU A 3394 -121.83 -85.91 6.49
N GLU A 3395 -121.33 -84.72 6.20
CA GLU A 3395 -119.94 -84.38 6.48
C GLU A 3395 -119.73 -82.88 6.52
N ALA A 3407 -113.16 -87.97 2.84
CA ALA A 3407 -112.48 -88.52 4.01
C ALA A 3407 -112.96 -89.94 4.28
N GLY A 3408 -113.74 -90.11 5.36
CA GLY A 3408 -114.26 -91.41 5.70
C GLY A 3408 -115.41 -91.89 4.83
N VAL A 3409 -115.94 -91.01 3.97
CA VAL A 3409 -117.05 -91.42 3.09
C VAL A 3409 -116.58 -92.52 2.15
N ILE A 3410 -115.46 -92.29 1.46
CA ILE A 3410 -114.91 -93.30 0.55
C ILE A 3410 -114.47 -94.51 1.34
N ASP A 3411 -113.99 -94.31 2.57
CA ASP A 3411 -113.54 -95.43 3.39
C ASP A 3411 -114.70 -96.38 3.68
N ALA A 3412 -115.83 -95.84 4.13
CA ALA A 3412 -116.99 -96.68 4.41
C ALA A 3412 -117.54 -97.29 3.11
N TYR A 3413 -117.59 -96.48 2.05
CA TYR A 3413 -117.97 -97.00 0.74
C TYR A 3413 -117.17 -98.24 0.39
N MET A 3414 -115.85 -98.17 0.62
CA MET A 3414 -114.97 -99.24 0.18
C MET A 3414 -115.05 -100.45 1.10
N THR A 3415 -115.21 -100.23 2.40
CA THR A 3415 -115.44 -101.35 3.29
C THR A 3415 -116.67 -102.14 2.84
N LEU A 3416 -117.79 -101.45 2.66
CA LEU A 3416 -119.01 -102.14 2.23
C LEU A 3416 -118.82 -102.75 0.84
N ALA A 3417 -118.11 -102.05 -0.04
CA ALA A 3417 -117.95 -102.51 -1.42
C ALA A 3417 -117.14 -103.79 -1.48
N ASP A 3418 -116.00 -103.82 -0.78
CA ASP A 3418 -115.19 -105.02 -0.74
C ASP A 3418 -115.94 -106.17 -0.08
N PHE A 3419 -116.69 -105.88 0.99
CA PHE A 3419 -117.46 -106.94 1.62
C PHE A 3419 -118.47 -107.53 0.66
N CYS A 3420 -119.24 -106.68 -0.03
CA CYS A 3420 -120.27 -107.20 -0.93
C CYS A 3420 -119.64 -107.89 -2.13
N ASP A 3421 -118.51 -107.39 -2.61
CA ASP A 3421 -117.85 -108.03 -3.75
C ASP A 3421 -117.34 -109.41 -3.37
N GLN A 3422 -116.74 -109.56 -2.18
CA GLN A 3422 -116.31 -110.87 -1.75
C GLN A 3422 -117.50 -111.79 -1.50
N GLN A 3423 -118.62 -111.23 -1.03
CA GLN A 3423 -119.83 -112.03 -0.89
C GLN A 3423 -120.28 -112.57 -2.24
N LEU A 3424 -120.28 -111.71 -3.27
CA LEU A 3424 -120.68 -112.14 -4.59
C LEU A 3424 -119.71 -113.16 -5.17
N ARG A 3425 -118.41 -112.96 -4.93
CA ARG A 3425 -117.41 -113.85 -5.50
C ARG A 3425 -117.45 -115.22 -4.84
N LYS A 3426 -117.67 -115.28 -3.52
CA LYS A 3426 -117.85 -116.58 -2.88
C LYS A 3426 -119.18 -117.19 -3.28
N GLU A 3427 -120.21 -116.37 -3.47
CA GLU A 3427 -121.45 -116.86 -4.07
C GLU A 3427 -121.19 -117.35 -5.48
N GLU A 3428 -120.37 -116.63 -6.24
CA GLU A 3428 -119.91 -117.11 -7.53
C GLU A 3428 -119.14 -118.41 -7.35
N GLU A 3429 -119.34 -119.35 -8.26
CA GLU A 3429 -118.63 -120.61 -8.21
C GLU A 3429 -117.15 -120.38 -8.48
N ALA A 3441 -130.53 -104.92 -6.98
CA ALA A 3441 -130.22 -106.25 -6.45
C ALA A 3441 -129.06 -106.19 -5.47
N TYR A 3442 -128.52 -107.36 -5.14
CA TYR A 3442 -127.33 -107.40 -4.29
C TYR A 3442 -126.16 -106.59 -4.86
N PRO A 3443 -125.86 -106.63 -6.17
CA PRO A 3443 -124.81 -105.75 -6.69
C PRO A 3443 -125.18 -104.27 -6.71
N ALA A 3444 -126.45 -103.92 -6.55
CA ALA A 3444 -126.87 -102.54 -6.80
C ALA A 3444 -126.20 -101.56 -5.86
N LEU A 3445 -126.31 -101.81 -4.55
CA LEU A 3445 -125.77 -100.86 -3.58
C LEU A 3445 -124.24 -100.80 -3.65
N VAL A 3446 -123.60 -101.95 -3.82
CA VAL A 3446 -122.14 -101.96 -3.87
C VAL A 3446 -121.62 -101.21 -5.09
N VAL A 3447 -122.25 -101.41 -6.25
CA VAL A 3447 -121.78 -100.70 -7.44
C VAL A 3447 -122.06 -99.21 -7.31
N GLU A 3448 -123.19 -98.82 -6.70
CA GLU A 3448 -123.43 -97.39 -6.51
C GLU A 3448 -122.46 -96.77 -5.53
N LYS A 3449 -122.10 -97.47 -4.47
CA LYS A 3449 -121.13 -96.92 -3.52
C LYS A 3449 -119.75 -96.83 -4.15
N MET A 3450 -119.38 -97.82 -4.98
CA MET A 3450 -118.12 -97.72 -5.70
C MET A 3450 -118.14 -96.54 -6.67
N LEU A 3451 -119.27 -96.31 -7.33
CA LEU A 3451 -119.38 -95.17 -8.23
C LEU A 3451 -119.23 -93.85 -7.48
N LYS A 3452 -119.87 -93.74 -6.31
CA LYS A 3452 -119.80 -92.50 -5.56
C LYS A 3452 -118.41 -92.27 -4.98
N ALA A 3453 -117.75 -93.33 -4.53
CA ALA A 3453 -116.35 -93.22 -4.14
C ALA A 3453 -115.46 -92.94 -5.35
N LEU A 3454 -115.95 -93.23 -6.56
CA LEU A 3454 -115.26 -92.93 -7.80
C LEU A 3454 -115.71 -91.63 -8.43
N LYS A 3455 -116.91 -91.14 -8.09
CA LYS A 3455 -117.30 -89.80 -8.50
C LYS A 3455 -116.29 -88.78 -8.00
N LEU A 3456 -115.85 -88.94 -6.75
CA LEU A 3456 -114.63 -88.30 -6.28
C LEU A 3456 -113.46 -89.09 -6.84
N ASN A 3457 -112.58 -88.43 -7.60
CA ASN A 3457 -111.53 -89.13 -8.31
C ASN A 3457 -110.53 -89.69 -7.30
N SER A 3458 -110.64 -90.99 -7.04
CA SER A 3458 -109.69 -91.71 -6.19
C SER A 3458 -109.26 -92.96 -6.94
N ASN A 3459 -107.95 -93.09 -7.19
CA ASN A 3459 -107.45 -94.22 -7.97
C ASN A 3459 -107.79 -95.54 -7.30
N GLU A 3460 -107.88 -95.54 -5.97
CA GLU A 3460 -108.34 -96.72 -5.25
C GLU A 3460 -109.74 -97.15 -5.69
N ALA A 3461 -110.60 -96.19 -6.03
CA ALA A 3461 -111.89 -96.53 -6.62
C ALA A 3461 -111.76 -96.91 -8.08
N ARG A 3462 -110.78 -96.32 -8.77
CA ARG A 3462 -110.53 -96.69 -10.17
C ARG A 3462 -110.19 -98.16 -10.28
N LEU A 3463 -109.68 -98.76 -9.21
CA LEU A 3463 -109.30 -100.16 -9.24
C LEU A 3463 -110.49 -101.06 -9.57
N LYS A 3464 -111.65 -100.76 -9.00
CA LYS A 3464 -112.82 -101.62 -9.12
C LYS A 3464 -113.49 -101.51 -10.48
N PHE A 3465 -112.98 -100.67 -11.37
CA PHE A 3465 -113.61 -100.45 -12.66
C PHE A 3465 -113.83 -101.76 -13.43
N PRO A 3466 -112.81 -102.60 -13.66
CA PRO A 3466 -113.10 -103.89 -14.30
C PRO A 3466 -114.04 -104.75 -13.49
N ARG A 3467 -113.97 -104.69 -12.15
CA ARG A 3467 -114.94 -105.40 -11.34
C ARG A 3467 -116.35 -104.85 -11.56
N LEU A 3468 -116.46 -103.52 -11.72
CA LEU A 3468 -117.73 -102.94 -12.10
C LEU A 3468 -118.24 -103.57 -13.39
N LEU A 3469 -117.36 -103.68 -14.40
CA LEU A 3469 -117.78 -104.25 -15.68
C LEU A 3469 -118.23 -105.69 -15.52
N GLN A 3470 -117.47 -106.49 -14.77
CA GLN A 3470 -117.82 -107.89 -14.61
C GLN A 3470 -119.13 -108.06 -13.88
N ILE A 3471 -119.34 -107.30 -12.79
CA ILE A 3471 -120.58 -107.42 -12.04
C ILE A 3471 -121.76 -106.89 -12.85
N ILE A 3472 -121.51 -105.92 -13.74
CA ILE A 3472 -122.56 -105.47 -14.65
C ILE A 3472 -122.95 -106.59 -15.59
N GLU A 3473 -121.96 -107.27 -16.16
CA GLU A 3473 -122.26 -108.34 -17.11
C GLU A 3473 -122.91 -109.52 -16.43
N ARG A 3474 -122.60 -109.76 -15.15
CA ARG A 3474 -123.25 -110.85 -14.43
C ARG A 3474 -124.74 -110.60 -14.26
N TYR A 3475 -125.10 -109.41 -13.81
CA TYR A 3475 -126.49 -109.05 -13.51
C TYR A 3475 -126.78 -107.70 -14.14
N PRO A 3476 -127.04 -107.66 -15.44
CA PRO A 3476 -127.24 -106.38 -16.13
C PRO A 3476 -128.46 -105.61 -15.66
N GLU A 3477 -129.43 -106.26 -15.03
CA GLU A 3477 -130.71 -105.60 -14.74
C GLU A 3477 -130.52 -104.41 -13.80
N GLU A 3478 -130.11 -104.66 -12.56
CA GLU A 3478 -130.01 -103.57 -11.58
C GLU A 3478 -128.87 -102.62 -11.94
N THR A 3479 -127.81 -103.14 -12.54
CA THR A 3479 -126.70 -102.27 -12.95
C THR A 3479 -127.15 -101.27 -13.99
N LEU A 3480 -127.89 -101.73 -15.01
CA LEU A 3480 -128.38 -100.80 -16.03
C LEU A 3480 -129.46 -99.90 -15.47
N SER A 3481 -130.22 -100.38 -14.47
CA SER A 3481 -131.20 -99.52 -13.81
C SER A 3481 -130.51 -98.36 -13.12
N LEU A 3482 -129.41 -98.62 -12.41
CA LEU A 3482 -128.66 -97.57 -11.74
C LEU A 3482 -127.77 -96.79 -12.69
N MET A 3483 -127.54 -97.31 -13.89
CA MET A 3483 -126.64 -96.75 -14.88
C MET A 3483 -127.15 -95.40 -15.39
N THR A 3484 -128.32 -95.00 -14.90
CA THR A 3484 -128.88 -93.70 -15.28
C THR A 3484 -127.93 -92.57 -14.93
N LYS A 3485 -127.33 -92.62 -13.74
CA LYS A 3485 -126.53 -91.50 -13.25
C LYS A 3485 -125.10 -91.51 -13.75
N GLU A 3486 -124.76 -92.25 -14.81
CA GLU A 3486 -123.41 -92.18 -15.35
C GLU A 3486 -123.45 -91.74 -16.81
N ILE A 3487 -124.46 -90.93 -17.16
CA ILE A 3487 -124.44 -90.22 -18.43
C ILE A 3487 -123.11 -89.51 -18.60
N SER A 3488 -122.59 -88.97 -17.49
CA SER A 3488 -121.23 -88.44 -17.45
C SER A 3488 -120.78 -88.50 -15.99
N SER A 3489 -119.99 -89.51 -15.65
CA SER A 3489 -119.49 -89.68 -14.29
C SER A 3489 -117.98 -89.48 -14.18
N VAL A 3490 -117.32 -89.08 -15.26
CA VAL A 3490 -115.89 -88.76 -15.16
C VAL A 3490 -115.72 -87.51 -14.30
N PRO A 3491 -114.86 -87.54 -13.27
CA PRO A 3491 -114.72 -86.36 -12.39
C PRO A 3491 -114.34 -85.10 -13.15
N CYS A 3492 -113.16 -85.08 -13.76
CA CYS A 3492 -112.87 -84.05 -14.76
C CYS A 3492 -112.50 -84.65 -16.11
N TRP A 3493 -111.45 -85.47 -16.16
CA TRP A 3493 -111.04 -86.16 -17.38
C TRP A 3493 -110.20 -87.35 -16.93
N GLN A 3494 -110.74 -88.55 -17.03
CA GLN A 3494 -110.05 -89.76 -16.59
C GLN A 3494 -110.84 -90.97 -17.11
N PHE A 3495 -110.49 -92.14 -16.62
CA PHE A 3495 -111.09 -93.43 -16.99
C PHE A 3495 -110.72 -93.83 -18.42
N ILE A 3496 -109.76 -93.14 -19.02
CA ILE A 3496 -109.28 -93.53 -20.34
C ILE A 3496 -108.61 -94.90 -20.28
N SER A 3497 -108.18 -95.32 -19.10
CA SER A 3497 -107.57 -96.63 -18.91
C SER A 3497 -108.58 -97.77 -18.99
N TRP A 3498 -109.81 -97.48 -19.43
CA TRP A 3498 -110.79 -98.54 -19.63
C TRP A 3498 -111.58 -98.34 -20.92
N ILE A 3499 -111.10 -97.47 -21.81
CA ILE A 3499 -111.77 -97.26 -23.09
C ILE A 3499 -111.93 -98.56 -23.85
N SER A 3500 -111.02 -99.52 -23.61
CA SER A 3500 -111.09 -100.80 -24.32
C SER A 3500 -112.42 -101.50 -24.09
N HIS A 3501 -113.13 -101.16 -23.03
CA HIS A 3501 -114.41 -101.79 -22.70
C HIS A 3501 -115.61 -101.01 -23.21
N MET A 3502 -115.44 -99.76 -23.62
CA MET A 3502 -116.56 -98.96 -24.08
C MET A 3502 -116.47 -98.55 -25.53
N VAL A 3503 -115.29 -98.15 -26.01
CA VAL A 3503 -115.16 -97.80 -27.42
C VAL A 3503 -115.32 -99.05 -28.28
N ALA A 3504 -115.18 -100.24 -27.68
CA ALA A 3504 -115.50 -101.50 -28.33
C ALA A 3504 -116.89 -102.00 -27.96
N LEU A 3505 -117.59 -101.29 -27.08
CA LEU A 3505 -118.94 -101.66 -26.66
C LEU A 3505 -119.98 -101.31 -27.72
N LEU A 3506 -119.53 -100.87 -28.89
CA LEU A 3506 -120.44 -100.35 -29.92
C LEU A 3506 -121.37 -101.42 -30.43
N ASP A 3507 -120.82 -102.41 -31.13
CA ASP A 3507 -121.63 -103.34 -31.90
C ASP A 3507 -122.43 -104.31 -31.03
N LYS A 3508 -122.10 -104.45 -29.75
CA LYS A 3508 -122.94 -105.20 -28.84
C LYS A 3508 -123.94 -104.23 -28.24
N ASP A 3509 -125.23 -104.53 -28.38
CA ASP A 3509 -126.27 -103.62 -27.94
C ASP A 3509 -126.17 -103.38 -26.44
N GLN A 3510 -126.08 -102.11 -26.06
CA GLN A 3510 -125.83 -101.75 -24.67
C GLN A 3510 -126.52 -100.42 -24.39
N ALA A 3511 -126.89 -100.21 -23.12
CA ALA A 3511 -127.49 -98.94 -22.74
C ALA A 3511 -126.48 -97.81 -22.91
N VAL A 3512 -127.00 -96.58 -23.02
CA VAL A 3512 -126.32 -95.53 -23.78
C VAL A 3512 -125.57 -94.52 -22.90
N ALA A 3513 -125.78 -94.52 -21.58
CA ALA A 3513 -125.20 -93.49 -20.72
C ALA A 3513 -123.68 -93.48 -20.81
N VAL A 3514 -123.07 -94.66 -20.75
CA VAL A 3514 -121.62 -94.73 -20.78
C VAL A 3514 -121.09 -94.30 -22.14
N GLN A 3515 -121.81 -94.61 -23.22
CA GLN A 3515 -121.39 -94.16 -24.54
C GLN A 3515 -121.46 -92.65 -24.66
N HIS A 3516 -122.44 -92.01 -24.04
CA HIS A 3516 -122.46 -90.55 -24.06
C HIS A 3516 -121.31 -89.97 -23.23
N SER A 3517 -121.04 -90.56 -22.07
CA SER A 3517 -119.91 -90.10 -21.26
C SER A 3517 -118.61 -90.19 -22.06
N VAL A 3518 -118.34 -91.36 -22.66
CA VAL A 3518 -117.16 -91.46 -23.48
C VAL A 3518 -117.24 -90.57 -24.71
N GLU A 3519 -118.45 -90.21 -25.15
CA GLU A 3519 -118.58 -89.25 -26.24
C GLU A 3519 -117.91 -87.94 -25.88
N GLU A 3520 -118.26 -87.36 -24.73
CA GLU A 3520 -117.54 -86.11 -24.41
C GLU A 3520 -116.09 -86.40 -24.05
N ILE A 3521 -115.80 -87.59 -23.51
CA ILE A 3521 -114.44 -87.86 -23.05
C ILE A 3521 -113.46 -87.89 -24.22
N THR A 3522 -113.78 -88.64 -25.27
CA THR A 3522 -112.94 -88.66 -26.45
C THR A 3522 -113.31 -87.57 -27.44
N ASP A 3523 -114.29 -86.73 -27.10
CA ASP A 3523 -114.32 -85.43 -27.74
C ASP A 3523 -113.21 -84.54 -27.16
N ASN A 3524 -112.94 -84.71 -25.86
CA ASN A 3524 -111.76 -84.11 -25.27
C ASN A 3524 -110.48 -84.80 -25.74
N TYR A 3525 -110.53 -86.11 -25.99
CA TYR A 3525 -109.37 -86.87 -26.44
C TYR A 3525 -109.74 -87.69 -27.67
N PRO A 3526 -109.86 -87.04 -28.83
CA PRO A 3526 -110.15 -87.79 -30.05
C PRO A 3526 -109.04 -88.75 -30.43
N GLN A 3527 -107.82 -88.25 -30.59
CA GLN A 3527 -106.70 -89.14 -30.84
C GLN A 3527 -106.36 -89.89 -29.54
N ALA A 3528 -105.43 -90.84 -29.67
CA ALA A 3528 -105.13 -91.88 -28.69
C ALA A 3528 -106.28 -92.86 -28.55
N ILE A 3529 -107.43 -92.57 -29.17
CA ILE A 3529 -108.49 -93.54 -29.40
C ILE A 3529 -108.43 -94.07 -30.82
N VAL A 3530 -107.46 -93.61 -31.61
CA VAL A 3530 -107.45 -93.86 -33.05
C VAL A 3530 -107.54 -95.36 -33.34
N TYR A 3531 -106.56 -96.13 -32.91
CA TYR A 3531 -106.68 -97.57 -33.06
C TYR A 3531 -107.77 -98.11 -32.14
N PRO A 3532 -107.87 -97.67 -30.86
CA PRO A 3532 -109.02 -98.05 -30.05
C PRO A 3532 -110.35 -97.91 -30.78
N PHE A 3533 -110.66 -96.68 -31.22
CA PHE A 3533 -111.93 -96.46 -31.91
C PHE A 3533 -112.02 -97.29 -33.19
N ILE A 3534 -110.95 -97.32 -33.97
CA ILE A 3534 -111.01 -97.99 -35.27
C ILE A 3534 -111.24 -99.48 -35.08
N ILE A 3535 -110.24 -100.18 -34.54
CA ILE A 3535 -110.34 -101.63 -34.43
C ILE A 3535 -111.49 -102.04 -33.52
N SER A 3536 -111.95 -101.12 -32.67
CA SER A 3536 -113.18 -101.34 -31.93
C SER A 3536 -114.41 -101.17 -32.82
N SER A 3537 -114.28 -100.36 -33.87
CA SER A 3537 -115.41 -100.17 -34.79
C SER A 3537 -115.66 -101.41 -35.63
N GLU A 3538 -114.61 -102.12 -36.05
CA GLU A 3538 -114.81 -103.41 -36.70
C GLU A 3538 -115.23 -104.42 -35.64
N SER A 3539 -116.51 -104.41 -35.32
CA SER A 3539 -117.06 -105.36 -34.35
C SER A 3539 -118.40 -105.90 -34.83
N THR A 3545 -128.05 -102.97 -35.74
CA THR A 3545 -129.17 -103.87 -35.50
C THR A 3545 -130.41 -103.10 -35.11
N SER A 3546 -131.41 -103.82 -34.57
CA SER A 3546 -132.62 -103.17 -34.09
C SER A 3546 -132.31 -102.22 -32.94
N THR A 3547 -131.40 -102.61 -32.06
CA THR A 3547 -130.88 -101.72 -31.03
C THR A 3547 -129.53 -101.12 -31.43
N GLY A 3548 -128.80 -101.78 -32.34
CA GLY A 3548 -127.47 -101.34 -32.71
C GLY A 3548 -127.43 -100.03 -33.45
N HIS A 3549 -128.57 -99.55 -33.97
CA HIS A 3549 -128.55 -98.28 -34.69
C HIS A 3549 -128.35 -97.09 -33.76
N LYS A 3550 -128.74 -97.21 -32.48
CA LYS A 3550 -128.33 -96.20 -31.52
C LYS A 3550 -126.81 -96.12 -31.45
N ASN A 3551 -126.15 -97.28 -31.39
CA ASN A 3551 -124.70 -97.32 -31.40
C ASN A 3551 -124.15 -96.75 -32.70
N LYS A 3552 -124.84 -97.00 -33.80
CA LYS A 3552 -124.41 -96.44 -35.08
C LYS A 3552 -124.47 -94.91 -35.05
N GLU A 3553 -125.52 -94.35 -34.45
CA GLU A 3553 -125.59 -92.91 -34.29
C GLU A 3553 -124.45 -92.39 -33.41
N PHE A 3554 -124.17 -93.11 -32.32
CA PHE A 3554 -123.10 -92.66 -31.43
C PHE A 3554 -121.75 -92.68 -32.13
N VAL A 3555 -121.48 -93.72 -32.93
CA VAL A 3555 -120.22 -93.77 -33.65
C VAL A 3555 -120.20 -92.72 -34.76
N ALA A 3556 -121.36 -92.40 -35.33
CA ALA A 3556 -121.41 -91.31 -36.30
C ALA A 3556 -121.02 -89.99 -35.65
N ARG A 3557 -121.51 -89.74 -34.44
CA ARG A 3557 -121.09 -88.55 -33.70
C ARG A 3557 -119.60 -88.61 -33.39
N ILE A 3558 -119.11 -89.78 -32.99
CA ILE A 3558 -117.69 -89.92 -32.64
C ILE A 3558 -116.82 -89.59 -33.85
N LYS A 3559 -117.16 -90.14 -35.01
CA LYS A 3559 -116.40 -89.83 -36.21
C LYS A 3559 -116.65 -88.42 -36.69
N SER A 3560 -117.74 -87.79 -36.24
CA SER A 3560 -117.85 -86.35 -36.39
C SER A 3560 -116.85 -85.62 -35.50
N LYS A 3561 -116.34 -86.30 -34.47
CA LYS A 3561 -115.32 -85.70 -33.61
C LYS A 3561 -113.88 -86.01 -34.03
N LEU A 3562 -113.66 -86.75 -35.12
CA LEU A 3562 -112.30 -87.15 -35.45
C LEU A 3562 -111.59 -86.08 -36.27
N ASP A 3563 -110.31 -86.32 -36.57
CA ASP A 3563 -109.50 -85.42 -37.37
C ASP A 3563 -108.33 -86.16 -38.00
N GLN A 3564 -108.17 -86.00 -39.32
CA GLN A 3564 -106.97 -86.37 -40.10
C GLN A 3564 -106.42 -87.75 -39.74
N GLY A 3565 -107.21 -88.78 -40.03
CA GLY A 3565 -106.65 -90.11 -40.03
C GLY A 3565 -105.81 -90.43 -41.24
N GLY A 3566 -105.90 -89.61 -42.28
CA GLY A 3566 -105.18 -89.89 -43.52
C GLY A 3566 -103.67 -89.81 -43.39
N VAL A 3567 -103.18 -88.98 -42.47
CA VAL A 3567 -101.75 -88.93 -42.22
C VAL A 3567 -101.26 -90.28 -41.72
N ILE A 3568 -101.95 -90.83 -40.73
CA ILE A 3568 -101.67 -92.18 -40.25
C ILE A 3568 -101.78 -93.18 -41.39
N GLN A 3569 -102.83 -93.02 -42.22
CA GLN A 3569 -103.06 -93.99 -43.28
C GLN A 3569 -101.90 -94.02 -44.27
N ASP A 3570 -101.42 -92.85 -44.68
CA ASP A 3570 -100.29 -92.80 -45.61
C ASP A 3570 -99.02 -93.36 -44.97
N PHE A 3571 -98.77 -92.99 -43.70
CA PHE A 3571 -97.59 -93.51 -43.02
C PHE A 3571 -97.62 -95.02 -42.97
N ILE A 3572 -98.77 -95.60 -42.62
CA ILE A 3572 -98.86 -97.04 -42.43
C ILE A 3572 -98.82 -97.76 -43.78
N ASN A 3573 -99.43 -97.18 -44.81
CA ASN A 3573 -99.35 -97.76 -46.15
C ASN A 3573 -97.90 -97.83 -46.62
N ALA A 3574 -97.12 -96.77 -46.40
CA ALA A 3574 -95.72 -96.83 -46.77
C ALA A 3574 -94.96 -97.82 -45.91
N LEU A 3575 -95.26 -97.89 -44.61
CA LEU A 3575 -94.57 -98.82 -43.73
C LEU A 3575 -94.79 -100.25 -44.19
N ASP A 3576 -96.01 -100.59 -44.58
CA ASP A 3576 -96.27 -101.93 -45.10
C ASP A 3576 -95.65 -102.11 -46.48
N GLN A 3577 -95.50 -101.02 -47.24
CA GLN A 3577 -94.76 -101.10 -48.50
C GLN A 3577 -93.32 -101.51 -48.25
N LEU A 3578 -92.74 -101.05 -47.13
CA LEU A 3578 -91.43 -101.57 -46.73
C LEU A 3578 -91.51 -103.06 -46.47
N SER A 3579 -92.50 -103.50 -45.67
CA SER A 3579 -92.68 -104.91 -45.41
C SER A 3579 -92.87 -105.67 -46.71
N ASN A 3580 -92.24 -106.82 -46.81
CA ASN A 3580 -92.29 -107.58 -48.05
C ASN A 3580 -93.74 -107.95 -48.37
N PRO A 3581 -94.16 -107.82 -49.63
CA PRO A 3581 -95.46 -108.36 -50.03
C PRO A 3581 -95.53 -109.85 -49.85
N GLU A 3582 -94.39 -110.54 -49.80
CA GLU A 3582 -94.38 -111.97 -49.52
C GLU A 3582 -94.97 -112.25 -48.15
N LEU A 3583 -94.62 -111.44 -47.14
CA LEU A 3583 -95.20 -111.63 -45.81
C LEU A 3583 -96.71 -111.48 -45.83
N LEU A 3584 -97.18 -110.40 -46.45
CA LEU A 3584 -98.62 -110.11 -46.46
C LEU A 3584 -99.38 -111.19 -47.19
N PHE A 3585 -98.86 -111.63 -48.35
CA PHE A 3585 -99.54 -112.65 -49.12
C PHE A 3585 -99.42 -114.03 -48.48
N LYS A 3586 -98.35 -114.29 -47.73
CA LYS A 3586 -98.30 -115.50 -46.93
C LYS A 3586 -99.40 -115.49 -45.88
N ASP A 3587 -99.61 -114.35 -45.23
CA ASP A 3587 -100.70 -114.25 -44.27
C ASP A 3587 -102.04 -114.49 -44.96
N TRP A 3588 -102.24 -113.88 -46.13
CA TRP A 3588 -103.48 -114.07 -46.89
C TRP A 3588 -103.68 -115.54 -47.26
N SER A 3589 -102.62 -116.18 -47.76
CA SER A 3589 -102.72 -117.55 -48.23
C SER A 3589 -102.96 -118.51 -47.07
N ASN A 3590 -102.31 -118.28 -45.93
CA ASN A 3590 -102.57 -119.11 -44.76
C ASN A 3590 -104.00 -118.92 -44.29
N ASP A 3591 -104.51 -117.68 -44.32
CA ASP A 3591 -105.89 -117.43 -43.91
C ASP A 3591 -106.86 -118.18 -44.82
N VAL A 3592 -106.66 -118.10 -46.13
CA VAL A 3592 -107.61 -118.74 -47.05
C VAL A 3592 -107.47 -120.26 -46.99
N ARG A 3593 -106.25 -120.77 -46.77
CA ARG A 3593 -106.08 -122.20 -46.61
C ARG A 3593 -106.81 -122.71 -45.37
N ALA A 3594 -106.71 -121.96 -44.26
CA ALA A 3594 -107.43 -122.34 -43.05
C ALA A 3594 -108.93 -122.25 -43.24
N GLU A 3595 -109.40 -121.20 -43.92
CA GLU A 3595 -110.83 -121.03 -44.15
C GLU A 3595 -111.39 -122.15 -45.01
N LEU A 3596 -110.69 -122.51 -46.08
CA LEU A 3596 -111.13 -123.62 -46.92
C LEU A 3596 -111.07 -124.93 -46.18
N ALA A 3597 -110.13 -125.08 -45.26
CA ALA A 3597 -110.03 -126.28 -44.44
C ALA A 3597 -110.96 -126.17 -43.23
N VAL A 3601 -116.23 -117.35 -43.40
CA VAL A 3601 -116.79 -118.26 -44.39
C VAL A 3601 -116.12 -118.01 -45.75
N ASN A 3602 -115.91 -119.10 -46.49
CA ASN A 3602 -115.11 -119.03 -47.71
C ASN A 3602 -115.72 -118.06 -48.70
N LYS A 3603 -114.83 -117.34 -49.41
CA LYS A 3603 -115.14 -116.37 -50.46
C LYS A 3603 -115.78 -115.10 -49.92
N LYS A 3604 -115.98 -114.97 -48.61
CA LYS A 3604 -116.44 -113.72 -48.02
C LYS A 3604 -115.38 -113.12 -47.11
N ASN A 3605 -114.90 -113.84 -46.10
CA ASN A 3605 -113.70 -113.39 -45.39
C ASN A 3605 -112.51 -113.39 -46.34
N ILE A 3606 -112.46 -114.36 -47.24
CA ILE A 3606 -111.50 -114.33 -48.34
C ILE A 3606 -111.71 -113.07 -49.17
N GLU A 3607 -112.97 -112.70 -49.41
CA GLU A 3607 -113.25 -111.47 -50.14
C GLU A 3607 -112.83 -110.24 -49.34
N LYS A 3608 -113.06 -110.26 -48.02
CA LYS A 3608 -112.67 -109.13 -47.18
C LYS A 3608 -111.17 -108.91 -47.24
N MET A 3609 -110.39 -109.96 -47.02
CA MET A 3609 -108.94 -109.79 -47.04
C MET A 3609 -108.43 -109.60 -48.47
N TYR A 3610 -109.17 -110.10 -49.47
CA TYR A 3610 -108.84 -109.88 -50.87
C TYR A 3610 -108.96 -108.40 -51.22
N GLU A 3611 -110.02 -107.74 -50.77
CA GLU A 3611 -110.15 -106.32 -51.04
C GLU A 3611 -109.19 -105.50 -50.19
N ARG A 3612 -108.84 -105.97 -49.00
CA ARG A 3612 -107.77 -105.32 -48.25
C ARG A 3612 -106.43 -105.42 -48.98
N MET A 3613 -106.15 -106.57 -49.60
CA MET A 3613 -105.02 -106.67 -50.52
C MET A 3613 -105.16 -105.68 -51.67
N TYR A 3614 -106.33 -105.65 -52.30
CA TYR A 3614 -106.50 -104.78 -53.45
C TYR A 3614 -106.28 -103.32 -53.08
N ALA A 3615 -106.58 -102.97 -51.83
CA ALA A 3615 -106.18 -101.66 -51.30
C ALA A 3615 -104.68 -101.59 -51.08
N ALA A 3616 -104.04 -102.71 -50.71
CA ALA A 3616 -102.62 -102.73 -50.37
C ALA A 3616 -101.76 -103.31 -51.49
N LEU A 3617 -102.03 -104.54 -51.90
CA LEU A 3617 -101.19 -105.27 -52.85
C LEU A 3617 -101.87 -105.55 -54.19
N GLY A 3618 -103.17 -105.84 -54.19
CA GLY A 3618 -103.85 -106.13 -55.44
C GLY A 3618 -103.81 -104.98 -56.41
N ASP A 3619 -103.78 -103.76 -55.91
CA ASP A 3619 -103.62 -102.60 -56.77
C ASP A 3619 -102.22 -102.60 -57.39
N PRO A 3620 -102.10 -102.19 -58.65
CA PRO A 3620 -100.76 -102.06 -59.25
C PRO A 3620 -99.99 -100.83 -58.79
N LYS A 3621 -100.62 -99.94 -58.03
CA LYS A 3621 -100.00 -98.69 -57.59
C LYS A 3621 -100.06 -98.59 -56.08
N ALA A 3622 -99.48 -97.51 -55.56
CA ALA A 3622 -99.51 -97.18 -54.14
C ALA A 3622 -99.10 -95.74 -53.98
N PRO A 3623 -99.72 -94.98 -53.09
CA PRO A 3623 -99.26 -93.61 -52.83
C PRO A 3623 -97.81 -93.63 -52.34
N GLY A 3624 -97.07 -92.60 -52.74
CA GLY A 3624 -95.64 -92.61 -52.53
C GLY A 3624 -94.93 -93.36 -53.65
N LEU A 3625 -93.82 -94.01 -53.30
CA LEU A 3625 -93.07 -94.77 -54.29
C LEU A 3625 -92.28 -95.87 -53.59
N GLY A 3626 -92.61 -97.12 -53.88
CA GLY A 3626 -91.81 -98.22 -53.40
C GLY A 3626 -90.55 -98.37 -54.23
N ALA A 3627 -89.69 -99.28 -53.77
CA ALA A 3627 -88.48 -99.63 -54.51
C ALA A 3627 -88.53 -101.06 -55.03
N PHE A 3628 -88.91 -102.01 -54.19
CA PHE A 3628 -89.12 -103.40 -54.60
C PHE A 3628 -90.60 -103.74 -54.76
N ARG A 3629 -91.45 -103.26 -53.86
CA ARG A 3629 -92.88 -103.51 -53.99
C ARG A 3629 -93.53 -102.64 -55.06
N ARG A 3630 -92.89 -101.54 -55.45
CA ARG A 3630 -93.48 -100.68 -56.47
C ARG A 3630 -93.65 -101.43 -57.78
N LYS A 3631 -92.64 -102.18 -58.19
CA LYS A 3631 -92.78 -103.05 -59.35
C LYS A 3631 -93.59 -104.29 -59.04
N PHE A 3632 -93.49 -104.79 -57.80
CA PHE A 3632 -94.14 -106.05 -57.45
C PHE A 3632 -95.65 -105.93 -57.56
N ILE A 3633 -96.21 -104.80 -57.13
CA ILE A 3633 -97.65 -104.62 -57.20
C ILE A 3633 -98.12 -104.58 -58.65
N GLN A 3634 -97.48 -103.74 -59.47
CA GLN A 3634 -97.91 -103.62 -60.86
C GLN A 3634 -97.64 -104.89 -61.66
N THR A 3635 -96.80 -105.78 -61.14
CA THR A 3635 -96.60 -107.05 -61.82
C THR A 3635 -97.51 -108.16 -61.34
N PHE A 3636 -97.92 -108.15 -60.07
CA PHE A 3636 -98.59 -109.31 -59.50
C PHE A 3636 -99.94 -109.04 -58.82
N GLY A 3637 -100.39 -107.79 -58.74
CA GLY A 3637 -101.73 -107.56 -58.20
C GLY A 3637 -102.80 -108.14 -59.10
N LYS A 3638 -102.65 -107.94 -60.41
CA LYS A 3638 -103.56 -108.58 -61.36
C LYS A 3638 -103.42 -110.09 -61.32
N GLU A 3639 -102.20 -110.59 -61.09
CA GLU A 3639 -102.02 -112.03 -60.96
C GLU A 3639 -102.78 -112.57 -59.75
N PHE A 3640 -102.71 -111.85 -58.63
CA PHE A 3640 -103.45 -112.24 -57.43
C PHE A 3640 -104.95 -112.19 -57.67
N ASP A 3641 -105.42 -111.15 -58.37
CA ASP A 3641 -106.84 -111.08 -58.71
C ASP A 3641 -107.25 -112.26 -59.58
N LYS A 3642 -106.40 -112.63 -60.54
CA LYS A 3642 -106.69 -113.74 -61.43
C LYS A 3642 -106.71 -115.07 -60.68
N HIS A 3643 -105.81 -115.24 -59.72
CA HIS A 3643 -105.64 -116.53 -59.06
C HIS A 3643 -106.92 -116.99 -58.39
N PHE A 3644 -107.65 -116.07 -57.76
CA PHE A 3644 -108.81 -116.44 -56.95
C PHE A 3644 -109.96 -115.48 -57.23
N GLY A 3645 -110.91 -115.93 -58.05
CA GLY A 3645 -112.27 -115.46 -57.88
C GLY A 3645 -112.83 -115.89 -56.54
N LYS A 3646 -112.26 -116.93 -55.95
CA LYS A 3646 -112.49 -117.29 -54.56
C LYS A 3646 -112.14 -116.11 -53.67
N GLY A 3647 -113.14 -115.53 -53.03
CA GLY A 3647 -112.93 -114.30 -52.29
C GLY A 3647 -113.07 -113.08 -53.18
N SER A 3657 -106.90 -123.86 -51.04
CA SER A 3657 -105.94 -124.41 -50.09
C SER A 3657 -104.64 -124.79 -50.80
N ASP A 3658 -104.69 -125.89 -51.56
CA ASP A 3658 -103.50 -126.31 -52.31
C ASP A 3658 -103.11 -125.26 -53.34
N PHE A 3659 -104.09 -124.73 -54.07
CA PHE A 3659 -103.77 -123.67 -55.03
C PHE A 3659 -103.48 -122.35 -54.33
N ASN A 3660 -104.09 -122.14 -53.16
CA ASN A 3660 -103.72 -120.99 -52.33
C ASN A 3660 -102.24 -121.04 -51.97
N ASP A 3661 -101.78 -122.21 -51.52
CA ASP A 3661 -100.35 -122.38 -51.23
C ASP A 3661 -99.50 -122.30 -52.49
N ILE A 3662 -100.03 -122.78 -53.63
CA ILE A 3662 -99.29 -122.71 -54.88
C ILE A 3662 -99.02 -121.26 -55.25
N THR A 3663 -100.05 -120.41 -55.18
CA THR A 3663 -99.85 -118.99 -55.44
C THR A 3663 -98.99 -118.33 -54.37
N ASN A 3664 -99.12 -118.79 -53.12
CA ASN A 3664 -98.24 -118.28 -52.07
C ASN A 3664 -96.78 -118.49 -52.42
N MET A 3665 -96.45 -119.71 -52.87
CA MET A 3665 -95.08 -119.99 -53.29
C MET A 3665 -94.72 -119.18 -54.53
N LEU A 3666 -95.65 -119.06 -55.47
CA LEU A 3666 -95.38 -118.36 -56.72
C LEU A 3666 -95.00 -116.90 -56.46
N LEU A 3667 -95.93 -116.13 -55.89
CA LEU A 3667 -95.62 -114.76 -55.53
C LEU A 3667 -94.53 -114.68 -54.47
N LEU A 3668 -94.27 -115.78 -53.76
CA LEU A 3668 -93.10 -115.86 -52.92
C LEU A 3668 -91.84 -116.11 -53.75
N LYS A 3669 -91.89 -117.08 -54.66
CA LYS A 3669 -90.71 -117.42 -55.45
C LYS A 3669 -90.31 -116.32 -56.41
N MET A 3670 -90.99 -115.18 -56.39
CA MET A 3670 -90.49 -113.97 -57.01
C MET A 3670 -89.37 -113.40 -56.15
N ASN A 3671 -88.90 -112.20 -56.49
CA ASN A 3671 -87.89 -111.56 -55.67
C ASN A 3671 -88.41 -111.31 -54.26
N LYS A 3672 -87.50 -111.34 -53.29
CA LYS A 3672 -87.81 -110.97 -51.92
C LYS A 3672 -87.06 -109.76 -51.42
N ASP A 3673 -85.99 -109.35 -52.09
CA ASP A 3673 -85.17 -108.23 -51.62
C ASP A 3673 -85.99 -106.95 -51.66
N SER A 3674 -86.43 -106.50 -50.50
CA SER A 3674 -87.17 -105.24 -50.38
C SER A 3674 -86.15 -104.13 -50.17
N LYS A 3675 -85.73 -103.51 -51.27
CA LYS A 3675 -84.78 -102.42 -51.17
C LYS A 3675 -85.42 -101.25 -50.44
N PRO A 3676 -84.78 -100.72 -49.39
CA PRO A 3676 -85.34 -99.56 -48.68
C PRO A 3676 -85.49 -98.38 -49.62
N PRO A 3677 -86.53 -97.56 -49.43
CA PRO A 3677 -86.74 -96.38 -50.29
C PRO A 3677 -85.79 -95.25 -49.93
N GLY A 3678 -84.49 -95.54 -49.98
CA GLY A 3678 -83.50 -94.61 -49.50
C GLY A 3678 -83.66 -94.38 -48.01
N ASN A 3679 -83.32 -93.17 -47.57
CA ASN A 3679 -83.53 -92.77 -46.19
C ASN A 3679 -84.76 -91.88 -46.03
N LEU A 3680 -84.87 -90.82 -46.84
CA LEU A 3680 -86.10 -90.05 -46.89
C LEU A 3680 -87.12 -90.89 -47.65
N LYS A 3681 -87.94 -91.62 -46.89
CA LYS A 3681 -88.71 -92.75 -47.39
C LYS A 3681 -89.74 -92.29 -48.41
N GLU A 3682 -89.50 -92.64 -49.69
CA GLU A 3682 -90.36 -92.22 -50.78
C GLU A 3682 -91.60 -93.08 -50.92
N CYS A 3683 -91.75 -94.12 -50.09
CA CYS A 3683 -92.89 -95.01 -50.21
C CYS A 3683 -94.22 -94.32 -49.87
N SER A 3684 -94.18 -93.15 -49.25
CA SER A 3684 -95.35 -92.33 -48.96
C SER A 3684 -95.12 -90.89 -49.40
N PRO A 3685 -96.18 -90.13 -49.62
CA PRO A 3685 -96.03 -88.67 -49.63
C PRO A 3685 -95.46 -88.12 -48.33
N TRP A 3686 -95.82 -88.71 -47.19
CA TRP A 3686 -95.63 -88.00 -45.93
C TRP A 3686 -94.20 -88.06 -45.40
N MET A 3687 -93.38 -89.04 -45.78
CA MET A 3687 -92.02 -89.08 -45.23
C MET A 3687 -90.99 -88.45 -46.16
N SER A 3688 -90.96 -88.90 -47.42
CA SER A 3688 -90.04 -88.28 -48.37
C SER A 3688 -90.38 -86.82 -48.59
N ASP A 3689 -91.65 -86.47 -48.53
CA ASP A 3689 -92.12 -85.10 -48.70
C ASP A 3689 -93.23 -84.89 -47.68
N PHE A 3690 -94.05 -83.86 -47.87
CA PHE A 3690 -95.13 -83.53 -46.93
C PHE A 3690 -94.54 -83.38 -45.53
N LYS A 3691 -93.72 -82.34 -45.40
CA LYS A 3691 -93.02 -82.03 -44.16
C LYS A 3691 -93.92 -82.21 -42.96
N VAL A 3692 -93.45 -82.97 -41.97
CA VAL A 3692 -94.24 -83.21 -40.78
C VAL A 3692 -94.29 -81.91 -40.01
N GLU A 3693 -95.37 -81.16 -40.20
CA GLU A 3693 -95.44 -79.77 -39.81
C GLU A 3693 -96.35 -79.58 -38.60
N PHE A 3694 -96.12 -78.48 -37.90
CA PHE A 3694 -96.85 -78.20 -36.66
C PHE A 3694 -98.29 -77.79 -36.93
N LEU A 3695 -98.52 -77.01 -37.98
CA LEU A 3695 -99.87 -76.51 -38.24
C LEU A 3695 -100.81 -77.65 -38.60
N ARG A 3696 -100.34 -78.62 -39.38
CA ARG A 3696 -101.12 -79.83 -39.58
C ARG A 3696 -101.27 -80.57 -38.27
N ASN A 3697 -102.47 -81.10 -38.01
CA ASN A 3697 -102.75 -81.74 -36.73
C ASN A 3697 -101.78 -82.88 -36.49
N GLU A 3698 -100.88 -82.69 -35.52
CA GLU A 3698 -99.86 -83.68 -35.24
C GLU A 3698 -100.47 -84.89 -34.54
N LEU A 3699 -100.07 -86.08 -34.97
CA LEU A 3699 -100.51 -87.31 -34.33
C LEU A 3699 -99.85 -87.42 -32.96
N GLU A 3700 -100.65 -87.29 -31.90
CA GLU A 3700 -100.11 -87.12 -30.55
C GLU A 3700 -99.61 -88.46 -30.01
N ILE A 3701 -99.34 -88.50 -28.71
CA ILE A 3701 -98.59 -89.63 -28.12
C ILE A 3701 -99.33 -90.94 -28.36
N PRO A 3702 -98.67 -91.97 -28.90
CA PRO A 3702 -99.37 -93.22 -29.22
C PRO A 3702 -99.58 -94.13 -28.02
N GLY A 3703 -100.65 -93.92 -27.28
CA GLY A 3703 -101.08 -94.84 -26.25
C GLY A 3703 -100.81 -94.41 -24.82
N GLN A 3704 -100.16 -93.27 -24.61
CA GLN A 3704 -99.96 -92.79 -23.23
C GLN A 3704 -99.97 -91.26 -23.23
N TYR A 3705 -101.15 -90.68 -23.02
CA TYR A 3705 -101.32 -89.26 -22.81
C TYR A 3705 -102.40 -89.01 -21.75
N ASP A 3706 -102.49 -89.92 -20.78
CA ASP A 3706 -103.63 -89.98 -19.87
C ASP A 3706 -103.65 -88.81 -18.90
N GLY A 3707 -104.86 -88.37 -18.57
CA GLY A 3707 -105.08 -87.44 -17.47
C GLY A 3707 -105.91 -88.10 -16.38
N ARG A 3708 -105.91 -87.52 -15.19
CA ARG A 3708 -106.62 -88.09 -14.04
C ARG A 3708 -107.46 -87.02 -13.36
N GLY A 3709 -108.22 -86.28 -14.16
CA GLY A 3709 -109.03 -85.21 -13.63
C GLY A 3709 -108.38 -83.85 -13.83
N LYS A 3710 -107.79 -83.64 -15.00
CA LYS A 3710 -107.00 -82.44 -15.26
C LYS A 3710 -106.70 -82.30 -16.75
N PRO A 3711 -106.47 -81.07 -17.23
CA PRO A 3711 -106.19 -80.89 -18.66
C PRO A 3711 -104.72 -81.09 -18.99
N LEU A 3712 -104.48 -81.76 -20.12
CA LEU A 3712 -103.13 -82.00 -20.57
C LEU A 3712 -102.57 -80.75 -21.25
N PRO A 3713 -101.25 -80.54 -21.17
CA PRO A 3713 -100.64 -79.43 -21.90
C PRO A 3713 -100.39 -79.78 -23.35
N GLU A 3714 -100.53 -78.79 -24.23
CA GLU A 3714 -100.35 -78.99 -25.66
C GLU A 3714 -98.92 -78.76 -26.14
N TYR A 3715 -98.03 -78.27 -25.29
CA TYR A 3715 -96.61 -78.28 -25.64
C TYR A 3715 -95.98 -79.62 -25.22
N HIS A 3716 -96.66 -80.68 -25.60
CA HIS A 3716 -96.20 -82.04 -25.37
C HIS A 3716 -95.70 -82.62 -26.68
N VAL A 3717 -94.65 -83.42 -26.59
CA VAL A 3717 -93.91 -83.79 -27.79
C VAL A 3717 -94.73 -84.75 -28.64
N ARG A 3718 -94.58 -84.62 -29.95
CA ARG A 3718 -95.24 -85.40 -30.99
C ARG A 3718 -94.24 -85.54 -32.13
N ILE A 3719 -94.70 -85.88 -33.32
CA ILE A 3719 -93.83 -86.02 -34.47
C ILE A 3719 -93.78 -84.70 -35.23
N ALA A 3720 -92.57 -84.21 -35.47
CA ALA A 3720 -92.38 -83.02 -36.30
C ALA A 3720 -90.93 -82.98 -36.76
N GLY A 3721 -90.72 -83.20 -38.06
CA GLY A 3721 -89.39 -83.12 -38.63
C GLY A 3721 -88.96 -84.35 -39.40
N PHE A 3722 -88.33 -84.15 -40.57
CA PHE A 3722 -87.81 -85.25 -41.38
C PHE A 3722 -86.54 -85.79 -40.72
N ASP A 3723 -86.75 -86.59 -39.69
CA ASP A 3723 -85.71 -87.46 -39.15
C ASP A 3723 -85.72 -88.80 -39.87
N GLU A 3724 -86.45 -88.88 -40.98
CA GLU A 3724 -86.79 -90.13 -41.65
C GLU A 3724 -85.56 -90.87 -42.15
N ARG A 3725 -85.22 -91.96 -41.48
CA ARG A 3725 -84.14 -92.85 -41.91
C ARG A 3725 -84.47 -94.26 -41.45
N VAL A 3726 -84.65 -95.16 -42.42
CA VAL A 3726 -85.09 -96.52 -42.11
C VAL A 3726 -83.95 -97.30 -41.47
N THR A 3727 -84.25 -97.97 -40.36
CA THR A 3727 -83.31 -98.84 -39.65
C THR A 3727 -84.04 -100.14 -39.35
N VAL A 3728 -84.00 -101.08 -40.28
CA VAL A 3728 -84.85 -102.25 -40.25
C VAL A 3728 -84.09 -103.41 -39.61
N MET A 3729 -84.67 -103.98 -38.55
CA MET A 3729 -84.27 -105.30 -38.08
C MET A 3729 -85.29 -106.32 -38.57
N ALA A 3730 -84.91 -107.59 -38.52
CA ALA A 3730 -85.78 -108.64 -39.02
C ALA A 3730 -85.57 -109.90 -38.17
N SER A 3731 -86.61 -110.30 -37.44
CA SER A 3731 -86.59 -111.54 -36.68
C SER A 3731 -87.62 -112.53 -37.23
N LEU A 3732 -88.89 -112.16 -37.28
CA LEU A 3732 -89.91 -112.92 -37.99
C LEU A 3732 -90.88 -112.05 -38.78
N ARG A 3733 -91.05 -110.77 -38.40
CA ARG A 3733 -91.96 -109.87 -39.09
C ARG A 3733 -91.35 -108.49 -39.26
N ARG A 3734 -90.02 -108.41 -39.38
CA ARG A 3734 -89.28 -107.19 -39.69
C ARG A 3734 -89.49 -106.08 -38.67
N PRO A 3735 -88.94 -106.20 -37.46
CA PRO A 3735 -88.96 -105.05 -36.52
C PRO A 3735 -88.17 -103.87 -37.05
N LYS A 3736 -88.85 -102.79 -37.41
CA LYS A 3736 -88.23 -101.68 -38.14
C LYS A 3736 -88.02 -100.51 -37.19
N ARG A 3737 -86.79 -100.33 -36.71
CA ARG A 3737 -86.44 -99.11 -36.00
C ARG A 3737 -86.54 -97.94 -36.96
N ILE A 3738 -87.18 -96.86 -36.51
CA ILE A 3738 -87.33 -95.66 -37.31
C ILE A 3738 -87.02 -94.44 -36.45
N ILE A 3739 -86.28 -93.50 -37.02
CA ILE A 3739 -85.78 -92.34 -36.28
C ILE A 3739 -86.74 -91.18 -36.56
N ILE A 3740 -87.34 -90.63 -35.51
CA ILE A 3740 -88.45 -89.68 -35.64
C ILE A 3740 -88.14 -88.42 -34.85
N ARG A 3741 -88.36 -87.27 -35.47
CA ARG A 3741 -88.19 -85.98 -34.83
C ARG A 3741 -89.43 -85.60 -34.03
N GLY A 3742 -89.27 -84.61 -33.14
CA GLY A 3742 -90.26 -84.32 -32.12
C GLY A 3742 -91.01 -83.01 -32.32
N HIS A 3743 -92.07 -82.86 -31.53
CA HIS A 3743 -92.79 -81.58 -31.45
C HIS A 3743 -91.93 -80.53 -30.76
N ASP A 3744 -91.62 -80.75 -29.47
CA ASP A 3744 -90.55 -79.97 -28.85
C ASP A 3744 -89.19 -80.48 -29.27
N GLU A 3745 -89.17 -81.24 -30.37
CA GLU A 3745 -87.98 -81.77 -31.00
C GLU A 3745 -87.29 -82.80 -30.11
N ARG A 3746 -88.09 -83.67 -29.49
CA ARG A 3746 -87.60 -84.83 -28.78
C ARG A 3746 -87.70 -86.04 -29.69
N GLU A 3747 -86.59 -86.74 -29.88
CA GLU A 3747 -86.56 -87.85 -30.83
C GLU A 3747 -87.50 -88.96 -30.37
N HIS A 3748 -88.20 -89.54 -31.35
CA HIS A 3748 -89.13 -90.64 -31.10
C HIS A 3748 -88.64 -91.90 -31.78
N PRO A 3749 -87.77 -92.67 -31.14
CA PRO A 3749 -87.39 -93.95 -31.72
C PRO A 3749 -88.59 -94.89 -31.70
N PHE A 3750 -88.88 -95.49 -32.85
CA PHE A 3750 -90.08 -96.30 -32.97
C PHE A 3750 -89.79 -97.55 -33.78
N LEU A 3751 -90.59 -98.58 -33.53
CA LEU A 3751 -90.42 -99.88 -34.16
C LEU A 3751 -91.73 -100.29 -34.82
N VAL A 3752 -91.61 -101.00 -35.94
CA VAL A 3752 -92.75 -101.47 -36.72
C VAL A 3752 -92.58 -102.97 -36.93
N LYS A 3753 -93.64 -103.73 -36.63
CA LYS A 3753 -93.61 -105.19 -36.75
C LYS A 3753 -94.79 -105.67 -37.58
N GLY A 3754 -94.60 -106.79 -38.26
CA GLY A 3754 -95.63 -107.41 -39.07
C GLY A 3754 -96.66 -108.16 -38.25
N GLY A 3755 -97.18 -109.24 -38.84
CA GLY A 3755 -98.35 -109.90 -38.28
C GLY A 3755 -98.15 -110.64 -36.97
N GLU A 3756 -98.62 -110.00 -35.89
CA GLU A 3756 -98.74 -110.59 -34.57
C GLU A 3756 -99.43 -109.55 -33.67
N ASP A 3757 -100.28 -109.99 -32.74
CA ASP A 3757 -101.14 -109.05 -32.02
C ASP A 3757 -100.35 -108.14 -31.09
N LEU A 3758 -100.91 -106.95 -30.83
CA LEU A 3758 -100.27 -105.97 -29.95
C LEU A 3758 -101.22 -105.29 -28.96
N ARG A 3759 -102.55 -105.41 -29.13
CA ARG A 3759 -103.46 -104.80 -28.15
C ARG A 3759 -103.31 -105.45 -26.78
N GLN A 3760 -103.13 -106.78 -26.77
CA GLN A 3760 -102.89 -107.46 -25.50
C GLN A 3760 -101.65 -106.92 -24.83
N ASP A 3761 -100.70 -106.39 -25.61
CA ASP A 3761 -99.57 -105.72 -25.00
C ASP A 3761 -99.99 -104.40 -24.33
N GLN A 3762 -101.01 -103.73 -24.86
CA GLN A 3762 -101.59 -102.60 -24.14
C GLN A 3762 -102.18 -103.06 -22.81
N ARG A 3763 -102.87 -104.20 -22.83
CA ARG A 3763 -103.34 -104.77 -21.58
C ARG A 3763 -102.18 -105.08 -20.63
N VAL A 3764 -101.06 -105.53 -21.18
CA VAL A 3764 -99.88 -105.80 -20.39
C VAL A 3764 -99.35 -104.50 -19.77
N GLU A 3765 -99.40 -103.40 -20.52
CA GLU A 3765 -99.02 -102.12 -19.95
C GLU A 3765 -99.93 -101.74 -18.80
N GLN A 3766 -101.23 -101.96 -18.98
CA GLN A 3766 -102.18 -101.71 -17.91
C GLN A 3766 -101.83 -102.52 -16.67
N LEU A 3767 -101.50 -103.80 -16.87
CA LEU A 3767 -101.10 -104.65 -15.75
C LEU A 3767 -99.81 -104.15 -15.12
N PHE A 3768 -98.92 -103.60 -15.93
CA PHE A 3768 -97.70 -102.99 -15.40
C PHE A 3768 -98.06 -101.85 -14.46
N GLN A 3769 -99.01 -101.02 -14.87
CA GLN A 3769 -99.42 -99.92 -14.00
C GLN A 3769 -100.02 -100.46 -12.71
N VAL A 3770 -100.84 -101.50 -12.82
CA VAL A 3770 -101.46 -102.09 -11.64
C VAL A 3770 -100.40 -102.62 -10.68
N MET A 3771 -99.43 -103.37 -11.20
CA MET A 3771 -98.41 -103.95 -10.33
C MET A 3771 -97.51 -102.88 -9.74
N ASN A 3772 -97.23 -101.82 -10.50
CA ASN A 3772 -96.46 -100.72 -9.94
C ASN A 3772 -97.21 -100.06 -8.80
N GLY A 3773 -98.52 -99.86 -8.98
CA GLY A 3773 -99.32 -99.37 -7.87
C GLY A 3773 -99.24 -100.27 -6.66
N ILE A 3774 -99.33 -101.59 -6.89
CA ILE A 3774 -99.24 -102.55 -5.80
C ILE A 3774 -97.92 -102.40 -5.07
N LEU A 3775 -96.82 -102.31 -5.83
CA LEU A 3775 -95.52 -102.09 -5.24
C LEU A 3775 -95.51 -100.82 -4.40
N ALA A 3776 -96.18 -99.77 -4.88
CA ALA A 3776 -96.29 -98.55 -4.11
C ALA A 3776 -97.03 -98.79 -2.81
N GLN A 3777 -98.06 -99.63 -2.84
CA GLN A 3777 -98.87 -99.85 -1.64
C GLN A 3777 -98.04 -100.45 -0.51
N ASP A 3778 -97.17 -101.41 -0.84
CA ASP A 3778 -96.38 -102.08 0.18
C ASP A 3778 -95.42 -101.08 0.83
N SER A 3779 -95.54 -100.93 2.14
CA SER A 3779 -94.71 -99.97 2.86
C SER A 3779 -93.25 -100.39 2.84
N ALA A 3780 -92.96 -101.64 3.20
CA ALA A 3780 -91.59 -102.09 3.20
C ALA A 3780 -91.00 -102.19 1.80
N CYS A 3781 -91.84 -102.41 0.78
CA CYS A 3781 -91.35 -102.31 -0.58
C CYS A 3781 -90.91 -100.87 -0.89
N SER A 3782 -91.67 -99.89 -0.39
CA SER A 3782 -91.24 -98.51 -0.50
C SER A 3782 -89.92 -98.28 0.23
N GLN A 3783 -89.78 -98.87 1.42
CA GLN A 3783 -88.50 -98.81 2.11
C GLN A 3783 -87.41 -99.45 1.28
N ARG A 3784 -87.76 -100.43 0.46
CA ARG A 3784 -86.88 -100.97 -0.55
C ARG A 3784 -86.91 -100.17 -1.84
N ALA A 3785 -88.03 -99.49 -2.12
CA ALA A 3785 -88.19 -98.61 -3.27
C ALA A 3785 -87.95 -99.36 -4.59
N LEU A 3786 -88.87 -100.29 -4.85
CA LEU A 3786 -88.85 -101.09 -6.08
C LEU A 3786 -90.08 -100.78 -6.90
N GLN A 3787 -89.87 -100.38 -8.16
CA GLN A 3787 -90.95 -100.13 -9.11
C GLN A 3787 -90.49 -100.54 -10.50
N LEU A 3788 -91.36 -100.32 -11.49
CA LEU A 3788 -91.09 -100.65 -12.88
C LEU A 3788 -91.53 -99.50 -13.78
N ARG A 3789 -90.76 -99.28 -14.84
CA ARG A 3789 -91.03 -98.23 -15.82
C ARG A 3789 -91.29 -98.84 -17.20
N THR A 3790 -92.34 -98.36 -17.86
CA THR A 3790 -92.89 -99.01 -19.05
C THR A 3790 -93.21 -97.95 -20.11
N TYR A 3791 -93.94 -98.36 -21.14
CA TYR A 3791 -94.31 -97.50 -22.27
C TYR A 3791 -95.69 -97.92 -22.77
N SER A 3792 -96.05 -97.49 -23.98
CA SER A 3792 -97.33 -97.82 -24.59
C SER A 3792 -97.12 -98.33 -26.01
N VAL A 3793 -97.99 -99.24 -26.43
CA VAL A 3793 -97.95 -99.83 -27.76
C VAL A 3793 -99.27 -99.54 -28.47
N VAL A 3794 -99.20 -99.38 -29.78
CA VAL A 3794 -100.37 -99.08 -30.59
C VAL A 3794 -100.41 -99.95 -31.86
N PRO A 3795 -101.11 -101.07 -31.84
CA PRO A 3795 -101.32 -101.83 -33.09
C PRO A 3795 -102.27 -101.09 -34.01
N MET A 3796 -101.77 -100.76 -35.21
CA MET A 3796 -102.68 -100.34 -36.27
C MET A 3796 -103.68 -101.44 -36.55
N THR A 3797 -103.18 -102.64 -36.79
CA THR A 3797 -103.96 -103.87 -36.86
C THR A 3797 -103.14 -104.96 -36.20
N SER A 3798 -103.60 -106.21 -36.30
CA SER A 3798 -102.78 -107.32 -35.87
C SER A 3798 -101.59 -107.52 -36.81
N ARG A 3799 -101.76 -107.19 -38.09
CA ARG A 3799 -100.69 -107.38 -39.06
C ARG A 3799 -99.65 -106.27 -39.01
N LEU A 3800 -99.93 -105.15 -38.35
CA LEU A 3800 -98.94 -104.08 -38.29
C LEU A 3800 -99.18 -103.26 -37.02
N GLY A 3801 -98.20 -103.25 -36.14
CA GLY A 3801 -98.26 -102.45 -34.94
C GLY A 3801 -97.02 -101.59 -34.79
N LEU A 3802 -97.21 -100.39 -34.27
CA LEU A 3802 -96.13 -99.44 -34.09
C LEU A 3802 -95.80 -99.32 -32.62
N ILE A 3803 -94.51 -99.34 -32.30
CA ILE A 3803 -94.03 -99.45 -30.92
C ILE A 3803 -93.10 -98.27 -30.63
N GLU A 3804 -93.27 -97.68 -29.46
CA GLU A 3804 -92.41 -96.59 -29.01
C GLU A 3804 -91.03 -97.13 -28.65
N TRP A 3805 -90.11 -96.23 -28.32
CA TRP A 3805 -88.80 -96.61 -27.85
C TRP A 3805 -88.19 -95.43 -27.09
N LEU A 3806 -87.13 -95.72 -26.35
CA LEU A 3806 -86.44 -94.73 -25.53
C LEU A 3806 -85.09 -94.32 -26.07
N GLU A 3807 -84.28 -95.27 -26.54
CA GLU A 3807 -82.90 -95.03 -26.97
C GLU A 3807 -82.06 -94.44 -25.84
N ASN A 3808 -82.14 -95.07 -24.66
CA ASN A 3808 -81.24 -94.76 -23.56
C ASN A 3808 -80.81 -96.03 -22.84
N THR A 3809 -80.75 -97.14 -23.57
CA THR A 3809 -80.58 -98.46 -22.99
C THR A 3809 -80.19 -99.43 -24.09
N VAL A 3810 -79.73 -100.61 -23.69
CA VAL A 3810 -79.24 -101.60 -24.64
C VAL A 3810 -79.24 -102.97 -23.96
N THR A 3811 -79.30 -104.02 -24.77
CA THR A 3811 -79.12 -105.37 -24.26
C THR A 3811 -77.68 -105.58 -23.83
N LEU A 3812 -77.45 -106.68 -23.13
CA LEU A 3812 -76.11 -107.01 -22.65
C LEU A 3812 -75.31 -107.80 -23.67
N LYS A 3813 -75.92 -108.23 -24.76
CA LYS A 3813 -75.21 -109.04 -25.76
C LYS A 3813 -73.98 -108.31 -26.26
N ASP A 3814 -74.19 -107.16 -26.91
CA ASP A 3814 -73.07 -106.37 -27.40
C ASP A 3814 -72.13 -105.98 -26.28
N LEU A 3815 -72.69 -105.62 -25.12
CA LEU A 3815 -71.88 -105.17 -23.99
C LEU A 3815 -71.02 -106.29 -23.40
N LEU A 3816 -71.27 -107.53 -23.79
CA LEU A 3816 -70.37 -108.62 -23.43
C LEU A 3816 -69.51 -109.09 -24.59
N LEU A 3817 -70.00 -108.93 -25.83
CA LEU A 3817 -69.21 -109.32 -26.99
C LEU A 3817 -67.92 -108.51 -27.08
N ASN A 3818 -68.01 -107.20 -26.81
CA ASN A 3818 -66.82 -106.37 -26.81
C ASN A 3818 -65.86 -106.78 -25.71
N THR A 3819 -66.38 -107.10 -24.51
CA THR A 3819 -65.50 -107.36 -23.38
C THR A 3819 -64.64 -108.60 -23.62
N MET A 3820 -65.24 -109.69 -24.04
CA MET A 3820 -64.47 -110.87 -24.41
C MET A 3820 -63.73 -110.64 -25.72
N SER A 3821 -62.64 -111.39 -25.89
CA SER A 3821 -61.77 -111.20 -27.04
C SER A 3821 -62.54 -111.38 -28.34
N GLN A 3822 -62.37 -110.42 -29.23
CA GLN A 3822 -63.21 -110.34 -30.42
C GLN A 3822 -62.98 -111.51 -31.36
N GLU A 3823 -61.72 -111.94 -31.52
CA GLU A 3823 -61.44 -113.12 -32.34
C GLU A 3823 -62.15 -114.35 -31.78
N GLU A 3824 -62.07 -114.56 -30.47
CA GLU A 3824 -62.87 -115.61 -29.85
C GLU A 3824 -64.36 -115.31 -29.99
N LYS A 3825 -64.73 -114.05 -29.74
CA LYS A 3825 -66.13 -113.64 -29.84
C LYS A 3825 -66.77 -114.11 -31.15
N ALA A 3826 -66.02 -114.01 -32.26
CA ALA A 3826 -66.53 -114.49 -33.52
C ALA A 3826 -66.35 -116.00 -33.65
N ALA A 3827 -65.10 -116.46 -33.67
CA ALA A 3827 -64.82 -117.85 -34.04
C ALA A 3827 -65.36 -118.83 -33.01
N TYR A 3828 -64.93 -118.69 -31.76
CA TYR A 3828 -65.23 -119.72 -30.77
C TYR A 3828 -66.71 -119.74 -30.44
N LEU A 3829 -67.40 -118.61 -30.56
CA LEU A 3829 -68.84 -118.65 -30.42
C LEU A 3829 -69.54 -119.17 -31.67
N SER A 3830 -68.92 -119.07 -32.83
CA SER A 3830 -69.59 -119.52 -34.04
C SER A 3830 -69.48 -121.04 -34.19
N ASP A 3831 -68.26 -121.55 -34.33
CA ASP A 3831 -68.10 -122.99 -34.58
C ASP A 3831 -68.30 -123.82 -33.32
N PRO A 3832 -67.41 -123.76 -32.30
CA PRO A 3832 -67.52 -124.68 -31.15
C PRO A 3832 -68.34 -124.14 -29.98
N ARG A 3833 -69.51 -123.56 -30.27
CA ARG A 3833 -70.41 -123.15 -29.19
C ARG A 3833 -71.78 -123.80 -29.29
N ALA A 3834 -72.51 -123.58 -30.37
CA ALA A 3834 -73.82 -124.18 -30.50
C ALA A 3834 -73.73 -125.61 -31.03
N PRO A 3835 -73.01 -125.88 -32.12
CA PRO A 3835 -72.92 -127.24 -32.64
C PRO A 3835 -72.49 -128.25 -31.59
N PRO A 3836 -71.38 -128.03 -30.87
CA PRO A 3836 -70.89 -129.09 -29.98
C PRO A 3836 -71.85 -129.42 -28.85
N CYS A 3837 -72.77 -128.52 -28.50
CA CYS A 3837 -73.62 -128.71 -27.33
C CYS A 3837 -75.10 -128.69 -27.68
N GLU A 3838 -75.45 -128.77 -28.97
CA GLU A 3838 -76.86 -128.73 -29.34
C GLU A 3838 -77.29 -129.80 -30.33
N TYR A 3839 -76.39 -130.37 -31.13
CA TYR A 3839 -76.75 -131.37 -32.12
C TYR A 3839 -76.22 -132.74 -31.76
N LYS A 3840 -74.92 -132.85 -31.49
CA LYS A 3840 -74.40 -134.06 -30.90
C LYS A 3840 -74.95 -134.25 -29.50
N ASP A 3841 -75.28 -133.15 -28.81
CA ASP A 3841 -75.88 -133.25 -27.49
C ASP A 3841 -77.30 -133.77 -27.56
N TRP A 3842 -77.98 -133.57 -28.68
CA TRP A 3842 -79.28 -134.17 -28.97
C TRP A 3842 -79.23 -135.01 -30.24
N LEU A 3843 -78.23 -135.87 -30.35
CA LEU A 3843 -78.17 -136.79 -31.48
C LEU A 3843 -78.58 -138.19 -31.03
N ASP A 3851 -79.52 -134.32 -33.34
CA ASP A 3851 -79.74 -133.45 -34.48
C ASP A 3851 -81.22 -133.35 -34.83
N VAL A 3852 -81.52 -133.02 -36.09
CA VAL A 3852 -82.89 -132.91 -36.54
C VAL A 3852 -83.60 -134.24 -36.32
N GLY A 3853 -84.83 -134.17 -35.78
CA GLY A 3853 -85.57 -135.36 -35.46
C GLY A 3853 -85.12 -136.00 -34.16
N ALA A 3854 -83.79 -136.06 -33.96
CA ALA A 3854 -83.25 -136.60 -32.73
C ALA A 3854 -83.54 -135.74 -31.51
N TYR A 3855 -84.04 -134.52 -31.72
CA TYR A 3855 -84.57 -133.72 -30.63
C TYR A 3855 -85.41 -134.59 -29.72
N MET A 3856 -86.51 -135.10 -30.27
CA MET A 3856 -87.46 -135.87 -29.49
C MET A 3856 -86.83 -137.19 -29.03
N LEU A 3857 -85.96 -137.76 -29.86
CA LEU A 3857 -85.27 -138.99 -29.51
C LEU A 3857 -84.57 -138.88 -28.16
N MET A 3858 -83.77 -137.84 -27.98
CA MET A 3858 -83.14 -137.67 -26.68
C MET A 3858 -83.97 -136.83 -25.72
N TYR A 3859 -85.14 -136.34 -26.15
CA TYR A 3859 -86.13 -135.90 -25.17
C TYR A 3859 -86.62 -137.08 -24.36
N LYS A 3860 -86.83 -138.23 -25.02
CA LYS A 3860 -86.97 -139.46 -24.25
C LYS A 3860 -85.64 -139.83 -23.60
N GLY A 3861 -84.54 -139.68 -24.32
CA GLY A 3861 -83.23 -140.09 -23.84
C GLY A 3861 -82.65 -139.20 -22.78
N ALA A 3862 -83.27 -138.06 -22.49
CA ALA A 3862 -82.76 -137.16 -21.47
C ALA A 3862 -82.71 -137.87 -20.13
N ASN A 3863 -81.58 -137.75 -19.45
CA ASN A 3863 -81.37 -138.42 -18.17
C ASN A 3863 -80.39 -137.62 -17.34
N ARG A 3864 -80.50 -137.75 -16.02
CA ARG A 3864 -79.66 -137.01 -15.09
C ARG A 3864 -78.18 -137.14 -15.43
N THR A 3865 -77.75 -138.33 -15.84
CA THR A 3865 -76.36 -138.55 -16.20
C THR A 3865 -75.97 -137.71 -17.41
N GLU A 3866 -76.64 -137.93 -18.55
CA GLU A 3866 -76.32 -137.13 -19.71
C GLU A 3866 -76.76 -135.68 -19.54
N THR A 3867 -77.70 -135.43 -18.63
CA THR A 3867 -78.00 -134.05 -18.22
C THR A 3867 -76.74 -133.37 -17.70
N VAL A 3868 -76.09 -134.00 -16.72
CA VAL A 3868 -74.87 -133.44 -16.16
C VAL A 3868 -73.78 -133.37 -17.21
N THR A 3869 -73.68 -134.41 -18.04
CA THR A 3869 -72.67 -134.43 -19.09
C THR A 3869 -72.85 -133.23 -20.03
N SER A 3870 -74.07 -133.02 -20.50
CA SER A 3870 -74.36 -131.93 -21.44
C SER A 3870 -74.08 -130.59 -20.79
N PHE A 3871 -74.57 -130.39 -19.56
CA PHE A 3871 -74.36 -129.10 -18.93
C PHE A 3871 -72.90 -128.83 -18.66
N ARG A 3872 -72.12 -129.87 -18.32
CA ARG A 3872 -70.72 -129.67 -18.03
C ARG A 3872 -69.94 -129.39 -19.30
N LYS A 3873 -70.34 -130.04 -20.41
CA LYS A 3873 -69.78 -129.69 -21.70
C LYS A 3873 -70.02 -128.22 -22.01
N ARG A 3874 -71.25 -127.75 -21.78
CA ARG A 3874 -71.57 -126.36 -22.11
C ARG A 3874 -70.79 -125.40 -21.21
N GLU A 3875 -70.85 -125.61 -19.89
CA GLU A 3875 -70.21 -124.69 -18.96
C GLU A 3875 -68.71 -124.66 -19.15
N SER A 3876 -68.10 -125.82 -19.45
CA SER A 3876 -66.71 -125.83 -19.85
C SER A 3876 -66.52 -125.06 -21.15
N LYS A 3877 -67.45 -125.23 -22.08
CA LYS A 3877 -67.36 -124.53 -23.36
C LYS A 3877 -67.52 -123.03 -23.19
N VAL A 3878 -68.57 -122.59 -22.51
CA VAL A 3878 -68.88 -121.17 -22.43
C VAL A 3878 -68.01 -120.53 -21.34
N PRO A 3879 -67.40 -119.38 -21.61
CA PRO A 3879 -66.67 -118.68 -20.55
C PRO A 3879 -67.59 -117.97 -19.57
N ALA A 3880 -67.00 -117.22 -18.65
CA ALA A 3880 -67.76 -116.45 -17.67
C ALA A 3880 -66.96 -115.20 -17.32
N ASP A 3881 -67.47 -114.47 -16.33
CA ASP A 3881 -66.83 -113.28 -15.77
C ASP A 3881 -66.79 -112.14 -16.78
N LEU A 3882 -67.36 -112.35 -17.97
CA LEU A 3882 -67.56 -111.25 -18.92
C LEU A 3882 -68.43 -110.17 -18.32
N LEU A 3883 -69.41 -110.57 -17.50
CA LEU A 3883 -70.27 -109.63 -16.82
C LEU A 3883 -69.47 -108.61 -16.04
N LYS A 3884 -68.51 -109.10 -15.24
CA LYS A 3884 -67.67 -108.20 -14.46
C LYS A 3884 -66.74 -107.39 -15.36
N ARG A 3885 -66.31 -107.96 -16.48
CA ARG A 3885 -65.49 -107.19 -17.42
C ARG A 3885 -66.25 -105.97 -17.92
N ALA A 3886 -67.50 -106.18 -18.33
CA ALA A 3886 -68.33 -105.05 -18.70
C ALA A 3886 -68.51 -104.10 -17.52
N PHE A 3887 -68.79 -104.66 -16.34
CA PHE A 3887 -69.04 -103.88 -15.14
C PHE A 3887 -67.92 -102.89 -14.89
N VAL A 3888 -66.70 -103.41 -14.78
CA VAL A 3888 -65.54 -102.56 -14.59
C VAL A 3888 -65.28 -101.70 -15.81
N ARG A 3889 -65.79 -102.09 -16.98
CA ARG A 3889 -65.56 -101.27 -18.16
C ARG A 3889 -66.31 -99.94 -18.07
N MET A 3890 -67.41 -99.88 -17.33
CA MET A 3890 -68.01 -98.58 -17.00
C MET A 3890 -67.92 -98.22 -15.53
N SER A 3891 -67.55 -99.16 -14.66
CA SER A 3891 -67.35 -98.81 -13.26
C SER A 3891 -66.17 -97.87 -13.15
N THR A 3892 -66.42 -96.68 -12.60
CA THR A 3892 -65.38 -95.69 -12.41
C THR A 3892 -64.88 -95.64 -10.97
N SER A 3893 -65.52 -96.38 -10.06
CA SER A 3893 -65.13 -96.40 -8.66
C SER A 3893 -65.69 -97.67 -8.04
N PRO A 3894 -65.14 -98.10 -6.90
CA PRO A 3894 -65.73 -99.27 -6.22
C PRO A 3894 -67.21 -99.07 -5.91
N GLU A 3895 -67.55 -97.96 -5.26
CA GLU A 3895 -68.95 -97.68 -4.98
C GLU A 3895 -69.78 -97.62 -6.26
N ALA A 3896 -69.19 -97.15 -7.36
CA ALA A 3896 -69.92 -97.14 -8.62
C ALA A 3896 -70.32 -98.54 -9.02
N PHE A 3897 -69.36 -99.47 -8.99
CA PHE A 3897 -69.65 -100.85 -9.31
C PHE A 3897 -70.67 -101.44 -8.36
N LEU A 3898 -70.53 -101.17 -7.07
CA LEU A 3898 -71.42 -101.76 -6.07
C LEU A 3898 -72.85 -101.27 -6.26
N ALA A 3899 -73.04 -99.96 -6.39
CA ALA A 3899 -74.37 -99.42 -6.59
C ALA A 3899 -74.96 -99.89 -7.90
N LEU A 3900 -74.16 -99.88 -8.97
CA LEU A 3900 -74.61 -100.42 -10.25
C LEU A 3900 -75.13 -101.83 -10.08
N ARG A 3901 -74.33 -102.70 -9.48
CA ARG A 3901 -74.70 -104.10 -9.35
C ARG A 3901 -75.95 -104.26 -8.49
N SER A 3902 -76.02 -103.52 -7.38
CA SER A 3902 -77.16 -103.64 -6.48
C SER A 3902 -78.44 -103.21 -7.16
N HIS A 3903 -78.45 -102.02 -7.75
CA HIS A 3903 -79.61 -101.53 -8.46
C HIS A 3903 -80.00 -102.48 -9.58
N PHE A 3904 -79.01 -102.93 -10.35
CA PHE A 3904 -79.27 -103.82 -11.47
C PHE A 3904 -79.91 -105.13 -11.02
N ALA A 3905 -79.32 -105.77 -10.01
CA ALA A 3905 -79.84 -107.05 -9.56
C ALA A 3905 -81.21 -106.90 -8.93
N SER A 3906 -81.44 -105.82 -8.18
CA SER A 3906 -82.75 -105.61 -7.59
C SER A 3906 -83.81 -105.48 -8.67
N SER A 3907 -83.58 -104.61 -9.64
CA SER A 3907 -84.52 -104.45 -10.73
C SER A 3907 -84.70 -105.76 -11.49
N HIS A 3908 -83.60 -106.50 -11.69
CA HIS A 3908 -83.68 -107.74 -12.43
C HIS A 3908 -84.54 -108.77 -11.71
N ALA A 3909 -84.33 -108.93 -10.41
CA ALA A 3909 -85.12 -109.90 -9.65
C ALA A 3909 -86.58 -109.51 -9.65
N LEU A 3910 -86.87 -108.21 -9.51
CA LEU A 3910 -88.24 -107.75 -9.63
C LEU A 3910 -88.84 -108.16 -10.96
N ILE A 3911 -88.11 -107.92 -12.05
CA ILE A 3911 -88.63 -108.25 -13.37
C ILE A 3911 -88.87 -109.76 -13.48
N CYS A 3912 -87.94 -110.55 -12.96
CA CYS A 3912 -88.08 -112.00 -13.03
C CYS A 3912 -89.34 -112.47 -12.34
N ILE A 3913 -89.55 -112.05 -11.08
CA ILE A 3913 -90.73 -112.52 -10.38
C ILE A 3913 -92.00 -112.01 -11.05
N SER A 3914 -92.00 -110.75 -11.48
CA SER A 3914 -93.19 -110.17 -12.07
C SER A 3914 -93.60 -110.91 -13.33
N HIS A 3915 -92.67 -111.08 -14.28
CA HIS A 3915 -93.02 -111.74 -15.53
C HIS A 3915 -93.24 -113.24 -15.33
N TRP A 3916 -92.65 -113.82 -14.28
CA TRP A 3916 -92.99 -115.20 -13.94
C TRP A 3916 -94.46 -115.31 -13.55
N ILE A 3917 -94.93 -114.39 -12.72
CA ILE A 3917 -96.34 -114.35 -12.40
C ILE A 3917 -97.15 -114.11 -13.67
N LEU A 3918 -96.64 -113.25 -14.54
CA LEU A 3918 -97.28 -112.96 -15.82
C LEU A 3918 -97.23 -114.14 -16.77
N GLY A 3919 -96.45 -115.17 -16.47
CA GLY A 3919 -96.36 -116.31 -17.36
C GLY A 3919 -95.86 -115.97 -18.75
N ILE A 3920 -95.07 -114.90 -18.87
CA ILE A 3920 -94.55 -114.44 -20.15
C ILE A 3920 -93.08 -114.79 -20.19
N GLY A 3921 -92.72 -115.77 -21.01
CA GLY A 3921 -91.33 -116.14 -21.16
C GLY A 3921 -90.56 -115.14 -21.99
N ASP A 3922 -89.24 -115.20 -21.86
CA ASP A 3922 -88.34 -114.38 -22.64
C ASP A 3922 -87.21 -115.27 -23.14
N ARG A 3923 -87.12 -115.43 -24.46
CA ARG A 3923 -86.22 -116.42 -25.03
C ARG A 3923 -84.76 -116.03 -24.87
N HIS A 3924 -84.45 -114.74 -24.88
CA HIS A 3924 -83.07 -114.31 -25.06
C HIS A 3924 -82.79 -113.08 -24.23
N LEU A 3925 -81.54 -112.61 -24.33
CA LEU A 3925 -81.09 -111.42 -23.62
C LEU A 3925 -81.60 -110.14 -24.27
N ASN A 3926 -81.83 -110.16 -25.59
CA ASN A 3926 -82.40 -109.01 -26.25
C ASN A 3926 -83.83 -108.73 -25.79
N ASN A 3927 -84.46 -109.67 -25.08
CA ASN A 3927 -85.69 -109.36 -24.38
C ASN A 3927 -85.47 -108.34 -23.26
N PHE A 3928 -84.23 -108.07 -22.89
CA PHE A 3928 -83.90 -107.20 -21.77
C PHE A 3928 -82.86 -106.19 -22.18
N MET A 3929 -83.12 -104.92 -21.91
CA MET A 3929 -82.14 -103.87 -22.11
C MET A 3929 -81.56 -103.51 -20.74
N VAL A 3930 -80.65 -102.53 -20.72
CA VAL A 3930 -80.13 -102.06 -19.43
C VAL A 3930 -79.87 -100.56 -19.52
N ALA A 3931 -80.32 -99.82 -18.52
CA ALA A 3931 -80.10 -98.39 -18.46
C ALA A 3931 -78.72 -98.15 -17.84
N MET A 3932 -77.70 -98.16 -18.70
CA MET A 3932 -76.32 -98.05 -18.23
C MET A 3932 -76.06 -96.76 -17.48
N GLU A 3933 -76.85 -95.71 -17.72
CA GLU A 3933 -76.75 -94.51 -16.91
C GLU A 3933 -77.13 -94.76 -15.46
N THR A 3934 -77.87 -95.84 -15.18
CA THR A 3934 -78.17 -96.24 -13.82
C THR A 3934 -78.01 -97.73 -13.58
N GLY A 3935 -77.52 -98.49 -14.56
CA GLY A 3935 -77.53 -99.94 -14.45
C GLY A 3935 -78.92 -100.51 -14.36
N GLY A 3936 -79.88 -99.91 -15.06
CA GLY A 3936 -81.27 -100.34 -14.95
C GLY A 3936 -81.72 -101.30 -16.03
N VAL A 3937 -81.81 -102.59 -15.71
CA VAL A 3937 -82.38 -103.53 -16.66
C VAL A 3937 -83.88 -103.26 -16.81
N ILE A 3938 -84.39 -103.51 -18.00
CA ILE A 3938 -85.82 -103.38 -18.28
C ILE A 3938 -86.29 -104.64 -18.98
N GLY A 3939 -87.43 -105.15 -18.55
CA GLY A 3939 -88.04 -106.28 -19.22
C GLY A 3939 -88.88 -105.78 -20.39
N ILE A 3940 -88.52 -106.19 -21.60
CA ILE A 3940 -89.19 -105.78 -22.82
C ILE A 3940 -89.47 -107.03 -23.63
N ASP A 3941 -90.14 -106.86 -24.77
CA ASP A 3941 -90.33 -107.93 -25.76
C ASP A 3941 -91.14 -109.09 -25.15
N PHE A 3942 -92.36 -108.77 -24.75
CA PHE A 3942 -93.28 -109.75 -24.20
C PHE A 3942 -94.30 -110.09 -25.28
N GLY A 3943 -93.97 -111.11 -26.07
CA GLY A 3943 -94.89 -111.60 -27.09
C GLY A 3943 -95.45 -112.95 -26.70
N HIS A 3944 -95.01 -113.47 -25.55
CA HIS A 3944 -95.49 -114.73 -25.05
C HIS A 3944 -96.89 -114.57 -24.47
N ALA A 3945 -97.53 -115.70 -24.20
CA ALA A 3945 -98.85 -115.73 -23.58
C ALA A 3945 -98.72 -116.26 -22.16
N PHE A 3946 -99.53 -115.71 -21.26
CA PHE A 3946 -99.48 -116.11 -19.86
C PHE A 3946 -99.75 -117.59 -19.73
N GLY A 3947 -98.77 -118.33 -19.21
CA GLY A 3947 -98.90 -119.75 -19.09
C GLY A 3947 -98.78 -120.51 -20.40
N SER A 3948 -98.52 -119.83 -21.51
CA SER A 3948 -98.37 -120.48 -22.81
C SER A 3948 -97.00 -120.11 -23.35
N ALA A 3949 -95.99 -120.87 -22.92
CA ALA A 3949 -94.68 -120.88 -23.54
C ALA A 3949 -94.28 -122.27 -24.02
N THR A 3950 -94.89 -123.31 -23.46
CA THR A 3950 -94.74 -124.67 -23.94
C THR A 3950 -96.09 -125.38 -24.04
N GLN A 3951 -97.16 -124.77 -23.52
CA GLN A 3951 -98.49 -125.37 -23.58
C GLN A 3951 -98.85 -125.78 -25.01
N PHE A 3952 -98.72 -124.84 -25.95
CA PHE A 3952 -98.86 -125.16 -27.36
C PHE A 3952 -97.55 -125.08 -28.11
N LEU A 3953 -96.58 -124.34 -27.62
CA LEU A 3953 -95.30 -124.25 -28.28
C LEU A 3953 -94.49 -125.51 -28.02
N PRO A 3954 -94.08 -126.24 -29.06
CA PRO A 3954 -93.24 -127.42 -28.83
C PRO A 3954 -91.88 -127.09 -28.23
N VAL A 3955 -91.44 -125.84 -28.36
CA VAL A 3955 -90.15 -125.43 -27.81
C VAL A 3955 -90.20 -125.53 -26.29
N PRO A 3956 -89.19 -126.10 -25.63
CA PRO A 3956 -89.18 -126.17 -24.17
C PRO A 3956 -88.72 -124.86 -23.55
N GLU A 3957 -89.66 -124.14 -22.94
CA GLU A 3957 -89.36 -122.90 -22.25
C GLU A 3957 -90.09 -122.85 -20.91
N LEU A 3958 -89.98 -123.92 -20.14
CA LEU A 3958 -90.54 -124.00 -18.79
C LEU A 3958 -89.73 -123.21 -17.77
N MET A 3959 -88.81 -122.42 -18.33
CA MET A 3959 -87.96 -121.55 -17.53
C MET A 3959 -88.81 -120.58 -16.71
N PRO A 3960 -88.47 -120.36 -15.43
CA PRO A 3960 -89.16 -119.33 -14.65
C PRO A 3960 -88.71 -117.92 -15.04
N PHE A 3961 -87.42 -117.78 -15.27
CA PHE A 3961 -86.82 -116.53 -15.70
C PHE A 3961 -85.41 -116.84 -16.19
N ARG A 3962 -84.83 -115.92 -16.94
CA ARG A 3962 -83.50 -116.11 -17.48
C ARG A 3962 -82.50 -116.16 -16.32
N LEU A 3963 -81.91 -117.34 -16.11
CA LEU A 3963 -80.82 -117.52 -15.16
C LEU A 3963 -79.68 -118.24 -15.85
N THR A 3964 -78.45 -117.79 -15.59
CA THR A 3964 -77.29 -118.37 -16.23
C THR A 3964 -76.09 -118.20 -15.30
N ARG A 3965 -74.95 -118.76 -15.73
CA ARG A 3965 -73.74 -118.64 -14.95
C ARG A 3965 -73.37 -117.17 -14.74
N GLN A 3966 -73.55 -116.35 -15.78
CA GLN A 3966 -73.34 -114.91 -15.63
C GLN A 3966 -74.25 -114.35 -14.55
N PHE A 3967 -75.49 -114.86 -14.48
CA PHE A 3967 -76.39 -114.47 -13.41
C PHE A 3967 -76.02 -115.13 -12.08
N ILE A 3968 -75.06 -116.06 -12.09
CA ILE A 3968 -74.44 -116.52 -10.86
C ILE A 3968 -73.13 -115.79 -10.72
N ASN A 3969 -72.57 -115.35 -11.86
CA ASN A 3969 -71.42 -114.46 -11.85
C ASN A 3969 -71.77 -113.07 -11.40
N LEU A 3970 -73.01 -112.88 -10.96
CA LEU A 3970 -73.43 -111.56 -10.48
C LEU A 3970 -72.51 -111.11 -9.35
N MET A 3971 -72.25 -111.97 -8.38
CA MET A 3971 -71.18 -111.74 -7.41
C MET A 3971 -70.91 -113.09 -6.76
N LEU A 3972 -69.75 -113.66 -7.07
CA LEU A 3972 -69.51 -115.07 -6.77
C LEU A 3972 -69.61 -115.41 -5.29
N PRO A 3973 -69.09 -114.61 -4.35
CA PRO A 3973 -69.34 -114.92 -2.94
C PRO A 3973 -70.81 -114.89 -2.55
N MET A 3974 -71.70 -114.68 -3.50
CA MET A 3974 -73.14 -114.79 -3.26
C MET A 3974 -73.69 -116.02 -3.96
N LYS A 3975 -74.73 -116.61 -3.38
CA LYS A 3975 -75.27 -117.89 -3.83
C LYS A 3975 -76.77 -117.81 -4.09
N GLU A 3976 -77.26 -116.66 -4.54
CA GLU A 3976 -78.66 -116.48 -4.92
C GLU A 3976 -79.61 -116.74 -3.76
N THR A 3977 -79.18 -116.52 -2.52
CA THR A 3977 -79.97 -116.80 -1.33
C THR A 3977 -80.42 -115.53 -0.62
N GLY A 3978 -79.91 -114.38 -1.02
CA GLY A 3978 -80.13 -113.13 -0.29
C GLY A 3978 -80.96 -112.13 -1.04
N LEU A 3979 -80.26 -111.21 -1.73
CA LEU A 3979 -80.88 -110.05 -2.36
C LEU A 3979 -82.16 -110.44 -3.11
N MET A 3980 -82.00 -111.21 -4.18
CA MET A 3980 -83.16 -111.62 -4.96
C MET A 3980 -84.13 -112.45 -4.13
N TYR A 3981 -83.61 -113.25 -3.19
CA TYR A 3981 -84.49 -114.06 -2.36
C TYR A 3981 -85.42 -113.18 -1.54
N SER A 3982 -84.86 -112.23 -0.80
CA SER A 3982 -85.68 -111.31 -0.03
C SER A 3982 -86.57 -110.48 -0.93
N ILE A 3983 -86.07 -110.10 -2.09
CA ILE A 3983 -86.85 -109.30 -3.03
C ILE A 3983 -88.11 -110.03 -3.42
N MET A 3984 -87.97 -111.28 -3.87
CA MET A 3984 -89.13 -112.03 -4.32
C MET A 3984 -90.03 -112.42 -3.16
N VAL A 3985 -89.45 -112.67 -1.99
CA VAL A 3985 -90.25 -113.01 -0.81
C VAL A 3985 -91.16 -111.85 -0.45
N HIS A 3986 -90.59 -110.66 -0.34
CA HIS A 3986 -91.40 -109.48 -0.04
C HIS A 3986 -92.36 -109.17 -1.19
N ALA A 3987 -91.94 -109.42 -2.42
CA ALA A 3987 -92.83 -109.19 -3.56
C ALA A 3987 -94.07 -110.04 -3.45
N LEU A 3988 -93.91 -111.34 -3.19
CA LEU A 3988 -95.07 -112.20 -3.04
C LEU A 3988 -95.88 -111.82 -1.82
N ARG A 3989 -95.21 -111.40 -0.74
CA ARG A 3989 -95.94 -110.90 0.43
C ARG A 3989 -96.88 -109.78 0.02
N ALA A 3990 -96.40 -108.86 -0.80
CA ALA A 3990 -97.27 -107.81 -1.33
C ALA A 3990 -98.35 -108.39 -2.24
N PHE A 3991 -97.97 -109.36 -3.08
CA PHE A 3991 -98.88 -109.92 -4.06
C PHE A 3991 -100.02 -110.72 -3.45
N ARG A 3992 -99.91 -111.06 -2.18
CA ARG A 3992 -100.95 -111.88 -1.57
C ARG A 3992 -102.30 -111.13 -1.37
N SER A 3993 -102.53 -109.93 -1.92
CA SER A 3993 -103.81 -109.24 -1.75
C SER A 3993 -104.43 -108.74 -3.05
N ASP A 3994 -103.67 -108.61 -4.13
CA ASP A 3994 -104.13 -108.09 -5.42
C ASP A 3994 -105.06 -108.99 -6.25
N PRO A 3995 -104.92 -110.35 -6.21
CA PRO A 3995 -105.67 -111.19 -7.16
C PRO A 3995 -107.13 -110.80 -7.37
N GLY A 3996 -107.78 -110.32 -6.31
CA GLY A 3996 -109.14 -109.82 -6.47
C GLY A 3996 -109.23 -108.69 -7.48
N LEU A 3997 -108.19 -107.88 -7.59
CA LEU A 3997 -108.13 -106.85 -8.61
C LEU A 3997 -107.38 -107.32 -9.85
N LEU A 3998 -106.68 -108.44 -9.78
CA LEU A 3998 -105.98 -108.96 -10.94
C LEU A 3998 -106.92 -109.68 -11.89
N THR A 3999 -107.84 -110.47 -11.34
CA THR A 3999 -108.61 -111.40 -12.16
C THR A 3999 -109.41 -110.68 -13.23
N ASN A 4000 -110.16 -109.65 -12.85
CA ASN A 4000 -110.94 -108.89 -13.82
C ASN A 4000 -110.05 -108.20 -14.83
N THR A 4001 -108.95 -107.60 -14.35
CA THR A 4001 -108.09 -106.81 -15.22
C THR A 4001 -107.44 -107.64 -16.31
N MET A 4002 -107.23 -108.93 -16.06
CA MET A 4002 -106.69 -109.82 -17.08
C MET A 4002 -107.76 -110.52 -17.89
N ASP A 4003 -108.97 -110.67 -17.35
CA ASP A 4003 -110.08 -111.25 -18.07
C ASP A 4003 -110.81 -110.23 -18.92
N VAL A 4004 -110.19 -109.09 -19.19
CA VAL A 4004 -110.82 -108.03 -19.95
C VAL A 4004 -111.09 -108.43 -21.40
N PHE A 4005 -110.49 -109.53 -21.86
CA PHE A 4005 -110.63 -109.93 -23.25
C PHE A 4005 -110.38 -111.42 -23.35
N VAL A 4006 -110.71 -111.98 -24.52
CA VAL A 4006 -110.34 -113.34 -24.87
C VAL A 4006 -108.84 -113.53 -24.92
N LYS A 4007 -108.08 -112.42 -24.89
CA LYS A 4007 -106.63 -112.42 -24.93
C LYS A 4007 -106.13 -113.00 -26.25
N GLU A 4008 -106.58 -112.37 -27.34
CA GLU A 4008 -106.14 -112.67 -28.70
C GLU A 4008 -106.40 -114.14 -29.02
N PRO A 4009 -107.65 -114.52 -29.27
CA PRO A 4009 -107.91 -115.85 -29.80
C PRO A 4009 -107.27 -116.02 -31.17
N SER A 4010 -107.32 -117.25 -31.67
CA SER A 4010 -106.62 -117.63 -32.90
C SER A 4010 -105.13 -117.35 -32.80
N PHE A 4011 -104.60 -117.43 -31.60
CA PHE A 4011 -103.18 -117.24 -31.34
C PHE A 4011 -102.54 -118.45 -30.66
N ASP A 4012 -103.32 -119.26 -29.95
CA ASP A 4012 -102.84 -120.49 -29.34
C ASP A 4012 -102.85 -121.66 -30.31
N TRP A 4013 -102.93 -121.39 -31.61
CA TRP A 4013 -102.90 -122.44 -32.61
C TRP A 4013 -102.03 -122.09 -33.80
N LYS A 4014 -101.36 -120.93 -33.80
CA LYS A 4014 -100.58 -120.45 -34.93
C LYS A 4014 -99.08 -120.66 -34.73
N ASN A 4015 -98.68 -121.73 -34.05
CA ASN A 4015 -97.27 -122.01 -33.84
C ASN A 4015 -96.62 -122.52 -35.12
N TRP A 4038 -108.37 -125.11 -25.68
CA TRP A 4038 -107.78 -124.03 -24.91
C TRP A 4038 -108.78 -122.90 -24.69
N TYR A 4039 -108.82 -122.38 -23.46
CA TYR A 4039 -109.70 -121.28 -23.11
C TYR A 4039 -109.04 -120.44 -22.04
N PRO A 4040 -109.37 -119.15 -21.95
CA PRO A 4040 -108.85 -118.34 -20.84
C PRO A 4040 -109.30 -118.83 -19.48
N ARG A 4041 -110.30 -119.70 -19.41
CA ARG A 4041 -110.71 -120.27 -18.13
C ARG A 4041 -109.56 -121.03 -17.49
N GLN A 4042 -108.83 -121.82 -18.29
CA GLN A 4042 -107.68 -122.54 -17.74
C GLN A 4042 -106.61 -121.57 -17.27
N LYS A 4043 -106.41 -120.47 -18.01
CA LYS A 4043 -105.42 -119.49 -17.61
C LYS A 4043 -105.79 -118.83 -16.28
N ILE A 4044 -107.07 -118.51 -16.09
CA ILE A 4044 -107.47 -117.90 -14.83
C ILE A 4044 -107.41 -118.94 -13.70
N CYS A 4045 -107.67 -120.20 -14.01
CA CYS A 4045 -107.44 -121.26 -13.02
C CYS A 4045 -105.99 -121.25 -12.57
N TYR A 4046 -105.06 -121.18 -13.53
CA TYR A 4046 -103.64 -121.12 -13.20
C TYR A 4046 -103.33 -119.87 -12.39
N ALA A 4047 -103.93 -118.74 -12.74
CA ALA A 4047 -103.65 -117.49 -12.04
C ALA A 4047 -104.05 -117.59 -10.58
N LYS A 4048 -105.30 -118.00 -10.31
CA LYS A 4048 -105.73 -118.18 -8.93
C LYS A 4048 -104.89 -119.25 -8.24
N ARG A 4049 -104.55 -120.30 -8.96
CA ARG A 4049 -103.75 -121.40 -8.42
C ARG A 4049 -102.42 -120.88 -7.88
N LYS A 4050 -101.67 -120.17 -8.71
CA LYS A 4050 -100.37 -119.66 -8.28
C LYS A 4050 -100.52 -118.59 -7.22
N LEU A 4051 -101.46 -117.65 -7.43
CA LEU A 4051 -101.60 -116.54 -6.51
C LEU A 4051 -102.11 -116.98 -5.15
N ALA A 4052 -102.82 -118.10 -5.08
CA ALA A 4052 -103.20 -118.66 -3.79
C ALA A 4052 -102.04 -119.41 -3.14
N GLY A 4053 -100.93 -119.58 -3.85
CA GLY A 4053 -99.81 -120.34 -3.33
C GLY A 4053 -99.83 -121.75 -3.88
N ALA A 4054 -98.97 -122.03 -4.85
CA ALA A 4054 -98.93 -123.33 -5.48
C ALA A 4054 -97.50 -123.63 -5.89
N ASN A 4055 -97.12 -124.90 -5.79
CA ASN A 4055 -95.77 -125.28 -6.16
C ASN A 4055 -95.56 -125.04 -7.66
N PRO A 4056 -94.54 -124.28 -8.04
CA PRO A 4056 -94.34 -123.98 -9.47
C PRO A 4056 -94.19 -125.22 -10.32
N ALA A 4057 -93.55 -126.28 -9.82
CA ALA A 4057 -93.43 -127.50 -10.59
C ALA A 4057 -94.80 -128.10 -10.88
N VAL A 4058 -95.72 -127.98 -9.93
CA VAL A 4058 -97.09 -128.45 -10.15
C VAL A 4058 -97.73 -127.65 -11.28
N ILE A 4059 -97.51 -126.34 -11.29
CA ILE A 4059 -98.04 -125.49 -12.35
C ILE A 4059 -97.48 -125.91 -13.70
N THR A 4060 -96.17 -126.14 -13.76
CA THR A 4060 -95.53 -126.54 -15.01
C THR A 4060 -96.06 -127.88 -15.49
N CYS A 4061 -96.27 -128.82 -14.57
CA CYS A 4061 -96.83 -130.11 -14.95
C CYS A 4061 -98.25 -129.95 -15.48
N ASP A 4062 -99.03 -129.06 -14.86
CA ASP A 4062 -100.38 -128.82 -15.35
C ASP A 4062 -100.35 -128.24 -16.76
N GLU A 4063 -99.44 -127.31 -17.01
CA GLU A 4063 -99.30 -126.76 -18.36
C GLU A 4063 -98.88 -127.85 -19.34
N LEU A 4064 -97.97 -128.72 -18.91
CA LEU A 4064 -97.55 -129.84 -19.75
C LEU A 4064 -98.73 -130.73 -20.10
N LEU A 4065 -99.65 -130.90 -19.15
CA LEU A 4065 -100.87 -131.64 -19.44
C LEU A 4065 -101.68 -130.93 -20.52
N LEU A 4066 -101.80 -129.61 -20.43
CA LEU A 4066 -102.66 -128.86 -21.33
C LEU A 4066 -101.95 -128.68 -22.66
N GLY A 4067 -102.50 -129.26 -23.72
CA GLY A 4067 -101.98 -129.08 -25.06
C GLY A 4067 -100.62 -129.68 -25.30
N HIS A 4068 -100.08 -130.44 -24.35
CA HIS A 4068 -98.77 -131.04 -24.51
C HIS A 4068 -98.72 -132.47 -24.00
N GLU A 4069 -99.81 -133.01 -23.44
CA GLU A 4069 -99.80 -134.38 -22.97
C GLU A 4069 -99.62 -135.37 -24.11
N LYS A 4070 -100.16 -135.04 -25.29
CA LYS A 4070 -100.09 -135.96 -26.42
C LYS A 4070 -98.65 -136.17 -26.89
N ALA A 4071 -97.79 -135.18 -26.67
CA ALA A 4071 -96.40 -135.34 -27.05
C ALA A 4071 -95.77 -136.45 -26.22
N PRO A 4072 -94.97 -137.33 -26.84
CA PRO A 4072 -94.29 -138.38 -26.06
C PRO A 4072 -93.33 -137.78 -25.06
N ALA A 4073 -92.67 -138.62 -24.25
CA ALA A 4073 -91.84 -138.17 -23.15
C ALA A 4073 -92.60 -137.21 -22.23
N PHE A 4074 -93.93 -137.25 -22.31
CA PHE A 4074 -94.75 -136.40 -21.46
C PHE A 4074 -94.52 -136.72 -19.99
N ARG A 4075 -94.39 -138.02 -19.67
CA ARG A 4075 -93.95 -138.41 -18.34
C ARG A 4075 -92.54 -137.89 -18.06
N ASP A 4076 -91.66 -137.95 -19.06
CA ASP A 4076 -90.33 -137.38 -18.89
C ASP A 4076 -90.41 -135.88 -18.69
N TYR A 4077 -91.31 -135.22 -19.41
CA TYR A 4077 -91.46 -133.78 -19.27
C TYR A 4077 -91.94 -133.40 -17.88
N VAL A 4078 -92.94 -134.12 -17.36
CA VAL A 4078 -93.43 -133.80 -16.02
C VAL A 4078 -92.40 -134.18 -14.97
N ALA A 4079 -91.58 -135.20 -15.23
CA ALA A 4079 -90.53 -135.56 -14.29
C ALA A 4079 -89.47 -134.47 -14.22
N VAL A 4080 -89.00 -133.98 -15.37
CA VAL A 4080 -88.01 -132.93 -15.36
C VAL A 4080 -88.60 -131.64 -14.83
N ALA A 4081 -89.91 -131.43 -15.02
CA ALA A 4081 -90.58 -130.31 -14.37
C ALA A 4081 -90.51 -130.46 -12.85
N ARG A 4082 -90.76 -131.68 -12.35
CA ARG A 4082 -90.51 -131.96 -10.95
C ARG A 4082 -89.02 -131.87 -10.64
N GLY A 4083 -88.18 -132.25 -11.59
CA GLY A 4083 -86.75 -132.24 -11.39
C GLY A 4083 -86.12 -133.58 -11.66
N SER A 4084 -84.98 -133.58 -12.35
CA SER A 4084 -84.25 -134.80 -12.65
C SER A 4084 -83.40 -135.28 -11.49
N LYS A 4085 -83.43 -134.58 -10.35
CA LYS A 4085 -82.58 -134.88 -9.22
C LYS A 4085 -83.43 -135.05 -7.97
N ASP A 4086 -83.01 -135.98 -7.11
CA ASP A 4086 -83.67 -136.11 -5.81
C ASP A 4086 -83.58 -134.82 -5.03
N HIS A 4087 -82.43 -134.16 -5.07
CA HIS A 4087 -82.26 -132.84 -4.49
C HIS A 4087 -82.99 -131.76 -5.26
N ASN A 4088 -83.74 -132.13 -6.31
CA ASN A 4088 -84.71 -131.23 -6.92
C ASN A 4088 -86.14 -131.67 -6.67
N ILE A 4089 -86.39 -132.98 -6.68
CA ILE A 4089 -87.75 -133.46 -6.42
C ILE A 4089 -88.15 -133.19 -4.97
N ARG A 4090 -87.20 -133.20 -4.04
CA ARG A 4090 -87.54 -133.16 -2.61
C ARG A 4090 -88.27 -131.87 -2.26
N ALA A 4091 -88.52 -131.02 -3.25
CA ALA A 4091 -89.44 -129.92 -3.09
C ALA A 4091 -90.90 -130.36 -3.07
N GLN A 4092 -91.20 -131.66 -3.04
CA GLN A 4092 -92.60 -132.08 -2.83
C GLN A 4092 -93.09 -131.67 -1.45
N GLU A 4093 -92.21 -131.68 -0.46
CA GLU A 4093 -92.60 -131.37 0.91
C GLU A 4093 -93.37 -130.05 1.02
N PRO A 4094 -92.96 -128.96 0.37
CA PRO A 4094 -93.89 -127.84 0.21
C PRO A 4094 -94.77 -128.01 -1.03
N GLU A 4095 -96.08 -127.97 -0.84
CA GLU A 4095 -97.02 -128.12 -1.95
C GLU A 4095 -97.88 -126.87 -2.07
N SER A 4096 -98.91 -126.95 -2.89
CA SER A 4096 -99.80 -125.82 -3.11
C SER A 4096 -100.28 -125.25 -1.79
N GLY A 4097 -100.15 -123.93 -1.64
CA GLY A 4097 -100.28 -123.28 -0.36
C GLY A 4097 -98.98 -123.08 0.37
N LEU A 4098 -97.86 -123.43 -0.25
CA LEU A 4098 -96.55 -123.28 0.38
C LEU A 4098 -96.20 -121.81 0.54
N SER A 4099 -95.35 -121.53 1.53
CA SER A 4099 -95.01 -120.16 1.84
C SER A 4099 -94.17 -119.57 0.72
N GLU A 4100 -93.98 -118.24 0.80
CA GLU A 4100 -93.25 -117.53 -0.23
C GLU A 4100 -91.82 -118.00 -0.33
N GLU A 4101 -91.15 -118.16 0.82
CA GLU A 4101 -89.76 -118.62 0.80
C GLU A 4101 -89.66 -120.00 0.18
N THR A 4102 -90.56 -120.90 0.58
CA THR A 4102 -90.58 -122.23 0.01
C THR A 4102 -90.83 -122.18 -1.49
N GLN A 4103 -91.79 -121.36 -1.91
CA GLN A 4103 -92.13 -121.32 -3.33
C GLN A 4103 -90.97 -120.79 -4.15
N VAL A 4104 -90.31 -119.74 -3.69
CA VAL A 4104 -89.21 -119.19 -4.47
C VAL A 4104 -88.02 -120.15 -4.48
N LYS A 4105 -87.71 -120.76 -3.35
CA LYS A 4105 -86.55 -121.64 -3.32
C LYS A 4105 -86.78 -122.88 -4.16
N CYS A 4106 -87.99 -123.45 -4.13
CA CYS A 4106 -88.27 -124.59 -4.99
C CYS A 4106 -88.32 -124.15 -6.45
N LEU A 4107 -88.72 -122.90 -6.70
CA LEU A 4107 -88.71 -122.39 -8.07
C LEU A 4107 -87.30 -122.36 -8.63
N MET A 4108 -86.34 -121.85 -7.86
CA MET A 4108 -84.98 -121.88 -8.37
C MET A 4108 -84.29 -123.23 -8.18
N ASP A 4109 -84.89 -124.15 -7.44
CA ASP A 4109 -84.30 -125.48 -7.26
C ASP A 4109 -84.73 -126.46 -8.34
N GLN A 4110 -86.02 -126.78 -8.40
CA GLN A 4110 -86.51 -127.83 -9.28
C GLN A 4110 -87.08 -127.31 -10.58
N ALA A 4111 -87.54 -126.07 -10.60
CA ALA A 4111 -88.07 -125.47 -11.82
C ALA A 4111 -87.02 -124.66 -12.58
N THR A 4112 -85.81 -124.55 -12.05
CA THR A 4112 -84.76 -123.77 -12.70
C THR A 4112 -83.55 -124.60 -13.07
N ASP A 4113 -82.98 -125.37 -12.13
CA ASP A 4113 -81.71 -126.03 -12.39
C ASP A 4113 -81.85 -127.22 -13.34
N PRO A 4114 -82.56 -128.30 -12.98
CA PRO A 4114 -82.39 -129.55 -13.75
C PRO A 4114 -82.65 -129.42 -15.24
N ASN A 4115 -83.63 -128.60 -15.62
CA ASN A 4115 -83.94 -128.41 -17.04
C ASN A 4115 -82.78 -127.76 -17.77
N ILE A 4116 -82.27 -126.64 -17.23
CA ILE A 4116 -81.16 -125.97 -17.91
C ILE A 4116 -79.92 -126.86 -17.89
N LEU A 4117 -79.79 -127.71 -16.88
CA LEU A 4117 -78.71 -128.69 -16.89
C LEU A 4117 -78.87 -129.66 -18.07
N GLY A 4118 -80.08 -130.16 -18.27
CA GLY A 4118 -80.30 -131.18 -19.28
C GLY A 4118 -80.93 -130.78 -20.60
N ARG A 4119 -82.03 -130.04 -20.55
CA ARG A 4119 -82.86 -129.82 -21.73
C ARG A 4119 -83.09 -128.33 -21.92
N THR A 4120 -82.55 -127.78 -23.01
CA THR A 4120 -82.79 -126.39 -23.38
C THR A 4120 -82.55 -126.25 -24.88
N TRP A 4121 -83.44 -125.51 -25.54
CA TRP A 4121 -83.29 -125.26 -26.96
C TRP A 4121 -82.29 -124.14 -27.19
N GLU A 4122 -81.48 -124.28 -28.25
CA GLU A 4122 -80.43 -123.31 -28.52
C GLU A 4122 -80.98 -121.92 -28.84
N GLY A 4123 -82.24 -121.83 -29.24
CA GLY A 4123 -82.86 -120.52 -29.39
C GLY A 4123 -82.87 -119.74 -28.09
N TRP A 4124 -82.94 -120.44 -26.96
CA TRP A 4124 -82.84 -119.81 -25.66
C TRP A 4124 -81.41 -119.52 -25.25
N GLU A 4125 -80.43 -119.95 -26.05
CA GLU A 4125 -78.99 -119.87 -25.80
C GLU A 4125 -78.69 -120.29 -24.35
N PRO A 4126 -78.79 -121.59 -24.05
CA PRO A 4126 -78.55 -122.04 -22.67
C PRO A 4126 -77.17 -121.70 -22.16
N TRP A 4127 -76.16 -121.72 -23.03
CA TRP A 4127 -74.83 -121.26 -22.65
C TRP A 4127 -74.88 -119.82 -22.14
N MET A 4128 -75.64 -118.97 -22.80
CA MET A 4128 -75.80 -117.59 -22.34
C MET A 4128 -76.77 -117.54 -21.17
N TYR B 32 -28.47 -50.72 53.44
CA TYR B 32 -28.45 -52.17 53.21
C TYR B 32 -27.03 -52.67 52.98
N SER B 33 -26.48 -52.35 51.81
CA SER B 33 -25.13 -52.74 51.42
C SER B 33 -24.93 -54.25 51.53
N GLY B 34 -25.94 -55.00 51.09
CA GLY B 34 -25.83 -56.44 50.99
C GLY B 34 -26.24 -57.18 52.24
N ARG B 35 -26.39 -58.50 52.08
CA ARG B 35 -26.74 -59.41 53.15
C ARG B 35 -25.62 -60.44 53.31
N ASP B 36 -25.83 -61.44 54.16
CA ASP B 36 -24.83 -62.45 54.43
C ASP B 36 -25.26 -63.80 53.88
N SER B 37 -24.31 -64.56 53.36
CA SER B 37 -24.54 -65.90 52.84
C SER B 37 -23.46 -66.83 53.37
N LEU B 38 -23.87 -68.00 53.85
CA LEU B 38 -22.91 -68.95 54.39
C LEU B 38 -23.50 -70.36 54.36
N ILE B 39 -22.68 -71.32 53.96
CA ILE B 39 -23.05 -72.73 53.92
C ILE B 39 -22.05 -73.50 54.78
N PHE B 40 -22.48 -74.66 55.24
CA PHE B 40 -21.67 -75.50 56.12
C PHE B 40 -21.50 -76.88 55.49
N LEU B 41 -20.27 -77.36 55.46
CA LEU B 41 -19.92 -78.62 54.83
C LEU B 41 -19.25 -79.55 55.83
N VAL B 42 -19.61 -80.83 55.77
CA VAL B 42 -19.11 -81.83 56.71
C VAL B 42 -18.58 -83.03 55.95
N ASP B 43 -17.40 -83.49 56.33
CA ASP B 43 -16.79 -84.68 55.73
C ASP B 43 -17.53 -85.91 56.25
N ALA B 44 -18.36 -86.50 55.40
CA ALA B 44 -19.12 -87.69 55.78
C ALA B 44 -18.21 -88.91 55.62
N SER B 45 -17.38 -89.14 56.63
CA SER B 45 -16.43 -90.23 56.61
C SER B 45 -16.22 -90.76 58.02
N LYS B 46 -15.73 -91.99 58.09
CA LYS B 46 -15.49 -92.63 59.38
C LYS B 46 -14.41 -91.90 60.18
N ALA B 47 -13.50 -91.20 59.51
CA ALA B 47 -12.50 -90.42 60.23
C ALA B 47 -13.13 -89.29 61.04
N MET B 48 -14.38 -88.95 60.76
CA MET B 48 -15.06 -87.88 61.46
C MET B 48 -16.03 -88.40 62.51
N PHE B 49 -16.27 -89.71 62.54
CA PHE B 49 -17.08 -90.35 63.56
C PHE B 49 -16.24 -91.04 64.62
N GLU B 50 -14.92 -90.86 64.56
CA GLU B 50 -13.99 -91.41 65.51
C GLU B 50 -13.41 -90.28 66.36
N SER B 51 -12.44 -90.61 67.19
CA SER B 51 -11.73 -89.60 67.97
C SER B 51 -10.37 -90.16 68.35
N GLN B 52 -9.47 -89.26 68.74
CA GLN B 52 -8.20 -89.70 69.30
C GLN B 52 -8.44 -90.60 70.50
N SER B 53 -9.28 -90.15 71.43
CA SER B 53 -9.90 -91.01 72.42
C SER B 53 -11.40 -90.81 72.29
N GLU B 54 -12.15 -91.91 72.18
CA GLU B 54 -13.56 -91.80 71.83
C GLU B 54 -14.38 -91.14 72.92
N ASP B 55 -13.83 -90.94 74.13
CA ASP B 55 -14.50 -90.11 75.12
C ASP B 55 -14.67 -88.69 74.59
N GLU B 56 -13.68 -88.20 73.85
CA GLU B 56 -13.83 -86.94 73.14
C GLU B 56 -14.91 -87.06 72.07
N LEU B 57 -15.57 -85.94 71.79
CA LEU B 57 -16.60 -85.93 70.76
C LEU B 57 -16.01 -86.25 69.41
N THR B 58 -16.80 -86.92 68.58
CA THR B 58 -16.41 -87.10 67.20
C THR B 58 -16.44 -85.75 66.49
N PRO B 59 -15.58 -85.56 65.48
CA PRO B 59 -15.67 -84.32 64.69
C PRO B 59 -17.05 -84.09 64.13
N PHE B 60 -17.74 -85.16 63.75
CA PHE B 60 -19.14 -85.04 63.35
C PHE B 60 -19.97 -84.43 64.47
N ASP B 61 -19.82 -84.95 65.69
CA ASP B 61 -20.68 -84.53 66.79
C ASP B 61 -20.38 -83.09 67.20
N MET B 62 -19.10 -82.76 67.36
CA MET B 62 -18.74 -81.39 67.71
C MET B 62 -19.19 -80.43 66.62
N SER B 63 -19.02 -80.81 65.35
CA SER B 63 -19.44 -79.96 64.26
C SER B 63 -20.95 -79.74 64.28
N ILE B 64 -21.72 -80.80 64.51
CA ILE B 64 -23.16 -80.65 64.43
C ILE B 64 -23.68 -79.82 65.60
N GLN B 65 -23.14 -80.03 66.80
CA GLN B 65 -23.57 -79.20 67.92
C GLN B 65 -23.17 -77.74 67.72
N CYS B 66 -21.99 -77.51 67.12
CA CYS B 66 -21.60 -76.16 66.79
C CYS B 66 -22.55 -75.53 65.79
N ILE B 67 -23.04 -76.33 64.83
CA ILE B 67 -24.04 -75.84 63.89
C ILE B 67 -25.33 -75.47 64.61
N GLN B 68 -25.75 -76.30 65.57
CA GLN B 68 -26.92 -75.95 66.38
C GLN B 68 -26.70 -74.60 67.06
N SER B 69 -25.53 -74.43 67.66
CA SER B 69 -25.22 -73.17 68.34
C SER B 69 -25.27 -71.99 67.37
N VAL B 70 -24.68 -72.16 66.19
CA VAL B 70 -24.62 -71.09 65.21
C VAL B 70 -26.02 -70.72 64.75
N TYR B 71 -26.85 -71.72 64.45
CA TYR B 71 -28.21 -71.44 64.01
C TYR B 71 -29.02 -70.76 65.10
N ILE B 72 -28.82 -71.18 66.36
CA ILE B 72 -29.51 -70.52 67.47
C ILE B 72 -29.07 -69.07 67.56
N SER B 73 -27.78 -68.81 67.39
CA SER B 73 -27.29 -67.44 67.39
C SER B 73 -27.93 -66.64 66.28
N LYS B 74 -28.08 -67.24 65.09
CA LYS B 74 -28.71 -66.54 63.98
C LYS B 74 -30.17 -66.23 64.28
N ILE B 75 -30.90 -67.20 64.81
CA ILE B 75 -32.31 -66.98 65.14
C ILE B 75 -32.44 -65.86 66.15
N ILE B 76 -31.55 -65.84 67.15
CA ILE B 76 -31.56 -64.76 68.11
C ILE B 76 -31.27 -63.43 67.43
N SER B 77 -30.27 -63.43 66.55
CA SER B 77 -29.67 -62.19 66.06
C SER B 77 -30.17 -61.81 64.68
N SER B 78 -29.89 -62.65 63.69
CA SER B 78 -30.06 -62.26 62.29
C SER B 78 -30.62 -63.43 61.48
N ASP B 79 -31.69 -64.04 61.99
CA ASP B 79 -32.35 -65.13 61.26
C ASP B 79 -32.82 -64.72 59.87
N ARG B 80 -32.82 -63.42 59.55
CA ARG B 80 -33.15 -63.00 58.20
C ARG B 80 -32.16 -63.50 57.17
N ASP B 81 -30.95 -63.88 57.59
CA ASP B 81 -29.98 -64.45 56.66
C ASP B 81 -30.38 -65.88 56.30
N LEU B 82 -29.64 -66.44 55.33
CA LEU B 82 -30.03 -67.68 54.69
C LEU B 82 -28.92 -68.69 54.92
N LEU B 83 -29.27 -69.90 55.38
CA LEU B 83 -28.28 -70.87 55.80
C LEU B 83 -28.54 -72.22 55.16
N ALA B 84 -27.47 -72.95 54.87
CA ALA B 84 -27.55 -74.21 54.15
C ALA B 84 -26.53 -75.21 54.69
N VAL B 85 -26.82 -76.49 54.46
CA VAL B 85 -25.95 -77.60 54.86
C VAL B 85 -25.89 -78.61 53.72
N VAL B 86 -24.69 -79.14 53.46
CA VAL B 86 -24.46 -80.17 52.45
C VAL B 86 -23.44 -81.16 52.97
N PHE B 87 -23.56 -82.41 52.53
CA PHE B 87 -22.63 -83.46 52.89
C PHE B 87 -21.67 -83.76 51.73
N TYR B 88 -20.53 -84.36 52.08
CA TYR B 88 -19.60 -84.88 51.09
C TYR B 88 -18.84 -86.05 51.70
N GLY B 89 -18.47 -87.00 50.85
CA GLY B 89 -17.88 -88.24 51.29
C GLY B 89 -18.88 -89.33 51.59
N THR B 90 -20.12 -88.96 51.87
CA THR B 90 -21.19 -89.92 52.04
C THR B 90 -21.41 -90.71 50.76
N GLU B 91 -21.78 -91.98 50.91
CA GLU B 91 -21.99 -92.79 49.71
C GLU B 91 -23.39 -92.59 49.15
N LYS B 92 -23.81 -91.32 49.04
CA LYS B 92 -25.05 -90.93 48.37
C LYS B 92 -24.89 -89.48 47.95
N ASP B 93 -25.79 -89.04 47.08
CA ASP B 93 -25.79 -87.64 46.67
C ASP B 93 -27.22 -87.20 46.39
N LYS B 94 -27.55 -86.00 46.86
CA LYS B 94 -28.86 -85.42 46.63
C LYS B 94 -28.82 -84.15 45.81
N ASN B 95 -27.62 -83.65 45.49
CA ASN B 95 -27.50 -82.44 44.69
C ASN B 95 -28.23 -82.61 43.36
N SER B 96 -28.94 -81.56 42.94
CA SER B 96 -29.51 -81.54 41.60
C SER B 96 -28.43 -81.66 40.54
N VAL B 97 -27.20 -81.29 40.89
CA VAL B 97 -26.06 -81.59 40.03
C VAL B 97 -25.91 -83.09 39.85
N ASN B 98 -26.20 -83.85 40.91
CA ASN B 98 -26.14 -85.30 40.93
C ASN B 98 -24.73 -85.84 40.80
N PHE B 99 -23.73 -85.06 41.16
CA PHE B 99 -22.38 -85.58 41.29
C PHE B 99 -22.31 -86.47 42.53
N LYS B 100 -21.66 -87.62 42.38
CA LYS B 100 -21.72 -88.65 43.41
C LYS B 100 -21.06 -88.17 44.70
N ASN B 101 -21.57 -88.70 45.81
CA ASN B 101 -21.14 -88.41 47.17
C ASN B 101 -21.47 -86.99 47.58
N ILE B 102 -22.11 -86.20 46.73
CA ILE B 102 -22.40 -84.80 47.01
C ILE B 102 -23.87 -84.75 47.40
N TYR B 103 -24.14 -84.89 48.69
CA TYR B 103 -25.49 -84.95 49.21
C TYR B 103 -25.80 -83.62 49.90
N VAL B 104 -26.63 -82.81 49.27
CA VAL B 104 -27.14 -81.61 49.91
C VAL B 104 -28.04 -82.00 51.06
N LEU B 105 -27.96 -81.26 52.15
CA LEU B 105 -28.91 -81.43 53.24
C LEU B 105 -30.02 -80.39 53.20
N GLN B 106 -29.66 -79.12 53.24
CA GLN B 106 -30.62 -78.03 53.21
C GLN B 106 -30.10 -76.94 52.30
N GLU B 107 -31.02 -76.26 51.61
CA GLU B 107 -30.66 -75.10 50.82
C GLU B 107 -30.48 -73.91 51.74
N LEU B 108 -30.04 -72.78 51.16
CA LEU B 108 -29.81 -71.58 51.94
C LEU B 108 -31.15 -71.04 52.41
N ASP B 109 -31.49 -71.34 53.67
CA ASP B 109 -32.78 -70.97 54.22
C ASP B 109 -32.58 -70.25 55.53
N ASN B 110 -33.54 -69.39 55.87
CA ASN B 110 -33.53 -68.75 57.17
C ASN B 110 -33.60 -69.80 58.27
N PRO B 111 -32.83 -69.65 59.34
CA PRO B 111 -32.78 -70.70 60.37
C PRO B 111 -34.14 -70.95 61.01
N GLY B 112 -34.67 -72.15 60.80
CA GLY B 112 -35.96 -72.53 61.36
C GLY B 112 -35.84 -73.68 62.35
N ALA B 113 -36.79 -73.76 63.27
CA ALA B 113 -36.75 -74.81 64.29
C ALA B 113 -36.82 -76.20 63.65
N LYS B 114 -37.58 -76.32 62.57
CA LYS B 114 -37.64 -77.60 61.85
C LYS B 114 -36.26 -78.04 61.39
N ARG B 115 -35.48 -77.11 60.83
CA ARG B 115 -34.11 -77.43 60.45
C ARG B 115 -33.31 -77.89 61.66
N ILE B 116 -33.53 -77.23 62.79
CA ILE B 116 -32.80 -77.60 64.01
C ILE B 116 -33.12 -79.03 64.41
N LEU B 117 -34.39 -79.41 64.36
CA LEU B 117 -34.76 -80.79 64.68
C LEU B 117 -34.17 -81.77 63.68
N GLU B 118 -34.16 -81.39 62.40
CA GLU B 118 -33.53 -82.23 61.39
C GLU B 118 -32.07 -82.47 61.73
N LEU B 119 -31.41 -81.46 62.30
CA LEU B 119 -30.03 -81.64 62.72
C LEU B 119 -29.95 -82.50 63.98
N ASP B 120 -30.86 -82.28 64.93
CA ASP B 120 -30.77 -82.92 66.22
C ASP B 120 -31.05 -84.41 66.14
N GLN B 121 -31.84 -84.85 65.16
CA GLN B 121 -32.14 -86.27 65.06
C GLN B 121 -30.86 -87.09 64.89
N PHE B 122 -29.81 -86.50 64.35
CA PHE B 122 -28.55 -87.19 64.18
C PHE B 122 -27.41 -86.61 65.01
N LYS B 123 -27.63 -85.51 65.71
CA LYS B 123 -26.62 -85.04 66.64
C LYS B 123 -26.51 -86.01 67.81
N GLY B 124 -25.34 -86.03 68.43
CA GLY B 124 -25.01 -87.05 69.40
C GLY B 124 -24.49 -88.32 68.73
N GLN B 125 -23.81 -89.14 69.51
CA GLN B 125 -23.17 -90.34 68.98
C GLN B 125 -24.10 -91.54 68.95
N GLN B 126 -25.41 -91.31 68.99
CA GLN B 126 -26.40 -92.32 68.63
C GLN B 126 -27.22 -91.93 67.41
N GLY B 127 -27.64 -90.66 67.34
CA GLY B 127 -28.14 -90.14 66.08
C GLY B 127 -27.08 -90.17 65.01
N GLN B 128 -25.81 -90.12 65.42
CA GLN B 128 -24.71 -90.34 64.47
C GLN B 128 -24.83 -91.71 63.82
N LYS B 129 -25.02 -92.74 64.64
CA LYS B 129 -25.18 -94.09 64.10
C LYS B 129 -26.43 -94.20 63.26
N ARG B 130 -27.53 -93.60 63.72
CA ARG B 130 -28.77 -93.62 62.95
C ARG B 130 -28.57 -92.98 61.59
N PHE B 131 -27.88 -91.84 61.56
CA PHE B 131 -27.51 -91.19 60.31
C PHE B 131 -26.69 -92.13 59.43
N GLN B 132 -25.63 -92.71 60.00
CA GLN B 132 -24.78 -93.60 59.23
C GLN B 132 -25.55 -94.79 58.68
N ASP B 133 -26.64 -95.16 59.35
CA ASP B 133 -27.52 -96.20 58.81
C ASP B 133 -28.34 -95.66 57.65
N MET B 134 -29.16 -94.64 57.91
CA MET B 134 -30.02 -94.09 56.87
C MET B 134 -29.24 -93.28 55.83
N MET B 135 -27.96 -93.01 56.08
CA MET B 135 -27.19 -92.18 55.18
C MET B 135 -25.78 -92.75 55.07
N GLY B 136 -25.25 -92.78 53.86
CA GLY B 136 -23.90 -93.29 53.65
C GLY B 136 -22.87 -92.40 54.31
N HIS B 137 -21.64 -92.91 54.38
CA HIS B 137 -20.57 -92.16 55.04
C HIS B 137 -19.22 -92.74 54.64
N GLY B 138 -18.40 -91.94 53.96
CA GLY B 138 -17.05 -92.33 53.65
C GLY B 138 -16.90 -92.87 52.25
N SER B 139 -16.44 -92.04 51.33
CA SER B 139 -16.28 -92.45 49.94
C SER B 139 -15.41 -91.41 49.25
N ASP B 140 -14.90 -91.77 48.07
CA ASP B 140 -14.04 -90.88 47.31
C ASP B 140 -14.88 -89.87 46.54
N TYR B 141 -14.26 -88.73 46.25
CA TYR B 141 -14.91 -87.62 45.56
C TYR B 141 -13.83 -86.59 45.28
N SER B 142 -14.17 -85.59 44.48
CA SER B 142 -13.31 -84.46 44.25
C SER B 142 -13.95 -83.20 44.82
N LEU B 143 -13.09 -82.31 45.33
CA LEU B 143 -13.58 -81.07 45.93
C LEU B 143 -14.26 -80.19 44.90
N SER B 144 -13.89 -80.34 43.63
CA SER B 144 -14.53 -79.58 42.58
C SER B 144 -16.04 -79.77 42.58
N GLU B 145 -16.50 -80.97 42.94
CA GLU B 145 -17.94 -81.23 42.97
C GLU B 145 -18.65 -80.37 44.01
N VAL B 146 -18.14 -80.37 45.24
CA VAL B 146 -18.79 -79.60 46.30
C VAL B 146 -18.67 -78.11 46.01
N LEU B 147 -17.55 -77.70 45.44
CA LEU B 147 -17.40 -76.30 45.06
C LEU B 147 -18.42 -75.94 43.98
N TRP B 148 -18.63 -76.83 43.02
CA TRP B 148 -19.64 -76.65 42.00
C TRP B 148 -21.01 -76.45 42.62
N VAL B 149 -21.39 -77.35 43.52
CA VAL B 149 -22.77 -77.32 44.02
C VAL B 149 -22.98 -76.09 44.90
N CYS B 150 -21.98 -75.71 45.70
CA CYS B 150 -22.15 -74.53 46.54
C CYS B 150 -22.18 -73.26 45.68
N ALA B 151 -21.36 -73.21 44.63
CA ALA B 151 -21.42 -72.08 43.72
C ALA B 151 -22.79 -71.98 43.06
N ASN B 152 -23.34 -73.13 42.65
CA ASN B 152 -24.68 -73.13 42.08
C ASN B 152 -25.71 -72.64 43.08
N LEU B 153 -25.61 -73.10 44.33
CA LEU B 153 -26.56 -72.68 45.35
C LEU B 153 -26.49 -71.18 45.58
N PHE B 154 -25.28 -70.62 45.64
CA PHE B 154 -25.16 -69.17 45.70
C PHE B 154 -25.78 -68.51 44.47
N SER B 155 -25.57 -69.10 43.30
CA SER B 155 -26.09 -68.49 42.08
C SER B 155 -27.61 -68.51 42.04
N ASP B 156 -28.22 -69.47 42.72
CA ASP B 156 -29.68 -69.60 42.66
C ASP B 156 -30.39 -68.43 43.33
N VAL B 157 -29.95 -68.04 44.52
CA VAL B 157 -30.63 -66.98 45.25
C VAL B 157 -30.46 -65.67 44.50
N GLN B 158 -31.57 -64.96 44.31
CA GLN B 158 -31.59 -63.73 43.54
C GLN B 158 -31.28 -62.49 44.36
N PHE B 159 -31.19 -62.62 45.69
CA PHE B 159 -30.98 -61.45 46.53
C PHE B 159 -29.54 -60.98 46.47
N LYS B 160 -29.27 -59.88 47.14
CA LYS B 160 -27.94 -59.30 47.20
C LYS B 160 -27.28 -59.74 48.49
N MET B 161 -26.20 -60.53 48.37
CA MET B 161 -25.45 -61.02 49.51
C MET B 161 -24.14 -60.26 49.56
N SER B 162 -23.86 -59.62 50.70
CA SER B 162 -22.60 -58.92 50.87
C SER B 162 -21.45 -59.83 51.26
N HIS B 163 -21.71 -61.11 51.51
CA HIS B 163 -20.69 -62.03 51.97
C HIS B 163 -20.93 -63.40 51.35
N LYS B 164 -20.02 -63.82 50.49
CA LYS B 164 -20.07 -65.15 49.89
C LYS B 164 -19.28 -66.14 50.76
N ARG B 165 -19.66 -66.18 52.03
CA ARG B 165 -18.93 -66.99 52.99
C ARG B 165 -19.21 -68.47 52.78
N ILE B 166 -18.17 -69.29 52.91
CA ILE B 166 -18.27 -70.74 52.80
C ILE B 166 -17.63 -71.35 54.03
N MET B 167 -18.31 -72.30 54.64
CA MET B 167 -17.78 -72.99 55.80
C MET B 167 -17.81 -74.49 55.58
N LEU B 168 -16.76 -75.17 56.03
CA LEU B 168 -16.67 -76.62 55.97
C LEU B 168 -16.03 -77.13 57.25
N PHE B 169 -16.14 -78.44 57.46
CA PHE B 169 -15.62 -79.06 58.68
C PHE B 169 -14.85 -80.32 58.31
N THR B 170 -13.51 -80.23 58.40
CA THR B 170 -12.64 -81.37 58.15
C THR B 170 -11.27 -81.05 58.74
N ASN B 171 -10.44 -82.09 58.84
CA ASN B 171 -9.08 -81.94 59.32
C ASN B 171 -8.10 -82.73 58.47
N GLU B 172 -8.39 -82.89 57.18
CA GLU B 172 -7.50 -83.54 56.25
C GLU B 172 -7.32 -82.67 55.01
N ASP B 173 -6.12 -82.73 54.44
CA ASP B 173 -5.84 -82.06 53.18
C ASP B 173 -5.27 -83.00 52.13
N ASN B 174 -5.01 -84.23 52.49
CA ASN B 174 -4.32 -85.23 51.66
C ASN B 174 -5.20 -85.90 50.61
N PRO B 175 -6.44 -86.32 50.93
CA PRO B 175 -7.14 -87.23 50.00
C PRO B 175 -7.32 -86.66 48.60
N HIS B 176 -7.41 -85.35 48.46
CA HIS B 176 -7.46 -84.74 47.14
C HIS B 176 -6.12 -84.16 46.72
N GLY B 177 -5.21 -83.93 47.67
CA GLY B 177 -3.81 -83.82 47.32
C GLY B 177 -3.16 -85.16 47.02
N ASN B 178 -3.82 -86.25 47.39
CA ASN B 178 -3.33 -87.58 47.04
C ASN B 178 -3.30 -87.77 45.53
N ASP B 179 -4.34 -87.32 44.84
CA ASP B 179 -4.38 -87.32 43.39
C ASP B 179 -4.03 -85.92 42.91
N SER B 180 -2.95 -85.82 42.14
CA SER B 180 -2.51 -84.52 41.65
C SER B 180 -3.57 -83.88 40.75
N ALA B 181 -4.29 -84.68 39.98
CA ALA B 181 -5.38 -84.13 39.17
C ALA B 181 -6.47 -83.55 40.05
N LYS B 182 -6.83 -84.26 41.12
CA LYS B 182 -7.84 -83.73 42.05
C LYS B 182 -7.34 -82.45 42.71
N ALA B 183 -6.08 -82.43 43.12
CA ALA B 183 -5.51 -81.21 43.71
C ALA B 183 -5.57 -80.06 42.72
N SER B 184 -5.20 -80.33 41.47
CA SER B 184 -5.18 -79.28 40.46
C SER B 184 -6.56 -78.72 40.21
N ARG B 185 -7.55 -79.59 40.01
CA ARG B 185 -8.90 -79.10 39.77
C ARG B 185 -9.45 -78.37 40.98
N ALA B 186 -9.18 -78.87 42.18
CA ALA B 186 -9.67 -78.23 43.39
C ALA B 186 -9.10 -76.83 43.53
N ARG B 187 -7.79 -76.69 43.35
CA ARG B 187 -7.18 -75.37 43.48
C ARG B 187 -7.59 -74.44 42.34
N THR B 188 -7.81 -74.99 41.15
CA THR B 188 -8.30 -74.18 40.04
C THR B 188 -9.66 -73.60 40.36
N LYS B 189 -10.57 -74.45 40.86
CA LYS B 189 -11.89 -73.96 41.23
C LYS B 189 -11.84 -73.03 42.43
N ALA B 190 -10.87 -73.23 43.33
CA ALA B 190 -10.72 -72.33 44.47
C ALA B 190 -10.33 -70.93 44.00
N GLY B 191 -9.32 -70.85 43.13
CA GLY B 191 -8.99 -69.58 42.52
C GLY B 191 -10.16 -69.00 41.76
N ASP B 192 -10.93 -69.85 41.09
CA ASP B 192 -12.10 -69.40 40.35
C ASP B 192 -13.11 -68.73 41.28
N LEU B 193 -13.47 -69.41 42.36
CA LEU B 193 -14.47 -68.85 43.26
C LEU B 193 -13.94 -67.60 43.96
N ARG B 194 -12.63 -67.54 44.21
CA ARG B 194 -12.03 -66.31 44.68
C ARG B 194 -12.22 -65.20 43.67
N ASP B 195 -12.09 -65.53 42.38
CA ASP B 195 -12.34 -64.54 41.33
C ASP B 195 -13.77 -64.03 41.40
N THR B 196 -14.72 -64.92 41.60
CA THR B 196 -16.10 -64.55 41.84
C THR B 196 -16.34 -64.05 43.26
N GLY B 197 -15.26 -63.82 44.02
CA GLY B 197 -15.40 -63.24 45.34
C GLY B 197 -15.92 -64.16 46.41
N ILE B 198 -15.92 -65.46 46.18
CA ILE B 198 -16.39 -66.40 47.18
C ILE B 198 -15.34 -66.50 48.28
N PHE B 199 -15.79 -66.45 49.53
CA PHE B 199 -14.91 -66.62 50.67
C PHE B 199 -15.21 -67.93 51.38
N LEU B 200 -14.15 -68.59 51.83
CA LEU B 200 -14.25 -69.88 52.50
C LEU B 200 -13.39 -69.89 53.75
N ASP B 201 -13.76 -70.76 54.69
CA ASP B 201 -12.98 -70.92 55.91
C ASP B 201 -13.21 -72.31 56.48
N LEU B 202 -12.19 -72.82 57.16
CA LEU B 202 -12.22 -74.13 57.78
C LEU B 202 -11.74 -74.03 59.22
N MET B 203 -12.46 -74.67 60.13
CA MET B 203 -12.02 -74.79 61.51
C MET B 203 -11.18 -76.05 61.65
N HIS B 204 -10.16 -75.98 62.51
CA HIS B 204 -9.33 -77.14 62.76
C HIS B 204 -10.12 -78.19 63.53
N LEU B 205 -10.11 -79.42 63.03
CA LEU B 205 -10.82 -80.51 63.67
C LEU B 205 -9.81 -81.47 64.31
N LYS B 206 -10.30 -82.24 65.28
CA LYS B 206 -9.42 -83.05 66.11
C LYS B 206 -8.99 -84.29 65.33
N LYS B 207 -7.71 -84.34 64.97
CA LYS B 207 -7.13 -85.46 64.25
C LYS B 207 -5.86 -85.90 64.95
N PRO B 208 -5.52 -87.20 64.87
CA PRO B 208 -4.16 -87.60 65.27
C PRO B 208 -3.08 -86.94 64.42
N GLY B 209 -3.32 -86.81 63.12
CA GLY B 209 -2.32 -86.26 62.23
C GLY B 209 -2.53 -84.79 61.93
N GLY B 210 -3.74 -84.42 61.54
CA GLY B 210 -4.08 -83.05 61.27
C GLY B 210 -4.22 -82.76 59.79
N PHE B 211 -4.68 -81.54 59.51
CA PHE B 211 -4.89 -81.07 58.15
C PHE B 211 -3.63 -80.49 57.52
N ASP B 212 -2.49 -80.55 58.20
CA ASP B 212 -1.20 -80.31 57.57
C ASP B 212 -1.13 -78.91 56.97
N ILE B 213 -1.07 -77.92 57.87
CA ILE B 213 -1.00 -76.52 57.50
C ILE B 213 -0.06 -76.31 56.33
N SER B 214 -0.53 -75.59 55.32
CA SER B 214 0.29 -75.18 54.19
C SER B 214 0.86 -76.36 53.40
N LEU B 215 0.51 -77.59 53.78
CA LEU B 215 0.83 -78.72 52.92
C LEU B 215 -0.06 -78.73 51.70
N PHE B 216 -1.35 -78.52 51.90
CA PHE B 216 -2.31 -78.48 50.81
C PHE B 216 -3.29 -77.32 50.93
N TYR B 217 -3.37 -76.67 52.09
CA TYR B 217 -4.24 -75.51 52.29
C TYR B 217 -3.40 -74.36 52.83
N ARG B 218 -2.79 -73.63 51.90
CA ARG B 218 -2.25 -72.29 52.16
C ARG B 218 -2.51 -71.33 51.02
N ASP B 219 -2.83 -71.82 49.83
CA ASP B 219 -3.25 -71.03 48.69
C ASP B 219 -4.65 -71.37 48.24
N ILE B 220 -5.05 -72.64 48.35
CA ILE B 220 -6.41 -73.04 48.04
C ILE B 220 -7.39 -72.33 48.96
N ILE B 221 -6.96 -72.03 50.18
CA ILE B 221 -7.79 -71.31 51.15
C ILE B 221 -7.51 -69.82 51.01
N SER B 222 -8.58 -69.03 50.89
CA SER B 222 -8.47 -67.58 50.77
C SER B 222 -8.22 -67.02 52.16
N ILE B 223 -6.95 -66.80 52.47
CA ILE B 223 -6.53 -66.38 53.79
C ILE B 223 -5.66 -65.12 53.67
N ALA B 224 -5.88 -64.18 54.58
CA ALA B 224 -5.03 -63.00 54.72
C ALA B 224 -4.25 -63.00 56.02
N GLU B 225 -4.19 -64.14 56.71
CA GLU B 225 -3.55 -64.27 58.01
C GLU B 225 -2.59 -65.46 57.96
N ASP B 226 -1.89 -65.69 59.07
CA ASP B 226 -0.93 -66.78 59.15
C ASP B 226 -1.07 -67.50 60.48
N GLU B 227 -1.10 -68.84 60.42
CA GLU B 227 -1.05 -69.68 61.61
C GLU B 227 -0.12 -70.87 61.37
N ASP B 228 0.94 -70.65 60.60
CA ASP B 228 1.86 -71.74 60.25
C ASP B 228 2.80 -72.00 61.41
N LEU B 229 2.22 -72.51 62.50
CA LEU B 229 2.95 -72.86 63.70
C LEU B 229 2.75 -74.29 64.15
N ARG B 230 1.78 -75.00 63.57
CA ARG B 230 1.45 -76.36 63.97
C ARG B 230 0.49 -76.93 62.93
N VAL B 231 0.71 -78.18 62.54
CA VAL B 231 -0.24 -78.83 61.64
C VAL B 231 -1.63 -78.87 62.26
N HIS B 232 -1.73 -78.62 63.56
CA HIS B 232 -2.99 -78.51 64.26
C HIS B 232 -3.82 -79.78 64.10
N PHE B 233 -3.17 -80.91 64.40
CA PHE B 233 -3.91 -82.16 64.56
C PHE B 233 -4.97 -82.01 65.64
N GLU B 234 -4.62 -81.34 66.73
CA GLU B 234 -5.62 -80.88 67.69
C GLU B 234 -6.45 -79.77 67.06
N GLU B 235 -7.69 -79.63 67.51
CA GLU B 235 -8.51 -78.52 67.05
C GLU B 235 -7.93 -77.21 67.58
N SER B 236 -7.87 -76.20 66.72
CA SER B 236 -7.36 -74.90 67.12
C SER B 236 -8.04 -73.86 66.23
N SER B 237 -9.11 -73.25 66.73
CA SER B 237 -9.95 -72.41 65.91
C SER B 237 -10.85 -71.57 66.80
N LYS B 238 -11.69 -70.76 66.17
CA LYS B 238 -12.64 -69.90 66.87
C LYS B 238 -13.93 -70.61 67.22
N LEU B 239 -13.91 -71.95 67.23
CA LEU B 239 -15.13 -72.73 67.44
C LEU B 239 -15.85 -72.32 68.71
N GLU B 240 -15.11 -71.90 69.73
CA GLU B 240 -15.71 -71.45 70.97
C GLU B 240 -16.73 -70.35 70.70
N ASP B 241 -16.31 -69.30 69.99
CA ASP B 241 -17.23 -68.25 69.62
C ASP B 241 -18.34 -68.81 68.74
N LEU B 242 -17.99 -69.75 67.87
CA LEU B 242 -19.01 -70.41 67.06
C LEU B 242 -19.97 -71.22 67.91
N LEU B 243 -19.47 -71.87 68.96
CA LEU B 243 -20.35 -72.62 69.84
C LEU B 243 -20.97 -71.75 70.93
N ARG B 244 -20.44 -70.55 71.14
CA ARG B 244 -21.07 -69.61 72.06
C ARG B 244 -22.26 -68.94 71.40
N LYS B 245 -23.22 -68.53 72.23
CA LYS B 245 -24.45 -67.93 71.75
C LYS B 245 -24.56 -66.52 72.30
N VAL B 246 -24.60 -65.55 71.40
CA VAL B 246 -24.85 -64.16 71.75
C VAL B 246 -26.36 -63.95 71.78
N ARG B 247 -26.81 -63.07 72.67
CA ARG B 247 -28.24 -62.83 72.85
C ARG B 247 -28.66 -61.47 72.32
N ALA B 248 -27.86 -60.85 71.46
CA ALA B 248 -28.16 -59.53 70.91
C ALA B 248 -28.76 -59.63 69.52
N LYS B 249 -29.54 -58.61 69.16
CA LYS B 249 -30.13 -58.52 67.83
C LYS B 249 -29.14 -57.95 66.81
N GLU B 250 -28.23 -57.08 67.26
CA GLU B 250 -27.27 -56.34 66.41
C GLU B 250 -27.88 -55.97 65.05
N THR B 251 -28.85 -55.07 65.11
CA THR B 251 -29.42 -54.51 63.90
C THR B 251 -28.36 -53.77 63.09
N ARG B 252 -28.66 -53.55 61.82
CA ARG B 252 -27.72 -52.90 60.93
C ARG B 252 -27.57 -51.42 61.29
N LYS B 253 -26.75 -50.71 60.53
CA LYS B 253 -26.56 -49.28 60.70
C LYS B 253 -27.55 -48.54 59.81
N ARG B 254 -28.42 -47.74 60.42
CA ARG B 254 -29.35 -46.90 59.69
C ARG B 254 -29.21 -45.45 60.15
N ALA B 255 -29.36 -44.54 59.21
CA ALA B 255 -29.43 -43.12 59.54
C ALA B 255 -30.76 -42.85 60.21
N LEU B 256 -30.72 -42.65 61.54
CA LEU B 256 -31.96 -42.36 62.27
C LEU B 256 -32.62 -41.10 61.73
N SER B 257 -31.83 -40.13 61.28
CA SER B 257 -32.35 -38.94 60.61
C SER B 257 -31.20 -38.24 59.91
N ARG B 258 -31.54 -37.51 58.85
CA ARG B 258 -30.60 -36.64 58.14
C ARG B 258 -30.95 -35.18 58.39
N LEU B 259 -31.43 -34.87 59.59
CA LEU B 259 -32.06 -33.58 59.84
C LEU B 259 -31.03 -32.45 59.75
N LYS B 260 -31.54 -31.25 59.48
CA LYS B 260 -30.71 -30.10 59.13
C LYS B 260 -30.48 -29.16 60.31
N LEU B 261 -29.30 -28.56 60.34
CA LEU B 261 -28.96 -27.50 61.27
C LEU B 261 -29.25 -26.14 60.63
N LYS B 262 -30.05 -25.33 61.31
CA LYS B 262 -30.32 -23.97 60.85
C LYS B 262 -29.33 -23.07 61.57
N LEU B 263 -28.16 -22.91 60.97
CA LEU B 263 -27.08 -22.17 61.64
C LEU B 263 -27.47 -20.72 61.84
N ASN B 264 -27.68 -20.00 60.73
CA ASN B 264 -28.01 -18.59 60.74
C ASN B 264 -29.30 -18.32 59.97
N LYS B 265 -30.10 -19.36 59.74
CA LYS B 265 -31.32 -19.35 58.94
C LYS B 265 -31.03 -19.14 57.46
N ASP B 266 -29.77 -18.96 57.09
CA ASP B 266 -29.34 -18.95 55.69
C ASP B 266 -28.42 -20.12 55.40
N ILE B 267 -27.38 -20.31 56.21
CA ILE B 267 -26.50 -21.46 56.07
C ILE B 267 -27.13 -22.62 56.84
N VAL B 268 -27.40 -23.71 56.13
CA VAL B 268 -28.05 -24.88 56.71
C VAL B 268 -27.27 -26.12 56.30
N ILE B 269 -27.03 -27.02 57.25
CA ILE B 269 -26.16 -28.16 57.06
C ILE B 269 -26.93 -29.46 57.22
N SER B 270 -26.54 -30.46 56.43
CA SER B 270 -27.08 -31.81 56.53
C SER B 270 -26.13 -32.66 57.37
N VAL B 271 -26.69 -33.36 58.36
CA VAL B 271 -25.91 -34.19 59.26
C VAL B 271 -26.72 -35.44 59.60
N GLY B 272 -26.01 -36.54 59.84
CA GLY B 272 -26.64 -37.80 60.20
C GLY B 272 -26.86 -37.91 61.70
N ILE B 273 -27.97 -38.55 62.07
CA ILE B 273 -28.38 -38.70 63.45
C ILE B 273 -28.30 -40.18 63.82
N TYR B 274 -27.64 -40.48 64.94
CA TYR B 274 -27.46 -41.86 65.36
C TYR B 274 -27.35 -41.92 66.88
N ASN B 275 -27.58 -43.13 67.39
CA ASN B 275 -27.22 -43.48 68.76
C ASN B 275 -26.38 -44.74 68.71
N LEU B 276 -25.38 -44.81 69.58
CA LEU B 276 -24.56 -46.00 69.70
C LEU B 276 -25.12 -46.99 70.70
N VAL B 277 -26.31 -46.71 71.23
CA VAL B 277 -26.94 -47.54 72.25
C VAL B 277 -28.45 -47.31 72.17
N GLN B 278 -29.20 -48.40 72.29
CA GLN B 278 -30.65 -48.34 72.22
C GLN B 278 -31.24 -49.23 73.29
N LYS B 279 -32.16 -48.68 74.08
CA LYS B 279 -32.83 -49.47 75.10
C LYS B 279 -33.57 -50.64 74.45
N ALA B 280 -33.40 -51.82 75.02
CA ALA B 280 -33.94 -53.04 74.43
C ALA B 280 -35.46 -53.09 74.64
N LEU B 281 -36.04 -54.22 74.24
CA LEU B 281 -37.49 -54.39 74.23
C LEU B 281 -37.78 -55.89 74.15
N LYS B 282 -39.06 -56.22 73.98
CA LYS B 282 -39.46 -57.60 73.78
C LYS B 282 -40.20 -57.75 72.47
N PRO B 283 -40.08 -58.90 71.80
CA PRO B 283 -40.80 -59.12 70.56
C PRO B 283 -42.30 -58.96 70.77
N PRO B 284 -43.01 -58.42 69.80
CA PRO B 284 -44.44 -58.17 69.97
C PRO B 284 -45.18 -59.46 70.24
N PRO B 285 -46.17 -59.43 71.12
CA PRO B 285 -46.98 -60.63 71.34
C PRO B 285 -47.90 -60.90 70.17
N ILE B 286 -47.58 -61.90 69.36
CA ILE B 286 -48.41 -62.23 68.20
C ILE B 286 -49.63 -62.97 68.70
N LYS B 287 -50.75 -62.26 68.79
CA LYS B 287 -52.01 -62.90 69.17
C LYS B 287 -52.45 -63.83 68.04
N LEU B 288 -52.61 -65.10 68.36
CA LEU B 288 -52.92 -66.13 67.37
C LEU B 288 -54.05 -67.01 67.86
N TYR B 289 -54.84 -67.50 66.90
CA TYR B 289 -56.08 -68.20 67.22
C TYR B 289 -55.80 -69.54 67.87
N ARG B 290 -56.75 -70.00 68.69
CA ARG B 290 -56.51 -71.15 69.55
C ARG B 290 -56.25 -72.41 68.74
N GLU B 291 -57.27 -72.92 68.05
CA GLU B 291 -57.17 -74.23 67.42
C GLU B 291 -56.54 -74.17 66.03
N THR B 292 -55.91 -73.06 65.68
CA THR B 292 -55.18 -72.97 64.43
C THR B 292 -53.77 -72.40 64.59
N ASN B 293 -53.43 -71.82 65.74
CA ASN B 293 -52.20 -71.07 65.95
C ASN B 293 -52.05 -69.92 64.97
N GLU B 294 -53.11 -69.59 64.24
CA GLU B 294 -53.02 -68.60 63.19
C GLU B 294 -53.28 -67.23 63.77
N PRO B 295 -52.36 -66.27 63.61
CA PRO B 295 -52.64 -64.90 64.04
C PRO B 295 -53.90 -64.38 63.37
N VAL B 296 -54.79 -63.82 64.17
CA VAL B 296 -56.07 -63.35 63.67
C VAL B 296 -55.97 -61.88 63.29
N LYS B 297 -56.34 -61.57 62.05
CA LYS B 297 -56.52 -60.18 61.68
C LYS B 297 -57.59 -59.57 62.57
N THR B 298 -57.25 -58.45 63.21
CA THR B 298 -58.11 -57.88 64.24
C THR B 298 -58.38 -56.42 63.92
N LYS B 299 -59.65 -56.04 63.93
CA LYS B 299 -60.07 -54.66 63.72
C LYS B 299 -60.79 -54.17 64.96
N THR B 300 -60.28 -53.11 65.56
CA THR B 300 -60.88 -52.49 66.73
C THR B 300 -61.29 -51.07 66.38
N ARG B 301 -62.54 -50.72 66.69
CA ARG B 301 -63.06 -49.42 66.34
C ARG B 301 -64.10 -49.00 67.37
N THR B 302 -64.36 -47.71 67.44
CA THR B 302 -65.43 -47.20 68.28
C THR B 302 -66.74 -47.21 67.52
N PHE B 303 -67.83 -46.96 68.25
CA PHE B 303 -69.16 -46.98 67.66
C PHE B 303 -70.10 -46.20 68.54
N ASN B 304 -71.23 -45.80 67.95
CA ASN B 304 -72.25 -45.05 68.67
C ASN B 304 -72.85 -45.96 69.73
N THR B 305 -72.44 -45.77 70.99
CA THR B 305 -72.95 -46.59 72.06
C THR B 305 -74.38 -46.23 72.43
N SER B 306 -74.79 -44.98 72.15
CA SER B 306 -76.14 -44.56 72.51
C SER B 306 -77.20 -45.31 71.71
N THR B 307 -76.92 -45.59 70.44
CA THR B 307 -77.88 -46.27 69.59
C THR B 307 -77.40 -47.62 69.09
N GLY B 308 -76.18 -48.02 69.45
CA GLY B 308 -75.59 -49.20 68.85
C GLY B 308 -75.04 -48.98 67.47
N GLY B 309 -75.14 -47.76 66.95
CA GLY B 309 -74.66 -47.46 65.62
C GLY B 309 -73.16 -47.36 65.56
N LEU B 310 -72.65 -47.14 64.36
CA LEU B 310 -71.23 -47.07 64.10
C LEU B 310 -70.82 -45.62 63.88
N LEU B 311 -69.72 -45.22 64.52
CA LEU B 311 -69.31 -43.83 64.52
C LEU B 311 -68.57 -43.48 63.24
N LEU B 312 -68.18 -42.21 63.13
CA LEU B 312 -67.45 -41.66 62.01
C LEU B 312 -66.22 -40.94 62.54
N PRO B 313 -65.17 -40.80 61.73
CA PRO B 313 -64.02 -39.99 62.19
C PRO B 313 -64.40 -38.56 62.48
N SER B 314 -65.38 -38.02 61.76
CA SER B 314 -65.89 -36.70 62.08
C SER B 314 -66.60 -36.68 63.43
N ASP B 315 -67.21 -37.81 63.82
CA ASP B 315 -67.90 -37.87 65.09
C ASP B 315 -66.95 -37.63 66.26
N THR B 316 -65.67 -37.94 66.07
CA THR B 316 -64.68 -37.73 67.11
C THR B 316 -64.53 -36.26 67.43
N LYS B 317 -64.74 -35.90 68.69
CA LYS B 317 -64.53 -34.53 69.14
C LYS B 317 -63.67 -34.54 70.40
N ARG B 318 -62.50 -33.91 70.28
CA ARG B 318 -61.52 -33.88 71.34
C ARG B 318 -61.96 -32.92 72.43
N SER B 319 -61.85 -33.33 73.69
CA SER B 319 -62.45 -32.57 74.76
C SER B 319 -61.62 -32.69 76.02
N GLN B 320 -61.67 -31.64 76.84
CA GLN B 320 -61.01 -31.64 78.13
C GLN B 320 -61.81 -30.77 79.08
N ILE B 321 -62.20 -31.32 80.22
CA ILE B 321 -63.06 -30.62 81.16
C ILE B 321 -62.20 -29.93 82.21
N TYR B 322 -62.42 -28.63 82.39
CA TYR B 322 -61.75 -27.85 83.42
C TYR B 322 -62.81 -27.14 84.23
N GLY B 323 -62.98 -27.56 85.49
CA GLY B 323 -63.95 -26.95 86.36
C GLY B 323 -65.35 -26.93 85.76
N SER B 324 -65.83 -25.75 85.40
CA SER B 324 -67.17 -25.62 84.84
C SER B 324 -67.20 -26.03 83.37
N ARG B 325 -66.46 -25.31 82.52
CA ARG B 325 -66.56 -25.51 81.09
C ARG B 325 -65.71 -26.68 80.64
N GLN B 326 -66.29 -27.55 79.81
CA GLN B 326 -65.52 -28.51 79.04
C GLN B 326 -65.18 -27.87 77.70
N ILE B 327 -63.91 -27.95 77.31
CA ILE B 327 -63.38 -27.24 76.15
C ILE B 327 -63.16 -28.26 75.05
N ILE B 328 -63.60 -27.93 73.84
CA ILE B 328 -63.61 -28.83 72.70
C ILE B 328 -62.60 -28.36 71.67
N LEU B 329 -61.73 -29.28 71.25
CA LEU B 329 -60.75 -29.03 70.22
C LEU B 329 -60.71 -30.20 69.24
N GLU B 330 -60.02 -29.96 68.12
CA GLU B 330 -59.91 -30.87 67.00
C GLU B 330 -58.49 -31.40 66.88
N LYS B 331 -58.24 -32.20 65.83
CA LYS B 331 -56.95 -32.83 65.62
C LYS B 331 -55.91 -31.84 65.15
N GLU B 332 -56.15 -31.21 64.00
CA GLU B 332 -55.21 -30.20 63.51
C GLU B 332 -55.08 -29.06 64.49
N GLU B 333 -56.14 -28.77 65.26
CA GLU B 333 -55.99 -27.87 66.38
C GLU B 333 -55.04 -28.45 67.41
N THR B 334 -55.16 -29.75 67.69
CA THR B 334 -54.31 -30.39 68.68
C THR B 334 -52.86 -30.47 68.25
N GLU B 335 -52.58 -30.32 66.95
CA GLU B 335 -51.20 -30.35 66.48
C GLU B 335 -50.62 -28.97 66.22
N GLU B 336 -51.46 -27.99 65.87
CA GLU B 336 -50.95 -26.63 65.70
C GLU B 336 -50.48 -26.06 67.04
N LEU B 337 -51.19 -26.37 68.11
CA LEU B 337 -50.68 -26.05 69.44
C LEU B 337 -49.38 -26.81 69.71
N LYS B 338 -49.24 -28.01 69.15
CA LYS B 338 -47.97 -28.71 69.18
C LYS B 338 -47.02 -28.24 68.09
N ARG B 339 -47.53 -27.51 67.10
CA ARG B 339 -46.70 -27.00 66.03
C ARG B 339 -45.99 -25.73 66.48
N PHE B 340 -44.68 -25.73 66.44
CA PHE B 340 -43.88 -24.57 66.79
C PHE B 340 -42.95 -24.14 65.67
N ASP B 341 -42.37 -25.09 64.95
CA ASP B 341 -41.35 -24.80 63.95
C ASP B 341 -41.07 -26.09 63.19
N ASP B 342 -40.36 -25.96 62.07
CA ASP B 342 -40.07 -27.10 61.22
C ASP B 342 -39.10 -28.04 61.93
N PRO B 343 -39.11 -29.33 61.56
CA PRO B 343 -38.09 -30.25 62.08
C PRO B 343 -36.71 -29.73 61.70
N GLY B 344 -35.87 -29.52 62.71
CA GLY B 344 -34.54 -29.04 62.42
C GLY B 344 -33.78 -28.72 63.69
N LEU B 345 -32.55 -28.26 63.46
CA LEU B 345 -31.62 -27.83 64.49
C LEU B 345 -31.43 -26.32 64.35
N MET B 346 -31.59 -25.60 65.46
CA MET B 346 -31.44 -24.15 65.46
C MET B 346 -30.34 -23.79 66.45
N LEU B 347 -29.19 -23.37 65.93
CA LEU B 347 -28.04 -23.07 66.78
C LEU B 347 -28.35 -21.88 67.69
N MET B 348 -28.17 -22.07 68.99
CA MET B 348 -28.45 -21.03 69.97
C MET B 348 -27.21 -20.32 70.50
N GLY B 349 -26.03 -20.91 70.36
CA GLY B 349 -24.81 -20.24 70.75
C GLY B 349 -23.80 -21.23 71.29
N PHE B 350 -22.80 -20.70 72.00
CA PHE B 350 -21.71 -21.49 72.55
C PHE B 350 -21.75 -21.45 74.07
N LYS B 351 -21.35 -22.57 74.68
CA LYS B 351 -21.38 -22.68 76.12
C LYS B 351 -20.24 -23.59 76.55
N PRO B 352 -19.45 -23.18 77.54
CA PRO B 352 -18.36 -24.04 78.01
C PRO B 352 -18.88 -25.39 78.45
N LEU B 353 -18.10 -26.43 78.15
CA LEU B 353 -18.48 -27.79 78.52
C LEU B 353 -18.64 -27.93 80.02
N VAL B 354 -17.84 -27.19 80.79
CA VAL B 354 -17.90 -27.27 82.25
C VAL B 354 -19.20 -26.69 82.79
N LEU B 355 -19.90 -25.88 82.01
CA LEU B 355 -21.10 -25.23 82.50
C LEU B 355 -22.32 -26.15 82.53
N LEU B 356 -22.11 -27.46 82.41
CA LEU B 356 -23.18 -28.43 82.56
C LEU B 356 -22.77 -29.46 83.61
N LYS B 357 -23.65 -29.70 84.58
CA LYS B 357 -23.42 -30.70 85.61
C LYS B 357 -24.20 -31.96 85.27
N LYS B 358 -23.56 -33.12 85.49
CA LYS B 358 -24.11 -34.39 85.02
C LYS B 358 -25.45 -34.71 85.66
N HIS B 359 -25.76 -34.14 86.83
CA HIS B 359 -27.07 -34.38 87.42
C HIS B 359 -28.17 -33.67 86.65
N HIS B 360 -27.84 -32.79 85.71
CA HIS B 360 -28.82 -32.29 84.74
C HIS B 360 -28.98 -33.26 83.57
N TYR B 361 -29.28 -34.51 83.90
CA TYR B 361 -29.40 -35.55 82.89
C TYR B 361 -30.86 -35.69 82.46
N LEU B 362 -31.05 -36.17 81.24
CA LEU B 362 -32.38 -36.29 80.64
C LEU B 362 -32.41 -37.64 79.93
N ARG B 363 -33.37 -37.82 79.01
CA ARG B 363 -33.47 -39.03 78.23
C ARG B 363 -32.11 -39.37 77.63
N PRO B 364 -31.83 -40.65 77.35
CA PRO B 364 -30.46 -41.04 77.01
C PRO B 364 -29.91 -40.23 75.84
N SER B 365 -28.63 -39.88 75.95
CA SER B 365 -28.01 -38.97 75.02
C SER B 365 -27.94 -39.58 73.62
N LEU B 366 -27.86 -38.71 72.63
CA LEU B 366 -27.78 -39.10 71.23
C LEU B 366 -26.43 -38.67 70.65
N PHE B 367 -26.31 -38.81 69.34
CA PHE B 367 -25.08 -38.45 68.65
C PHE B 367 -25.42 -37.98 67.25
N VAL B 368 -24.61 -37.07 66.72
CA VAL B 368 -24.80 -36.54 65.38
C VAL B 368 -23.50 -36.69 64.60
N TYR B 369 -23.60 -37.23 63.39
CA TYR B 369 -22.45 -37.34 62.52
C TYR B 369 -22.60 -36.42 61.32
N PRO B 370 -21.51 -35.81 60.86
CA PRO B 370 -21.57 -35.00 59.64
C PRO B 370 -21.94 -35.86 58.43
N GLU B 371 -22.60 -35.23 57.47
CA GLU B 371 -22.93 -35.90 56.23
C GLU B 371 -22.91 -34.88 55.10
N GLU B 372 -22.67 -35.37 53.88
CA GLU B 372 -22.80 -34.56 52.68
C GLU B 372 -23.68 -35.35 51.71
N SER B 373 -24.99 -35.22 51.89
CA SER B 373 -25.97 -35.75 50.97
C SER B 373 -26.63 -34.67 50.15
N LEU B 374 -26.98 -33.54 50.79
CA LEU B 374 -27.39 -32.34 50.09
C LEU B 374 -26.37 -31.22 50.29
N VAL B 375 -26.07 -30.89 51.55
CA VAL B 375 -25.13 -29.82 51.85
C VAL B 375 -23.72 -30.37 51.74
N ILE B 376 -23.11 -30.19 50.58
CA ILE B 376 -21.77 -30.73 50.32
C ILE B 376 -20.74 -29.67 50.69
N GLY B 377 -19.63 -30.11 51.26
CA GLY B 377 -18.70 -29.23 51.90
C GLY B 377 -18.98 -29.01 53.37
N SER B 378 -20.17 -29.44 53.83
CA SER B 378 -20.56 -29.25 55.21
C SER B 378 -19.69 -30.06 56.17
N SER B 379 -19.17 -31.20 55.70
CA SER B 379 -18.27 -31.98 56.54
C SER B 379 -16.99 -31.21 56.86
N THR B 380 -16.52 -30.39 55.92
CA THR B 380 -15.39 -29.51 56.19
C THR B 380 -15.70 -28.59 57.36
N LEU B 381 -16.90 -28.00 57.34
CA LEU B 381 -17.32 -27.13 58.42
C LEU B 381 -17.40 -27.90 59.73
N PHE B 382 -17.92 -29.13 59.67
CA PHE B 382 -18.05 -29.96 60.86
C PHE B 382 -16.69 -30.23 61.48
N SER B 383 -15.71 -30.59 60.63
CA SER B 383 -14.36 -30.82 61.13
C SER B 383 -13.77 -29.56 61.74
N ALA B 384 -13.93 -28.42 61.06
CA ALA B 384 -13.38 -27.17 61.57
C ALA B 384 -13.95 -26.84 62.94
N LEU B 385 -15.28 -26.91 63.05
CA LEU B 385 -15.92 -26.54 64.31
C LEU B 385 -15.62 -27.55 65.40
N LEU B 386 -15.57 -28.84 65.05
CA LEU B 386 -15.15 -29.85 66.00
C LEU B 386 -13.80 -29.51 66.61
N ILE B 387 -12.81 -29.27 65.74
CA ILE B 387 -11.48 -28.97 66.22
C ILE B 387 -11.47 -27.70 67.06
N LYS B 388 -12.15 -26.66 66.57
CA LYS B 388 -12.11 -25.37 67.24
C LYS B 388 -12.74 -25.44 68.63
N CYS B 389 -13.95 -25.98 68.72
CA CYS B 389 -14.61 -26.06 70.02
C CYS B 389 -13.96 -27.09 70.92
N LEU B 390 -13.22 -28.05 70.36
CA LEU B 390 -12.35 -28.88 71.20
C LEU B 390 -11.26 -28.03 71.82
N GLU B 391 -10.63 -27.17 71.01
CA GLU B 391 -9.70 -26.19 71.57
C GLU B 391 -10.44 -25.19 72.46
N LYS B 392 -11.62 -24.75 72.02
CA LYS B 392 -12.42 -23.84 72.83
C LYS B 392 -12.94 -24.49 74.10
N GLU B 393 -13.11 -25.81 74.11
CA GLU B 393 -13.66 -26.55 75.24
C GLU B 393 -15.04 -25.99 75.59
N VAL B 394 -15.87 -25.81 74.56
CA VAL B 394 -17.23 -25.32 74.73
C VAL B 394 -18.17 -26.24 73.99
N ALA B 395 -19.43 -26.25 74.45
CA ALA B 395 -20.47 -27.05 73.82
C ALA B 395 -21.29 -26.18 72.87
N ALA B 396 -21.98 -26.85 71.96
CA ALA B 396 -22.82 -26.18 70.97
C ALA B 396 -24.27 -26.24 71.47
N LEU B 397 -24.76 -25.12 71.99
CA LEU B 397 -26.14 -25.04 72.44
C LEU B 397 -27.04 -24.75 71.25
N CYS B 398 -28.10 -25.55 71.11
CA CYS B 398 -28.94 -25.49 69.94
C CYS B 398 -30.40 -25.61 70.34
N ARG B 399 -31.27 -25.23 69.42
CA ARG B 399 -32.71 -25.39 69.56
C ARG B 399 -33.16 -26.46 68.57
N TYR B 400 -33.77 -27.52 69.08
CA TYR B 400 -34.01 -28.74 68.31
C TYR B 400 -35.49 -29.06 68.19
N THR B 401 -35.95 -29.18 66.95
CA THR B 401 -37.27 -29.72 66.64
C THR B 401 -37.10 -31.03 65.88
N PRO B 402 -37.49 -32.16 66.45
CA PRO B 402 -37.27 -33.45 65.76
C PRO B 402 -38.09 -33.58 64.50
N ARG B 403 -39.39 -33.34 64.62
CA ARG B 403 -40.35 -33.75 63.61
C ARG B 403 -41.44 -32.69 63.53
N ARG B 404 -42.35 -32.86 62.57
CA ARG B 404 -43.44 -31.91 62.36
C ARG B 404 -44.31 -31.82 63.61
N ASN B 405 -44.81 -30.61 63.88
CA ASN B 405 -45.72 -30.35 64.99
C ASN B 405 -45.09 -30.78 66.31
N ILE B 406 -43.78 -30.57 66.45
CA ILE B 406 -43.09 -30.90 67.69
C ILE B 406 -42.49 -29.62 68.24
N PRO B 407 -42.63 -29.35 69.53
CA PRO B 407 -42.00 -28.17 70.13
C PRO B 407 -40.48 -28.27 70.06
N PRO B 408 -39.77 -27.15 70.08
CA PRO B 408 -38.31 -27.20 70.13
C PRO B 408 -37.79 -27.22 71.56
N TYR B 409 -36.57 -27.73 71.71
CA TYR B 409 -36.01 -27.92 73.03
C TYR B 409 -34.55 -27.51 73.04
N PHE B 410 -34.06 -27.19 74.24
CA PHE B 410 -32.66 -26.86 74.42
C PHE B 410 -31.82 -28.13 74.37
N VAL B 411 -30.79 -28.12 73.52
CA VAL B 411 -29.91 -29.28 73.36
C VAL B 411 -28.47 -28.78 73.31
N ALA B 412 -27.57 -29.55 73.90
CA ALA B 412 -26.15 -29.24 73.90
C ALA B 412 -25.40 -30.29 73.09
N LEU B 413 -24.43 -29.83 72.30
CA LEU B 413 -23.63 -30.71 71.45
C LEU B 413 -22.20 -30.70 71.96
N VAL B 414 -21.85 -31.68 72.77
CA VAL B 414 -20.46 -31.84 73.19
C VAL B 414 -19.67 -32.45 72.04
N PRO B 415 -18.53 -31.87 71.68
CA PRO B 415 -17.70 -32.47 70.62
C PRO B 415 -17.01 -33.74 71.07
N GLN B 416 -17.49 -34.89 70.62
CA GLN B 416 -16.83 -36.14 70.93
C GLN B 416 -15.73 -36.40 69.91
N GLU B 417 -14.54 -36.73 70.40
CA GLU B 417 -13.39 -36.92 69.53
C GLU B 417 -13.32 -38.38 69.06
N GLU B 418 -12.94 -38.55 67.81
CA GLU B 418 -12.69 -39.89 67.28
C GLU B 418 -11.58 -40.56 68.05
N GLU B 419 -11.93 -41.57 68.84
CA GLU B 419 -10.96 -42.29 69.66
C GLU B 419 -10.67 -43.64 69.02
N LEU B 420 -9.40 -43.99 68.94
CA LEU B 420 -8.95 -45.21 68.30
C LEU B 420 -8.29 -46.12 69.33
N ASP B 421 -7.71 -47.21 68.85
CA ASP B 421 -7.06 -48.19 69.71
C ASP B 421 -5.80 -48.66 68.99
N ASP B 422 -5.23 -49.76 69.48
CA ASP B 422 -4.08 -50.37 68.82
C ASP B 422 -4.41 -50.73 67.39
N GLN B 423 -5.65 -51.15 67.14
CA GLN B 423 -6.11 -51.45 65.79
C GLN B 423 -6.70 -50.23 65.09
N LYS B 424 -6.64 -49.06 65.73
CA LYS B 424 -7.14 -47.81 65.18
C LYS B 424 -8.63 -47.88 64.90
N ILE B 425 -9.34 -48.71 65.66
CA ILE B 425 -10.78 -48.83 65.53
C ILE B 425 -11.45 -47.72 66.31
N GLN B 426 -12.53 -47.18 65.74
CA GLN B 426 -13.22 -46.03 66.32
C GLN B 426 -13.96 -46.51 67.56
N VAL B 427 -13.21 -46.69 68.65
CA VAL B 427 -13.85 -46.94 69.94
C VAL B 427 -14.75 -45.77 70.31
N THR B 428 -14.41 -44.57 69.81
CA THR B 428 -15.32 -43.45 69.76
C THR B 428 -15.21 -42.86 68.36
N PRO B 429 -16.31 -42.74 67.63
CA PRO B 429 -16.26 -42.09 66.32
C PRO B 429 -16.18 -40.59 66.47
N PRO B 430 -15.81 -39.87 65.40
CA PRO B 430 -15.86 -38.40 65.46
C PRO B 430 -17.29 -37.91 65.37
N GLY B 431 -17.48 -36.62 65.65
CA GLY B 431 -18.79 -36.01 65.61
C GLY B 431 -19.11 -35.35 66.93
N PHE B 432 -20.41 -35.21 67.19
CA PHE B 432 -20.88 -34.54 68.40
C PHE B 432 -21.90 -35.43 69.10
N GLN B 433 -21.59 -35.80 70.34
CA GLN B 433 -22.56 -36.47 71.19
C GLN B 433 -23.68 -35.49 71.53
N LEU B 434 -24.92 -35.94 71.35
CA LEU B 434 -26.10 -35.11 71.61
C LEU B 434 -26.63 -35.38 73.01
N VAL B 435 -26.56 -34.38 73.87
CA VAL B 435 -27.14 -34.47 75.20
C VAL B 435 -28.32 -33.50 75.27
N PHE B 436 -29.14 -33.69 76.30
CA PHE B 436 -30.42 -32.99 76.39
C PHE B 436 -30.49 -32.19 77.66
N LEU B 437 -30.95 -30.95 77.54
CA LEU B 437 -30.98 -30.02 78.67
C LEU B 437 -32.33 -30.07 79.33
N PRO B 438 -32.43 -30.55 80.58
CA PRO B 438 -33.71 -30.52 81.28
C PRO B 438 -34.18 -29.09 81.49
N PHE B 439 -35.49 -28.91 81.46
CA PHE B 439 -36.09 -27.59 81.62
C PHE B 439 -36.36 -27.32 83.09
N ALA B 440 -36.88 -26.12 83.39
CA ALA B 440 -37.14 -25.76 84.78
C ALA B 440 -38.20 -26.66 85.40
N ASP B 441 -39.26 -26.96 84.64
CA ASP B 441 -40.31 -27.83 85.14
C ASP B 441 -39.79 -29.24 85.39
N ASP B 442 -38.73 -29.64 84.69
CA ASP B 442 -38.17 -30.98 84.87
C ASP B 442 -37.64 -31.18 86.28
N LYS B 443 -37.17 -30.11 86.92
CA LYS B 443 -36.69 -30.20 88.29
C LYS B 443 -37.83 -30.47 89.25
N ARG B 444 -37.60 -31.38 90.20
CA ARG B 444 -38.52 -31.65 91.31
C ARG B 444 -37.69 -31.58 92.59
N LYS B 445 -37.55 -30.37 93.14
CA LYS B 445 -36.74 -30.19 94.33
C LYS B 445 -37.40 -30.87 95.52
N MET B 446 -36.70 -31.85 96.09
CA MET B 446 -37.24 -32.65 97.16
C MET B 446 -37.28 -31.84 98.45
N PRO B 447 -38.08 -32.27 99.43
CA PRO B 447 -37.98 -31.67 100.76
C PRO B 447 -36.74 -32.13 101.49
N PHE B 448 -35.57 -31.83 100.93
CA PHE B 448 -34.32 -32.33 101.48
C PHE B 448 -34.01 -31.69 102.84
N THR B 449 -33.35 -32.47 103.69
CA THR B 449 -32.97 -32.02 105.02
C THR B 449 -31.61 -31.32 104.94
N GLU B 450 -31.00 -31.08 106.10
CA GLU B 450 -29.72 -30.39 106.18
C GLU B 450 -28.59 -31.26 105.64
N LYS B 451 -27.38 -30.72 105.72
CA LYS B 451 -26.17 -31.43 105.34
C LYS B 451 -25.45 -31.95 106.59
N ILE B 452 -24.93 -33.17 106.50
CA ILE B 452 -24.25 -33.84 107.60
C ILE B 452 -22.86 -34.24 107.15
N MET B 453 -21.87 -34.02 108.01
CA MET B 453 -20.49 -34.34 107.71
C MET B 453 -20.16 -35.76 108.22
N ALA B 454 -18.87 -36.11 108.18
CA ALA B 454 -18.37 -37.36 108.74
C ALA B 454 -16.90 -37.20 109.07
N THR B 455 -16.40 -38.04 109.98
CA THR B 455 -15.01 -37.90 110.38
C THR B 455 -14.09 -38.46 109.29
N PRO B 456 -12.88 -37.90 109.16
CA PRO B 456 -11.94 -38.42 108.15
C PRO B 456 -11.55 -39.88 108.37
N GLU B 457 -11.63 -40.38 109.60
CA GLU B 457 -11.33 -41.79 109.82
C GLU B 457 -12.38 -42.68 109.15
N GLN B 458 -13.64 -42.24 109.16
CA GLN B 458 -14.67 -42.96 108.41
C GLN B 458 -14.40 -42.88 106.92
N VAL B 459 -13.89 -41.74 106.45
CA VAL B 459 -13.55 -41.62 105.04
C VAL B 459 -12.43 -42.59 104.68
N GLY B 460 -11.45 -42.74 105.57
CA GLY B 460 -10.39 -43.72 105.33
C GLY B 460 -10.91 -45.14 105.34
N LYS B 461 -11.83 -45.44 106.25
CA LYS B 461 -12.52 -46.73 106.24
C LYS B 461 -13.15 -46.99 104.88
N MET B 462 -13.85 -45.98 104.36
CA MET B 462 -14.53 -46.12 103.07
C MET B 462 -13.53 -46.29 101.93
N LYS B 463 -12.43 -45.55 101.96
CA LYS B 463 -11.42 -45.71 100.91
C LYS B 463 -10.84 -47.11 100.94
N ALA B 464 -10.53 -47.62 102.15
CA ALA B 464 -10.00 -48.97 102.26
C ALA B 464 -11.00 -49.99 101.73
N ILE B 465 -12.27 -49.84 102.11
CA ILE B 465 -13.30 -50.78 101.66
C ILE B 465 -13.46 -50.72 100.14
N VAL B 466 -13.42 -49.53 99.57
CA VAL B 466 -13.54 -49.37 98.12
C VAL B 466 -12.39 -50.10 97.43
N GLU B 467 -11.16 -49.90 97.94
CA GLU B 467 -10.03 -50.59 97.34
C GLU B 467 -10.13 -52.10 97.52
N LYS B 468 -10.75 -52.55 98.62
CA LYS B 468 -11.03 -53.97 98.76
C LYS B 468 -11.94 -54.46 97.65
N LEU B 469 -13.03 -53.74 97.41
CA LEU B 469 -14.02 -54.13 96.42
C LEU B 469 -13.90 -53.33 95.13
N ARG B 470 -12.70 -52.87 94.81
CA ARG B 470 -12.49 -52.15 93.56
C ARG B 470 -12.74 -53.08 92.38
N PHE B 471 -13.42 -52.55 91.37
CA PHE B 471 -13.75 -53.33 90.18
C PHE B 471 -13.57 -52.45 88.95
N THR B 472 -12.65 -52.83 88.08
CA THR B 472 -12.43 -52.08 86.85
C THR B 472 -13.67 -52.15 85.98
N TYR B 473 -14.21 -50.99 85.62
CA TYR B 473 -15.45 -50.93 84.87
C TYR B 473 -15.32 -51.58 83.50
N ARG B 474 -16.39 -52.24 83.07
CA ARG B 474 -16.49 -52.78 81.72
C ARG B 474 -17.95 -52.81 81.32
N SER B 475 -18.28 -52.08 80.26
CA SER B 475 -19.68 -51.85 79.90
C SER B 475 -20.38 -53.15 79.50
N ASP B 476 -19.79 -53.89 78.58
CA ASP B 476 -20.44 -55.06 77.99
C ASP B 476 -20.41 -56.28 78.90
N SER B 477 -20.08 -56.11 80.17
CA SER B 477 -20.05 -57.22 81.11
C SER B 477 -21.41 -57.55 81.71
N PHE B 478 -22.50 -57.03 81.13
CA PHE B 478 -23.81 -57.21 81.73
C PHE B 478 -24.88 -57.29 80.66
N GLU B 479 -25.93 -58.06 80.97
CA GLU B 479 -27.13 -58.19 80.15
C GLU B 479 -28.35 -58.04 81.04
N ASN B 480 -29.54 -58.15 80.44
CA ASN B 480 -30.78 -58.11 81.20
C ASN B 480 -31.17 -59.52 81.57
N PRO B 481 -31.19 -59.88 82.86
CA PRO B 481 -31.63 -61.23 83.24
C PRO B 481 -33.03 -61.56 82.78
N VAL B 482 -33.93 -60.57 82.77
CA VAL B 482 -35.26 -60.82 82.24
C VAL B 482 -35.19 -61.14 80.76
N LEU B 483 -34.44 -60.33 80.01
CA LEU B 483 -34.26 -60.61 78.58
C LEU B 483 -33.68 -61.99 78.38
N GLN B 484 -32.58 -62.29 79.09
CA GLN B 484 -31.90 -63.56 78.88
C GLN B 484 -32.79 -64.73 79.23
N GLN B 485 -33.49 -64.65 80.35
CA GLN B 485 -34.35 -65.75 80.76
C GLN B 485 -35.52 -65.93 79.81
N HIS B 486 -36.12 -64.84 79.36
CA HIS B 486 -37.19 -64.95 78.39
C HIS B 486 -36.69 -65.61 77.11
N PHE B 487 -35.47 -65.26 76.69
CA PHE B 487 -34.86 -65.99 75.59
C PHE B 487 -34.83 -67.48 75.92
N ARG B 488 -34.12 -67.83 76.98
CA ARG B 488 -34.00 -69.22 77.41
C ARG B 488 -35.31 -69.94 77.24
N ASN B 489 -36.38 -69.32 77.74
CA ASN B 489 -37.73 -69.85 77.55
C ASN B 489 -38.04 -70.01 76.07
N LEU B 490 -37.76 -68.99 75.27
CA LEU B 490 -38.18 -68.99 73.87
C LEU B 490 -37.47 -70.06 73.06
N GLU B 491 -36.13 -70.03 73.07
CA GLU B 491 -35.38 -71.03 72.31
C GLU B 491 -35.50 -72.44 72.91
N ALA B 492 -35.64 -72.58 74.23
CA ALA B 492 -35.88 -73.91 74.76
C ALA B 492 -37.25 -74.43 74.34
N LEU B 493 -38.24 -73.53 74.30
CA LEU B 493 -39.56 -73.88 73.81
C LEU B 493 -39.49 -74.38 72.37
N ALA B 494 -38.86 -73.59 71.50
CA ALA B 494 -38.76 -74.00 70.10
C ALA B 494 -37.92 -75.27 69.96
N LEU B 495 -36.98 -75.47 70.86
CA LEU B 495 -36.08 -76.61 70.83
C LEU B 495 -36.57 -77.78 71.67
N ASP B 496 -37.63 -77.59 72.46
CA ASP B 496 -38.25 -78.67 73.22
C ASP B 496 -37.28 -79.26 74.24
N LEU B 497 -36.58 -78.38 74.94
CA LEU B 497 -35.52 -78.83 75.83
C LEU B 497 -36.06 -79.52 77.06
N MET B 498 -35.17 -80.25 77.72
CA MET B 498 -35.47 -80.87 79.00
C MET B 498 -35.70 -79.85 80.10
N GLU B 499 -35.36 -78.58 79.86
CA GLU B 499 -35.56 -77.49 80.78
C GLU B 499 -35.22 -76.18 80.07
N PRO B 500 -35.85 -75.07 80.44
CA PRO B 500 -35.35 -73.78 79.97
C PRO B 500 -33.96 -73.53 80.51
N GLU B 501 -33.12 -72.89 79.70
CA GLU B 501 -31.76 -72.61 80.12
C GLU B 501 -31.77 -71.69 81.34
N GLN B 502 -30.90 -71.96 82.28
CA GLN B 502 -30.83 -71.17 83.50
C GLN B 502 -29.95 -69.96 83.23
N ALA B 503 -30.58 -68.87 82.79
CA ALA B 503 -29.84 -67.66 82.49
C ALA B 503 -29.13 -67.15 83.74
N VAL B 504 -27.85 -66.86 83.60
CA VAL B 504 -27.03 -66.41 84.72
C VAL B 504 -27.07 -64.89 84.78
N ASP B 505 -27.44 -64.36 85.93
CA ASP B 505 -27.53 -62.91 86.12
C ASP B 505 -26.16 -62.39 86.53
N LEU B 506 -25.53 -61.60 85.65
CA LEU B 506 -24.27 -60.97 85.99
C LEU B 506 -24.45 -59.85 87.00
N THR B 507 -25.67 -59.37 87.20
CA THR B 507 -25.92 -58.26 88.09
C THR B 507 -26.02 -58.66 89.56
N LEU B 508 -26.05 -59.95 89.84
CA LEU B 508 -25.98 -60.39 91.24
C LEU B 508 -24.56 -60.19 91.74
N PRO B 509 -24.34 -59.37 92.77
CA PRO B 509 -22.99 -59.24 93.33
C PRO B 509 -22.64 -60.43 94.20
N LYS B 510 -21.42 -60.92 94.06
CA LYS B 510 -20.99 -62.14 94.73
C LYS B 510 -20.80 -61.84 96.21
N VAL B 511 -21.87 -61.92 96.99
CA VAL B 511 -21.89 -61.33 98.33
C VAL B 511 -20.81 -61.95 99.21
N GLU B 512 -20.67 -63.27 99.16
CA GLU B 512 -19.62 -63.93 99.93
C GLU B 512 -18.24 -63.50 99.46
N ALA B 513 -18.08 -63.22 98.16
CA ALA B 513 -16.81 -62.74 97.66
C ALA B 513 -16.46 -61.38 98.27
N MET B 514 -17.44 -60.47 98.35
CA MET B 514 -17.15 -59.21 99.04
C MET B 514 -16.92 -59.41 100.53
N ASN B 515 -17.62 -60.35 101.15
CA ASN B 515 -17.40 -60.60 102.57
C ASN B 515 -15.97 -61.03 102.83
N LYS B 516 -15.47 -61.99 102.04
CA LYS B 516 -14.09 -62.44 102.20
C LYS B 516 -13.10 -61.37 101.73
N ARG B 517 -13.50 -60.54 100.77
CA ARG B 517 -12.64 -59.49 100.25
C ARG B 517 -12.56 -58.28 101.17
N LEU B 518 -13.49 -58.18 102.12
CA LEU B 518 -13.50 -57.08 103.08
C LEU B 518 -12.99 -57.48 104.45
N GLY B 519 -13.34 -58.67 104.94
CA GLY B 519 -12.99 -59.03 106.29
C GLY B 519 -13.89 -58.35 107.30
N SER B 520 -13.30 -57.84 108.38
CA SER B 520 -14.06 -57.22 109.46
C SER B 520 -14.23 -55.72 109.26
N LEU B 521 -13.73 -55.15 108.17
CA LEU B 521 -13.88 -53.72 107.91
C LEU B 521 -15.32 -53.28 107.98
N VAL B 522 -16.24 -54.16 107.56
CA VAL B 522 -17.67 -53.87 107.62
C VAL B 522 -18.08 -53.46 109.03
N ASP B 523 -17.91 -54.37 109.98
CA ASP B 523 -18.32 -54.08 111.35
C ASP B 523 -17.43 -53.03 112.00
N GLU B 524 -16.17 -52.94 111.58
CA GLU B 524 -15.30 -51.89 112.10
C GLU B 524 -15.89 -50.52 111.81
N PHE B 525 -16.23 -50.26 110.54
CA PHE B 525 -16.85 -48.99 110.22
C PHE B 525 -18.25 -48.88 110.80
N LYS B 526 -18.96 -50.00 110.94
CA LYS B 526 -20.29 -49.95 111.53
C LYS B 526 -20.23 -49.40 112.96
N GLU B 527 -19.38 -49.99 113.80
CA GLU B 527 -19.21 -49.47 115.14
C GLU B 527 -18.53 -48.10 115.13
N LEU B 528 -17.79 -47.78 114.08
CA LEU B 528 -17.22 -46.44 113.95
C LEU B 528 -18.31 -45.38 113.75
N VAL B 529 -19.39 -45.75 113.06
CA VAL B 529 -20.49 -44.83 112.78
C VAL B 529 -21.77 -45.26 113.49
N TYR B 530 -22.29 -46.43 113.16
CA TYR B 530 -23.54 -46.86 113.75
C TYR B 530 -23.34 -47.13 115.24
N PRO B 531 -24.21 -46.64 116.10
CA PRO B 531 -24.18 -47.07 117.49
C PRO B 531 -24.35 -48.56 117.57
N PRO B 532 -23.41 -49.27 118.19
CA PRO B 532 -23.45 -50.74 118.16
C PRO B 532 -24.75 -51.32 118.68
N ASP B 533 -25.38 -50.68 119.67
CA ASP B 533 -26.69 -51.11 120.11
C ASP B 533 -27.75 -50.90 119.04
N TYR B 534 -27.65 -49.81 118.28
CA TYR B 534 -28.64 -49.46 117.27
C TYR B 534 -28.27 -50.13 115.96
N ASN B 535 -29.02 -51.17 115.60
CA ASN B 535 -28.90 -51.72 114.27
C ASN B 535 -29.47 -50.74 113.26
N PRO B 536 -28.99 -50.78 112.01
CA PRO B 536 -29.58 -49.91 110.97
C PRO B 536 -31.01 -50.30 110.65
N GLU B 537 -31.52 -51.35 111.30
CA GLU B 537 -32.89 -51.80 111.13
C GLU B 537 -33.75 -51.22 112.24
N GLY B 538 -34.88 -50.64 111.87
CA GLY B 538 -35.81 -50.08 112.84
C GLY B 538 -36.58 -51.16 113.58
N ASN C 6 -55.32 -29.54 103.95
CA ASN C 6 -55.88 -28.18 103.96
C ASN C 6 -55.38 -27.38 102.77
N LYS C 7 -56.14 -26.37 102.40
CA LYS C 7 -55.80 -25.51 101.26
C LYS C 7 -55.23 -24.18 101.77
N ALA C 8 -54.34 -23.61 100.97
CA ALA C 8 -53.82 -22.28 101.28
C ALA C 8 -54.79 -21.21 100.82
N ALA C 9 -54.71 -20.06 101.47
CA ALA C 9 -55.50 -18.90 101.06
C ALA C 9 -54.73 -18.12 100.00
N VAL C 10 -55.48 -17.39 99.17
CA VAL C 10 -54.93 -16.44 98.20
C VAL C 10 -55.85 -15.24 98.18
N VAL C 11 -55.28 -14.04 98.29
CA VAL C 11 -56.06 -12.82 98.22
C VAL C 11 -55.29 -11.79 97.42
N LEU C 12 -56.02 -10.88 96.78
CA LEU C 12 -55.48 -9.95 95.80
C LEU C 12 -55.79 -8.52 96.20
N CYS C 13 -54.89 -7.61 95.81
CA CYS C 13 -55.18 -6.18 95.88
C CYS C 13 -54.44 -5.50 94.74
N MET C 14 -55.20 -5.06 93.75
CA MET C 14 -54.71 -4.43 92.53
C MET C 14 -54.85 -2.92 92.60
N ASP C 15 -53.80 -2.22 92.16
CA ASP C 15 -53.91 -0.77 92.03
C ASP C 15 -54.76 -0.46 90.82
N VAL C 16 -56.08 -0.39 91.00
CA VAL C 16 -56.98 -0.14 89.88
C VAL C 16 -57.02 1.33 89.52
N GLY C 17 -56.23 2.17 90.19
CA GLY C 17 -56.22 3.58 89.91
C GLY C 17 -55.63 3.90 88.55
N PHE C 18 -55.80 5.16 88.15
CA PHE C 18 -55.41 5.60 86.81
C PHE C 18 -53.91 5.62 86.62
N THR C 19 -53.12 5.64 87.70
CA THR C 19 -51.68 5.68 87.57
C THR C 19 -51.14 4.43 86.88
N MET C 20 -51.72 3.26 87.21
CA MET C 20 -51.37 2.04 86.49
C MET C 20 -51.65 2.16 84.99
N SER C 21 -52.85 2.63 84.62
CA SER C 21 -53.21 2.65 83.21
C SER C 21 -52.43 3.69 82.42
N ASN C 22 -51.78 4.64 83.10
CA ASN C 22 -50.94 5.61 82.41
C ASN C 22 -49.79 4.89 81.71
N SER C 23 -49.81 4.90 80.38
CA SER C 23 -48.89 4.08 79.59
C SER C 23 -47.66 4.88 79.21
N ILE C 24 -46.49 4.31 79.48
CA ILE C 24 -45.22 4.89 79.05
C ILE C 24 -44.86 4.26 77.70
N PRO C 25 -44.67 5.06 76.65
CA PRO C 25 -44.40 4.48 75.32
C PRO C 25 -43.13 3.64 75.32
N GLY C 26 -43.18 2.54 74.56
CA GLY C 26 -42.08 1.60 74.49
C GLY C 26 -42.05 0.58 75.61
N ILE C 27 -42.95 0.67 76.58
CA ILE C 27 -42.97 -0.22 77.73
C ILE C 27 -44.43 -0.58 78.00
N GLU C 28 -44.68 -1.88 78.22
CA GLU C 28 -46.04 -2.34 78.51
C GLU C 28 -46.58 -1.65 79.75
N SER C 29 -47.82 -1.18 79.65
CA SER C 29 -48.40 -0.39 80.74
C SER C 29 -48.55 -1.24 82.00
N PRO C 30 -48.25 -0.67 83.17
CA PRO C 30 -48.28 -1.48 84.40
C PRO C 30 -49.64 -2.08 84.69
N PHE C 31 -50.73 -1.36 84.42
CA PHE C 31 -52.06 -1.90 84.65
C PHE C 31 -52.30 -3.13 83.78
N GLU C 32 -52.06 -2.98 82.48
CA GLU C 32 -52.25 -4.10 81.56
C GLU C 32 -51.23 -5.20 81.80
N GLN C 33 -50.01 -4.84 82.22
CA GLN C 33 -49.03 -5.84 82.60
C GLN C 33 -49.55 -6.73 83.73
N ALA C 34 -50.00 -6.11 84.83
CA ALA C 34 -50.49 -6.89 85.95
C ALA C 34 -51.79 -7.60 85.61
N LYS C 35 -52.62 -7.03 84.74
CA LYS C 35 -53.78 -7.75 84.26
C LYS C 35 -53.37 -9.02 83.53
N LYS C 36 -52.34 -8.93 82.70
CA LYS C 36 -51.83 -10.12 82.03
C LYS C 36 -51.30 -11.14 83.02
N VAL C 37 -50.59 -10.68 84.06
CA VAL C 37 -50.03 -11.60 85.04
C VAL C 37 -51.15 -12.32 85.79
N ILE C 38 -52.18 -11.58 86.21
CA ILE C 38 -53.27 -12.20 86.95
C ILE C 38 -54.09 -13.13 86.05
N THR C 39 -54.27 -12.76 84.77
CA THR C 39 -54.95 -13.67 83.86
C THR C 39 -54.16 -14.95 83.68
N MET C 40 -52.83 -14.86 83.56
CA MET C 40 -52.00 -16.05 83.45
C MET C 40 -52.12 -16.91 84.70
N PHE C 41 -52.07 -16.28 85.87
CA PHE C 41 -52.20 -17.02 87.12
C PHE C 41 -53.52 -17.77 87.18
N VAL C 42 -54.63 -17.06 86.98
CA VAL C 42 -55.94 -17.69 87.09
C VAL C 42 -56.14 -18.70 85.98
N GLN C 43 -55.52 -18.48 84.83
CA GLN C 43 -55.57 -19.44 83.73
C GLN C 43 -54.96 -20.76 84.15
N ARG C 44 -53.72 -20.71 84.67
CA ARG C 44 -53.10 -21.92 85.19
C ARG C 44 -53.88 -22.49 86.36
N GLN C 45 -54.46 -21.62 87.19
CA GLN C 45 -55.24 -22.07 88.34
C GLN C 45 -56.40 -22.95 87.91
N VAL C 46 -57.23 -22.46 86.99
CA VAL C 46 -58.32 -23.26 86.47
C VAL C 46 -57.80 -24.44 85.67
N PHE C 47 -56.60 -24.32 85.11
CA PHE C 47 -56.03 -25.44 84.36
C PHE C 47 -55.39 -26.45 85.31
N ALA C 48 -54.61 -25.96 86.28
CA ALA C 48 -54.11 -26.85 87.32
C ALA C 48 -55.20 -27.25 88.31
N GLU C 49 -56.34 -26.56 88.30
CA GLU C 49 -57.49 -26.91 89.14
C GLU C 49 -57.09 -26.96 90.62
N ASN C 50 -56.38 -25.91 91.06
CA ASN C 50 -55.90 -25.85 92.43
C ASN C 50 -57.04 -25.58 93.39
N LYS C 51 -56.80 -25.90 94.67
CA LYS C 51 -57.81 -25.83 95.71
C LYS C 51 -57.78 -24.52 96.49
N ASP C 52 -56.85 -23.62 96.17
CA ASP C 52 -56.74 -22.39 96.93
C ASP C 52 -57.90 -21.45 96.64
N GLU C 53 -58.31 -20.69 97.66
CA GLU C 53 -59.35 -19.69 97.53
C GLU C 53 -58.73 -18.35 97.17
N ILE C 54 -59.35 -17.65 96.23
CA ILE C 54 -58.83 -16.40 95.70
C ILE C 54 -59.87 -15.30 95.88
N ALA C 55 -59.46 -14.18 96.48
CA ALA C 55 -60.31 -13.01 96.65
C ALA C 55 -59.58 -11.78 96.12
N LEU C 56 -60.33 -10.87 95.51
CA LEU C 56 -59.78 -9.65 94.93
C LEU C 56 -60.48 -8.44 95.53
N VAL C 57 -59.68 -7.46 95.95
CA VAL C 57 -60.18 -6.16 96.38
C VAL C 57 -59.39 -5.09 95.63
N LEU C 58 -60.10 -4.09 95.12
CA LEU C 58 -59.52 -3.09 94.25
C LEU C 58 -59.40 -1.76 94.99
N PHE C 59 -58.20 -1.16 94.98
CA PHE C 59 -58.00 0.17 95.52
C PHE C 59 -57.67 1.15 94.41
N GLY C 60 -58.27 2.33 94.48
CA GLY C 60 -58.29 3.26 93.39
C GLY C 60 -59.58 3.26 92.59
N THR C 61 -60.56 2.46 93.02
CA THR C 61 -61.85 2.42 92.35
C THR C 61 -62.63 3.71 92.64
N ASP C 62 -63.40 4.14 91.64
CA ASP C 62 -64.25 5.31 91.84
C ASP C 62 -65.24 5.08 92.97
N GLY C 63 -65.84 3.90 93.02
CA GLY C 63 -66.68 3.52 94.14
C GLY C 63 -65.84 3.09 95.34
N THR C 64 -66.54 2.82 96.44
CA THR C 64 -65.89 2.41 97.67
C THR C 64 -66.76 1.35 98.35
N ASP C 65 -66.28 0.11 98.36
CA ASP C 65 -66.91 -0.99 99.08
C ASP C 65 -65.98 -1.52 100.16
N ASN C 66 -65.32 -0.61 100.86
CA ASN C 66 -64.36 -1.00 101.87
C ASN C 66 -65.06 -1.64 103.06
N PRO C 67 -64.67 -2.85 103.47
CA PRO C 67 -65.31 -3.48 104.63
C PRO C 67 -64.92 -2.85 105.96
N LEU C 68 -63.88 -2.02 105.99
CA LEU C 68 -63.42 -1.42 107.24
C LEU C 68 -63.95 -0.01 107.45
N SER C 69 -64.23 0.73 106.38
CA SER C 69 -64.83 2.06 106.45
C SER C 69 -63.98 3.03 107.28
N GLY C 70 -62.71 3.16 106.87
CA GLY C 70 -61.80 4.07 107.53
C GLY C 70 -61.97 5.52 107.07
N GLY C 71 -61.29 6.41 107.80
CA GLY C 71 -61.32 7.82 107.47
C GLY C 71 -59.99 8.31 106.91
N ASP C 72 -59.97 8.62 105.61
CA ASP C 72 -58.77 8.97 104.85
C ASP C 72 -57.87 7.76 104.74
N GLN C 73 -58.25 6.69 105.42
CA GLN C 73 -57.59 5.40 105.34
C GLN C 73 -58.61 4.39 104.83
N TYR C 74 -58.10 3.37 104.13
CA TYR C 74 -58.91 2.27 103.64
C TYR C 74 -59.90 2.72 102.57
N GLN C 75 -59.64 3.87 101.95
CA GLN C 75 -60.59 4.53 101.07
C GLN C 75 -60.22 4.33 99.60
N ASN C 76 -61.15 4.69 98.72
CA ASN C 76 -61.05 4.40 97.29
C ASN C 76 -60.87 2.91 97.03
N ILE C 77 -61.48 2.09 97.89
CA ILE C 77 -61.29 0.65 97.91
C ILE C 77 -62.64 -0.02 97.76
N THR C 78 -62.75 -0.91 96.78
CA THR C 78 -63.98 -1.62 96.47
C THR C 78 -63.72 -3.11 96.49
N VAL C 79 -64.51 -3.84 97.27
CA VAL C 79 -64.42 -5.29 97.33
C VAL C 79 -65.32 -5.86 96.24
N HIS C 80 -64.73 -6.53 95.25
CA HIS C 80 -65.48 -7.10 94.15
C HIS C 80 -65.80 -8.58 94.37
N ARG C 81 -64.77 -9.40 94.51
CA ARG C 81 -64.93 -10.85 94.59
C ARG C 81 -64.31 -11.37 95.87
N HIS C 82 -65.01 -12.29 96.52
CA HIS C 82 -64.59 -12.87 97.79
C HIS C 82 -63.78 -14.14 97.52
N LEU C 83 -63.47 -14.89 98.57
CA LEU C 83 -62.66 -16.10 98.46
C LEU C 83 -63.48 -17.19 97.81
N MET C 84 -63.27 -17.39 96.50
CA MET C 84 -63.87 -18.50 95.76
C MET C 84 -62.80 -19.18 94.93
N LEU C 85 -63.10 -20.41 94.51
CA LEU C 85 -62.16 -21.18 93.71
C LEU C 85 -61.97 -20.52 92.34
N PRO C 86 -60.79 -20.67 91.74
CA PRO C 86 -60.57 -20.12 90.39
C PRO C 86 -61.40 -20.88 89.36
N ASP C 87 -62.30 -20.15 88.69
CA ASP C 87 -63.21 -20.74 87.74
C ASP C 87 -63.28 -19.86 86.50
N PHE C 88 -64.08 -20.29 85.51
CA PHE C 88 -64.30 -19.46 84.34
C PHE C 88 -64.99 -18.16 84.69
N ASP C 89 -65.78 -18.17 85.77
CA ASP C 89 -66.35 -16.93 86.27
C ASP C 89 -65.26 -15.96 86.68
N LEU C 90 -64.24 -16.45 87.36
CA LEU C 90 -63.14 -15.57 87.74
C LEU C 90 -62.37 -15.08 86.53
N LEU C 91 -62.19 -15.93 85.52
CA LEU C 91 -61.54 -15.49 84.29
C LEU C 91 -62.32 -14.34 83.66
N GLU C 92 -63.62 -14.53 83.46
CA GLU C 92 -64.42 -13.50 82.81
C GLU C 92 -64.51 -12.24 83.67
N ASP C 93 -64.43 -12.38 85.00
CA ASP C 93 -64.45 -11.21 85.85
C ASP C 93 -63.15 -10.41 85.72
N ILE C 94 -62.01 -11.10 85.69
CA ILE C 94 -60.75 -10.40 85.44
C ILE C 94 -60.82 -9.73 84.08
N GLU C 95 -61.45 -10.39 83.11
CA GLU C 95 -61.54 -9.85 81.76
C GLU C 95 -62.41 -8.61 81.69
N SER C 96 -63.51 -8.58 82.44
CA SER C 96 -64.52 -7.53 82.29
C SER C 96 -64.57 -6.55 83.44
N LYS C 97 -64.47 -7.02 84.69
CA LYS C 97 -64.76 -6.16 85.83
C LYS C 97 -63.63 -5.17 86.11
N ILE C 98 -62.40 -5.66 86.17
CA ILE C 98 -61.26 -4.79 86.51
C ILE C 98 -61.02 -3.82 85.36
N GLN C 99 -61.34 -2.55 85.59
CA GLN C 99 -61.09 -1.48 84.65
C GLN C 99 -60.48 -0.31 85.40
N PRO C 100 -59.52 0.41 84.80
CA PRO C 100 -58.77 1.41 85.56
C PRO C 100 -59.62 2.49 86.20
N GLY C 101 -59.66 2.51 87.53
CA GLY C 101 -60.42 3.52 88.24
C GLY C 101 -59.71 4.86 88.24
N SER C 102 -60.51 5.92 88.38
CA SER C 102 -59.98 7.27 88.39
C SER C 102 -59.43 7.68 89.75
N GLN C 103 -59.71 6.92 90.80
CA GLN C 103 -59.29 7.31 92.15
C GLN C 103 -57.89 6.81 92.46
N GLN C 104 -57.24 7.50 93.40
CA GLN C 104 -55.95 7.09 93.92
C GLN C 104 -55.97 7.25 95.43
N ALA C 105 -55.35 6.29 96.13
CA ALA C 105 -55.33 6.32 97.58
C ALA C 105 -54.04 5.66 98.06
N ASP C 106 -53.86 5.63 99.38
CA ASP C 106 -52.69 5.02 99.97
C ASP C 106 -52.79 3.50 99.86
N PHE C 107 -51.78 2.88 99.24
CA PHE C 107 -51.80 1.44 99.03
C PHE C 107 -51.50 0.64 100.30
N LEU C 108 -50.89 1.26 101.31
CA LEU C 108 -50.75 0.60 102.60
C LEU C 108 -52.12 0.30 103.21
N ASP C 109 -53.04 1.25 103.08
CA ASP C 109 -54.40 1.04 103.56
C ASP C 109 -55.05 -0.15 102.85
N ALA C 110 -54.82 -0.29 101.54
CA ALA C 110 -55.36 -1.42 100.81
C ALA C 110 -54.73 -2.74 101.24
N LEU C 111 -53.42 -2.73 101.48
CA LEU C 111 -52.77 -3.95 101.97
C LEU C 111 -53.35 -4.36 103.32
N ILE C 112 -53.61 -3.40 104.20
CA ILE C 112 -54.21 -3.72 105.48
C ILE C 112 -55.68 -4.14 105.31
N VAL C 113 -56.37 -3.58 104.33
CA VAL C 113 -57.72 -4.05 103.98
C VAL C 113 -57.68 -5.53 103.68
N SER C 114 -56.72 -5.94 102.86
CA SER C 114 -56.63 -7.36 102.50
C SER C 114 -56.20 -8.21 103.69
N MET C 115 -55.32 -7.66 104.54
CA MET C 115 -54.97 -8.34 105.78
C MET C 115 -56.22 -8.66 106.59
N ASP C 116 -57.07 -7.66 106.80
CA ASP C 116 -58.24 -7.84 107.64
C ASP C 116 -59.31 -8.68 106.94
N VAL C 117 -59.37 -8.64 105.61
CA VAL C 117 -60.28 -9.52 104.89
C VAL C 117 -59.86 -10.98 105.07
N ILE C 118 -58.55 -11.25 104.97
CA ILE C 118 -58.06 -12.59 105.27
C ILE C 118 -58.40 -12.98 106.70
N GLN C 119 -58.27 -12.04 107.63
CA GLN C 119 -58.62 -12.32 109.02
C GLN C 119 -60.11 -12.68 109.15
N HIS C 120 -60.98 -11.94 108.45
CA HIS C 120 -62.41 -12.19 108.53
C HIS C 120 -62.78 -13.52 107.88
N GLU C 121 -62.05 -13.95 106.85
CA GLU C 121 -62.46 -15.13 106.11
C GLU C 121 -61.82 -16.41 106.63
N THR C 122 -60.52 -16.40 106.94
CA THR C 122 -59.85 -17.63 107.37
C THR C 122 -60.41 -18.16 108.68
N ILE C 123 -61.04 -17.29 109.49
CA ILE C 123 -61.74 -17.80 110.66
C ILE C 123 -62.98 -18.59 110.24
N GLY C 124 -63.64 -18.17 109.16
CA GLY C 124 -64.79 -18.90 108.66
C GLY C 124 -64.46 -20.11 107.82
N LYS C 125 -63.19 -20.29 107.45
CA LYS C 125 -62.78 -21.44 106.66
C LYS C 125 -61.30 -21.69 106.91
N LYS C 126 -60.96 -22.90 107.37
CA LYS C 126 -59.57 -23.20 107.69
C LYS C 126 -58.70 -23.10 106.44
N PHE C 127 -57.46 -22.67 106.65
CA PHE C 127 -56.52 -22.49 105.56
C PHE C 127 -55.18 -23.12 105.92
N GLU C 128 -54.61 -23.86 104.96
CA GLU C 128 -53.26 -24.36 105.14
C GLU C 128 -52.28 -23.20 105.28
N LYS C 129 -52.44 -22.16 104.45
CA LYS C 129 -51.63 -20.96 104.53
C LYS C 129 -52.51 -19.76 104.21
N ARG C 130 -52.08 -18.60 104.71
CA ARG C 130 -52.68 -17.32 104.39
C ARG C 130 -51.67 -16.52 103.57
N HIS C 131 -52.16 -15.76 102.59
CA HIS C 131 -51.28 -15.34 101.51
C HIS C 131 -51.83 -14.08 100.84
N ILE C 132 -50.91 -13.21 100.40
CA ILE C 132 -51.24 -11.89 99.89
C ILE C 132 -50.16 -11.46 98.89
N GLU C 133 -50.46 -10.43 98.11
CA GLU C 133 -49.48 -9.68 97.35
C GLU C 133 -50.04 -8.29 97.11
N ILE C 134 -49.17 -7.39 96.66
CA ILE C 134 -49.56 -6.02 96.33
C ILE C 134 -49.03 -5.70 94.94
N PHE C 135 -49.90 -5.16 94.08
CA PHE C 135 -49.52 -4.66 92.76
C PHE C 135 -49.62 -3.15 92.78
N THR C 136 -48.46 -2.49 92.87
CA THR C 136 -48.40 -1.03 92.79
C THR C 136 -47.27 -0.64 91.86
N ASP C 137 -47.52 0.40 91.07
CA ASP C 137 -46.51 0.97 90.20
C ASP C 137 -45.65 2.01 90.92
N LEU C 138 -45.99 2.33 92.17
CA LEU C 138 -45.26 3.27 93.00
C LEU C 138 -45.19 4.66 92.38
N SER C 139 -46.15 5.00 91.53
CA SER C 139 -46.21 6.29 90.86
C SER C 139 -47.54 6.97 91.09
N SER C 140 -48.11 6.77 92.29
CA SER C 140 -49.36 7.39 92.69
C SER C 140 -49.12 8.29 93.89
N ARG C 141 -50.19 8.91 94.37
CA ARG C 141 -50.12 9.76 95.56
C ARG C 141 -50.37 8.89 96.79
N PHE C 142 -49.40 8.87 97.70
CA PHE C 142 -49.51 8.07 98.92
C PHE C 142 -48.69 8.73 100.01
N SER C 143 -48.74 8.13 101.20
CA SER C 143 -47.99 8.60 102.34
C SER C 143 -47.70 7.42 103.25
N LYS C 144 -46.42 7.14 103.46
CA LYS C 144 -46.01 5.98 104.25
C LYS C 144 -46.36 6.23 105.72
N SER C 145 -47.42 5.58 106.20
CA SER C 145 -47.85 5.74 107.57
C SER C 145 -48.22 4.42 108.25
N GLN C 146 -48.16 3.29 107.54
CA GLN C 146 -48.55 2.00 108.10
C GLN C 146 -47.43 0.97 108.05
N LEU C 147 -46.20 1.40 107.73
CA LEU C 147 -45.10 0.44 107.54
C LEU C 147 -44.87 -0.40 108.78
N ASP C 148 -44.84 0.24 109.95
CA ASP C 148 -44.75 -0.50 111.19
C ASP C 148 -45.96 -1.40 111.38
N ILE C 149 -47.16 -0.87 111.12
CA ILE C 149 -48.37 -1.69 111.19
C ILE C 149 -48.34 -2.77 110.13
N ILE C 150 -47.79 -2.45 108.95
CA ILE C 150 -47.66 -3.45 107.89
C ILE C 150 -46.85 -4.63 108.40
N ILE C 151 -45.67 -4.37 108.94
CA ILE C 151 -44.81 -5.45 109.43
C ILE C 151 -45.49 -6.19 110.59
N HIS C 152 -46.09 -5.44 111.51
CA HIS C 152 -46.71 -6.04 112.69
C HIS C 152 -47.83 -7.00 112.30
N SER C 153 -48.85 -6.49 111.60
CA SER C 153 -49.96 -7.34 111.20
C SER C 153 -49.53 -8.44 110.24
N LEU C 154 -48.53 -8.16 109.40
CA LEU C 154 -48.06 -9.14 108.43
C LEU C 154 -47.43 -10.34 109.14
N LYS C 155 -46.66 -10.08 110.20
CA LYS C 155 -46.12 -11.17 111.01
C LYS C 155 -47.16 -11.75 111.96
N LYS C 156 -48.19 -10.99 112.31
CA LYS C 156 -49.18 -11.45 113.27
C LYS C 156 -50.20 -12.38 112.64
N CYS C 157 -50.45 -12.26 111.34
CA CYS C 157 -51.43 -13.10 110.68
C CYS C 157 -50.81 -14.10 109.70
N ASP C 158 -49.52 -14.00 109.42
CA ASP C 158 -48.82 -14.91 108.51
C ASP C 158 -49.52 -14.96 107.15
N ILE C 159 -49.69 -13.79 106.55
CA ILE C 159 -50.25 -13.66 105.22
C ILE C 159 -49.07 -13.37 104.30
N SER C 160 -48.60 -14.41 103.59
CA SER C 160 -47.37 -14.32 102.82
C SER C 160 -47.49 -13.28 101.70
N LEU C 161 -46.50 -12.40 101.60
CA LEU C 161 -46.57 -11.19 100.78
C LEU C 161 -45.31 -10.99 99.94
N GLN C 162 -45.49 -10.44 98.74
CA GLN C 162 -44.42 -9.86 97.93
C GLN C 162 -44.83 -8.47 97.48
N PHE C 163 -43.97 -7.86 96.66
CA PHE C 163 -44.27 -6.60 96.01
C PHE C 163 -43.95 -6.75 94.53
N PHE C 164 -44.89 -6.33 93.69
CA PHE C 164 -44.73 -6.45 92.24
C PHE C 164 -44.86 -5.08 91.60
N LEU C 165 -43.94 -4.78 90.71
CA LEU C 165 -43.70 -3.46 90.17
C LEU C 165 -43.66 -3.56 88.65
N PRO C 166 -43.83 -2.44 87.94
CA PRO C 166 -43.61 -2.45 86.50
C PRO C 166 -42.14 -2.45 86.11
N PHE C 167 -41.24 -2.30 87.08
CA PHE C 167 -39.81 -2.18 86.81
C PHE C 167 -39.03 -3.24 87.59
N SER C 168 -37.85 -3.57 87.07
CA SER C 168 -37.06 -4.68 87.59
C SER C 168 -36.41 -4.30 88.92
N LEU C 169 -35.53 -5.18 89.41
CA LEU C 169 -34.90 -5.01 90.72
C LEU C 169 -33.60 -4.22 90.63
N GLY C 170 -32.65 -4.69 89.82
CA GLY C 170 -31.38 -4.03 89.66
C GLY C 170 -30.44 -4.21 90.84
N GLY C 181 -31.62 -0.67 80.41
CA GLY C 181 -31.49 -0.67 78.97
C GLY C 181 -32.77 -1.07 78.26
N PRO C 182 -32.64 -1.69 77.08
CA PRO C 182 -33.83 -2.15 76.37
C PRO C 182 -34.63 -3.13 77.19
N PHE C 183 -35.96 -3.02 77.11
CA PHE C 183 -36.88 -3.80 77.92
C PHE C 183 -37.74 -4.65 77.00
N ARG C 184 -37.56 -5.96 77.04
CA ARG C 184 -38.29 -6.90 76.21
C ARG C 184 -39.21 -7.76 77.07
N LEU C 185 -40.20 -8.36 76.44
CA LEU C 185 -41.16 -9.22 77.11
C LEU C 185 -40.81 -10.68 76.87
N GLY C 186 -40.48 -11.39 77.94
CA GLY C 186 -40.23 -12.82 77.90
C GLY C 186 -39.06 -13.25 77.02
N GLY C 187 -37.93 -12.56 77.13
CA GLY C 187 -36.78 -12.89 76.29
C GLY C 187 -35.46 -13.01 77.02
N HIS C 188 -34.37 -12.97 76.26
CA HIS C 188 -33.02 -13.08 76.81
C HIS C 188 -32.22 -11.84 76.41
N GLY C 189 -31.60 -11.20 77.40
CA GLY C 189 -30.79 -10.03 77.16
C GLY C 189 -31.08 -8.92 78.16
N PRO C 190 -31.12 -7.68 77.66
CA PRO C 190 -31.36 -6.55 78.56
C PRO C 190 -32.76 -6.58 79.17
N SER C 191 -32.87 -5.97 80.34
CA SER C 191 -34.10 -5.96 81.13
C SER C 191 -34.62 -4.52 81.27
N PHE C 192 -35.63 -4.35 82.13
CA PHE C 192 -36.27 -3.06 82.29
C PHE C 192 -35.24 -2.01 82.74
N PRO C 193 -35.27 -0.82 82.16
CA PRO C 193 -34.33 0.24 82.59
C PRO C 193 -34.83 0.93 83.85
N LEU C 194 -34.04 0.86 84.91
CA LEU C 194 -34.42 1.43 86.21
C LEU C 194 -34.03 2.88 86.35
N LYS C 195 -33.37 3.48 85.36
CA LYS C 195 -33.05 4.89 85.41
C LYS C 195 -34.26 5.77 85.10
N GLY C 196 -35.37 5.19 84.65
CA GLY C 196 -36.55 5.95 84.30
C GLY C 196 -37.61 5.98 85.40
N ILE C 197 -37.40 5.21 86.47
CA ILE C 197 -38.36 5.19 87.56
C ILE C 197 -38.28 6.51 88.32
N THR C 198 -39.44 7.06 88.68
CA THR C 198 -39.49 8.35 89.32
C THR C 198 -39.12 8.25 90.79
N GLU C 199 -39.04 9.41 91.45
CA GLU C 199 -38.68 9.45 92.86
C GLU C 199 -39.75 8.79 93.72
N GLN C 200 -41.03 8.90 93.32
CA GLN C 200 -42.07 8.13 94.00
C GLN C 200 -41.81 6.63 93.85
N GLN C 201 -41.44 6.20 92.64
CA GLN C 201 -41.13 4.80 92.42
C GLN C 201 -39.90 4.37 93.22
N LYS C 202 -38.88 5.23 93.29
CA LYS C 202 -37.69 4.91 94.07
C LYS C 202 -38.01 4.78 95.55
N GLU C 203 -38.80 5.71 96.10
CA GLU C 203 -39.12 5.64 97.52
C GLU C 203 -40.02 4.44 97.82
N GLY C 204 -40.93 4.10 96.91
CA GLY C 204 -41.71 2.89 97.08
C GLY C 204 -40.84 1.64 97.05
N LEU C 205 -39.84 1.61 96.16
CA LEU C 205 -38.92 0.49 96.12
C LEU C 205 -38.14 0.38 97.41
N GLU C 206 -37.69 1.51 97.97
CA GLU C 206 -37.00 1.48 99.25
C GLU C 206 -37.92 0.99 100.36
N ILE C 207 -39.19 1.42 100.35
CA ILE C 207 -40.14 1.00 101.38
C ILE C 207 -40.36 -0.51 101.32
N VAL C 208 -40.58 -1.04 100.12
CA VAL C 208 -40.80 -2.48 100.00
C VAL C 208 -39.52 -3.25 100.35
N LYS C 209 -38.35 -2.70 100.00
CA LYS C 209 -37.09 -3.30 100.40
C LYS C 209 -36.98 -3.40 101.91
N MET C 210 -37.32 -2.31 102.61
CA MET C 210 -37.23 -2.32 104.07
C MET C 210 -38.26 -3.24 104.69
N VAL C 211 -39.46 -3.33 104.12
CA VAL C 211 -40.46 -4.24 104.65
C VAL C 211 -40.00 -5.68 104.52
N MET C 212 -39.43 -6.03 103.36
CA MET C 212 -38.88 -7.38 103.19
C MET C 212 -37.69 -7.63 104.10
N ILE C 213 -36.85 -6.60 104.30
CA ILE C 213 -35.69 -6.76 105.19
C ILE C 213 -36.15 -7.05 106.61
N SER C 214 -37.14 -6.29 107.09
CA SER C 214 -37.68 -6.53 108.42
C SER C 214 -38.41 -7.87 108.50
N LEU C 215 -39.01 -8.31 107.40
CA LEU C 215 -39.80 -9.53 107.41
C LEU C 215 -38.99 -10.74 106.98
N GLU C 216 -38.42 -10.71 105.77
CA GLU C 216 -37.62 -11.82 105.26
C GLU C 216 -36.13 -11.58 105.40
N GLY C 217 -35.61 -10.51 104.79
CA GLY C 217 -34.22 -10.13 104.94
C GLY C 217 -33.47 -10.12 103.61
N GLU C 218 -32.25 -10.65 103.63
CA GLU C 218 -31.34 -10.52 102.49
C GLU C 218 -31.90 -11.20 101.24
N ASP C 219 -32.41 -12.42 101.38
CA ASP C 219 -33.03 -13.10 100.26
C ASP C 219 -34.40 -12.51 99.91
N GLY C 220 -34.90 -11.58 100.72
CA GLY C 220 -36.18 -10.93 100.42
C GLY C 220 -36.17 -10.16 99.12
N LEU C 221 -34.98 -9.83 98.60
CA LEU C 221 -34.90 -9.26 97.26
C LEU C 221 -35.38 -10.23 96.19
N ASP C 222 -35.38 -11.53 96.48
CA ASP C 222 -35.97 -12.53 95.59
C ASP C 222 -37.48 -12.58 95.71
N GLU C 223 -38.08 -11.71 96.52
CA GLU C 223 -39.53 -11.54 96.58
C GLU C 223 -40.04 -10.58 95.52
N ILE C 224 -39.48 -9.38 95.46
CA ILE C 224 -39.95 -8.37 94.51
C ILE C 224 -39.61 -8.80 93.09
N TYR C 225 -40.56 -8.65 92.18
CA TYR C 225 -40.34 -8.88 90.76
C TYR C 225 -41.02 -7.77 89.96
N SER C 226 -40.82 -7.80 88.65
CA SER C 226 -41.51 -6.92 87.72
C SER C 226 -42.52 -7.72 86.91
N PHE C 227 -43.54 -7.02 86.42
CA PHE C 227 -44.70 -7.68 85.81
C PHE C 227 -44.30 -8.45 84.56
N SER C 228 -43.50 -7.84 83.69
CA SER C 228 -43.07 -8.55 82.49
C SER C 228 -42.08 -9.66 82.82
N GLU C 229 -41.16 -9.41 83.75
CA GLU C 229 -40.35 -10.49 84.29
C GLU C 229 -41.21 -11.54 84.98
N SER C 230 -42.35 -11.12 85.54
CA SER C 230 -43.28 -12.07 86.13
C SER C 230 -43.89 -12.97 85.06
N LEU C 231 -44.21 -12.41 83.89
CA LEU C 231 -44.90 -13.15 82.84
C LEU C 231 -44.06 -14.26 82.23
N ARG C 232 -42.75 -14.28 82.46
CA ARG C 232 -41.86 -15.24 81.80
C ARG C 232 -41.25 -16.26 82.76
N LYS C 233 -41.87 -16.48 83.92
CA LYS C 233 -41.38 -17.47 84.86
C LYS C 233 -42.55 -18.17 85.53
N LEU C 234 -42.34 -19.45 85.86
CA LEU C 234 -43.34 -20.25 86.58
C LEU C 234 -43.01 -20.39 88.05
N CYS C 235 -42.50 -19.34 88.67
CA CYS C 235 -42.60 -19.21 90.12
C CYS C 235 -44.05 -19.15 90.57
N VAL C 236 -44.98 -19.06 89.61
CA VAL C 236 -46.41 -18.83 89.83
C VAL C 236 -46.95 -19.74 90.93
N PHE C 237 -46.41 -20.94 91.05
CA PHE C 237 -46.90 -21.93 92.00
C PHE C 237 -45.74 -22.53 92.79
N LYS C 238 -44.84 -21.69 93.27
CA LYS C 238 -43.64 -22.18 93.95
C LYS C 238 -43.81 -22.29 95.47
N LYS C 239 -45.01 -22.05 96.01
CA LYS C 239 -45.30 -22.30 97.41
C LYS C 239 -46.08 -23.59 97.66
N ILE C 240 -46.62 -24.21 96.61
CA ILE C 240 -47.42 -25.42 96.74
C ILE C 240 -46.68 -26.55 96.02
N GLU C 241 -45.36 -26.51 96.06
CA GLU C 241 -44.47 -27.44 95.36
C GLU C 241 -44.98 -28.88 95.44
N ARG C 242 -45.09 -29.52 94.28
CA ARG C 242 -45.46 -30.92 94.17
C ARG C 242 -44.19 -31.77 94.23
N HIS C 243 -44.11 -32.63 95.23
CA HIS C 243 -42.94 -33.46 95.43
C HIS C 243 -43.11 -34.79 94.70
N SER C 244 -42.08 -35.19 93.95
CA SER C 244 -42.09 -36.51 93.34
C SER C 244 -42.06 -37.57 94.43
N ILE C 245 -42.81 -38.65 94.20
CA ILE C 245 -42.93 -39.71 95.21
C ILE C 245 -41.56 -40.31 95.46
N HIS C 246 -41.22 -40.46 96.74
CA HIS C 246 -39.90 -40.96 97.13
C HIS C 246 -39.90 -42.48 97.15
N TRP C 247 -38.70 -43.05 97.34
CA TRP C 247 -38.47 -44.49 97.28
C TRP C 247 -37.80 -44.91 98.58
N PRO C 248 -38.57 -44.99 99.68
CA PRO C 248 -37.98 -45.40 100.95
C PRO C 248 -37.67 -46.90 100.97
N CYS C 249 -36.39 -47.24 100.86
CA CYS C 249 -35.96 -48.63 100.84
C CYS C 249 -34.69 -48.74 101.67
N ARG C 250 -34.05 -49.90 101.61
CA ARG C 250 -32.84 -50.17 102.38
C ARG C 250 -31.77 -50.68 101.42
N LEU C 251 -30.82 -49.81 101.07
CA LEU C 251 -29.64 -50.25 100.33
C LEU C 251 -28.87 -51.28 101.12
N THR C 252 -28.61 -52.42 100.50
CA THR C 252 -27.82 -53.49 101.11
C THR C 252 -26.40 -53.41 100.56
N ILE C 253 -25.42 -53.46 101.47
CA ILE C 253 -24.02 -53.39 101.11
C ILE C 253 -23.36 -54.70 101.51
N GLY C 254 -22.81 -55.42 100.53
CA GLY C 254 -22.19 -56.70 100.79
C GLY C 254 -23.16 -57.71 101.37
N SER C 255 -22.98 -58.05 102.64
CA SER C 255 -23.90 -58.96 103.32
C SER C 255 -24.23 -58.53 104.75
N ASN C 256 -23.71 -57.40 105.22
CA ASN C 256 -23.83 -57.03 106.63
C ASN C 256 -24.29 -55.60 106.83
N LEU C 257 -24.24 -54.76 105.79
CA LEU C 257 -24.62 -53.35 105.90
C LEU C 257 -25.90 -53.08 105.14
N SER C 258 -26.80 -52.33 105.77
CA SER C 258 -28.01 -51.86 105.12
C SER C 258 -28.25 -50.41 105.52
N ILE C 259 -28.64 -49.59 104.55
CA ILE C 259 -28.86 -48.17 104.76
C ILE C 259 -30.25 -47.82 104.26
N ARG C 260 -31.10 -47.30 105.15
CA ARG C 260 -32.38 -46.76 104.72
C ARG C 260 -32.16 -45.55 103.83
N ILE C 261 -32.86 -45.51 102.70
CA ILE C 261 -32.63 -44.49 101.68
C ILE C 261 -33.96 -43.91 101.24
N ALA C 262 -33.89 -42.74 100.62
CA ALA C 262 -35.07 -42.05 100.08
C ALA C 262 -34.69 -41.47 98.73
N ALA C 263 -35.02 -42.19 97.65
CA ALA C 263 -34.72 -41.73 96.31
C ALA C 263 -35.78 -40.74 95.83
N TYR C 264 -35.39 -39.92 94.86
CA TYR C 264 -36.30 -38.91 94.31
C TYR C 264 -35.98 -38.70 92.84
N LYS C 265 -37.01 -38.82 92.00
CA LYS C 265 -36.90 -38.51 90.57
C LYS C 265 -36.96 -36.99 90.40
N SER C 266 -35.91 -36.33 90.88
CA SER C 266 -35.88 -34.87 90.90
C SER C 266 -35.97 -34.31 89.49
N ILE C 267 -35.17 -34.82 88.58
CA ILE C 267 -35.32 -34.48 87.17
C ILE C 267 -36.30 -35.47 86.56
N LEU C 268 -37.19 -34.97 85.71
CA LEU C 268 -38.25 -35.80 85.15
C LEU C 268 -38.58 -35.30 83.76
N GLN C 269 -39.16 -36.19 82.95
CA GLN C 269 -39.68 -35.76 81.67
C GLN C 269 -40.93 -34.91 81.87
N GLU C 270 -41.29 -34.17 80.83
CA GLU C 270 -42.46 -33.31 80.83
C GLU C 270 -43.54 -33.96 79.98
N ARG C 271 -44.68 -34.23 80.61
CA ARG C 271 -45.83 -34.76 79.90
C ARG C 271 -47.08 -34.21 80.56
N VAL C 272 -48.14 -34.07 79.76
CA VAL C 272 -49.36 -33.47 80.26
C VAL C 272 -49.96 -34.35 81.33
N LYS C 273 -50.51 -33.71 82.37
CA LYS C 273 -51.20 -34.43 83.44
C LYS C 273 -52.69 -34.52 83.20
N LYS C 274 -53.19 -34.01 82.08
CA LYS C 274 -54.60 -34.05 81.72
C LYS C 274 -54.73 -34.65 80.34
N THR C 275 -55.32 -35.83 80.25
CA THR C 275 -55.45 -36.50 78.97
C THR C 275 -56.53 -35.83 78.11
N TRP C 276 -56.55 -36.22 76.84
CA TRP C 276 -57.53 -35.72 75.89
C TRP C 276 -58.68 -36.70 75.76
N THR C 277 -59.91 -36.19 75.89
CA THR C 277 -61.10 -37.00 75.81
C THR C 277 -61.79 -36.75 74.47
N VAL C 278 -62.14 -37.82 73.78
CA VAL C 278 -62.76 -37.71 72.45
C VAL C 278 -64.25 -37.99 72.66
N VAL C 279 -65.00 -36.91 72.86
CA VAL C 279 -66.45 -37.00 72.99
C VAL C 279 -67.10 -36.99 71.61
N ASP C 280 -68.40 -37.28 71.56
CA ASP C 280 -69.14 -37.23 70.32
C ASP C 280 -69.13 -35.82 69.73
N ALA C 281 -69.36 -35.75 68.43
CA ALA C 281 -69.48 -34.46 67.76
C ALA C 281 -70.84 -33.82 67.92
N LYS C 282 -71.85 -34.56 68.36
CA LYS C 282 -73.20 -34.05 68.52
C LYS C 282 -73.62 -34.00 69.98
N THR C 283 -73.56 -35.14 70.68
CA THR C 283 -73.85 -35.15 72.10
C THR C 283 -72.75 -34.48 72.91
N LEU C 284 -71.57 -34.31 72.33
CA LEU C 284 -70.40 -33.79 73.04
C LEU C 284 -70.09 -34.62 74.27
N LYS C 285 -70.41 -35.91 74.20
CA LYS C 285 -70.18 -36.85 75.28
C LYS C 285 -69.47 -38.09 74.75
N LYS C 286 -68.68 -38.70 75.61
CA LYS C 286 -67.96 -39.92 75.28
C LYS C 286 -68.74 -41.17 75.65
N GLU C 287 -69.89 -41.03 76.32
CA GLU C 287 -70.65 -42.19 76.75
C GLU C 287 -71.14 -43.00 75.57
N ASP C 288 -71.61 -42.32 74.52
CA ASP C 288 -71.94 -42.99 73.28
C ASP C 288 -70.72 -43.35 72.46
N ILE C 289 -69.53 -42.96 72.93
CA ILE C 289 -68.28 -43.20 72.21
C ILE C 289 -67.50 -44.28 72.93
N GLN C 290 -67.67 -45.54 72.50
CA GLN C 290 -66.89 -46.63 73.05
C GLN C 290 -66.45 -47.56 71.94
N LYS C 291 -65.37 -48.28 72.20
CA LYS C 291 -64.76 -49.13 71.19
C LYS C 291 -65.50 -50.45 71.03
N GLU C 292 -65.45 -50.98 69.81
CA GLU C 292 -65.85 -52.35 69.52
C GLU C 292 -64.67 -53.02 68.80
N THR C 293 -64.05 -53.99 69.45
CA THR C 293 -62.95 -54.72 68.85
C THR C 293 -63.49 -55.95 68.13
N VAL C 294 -62.91 -56.24 66.96
CA VAL C 294 -63.28 -57.41 66.18
C VAL C 294 -62.00 -58.11 65.77
N TYR C 295 -61.88 -59.38 66.17
CA TYR C 295 -60.79 -60.24 65.72
C TYR C 295 -61.34 -61.09 64.58
N CYS C 296 -61.55 -60.41 63.44
CA CYS C 296 -62.22 -61.04 62.32
C CYS C 296 -61.45 -62.27 61.85
N LEU C 297 -62.19 -63.35 61.59
CA LEU C 297 -61.58 -64.64 61.29
C LEU C 297 -60.51 -64.52 60.23
N ASN C 298 -59.27 -64.85 60.61
CA ASN C 298 -58.12 -64.68 59.73
C ASN C 298 -58.20 -65.54 58.49
N ASP C 299 -59.06 -66.55 58.47
CA ASP C 299 -59.29 -67.34 57.27
C ASP C 299 -60.22 -66.58 56.33
N ASP C 300 -60.80 -67.27 55.36
CA ASP C 300 -61.74 -66.64 54.45
C ASP C 300 -63.05 -66.37 55.17
N ASP C 301 -63.00 -65.48 56.15
CA ASP C 301 -64.17 -65.12 56.94
C ASP C 301 -63.85 -63.83 57.68
N GLU C 302 -64.80 -63.37 58.50
CA GLU C 302 -64.65 -62.13 59.23
C GLU C 302 -65.19 -62.23 60.65
N THR C 303 -65.53 -63.42 61.12
CA THR C 303 -66.08 -63.57 62.45
C THR C 303 -65.04 -63.20 63.50
N GLU C 304 -65.49 -62.45 64.51
CA GLU C 304 -64.57 -62.06 65.57
C GLU C 304 -64.09 -63.27 66.34
N VAL C 305 -62.80 -63.28 66.63
CA VAL C 305 -62.20 -64.32 67.47
C VAL C 305 -62.21 -63.81 68.91
N LEU C 306 -62.83 -64.58 69.80
CA LEU C 306 -62.97 -64.14 71.18
C LEU C 306 -61.61 -64.11 71.87
N LYS C 307 -61.54 -63.35 72.96
CA LYS C 307 -60.29 -63.20 73.70
C LYS C 307 -59.71 -64.55 74.10
N GLU C 308 -60.57 -65.47 74.55
CA GLU C 308 -60.09 -66.82 74.85
C GLU C 308 -59.59 -67.52 73.59
N ASP C 309 -60.33 -67.37 72.48
CA ASP C 309 -60.02 -68.12 71.26
C ASP C 309 -58.70 -67.70 70.63
N ILE C 310 -58.08 -66.63 71.11
CA ILE C 310 -56.81 -66.14 70.58
C ILE C 310 -55.84 -65.99 71.75
N ILE C 311 -54.62 -66.47 71.57
CA ILE C 311 -53.61 -66.35 72.61
C ILE C 311 -52.34 -65.77 72.00
N GLN C 312 -51.33 -65.64 72.86
CA GLN C 312 -50.07 -65.00 72.51
C GLN C 312 -49.26 -65.89 71.56
N GLY C 313 -48.28 -65.27 70.91
CA GLY C 313 -47.35 -65.98 70.06
C GLY C 313 -46.15 -65.10 69.81
N PHE C 314 -45.09 -65.72 69.29
CA PHE C 314 -43.85 -64.99 69.08
C PHE C 314 -43.14 -65.50 67.84
N ARG C 315 -42.66 -64.58 67.02
CA ARG C 315 -41.89 -64.93 65.84
C ARG C 315 -40.60 -65.61 66.26
N TYR C 316 -40.43 -66.85 65.81
CA TYR C 316 -39.20 -67.61 66.06
C TYR C 316 -38.62 -68.03 64.72
N GLY C 317 -37.48 -67.46 64.36
CA GLY C 317 -36.81 -67.81 63.12
C GLY C 317 -37.68 -67.62 61.91
N SER C 318 -38.10 -68.73 61.30
CA SER C 318 -38.95 -68.71 60.14
C SER C 318 -40.41 -68.98 60.46
N ASP C 319 -40.79 -68.94 61.74
CA ASP C 319 -42.14 -69.24 62.15
C ASP C 319 -42.50 -68.40 63.37
N ILE C 320 -43.73 -68.58 63.85
CA ILE C 320 -44.20 -67.95 65.07
C ILE C 320 -44.60 -69.04 66.05
N VAL C 321 -43.98 -69.04 67.22
CA VAL C 321 -44.30 -70.02 68.24
C VAL C 321 -45.47 -69.52 69.09
N PRO C 322 -46.55 -70.29 69.21
CA PRO C 322 -47.66 -69.87 70.07
C PRO C 322 -47.23 -69.78 71.51
N PHE C 323 -47.89 -68.91 72.27
CA PHE C 323 -47.47 -68.66 73.64
C PHE C 323 -48.67 -68.42 74.53
N SER C 324 -48.60 -68.94 75.76
CA SER C 324 -49.61 -68.70 76.77
C SER C 324 -49.24 -67.44 77.56
N LYS C 325 -49.90 -67.22 78.69
CA LYS C 325 -49.58 -66.13 79.58
C LYS C 325 -49.06 -66.59 80.94
N VAL C 326 -49.53 -67.74 81.42
CA VAL C 326 -48.97 -68.32 82.63
C VAL C 326 -47.53 -68.72 82.40
N ASP C 327 -47.21 -69.17 81.19
CA ASP C 327 -45.86 -69.65 80.89
C ASP C 327 -44.84 -68.56 81.15
N GLU C 328 -45.02 -67.40 80.53
CA GLU C 328 -44.01 -66.34 80.61
C GLU C 328 -43.81 -65.89 82.04
N GLU C 329 -44.89 -65.62 82.76
CA GLU C 329 -44.75 -65.12 84.12
C GLU C 329 -44.11 -66.16 85.03
N GLN C 330 -44.38 -67.44 84.79
CA GLN C 330 -43.80 -68.46 85.65
C GLN C 330 -42.41 -68.88 85.23
N MET C 331 -41.95 -68.50 84.04
CA MET C 331 -40.60 -68.83 83.61
C MET C 331 -39.78 -67.62 83.22
N LYS C 332 -40.31 -66.41 83.38
CA LYS C 332 -39.51 -65.22 83.27
C LYS C 332 -38.50 -65.17 84.41
N TYR C 333 -37.59 -64.20 84.35
CA TYR C 333 -36.74 -63.94 85.49
C TYR C 333 -37.58 -63.34 86.61
N LYS C 334 -37.32 -63.78 87.84
CA LYS C 334 -38.08 -63.34 89.00
C LYS C 334 -37.30 -62.24 89.71
N SER C 335 -37.91 -61.07 89.83
CA SER C 335 -37.30 -59.96 90.54
C SER C 335 -37.40 -60.19 92.05
N GLU C 336 -36.89 -59.22 92.82
CA GLU C 336 -36.89 -59.30 94.27
C GLU C 336 -37.68 -58.16 94.91
N GLY C 337 -38.62 -57.58 94.17
CA GLY C 337 -39.43 -56.51 94.71
C GLY C 337 -38.65 -55.21 94.82
N LYS C 338 -39.08 -54.38 95.76
CA LYS C 338 -38.45 -53.08 96.01
C LYS C 338 -37.11 -53.32 96.70
N CYS C 339 -36.04 -53.36 95.91
CA CYS C 339 -34.71 -53.60 96.44
C CYS C 339 -33.70 -52.93 95.53
N PHE C 340 -32.51 -52.68 96.08
CA PHE C 340 -31.48 -51.96 95.34
C PHE C 340 -30.14 -52.26 95.99
N SER C 341 -29.14 -52.58 95.17
CA SER C 341 -27.86 -53.06 95.68
C SER C 341 -26.71 -52.42 94.91
N VAL C 342 -25.55 -52.37 95.55
CA VAL C 342 -24.32 -51.91 94.93
C VAL C 342 -23.63 -53.10 94.28
N LEU C 343 -22.78 -52.81 93.30
CA LEU C 343 -22.07 -53.87 92.58
C LEU C 343 -20.55 -53.70 92.62
N GLY C 344 -20.04 -52.49 92.50
CA GLY C 344 -18.60 -52.30 92.50
C GLY C 344 -18.24 -50.83 92.42
N PHE C 345 -16.94 -50.58 92.45
CA PHE C 345 -16.40 -49.22 92.40
C PHE C 345 -15.47 -49.08 91.21
N CYS C 346 -15.64 -47.99 90.46
CA CYS C 346 -14.79 -47.72 89.30
C CYS C 346 -14.49 -46.24 89.24
N LYS C 347 -13.44 -45.91 88.49
CA LYS C 347 -13.05 -44.52 88.30
C LYS C 347 -14.13 -43.77 87.53
N SER C 348 -14.28 -42.48 87.87
CA SER C 348 -15.23 -41.63 87.17
C SER C 348 -14.93 -41.55 85.68
N SER C 349 -13.64 -41.60 85.31
CA SER C 349 -13.27 -41.47 83.91
C SER C 349 -13.68 -42.69 83.08
N GLN C 350 -13.90 -43.84 83.72
CA GLN C 350 -14.24 -45.05 82.99
C GLN C 350 -15.62 -44.98 82.36
N VAL C 351 -16.43 -43.97 82.70
CA VAL C 351 -17.79 -43.83 82.18
C VAL C 351 -17.92 -42.47 81.51
N GLN C 352 -18.63 -42.43 80.39
CA GLN C 352 -18.89 -41.21 79.65
C GLN C 352 -20.40 -40.98 79.55
N ARG C 353 -20.77 -39.71 79.38
CA ARG C 353 -22.17 -39.33 79.36
C ARG C 353 -22.95 -40.06 78.27
N ARG C 354 -22.27 -40.45 77.18
CA ARG C 354 -22.90 -41.19 76.10
C ARG C 354 -23.39 -42.56 76.54
N PHE C 355 -22.92 -43.06 77.68
CA PHE C 355 -23.31 -44.37 78.19
C PHE C 355 -24.33 -44.26 79.31
N PHE C 356 -25.05 -43.15 79.38
CA PHE C 356 -25.99 -42.90 80.46
C PHE C 356 -27.38 -43.25 79.98
N MET C 357 -28.00 -44.23 80.60
CA MET C 357 -29.37 -44.59 80.31
C MET C 357 -30.31 -43.94 81.31
N GLY C 358 -31.60 -44.00 81.01
CA GLY C 358 -32.60 -43.38 81.83
C GLY C 358 -33.02 -42.01 81.33
N ASN C 359 -34.21 -41.60 81.76
CA ASN C 359 -34.75 -40.30 81.45
C ASN C 359 -34.78 -39.36 82.64
N GLN C 360 -34.79 -39.88 83.86
CA GLN C 360 -34.96 -39.10 85.06
C GLN C 360 -33.73 -39.25 85.94
N VAL C 361 -33.50 -38.25 86.78
CA VAL C 361 -32.36 -38.22 87.68
C VAL C 361 -32.85 -38.60 89.08
N LEU C 362 -32.22 -39.61 89.67
CA LEU C 362 -32.59 -40.10 91.00
C LEU C 362 -31.63 -39.48 92.00
N LYS C 363 -31.97 -38.29 92.48
CA LYS C 363 -31.25 -37.69 93.60
C LYS C 363 -31.71 -38.36 94.88
N VAL C 364 -30.77 -39.01 95.58
CA VAL C 364 -31.10 -39.88 96.69
C VAL C 364 -30.38 -39.39 97.94
N PHE C 365 -31.06 -39.51 99.07
CA PHE C 365 -30.48 -39.38 100.39
C PHE C 365 -30.76 -40.64 101.19
N ALA C 366 -30.09 -40.74 102.34
CA ALA C 366 -30.48 -41.74 103.32
C ALA C 366 -31.81 -41.33 103.95
N ALA C 367 -32.60 -42.34 104.33
CA ALA C 367 -33.91 -42.06 104.90
C ALA C 367 -33.76 -41.36 106.24
N ARG C 368 -34.77 -40.56 106.59
CA ARG C 368 -34.73 -39.75 107.79
C ARG C 368 -34.80 -40.64 109.04
N ASP C 369 -34.46 -40.05 110.18
CA ASP C 369 -34.45 -40.65 111.51
C ASP C 369 -33.34 -41.66 111.70
N ASP C 370 -32.50 -41.91 110.69
CA ASP C 370 -31.30 -42.71 110.84
C ASP C 370 -30.12 -41.77 110.59
N GLU C 371 -29.73 -41.05 111.64
CA GLU C 371 -28.62 -40.11 111.52
C GLU C 371 -27.29 -40.83 111.42
N ALA C 372 -27.20 -42.04 111.97
CA ALA C 372 -26.03 -42.87 111.74
C ALA C 372 -25.90 -43.22 110.27
N ALA C 373 -27.01 -43.58 109.62
CA ALA C 373 -26.98 -43.79 108.19
C ALA C 373 -26.65 -42.50 107.44
N ALA C 374 -27.08 -41.36 107.98
CA ALA C 374 -26.73 -40.08 107.36
C ALA C 374 -25.22 -39.85 107.41
N VAL C 375 -24.59 -40.11 108.56
CA VAL C 375 -23.15 -39.95 108.66
C VAL C 375 -22.43 -40.94 107.76
N ALA C 376 -22.94 -42.16 107.67
CA ALA C 376 -22.35 -43.16 106.78
C ALA C 376 -22.42 -42.69 105.33
N LEU C 377 -23.58 -42.16 104.92
CA LEU C 377 -23.73 -41.66 103.56
C LEU C 377 -22.79 -40.49 103.30
N SER C 378 -22.64 -39.60 104.29
CA SER C 378 -21.72 -38.48 104.13
C SER C 378 -20.29 -38.97 103.95
N SER C 379 -19.87 -39.96 104.74
CA SER C 379 -18.53 -40.52 104.57
C SER C 379 -18.38 -41.15 103.20
N LEU C 380 -19.43 -41.84 102.73
CA LEU C 380 -19.42 -42.37 101.37
C LEU C 380 -19.16 -41.27 100.36
N ILE C 381 -19.89 -40.16 100.50
CA ILE C 381 -19.77 -39.06 99.55
C ILE C 381 -18.35 -38.51 99.57
N HIS C 382 -17.81 -38.30 100.78
CA HIS C 382 -16.47 -37.73 100.90
C HIS C 382 -15.43 -38.66 100.29
N ALA C 383 -15.56 -39.96 100.54
CA ALA C 383 -14.62 -40.92 99.96
C ALA C 383 -14.72 -40.91 98.43
N LEU C 384 -15.95 -40.81 97.90
CA LEU C 384 -16.11 -40.74 96.46
C LEU C 384 -15.44 -39.50 95.89
N ASP C 385 -15.60 -38.36 96.57
CA ASP C 385 -14.97 -37.14 96.11
C ASP C 385 -13.46 -37.28 96.09
N ASP C 386 -12.90 -37.77 97.19
CA ASP C 386 -11.44 -37.85 97.29
C ASP C 386 -10.87 -38.85 96.30
N LEU C 387 -11.49 -40.02 96.17
CA LEU C 387 -10.98 -41.07 95.29
C LEU C 387 -11.45 -40.93 93.85
N ASP C 388 -12.39 -40.02 93.57
CA ASP C 388 -12.99 -39.90 92.25
C ASP C 388 -13.62 -41.22 91.80
N MET C 389 -14.15 -41.97 92.78
CA MET C 389 -14.90 -43.18 92.48
C MET C 389 -16.33 -42.86 92.08
N VAL C 390 -16.91 -43.74 91.27
CA VAL C 390 -18.33 -43.77 91.01
C VAL C 390 -18.81 -45.20 91.24
N ALA C 391 -19.95 -45.33 91.93
CA ALA C 391 -20.42 -46.62 92.39
C ALA C 391 -21.33 -47.27 91.37
N ILE C 392 -20.99 -48.50 90.98
CA ILE C 392 -21.83 -49.30 90.11
C ILE C 392 -22.81 -50.08 90.98
N VAL C 393 -24.09 -49.96 90.67
CA VAL C 393 -25.15 -50.45 91.54
C VAL C 393 -26.20 -51.18 90.71
N ARG C 394 -26.96 -52.04 91.39
CA ARG C 394 -28.08 -52.76 90.81
C ARG C 394 -29.37 -52.28 91.45
N TYR C 395 -30.33 -51.87 90.62
CA TYR C 395 -31.58 -51.30 91.09
C TYR C 395 -32.75 -52.13 90.61
N ALA C 396 -33.68 -52.42 91.53
CA ALA C 396 -34.93 -53.12 91.22
C ALA C 396 -36.06 -52.33 91.84
N TYR C 397 -36.86 -51.66 91.00
CA TYR C 397 -37.86 -50.74 91.51
C TYR C 397 -38.89 -51.46 92.36
N ASP C 398 -39.47 -52.54 91.85
CA ASP C 398 -40.47 -53.27 92.61
C ASP C 398 -40.54 -54.70 92.07
N LYS C 399 -41.62 -55.40 92.42
CA LYS C 399 -41.79 -56.79 91.99
C LYS C 399 -41.88 -56.89 90.47
N ARG C 400 -42.64 -56.00 89.83
CA ARG C 400 -42.93 -56.11 88.42
C ARG C 400 -42.13 -55.11 87.58
N ALA C 401 -41.17 -54.42 88.17
CA ALA C 401 -40.23 -53.62 87.41
C ALA C 401 -38.91 -54.35 87.29
N ASN C 402 -38.36 -54.37 86.09
CA ASN C 402 -37.17 -55.14 85.81
C ASN C 402 -35.98 -54.59 86.58
N PRO C 403 -35.29 -55.39 87.38
CA PRO C 403 -34.02 -54.95 87.95
C PRO C 403 -33.02 -54.62 86.85
N GLN C 404 -32.20 -53.61 87.11
CA GLN C 404 -31.32 -53.06 86.09
C GLN C 404 -30.13 -52.40 86.76
N VAL C 405 -29.16 -52.00 85.93
CA VAL C 405 -27.88 -51.50 86.41
C VAL C 405 -27.78 -50.01 86.09
N GLY C 406 -27.21 -49.25 87.02
CA GLY C 406 -27.03 -47.83 86.85
C GLY C 406 -25.79 -47.36 87.58
N VAL C 407 -25.49 -46.07 87.43
CA VAL C 407 -24.32 -45.46 88.03
C VAL C 407 -24.79 -44.48 89.09
N ALA C 408 -24.10 -44.46 90.23
CA ALA C 408 -24.38 -43.55 91.32
C ALA C 408 -23.17 -42.66 91.55
N PHE C 409 -23.36 -41.36 91.46
CA PHE C 409 -22.29 -40.40 91.71
C PHE C 409 -22.78 -39.32 92.66
N PRO C 410 -21.89 -38.80 93.50
CA PRO C 410 -22.31 -37.79 94.48
C PRO C 410 -22.65 -36.47 93.81
N HIS C 411 -23.63 -35.78 94.40
CA HIS C 411 -23.92 -34.38 94.10
C HIS C 411 -23.88 -33.61 95.41
N ILE C 412 -23.16 -32.50 95.39
CA ILE C 412 -22.85 -31.75 96.62
C ILE C 412 -23.32 -30.32 96.44
N LYS C 413 -24.09 -29.84 97.42
CA LYS C 413 -24.42 -28.43 97.55
C LYS C 413 -24.20 -28.03 99.00
N HIS C 414 -24.05 -26.72 99.21
CA HIS C 414 -23.71 -26.20 100.53
C HIS C 414 -24.65 -26.72 101.60
N ASN C 415 -25.93 -26.84 101.27
CA ASN C 415 -26.94 -27.30 102.22
C ASN C 415 -27.26 -28.79 102.13
N TYR C 416 -26.73 -29.50 101.13
CA TYR C 416 -26.95 -30.93 101.06
C TYR C 416 -25.90 -31.59 100.17
N GLU C 417 -25.46 -32.77 100.59
CA GLU C 417 -24.69 -33.67 99.75
C GLU C 417 -25.52 -34.92 99.48
N CYS C 418 -25.54 -35.37 98.23
CA CYS C 418 -26.35 -36.51 97.87
C CYS C 418 -25.70 -37.26 96.73
N LEU C 419 -26.13 -38.49 96.54
CA LEU C 419 -25.73 -39.31 95.40
C LEU C 419 -26.80 -39.24 94.32
N VAL C 420 -26.36 -39.35 93.07
CA VAL C 420 -27.25 -39.25 91.91
C VAL C 420 -27.16 -40.56 91.15
N TYR C 421 -28.31 -41.22 90.95
CA TYR C 421 -28.38 -42.46 90.21
C TYR C 421 -28.73 -42.18 88.76
N VAL C 422 -27.97 -42.77 87.85
CA VAL C 422 -28.27 -42.72 86.42
C VAL C 422 -28.22 -44.14 85.88
N GLN C 423 -29.27 -44.54 85.17
CA GLN C 423 -29.33 -45.89 84.62
C GLN C 423 -28.23 -46.09 83.59
N LEU C 424 -27.79 -47.33 83.47
CA LEU C 424 -26.74 -47.72 82.53
C LEU C 424 -27.23 -48.87 81.66
N PRO C 425 -26.69 -49.00 80.46
CA PRO C 425 -27.16 -50.04 79.55
C PRO C 425 -26.42 -51.36 79.74
N PHE C 426 -26.91 -52.38 79.04
CA PHE C 426 -26.25 -53.66 78.93
C PHE C 426 -25.51 -53.73 77.60
N MET C 427 -24.76 -54.81 77.40
CA MET C 427 -24.22 -55.08 76.08
C MET C 427 -25.33 -55.30 75.07
N GLU C 428 -26.51 -55.71 75.55
CA GLU C 428 -27.67 -55.85 74.67
C GLU C 428 -28.03 -54.53 74.02
N ASP C 429 -28.03 -53.44 74.81
CA ASP C 429 -28.47 -52.15 74.33
C ASP C 429 -27.51 -51.53 73.32
N LEU C 430 -26.26 -51.98 73.29
CA LEU C 430 -25.27 -51.37 72.41
C LEU C 430 -25.61 -51.68 70.95
N ARG C 431 -25.44 -50.68 70.10
CA ARG C 431 -25.62 -50.80 68.66
C ARG C 431 -24.41 -50.21 67.94
N GLN C 432 -23.22 -50.62 68.37
CA GLN C 432 -21.99 -50.01 67.90
C GLN C 432 -21.90 -50.02 66.38
N TYR C 433 -21.52 -48.89 65.82
CA TYR C 433 -21.23 -48.77 64.40
C TYR C 433 -19.91 -48.06 64.19
N MET C 434 -19.45 -48.11 62.94
CA MET C 434 -18.15 -47.58 62.56
C MET C 434 -18.35 -46.41 61.60
N PHE C 435 -17.50 -45.39 61.74
CA PHE C 435 -17.53 -44.26 60.83
C PHE C 435 -16.18 -43.98 60.20
N SER C 436 -16.10 -42.92 59.41
CA SER C 436 -14.86 -42.51 58.76
C SER C 436 -14.26 -41.33 59.52
N SER C 437 -13.06 -40.93 59.10
CA SER C 437 -12.36 -39.79 59.68
C SER C 437 -12.12 -38.79 58.57
N LEU C 438 -13.08 -37.90 58.35
CA LEU C 438 -12.95 -36.93 57.26
C LEU C 438 -11.88 -35.89 57.54
N LYS C 439 -11.46 -35.73 58.80
CA LYS C 439 -10.33 -34.86 59.09
C LYS C 439 -9.06 -35.42 58.47
N ASN C 440 -8.92 -36.74 58.40
CA ASN C 440 -7.86 -37.36 57.64
C ASN C 440 -8.19 -37.48 56.17
N SER C 441 -9.43 -37.21 55.78
CA SER C 441 -9.80 -37.04 54.37
C SER C 441 -9.57 -35.57 54.05
N LYS C 442 -8.32 -35.24 53.68
CA LYS C 442 -7.90 -33.87 53.52
C LYS C 442 -8.71 -33.12 52.48
N LYS C 443 -9.54 -33.81 51.69
CA LYS C 443 -10.49 -33.13 50.83
C LYS C 443 -11.50 -32.32 51.63
N TYR C 444 -11.67 -32.64 52.91
CA TYR C 444 -12.56 -31.91 53.80
C TYR C 444 -11.83 -31.35 55.01
N ALA C 445 -10.51 -31.18 54.91
CA ALA C 445 -9.75 -30.48 55.93
C ALA C 445 -9.86 -28.98 55.68
N PRO C 446 -10.41 -28.20 56.61
CA PRO C 446 -10.63 -26.78 56.35
C PRO C 446 -9.33 -26.01 56.21
N THR C 447 -9.38 -24.96 55.38
CA THR C 447 -8.25 -24.07 55.26
C THR C 447 -8.10 -23.25 56.53
N GLU C 448 -6.88 -22.73 56.75
CA GLU C 448 -6.60 -22.00 57.98
C GLU C 448 -7.45 -20.75 58.07
N ALA C 449 -7.60 -20.01 56.97
CA ALA C 449 -8.43 -18.81 57.01
C ALA C 449 -9.86 -19.15 57.39
N GLN C 450 -10.36 -20.28 56.90
CA GLN C 450 -11.68 -20.76 57.32
C GLN C 450 -11.70 -21.03 58.82
N LEU C 451 -10.62 -21.61 59.35
CA LEU C 451 -10.55 -21.87 60.77
C LEU C 451 -10.57 -20.58 61.57
N ASN C 452 -9.86 -19.55 61.09
CA ASN C 452 -9.87 -18.26 61.78
C ASN C 452 -11.25 -17.62 61.73
N ALA C 453 -11.94 -17.74 60.60
CA ALA C 453 -13.31 -17.24 60.53
C ALA C 453 -14.21 -17.97 61.51
N VAL C 454 -14.02 -19.29 61.61
CA VAL C 454 -14.79 -20.09 62.57
C VAL C 454 -14.51 -19.61 64.00
N ASP C 455 -13.24 -19.37 64.31
CA ASP C 455 -12.88 -18.91 65.65
C ASP C 455 -13.51 -17.55 65.94
N ALA C 456 -13.48 -16.65 64.96
CA ALA C 456 -14.11 -15.34 65.14
C ALA C 456 -15.60 -15.50 65.40
N LEU C 457 -16.26 -16.41 64.67
CA LEU C 457 -17.67 -16.66 64.91
C LEU C 457 -17.90 -17.20 66.31
N ILE C 458 -17.05 -18.12 66.77
CA ILE C 458 -17.21 -18.66 68.11
C ILE C 458 -17.11 -17.55 69.15
N ASP C 459 -16.13 -16.67 68.97
CA ASP C 459 -15.98 -15.54 69.88
C ASP C 459 -17.20 -14.63 69.84
N SER C 460 -17.76 -14.42 68.66
CA SER C 460 -18.96 -13.62 68.54
C SER C 460 -20.24 -14.36 68.96
N MET C 461 -20.14 -15.67 69.22
CA MET C 461 -21.22 -16.55 69.64
C MET C 461 -21.07 -17.19 71.02
N SER C 462 -19.95 -16.96 71.71
CA SER C 462 -19.84 -17.47 73.07
C SER C 462 -20.89 -16.81 73.96
N LEU C 463 -21.69 -17.63 74.63
CA LEU C 463 -22.75 -17.13 75.50
C LEU C 463 -22.32 -17.18 76.96
N ALA C 464 -21.03 -16.98 77.22
CA ALA C 464 -20.48 -17.00 78.56
C ALA C 464 -19.63 -15.77 78.77
N LYS C 465 -19.75 -15.16 79.95
CA LYS C 465 -18.94 -14.01 80.33
C LYS C 465 -18.13 -14.37 81.56
N LYS C 466 -16.82 -14.14 81.49
CA LYS C 466 -15.95 -14.37 82.63
C LYS C 466 -16.13 -13.23 83.62
N ASP C 467 -16.70 -13.53 84.78
CA ASP C 467 -17.00 -12.50 85.77
C ASP C 467 -15.71 -12.06 86.45
N GLU C 468 -15.22 -10.88 86.10
CA GLU C 468 -14.05 -10.33 86.79
C GLU C 468 -14.47 -9.42 87.94
N LYS C 469 -15.34 -9.95 88.78
CA LYS C 469 -15.67 -9.47 90.11
C LYS C 469 -15.60 -10.59 91.13
N THR C 470 -16.09 -11.77 90.78
CA THR C 470 -15.71 -13.04 91.39
C THR C 470 -15.53 -14.00 90.23
N ASP C 471 -14.42 -14.74 90.24
CA ASP C 471 -14.02 -15.43 89.02
C ASP C 471 -14.96 -16.58 88.70
N THR C 472 -15.98 -16.28 87.91
CA THR C 472 -16.97 -17.25 87.48
C THR C 472 -17.33 -16.97 86.02
N LEU C 473 -17.99 -17.93 85.40
CA LEU C 473 -18.44 -17.82 84.01
C LEU C 473 -19.95 -17.64 84.02
N GLU C 474 -20.38 -16.39 83.86
CA GLU C 474 -21.80 -16.10 83.80
C GLU C 474 -22.39 -16.55 82.48
N ASP C 475 -23.50 -17.27 82.54
CA ASP C 475 -24.22 -17.68 81.35
C ASP C 475 -25.00 -16.50 80.80
N LEU C 476 -24.88 -16.26 79.49
CA LEU C 476 -25.58 -15.17 78.83
C LEU C 476 -26.88 -15.64 78.17
N PHE C 477 -27.33 -16.85 78.47
CA PHE C 477 -28.57 -17.39 77.93
C PHE C 477 -29.07 -18.52 78.83
N PRO C 478 -29.83 -18.20 79.88
CA PRO C 478 -30.29 -19.26 80.80
C PRO C 478 -31.13 -20.31 80.07
N THR C 479 -30.91 -21.56 80.44
CA THR C 479 -31.57 -22.67 79.76
C THR C 479 -32.29 -23.59 80.73
N THR C 480 -31.72 -23.80 81.91
CA THR C 480 -32.30 -24.71 82.90
C THR C 480 -33.35 -24.03 83.77
N LYS C 481 -33.42 -22.71 83.75
CA LYS C 481 -34.39 -21.97 84.54
C LYS C 481 -35.64 -21.64 83.76
N ILE C 482 -35.90 -22.36 82.67
CA ILE C 482 -37.04 -22.12 81.80
C ILE C 482 -37.74 -23.43 81.53
N PRO C 483 -39.04 -23.56 81.82
CA PRO C 483 -39.77 -24.77 81.45
C PRO C 483 -40.18 -24.74 79.99
N ASN C 484 -40.77 -25.84 79.55
CA ASN C 484 -41.13 -25.97 78.14
C ASN C 484 -42.31 -25.07 77.81
N PRO C 485 -42.23 -24.28 76.73
CA PRO C 485 -43.34 -23.38 76.38
C PRO C 485 -44.55 -24.08 75.79
N ARG C 486 -44.48 -25.39 75.56
CA ARG C 486 -45.62 -26.08 74.98
C ARG C 486 -46.84 -25.97 75.88
N PHE C 487 -46.66 -26.06 77.19
CA PHE C 487 -47.76 -25.89 78.11
C PHE C 487 -48.32 -24.47 78.06
N GLN C 488 -47.43 -23.48 77.86
CA GLN C 488 -47.90 -22.11 77.72
C GLN C 488 -48.77 -21.96 76.48
N ARG C 489 -48.37 -22.58 75.37
CA ARG C 489 -49.20 -22.57 74.17
C ARG C 489 -50.51 -23.30 74.42
N LEU C 490 -50.46 -24.38 75.19
CA LEU C 490 -51.68 -25.09 75.59
C LEU C 490 -52.63 -24.15 76.30
N PHE C 491 -52.10 -23.40 77.27
CA PHE C 491 -52.94 -22.46 78.01
C PHE C 491 -53.51 -21.41 77.07
N GLN C 492 -52.67 -20.87 76.18
CA GLN C 492 -53.12 -19.92 75.17
C GLN C 492 -54.35 -20.45 74.43
N CYS C 493 -54.19 -21.59 73.77
CA CYS C 493 -55.27 -22.11 72.92
C CYS C 493 -56.50 -22.48 73.76
N LEU C 494 -56.28 -23.09 74.92
CA LEU C 494 -57.41 -23.52 75.75
C LEU C 494 -58.22 -22.33 76.23
N LEU C 495 -57.55 -21.28 76.72
CA LEU C 495 -58.28 -20.11 77.17
C LEU C 495 -58.96 -19.41 75.99
N HIS C 496 -58.31 -19.36 74.84
CA HIS C 496 -58.95 -18.74 73.68
C HIS C 496 -60.23 -19.48 73.32
N ARG C 497 -60.17 -20.81 73.26
CA ARG C 497 -61.37 -21.58 72.97
C ARG C 497 -62.42 -21.41 74.06
N ALA C 498 -62.00 -21.23 75.30
CA ALA C 498 -62.94 -20.96 76.38
C ALA C 498 -63.70 -19.66 76.12
N LEU C 499 -62.96 -18.57 75.91
CA LEU C 499 -63.59 -17.29 75.63
C LEU C 499 -64.20 -17.27 74.24
N HIS C 500 -63.58 -17.98 73.31
CA HIS C 500 -63.96 -17.95 71.90
C HIS C 500 -64.16 -19.38 71.43
N PRO C 501 -65.29 -20.00 71.79
CA PRO C 501 -65.62 -21.32 71.23
C PRO C 501 -65.86 -21.28 69.74
N ARG C 502 -65.71 -20.11 69.12
CA ARG C 502 -65.92 -19.87 67.71
C ARG C 502 -64.70 -19.29 67.01
N GLU C 503 -63.89 -18.49 67.72
CA GLU C 503 -62.75 -17.87 67.06
C GLU C 503 -61.58 -18.84 67.01
N PRO C 504 -60.86 -18.89 65.90
CA PRO C 504 -59.69 -19.79 65.80
C PRO C 504 -58.63 -19.42 66.81
N LEU C 505 -57.85 -20.42 67.21
CA LEU C 505 -56.84 -20.22 68.23
C LEU C 505 -55.80 -19.22 67.74
N PRO C 506 -55.29 -18.36 68.62
CA PRO C 506 -54.36 -17.31 68.19
C PRO C 506 -52.97 -17.89 67.97
N PRO C 507 -52.12 -17.19 67.21
CA PRO C 507 -50.75 -17.67 67.01
C PRO C 507 -49.94 -17.57 68.31
N ILE C 508 -48.76 -18.19 68.26
CA ILE C 508 -47.89 -18.21 69.44
C ILE C 508 -47.46 -16.79 69.78
N GLN C 509 -47.54 -16.45 71.06
CA GLN C 509 -47.22 -15.11 71.50
C GLN C 509 -45.75 -14.79 71.24
N GLN C 510 -45.48 -13.50 71.02
CA GLN C 510 -44.12 -13.09 70.70
C GLN C 510 -43.16 -13.36 71.84
N HIS C 511 -43.61 -13.16 73.08
CA HIS C 511 -42.74 -13.40 74.22
C HIS C 511 -42.26 -14.85 74.27
N ILE C 512 -43.07 -15.78 73.76
CA ILE C 512 -42.64 -17.17 73.68
C ILE C 512 -41.43 -17.28 72.75
N TRP C 513 -41.52 -16.67 71.58
CA TRP C 513 -40.36 -16.63 70.69
C TRP C 513 -39.18 -15.96 71.37
N ASN C 514 -39.45 -14.91 72.13
CA ASN C 514 -38.38 -14.16 72.77
C ASN C 514 -37.62 -15.04 73.78
N MET C 515 -38.34 -15.83 74.58
CA MET C 515 -37.63 -16.78 75.43
C MET C 515 -36.97 -17.88 74.61
N LEU C 516 -37.46 -18.16 73.40
CA LEU C 516 -36.69 -19.02 72.51
C LEU C 516 -35.48 -18.31 71.92
N ASN C 517 -35.44 -16.97 71.97
CA ASN C 517 -34.34 -16.28 71.33
C ASN C 517 -33.26 -15.87 72.34
N PRO C 518 -32.01 -15.85 71.90
CA PRO C 518 -30.93 -15.35 72.76
C PRO C 518 -30.77 -13.84 72.60
N PRO C 519 -29.89 -13.22 73.38
CA PRO C 519 -29.65 -11.77 73.19
C PRO C 519 -29.19 -11.46 71.78
N ALA C 520 -29.84 -10.47 71.16
CA ALA C 520 -29.57 -10.13 69.76
C ALA C 520 -28.21 -9.47 69.58
N GLU C 521 -27.61 -8.97 70.66
CA GLU C 521 -26.27 -8.39 70.55
C GLU C 521 -25.28 -9.44 70.08
N VAL C 522 -25.43 -10.67 70.56
CA VAL C 522 -24.55 -11.74 70.14
C VAL C 522 -24.67 -11.96 68.64
N THR C 523 -25.91 -11.98 68.13
CA THR C 523 -26.14 -12.16 66.71
C THR C 523 -25.53 -11.01 65.90
N THR C 524 -25.65 -9.79 66.43
CA THR C 524 -24.98 -8.65 65.81
C THR C 524 -23.49 -8.89 65.72
N LYS C 525 -22.90 -9.46 66.78
CA LYS C 525 -21.49 -9.81 66.74
C LYS C 525 -21.22 -10.83 65.62
N SER C 526 -22.13 -11.78 65.44
CA SER C 526 -21.98 -12.77 64.38
C SER C 526 -22.06 -12.17 63.00
N GLN C 527 -22.78 -11.06 62.85
CA GLN C 527 -23.17 -10.54 61.53
C GLN C 527 -22.06 -10.65 60.49
N ILE C 528 -20.88 -10.13 60.82
CA ILE C 528 -19.76 -10.13 59.90
C ILE C 528 -19.09 -11.50 59.84
N PRO C 529 -18.88 -12.20 60.98
CA PRO C 529 -18.41 -13.59 60.89
C PRO C 529 -19.28 -14.47 60.02
N LEU C 530 -20.60 -14.27 60.07
CA LEU C 530 -21.49 -15.04 59.20
C LEU C 530 -21.13 -14.81 57.73
N SER C 531 -20.94 -13.55 57.35
CA SER C 531 -20.62 -13.23 55.97
C SER C 531 -19.29 -13.83 55.55
N LYS C 532 -18.26 -13.68 56.40
CA LYS C 532 -16.95 -14.20 56.02
C LYS C 532 -16.99 -15.71 55.90
N ILE C 533 -17.72 -16.38 56.78
CA ILE C 533 -17.76 -17.84 56.75
C ILE C 533 -18.54 -18.33 55.53
N LYS C 534 -19.70 -17.72 55.26
CA LYS C 534 -20.47 -18.14 54.09
C LYS C 534 -19.71 -17.86 52.81
N THR C 535 -18.84 -16.85 52.79
CA THR C 535 -17.99 -16.63 51.64
C THR C 535 -16.89 -17.67 51.56
N LEU C 536 -16.34 -18.08 52.71
CA LEU C 536 -15.20 -18.99 52.72
C LEU C 536 -15.57 -20.45 52.54
N PHE C 537 -16.85 -20.81 52.64
CA PHE C 537 -17.17 -22.22 52.55
C PHE C 537 -18.12 -22.49 51.39
N PRO C 538 -18.05 -23.68 50.79
CA PRO C 538 -19.04 -24.07 49.76
C PRO C 538 -20.33 -24.55 50.40
N LEU C 539 -21.39 -23.77 50.23
CA LEU C 539 -22.71 -24.10 50.78
C LEU C 539 -23.61 -24.79 49.77
N ILE C 540 -23.03 -25.54 48.84
CA ILE C 540 -23.82 -26.16 47.80
C ILE C 540 -24.77 -27.19 48.41
N GLU C 541 -26.03 -27.16 47.97
CA GLU C 541 -27.05 -28.04 48.50
C GLU C 541 -27.88 -28.58 47.35
N ALA C 542 -28.08 -29.91 47.34
CA ALA C 542 -28.96 -30.51 46.37
C ALA C 542 -30.41 -30.11 46.64
N LYS C 543 -31.19 -30.01 45.57
CA LYS C 543 -32.60 -29.63 45.72
C LYS C 543 -33.37 -30.74 46.43
N LYS C 544 -34.26 -30.34 47.34
CA LYS C 544 -35.10 -31.27 48.06
C LYS C 544 -36.54 -31.23 47.55
N ASN C 593 -59.49 6.70 7.54
CA ASN C 593 -60.32 5.94 8.47
C ASN C 593 -59.78 6.01 9.92
N PRO C 594 -58.47 5.84 10.13
CA PRO C 594 -57.92 6.09 11.47
C PRO C 594 -57.99 7.55 11.88
N ALA C 595 -58.38 8.45 10.97
CA ALA C 595 -58.70 9.81 11.36
C ALA C 595 -59.73 9.82 12.47
N GLU C 596 -60.82 9.08 12.26
CA GLU C 596 -61.83 8.93 13.30
C GLU C 596 -61.26 8.23 14.52
N ASN C 597 -60.33 7.29 14.30
CA ASN C 597 -59.72 6.57 15.42
C ASN C 597 -59.04 7.54 16.38
N PHE C 598 -58.15 8.39 15.87
CA PHE C 598 -57.47 9.31 16.78
C PHE C 598 -58.40 10.43 17.23
N ARG C 599 -59.39 10.79 16.42
CA ARG C 599 -60.34 11.82 16.82
C ARG C 599 -61.11 11.39 18.05
N VAL C 600 -61.59 10.15 18.07
CA VAL C 600 -62.25 9.63 19.25
C VAL C 600 -61.26 9.25 20.33
N LEU C 601 -60.00 8.97 19.96
CA LEU C 601 -59.00 8.60 20.95
C LEU C 601 -58.65 9.77 21.86
N VAL C 602 -58.39 10.94 21.27
CA VAL C 602 -57.91 12.07 22.05
C VAL C 602 -58.97 12.62 22.99
N LYS C 603 -60.25 12.35 22.72
CA LYS C 603 -61.32 12.79 23.58
C LYS C 603 -62.02 11.63 24.29
N GLN C 604 -61.53 10.41 24.12
CA GLN C 604 -62.03 9.27 24.89
C GLN C 604 -61.15 8.92 26.07
N LYS C 605 -59.90 9.38 26.09
CA LYS C 605 -59.06 9.33 27.27
C LYS C 605 -58.52 10.70 27.65
N LYS C 606 -58.89 11.75 26.92
CA LYS C 606 -58.60 13.13 27.30
C LYS C 606 -57.10 13.37 27.48
N ALA C 607 -56.33 12.92 26.49
CA ALA C 607 -54.88 13.11 26.50
C ALA C 607 -54.46 13.79 25.21
N SER C 608 -53.32 14.49 25.27
CA SER C 608 -52.79 15.12 24.08
C SER C 608 -52.45 14.08 23.01
N PHE C 609 -51.97 12.91 23.44
CA PHE C 609 -51.81 11.74 22.59
C PHE C 609 -50.89 12.03 21.40
N GLU C 610 -49.62 12.25 21.75
CA GLU C 610 -48.59 12.44 20.74
C GLU C 610 -48.55 11.28 19.76
N GLU C 611 -48.93 10.08 20.21
CA GLU C 611 -49.01 8.93 19.30
C GLU C 611 -50.03 9.18 18.22
N ALA C 612 -51.16 9.80 18.56
CA ALA C 612 -52.13 10.18 17.55
C ALA C 612 -51.53 11.19 16.57
N SER C 613 -50.72 12.13 17.08
CA SER C 613 -50.05 13.08 16.20
C SER C 613 -49.13 12.36 15.22
N ASN C 614 -48.37 11.38 15.72
CA ASN C 614 -47.50 10.61 14.83
C ASN C 614 -48.32 9.85 13.80
N GLN C 615 -49.43 9.26 14.23
CA GLN C 615 -50.29 8.51 13.32
C GLN C 615 -50.81 9.41 12.20
N LEU C 616 -51.31 10.60 12.55
CA LEU C 616 -51.85 11.49 11.54
C LEU C 616 -50.75 12.05 10.64
N ILE C 617 -49.57 12.31 11.19
CA ILE C 617 -48.46 12.75 10.35
C ILE C 617 -48.10 11.66 9.35
N ASN C 618 -48.02 10.41 9.81
CA ASN C 618 -47.73 9.30 8.93
C ASN C 618 -48.78 9.16 7.85
N HIS C 619 -50.05 9.37 8.21
CA HIS C 619 -51.12 9.30 7.22
C HIS C 619 -50.97 10.39 6.17
N ILE C 620 -50.93 11.65 6.61
CA ILE C 620 -50.99 12.77 5.70
C ILE C 620 -49.73 12.87 4.84
N GLU C 621 -48.59 12.41 5.36
CA GLU C 621 -47.33 12.62 4.65
C GLU C 621 -47.26 11.86 3.33
N GLN C 622 -48.09 10.83 3.17
CA GLN C 622 -47.98 9.93 2.02
C GLN C 622 -48.60 10.60 0.81
N PHE C 623 -47.76 11.28 0.03
CA PHE C 623 -48.22 11.89 -1.21
C PHE C 623 -47.25 11.76 -2.39
N LEU C 624 -45.98 11.43 -2.17
CA LEU C 624 -45.03 11.37 -3.27
C LEU C 624 -45.42 10.32 -4.29
N ASP C 625 -45.79 9.13 -3.80
CA ASP C 625 -46.36 8.10 -4.65
C ASP C 625 -47.88 8.12 -4.62
N THR C 626 -48.46 8.55 -3.50
CA THR C 626 -49.92 8.77 -3.40
C THR C 626 -50.21 10.19 -3.91
N ASN C 627 -50.01 10.36 -5.21
CA ASN C 627 -50.20 11.65 -5.85
C ASN C 627 -51.68 11.97 -6.08
N GLU C 628 -52.59 11.12 -5.60
CA GLU C 628 -54.01 11.40 -5.74
C GLU C 628 -54.43 12.52 -4.79
N THR C 629 -55.19 13.46 -5.32
CA THR C 629 -55.65 14.57 -4.50
C THR C 629 -56.73 14.18 -3.49
N PRO C 630 -57.65 13.24 -3.79
CA PRO C 630 -58.66 12.90 -2.77
C PRO C 630 -58.06 12.47 -1.44
N TYR C 631 -56.97 11.71 -1.49
CA TYR C 631 -56.23 11.41 -0.27
C TYR C 631 -55.78 12.70 0.41
N PHE C 632 -55.35 13.67 -0.40
CA PHE C 632 -54.93 14.94 0.18
C PHE C 632 -56.08 15.65 0.87
N MET C 633 -57.25 15.70 0.25
CA MET C 633 -58.37 16.40 0.89
C MET C 633 -58.80 15.68 2.16
N LYS C 634 -58.81 14.35 2.15
CA LYS C 634 -59.09 13.63 3.39
C LYS C 634 -58.07 13.99 4.46
N SER C 635 -56.80 14.05 4.08
CA SER C 635 -55.75 14.40 5.02
C SER C 635 -55.95 15.80 5.58
N ILE C 636 -56.24 16.77 4.72
CA ILE C 636 -56.36 18.15 5.16
C ILE C 636 -57.59 18.33 6.04
N ASP C 637 -58.68 17.62 5.72
CA ASP C 637 -59.87 17.72 6.55
C ASP C 637 -59.64 17.14 7.93
N CYS C 638 -59.01 15.96 8.01
CA CYS C 638 -58.74 15.41 9.33
C CYS C 638 -57.71 16.24 10.09
N ILE C 639 -56.80 16.91 9.36
CA ILE C 639 -55.86 17.81 10.02
C ILE C 639 -56.57 19.03 10.59
N ARG C 640 -57.53 19.58 9.86
CA ARG C 640 -58.31 20.69 10.40
C ARG C 640 -59.08 20.25 11.63
N ALA C 641 -59.70 19.07 11.57
CA ALA C 641 -60.46 18.57 12.71
C ALA C 641 -59.56 18.38 13.92
N PHE C 642 -58.37 17.81 13.72
CA PHE C 642 -57.48 17.62 14.86
C PHE C 642 -56.83 18.91 15.32
N ARG C 643 -56.72 19.91 14.45
CA ARG C 643 -56.31 21.23 14.90
C ARG C 643 -57.34 21.79 15.87
N GLU C 644 -58.62 21.66 15.52
CA GLU C 644 -59.67 22.08 16.45
C GLU C 644 -59.59 21.27 17.74
N GLU C 645 -59.37 19.96 17.62
CA GLU C 645 -59.31 19.11 18.81
C GLU C 645 -58.16 19.52 19.72
N ALA C 646 -56.98 19.77 19.15
CA ALA C 646 -55.83 20.18 19.94
C ALA C 646 -56.03 21.56 20.54
N ILE C 647 -56.75 22.43 19.84
CA ILE C 647 -57.13 23.71 20.44
C ILE C 647 -58.02 23.47 21.65
N LYS C 648 -58.90 22.47 21.57
CA LYS C 648 -59.74 22.13 22.72
C LYS C 648 -58.88 21.71 23.91
N PHE C 649 -57.86 20.89 23.68
CA PHE C 649 -57.01 20.43 24.77
C PHE C 649 -55.93 21.47 25.07
N SER C 650 -55.07 21.14 26.04
CA SER C 650 -53.97 22.00 26.41
C SER C 650 -52.82 21.96 25.40
N GLU C 651 -52.89 21.08 24.41
CA GLU C 651 -51.85 20.93 23.40
C GLU C 651 -51.95 21.96 22.29
N GLU C 652 -52.60 23.10 22.56
CA GLU C 652 -52.67 24.18 21.57
C GLU C 652 -51.30 24.52 21.03
N GLN C 653 -50.37 24.90 21.91
CA GLN C 653 -49.02 25.25 21.49
C GLN C 653 -48.27 24.04 20.93
N ARG C 654 -48.53 22.85 21.47
CA ARG C 654 -47.97 21.64 20.90
C ARG C 654 -48.36 21.50 19.44
N PHE C 655 -49.66 21.60 19.15
CA PHE C 655 -50.09 21.54 17.76
C PHE C 655 -49.64 22.75 16.97
N ASN C 656 -49.36 23.86 17.62
CA ASN C 656 -48.82 25.03 16.91
C ASN C 656 -47.45 24.71 16.34
N ASN C 657 -46.55 24.20 17.19
CA ASN C 657 -45.23 23.84 16.71
C ASN C 657 -45.30 22.67 15.73
N PHE C 658 -46.25 21.75 15.94
CA PHE C 658 -46.50 20.71 14.95
C PHE C 658 -46.86 21.31 13.60
N LEU C 659 -47.75 22.30 13.60
CA LEU C 659 -48.16 22.95 12.36
C LEU C 659 -46.98 23.62 11.68
N LYS C 660 -46.16 24.33 12.45
CA LYS C 660 -45.00 24.98 11.87
C LYS C 660 -44.07 23.96 11.23
N ALA C 661 -43.79 22.87 11.95
CA ALA C 661 -42.89 21.84 11.44
C ALA C 661 -43.45 21.18 10.18
N LEU C 662 -44.72 20.79 10.20
CA LEU C 662 -45.29 20.12 9.03
C LEU C 662 -45.40 21.05 7.84
N GLN C 663 -45.71 22.33 8.09
CA GLN C 663 -45.84 23.27 6.98
C GLN C 663 -44.49 23.54 6.34
N GLU C 664 -43.44 23.73 7.15
CA GLU C 664 -42.12 23.90 6.55
C GLU C 664 -41.67 22.62 5.84
N LYS C 665 -42.01 21.45 6.39
CA LYS C 665 -41.61 20.20 5.75
C LYS C 665 -42.28 20.03 4.40
N VAL C 666 -43.58 20.31 4.31
CA VAL C 666 -44.24 20.21 3.01
C VAL C 666 -43.72 21.29 2.08
N GLU C 667 -43.35 22.46 2.63
CA GLU C 667 -42.69 23.47 1.81
C GLU C 667 -41.45 22.91 1.15
N ILE C 668 -40.55 22.32 1.94
CA ILE C 668 -39.36 21.70 1.39
C ILE C 668 -39.67 20.40 0.66
N LYS C 669 -40.90 19.92 0.75
CA LYS C 669 -41.32 18.73 0.01
C LYS C 669 -41.93 19.18 -1.30
N GLN C 670 -41.09 19.28 -2.33
CA GLN C 670 -41.56 19.58 -3.66
C GLN C 670 -42.13 18.31 -4.29
N LEU C 671 -43.32 18.42 -4.87
CA LEU C 671 -44.01 17.26 -5.40
C LEU C 671 -44.76 17.67 -6.66
N ASN C 672 -45.52 16.72 -7.22
CA ASN C 672 -46.42 17.04 -8.31
C ASN C 672 -47.48 18.05 -7.86
N HIS C 673 -48.01 17.85 -6.65
CA HIS C 673 -48.87 18.83 -6.00
C HIS C 673 -48.52 18.85 -4.52
N PHE C 674 -48.68 20.01 -3.91
CA PHE C 674 -48.12 20.23 -2.57
C PHE C 674 -48.92 21.32 -1.87
N TRP C 675 -48.33 21.92 -0.84
CA TRP C 675 -49.02 22.80 0.09
C TRP C 675 -49.63 24.04 -0.55
N GLU C 676 -49.49 24.19 -1.87
CA GLU C 676 -50.22 25.24 -2.58
C GLU C 676 -51.70 25.14 -2.29
N ILE C 677 -52.26 23.94 -2.48
CA ILE C 677 -53.67 23.72 -2.19
C ILE C 677 -53.91 23.80 -0.69
N VAL C 678 -52.90 23.44 0.12
CA VAL C 678 -52.99 23.72 1.56
C VAL C 678 -53.10 25.21 1.79
N VAL C 679 -52.26 26.00 1.12
CA VAL C 679 -52.27 27.44 1.32
C VAL C 679 -53.63 28.02 0.99
N GLN C 680 -54.24 27.55 -0.11
CA GLN C 680 -55.56 28.05 -0.46
C GLN C 680 -56.68 27.42 0.34
N ASP C 681 -56.42 26.34 1.06
CA ASP C 681 -57.42 25.68 1.90
C ASP C 681 -57.13 25.79 3.38
N GLY C 682 -55.92 25.41 3.81
CA GLY C 682 -55.52 25.62 5.18
C GLY C 682 -55.20 27.07 5.43
N ILE C 683 -56.18 27.93 5.16
CA ILE C 683 -56.03 29.37 5.22
C ILE C 683 -56.06 29.83 6.67
N THR C 684 -56.27 28.89 7.60
CA THR C 684 -56.34 29.21 9.01
C THR C 684 -55.58 28.18 9.83
N LEU C 685 -54.96 28.66 10.91
CA LEU C 685 -54.37 27.81 11.95
C LEU C 685 -53.34 26.83 11.38
N ILE C 686 -52.26 27.41 10.84
CA ILE C 686 -51.07 26.64 10.47
C ILE C 686 -49.86 27.07 11.28
N THR C 687 -50.06 27.86 12.32
CA THR C 687 -48.96 28.44 13.10
C THR C 687 -49.46 28.53 14.54
N LYS C 688 -48.79 29.34 15.35
CA LYS C 688 -49.14 29.43 16.76
C LYS C 688 -50.56 29.96 16.95
N GLU C 689 -51.28 29.35 17.90
CA GLU C 689 -52.49 29.95 18.47
C GLU C 689 -52.59 29.44 19.91
N GLU C 690 -51.97 30.17 20.83
CA GLU C 690 -52.24 30.03 22.25
C GLU C 690 -52.34 31.36 22.97
N ALA C 691 -51.90 32.45 22.35
CA ALA C 691 -52.09 33.81 22.86
C ALA C 691 -52.47 34.66 21.66
N SER C 692 -53.76 34.92 21.51
CA SER C 692 -54.26 35.58 20.31
C SER C 692 -53.71 37.00 20.20
N GLY C 693 -53.54 37.45 18.96
CA GLY C 693 -52.96 38.74 18.67
C GLY C 693 -51.60 38.59 18.02
N SER C 694 -50.79 37.69 18.56
CA SER C 694 -49.59 37.22 17.88
C SER C 694 -49.85 35.95 17.10
N SER C 695 -50.85 35.18 17.52
CA SER C 695 -51.24 33.97 16.80
C SER C 695 -51.66 34.30 15.38
N VAL C 696 -52.53 35.29 15.22
CA VAL C 696 -53.02 35.65 13.89
C VAL C 696 -51.89 36.19 13.02
N THR C 697 -51.01 37.02 13.59
CA THR C 697 -49.91 37.57 12.80
C THR C 697 -48.97 36.48 12.34
N ALA C 698 -48.62 35.54 13.23
CA ALA C 698 -47.75 34.44 12.83
C ALA C 698 -48.42 33.55 11.78
N GLU C 699 -49.72 33.29 11.95
CA GLU C 699 -50.43 32.49 10.96
C GLU C 699 -50.43 33.16 9.60
N GLU C 700 -50.72 34.47 9.56
CA GLU C 700 -50.71 35.20 8.31
C GLU C 700 -49.32 35.22 7.68
N ALA C 701 -48.29 35.36 8.51
CA ALA C 701 -46.93 35.32 8.00
C ALA C 701 -46.64 33.98 7.33
N LYS C 702 -47.11 32.89 7.94
CA LYS C 702 -46.89 31.58 7.33
C LYS C 702 -47.78 31.34 6.13
N LYS C 703 -48.92 32.04 6.02
CA LYS C 703 -49.73 31.93 4.82
C LYS C 703 -48.97 32.44 3.60
N PHE C 704 -48.32 33.59 3.74
CA PHE C 704 -47.59 34.22 2.64
C PHE C 704 -46.13 33.79 2.77
N LEU C 705 -45.79 32.71 2.07
CA LEU C 705 -44.47 32.14 2.19
C LEU C 705 -43.42 33.12 1.66
N ALA C 706 -42.28 33.16 2.32
CA ALA C 706 -41.18 34.03 1.91
C ALA C 706 -40.42 33.40 0.74
N LYS C 708 -38.05 35.91 -5.92
CA LYS C 708 -38.22 35.08 -4.73
C LYS C 708 -37.40 33.80 -4.86
N ASP C 709 -36.46 33.80 -5.80
CA ASP C 709 -35.63 32.63 -6.08
C ASP C 709 -34.18 33.08 -6.21
N LYS C 710 -33.26 32.15 -5.94
CA LYS C 710 -31.84 32.42 -5.97
C LYS C 710 -31.13 31.41 -6.87
N PRO C 711 -30.05 31.82 -7.54
CA PRO C 711 -29.30 30.89 -8.39
C PRO C 711 -28.27 30.10 -7.58
N SER C 712 -27.82 29.01 -8.20
CA SER C 712 -26.82 28.13 -7.60
C SER C 712 -25.63 27.86 -8.49
N GLY C 713 -25.84 27.76 -9.80
CA GLY C 713 -24.77 27.45 -10.72
C GLY C 713 -24.56 25.96 -10.89
N ASP C 714 -23.92 25.61 -12.00
CA ASP C 714 -23.63 24.21 -12.30
C ASP C 714 -22.57 23.68 -11.32
N THR C 715 -22.36 22.37 -11.39
CA THR C 715 -21.47 21.66 -10.47
C THR C 715 -21.93 21.89 -9.03
N ALA C 716 -23.26 21.91 -8.82
CA ALA C 716 -23.80 22.13 -7.50
C ALA C 716 -25.06 21.33 -7.19
N ALA C 717 -25.49 20.41 -8.04
CA ALA C 717 -26.78 19.75 -7.83
C ALA C 717 -26.72 18.33 -8.39
N VAL C 718 -27.90 17.72 -8.56
CA VAL C 718 -28.00 16.35 -9.05
C VAL C 718 -27.50 16.30 -10.49
N PHE C 719 -26.61 15.34 -10.77
CA PHE C 719 -25.92 15.25 -12.06
C PHE C 719 -25.19 16.56 -12.37
N GLU C 720 -24.18 16.84 -11.53
CA GLU C 720 -23.46 18.10 -11.56
C GLU C 720 -22.99 18.46 -12.97
N GLU C 721 -22.24 17.56 -13.59
CA GLU C 721 -21.41 17.98 -14.70
C GLU C 721 -22.12 17.92 -16.05
N GLY C 722 -23.45 17.92 -16.06
CA GLY C 722 -24.15 18.26 -17.28
C GLY C 722 -24.39 19.76 -17.31
N GLY C 723 -24.30 20.39 -16.13
CA GLY C 723 -24.62 21.80 -16.05
C GLY C 723 -23.70 22.66 -16.90
N ASP C 724 -22.39 22.38 -16.83
CA ASP C 724 -21.46 23.04 -17.74
C ASP C 724 -21.81 22.73 -19.19
N VAL C 725 -22.20 21.48 -19.46
CA VAL C 725 -22.70 21.12 -20.78
C VAL C 725 -23.94 21.93 -21.10
N ASP C 726 -24.79 22.17 -20.10
CA ASP C 726 -25.89 23.11 -20.24
C ASP C 726 -25.38 24.47 -20.70
N ASP C 727 -24.25 24.91 -20.15
CA ASP C 727 -23.63 26.17 -20.51
C ASP C 727 -22.82 26.07 -21.80
N LEU C 728 -23.06 25.04 -22.61
CA LEU C 728 -22.23 24.76 -23.77
C LEU C 728 -22.98 24.81 -25.10
N LEU C 729 -24.31 24.96 -25.08
CA LEU C 729 -25.09 24.52 -26.24
C LEU C 729 -25.95 25.60 -26.90
N ASP C 730 -25.39 26.78 -27.18
CA ASP C 730 -26.12 27.75 -28.00
C ASP C 730 -25.12 28.69 -28.68
N MET C 731 -24.79 28.42 -29.93
CA MET C 731 -24.14 29.40 -30.79
C MET C 731 -24.76 29.32 -32.19
N ILE C 732 -26.09 29.33 -32.24
CA ILE C 732 -26.80 29.35 -33.52
C ILE C 732 -26.37 30.55 -34.36
N SER D 5 44.05 -11.46 38.65
CA SER D 5 42.63 -11.21 38.45
C SER D 5 42.34 -9.71 38.41
N PRO D 6 41.60 -9.28 37.40
CA PRO D 6 41.23 -7.86 37.30
C PRO D 6 40.41 -7.43 38.49
N PRO D 7 40.60 -6.21 38.97
CA PRO D 7 39.91 -5.75 40.18
C PRO D 7 38.46 -5.37 39.92
N LEU D 8 37.69 -5.34 41.02
CA LEU D 8 36.29 -4.97 40.98
C LEU D 8 35.89 -4.44 42.36
N CYS D 9 34.94 -3.53 42.38
CA CYS D 9 34.44 -2.96 43.62
C CYS D 9 32.93 -2.84 43.56
N THR D 10 32.31 -2.85 44.74
CA THR D 10 30.87 -2.68 44.90
C THR D 10 30.61 -1.39 45.67
N LEU D 11 29.73 -0.55 45.14
CA LEU D 11 29.44 0.75 45.74
C LEU D 11 28.01 0.76 46.27
N PRO D 12 27.80 0.91 47.58
CA PRO D 12 28.81 1.03 48.65
C PRO D 12 29.34 -0.33 49.07
N PRO D 13 30.57 -0.38 49.60
CA PRO D 13 31.17 -1.66 50.00
C PRO D 13 30.70 -2.17 51.35
N GLY D 14 29.81 -1.46 52.03
CA GLY D 14 29.36 -1.87 53.34
C GLY D 14 28.37 -3.02 53.29
N PRO D 15 27.84 -3.37 54.46
CA PRO D 15 26.84 -4.45 54.51
C PRO D 15 25.51 -4.10 53.87
N GLU D 16 25.31 -2.85 53.48
CA GLU D 16 24.08 -2.47 52.78
C GLU D 16 23.99 -3.19 51.44
N PRO D 17 22.79 -3.59 51.02
CA PRO D 17 22.65 -4.23 49.70
C PRO D 17 23.23 -3.35 48.60
N PRO D 18 24.25 -3.85 47.91
CA PRO D 18 24.94 -3.02 46.92
C PRO D 18 24.03 -2.64 45.75
N ARG D 19 24.30 -1.47 45.18
CA ARG D 19 23.51 -0.94 44.08
C ARG D 19 24.31 -0.73 42.80
N PHE D 20 25.60 -0.41 42.89
CA PHE D 20 26.40 -0.10 41.71
C PHE D 20 27.64 -0.98 41.67
N VAL D 21 28.09 -1.28 40.46
CA VAL D 21 29.27 -2.14 40.23
C VAL D 21 30.22 -1.40 39.30
N CYS D 22 31.50 -1.39 39.65
CA CYS D 22 32.54 -0.76 38.85
C CYS D 22 33.58 -1.80 38.46
N TYR D 23 34.05 -1.73 37.22
CA TYR D 23 34.98 -2.72 36.69
C TYR D 23 35.88 -2.08 35.64
N CYS D 24 37.00 -2.74 35.38
CA CYS D 24 37.93 -2.36 34.32
C CYS D 24 38.35 -3.60 33.54
N GLU D 25 38.49 -3.43 32.22
CA GLU D 25 38.97 -4.50 31.36
C GLU D 25 39.56 -3.88 30.11
N GLY D 26 40.59 -4.52 29.58
CA GLY D 26 41.25 -4.03 28.38
C GLY D 26 42.75 -3.96 28.51
N GLU D 27 43.23 -3.66 29.72
CA GLU D 27 44.67 -3.59 29.97
C GLU D 27 45.21 -4.96 30.34
N GLY D 36 39.91 1.06 22.39
CA GLY D 36 39.86 2.14 23.35
C GLY D 36 39.57 1.69 24.76
N PHE D 37 40.46 2.03 25.69
CA PHE D 37 40.27 1.65 27.08
C PHE D 37 39.15 2.47 27.71
N ASN D 38 38.24 1.80 28.41
CA ASN D 38 37.09 2.46 29.01
C ASN D 38 36.88 1.97 30.43
N LEU D 39 36.32 2.84 31.25
CA LEU D 39 35.93 2.52 32.62
C LEU D 39 34.42 2.34 32.67
N TYR D 40 33.97 1.25 33.29
CA TYR D 40 32.56 0.87 33.27
C TYR D 40 32.00 0.86 34.69
N VAL D 41 30.91 1.59 34.89
CA VAL D 41 30.11 1.51 36.11
C VAL D 41 28.70 1.09 35.69
N THR D 42 28.27 -0.08 36.13
CA THR D 42 27.03 -0.69 35.67
C THR D 42 26.04 -0.81 36.82
N ASP D 43 24.82 -0.32 36.59
CA ASP D 43 23.71 -0.57 37.49
C ASP D 43 22.90 -1.78 37.06
N ALA D 44 23.47 -2.62 36.20
CA ALA D 44 22.89 -3.83 35.62
C ALA D 44 21.76 -3.55 34.65
N ALA D 45 21.37 -2.28 34.47
CA ALA D 45 20.38 -1.91 33.46
C ALA D 45 20.90 -0.72 32.66
N GLU D 46 21.76 0.08 33.28
CA GLU D 46 22.37 1.24 32.66
C GLU D 46 23.87 1.21 32.92
N LEU D 47 24.65 1.64 31.93
CA LEU D 47 26.10 1.59 32.00
C LEU D 47 26.68 2.96 31.72
N TRP D 48 27.62 3.38 32.56
CA TRP D 48 28.40 4.60 32.34
C TRP D 48 29.80 4.21 31.89
N SER D 49 30.24 4.77 30.77
CA SER D 49 31.54 4.47 30.20
C SER D 49 32.26 5.75 29.83
N THR D 50 33.60 5.72 29.96
CA THR D 50 34.39 6.88 29.59
C THR D 50 34.38 7.11 28.09
N CYS D 51 34.62 6.05 27.31
CA CYS D 51 34.72 6.14 25.85
C CYS D 51 35.75 7.19 25.43
N PHE D 52 36.88 7.22 26.16
CA PHE D 52 37.89 8.23 25.93
C PHE D 52 38.66 7.98 24.64
N THR D 53 39.09 9.06 24.01
CA THR D 53 39.93 9.00 22.83
C THR D 53 41.38 8.69 23.22
N PRO D 54 42.17 8.12 22.31
CA PRO D 54 43.56 7.77 22.66
C PRO D 54 44.38 8.96 23.16
N ASP D 55 44.22 10.13 22.55
CA ASP D 55 44.91 11.31 23.04
C ASP D 55 44.43 11.69 24.44
N SER D 56 43.11 11.65 24.66
CA SER D 56 42.57 11.91 25.98
C SER D 56 43.01 10.85 26.98
N LEU D 57 43.05 9.59 26.56
CA LEU D 57 43.53 8.53 27.44
C LEU D 57 44.98 8.79 27.86
N ALA D 58 45.83 9.17 26.89
CA ALA D 58 47.22 9.47 27.21
C ALA D 58 47.33 10.65 28.17
N ALA D 59 46.53 11.70 27.92
CA ALA D 59 46.57 12.87 28.80
C ALA D 59 46.14 12.52 30.22
N LEU D 60 45.07 11.73 30.36
CA LEU D 60 44.59 11.35 31.68
C LEU D 60 45.57 10.44 32.41
N LYS D 61 46.21 9.51 31.69
CA LYS D 61 47.17 8.65 32.37
C LYS D 61 48.47 9.39 32.68
N ALA D 62 48.79 10.45 31.92
CA ALA D 62 49.96 11.26 32.25
C ALA D 62 49.70 12.17 33.44
N ARG D 63 48.51 12.73 33.54
CA ARG D 63 48.19 13.61 34.66
C ARG D 63 48.04 12.85 35.97
N PHE D 64 47.81 11.54 35.92
CA PHE D 64 47.69 10.74 37.13
C PHE D 64 48.87 9.78 37.28
N ASP D 71 49.82 3.69 34.47
CA ASP D 71 48.68 2.79 34.34
C ASP D 71 47.61 3.10 35.38
N ILE D 72 46.36 2.75 35.05
CA ILE D 72 45.24 3.01 35.94
C ILE D 72 44.77 1.73 36.63
N THR D 73 44.97 0.56 36.03
CA THR D 73 44.51 -0.69 36.65
C THR D 73 45.10 -0.92 38.02
N PRO D 74 46.41 -0.75 38.27
CA PRO D 74 46.90 -0.85 39.65
C PRO D 74 46.27 0.16 40.59
N ARG D 75 46.07 1.40 40.14
CA ARG D 75 45.42 2.40 40.97
C ARG D 75 43.97 2.03 41.27
N PHE D 76 43.26 1.52 40.26
CA PHE D 76 41.88 1.09 40.47
C PHE D 76 41.83 -0.08 41.45
N ARG D 77 42.77 -1.03 41.32
CA ARG D 77 42.80 -2.16 42.24
C ARG D 77 43.07 -1.71 43.67
N ALA D 78 44.02 -0.79 43.84
CA ALA D 78 44.31 -0.28 45.18
C ALA D 78 43.11 0.47 45.76
N ALA D 79 42.40 1.22 44.93
CA ALA D 79 41.19 1.91 45.39
C ALA D 79 40.12 0.90 45.80
N CYS D 80 39.97 -0.17 45.03
CA CYS D 80 38.99 -1.21 45.39
C CYS D 80 39.35 -1.87 46.71
N GLU D 81 40.64 -2.16 46.92
CA GLU D 81 41.06 -2.76 48.19
C GLU D 81 40.84 -1.80 49.35
N GLN D 82 41.12 -0.51 49.14
CA GLN D 82 40.93 0.48 50.18
C GLN D 82 39.50 1.02 50.25
N GLN D 83 38.63 0.60 49.34
CA GLN D 83 37.24 1.06 49.29
C GLN D 83 37.16 2.59 49.25
N ALA D 84 37.93 3.18 48.33
CA ALA D 84 38.02 4.63 48.24
C ALA D 84 37.54 5.13 46.89
N VAL D 85 36.40 4.62 46.42
CA VAL D 85 35.81 5.04 45.16
C VAL D 85 34.54 5.84 45.48
N ALA D 86 34.52 7.09 45.03
CA ALA D 86 33.38 7.98 45.26
C ALA D 86 32.60 8.15 43.95
N LEU D 87 31.28 8.20 44.07
CA LEU D 87 30.38 8.26 42.92
C LEU D 87 29.47 9.48 43.03
N THR D 88 29.39 10.24 41.93
CA THR D 88 28.45 11.35 41.81
C THR D 88 27.73 11.21 40.48
N LEU D 89 26.41 11.06 40.52
CA LEU D 89 25.62 10.77 39.34
C LEU D 89 24.41 11.70 39.27
N GLN D 90 24.12 12.21 38.07
CA GLN D 90 22.89 12.96 37.81
C GLN D 90 22.21 12.42 36.54
N GLU D 91 21.55 11.27 36.69
CA GLU D 91 20.54 10.74 35.76
C GLU D 91 21.10 10.42 34.37
N ASP D 92 22.27 10.96 34.04
CA ASP D 92 22.95 10.62 32.80
C ASP D 92 24.48 10.60 32.93
N ARG D 93 25.04 11.18 33.98
CA ARG D 93 26.47 11.48 34.06
C ARG D 93 27.05 10.81 35.29
N ALA D 94 28.28 10.32 35.17
CA ALA D 94 28.98 9.68 36.26
C ALA D 94 30.36 10.27 36.39
N SER D 95 30.72 10.70 37.61
CA SER D 95 32.05 11.18 37.91
C SER D 95 32.60 10.37 39.08
N LEU D 96 33.77 9.79 38.90
CA LEU D 96 34.38 8.90 39.88
C LEU D 96 35.64 9.53 40.46
N THR D 97 35.79 9.42 41.78
CA THR D 97 36.99 9.86 42.48
C THR D 97 37.76 8.61 42.89
N LEU D 98 38.85 8.32 42.18
CA LEU D 98 39.66 7.15 42.43
C LEU D 98 40.82 7.53 43.32
N SER D 99 40.97 6.83 44.45
CA SER D 99 42.02 7.11 45.43
C SER D 99 42.72 5.81 45.77
N GLY D 100 43.69 5.42 44.94
CA GLY D 100 44.49 4.24 45.21
C GLY D 100 45.94 4.43 44.84
N GLY D 101 46.30 5.63 44.36
CA GLY D 101 47.65 5.90 43.94
C GLY D 101 48.26 7.09 44.63
N PRO D 102 49.27 7.69 44.00
CA PRO D 102 49.92 8.88 44.59
C PRO D 102 48.98 10.07 44.72
N SER D 103 47.91 10.13 43.93
CA SER D 103 46.98 11.24 43.99
C SER D 103 45.61 10.77 43.53
N ALA D 104 44.59 11.54 43.87
CA ALA D 104 43.22 11.20 43.50
C ALA D 104 43.04 11.28 41.98
N LEU D 105 42.30 10.32 41.44
CA LEU D 105 42.02 10.24 40.01
C LEU D 105 40.56 10.59 39.76
N ALA D 106 40.32 11.55 38.87
CA ALA D 106 38.98 11.99 38.51
C ALA D 106 38.66 11.50 37.10
N PHE D 107 37.58 10.74 36.97
CA PHE D 107 37.14 10.20 35.69
C PHE D 107 35.72 10.65 35.40
N ASP D 108 35.48 11.03 34.15
CA ASP D 108 34.16 11.46 33.70
C ASP D 108 33.54 10.36 32.85
N LEU D 109 32.36 9.91 33.23
CA LEU D 109 31.68 8.82 32.56
C LEU D 109 30.29 9.25 32.12
N SER D 110 29.86 8.73 30.98
CA SER D 110 28.56 9.05 30.39
C SER D 110 27.87 7.76 29.97
N LYS D 111 26.56 7.87 29.70
CA LYS D 111 25.76 6.72 29.33
C LYS D 111 26.24 6.14 28.00
N VAL D 112 26.18 4.82 27.90
CA VAL D 112 26.51 4.10 26.67
C VAL D 112 25.22 3.56 26.08
N PRO D 113 25.07 3.47 24.76
CA PRO D 113 23.85 2.90 24.19
C PRO D 113 23.66 1.45 24.61
N GLY D 114 22.38 1.06 24.73
CA GLY D 114 22.00 -0.29 25.10
C GLY D 114 22.53 -1.39 24.22
N PRO D 115 22.52 -1.26 22.89
CA PRO D 115 23.14 -2.29 22.04
C PRO D 115 24.61 -2.48 22.33
N GLU D 116 25.33 -1.44 22.75
CA GLU D 116 26.72 -1.59 23.12
C GLU D 116 26.85 -2.27 24.49
N ALA D 117 25.92 -1.98 25.41
CA ALA D 117 26.02 -2.48 26.77
C ALA D 117 25.54 -3.91 26.92
N ALA D 118 24.66 -4.39 26.05
CA ALA D 118 24.12 -5.75 26.19
C ALA D 118 25.20 -6.82 26.12
N PRO D 119 26.06 -6.87 25.10
CA PRO D 119 27.18 -7.82 25.17
C PRO D 119 28.09 -7.56 26.35
N ARG D 120 28.29 -6.30 26.72
CA ARG D 120 29.10 -5.98 27.88
C ARG D 120 28.48 -6.54 29.16
N LEU D 121 27.18 -6.36 29.34
CA LEU D 121 26.56 -6.87 30.56
C LEU D 121 26.56 -8.39 30.58
N ARG D 122 26.35 -9.02 29.42
CA ARG D 122 26.44 -10.49 29.37
C ARG D 122 27.83 -10.97 29.74
N ALA D 123 28.87 -10.33 29.19
CA ALA D 123 30.25 -10.74 29.47
C ALA D 123 30.58 -10.52 30.94
N LEU D 124 30.15 -9.39 31.52
CA LEU D 124 30.40 -9.15 32.94
C LEU D 124 29.65 -10.13 33.82
N THR D 125 28.43 -10.51 33.45
CA THR D 125 27.72 -11.51 34.23
C THR D 125 28.45 -12.84 34.22
N LEU D 126 28.90 -13.27 33.03
CA LEU D 126 29.64 -14.52 32.94
C LEU D 126 30.95 -14.45 33.71
N GLY D 127 31.65 -13.31 33.61
CA GLY D 127 32.90 -13.15 34.33
C GLY D 127 32.71 -13.17 35.84
N LEU D 128 31.69 -12.48 36.33
CA LEU D 128 31.40 -12.50 37.76
C LEU D 128 31.08 -13.91 38.22
N ALA D 129 30.27 -14.64 37.45
CA ALA D 129 29.92 -16.01 37.83
C ALA D 129 31.15 -16.90 37.89
N LYS D 130 32.01 -16.82 36.87
CA LYS D 130 33.19 -17.68 36.86
C LYS D 130 34.19 -17.29 37.94
N ARG D 131 34.31 -15.98 38.24
CA ARG D 131 35.15 -15.55 39.35
C ARG D 131 34.63 -16.09 40.67
N VAL D 132 33.32 -16.04 40.89
CA VAL D 132 32.75 -16.57 42.12
C VAL D 132 33.02 -18.06 42.23
N TRP D 133 32.83 -18.80 41.13
CA TRP D 133 33.07 -20.24 41.19
C TRP D 133 34.54 -20.56 41.45
N SER D 134 35.45 -19.84 40.80
CA SER D 134 36.87 -20.07 41.03
C SER D 134 37.27 -19.72 42.45
N LEU D 135 36.72 -18.64 43.00
CA LEU D 135 36.99 -18.26 44.38
C LEU D 135 36.48 -19.32 45.35
N GLU D 136 35.29 -19.86 45.08
CA GLU D 136 34.77 -20.94 45.91
C GLU D 136 35.63 -22.19 45.83
N ARG D 137 36.13 -22.50 44.63
CA ARG D 137 37.04 -23.63 44.47
C ARG D 137 38.32 -23.43 45.26
N ARG D 138 38.88 -22.22 45.22
CA ARG D 138 40.10 -21.94 45.98
C ARG D 138 39.83 -21.99 47.47
N LEU D 139 38.65 -21.55 47.91
CA LEU D 139 38.28 -21.66 49.31
C LEU D 139 38.17 -23.13 49.74
N ALA D 140 37.66 -23.98 48.84
CA ALA D 140 37.54 -25.40 49.16
C ALA D 140 38.91 -26.04 49.39
N ALA D 141 39.89 -25.67 48.57
CA ALA D 141 41.26 -26.18 48.72
C ALA D 141 42.07 -25.30 49.67
N ALA D 142 41.56 -25.21 50.90
CA ALA D 142 42.20 -24.39 51.92
C ALA D 142 41.89 -24.92 53.32
N CYS D 180 -11.97 -60.62 59.59
CA CYS D 180 -11.72 -59.19 59.71
C CYS D 180 -11.31 -58.80 61.13
N PRO D 181 -10.22 -58.05 61.25
CA PRO D 181 -9.75 -57.65 62.58
C PRO D 181 -10.79 -56.80 63.30
N GLY D 182 -10.89 -57.02 64.62
CA GLY D 182 -11.85 -56.30 65.43
C GLY D 182 -13.29 -56.47 65.02
N GLU D 183 -13.61 -57.59 64.36
CA GLU D 183 -14.92 -57.80 63.77
C GLU D 183 -15.40 -59.20 64.11
N SER D 184 -16.68 -59.31 64.46
CA SER D 184 -17.28 -60.61 64.75
C SER D 184 -17.45 -61.37 63.45
N LEU D 185 -16.62 -62.39 63.23
CA LEU D 185 -16.66 -63.12 61.98
C LEU D 185 -18.00 -63.80 61.75
N ILE D 186 -18.67 -64.22 62.82
CA ILE D 186 -19.92 -64.96 62.69
C ILE D 186 -20.95 -64.13 61.94
N ASN D 187 -21.08 -62.85 62.29
CA ASN D 187 -21.89 -61.90 61.55
C ASN D 187 -20.95 -60.83 61.03
N PRO D 188 -20.46 -60.98 59.80
CA PRO D 188 -19.51 -60.01 59.25
C PRO D 188 -20.12 -58.61 59.23
N GLY D 189 -19.29 -57.63 59.54
CA GLY D 189 -19.73 -56.25 59.67
C GLY D 189 -20.06 -55.81 61.08
N PHE D 190 -19.73 -56.61 62.09
CA PHE D 190 -20.05 -56.28 63.47
C PHE D 190 -18.84 -56.55 64.36
N LYS D 191 -18.70 -55.74 65.40
CA LYS D 191 -17.56 -55.84 66.30
C LYS D 191 -17.54 -57.21 66.97
N SER D 192 -16.33 -57.75 67.16
CA SER D 192 -16.15 -59.04 67.81
C SER D 192 -16.57 -58.92 69.27
N LYS D 193 -17.75 -59.46 69.59
CA LYS D 193 -18.32 -59.30 70.92
C LYS D 193 -17.47 -59.97 71.99
N LYS D 194 -17.56 -59.45 73.20
CA LYS D 194 -16.88 -60.01 74.35
C LYS D 194 -17.90 -60.58 75.32
N PRO D 195 -17.73 -61.82 75.76
CA PRO D 195 -18.67 -62.39 76.73
C PRO D 195 -18.67 -61.61 78.03
N ALA D 196 -19.85 -61.50 78.64
CA ALA D 196 -20.00 -60.70 79.86
C ALA D 196 -19.10 -61.23 80.97
N GLY D 197 -18.52 -60.31 81.73
CA GLY D 197 -17.59 -60.68 82.79
C GLY D 197 -18.10 -60.39 84.18
N GLY D 198 -19.06 -59.46 84.31
CA GLY D 198 -19.55 -59.12 85.62
C GLY D 198 -18.53 -58.35 86.43
N VAL D 199 -18.64 -58.49 87.75
CA VAL D 199 -17.80 -57.74 88.69
C VAL D 199 -16.61 -58.60 89.09
N ASP D 200 -15.51 -57.93 89.47
CA ASP D 200 -14.33 -58.59 89.97
C ASP D 200 -13.82 -57.80 91.18
N PHE D 201 -12.61 -58.12 91.63
CA PHE D 201 -11.97 -57.43 92.74
C PHE D 201 -10.64 -56.86 92.28
N ASP D 202 -10.41 -55.58 92.60
CA ASP D 202 -9.15 -54.94 92.24
C ASP D 202 -8.47 -54.42 93.49
N MET E 1 14.49 -125.16 114.50
CA MET E 1 14.14 -124.45 113.28
C MET E 1 13.60 -125.41 112.21
N GLU E 2 14.50 -126.10 111.52
CA GLU E 2 14.12 -127.05 110.49
C GLU E 2 15.20 -128.11 110.38
N ARG E 3 14.77 -129.35 110.11
CA ARG E 3 15.67 -130.49 109.97
C ARG E 3 15.29 -131.24 108.70
N LYS E 4 16.08 -131.04 107.64
CA LYS E 4 15.87 -131.76 106.39
C LYS E 4 16.76 -133.00 106.36
N ILE E 5 16.17 -134.14 106.04
CA ILE E 5 16.86 -135.42 106.05
C ILE E 5 17.16 -135.85 104.62
N SER E 6 18.41 -136.22 104.37
CA SER E 6 18.82 -136.75 103.07
C SER E 6 19.99 -137.68 103.29
N ARG E 7 19.91 -138.88 102.70
CA ARG E 7 20.95 -139.89 102.85
C ARG E 7 21.94 -139.73 101.70
N ILE E 8 23.03 -139.02 101.96
CA ILE E 8 24.10 -138.84 100.98
C ILE E 8 25.05 -140.03 101.09
N HIS E 9 25.20 -140.77 100.00
CA HIS E 9 26.00 -141.98 99.99
C HIS E 9 27.46 -141.66 99.62
N LEU E 10 28.38 -142.25 100.37
CA LEU E 10 29.80 -142.06 100.11
C LEU E 10 30.22 -142.77 98.83
N VAL E 11 31.19 -142.16 98.14
CA VAL E 11 31.77 -142.80 96.96
C VAL E 11 32.72 -143.92 97.35
N SER E 12 33.22 -143.93 98.60
CA SER E 12 34.13 -144.97 99.06
C SER E 12 33.37 -146.25 99.41
N GLU E 13 32.46 -146.16 100.38
CA GLU E 13 31.66 -147.30 100.77
C GLU E 13 30.18 -146.93 100.80
N PRO E 14 29.30 -147.82 100.34
CA PRO E 14 27.87 -147.51 100.34
C PRO E 14 27.15 -147.98 101.59
N SER E 15 27.80 -148.87 102.36
CA SER E 15 27.17 -149.40 103.56
C SER E 15 27.05 -148.34 104.65
N ILE E 16 27.97 -147.39 104.70
CA ILE E 16 27.97 -146.32 105.69
C ILE E 16 27.71 -145.01 104.96
N THR E 17 26.70 -144.26 105.41
CA THR E 17 26.29 -143.02 104.76
C THR E 17 26.08 -141.94 105.82
N HIS E 18 26.23 -140.69 105.39
CA HIS E 18 25.94 -139.56 106.25
C HIS E 18 24.45 -139.28 106.30
N PHE E 19 23.92 -139.05 107.49
CA PHE E 19 22.57 -138.53 107.66
C PHE E 19 22.62 -137.01 107.72
N LEU E 20 21.61 -136.36 107.14
CA LEU E 20 21.60 -134.92 106.96
C LEU E 20 20.77 -134.26 108.06
N GLN E 21 21.39 -133.35 108.81
CA GLN E 21 20.66 -132.49 109.74
C GLN E 21 21.44 -131.17 109.86
N VAL E 22 21.02 -130.17 109.08
CA VAL E 22 21.63 -128.86 109.07
C VAL E 22 20.53 -127.81 109.10
N SER E 23 20.72 -126.79 109.93
CA SER E 23 19.75 -125.70 110.07
C SER E 23 20.44 -124.37 109.82
N TRP E 24 19.69 -123.43 109.24
CA TRP E 24 20.19 -122.10 108.92
C TRP E 24 19.08 -121.09 109.13
N GLU E 25 19.44 -119.92 109.67
CA GLU E 25 18.44 -118.87 109.88
C GLU E 25 18.17 -118.10 108.58
N LYS E 26 19.21 -117.55 107.97
CA LYS E 26 19.10 -117.02 106.61
C LYS E 26 20.30 -117.35 105.74
N THR E 27 21.43 -117.75 106.30
CA THR E 27 22.60 -118.22 105.56
C THR E 27 23.28 -119.31 106.38
N LEU E 28 24.12 -120.10 105.71
CA LEU E 28 24.91 -121.14 106.37
C LEU E 28 26.33 -120.61 106.52
N GLU E 29 26.55 -119.90 107.62
CA GLU E 29 27.85 -119.30 107.92
C GLU E 29 28.50 -119.86 109.17
N SER E 30 27.72 -120.26 110.18
CA SER E 30 28.26 -120.81 111.40
C SER E 30 28.41 -122.33 111.28
N GLY E 31 28.98 -122.94 112.31
CA GLY E 31 29.18 -124.37 112.29
C GLY E 31 27.88 -125.15 112.48
N PHE E 32 27.95 -126.42 112.13
CA PHE E 32 26.80 -127.31 112.25
C PHE E 32 27.30 -128.74 112.47
N VAL E 33 26.40 -129.58 112.98
CA VAL E 33 26.74 -130.96 113.35
C VAL E 33 26.43 -131.89 112.18
N ILE E 34 27.35 -132.82 111.93
CA ILE E 34 27.20 -133.82 110.89
C ILE E 34 27.37 -135.20 111.52
N THR E 35 26.43 -136.10 111.25
CA THR E 35 26.43 -137.43 111.82
C THR E 35 26.60 -138.47 110.72
N LEU E 36 27.58 -139.35 110.89
CA LEU E 36 27.84 -140.45 109.96
C LEU E 36 27.54 -141.76 110.67
N THR E 37 26.67 -142.57 110.07
CA THR E 37 26.15 -143.75 110.74
C THR E 37 26.10 -144.94 109.79
N ASP E 38 26.13 -146.13 110.39
CA ASP E 38 25.90 -147.38 109.68
C ASP E 38 24.64 -148.10 110.13
N GLY E 39 24.22 -147.92 111.37
CA GLY E 39 23.06 -148.60 111.92
C GLY E 39 23.28 -149.01 113.36
N HIS E 40 24.54 -149.17 113.75
CA HIS E 40 24.89 -149.51 115.12
C HIS E 40 26.06 -148.69 115.66
N SER E 41 26.67 -147.83 114.85
CA SER E 41 27.79 -147.00 115.30
C SER E 41 27.64 -145.61 114.67
N ALA E 42 27.67 -144.59 115.53
CA ALA E 42 27.51 -143.20 115.10
C ALA E 42 28.79 -142.42 115.34
N TRP E 43 29.12 -141.54 114.40
CA TRP E 43 30.29 -140.67 114.50
C TRP E 43 29.88 -139.26 114.12
N THR E 44 29.77 -138.39 115.13
CA THR E 44 29.37 -137.01 114.91
C THR E 44 30.59 -136.12 114.71
N GLY E 45 30.35 -134.91 114.20
CA GLY E 45 31.43 -133.97 113.95
C GLY E 45 31.00 -132.55 114.25
N THR E 46 32.00 -131.67 114.33
CA THR E 46 31.77 -130.26 114.59
C THR E 46 32.76 -129.44 113.76
N VAL E 47 32.35 -128.21 113.44
CA VAL E 47 33.17 -127.29 112.66
C VAL E 47 33.19 -125.95 113.40
N SER E 48 34.39 -125.43 113.61
CA SER E 48 34.55 -124.13 114.27
C SER E 48 34.43 -123.00 113.26
N GLU E 49 34.44 -121.77 113.77
CA GLU E 49 34.38 -120.60 112.91
C GLU E 49 35.68 -120.47 112.12
N SER E 50 35.59 -119.73 111.00
CA SER E 50 36.70 -119.51 110.08
C SER E 50 37.19 -120.81 109.42
N GLU E 51 36.33 -121.83 109.40
CA GLU E 51 36.57 -123.04 108.62
C GLU E 51 35.59 -123.22 107.49
N ILE E 52 34.51 -122.43 107.46
CA ILE E 52 33.55 -122.45 106.36
C ILE E 52 33.61 -121.17 105.54
N SER E 53 34.11 -120.07 106.10
CA SER E 53 34.16 -118.78 105.42
C SER E 53 35.50 -118.52 104.75
N GLN E 54 36.48 -119.43 104.89
CA GLN E 54 37.76 -119.23 104.22
C GLN E 54 37.63 -119.34 102.71
N GLU E 55 36.73 -120.22 102.23
CA GLU E 55 36.53 -120.35 100.79
C GLU E 55 35.97 -119.09 100.17
N ALA E 56 35.15 -118.34 100.92
CA ALA E 56 34.57 -117.11 100.39
C ALA E 56 35.58 -115.98 100.28
N ASP E 57 36.74 -116.09 100.94
CA ASP E 57 37.77 -115.06 100.89
C ASP E 57 39.00 -115.49 100.10
N ASP E 58 39.43 -116.75 100.23
CA ASP E 58 40.56 -117.22 99.45
C ASP E 58 40.23 -117.21 97.96
N MET E 59 39.03 -117.64 97.59
CA MET E 59 38.57 -117.56 96.21
C MET E 59 37.85 -116.26 95.90
N ALA E 60 37.56 -115.44 96.91
CA ALA E 60 36.97 -114.11 96.75
C ALA E 60 35.63 -114.18 96.00
N MET E 61 34.67 -114.84 96.64
CA MET E 61 33.33 -114.96 96.08
C MET E 61 32.31 -114.51 97.13
N GLU E 62 31.17 -114.01 96.64
CA GLU E 62 30.20 -113.35 97.50
C GLU E 62 29.51 -114.33 98.43
N LYS E 63 29.13 -113.83 99.61
CA LYS E 63 28.37 -114.62 100.57
C LYS E 63 26.90 -114.61 100.17
N GLY E 64 26.31 -115.79 100.10
CA GLY E 64 24.94 -115.96 99.63
C GLY E 64 24.89 -116.96 98.51
N LYS E 65 25.91 -116.93 97.65
CA LYS E 65 26.06 -117.98 96.64
C LYS E 65 26.63 -119.25 97.25
N TYR E 66 27.49 -119.12 98.27
CA TYR E 66 28.06 -120.30 98.91
C TYR E 66 27.01 -121.08 99.69
N VAL E 67 26.02 -120.39 100.26
CA VAL E 67 24.94 -121.08 100.96
C VAL E 67 24.17 -121.96 99.99
N GLY E 68 23.81 -121.41 98.84
CA GLY E 68 23.14 -122.22 97.83
C GLY E 68 24.01 -123.32 97.28
N GLU E 69 25.32 -123.05 97.15
CA GLU E 69 26.24 -124.08 96.68
C GLU E 69 26.27 -125.26 97.64
N LEU E 70 26.36 -124.98 98.94
CA LEU E 70 26.34 -126.05 99.93
C LEU E 70 24.98 -126.75 99.96
N ARG E 71 23.90 -125.99 99.80
CA ARG E 71 22.56 -126.58 99.79
C ARG E 71 22.42 -127.58 98.65
N LYS E 72 22.90 -127.22 97.45
CA LYS E 72 22.76 -128.11 96.30
C LYS E 72 23.75 -129.27 96.37
N ALA E 73 24.98 -129.03 96.82
CA ALA E 73 25.96 -130.10 96.90
C ALA E 73 25.57 -131.13 97.97
N LEU E 74 25.10 -130.66 99.12
CA LEU E 74 24.74 -131.50 100.25
C LEU E 74 23.45 -132.28 100.02
N LEU E 75 22.75 -132.02 98.92
CA LEU E 75 21.54 -132.76 98.59
C LEU E 75 21.86 -134.25 98.42
N SER E 76 20.84 -135.08 98.68
CA SER E 76 21.00 -136.53 98.68
C SER E 76 21.66 -137.02 97.39
N GLY E 77 22.81 -137.67 97.54
CA GLY E 77 23.55 -138.16 96.40
C GLY E 77 24.13 -137.03 95.57
N ALA E 78 24.40 -137.36 94.31
CA ALA E 78 24.90 -136.37 93.36
C ALA E 78 23.76 -135.48 92.88
N GLY E 79 24.14 -134.37 92.26
CA GLY E 79 23.18 -133.44 91.72
C GLY E 79 22.45 -134.02 90.52
N PRO E 80 21.22 -133.57 90.29
CA PRO E 80 20.45 -134.09 89.13
C PRO E 80 21.07 -133.75 87.79
N ALA E 81 21.90 -132.71 87.71
CA ALA E 81 22.54 -132.32 86.46
C ALA E 81 24.05 -132.23 86.53
N ASP E 82 24.61 -131.90 87.70
CA ASP E 82 26.05 -131.76 87.87
C ASP E 82 26.53 -132.81 88.86
N VAL E 83 27.62 -133.50 88.51
CA VAL E 83 28.12 -134.59 89.35
C VAL E 83 28.72 -134.01 90.64
N TYR E 84 28.39 -134.63 91.76
CA TYR E 84 28.86 -134.21 93.07
C TYR E 84 29.55 -135.38 93.75
N THR E 85 30.74 -135.14 94.29
CA THR E 85 31.55 -136.16 94.93
C THR E 85 31.71 -135.87 96.41
N PHE E 86 31.57 -136.90 97.24
CA PHE E 86 31.77 -136.80 98.68
C PHE E 86 32.90 -137.74 99.09
N ASN E 87 33.92 -137.19 99.71
CA ASN E 87 35.11 -137.94 100.10
C ASN E 87 35.26 -137.92 101.61
N PHE E 88 35.44 -139.10 102.20
CA PHE E 88 35.72 -139.25 103.62
C PHE E 88 36.83 -140.26 103.79
N SER E 89 37.96 -139.82 104.36
CA SER E 89 39.14 -140.66 104.48
C SER E 89 39.15 -141.40 105.80
N LYS E 90 39.94 -142.47 105.86
CA LYS E 90 40.04 -143.32 107.04
C LYS E 90 41.33 -143.11 107.81
N GLU E 91 42.20 -142.19 107.39
CA GLU E 91 43.46 -141.99 108.09
C GLU E 91 43.25 -141.28 109.42
N SER E 92 42.71 -140.05 109.38
CA SER E 92 42.44 -139.29 110.59
C SER E 92 40.96 -139.01 110.76
N CYS E 93 40.10 -139.78 110.08
CA CYS E 93 38.65 -139.56 110.09
C CYS E 93 38.33 -138.11 109.70
N TYR E 94 39.02 -137.61 108.69
CA TYR E 94 38.89 -136.23 108.26
C TYR E 94 37.83 -136.13 107.17
N PHE E 95 36.87 -135.23 107.36
CA PHE E 95 35.75 -135.06 106.44
C PHE E 95 36.01 -133.85 105.56
N PHE E 96 36.15 -134.08 104.26
CA PHE E 96 36.40 -133.01 103.30
C PHE E 96 36.10 -133.53 101.90
N PHE E 97 35.23 -132.83 101.18
CA PHE E 97 34.80 -133.24 99.86
C PHE E 97 34.97 -132.08 98.88
N GLU E 98 35.05 -132.43 97.60
CA GLU E 98 35.23 -131.47 96.52
C GLU E 98 33.97 -131.40 95.66
N LYS E 99 33.83 -130.30 94.94
CA LYS E 99 32.70 -130.07 94.05
C LYS E 99 33.19 -129.93 92.62
N ASN E 100 32.47 -130.56 91.70
CA ASN E 100 32.80 -130.57 90.27
C ASN E 100 31.80 -129.67 89.55
N LEU E 101 32.21 -128.45 89.23
CA LEU E 101 31.39 -127.50 88.49
C LEU E 101 32.07 -127.19 87.16
N LYS E 102 31.31 -127.33 86.08
CA LYS E 102 31.82 -127.08 84.72
C LYS E 102 33.07 -127.91 84.44
N ASP E 103 33.06 -129.16 84.91
CA ASP E 103 34.17 -130.09 84.76
C ASP E 103 35.46 -129.57 85.39
N VAL E 104 35.32 -128.71 86.41
CA VAL E 104 36.45 -128.17 87.16
C VAL E 104 36.20 -128.41 88.63
N SER E 105 37.22 -128.88 89.34
CA SER E 105 37.10 -129.28 90.73
C SER E 105 37.52 -128.14 91.65
N PHE E 106 36.70 -127.86 92.66
CA PHE E 106 37.03 -126.93 93.72
C PHE E 106 36.77 -127.58 95.08
N ARG E 107 37.35 -127.00 96.12
CA ARG E 107 37.16 -127.50 97.47
C ARG E 107 35.93 -126.88 98.10
N LEU E 108 35.34 -127.60 99.06
CA LEU E 108 34.12 -127.17 99.75
C LEU E 108 34.37 -127.23 101.25
N GLY E 109 34.90 -126.14 101.81
CA GLY E 109 35.07 -126.02 103.24
C GLY E 109 36.15 -126.95 103.81
N SER E 110 36.15 -127.04 105.14
CA SER E 110 37.08 -127.88 105.87
C SER E 110 36.37 -128.37 107.14
N PHE E 111 35.82 -129.58 107.08
CA PHE E 111 35.07 -130.15 108.18
C PHE E 111 35.96 -131.08 109.02
N ASN E 112 35.54 -131.28 110.27
CA ASN E 112 36.25 -132.15 111.19
C ASN E 112 35.25 -133.04 111.92
N LEU E 113 35.68 -134.26 112.24
CA LEU E 113 34.85 -135.24 112.92
C LEU E 113 35.51 -135.59 114.25
N GLU E 114 34.73 -135.59 115.31
CA GLU E 114 35.19 -135.93 116.66
C GLU E 114 34.52 -137.22 117.11
N LYS E 115 35.34 -138.18 117.54
CA LYS E 115 34.81 -139.48 117.97
C LYS E 115 34.02 -139.30 119.26
N VAL E 116 32.70 -139.49 119.17
CA VAL E 116 31.84 -139.29 120.33
C VAL E 116 32.14 -140.37 121.38
N GLU E 117 31.89 -140.02 122.64
CA GLU E 117 32.16 -140.96 123.74
C GLU E 117 31.15 -142.10 123.76
N ASN E 118 29.94 -141.88 123.25
CA ASN E 118 28.90 -142.90 123.25
C ASN E 118 27.96 -142.65 122.07
N PRO E 119 28.06 -143.46 121.01
CA PRO E 119 27.16 -143.27 119.86
C PRO E 119 25.74 -143.77 120.10
N ALA E 120 25.52 -144.57 121.14
CA ALA E 120 24.18 -145.09 121.40
C ALA E 120 23.21 -143.95 121.73
N GLU E 121 23.67 -142.96 122.49
CA GLU E 121 22.81 -141.81 122.78
C GLU E 121 22.42 -141.07 121.51
N VAL E 122 23.37 -140.90 120.59
CA VAL E 122 23.08 -140.22 119.33
C VAL E 122 22.05 -141.03 118.52
N ILE E 123 22.24 -142.34 118.43
CA ILE E 123 21.32 -143.18 117.68
C ILE E 123 19.92 -143.10 118.27
N ARG E 124 19.83 -143.20 119.60
CA ARG E 124 18.53 -143.17 120.26
C ARG E 124 17.85 -141.81 120.11
N GLU E 125 18.61 -140.72 120.20
CA GLU E 125 17.99 -139.41 120.03
C GLU E 125 17.53 -139.19 118.60
N LEU E 126 18.28 -139.68 117.62
CA LEU E 126 17.83 -139.59 116.23
C LEU E 126 16.55 -140.39 116.00
N ILE E 127 16.50 -141.62 116.53
CA ILE E 127 15.32 -142.44 116.32
C ILE E 127 14.11 -141.86 117.05
N CYS E 128 14.33 -141.26 118.23
CA CYS E 128 13.24 -140.61 118.95
C CYS E 128 12.74 -139.39 118.19
N TYR E 129 13.65 -138.61 117.61
CA TYR E 129 13.23 -137.47 116.80
C TYR E 129 12.42 -137.91 115.60
N CYS E 130 12.85 -139.00 114.94
CA CYS E 130 12.09 -139.52 113.81
C CYS E 130 10.70 -139.99 114.25
N LEU E 131 10.62 -140.68 115.39
CA LEU E 131 9.32 -141.13 115.88
C LEU E 131 8.41 -139.94 116.20
N ASP E 132 8.95 -138.91 116.83
CA ASP E 132 8.15 -137.72 117.14
C ASP E 132 7.66 -137.03 115.88
N THR E 133 8.52 -136.93 114.86
CA THR E 133 8.10 -136.34 113.60
C THR E 133 6.99 -137.14 112.95
N ILE E 134 7.11 -138.48 112.95
CA ILE E 134 6.07 -139.32 112.37
C ILE E 134 4.76 -139.14 113.12
N ALA E 135 4.81 -139.10 114.45
CA ALA E 135 3.60 -138.90 115.24
C ALA E 135 2.96 -137.56 114.96
N GLU E 136 3.77 -136.51 114.83
CA GLU E 136 3.23 -135.19 114.51
C GLU E 136 2.56 -135.19 113.14
N ASN E 137 3.18 -135.83 112.15
CA ASN E 137 2.58 -135.92 110.83
C ASN E 137 1.26 -136.67 110.88
N GLN E 138 1.21 -137.77 111.64
CA GLN E 138 -0.02 -138.54 111.75
C GLN E 138 -1.13 -137.71 112.41
N ALA E 139 -0.81 -136.98 113.47
CA ALA E 139 -1.82 -136.16 114.12
C ALA E 139 -2.33 -135.06 113.19
N LYS E 140 -1.41 -134.41 112.46
CA LYS E 140 -1.82 -133.37 111.52
C LYS E 140 -2.71 -133.95 110.43
N ASN E 141 -2.36 -135.12 109.90
CA ASN E 141 -3.17 -135.75 108.87
C ASN E 141 -4.56 -136.09 109.39
N GLU E 142 -4.64 -136.63 110.62
CA GLU E 142 -5.93 -136.99 111.19
C GLU E 142 -6.81 -135.76 111.37
N HIS E 143 -6.25 -134.69 111.95
CA HIS E 143 -7.04 -133.48 112.16
C HIS E 143 -7.49 -132.87 110.82
N LEU E 144 -6.59 -132.82 109.85
CA LEU E 144 -6.93 -132.24 108.55
C LEU E 144 -8.00 -133.08 107.85
N GLN E 145 -7.91 -134.41 107.96
CA GLN E 145 -8.88 -135.27 107.32
C GLN E 145 -10.26 -135.15 107.96
N LYS E 146 -10.31 -135.09 109.29
CA LYS E 146 -11.62 -134.96 109.94
C LYS E 146 -12.25 -133.60 109.64
N GLU E 147 -11.46 -132.52 109.64
CA GLU E 147 -12.03 -131.23 109.28
C GLU E 147 -12.45 -131.20 107.82
N ASN E 148 -11.71 -131.89 106.94
CA ASN E 148 -12.09 -131.98 105.55
C ASN E 148 -13.44 -132.68 105.39
N GLU E 149 -13.63 -133.81 106.08
CA GLU E 149 -14.89 -134.53 105.97
C GLU E 149 -16.05 -133.69 106.51
N ARG E 150 -15.86 -133.06 107.67
CA ARG E 150 -16.93 -132.25 108.24
C ARG E 150 -17.31 -131.10 107.31
N LEU E 151 -16.32 -130.36 106.82
CA LEU E 151 -16.61 -129.21 105.97
C LEU E 151 -17.11 -129.65 104.60
N LEU E 152 -16.73 -130.84 104.13
CA LEU E 152 -17.26 -131.33 102.86
C LEU E 152 -18.74 -131.68 102.99
N ARG E 153 -19.12 -132.35 104.07
CA ARG E 153 -20.54 -132.63 104.29
C ARG E 153 -21.33 -131.33 104.43
N ASP E 154 -20.79 -130.38 105.19
CA ASP E 154 -21.47 -129.09 105.36
C ASP E 154 -21.56 -128.34 104.03
N TRP E 155 -20.53 -128.44 103.20
CA TRP E 155 -20.53 -127.77 101.90
C TRP E 155 -21.57 -128.37 100.97
N ASN E 156 -21.68 -129.70 100.94
CA ASN E 156 -22.73 -130.32 100.15
C ASN E 156 -24.11 -129.89 100.63
N ASP E 157 -24.31 -129.86 101.96
CA ASP E 157 -25.60 -129.44 102.50
C ASP E 157 -25.91 -127.99 102.12
N VAL E 158 -24.92 -127.10 102.22
CA VAL E 158 -25.18 -125.69 101.94
C VAL E 158 -25.38 -125.46 100.44
N GLN E 159 -24.70 -126.24 99.58
CA GLN E 159 -24.97 -126.13 98.15
C GLN E 159 -26.38 -126.59 97.81
N GLY E 160 -26.83 -127.69 98.41
CA GLY E 160 -28.20 -128.11 98.20
C GLY E 160 -29.20 -127.08 98.69
N ARG E 161 -28.93 -126.48 99.86
CA ARG E 161 -29.81 -125.43 100.39
C ARG E 161 -29.83 -124.21 99.46
N PHE E 162 -28.68 -123.85 98.91
CA PHE E 162 -28.61 -122.73 97.98
C PHE E 162 -29.40 -123.02 96.71
N GLU E 163 -29.30 -124.24 96.17
CA GLU E 163 -30.10 -124.60 95.02
C GLU E 163 -31.59 -124.54 95.33
N LYS E 164 -31.96 -124.99 96.53
CA LYS E 164 -33.36 -124.91 96.94
C LYS E 164 -33.84 -123.46 97.00
N CYS E 165 -33.01 -122.57 97.55
CA CYS E 165 -33.38 -121.15 97.60
C CYS E 165 -33.52 -120.56 96.21
N VAL E 166 -32.60 -120.90 95.30
CA VAL E 166 -32.69 -120.39 93.94
C VAL E 166 -33.96 -120.88 93.26
N SER E 167 -34.31 -122.14 93.47
CA SER E 167 -35.52 -122.69 92.86
C SER E 167 -36.79 -122.23 93.54
N ALA E 168 -36.72 -121.72 94.77
CA ALA E 168 -37.91 -121.38 95.53
C ALA E 168 -38.15 -119.89 95.71
N LYS E 169 -37.22 -119.03 95.30
CA LYS E 169 -37.46 -117.59 95.42
C LYS E 169 -38.69 -117.15 94.62
N GLU E 170 -38.74 -117.53 93.34
CA GLU E 170 -39.91 -117.18 92.54
C GLU E 170 -41.15 -117.93 92.99
N ALA E 171 -40.98 -119.13 93.54
CA ALA E 171 -42.13 -119.86 94.07
C ALA E 171 -42.77 -119.12 95.24
N LEU E 172 -41.95 -118.60 96.16
CA LEU E 172 -42.50 -117.85 97.28
C LEU E 172 -43.04 -116.50 96.84
N GLU E 173 -42.41 -115.88 95.83
CA GLU E 173 -43.00 -114.68 95.24
C GLU E 173 -44.40 -114.94 94.73
N THR E 174 -44.57 -116.03 93.97
CA THR E 174 -45.89 -116.38 93.43
C THR E 174 -46.87 -116.73 94.55
N ASP E 175 -46.39 -117.40 95.60
CA ASP E 175 -47.26 -117.77 96.71
C ASP E 175 -47.79 -116.53 97.43
N LEU E 176 -46.91 -115.56 97.71
CA LEU E 176 -47.36 -114.35 98.37
C LEU E 176 -48.28 -113.54 97.46
N TYR E 177 -47.98 -113.51 96.15
CA TYR E 177 -48.88 -112.86 95.22
C TYR E 177 -50.27 -113.50 95.24
N LYS E 178 -50.32 -114.84 95.25
CA LYS E 178 -51.60 -115.54 95.23
C LYS E 178 -52.39 -115.31 96.51
N ARG E 179 -51.73 -115.36 97.66
CA ARG E 179 -52.44 -115.11 98.91
C ARG E 179 -52.94 -113.67 98.97
N PHE E 180 -52.15 -112.72 98.45
CA PHE E 180 -52.63 -111.36 98.33
C PHE E 180 -53.87 -111.29 97.44
N ILE E 181 -53.85 -112.01 96.32
CA ILE E 181 -54.99 -112.00 95.41
C ILE E 181 -56.23 -112.52 96.12
N LEU E 182 -56.10 -113.62 96.86
CA LEU E 182 -57.26 -114.20 97.53
C LEU E 182 -57.83 -113.26 98.58
N VAL E 183 -56.96 -112.67 99.40
CA VAL E 183 -57.47 -111.79 100.45
C VAL E 183 -58.09 -110.53 99.87
N LEU E 184 -57.51 -110.00 98.78
CA LEU E 184 -58.13 -108.85 98.13
C LEU E 184 -59.46 -109.23 97.49
N ASN E 185 -59.59 -110.44 96.95
CA ASN E 185 -60.89 -110.87 96.44
C ASN E 185 -61.92 -110.93 97.55
N GLU E 186 -61.54 -111.44 98.72
CA GLU E 186 -62.47 -111.46 99.84
C GLU E 186 -62.88 -110.04 100.23
N LYS E 187 -61.90 -109.13 100.31
CA LYS E 187 -62.20 -107.75 100.67
C LYS E 187 -63.12 -107.09 99.65
N LYS E 188 -62.88 -107.33 98.35
CA LYS E 188 -63.72 -106.72 97.33
C LYS E 188 -65.10 -107.34 97.27
N THR E 189 -65.23 -108.63 97.62
CA THR E 189 -66.56 -109.20 97.76
C THR E 189 -67.34 -108.52 98.87
N LYS E 190 -66.66 -108.26 100.00
CA LYS E 190 -67.32 -107.48 101.05
C LYS E 190 -67.67 -106.08 100.58
N ILE E 191 -66.78 -105.46 99.81
CA ILE E 191 -67.04 -104.13 99.27
C ILE E 191 -68.29 -104.14 98.39
N ARG E 192 -68.37 -105.11 97.48
CA ARG E 192 -69.50 -105.19 96.56
C ARG E 192 -70.80 -105.46 97.29
N SER E 193 -70.77 -106.36 98.28
CA SER E 193 -71.99 -106.62 99.05
C SER E 193 -72.42 -105.38 99.81
N LEU E 194 -71.48 -104.67 100.43
CA LEU E 194 -71.80 -103.47 101.19
C LEU E 194 -72.37 -102.38 100.28
N HIS E 195 -71.86 -102.30 99.05
CA HIS E 195 -72.36 -101.29 98.13
C HIS E 195 -73.74 -101.65 97.58
N ASN E 196 -73.96 -102.93 97.29
CA ASN E 196 -75.24 -103.35 96.72
C ASN E 196 -76.35 -103.34 97.75
N LYS E 197 -76.03 -103.53 99.04
CA LYS E 197 -77.07 -103.47 100.06
C LYS E 197 -77.51 -102.05 100.38
N LEU E 198 -76.71 -101.05 100.00
CA LEU E 198 -77.02 -99.67 100.35
C LEU E 198 -77.92 -98.97 99.34
N LEU E 199 -77.95 -99.45 98.09
CA LEU E 199 -78.83 -98.83 97.10
C LEU E 199 -80.30 -99.05 97.45
N ASN E 200 -80.62 -100.15 98.13
CA ASN E 200 -81.98 -100.46 98.54
C ASN E 200 -82.15 -100.38 100.06
N ALA E 201 -81.24 -99.71 100.75
CA ALA E 201 -81.32 -99.58 102.20
C ALA E 201 -82.13 -98.36 102.59
N MET F 1 1.21 -158.11 100.02
CA MET F 1 2.27 -157.63 100.91
C MET F 1 1.67 -156.68 101.92
N GLU F 2 1.60 -157.11 103.18
CA GLU F 2 0.94 -156.36 104.23
C GLU F 2 1.95 -155.96 105.30
N ARG F 3 2.00 -154.67 105.59
CA ARG F 3 2.89 -154.13 106.62
C ARG F 3 2.06 -153.41 107.68
N LYS F 4 2.24 -153.80 108.94
CA LYS F 4 1.63 -153.15 110.07
C LYS F 4 2.69 -152.84 111.12
N ILE F 5 2.61 -151.67 111.73
CA ILE F 5 3.57 -151.24 112.75
C ILE F 5 3.03 -151.63 114.12
N SER F 6 3.83 -152.39 114.87
CA SER F 6 3.43 -152.86 116.20
C SER F 6 4.62 -152.74 117.13
N ARG F 7 4.39 -153.08 118.40
CA ARG F 7 5.42 -153.01 119.43
C ARG F 7 5.72 -154.41 119.96
N ILE F 8 6.99 -154.64 120.29
CA ILE F 8 7.45 -155.91 120.86
C ILE F 8 8.31 -155.61 122.07
N HIS F 9 8.20 -156.44 123.09
CA HIS F 9 8.90 -156.25 124.35
C HIS F 9 9.76 -157.46 124.67
N LEU F 10 10.98 -157.20 125.16
CA LEU F 10 11.90 -158.26 125.53
C LEU F 10 11.71 -158.63 127.00
N VAL F 11 11.70 -159.94 127.28
CA VAL F 11 11.57 -160.41 128.65
C VAL F 11 12.79 -160.03 129.46
N SER F 12 13.98 -160.26 128.92
CA SER F 12 15.21 -159.89 129.61
C SER F 12 15.50 -158.41 129.56
N GLU F 13 14.91 -157.68 128.61
CA GLU F 13 15.12 -156.25 128.46
C GLU F 13 13.76 -155.57 128.41
N PRO F 14 13.14 -155.33 129.58
CA PRO F 14 11.84 -154.67 129.62
C PRO F 14 11.89 -153.16 129.69
N SER F 15 13.08 -152.57 129.88
CA SER F 15 13.17 -151.13 130.02
C SER F 15 12.86 -150.40 128.72
N ILE F 16 13.07 -151.05 127.58
CA ILE F 16 12.83 -150.45 126.28
C ILE F 16 11.87 -151.34 125.49
N THR F 17 11.00 -150.71 124.71
CA THR F 17 10.05 -151.41 123.84
C THR F 17 10.44 -151.16 122.40
N HIS F 18 10.67 -152.23 121.64
CA HIS F 18 11.09 -152.13 120.25
C HIS F 18 9.87 -152.01 119.35
N PHE F 19 9.86 -150.99 118.49
CA PHE F 19 8.81 -150.82 117.50
C PHE F 19 9.30 -151.39 116.17
N LEU F 20 8.48 -152.22 115.54
CA LEU F 20 8.86 -152.90 114.31
C LEU F 20 7.69 -152.91 113.34
N GLN F 21 8.02 -152.78 112.06
CA GLN F 21 7.03 -152.83 110.98
C GLN F 21 7.02 -154.26 110.46
N VAL F 22 6.17 -155.10 111.07
CA VAL F 22 6.09 -156.50 110.68
C VAL F 22 5.45 -156.61 109.31
N SER F 23 6.07 -157.40 108.43
CA SER F 23 5.62 -157.56 107.06
C SER F 23 5.41 -159.04 106.76
N TRP F 24 4.25 -159.39 106.21
CA TRP F 24 3.93 -160.76 105.84
C TRP F 24 3.32 -160.79 104.45
N GLU F 25 3.46 -161.93 103.78
CA GLU F 25 2.94 -162.12 102.43
C GLU F 25 1.82 -163.14 102.34
N LYS F 26 1.75 -164.08 103.28
CA LYS F 26 0.74 -165.13 103.24
C LYS F 26 -0.50 -164.69 104.01
N THR F 27 -1.51 -165.57 104.06
CA THR F 27 -2.76 -165.27 104.71
C THR F 27 -2.61 -165.28 106.23
N LEU F 28 -3.61 -164.70 106.91
CA LEU F 28 -3.63 -164.66 108.37
C LEU F 28 -4.01 -165.98 109.00
N GLU F 29 -4.44 -166.96 108.21
CA GLU F 29 -4.94 -168.23 108.76
C GLU F 29 -3.85 -169.28 108.88
N SER F 30 -2.95 -169.39 107.91
CA SER F 30 -1.91 -170.40 107.94
C SER F 30 -0.72 -169.92 107.13
N GLY F 31 0.46 -169.91 107.75
CA GLY F 31 1.67 -169.46 107.09
C GLY F 31 1.76 -167.96 107.00
N PHE F 32 2.97 -167.42 107.14
CA PHE F 32 3.18 -165.97 107.10
C PHE F 32 4.68 -165.71 107.05
N VAL F 33 5.03 -164.43 107.05
CA VAL F 33 6.41 -163.96 107.10
C VAL F 33 6.52 -162.96 108.25
N ILE F 34 7.61 -163.04 109.01
CA ILE F 34 7.81 -162.14 110.14
C ILE F 34 9.23 -161.59 110.11
N THR F 35 9.38 -160.42 110.73
CA THR F 35 10.66 -159.77 110.93
C THR F 35 10.95 -159.74 112.42
N LEU F 36 12.21 -159.93 112.81
CA LEU F 36 12.61 -159.91 114.20
C LEU F 36 13.84 -159.02 114.35
N THR F 37 13.86 -158.21 115.41
CA THR F 37 15.02 -157.36 115.70
C THR F 37 15.09 -157.19 117.22
N ASP F 38 16.14 -157.73 117.82
CA ASP F 38 16.29 -157.75 119.27
C ASP F 38 17.28 -156.71 119.78
N GLY F 39 17.66 -155.74 118.95
CA GLY F 39 18.56 -154.68 119.35
C GLY F 39 19.97 -154.82 118.86
N HIS F 40 20.36 -155.99 118.35
CA HIS F 40 21.70 -156.20 117.80
C HIS F 40 21.70 -156.18 116.27
N SER F 41 20.80 -156.91 115.64
CA SER F 41 20.69 -156.93 114.18
C SER F 41 19.26 -157.18 113.78
N ALA F 42 18.93 -156.82 112.54
CA ALA F 42 17.59 -157.00 111.99
C ALA F 42 17.62 -158.14 110.97
N TRP F 43 16.71 -159.09 111.13
CA TRP F 43 16.62 -160.25 110.23
C TRP F 43 15.19 -160.43 109.77
N THR F 44 15.02 -160.71 108.49
CA THR F 44 13.71 -160.99 107.90
C THR F 44 13.76 -162.36 107.22
N GLY F 45 12.81 -163.23 107.58
CA GLY F 45 12.78 -164.56 107.02
C GLY F 45 11.41 -165.18 107.16
N THR F 46 11.33 -166.46 106.77
CA THR F 46 10.08 -167.22 106.80
C THR F 46 10.15 -168.26 107.90
N VAL F 47 9.13 -168.27 108.77
CA VAL F 47 9.01 -169.26 109.84
C VAL F 47 8.42 -170.54 109.26
N SER F 48 8.47 -171.62 110.03
CA SER F 48 7.86 -172.87 109.60
C SER F 48 6.37 -172.68 109.35
N GLU F 49 5.91 -173.23 108.23
CA GLU F 49 4.52 -173.04 107.80
C GLU F 49 3.52 -173.86 108.60
N SER F 50 3.98 -174.78 109.44
CA SER F 50 3.10 -175.71 110.16
C SER F 50 2.91 -175.20 111.59
N GLU F 51 1.84 -174.41 111.79
CA GLU F 51 1.41 -174.01 113.12
C GLU F 51 -0.08 -174.27 113.33
N ILE F 52 -0.69 -175.11 112.49
CA ILE F 52 -2.12 -175.35 112.55
C ILE F 52 -2.47 -176.81 112.79
N SER F 53 -1.50 -177.73 112.70
CA SER F 53 -1.78 -179.16 112.78
C SER F 53 -1.07 -179.83 113.96
N GLN F 54 -0.75 -179.09 115.01
CA GLN F 54 -0.13 -179.67 116.19
C GLN F 54 -1.09 -179.84 117.36
N GLU F 55 -2.15 -179.02 117.44
CA GLU F 55 -3.14 -179.14 118.50
C GLU F 55 -4.42 -178.47 118.03
N ALA F 56 -5.55 -179.16 118.23
CA ALA F 56 -6.85 -178.67 117.79
C ALA F 56 -7.80 -178.38 118.95
N ASP F 57 -8.00 -179.35 119.84
CA ASP F 57 -8.94 -179.18 120.95
C ASP F 57 -8.49 -180.05 122.11
N ASP F 58 -8.14 -179.42 123.23
CA ASP F 58 -7.78 -180.12 124.45
C ASP F 58 -8.52 -179.64 125.69
N MET F 59 -9.00 -178.40 125.71
CA MET F 59 -9.79 -177.86 126.81
C MET F 59 -11.07 -177.23 126.26
N ALA F 60 -11.62 -177.84 125.21
CA ALA F 60 -12.87 -177.40 124.58
C ALA F 60 -12.79 -175.94 124.13
N MET F 61 -11.68 -175.59 123.48
CA MET F 61 -11.52 -174.24 122.97
C MET F 61 -12.50 -173.98 121.84
N GLU F 62 -13.08 -172.77 121.83
CA GLU F 62 -13.97 -172.37 120.75
C GLU F 62 -13.17 -172.16 119.47
N LYS F 63 -13.76 -172.58 118.34
CA LYS F 63 -13.10 -172.44 117.06
C LYS F 63 -12.90 -170.97 116.70
N GLY F 64 -13.87 -170.12 117.04
CA GLY F 64 -13.76 -168.70 116.71
C GLY F 64 -12.57 -168.04 117.38
N LYS F 65 -12.36 -168.32 118.67
CA LYS F 65 -11.21 -167.76 119.36
C LYS F 65 -9.89 -168.24 118.77
N TYR F 66 -9.84 -169.44 118.21
CA TYR F 66 -8.61 -169.99 117.67
C TYR F 66 -8.17 -169.22 116.44
N VAL F 67 -9.04 -169.14 115.43
CA VAL F 67 -8.71 -168.41 114.22
C VAL F 67 -8.58 -166.92 114.50
N GLY F 68 -9.38 -166.40 115.44
CA GLY F 68 -9.25 -165.00 115.80
C GLY F 68 -7.90 -164.68 116.40
N GLU F 69 -7.40 -165.54 117.29
CA GLU F 69 -6.09 -165.32 117.86
C GLU F 69 -4.99 -165.53 116.83
N LEU F 70 -5.21 -166.45 115.87
CA LEU F 70 -4.26 -166.59 114.77
C LEU F 70 -4.14 -165.30 113.96
N ARG F 71 -5.27 -164.66 113.67
CA ARG F 71 -5.22 -163.36 112.99
C ARG F 71 -4.54 -162.31 113.86
N LYS F 72 -4.88 -162.27 115.15
CA LYS F 72 -4.33 -161.25 116.04
C LYS F 72 -2.83 -161.42 116.29
N ALA F 73 -2.29 -162.63 116.09
CA ALA F 73 -0.87 -162.87 116.34
C ALA F 73 0.03 -162.05 115.42
N LEU F 74 -0.47 -161.61 114.27
CA LEU F 74 0.33 -160.84 113.33
C LEU F 74 0.08 -159.34 113.40
N LEU F 75 -1.10 -158.93 113.85
CA LEU F 75 -1.43 -157.51 113.92
C LEU F 75 -0.68 -156.82 115.06
N VAL F 83 -4.42 -161.76 124.03
CA VAL F 83 -3.42 -160.84 123.50
C VAL F 83 -2.07 -161.54 123.36
N TYR F 84 -1.40 -161.31 122.23
CA TYR F 84 -0.10 -161.92 121.99
C TYR F 84 0.97 -161.24 122.83
N THR F 85 2.15 -161.87 122.87
CA THR F 85 3.26 -161.34 123.63
C THR F 85 4.56 -161.75 122.95
N PHE F 86 5.63 -161.02 123.25
CA PHE F 86 6.96 -161.29 122.73
C PHE F 86 7.83 -161.83 123.85
N ASN F 87 8.41 -163.00 123.63
CA ASN F 87 9.26 -163.66 124.62
C ASN F 87 10.67 -163.79 124.04
N PHE F 88 11.61 -163.00 124.58
CA PHE F 88 13.00 -163.07 124.17
C PHE F 88 13.88 -162.77 125.37
N SER F 89 14.81 -163.66 125.66
CA SER F 89 15.72 -163.50 126.79
C SER F 89 17.15 -163.80 126.36
N LYS F 90 18.10 -163.17 127.02
CA LYS F 90 19.51 -163.40 126.74
C LYS F 90 20.04 -164.66 127.41
N GLU F 91 19.30 -165.23 128.37
CA GLU F 91 19.72 -166.47 129.01
C GLU F 91 19.43 -167.70 128.16
N SER F 92 18.62 -167.57 127.12
CA SER F 92 18.32 -168.65 126.19
C SER F 92 18.72 -168.33 124.76
N CYS F 93 18.50 -167.09 124.32
CA CYS F 93 18.90 -166.63 122.98
C CYS F 93 18.31 -167.52 121.89
N TYR F 94 17.00 -167.77 122.00
CA TYR F 94 16.28 -168.53 120.98
C TYR F 94 14.84 -168.03 120.96
N PHE F 95 14.16 -168.27 119.85
CA PHE F 95 12.92 -167.56 119.54
C PHE F 95 11.72 -168.49 119.69
N PHE F 96 11.23 -168.60 120.92
CA PHE F 96 9.94 -169.20 121.24
C PHE F 96 9.07 -168.19 121.99
N PHE F 97 7.78 -168.18 121.67
CA PHE F 97 6.81 -167.47 122.48
C PHE F 97 5.45 -168.15 122.32
N GLU F 98 4.76 -168.32 123.43
CA GLU F 98 3.43 -168.92 123.45
C GLU F 98 2.39 -167.89 123.84
N LYS F 99 1.13 -168.19 123.55
CA LYS F 99 0.05 -167.26 123.83
C LYS F 99 -0.16 -167.13 125.33
N ASN F 100 -0.23 -165.89 125.81
CA ASN F 100 -0.32 -165.60 127.24
C ASN F 100 -1.77 -165.28 127.58
N LEU F 101 -2.41 -166.16 128.37
CA LEU F 101 -3.76 -165.96 128.86
C LEU F 101 -3.80 -166.25 130.34
N LYS F 102 -4.74 -165.59 131.03
CA LYS F 102 -4.90 -165.77 132.47
C LYS F 102 -5.94 -166.85 132.74
N ASP F 103 -5.58 -167.79 133.61
CA ASP F 103 -6.41 -168.93 133.99
C ASP F 103 -6.71 -169.87 132.82
N VAL F 104 -5.98 -169.74 131.72
CA VAL F 104 -6.15 -170.58 130.55
C VAL F 104 -4.77 -171.02 130.07
N SER F 105 -4.57 -172.33 129.97
CA SER F 105 -3.30 -172.89 129.51
C SER F 105 -3.44 -173.21 128.03
N PHE F 106 -3.35 -172.16 127.20
CA PHE F 106 -3.50 -172.27 125.77
C PHE F 106 -2.14 -172.10 125.10
N ARG F 107 -1.66 -173.16 124.45
CA ARG F 107 -0.40 -173.14 123.73
C ARG F 107 -0.68 -173.14 122.23
N LEU F 108 -0.04 -172.23 121.51
CA LEU F 108 -0.30 -172.07 120.08
C LEU F 108 0.99 -171.70 119.35
N GLY F 109 1.25 -172.42 118.26
CA GLY F 109 2.33 -172.08 117.36
C GLY F 109 3.68 -172.61 117.82
N SER F 110 4.63 -172.59 116.88
CA SER F 110 6.00 -172.98 117.16
C SER F 110 6.90 -172.22 116.20
N PHE F 111 7.71 -171.32 116.74
CA PHE F 111 8.52 -170.40 115.94
C PHE F 111 9.97 -170.81 116.00
N ASN F 112 10.78 -170.17 115.15
CA ASN F 112 12.21 -170.45 115.08
C ASN F 112 12.98 -169.14 114.98
N LEU F 113 14.24 -169.19 115.40
CA LEU F 113 15.11 -168.03 115.28
C LEU F 113 15.55 -167.84 113.84
N GLU F 114 15.19 -166.70 113.27
CA GLU F 114 15.54 -166.37 111.89
C GLU F 114 16.90 -165.68 111.85
N LYS F 115 17.68 -165.98 110.81
CA LYS F 115 19.01 -165.41 110.65
C LYS F 115 19.19 -165.05 109.18
N VAL F 116 19.14 -163.75 108.88
CA VAL F 116 19.29 -163.27 107.51
C VAL F 116 20.77 -163.26 107.14
N GLU F 117 21.06 -163.39 105.85
CA GLU F 117 22.44 -163.39 105.36
C GLU F 117 23.05 -162.00 105.36
N ASN F 118 22.26 -160.95 105.61
CA ASN F 118 22.76 -159.58 105.53
C ASN F 118 21.91 -158.66 106.41
N PRO F 119 22.22 -158.59 107.71
CA PRO F 119 21.42 -157.73 108.60
C PRO F 119 21.50 -156.26 108.25
N ALA F 120 22.67 -155.78 107.80
CA ALA F 120 22.80 -154.38 107.42
C ALA F 120 21.89 -154.05 106.25
N GLU F 121 21.72 -155.00 105.34
CA GLU F 121 20.78 -154.80 104.23
C GLU F 121 19.35 -154.69 104.74
N VAL F 122 19.01 -155.45 105.78
CA VAL F 122 17.68 -155.35 106.37
C VAL F 122 17.48 -154.00 107.02
N ILE F 123 18.50 -153.49 107.72
CA ILE F 123 18.40 -152.15 108.30
C ILE F 123 18.25 -151.10 107.21
N ARG F 124 18.99 -151.26 106.11
CA ARG F 124 18.86 -150.33 104.99
C ARG F 124 17.46 -150.37 104.40
N GLU F 125 16.88 -151.57 104.27
CA GLU F 125 15.51 -151.69 103.79
C GLU F 125 14.54 -150.99 104.73
N LEU F 126 14.74 -151.17 106.04
CA LEU F 126 13.87 -150.52 107.01
C LEU F 126 13.94 -149.00 106.90
N ILE F 127 15.16 -148.46 106.76
CA ILE F 127 15.32 -147.02 106.64
C ILE F 127 14.69 -146.50 105.34
N CYS F 128 14.90 -147.22 104.23
CA CYS F 128 14.29 -146.81 102.97
C CYS F 128 12.77 -146.84 103.04
N TYR F 129 12.22 -147.88 103.68
CA TYR F 129 10.76 -147.99 103.80
C TYR F 129 10.20 -146.87 104.68
N CYS F 130 10.87 -146.54 105.79
CA CYS F 130 10.38 -145.46 106.64
C CYS F 130 10.47 -144.11 105.93
N LEU F 131 11.53 -143.91 105.14
CA LEU F 131 11.63 -142.69 104.33
C LEU F 131 10.49 -142.62 103.32
N ASP F 132 10.17 -143.74 102.68
CA ASP F 132 9.05 -143.77 101.74
C ASP F 132 7.74 -143.45 102.45
N THR F 133 7.54 -144.03 103.65
CA THR F 133 6.29 -143.77 104.38
C THR F 133 6.16 -142.31 104.77
N ILE F 134 7.25 -141.69 105.25
CA ILE F 134 7.15 -140.28 105.63
C ILE F 134 6.95 -139.41 104.40
N ALA F 135 7.55 -139.78 103.26
CA ALA F 135 7.29 -139.05 102.02
C ALA F 135 5.81 -139.15 101.63
N GLU F 136 5.23 -140.34 101.75
CA GLU F 136 3.81 -140.50 101.47
C GLU F 136 2.97 -139.64 102.42
N ASN F 137 3.33 -139.61 103.70
CA ASN F 137 2.59 -138.82 104.68
C ASN F 137 2.63 -137.33 104.31
N GLN F 138 3.81 -136.82 103.97
CA GLN F 138 3.90 -135.39 103.66
C GLN F 138 3.20 -135.05 102.36
N ALA F 139 3.27 -135.94 101.35
CA ALA F 139 2.54 -135.71 100.11
C ALA F 139 1.04 -135.71 100.35
N LYS F 140 0.55 -136.65 101.16
CA LYS F 140 -0.87 -136.68 101.50
C LYS F 140 -1.29 -135.43 102.23
N ASN F 141 -0.45 -134.96 103.16
CA ASN F 141 -0.75 -133.72 103.88
C ASN F 141 -0.84 -132.53 102.92
N GLU F 142 0.09 -132.44 101.96
CA GLU F 142 0.07 -131.32 101.02
C GLU F 142 -1.19 -131.37 100.16
N HIS F 143 -1.53 -132.55 99.62
CA HIS F 143 -2.73 -132.66 98.79
C HIS F 143 -3.98 -132.34 99.59
N LEU F 144 -4.06 -132.85 100.83
CA LEU F 144 -5.23 -132.61 101.66
C LEU F 144 -5.38 -131.13 101.99
N GLN F 145 -4.28 -130.45 102.30
CA GLN F 145 -4.37 -129.03 102.62
C GLN F 145 -4.71 -128.19 101.39
N LYS F 146 -4.23 -128.60 100.20
CA LYS F 146 -4.63 -127.90 98.98
C LYS F 146 -6.14 -128.05 98.74
N GLU F 147 -6.65 -129.28 98.86
CA GLU F 147 -8.08 -129.50 98.70
C GLU F 147 -8.87 -128.72 99.74
N ASN F 148 -8.37 -128.66 100.98
CA ASN F 148 -9.07 -127.96 102.04
C ASN F 148 -9.10 -126.46 101.81
N GLU F 149 -7.99 -125.86 101.37
CA GLU F 149 -8.02 -124.43 101.10
C GLU F 149 -8.94 -124.11 99.93
N ARG F 150 -8.95 -124.98 98.91
CA ARG F 150 -9.90 -124.81 97.81
C ARG F 150 -11.34 -124.85 98.31
N LEU F 151 -11.66 -125.84 99.14
CA LEU F 151 -13.03 -125.96 99.66
C LEU F 151 -13.40 -124.78 100.56
N LEU F 152 -12.46 -124.32 101.39
CA LEU F 152 -12.74 -123.17 102.25
C LEU F 152 -13.01 -121.92 101.42
N ARG F 153 -12.21 -121.68 100.37
CA ARG F 153 -12.46 -120.51 99.54
C ARG F 153 -13.81 -120.60 98.84
N ASP F 154 -14.15 -121.79 98.34
CA ASP F 154 -15.46 -121.97 97.71
C ASP F 154 -16.58 -121.71 98.72
N TRP F 155 -16.44 -122.23 99.94
CA TRP F 155 -17.49 -122.05 100.95
C TRP F 155 -17.62 -120.59 101.35
N ASN F 156 -16.50 -119.85 101.45
CA ASN F 156 -16.59 -118.43 101.77
C ASN F 156 -17.28 -117.66 100.65
N ASP F 157 -16.96 -117.98 99.40
CA ASP F 157 -17.64 -117.31 98.29
C ASP F 157 -19.14 -117.61 98.30
N VAL F 158 -19.51 -118.88 98.57
CA VAL F 158 -20.91 -119.25 98.62
C VAL F 158 -21.62 -118.55 99.79
N GLN F 159 -20.93 -118.41 100.92
CA GLN F 159 -21.50 -117.70 102.05
C GLN F 159 -21.76 -116.25 101.71
N GLY F 160 -20.81 -115.60 101.04
CA GLY F 160 -21.02 -114.21 100.63
C GLY F 160 -22.18 -114.06 99.65
N ARG F 161 -22.26 -114.97 98.67
CA ARG F 161 -23.37 -114.93 97.72
C ARG F 161 -24.69 -115.14 98.44
N PHE F 162 -24.75 -116.08 99.38
CA PHE F 162 -25.97 -116.31 100.14
C PHE F 162 -26.35 -115.09 100.96
N GLU F 163 -25.37 -114.45 101.60
CA GLU F 163 -25.68 -113.27 102.41
C GLU F 163 -26.25 -112.15 101.56
N LYS F 164 -25.64 -111.88 100.40
CA LYS F 164 -26.15 -110.81 99.55
C LYS F 164 -27.52 -111.17 98.98
N CYS F 165 -27.72 -112.43 98.60
CA CYS F 165 -29.01 -112.85 98.08
C CYS F 165 -30.10 -112.74 99.13
N VAL F 166 -29.79 -113.13 100.38
CA VAL F 166 -30.76 -113.01 101.46
C VAL F 166 -31.07 -111.55 101.75
N SER F 167 -30.06 -110.68 101.72
CA SER F 167 -30.31 -109.26 101.93
C SER F 167 -31.25 -108.70 100.86
N ALA F 168 -30.99 -109.04 99.60
CA ALA F 168 -31.86 -108.57 98.52
C ALA F 168 -33.27 -109.14 98.65
N LYS F 169 -33.38 -110.42 99.02
CA LYS F 169 -34.69 -111.04 99.18
C LYS F 169 -35.47 -110.38 100.31
N GLU F 170 -34.81 -110.10 101.44
CA GLU F 170 -35.48 -109.39 102.53
C GLU F 170 -35.92 -108.01 102.09
N ALA F 171 -35.07 -107.29 101.35
CA ALA F 171 -35.44 -105.95 100.89
C ALA F 171 -36.68 -105.99 100.00
N LEU F 172 -36.69 -106.90 99.02
CA LEU F 172 -37.85 -106.96 98.13
C LEU F 172 -39.09 -107.46 98.84
N GLU F 173 -38.92 -108.36 99.82
CA GLU F 173 -40.05 -108.82 100.62
C GLU F 173 -40.63 -107.65 101.41
N THR F 174 -39.77 -106.81 101.99
CA THR F 174 -40.23 -105.62 102.69
C THR F 174 -41.03 -104.73 101.76
N ASP F 175 -40.49 -104.49 100.56
CA ASP F 175 -41.18 -103.61 99.63
C ASP F 175 -42.56 -104.15 99.29
N LEU F 176 -42.64 -105.41 98.89
CA LEU F 176 -43.92 -106.00 98.51
C LEU F 176 -44.90 -106.01 99.68
N TYR F 177 -44.41 -106.32 100.88
CA TYR F 177 -45.31 -106.39 102.02
C TYR F 177 -45.82 -105.00 102.42
N LYS F 178 -44.99 -103.97 102.27
CA LYS F 178 -45.48 -102.63 102.56
C LYS F 178 -46.51 -102.19 101.53
N ARG F 179 -46.29 -102.52 100.25
CA ARG F 179 -47.33 -102.23 99.25
C ARG F 179 -48.63 -102.93 99.60
N PHE F 180 -48.54 -104.21 99.97
CA PHE F 180 -49.72 -104.98 100.31
C PHE F 180 -50.44 -104.42 101.53
N ILE F 181 -49.69 -104.04 102.56
CA ILE F 181 -50.34 -103.50 103.76
C ILE F 181 -50.92 -102.12 103.48
N LEU F 182 -50.34 -101.36 102.54
CA LEU F 182 -50.94 -100.10 102.16
C LEU F 182 -52.31 -100.30 101.50
N VAL F 183 -52.36 -101.17 100.50
CA VAL F 183 -53.65 -101.41 99.85
C VAL F 183 -54.63 -102.07 100.83
N LEU F 184 -54.12 -102.92 101.71
CA LEU F 184 -54.96 -103.53 102.73
C LEU F 184 -55.53 -102.49 103.69
N ASN F 185 -54.72 -101.51 104.07
CA ASN F 185 -55.21 -100.43 104.92
C ASN F 185 -56.30 -99.65 104.21
N GLU F 186 -56.11 -99.36 102.92
CA GLU F 186 -57.15 -98.65 102.17
C GLU F 186 -58.47 -99.42 102.20
N LYS F 187 -58.43 -100.71 101.85
CA LYS F 187 -59.67 -101.47 101.76
C LYS F 187 -60.29 -101.72 103.13
N LYS F 188 -59.46 -101.98 104.15
CA LYS F 188 -60.00 -102.18 105.50
C LYS F 188 -60.65 -100.91 106.01
N THR F 189 -60.04 -99.74 105.77
CA THR F 189 -60.66 -98.49 106.18
C THR F 189 -61.95 -98.24 105.41
N LYS F 190 -62.00 -98.60 104.13
CA LYS F 190 -63.24 -98.39 103.39
C LYS F 190 -64.36 -99.30 103.91
N ILE F 191 -64.01 -100.55 104.28
CA ILE F 191 -65.00 -101.44 104.90
C ILE F 191 -65.47 -100.85 106.23
N ARG F 192 -64.53 -100.35 107.04
CA ARG F 192 -64.91 -99.81 108.34
C ARG F 192 -65.79 -98.58 108.19
N SER F 193 -65.48 -97.71 107.22
CA SER F 193 -66.31 -96.54 106.98
C SER F 193 -67.68 -96.92 106.43
N LEU F 194 -67.75 -97.96 105.61
CA LEU F 194 -69.06 -98.44 105.16
C LEU F 194 -69.89 -98.93 106.33
N HIS F 195 -69.27 -99.66 107.26
CA HIS F 195 -69.98 -100.09 108.45
C HIS F 195 -70.41 -98.89 109.30
N ASN F 196 -69.54 -97.89 109.42
CA ASN F 196 -69.87 -96.71 110.21
C ASN F 196 -71.06 -95.96 109.61
N LYS F 197 -71.07 -95.79 108.28
CA LYS F 197 -72.20 -95.11 107.65
C LYS F 197 -73.45 -95.99 107.66
N LEU F 198 -73.29 -97.30 107.80
CA LEU F 198 -74.46 -98.16 108.03
C LEU F 198 -75.06 -97.91 109.41
N LEU F 199 -74.21 -97.90 110.45
CA LEU F 199 -74.74 -97.85 111.82
C LEU F 199 -75.42 -96.53 112.11
N ASN F 200 -74.88 -95.42 111.63
CA ASN F 200 -75.48 -94.11 111.94
C ASN F 200 -76.75 -93.86 111.15
N ALA F 201 -77.05 -94.66 110.14
CA ALA F 201 -78.26 -94.47 109.35
C ALA F 201 -79.50 -94.83 110.17
N LYS G 654 -65.67 -90.72 63.57
CA LYS G 654 -66.11 -91.33 62.32
C LYS G 654 -66.22 -92.85 62.47
N ILE G 655 -65.06 -93.52 62.58
CA ILE G 655 -65.07 -94.96 62.78
C ILE G 655 -65.61 -95.30 64.17
N SER G 656 -65.13 -94.60 65.19
CA SER G 656 -65.59 -94.78 66.57
C SER G 656 -66.14 -93.43 67.03
N ASN G 657 -67.47 -93.27 66.97
CA ASN G 657 -68.09 -91.98 67.21
C ASN G 657 -68.01 -91.53 68.66
N ILE G 658 -67.62 -92.40 69.59
CA ILE G 658 -67.52 -91.98 70.98
C ILE G 658 -66.40 -90.96 71.19
N PHE G 659 -65.42 -90.91 70.28
CA PHE G 659 -64.38 -89.90 70.36
C PHE G 659 -64.89 -88.52 69.98
N GLU G 660 -66.09 -88.42 69.42
CA GLU G 660 -66.68 -87.12 69.11
C GLU G 660 -67.01 -86.37 70.39
N ASP G 661 -67.06 -85.04 70.28
CA ASP G 661 -67.36 -84.16 71.41
C ASP G 661 -66.38 -84.36 72.55
N VAL G 662 -65.13 -84.70 72.22
CA VAL G 662 -64.08 -84.86 73.21
C VAL G 662 -62.89 -84.01 72.73
N GLU G 663 -62.63 -82.91 73.44
CA GLU G 663 -61.54 -82.03 73.07
C GLU G 663 -60.20 -82.65 73.43
N PHE G 664 -59.26 -82.57 72.49
CA PHE G 664 -57.89 -83.00 72.72
C PHE G 664 -56.96 -81.83 72.42
N CYS G 665 -56.17 -81.43 73.42
CA CYS G 665 -55.09 -80.48 73.18
C CYS G 665 -53.96 -81.20 72.47
N VAL G 666 -54.03 -81.24 71.14
CA VAL G 666 -53.06 -82.00 70.34
C VAL G 666 -51.75 -81.23 70.26
N MET G 667 -50.81 -81.56 71.14
CA MET G 667 -49.54 -80.85 71.23
C MET G 667 -48.35 -81.70 70.83
N SER G 668 -48.16 -82.85 71.48
CA SER G 668 -46.93 -83.63 71.30
C SER G 668 -47.21 -85.09 71.58
N GLY G 669 -46.86 -85.95 70.63
CA GLY G 669 -46.99 -87.38 70.80
C GLY G 669 -45.79 -88.10 70.22
N THR G 670 -44.72 -87.35 69.96
CA THR G 670 -43.51 -87.89 69.35
C THR G 670 -42.65 -88.59 70.40
N ASP G 671 -43.26 -89.55 71.09
CA ASP G 671 -42.60 -90.39 72.07
C ASP G 671 -42.31 -91.78 71.52
N SER G 672 -43.25 -92.37 70.79
CA SER G 672 -43.03 -93.62 70.09
C SER G 672 -43.22 -93.52 68.58
N GLN G 673 -43.92 -92.50 68.10
CA GLN G 673 -44.14 -92.30 66.68
C GLN G 673 -44.58 -90.86 66.45
N PRO G 674 -44.42 -90.33 65.25
CA PRO G 674 -44.66 -88.90 65.03
C PRO G 674 -46.09 -88.48 65.36
N LYS G 675 -46.22 -87.22 65.77
CA LYS G 675 -47.53 -86.66 66.10
C LYS G 675 -48.52 -86.66 64.93
N PRO G 676 -48.15 -86.30 63.70
CA PRO G 676 -49.17 -86.18 62.63
C PRO G 676 -49.94 -87.46 62.37
N ASP G 677 -49.30 -88.63 62.46
CA ASP G 677 -50.05 -89.87 62.27
C ASP G 677 -51.07 -90.06 63.38
N LEU G 678 -50.72 -89.69 64.62
CA LEU G 678 -51.70 -89.69 65.70
C LEU G 678 -52.85 -88.73 65.39
N GLU G 679 -52.52 -87.57 64.81
CA GLU G 679 -53.56 -86.63 64.42
C GLU G 679 -54.52 -87.24 63.42
N ASN G 680 -53.97 -87.92 62.40
CA ASN G 680 -54.81 -88.59 61.42
C ASN G 680 -55.68 -89.65 62.06
N ARG G 681 -55.09 -90.45 62.97
CA ARG G 681 -55.86 -91.52 63.61
C ARG G 681 -57.00 -90.95 64.44
N ILE G 682 -56.73 -89.92 65.25
CA ILE G 682 -57.79 -89.36 66.07
C ILE G 682 -58.82 -88.65 65.21
N ALA G 683 -58.42 -88.12 64.05
CA ALA G 683 -59.40 -87.55 63.13
C ALA G 683 -60.29 -88.64 62.55
N GLU G 684 -59.74 -89.83 62.30
CA GLU G 684 -60.54 -90.93 61.79
C GLU G 684 -61.57 -91.43 62.80
N PHE G 685 -61.46 -91.04 64.07
CA PHE G 685 -62.46 -91.39 65.08
C PHE G 685 -63.26 -90.19 65.55
N GLY G 686 -63.03 -89.01 64.99
CA GLY G 686 -63.81 -87.85 65.35
C GLY G 686 -63.37 -87.11 66.59
N GLY G 687 -62.20 -87.44 67.13
CA GLY G 687 -61.67 -86.70 68.27
C GLY G 687 -61.46 -85.23 67.95
N TYR G 688 -61.98 -84.35 68.80
CA TYR G 688 -61.91 -82.92 68.51
C TYR G 688 -60.47 -82.43 68.60
N ILE G 689 -60.14 -81.47 67.74
CA ILE G 689 -58.78 -81.01 67.55
C ILE G 689 -58.70 -79.54 67.94
N VAL G 690 -57.77 -79.21 68.83
CA VAL G 690 -57.51 -77.83 69.23
C VAL G 690 -56.01 -77.68 69.46
N GLN G 691 -55.47 -76.53 69.06
CA GLN G 691 -54.03 -76.28 69.24
C GLN G 691 -53.76 -75.54 70.53
N ASN G 692 -54.31 -74.34 70.67
CA ASN G 692 -54.11 -73.72 71.97
C ASN G 692 -55.19 -74.18 72.95
N PRO G 693 -54.83 -74.37 74.22
CA PRO G 693 -55.72 -75.09 75.14
C PRO G 693 -57.07 -74.42 75.31
N GLY G 694 -58.10 -75.25 75.41
CA GLY G 694 -59.44 -74.78 75.70
C GLY G 694 -59.90 -75.27 77.06
N PRO G 695 -60.86 -74.55 77.66
CA PRO G 695 -61.30 -74.91 79.01
C PRO G 695 -61.98 -76.26 79.11
N ASP G 696 -62.53 -76.81 78.02
CA ASP G 696 -63.26 -78.06 78.05
C ASP G 696 -62.44 -79.23 77.51
N THR G 697 -61.12 -79.16 77.61
CA THR G 697 -60.28 -80.25 77.15
C THR G 697 -60.41 -81.45 78.09
N TYR G 698 -60.55 -82.64 77.51
CA TYR G 698 -60.63 -83.86 78.30
C TYR G 698 -59.25 -84.32 78.76
N CYS G 699 -58.29 -84.36 77.83
CA CYS G 699 -56.94 -84.78 78.16
C CYS G 699 -55.97 -84.15 77.18
N VAL G 700 -54.70 -84.07 77.59
CA VAL G 700 -53.63 -83.50 76.79
C VAL G 700 -52.58 -84.59 76.57
N ILE G 701 -51.98 -84.60 75.39
CA ILE G 701 -51.02 -85.62 74.99
C ILE G 701 -49.62 -85.03 75.08
N ALA G 702 -48.72 -85.74 75.74
CA ALA G 702 -47.34 -85.29 75.91
C ALA G 702 -46.38 -86.37 75.46
N GLY G 703 -45.34 -85.97 74.74
CA GLY G 703 -44.31 -86.89 74.31
C GLY G 703 -42.97 -86.61 74.98
N SER G 704 -42.07 -85.97 74.24
CA SER G 704 -40.78 -85.60 74.81
C SER G 704 -40.93 -84.49 75.84
N GLU G 705 -39.98 -84.44 76.78
CA GLU G 705 -40.03 -83.45 77.84
C GLU G 705 -39.63 -82.09 77.29
N ASN G 706 -40.60 -81.22 77.11
CA ASN G 706 -40.39 -79.89 76.56
C ASN G 706 -40.67 -78.84 77.63
N ILE G 707 -40.52 -77.58 77.23
CA ILE G 707 -40.77 -76.48 78.16
C ILE G 707 -42.26 -76.28 78.39
N ARG G 708 -43.07 -76.46 77.33
CA ARG G 708 -44.50 -76.49 77.53
C ARG G 708 -44.93 -77.63 78.43
N VAL G 709 -44.15 -78.71 78.48
CA VAL G 709 -44.42 -79.75 79.46
C VAL G 709 -44.18 -79.23 80.87
N LYS G 710 -43.16 -78.37 81.04
CA LYS G 710 -42.99 -77.69 82.32
C LYS G 710 -44.18 -76.82 82.64
N ASN G 711 -44.70 -76.11 81.64
CA ASN G 711 -45.88 -75.28 81.84
C ASN G 711 -47.08 -76.12 82.28
N ILE G 712 -47.30 -77.25 81.61
CA ILE G 712 -48.50 -78.05 81.89
C ILE G 712 -48.38 -78.76 83.24
N ILE G 713 -47.18 -79.22 83.60
CA ILE G 713 -47.02 -79.81 84.92
C ILE G 713 -47.13 -78.75 86.00
N LEU G 714 -46.72 -77.51 85.70
CA LEU G 714 -46.97 -76.42 86.62
C LEU G 714 -48.46 -76.12 86.75
N SER G 715 -49.24 -76.47 85.72
CA SER G 715 -50.68 -76.34 85.75
C SER G 715 -51.33 -77.59 86.35
N ASN G 716 -52.59 -77.45 86.73
CA ASN G 716 -53.36 -78.55 87.32
C ASN G 716 -54.77 -78.57 86.77
N LYS G 717 -54.92 -78.39 85.46
CA LYS G 717 -56.24 -78.23 84.84
C LYS G 717 -56.50 -79.25 83.74
N HIS G 718 -55.65 -80.27 83.59
CA HIS G 718 -55.75 -81.17 82.45
C HIS G 718 -55.20 -82.54 82.83
N ASP G 719 -55.51 -83.52 81.99
CA ASP G 719 -54.99 -84.87 82.12
C ASP G 719 -53.89 -85.08 81.09
N VAL G 720 -52.70 -85.46 81.55
CA VAL G 720 -51.56 -85.69 80.67
C VAL G 720 -51.56 -87.17 80.31
N VAL G 721 -51.82 -87.47 79.04
CA VAL G 721 -51.95 -88.84 78.54
C VAL G 721 -50.79 -89.14 77.61
N LYS G 722 -50.22 -90.34 77.75
CA LYS G 722 -49.16 -90.80 76.87
C LYS G 722 -49.74 -91.33 75.56
N PRO G 723 -48.97 -91.28 74.47
CA PRO G 723 -49.46 -91.82 73.19
C PRO G 723 -49.80 -93.30 73.24
N ALA G 724 -49.17 -94.05 74.15
CA ALA G 724 -49.42 -95.49 74.22
C ALA G 724 -50.88 -95.79 74.56
N TRP G 725 -51.44 -95.04 75.50
CA TRP G 725 -52.84 -95.29 75.89
C TRP G 725 -53.80 -94.98 74.76
N LEU G 726 -53.55 -93.91 74.01
CA LEU G 726 -54.44 -93.59 72.89
C LEU G 726 -54.27 -94.59 71.75
N LEU G 727 -53.06 -95.11 71.54
CA LEU G 727 -52.89 -96.23 70.61
C LEU G 727 -53.69 -97.44 71.06
N GLU G 728 -53.67 -97.73 72.36
CA GLU G 728 -54.45 -98.85 72.89
C GLU G 728 -55.93 -98.63 72.68
N CYS G 729 -56.41 -97.41 72.90
CA CYS G 729 -57.81 -97.08 72.65
C CYS G 729 -58.16 -97.28 71.17
N PHE G 730 -57.26 -96.86 70.28
CA PHE G 730 -57.49 -97.06 68.85
C PHE G 730 -57.57 -98.54 68.51
N LYS G 731 -56.71 -99.35 69.14
CA LYS G 731 -56.78 -100.80 68.93
C LYS G 731 -58.10 -101.36 69.43
N THR G 732 -58.58 -100.87 70.58
CA THR G 732 -59.83 -101.34 71.14
C THR G 732 -61.06 -100.70 70.51
N LYS G 733 -60.87 -99.75 69.59
CA LYS G 733 -61.95 -99.04 68.92
C LYS G 733 -62.82 -98.26 69.91
N SER G 734 -62.33 -98.07 71.13
CA SER G 734 -63.11 -97.42 72.18
C SER G 734 -62.17 -96.94 73.28
N PHE G 735 -62.70 -96.12 74.17
CA PHE G 735 -61.93 -95.63 75.30
C PHE G 735 -61.61 -96.76 76.25
N VAL G 736 -60.39 -96.73 76.79
CA VAL G 736 -59.93 -97.73 77.75
C VAL G 736 -60.05 -97.14 79.14
N PRO G 737 -60.37 -97.95 80.17
CA PRO G 737 -60.35 -97.44 81.55
C PRO G 737 -59.04 -96.75 81.92
N TRP G 738 -59.08 -95.89 82.93
CA TRP G 738 -58.01 -94.94 83.22
C TRP G 738 -57.26 -95.29 84.49
N GLN G 739 -56.98 -96.58 84.71
CA GLN G 739 -56.13 -96.94 85.84
C GLN G 739 -54.73 -96.35 85.64
N PRO G 740 -54.04 -95.97 86.71
CA PRO G 740 -52.78 -95.25 86.53
C PRO G 740 -51.66 -96.10 85.98
N ARG G 741 -51.42 -95.97 84.68
CA ARG G 741 -50.16 -96.37 84.06
C ARG G 741 -49.73 -95.39 82.99
N PHE G 742 -50.50 -94.31 82.77
CA PHE G 742 -50.17 -93.34 81.74
C PHE G 742 -50.39 -91.90 82.16
N MET G 743 -50.89 -91.64 83.37
CA MET G 743 -50.94 -90.27 83.88
C MET G 743 -49.66 -89.93 84.62
N ILE G 744 -49.08 -88.79 84.27
CA ILE G 744 -48.08 -88.15 85.11
C ILE G 744 -48.64 -86.91 85.80
N HIS G 745 -49.58 -86.20 85.18
CA HIS G 745 -50.31 -85.11 85.80
C HIS G 745 -51.78 -85.25 85.42
N MET G 746 -52.66 -84.85 86.33
CA MET G 746 -54.09 -85.03 86.11
C MET G 746 -54.86 -83.93 86.82
N CYS G 747 -56.12 -83.79 86.43
CA CYS G 747 -57.01 -82.84 87.10
C CYS G 747 -57.33 -83.32 88.50
N PRO G 748 -57.55 -82.39 89.44
CA PRO G 748 -58.06 -82.79 90.76
C PRO G 748 -59.39 -83.50 90.68
N SER G 749 -60.25 -83.10 89.75
CA SER G 749 -61.49 -83.85 89.51
C SER G 749 -61.18 -85.27 89.06
N THR G 750 -60.20 -85.43 88.17
CA THR G 750 -59.78 -86.77 87.80
C THR G 750 -59.09 -87.49 88.95
N LYS G 751 -58.43 -86.74 89.84
CA LYS G 751 -57.84 -87.35 91.03
C LYS G 751 -58.92 -87.98 91.91
N GLU G 752 -59.99 -87.23 92.19
CA GLU G 752 -61.07 -87.79 93.00
C GLU G 752 -61.84 -88.87 92.25
N HIS G 753 -61.93 -88.76 90.92
CA HIS G 753 -62.55 -89.81 90.13
C HIS G 753 -61.77 -91.12 90.25
N PHE G 754 -60.45 -91.04 90.18
CA PHE G 754 -59.61 -92.22 90.38
C PHE G 754 -59.74 -92.75 91.80
N ALA G 755 -59.75 -91.85 92.79
CA ALA G 755 -59.94 -92.27 94.17
C ALA G 755 -61.29 -92.92 94.41
N ARG G 756 -62.28 -92.59 93.57
CA ARG G 756 -63.59 -93.25 93.66
C ARG G 756 -63.55 -94.62 93.01
N GLU G 757 -63.22 -94.67 91.71
CA GLU G 757 -63.27 -95.95 91.00
C GLU G 757 -62.16 -96.88 91.44
N TYR G 758 -60.96 -96.34 91.71
CA TYR G 758 -59.84 -97.11 92.18
C TYR G 758 -59.50 -96.69 93.61
N ASP G 759 -58.40 -97.23 94.13
CA ASP G 759 -57.74 -96.67 95.30
C ASP G 759 -56.75 -95.61 94.81
N CYS G 760 -55.79 -95.20 95.64
CA CYS G 760 -54.77 -94.26 95.18
C CYS G 760 -54.07 -94.76 93.93
N TYR G 761 -53.76 -96.06 93.89
CA TYR G 761 -53.25 -96.70 92.68
C TYR G 761 -54.43 -97.23 91.86
N GLY G 762 -54.17 -98.12 90.91
CA GLY G 762 -55.24 -98.74 90.15
C GLY G 762 -55.93 -99.84 90.93
N ASP G 763 -56.25 -100.95 90.24
CA ASP G 763 -56.86 -102.13 90.85
C ASP G 763 -58.20 -101.76 91.50
N SER G 764 -59.14 -101.40 90.65
CA SER G 764 -60.48 -101.04 91.10
C SER G 764 -61.11 -102.17 91.91
N TYR G 765 -62.07 -101.80 92.76
CA TYR G 765 -62.69 -102.75 93.66
C TYR G 765 -63.74 -103.62 93.01
N PHE G 766 -64.12 -103.34 91.76
CA PHE G 766 -65.16 -104.08 91.08
C PHE G 766 -64.61 -105.10 90.07
N ILE G 767 -63.30 -105.29 90.03
CA ILE G 767 -62.68 -106.33 89.21
C ILE G 767 -61.85 -107.22 90.12
N ASP G 768 -62.06 -108.53 90.01
CA ASP G 768 -61.38 -109.47 90.89
C ASP G 768 -59.87 -109.45 90.62
N THR G 769 -59.11 -109.65 91.70
CA THR G 769 -57.67 -109.55 91.61
C THR G 769 -57.07 -110.76 90.88
N ASP G 770 -55.90 -110.55 90.29
CA ASP G 770 -55.20 -111.58 89.54
C ASP G 770 -53.70 -111.30 89.64
N LEU G 771 -52.90 -112.22 89.09
CA LEU G 771 -51.45 -112.08 89.17
C LEU G 771 -50.96 -110.84 88.44
N ASN G 772 -51.51 -110.58 87.25
CA ASN G 772 -50.94 -109.57 86.37
C ASN G 772 -51.12 -108.16 86.94
N GLN G 773 -52.34 -107.82 87.35
CA GLN G 773 -52.59 -106.45 87.79
C GLN G 773 -51.93 -106.17 89.13
N LEU G 774 -51.90 -107.17 90.02
CA LEU G 774 -51.14 -106.99 91.27
C LEU G 774 -49.66 -106.81 90.98
N LYS G 775 -49.12 -107.59 90.05
CA LYS G 775 -47.70 -107.46 89.71
C LYS G 775 -47.40 -106.06 89.18
N GLU G 776 -48.24 -105.56 88.27
CA GLU G 776 -47.96 -104.25 87.69
C GLU G 776 -48.16 -103.13 88.71
N VAL G 777 -49.20 -103.23 89.55
CA VAL G 777 -49.42 -102.17 90.53
C VAL G 777 -48.33 -102.18 91.59
N PHE G 778 -47.79 -103.36 91.92
CA PHE G 778 -46.71 -103.43 92.89
C PHE G 778 -45.41 -102.91 92.30
N SER G 779 -45.10 -103.29 91.05
CA SER G 779 -43.92 -102.75 90.38
C SER G 779 -44.02 -101.24 90.19
N GLY G 780 -45.25 -100.71 90.11
CA GLY G 780 -45.43 -99.28 90.08
C GLY G 780 -45.04 -98.58 91.37
N ILE G 781 -45.03 -99.32 92.48
CA ILE G 781 -44.62 -98.78 93.77
C ILE G 781 -43.15 -99.09 93.98
N LYS G 782 -42.39 -98.08 94.40
CA LYS G 782 -40.95 -98.20 94.52
C LYS G 782 -40.58 -98.76 95.90
N ASN G 783 -39.30 -98.68 96.25
CA ASN G 783 -38.81 -99.27 97.49
C ASN G 783 -39.46 -98.62 98.70
N SER G 784 -39.77 -99.44 99.70
CA SER G 784 -40.48 -98.98 100.89
C SER G 784 -39.93 -99.63 102.17
N ASN G 785 -38.62 -99.91 102.21
CA ASN G 785 -37.98 -100.50 103.38
C ASN G 785 -37.27 -99.40 104.16
N GLU G 786 -37.89 -98.96 105.25
CA GLU G 786 -37.29 -97.98 106.14
C GLU G 786 -37.62 -98.27 107.60
N GLN G 787 -37.78 -99.56 107.95
CA GLN G 787 -38.27 -99.95 109.26
C GLN G 787 -37.34 -100.97 109.89
N THR G 788 -37.38 -101.03 111.21
CA THR G 788 -36.60 -102.00 111.96
C THR G 788 -37.15 -103.41 111.73
N PRO G 789 -36.29 -104.43 111.79
CA PRO G 789 -36.76 -105.80 111.55
C PRO G 789 -37.83 -106.27 112.51
N GLU G 790 -37.87 -105.76 113.75
CA GLU G 790 -38.88 -106.23 114.69
C GLU G 790 -40.28 -105.76 114.29
N GLU G 791 -40.40 -104.55 113.76
CA GLU G 791 -41.68 -104.09 113.25
C GLU G 791 -42.13 -104.94 112.07
N MET G 792 -41.18 -105.31 111.20
CA MET G 792 -41.48 -106.25 110.12
C MET G 792 -42.00 -107.57 110.66
N ALA G 793 -41.33 -108.11 111.68
CA ALA G 793 -41.74 -109.38 112.26
C ALA G 793 -43.16 -109.29 112.80
N SER G 794 -43.46 -108.21 113.53
CA SER G 794 -44.80 -108.03 114.08
C SER G 794 -45.84 -107.92 112.98
N LEU G 795 -45.57 -107.10 111.95
CA LEU G 795 -46.56 -106.91 110.90
C LEU G 795 -46.81 -108.19 110.12
N ILE G 796 -45.75 -108.91 109.77
CA ILE G 796 -45.96 -110.14 109.00
C ILE G 796 -46.60 -111.22 109.87
N ALA G 797 -46.28 -111.25 111.16
CA ALA G 797 -46.91 -112.22 112.06
C ALA G 797 -48.41 -111.98 112.15
N ASP G 798 -48.83 -110.73 112.38
CA ASP G 798 -50.26 -110.47 112.43
C ASP G 798 -50.92 -110.68 111.07
N LEU G 799 -50.21 -110.36 109.98
CA LEU G 799 -50.75 -110.60 108.65
C LEU G 799 -51.00 -112.08 108.40
N GLU G 800 -50.10 -112.94 108.89
CA GLU G 800 -50.28 -114.37 108.73
C GLU G 800 -51.35 -114.93 109.65
N TYR G 801 -51.42 -114.42 110.90
CA TYR G 801 -52.33 -115.02 111.87
C TYR G 801 -53.77 -114.56 111.68
N ARG G 802 -53.99 -113.25 111.58
CA ARG G 802 -55.36 -112.74 111.52
C ARG G 802 -56.08 -113.21 110.26
N TYR G 803 -55.37 -113.26 109.13
CA TYR G 803 -55.94 -113.76 107.90
C TYR G 803 -55.72 -115.26 107.71
N SER G 804 -55.16 -115.93 108.72
CA SER G 804 -54.96 -117.38 108.71
C SER G 804 -54.12 -117.81 107.51
N TRP G 805 -52.88 -117.33 107.48
CA TRP G 805 -51.93 -117.66 106.43
C TRP G 805 -50.97 -118.72 106.94
N ASP G 806 -51.19 -119.97 106.53
CA ASP G 806 -50.27 -121.07 106.80
C ASP G 806 -49.59 -121.56 105.53
N CYS G 807 -49.66 -120.77 104.44
CA CYS G 807 -49.11 -121.15 103.15
C CYS G 807 -47.66 -120.71 102.97
N SER G 808 -46.92 -120.55 104.06
CA SER G 808 -45.50 -120.20 103.96
C SER G 808 -44.69 -121.49 103.91
N PRO G 809 -44.06 -121.81 102.78
CA PRO G 809 -43.36 -123.11 102.67
C PRO G 809 -41.91 -123.06 103.13
N LEU G 810 -41.54 -122.01 103.86
CA LEU G 810 -40.15 -121.79 104.25
C LEU G 810 -40.09 -121.26 105.67
N SER G 811 -39.35 -121.95 106.55
CA SER G 811 -39.26 -121.50 107.95
C SER G 811 -38.00 -122.07 108.60
N MET G 812 -36.95 -121.24 108.71
CA MET G 812 -35.98 -121.39 109.79
C MET G 812 -35.91 -120.16 110.69
N PHE G 813 -35.57 -118.97 110.18
CA PHE G 813 -35.75 -117.74 110.96
C PHE G 813 -35.93 -116.55 110.01
N ARG G 814 -37.17 -116.28 109.60
CA ARG G 814 -37.49 -114.95 109.07
C ARG G 814 -38.92 -114.46 109.37
N ARG G 815 -39.88 -115.38 109.50
CA ARG G 815 -41.29 -114.99 109.61
C ARG G 815 -42.01 -115.44 110.88
N HIS G 816 -42.02 -116.75 111.14
CA HIS G 816 -42.77 -117.34 112.24
C HIS G 816 -42.07 -117.10 113.58
N THR G 817 -42.56 -117.75 114.65
CA THR G 817 -41.95 -117.61 115.98
C THR G 817 -41.51 -119.00 116.46
N VAL G 818 -40.30 -119.38 116.10
CA VAL G 818 -39.65 -120.58 116.62
C VAL G 818 -38.39 -120.14 117.38
N TYR G 819 -37.86 -121.07 118.16
CA TYR G 819 -36.64 -120.85 118.93
C TYR G 819 -35.60 -121.91 118.59
N LEU G 820 -34.40 -121.47 118.20
CA LEU G 820 -33.28 -122.38 117.98
C LEU G 820 -32.00 -121.58 118.08
N ASP G 821 -31.20 -121.86 119.11
CA ASP G 821 -29.94 -121.14 119.30
C ASP G 821 -28.93 -121.54 118.23
N SER G 822 -28.18 -120.56 117.75
CA SER G 822 -27.20 -120.77 116.70
C SER G 822 -25.78 -120.92 117.21
N TYR G 823 -25.58 -120.92 118.53
CA TYR G 823 -24.25 -121.02 119.11
C TYR G 823 -24.26 -122.03 120.25
N ALA G 824 -23.06 -122.48 120.63
CA ALA G 824 -22.94 -123.50 121.68
C ALA G 824 -23.38 -122.96 123.03
N VAL G 825 -22.87 -121.80 123.43
CA VAL G 825 -23.19 -121.17 124.70
C VAL G 825 -23.83 -119.82 124.42
N ILE G 826 -25.00 -119.59 125.02
CA ILE G 826 -25.76 -118.39 124.72
C ILE G 826 -25.64 -117.38 125.86
N ASN G 827 -24.67 -116.47 125.75
CA ASN G 827 -24.60 -115.27 126.56
C ASN G 827 -24.42 -114.00 125.74
N ASP G 828 -23.99 -114.12 124.49
CA ASP G 828 -23.89 -112.98 123.57
C ASP G 828 -24.25 -113.45 122.18
N LEU G 829 -24.68 -112.51 121.34
CA LEU G 829 -25.08 -112.81 119.97
C LEU G 829 -24.04 -112.37 118.95
N SER G 830 -22.86 -111.93 119.40
CA SER G 830 -21.80 -111.51 118.50
C SER G 830 -20.68 -112.52 118.37
N THR G 831 -20.76 -113.65 119.06
CA THR G 831 -19.71 -114.65 118.98
C THR G 831 -19.71 -115.34 117.63
N LYS G 832 -18.53 -115.82 117.22
CA LYS G 832 -18.38 -116.52 115.95
C LYS G 832 -17.07 -117.28 115.97
N ASN G 833 -17.10 -118.54 115.56
CA ASN G 833 -15.90 -119.38 115.51
C ASN G 833 -15.90 -120.16 114.20
N GLU G 834 -14.72 -120.25 113.59
CA GLU G 834 -14.56 -120.99 112.34
C GLU G 834 -14.02 -122.38 112.62
N GLY G 835 -14.56 -123.37 111.91
CA GLY G 835 -14.21 -124.76 112.12
C GLY G 835 -15.31 -125.61 112.73
N THR G 836 -16.49 -125.05 112.95
CA THR G 836 -17.62 -125.77 113.53
C THR G 836 -18.86 -125.50 112.69
N ARG G 837 -19.96 -126.16 113.05
CA ARG G 837 -21.19 -126.08 112.29
C ARG G 837 -22.06 -124.89 112.66
N LEU G 838 -21.68 -124.13 113.70
CA LEU G 838 -22.46 -122.95 114.07
C LEU G 838 -22.59 -121.97 112.91
N ALA G 839 -21.53 -121.84 112.11
CA ALA G 839 -21.61 -121.01 110.91
C ALA G 839 -22.64 -121.57 109.93
N ILE G 840 -22.66 -122.89 109.75
CA ILE G 840 -23.64 -123.51 108.85
C ILE G 840 -25.06 -123.25 109.32
N LYS G 841 -25.30 -123.45 110.62
CA LYS G 841 -26.63 -123.23 111.17
C LYS G 841 -27.05 -121.77 111.03
N ALA G 842 -26.12 -120.84 111.31
CA ALA G 842 -26.43 -119.42 111.15
C ALA G 842 -26.74 -119.07 109.71
N LEU G 843 -26.01 -119.65 108.77
CA LEU G 843 -26.26 -119.40 107.35
C LEU G 843 -27.63 -119.94 106.94
N GLU G 844 -27.99 -121.13 107.43
CA GLU G 844 -29.24 -121.76 107.00
C GLU G 844 -30.48 -121.13 107.63
N LEU G 845 -30.33 -120.26 108.62
CA LEU G 845 -31.46 -119.67 109.32
C LEU G 845 -31.77 -118.25 108.86
N ARG G 846 -31.52 -117.95 107.59
CA ARG G 846 -31.74 -116.63 107.03
C ARG G 846 -32.86 -116.58 106.00
N PHE G 847 -32.82 -117.45 105.00
CA PHE G 847 -33.74 -117.33 103.86
C PHE G 847 -35.17 -117.70 104.26
N HIS G 848 -35.33 -118.77 105.02
CA HIS G 848 -36.66 -119.30 105.32
C HIS G 848 -37.29 -118.55 106.49
N GLY G 849 -38.63 -118.49 106.49
CA GLY G 849 -39.32 -117.64 107.44
C GLY G 849 -39.87 -118.28 108.70
N ALA G 850 -39.09 -118.21 109.78
CA ALA G 850 -39.49 -118.62 111.12
C ALA G 850 -38.90 -117.67 112.17
N LYS G 851 -39.22 -116.37 112.04
CA LYS G 851 -38.48 -115.22 112.57
C LYS G 851 -37.81 -115.40 113.93
N VAL G 852 -36.61 -114.82 114.03
CA VAL G 852 -35.61 -115.05 115.07
C VAL G 852 -36.16 -115.05 116.49
N VAL G 853 -35.91 -116.14 117.21
CA VAL G 853 -35.88 -116.15 118.67
C VAL G 853 -34.61 -116.88 119.05
N SER G 854 -33.52 -116.13 119.25
CA SER G 854 -32.22 -116.71 119.55
C SER G 854 -31.74 -116.38 120.95
N CYS G 855 -32.56 -115.73 121.77
CA CYS G 855 -32.20 -115.39 123.14
C CYS G 855 -33.00 -116.24 124.11
N LEU G 856 -32.40 -116.52 125.26
CA LEU G 856 -33.05 -117.33 126.30
C LEU G 856 -34.24 -116.58 126.85
N ALA G 857 -35.44 -117.05 126.52
CA ALA G 857 -36.67 -116.41 126.98
C ALA G 857 -37.67 -117.47 127.39
N GLU G 858 -38.52 -117.12 128.36
CA GLU G 858 -39.57 -118.01 128.84
C GLU G 858 -40.90 -117.80 128.11
N GLY G 859 -40.98 -116.84 127.21
CA GLY G 859 -42.20 -116.61 126.46
C GLY G 859 -42.45 -117.60 125.35
N VAL G 860 -41.42 -118.37 124.98
CA VAL G 860 -41.53 -119.40 123.95
C VAL G 860 -41.37 -120.76 124.61
N SER G 861 -42.25 -121.70 124.28
CA SER G 861 -42.22 -123.04 124.84
C SER G 861 -41.44 -124.02 123.97
N HIS G 862 -40.46 -123.54 123.21
CA HIS G 862 -39.66 -124.38 122.33
C HIS G 862 -38.34 -124.73 123.01
N VAL G 863 -37.98 -126.01 122.97
CA VAL G 863 -36.72 -126.50 123.53
C VAL G 863 -35.92 -127.16 122.41
N ILE G 864 -36.04 -126.61 121.20
CA ILE G 864 -35.43 -127.22 120.02
C ILE G 864 -33.92 -127.30 120.20
N ILE G 865 -33.35 -128.46 119.88
CA ILE G 865 -31.93 -128.74 120.07
C ILE G 865 -31.31 -128.96 118.71
N GLY G 866 -30.17 -128.31 118.45
CA GLY G 866 -29.50 -128.44 117.18
C GLY G 866 -28.86 -129.80 117.00
N GLU G 867 -28.37 -130.04 115.78
CA GLU G 867 -27.80 -131.33 115.44
C GLU G 867 -26.57 -131.66 116.26
N ASP G 868 -25.76 -130.65 116.61
CA ASP G 868 -24.51 -130.90 117.30
C ASP G 868 -24.77 -131.53 118.67
N HIS G 869 -24.02 -132.60 118.96
CA HIS G 869 -24.10 -133.29 120.23
C HIS G 869 -23.09 -132.79 121.25
N SER G 870 -22.34 -131.74 120.92
CA SER G 870 -21.43 -131.11 121.87
C SER G 870 -22.06 -129.93 122.61
N ARG G 871 -23.10 -129.33 122.04
CA ARG G 871 -23.81 -128.23 122.67
C ARG G 871 -24.92 -128.68 123.60
N VAL G 872 -25.14 -130.00 123.74
CA VAL G 872 -26.21 -130.49 124.60
C VAL G 872 -25.93 -130.17 126.06
N ALA G 873 -24.65 -130.14 126.46
CA ALA G 873 -24.32 -129.83 127.85
C ALA G 873 -24.79 -128.44 128.23
N ASP G 874 -24.61 -127.46 127.33
CA ASP G 874 -25.09 -126.11 127.58
C ASP G 874 -26.61 -126.08 127.72
N PHE G 875 -27.31 -126.86 126.88
CA PHE G 875 -28.77 -126.90 126.96
C PHE G 875 -29.24 -127.51 128.28
N LYS G 876 -28.59 -128.57 128.73
CA LYS G 876 -28.95 -129.15 130.02
C LYS G 876 -28.61 -128.20 131.17
N ALA G 877 -27.52 -127.45 131.05
CA ALA G 877 -27.20 -126.44 132.07
C ALA G 877 -28.26 -125.35 132.11
N PHE G 878 -28.73 -124.90 130.95
CA PHE G 878 -29.79 -123.90 130.90
C PHE G 878 -31.16 -124.48 131.24
N ARG G 879 -31.30 -125.80 131.26
CA ARG G 879 -32.58 -126.42 131.58
C ARG G 879 -33.01 -126.11 133.02
N ARG G 880 -32.06 -126.17 133.95
CA ARG G 880 -32.42 -126.05 135.37
C ARG G 880 -32.79 -124.62 135.75
N THR G 881 -32.28 -123.62 135.02
CA THR G 881 -32.57 -122.23 135.35
C THR G 881 -33.85 -121.71 134.72
N PHE G 882 -34.51 -122.48 133.86
CA PHE G 882 -35.75 -122.09 133.24
C PHE G 882 -36.90 -122.94 133.76
N LYS G 883 -38.11 -122.38 133.66
CA LYS G 883 -39.29 -123.11 134.10
C LYS G 883 -39.62 -124.26 133.15
N ARG G 884 -39.32 -124.10 131.87
CA ARG G 884 -39.61 -125.14 130.89
C ARG G 884 -38.61 -126.28 130.99
N LYS G 885 -39.00 -127.44 130.48
CA LYS G 885 -38.18 -128.64 130.49
C LYS G 885 -37.67 -128.93 129.08
N PHE G 886 -36.38 -129.24 128.97
CA PHE G 886 -35.74 -129.44 127.68
C PHE G 886 -35.84 -130.90 127.26
N LYS G 887 -36.05 -131.11 125.96
CA LYS G 887 -36.10 -132.43 125.35
C LYS G 887 -34.92 -132.58 124.38
N ILE G 888 -34.88 -133.73 123.70
CA ILE G 888 -33.84 -134.03 122.72
C ILE G 888 -34.46 -134.05 121.34
N LEU G 889 -33.79 -133.42 120.37
CA LEU G 889 -34.27 -133.33 119.01
C LEU G 889 -33.14 -133.65 118.04
N LYS G 890 -33.52 -134.15 116.87
CA LYS G 890 -32.56 -134.48 115.82
C LYS G 890 -32.48 -133.36 114.77
N ASP G 899 -42.82 -127.40 106.20
CA ASP G 899 -41.55 -128.10 106.33
C ASP G 899 -40.62 -127.40 107.31
N LYS G 900 -39.69 -128.16 107.87
CA LYS G 900 -38.73 -127.60 108.83
C LYS G 900 -37.30 -127.97 108.45
N CYS G 901 -37.12 -129.15 107.84
CA CYS G 901 -35.84 -129.63 107.34
C CYS G 901 -34.82 -129.85 108.46
N GLU G 902 -35.20 -129.58 109.70
CA GLU G 902 -34.31 -129.81 110.84
C GLU G 902 -35.06 -130.37 112.04
N LEU G 903 -36.31 -130.81 111.86
CA LEU G 903 -37.12 -131.40 112.93
C LEU G 903 -37.29 -130.43 114.10
N GLN G 904 -37.96 -129.32 113.82
CA GLN G 904 -38.30 -128.32 114.83
C GLN G 904 -39.74 -128.53 115.28
N GLU G 905 -39.95 -128.56 116.58
CA GLU G 905 -41.28 -128.79 117.15
C GLU G 905 -41.99 -127.45 117.37
N GLU G 906 -43.29 -127.53 117.62
CA GLU G 906 -44.12 -126.36 117.87
C GLU G 906 -44.84 -126.41 119.21
N ASN G 907 -44.68 -127.49 119.97
CA ASN G 907 -45.34 -127.61 121.27
C ASN G 907 -44.53 -126.92 122.36
N ASN H 6 115.58 5.72 -25.30
CA ASN H 6 116.23 4.84 -26.28
C ASN H 6 115.19 3.98 -27.00
N LYS H 7 115.53 3.54 -28.21
CA LYS H 7 114.60 2.79 -29.03
C LYS H 7 114.43 1.36 -28.50
N ALA H 8 113.40 0.69 -29.01
CA ALA H 8 113.13 -0.71 -28.68
C ALA H 8 112.86 -1.47 -29.96
N ALA H 9 113.51 -2.62 -30.12
CA ALA H 9 113.38 -3.43 -31.33
C ALA H 9 112.31 -4.50 -31.15
N VAL H 10 111.08 -4.04 -30.99
CA VAL H 10 109.94 -4.94 -30.81
C VAL H 10 109.44 -5.39 -32.18
N VAL H 11 109.18 -6.69 -32.32
CA VAL H 11 108.68 -7.29 -33.54
C VAL H 11 107.44 -8.10 -33.20
N LEU H 12 106.66 -8.41 -34.22
CA LEU H 12 105.43 -9.18 -34.07
C LEU H 12 105.48 -10.42 -34.96
N CYS H 13 105.17 -11.56 -34.38
CA CYS H 13 105.08 -12.84 -35.09
C CYS H 13 103.64 -13.30 -34.99
N MET H 14 102.81 -12.83 -35.93
CA MET H 14 101.36 -12.88 -35.78
C MET H 14 100.79 -14.00 -36.64
N ASP H 15 99.93 -14.83 -36.06
CA ASP H 15 99.28 -15.89 -36.83
C ASP H 15 98.23 -15.30 -37.75
N VAL H 16 98.27 -15.70 -39.01
CA VAL H 16 97.31 -15.29 -40.01
C VAL H 16 96.59 -16.49 -40.62
N GLY H 17 96.71 -17.66 -39.99
CA GLY H 17 96.12 -18.86 -40.54
C GLY H 17 94.61 -18.82 -40.54
N PHE H 18 94.03 -19.64 -41.43
CA PHE H 18 92.58 -19.74 -41.55
C PHE H 18 91.94 -20.39 -40.34
N THR H 19 92.73 -21.00 -39.45
CA THR H 19 92.18 -21.63 -38.26
C THR H 19 91.47 -20.60 -37.37
N MET H 20 92.15 -19.49 -37.08
CA MET H 20 91.53 -18.42 -36.31
C MET H 20 90.59 -17.57 -37.15
N SER H 21 90.74 -17.59 -38.47
CA SER H 21 89.85 -16.81 -39.33
C SER H 21 88.43 -17.36 -39.34
N ASN H 22 88.24 -18.61 -38.92
CA ASN H 22 86.91 -19.18 -38.78
C ASN H 22 86.38 -18.86 -37.38
N SER H 23 85.32 -18.07 -37.32
CA SER H 23 84.77 -17.64 -36.05
C SER H 23 83.81 -18.69 -35.49
N ILE H 24 83.89 -18.91 -34.19
CA ILE H 24 82.91 -19.76 -33.52
C ILE H 24 81.61 -18.99 -33.33
N PRO H 25 80.47 -19.52 -33.77
CA PRO H 25 79.21 -18.78 -33.66
C PRO H 25 78.93 -18.35 -32.23
N GLY H 26 78.76 -17.04 -32.04
CA GLY H 26 78.53 -16.48 -30.73
C GLY H 26 79.77 -16.06 -29.98
N ILE H 27 80.95 -16.39 -30.50
CA ILE H 27 82.22 -16.03 -29.86
C ILE H 27 83.10 -15.34 -30.89
N GLU H 28 83.73 -14.23 -30.48
CA GLU H 28 84.51 -13.42 -31.41
C GLU H 28 85.72 -14.20 -31.88
N SER H 29 86.01 -14.10 -33.17
CA SER H 29 87.08 -14.92 -33.76
C SER H 29 88.44 -14.50 -33.21
N PRO H 30 89.35 -15.46 -32.99
CA PRO H 30 90.72 -15.09 -32.61
C PRO H 30 91.41 -14.23 -33.65
N PHE H 31 91.11 -14.46 -34.94
CA PHE H 31 91.64 -13.60 -36.00
C PHE H 31 91.18 -12.16 -35.80
N GLU H 32 89.88 -11.97 -35.58
CA GLU H 32 89.35 -10.61 -35.48
C GLU H 32 89.73 -9.96 -34.15
N GLN H 33 89.79 -10.73 -33.07
CA GLN H 33 90.27 -10.17 -31.81
C GLN H 33 91.73 -9.76 -31.93
N ALA H 34 92.55 -10.58 -32.58
CA ALA H 34 93.95 -10.21 -32.79
C ALA H 34 94.05 -8.96 -33.64
N LYS H 35 93.21 -8.84 -34.67
CA LYS H 35 93.20 -7.63 -35.47
C LYS H 35 92.80 -6.41 -34.63
N LYS H 36 91.83 -6.60 -33.73
CA LYS H 36 91.45 -5.51 -32.82
C LYS H 36 92.63 -5.09 -31.95
N VAL H 37 93.35 -6.07 -31.40
CA VAL H 37 94.47 -5.76 -30.51
C VAL H 37 95.57 -5.03 -31.27
N ILE H 38 95.90 -5.50 -32.48
CA ILE H 38 96.98 -4.85 -33.21
C ILE H 38 96.56 -3.45 -33.63
N THR H 39 95.28 -3.27 -34.01
CA THR H 39 94.81 -1.94 -34.36
C THR H 39 94.92 -0.99 -33.18
N MET H 40 94.46 -1.42 -31.99
CA MET H 40 94.49 -0.51 -30.85
C MET H 40 95.93 -0.21 -30.43
N PHE H 41 96.80 -1.22 -30.41
CA PHE H 41 98.19 -0.97 -30.08
C PHE H 41 98.83 -0.01 -31.08
N VAL H 42 98.59 -0.24 -32.37
CA VAL H 42 99.29 0.53 -33.38
C VAL H 42 98.76 1.96 -33.45
N GLN H 43 97.47 2.16 -33.15
CA GLN H 43 96.99 3.54 -33.08
C GLN H 43 97.56 4.25 -31.85
N ARG H 44 97.62 3.56 -30.70
CA ARG H 44 98.26 4.16 -29.54
C ARG H 44 99.74 4.41 -29.78
N GLN H 45 100.35 3.68 -30.71
CA GLN H 45 101.77 3.83 -31.01
C GLN H 45 102.01 4.98 -31.99
N VAL H 46 101.24 5.02 -33.08
CA VAL H 46 101.43 6.04 -34.10
C VAL H 46 100.98 7.41 -33.59
N PHE H 47 99.82 7.46 -32.95
CA PHE H 47 99.32 8.74 -32.45
C PHE H 47 100.25 9.32 -31.40
N ALA H 48 100.76 8.49 -30.49
CA ALA H 48 101.79 8.94 -29.57
C ALA H 48 103.13 9.13 -30.26
N GLU H 49 103.27 8.69 -31.51
CA GLU H 49 104.49 8.83 -32.30
C GLU H 49 105.67 8.17 -31.56
N ASN H 50 105.49 6.89 -31.26
CA ASN H 50 106.52 6.15 -30.53
C ASN H 50 107.75 5.96 -31.38
N LYS H 51 108.93 6.20 -30.79
CA LYS H 51 110.19 6.05 -31.48
C LYS H 51 110.67 4.61 -31.55
N ASP H 52 110.09 3.72 -30.75
CA ASP H 52 110.53 2.33 -30.73
C ASP H 52 110.21 1.65 -32.05
N GLU H 53 111.20 0.98 -32.62
CA GLU H 53 111.08 0.40 -33.95
C GLU H 53 110.20 -0.85 -33.88
N ILE H 54 109.25 -0.95 -34.80
CA ILE H 54 108.31 -2.07 -34.86
C ILE H 54 108.46 -2.79 -36.19
N ALA H 55 108.59 -4.11 -36.12
CA ALA H 55 108.60 -4.96 -37.30
C ALA H 55 107.48 -5.99 -37.18
N LEU H 56 107.39 -6.88 -38.16
CA LEU H 56 106.28 -7.81 -38.22
C LEU H 56 106.62 -8.97 -39.14
N VAL H 57 106.32 -10.20 -38.69
CA VAL H 57 106.26 -11.37 -39.55
C VAL H 57 104.90 -12.01 -39.35
N LEU H 58 104.48 -12.77 -40.37
CA LEU H 58 103.14 -13.35 -40.38
C LEU H 58 103.24 -14.81 -40.79
N PHE H 59 102.76 -15.70 -39.92
CA PHE H 59 102.65 -17.11 -40.24
C PHE H 59 101.20 -17.51 -40.35
N GLY H 60 100.97 -18.66 -40.98
CA GLY H 60 99.63 -19.00 -41.42
C GLY H 60 99.22 -18.29 -42.68
N THR H 61 100.18 -17.82 -43.47
CA THR H 61 99.94 -17.05 -44.67
C THR H 61 100.15 -17.91 -45.90
N ASP H 62 99.34 -17.66 -46.93
CA ASP H 62 99.47 -18.42 -48.17
C ASP H 62 100.82 -18.18 -48.84
N GLY H 63 101.26 -16.93 -48.88
CA GLY H 63 102.54 -16.61 -49.46
C GLY H 63 103.70 -16.86 -48.51
N THR H 64 104.90 -16.87 -49.08
CA THR H 64 106.13 -17.08 -48.30
C THR H 64 107.23 -16.24 -48.92
N ASP H 65 107.70 -15.23 -48.18
CA ASP H 65 108.77 -14.36 -48.64
C ASP H 65 109.75 -14.10 -47.51
N ASN H 66 110.10 -15.16 -46.76
CA ASN H 66 111.01 -15.07 -45.63
C ASN H 66 112.42 -15.47 -46.04
N PRO H 67 113.44 -14.93 -45.37
CA PRO H 67 114.83 -15.28 -45.71
C PRO H 67 115.29 -16.63 -45.19
N LEU H 68 114.43 -17.38 -44.49
CA LEU H 68 114.79 -18.65 -43.91
C LEU H 68 114.07 -19.83 -44.58
N SER H 69 113.73 -19.68 -45.86
CA SER H 69 112.94 -20.67 -46.58
C SER H 69 113.66 -22.00 -46.71
N GLY H 70 113.01 -23.00 -47.32
CA GLY H 70 113.61 -24.30 -47.48
C GLY H 70 112.70 -25.50 -47.44
N GLY H 71 111.42 -25.31 -47.06
CA GLY H 71 110.45 -26.39 -47.22
C GLY H 71 110.00 -27.07 -45.94
N ASP H 72 108.69 -27.01 -45.67
CA ASP H 72 108.02 -27.69 -44.57
C ASP H 72 108.45 -27.12 -43.22
N GLN H 73 109.42 -26.22 -43.25
CA GLN H 73 109.82 -25.41 -42.11
C GLN H 73 110.05 -24.00 -42.62
N TYR H 74 109.64 -23.01 -41.83
CA TYR H 74 109.83 -21.60 -42.08
C TYR H 74 108.95 -21.15 -43.24
N GLN H 75 108.15 -22.04 -43.81
CA GLN H 75 107.34 -21.80 -44.99
C GLN H 75 105.93 -21.40 -44.60
N ASN H 76 105.17 -20.94 -45.59
CA ASN H 76 103.83 -20.38 -45.37
C ASN H 76 103.89 -19.21 -44.38
N ILE H 77 105.03 -18.55 -44.34
CA ILE H 77 105.30 -17.47 -43.39
C ILE H 77 105.80 -16.27 -44.19
N THR H 78 105.14 -15.13 -44.01
CA THR H 78 105.46 -13.93 -44.76
C THR H 78 105.87 -12.83 -43.80
N VAL H 79 107.09 -12.33 -43.95
CA VAL H 79 107.53 -11.13 -43.25
C VAL H 79 107.10 -9.92 -44.05
N HIS H 80 106.37 -9.01 -43.41
CA HIS H 80 105.80 -7.87 -44.10
C HIS H 80 106.53 -6.57 -43.80
N ARG H 81 106.72 -6.22 -42.53
CA ARG H 81 107.32 -4.96 -42.14
C ARG H 81 108.60 -5.23 -41.34
N HIS H 82 109.66 -4.52 -41.71
CA HIS H 82 110.92 -4.59 -40.97
C HIS H 82 110.87 -3.59 -39.81
N LEU H 83 112.00 -3.39 -39.13
CA LEU H 83 112.05 -2.52 -37.96
C LEU H 83 112.22 -1.06 -38.41
N MET H 84 111.10 -0.42 -38.73
CA MET H 84 111.06 1.03 -38.85
C MET H 84 109.88 1.56 -38.05
N LEU H 85 109.68 2.87 -38.13
CA LEU H 85 108.70 3.54 -37.29
C LEU H 85 107.28 3.15 -37.68
N PRO H 86 106.33 3.20 -36.75
CA PRO H 86 104.94 2.89 -37.08
C PRO H 86 104.23 4.11 -37.63
N ASP H 87 103.35 3.87 -38.61
CA ASP H 87 102.66 4.94 -39.30
C ASP H 87 101.23 4.49 -39.59
N PHE H 88 100.52 5.29 -40.38
CA PHE H 88 99.16 4.95 -40.81
C PHE H 88 99.14 3.92 -41.92
N ASP H 89 100.20 3.84 -42.72
CA ASP H 89 100.33 2.73 -43.66
C ASP H 89 100.36 1.40 -42.92
N LEU H 90 100.88 1.40 -41.68
CA LEU H 90 100.79 0.21 -40.84
C LEU H 90 99.33 -0.13 -40.56
N LEU H 91 98.50 0.89 -40.29
CA LEU H 91 97.08 0.65 -40.11
C LEU H 91 96.46 0.07 -41.38
N GLU H 92 96.83 0.63 -42.52
CA GLU H 92 96.32 0.15 -43.80
C GLU H 92 96.67 -1.32 -44.02
N ASP H 93 97.92 -1.68 -43.72
CA ASP H 93 98.33 -3.08 -43.86
C ASP H 93 97.62 -3.98 -42.86
N ILE H 94 97.38 -3.48 -41.65
CA ILE H 94 96.63 -4.25 -40.66
C ILE H 94 95.21 -4.51 -41.15
N GLU H 95 94.62 -3.54 -41.83
CA GLU H 95 93.25 -3.69 -42.29
C GLU H 95 93.14 -4.37 -43.65
N SER H 96 94.08 -4.12 -44.57
CA SER H 96 93.99 -4.64 -45.92
C SER H 96 94.74 -5.95 -46.10
N LYS H 97 96.04 -5.95 -45.83
CA LYS H 97 96.86 -7.13 -46.11
C LYS H 97 96.56 -8.29 -45.17
N ILE H 98 96.06 -8.02 -43.96
CA ILE H 98 95.72 -9.08 -43.03
C ILE H 98 94.45 -9.77 -43.53
N GLN H 99 94.62 -10.93 -44.15
CA GLN H 99 93.54 -11.67 -44.78
C GLN H 99 93.57 -13.13 -44.30
N PRO H 100 92.42 -13.80 -44.31
CA PRO H 100 92.41 -15.21 -43.90
C PRO H 100 93.40 -16.07 -44.68
N GLY H 101 94.41 -16.58 -44.00
CA GLY H 101 95.43 -17.37 -44.66
C GLY H 101 95.13 -18.85 -44.63
N SER H 102 94.81 -19.41 -45.80
CA SER H 102 94.46 -20.83 -45.87
C SER H 102 95.62 -21.72 -45.46
N GLN H 103 96.85 -21.27 -45.67
CA GLN H 103 98.02 -22.06 -45.32
C GLN H 103 98.27 -22.01 -43.82
N GLN H 104 98.83 -23.11 -43.29
CA GLN H 104 99.21 -23.21 -41.90
C GLN H 104 100.67 -23.65 -41.81
N ALA H 105 101.29 -23.34 -40.69
CA ALA H 105 102.70 -23.68 -40.49
C ALA H 105 103.00 -23.74 -39.01
N ASP H 106 104.12 -24.37 -38.68
CA ASP H 106 104.60 -24.41 -37.31
C ASP H 106 104.97 -23.00 -36.85
N PHE H 107 104.34 -22.55 -35.76
CA PHE H 107 104.64 -21.22 -35.24
C PHE H 107 106.08 -21.08 -34.75
N LEU H 108 106.72 -22.20 -34.42
CA LEU H 108 108.12 -22.17 -33.98
C LEU H 108 109.04 -21.68 -35.09
N ASP H 109 108.79 -22.14 -36.32
CA ASP H 109 109.59 -21.67 -37.45
C ASP H 109 109.41 -20.17 -37.67
N ALA H 110 108.18 -19.68 -37.51
CA ALA H 110 107.95 -18.24 -37.61
C ALA H 110 108.66 -17.48 -36.50
N LEU H 111 108.68 -18.05 -35.29
CA LEU H 111 109.47 -17.48 -34.21
C LEU H 111 110.93 -17.31 -34.61
N ILE H 112 111.52 -18.35 -35.18
CA ILE H 112 112.93 -18.25 -35.56
C ILE H 112 113.10 -17.27 -36.72
N VAL H 113 112.15 -17.22 -37.65
CA VAL H 113 112.19 -16.23 -38.73
C VAL H 113 112.23 -14.82 -38.16
N SER H 114 111.33 -14.53 -37.21
CA SER H 114 111.23 -13.18 -36.68
C SER H 114 112.42 -12.84 -35.79
N MET H 115 113.02 -13.86 -35.14
CA MET H 115 114.28 -13.64 -34.44
C MET H 115 115.39 -13.26 -35.41
N ASP H 116 115.47 -13.96 -36.54
CA ASP H 116 116.45 -13.59 -37.55
C ASP H 116 116.17 -12.19 -38.09
N VAL H 117 114.89 -11.82 -38.20
CA VAL H 117 114.54 -10.45 -38.60
C VAL H 117 115.04 -9.45 -37.57
N ILE H 118 114.86 -9.75 -36.29
CA ILE H 118 115.37 -8.87 -35.23
C ILE H 118 116.88 -8.69 -35.40
N GLN H 119 117.60 -9.81 -35.50
CA GLN H 119 119.04 -9.76 -35.68
C GLN H 119 119.43 -9.00 -36.94
N HIS H 120 118.59 -9.07 -37.97
CA HIS H 120 118.82 -8.29 -39.18
C HIS H 120 118.71 -6.80 -38.92
N GLU H 121 117.73 -6.39 -38.13
CA GLU H 121 117.43 -4.97 -37.96
C GLU H 121 117.67 -4.44 -36.55
N THR H 122 118.11 -5.27 -35.59
CA THR H 122 118.56 -4.72 -34.33
C THR H 122 119.93 -4.08 -34.46
N ILE H 123 120.67 -4.40 -35.51
CA ILE H 123 121.99 -3.83 -35.78
C ILE H 123 121.82 -2.56 -36.60
N GLY H 124 122.69 -1.60 -36.38
CA GLY H 124 122.63 -0.32 -37.06
C GLY H 124 121.71 0.70 -36.41
N LYS H 125 120.97 0.32 -35.37
CA LYS H 125 120.12 1.24 -34.64
C LYS H 125 120.26 0.98 -33.15
N LYS H 126 120.31 2.06 -32.38
CA LYS H 126 120.35 1.92 -30.93
C LYS H 126 119.06 1.31 -30.41
N PHE H 127 119.17 0.47 -29.40
CA PHE H 127 118.02 -0.24 -28.87
C PHE H 127 118.20 -0.52 -27.39
N GLU H 128 117.19 -0.15 -26.60
CA GLU H 128 117.12 -0.52 -25.19
C GLU H 128 116.24 -1.75 -24.95
N LYS H 129 115.69 -2.33 -26.00
CA LYS H 129 114.81 -3.49 -25.88
C LYS H 129 114.68 -4.17 -27.23
N ARG H 130 114.76 -5.50 -27.21
CA ARG H 130 114.52 -6.33 -28.38
C ARG H 130 113.42 -7.34 -28.02
N HIS H 131 112.38 -7.40 -28.84
CA HIS H 131 111.21 -8.16 -28.43
C HIS H 131 110.54 -8.83 -29.62
N ILE H 132 109.81 -9.91 -29.33
CA ILE H 132 108.89 -10.57 -30.24
C ILE H 132 107.63 -10.98 -29.48
N GLU H 133 106.48 -11.00 -30.16
CA GLU H 133 105.30 -11.68 -29.64
C GLU H 133 104.69 -12.59 -30.69
N ILE H 134 103.66 -13.31 -30.25
CA ILE H 134 103.01 -14.31 -31.08
C ILE H 134 101.51 -14.26 -30.86
N PHE H 135 100.78 -13.77 -31.86
CA PHE H 135 99.34 -14.03 -31.90
C PHE H 135 99.13 -15.45 -32.37
N THR H 136 98.33 -16.22 -31.64
CA THR H 136 97.98 -17.57 -32.05
C THR H 136 96.75 -18.06 -31.28
N ASP H 137 95.79 -18.63 -31.99
CA ASP H 137 94.69 -19.34 -31.35
C ASP H 137 95.11 -20.70 -30.82
N LEU H 138 96.35 -21.11 -31.07
CA LEU H 138 96.91 -22.39 -30.66
C LEU H 138 96.19 -23.56 -31.31
N SER H 139 95.40 -23.29 -32.35
CA SER H 139 94.73 -24.33 -33.11
C SER H 139 95.32 -24.52 -34.50
N SER H 140 96.27 -23.67 -34.90
CA SER H 140 96.91 -23.82 -36.20
C SER H 140 97.76 -25.09 -36.23
N ARG H 141 97.86 -25.69 -37.41
CA ARG H 141 98.66 -26.90 -37.57
C ARG H 141 100.12 -26.60 -37.26
N PHE H 142 100.74 -27.48 -36.48
CA PHE H 142 102.10 -27.25 -36.03
C PHE H 142 102.73 -28.57 -35.63
N SER H 143 104.05 -28.53 -35.42
CA SER H 143 104.80 -29.65 -34.89
C SER H 143 105.83 -29.10 -33.92
N LYS H 144 105.71 -29.47 -32.65
CA LYS H 144 106.57 -28.89 -31.61
C LYS H 144 107.99 -29.43 -31.75
N SER H 145 108.84 -28.70 -32.47
CA SER H 145 110.21 -29.10 -32.72
C SER H 145 111.24 -28.09 -32.25
N GLN H 146 111.02 -26.80 -32.50
CA GLN H 146 111.99 -25.76 -32.18
C GLN H 146 111.73 -25.08 -30.86
N LEU H 147 110.73 -25.51 -30.08
CA LEU H 147 110.29 -24.77 -28.91
C LEU H 147 111.43 -24.58 -27.92
N ASP H 148 112.15 -25.65 -27.58
CA ASP H 148 113.28 -25.51 -26.67
C ASP H 148 114.47 -24.86 -27.37
N ILE H 149 114.66 -25.15 -28.65
CA ILE H 149 115.66 -24.43 -29.45
C ILE H 149 115.34 -22.94 -29.43
N ILE H 150 114.06 -22.59 -29.52
CA ILE H 150 113.67 -21.19 -29.46
C ILE H 150 113.94 -20.62 -28.08
N ILE H 151 113.67 -21.37 -27.02
CA ILE H 151 113.95 -20.87 -25.67
C ILE H 151 115.44 -20.57 -25.53
N HIS H 152 116.30 -21.47 -26.01
CA HIS H 152 117.74 -21.22 -25.98
C HIS H 152 118.13 -20.02 -26.83
N SER H 153 117.56 -19.90 -28.02
CA SER H 153 117.88 -18.78 -28.89
C SER H 153 117.46 -17.46 -28.26
N LEU H 154 116.32 -17.46 -27.56
CA LEU H 154 115.85 -16.28 -26.85
C LEU H 154 116.80 -15.92 -25.72
N LYS H 155 117.25 -16.93 -24.97
CA LYS H 155 118.22 -16.68 -23.91
C LYS H 155 119.54 -16.15 -24.47
N LYS H 156 119.89 -16.54 -25.70
CA LYS H 156 121.14 -16.10 -26.30
C LYS H 156 121.01 -14.82 -27.12
N CYS H 157 119.79 -14.32 -27.35
CA CYS H 157 119.58 -13.11 -28.13
C CYS H 157 118.87 -12.00 -27.37
N ASP H 158 118.46 -12.24 -26.12
CA ASP H 158 117.80 -11.25 -25.28
C ASP H 158 116.54 -10.70 -25.97
N ILE H 159 115.61 -11.61 -26.22
CA ILE H 159 114.34 -11.26 -26.85
C ILE H 159 113.22 -11.77 -25.96
N SER H 160 112.32 -10.87 -25.56
CA SER H 160 111.19 -11.20 -24.70
C SER H 160 109.98 -11.59 -25.54
N LEU H 161 108.99 -12.18 -24.88
CA LEU H 161 107.87 -12.81 -25.58
C LEU H 161 106.55 -12.59 -24.86
N GLN H 162 105.46 -12.81 -25.61
CA GLN H 162 104.12 -12.98 -25.06
C GLN H 162 103.28 -13.76 -26.05
N PHE H 163 102.44 -14.64 -25.51
CA PHE H 163 101.49 -15.44 -26.28
C PHE H 163 100.08 -15.01 -25.91
N PHE H 164 99.30 -14.60 -26.90
CA PHE H 164 97.92 -14.19 -26.68
C PHE H 164 96.96 -15.26 -27.16
N LEU H 165 95.87 -15.40 -26.43
CA LEU H 165 94.78 -16.31 -26.75
C LEU H 165 93.46 -15.56 -26.70
N PRO H 166 92.50 -15.94 -27.54
CA PRO H 166 91.12 -15.52 -27.27
C PRO H 166 90.59 -16.10 -25.98
N PHE H 167 91.11 -17.26 -25.58
CA PHE H 167 90.72 -17.90 -24.34
C PHE H 167 91.18 -17.10 -23.14
N SER H 168 90.34 -17.07 -22.10
CA SER H 168 90.71 -16.40 -20.86
C SER H 168 91.79 -17.21 -20.13
N LEU H 169 92.42 -16.55 -19.16
CA LEU H 169 93.51 -17.20 -18.42
C LEU H 169 93.02 -18.39 -17.63
N GLY H 170 91.88 -18.26 -16.96
CA GLY H 170 91.34 -19.35 -16.15
C GLY H 170 90.66 -20.41 -16.98
N GLY H 181 79.73 -11.81 -13.56
CA GLY H 181 80.04 -10.83 -14.58
C GLY H 181 79.47 -11.19 -15.94
N PRO H 182 78.84 -10.22 -16.60
CA PRO H 182 78.30 -10.47 -17.94
C PRO H 182 79.41 -10.70 -18.96
N PHE H 183 79.10 -11.53 -19.95
CA PHE H 183 80.02 -11.78 -21.06
C PHE H 183 80.23 -10.51 -21.87
N ARG H 184 81.44 -9.95 -21.82
CA ARG H 184 81.74 -8.70 -22.51
C ARG H 184 83.14 -8.78 -23.11
N LEU H 185 83.32 -8.07 -24.23
CA LEU H 185 84.62 -7.88 -24.85
C LEU H 185 85.02 -6.42 -24.64
N GLY H 186 86.19 -6.21 -24.05
CA GLY H 186 86.58 -4.87 -23.66
C GLY H 186 85.87 -4.36 -22.43
N GLY H 187 85.34 -5.26 -21.59
CA GLY H 187 84.66 -4.88 -20.36
C GLY H 187 84.92 -5.84 -19.24
N HIS H 188 84.09 -5.78 -18.19
CA HIS H 188 84.25 -6.64 -17.02
C HIS H 188 83.39 -7.88 -17.19
N GLY H 189 84.03 -9.03 -17.34
CA GLY H 189 83.34 -10.29 -17.48
C GLY H 189 84.05 -11.25 -18.41
N PRO H 190 83.45 -12.40 -18.65
CA PRO H 190 84.06 -13.40 -19.54
C PRO H 190 84.11 -12.92 -20.98
N SER H 191 85.07 -13.46 -21.72
CA SER H 191 85.21 -13.13 -23.14
C SER H 191 85.48 -14.36 -24.00
N PHE H 192 85.41 -15.56 -23.44
CA PHE H 192 85.61 -16.80 -24.18
C PHE H 192 85.02 -17.94 -23.38
N PRO H 193 84.55 -19.00 -24.03
CA PRO H 193 84.14 -20.19 -23.28
C PRO H 193 85.29 -20.73 -22.45
N LEU H 194 84.98 -21.13 -21.21
CA LEU H 194 86.01 -21.53 -20.27
C LEU H 194 86.60 -22.90 -20.60
N LYS H 195 85.86 -23.75 -21.32
CA LYS H 195 86.34 -25.07 -21.70
C LYS H 195 86.12 -25.39 -23.16
N GLY H 196 85.82 -24.39 -24.00
CA GLY H 196 85.61 -24.61 -25.41
C GLY H 196 86.88 -24.71 -26.23
N ILE H 197 88.05 -24.60 -25.60
CA ILE H 197 89.31 -24.68 -26.34
C ILE H 197 89.54 -26.11 -26.80
N THR H 198 89.97 -26.26 -28.05
CA THR H 198 90.24 -27.57 -28.60
C THR H 198 91.50 -28.17 -27.97
N GLU H 199 91.66 -29.47 -28.17
CA GLU H 199 92.84 -30.16 -27.64
C GLU H 199 94.12 -29.64 -28.26
N GLN H 200 94.07 -29.20 -29.52
CA GLN H 200 95.20 -28.50 -30.11
C GLN H 200 95.50 -27.22 -29.34
N GLN H 201 94.46 -26.47 -28.99
CA GLN H 201 94.67 -25.25 -28.20
C GLN H 201 95.20 -25.58 -26.80
N LYS H 202 94.75 -26.70 -26.22
CA LYS H 202 95.25 -27.09 -24.90
C LYS H 202 96.72 -27.46 -24.95
N GLU H 203 97.13 -28.25 -25.95
CA GLU H 203 98.54 -28.61 -26.05
C GLU H 203 99.39 -27.38 -26.38
N GLY H 204 98.87 -26.47 -27.19
CA GLY H 204 99.57 -25.21 -27.44
C GLY H 204 99.71 -24.39 -26.17
N LEU H 205 98.68 -24.41 -25.32
CA LEU H 205 98.76 -23.71 -24.04
C LEU H 205 99.81 -24.33 -23.14
N GLU H 206 99.90 -25.66 -23.12
CA GLU H 206 100.96 -26.32 -22.34
C GLU H 206 102.34 -25.95 -22.87
N ILE H 207 102.49 -25.90 -24.20
CA ILE H 207 103.77 -25.52 -24.80
C ILE H 207 104.12 -24.08 -24.42
N VAL H 208 103.13 -23.18 -24.49
CA VAL H 208 103.35 -21.79 -24.11
C VAL H 208 103.75 -21.68 -22.64
N LYS H 209 103.06 -22.44 -21.78
CA LYS H 209 103.36 -22.42 -20.36
C LYS H 209 104.79 -22.88 -20.09
N MET H 210 105.21 -23.97 -20.72
CA MET H 210 106.56 -24.47 -20.47
C MET H 210 107.60 -23.51 -21.05
N VAL H 211 107.33 -22.92 -22.21
CA VAL H 211 108.26 -21.96 -22.79
C VAL H 211 108.45 -20.78 -21.84
N MET H 212 107.35 -20.24 -21.31
CA MET H 212 107.48 -19.07 -20.45
C MET H 212 108.03 -19.41 -19.07
N ILE H 213 107.77 -20.59 -18.53
CA ILE H 213 108.38 -20.93 -17.25
C ILE H 213 109.87 -21.23 -17.43
N SER H 214 110.29 -21.64 -18.63
CA SER H 214 111.71 -21.77 -18.90
C SER H 214 112.38 -20.42 -19.16
N LEU H 215 111.65 -19.46 -19.74
CA LEU H 215 112.26 -18.20 -20.14
C LEU H 215 112.23 -17.15 -19.02
N GLU H 216 111.07 -16.91 -18.42
CA GLU H 216 110.90 -15.84 -17.44
C GLU H 216 111.00 -16.35 -16.01
N GLY H 217 110.15 -17.30 -15.63
CA GLY H 217 110.14 -17.81 -14.27
C GLY H 217 108.74 -18.05 -13.72
N GLU H 218 108.55 -17.76 -12.44
CA GLU H 218 107.25 -17.99 -11.82
C GLU H 218 106.17 -17.07 -12.39
N ASP H 219 106.55 -15.91 -12.90
CA ASP H 219 105.61 -15.01 -13.55
C ASP H 219 105.29 -15.43 -14.98
N GLY H 220 105.67 -16.65 -15.38
CA GLY H 220 105.31 -17.12 -16.70
C GLY H 220 103.81 -17.19 -16.91
N LEU H 221 103.08 -17.62 -15.87
CA LEU H 221 101.63 -17.55 -15.92
C LEU H 221 101.16 -16.10 -15.81
N ASP H 222 101.92 -15.25 -15.10
CA ASP H 222 101.72 -13.81 -15.18
C ASP H 222 102.24 -13.24 -16.49
N GLU H 223 102.68 -14.11 -17.40
CA GLU H 223 103.15 -13.71 -18.72
C GLU H 223 102.07 -13.84 -19.80
N ILE H 224 101.13 -14.76 -19.61
CA ILE H 224 100.08 -15.03 -20.59
C ILE H 224 98.91 -14.09 -20.31
N TYR H 225 98.37 -13.50 -21.38
CA TYR H 225 97.15 -12.70 -21.28
C TYR H 225 96.30 -12.98 -22.51
N SER H 226 95.24 -12.19 -22.69
CA SER H 226 94.26 -12.40 -23.74
C SER H 226 93.98 -11.09 -24.45
N PHE H 227 93.12 -11.17 -25.48
CA PHE H 227 92.80 -10.02 -26.30
C PHE H 227 91.82 -9.07 -25.60
N SER H 228 90.87 -9.62 -24.85
CA SER H 228 89.79 -8.80 -24.30
C SER H 228 90.32 -7.75 -23.32
N GLU H 229 91.10 -8.18 -22.33
CA GLU H 229 91.65 -7.23 -21.38
C GLU H 229 92.67 -6.30 -22.05
N SER H 230 93.25 -6.75 -23.17
CA SER H 230 94.06 -5.84 -23.97
C SER H 230 93.21 -4.71 -24.53
N LEU H 231 92.01 -5.04 -25.02
CA LEU H 231 91.15 -4.07 -25.70
C LEU H 231 90.59 -3.00 -24.78
N ARG H 232 90.88 -3.05 -23.47
CA ARG H 232 90.36 -2.04 -22.56
C ARG H 232 91.38 -1.54 -21.53
N LYS H 233 92.61 -2.04 -21.60
CA LYS H 233 93.63 -1.66 -20.59
C LYS H 233 94.87 -1.10 -21.31
N LEU H 234 95.87 -0.63 -20.56
CA LEU H 234 97.04 0.01 -21.21
C LEU H 234 98.35 -0.67 -20.82
N CYS H 235 98.30 -1.86 -20.20
CA CYS H 235 99.57 -2.60 -19.95
C CYS H 235 100.22 -2.79 -21.32
N VAL H 236 99.44 -2.62 -22.39
CA VAL H 236 99.96 -2.71 -23.78
C VAL H 236 101.22 -1.85 -23.91
N PHE H 237 101.53 -1.03 -22.91
CA PHE H 237 102.68 -0.13 -23.05
C PHE H 237 103.52 -0.09 -21.78
N LYS H 238 103.91 -1.25 -21.26
CA LYS H 238 104.54 -1.31 -19.94
C LYS H 238 106.05 -1.54 -19.95
N LYS H 239 106.61 -2.24 -20.94
CA LYS H 239 108.04 -2.59 -20.88
C LYS H 239 108.92 -1.84 -21.87
N ILE H 240 108.35 -1.14 -22.85
CA ILE H 240 109.08 -0.06 -23.50
C ILE H 240 108.81 1.27 -22.82
N GLU H 241 108.12 1.23 -21.69
CA GLU H 241 107.72 2.42 -20.95
C GLU H 241 108.90 3.03 -20.22
N ARG H 242 108.89 4.35 -20.12
CA ARG H 242 109.89 5.10 -19.37
C ARG H 242 109.15 5.98 -18.37
N HIS H 243 109.52 5.86 -17.10
CA HIS H 243 108.78 6.55 -16.04
C HIS H 243 108.94 8.06 -16.18
N SER H 244 108.11 8.79 -15.42
CA SER H 244 108.10 10.24 -15.50
C SER H 244 109.39 10.81 -14.92
N ILE H 245 109.61 12.10 -15.18
CA ILE H 245 110.81 12.77 -14.71
C ILE H 245 110.78 12.83 -13.19
N HIS H 246 111.87 12.40 -12.57
CA HIS H 246 111.97 12.43 -11.12
C HIS H 246 112.32 13.84 -10.63
N TRP H 247 112.27 14.02 -9.32
CA TRP H 247 112.63 15.28 -8.67
C TRP H 247 113.89 15.05 -7.85
N PRO H 248 115.07 15.24 -8.43
CA PRO H 248 116.32 15.09 -7.66
C PRO H 248 116.54 16.30 -6.77
N CYS H 249 116.33 16.11 -5.47
CA CYS H 249 116.40 17.20 -4.51
C CYS H 249 116.94 16.64 -3.19
N ARG H 250 116.77 17.41 -2.12
CA ARG H 250 117.26 17.04 -0.80
C ARG H 250 116.20 17.43 0.23
N LEU H 251 115.58 16.45 0.87
CA LEU H 251 114.76 16.76 2.03
C LEU H 251 115.66 17.18 3.19
N THR H 252 115.20 18.19 3.94
CA THR H 252 115.98 18.78 5.01
C THR H 252 115.25 18.61 6.34
N ILE H 253 116.01 18.32 7.39
CA ILE H 253 115.46 18.11 8.73
C ILE H 253 115.99 19.24 9.61
N GLY H 254 115.19 20.29 9.75
CA GLY H 254 115.59 21.40 10.60
C GLY H 254 116.84 22.07 10.09
N SER H 255 117.89 22.07 10.91
CA SER H 255 119.15 22.71 10.56
C SER H 255 120.35 21.80 10.81
N ASN H 256 120.12 20.49 10.99
CA ASN H 256 121.23 19.59 11.29
C ASN H 256 121.13 18.26 10.55
N LEU H 257 120.29 18.16 9.52
CA LEU H 257 120.16 16.91 8.77
C LEU H 257 119.54 17.20 7.42
N SER H 258 120.04 16.52 6.39
CA SER H 258 119.52 16.67 5.03
C SER H 258 119.90 15.44 4.21
N ILE H 259 118.93 14.87 3.50
CA ILE H 259 119.13 13.66 2.72
C ILE H 259 118.58 13.89 1.32
N ARG H 260 119.33 13.45 0.31
CA ARG H 260 118.90 13.59 -1.08
C ARG H 260 117.66 12.73 -1.34
N ILE H 261 116.86 13.16 -2.32
CA ILE H 261 115.63 12.46 -2.68
C ILE H 261 115.55 12.32 -4.19
N ALA H 262 114.76 11.34 -4.61
CA ALA H 262 114.35 11.15 -6.01
C ALA H 262 112.83 10.99 -5.97
N ALA H 263 112.12 12.12 -6.01
CA ALA H 263 110.68 12.08 -5.91
C ALA H 263 110.06 11.60 -7.22
N TYR H 264 108.86 11.03 -7.10
CA TYR H 264 108.11 10.54 -8.25
C TYR H 264 106.64 10.82 -8.05
N LYS H 265 105.95 11.08 -9.14
CA LYS H 265 104.51 11.36 -9.13
C LYS H 265 103.79 10.10 -9.59
N SER H 266 103.33 9.30 -8.62
CA SER H 266 102.61 8.07 -8.96
C SER H 266 101.33 8.39 -9.71
N ILE H 267 100.41 9.09 -9.07
CA ILE H 267 99.16 9.48 -9.72
C ILE H 267 99.40 10.78 -10.48
N LEU H 268 99.21 10.72 -11.79
CA LEU H 268 99.42 11.88 -12.65
C LEU H 268 98.43 11.80 -13.80
N GLN H 269 97.35 12.57 -13.70
CA GLN H 269 96.30 12.55 -14.72
C GLN H 269 96.90 12.82 -16.09
N GLU H 270 96.57 11.98 -17.06
CA GLU H 270 97.15 12.11 -18.38
C GLU H 270 96.49 13.27 -19.13
N ARG H 271 97.31 14.01 -19.87
CA ARG H 271 96.87 15.15 -20.66
C ARG H 271 96.88 14.80 -22.14
N VAL H 272 96.33 15.70 -22.94
CA VAL H 272 96.39 15.56 -24.39
C VAL H 272 97.78 15.96 -24.86
N LYS H 273 98.37 15.14 -25.72
CA LYS H 273 99.73 15.38 -26.18
C LYS H 273 99.80 16.50 -27.21
N LYS H 274 98.75 16.69 -28.01
CA LYS H 274 98.75 17.69 -29.07
C LYS H 274 97.47 18.50 -29.02
N THR H 275 97.59 19.81 -29.03
CA THR H 275 96.44 20.68 -29.14
C THR H 275 95.99 20.80 -30.59
N TRP H 276 94.75 21.21 -30.77
CA TRP H 276 94.18 21.36 -32.11
C TRP H 276 94.75 22.62 -32.76
N THR H 277 95.76 22.43 -33.61
CA THR H 277 96.39 23.56 -34.26
C THR H 277 95.40 24.24 -35.20
N VAL H 278 95.30 25.57 -35.07
CA VAL H 278 94.36 26.35 -35.86
C VAL H 278 94.96 26.61 -37.23
N VAL H 279 94.68 25.73 -38.18
CA VAL H 279 95.15 25.92 -39.54
C VAL H 279 94.09 26.68 -40.32
N ASP H 280 94.50 27.21 -41.47
CA ASP H 280 93.56 27.84 -42.38
C ASP H 280 92.51 26.83 -42.84
N ALA H 281 91.41 27.37 -43.36
CA ALA H 281 90.45 26.56 -44.10
C ALA H 281 90.63 26.67 -45.61
N LYS H 282 91.48 27.59 -46.06
CA LYS H 282 91.76 27.78 -47.47
C LYS H 282 93.07 27.13 -47.90
N THR H 283 94.07 27.11 -47.02
CA THR H 283 95.32 26.42 -47.30
C THR H 283 95.71 25.43 -46.22
N LEU H 284 94.89 25.27 -45.18
CA LEU H 284 95.16 24.32 -44.10
C LEU H 284 96.51 24.59 -43.44
N LYS H 285 96.75 25.85 -43.08
CA LYS H 285 98.03 26.26 -42.52
C LYS H 285 97.84 27.13 -41.30
N LYS H 286 98.57 26.81 -40.23
CA LYS H 286 98.76 27.78 -39.15
C LYS H 286 99.44 29.03 -39.66
N GLU H 287 100.30 28.90 -40.67
CA GLU H 287 101.03 30.04 -41.20
C GLU H 287 100.09 31.08 -41.78
N ASP H 288 98.97 30.66 -42.37
CA ASP H 288 97.95 31.60 -42.81
C ASP H 288 97.14 32.16 -41.65
N ILE H 289 97.29 31.61 -40.45
CA ILE H 289 96.53 32.04 -39.28
C ILE H 289 97.48 32.88 -38.44
N GLN H 290 97.43 34.19 -38.64
CA GLN H 290 98.20 35.13 -37.83
C GLN H 290 97.25 35.96 -36.98
N LYS H 291 97.61 36.14 -35.71
CA LYS H 291 96.75 36.77 -34.74
C LYS H 291 97.49 37.89 -34.03
N GLU H 292 96.72 38.82 -33.49
CA GLU H 292 97.29 39.92 -32.71
C GLU H 292 96.31 40.33 -31.64
N THR H 293 96.85 40.92 -30.58
CA THR H 293 96.07 41.50 -29.50
C THR H 293 96.19 43.02 -29.56
N VAL H 294 95.06 43.71 -29.61
CA VAL H 294 95.03 45.14 -29.81
C VAL H 294 94.55 45.78 -28.51
N TYR H 295 95.47 46.37 -27.77
CA TYR H 295 95.14 47.15 -26.58
C TYR H 295 94.75 48.55 -27.04
N CYS H 296 93.46 48.84 -27.02
CA CYS H 296 92.93 50.15 -27.40
C CYS H 296 91.91 50.60 -26.37
N LEU H 297 91.95 51.89 -26.04
CA LEU H 297 91.09 52.43 -24.99
C LEU H 297 89.63 52.14 -25.31
N ASN H 298 88.91 51.62 -24.32
CA ASN H 298 87.55 51.14 -24.53
C ASN H 298 86.58 52.26 -24.94
N ASP H 299 87.06 53.50 -25.00
CA ASP H 299 86.25 54.64 -25.39
C ASP H 299 87.01 55.46 -26.43
N ASP H 300 86.41 56.58 -26.83
CA ASP H 300 87.00 57.50 -27.79
C ASP H 300 87.37 56.80 -29.09
N ASP H 301 86.41 56.04 -29.62
CA ASP H 301 86.59 55.29 -30.87
C ASP H 301 87.78 54.35 -30.78
N GLU H 302 87.94 53.72 -29.62
CA GLU H 302 88.99 52.73 -29.37
C GLU H 302 90.37 53.31 -29.62
N THR H 303 90.72 54.31 -28.80
CA THR H 303 92.04 54.93 -28.87
C THR H 303 93.12 53.89 -28.58
N GLU H 304 94.04 53.74 -29.53
CA GLU H 304 95.05 52.70 -29.43
C GLU H 304 96.00 52.95 -28.26
N VAL H 305 96.36 51.87 -27.57
CA VAL H 305 97.22 51.93 -26.40
C VAL H 305 98.42 51.01 -26.64
N LEU H 306 99.61 51.52 -26.35
CA LEU H 306 100.81 50.72 -26.53
C LEU H 306 100.78 49.51 -25.59
N LYS H 307 101.38 48.41 -26.06
CA LYS H 307 101.31 47.16 -25.32
C LYS H 307 102.01 47.24 -23.98
N GLU H 308 102.85 48.25 -23.77
CA GLU H 308 103.33 48.57 -22.44
C GLU H 308 102.58 49.73 -21.81
N ASP H 309 101.97 50.60 -22.61
CA ASP H 309 101.13 51.65 -22.06
C ASP H 309 99.95 51.07 -21.30
N ILE H 310 99.51 49.88 -21.67
CA ILE H 310 98.67 49.09 -20.77
C ILE H 310 99.54 48.53 -19.65
N ILE H 311 99.15 48.84 -18.42
CA ILE H 311 99.78 48.28 -17.23
C ILE H 311 98.69 47.62 -16.41
N GLN H 312 99.08 46.93 -15.34
CA GLN H 312 98.14 46.17 -14.53
C GLN H 312 97.81 46.92 -13.25
N GLY H 313 96.59 46.72 -12.78
CA GLY H 313 96.19 47.15 -11.45
C GLY H 313 95.59 45.97 -10.70
N PHE H 314 95.24 46.24 -9.45
CA PHE H 314 94.61 45.24 -8.60
C PHE H 314 93.39 45.81 -7.93
N ARG H 315 92.39 44.96 -7.72
CA ARG H 315 91.20 45.35 -6.99
C ARG H 315 91.54 45.62 -5.53
N TYR H 316 91.00 46.72 -4.99
CA TYR H 316 91.27 47.10 -3.61
C TYR H 316 89.98 47.68 -3.02
N GLY H 317 89.24 46.87 -2.28
CA GLY H 317 88.03 47.32 -1.63
C GLY H 317 87.00 47.86 -2.61
N SER H 318 86.81 49.17 -2.59
CA SER H 318 85.88 49.85 -3.49
C SER H 318 86.57 50.48 -4.69
N ASP H 319 87.85 50.17 -4.91
CA ASP H 319 88.61 50.80 -5.98
C ASP H 319 89.60 49.80 -6.55
N ILE H 320 90.22 50.19 -7.66
CA ILE H 320 91.28 49.41 -8.30
C ILE H 320 92.50 50.31 -8.38
N VAL H 321 93.55 49.96 -7.63
CA VAL H 321 94.76 50.76 -7.60
C VAL H 321 95.70 50.29 -8.70
N PRO H 322 96.26 51.19 -9.51
CA PRO H 322 97.27 50.78 -10.49
C PRO H 322 98.50 50.22 -9.78
N PHE H 323 98.85 48.98 -10.13
CA PHE H 323 99.95 48.30 -9.46
C PHE H 323 100.61 47.35 -10.44
N SER H 324 101.77 47.74 -10.94
CA SER H 324 102.50 46.94 -11.91
C SER H 324 103.10 45.69 -11.24
N LYS H 325 103.41 44.70 -12.07
CA LYS H 325 103.99 43.45 -11.56
C LYS H 325 105.40 43.66 -11.05
N VAL H 326 106.13 44.64 -11.61
CA VAL H 326 107.51 44.86 -11.21
C VAL H 326 107.59 45.22 -9.73
N ASP H 327 106.69 46.09 -9.26
CA ASP H 327 106.71 46.49 -7.85
C ASP H 327 106.47 45.29 -6.94
N GLU H 328 105.63 44.34 -7.37
CA GLU H 328 105.41 43.15 -6.57
C GLU H 328 106.63 42.25 -6.57
N GLU H 329 107.19 41.98 -7.75
CA GLU H 329 108.28 41.00 -7.84
C GLU H 329 109.56 41.51 -7.22
N GLN H 330 109.77 42.84 -7.20
CA GLN H 330 111.01 43.37 -6.65
C GLN H 330 111.14 43.15 -5.15
N MET H 331 110.06 42.78 -4.46
CA MET H 331 110.16 42.48 -3.05
C MET H 331 109.38 41.24 -2.61
N LYS H 332 108.66 40.58 -3.51
CA LYS H 332 107.85 39.44 -3.12
C LYS H 332 108.74 38.32 -2.58
N TYR H 333 108.29 37.68 -1.50
CA TYR H 333 109.01 36.53 -0.98
C TYR H 333 108.93 35.38 -2.00
N LYS H 334 110.05 35.10 -2.65
CA LYS H 334 110.11 34.06 -3.66
C LYS H 334 110.66 32.78 -3.05
N SER H 335 110.22 31.65 -3.59
CA SER H 335 110.68 30.36 -3.10
C SER H 335 112.18 30.19 -3.39
N GLU H 336 112.83 29.40 -2.55
CA GLU H 336 114.25 29.14 -2.71
C GLU H 336 114.54 28.44 -4.04
N GLY H 337 113.71 27.47 -4.41
CA GLY H 337 113.92 26.70 -5.61
C GLY H 337 113.49 25.26 -5.40
N LYS H 338 114.34 24.32 -5.78
CA LYS H 338 114.09 22.91 -5.51
C LYS H 338 114.45 22.66 -4.04
N CYS H 339 113.48 22.89 -3.17
CA CYS H 339 113.67 22.71 -1.73
C CYS H 339 112.45 22.04 -1.15
N PHE H 340 112.70 21.03 -0.30
CA PHE H 340 111.65 20.23 0.32
C PHE H 340 111.94 20.20 1.82
N SER H 341 111.46 21.23 2.52
CA SER H 341 111.80 21.45 3.91
C SER H 341 110.65 20.99 4.81
N VAL H 342 110.93 20.07 5.72
CA VAL H 342 109.92 19.61 6.66
C VAL H 342 109.61 20.73 7.66
N LEU H 343 108.36 20.77 8.11
CA LEU H 343 107.91 21.77 9.07
C LEU H 343 107.64 21.20 10.44
N GLY H 344 107.01 20.03 10.50
CA GLY H 344 106.71 19.42 11.76
C GLY H 344 106.00 18.10 11.56
N PHE H 345 105.37 17.61 12.61
CA PHE H 345 104.68 16.33 12.55
C PHE H 345 103.32 16.44 13.21
N CYS H 346 102.34 15.75 12.62
CA CYS H 346 100.99 15.67 13.16
C CYS H 346 100.54 14.21 13.12
N LYS H 347 99.51 13.90 13.90
CA LYS H 347 99.00 12.54 13.90
C LYS H 347 98.28 12.23 12.59
N SER H 348 98.37 10.97 12.17
CA SER H 348 97.71 10.55 10.94
C SER H 348 96.20 10.63 11.02
N SER H 349 95.63 10.68 12.23
CA SER H 349 94.19 10.86 12.39
C SER H 349 93.74 12.29 12.19
N GLN H 350 94.66 13.24 12.16
CA GLN H 350 94.34 14.65 12.01
C GLN H 350 94.26 15.10 10.55
N VAL H 351 94.49 14.20 9.59
CA VAL H 351 94.46 14.52 8.18
C VAL H 351 93.35 13.70 7.51
N GLN H 352 92.55 14.36 6.69
CA GLN H 352 91.47 13.72 5.97
C GLN H 352 91.69 13.86 4.47
N ARG H 353 90.99 13.03 3.70
CA ARG H 353 91.09 13.10 2.24
C ARG H 353 90.62 14.44 1.70
N ARG H 354 89.77 15.15 2.44
CA ARG H 354 89.33 16.47 2.02
C ARG H 354 90.45 17.50 2.09
N PHE H 355 91.50 17.23 2.85
CA PHE H 355 92.66 18.11 2.91
C PHE H 355 93.74 17.73 1.92
N PHE H 356 93.53 16.67 1.15
CA PHE H 356 94.48 16.26 0.12
C PHE H 356 94.42 17.25 -1.02
N MET H 357 95.36 18.19 -1.04
CA MET H 357 95.36 19.23 -2.07
C MET H 357 96.21 18.79 -3.25
N GLY H 358 95.91 19.37 -4.41
CA GLY H 358 96.62 19.05 -5.62
C GLY H 358 96.01 17.87 -6.37
N ASN H 359 96.46 17.70 -7.61
CA ASN H 359 96.01 16.61 -8.45
C ASN H 359 96.99 15.44 -8.49
N GLN H 360 98.28 15.71 -8.29
CA GLN H 360 99.28 14.65 -8.34
C GLN H 360 99.45 14.00 -6.96
N VAL H 361 100.12 12.86 -6.96
CA VAL H 361 100.49 12.16 -5.74
C VAL H 361 101.99 11.95 -5.78
N LEU H 362 102.71 12.62 -4.88
CA LEU H 362 104.16 12.57 -4.86
C LEU H 362 104.59 11.30 -4.13
N LYS H 363 104.83 10.24 -4.92
CA LYS H 363 105.27 8.95 -4.41
C LYS H 363 106.77 9.03 -4.21
N VAL H 364 107.17 9.88 -3.24
CA VAL H 364 108.56 10.31 -3.17
C VAL H 364 109.45 9.18 -2.66
N PHE H 365 110.73 9.24 -3.03
CA PHE H 365 111.72 8.28 -2.59
C PHE H 365 112.98 9.01 -2.14
N ALA H 366 113.74 8.34 -1.29
CA ALA H 366 114.98 8.89 -0.78
C ALA H 366 116.06 8.83 -1.88
N ALA H 367 117.29 9.15 -1.50
CA ALA H 367 118.41 9.13 -2.45
C ALA H 367 118.58 7.75 -3.07
N ARG H 368 118.36 7.67 -4.39
CA ARG H 368 118.49 6.39 -5.08
C ARG H 368 119.96 5.95 -5.12
N ASP H 369 120.15 4.63 -5.07
CA ASP H 369 121.46 3.99 -5.00
C ASP H 369 122.21 4.35 -3.73
N ASP H 370 121.55 4.93 -2.74
CA ASP H 370 122.13 5.23 -1.44
C ASP H 370 121.43 4.33 -0.43
N GLU H 371 122.07 3.20 -0.11
CA GLU H 371 121.44 2.23 0.78
C GLU H 371 121.31 2.77 2.20
N ALA H 372 122.17 3.69 2.60
CA ALA H 372 121.97 4.39 3.87
C ALA H 372 120.69 5.20 3.84
N ALA H 373 120.39 5.85 2.71
CA ALA H 373 119.11 6.51 2.55
C ALA H 373 117.96 5.52 2.63
N ALA H 374 118.16 4.30 2.11
CA ALA H 374 117.13 3.27 2.23
C ALA H 374 116.90 2.88 3.67
N VAL H 375 117.98 2.73 4.45
CA VAL H 375 117.83 2.41 5.87
C VAL H 375 117.10 3.54 6.60
N ALA H 376 117.48 4.78 6.30
CA ALA H 376 116.81 5.92 6.93
C ALA H 376 115.33 5.95 6.56
N LEU H 377 115.02 5.69 5.29
CA LEU H 377 113.62 5.68 4.84
C LEU H 377 112.82 4.57 5.51
N SER H 378 113.43 3.39 5.66
CA SER H 378 112.76 2.32 6.37
C SER H 378 112.49 2.69 7.82
N SER H 379 113.46 3.35 8.46
CA SER H 379 113.23 3.85 9.82
C SER H 379 112.07 4.82 9.85
N LEU H 380 112.01 5.73 8.86
CA LEU H 380 110.87 6.65 8.77
C LEU H 380 109.57 5.89 8.69
N ILE H 381 109.50 4.91 7.79
CA ILE H 381 108.25 4.18 7.58
C ILE H 381 107.83 3.47 8.85
N HIS H 382 108.76 2.75 9.48
CA HIS H 382 108.42 1.97 10.67
C HIS H 382 107.98 2.88 11.81
N ALA H 383 108.75 3.92 12.12
CA ALA H 383 108.42 4.76 13.27
C ALA H 383 107.13 5.53 13.03
N LEU H 384 106.92 6.04 11.81
CA LEU H 384 105.68 6.77 11.53
C LEU H 384 104.47 5.84 11.58
N ASP H 385 104.60 4.61 11.07
CA ASP H 385 103.49 3.68 11.14
C ASP H 385 103.17 3.30 12.58
N ASP H 386 104.20 3.05 13.40
CA ASP H 386 103.97 2.73 14.80
C ASP H 386 103.39 3.91 15.56
N LEU H 387 103.78 5.13 15.21
CA LEU H 387 103.24 6.31 15.86
C LEU H 387 101.94 6.80 15.23
N ASP H 388 101.49 6.21 14.13
CA ASP H 388 100.32 6.66 13.39
C ASP H 388 100.39 8.17 13.16
N MET H 389 101.42 8.57 12.43
CA MET H 389 101.96 9.91 12.59
C MET H 389 102.32 10.43 11.20
N VAL H 390 101.92 11.66 10.87
CA VAL H 390 102.19 12.22 9.56
C VAL H 390 103.08 13.45 9.69
N ALA H 391 103.77 13.78 8.60
CA ALA H 391 104.74 14.85 8.56
C ALA H 391 104.22 16.02 7.73
N ILE H 392 104.56 17.23 8.14
CA ILE H 392 104.24 18.45 7.41
C ILE H 392 105.53 18.97 6.78
N VAL H 393 105.57 19.04 5.45
CA VAL H 393 106.77 19.43 4.72
C VAL H 393 106.41 20.54 3.76
N ARG H 394 107.25 21.58 3.73
CA ARG H 394 107.10 22.64 2.74
C ARG H 394 107.75 22.23 1.43
N TYR H 395 107.00 22.31 0.34
CA TYR H 395 107.44 21.87 -0.97
C TYR H 395 107.51 23.03 -1.93
N ALA H 396 108.54 23.06 -2.76
CA ALA H 396 108.70 24.06 -3.82
C ALA H 396 109.31 23.36 -5.03
N TYR H 397 108.56 23.34 -6.14
CA TYR H 397 109.02 22.64 -7.33
C TYR H 397 110.29 23.26 -7.88
N ASP H 398 110.33 24.59 -7.97
CA ASP H 398 111.54 25.33 -8.31
C ASP H 398 111.35 26.78 -7.87
N LYS H 399 112.27 27.64 -8.32
CA LYS H 399 112.18 29.05 -7.93
C LYS H 399 110.96 29.72 -8.53
N ARG H 400 110.56 29.32 -9.74
CA ARG H 400 109.35 29.84 -10.36
C ARG H 400 108.09 29.15 -9.84
N ALA H 401 108.20 28.38 -8.77
CA ALA H 401 107.05 27.73 -8.11
C ALA H 401 106.98 28.21 -6.67
N ASN H 402 105.80 28.69 -6.28
CA ASN H 402 105.62 29.17 -4.92
C ASN H 402 105.61 28.01 -3.93
N PRO H 403 106.05 28.25 -2.69
CA PRO H 403 106.08 27.16 -1.70
C PRO H 403 104.68 26.69 -1.34
N GLN H 404 104.60 25.43 -0.93
CA GLN H 404 103.34 24.81 -0.55
C GLN H 404 103.57 23.97 0.70
N VAL H 405 102.48 23.74 1.44
CA VAL H 405 102.50 22.83 2.58
C VAL H 405 101.85 21.53 2.16
N GLY H 406 102.31 20.42 2.72
CA GLY H 406 101.79 19.13 2.36
C GLY H 406 101.94 18.12 3.47
N VAL H 407 101.20 17.03 3.34
CA VAL H 407 101.20 15.94 4.31
C VAL H 407 101.99 14.77 3.72
N ALA H 408 102.84 14.17 4.56
CA ALA H 408 103.65 13.03 4.16
C ALA H 408 103.32 11.87 5.09
N PHE H 409 102.90 10.75 4.50
CA PHE H 409 102.57 9.55 5.25
C PHE H 409 103.21 8.33 4.60
N PRO H 410 103.56 7.32 5.39
CA PRO H 410 104.22 6.14 4.82
C PRO H 410 103.30 5.35 3.90
N HIS H 411 103.90 4.67 2.93
CA HIS H 411 103.19 3.79 2.01
C HIS H 411 104.07 2.59 1.74
N ILE H 412 103.68 1.43 2.27
CA ILE H 412 104.45 0.20 2.14
C ILE H 412 103.89 -0.61 1.00
N LYS H 413 104.75 -0.97 0.05
CA LYS H 413 104.42 -1.94 -0.98
C LYS H 413 105.06 -3.28 -0.64
N HIS H 414 104.58 -4.32 -1.31
CA HIS H 414 105.11 -5.66 -1.07
C HIS H 414 106.57 -5.78 -1.46
N ASN H 415 107.09 -4.85 -2.25
CA ASN H 415 108.47 -4.88 -2.69
C ASN H 415 109.30 -3.69 -2.23
N TYR H 416 108.68 -2.60 -1.78
CA TYR H 416 109.44 -1.46 -1.28
C TYR H 416 108.55 -0.61 -0.38
N GLU H 417 109.16 -0.08 0.68
CA GLU H 417 108.52 0.94 1.50
C GLU H 417 108.73 2.31 0.85
N CYS H 418 107.78 3.20 1.05
CA CYS H 418 107.85 4.50 0.41
C CYS H 418 106.99 5.50 1.18
N LEU H 419 107.17 6.78 0.83
CA LEU H 419 106.45 7.88 1.44
C LEU H 419 105.64 8.60 0.38
N VAL H 420 104.40 8.95 0.72
CA VAL H 420 103.49 9.66 -0.19
C VAL H 420 103.30 11.07 0.35
N TYR H 421 103.57 12.06 -0.50
CA TYR H 421 103.44 13.47 -0.14
C TYR H 421 102.30 14.07 -0.95
N VAL H 422 101.34 14.69 -0.26
CA VAL H 422 100.20 15.34 -0.88
C VAL H 422 100.04 16.71 -0.27
N GLN H 423 99.78 17.71 -1.10
CA GLN H 423 99.70 19.10 -0.65
C GLN H 423 98.58 19.27 0.38
N LEU H 424 98.82 20.17 1.34
CA LEU H 424 97.88 20.48 2.39
C LEU H 424 97.27 21.87 2.17
N PRO H 425 96.05 22.10 2.64
CA PRO H 425 95.40 23.39 2.40
C PRO H 425 95.95 24.48 3.32
N PHE H 426 95.65 25.72 2.93
CA PHE H 426 95.95 26.90 3.73
C PHE H 426 94.67 27.35 4.44
N MET H 427 94.77 28.48 5.15
CA MET H 427 93.56 29.08 5.71
C MET H 427 92.70 29.70 4.62
N GLU H 428 93.32 30.27 3.59
CA GLU H 428 92.58 30.86 2.48
C GLU H 428 91.86 29.80 1.68
N ASP H 429 92.42 28.59 1.61
CA ASP H 429 91.77 27.50 0.87
C ASP H 429 90.44 27.13 1.51
N LEU H 430 90.39 27.09 2.84
CA LEU H 430 89.17 26.68 3.53
C LEU H 430 88.02 27.62 3.24
N ARG H 431 86.83 27.06 3.09
CA ARG H 431 85.61 27.83 2.91
C ARG H 431 84.57 27.37 3.91
N GLN H 432 83.92 28.33 4.57
CA GLN H 432 82.85 28.04 5.51
C GLN H 432 81.54 27.99 4.74
N TYR H 433 81.08 26.78 4.42
CA TYR H 433 79.80 26.58 3.76
C TYR H 433 78.89 25.86 4.75
N MET H 434 77.95 26.61 5.33
CA MET H 434 77.08 26.07 6.36
C MET H 434 76.07 25.10 5.75
N PHE H 435 75.68 24.09 6.54
CA PHE H 435 74.68 23.12 6.15
C PHE H 435 73.70 22.94 7.30
N SER H 436 72.85 21.91 7.19
CA SER H 436 71.89 21.56 8.23
C SER H 436 72.13 20.13 8.67
N SER H 437 71.42 19.72 9.72
CA SER H 437 71.56 18.39 10.28
C SER H 437 70.54 17.46 9.60
N LEU H 438 71.06 16.47 8.85
CA LEU H 438 70.17 15.52 8.19
C LEU H 438 69.39 14.68 9.19
N LYS H 439 70.05 14.25 10.27
CA LYS H 439 69.37 13.45 11.27
C LYS H 439 68.31 14.26 12.02
N ASN H 440 68.43 15.59 12.04
CA ASN H 440 67.41 16.43 12.65
C ASN H 440 66.11 16.40 11.88
N SER H 441 66.14 15.97 10.61
CA SER H 441 64.94 15.95 9.76
C SER H 441 64.07 14.78 10.18
N LYS H 442 63.23 15.02 11.19
CA LYS H 442 62.25 14.02 11.60
C LYS H 442 61.20 13.80 10.52
N LYS H 443 60.81 14.86 9.83
CA LYS H 443 59.91 14.73 8.69
C LYS H 443 60.52 13.86 7.60
N TYR H 444 61.86 13.82 7.52
CA TYR H 444 62.56 12.99 6.55
C TYR H 444 63.33 11.86 7.25
N ALA H 445 62.83 11.41 8.40
CA ALA H 445 63.44 10.27 9.05
C ALA H 445 63.26 9.01 8.20
N PRO H 446 64.31 8.21 8.04
CA PRO H 446 64.20 7.01 7.20
C PRO H 446 63.36 5.93 7.87
N THR H 447 62.28 5.54 7.21
CA THR H 447 61.46 4.47 7.72
C THR H 447 62.21 3.14 7.63
N GLU H 448 61.91 2.25 8.59
CA GLU H 448 62.70 1.03 8.72
C GLU H 448 62.53 0.11 7.51
N ALA H 449 61.31 0.00 6.98
CA ALA H 449 61.11 -0.84 5.80
C ALA H 449 61.93 -0.30 4.63
N GLN H 450 61.94 1.02 4.46
CA GLN H 450 62.81 1.62 3.45
C GLN H 450 64.28 1.31 3.71
N LEU H 451 64.69 1.33 4.98
CA LEU H 451 66.07 1.02 5.32
C LEU H 451 66.41 -0.41 4.94
N ASN H 452 65.51 -1.36 5.22
CA ASN H 452 65.77 -2.75 4.88
C ASN H 452 65.79 -2.96 3.38
N ALA H 453 64.92 -2.25 2.65
CA ALA H 453 64.97 -2.31 1.19
C ALA H 453 66.29 -1.78 0.68
N VAL H 454 66.78 -0.70 1.28
CA VAL H 454 68.08 -0.14 0.91
C VAL H 454 69.18 -1.16 1.19
N ASP H 455 69.12 -1.83 2.33
CA ASP H 455 70.12 -2.83 2.67
C ASP H 455 70.11 -3.97 1.67
N ALA H 456 68.92 -4.45 1.31
CA ALA H 456 68.81 -5.52 0.33
C ALA H 456 69.36 -5.08 -1.02
N LEU H 457 69.09 -3.82 -1.39
CA LEU H 457 69.66 -3.28 -2.63
C LEU H 457 71.17 -3.30 -2.58
N ILE H 458 71.75 -2.72 -1.52
CA ILE H 458 73.20 -2.60 -1.42
C ILE H 458 73.84 -3.98 -1.46
N ASP H 459 73.25 -4.94 -0.74
CA ASP H 459 73.77 -6.30 -0.79
C ASP H 459 73.66 -6.88 -2.19
N SER H 460 72.55 -6.62 -2.88
CA SER H 460 72.40 -7.01 -4.27
C SER H 460 73.10 -6.04 -5.21
N MET H 461 73.56 -4.88 -4.71
CA MET H 461 74.26 -3.92 -5.54
C MET H 461 75.76 -3.87 -5.22
N SER H 462 76.20 -4.56 -4.18
CA SER H 462 77.60 -4.53 -3.79
C SER H 462 78.48 -5.08 -4.91
N LEU H 463 79.60 -4.38 -5.15
CA LEU H 463 80.56 -4.76 -6.18
C LEU H 463 81.83 -5.39 -5.61
N ALA H 464 81.71 -6.06 -4.47
CA ALA H 464 82.85 -6.69 -3.82
C ALA H 464 82.55 -8.17 -3.57
N LYS H 465 83.54 -9.01 -3.84
CA LYS H 465 83.45 -10.44 -3.58
C LYS H 465 84.59 -10.83 -2.65
N LYS H 466 84.25 -11.47 -1.54
CA LYS H 466 85.27 -11.97 -0.62
C LYS H 466 86.02 -13.12 -1.27
N ASP H 467 87.26 -12.88 -1.65
CA ASP H 467 88.06 -13.89 -2.34
C ASP H 467 88.23 -15.12 -1.45
N GLU H 468 87.70 -16.25 -1.89
CA GLU H 468 87.76 -17.47 -1.11
C GLU H 468 89.19 -17.98 -1.01
N LYS H 469 89.39 -18.94 -0.11
CA LYS H 469 90.69 -19.55 0.24
C LYS H 469 91.78 -18.49 0.44
N THR H 470 91.39 -17.26 0.76
CA THR H 470 92.31 -16.17 1.05
C THR H 470 91.72 -15.35 2.19
N ASP H 471 92.31 -14.18 2.45
CA ASP H 471 91.79 -13.24 3.41
C ASP H 471 91.53 -11.86 2.83
N THR H 472 91.71 -11.69 1.52
CA THR H 472 91.55 -10.41 0.86
C THR H 472 90.17 -10.29 0.22
N LEU H 473 89.81 -9.07 -0.15
CA LEU H 473 88.55 -8.77 -0.80
C LEU H 473 88.81 -8.14 -2.16
N GLU H 474 87.99 -8.50 -3.14
CA GLU H 474 88.11 -7.96 -4.48
C GLU H 474 87.01 -6.94 -4.75
N ASP H 475 87.17 -6.21 -5.85
CA ASP H 475 86.16 -5.29 -6.36
C ASP H 475 85.72 -5.79 -7.73
N LEU H 476 84.41 -5.91 -7.93
CA LEU H 476 83.90 -6.45 -9.19
C LEU H 476 84.05 -5.46 -10.35
N PHE H 477 84.36 -4.20 -10.08
CA PHE H 477 84.54 -3.18 -11.12
C PHE H 477 85.81 -2.38 -10.83
N PRO H 478 87.00 -2.99 -10.98
CA PRO H 478 88.23 -2.22 -10.79
C PRO H 478 88.45 -1.22 -11.92
N THR H 479 88.30 0.07 -11.62
CA THR H 479 88.33 1.12 -12.63
C THR H 479 89.65 1.86 -12.71
N THR H 480 90.30 2.10 -11.57
CA THR H 480 91.57 2.82 -11.59
C THR H 480 92.61 2.10 -12.45
N LYS H 481 92.50 0.79 -12.58
CA LYS H 481 93.36 0.02 -13.46
C LYS H 481 92.96 0.11 -14.92
N ILE H 482 91.97 0.94 -15.25
CA ILE H 482 91.51 1.11 -16.62
C ILE H 482 91.82 2.55 -17.05
N PRO H 483 92.31 2.75 -18.27
CA PRO H 483 92.63 4.13 -18.71
C PRO H 483 91.39 4.99 -18.94
N ASN H 484 91.63 6.24 -19.32
CA ASN H 484 90.53 7.17 -19.62
C ASN H 484 89.82 6.71 -20.89
N PRO H 485 88.50 6.47 -20.83
CA PRO H 485 87.80 6.01 -22.04
C PRO H 485 87.78 7.02 -23.17
N ARG H 486 87.95 8.31 -22.86
CA ARG H 486 87.84 9.34 -23.88
C ARG H 486 88.99 9.28 -24.87
N PHE H 487 90.19 8.91 -24.42
CA PHE H 487 91.30 8.78 -25.34
C PHE H 487 91.06 7.68 -26.37
N GLN H 488 90.36 6.61 -25.97
CA GLN H 488 90.10 5.50 -26.88
C GLN H 488 89.27 5.95 -28.07
N ARG H 489 88.07 6.46 -27.81
CA ARG H 489 87.21 6.95 -28.89
C ARG H 489 87.82 8.17 -29.57
N LEU H 490 88.61 8.95 -28.84
CA LEU H 490 89.30 10.09 -29.44
C LEU H 490 90.24 9.64 -30.53
N PHE H 491 91.05 8.62 -30.24
CA PHE H 491 91.95 8.08 -31.25
C PHE H 491 91.18 7.36 -32.35
N GLN H 492 90.06 6.72 -32.00
CA GLN H 492 89.20 6.12 -33.02
C GLN H 492 88.77 7.16 -34.05
N CYS H 493 88.21 8.28 -33.58
CA CYS H 493 87.79 9.33 -34.48
C CYS H 493 88.98 9.99 -35.18
N LEU H 494 90.13 10.08 -34.50
CA LEU H 494 91.31 10.65 -35.12
C LEU H 494 91.75 9.83 -36.32
N LEU H 495 91.89 8.51 -36.14
CA LEU H 495 92.30 7.66 -37.24
C LEU H 495 91.25 7.62 -38.33
N HIS H 496 89.96 7.63 -37.97
CA HIS H 496 88.92 7.65 -38.99
C HIS H 496 89.00 8.92 -39.82
N ARG H 497 89.03 10.09 -39.16
CA ARG H 497 89.10 11.35 -39.88
C ARG H 497 90.35 11.45 -40.73
N ALA H 498 91.47 10.94 -40.21
CA ALA H 498 92.70 10.89 -41.01
C ALA H 498 92.50 10.04 -42.26
N LEU H 499 91.86 8.88 -42.11
CA LEU H 499 91.59 8.00 -43.24
C LEU H 499 90.30 8.34 -43.96
N HIS H 500 89.36 8.99 -43.29
CA HIS H 500 88.05 9.33 -43.88
C HIS H 500 87.73 10.77 -43.56
N PRO H 501 88.46 11.72 -44.15
CA PRO H 501 88.07 13.13 -44.00
C PRO H 501 86.71 13.43 -44.59
N ARG H 502 86.34 12.72 -45.66
CA ARG H 502 85.03 12.87 -46.26
C ARG H 502 83.92 12.18 -45.47
N GLU H 503 84.28 11.20 -44.62
CA GLU H 503 83.25 10.48 -43.89
C GLU H 503 83.11 11.03 -42.47
N PRO H 504 81.90 10.95 -41.90
CA PRO H 504 81.70 11.43 -40.53
C PRO H 504 82.44 10.57 -39.53
N LEU H 505 82.65 11.15 -38.35
CA LEU H 505 83.40 10.47 -37.30
C LEU H 505 82.67 9.18 -36.89
N PRO H 506 83.39 8.13 -36.55
CA PRO H 506 82.75 6.85 -36.24
C PRO H 506 82.05 6.92 -34.89
N PRO H 507 81.05 6.07 -34.68
CA PRO H 507 80.37 6.06 -33.37
C PRO H 507 81.25 5.52 -32.27
N ILE H 508 80.74 5.57 -31.04
CA ILE H 508 81.49 5.13 -29.88
C ILE H 508 81.50 3.60 -29.84
N GLN H 509 82.69 3.03 -29.70
CA GLN H 509 82.84 1.58 -29.72
C GLN H 509 82.13 0.94 -28.53
N GLN H 510 81.61 -0.27 -28.75
CA GLN H 510 80.88 -0.96 -27.70
C GLN H 510 81.78 -1.27 -26.50
N HIS H 511 83.04 -1.63 -26.76
CA HIS H 511 83.95 -1.96 -25.67
C HIS H 511 84.15 -0.79 -24.74
N ILE H 512 83.99 0.44 -25.24
CA ILE H 512 84.07 1.61 -24.38
C ILE H 512 82.93 1.61 -23.37
N TRP H 513 81.72 1.26 -23.81
CA TRP H 513 80.63 1.08 -22.87
C TRP H 513 80.90 -0.07 -21.93
N ASN H 514 81.42 -1.18 -22.46
CA ASN H 514 81.64 -2.37 -21.63
C ASN H 514 82.61 -2.09 -20.49
N MET H 515 83.74 -1.45 -20.81
CA MET H 515 84.65 -1.01 -19.76
C MET H 515 84.03 0.07 -18.90
N LEU H 516 83.13 0.87 -19.46
CA LEU H 516 82.47 1.91 -18.69
C LEU H 516 81.39 1.33 -17.79
N ASN H 517 80.64 0.32 -18.26
CA ASN H 517 79.56 -0.24 -17.48
C ASN H 517 80.10 -1.20 -16.42
N PRO H 518 79.44 -1.26 -15.26
CA PRO H 518 79.85 -2.23 -14.22
C PRO H 518 79.31 -3.61 -14.54
N PRO H 519 79.68 -4.63 -13.75
CA PRO H 519 79.11 -5.97 -13.98
C PRO H 519 77.59 -5.97 -13.78
N ALA H 520 76.86 -6.19 -14.88
CA ALA H 520 75.40 -6.11 -14.85
C ALA H 520 74.75 -7.29 -14.16
N GLU H 521 75.51 -8.33 -13.80
CA GLU H 521 74.93 -9.39 -12.97
C GLU H 521 74.53 -8.85 -11.61
N VAL H 522 75.35 -7.96 -11.05
CA VAL H 522 74.99 -7.26 -9.83
C VAL H 522 73.72 -6.44 -10.04
N THR H 523 73.57 -5.86 -11.22
CA THR H 523 72.35 -5.13 -11.54
C THR H 523 71.14 -6.07 -11.57
N THR H 524 71.32 -7.28 -12.12
CA THR H 524 70.24 -8.25 -12.12
C THR H 524 69.86 -8.63 -10.68
N LYS H 525 70.86 -8.76 -9.81
CA LYS H 525 70.58 -8.97 -8.39
C LYS H 525 69.77 -7.82 -7.82
N SER H 526 70.16 -6.59 -8.15
CA SER H 526 69.53 -5.39 -7.60
C SER H 526 68.15 -5.09 -8.19
N GLN H 527 67.79 -5.75 -9.29
CA GLN H 527 66.52 -5.49 -9.96
C GLN H 527 65.35 -5.44 -8.97
N ILE H 528 65.11 -6.55 -8.27
CA ILE H 528 63.99 -6.62 -7.35
C ILE H 528 64.12 -5.60 -6.22
N PRO H 529 65.27 -5.47 -5.54
CA PRO H 529 65.39 -4.38 -4.56
C PRO H 529 65.25 -3.00 -5.18
N LEU H 530 65.57 -2.83 -6.46
CA LEU H 530 65.28 -1.56 -7.12
C LEU H 530 63.78 -1.29 -7.15
N SER H 531 62.99 -2.32 -7.45
CA SER H 531 61.54 -2.17 -7.39
C SER H 531 61.08 -1.86 -5.97
N LYS H 532 61.68 -2.51 -4.98
CA LYS H 532 61.35 -2.22 -3.59
C LYS H 532 61.61 -0.76 -3.26
N ILE H 533 62.77 -0.24 -3.69
CA ILE H 533 63.14 1.13 -3.39
C ILE H 533 62.18 2.11 -4.07
N LYS H 534 61.92 1.90 -5.37
CA LYS H 534 61.06 2.83 -6.08
C LYS H 534 59.62 2.78 -5.59
N THR H 535 59.20 1.64 -5.04
CA THR H 535 57.88 1.56 -4.43
C THR H 535 57.84 2.20 -3.05
N LEU H 536 58.93 2.11 -2.29
CA LEU H 536 58.95 2.59 -0.91
C LEU H 536 59.35 4.04 -0.78
N PHE H 537 60.03 4.62 -1.77
CA PHE H 537 60.54 5.98 -1.65
C PHE H 537 59.81 6.91 -2.61
N PRO H 538 59.21 8.00 -2.11
CA PRO H 538 58.59 8.99 -2.99
C PRO H 538 59.62 9.96 -3.53
N LEU H 539 59.87 9.89 -4.84
CA LEU H 539 60.85 10.74 -5.51
C LEU H 539 60.18 11.42 -6.70
N ILE H 540 59.81 12.69 -6.53
CA ILE H 540 59.24 13.47 -7.63
C ILE H 540 60.39 13.98 -8.48
N GLU H 541 60.07 14.46 -9.68
CA GLU H 541 61.09 14.92 -10.61
C GLU H 541 60.72 16.28 -11.16
N ALA H 542 61.74 17.06 -11.53
CA ALA H 542 61.57 18.38 -12.13
C ALA H 542 61.97 18.31 -13.60
N LYS H 543 61.12 18.86 -14.47
CA LYS H 543 61.35 18.80 -15.91
C LYS H 543 62.35 19.88 -16.34
N LYS H 544 63.25 19.50 -17.24
CA LYS H 544 64.21 20.45 -17.80
C LYS H 544 63.59 21.23 -18.95
N ASN H 593 19.62 8.70 -55.85
CA ASN H 593 20.76 9.60 -56.05
C ASN H 593 22.11 8.96 -55.66
N PRO H 594 22.18 8.27 -54.51
CA PRO H 594 23.39 7.48 -54.23
C PRO H 594 23.49 6.20 -55.02
N ALA H 595 22.56 5.96 -55.96
CA ALA H 595 22.57 4.71 -56.71
C ALA H 595 23.84 4.58 -57.54
N GLU H 596 24.13 5.60 -58.35
CA GLU H 596 25.35 5.60 -59.15
C GLU H 596 26.58 5.62 -58.26
N ASN H 597 26.49 6.29 -57.12
CA ASN H 597 27.61 6.32 -56.18
C ASN H 597 27.98 4.92 -55.73
N PHE H 598 27.00 4.14 -55.27
CA PHE H 598 27.36 2.80 -54.83
C PHE H 598 27.62 1.87 -55.99
N ARG H 599 27.08 2.14 -57.19
CA ARG H 599 27.47 1.36 -58.35
C ARG H 599 28.97 1.50 -58.62
N VAL H 600 29.43 2.75 -58.72
CA VAL H 600 30.85 2.96 -58.99
C VAL H 600 31.69 2.49 -57.81
N LEU H 601 31.15 2.55 -56.59
CA LEU H 601 31.86 2.05 -55.44
C LEU H 601 32.09 0.54 -55.55
N VAL H 602 31.03 -0.22 -55.82
CA VAL H 602 31.15 -1.67 -55.87
C VAL H 602 31.92 -2.13 -57.10
N LYS H 603 31.97 -1.33 -58.16
CA LYS H 603 32.81 -1.67 -59.30
C LYS H 603 34.18 -1.00 -59.25
N GLN H 604 34.50 -0.29 -58.15
CA GLN H 604 35.80 0.34 -58.00
C GLN H 604 36.64 -0.23 -56.87
N LYS H 605 36.02 -0.80 -55.83
CA LYS H 605 36.78 -1.50 -54.80
C LYS H 605 36.28 -2.91 -54.54
N LYS H 606 35.22 -3.36 -55.21
CA LYS H 606 34.85 -4.77 -55.29
C LYS H 606 34.59 -5.37 -53.90
N ALA H 607 33.57 -4.84 -53.24
CA ALA H 607 33.22 -5.31 -51.91
C ALA H 607 31.70 -5.37 -51.76
N SER H 608 31.26 -6.12 -50.76
CA SER H 608 29.83 -6.17 -50.45
C SER H 608 29.31 -4.79 -50.11
N PHE H 609 30.12 -3.98 -49.41
CA PHE H 609 29.84 -2.57 -49.17
C PHE H 609 28.50 -2.40 -48.47
N GLU H 610 28.47 -2.85 -47.21
CA GLU H 610 27.32 -2.62 -46.36
C GLU H 610 26.89 -1.16 -46.33
N GLU H 611 27.82 -0.23 -46.62
CA GLU H 611 27.42 1.15 -46.87
C GLU H 611 26.47 1.23 -48.05
N ALA H 612 26.78 0.54 -49.14
CA ALA H 612 25.88 0.50 -50.28
C ALA H 612 24.57 -0.20 -49.91
N SER H 613 24.66 -1.23 -49.06
CA SER H 613 23.45 -1.91 -48.60
C SER H 613 22.54 -0.95 -47.86
N ASN H 614 23.10 -0.16 -46.95
CA ASN H 614 22.29 0.82 -46.24
C ASN H 614 21.81 1.94 -47.15
N GLN H 615 22.62 2.32 -48.14
CA GLN H 615 22.18 3.32 -49.10
C GLN H 615 20.94 2.85 -49.84
N LEU H 616 20.96 1.62 -50.34
CA LEU H 616 19.79 1.10 -51.04
C LEU H 616 18.63 0.85 -50.10
N ILE H 617 18.92 0.45 -48.86
CA ILE H 617 17.85 0.25 -47.88
C ILE H 617 17.13 1.55 -47.61
N ASN H 618 17.88 2.65 -47.44
CA ASN H 618 17.26 3.95 -47.30
C ASN H 618 16.53 4.37 -48.57
N HIS H 619 17.14 4.11 -49.73
CA HIS H 619 16.58 4.49 -51.01
C HIS H 619 15.23 3.80 -51.25
N ILE H 620 15.04 2.63 -50.65
CA ILE H 620 13.77 1.91 -50.74
C ILE H 620 12.81 2.33 -49.63
N GLU H 621 13.30 2.36 -48.40
CA GLU H 621 12.43 2.32 -47.22
C GLU H 621 11.57 3.57 -47.09
N GLN H 622 12.05 4.71 -47.57
CA GLN H 622 11.32 5.96 -47.34
C GLN H 622 10.18 6.09 -48.33
N PHE H 623 9.38 5.03 -48.46
CA PHE H 623 8.19 4.97 -49.30
C PHE H 623 7.08 4.33 -48.45
N LEU H 624 6.46 5.14 -47.59
CA LEU H 624 5.43 4.66 -46.67
C LEU H 624 4.12 5.42 -46.77
N ASP H 625 4.16 6.74 -46.73
CA ASP H 625 2.98 7.59 -46.94
C ASP H 625 3.14 8.51 -48.14
N THR H 626 4.33 9.06 -48.34
CA THR H 626 4.65 9.82 -49.53
C THR H 626 4.77 8.86 -50.70
N ASN H 627 3.79 8.90 -51.61
CA ASN H 627 3.74 7.97 -52.73
C ASN H 627 4.72 8.45 -53.80
N GLU H 628 5.96 7.98 -53.68
CA GLU H 628 7.04 8.27 -54.62
C GLU H 628 7.20 7.12 -55.61
N THR H 629 6.08 6.57 -56.06
CA THR H 629 6.10 5.45 -57.00
C THR H 629 7.05 5.64 -58.18
N PRO H 630 7.23 6.83 -58.76
CA PRO H 630 8.35 6.99 -59.71
C PRO H 630 9.72 6.84 -59.07
N TYR H 631 9.91 7.43 -57.89
CA TYR H 631 11.11 7.15 -57.14
C TYR H 631 11.19 5.69 -56.75
N PHE H 632 10.03 5.04 -56.54
CA PHE H 632 10.05 3.60 -56.31
C PHE H 632 10.51 2.86 -57.55
N MET H 633 10.17 3.35 -58.74
CA MET H 633 10.65 2.75 -59.98
C MET H 633 12.16 2.87 -60.08
N LYS H 634 12.70 4.08 -59.83
CA LYS H 634 14.15 4.22 -59.85
C LYS H 634 14.79 3.37 -58.76
N SER H 635 14.08 3.17 -57.65
CA SER H 635 14.58 2.35 -56.56
C SER H 635 14.71 0.89 -56.98
N ILE H 636 13.66 0.35 -57.57
CA ILE H 636 13.72 -1.05 -58.02
C ILE H 636 14.75 -1.20 -59.13
N ASP H 637 14.89 -0.17 -59.98
CA ASP H 637 15.88 -0.24 -61.05
C ASP H 637 17.30 -0.30 -60.50
N CYS H 638 17.62 0.55 -59.52
CA CYS H 638 18.96 0.47 -58.94
C CYS H 638 19.13 -0.81 -58.15
N ILE H 639 18.04 -1.39 -57.66
CA ILE H 639 18.12 -2.72 -57.05
C ILE H 639 18.54 -3.75 -58.09
N ARG H 640 17.95 -3.70 -59.28
CA ARG H 640 18.37 -4.62 -60.35
C ARG H 640 19.84 -4.42 -60.69
N ALA H 641 20.25 -3.15 -60.81
CA ALA H 641 21.64 -2.86 -61.17
C ALA H 641 22.61 -3.39 -60.10
N PHE H 642 22.29 -3.18 -58.82
CA PHE H 642 23.14 -3.68 -57.76
C PHE H 642 23.12 -5.20 -57.70
N ARG H 643 21.99 -5.84 -58.01
CA ARG H 643 21.95 -7.29 -58.08
C ARG H 643 22.88 -7.81 -59.17
N GLU H 644 22.86 -7.16 -60.33
CA GLU H 644 23.77 -7.55 -61.41
C GLU H 644 25.22 -7.39 -60.98
N GLU H 645 25.56 -6.23 -60.43
CA GLU H 645 26.94 -5.99 -60.00
C GLU H 645 27.35 -6.95 -58.89
N ALA H 646 26.40 -7.37 -58.07
CA ALA H 646 26.70 -8.32 -56.99
C ALA H 646 26.99 -9.71 -57.55
N ILE H 647 26.15 -10.17 -58.49
CA ILE H 647 26.43 -11.44 -59.14
C ILE H 647 27.73 -11.37 -59.91
N LYS H 648 28.12 -10.18 -60.38
CA LYS H 648 29.33 -10.02 -61.17
C LYS H 648 30.59 -10.40 -60.41
N PHE H 649 30.94 -9.62 -59.38
CA PHE H 649 32.31 -9.69 -58.89
C PHE H 649 32.48 -10.61 -57.69
N SER H 650 31.88 -10.25 -56.56
CA SER H 650 32.03 -11.03 -55.34
C SER H 650 30.77 -11.17 -54.51
N GLU H 651 29.74 -10.38 -54.76
CA GLU H 651 28.59 -10.29 -53.86
C GLU H 651 27.43 -11.16 -54.31
N GLU H 652 27.73 -12.30 -54.95
CA GLU H 652 26.67 -13.20 -55.38
C GLU H 652 25.81 -13.63 -54.21
N GLN H 653 26.41 -14.34 -53.25
CA GLN H 653 25.65 -14.78 -52.07
C GLN H 653 25.30 -13.61 -51.16
N ARG H 654 26.14 -12.58 -51.14
CA ARG H 654 25.84 -11.39 -50.34
C ARG H 654 24.48 -10.82 -50.74
N PHE H 655 24.35 -10.38 -51.98
CA PHE H 655 23.05 -9.89 -52.40
C PHE H 655 22.02 -10.99 -52.57
N ASN H 656 22.43 -12.26 -52.63
CA ASN H 656 21.45 -13.33 -52.56
C ASN H 656 20.65 -13.23 -51.27
N ASN H 657 21.34 -13.27 -50.13
CA ASN H 657 20.65 -13.13 -48.85
C ASN H 657 20.04 -11.75 -48.71
N PHE H 658 20.71 -10.71 -49.19
CA PHE H 658 20.16 -9.36 -49.11
C PHE H 658 18.80 -9.28 -49.80
N LEU H 659 18.75 -9.70 -51.07
CA LEU H 659 17.54 -9.60 -51.87
C LEU H 659 16.45 -10.53 -51.34
N LYS H 660 16.82 -11.73 -50.90
CA LYS H 660 15.83 -12.63 -50.33
C LYS H 660 15.19 -12.01 -49.08
N ALA H 661 16.02 -11.57 -48.14
CA ALA H 661 15.50 -11.01 -46.89
C ALA H 661 14.66 -9.78 -47.16
N LEU H 662 15.11 -8.92 -48.07
CA LEU H 662 14.31 -7.76 -48.44
C LEU H 662 13.02 -8.16 -49.12
N GLN H 663 13.02 -9.31 -49.81
CA GLN H 663 11.81 -9.79 -50.44
C GLN H 663 10.77 -10.18 -49.39
N GLU H 664 11.16 -10.99 -48.40
CA GLU H 664 10.18 -11.25 -47.34
C GLU H 664 9.85 -9.98 -46.55
N LYS H 665 10.79 -9.05 -46.45
CA LYS H 665 10.52 -7.80 -45.75
C LYS H 665 9.41 -7.01 -46.44
N VAL H 666 9.51 -6.86 -47.77
CA VAL H 666 8.45 -6.16 -48.48
C VAL H 666 7.17 -6.98 -48.48
N GLU H 667 7.29 -8.31 -48.42
CA GLU H 667 6.09 -9.14 -48.27
C GLU H 667 5.34 -8.82 -46.99
N ILE H 668 6.07 -8.68 -45.88
CA ILE H 668 5.42 -8.31 -44.62
C ILE H 668 5.10 -6.83 -44.55
N LYS H 669 5.49 -6.05 -45.56
CA LYS H 669 5.10 -4.64 -45.63
C LYS H 669 3.70 -4.57 -46.21
N GLN H 670 2.70 -4.60 -45.32
CA GLN H 670 1.31 -4.53 -45.71
C GLN H 670 0.98 -3.07 -46.02
N LEU H 671 1.11 -2.71 -47.28
CA LEU H 671 0.93 -1.35 -47.75
C LEU H 671 -0.17 -1.33 -48.82
N ASN H 672 -0.33 -0.18 -49.46
CA ASN H 672 -1.08 -0.07 -50.70
C ASN H 672 -0.16 0.07 -51.91
N HIS H 673 1.14 0.24 -51.67
CA HIS H 673 2.19 0.23 -52.71
C HIS H 673 3.27 -0.68 -52.16
N PHE H 674 3.21 -1.96 -52.51
CA PHE H 674 3.92 -2.99 -51.77
C PHE H 674 4.50 -3.98 -52.79
N TRP H 675 4.89 -5.16 -52.28
CA TRP H 675 5.52 -6.18 -53.11
C TRP H 675 4.67 -6.58 -54.31
N GLU H 676 3.42 -6.12 -54.39
CA GLU H 676 2.68 -6.23 -55.64
C GLU H 676 3.47 -5.59 -56.78
N ILE H 677 3.92 -4.36 -56.57
CA ILE H 677 4.66 -3.63 -57.59
C ILE H 677 6.02 -4.28 -57.81
N VAL H 678 6.65 -4.74 -56.73
CA VAL H 678 7.95 -5.40 -56.83
C VAL H 678 7.85 -6.64 -57.71
N VAL H 679 6.83 -7.46 -57.47
CA VAL H 679 6.66 -8.69 -58.24
C VAL H 679 6.29 -8.37 -59.68
N GLN H 680 5.34 -7.46 -59.88
CA GLN H 680 4.87 -7.15 -61.23
C GLN H 680 5.95 -6.49 -62.07
N ASP H 681 6.95 -5.86 -61.45
CA ASP H 681 8.10 -5.34 -62.18
C ASP H 681 9.36 -6.16 -61.96
N GLY H 682 9.50 -6.81 -60.82
CA GLY H 682 10.61 -7.72 -60.61
C GLY H 682 10.28 -9.11 -61.10
N ILE H 683 9.63 -9.19 -62.27
CA ILE H 683 9.44 -10.47 -62.93
C ILE H 683 10.76 -11.09 -63.33
N THR H 684 11.86 -10.34 -63.24
CA THR H 684 13.19 -10.85 -63.54
C THR H 684 13.88 -11.39 -62.29
N LEU H 685 14.05 -10.55 -61.28
CA LEU H 685 14.84 -10.93 -60.10
C LEU H 685 14.24 -10.30 -58.86
N ILE H 686 13.87 -11.15 -57.90
CA ILE H 686 13.34 -10.67 -56.61
C ILE H 686 13.98 -11.42 -55.45
N THR H 687 14.76 -12.45 -55.74
CA THR H 687 15.32 -13.31 -54.70
C THR H 687 16.78 -13.64 -55.07
N LYS H 688 17.32 -14.66 -54.42
CA LYS H 688 18.73 -15.00 -54.54
C LYS H 688 19.06 -15.49 -55.95
N GLU H 689 20.34 -15.29 -56.33
CA GLU H 689 20.85 -15.79 -57.60
C GLU H 689 22.33 -16.10 -57.40
N GLU H 690 22.65 -17.37 -57.15
CA GLU H 690 24.05 -17.75 -56.94
C GLU H 690 24.67 -18.22 -58.26
N ALA H 691 24.21 -19.37 -58.78
CA ALA H 691 24.47 -19.72 -60.16
C ALA H 691 23.18 -20.00 -60.91
N SER H 692 22.42 -20.96 -60.40
CA SER H 692 21.16 -21.42 -60.97
C SER H 692 20.50 -22.32 -59.94
N GLY H 693 19.45 -23.02 -60.34
CA GLY H 693 18.85 -24.03 -59.48
C GLY H 693 18.14 -23.46 -58.28
N SER H 694 18.74 -23.60 -57.10
CA SER H 694 18.16 -23.03 -55.89
C SER H 694 17.90 -21.54 -56.06
N SER H 695 18.71 -20.87 -56.88
CA SER H 695 18.47 -19.46 -57.18
C SER H 695 17.16 -19.25 -57.91
N VAL H 696 17.00 -19.93 -59.06
CA VAL H 696 15.76 -19.77 -59.81
C VAL H 696 14.62 -20.46 -59.09
N THR H 697 14.92 -21.46 -58.25
CA THR H 697 13.89 -22.05 -57.40
C THR H 697 13.36 -21.03 -56.41
N ALA H 698 14.23 -20.20 -55.84
CA ALA H 698 13.78 -19.13 -54.96
C ALA H 698 12.97 -18.09 -55.73
N GLU H 699 13.44 -17.73 -56.93
CA GLU H 699 12.67 -16.81 -57.77
C GLU H 699 11.25 -17.34 -58.00
N GLU H 700 11.14 -18.61 -58.40
CA GLU H 700 9.83 -19.23 -58.59
C GLU H 700 9.06 -19.32 -57.28
N ALA H 701 9.78 -19.48 -56.16
CA ALA H 701 9.12 -19.61 -54.86
C ALA H 701 8.40 -18.33 -54.48
N LYS H 702 9.00 -17.17 -54.75
CA LYS H 702 8.31 -15.93 -54.42
C LYS H 702 7.49 -15.37 -55.57
N LYS H 703 7.99 -15.48 -56.81
CA LYS H 703 7.35 -14.78 -57.93
C LYS H 703 5.93 -15.26 -58.19
N PHE H 704 5.55 -16.43 -57.69
CA PHE H 704 4.19 -16.92 -57.89
C PHE H 704 3.59 -17.45 -56.60
N GLY H 722 -13.51 -5.37 -24.58
CA GLY H 722 -14.64 -4.48 -24.72
C GLY H 722 -14.80 -3.97 -26.14
N GLY H 723 -13.93 -3.03 -26.52
CA GLY H 723 -13.98 -2.51 -27.88
C GLY H 723 -13.74 -3.61 -28.91
N ASP H 724 -12.81 -4.52 -28.64
CA ASP H 724 -12.66 -5.69 -29.49
C ASP H 724 -13.93 -6.53 -29.49
N VAL H 725 -14.50 -6.77 -28.30
CA VAL H 725 -15.76 -7.49 -28.22
C VAL H 725 -16.86 -6.72 -28.93
N ASP H 726 -16.86 -5.39 -28.77
CA ASP H 726 -17.82 -4.57 -29.48
C ASP H 726 -17.75 -4.81 -30.98
N ASP H 727 -16.55 -4.70 -31.54
CA ASP H 727 -16.37 -4.85 -32.98
C ASP H 727 -16.71 -6.26 -33.44
N LEU H 728 -16.37 -7.26 -32.64
CA LEU H 728 -16.57 -8.64 -33.06
C LEU H 728 -17.98 -9.13 -32.84
N LEU H 729 -18.77 -8.46 -32.02
CA LEU H 729 -20.09 -9.04 -31.75
C LEU H 729 -21.25 -8.08 -31.97
N ASP H 730 -21.12 -6.80 -31.60
CA ASP H 730 -22.26 -5.89 -31.70
C ASP H 730 -22.72 -5.74 -33.14
N MET H 731 -21.80 -5.42 -34.04
CA MET H 731 -22.04 -5.49 -35.47
C MET H 731 -21.27 -6.62 -36.13
N ILE H 732 -20.52 -7.40 -35.34
CA ILE H 732 -19.79 -8.58 -35.78
C ILE H 732 -18.66 -8.22 -36.74
N SER I 5 25.59 -19.41 52.53
CA SER I 5 26.40 -19.30 51.31
C SER I 5 25.95 -20.32 50.26
N PRO I 6 24.94 -19.96 49.48
CA PRO I 6 24.45 -20.87 48.43
C PRO I 6 25.52 -21.10 47.38
N PRO I 7 25.69 -22.35 46.95
CA PRO I 7 26.70 -22.64 45.93
C PRO I 7 26.24 -22.28 44.53
N LEU I 8 27.22 -22.22 43.62
CA LEU I 8 26.95 -21.97 42.22
C LEU I 8 28.11 -22.51 41.39
N CYS I 9 27.89 -22.63 40.09
CA CYS I 9 28.90 -23.15 39.19
C CYS I 9 28.67 -22.60 37.80
N THR I 10 29.69 -22.74 36.95
CA THR I 10 29.62 -22.31 35.56
C THR I 10 30.02 -23.47 34.65
N LEU I 11 29.39 -23.53 33.48
CA LEU I 11 29.69 -24.58 32.53
C LEU I 11 30.22 -23.98 31.23
N PRO I 12 31.22 -24.62 30.59
CA PRO I 12 31.89 -25.89 30.98
C PRO I 12 32.68 -25.79 32.28
N PRO I 13 32.77 -26.89 33.02
CA PRO I 13 33.42 -26.84 34.34
C PRO I 13 34.92 -26.61 34.23
N GLY I 14 35.48 -26.09 35.33
CA GLY I 14 36.90 -25.82 35.40
C GLY I 14 37.22 -24.38 35.08
N PRO I 15 38.52 -24.08 34.92
CA PRO I 15 38.93 -22.71 34.58
C PRO I 15 38.71 -22.33 33.13
N GLU I 16 38.12 -23.23 32.33
CA GLU I 16 37.82 -22.91 30.94
C GLU I 16 36.78 -21.80 30.87
N PRO I 17 36.91 -20.85 29.94
CA PRO I 17 35.94 -19.76 29.83
C PRO I 17 34.53 -20.29 29.61
N PRO I 18 33.62 -20.07 30.56
CA PRO I 18 32.31 -20.71 30.50
C PRO I 18 31.28 -19.94 29.69
N ARG I 19 30.10 -20.54 29.53
CA ARG I 19 28.99 -19.90 28.84
C ARG I 19 27.68 -19.92 29.63
N PHE I 20 27.54 -20.80 30.62
CA PHE I 20 26.33 -20.91 31.42
C PHE I 20 26.70 -20.80 32.90
N VAL I 21 25.69 -20.50 33.72
CA VAL I 21 25.85 -20.46 35.16
C VAL I 21 24.64 -21.13 35.81
N CYS I 22 24.90 -21.95 36.82
CA CYS I 22 23.88 -22.62 37.61
C CYS I 22 24.08 -22.27 39.07
N TYR I 23 22.98 -22.05 39.79
CA TYR I 23 23.04 -21.55 41.16
C TYR I 23 21.73 -21.87 41.86
N CYS I 24 21.71 -21.61 43.17
CA CYS I 24 20.52 -21.76 43.98
C CYS I 24 20.39 -20.55 44.89
N GLU I 25 19.16 -20.28 45.32
CA GLU I 25 18.86 -19.13 46.14
C GLU I 25 17.99 -19.54 47.33
N GLY I 26 18.05 -18.73 48.37
CA GLY I 26 17.29 -18.99 49.58
C GLY I 26 18.04 -19.82 50.59
N GLU I 27 17.33 -20.75 51.24
CA GLU I 27 17.92 -21.68 52.20
C GLU I 27 18.59 -20.92 53.35
N GLU I 28 17.77 -20.18 54.09
CA GLU I 28 18.22 -19.44 55.26
C GLU I 28 17.71 -20.14 56.52
N SER I 29 18.61 -20.45 57.44
CA SER I 29 18.28 -21.19 58.64
C SER I 29 18.82 -20.45 59.87
N GLY I 30 18.40 -20.91 61.04
CA GLY I 30 18.81 -20.28 62.29
C GLY I 30 17.75 -19.34 62.84
N GLU I 31 18.14 -18.08 63.05
CA GLU I 31 17.18 -17.09 63.53
C GLU I 31 16.10 -16.82 62.48
N GLY I 32 16.48 -16.81 61.21
CA GLY I 32 15.54 -16.57 60.14
C GLY I 32 14.70 -17.79 59.81
N ASP I 33 13.82 -17.61 58.82
CA ASP I 33 12.90 -18.65 58.39
C ASP I 33 13.41 -19.34 57.14
N ARG I 34 13.03 -20.61 56.99
CA ARG I 34 13.39 -21.38 55.81
C ARG I 34 12.66 -20.80 54.59
N GLY I 35 13.41 -20.21 53.68
CA GLY I 35 12.83 -19.60 52.49
C GLY I 35 12.42 -20.61 51.45
N GLY I 36 12.36 -20.16 50.20
CA GLY I 36 12.00 -21.02 49.11
C GLY I 36 13.15 -21.91 48.66
N PHE I 37 12.86 -22.71 47.63
CA PHE I 37 13.84 -23.62 47.06
C PHE I 37 13.81 -23.45 45.54
N ASN I 38 14.72 -22.64 45.02
CA ASN I 38 14.76 -22.34 43.59
C ASN I 38 16.18 -22.46 43.08
N LEU I 39 16.35 -23.25 42.02
CA LEU I 39 17.63 -23.39 41.32
C LEU I 39 17.46 -22.83 39.92
N TYR I 40 18.26 -21.83 39.58
CA TYR I 40 18.13 -21.13 38.31
C TYR I 40 19.39 -21.34 37.46
N VAL I 41 19.19 -21.55 36.17
CA VAL I 41 20.27 -21.65 35.19
C VAL I 41 20.05 -20.60 34.13
N THR I 42 21.08 -19.81 33.85
CA THR I 42 20.96 -18.73 32.87
C THR I 42 22.28 -18.53 32.16
N ASP I 43 22.21 -17.92 30.98
CA ASP I 43 23.38 -17.62 30.17
C ASP I 43 23.46 -16.14 29.83
N ALA I 44 22.91 -15.30 30.70
CA ALA I 44 22.78 -13.85 30.51
C ALA I 44 21.93 -13.47 29.30
N ALA I 45 21.23 -14.45 28.71
CA ALA I 45 20.33 -14.19 27.60
C ALA I 45 18.96 -14.85 27.75
N GLU I 46 18.85 -15.91 28.54
CA GLU I 46 17.56 -16.57 28.77
C GLU I 46 17.65 -17.37 30.05
N LEU I 47 16.81 -17.03 31.02
CA LEU I 47 16.81 -17.69 32.32
C LEU I 47 15.88 -18.90 32.30
N TRP I 48 16.15 -19.86 33.18
CA TRP I 48 15.29 -21.02 33.37
C TRP I 48 15.15 -21.29 34.86
N SER I 49 13.92 -21.56 35.29
CA SER I 49 13.60 -21.74 36.70
C SER I 49 12.91 -23.09 36.92
N THR I 50 13.05 -23.60 38.13
CA THR I 50 12.39 -24.85 38.48
C THR I 50 10.88 -24.70 38.48
N CYS I 51 10.37 -23.63 39.10
CA CYS I 51 8.93 -23.40 39.23
C CYS I 51 8.24 -24.59 39.88
N PHE I 52 8.87 -25.14 40.91
CA PHE I 52 8.35 -26.31 41.61
C PHE I 52 7.36 -25.89 42.69
N THR I 53 6.55 -26.85 43.10
CA THR I 53 5.59 -26.71 44.20
C THR I 53 5.91 -27.73 45.28
N PRO I 54 5.53 -27.46 46.53
CA PRO I 54 5.86 -28.42 47.60
C PRO I 54 5.35 -29.83 47.36
N ASP I 55 4.14 -29.99 46.82
CA ASP I 55 3.65 -31.32 46.50
C ASP I 55 4.44 -31.95 45.37
N SER I 56 4.76 -31.17 44.33
CA SER I 56 5.56 -31.70 43.23
C SER I 56 6.96 -32.07 43.70
N LEU I 57 7.56 -31.24 44.55
CA LEU I 57 8.88 -31.55 45.09
C LEU I 57 8.85 -32.80 45.95
N ALA I 58 7.80 -32.95 46.77
CA ALA I 58 7.65 -34.15 47.59
C ALA I 58 7.53 -35.39 46.73
N ALA I 59 6.69 -35.33 45.69
CA ALA I 59 6.56 -36.47 44.79
C ALA I 59 7.88 -36.77 44.09
N LEU I 60 8.58 -35.74 43.65
CA LEU I 60 9.85 -35.93 42.94
C LEU I 60 10.88 -36.60 43.84
N LYS I 61 11.00 -36.15 45.09
CA LYS I 61 11.97 -36.78 45.98
C LYS I 61 11.52 -38.15 46.46
N ALA I 62 10.20 -38.43 46.45
CA ALA I 62 9.73 -39.75 46.80
C ALA I 62 10.01 -40.75 45.68
N ARG I 63 9.84 -40.33 44.43
CA ARG I 63 10.06 -41.25 43.31
C ARG I 63 11.55 -41.57 43.13
N PHE I 64 12.42 -40.58 43.33
CA PHE I 64 13.86 -40.79 43.16
C PHE I 64 14.51 -41.42 44.38
N GLY I 65 13.77 -41.66 45.45
CA GLY I 65 14.30 -42.34 46.62
C GLY I 65 14.87 -41.47 47.70
N LEU I 66 14.62 -40.16 47.67
CA LEU I 66 15.09 -39.27 48.72
C LEU I 66 14.03 -39.08 49.79
N SER I 67 14.46 -38.64 50.96
CA SER I 67 13.58 -38.35 52.08
C SER I 67 13.59 -36.85 52.36
N ALA I 68 12.87 -36.46 53.42
CA ALA I 68 12.81 -35.05 53.80
C ALA I 68 14.03 -34.59 54.58
N ALA I 69 14.90 -35.52 55.00
CA ALA I 69 16.08 -35.18 55.78
C ALA I 69 17.30 -34.86 54.93
N GLU I 70 17.23 -35.05 53.61
CA GLU I 70 18.35 -34.78 52.72
C GLU I 70 18.02 -33.56 51.88
N ASP I 71 18.77 -32.49 52.08
CA ASP I 71 18.62 -31.28 51.29
C ASP I 71 19.45 -31.38 50.01
N ILE I 72 18.95 -30.75 48.95
CA ILE I 72 19.60 -30.88 47.65
C ILE I 72 20.75 -29.87 47.50
N THR I 73 20.70 -28.75 48.23
CA THR I 73 21.78 -27.78 48.14
C THR I 73 23.14 -28.30 48.58
N PRO I 74 23.28 -29.08 49.66
CA PRO I 74 24.60 -29.68 49.94
C PRO I 74 25.09 -30.59 48.81
N ARG I 75 24.17 -31.32 48.18
CA ARG I 75 24.55 -32.16 47.05
C ARG I 75 25.03 -31.31 45.88
N PHE I 76 24.35 -30.19 45.63
CA PHE I 76 24.79 -29.27 44.58
C PHE I 76 26.17 -28.69 44.92
N ARG I 77 26.41 -28.38 46.19
CA ARG I 77 27.71 -27.88 46.60
C ARG I 77 28.80 -28.93 46.38
N ALA I 78 28.52 -30.18 46.73
CA ALA I 78 29.48 -31.25 46.50
C ALA I 78 29.78 -31.44 45.02
N ALA I 79 28.73 -31.39 44.19
CA ALA I 79 28.93 -31.49 42.74
C ALA I 79 29.74 -30.32 42.22
N CYS I 80 29.50 -29.12 42.75
CA CYS I 80 30.28 -27.95 42.35
C CYS I 80 31.75 -28.13 42.70
N GLU I 81 32.02 -28.68 43.89
CA GLU I 81 33.40 -28.97 44.26
C GLU I 81 34.02 -30.01 43.33
N GLN I 82 33.26 -31.04 42.97
CA GLN I 82 33.77 -32.11 42.12
C GLN I 82 33.55 -31.85 40.63
N GLN I 83 32.88 -30.74 40.28
CA GLN I 83 32.58 -30.40 38.89
C GLN I 83 31.78 -31.52 38.21
N ALA I 84 30.60 -31.78 38.76
CA ALA I 84 29.74 -32.85 38.27
C ALA I 84 28.37 -32.32 37.88
N VAL I 85 28.34 -31.20 37.15
CA VAL I 85 27.10 -30.59 36.70
C VAL I 85 27.06 -30.61 35.17
N ALA I 86 25.91 -31.02 34.62
CA ALA I 86 25.73 -31.09 33.18
C ALA I 86 24.36 -30.51 32.83
N LEU I 87 24.29 -29.87 31.66
CA LEU I 87 23.06 -29.25 31.19
C LEU I 87 22.72 -29.77 29.80
N THR I 88 21.46 -30.11 29.60
CA THR I 88 20.95 -30.56 28.30
C THR I 88 19.76 -29.70 27.92
N LEU I 89 19.83 -29.06 26.76
CA LEU I 89 18.77 -28.20 26.26
C LEU I 89 18.31 -28.68 24.89
N GLN I 90 16.99 -28.69 24.69
CA GLN I 90 16.44 -29.10 23.40
C GLN I 90 16.18 -27.91 22.49
N GLU I 91 15.25 -27.01 22.87
CA GLU I 91 15.24 -25.69 22.25
C GLU I 91 15.14 -24.57 23.27
N ASP I 92 14.32 -24.73 24.32
CA ASP I 92 14.23 -23.76 25.39
C ASP I 92 14.07 -24.41 26.76
N ARG I 93 13.98 -25.73 26.85
CA ARG I 93 13.71 -26.44 28.09
C ARG I 93 14.95 -27.23 28.48
N ALA I 94 15.40 -27.04 29.71
CA ALA I 94 16.67 -27.58 30.18
C ALA I 94 16.45 -28.64 31.26
N SER I 95 17.33 -29.63 31.27
CA SER I 95 17.35 -30.66 32.31
C SER I 95 18.78 -30.75 32.84
N LEU I 96 18.96 -30.46 34.13
CA LEU I 96 20.28 -30.52 34.74
C LEU I 96 20.48 -31.89 35.37
N THR I 97 21.66 -32.46 35.20
CA THR I 97 22.05 -33.71 35.80
C THR I 97 23.06 -33.42 36.90
N LEU I 98 22.78 -33.89 38.11
CA LEU I 98 23.64 -33.67 39.27
C LEU I 98 24.25 -35.02 39.64
N SER I 99 25.49 -35.24 39.24
CA SER I 99 26.18 -36.51 39.45
C SER I 99 27.30 -36.40 40.48
N GLY I 100 27.17 -35.47 41.42
CA GLY I 100 28.18 -35.34 42.47
C GLY I 100 28.24 -36.56 43.37
N GLY I 101 27.08 -37.12 43.70
CA GLY I 101 27.01 -38.29 44.54
C GLY I 101 27.04 -39.59 43.74
N PRO I 102 26.73 -40.71 44.40
CA PRO I 102 26.76 -41.99 43.69
C PRO I 102 25.68 -42.12 42.62
N SER I 103 24.55 -41.44 42.79
CA SER I 103 23.42 -41.55 41.86
C SER I 103 23.18 -40.18 41.23
N ALA I 104 23.07 -40.15 39.90
CA ALA I 104 22.86 -38.92 39.17
C ALA I 104 21.38 -38.53 39.22
N LEU I 105 21.09 -37.38 39.80
CA LEU I 105 19.72 -36.88 39.89
C LEU I 105 19.40 -35.98 38.71
N ALA I 106 18.17 -36.05 38.23
CA ALA I 106 17.71 -35.28 37.09
C ALA I 106 16.64 -34.29 37.53
N PHE I 107 16.81 -33.03 37.18
CA PHE I 107 15.86 -31.96 37.51
C PHE I 107 15.42 -31.28 36.21
N ASP I 108 14.13 -30.97 36.13
CA ASP I 108 13.54 -30.40 34.93
C ASP I 108 13.32 -28.90 35.12
N LEU I 109 13.76 -28.12 34.13
CA LEU I 109 13.72 -26.67 34.19
C LEU I 109 12.79 -26.14 33.10
N SER I 110 11.94 -25.18 33.46
CA SER I 110 10.99 -24.61 32.51
C SER I 110 11.46 -23.25 32.03
N LYS I 111 10.73 -22.72 31.04
CA LYS I 111 11.06 -21.41 30.48
C LYS I 111 10.74 -20.30 31.48
N VAL I 112 11.43 -19.18 31.33
CA VAL I 112 11.27 -18.01 32.19
C VAL I 112 10.87 -16.84 31.30
N PRO I 113 9.81 -16.10 31.63
CA PRO I 113 9.46 -14.91 30.85
C PRO I 113 10.50 -13.81 31.01
N GLY I 114 10.56 -12.96 30.00
CA GLY I 114 11.46 -11.82 30.00
C GLY I 114 11.25 -10.87 31.15
N PRO I 115 9.99 -10.49 31.43
CA PRO I 115 9.71 -9.65 32.61
C PRO I 115 10.10 -10.28 33.93
N GLU I 116 10.53 -11.54 33.95
CA GLU I 116 11.12 -12.15 35.13
C GLU I 116 12.60 -12.45 34.97
N ALA I 117 13.05 -12.75 33.74
CA ALA I 117 14.47 -13.01 33.51
C ALA I 117 15.29 -11.74 33.67
N ALA I 118 14.83 -10.63 33.08
CA ALA I 118 15.59 -9.39 33.18
C ALA I 118 15.70 -8.86 34.61
N PRO I 119 14.62 -8.77 35.41
CA PRO I 119 14.81 -8.36 36.81
C PRO I 119 15.70 -9.33 37.58
N ARG I 120 15.58 -10.62 37.32
CA ARG I 120 16.46 -11.60 37.97
C ARG I 120 17.91 -11.36 37.56
N LEU I 121 18.15 -11.05 36.29
CA LEU I 121 19.51 -10.81 35.83
C LEU I 121 20.10 -9.57 36.48
N ARG I 122 19.32 -8.48 36.56
CA ARG I 122 19.86 -7.26 37.15
C ARG I 122 19.97 -7.34 38.67
N ALA I 123 19.21 -8.22 39.32
CA ALA I 123 19.46 -8.49 40.74
C ALA I 123 20.71 -9.36 40.93
N LEU I 124 20.86 -10.38 40.08
CA LEU I 124 22.00 -11.27 40.18
C LEU I 124 23.32 -10.61 39.84
N THR I 125 23.31 -9.55 39.04
CA THR I 125 24.55 -8.81 38.80
C THR I 125 25.14 -8.29 40.10
N LEU I 126 24.33 -7.56 40.88
CA LEU I 126 24.80 -7.08 42.18
C LEU I 126 24.97 -8.23 43.17
N GLY I 127 24.18 -9.30 43.01
CA GLY I 127 24.38 -10.47 43.86
C GLY I 127 25.78 -11.04 43.73
N LEU I 128 26.21 -11.30 42.49
CA LEU I 128 27.58 -11.79 42.28
C LEU I 128 28.61 -10.73 42.63
N ALA I 129 28.30 -9.45 42.43
CA ALA I 129 29.22 -8.39 42.82
C ALA I 129 29.53 -8.46 44.31
N LYS I 130 28.49 -8.48 45.15
CA LYS I 130 28.71 -8.57 46.59
C LYS I 130 29.30 -9.93 46.98
N ARG I 131 28.93 -10.98 46.26
CA ARG I 131 29.48 -12.30 46.56
C ARG I 131 31.00 -12.32 46.38
N VAL I 132 31.49 -11.84 45.22
CA VAL I 132 32.93 -11.82 44.99
C VAL I 132 33.61 -10.81 45.92
N TRP I 133 32.93 -9.69 46.23
CA TRP I 133 33.51 -8.71 47.15
C TRP I 133 33.75 -9.32 48.52
N SER I 134 32.80 -10.11 49.01
CA SER I 134 33.00 -10.80 50.29
C SER I 134 34.02 -11.92 50.17
N LEU I 135 33.99 -12.66 49.06
CA LEU I 135 34.90 -13.80 48.91
C LEU I 135 36.35 -13.37 48.81
N GLU I 136 36.62 -12.14 48.35
CA GLU I 136 37.99 -11.65 48.35
C GLU I 136 38.58 -11.68 49.75
N ARG I 137 37.94 -10.99 50.71
CA ARG I 137 38.44 -11.00 52.07
C ARG I 137 38.28 -12.37 52.72
N ARG I 138 37.29 -13.15 52.29
CA ARG I 138 37.14 -14.50 52.81
C ARG I 138 38.36 -15.36 52.48
N LEU I 139 38.79 -15.36 51.22
CA LEU I 139 39.96 -16.12 50.84
C LEU I 139 41.22 -15.52 51.45
N ALA I 140 41.27 -14.20 51.60
CA ALA I 140 42.42 -13.58 52.26
C ALA I 140 42.56 -14.11 53.69
N ALA I 141 41.46 -14.12 54.45
CA ALA I 141 41.51 -14.62 55.82
C ALA I 141 41.76 -16.13 55.86
N ALA I 142 41.27 -16.87 54.87
CA ALA I 142 41.43 -18.32 54.88
C ALA I 142 42.85 -18.73 54.53
N GLU I 143 43.52 -18.01 53.63
CA GLU I 143 44.84 -18.40 53.15
C GLU I 143 45.98 -17.71 53.88
N GLU I 144 45.90 -16.39 54.06
CA GLU I 144 47.01 -15.67 54.68
C GLU I 144 47.23 -16.09 56.12
N THR I 145 46.15 -16.26 56.88
CA THR I 145 46.27 -16.65 58.28
C THR I 145 45.34 -17.81 58.62
N CYS I 180 78.03 36.19 17.10
CA CYS I 180 77.41 34.87 17.12
C CYS I 180 78.43 33.79 17.45
N PRO I 181 78.07 32.89 18.35
CA PRO I 181 78.96 31.76 18.68
C PRO I 181 79.28 30.95 17.44
N GLY I 182 80.57 30.70 17.22
CA GLY I 182 81.02 30.01 16.04
C GLY I 182 81.08 30.85 14.80
N GLU I 183 80.77 32.15 14.90
CA GLU I 183 80.78 33.06 13.76
C GLU I 183 81.61 34.29 14.12
N SER I 184 82.40 34.75 13.16
CA SER I 184 83.22 35.93 13.39
C SER I 184 82.33 37.15 13.56
N LEU I 185 82.64 37.96 14.58
CA LEU I 185 81.88 39.19 14.80
C LEU I 185 82.12 40.20 13.70
N ILE I 186 83.25 40.14 13.01
CA ILE I 186 83.49 41.02 11.87
C ILE I 186 82.53 40.71 10.74
N ASN I 187 82.38 39.43 10.40
CA ASN I 187 81.47 38.96 9.36
C ASN I 187 80.63 37.83 9.92
N PRO I 188 79.62 38.14 10.73
CA PRO I 188 78.72 37.08 11.22
C PRO I 188 78.04 36.37 10.05
N GLY I 189 77.89 35.06 10.18
CA GLY I 189 77.60 34.20 9.07
C GLY I 189 78.83 33.56 8.46
N PHE I 190 80.01 34.09 8.75
CA PHE I 190 81.28 33.49 8.39
C PHE I 190 81.92 32.93 9.66
N LYS I 191 82.60 31.80 9.52
CA LYS I 191 83.17 31.12 10.68
C LYS I 191 84.18 32.01 11.39
N SER I 192 84.12 32.01 12.72
CA SER I 192 85.05 32.79 13.51
C SER I 192 86.48 32.34 13.26
N LYS I 193 87.39 33.31 13.08
CA LYS I 193 88.77 33.04 12.71
C LYS I 193 89.65 33.05 13.96
N LYS I 194 90.45 32.00 14.10
CA LYS I 194 91.47 32.00 15.13
C LYS I 194 92.83 32.33 14.51
N PRO I 195 93.71 32.99 15.27
CA PRO I 195 95.01 33.38 14.72
C PRO I 195 95.85 32.16 14.31
N ALA I 196 96.64 32.36 13.26
CA ALA I 196 97.53 31.30 12.80
C ALA I 196 98.65 31.06 13.80
N GLY I 197 98.96 29.79 14.04
CA GLY I 197 99.99 29.42 14.98
C GLY I 197 101.19 28.76 14.33
N GLY I 198 100.96 28.03 13.25
CA GLY I 198 102.07 27.39 12.54
C GLY I 198 102.49 26.11 13.23
N VAL I 199 103.80 25.99 13.47
CA VAL I 199 104.40 24.78 14.00
C VAL I 199 104.84 25.02 15.43
N ASP I 200 104.55 24.07 16.32
CA ASP I 200 104.92 24.18 17.73
C ASP I 200 105.19 22.79 18.28
N PHE I 201 106.47 22.42 18.34
CA PHE I 201 106.86 21.13 18.88
C PHE I 201 106.54 21.05 20.37
N ASP I 202 106.12 19.86 20.81
CA ASP I 202 105.77 19.64 22.22
C ASP I 202 106.63 18.55 22.84
N MET J 1 141.72 62.03 70.59
CA MET J 1 141.69 62.89 71.78
C MET J 1 141.22 64.29 71.43
N GLU J 2 140.31 64.82 72.24
CA GLU J 2 139.78 66.17 72.03
C GLU J 2 139.43 66.77 73.37
N ARG J 3 139.71 68.07 73.51
CA ARG J 3 139.43 68.81 74.73
C ARG J 3 138.69 70.09 74.39
N LYS J 4 137.61 70.37 75.11
CA LYS J 4 136.82 71.57 74.92
C LYS J 4 136.98 72.47 76.14
N ILE J 5 137.29 73.74 75.90
CA ILE J 5 137.58 74.69 76.97
C ILE J 5 136.43 75.69 77.06
N SER J 6 135.92 75.88 78.27
CA SER J 6 134.86 76.84 78.53
C SER J 6 135.19 77.64 79.79
N ARG J 7 134.65 78.85 79.87
CA ARG J 7 134.86 79.73 81.01
C ARG J 7 133.50 80.24 81.50
N ILE J 8 133.15 79.86 82.73
CA ILE J 8 131.93 80.35 83.38
C ILE J 8 132.30 80.88 84.75
N HIS J 9 131.58 81.91 85.18
CA HIS J 9 131.85 82.56 86.45
C HIS J 9 131.05 81.92 87.57
N LEU J 10 131.70 81.73 88.72
CA LEU J 10 131.04 81.18 89.90
C LEU J 10 130.25 82.27 90.61
N VAL J 11 129.02 81.94 91.00
CA VAL J 11 128.17 82.92 91.68
C VAL J 11 128.74 83.28 93.05
N SER J 12 129.36 82.30 93.73
CA SER J 12 129.92 82.57 95.05
C SER J 12 131.08 83.56 94.99
N GLU J 13 131.96 83.42 93.99
CA GLU J 13 133.11 84.28 93.86
C GLU J 13 133.48 84.41 92.39
N PRO J 14 133.59 85.63 91.86
CA PRO J 14 133.80 85.79 90.41
C PRO J 14 135.24 85.67 89.96
N SER J 15 136.22 85.85 90.86
CA SER J 15 137.62 85.81 90.46
C SER J 15 138.09 84.40 90.07
N ILE J 16 137.30 83.37 90.34
CA ILE J 16 137.63 82.00 89.98
C ILE J 16 136.60 81.50 88.98
N THR J 17 137.09 80.98 87.86
CA THR J 17 136.24 80.51 86.78
C THR J 17 136.43 79.01 86.58
N HIS J 18 135.33 78.33 86.24
CA HIS J 18 135.38 76.90 86.00
C HIS J 18 136.10 76.60 84.68
N PHE J 19 136.87 75.51 84.69
CA PHE J 19 137.66 75.09 83.53
C PHE J 19 137.25 73.67 83.17
N LEU J 20 136.64 73.50 82.00
CA LEU J 20 136.13 72.21 81.57
C LEU J 20 137.16 71.48 80.72
N GLN J 21 137.16 70.15 80.85
CA GLN J 21 138.06 69.29 80.09
C GLN J 21 137.29 68.08 79.55
N VAL J 22 136.10 68.32 79.01
CA VAL J 22 135.24 67.23 78.57
C VAL J 22 135.84 66.55 77.34
N SER J 23 135.80 65.22 77.33
CA SER J 23 136.34 64.41 76.25
C SER J 23 135.34 63.32 75.86
N TRP J 24 134.09 63.73 75.65
CA TRP J 24 133.05 62.77 75.29
C TRP J 24 133.35 62.12 73.95
N GLU J 25 133.15 60.80 73.89
CA GLU J 25 133.42 60.06 72.67
C GLU J 25 132.25 60.13 71.70
N LYS J 26 131.11 59.58 72.11
CA LYS J 26 129.91 59.62 71.27
C LYS J 26 128.64 60.05 72.01
N THR J 27 128.59 59.94 73.34
CA THR J 27 127.47 60.42 74.13
C THR J 27 128.01 61.21 75.31
N LEU J 28 127.35 62.33 75.62
CA LEU J 28 127.77 63.18 76.73
C LEU J 28 127.65 62.47 78.08
N GLU J 29 126.91 61.36 78.14
CA GLU J 29 126.83 60.58 79.35
C GLU J 29 128.19 60.03 79.78
N SER J 30 129.14 59.96 78.86
CA SER J 30 130.47 59.46 79.18
C SER J 30 131.17 60.37 80.19
N GLY J 31 132.23 59.85 80.79
CA GLY J 31 132.92 60.57 81.83
C GLY J 31 133.62 61.82 81.32
N PHE J 32 133.66 62.84 82.18
CA PHE J 32 134.35 64.09 81.86
C PHE J 32 134.89 64.67 83.16
N VAL J 33 135.93 65.48 83.03
CA VAL J 33 136.65 66.04 84.17
C VAL J 33 136.55 67.56 84.14
N ILE J 34 136.34 68.15 85.31
CA ILE J 34 136.25 69.60 85.48
C ILE J 34 137.13 70.00 86.65
N THR J 35 137.88 71.09 86.49
CA THR J 35 138.88 71.51 87.46
C THR J 35 138.50 72.87 88.04
N LEU J 36 138.55 72.97 89.37
CA LEU J 36 138.37 74.22 90.07
C LEU J 36 139.37 74.30 91.22
N THR J 37 139.92 75.48 91.45
CA THR J 37 140.90 75.69 92.52
C THR J 37 140.64 77.03 93.18
N ASP J 38 141.11 77.16 94.42
CA ASP J 38 140.99 78.39 95.20
C ASP J 38 142.33 78.91 95.66
N GLY J 39 143.42 78.54 94.97
CA GLY J 39 144.75 78.97 95.33
C GLY J 39 145.49 78.06 96.28
N HIS J 40 144.85 77.02 96.79
CA HIS J 40 145.50 76.10 97.72
C HIS J 40 145.53 74.66 97.24
N SER J 41 144.45 74.17 96.62
CA SER J 41 144.40 72.80 96.14
C SER J 41 143.34 72.69 95.05
N ALA J 42 143.43 71.58 94.30
CA ALA J 42 142.54 71.34 93.18
C ALA J 42 141.85 69.98 93.33
N TRP J 43 140.68 69.88 92.70
CA TRP J 43 139.88 68.67 92.75
C TRP J 43 139.42 68.29 91.35
N THR J 44 139.57 67.02 91.01
CA THR J 44 139.06 66.44 89.78
C THR J 44 137.93 65.47 90.13
N GLY J 45 137.44 64.75 89.13
CA GLY J 45 136.38 63.79 89.37
C GLY J 45 136.17 62.89 88.17
N THR J 46 135.41 61.82 88.41
CA THR J 46 135.07 60.85 87.38
C THR J 46 133.56 60.71 87.30
N VAL J 47 133.05 60.50 86.09
CA VAL J 47 131.63 60.35 85.83
C VAL J 47 131.39 58.96 85.27
N SER J 48 130.43 58.25 85.86
CA SER J 48 130.11 56.90 85.42
C SER J 48 128.61 56.73 85.20
N GLU J 49 128.17 55.51 84.91
CA GLU J 49 126.77 55.23 84.63
C GLU J 49 125.94 55.01 85.89
N SER J 50 126.57 54.79 87.05
CA SER J 50 125.87 54.41 88.27
C SER J 50 125.92 55.47 89.35
N GLU J 51 126.41 56.68 89.05
CA GLU J 51 126.48 57.73 90.05
C GLU J 51 125.67 58.97 89.71
N ILE J 52 125.12 59.07 88.50
CA ILE J 52 124.33 60.24 88.11
C ILE J 52 122.99 59.79 87.57
N SER J 53 122.58 58.56 87.93
CA SER J 53 121.30 58.00 87.52
C SER J 53 120.25 58.09 88.62
N GLN J 54 120.51 58.84 89.69
CA GLN J 54 119.55 58.95 90.79
C GLN J 54 118.29 59.68 90.35
N GLU J 55 118.40 60.62 89.41
CA GLU J 55 117.26 61.42 88.98
C GLU J 55 116.46 60.76 87.87
N ALA J 56 116.91 59.62 87.34
CA ALA J 56 116.26 58.96 86.23
C ALA J 56 115.33 57.83 86.66
N ASP J 57 115.08 57.68 87.96
CA ASP J 57 114.20 56.64 88.46
C ASP J 57 113.05 57.16 89.31
N ASP J 58 113.24 58.27 90.04
CA ASP J 58 112.15 58.81 90.84
C ASP J 58 110.98 59.26 89.96
N MET J 59 111.28 59.93 88.84
CA MET J 59 110.25 60.35 87.89
C MET J 59 110.27 59.54 86.61
N ALA J 60 111.21 58.60 86.46
CA ALA J 60 111.29 57.72 85.29
C ALA J 60 111.39 58.54 83.99
N MET J 61 112.48 59.31 83.89
CA MET J 61 112.74 60.14 82.73
C MET J 61 113.73 59.41 81.81
N GLU J 62 113.38 59.33 80.53
CA GLU J 62 114.18 58.59 79.57
C GLU J 62 115.42 59.39 79.18
N LYS J 63 116.38 58.69 78.56
CA LYS J 63 117.62 59.33 78.12
C LYS J 63 117.36 60.19 76.90
N GLY J 64 118.03 61.35 76.86
CA GLY J 64 117.88 62.27 75.74
C GLY J 64 117.73 63.72 76.19
N LYS J 65 117.09 63.91 77.34
CA LYS J 65 116.94 65.26 77.91
C LYS J 65 118.11 65.64 78.79
N TYR J 66 118.64 64.68 79.55
CA TYR J 66 119.80 64.95 80.39
C TYR J 66 121.03 65.30 79.56
N VAL J 67 121.14 64.73 78.36
CA VAL J 67 122.25 65.08 77.47
C VAL J 67 122.20 66.56 77.12
N GLY J 68 121.02 67.04 76.74
CA GLY J 68 120.87 68.46 76.44
C GLY J 68 121.07 69.34 77.66
N GLU J 69 120.60 68.87 78.83
CA GLU J 69 120.81 69.61 80.07
C GLU J 69 122.30 69.78 80.36
N LEU J 70 123.06 68.69 80.26
CA LEU J 70 124.50 68.76 80.53
C LEU J 70 125.21 69.61 79.48
N ARG J 71 124.82 69.49 78.21
CA ARG J 71 125.43 70.31 77.17
C ARG J 71 125.20 71.79 77.43
N LYS J 72 123.96 72.16 77.79
CA LYS J 72 123.67 73.55 78.11
C LYS J 72 124.46 74.01 79.33
N ALA J 73 124.55 73.16 80.37
CA ALA J 73 125.26 73.55 81.58
C ALA J 73 126.74 73.78 81.32
N LEU J 74 127.36 72.91 80.51
CA LEU J 74 128.80 73.03 80.28
C LEU J 74 129.13 74.24 79.41
N LEU J 75 128.31 74.54 78.42
CA LEU J 75 128.62 75.62 77.50
C LEU J 75 128.44 76.98 78.17
N SER J 76 129.12 77.97 77.62
CA SER J 76 129.01 79.35 78.09
C SER J 76 128.02 80.13 77.22
N GLY J 77 127.43 81.15 77.81
CA GLY J 77 126.49 81.99 77.10
C GLY J 77 125.53 82.65 78.08
N ALA J 78 124.26 82.74 77.67
CA ALA J 78 123.22 83.34 78.50
C ALA J 78 121.91 82.62 78.20
N GLY J 79 121.41 81.84 79.15
CA GLY J 79 120.18 81.12 78.98
C GLY J 79 118.96 81.97 79.25
N PRO J 80 117.86 81.68 78.56
CA PRO J 80 116.63 82.45 78.78
C PRO J 80 116.07 82.33 80.18
N ALA J 81 116.21 81.17 80.82
CA ALA J 81 115.66 80.96 82.17
C ALA J 81 116.63 80.19 83.06
N ASP J 82 117.92 80.31 82.79
CA ASP J 82 118.93 79.59 83.58
C ASP J 82 120.18 80.44 83.67
N VAL J 83 120.95 80.22 84.75
CA VAL J 83 122.23 80.89 84.96
C VAL J 83 123.33 79.84 84.91
N TYR J 84 124.44 80.19 84.25
CA TYR J 84 125.53 79.26 84.03
C TYR J 84 126.52 79.38 85.19
N THR J 85 126.41 78.49 86.16
CA THR J 85 127.34 78.44 87.28
C THR J 85 127.25 77.06 87.93
N PHE J 86 128.40 76.53 88.32
CA PHE J 86 128.48 75.27 89.05
C PHE J 86 128.88 75.57 90.49
N ASN J 87 128.12 75.03 91.44
CA ASN J 87 128.29 75.35 92.85
C ASN J 87 128.92 74.19 93.59
N PHE J 88 129.96 74.50 94.38
CA PHE J 88 130.60 73.53 95.25
C PHE J 88 130.24 73.85 96.70
N SER J 89 129.83 72.82 97.44
CA SER J 89 129.46 72.97 98.86
C SER J 89 130.73 72.89 99.69
N LYS J 90 131.21 74.04 100.16
CA LYS J 90 132.45 74.09 100.94
C LYS J 90 132.17 73.95 102.44
N GLU J 91 131.40 72.92 102.78
CA GLU J 91 131.20 72.52 104.17
C GLU J 91 131.33 71.03 104.39
N SER J 92 131.19 70.20 103.35
CA SER J 92 131.41 68.77 103.44
C SER J 92 132.23 68.23 102.28
N CYS J 93 132.74 69.10 101.40
CA CYS J 93 133.55 68.70 100.24
C CYS J 93 132.81 67.69 99.38
N TYR J 94 131.53 67.95 99.11
CA TYR J 94 130.68 67.08 98.33
C TYR J 94 129.90 67.91 97.32
N PHE J 95 129.74 67.37 96.11
CA PHE J 95 129.06 68.06 95.04
C PHE J 95 127.59 67.66 95.04
N PHE J 96 126.71 68.58 95.43
CA PHE J 96 125.27 68.36 95.34
C PHE J 96 124.59 69.72 95.40
N PHE J 97 123.92 70.10 94.32
CA PHE J 97 123.23 71.38 94.27
C PHE J 97 122.07 71.30 93.29
N GLU J 98 121.14 72.24 93.42
CA GLU J 98 119.93 72.29 92.61
C GLU J 98 119.95 73.57 91.79
N LYS J 99 119.61 73.45 90.50
CA LYS J 99 119.61 74.58 89.58
C LYS J 99 118.23 74.69 88.92
N ASN J 100 117.76 75.92 88.77
CA ASN J 100 116.43 76.20 88.22
C ASN J 100 116.58 76.54 86.75
N LEU J 101 116.21 75.59 85.89
CA LEU J 101 116.22 75.77 84.45
C LEU J 101 114.81 75.56 83.92
N LYS J 102 114.44 76.34 82.90
CA LYS J 102 113.10 76.25 82.29
C LYS J 102 112.01 76.39 83.35
N ASP J 103 112.26 77.26 84.33
CA ASP J 103 111.34 77.55 85.43
C ASP J 103 111.02 76.32 86.28
N VAL J 104 111.87 75.29 86.24
CA VAL J 104 111.73 74.13 87.10
C VAL J 104 113.10 73.80 87.68
N SER J 105 113.11 73.40 88.95
CA SER J 105 114.35 73.14 89.67
C SER J 105 114.73 71.67 89.54
N PHE J 106 115.86 71.40 88.92
CA PHE J 106 116.38 70.05 88.72
C PHE J 106 117.79 69.96 89.29
N ARG J 107 118.36 68.75 89.25
CA ARG J 107 119.69 68.48 89.76
C ARG J 107 120.65 68.27 88.60
N LEU J 108 121.94 68.18 88.94
CA LEU J 108 122.99 67.88 87.97
C LEU J 108 123.78 66.63 88.35
N GLY J 109 123.31 65.85 89.32
CA GLY J 109 124.01 64.66 89.75
C GLY J 109 125.12 64.96 90.74
N SER J 110 125.73 63.89 91.23
CA SER J 110 126.81 63.97 92.19
C SER J 110 128.14 63.69 91.47
N PHE J 111 129.14 64.52 91.75
CA PHE J 111 130.45 64.40 91.14
C PHE J 111 131.44 63.87 92.16
N ASN J 112 132.23 62.88 91.76
CA ASN J 112 133.25 62.33 92.63
C ASN J 112 134.35 63.36 92.88
N LEU J 113 134.95 63.28 94.07
CA LEU J 113 136.01 64.20 94.48
C LEU J 113 137.33 63.46 94.51
N GLU J 114 138.25 63.86 93.63
CA GLU J 114 139.59 63.31 93.57
C GLU J 114 140.59 64.43 93.87
N LYS J 115 141.48 64.19 94.82
CA LYS J 115 142.39 65.25 95.27
C LYS J 115 143.49 65.49 94.25
N VAL J 116 144.06 66.69 94.29
CA VAL J 116 145.25 67.01 93.49
C VAL J 116 146.31 67.55 94.43
N GLU J 117 147.54 67.06 94.28
CA GLU J 117 148.62 67.48 95.16
C GLU J 117 148.90 68.96 95.04
N ASN J 118 148.93 69.49 93.81
CA ASN J 118 149.22 70.89 93.59
C ASN J 118 148.45 71.39 92.39
N PRO J 119 147.87 72.59 92.46
CA PRO J 119 147.11 73.14 91.33
C PRO J 119 147.97 73.85 90.30
N ALA J 120 149.27 73.99 90.52
CA ALA J 120 150.12 74.69 89.56
C ALA J 120 150.38 73.85 88.32
N GLU J 121 150.66 72.56 88.50
CA GLU J 121 150.99 71.71 87.35
C GLU J 121 149.78 71.53 86.43
N VAL J 122 148.59 71.36 87.00
CA VAL J 122 147.40 71.14 86.18
C VAL J 122 147.07 72.39 85.37
N ILE J 123 147.14 73.57 86.00
CA ILE J 123 146.86 74.79 85.26
C ILE J 123 147.96 75.05 84.22
N ARG J 124 149.20 74.70 84.53
CA ARG J 124 150.29 74.87 83.56
C ARG J 124 150.05 74.01 82.32
N GLU J 125 149.73 72.73 82.52
CA GLU J 125 149.47 71.87 81.36
C GLU J 125 148.21 72.28 80.63
N LEU J 126 147.20 72.78 81.36
CA LEU J 126 145.98 73.29 80.71
C LEU J 126 146.30 74.46 79.80
N ILE J 127 147.13 75.40 80.28
CA ILE J 127 147.51 76.55 79.45
C ILE J 127 148.34 76.09 78.26
N CYS J 128 149.25 75.14 78.47
CA CYS J 128 150.09 74.65 77.36
C CYS J 128 149.23 74.01 76.28
N TYR J 129 148.28 73.16 76.67
CA TYR J 129 147.44 72.50 75.68
C TYR J 129 146.43 73.47 75.06
N CYS J 130 146.02 74.51 75.79
CA CYS J 130 145.19 75.55 75.19
C CYS J 130 145.96 76.31 74.11
N LEU J 131 147.24 76.61 74.38
CA LEU J 131 148.07 77.24 73.36
C LEU J 131 148.27 76.32 72.16
N ASP J 132 148.41 75.01 72.41
CA ASP J 132 148.48 74.06 71.30
C ASP J 132 147.20 74.08 70.47
N THR J 133 146.04 74.15 71.14
CA THR J 133 144.77 74.24 70.43
C THR J 133 144.69 75.52 69.61
N ILE J 134 145.17 76.64 70.17
CA ILE J 134 145.19 77.89 69.42
C ILE J 134 146.10 77.77 68.20
N ALA J 135 147.23 77.09 68.35
CA ALA J 135 148.12 76.88 67.21
C ALA J 135 147.45 76.07 66.13
N GLU J 136 146.73 75.01 66.52
CA GLU J 136 145.98 74.22 65.53
C GLU J 136 144.92 75.07 64.85
N ASN J 137 144.22 75.91 65.63
CA ASN J 137 143.17 76.75 65.06
C ASN J 137 143.74 77.75 64.05
N GLN J 138 144.88 78.37 64.38
CA GLN J 138 145.46 79.33 63.44
C GLN J 138 146.05 78.64 62.22
N ALA J 139 146.56 77.41 62.37
CA ALA J 139 146.99 76.65 61.21
C ALA J 139 145.81 76.35 60.29
N LYS J 140 144.68 75.95 60.86
CA LYS J 140 143.49 75.73 60.05
C LYS J 140 143.03 77.02 59.37
N ASN J 141 143.10 78.13 60.10
CA ASN J 141 142.69 79.42 59.54
C ASN J 141 143.57 79.82 58.37
N GLU J 142 144.89 79.67 58.49
CA GLU J 142 145.77 80.07 57.40
C GLU J 142 145.62 79.13 56.21
N HIS J 143 145.41 77.83 56.45
CA HIS J 143 145.15 76.91 55.35
C HIS J 143 143.87 77.31 54.62
N LEU J 144 142.81 77.63 55.38
CA LEU J 144 141.55 78.01 54.76
C LEU J 144 141.68 79.31 53.97
N GLN J 145 142.41 80.28 54.51
CA GLN J 145 142.56 81.55 53.80
C GLN J 145 143.40 81.39 52.54
N LYS J 146 144.45 80.56 52.60
CA LYS J 146 145.23 80.30 51.39
C LYS J 146 144.39 79.62 50.32
N GLU J 147 143.60 78.62 50.71
CA GLU J 147 142.72 77.95 49.76
C GLU J 147 141.70 78.93 49.17
N ASN J 148 141.14 79.79 50.02
CA ASN J 148 140.15 80.77 49.55
C ASN J 148 140.74 81.73 48.54
N GLU J 149 141.93 82.26 48.83
CA GLU J 149 142.56 83.20 47.90
C GLU J 149 142.93 82.51 46.59
N ARG J 150 143.49 81.30 46.67
CA ARG J 150 143.84 80.57 45.47
C ARG J 150 142.62 80.30 44.62
N LEU J 151 141.50 79.89 45.25
CA LEU J 151 140.30 79.60 44.50
C LEU J 151 139.66 80.86 43.94
N LEU J 152 139.74 81.99 44.65
CA LEU J 152 139.27 83.26 44.10
C LEU J 152 140.02 83.60 42.82
N ARG J 153 141.35 83.53 42.86
CA ARG J 153 142.13 83.87 41.67
C ARG J 153 141.86 82.89 40.53
N ASP J 154 141.76 81.60 40.86
CA ASP J 154 141.51 80.59 39.83
C ASP J 154 140.14 80.78 39.21
N TRP J 155 139.12 81.07 40.02
CA TRP J 155 137.78 81.29 39.51
C TRP J 155 137.72 82.55 38.64
N ASN J 156 138.43 83.60 39.03
CA ASN J 156 138.51 84.78 38.18
C ASN J 156 139.14 84.45 36.83
N ASP J 157 140.23 83.66 36.84
CA ASP J 157 140.87 83.27 35.59
C ASP J 157 139.92 82.45 34.72
N VAL J 158 139.18 81.51 35.33
CA VAL J 158 138.27 80.67 34.56
C VAL J 158 137.12 81.50 34.01
N GLN J 159 136.59 82.44 34.78
CA GLN J 159 135.51 83.30 34.28
C GLN J 159 136.00 84.16 33.12
N GLY J 160 137.19 84.74 33.24
CA GLY J 160 137.73 85.50 32.12
C GLY J 160 137.92 84.66 30.88
N ARG J 161 138.46 83.44 31.06
CA ARG J 161 138.65 82.54 29.93
C ARG J 161 137.33 82.18 29.28
N PHE J 162 136.32 81.86 30.09
CA PHE J 162 135.01 81.50 29.55
C PHE J 162 134.41 82.66 28.76
N GLU J 163 134.43 83.85 29.34
CA GLU J 163 133.86 85.02 28.67
C GLU J 163 134.58 85.27 27.35
N LYS J 164 135.92 85.28 27.35
CA LYS J 164 136.64 85.66 26.15
C LYS J 164 136.56 84.56 25.08
N CYS J 165 136.55 83.28 25.49
CA CYS J 165 136.44 82.22 24.50
C CYS J 165 135.05 82.20 23.88
N VAL J 166 133.99 82.40 24.69
CA VAL J 166 132.65 82.46 24.13
C VAL J 166 132.52 83.66 23.19
N SER J 167 133.10 84.80 23.58
CA SER J 167 133.03 85.99 22.72
C SER J 167 133.75 85.78 21.40
N ALA J 168 134.92 85.14 21.43
CA ALA J 168 135.71 84.98 20.22
C ALA J 168 135.38 83.72 19.43
N LYS J 169 134.51 82.85 19.95
CA LYS J 169 134.09 81.68 19.18
C LYS J 169 133.42 82.10 17.88
N GLU J 170 132.49 83.06 17.96
CA GLU J 170 131.81 83.53 16.76
C GLU J 170 132.78 84.25 15.83
N ALA J 171 133.73 85.00 16.39
CA ALA J 171 134.72 85.68 15.56
C ALA J 171 135.57 84.67 14.79
N LEU J 172 136.03 83.62 15.47
CA LEU J 172 136.81 82.59 14.80
C LEU J 172 135.98 81.84 13.75
N GLU J 173 134.71 81.56 14.07
CA GLU J 173 133.85 80.89 13.09
C GLU J 173 133.64 81.76 11.85
N THR J 174 133.41 83.06 12.05
CA THR J 174 133.25 83.97 10.90
C THR J 174 134.55 84.07 10.10
N ASP J 175 135.69 84.12 10.80
CA ASP J 175 136.97 84.15 10.10
C ASP J 175 137.16 82.90 9.25
N LEU J 176 136.85 81.73 9.81
CA LEU J 176 136.94 80.49 9.05
C LEU J 176 136.01 80.51 7.86
N TYR J 177 134.78 80.99 8.05
CA TYR J 177 133.82 81.04 6.95
C TYR J 177 134.31 81.93 5.82
N LYS J 178 134.73 83.16 6.15
CA LYS J 178 135.19 84.08 5.10
C LYS J 178 136.48 83.59 4.45
N ARG J 179 137.36 82.95 5.23
CA ARG J 179 138.60 82.43 4.66
C ARG J 179 138.29 81.32 3.66
N PHE J 180 137.37 80.43 4.03
CA PHE J 180 136.89 79.42 3.09
C PHE J 180 136.31 80.09 1.85
N ILE J 181 135.55 81.17 2.06
CA ILE J 181 134.93 81.86 0.93
C ILE J 181 135.97 82.33 -0.07
N LEU J 182 137.01 83.03 0.39
CA LEU J 182 137.91 83.60 -0.61
C LEU J 182 138.81 82.53 -1.21
N VAL J 183 139.19 81.51 -0.43
CA VAL J 183 140.02 80.45 -1.02
C VAL J 183 139.23 79.68 -2.07
N LEU J 184 137.96 79.37 -1.79
CA LEU J 184 137.12 78.71 -2.78
C LEU J 184 136.90 79.60 -3.99
N ASN J 185 136.69 80.89 -3.77
CA ASN J 185 136.50 81.81 -4.89
C ASN J 185 137.74 81.85 -5.77
N GLU J 186 138.93 81.90 -5.16
CA GLU J 186 140.17 81.90 -5.94
C GLU J 186 140.30 80.63 -6.76
N LYS J 187 140.03 79.48 -6.13
CA LYS J 187 140.15 78.21 -6.86
C LYS J 187 139.15 78.14 -8.01
N LYS J 188 137.90 78.53 -7.75
CA LYS J 188 136.89 78.51 -8.81
C LYS J 188 137.25 79.49 -9.93
N THR J 189 137.78 80.66 -9.58
CA THR J 189 138.17 81.61 -10.61
C THR J 189 139.29 81.07 -11.48
N LYS J 190 140.27 80.39 -10.87
CA LYS J 190 141.33 79.79 -11.68
C LYS J 190 140.77 78.70 -12.57
N ILE J 191 139.86 77.87 -12.04
CA ILE J 191 139.28 76.80 -12.85
C ILE J 191 138.48 77.36 -14.02
N ARG J 192 137.68 78.40 -13.77
CA ARG J 192 136.90 78.97 -14.87
C ARG J 192 137.81 79.71 -15.84
N SER J 193 138.93 80.26 -15.38
CA SER J 193 139.89 80.85 -16.31
C SER J 193 140.49 79.78 -17.21
N LEU J 194 140.81 78.61 -16.65
CA LEU J 194 141.29 77.51 -17.47
C LEU J 194 140.22 77.07 -18.47
N HIS J 195 138.96 77.04 -18.02
CA HIS J 195 137.86 76.74 -18.94
C HIS J 195 137.79 77.77 -20.06
N ASN J 196 137.98 79.05 -19.71
CA ASN J 196 137.97 80.11 -20.72
C ASN J 196 139.10 79.94 -21.72
N LYS J 197 140.31 79.63 -21.24
CA LYS J 197 141.40 79.48 -22.19
C LYS J 197 141.26 78.27 -23.09
N LEU J 198 140.22 77.46 -22.90
CA LEU J 198 139.95 76.31 -23.75
C LEU J 198 138.80 76.49 -24.73
N LEU J 199 138.13 77.65 -24.78
CA LEU J 199 136.99 77.75 -25.69
C LEU J 199 137.48 77.65 -27.13
N ASN J 200 138.62 78.26 -27.41
CA ASN J 200 139.15 78.41 -28.75
C ASN J 200 140.58 77.88 -28.77
N ALA J 201 140.94 77.21 -29.85
CA ALA J 201 142.27 76.65 -30.00
C ALA J 201 143.29 77.79 -30.16
N MET K 1 137.37 103.03 73.47
CA MET K 1 138.66 102.53 73.92
C MET K 1 139.11 101.32 73.11
N GLU K 2 140.41 101.24 72.84
CA GLU K 2 140.99 100.20 72.01
C GLU K 2 142.17 99.56 72.74
N ARG K 3 142.54 98.37 72.27
CA ARG K 3 143.64 97.62 72.86
C ARG K 3 144.56 97.13 71.75
N LYS K 4 145.82 96.86 72.13
CA LYS K 4 146.83 96.36 71.22
C LYS K 4 147.59 95.22 71.87
N ILE K 5 148.13 94.33 71.03
CA ILE K 5 148.91 93.20 71.51
C ILE K 5 150.30 93.67 71.93
N SER K 6 150.73 93.26 73.12
CA SER K 6 152.07 93.57 73.63
C SER K 6 152.54 92.35 74.42
N ARG K 7 153.27 91.46 73.76
CA ARG K 7 153.83 90.31 74.43
C ARG K 7 154.98 90.73 75.33
N ILE K 8 155.07 90.10 76.51
CA ILE K 8 156.10 90.40 77.48
C ILE K 8 156.63 89.10 78.06
N HIS K 9 157.95 89.03 78.23
CA HIS K 9 158.62 87.85 78.74
C HIS K 9 159.06 88.11 80.17
N LEU K 10 158.79 87.15 81.06
CA LEU K 10 159.14 87.27 82.47
C LEU K 10 160.42 86.51 82.75
N VAL K 11 161.37 87.17 83.43
CA VAL K 11 162.60 86.51 83.83
C VAL K 11 162.31 85.43 84.88
N SER K 12 161.32 85.66 85.75
CA SER K 12 160.99 84.68 86.78
C SER K 12 160.51 83.37 86.16
N GLU K 13 159.73 83.44 85.08
CA GLU K 13 159.20 82.26 84.40
C GLU K 13 159.60 82.36 82.93
N PRO K 14 160.84 82.00 82.60
CA PRO K 14 161.27 82.06 81.20
C PRO K 14 160.67 80.98 80.32
N SER K 15 159.99 79.99 80.89
CA SER K 15 159.42 78.93 80.08
C SER K 15 158.16 79.37 79.35
N ILE K 16 157.37 80.24 79.94
CA ILE K 16 156.09 80.66 79.36
C ILE K 16 156.11 82.18 79.17
N THR K 17 155.33 82.63 78.20
CA THR K 17 155.20 84.05 77.88
C THR K 17 153.81 84.52 78.28
N HIS K 18 153.76 85.62 79.04
CA HIS K 18 152.50 86.15 79.52
C HIS K 18 151.94 87.17 78.52
N PHE K 19 150.70 86.97 78.11
CA PHE K 19 150.06 87.82 77.12
C PHE K 19 149.36 88.98 77.83
N LEU K 20 149.66 90.20 77.40
CA LEU K 20 149.12 91.40 78.01
C LEU K 20 148.51 92.30 76.95
N GLN K 21 147.37 92.90 77.28
CA GLN K 21 146.67 93.83 76.40
C GLN K 21 146.80 95.23 76.97
N VAL K 22 147.42 96.13 76.21
CA VAL K 22 147.57 97.52 76.62
C VAL K 22 146.34 98.29 76.18
N SER K 23 145.61 98.85 77.13
CA SER K 23 144.38 99.60 76.87
C SER K 23 144.75 101.07 76.73
N TRP K 24 144.85 101.54 75.49
CA TRP K 24 145.26 102.91 75.20
C TRP K 24 144.20 103.61 74.37
N GLU K 25 143.94 104.88 74.71
CA GLU K 25 143.10 105.75 73.89
C GLU K 25 143.73 107.13 73.71
N LYS K 26 144.97 107.31 74.15
CA LYS K 26 145.69 108.56 73.98
C LYS K 26 147.06 108.26 73.37
N THR K 27 147.59 109.24 72.65
CA THR K 27 148.89 109.06 71.99
C THR K 27 149.98 108.86 73.03
N LEU K 28 150.95 108.01 72.69
CA LEU K 28 152.00 107.64 73.65
C LEU K 28 152.95 108.78 73.94
N GLU K 29 153.00 109.82 73.10
CA GLU K 29 153.96 110.89 73.29
C GLU K 29 153.59 111.83 74.43
N SER K 30 152.31 111.88 74.83
CA SER K 30 151.90 112.73 75.94
C SER K 30 150.69 112.09 76.62
N GLY K 31 150.96 111.30 77.65
CA GLY K 31 149.90 110.70 78.43
C GLY K 31 149.34 109.44 77.81
N PHE K 32 149.24 108.36 78.58
CA PHE K 32 148.75 107.09 78.05
C PHE K 32 148.30 106.21 79.21
N VAL K 33 147.49 105.21 78.88
CA VAL K 33 147.00 104.23 79.84
C VAL K 33 147.61 102.88 79.49
N ILE K 34 148.20 102.22 80.47
CA ILE K 34 148.86 100.94 80.29
C ILE K 34 148.32 99.96 81.32
N THR K 35 147.95 98.77 80.88
CA THR K 35 147.48 97.71 81.75
C THR K 35 148.59 96.68 81.94
N LEU K 36 148.92 96.40 83.21
CA LEU K 36 150.01 95.50 83.55
C LEU K 36 149.47 94.33 84.35
N THR K 37 149.90 93.12 84.00
CA THR K 37 149.43 91.90 84.64
C THR K 37 150.64 91.00 84.94
N ASP K 38 150.65 90.43 86.14
CA ASP K 38 151.72 89.53 86.57
C ASP K 38 151.26 88.07 86.59
N GLY K 39 150.17 87.76 85.88
CA GLY K 39 149.66 86.40 85.80
C GLY K 39 148.62 86.03 86.84
N HIS K 40 148.48 86.82 87.90
CA HIS K 40 147.49 86.54 88.93
C HIS K 40 146.66 87.78 89.25
N SER K 41 147.24 88.96 89.05
CA SER K 41 146.56 90.22 89.30
C SER K 41 146.80 91.16 88.14
N ALA K 42 145.85 92.06 87.92
CA ALA K 42 145.93 93.03 86.83
C ALA K 42 145.66 94.43 87.36
N TRP K 43 146.44 95.39 86.86
CA TRP K 43 146.29 96.79 87.24
C TRP K 43 146.46 97.66 86.01
N THR K 44 145.60 98.66 85.85
CA THR K 44 145.73 99.64 84.81
C THR K 44 146.09 101.00 85.41
N GLY K 45 146.88 101.76 84.69
CA GLY K 45 147.35 103.04 85.19
C GLY K 45 147.59 104.02 84.06
N THR K 46 147.39 105.29 84.36
CA THR K 46 147.63 106.37 83.41
C THR K 46 148.70 107.30 83.95
N VAL K 47 149.61 107.72 83.07
CA VAL K 47 150.64 108.66 83.44
C VAL K 47 150.11 110.08 83.28
N SER K 48 150.81 111.03 83.89
CA SER K 48 150.39 112.43 83.80
C SER K 48 150.64 112.95 82.38
N GLU K 49 149.99 114.08 82.08
CA GLU K 49 150.05 114.65 80.75
C GLU K 49 151.25 115.56 80.60
N SER K 50 151.79 115.60 79.37
CA SER K 50 152.90 116.49 79.00
C SER K 50 154.13 116.25 79.88
N GLU K 51 154.51 114.98 80.03
CA GLU K 51 155.71 114.64 80.77
C GLU K 51 156.64 113.69 80.02
N ILE K 52 156.31 113.31 78.78
CA ILE K 52 157.17 112.46 77.98
C ILE K 52 157.92 113.32 76.98
N SER K 53 157.26 114.37 76.49
CA SER K 53 157.79 115.16 75.38
C SER K 53 159.10 115.85 75.75
N GLN K 54 159.18 116.40 76.97
CA GLN K 54 160.36 117.15 77.38
C GLN K 54 161.53 116.25 77.76
N GLU K 55 161.33 114.93 77.79
CA GLU K 55 162.44 114.02 78.07
C GLU K 55 163.52 114.11 76.99
N ALA K 56 163.13 114.45 75.76
CA ALA K 56 164.07 114.70 74.68
C ALA K 56 164.42 116.17 74.54
N ASP K 57 163.88 117.03 75.41
CA ASP K 57 164.18 118.45 75.39
C ASP K 57 165.11 118.90 76.50
N ASP K 58 165.20 118.14 77.60
CA ASP K 58 166.06 118.48 78.72
C ASP K 58 167.40 117.75 78.64
N MET K 59 167.67 117.05 77.53
CA MET K 59 168.93 116.35 77.35
C MET K 59 169.71 116.82 76.14
N ALA K 60 169.26 117.88 75.46
CA ALA K 60 169.97 118.47 74.32
C ALA K 60 170.18 117.45 73.21
N MET K 61 169.07 116.99 72.64
CA MET K 61 169.12 116.02 71.55
C MET K 61 167.85 116.17 70.73
N GLU K 62 167.88 115.67 69.50
CA GLU K 62 166.75 115.82 68.60
C GLU K 62 165.54 115.05 69.11
N LYS K 63 164.34 115.55 68.77
CA LYS K 63 163.11 114.95 69.27
C LYS K 63 162.82 113.62 68.60
N GLY K 64 163.01 113.55 67.27
CA GLY K 64 162.58 112.37 66.52
C GLY K 64 163.28 111.09 66.93
N LYS K 65 164.55 111.19 67.31
CA LYS K 65 165.30 110.00 67.73
C LYS K 65 164.69 109.37 68.96
N TYR K 66 164.06 110.18 69.83
CA TYR K 66 163.36 109.63 70.99
C TYR K 66 161.99 109.05 70.60
N VAL K 67 161.23 109.79 69.79
CA VAL K 67 159.88 109.36 69.45
C VAL K 67 159.88 108.07 68.66
N GLY K 68 160.78 107.96 67.68
CA GLY K 68 160.84 106.74 66.89
C GLY K 68 161.21 105.52 67.73
N GLU K 69 162.19 105.68 68.61
CA GLU K 69 162.56 104.57 69.50
C GLU K 69 161.42 104.19 70.42
N LEU K 70 160.71 105.19 70.97
CA LEU K 70 159.57 104.90 71.84
C LEU K 70 158.49 104.13 71.09
N ARG K 71 158.17 104.58 69.87
CA ARG K 71 157.11 103.92 69.10
C ARG K 71 157.51 102.51 68.71
N LYS K 72 158.77 102.30 68.31
CA LYS K 72 159.18 100.96 67.92
C LYS K 72 159.44 100.05 69.12
N ALA K 73 159.57 100.61 70.33
CA ALA K 73 159.78 99.80 71.51
C ALA K 73 158.48 99.40 72.20
N LEU K 74 157.56 100.34 72.38
CA LEU K 74 156.32 100.05 73.08
C LEU K 74 155.21 99.54 72.17
N LEU K 75 155.46 99.48 70.86
CA LEU K 75 154.47 98.95 69.93
C LEU K 75 155.07 97.86 69.05
N VAL K 83 161.28 89.62 69.76
CA VAL K 83 160.57 90.23 70.87
C VAL K 83 161.50 91.21 71.61
N TYR K 84 160.93 92.35 71.95
CA TYR K 84 161.66 93.42 72.61
C TYR K 84 162.12 92.97 73.99
N THR K 85 163.34 93.36 74.36
CA THR K 85 163.91 92.94 75.63
C THR K 85 163.15 93.56 76.80
N PHE K 86 162.80 92.72 77.78
CA PHE K 86 162.10 93.16 78.98
C PHE K 86 162.63 92.40 80.18
N ASN K 87 162.64 93.09 81.33
CA ASN K 87 163.05 92.50 82.61
C ASN K 87 161.91 92.73 83.61
N PHE K 88 160.95 91.82 83.64
CA PHE K 88 159.81 91.93 84.54
C PHE K 88 159.66 90.65 85.33
N SER K 89 159.16 90.78 86.57
CA SER K 89 158.99 89.65 87.46
C SER K 89 157.81 89.92 88.39
N LYS K 90 157.27 88.84 88.95
CA LYS K 90 156.15 88.97 89.88
C LYS K 90 156.60 89.62 91.18
N GLU K 91 157.81 89.32 91.64
CA GLU K 91 158.29 89.87 92.90
C GLU K 91 158.43 91.38 92.83
N SER K 92 158.98 91.90 91.73
CA SER K 92 159.17 93.34 91.61
C SER K 92 157.85 94.08 91.56
N CYS K 93 156.87 93.57 90.80
CA CYS K 93 155.57 94.20 90.61
C CYS K 93 155.67 95.60 90.03
N TYR K 94 156.83 95.95 89.47
CA TYR K 94 157.08 97.27 88.92
C TYR K 94 157.66 97.12 87.52
N PHE K 95 157.30 98.05 86.64
CA PHE K 95 157.75 98.02 85.25
C PHE K 95 159.03 98.82 85.13
N PHE K 96 160.17 98.12 85.09
CA PHE K 96 161.45 98.75 84.81
C PHE K 96 162.43 97.67 84.37
N PHE K 97 163.52 98.11 83.74
CA PHE K 97 164.56 97.19 83.30
C PHE K 97 165.90 97.92 83.31
N GLU K 98 166.97 97.13 83.42
CA GLU K 98 168.32 97.68 83.40
C GLU K 98 168.67 98.20 82.01
N LYS K 99 169.54 99.20 81.98
CA LYS K 99 169.93 99.85 80.73
C LYS K 99 170.78 98.90 79.91
N ASN K 100 170.15 98.20 78.97
CA ASN K 100 170.83 97.32 78.03
C ASN K 100 170.32 97.54 76.61
N LEU K 101 169.56 98.59 76.36
CA LEU K 101 168.80 98.77 75.14
C LEU K 101 169.67 99.33 74.03
N LYS K 102 169.18 99.20 72.78
CA LYS K 102 169.86 99.82 71.66
C LYS K 102 169.74 101.34 71.75
N ASP K 103 170.85 102.02 71.45
CA ASP K 103 170.93 103.48 71.54
C ASP K 103 170.55 103.95 72.95
N VAL K 104 171.38 103.55 73.92
CA VAL K 104 171.15 103.88 75.32
C VAL K 104 171.78 105.25 75.59
N SER K 105 170.93 106.28 75.55
CA SER K 105 171.36 107.63 75.90
C SER K 105 170.29 108.40 76.66
N PHE K 106 169.17 107.78 77.00
CA PHE K 106 168.03 108.48 77.58
C PHE K 106 167.20 107.49 78.38
N ARG K 107 166.04 107.94 78.86
CA ARG K 107 165.11 107.13 79.65
C ARG K 107 163.80 107.10 78.89
N LEU K 108 163.54 106.01 78.16
CA LEU K 108 162.35 105.92 77.33
C LEU K 108 161.12 105.68 78.20
N GLY K 109 160.08 106.47 77.97
CA GLY K 109 158.85 106.34 78.70
C GLY K 109 158.97 106.85 80.13
N SER K 110 157.86 106.76 80.85
CA SER K 110 157.80 107.13 82.26
C SER K 110 157.36 105.92 83.06
N PHE K 111 158.12 105.58 84.09
CA PHE K 111 157.86 104.40 84.92
C PHE K 111 157.38 104.87 86.28
N ASN K 112 156.20 104.39 86.68
CA ASN K 112 155.58 104.82 87.92
C ASN K 112 154.72 103.68 88.46
N LEU K 113 154.06 103.94 89.58
CA LEU K 113 153.20 102.96 90.23
C LEU K 113 151.79 103.01 89.63
N GLU K 114 151.25 101.83 89.35
CA GLU K 114 149.90 101.71 88.81
C GLU K 114 148.89 101.59 89.95
N LYS K 115 147.71 102.14 89.73
CA LYS K 115 146.66 102.13 90.74
C LYS K 115 145.29 102.08 90.07
N VAL K 116 144.37 101.35 90.70
CA VAL K 116 143.00 101.21 90.22
C VAL K 116 142.05 101.38 91.41
N GLU K 117 140.76 101.24 91.14
CA GLU K 117 139.76 101.21 92.21
C GLU K 117 139.44 99.78 92.65
N ASN K 118 139.62 98.80 91.77
CA ASN K 118 139.40 97.41 92.09
C ASN K 118 140.25 96.53 91.18
N PRO K 119 141.24 95.82 91.71
CA PRO K 119 142.11 95.00 90.85
C PRO K 119 141.37 93.91 90.09
N ALA K 120 140.30 93.36 90.65
CA ALA K 120 139.60 92.26 90.00
C ALA K 120 138.93 92.70 88.70
N GLU K 121 138.43 93.93 88.65
CA GLU K 121 137.72 94.38 87.45
C GLU K 121 138.65 94.47 86.25
N VAL K 122 139.92 94.82 86.45
CA VAL K 122 140.85 94.91 85.34
C VAL K 122 141.07 93.54 84.70
N ILE K 123 141.33 92.53 85.53
CA ILE K 123 141.54 91.19 84.98
C ILE K 123 140.24 90.64 84.42
N ARG K 124 139.09 91.04 84.98
CA ARG K 124 137.80 90.64 84.41
C ARG K 124 137.66 91.21 83.00
N GLU K 125 138.02 92.48 82.81
CA GLU K 125 137.96 93.08 81.48
C GLU K 125 138.94 92.41 80.53
N LEU K 126 140.13 92.06 81.02
CA LEU K 126 141.11 91.39 80.15
C LEU K 126 140.59 90.03 79.68
N ILE K 127 140.06 89.22 80.60
CA ILE K 127 139.56 87.90 80.20
C ILE K 127 138.32 88.04 79.33
N CYS K 128 137.48 89.04 79.61
CA CYS K 128 136.31 89.29 78.78
C CYS K 128 136.72 89.65 77.35
N TYR K 129 137.74 90.50 77.20
CA TYR K 129 138.19 90.86 75.86
C TYR K 129 138.89 89.70 75.16
N CYS K 130 139.57 88.83 75.92
CA CYS K 130 140.12 87.62 75.32
C CYS K 130 139.02 86.72 74.77
N LEU K 131 137.95 86.53 75.56
CA LEU K 131 136.81 85.77 75.07
C LEU K 131 136.19 86.44 73.86
N ASP K 132 136.09 87.76 73.88
CA ASP K 132 135.56 88.48 72.72
C ASP K 132 136.40 88.20 71.48
N THR K 133 137.71 88.43 71.56
CA THR K 133 138.55 88.34 70.37
C THR K 133 138.59 86.91 69.83
N ILE K 134 138.59 85.90 70.70
CA ILE K 134 138.47 84.54 70.18
C ILE K 134 137.09 84.34 69.56
N ALA K 135 136.06 85.03 70.06
CA ALA K 135 134.74 84.94 69.43
C ALA K 135 134.74 85.52 68.02
N GLU K 136 135.35 86.69 67.81
CA GLU K 136 135.40 87.19 66.43
C GLU K 136 136.31 86.33 65.56
N ASN K 137 137.36 85.71 66.13
CA ASN K 137 138.15 84.79 65.34
C ASN K 137 137.31 83.60 64.87
N GLN K 138 136.49 83.05 65.77
CA GLN K 138 135.61 81.94 65.38
C GLN K 138 134.56 82.38 64.37
N ALA K 139 134.01 83.59 64.54
CA ALA K 139 133.02 84.09 63.59
C ALA K 139 133.64 84.31 62.21
N LYS K 140 134.87 84.84 62.17
CA LYS K 140 135.56 84.98 60.90
C LYS K 140 135.83 83.63 60.27
N ASN K 141 136.19 82.63 61.08
CA ASN K 141 136.39 81.29 60.55
C ASN K 141 135.11 80.73 59.94
N GLU K 142 133.97 80.92 60.63
CA GLU K 142 132.70 80.43 60.10
C GLU K 142 132.31 81.14 58.81
N HIS K 143 132.47 82.47 58.79
CA HIS K 143 132.17 83.23 57.58
C HIS K 143 133.04 82.79 56.41
N LEU K 144 134.34 82.61 56.68
CA LEU K 144 135.26 82.19 55.63
C LEU K 144 134.93 80.78 55.15
N GLN K 145 134.51 79.89 56.05
CA GLN K 145 134.17 78.53 55.65
C GLN K 145 132.92 78.50 54.78
N LYS K 146 131.89 79.26 55.15
CA LYS K 146 130.68 79.29 54.32
C LYS K 146 130.97 79.93 52.97
N GLU K 147 131.78 81.00 52.95
CA GLU K 147 132.17 81.60 51.67
C GLU K 147 132.98 80.63 50.83
N ASN K 148 133.84 79.84 51.47
CA ASN K 148 134.61 78.83 50.78
C ASN K 148 133.71 77.79 50.14
N GLU K 149 132.69 77.34 50.87
CA GLU K 149 131.77 76.36 50.30
C GLU K 149 131.02 76.94 49.11
N ARG K 150 130.56 78.19 49.22
CA ARG K 150 129.88 78.86 48.11
C ARG K 150 130.79 78.93 46.89
N LEU K 151 132.01 79.47 47.09
CA LEU K 151 132.99 79.55 46.02
C LEU K 151 133.30 78.19 45.40
N LEU K 152 133.46 77.17 46.24
CA LEU K 152 133.68 75.81 45.75
C LEU K 152 132.57 75.37 44.80
N ARG K 153 131.31 75.55 45.23
CA ARG K 153 130.18 75.19 44.37
C ARG K 153 130.20 75.98 43.07
N ASP K 154 130.50 77.28 43.15
CA ASP K 154 130.57 78.12 41.96
C ASP K 154 131.65 77.61 41.00
N TRP K 155 132.82 77.28 41.54
CA TRP K 155 133.91 76.78 40.71
C TRP K 155 133.55 75.45 40.06
N ASN K 156 132.91 74.57 40.81
CA ASN K 156 132.49 73.29 40.24
C ASN K 156 131.53 73.50 39.07
N ASP K 157 130.53 74.37 39.26
CA ASP K 157 129.58 74.62 38.19
C ASP K 157 130.26 75.25 36.97
N VAL K 158 131.15 76.22 37.19
CA VAL K 158 131.76 76.91 36.07
C VAL K 158 132.70 75.99 35.30
N GLN K 159 133.47 75.16 36.01
CA GLN K 159 134.32 74.21 35.30
C GLN K 159 133.48 73.18 34.56
N GLY K 160 132.34 72.78 35.13
CA GLY K 160 131.49 71.82 34.44
C GLY K 160 130.98 72.33 33.11
N ARG K 161 130.36 73.51 33.12
CA ARG K 161 129.81 73.97 31.84
C ARG K 161 130.92 74.47 30.91
N PHE K 162 132.07 74.89 31.44
CA PHE K 162 133.22 75.16 30.59
C PHE K 162 133.65 73.91 29.84
N GLU K 163 133.72 72.78 30.55
CA GLU K 163 134.08 71.52 29.91
C GLU K 163 133.06 71.15 28.84
N LYS K 164 131.77 71.27 29.15
CA LYS K 164 130.75 70.91 28.17
C LYS K 164 130.84 71.78 26.91
N CYS K 165 130.89 73.10 27.09
CA CYS K 165 130.94 74.00 25.94
C CYS K 165 132.22 73.80 25.13
N VAL K 166 133.36 73.62 25.81
CA VAL K 166 134.61 73.47 25.10
C VAL K 166 134.64 72.16 24.33
N SER K 167 134.07 71.09 24.89
CA SER K 167 133.98 69.84 24.15
C SER K 167 133.13 70.01 22.90
N ALA K 168 131.97 70.67 23.04
CA ALA K 168 131.09 70.86 21.88
C ALA K 168 131.79 71.69 20.80
N LYS K 169 132.46 72.76 21.19
CA LYS K 169 133.07 73.61 20.17
C LYS K 169 134.34 72.99 19.57
N GLU K 170 135.07 72.18 20.35
CA GLU K 170 136.14 71.39 19.76
C GLU K 170 135.60 70.42 18.72
N ALA K 171 134.46 69.77 19.02
CA ALA K 171 133.87 68.84 18.07
C ALA K 171 133.49 69.56 16.78
N LEU K 172 132.83 70.71 16.90
CA LEU K 172 132.42 71.43 15.68
C LEU K 172 133.62 71.94 14.90
N GLU K 173 134.65 72.42 15.61
CA GLU K 173 135.86 72.88 14.94
C GLU K 173 136.55 71.74 14.19
N THR K 174 136.62 70.55 14.81
CA THR K 174 137.20 69.41 14.15
C THR K 174 136.42 69.01 12.91
N ASP K 175 135.07 69.01 13.02
CA ASP K 175 134.25 68.66 11.86
C ASP K 175 134.47 69.64 10.72
N LEU K 176 134.50 70.95 11.03
CA LEU K 176 134.73 71.96 10.01
C LEU K 176 136.10 71.79 9.38
N TYR K 177 137.13 71.57 10.21
CA TYR K 177 138.49 71.43 9.70
C TYR K 177 138.61 70.25 8.75
N LYS K 178 138.04 69.11 9.13
CA LYS K 178 138.18 67.92 8.28
C LYS K 178 137.31 68.00 7.03
N ARG K 179 136.12 68.59 7.12
CA ARG K 179 135.33 68.79 5.91
C ARG K 179 136.07 69.70 4.94
N PHE K 180 136.69 70.77 5.45
CA PHE K 180 137.43 71.65 4.55
C PHE K 180 138.68 70.99 4.01
N ILE K 181 139.35 70.14 4.80
CA ILE K 181 140.55 69.49 4.27
C ILE K 181 140.18 68.49 3.18
N LEU K 182 139.05 67.80 3.33
CA LEU K 182 138.65 66.85 2.29
C LEU K 182 138.21 67.58 1.02
N VAL K 183 137.52 68.71 1.16
CA VAL K 183 137.18 69.46 -0.04
C VAL K 183 138.46 70.03 -0.67
N LEU K 184 139.46 70.39 0.14
CA LEU K 184 140.75 70.77 -0.42
C LEU K 184 141.39 69.64 -1.19
N ASN K 185 141.34 68.42 -0.65
CA ASN K 185 141.95 67.27 -1.33
C ASN K 185 141.29 67.01 -2.67
N GLU K 186 139.95 66.99 -2.71
CA GLU K 186 139.27 66.76 -3.98
C GLU K 186 139.52 67.91 -4.95
N LYS K 187 139.57 69.14 -4.43
CA LYS K 187 139.86 70.29 -5.29
C LYS K 187 141.24 70.18 -5.92
N LYS K 188 142.25 69.83 -5.11
CA LYS K 188 143.61 69.70 -5.65
C LYS K 188 143.70 68.55 -6.65
N THR K 189 143.00 67.44 -6.38
CA THR K 189 142.99 66.34 -7.33
C THR K 189 142.44 66.79 -8.68
N LYS K 190 141.30 67.50 -8.66
CA LYS K 190 140.74 67.92 -9.94
C LYS K 190 141.53 69.09 -10.55
N ILE K 191 142.27 69.85 -9.75
CA ILE K 191 143.20 70.83 -10.29
C ILE K 191 144.29 70.14 -11.10
N ARG K 192 144.88 69.09 -10.53
CA ARG K 192 145.90 68.36 -11.28
C ARG K 192 145.31 67.72 -12.53
N SER K 193 144.10 67.18 -12.43
CA SER K 193 143.45 66.59 -13.60
C SER K 193 143.21 67.64 -14.68
N LEU K 194 142.72 68.82 -14.31
CA LEU K 194 142.45 69.87 -15.29
C LEU K 194 143.74 70.41 -15.87
N HIS K 195 144.80 70.50 -15.08
CA HIS K 195 146.10 70.92 -15.61
C HIS K 195 146.61 69.91 -16.62
N ASN K 196 146.42 68.61 -16.34
CA ASN K 196 146.79 67.59 -17.32
C ASN K 196 145.98 67.74 -18.61
N LYS K 197 144.68 68.00 -18.48
CA LYS K 197 143.85 68.20 -19.66
C LYS K 197 144.32 69.40 -20.46
N LEU K 198 144.68 70.49 -19.78
CA LEU K 198 145.25 71.65 -20.46
C LEU K 198 146.55 71.29 -21.17
N LEU K 199 147.38 70.46 -20.52
CA LEU K 199 148.63 70.03 -21.13
C LEU K 199 148.38 69.25 -22.41
N ASN K 200 147.39 68.35 -22.40
CA ASN K 200 147.07 67.59 -23.60
C ASN K 200 146.38 68.42 -24.67
N ALA K 201 145.97 69.64 -24.36
CA ALA K 201 145.28 70.49 -25.33
C ALA K 201 146.13 71.70 -25.70
N LYS L 654 102.43 76.68 -19.99
CA LYS L 654 101.59 77.56 -20.79
C LYS L 654 102.13 78.99 -20.77
N ILE L 655 101.98 79.67 -19.63
CA ILE L 655 102.49 81.02 -19.49
C ILE L 655 104.00 81.05 -19.60
N SER L 656 104.66 80.01 -19.09
CA SER L 656 106.12 79.87 -19.19
C SER L 656 106.43 78.56 -19.89
N ASN L 657 106.93 78.66 -21.12
CA ASN L 657 107.21 77.48 -21.92
C ASN L 657 108.37 76.65 -21.37
N ILE L 658 109.18 77.22 -20.49
CA ILE L 658 110.34 76.50 -19.97
C ILE L 658 109.91 75.29 -19.13
N PHE L 659 108.82 75.41 -18.39
CA PHE L 659 108.31 74.27 -17.63
C PHE L 659 107.48 73.31 -18.50
N GLU L 660 107.15 73.69 -19.73
CA GLU L 660 106.52 72.77 -20.66
C GLU L 660 107.51 71.73 -21.13
N ASP L 661 106.97 70.66 -21.73
CA ASP L 661 107.76 69.60 -22.34
C ASP L 661 108.58 68.82 -21.30
N VAL L 662 108.38 69.13 -20.02
CA VAL L 662 109.02 68.41 -18.94
C VAL L 662 107.94 67.60 -18.24
N GLU L 663 108.04 66.27 -18.31
CA GLU L 663 107.00 65.38 -17.86
C GLU L 663 107.26 64.92 -16.43
N PHE L 664 106.21 64.97 -15.60
CA PHE L 664 106.30 64.58 -14.20
C PHE L 664 105.29 63.47 -13.93
N CYS L 665 105.76 62.37 -13.35
CA CYS L 665 104.88 61.29 -12.90
C CYS L 665 104.48 61.59 -11.48
N VAL L 666 103.35 62.28 -11.33
CA VAL L 666 102.88 62.69 -10.01
C VAL L 666 102.41 61.46 -9.24
N MET L 667 103.19 61.06 -8.25
CA MET L 667 102.88 59.90 -7.44
C MET L 667 102.89 60.16 -5.94
N SER L 668 103.63 61.16 -5.46
CA SER L 668 103.74 61.41 -4.03
C SER L 668 104.24 62.84 -3.85
N GLY L 669 103.39 63.71 -3.32
CA GLY L 669 103.78 65.10 -3.10
C GLY L 669 103.17 65.69 -1.85
N THR L 670 102.67 64.83 -0.94
CA THR L 670 101.96 65.28 0.25
C THR L 670 102.97 65.61 1.36
N ASP L 671 103.51 66.82 1.28
CA ASP L 671 104.37 67.37 2.32
C ASP L 671 103.76 68.58 3.01
N SER L 672 103.42 69.61 2.26
CA SER L 672 102.80 70.82 2.81
C SER L 672 101.57 71.30 2.05
N GLN L 673 101.37 70.88 0.81
CA GLN L 673 100.24 71.31 0.01
C GLN L 673 99.59 70.09 -0.64
N PRO L 674 98.25 70.04 -0.66
CA PRO L 674 97.57 68.85 -1.18
C PRO L 674 97.89 68.57 -2.64
N LYS L 675 97.85 67.29 -3.00
CA LYS L 675 98.14 66.85 -4.36
C LYS L 675 97.32 67.54 -5.44
N PRO L 676 95.99 67.69 -5.30
CA PRO L 676 95.24 68.36 -6.39
C PRO L 676 95.71 69.78 -6.68
N ASP L 677 96.09 70.53 -5.64
CA ASP L 677 96.61 71.87 -5.86
C ASP L 677 97.92 71.83 -6.64
N LEU L 678 98.79 70.87 -6.32
CA LEU L 678 100.02 70.69 -7.10
C LEU L 678 99.69 70.38 -8.54
N GLU L 679 98.68 69.53 -8.77
CA GLU L 679 98.28 69.21 -10.14
C GLU L 679 97.78 70.44 -10.88
N ASN L 680 96.95 71.25 -10.23
CA ASN L 680 96.45 72.46 -10.87
C ASN L 680 97.59 73.40 -11.24
N ARG L 681 98.51 73.62 -10.30
CA ARG L 681 99.61 74.55 -10.57
C ARG L 681 100.53 74.04 -11.67
N ILE L 682 100.84 72.73 -11.67
CA ILE L 682 101.71 72.21 -12.72
C ILE L 682 100.99 72.22 -14.06
N ALA L 683 99.66 72.08 -14.06
CA ALA L 683 98.90 72.23 -15.30
C ALA L 683 98.96 73.65 -15.82
N GLU L 684 98.86 74.64 -14.92
CA GLU L 684 98.95 76.03 -15.35
C GLU L 684 100.31 76.33 -15.96
N PHE L 685 101.37 75.80 -15.37
CA PHE L 685 102.73 76.13 -15.77
C PHE L 685 103.27 75.24 -16.89
N GLY L 686 102.51 74.25 -17.34
CA GLY L 686 102.84 73.50 -18.53
C GLY L 686 103.51 72.16 -18.32
N GLY L 687 103.97 71.85 -17.10
CA GLY L 687 104.52 70.55 -16.84
C GLY L 687 103.50 69.45 -17.05
N TYR L 688 103.84 68.44 -17.86
CA TYR L 688 102.89 67.40 -18.20
C TYR L 688 102.64 66.48 -17.01
N ILE L 689 101.45 65.86 -17.00
CA ILE L 689 100.96 65.10 -15.86
C ILE L 689 100.61 63.69 -16.32
N VAL L 690 101.11 62.69 -15.58
CA VAL L 690 100.71 61.30 -15.75
C VAL L 690 100.69 60.65 -14.38
N GLN L 691 99.84 59.62 -14.23
CA GLN L 691 99.68 58.97 -12.94
C GLN L 691 100.44 57.66 -12.81
N ASN L 692 100.88 57.06 -13.93
CA ASN L 692 101.72 55.88 -13.90
C ASN L 692 102.89 56.11 -14.86
N PRO L 693 104.04 55.45 -14.62
CA PRO L 693 105.22 55.71 -15.47
C PRO L 693 104.96 55.54 -16.95
N GLY L 694 105.01 56.64 -17.69
CA GLY L 694 104.69 56.63 -19.10
C GLY L 694 105.92 56.44 -19.97
N PRO L 695 105.79 56.77 -21.26
CA PRO L 695 106.90 56.58 -22.19
C PRO L 695 107.91 57.73 -22.25
N ASP L 696 107.59 58.89 -21.66
CA ASP L 696 108.49 60.03 -21.65
C ASP L 696 108.67 60.56 -20.23
N THR L 697 108.79 59.65 -19.27
CA THR L 697 108.89 60.04 -17.87
C THR L 697 110.34 60.41 -17.55
N TYR L 698 110.55 61.68 -17.20
CA TYR L 698 111.86 62.18 -16.82
C TYR L 698 112.00 62.37 -15.30
N CYS L 699 110.95 62.86 -14.64
CA CYS L 699 111.00 63.18 -13.23
C CYS L 699 109.77 62.58 -12.53
N VAL L 700 109.96 62.16 -11.29
CA VAL L 700 108.88 61.66 -10.45
C VAL L 700 108.92 62.40 -9.11
N ILE L 701 107.78 62.96 -8.72
CA ILE L 701 107.69 63.73 -7.48
C ILE L 701 107.74 62.77 -6.29
N ALA L 702 108.43 63.19 -5.23
CA ALA L 702 108.55 62.39 -4.01
C ALA L 702 108.08 63.23 -2.83
N GLY L 703 106.96 62.85 -2.24
CA GLY L 703 106.42 63.57 -1.10
C GLY L 703 106.18 62.70 0.11
N SER L 704 106.06 61.39 -0.10
CA SER L 704 105.87 60.45 0.99
C SER L 704 106.49 59.12 0.59
N GLU L 705 106.79 58.31 1.61
CA GLU L 705 107.45 57.03 1.40
C GLU L 705 106.40 55.94 1.22
N ASN L 706 106.41 55.30 0.04
CA ASN L 706 105.51 54.19 -0.26
C ASN L 706 106.33 53.04 -0.84
N ILE L 707 105.67 51.88 -0.95
CA ILE L 707 106.31 50.72 -1.60
C ILE L 707 106.65 51.05 -3.04
N ARG L 708 105.70 51.68 -3.74
CA ARG L 708 105.92 52.10 -5.12
C ARG L 708 107.08 53.09 -5.22
N VAL L 709 107.19 54.00 -4.26
CA VAL L 709 108.33 54.92 -4.24
C VAL L 709 109.63 54.16 -4.04
N LYS L 710 109.61 53.13 -3.19
CA LYS L 710 110.79 52.29 -3.01
C LYS L 710 111.19 51.61 -4.31
N ASN L 711 110.20 51.07 -5.03
CA ASN L 711 110.49 50.43 -6.31
C ASN L 711 111.06 51.43 -7.32
N ILE L 712 110.53 52.66 -7.31
CA ILE L 712 111.09 53.70 -8.18
C ILE L 712 112.53 53.99 -7.80
N ILE L 713 112.83 53.99 -6.48
CA ILE L 713 114.20 54.21 -6.03
C ILE L 713 115.11 53.10 -6.52
N LEU L 714 114.62 51.85 -6.52
CA LEU L 714 115.42 50.74 -7.04
C LEU L 714 115.82 50.96 -8.50
N SER L 715 114.95 51.59 -9.28
CA SER L 715 115.28 51.90 -10.67
C SER L 715 116.07 53.20 -10.75
N ASN L 716 116.78 53.37 -11.86
CA ASN L 716 117.54 54.60 -12.13
C ASN L 716 117.06 55.15 -13.47
N LYS L 717 115.93 55.86 -13.43
CA LYS L 717 115.42 56.57 -14.60
C LYS L 717 114.85 57.94 -14.30
N HIS L 718 114.55 58.26 -13.04
CA HIS L 718 113.75 59.43 -12.71
C HIS L 718 114.40 60.25 -11.61
N ASP L 719 113.90 61.47 -11.45
CA ASP L 719 114.43 62.41 -10.47
C ASP L 719 113.55 62.46 -9.23
N VAL L 720 114.13 62.13 -8.08
CA VAL L 720 113.44 62.20 -6.80
C VAL L 720 113.34 63.69 -6.45
N VAL L 721 112.21 64.29 -6.84
CA VAL L 721 112.00 65.72 -6.72
C VAL L 721 111.06 65.95 -5.53
N LYS L 722 111.44 66.88 -4.67
CA LYS L 722 110.59 67.31 -3.57
C LYS L 722 109.71 68.48 -4.04
N PRO L 723 108.44 68.51 -3.61
CA PRO L 723 107.54 69.58 -4.08
C PRO L 723 108.04 70.99 -3.78
N ALA L 724 108.77 71.18 -2.67
CA ALA L 724 109.27 72.52 -2.36
C ALA L 724 110.23 73.03 -3.44
N TRP L 725 110.97 72.12 -4.08
CA TRP L 725 111.84 72.54 -5.18
C TRP L 725 111.04 73.09 -6.36
N LEU L 726 109.95 72.43 -6.72
CA LEU L 726 109.13 72.97 -7.80
C LEU L 726 108.42 74.23 -7.36
N LEU L 727 108.06 74.36 -6.08
CA LEU L 727 107.52 75.62 -5.59
C LEU L 727 108.52 76.76 -5.77
N GLU L 728 109.80 76.50 -5.45
CA GLU L 728 110.83 77.52 -5.65
C GLU L 728 111.01 77.85 -7.12
N CYS L 729 111.01 76.83 -7.99
CA CYS L 729 111.10 77.10 -9.42
C CYS L 729 109.89 77.89 -9.92
N PHE L 730 108.75 77.74 -9.27
CA PHE L 730 107.52 78.35 -9.75
C PHE L 730 107.42 79.80 -9.31
N LYS L 731 107.64 80.07 -8.02
CA LYS L 731 107.53 81.42 -7.51
C LYS L 731 108.66 82.31 -8.03
N THR L 732 109.80 81.72 -8.38
CA THR L 732 110.86 82.47 -9.04
C THR L 732 110.63 82.58 -10.54
N LYS L 733 109.58 81.93 -11.07
CA LYS L 733 109.21 82.01 -12.47
C LYS L 733 110.34 81.52 -13.38
N SER L 734 111.13 80.56 -12.90
CA SER L 734 112.26 80.06 -13.66
C SER L 734 112.68 78.70 -13.14
N PHE L 735 112.83 77.74 -14.06
CA PHE L 735 113.38 76.44 -13.72
C PHE L 735 114.86 76.61 -13.34
N VAL L 736 115.26 76.02 -12.22
CA VAL L 736 116.63 76.15 -11.75
C VAL L 736 117.40 74.86 -12.02
N PRO L 737 118.68 74.95 -12.36
CA PRO L 737 119.46 73.72 -12.59
C PRO L 737 119.55 72.87 -11.33
N TRP L 738 119.63 71.56 -11.54
CA TRP L 738 119.63 70.62 -10.42
C TRP L 738 120.88 70.80 -9.56
N GLN L 739 120.67 70.99 -8.26
CA GLN L 739 121.74 71.03 -7.28
C GLN L 739 121.30 70.18 -6.08
N PRO L 740 122.24 69.49 -5.43
CA PRO L 740 121.83 68.61 -4.32
C PRO L 740 121.58 69.34 -3.01
N ARG L 741 120.31 69.59 -2.71
CA ARG L 741 119.83 69.86 -1.37
C ARG L 741 118.48 69.20 -1.14
N PHE L 742 117.94 68.54 -2.16
CA PHE L 742 116.65 67.86 -2.15
C PHE L 742 116.73 66.49 -2.80
N MET L 743 117.94 65.99 -3.06
CA MET L 743 118.15 64.97 -4.08
C MET L 743 118.63 63.66 -3.48
N ILE L 744 118.11 62.55 -4.00
CA ILE L 744 118.42 61.21 -3.52
C ILE L 744 118.91 60.30 -4.65
N HIS L 745 118.01 60.06 -5.62
CA HIS L 745 118.35 59.20 -6.78
C HIS L 745 118.08 59.99 -8.06
N MET L 746 119.14 60.44 -8.75
CA MET L 746 118.96 61.30 -9.95
C MET L 746 119.06 60.47 -11.24
N CYS L 747 119.03 61.14 -12.40
CA CYS L 747 119.15 60.42 -13.71
C CYS L 747 120.59 60.53 -14.22
N PRO L 748 121.05 59.61 -15.09
CA PRO L 748 122.40 59.69 -15.67
C PRO L 748 122.72 61.04 -16.28
N SER L 749 121.74 61.69 -16.90
CA SER L 749 122.00 63.00 -17.48
C SER L 749 122.38 64.01 -16.41
N THR L 750 121.75 63.95 -15.25
CA THR L 750 122.17 64.87 -14.19
C THR L 750 123.35 64.33 -13.41
N LYS L 751 123.66 63.05 -13.54
CA LYS L 751 125.02 62.67 -13.20
C LYS L 751 126.02 63.47 -14.02
N GLU L 752 125.80 63.55 -15.35
CA GLU L 752 126.67 64.40 -16.17
C GLU L 752 126.58 65.86 -15.75
N HIS L 753 125.37 66.32 -15.41
CA HIS L 753 125.20 67.73 -15.01
C HIS L 753 125.96 68.04 -13.72
N PHE L 754 125.77 67.20 -12.69
CA PHE L 754 126.52 67.36 -11.45
C PHE L 754 128.02 67.33 -11.71
N ALA L 755 128.46 66.40 -12.57
CA ALA L 755 129.89 66.29 -12.88
C ALA L 755 130.41 67.56 -13.55
N ARG L 756 129.65 68.13 -14.49
CA ARG L 756 130.16 69.31 -15.19
C ARG L 756 130.07 70.56 -14.33
N GLU L 757 129.24 70.57 -13.29
CA GLU L 757 129.30 71.73 -12.40
C GLU L 757 130.29 71.55 -11.26
N TYR L 758 130.34 70.36 -10.66
CA TYR L 758 131.23 70.11 -9.53
C TYR L 758 131.42 68.60 -9.40
N ASP L 759 131.90 68.16 -8.24
CA ASP L 759 131.81 66.75 -7.89
C ASP L 759 130.41 66.47 -7.33
N CYS L 760 130.24 65.32 -6.67
CA CYS L 760 128.93 64.96 -6.14
C CYS L 760 128.37 66.01 -5.20
N TYR L 761 129.23 66.77 -4.52
CA TYR L 761 128.77 67.77 -3.56
C TYR L 761 128.41 69.06 -4.29
N GLY L 762 127.89 70.02 -3.52
CA GLY L 762 127.43 71.28 -4.06
C GLY L 762 128.54 72.26 -4.39
N ASP L 763 128.30 73.55 -4.16
CA ASP L 763 129.26 74.61 -4.47
C ASP L 763 129.61 74.60 -5.96
N SER L 764 128.59 74.80 -6.77
CA SER L 764 128.78 74.78 -8.22
C SER L 764 129.52 76.03 -8.69
N TYR L 765 129.89 76.03 -9.97
CA TYR L 765 130.59 77.15 -10.57
C TYR L 765 129.65 78.20 -11.15
N PHE L 766 128.42 77.82 -11.50
CA PHE L 766 127.46 78.79 -12.01
C PHE L 766 127.03 79.79 -10.95
N ILE L 767 127.29 79.49 -9.68
CA ILE L 767 126.97 80.39 -8.57
C ILE L 767 128.24 80.61 -7.75
N ASP L 768 128.44 81.84 -7.29
CA ASP L 768 129.59 82.14 -6.46
C ASP L 768 129.44 81.50 -5.09
N THR L 769 130.59 81.18 -4.49
CA THR L 769 130.59 80.56 -3.17
C THR L 769 130.08 81.54 -2.13
N ASP L 770 129.08 81.12 -1.36
CA ASP L 770 128.47 81.95 -0.33
C ASP L 770 128.34 81.14 0.96
N LEU L 771 127.95 81.84 2.03
CA LEU L 771 127.91 81.21 3.35
C LEU L 771 126.79 80.17 3.44
N ASN L 772 125.62 80.47 2.89
CA ASN L 772 124.48 79.57 3.04
C ASN L 772 124.72 78.24 2.36
N GLN L 773 125.13 78.27 1.08
CA GLN L 773 125.40 77.02 0.38
C GLN L 773 126.61 76.31 0.95
N LEU L 774 127.58 77.06 1.48
CA LEU L 774 128.72 76.43 2.14
C LEU L 774 128.27 75.64 3.37
N LYS L 775 127.41 76.23 4.19
CA LYS L 775 126.88 75.51 5.35
C LYS L 775 126.04 74.32 4.90
N GLU L 776 125.27 74.48 3.83
CA GLU L 776 124.46 73.36 3.33
C GLU L 776 125.33 72.19 2.87
N VAL L 777 126.40 72.49 2.12
CA VAL L 777 127.24 71.41 1.61
C VAL L 777 128.04 70.77 2.74
N PHE L 778 128.47 71.56 3.73
CA PHE L 778 129.15 70.97 4.88
C PHE L 778 128.20 70.08 5.68
N SER L 779 126.94 70.51 5.84
CA SER L 779 125.96 69.63 6.47
C SER L 779 125.73 68.38 5.64
N GLY L 780 125.85 68.48 4.32
CA GLY L 780 125.76 67.30 3.48
C GLY L 780 126.91 66.33 3.72
N ILE L 781 128.11 66.87 3.96
CA ILE L 781 129.25 66.02 4.29
C ILE L 781 129.04 65.42 5.67
N LYS L 782 129.41 64.15 5.81
CA LYS L 782 129.20 63.43 7.06
C LYS L 782 130.05 64.04 8.18
N ASN L 783 129.58 63.87 9.41
CA ASN L 783 130.33 64.30 10.58
C ASN L 783 131.65 63.55 10.67
N SER L 784 132.76 64.29 10.63
CA SER L 784 134.09 63.73 10.59
C SER L 784 134.75 63.63 11.96
N ASN L 785 133.97 63.54 13.04
CA ASN L 785 134.52 63.48 14.39
C ASN L 785 134.70 62.03 14.83
N GLU L 786 135.46 61.28 14.03
CA GLU L 786 135.73 59.88 14.33
C GLU L 786 137.19 59.47 14.11
N GLN L 787 138.07 60.40 13.76
CA GLN L 787 139.45 60.06 13.45
C GLN L 787 140.33 60.13 14.71
N THR L 788 141.53 59.57 14.59
CA THR L 788 142.45 59.51 15.72
C THR L 788 142.98 60.91 16.04
N PRO L 789 143.28 61.17 17.32
CA PRO L 789 143.77 62.52 17.70
C PRO L 789 145.06 62.92 17.02
N GLU L 790 145.98 61.99 16.77
CA GLU L 790 147.28 62.36 16.22
C GLU L 790 147.15 62.89 14.79
N GLU L 791 146.38 62.21 13.95
CA GLU L 791 146.19 62.69 12.59
C GLU L 791 145.41 64.00 12.57
N MET L 792 144.49 64.20 13.53
CA MET L 792 143.81 65.48 13.63
C MET L 792 144.77 66.60 14.00
N ALA L 793 145.70 66.34 14.93
CA ALA L 793 146.70 67.34 15.29
C ALA L 793 147.59 67.66 14.09
N SER L 794 148.00 66.64 13.35
CA SER L 794 148.80 66.88 12.14
C SER L 794 148.02 67.69 11.11
N LEU L 795 146.73 67.40 10.96
CA LEU L 795 145.88 68.15 10.05
C LEU L 795 145.77 69.61 10.47
N ILE L 796 145.58 69.85 11.77
CA ILE L 796 145.48 71.22 12.27
C ILE L 796 146.78 71.97 12.03
N ALA L 797 147.92 71.31 12.29
CA ALA L 797 149.21 71.95 12.03
C ALA L 797 149.39 72.25 10.54
N ASP L 798 149.00 71.32 9.67
CA ASP L 798 149.14 71.53 8.24
C ASP L 798 148.29 72.71 7.76
N LEU L 799 147.04 72.77 8.21
CA LEU L 799 146.20 73.90 7.81
C LEU L 799 146.72 75.20 8.39
N GLU L 800 147.27 75.18 9.61
CA GLU L 800 147.87 76.36 10.19
C GLU L 800 149.02 76.86 9.33
N TYR L 801 149.89 75.95 8.88
CA TYR L 801 151.04 76.36 8.08
C TYR L 801 150.61 76.84 6.69
N ARG L 802 149.63 76.18 6.08
CA ARG L 802 149.24 76.54 4.73
C ARG L 802 148.46 77.86 4.69
N TYR L 803 147.47 78.01 5.57
CA TYR L 803 146.53 79.12 5.49
C TYR L 803 146.67 80.11 6.63
N SER L 804 147.84 80.14 7.29
CA SER L 804 148.17 81.14 8.31
C SER L 804 147.14 81.14 9.45
N TRP L 805 147.03 80.01 10.12
CA TRP L 805 146.17 79.87 11.29
C TRP L 805 146.96 79.74 12.58
N ASP L 806 148.29 79.89 12.54
CA ASP L 806 149.08 80.00 13.76
C ASP L 806 148.87 81.33 14.47
N CYS L 807 148.24 82.29 13.79
CA CYS L 807 147.92 83.59 14.36
C CYS L 807 146.41 83.75 14.52
N SER L 808 145.75 82.69 14.99
CA SER L 808 144.31 82.75 15.21
C SER L 808 144.02 83.84 16.24
N PRO L 809 142.81 84.42 16.20
CA PRO L 809 142.51 85.49 17.16
C PRO L 809 142.75 85.09 18.60
N LEU L 810 142.76 83.79 18.89
CA LEU L 810 142.81 83.31 20.26
C LEU L 810 143.60 82.01 20.30
N SER L 811 144.83 82.05 20.81
CA SER L 811 145.68 80.87 20.75
C SER L 811 146.55 80.81 22.01
N MET L 812 146.13 80.01 22.99
CA MET L 812 146.96 79.93 24.19
C MET L 812 147.37 78.52 24.59
N PHE L 813 146.47 77.53 24.54
CA PHE L 813 146.91 76.13 24.70
C PHE L 813 145.86 75.15 24.16
N ARG L 814 146.06 74.69 22.91
CA ARG L 814 145.60 73.37 22.47
C ARG L 814 146.72 72.59 21.80
N ARG L 815 147.22 73.10 20.65
CA ARG L 815 148.35 72.49 19.93
C ARG L 815 148.97 73.57 19.02
N HIS L 816 150.07 74.20 19.49
CA HIS L 816 150.74 75.23 18.68
C HIS L 816 152.27 75.23 18.82
N THR L 817 152.88 74.06 19.02
CA THR L 817 154.33 73.86 18.94
C THR L 817 155.08 74.75 19.95
N VAL L 818 154.85 74.45 21.23
CA VAL L 818 155.59 75.07 22.32
C VAL L 818 155.52 74.13 23.53
N TYR L 819 156.52 74.23 24.41
CA TYR L 819 156.65 73.34 25.55
C TYR L 819 156.37 74.09 26.84
N LEU L 820 155.76 73.39 27.80
CA LEU L 820 155.49 73.94 29.12
C LEU L 820 155.28 72.79 30.08
N ASP L 821 155.86 72.90 31.26
CA ASP L 821 155.70 71.88 32.30
C ASP L 821 154.41 72.14 33.07
N SER L 822 153.46 71.23 32.97
CA SER L 822 152.17 71.35 33.63
C SER L 822 151.93 70.20 34.61
N TYR L 823 153.00 69.63 35.15
CA TYR L 823 152.92 68.52 36.09
C TYR L 823 153.69 68.86 37.35
N ALA L 824 153.42 68.11 38.41
CA ALA L 824 154.16 68.29 39.65
C ALA L 824 155.65 68.06 39.43
N VAL L 825 156.02 66.84 39.04
CA VAL L 825 157.38 66.52 38.62
C VAL L 825 157.30 65.63 37.38
N ILE L 826 158.43 65.50 36.70
CA ILE L 826 158.53 64.66 35.51
C ILE L 826 158.41 63.21 35.95
N ASN L 827 158.23 62.30 34.98
CA ASN L 827 157.97 60.88 35.19
C ASN L 827 156.57 60.62 35.73
N ASP L 828 155.68 61.60 35.61
CA ASP L 828 154.26 61.42 35.92
C ASP L 828 153.45 61.74 34.67
N LEU L 829 152.45 60.89 34.38
CA LEU L 829 151.61 61.08 33.22
C LEU L 829 150.35 61.89 33.52
N SER L 830 149.91 61.93 34.77
CA SER L 830 148.73 62.71 35.15
C SER L 830 148.77 62.93 36.66
N THR L 831 148.87 64.18 37.08
CA THR L 831 148.87 64.51 38.50
C THR L 831 148.19 65.88 38.68
N LYS L 832 146.91 65.84 39.00
CA LYS L 832 146.11 67.04 39.23
C LYS L 832 145.51 66.98 40.63
N ASN L 833 145.55 68.10 41.35
CA ASN L 833 145.04 68.14 42.71
C ASN L 833 144.67 69.57 43.07
N GLU L 834 143.86 69.69 44.11
CA GLU L 834 143.46 71.01 44.61
C GLU L 834 144.54 71.58 45.50
N GLY L 835 144.80 72.87 45.34
CA GLY L 835 145.89 73.56 46.02
C GLY L 835 146.92 74.13 45.08
N THR L 836 147.05 73.58 43.88
CA THR L 836 147.93 74.08 42.84
C THR L 836 147.11 74.45 41.62
N ARG L 837 147.74 75.16 40.68
CA ARG L 837 147.08 75.60 39.46
C ARG L 837 147.28 74.63 38.31
N LEU L 838 147.70 73.40 38.59
CA LEU L 838 147.83 72.40 37.54
C LEU L 838 146.49 72.10 36.90
N ALA L 839 145.43 72.01 37.72
CA ALA L 839 144.09 71.81 37.19
C ALA L 839 143.67 72.96 36.28
N ILE L 840 144.11 74.18 36.59
CA ILE L 840 143.84 75.31 35.70
C ILE L 840 144.50 75.10 34.35
N LYS L 841 145.76 74.67 34.36
CA LYS L 841 146.46 74.40 33.10
C LYS L 841 145.76 73.31 32.31
N ALA L 842 145.30 72.26 32.99
CA ALA L 842 144.56 71.20 32.31
C ALA L 842 143.27 71.72 31.71
N LEU L 843 142.57 72.60 32.45
CA LEU L 843 141.35 73.20 31.92
C LEU L 843 141.63 74.17 30.79
N GLU L 844 142.85 74.70 30.69
CA GLU L 844 143.20 75.65 29.65
C GLU L 844 143.92 75.00 28.47
N LEU L 845 144.13 73.68 28.51
CA LEU L 845 145.01 72.99 27.58
C LEU L 845 144.25 72.29 26.45
N ARG L 846 143.20 72.91 25.93
CA ARG L 846 142.21 72.17 25.15
C ARG L 846 141.75 72.82 23.86
N PHE L 847 141.78 74.14 23.72
CA PHE L 847 141.10 74.73 22.57
C PHE L 847 141.98 75.68 21.75
N HIS L 848 142.86 76.43 22.39
CA HIS L 848 143.25 77.74 21.86
C HIS L 848 144.49 77.66 20.99
N GLY L 849 145.65 77.35 21.58
CA GLY L 849 146.76 76.73 20.87
C GLY L 849 148.07 76.73 21.65
N ALA L 850 148.61 75.54 21.90
CA ALA L 850 149.95 75.26 22.40
C ALA L 850 150.08 73.75 22.52
N LYS L 851 151.17 73.14 22.03
CA LYS L 851 151.27 71.68 22.07
C LYS L 851 151.26 71.15 23.50
N VAL L 852 150.62 70.01 23.68
CA VAL L 852 150.53 69.37 25.00
C VAL L 852 151.77 68.50 25.16
N VAL L 853 152.87 69.13 25.57
CA VAL L 853 154.10 68.44 25.88
C VAL L 853 154.64 68.99 27.20
N SER L 854 154.88 68.09 28.16
CA SER L 854 155.39 68.50 29.46
C SER L 854 156.49 67.60 30.00
N CYS L 855 156.71 66.41 29.44
CA CYS L 855 157.68 65.47 29.98
C CYS L 855 158.47 64.86 28.84
N LEU L 856 159.77 64.70 29.07
CA LEU L 856 160.69 64.03 28.13
C LEU L 856 160.65 64.70 26.76
N ALA L 857 161.03 65.98 26.73
CA ALA L 857 161.12 66.76 25.50
C ALA L 857 162.52 67.35 25.39
N GLU L 858 163.17 67.11 24.26
CA GLU L 858 164.51 67.62 24.01
C GLU L 858 164.63 68.45 22.74
N GLY L 859 163.87 68.12 21.70
CA GLY L 859 163.97 68.89 20.46
C GLY L 859 163.47 70.32 20.60
N VAL L 860 162.44 70.53 21.41
CA VAL L 860 161.87 71.86 21.58
C VAL L 860 162.90 72.77 22.25
N SER L 861 162.87 74.05 21.88
CA SER L 861 163.81 75.04 22.39
C SER L 861 163.11 76.21 23.09
N HIS L 862 161.87 76.03 23.51
CA HIS L 862 161.10 77.09 24.16
C HIS L 862 160.85 76.72 25.62
N VAL L 863 161.03 77.70 26.51
CA VAL L 863 160.88 77.51 27.94
C VAL L 863 159.91 78.54 28.48
N ILE L 864 158.96 78.09 29.30
CA ILE L 864 158.00 78.96 29.97
C ILE L 864 157.86 78.50 31.41
N ILE L 865 157.90 79.45 32.34
CA ILE L 865 157.62 79.14 33.74
C ILE L 865 156.12 79.09 33.95
N GLY L 866 155.63 77.99 34.53
CA GLY L 866 154.22 77.75 34.65
C GLY L 866 153.57 78.61 35.73
N GLU L 867 152.29 78.31 35.98
CA GLU L 867 151.53 79.05 36.97
C GLU L 867 152.12 78.91 38.36
N ASP L 868 152.54 77.70 38.72
CA ASP L 868 153.12 77.45 40.04
C ASP L 868 154.57 77.90 40.05
N HIS L 869 154.91 78.82 40.96
CA HIS L 869 156.26 79.33 41.08
C HIS L 869 157.11 78.53 42.07
N SER L 870 156.53 77.55 42.75
CA SER L 870 157.29 76.67 43.63
C SER L 870 157.99 75.55 42.88
N ARG L 871 157.59 75.30 41.63
CA ARG L 871 158.20 74.25 40.82
C ARG L 871 159.43 74.76 40.05
N VAL L 872 159.76 76.04 40.16
CA VAL L 872 160.93 76.58 39.48
C VAL L 872 162.19 75.88 39.96
N ALA L 873 162.30 75.65 41.27
CA ALA L 873 163.44 74.90 41.80
C ALA L 873 163.53 73.51 41.19
N ASP L 874 162.40 72.92 40.80
CA ASP L 874 162.43 71.66 40.08
C ASP L 874 163.03 71.83 38.68
N PHE L 875 162.69 72.91 37.98
CA PHE L 875 163.22 73.14 36.64
C PHE L 875 164.74 73.10 36.65
N LYS L 876 165.37 73.85 37.56
CA LYS L 876 166.82 73.80 37.69
C LYS L 876 167.29 72.38 37.99
N ALA L 877 166.59 71.68 38.88
CA ALA L 877 166.95 70.31 39.19
C ALA L 877 166.86 69.41 37.95
N PHE L 878 165.99 69.77 37.01
CA PHE L 878 165.90 69.04 35.76
C PHE L 878 166.69 69.69 34.63
N ARG L 879 167.20 70.92 34.85
CA ARG L 879 168.06 71.55 33.86
C ARG L 879 169.30 70.70 33.60
N ARG L 880 169.80 70.02 34.63
CA ARG L 880 170.95 69.13 34.46
C ARG L 880 170.59 67.88 33.68
N THR L 881 169.32 67.50 33.64
CA THR L 881 168.93 66.26 32.95
C THR L 881 168.86 66.46 31.44
N PHE L 882 168.06 67.42 30.99
CA PHE L 882 167.91 67.69 29.57
C PHE L 882 168.99 68.66 29.10
N LYS L 883 169.14 68.73 27.77
CA LYS L 883 170.11 69.61 27.15
C LYS L 883 169.57 71.02 26.91
N ARG L 884 168.36 71.31 27.35
CA ARG L 884 167.74 72.61 27.15
C ARG L 884 167.88 73.44 28.42
N LYS L 885 168.30 74.70 28.26
CA LYS L 885 168.51 75.59 29.39
C LYS L 885 167.18 76.14 29.88
N PHE L 886 167.02 76.19 31.20
CA PHE L 886 165.82 76.72 31.84
C PHE L 886 166.19 77.96 32.66
N LYS L 887 165.36 79.00 32.56
CA LYS L 887 165.59 80.24 33.27
C LYS L 887 164.28 80.72 33.88
N ILE L 888 164.39 81.34 35.06
CA ILE L 888 163.21 81.85 35.75
C ILE L 888 162.65 83.04 34.98
N LEU L 889 161.33 83.04 34.79
CA LEU L 889 160.65 84.12 34.08
C LEU L 889 159.26 84.29 34.67
N LYS L 890 158.67 85.44 34.39
CA LYS L 890 157.32 85.74 34.88
C LYS L 890 156.30 84.77 34.27
N ASP L 899 150.97 86.86 23.42
CA ASP L 899 151.40 86.13 24.62
C ASP L 899 150.22 85.84 25.54
N LYS L 900 150.36 84.81 26.36
CA LYS L 900 149.31 84.49 27.33
C LYS L 900 149.14 85.62 28.35
N CYS L 901 150.25 86.07 28.92
CA CYS L 901 150.34 87.24 29.80
C CYS L 901 149.20 87.30 30.81
N GLU L 902 149.05 86.23 31.59
CA GLU L 902 148.24 86.27 32.79
C GLU L 902 149.07 86.00 34.04
N LEU L 903 149.84 84.91 34.07
CA LEU L 903 150.95 84.74 34.98
C LEU L 903 152.10 83.99 34.31
N GLN L 904 152.02 83.73 33.02
CA GLN L 904 153.04 83.00 32.28
C GLN L 904 153.03 83.47 30.83
N GLU L 905 154.22 83.65 30.26
CA GLU L 905 154.36 84.10 28.88
C GLU L 905 155.76 83.75 28.40
N GLU L 906 156.10 84.20 27.20
CA GLU L 906 157.43 84.00 26.63
C GLU L 906 158.23 85.30 26.78
N ASN L 907 159.44 85.18 27.31
CA ASN L 907 160.29 86.34 27.53
C ASN L 907 161.71 86.07 27.07
N CYS M 10 60.07 76.92 -23.67
CA CYS M 10 58.80 76.39 -23.18
C CYS M 10 59.04 75.35 -22.09
N SER M 11 58.02 74.51 -21.86
CA SER M 11 58.18 73.43 -20.88
C SER M 11 59.29 72.49 -21.29
N LEU M 12 59.36 72.17 -22.59
CA LEU M 12 60.46 71.34 -23.09
C LEU M 12 61.81 72.01 -22.83
N LEU M 13 61.89 73.32 -23.07
CA LEU M 13 63.15 74.03 -22.86
C LEU M 13 63.52 74.09 -21.39
N ARG M 14 62.54 74.37 -20.52
CA ARG M 14 62.88 74.52 -19.10
C ARG M 14 63.27 73.18 -18.50
N LEU M 15 62.61 72.09 -18.91
CA LEU M 15 63.08 70.78 -18.50
C LEU M 15 64.44 70.46 -19.09
N GLN M 16 64.70 70.88 -20.32
CA GLN M 16 66.03 70.68 -20.90
C GLN M 16 67.08 71.35 -20.04
N GLU M 17 66.81 72.58 -19.60
CA GLU M 17 67.76 73.29 -18.75
C GLU M 17 67.91 72.62 -17.38
N THR M 18 66.80 72.20 -16.78
CA THR M 18 66.88 71.57 -15.46
C THR M 18 67.68 70.29 -15.51
N LEU M 19 67.47 69.47 -16.54
CA LEU M 19 68.25 68.25 -16.69
C LEU M 19 69.68 68.53 -17.15
N SER M 20 69.89 69.65 -17.86
CA SER M 20 71.25 70.07 -18.20
C SER M 20 72.00 70.50 -16.94
N ALA M 21 71.27 70.92 -15.92
CA ALA M 21 71.90 71.29 -14.66
C ALA M 21 72.13 70.06 -13.79
N ALA M 22 71.10 69.26 -13.57
CA ALA M 22 71.12 68.24 -12.52
C ALA M 22 72.22 67.21 -12.74
N ASP M 23 72.64 67.00 -13.98
CA ASP M 23 73.73 66.06 -14.26
C ASP M 23 75.10 66.65 -13.94
N ARG M 24 75.14 67.77 -13.21
CA ARG M 24 76.42 68.36 -12.85
C ARG M 24 77.23 67.43 -11.97
N CYS M 25 76.56 66.61 -11.17
CA CYS M 25 77.21 65.68 -10.26
C CYS M 25 76.90 64.25 -10.69
N GLY M 26 77.90 63.38 -10.56
CA GLY M 26 77.67 61.97 -10.81
C GLY M 26 77.21 61.29 -9.54
N ALA M 27 75.89 61.12 -9.41
CA ALA M 27 75.32 60.57 -8.19
C ALA M 27 73.96 59.99 -8.51
N ALA M 28 73.49 59.12 -7.60
CA ALA M 28 72.22 58.43 -7.83
C ALA M 28 71.06 59.41 -7.93
N LEU M 29 71.09 60.48 -7.13
CA LEU M 29 70.02 61.47 -7.19
C LEU M 29 69.96 62.14 -8.55
N ALA M 30 71.12 62.40 -9.15
CA ALA M 30 71.15 62.98 -10.49
C ALA M 30 70.47 62.07 -11.50
N GLY M 31 70.81 60.78 -11.46
CA GLY M 31 70.18 59.83 -12.37
C GLY M 31 68.68 59.71 -12.15
N HIS M 32 68.26 59.70 -10.87
CA HIS M 32 66.84 59.65 -10.57
C HIS M 32 66.10 60.83 -11.15
N GLN M 33 66.59 62.05 -10.89
CA GLN M 33 65.91 63.23 -11.40
C GLN M 33 65.91 63.22 -12.93
N LEU M 34 67.04 62.84 -13.53
CA LEU M 34 67.15 62.87 -14.97
C LEU M 34 66.15 61.91 -15.60
N ILE M 35 66.08 60.67 -15.11
CA ILE M 35 65.17 59.70 -15.69
C ILE M 35 63.71 60.08 -15.41
N ARG M 36 63.45 60.71 -14.26
CA ARG M 36 62.09 61.16 -13.99
C ARG M 36 61.67 62.24 -14.97
N GLY M 37 62.52 63.24 -15.18
CA GLY M 37 62.23 64.26 -16.17
C GLY M 37 62.14 63.70 -17.58
N LEU M 38 62.95 62.69 -17.89
CA LEU M 38 62.85 62.04 -19.19
C LEU M 38 61.50 61.36 -19.36
N GLY M 39 61.02 60.68 -18.34
CA GLY M 39 59.68 60.11 -18.43
C GLY M 39 58.61 61.18 -18.58
N GLN M 40 58.79 62.29 -17.87
CA GLN M 40 57.82 63.39 -17.97
C GLN M 40 57.79 63.94 -19.39
N GLU M 41 58.96 64.17 -19.99
CA GLU M 41 58.99 64.64 -21.37
C GLU M 41 58.51 63.58 -22.34
N CYS M 42 58.72 62.30 -22.01
CA CYS M 42 58.21 61.21 -22.84
C CYS M 42 56.70 61.26 -22.92
N VAL M 43 56.03 61.44 -21.78
CA VAL M 43 54.57 61.53 -21.80
C VAL M 43 54.10 62.91 -22.26
N LEU M 44 54.95 63.92 -22.20
CA LEU M 44 54.54 65.27 -22.60
C LEU M 44 54.62 65.45 -24.11
N SER M 45 55.83 65.38 -24.67
CA SER M 45 56.01 65.64 -26.09
C SER M 45 55.45 64.53 -26.97
N SER M 46 55.04 63.40 -26.39
CA SER M 46 54.34 62.38 -27.15
C SER M 46 53.01 62.90 -27.68
N SER M 47 52.45 63.93 -27.07
CA SER M 47 51.23 64.53 -27.58
C SER M 47 51.48 65.10 -28.97
N PRO M 48 50.55 64.92 -29.91
CA PRO M 48 50.78 65.39 -31.28
C PRO M 48 50.81 66.91 -31.37
N ALA M 49 51.98 67.46 -31.68
CA ALA M 49 52.16 68.90 -31.79
C ALA M 49 52.88 69.22 -33.08
N VAL M 50 52.70 70.46 -33.55
CA VAL M 50 53.44 70.97 -34.70
C VAL M 50 54.18 72.26 -34.40
N LEU M 51 53.75 73.05 -33.42
CA LEU M 51 54.47 74.26 -33.02
C LEU M 51 55.44 73.95 -31.90
N ALA M 52 55.00 73.24 -30.86
CA ALA M 52 55.91 72.72 -29.86
C ALA M 52 56.77 71.61 -30.40
N LEU M 53 56.42 71.06 -31.56
CA LEU M 53 57.23 70.02 -32.18
C LEU M 53 58.60 70.57 -32.59
N GLN M 54 58.63 71.77 -33.16
CA GLN M 54 59.91 72.33 -33.60
C GLN M 54 60.78 72.72 -32.40
N THR M 55 60.15 73.27 -31.36
CA THR M 55 60.85 73.54 -30.11
C THR M 55 61.42 72.24 -29.54
N SER M 56 60.62 71.18 -29.54
CA SER M 56 61.10 69.88 -29.09
C SER M 56 62.25 69.42 -29.95
N LEU M 57 62.20 69.69 -31.25
CA LEU M 57 63.28 69.30 -32.16
C LEU M 57 64.59 69.96 -31.76
N VAL M 58 64.57 71.28 -31.56
CA VAL M 58 65.80 72.00 -31.27
C VAL M 58 66.32 71.64 -29.87
N PHE M 59 65.42 71.55 -28.89
CA PHE M 59 65.85 71.16 -27.55
C PHE M 59 66.38 69.74 -27.53
N SER M 60 65.76 68.86 -28.32
CA SER M 60 66.22 67.48 -28.42
C SER M 60 67.60 67.40 -29.04
N ARG M 61 67.84 68.17 -30.10
CA ARG M 61 69.17 68.22 -30.69
C ARG M 61 70.19 68.67 -29.64
N ASP M 62 69.92 69.80 -28.99
CA ASP M 62 70.87 70.36 -28.03
C ASP M 62 71.13 69.36 -26.90
N PHE M 63 70.07 68.85 -26.28
CA PHE M 63 70.24 67.99 -25.12
C PHE M 63 70.71 66.59 -25.49
N GLY M 64 70.42 66.11 -26.70
CA GLY M 64 70.99 64.85 -27.13
C GLY M 64 72.49 64.95 -27.30
N LEU M 65 72.96 66.04 -27.91
CA LEU M 65 74.39 66.29 -27.93
C LEU M 65 74.94 66.39 -26.51
N LEU M 66 74.20 67.08 -25.64
CA LEU M 66 74.67 67.29 -24.27
C LEU M 66 74.81 65.98 -23.52
N VAL M 67 73.82 65.08 -23.64
CA VAL M 67 73.87 63.82 -22.91
C VAL M 67 74.89 62.88 -23.56
N PHE M 68 75.01 62.90 -24.88
CA PHE M 68 75.99 62.07 -25.55
C PHE M 68 77.41 62.44 -25.14
N VAL M 69 77.70 63.74 -25.03
CA VAL M 69 79.04 64.15 -24.63
C VAL M 69 79.19 64.29 -23.13
N ARG M 70 78.10 64.19 -22.37
CA ARG M 70 78.11 64.51 -20.95
C ARG M 70 77.74 63.32 -20.09
N LYS M 71 76.61 62.65 -20.38
CA LYS M 71 76.27 61.45 -19.63
C LYS M 71 77.37 60.43 -19.85
N SER M 72 77.46 59.92 -21.09
CA SER M 72 78.66 59.30 -21.65
C SER M 72 79.45 58.48 -20.64
N LEU M 73 78.78 57.72 -19.79
CA LEU M 73 79.49 56.98 -18.75
C LEU M 73 78.67 55.76 -18.36
N ASN M 74 79.37 54.67 -18.05
CA ASN M 74 78.73 53.45 -17.60
C ASN M 74 78.04 53.60 -16.26
N SER M 75 78.32 54.68 -15.53
CA SER M 75 77.61 54.97 -14.30
C SER M 75 76.10 54.99 -14.56
N ILE M 76 75.36 54.27 -13.72
CA ILE M 76 73.94 54.06 -14.00
C ILE M 76 73.18 55.37 -13.98
N GLU M 77 73.64 56.34 -13.18
CA GLU M 77 72.98 57.64 -13.16
C GLU M 77 73.06 58.36 -14.50
N PHE M 78 73.92 57.89 -15.40
CA PHE M 78 73.91 58.30 -16.79
C PHE M 78 73.44 57.21 -17.73
N ARG M 79 73.73 55.94 -17.42
CA ARG M 79 73.38 54.85 -18.31
C ARG M 79 71.86 54.65 -18.39
N GLU M 80 71.17 54.66 -17.25
CA GLU M 80 69.73 54.47 -17.27
C GLU M 80 69.04 55.62 -17.98
N CYS M 81 69.52 56.84 -17.76
CA CYS M 81 68.96 57.99 -18.47
C CYS M 81 69.21 57.88 -19.97
N ARG M 82 70.41 57.44 -20.36
CA ARG M 82 70.71 57.29 -21.77
C ARG M 82 69.82 56.24 -22.42
N GLU M 83 69.58 55.12 -21.74
CA GLU M 83 68.74 54.08 -22.33
C GLU M 83 67.28 54.50 -22.36
N GLU M 84 66.83 55.26 -21.36
CA GLU M 84 65.49 55.82 -21.42
C GLU M 84 65.36 56.77 -22.59
N ILE M 85 66.38 57.60 -22.82
CA ILE M 85 66.39 58.48 -23.98
C ILE M 85 66.30 57.67 -25.26
N LEU M 86 67.06 56.58 -25.33
CA LEU M 86 67.04 55.74 -26.52
C LEU M 86 65.64 55.18 -26.76
N LYS M 87 65.00 54.67 -25.70
CA LYS M 87 63.65 54.13 -25.84
C LYS M 87 62.68 55.21 -26.29
N PHE M 88 62.79 56.41 -25.70
CA PHE M 88 61.87 57.48 -26.05
C PHE M 88 62.05 57.93 -27.49
N LEU M 89 63.30 58.05 -27.95
CA LEU M 89 63.51 58.42 -29.34
C LEU M 89 63.09 57.33 -30.29
N CYS M 90 63.23 56.06 -29.89
CA CYS M 90 62.74 54.98 -30.74
C CYS M 90 61.22 55.05 -30.89
N ILE M 91 60.51 55.23 -29.78
CA ILE M 91 59.06 55.37 -29.85
C ILE M 91 58.63 56.70 -30.44
N PHE M 92 59.56 57.65 -30.55
CA PHE M 92 59.26 58.94 -31.18
C PHE M 92 59.42 58.87 -32.69
N LEU M 93 60.48 58.22 -33.18
CA LEU M 93 60.60 57.98 -34.61
C LEU M 93 59.45 57.12 -35.12
N GLU M 94 58.77 56.41 -34.23
CA GLU M 94 57.52 55.75 -34.57
C GLU M 94 56.55 56.72 -35.19
N LYS M 95 56.51 57.97 -34.67
CA LYS M 95 55.71 59.04 -35.26
C LYS M 95 56.54 60.32 -35.35
N MET M 96 57.36 60.44 -36.39
CA MET M 96 57.81 61.76 -36.82
C MET M 96 57.96 61.89 -38.33
N GLY M 97 57.86 60.81 -39.10
CA GLY M 97 58.04 60.91 -40.54
C GLY M 97 59.49 61.16 -40.91
N GLN M 98 59.67 61.86 -42.03
CA GLN M 98 60.98 62.17 -42.56
C GLN M 98 61.51 63.53 -42.07
N LYS M 99 60.95 64.04 -40.98
CA LYS M 99 61.41 65.31 -40.43
C LYS M 99 62.85 65.21 -39.93
N ILE M 100 63.38 64.00 -39.79
CA ILE M 100 64.76 63.78 -39.39
C ILE M 100 65.72 64.08 -40.52
N ALA M 101 65.20 64.48 -41.68
CA ALA M 101 66.06 64.70 -42.85
C ALA M 101 67.26 65.61 -42.54
N PRO M 102 67.11 66.71 -41.80
CA PRO M 102 68.34 67.38 -41.31
C PRO M 102 69.01 66.59 -40.21
N TYR M 103 68.24 66.00 -39.30
CA TYR M 103 68.79 65.27 -38.18
C TYR M 103 69.30 63.89 -38.56
N SER M 104 69.03 63.43 -39.78
CA SER M 104 69.33 62.05 -40.17
C SER M 104 70.81 61.74 -39.99
N VAL M 105 71.66 62.39 -40.77
CA VAL M 105 73.08 62.04 -40.76
C VAL M 105 73.74 62.46 -39.45
N GLU M 106 73.35 63.62 -38.91
CA GLU M 106 73.98 64.08 -37.67
C GLU M 106 73.70 63.13 -36.52
N ILE M 107 72.45 62.66 -36.41
CA ILE M 107 72.12 61.75 -35.33
C ILE M 107 72.59 60.34 -35.66
N LYS M 108 72.72 59.99 -36.94
CA LYS M 108 73.37 58.73 -37.29
C LYS M 108 74.78 58.69 -36.75
N ASN M 109 75.55 59.75 -37.02
CA ASN M 109 76.91 59.85 -36.50
C ASN M 109 76.90 59.91 -34.97
N THR M 110 75.97 60.67 -34.40
CA THR M 110 75.88 60.77 -32.95
C THR M 110 75.64 59.40 -32.32
N CYS M 111 74.75 58.62 -32.90
CA CYS M 111 74.36 57.34 -32.31
C CYS M 111 75.45 56.30 -32.51
N THR M 112 76.09 56.27 -33.69
CA THR M 112 77.18 55.33 -33.87
C THR M 112 78.36 55.69 -32.97
N SER M 113 78.56 56.98 -32.69
CA SER M 113 79.58 57.37 -31.72
C SER M 113 79.15 57.03 -30.30
N VAL M 114 77.84 57.10 -30.02
CA VAL M 114 77.33 56.60 -28.75
C VAL M 114 77.74 55.16 -28.56
N TYR M 115 77.53 54.33 -29.59
CA TYR M 115 77.92 52.94 -29.49
C TYR M 115 79.42 52.77 -29.33
N THR M 116 80.20 53.38 -30.22
CA THR M 116 81.65 53.19 -30.19
C THR M 116 82.28 53.67 -28.89
N LYS M 117 81.62 54.60 -28.21
CA LYS M 117 82.07 55.03 -26.88
C LYS M 117 81.61 54.04 -25.83
N ASP M 118 81.62 54.46 -24.57
CA ASP M 118 81.37 53.62 -23.41
C ASP M 118 80.19 52.65 -23.58
N ARG M 119 79.22 52.99 -24.43
CA ARG M 119 78.13 52.06 -24.71
C ARG M 119 78.63 50.76 -25.31
N ALA M 120 79.75 50.80 -26.04
CA ALA M 120 80.41 49.55 -26.41
C ALA M 120 80.92 48.82 -25.17
N ALA M 121 81.49 49.57 -24.22
CA ALA M 121 81.95 48.96 -22.98
C ALA M 121 80.81 48.45 -22.12
N LYS M 122 79.59 48.92 -22.37
CA LYS M 122 78.41 48.45 -21.65
C LYS M 122 77.33 48.01 -22.64
N CYS M 123 77.71 47.17 -23.60
CA CYS M 123 76.74 46.64 -24.55
C CYS M 123 75.63 45.93 -23.79
N LYS M 124 74.45 46.53 -23.78
CA LYS M 124 73.37 46.18 -22.87
C LYS M 124 72.06 46.64 -23.50
N ILE M 125 71.02 46.80 -22.69
CA ILE M 125 69.76 47.39 -23.12
C ILE M 125 70.02 48.70 -23.86
N PRO M 126 70.92 49.58 -23.40
CA PRO M 126 71.28 50.73 -24.24
C PRO M 126 71.79 50.31 -25.61
N ALA M 127 72.61 49.25 -25.69
CA ALA M 127 73.06 48.80 -27.00
C ALA M 127 71.90 48.27 -27.83
N LEU M 128 70.97 47.54 -27.22
CA LEU M 128 69.81 47.05 -27.95
C LEU M 128 69.00 48.19 -28.53
N ASP M 129 68.71 49.20 -27.69
CA ASP M 129 67.93 50.34 -28.13
C ASP M 129 68.67 51.14 -29.19
N LEU M 130 69.99 51.24 -29.06
CA LEU M 130 70.80 51.88 -30.09
C LEU M 130 70.67 51.15 -31.42
N LEU M 131 70.73 49.81 -31.38
CA LEU M 131 70.65 49.02 -32.59
C LEU M 131 69.31 49.24 -33.27
N ILE M 132 68.22 49.19 -32.51
CA ILE M 132 66.91 49.38 -33.11
C ILE M 132 66.72 50.81 -33.58
N LYS M 133 67.31 51.78 -32.89
CA LYS M 133 67.20 53.17 -33.32
C LYS M 133 67.89 53.38 -34.66
N LEU M 134 69.11 52.83 -34.80
CA LEU M 134 69.77 52.90 -36.09
C LEU M 134 68.96 52.17 -37.17
N LEU M 135 68.39 51.02 -36.82
CA LEU M 135 67.53 50.28 -37.73
C LEU M 135 66.42 51.18 -38.28
N GLN M 136 65.58 51.68 -37.38
CA GLN M 136 64.47 52.53 -37.80
C GLN M 136 64.96 53.78 -38.50
N THR M 137 66.18 54.24 -38.19
CA THR M 137 66.75 55.36 -38.92
C THR M 137 67.00 55.00 -40.38
N PHE M 138 67.57 53.83 -40.63
CA PHE M 138 67.77 53.40 -42.02
C PHE M 138 66.43 53.24 -42.73
N ARG M 139 65.45 52.63 -42.06
CA ARG M 139 64.15 52.43 -42.71
C ARG M 139 63.50 53.76 -43.05
N SER M 140 63.52 54.72 -42.11
CA SER M 140 62.88 56.00 -42.34
C SER M 140 63.69 56.85 -43.31
N SER M 141 64.91 57.19 -42.93
CA SER M 141 65.80 57.99 -43.76
C SER M 141 66.72 57.04 -44.53
N ARG M 142 66.65 57.10 -45.85
CA ARG M 142 67.45 56.21 -46.68
C ARG M 142 67.74 56.88 -48.01
N LEU M 143 68.90 56.59 -48.57
CA LEU M 143 69.31 57.03 -49.90
C LEU M 143 69.40 58.55 -50.00
N MET M 144 69.66 59.23 -48.89
CA MET M 144 69.98 60.65 -48.90
C MET M 144 71.41 60.92 -48.46
N ASP M 145 71.83 60.38 -47.32
CA ASP M 145 73.24 60.29 -46.98
C ASP M 145 73.54 58.91 -46.41
N GLU M 146 72.72 57.91 -46.75
CA GLU M 146 72.95 56.55 -46.28
C GLU M 146 73.91 55.84 -47.22
N PHE M 147 75.04 56.51 -47.49
CA PHE M 147 76.16 55.92 -48.18
C PHE M 147 77.44 56.19 -47.41
N LYS M 148 77.37 56.98 -46.35
CA LYS M 148 78.40 57.17 -45.35
C LYS M 148 78.46 56.00 -44.38
N ILE M 149 77.79 54.89 -44.73
CA ILE M 149 77.66 53.74 -43.84
C ILE M 149 78.55 52.58 -44.25
N GLY M 150 79.11 52.59 -45.46
CA GLY M 150 80.03 51.54 -45.84
C GLY M 150 81.21 51.45 -44.91
N GLU M 151 81.74 52.60 -44.49
CA GLU M 151 82.74 52.63 -43.43
C GLU M 151 82.20 52.00 -42.15
N LEU M 152 80.99 52.41 -41.75
CA LEU M 152 80.38 51.83 -40.57
C LEU M 152 80.03 50.36 -40.79
N PHE M 153 79.61 50.00 -42.00
CA PHE M 153 79.37 48.61 -42.31
C PHE M 153 80.62 47.77 -42.06
N SER M 154 81.75 48.19 -42.62
CA SER M 154 82.98 47.45 -42.42
C SER M 154 83.41 47.47 -40.97
N LYS M 155 83.13 48.56 -40.25
CA LYS M 155 83.43 48.61 -38.83
C LYS M 155 82.68 47.52 -38.08
N PHE M 156 81.38 47.39 -38.34
CA PHE M 156 80.59 46.35 -37.69
C PHE M 156 81.04 44.97 -38.15
N TYR M 157 81.42 44.85 -39.43
CA TYR M 157 81.87 43.58 -39.96
C TYR M 157 83.12 43.10 -39.22
N GLY M 158 84.09 43.97 -39.05
CA GLY M 158 85.27 43.62 -38.27
C GLY M 158 84.96 43.42 -36.80
N GLU M 159 84.02 44.20 -36.26
CA GLU M 159 83.66 44.08 -34.86
C GLU M 159 83.06 42.72 -34.54
N LEU M 160 82.15 42.25 -35.40
CA LEU M 160 81.61 40.92 -35.24
C LEU M 160 82.63 39.85 -35.57
N ALA M 161 83.53 40.13 -36.52
CA ALA M 161 84.59 39.19 -36.86
C ALA M 161 85.63 39.06 -35.76
N LEU M 162 85.47 39.79 -34.65
CA LEU M 162 86.37 39.65 -33.52
C LEU M 162 86.34 38.21 -33.00
N LYS M 163 87.52 37.65 -32.77
CA LYS M 163 87.60 36.28 -32.24
C LYS M 163 87.00 36.20 -30.85
N LYS M 164 87.05 37.30 -30.09
CA LYS M 164 86.39 37.36 -28.79
C LYS M 164 85.02 38.00 -29.00
N LYS M 165 84.08 37.20 -29.48
CA LYS M 165 82.73 37.67 -29.79
C LYS M 165 81.85 37.37 -28.57
N ILE M 166 81.78 38.33 -27.66
CA ILE M 166 81.01 38.23 -26.43
C ILE M 166 79.52 38.49 -26.61
N PRO M 167 79.07 39.49 -27.39
CA PRO M 167 77.71 40.02 -27.21
C PRO M 167 76.63 38.97 -27.38
N ASP M 168 75.54 39.18 -26.62
CA ASP M 168 74.48 38.19 -26.51
C ASP M 168 73.74 38.02 -27.83
N THR M 169 73.02 36.90 -27.93
CA THR M 169 72.26 36.61 -29.14
C THR M 169 71.16 37.65 -29.36
N VAL M 170 70.69 38.28 -28.29
CA VAL M 170 69.72 39.37 -28.44
C VAL M 170 70.35 40.56 -29.14
N LEU M 171 71.64 40.81 -28.91
CA LEU M 171 72.36 41.88 -29.57
C LEU M 171 72.65 41.59 -31.03
N GLU M 172 72.14 40.48 -31.57
CA GLU M 172 72.47 40.06 -32.92
C GLU M 172 71.50 40.58 -33.96
N LYS M 173 70.55 41.43 -33.57
CA LYS M 173 69.77 42.15 -34.58
C LYS M 173 70.66 43.01 -35.47
N VAL M 174 71.93 43.15 -35.11
CA VAL M 174 72.93 43.75 -35.99
C VAL M 174 72.88 43.10 -37.37
N TYR M 175 72.47 41.83 -37.43
CA TYR M 175 72.37 41.16 -38.72
C TYR M 175 71.40 41.89 -39.63
N GLU M 176 70.21 42.22 -39.11
CA GLU M 176 69.30 43.07 -39.86
C GLU M 176 69.94 44.41 -40.18
N LEU M 177 70.71 44.95 -39.23
CA LEU M 177 71.51 46.13 -39.52
C LEU M 177 72.54 45.84 -40.60
N LEU M 178 73.19 44.68 -40.53
CA LEU M 178 74.12 44.31 -41.59
C LEU M 178 73.40 44.11 -42.90
N GLY M 179 72.17 43.61 -42.87
CA GLY M 179 71.33 43.68 -44.04
C GLY M 179 71.15 45.12 -44.45
N LEU M 180 71.42 45.44 -45.70
CA LEU M 180 71.48 46.83 -46.14
C LEU M 180 70.67 47.01 -47.41
N LEU M 181 69.88 48.08 -47.46
CA LEU M 181 69.21 48.48 -48.68
C LEU M 181 69.25 49.98 -48.94
N GLY M 182 69.71 50.79 -47.99
CA GLY M 182 69.80 52.23 -48.20
C GLY M 182 70.99 52.68 -49.02
N GLU M 183 71.97 51.81 -49.23
CA GLU M 183 73.15 52.12 -50.02
C GLU M 183 73.02 51.52 -51.42
N VAL M 184 73.81 52.05 -52.34
CA VAL M 184 73.85 51.54 -53.71
C VAL M 184 74.61 50.22 -53.73
N HIS M 185 75.14 49.82 -52.57
CA HIS M 185 75.88 48.57 -52.39
C HIS M 185 77.04 48.43 -53.36
N PRO M 186 78.15 49.13 -53.12
CA PRO M 186 79.41 48.79 -53.83
C PRO M 186 79.75 47.32 -53.71
N SER M 187 80.72 46.85 -54.50
CA SER M 187 81.08 45.43 -54.47
C SER M 187 81.60 44.98 -53.12
N GLU M 188 82.02 45.92 -52.25
CA GLU M 188 82.69 45.54 -51.01
C GLU M 188 81.76 44.74 -50.10
N MET M 189 80.60 45.29 -49.78
CA MET M 189 79.68 44.52 -48.95
C MET M 189 79.03 43.38 -49.71
N ILE M 190 78.98 43.44 -51.05
CA ILE M 190 78.55 42.27 -51.81
C ILE M 190 79.47 41.09 -51.54
N ASN M 191 80.78 41.33 -51.57
CA ASN M 191 81.73 40.25 -51.29
C ASN M 191 81.71 39.85 -49.83
N ASN M 192 81.61 40.83 -48.92
CA ASN M 192 81.51 40.50 -47.50
C ASN M 192 80.28 39.68 -47.20
N ALA M 193 79.21 39.87 -47.97
CA ALA M 193 77.97 39.13 -47.75
C ALA M 193 78.17 37.64 -47.95
N GLU M 194 79.05 37.25 -48.87
CA GLU M 194 79.32 35.82 -49.07
C GLU M 194 79.92 35.20 -47.82
N ASN M 195 80.88 35.90 -47.19
CA ASN M 195 81.44 35.43 -45.93
C ASN M 195 80.40 35.41 -44.84
N LEU M 196 79.55 36.44 -44.80
CA LEU M 196 78.43 36.44 -43.88
C LEU M 196 77.59 35.18 -44.05
N PHE M 197 77.21 34.88 -45.30
CA PHE M 197 76.35 33.74 -45.57
C PHE M 197 77.02 32.44 -45.16
N ARG M 198 78.31 32.27 -45.45
CA ARG M 198 78.98 31.04 -45.08
C ARG M 198 79.00 30.86 -43.57
N ALA M 199 79.32 31.93 -42.83
CA ALA M 199 79.32 31.82 -41.37
C ALA M 199 77.91 31.53 -40.84
N PHE M 200 76.91 32.14 -41.45
CA PHE M 200 75.54 31.98 -40.95
C PHE M 200 75.02 30.58 -41.23
N LEU M 201 75.30 30.04 -42.41
CA LEU M 201 74.92 28.66 -42.69
C LEU M 201 75.67 27.71 -41.77
N GLY M 202 76.93 28.01 -41.47
CA GLY M 202 77.67 27.18 -40.53
C GLY M 202 77.03 27.14 -39.17
N GLU M 203 76.67 28.30 -38.63
CA GLU M 203 76.06 28.31 -37.30
C GLU M 203 74.64 27.75 -37.33
N LEU M 204 73.91 27.93 -38.43
CA LEU M 204 72.61 27.30 -38.59
C LEU M 204 72.73 25.79 -38.55
N LYS M 205 73.70 25.24 -39.27
CA LYS M 205 73.93 23.81 -39.22
C LYS M 205 74.34 23.37 -37.82
N THR M 206 75.19 24.15 -37.17
CA THR M 206 75.67 23.78 -35.84
C THR M 206 74.52 23.71 -34.84
N GLN M 207 73.63 24.69 -34.86
CA GLN M 207 72.64 24.84 -33.81
C GLN M 207 71.31 24.18 -34.14
N MET M 208 71.01 23.98 -35.42
CA MET M 208 69.79 23.26 -35.80
C MET M 208 69.88 21.81 -35.36
N THR M 209 71.01 21.16 -35.65
CA THR M 209 71.23 19.80 -35.19
C THR M 209 71.31 19.77 -33.67
N SER M 210 70.72 18.74 -33.09
CA SER M 210 70.80 18.58 -31.64
C SER M 210 72.17 18.15 -31.17
N ALA M 211 73.14 18.07 -32.09
CA ALA M 211 74.48 17.62 -31.77
C ALA M 211 75.23 18.58 -30.87
N VAL M 212 74.71 19.78 -30.65
CA VAL M 212 75.27 20.74 -29.71
C VAL M 212 74.47 20.77 -28.42
N ARG M 213 73.82 19.66 -28.08
CA ARG M 213 72.87 19.53 -26.98
C ARG M 213 71.64 20.40 -27.18
N GLU M 214 71.52 21.08 -28.32
CA GLU M 214 70.37 21.92 -28.57
C GLU M 214 70.02 21.92 -30.05
N PRO M 215 68.81 21.52 -30.41
CA PRO M 215 68.28 21.90 -31.71
C PRO M 215 67.62 23.27 -31.64
N LYS M 216 68.31 24.24 -31.03
CA LYS M 216 67.72 25.53 -30.71
C LYS M 216 68.58 26.67 -31.22
N LEU M 217 67.91 27.74 -31.67
CA LEU M 217 68.54 29.01 -32.01
C LEU M 217 67.75 30.13 -31.33
N PRO M 218 68.27 30.71 -30.25
CA PRO M 218 67.46 31.64 -29.45
C PRO M 218 67.03 32.89 -30.20
N VAL M 219 68.00 33.66 -30.69
CA VAL M 219 67.71 34.89 -31.43
C VAL M 219 68.44 34.96 -32.77
N LEU M 220 69.47 34.15 -32.97
CA LEU M 220 70.30 34.27 -34.17
C LEU M 220 69.49 34.06 -35.45
N ALA M 221 68.57 33.09 -35.43
CA ALA M 221 67.92 32.66 -36.66
C ALA M 221 67.11 33.78 -37.29
N GLY M 222 66.25 34.44 -36.51
CA GLY M 222 65.45 35.52 -37.05
C GLY M 222 66.30 36.70 -37.49
N CYS M 223 67.37 36.98 -36.75
CA CYS M 223 68.25 38.07 -37.12
C CYS M 223 68.93 37.79 -38.46
N LEU M 224 69.37 36.54 -38.66
CA LEU M 224 69.93 36.14 -39.95
C LEU M 224 68.87 36.22 -41.04
N LYS M 225 67.64 35.86 -40.71
CA LYS M 225 66.55 36.00 -41.66
C LYS M 225 66.42 37.44 -42.14
N GLY M 226 66.43 38.38 -41.20
CA GLY M 226 66.34 39.79 -41.58
C GLY M 226 67.54 40.25 -42.40
N LEU M 227 68.73 39.81 -42.01
CA LEU M 227 69.93 40.13 -42.76
C LEU M 227 69.80 39.69 -44.21
N SER M 228 69.47 38.41 -44.42
CA SER M 228 69.33 37.90 -45.78
C SER M 228 68.18 38.55 -46.51
N SER M 229 67.12 38.92 -45.78
CA SER M 229 66.01 39.63 -46.39
C SER M 229 66.49 40.95 -46.99
N LEU M 230 67.33 41.68 -46.25
CA LEU M 230 67.84 42.94 -46.77
C LEU M 230 69.02 42.78 -47.73
N LEU M 231 69.61 41.59 -47.81
CA LEU M 231 70.80 41.39 -48.63
C LEU M 231 70.58 40.50 -49.85
N CYS M 232 69.74 39.47 -49.74
CA CYS M 232 69.51 38.58 -50.87
C CYS M 232 68.75 39.24 -52.01
N ASN M 233 68.22 40.45 -51.78
CA ASN M 233 67.48 41.15 -52.81
C ASN M 233 68.28 41.27 -54.10
N PHE M 234 69.59 41.50 -53.97
CA PHE M 234 70.46 41.76 -55.11
C PHE M 234 71.50 40.66 -55.32
N THR M 235 71.40 39.54 -54.60
CA THR M 235 72.44 38.53 -54.62
C THR M 235 71.84 37.12 -54.60
N LYS M 236 72.57 36.19 -55.19
CA LYS M 236 72.38 34.75 -55.02
C LYS M 236 70.98 34.30 -55.44
N SER M 237 70.72 34.45 -56.74
CA SER M 237 69.58 33.79 -57.36
C SER M 237 69.96 32.34 -57.65
N MET M 238 69.12 31.63 -58.40
CA MET M 238 69.44 30.26 -58.79
C MET M 238 70.45 30.25 -59.93
N GLU M 239 71.65 30.72 -59.62
CA GLU M 239 72.82 30.57 -60.47
C GLU M 239 73.86 29.66 -59.86
N GLU M 240 73.58 29.08 -58.69
CA GLU M 240 74.60 28.38 -57.94
C GLU M 240 73.95 27.29 -57.08
N ASP M 241 74.78 26.32 -56.71
CA ASP M 241 74.35 25.28 -55.76
C ASP M 241 74.05 25.81 -54.36
N PRO M 242 74.92 26.66 -53.72
CA PRO M 242 74.69 27.00 -52.30
C PRO M 242 73.29 27.53 -51.99
N GLN M 243 72.52 27.83 -53.04
CA GLN M 243 71.10 28.13 -52.84
C GLN M 243 70.41 27.01 -52.07
N THR M 244 70.34 25.82 -52.65
CA THR M 244 69.65 24.74 -51.95
C THR M 244 70.33 24.38 -50.64
N SER M 245 71.63 24.67 -50.52
CA SER M 245 72.32 24.50 -49.25
C SER M 245 71.67 25.35 -48.16
N ARG M 246 71.48 26.63 -48.43
CA ARG M 246 70.78 27.47 -47.45
C ARG M 246 69.29 27.13 -47.38
N GLU M 247 68.74 26.49 -48.41
CA GLU M 247 67.36 26.02 -48.33
C GLU M 247 67.21 24.95 -47.27
N ILE M 248 68.20 24.07 -47.14
CA ILE M 248 68.07 22.91 -46.27
C ILE M 248 67.69 23.35 -44.86
N PHE M 249 68.23 24.48 -44.40
CA PHE M 249 68.01 24.89 -43.01
C PHE M 249 66.54 25.17 -42.72
N ASN M 250 65.84 25.84 -43.62
CA ASN M 250 64.49 26.29 -43.25
C ASN M 250 63.47 25.16 -43.34
N PHE M 251 63.85 24.01 -43.91
CA PHE M 251 62.91 22.90 -44.03
C PHE M 251 62.47 22.38 -42.67
N VAL M 252 63.39 22.31 -41.72
CA VAL M 252 63.05 21.82 -40.39
C VAL M 252 62.02 22.70 -39.72
N LEU M 253 61.93 23.96 -40.14
CA LEU M 253 60.92 24.88 -39.61
C LEU M 253 59.58 24.65 -40.30
N GLN M 259 59.97 23.23 -35.47
CA GLN M 259 59.41 22.18 -34.63
C GLN M 259 58.55 22.78 -33.50
N ILE M 260 59.11 23.74 -32.77
CA ILE M 260 58.39 24.42 -31.71
C ILE M 260 59.12 25.72 -31.40
N ASP M 261 58.36 26.76 -31.01
CA ASP M 261 58.94 28.05 -30.69
C ASP M 261 58.38 28.62 -29.38
N LEU M 262 57.63 27.82 -28.61
CA LEU M 262 57.26 28.13 -27.23
C LEU M 262 56.52 29.46 -27.12
N LYS M 263 55.31 29.46 -27.68
CA LYS M 263 54.28 30.48 -27.44
C LYS M 263 54.61 31.83 -28.07
N ARG M 264 55.79 32.00 -28.65
CA ARG M 264 56.16 33.25 -29.32
C ARG M 264 56.21 33.11 -30.83
N TYR M 265 56.75 32.01 -31.34
CA TYR M 265 56.58 31.61 -32.74
C TYR M 265 57.12 32.66 -33.71
N ALA M 266 58.31 33.17 -33.41
CA ALA M 266 58.90 34.21 -34.24
C ALA M 266 59.68 33.63 -35.41
N VAL M 267 60.58 32.68 -35.14
CA VAL M 267 61.49 32.19 -36.16
C VAL M 267 60.78 31.53 -37.34
N PRO M 268 59.80 30.63 -37.13
CA PRO M 268 59.17 30.01 -38.32
C PRO M 268 58.47 31.01 -39.22
N SER M 269 57.69 31.92 -38.63
CA SER M 269 57.03 32.95 -39.42
C SER M 269 58.04 33.85 -40.12
N ALA M 270 59.15 34.14 -39.43
CA ALA M 270 60.20 34.94 -40.04
C ALA M 270 60.79 34.25 -41.26
N GLY M 271 61.05 32.94 -41.15
CA GLY M 271 61.53 32.21 -42.30
C GLY M 271 60.52 32.18 -43.44
N LEU M 272 59.24 32.07 -43.09
CA LEU M 272 58.20 32.11 -44.12
C LEU M 272 58.23 33.44 -44.87
N ARG M 273 58.34 34.54 -44.13
CA ARG M 273 58.42 35.85 -44.76
C ARG M 273 59.66 35.93 -45.65
N LEU M 274 60.80 35.49 -45.13
CA LEU M 274 62.04 35.55 -45.89
C LEU M 274 61.93 34.78 -47.20
N PHE M 275 61.35 33.58 -47.15
CA PHE M 275 61.11 32.86 -48.39
C PHE M 275 60.19 33.63 -49.31
N ALA M 276 59.13 34.23 -48.76
CA ALA M 276 58.22 35.00 -49.59
C ALA M 276 58.95 36.12 -50.31
N LEU M 277 59.97 36.70 -49.69
CA LEU M 277 60.72 37.77 -50.35
C LEU M 277 61.56 37.24 -51.51
N HIS M 278 62.29 36.14 -51.27
CA HIS M 278 63.22 35.61 -52.25
C HIS M 278 62.84 34.19 -52.66
N ALA M 279 61.54 33.96 -52.88
CA ALA M 279 61.10 32.65 -53.34
C ALA M 279 61.68 32.31 -54.70
N SER M 280 61.71 33.29 -55.61
CA SER M 280 62.26 33.06 -56.94
C SER M 280 63.73 32.68 -56.89
N GLN M 281 64.45 33.10 -55.85
CA GLN M 281 65.84 32.70 -55.68
C GLN M 281 66.00 31.23 -55.35
N PHE M 282 64.90 30.46 -55.33
CA PHE M 282 64.97 29.09 -54.86
C PHE M 282 64.28 28.13 -55.82
N SER M 283 64.00 28.57 -57.03
CA SER M 283 63.33 27.75 -58.03
C SER M 283 64.21 26.57 -58.39
N THR M 284 63.57 25.53 -58.92
CA THR M 284 64.17 24.25 -59.31
C THR M 284 64.66 23.45 -58.12
N CYS M 285 64.63 24.00 -56.91
CA CYS M 285 64.86 23.25 -55.69
C CYS M 285 63.62 23.24 -54.80
N LEU M 286 62.52 23.79 -55.30
CA LEU M 286 61.23 23.70 -54.65
C LEU M 286 60.21 22.96 -55.50
N LEU M 287 60.60 22.48 -56.68
CA LEU M 287 59.78 21.57 -57.47
C LEU M 287 59.82 20.16 -56.92
N ASP M 288 60.49 19.97 -55.79
CA ASP M 288 60.54 18.70 -55.11
C ASP M 288 59.76 18.80 -53.80
N ASN M 289 59.33 17.64 -53.32
CA ASN M 289 58.61 17.55 -52.04
C ASN M 289 57.37 18.43 -52.05
N TYR M 290 56.58 18.33 -53.12
CA TYR M 290 55.37 19.14 -53.23
C TYR M 290 54.53 19.02 -51.96
N VAL M 291 54.30 17.79 -51.52
CA VAL M 291 53.44 17.59 -50.36
C VAL M 291 54.04 18.18 -49.10
N SER M 292 55.30 17.84 -48.77
CA SER M 292 55.83 18.22 -47.46
C SER M 292 55.75 19.73 -47.27
N LEU M 293 56.16 20.49 -48.28
CA LEU M 293 55.99 21.94 -48.25
C LEU M 293 54.52 22.31 -48.16
N PHE M 294 53.65 21.58 -48.86
CA PHE M 294 52.22 21.88 -48.79
C PHE M 294 51.69 21.81 -47.37
N GLU M 295 51.89 20.67 -46.69
CA GLU M 295 51.35 20.54 -45.33
C GLU M 295 52.07 21.43 -44.33
N VAL M 296 53.36 21.70 -44.50
CA VAL M 296 53.97 22.62 -43.54
C VAL M 296 53.38 24.01 -43.71
N LEU M 297 53.10 24.42 -44.96
CA LEU M 297 52.40 25.69 -45.15
C LEU M 297 51.02 25.64 -44.50
N LEU M 298 50.31 24.52 -44.65
CA LEU M 298 48.98 24.40 -44.06
C LEU M 298 49.02 24.55 -42.55
N LYS M 299 49.95 23.85 -41.90
CA LYS M 299 50.01 23.90 -40.45
C LYS M 299 50.42 25.30 -39.99
N TRP M 300 51.40 25.92 -40.65
CA TRP M 300 51.82 27.24 -40.22
C TRP M 300 50.72 28.27 -40.41
N CYS M 301 49.96 28.18 -41.49
CA CYS M 301 48.82 29.09 -41.66
C CYS M 301 47.64 28.69 -40.79
N ALA M 302 47.67 27.52 -40.18
CA ALA M 302 46.62 27.04 -39.30
C ALA M 302 47.09 27.03 -37.85
N HIS M 303 47.89 28.02 -37.47
CA HIS M 303 48.42 28.12 -36.11
C HIS M 303 48.15 29.50 -35.54
N THR M 304 48.12 29.56 -34.21
CA THR M 304 47.89 30.82 -33.51
C THR M 304 49.00 31.81 -33.82
N ASN M 305 48.89 33.03 -33.28
CA ASN M 305 49.81 34.12 -33.61
C ASN M 305 49.76 34.40 -35.12
N VAL M 306 48.60 34.92 -35.51
CA VAL M 306 48.13 35.03 -36.90
C VAL M 306 49.19 35.56 -37.85
N GLU M 307 50.20 36.25 -37.32
CA GLU M 307 51.34 36.60 -38.16
C GLU M 307 51.90 35.34 -38.82
N LEU M 308 51.88 34.22 -38.11
CA LEU M 308 52.23 32.94 -38.71
C LEU M 308 51.31 32.64 -39.88
N LYS M 309 50.01 32.84 -39.69
CA LYS M 309 49.05 32.53 -40.75
C LYS M 309 49.34 33.35 -42.00
N LYS M 310 49.49 34.66 -41.86
CA LYS M 310 49.66 35.50 -43.03
C LYS M 310 51.02 35.26 -43.68
N ALA M 311 52.06 35.04 -42.88
CA ALA M 311 53.36 34.71 -43.46
C ALA M 311 53.31 33.41 -44.23
N ALA M 312 52.60 32.41 -43.69
CA ALA M 312 52.46 31.15 -44.40
C ALA M 312 51.66 31.32 -45.69
N LEU M 313 50.61 32.15 -45.65
CA LEU M 313 49.85 32.41 -46.86
C LEU M 313 50.70 33.08 -47.93
N SER M 314 51.51 34.07 -47.53
CA SER M 314 52.38 34.75 -48.50
C SER M 314 53.41 33.79 -49.08
N ALA M 315 54.06 33.01 -48.22
CA ALA M 315 55.03 32.04 -48.70
C ALA M 315 54.37 31.02 -49.62
N LEU M 316 53.17 30.58 -49.26
CA LEU M 316 52.45 29.61 -50.07
C LEU M 316 52.09 30.17 -51.43
N GLU M 317 51.61 31.41 -51.49
CA GLU M 317 51.22 31.97 -52.78
C GLU M 317 52.44 32.23 -53.65
N SER M 318 53.57 32.64 -53.04
CA SER M 318 54.80 32.75 -53.82
C SER M 318 55.21 31.38 -54.35
N PHE M 319 55.07 30.35 -53.52
CA PHE M 319 55.37 28.98 -53.95
C PHE M 319 54.49 28.58 -55.13
N LEU M 320 53.20 28.91 -55.06
CA LEU M 320 52.30 28.60 -56.16
C LEU M 320 52.70 29.36 -57.42
N LYS M 321 53.11 30.62 -57.28
CA LYS M 321 53.59 31.38 -58.42
C LYS M 321 54.75 30.66 -59.09
N GLN M 322 55.78 30.31 -58.31
CA GLN M 322 56.95 29.66 -58.89
C GLN M 322 56.61 28.33 -59.53
N VAL M 323 55.80 27.52 -58.85
CA VAL M 323 55.48 26.21 -59.41
C VAL M 323 54.65 26.36 -60.68
N SER M 324 53.76 27.36 -60.71
CA SER M 324 52.98 27.59 -61.93
C SER M 324 53.89 27.99 -63.08
N ASN M 325 54.85 28.90 -62.84
CA ASN M 325 55.75 29.29 -63.90
C ASN M 325 56.55 28.10 -64.40
N MET M 326 57.10 27.30 -63.48
CA MET M 326 57.95 26.20 -63.91
C MET M 326 57.16 25.13 -64.65
N VAL M 327 55.96 24.77 -64.15
CA VAL M 327 55.19 23.76 -64.86
C VAL M 327 54.74 24.31 -66.20
N ALA M 328 54.53 25.62 -66.30
CA ALA M 328 54.31 26.22 -67.61
C ALA M 328 55.52 26.06 -68.50
N LYS M 329 56.72 26.04 -67.92
CA LYS M 329 57.93 25.81 -68.71
C LYS M 329 58.47 24.39 -68.59
N ASN M 330 57.85 23.53 -67.78
CA ASN M 330 58.19 22.11 -67.82
C ASN M 330 57.48 21.41 -68.96
N ALA M 331 58.23 20.61 -69.71
CA ALA M 331 57.60 19.65 -70.61
C ALA M 331 56.92 18.53 -69.85
N GLU M 332 57.30 18.33 -68.58
CA GLU M 332 56.67 17.37 -67.71
C GLU M 332 55.47 17.98 -66.98
N MET M 333 54.85 19.00 -67.57
CA MET M 333 53.56 19.51 -67.12
C MET M 333 52.54 18.47 -66.73
N HIS M 334 52.16 17.61 -67.67
CA HIS M 334 51.14 16.60 -67.37
C HIS M 334 51.51 15.75 -66.17
N LYS M 335 52.80 15.53 -65.94
CA LYS M 335 53.24 14.72 -64.82
C LYS M 335 52.76 15.30 -63.51
N ASN M 336 53.24 16.49 -63.15
CA ASN M 336 52.80 17.09 -61.89
C ASN M 336 51.32 17.46 -61.92
N LYS M 337 50.76 17.68 -63.12
CA LYS M 337 49.35 18.01 -63.21
C LYS M 337 48.48 16.87 -62.69
N LEU M 338 48.69 15.66 -63.20
CA LEU M 338 47.97 14.50 -62.68
C LEU M 338 48.58 13.97 -61.39
N GLN M 339 49.74 14.50 -60.98
CA GLN M 339 50.43 14.01 -59.79
C GLN M 339 50.03 14.77 -58.53
N TYR M 340 50.10 16.09 -58.55
CA TYR M 340 50.01 16.80 -57.27
C TYR M 340 48.95 17.90 -57.25
N PHE M 341 48.76 18.63 -58.35
CA PHE M 341 47.88 19.79 -58.32
C PHE M 341 46.41 19.38 -58.33
N MET M 342 46.03 18.54 -59.28
CA MET M 342 44.62 18.16 -59.45
C MET M 342 44.10 17.45 -58.20
N GLU M 343 44.92 16.57 -57.62
CA GLU M 343 44.49 15.81 -56.45
C GLU M 343 44.18 16.73 -55.28
N GLN M 344 45.09 17.65 -54.95
CA GLN M 344 44.86 18.52 -53.79
C GLN M 344 43.72 19.48 -54.07
N PHE M 345 43.61 19.96 -55.32
CA PHE M 345 42.55 20.90 -55.63
C PHE M 345 41.18 20.25 -55.47
N TYR M 346 41.03 19.01 -55.94
CA TYR M 346 39.78 18.29 -55.70
C TYR M 346 39.59 17.99 -54.21
N GLY M 347 40.67 17.65 -53.51
CA GLY M 347 40.55 17.25 -52.12
C GLY M 347 40.16 18.38 -51.19
N ILE M 348 40.51 19.61 -51.54
CA ILE M 348 40.13 20.76 -50.71
C ILE M 348 38.62 20.88 -50.64
N ILE M 349 37.96 20.76 -51.79
CA ILE M 349 36.52 20.90 -51.86
C ILE M 349 35.85 19.60 -51.43
N ASN M 356 38.07 26.89 -43.39
CA ASN M 356 37.92 28.33 -43.48
C ASN M 356 38.36 28.85 -44.84
N LYS M 357 39.65 29.19 -44.95
CA LYS M 357 40.21 29.70 -46.18
C LYS M 357 40.63 28.59 -47.14
N GLU M 358 40.45 27.32 -46.75
CA GLU M 358 40.94 26.21 -47.56
C GLU M 358 40.39 26.29 -48.99
N LEU M 359 39.08 26.46 -49.13
CA LEU M 359 38.49 26.54 -50.46
C LEU M 359 39.00 27.76 -51.21
N SER M 360 39.17 28.89 -50.51
CA SER M 360 39.75 30.07 -51.14
C SER M 360 41.16 29.78 -51.64
N ILE M 361 41.95 29.06 -50.83
CA ILE M 361 43.31 28.73 -51.22
C ILE M 361 43.30 27.86 -52.48
N ALA M 362 42.40 26.88 -52.53
CA ALA M 362 42.29 26.05 -53.72
C ALA M 362 41.87 26.88 -54.93
N ILE M 363 40.98 27.85 -54.73
CA ILE M 363 40.57 28.74 -55.80
C ILE M 363 41.78 29.50 -56.35
N ARG M 364 42.60 30.05 -55.45
CA ARG M 364 43.80 30.74 -55.88
C ARG M 364 44.73 29.82 -56.66
N GLY M 365 44.93 28.61 -56.14
CA GLY M 365 45.84 27.68 -56.78
C GLY M 365 45.40 27.33 -58.19
N TYR M 366 44.12 27.00 -58.34
CA TYR M 366 43.62 26.67 -59.69
C TYR M 366 43.66 27.89 -60.60
N GLY M 367 43.32 29.06 -60.07
CA GLY M 367 43.32 30.26 -60.90
C GLY M 367 44.70 30.57 -61.45
N LEU M 368 45.72 30.50 -60.61
CA LEU M 368 47.08 30.68 -61.10
C LEU M 368 47.59 29.46 -61.85
N PHE M 369 46.89 28.33 -61.78
CA PHE M 369 47.31 27.11 -62.42
C PHE M 369 46.66 26.88 -63.78
N ALA M 370 45.59 27.63 -64.10
CA ALA M 370 44.83 27.36 -65.31
C ALA M 370 45.62 27.63 -66.58
N GLY M 371 46.56 28.57 -66.54
CA GLY M 371 47.36 28.90 -67.70
C GLY M 371 48.24 27.76 -68.14
N PRO M 372 49.01 27.21 -67.19
CA PRO M 372 49.65 25.92 -67.47
C PRO M 372 48.64 24.85 -67.86
N CYS M 373 47.46 24.86 -67.23
CA CYS M 373 46.38 23.95 -67.63
C CYS M 373 45.77 24.34 -68.97
N LYS M 374 45.93 25.59 -69.40
CA LYS M 374 45.55 25.97 -70.75
C LYS M 374 46.44 25.29 -71.78
N VAL M 375 47.58 24.74 -71.37
CA VAL M 375 48.44 24.01 -72.30
C VAL M 375 47.95 22.59 -72.47
N ILE M 376 47.93 21.82 -71.39
CA ILE M 376 47.42 20.45 -71.40
C ILE M 376 46.03 20.45 -70.79
N ASN M 377 45.07 19.87 -71.51
CA ASN M 377 43.66 19.89 -71.11
C ASN M 377 43.15 21.33 -71.04
N ALA M 378 43.33 22.07 -72.14
CA ALA M 378 42.82 23.43 -72.21
C ALA M 378 41.31 23.45 -72.09
N LYS M 379 40.63 22.50 -72.72
CA LYS M 379 39.18 22.42 -72.66
C LYS M 379 38.67 22.11 -71.27
N ASP M 380 39.54 21.66 -70.35
CA ASP M 380 39.15 21.55 -68.95
C ASP M 380 39.07 22.90 -68.27
N VAL M 381 39.95 23.84 -68.65
CA VAL M 381 40.09 25.11 -67.95
C VAL M 381 38.74 25.80 -67.86
N ASP M 382 38.21 26.22 -69.02
CA ASP M 382 36.89 26.84 -69.04
C ASP M 382 35.86 25.94 -68.39
N PHE M 383 36.01 24.63 -68.55
CA PHE M 383 35.16 23.68 -67.85
C PHE M 383 35.09 23.99 -66.37
N MET M 384 36.23 23.92 -65.66
CA MET M 384 36.22 24.30 -64.25
C MET M 384 35.77 25.74 -64.09
N TYR M 385 36.20 26.62 -65.00
CA TYR M 385 35.76 28.00 -64.97
C TYR M 385 34.25 28.10 -64.89
N VAL M 386 33.54 27.28 -65.68
CA VAL M 386 32.09 27.30 -65.66
C VAL M 386 31.57 27.10 -64.25
N GLU M 387 32.08 26.06 -63.56
CA GLU M 387 31.59 25.78 -62.22
C GLU M 387 31.89 26.94 -61.28
N LEU M 388 33.02 27.62 -61.48
CA LEU M 388 33.34 28.76 -60.63
C LEU M 388 32.24 29.80 -60.70
N ILE M 389 31.61 29.96 -61.85
CA ILE M 389 30.51 30.90 -61.98
C ILE M 389 29.41 30.55 -60.97
N GLN M 390 29.01 29.28 -60.95
CA GLN M 390 28.03 28.85 -59.97
C GLN M 390 28.47 29.25 -58.57
N ARG M 391 29.76 29.05 -58.28
CA ARG M 391 30.28 29.37 -56.96
C ARG M 391 30.00 30.83 -56.61
N CYS M 392 30.34 31.75 -57.52
CA CYS M 392 30.08 33.15 -57.20
C CYS M 392 28.60 33.44 -57.19
N LYS M 393 27.83 32.75 -58.04
CA LYS M 393 26.38 32.81 -57.88
C LYS M 393 25.97 32.25 -56.53
N GLN M 394 26.56 31.12 -56.13
CA GLN M 394 26.40 30.63 -54.78
C GLN M 394 26.90 31.65 -53.77
N MET M 395 27.93 32.42 -54.14
CA MET M 395 28.45 33.45 -53.25
C MET M 395 27.54 34.66 -53.20
N PHE M 396 26.60 34.79 -54.15
CA PHE M 396 25.68 35.91 -54.12
C PHE M 396 24.85 35.94 -52.83
N LEU M 397 24.20 34.83 -52.51
CA LEU M 397 23.32 34.78 -51.34
C LEU M 397 23.01 33.35 -50.96
N VAL M 407 30.56 35.86 -46.66
CA VAL M 407 31.88 36.15 -46.13
C VAL M 407 32.60 37.15 -47.03
N TYR M 408 33.89 37.35 -46.77
CA TYR M 408 34.68 38.37 -47.46
C TYR M 408 35.70 37.76 -48.42
N GLN M 409 35.45 36.54 -48.88
CA GLN M 409 36.39 35.85 -49.76
C GLN M 409 36.28 36.28 -51.20
N MET M 410 35.57 37.39 -51.47
CA MET M 410 35.39 37.85 -52.84
C MET M 410 36.70 38.08 -53.58
N PRO M 411 37.71 38.77 -53.02
CA PRO M 411 38.93 39.02 -53.80
C PRO M 411 39.61 37.77 -54.31
N SER M 412 39.51 36.66 -53.57
CA SER M 412 40.01 35.39 -54.08
C SER M 412 39.34 35.03 -55.40
N PHE M 413 38.00 35.13 -55.43
CA PHE M 413 37.28 34.86 -56.67
C PHE M 413 37.71 35.81 -57.77
N LEU M 414 37.82 37.11 -57.43
CA LEU M 414 38.16 38.10 -58.44
C LEU M 414 39.50 37.82 -59.07
N GLN M 415 40.53 37.57 -58.25
CA GLN M 415 41.85 37.33 -58.81
C GLN M 415 41.94 35.99 -59.53
N SER M 416 41.24 34.97 -59.03
CA SER M 416 41.25 33.69 -59.74
C SER M 416 40.63 33.81 -61.12
N VAL M 417 39.46 34.47 -61.20
CA VAL M 417 38.83 34.62 -62.49
C VAL M 417 39.65 35.53 -63.38
N ALA M 418 40.31 36.54 -62.81
CA ALA M 418 41.20 37.38 -63.60
C ALA M 418 42.29 36.55 -64.25
N SER M 419 42.94 35.70 -63.46
CA SER M 419 43.99 34.84 -63.99
C SER M 419 43.45 33.95 -65.11
N VAL M 420 42.34 33.25 -64.85
CA VAL M 420 41.86 32.28 -65.81
C VAL M 420 41.38 32.96 -67.09
N LEU M 421 40.75 34.14 -66.98
CA LEU M 421 40.35 34.88 -68.16
C LEU M 421 41.53 35.45 -68.92
N LEU M 422 42.62 35.80 -68.23
CA LEU M 422 43.86 36.06 -68.95
C LEU M 422 44.28 34.83 -69.73
N TYR M 423 44.15 33.66 -69.11
CA TYR M 423 44.47 32.41 -69.79
C TYR M 423 43.39 32.02 -70.79
N LEU M 424 42.13 32.17 -70.40
CA LEU M 424 41.03 31.76 -71.26
C LEU M 424 40.85 32.73 -72.41
N ASP M 425 40.52 32.20 -73.58
CA ASP M 425 40.24 33.01 -74.75
C ASP M 425 38.87 32.74 -75.35
N THR M 426 38.17 31.71 -74.89
CA THR M 426 36.82 31.38 -75.34
C THR M 426 35.92 31.32 -74.12
N VAL M 427 34.85 32.12 -74.12
CA VAL M 427 33.99 32.23 -72.96
C VAL M 427 32.53 32.25 -73.38
N PRO M 428 31.67 31.47 -72.71
CA PRO M 428 30.22 31.61 -72.95
C PRO M 428 29.73 32.99 -72.55
N GLU M 429 29.14 33.69 -73.51
CA GLU M 429 28.76 35.09 -73.33
C GLU M 429 27.65 35.30 -72.31
N VAL M 430 26.95 34.23 -71.92
CA VAL M 430 25.90 34.37 -70.92
C VAL M 430 26.44 34.91 -69.61
N TYR M 431 27.74 34.73 -69.36
CA TYR M 431 28.37 35.23 -68.16
C TYR M 431 28.64 36.73 -68.20
N THR M 432 28.61 37.34 -69.39
CA THR M 432 28.95 38.75 -69.50
C THR M 432 28.06 39.67 -68.65
N PRO M 433 26.74 39.50 -68.57
CA PRO M 433 26.00 40.32 -67.60
C PRO M 433 26.26 39.87 -66.17
N VAL M 434 26.37 38.56 -65.95
CA VAL M 434 26.53 38.04 -64.61
C VAL M 434 27.77 38.64 -63.95
N LEU M 435 28.90 38.58 -64.65
CA LEU M 435 30.12 39.19 -64.13
C LEU M 435 29.92 40.67 -63.88
N GLU M 436 29.20 41.34 -64.77
CA GLU M 436 28.86 42.74 -64.54
C GLU M 436 28.12 42.90 -63.23
N HIS M 437 27.14 42.03 -62.98
CA HIS M 437 26.48 42.01 -61.69
C HIS M 437 27.45 41.58 -60.60
N LEU M 438 28.33 40.61 -60.89
CA LEU M 438 29.22 40.08 -59.87
C LEU M 438 30.22 41.13 -59.41
N VAL M 439 30.91 41.77 -60.36
CA VAL M 439 32.00 42.66 -59.99
C VAL M 439 31.50 43.81 -59.12
N VAL M 440 30.37 44.41 -59.51
CA VAL M 440 29.84 45.53 -58.75
C VAL M 440 29.55 45.11 -57.31
N MET M 441 29.19 43.84 -57.12
CA MET M 441 28.94 43.33 -55.77
C MET M 441 30.09 43.63 -54.83
N GLN M 442 31.34 43.48 -55.30
CA GLN M 442 32.44 43.66 -54.35
C GLN M 442 32.53 45.13 -53.93
N ILE M 443 32.23 46.06 -54.84
CA ILE M 443 32.10 47.45 -54.44
C ILE M 443 31.01 47.56 -53.39
N ASP M 444 29.88 46.88 -53.64
CA ASP M 444 28.81 46.79 -52.66
C ASP M 444 29.34 46.26 -51.33
N SER M 445 30.26 45.28 -51.40
CA SER M 445 30.84 44.71 -50.20
C SER M 445 32.09 45.44 -49.74
N PHE M 446 32.52 46.47 -50.49
CA PHE M 446 33.77 47.14 -50.15
C PHE M 446 33.79 47.71 -48.73
N PRO M 447 32.73 48.32 -48.21
CA PRO M 447 32.75 48.70 -46.79
C PRO M 447 32.79 47.48 -45.89
N GLN M 448 33.18 47.72 -44.63
CA GLN M 448 33.38 46.70 -43.61
C GLN M 448 34.54 45.77 -43.93
N TYR M 449 35.29 46.06 -44.98
CA TYR M 449 36.49 45.32 -45.30
C TYR M 449 37.64 45.68 -44.35
N SER M 450 38.61 44.80 -44.29
CA SER M 450 39.87 45.25 -43.73
C SER M 450 40.72 45.88 -44.82
N PRO M 451 41.55 46.87 -44.48
CA PRO M 451 42.32 47.56 -45.52
C PRO M 451 43.22 46.64 -46.33
N LYS M 452 43.78 45.61 -45.70
CA LYS M 452 44.70 44.72 -46.40
C LYS M 452 43.99 43.99 -47.54
N MET M 453 42.87 43.34 -47.24
CA MET M 453 42.17 42.69 -48.34
C MET M 453 41.40 43.69 -49.19
N GLN M 454 41.25 44.94 -48.74
CA GLN M 454 40.87 46.00 -49.67
C GLN M 454 41.92 46.17 -50.75
N LEU M 455 43.20 46.19 -50.36
CA LEU M 455 44.27 46.20 -51.34
C LEU M 455 44.23 44.96 -52.21
N VAL M 456 43.98 43.81 -51.59
CA VAL M 456 43.92 42.55 -52.33
C VAL M 456 42.82 42.62 -53.39
N CYS M 457 41.63 43.08 -53.01
CA CYS M 457 40.52 43.12 -53.95
C CYS M 457 40.73 44.18 -55.02
N CYS M 458 41.34 45.31 -54.67
CA CYS M 458 41.59 46.32 -55.70
C CYS M 458 42.62 45.82 -56.71
N ARG M 459 43.65 45.13 -56.25
CA ARG M 459 44.59 44.51 -57.17
C ARG M 459 43.88 43.47 -58.04
N ALA M 460 42.98 42.69 -57.45
CA ALA M 460 42.21 41.72 -58.22
C ALA M 460 41.35 42.41 -59.27
N ILE M 461 40.81 43.58 -58.93
CA ILE M 461 40.05 44.38 -59.89
C ILE M 461 40.94 44.80 -61.05
N VAL M 462 42.14 45.27 -60.74
CA VAL M 462 43.09 45.63 -61.79
C VAL M 462 43.34 44.44 -62.69
N LYS M 463 43.51 43.26 -62.08
CA LYS M 463 43.77 42.05 -62.85
C LYS M 463 42.59 41.70 -63.75
N VAL M 464 41.36 41.79 -63.23
CA VAL M 464 40.20 41.44 -64.05
C VAL M 464 40.04 42.43 -65.20
N PHE M 465 40.30 43.72 -64.94
CA PHE M 465 40.28 44.69 -66.03
C PHE M 465 41.31 44.36 -67.09
N LEU M 466 42.52 44.01 -66.68
CA LEU M 466 43.55 43.69 -67.66
C LEU M 466 43.19 42.45 -68.45
N ALA M 467 42.58 41.46 -67.79
CA ALA M 467 42.14 40.26 -68.49
C ALA M 467 41.07 40.58 -69.52
N LEU M 468 40.11 41.43 -69.16
CA LEU M 468 39.03 41.74 -70.09
C LEU M 468 39.44 42.77 -71.15
N ALA M 469 40.57 43.46 -70.96
CA ALA M 469 41.04 44.41 -71.95
C ALA M 469 41.58 43.76 -73.21
N ALA M 470 41.73 42.43 -73.22
CA ALA M 470 42.26 41.75 -74.40
C ALA M 470 41.32 41.93 -75.59
N LYS M 471 40.02 41.83 -75.37
CA LYS M 471 39.03 41.96 -76.42
C LYS M 471 38.35 43.31 -76.28
N GLY M 472 38.56 44.19 -77.25
CA GLY M 472 38.10 45.55 -77.19
C GLY M 472 36.60 45.75 -77.01
N PRO M 473 35.76 45.05 -77.78
CA PRO M 473 34.31 45.24 -77.64
C PRO M 473 33.81 44.93 -76.24
N VAL M 474 34.09 43.72 -75.77
CA VAL M 474 33.67 43.33 -74.43
C VAL M 474 34.31 44.23 -73.40
N LEU M 475 35.59 44.57 -73.61
CA LEU M 475 36.26 45.56 -72.76
C LEU M 475 35.41 46.79 -72.56
N ARG M 476 35.12 47.51 -73.65
CA ARG M 476 34.47 48.80 -73.52
C ARG M 476 33.05 48.65 -72.96
N ASN M 477 32.28 47.69 -73.46
CA ASN M 477 30.90 47.61 -73.00
C ASN M 477 30.83 47.21 -71.53
N CYS M 478 31.62 46.21 -71.12
CA CYS M 478 31.57 45.77 -69.74
C CYS M 478 32.05 46.88 -68.81
N ILE M 479 33.15 47.55 -69.16
CA ILE M 479 33.64 48.58 -68.25
C ILE M 479 32.62 49.70 -68.13
N SER M 480 32.01 50.10 -69.26
CA SER M 480 31.00 51.14 -69.20
C SER M 480 29.87 50.77 -68.27
N THR M 481 29.29 49.58 -68.47
CA THR M 481 28.13 49.21 -67.67
C THR M 481 28.50 49.02 -66.20
N VAL M 482 29.67 48.45 -65.92
CA VAL M 482 30.00 48.18 -64.52
C VAL M 482 30.30 49.47 -63.78
N VAL M 483 31.04 50.39 -64.40
CA VAL M 483 31.31 51.66 -63.72
C VAL M 483 30.02 52.44 -63.55
N HIS M 484 29.12 52.34 -64.54
CA HIS M 484 27.84 53.02 -64.44
C HIS M 484 27.02 52.50 -63.27
N GLN M 485 26.85 51.18 -63.19
CA GLN M 485 26.08 50.61 -62.08
C GLN M 485 26.77 50.87 -60.75
N GLY M 486 28.10 50.84 -60.74
CA GLY M 486 28.83 51.12 -59.51
C GLY M 486 28.55 52.51 -58.98
N LEU M 487 28.65 53.52 -59.85
CA LEU M 487 28.36 54.86 -59.39
C LEU M 487 26.88 55.02 -59.06
N ILE M 488 26.01 54.24 -59.71
CA ILE M 488 24.59 54.26 -59.34
C ILE M 488 24.43 53.88 -57.89
N ARG M 489 25.05 52.76 -57.49
CA ARG M 489 24.96 52.34 -56.10
C ARG M 489 25.69 53.30 -55.18
N ILE M 490 26.75 53.94 -55.68
CA ILE M 490 27.50 54.88 -54.85
C ILE M 490 26.64 56.07 -54.49
N CYS M 491 26.00 56.67 -55.49
CA CYS M 491 25.12 57.81 -55.21
C CYS M 491 23.83 57.36 -54.54
N SER M 492 23.50 56.06 -54.61
CA SER M 492 22.36 55.55 -53.87
C SER M 492 22.55 55.68 -52.37
N LYS M 493 23.78 55.75 -51.88
CA LYS M 493 24.03 55.94 -50.47
C LYS M 493 23.66 57.37 -50.07
N PRO M 494 22.75 57.55 -49.12
CA PRO M 494 22.29 58.90 -48.78
C PRO M 494 23.34 59.71 -48.05
N VAL M 495 23.17 61.03 -48.10
CA VAL M 495 24.07 61.98 -47.45
C VAL M 495 23.61 62.14 -46.00
N VAL M 496 24.50 62.61 -45.12
CA VAL M 496 24.21 62.73 -43.70
C VAL M 496 23.61 64.10 -43.42
N LEU M 497 22.83 64.19 -42.33
CA LEU M 497 22.29 65.45 -41.84
C LEU M 497 22.00 65.31 -40.34
N PRO M 498 22.48 66.24 -39.51
CA PRO M 498 22.28 66.19 -38.06
C PRO M 498 20.88 66.62 -37.62
N TRP M 519 25.66 41.77 -41.57
CA TRP M 519 25.92 42.87 -42.49
C TRP M 519 25.83 44.20 -41.77
N LYS M 520 26.98 44.79 -41.48
CA LYS M 520 27.05 46.07 -40.79
C LYS M 520 26.67 47.20 -41.74
N VAL M 521 26.43 48.37 -41.17
CA VAL M 521 26.06 49.54 -41.97
C VAL M 521 27.25 49.98 -42.82
N PRO M 522 27.10 50.13 -44.13
CA PRO M 522 28.23 50.50 -44.98
C PRO M 522 28.40 52.01 -45.07
N THR M 523 29.45 52.41 -45.77
CA THR M 523 29.77 53.82 -45.99
C THR M 523 30.00 54.06 -47.47
N TYR M 524 30.09 55.34 -47.82
CA TYR M 524 30.26 55.75 -49.21
C TYR M 524 31.56 56.49 -49.47
N LYS M 525 32.18 57.09 -48.46
CA LYS M 525 33.39 57.86 -48.68
C LYS M 525 34.60 56.98 -48.85
N ASP M 526 34.50 55.70 -48.51
CA ASP M 526 35.67 54.81 -48.58
C ASP M 526 36.16 54.64 -50.02
N TYR M 527 35.24 54.45 -50.95
CA TYR M 527 35.61 54.00 -52.29
C TYR M 527 36.56 54.96 -52.98
N VAL M 528 36.53 56.24 -52.61
CA VAL M 528 37.37 57.21 -53.28
C VAL M 528 38.84 56.87 -53.06
N ASP M 529 39.18 56.37 -51.87
CA ASP M 529 40.51 55.82 -51.68
C ASP M 529 40.74 54.67 -52.64
N LEU M 530 39.84 53.70 -52.65
CA LEU M 530 39.80 52.72 -53.72
C LEU M 530 40.00 53.41 -55.05
N PHE M 531 39.25 54.48 -55.28
CA PHE M 531 39.27 55.16 -56.57
C PHE M 531 40.66 55.67 -56.91
N ARG M 532 41.37 56.26 -55.94
CA ARG M 532 42.69 56.78 -56.27
C ARG M 532 43.62 55.64 -56.66
N HIS M 533 43.44 54.48 -56.04
CA HIS M 533 44.23 53.32 -56.44
C HIS M 533 43.82 52.82 -57.81
N LEU M 534 42.55 53.02 -58.18
CA LEU M 534 42.09 52.63 -59.50
C LEU M 534 42.84 53.38 -60.59
N LEU M 535 43.00 54.69 -60.42
CA LEU M 535 43.69 55.50 -61.41
C LEU M 535 45.20 55.48 -61.23
N SER M 536 45.69 55.25 -60.01
CA SER M 536 47.11 55.05 -59.77
C SER M 536 47.39 53.55 -59.69
N SER M 537 47.39 52.93 -60.88
CA SER M 537 47.48 51.48 -60.97
C SER M 537 48.58 51.01 -61.93
N ASP M 538 49.53 51.89 -62.26
CA ASP M 538 50.65 51.46 -63.09
C ASP M 538 51.47 50.39 -62.40
N GLN M 539 51.63 50.52 -61.08
CA GLN M 539 52.45 49.61 -60.29
C GLN M 539 51.94 48.18 -60.28
N MET M 540 50.76 47.93 -60.84
CA MET M 540 50.25 46.57 -60.96
C MET M 540 50.09 46.12 -62.40
N MET M 541 49.68 47.04 -63.29
CA MET M 541 49.61 46.69 -64.70
C MET M 541 50.98 46.38 -65.26
N ASP M 542 52.05 46.97 -64.71
CA ASP M 542 53.39 46.60 -65.13
C ASP M 542 53.67 45.13 -64.82
N SER M 543 53.36 44.72 -63.59
CA SER M 543 53.58 43.33 -63.19
C SER M 543 52.72 42.37 -64.00
N ILE M 544 51.50 42.77 -64.35
CA ILE M 544 50.65 41.90 -65.15
C ILE M 544 51.08 41.88 -66.61
N LEU M 545 51.60 42.98 -67.13
CA LEU M 545 52.12 43.01 -68.49
C LEU M 545 53.46 42.29 -68.59
N ALA M 546 54.11 42.02 -67.46
CA ALA M 546 55.30 41.19 -67.46
C ALA M 546 55.01 39.81 -68.08
N ASP M 547 53.81 39.28 -67.85
CA ASP M 547 53.41 38.02 -68.46
C ASP M 547 52.17 38.20 -69.33
N SER M 559 48.62 55.35 -69.76
CA SER M 559 48.19 54.40 -70.76
C SER M 559 46.89 53.74 -70.35
N LEU M 560 47.01 52.58 -69.70
CA LEU M 560 45.81 51.85 -69.27
C LEU M 560 45.05 52.61 -68.19
N ASN M 561 45.76 53.22 -67.24
CA ASN M 561 45.10 54.15 -66.33
C ASN M 561 44.47 55.31 -67.10
N HIS M 562 45.09 55.73 -68.20
CA HIS M 562 44.44 56.75 -69.01
C HIS M 562 43.18 56.21 -69.66
N LEU M 563 43.17 54.93 -70.02
CA LEU M 563 41.94 54.32 -70.50
C LEU M 563 40.87 54.31 -69.42
N LEU M 564 41.26 54.02 -68.17
CA LEU M 564 40.32 54.12 -67.06
C LEU M 564 39.80 55.53 -66.91
N TYR M 565 40.69 56.51 -67.07
CA TYR M 565 40.29 57.91 -66.97
C TYR M 565 39.25 58.25 -68.03
N ASP M 566 39.50 57.82 -69.27
CA ASP M 566 38.55 58.10 -70.35
C ASP M 566 37.22 57.41 -70.10
N GLU M 567 37.25 56.16 -69.65
CA GLU M 567 36.00 55.46 -69.36
C GLU M 567 35.24 56.17 -68.24
N PHE M 568 35.95 56.63 -67.22
CA PHE M 568 35.32 57.35 -66.14
C PHE M 568 34.69 58.65 -66.62
N VAL M 569 35.40 59.37 -67.49
CA VAL M 569 34.87 60.63 -68.01
C VAL M 569 33.60 60.37 -68.82
N LYS M 570 33.62 59.35 -69.67
CA LYS M 570 32.42 59.02 -70.44
C LYS M 570 31.28 58.62 -69.52
N SER M 571 31.59 57.85 -68.48
CA SER M 571 30.56 57.45 -67.53
C SER M 571 29.93 58.67 -66.89
N VAL M 572 30.74 59.56 -66.33
CA VAL M 572 30.17 60.72 -65.64
C VAL M 572 29.44 61.63 -66.61
N LEU M 573 29.87 61.66 -67.88
CA LEU M 573 29.12 62.39 -68.89
C LEU M 573 27.72 61.83 -69.04
N LYS M 574 27.61 60.52 -69.24
CA LYS M 574 26.28 59.93 -69.39
C LYS M 574 25.48 60.05 -68.10
N ILE M 575 26.16 60.14 -66.96
CA ILE M 575 25.45 60.36 -65.70
C ILE M 575 24.81 61.73 -65.69
N VAL M 576 25.62 62.77 -65.91
CA VAL M 576 25.13 64.14 -65.77
C VAL M 576 24.08 64.43 -66.82
N GLU M 577 24.23 63.86 -68.02
CA GLU M 577 23.16 64.04 -69.01
C GLU M 577 21.93 63.22 -68.64
N LYS M 578 22.11 62.07 -67.98
CA LYS M 578 20.96 61.24 -67.64
C LYS M 578 20.07 61.94 -66.62
N LEU M 579 20.61 62.21 -65.43
CA LEU M 579 19.79 62.70 -64.34
C LEU M 579 19.50 64.18 -64.52
N ASP M 580 18.23 64.54 -64.40
CA ASP M 580 17.80 65.93 -64.42
C ASP M 580 16.88 66.16 -63.23
N LEU M 581 16.97 67.35 -62.65
CA LEU M 581 16.39 67.62 -61.34
C LEU M 581 15.16 68.52 -61.47
N THR M 582 14.16 68.26 -60.63
CA THR M 582 12.94 69.04 -60.59
C THR M 582 12.68 69.49 -59.16
N LEU M 583 12.00 70.63 -59.03
CA LEU M 583 11.80 71.26 -57.74
C LEU M 583 10.61 72.20 -57.84
N GLU M 584 10.26 72.79 -56.69
CA GLU M 584 9.17 73.75 -56.59
C GLU M 584 9.61 74.86 -55.64
N ILE M 585 8.66 75.68 -55.21
CA ILE M 585 8.91 76.67 -54.18
C ILE M 585 7.79 76.62 -53.15
N GLN M 586 6.87 75.68 -53.31
CA GLN M 586 5.73 75.57 -52.41
C GLN M 586 6.19 75.17 -51.01
N ALA M 610 15.00 82.53 -54.03
CA ALA M 610 14.46 83.00 -52.76
C ALA M 610 13.78 81.87 -52.00
N ASN M 611 13.11 80.98 -52.73
CA ASN M 611 12.44 79.83 -52.14
C ASN M 611 12.75 78.59 -52.96
N LEU M 612 12.67 77.44 -52.31
CA LEU M 612 12.96 76.16 -52.95
C LEU M 612 12.06 75.09 -52.37
N HIS M 613 11.66 74.14 -53.22
CA HIS M 613 10.88 73.00 -52.80
C HIS M 613 11.18 71.84 -53.74
N PRO M 614 12.23 71.08 -53.47
CA PRO M 614 12.60 69.98 -54.36
C PRO M 614 11.47 68.97 -54.49
N ALA M 615 11.28 68.46 -55.71
CA ALA M 615 10.30 67.42 -55.96
C ALA M 615 10.88 66.02 -55.97
N LYS M 616 12.18 65.89 -56.23
CA LYS M 616 12.89 64.62 -56.14
C LYS M 616 14.16 64.81 -55.33
N PRO M 617 14.03 65.10 -54.03
CA PRO M 617 15.21 65.34 -53.20
C PRO M 617 16.13 64.14 -53.10
N LYS M 618 15.62 62.94 -53.31
CA LYS M 618 16.49 61.76 -53.38
C LYS M 618 17.45 61.88 -54.55
N ASP M 619 16.97 62.40 -55.69
CA ASP M 619 17.86 62.66 -56.80
C ASP M 619 18.83 63.79 -56.47
N PHE M 620 18.40 64.76 -55.65
CA PHE M 620 19.33 65.78 -55.17
C PHE M 620 20.48 65.14 -54.39
N SER M 621 20.13 64.20 -53.49
CA SER M 621 21.15 63.53 -52.70
C SER M 621 22.08 62.71 -53.57
N ALA M 622 21.53 62.00 -54.55
CA ALA M 622 22.37 61.22 -55.45
C ALA M 622 23.32 62.14 -56.21
N PHE M 623 22.81 63.28 -56.70
CA PHE M 623 23.65 64.22 -57.43
C PHE M 623 24.78 64.75 -56.56
N ILE M 624 24.46 65.13 -55.32
CA ILE M 624 25.50 65.70 -54.48
C ILE M 624 26.50 64.63 -54.07
N ASN M 625 26.06 63.37 -53.93
CA ASN M 625 27.00 62.28 -53.73
C ASN M 625 27.96 62.18 -54.90
N LEU M 626 27.41 62.22 -56.12
CA LEU M 626 28.24 62.17 -57.32
C LEU M 626 29.28 63.27 -57.30
N VAL M 627 28.84 64.50 -57.00
CA VAL M 627 29.76 65.63 -56.97
C VAL M 627 30.84 65.41 -55.93
N GLU M 628 30.44 65.07 -54.70
CA GLU M 628 31.39 64.98 -53.61
C GLU M 628 32.39 63.86 -53.83
N PHE M 629 32.03 62.84 -54.60
CA PHE M 629 32.98 61.77 -54.86
C PHE M 629 33.84 62.01 -56.10
N CYS M 630 33.39 62.86 -57.02
CA CYS M 630 34.19 63.07 -58.22
C CYS M 630 35.13 64.27 -58.12
N ARG M 631 34.74 65.33 -57.39
CA ARG M 631 35.52 66.57 -57.47
C ARG M 631 36.89 66.40 -56.79
N GLU M 632 37.14 65.20 -56.26
CA GLU M 632 38.43 64.88 -55.65
C GLU M 632 39.21 63.84 -56.41
N ILE M 633 38.55 62.91 -57.10
CA ILE M 633 39.28 61.96 -57.93
C ILE M 633 39.64 62.58 -59.27
N LEU M 634 38.83 63.50 -59.77
CA LEU M 634 39.18 64.19 -61.01
C LEU M 634 40.47 64.99 -60.93
N PRO M 635 40.68 65.88 -59.95
CA PRO M 635 41.86 66.75 -60.00
C PRO M 635 43.15 66.06 -59.63
N GLU M 636 43.07 65.03 -58.77
CA GLU M 636 44.28 64.34 -58.35
C GLU M 636 44.98 63.66 -59.53
N LYS M 637 44.22 63.24 -60.53
CA LYS M 637 44.79 62.70 -61.75
C LYS M 637 45.13 63.83 -62.72
N GLN M 638 45.41 63.47 -63.96
CA GLN M 638 45.94 64.40 -64.95
C GLN M 638 44.85 64.80 -65.93
N ALA M 639 44.63 66.10 -66.06
CA ALA M 639 43.71 66.60 -67.08
C ALA M 639 44.23 66.38 -68.49
N GLU M 640 45.52 66.05 -68.64
CA GLU M 640 46.01 65.61 -69.94
C GLU M 640 45.22 64.42 -70.43
N PHE M 641 44.84 63.50 -69.54
CA PHE M 641 43.88 62.47 -69.91
C PHE M 641 42.52 63.07 -70.20
N PHE M 642 42.12 64.09 -69.43
CA PHE M 642 40.84 64.76 -69.63
C PHE M 642 40.85 65.70 -70.83
N GLU M 643 42.02 66.02 -71.37
CA GLU M 643 42.12 67.00 -72.44
C GLU M 643 41.16 66.75 -73.60
N PRO M 644 40.97 65.53 -74.11
CA PRO M 644 39.99 65.33 -75.20
C PRO M 644 38.59 65.84 -74.88
N TRP M 645 38.33 66.28 -73.66
CA TRP M 645 37.01 66.76 -73.28
C TRP M 645 36.96 68.23 -72.92
N VAL M 646 38.11 68.93 -72.88
CA VAL M 646 38.18 70.21 -72.20
C VAL M 646 37.14 71.19 -72.76
N TYR M 647 37.07 71.30 -74.08
CA TYR M 647 36.05 72.16 -74.67
C TYR M 647 34.68 71.53 -74.60
N SER M 648 34.59 70.24 -74.91
CA SER M 648 33.29 69.58 -74.98
C SER M 648 32.67 69.43 -73.60
N PHE M 649 33.33 68.68 -72.73
CA PHE M 649 32.79 68.33 -71.41
C PHE M 649 32.23 69.55 -70.70
N SER M 650 33.12 70.50 -70.37
CA SER M 650 32.71 71.69 -69.63
C SER M 650 31.51 72.35 -70.29
N TYR M 651 31.52 72.41 -71.62
CA TYR M 651 30.40 73.00 -72.36
C TYR M 651 29.08 72.42 -71.88
N GLU M 652 28.92 71.10 -71.99
CA GLU M 652 27.67 70.49 -71.56
C GLU M 652 27.44 70.74 -70.08
N LEU M 653 28.50 70.69 -69.28
CA LEU M 653 28.36 71.04 -67.87
C LEU M 653 27.89 72.48 -67.72
N ILE M 654 28.51 73.40 -68.47
CA ILE M 654 27.97 74.76 -68.54
C ILE M 654 26.53 74.71 -69.03
N LEU M 655 26.28 73.90 -70.07
CA LEU M 655 24.92 73.66 -70.49
C LEU M 655 24.07 73.21 -69.31
N GLN M 656 24.55 72.20 -68.57
CA GLN M 656 23.84 71.79 -67.37
C GLN M 656 23.72 72.95 -66.39
N SER M 657 24.79 73.73 -66.24
CA SER M 657 24.73 74.93 -65.42
C SER M 657 23.63 75.86 -65.90
N THR M 658 23.51 76.02 -67.22
CA THR M 658 22.47 76.89 -67.74
C THR M 658 21.08 76.35 -67.49
N ARG M 659 20.95 75.04 -67.27
CA ARG M 659 19.62 74.48 -67.01
C ARG M 659 19.05 75.03 -65.71
N LEU M 660 19.82 74.91 -64.62
CA LEU M 660 19.45 75.44 -63.32
C LEU M 660 20.65 76.19 -62.76
N PRO M 661 20.83 77.44 -63.16
CA PRO M 661 21.99 78.21 -62.68
C PRO M 661 21.82 78.66 -61.24
N LEU M 662 21.41 77.73 -60.38
CA LEU M 662 21.31 77.98 -58.95
C LEU M 662 21.77 76.76 -58.14
N ILE M 663 22.58 75.90 -58.73
CA ILE M 663 23.03 74.66 -58.09
C ILE M 663 24.52 74.77 -57.83
N SER M 664 24.92 74.52 -56.58
CA SER M 664 26.32 74.61 -56.21
C SER M 664 27.18 73.58 -56.93
N GLY M 665 26.61 72.40 -57.21
CA GLY M 665 27.38 71.34 -57.82
C GLY M 665 28.01 71.75 -59.13
N PHE M 666 27.28 72.50 -59.96
CA PHE M 666 27.85 73.00 -61.20
C PHE M 666 29.08 73.85 -60.91
N TYR M 667 28.99 74.72 -59.92
CA TYR M 667 30.10 75.63 -59.62
C TYR M 667 31.32 74.84 -59.14
N LYS M 668 31.11 73.86 -58.25
CA LYS M 668 32.24 73.06 -57.81
C LYS M 668 32.86 72.28 -58.96
N LEU M 669 32.02 71.67 -59.81
CA LEU M 669 32.55 70.82 -60.87
C LEU M 669 33.34 71.63 -61.87
N LEU M 670 32.77 72.74 -62.32
CA LEU M 670 33.50 73.61 -63.22
C LEU M 670 34.72 74.23 -62.55
N SER M 671 34.69 74.43 -61.23
CA SER M 671 35.87 74.93 -60.54
C SER M 671 37.01 73.93 -60.61
N ILE M 672 36.70 72.66 -60.38
CA ILE M 672 37.70 71.61 -60.58
C ILE M 672 38.17 71.60 -62.03
N THR M 673 37.23 71.78 -62.97
CA THR M 673 37.58 71.76 -64.38
C THR M 673 38.55 72.87 -64.74
N VAL M 674 38.32 74.08 -64.23
CA VAL M 674 39.20 75.20 -64.55
C VAL M 674 40.54 75.07 -63.84
N ARG M 675 40.55 74.48 -62.64
CA ARG M 675 41.82 74.14 -62.03
C ARG M 675 42.62 73.20 -62.93
N ASN M 676 41.95 72.17 -63.46
CA ASN M 676 42.63 71.25 -64.36
C ASN M 676 43.09 71.96 -65.64
N ALA M 677 42.27 72.89 -66.14
CA ALA M 677 42.61 73.61 -67.36
C ALA M 677 43.85 74.48 -67.18
N LYS M 678 43.93 75.20 -66.06
CA LYS M 678 45.15 75.98 -65.81
C LYS M 678 46.32 75.06 -65.49
N LYS M 679 46.05 73.87 -64.97
CA LYS M 679 47.10 72.87 -64.83
C LYS M 679 47.67 72.48 -66.18
N ILE M 680 46.80 72.33 -67.19
CA ILE M 680 47.25 71.99 -68.53
C ILE M 680 47.47 73.21 -69.41
N LYS M 681 47.13 74.40 -68.93
CA LYS M 681 47.38 75.66 -69.64
C LYS M 681 46.71 75.66 -71.01
N TYR M 682 45.38 75.63 -70.98
CA TYR M 682 44.57 75.67 -72.19
C TYR M 682 44.24 77.08 -72.65
N PHE M 683 44.54 78.08 -71.83
CA PHE M 683 44.10 79.45 -72.09
C PHE M 683 45.16 80.18 -72.92
N GLU M 684 44.88 80.35 -74.21
CA GLU M 684 45.78 81.05 -75.12
C GLU M 684 44.99 82.00 -76.02
N GLY M 685 44.11 82.78 -75.41
CA GLY M 685 43.31 83.74 -76.15
C GLY M 685 43.92 85.12 -76.22
N ASP M 697 42.98 78.74 -80.89
CA ASP M 697 42.04 77.76 -81.43
C ASP M 697 40.61 78.28 -81.36
N PRO M 698 39.81 77.98 -82.39
CA PRO M 698 38.39 78.34 -82.32
C PRO M 698 37.69 77.74 -81.11
N GLU M 699 38.01 76.50 -80.76
CA GLU M 699 37.50 75.91 -79.53
C GLU M 699 38.01 76.67 -78.31
N LYS M 700 39.28 77.07 -78.33
CA LYS M 700 39.84 77.85 -77.23
C LYS M 700 39.08 79.14 -77.03
N TYR M 701 38.89 79.91 -78.11
CA TYR M 701 38.24 81.21 -78.00
C TYR M 701 36.76 81.05 -77.65
N SER M 702 36.11 80.01 -78.16
CA SER M 702 34.74 79.73 -77.73
C SER M 702 34.69 79.45 -76.24
N CYS M 703 35.62 78.63 -75.74
CA CYS M 703 35.72 78.37 -74.31
C CYS M 703 35.83 79.68 -73.54
N PHE M 704 36.76 80.54 -73.97
CA PHE M 704 37.00 81.78 -73.25
C PHE M 704 35.78 82.68 -73.26
N ALA M 705 35.09 82.76 -74.39
CA ALA M 705 33.90 83.60 -74.50
C ALA M 705 32.80 83.10 -73.57
N LEU M 706 32.53 81.79 -73.59
CA LEU M 706 31.54 81.24 -72.68
C LEU M 706 31.94 81.49 -71.24
N PHE M 707 33.23 81.32 -70.94
CA PHE M 707 33.72 81.53 -69.59
C PHE M 707 33.44 82.94 -69.12
N VAL M 708 33.84 83.94 -69.91
CA VAL M 708 33.70 85.33 -69.48
C VAL M 708 32.23 85.70 -69.36
N LYS M 709 31.40 85.31 -70.35
CA LYS M 709 30.00 85.69 -70.29
C LYS M 709 29.32 85.07 -69.08
N PHE M 710 29.51 83.77 -68.87
CA PHE M 710 28.83 83.10 -67.77
C PHE M 710 29.36 83.58 -66.42
N GLY M 711 30.67 83.85 -66.34
CA GLY M 711 31.22 84.37 -65.11
C GLY M 711 30.65 85.74 -64.75
N LYS M 712 30.51 86.61 -65.75
CA LYS M 712 29.91 87.91 -65.49
C LYS M 712 28.44 87.75 -65.09
N GLU M 713 27.72 86.85 -65.75
CA GLU M 713 26.32 86.64 -65.41
C GLU M 713 26.17 86.17 -63.97
N VAL M 714 26.98 85.19 -63.56
CA VAL M 714 26.86 84.70 -62.20
C VAL M 714 27.38 85.72 -61.20
N ALA M 715 28.40 86.50 -61.57
CA ALA M 715 28.91 87.54 -60.68
C ALA M 715 27.90 88.66 -60.50
N VAL M 716 26.97 88.83 -61.43
CA VAL M 716 25.92 89.82 -61.22
C VAL M 716 24.66 89.22 -60.59
N LYS M 717 24.44 87.92 -60.74
CA LYS M 717 23.28 87.28 -60.11
C LYS M 717 23.61 86.70 -58.73
N MET M 718 24.85 86.83 -58.28
CA MET M 718 25.21 86.40 -56.93
C MET M 718 24.44 87.15 -55.86
N LYS M 719 23.87 88.31 -56.20
CA LYS M 719 23.13 89.12 -55.23
C LYS M 719 22.05 88.32 -54.52
N GLN M 720 21.38 87.43 -55.25
CA GLN M 720 20.29 86.64 -54.71
C GLN M 720 20.73 85.27 -54.23
N TYR M 721 22.03 85.04 -54.12
CA TYR M 721 22.56 83.74 -53.73
C TYR M 721 23.15 83.81 -52.33
N LYS M 722 22.92 82.76 -51.55
CA LYS M 722 23.29 82.70 -50.15
C LYS M 722 24.29 81.57 -49.92
N ASP M 723 24.60 81.31 -48.65
CA ASP M 723 25.63 80.36 -48.29
C ASP M 723 25.33 78.98 -48.85
N GLU M 724 26.40 78.25 -49.17
CA GLU M 724 26.37 76.91 -49.76
C GLU M 724 25.92 76.97 -51.21
N LEU M 725 25.48 78.15 -51.64
CA LEU M 725 25.28 78.46 -53.05
C LEU M 725 26.13 79.63 -53.49
N LEU M 726 26.06 80.76 -52.77
CA LEU M 726 26.96 81.87 -53.04
C LEU M 726 28.40 81.49 -52.77
N ALA M 727 28.63 80.57 -51.83
CA ALA M 727 29.97 80.03 -51.63
C ALA M 727 30.48 79.36 -52.89
N SER M 728 29.66 78.50 -53.49
CA SER M 728 30.04 77.86 -54.76
C SER M 728 30.26 78.90 -55.84
N CYS M 729 29.39 79.91 -55.89
CA CYS M 729 29.54 80.96 -56.90
C CYS M 729 30.89 81.64 -56.77
N LEU M 730 31.23 82.09 -55.55
CA LEU M 730 32.46 82.83 -55.36
C LEU M 730 33.68 81.95 -55.59
N THR M 731 33.62 80.69 -55.15
CA THR M 731 34.74 79.78 -55.35
C THR M 731 34.98 79.55 -56.83
N PHE M 732 33.90 79.43 -57.60
CA PHE M 732 34.10 79.45 -59.06
C PHE M 732 34.69 80.76 -59.55
N LEU M 733 34.17 81.89 -59.10
CA LEU M 733 34.58 83.16 -59.69
C LEU M 733 36.08 83.39 -59.50
N LEU M 734 36.61 83.03 -58.34
CA LEU M 734 38.05 83.14 -58.15
C LEU M 734 38.81 82.04 -58.90
N SER M 735 38.18 80.91 -59.20
CA SER M 735 38.91 79.79 -59.77
C SER M 735 39.30 80.02 -61.23
N LEU M 736 38.80 81.07 -61.86
CA LEU M 736 39.15 81.33 -63.24
C LEU M 736 40.58 81.87 -63.36
N PRO M 737 41.25 81.58 -64.47
CA PRO M 737 42.61 82.10 -64.65
C PRO M 737 42.60 83.56 -65.03
N HIS M 738 43.81 84.14 -65.08
CA HIS M 738 43.94 85.54 -65.43
C HIS M 738 43.47 85.81 -66.86
N ASN M 739 43.82 84.92 -67.79
CA ASN M 739 43.68 85.20 -69.21
C ASN M 739 42.26 85.61 -69.59
N ILE M 740 41.28 84.82 -69.18
CA ILE M 740 39.90 85.14 -69.53
C ILE M 740 39.43 86.36 -68.76
N ILE M 741 39.78 86.47 -67.48
CA ILE M 741 39.23 87.53 -66.63
C ILE M 741 39.88 88.88 -66.88
N GLU M 742 40.86 88.97 -67.79
CA GLU M 742 41.42 90.27 -68.11
C GLU M 742 40.35 91.23 -68.60
N LEU M 743 39.29 90.71 -69.22
CA LEU M 743 38.18 91.53 -69.66
C LEU M 743 37.24 91.77 -68.48
N ASP M 744 36.98 93.05 -68.19
CA ASP M 744 36.10 93.47 -67.11
C ASP M 744 36.55 92.88 -65.77
N VAL M 745 37.78 93.23 -65.38
CA VAL M 745 38.26 92.86 -64.06
C VAL M 745 37.39 93.50 -62.98
N ARG M 746 36.80 94.67 -63.28
CA ARG M 746 36.05 95.41 -62.29
C ARG M 746 34.88 94.60 -61.75
N ALA M 747 34.13 93.95 -62.65
CA ALA M 747 32.98 93.15 -62.22
C ALA M 747 33.41 92.02 -61.29
N TYR M 748 34.66 91.57 -61.41
CA TYR M 748 35.15 90.50 -60.55
C TYR M 748 35.62 91.02 -59.19
N VAL M 749 35.83 92.32 -59.06
CA VAL M 749 36.32 92.87 -57.79
C VAL M 749 35.31 92.70 -56.66
N PRO M 750 34.03 93.11 -56.78
CA PRO M 750 33.17 93.12 -55.59
C PRO M 750 32.96 91.74 -54.99
N ALA M 751 32.64 90.75 -55.81
CA ALA M 751 32.50 89.39 -55.31
C ALA M 751 33.78 88.94 -54.63
N LEU M 752 34.93 89.20 -55.27
CA LEU M 752 36.21 88.96 -54.62
C LEU M 752 36.28 89.66 -53.28
N GLN M 753 35.89 90.93 -53.24
CA GLN M 753 35.71 91.63 -51.97
C GLN M 753 34.89 90.78 -51.01
N MET M 754 33.67 90.43 -51.43
CA MET M 754 32.83 89.53 -50.67
C MET M 754 33.58 88.25 -50.34
N ALA M 755 34.26 87.68 -51.34
CA ALA M 755 34.94 86.40 -51.15
C ALA M 755 35.97 86.46 -50.05
N PHE M 756 36.44 87.66 -49.69
CA PHE M 756 37.35 87.75 -48.56
C PHE M 756 36.61 88.04 -47.26
N LYS M 757 35.61 88.93 -47.29
CA LYS M 757 34.87 89.22 -46.06
C LYS M 757 34.04 88.01 -45.64
N LEU M 758 33.46 87.29 -46.61
CA LEU M 758 32.92 85.97 -46.31
C LEU M 758 34.03 84.95 -46.15
N GLY M 759 35.17 85.16 -46.82
CA GLY M 759 36.33 84.34 -46.55
C GLY M 759 36.91 84.58 -45.18
N LEU M 760 36.65 85.75 -44.60
CA LEU M 760 36.95 85.96 -43.19
C LEU M 760 36.18 85.00 -42.31
N SER M 761 34.89 84.80 -42.62
CA SER M 761 34.07 83.87 -41.87
C SER M 761 34.29 82.43 -42.29
N TYR M 762 34.93 82.21 -43.44
CA TYR M 762 35.17 80.86 -43.95
C TYR M 762 36.56 80.84 -44.55
N THR M 763 37.54 80.34 -43.79
CA THR M 763 38.93 80.46 -44.19
C THR M 763 39.27 79.89 -45.57
N PRO M 764 38.78 78.72 -46.00
CA PRO M 764 39.18 78.24 -47.34
C PRO M 764 38.78 79.19 -48.45
N LEU M 765 37.66 79.89 -48.31
CA LEU M 765 37.22 80.81 -49.34
C LEU M 765 38.22 81.96 -49.49
N ALA M 766 38.59 82.58 -48.38
CA ALA M 766 39.62 83.62 -48.43
C ALA M 766 40.93 83.06 -48.95
N GLU M 767 41.25 81.83 -48.56
CA GLU M 767 42.51 81.23 -48.98
C GLU M 767 42.58 81.10 -50.50
N VAL M 768 41.55 80.51 -51.10
CA VAL M 768 41.55 80.34 -52.55
C VAL M 768 41.43 81.68 -53.26
N GLY M 769 40.67 82.62 -52.70
CA GLY M 769 40.61 83.95 -53.29
C GLY M 769 41.96 84.63 -53.29
N LEU M 770 42.71 84.48 -52.21
CA LEU M 770 44.04 85.07 -52.13
C LEU M 770 44.99 84.42 -53.13
N ASN M 771 44.90 83.10 -53.29
CA ASN M 771 45.73 82.44 -54.29
C ASN M 771 45.41 82.96 -55.68
N ALA M 772 44.12 83.09 -56.01
CA ALA M 772 43.75 83.62 -57.31
C ALA M 772 44.24 85.06 -57.47
N LEU M 773 44.12 85.87 -56.43
CA LEU M 773 44.52 87.27 -56.52
C LEU M 773 46.02 87.40 -56.72
N GLU M 774 46.81 86.65 -55.97
CA GLU M 774 48.26 86.72 -56.15
C GLU M 774 48.66 86.21 -57.53
N GLU M 775 47.99 85.16 -58.01
CA GLU M 775 48.22 84.70 -59.37
C GLU M 775 47.98 85.82 -60.38
N TRP M 776 46.82 86.47 -60.30
CA TRP M 776 46.47 87.49 -61.27
C TRP M 776 47.42 88.68 -61.19
N SER M 777 47.81 89.06 -59.97
CA SER M 777 48.77 90.14 -59.81
C SER M 777 50.10 89.79 -60.46
N ILE M 778 50.52 88.53 -60.33
CA ILE M 778 51.74 88.10 -60.99
C ILE M 778 51.60 88.18 -62.51
N TYR M 779 50.44 87.77 -63.03
CA TYR M 779 50.26 87.76 -64.48
C TYR M 779 49.79 89.10 -65.02
N ILE M 780 48.76 89.69 -64.43
CA ILE M 780 48.16 90.91 -64.96
C ILE M 780 48.89 92.11 -64.35
N ASP M 781 49.03 93.16 -65.16
CA ASP M 781 49.79 94.33 -64.74
C ASP M 781 49.06 95.11 -63.65
N ARG M 782 49.85 95.86 -62.88
CA ARG M 782 49.32 96.64 -61.77
C ARG M 782 48.37 97.73 -62.24
N HIS M 783 48.63 98.30 -63.44
CA HIS M 783 47.92 99.48 -63.88
C HIS M 783 46.41 99.26 -63.91
N VAL M 784 45.97 98.16 -64.52
CA VAL M 784 44.55 97.88 -64.56
C VAL M 784 44.02 97.56 -63.17
N MET M 785 44.86 96.98 -62.31
CA MET M 785 44.44 96.69 -60.94
C MET M 785 44.54 97.91 -60.05
N GLN M 786 45.28 98.93 -60.48
CA GLN M 786 45.49 100.11 -59.64
C GLN M 786 44.20 100.78 -59.18
N PRO M 787 43.20 101.02 -60.04
CA PRO M 787 42.04 101.82 -59.58
C PRO M 787 41.31 101.23 -58.40
N TYR M 788 41.17 99.90 -58.32
CA TYR M 788 40.42 99.28 -57.24
C TYR M 788 41.32 98.75 -56.14
N TYR M 789 42.57 99.19 -56.08
CA TYR M 789 43.41 98.89 -54.92
C TYR M 789 42.82 99.49 -53.66
N LYS M 790 42.34 100.73 -53.75
CA LYS M 790 41.58 101.33 -52.64
C LYS M 790 40.32 100.54 -52.35
N ASP M 791 39.88 99.69 -53.29
CA ASP M 791 38.83 98.73 -53.02
C ASP M 791 39.38 97.44 -52.43
N ILE M 792 40.51 96.95 -52.94
CA ILE M 792 41.02 95.64 -52.53
C ILE M 792 41.46 95.67 -51.07
N LEU M 793 42.25 96.68 -50.71
CA LEU M 793 42.82 96.72 -49.36
C LEU M 793 41.78 96.69 -48.24
N PRO M 794 40.65 97.40 -48.31
CA PRO M 794 39.67 97.33 -47.22
C PRO M 794 39.21 95.93 -46.86
N CYS M 795 39.05 95.04 -47.84
CA CYS M 795 38.66 93.68 -47.51
C CYS M 795 39.82 92.81 -47.09
N LEU M 796 41.04 93.37 -47.03
CA LEU M 796 42.22 92.65 -46.58
C LEU M 796 42.52 92.90 -45.11
N ASP M 797 41.69 93.68 -44.41
CA ASP M 797 41.90 93.91 -42.99
C ASP M 797 41.68 92.65 -42.15
N GLY M 798 40.98 91.66 -42.69
CA GLY M 798 40.81 90.41 -41.98
C GLY M 798 42.11 89.67 -41.82
N TYR M 799 42.17 88.81 -40.79
CA TYR M 799 43.36 88.07 -40.39
C TYR M 799 44.50 89.00 -40.00
N LEU M 800 44.19 90.26 -39.70
CA LEU M 800 45.15 91.21 -39.16
C LEU M 800 44.77 91.72 -37.79
N LYS M 801 43.49 91.76 -37.46
CA LYS M 801 43.00 92.23 -36.18
C LYS M 801 42.99 91.15 -35.11
N THR M 802 43.35 89.91 -35.46
CA THR M 802 43.45 88.85 -34.48
C THR M 802 44.79 88.90 -33.76
N SER M 803 44.90 88.13 -32.69
CA SER M 803 46.12 88.09 -31.88
C SER M 803 47.25 87.39 -32.63
N PHE M 826 47.48 53.40 -21.92
CA PHE M 826 46.91 54.49 -22.71
C PHE M 826 48.03 55.31 -23.35
N ASN M 827 48.67 56.15 -22.53
CA ASN M 827 49.77 56.99 -23.01
C ASN M 827 50.87 57.09 -21.97
N LYS M 828 51.08 56.03 -21.19
CA LYS M 828 52.03 56.07 -20.09
C LYS M 828 53.46 56.03 -20.62
N VAL M 829 54.41 56.32 -19.72
CA VAL M 829 55.82 56.32 -20.08
C VAL M 829 56.27 54.93 -20.49
N VAL M 830 55.59 53.88 -20.00
CA VAL M 830 55.96 52.52 -20.36
C VAL M 830 55.83 52.33 -21.87
N LEU M 831 56.76 51.58 -22.44
CA LEU M 831 56.74 51.34 -23.88
C LEU M 831 55.55 50.45 -24.22
N LYS M 832 54.67 50.96 -25.07
CA LYS M 832 53.55 50.18 -25.55
C LYS M 832 53.39 50.26 -27.06
N HIS M 833 54.33 50.89 -27.76
CA HIS M 833 54.29 51.05 -29.20
C HIS M 833 52.93 51.67 -29.58
N LEU M 834 52.77 52.89 -29.08
CA LEU M 834 51.48 53.58 -28.97
C LEU M 834 50.61 53.40 -30.19
N LYS M 835 49.35 53.03 -29.97
CA LYS M 835 48.38 53.00 -31.05
C LYS M 835 48.05 54.41 -31.53
N LYS M 836 48.17 55.39 -30.64
CA LYS M 836 48.01 56.78 -31.05
C LYS M 836 49.05 57.16 -32.10
N THR M 837 50.29 56.71 -31.90
CA THR M 837 51.29 56.84 -32.94
C THR M 837 50.92 56.03 -34.18
N LYS M 838 50.40 54.82 -33.97
CA LYS M 838 49.87 54.04 -35.09
C LYS M 838 48.66 54.71 -35.72
N ASN M 839 47.95 55.55 -34.98
CA ASN M 839 46.89 56.36 -35.58
C ASN M 839 47.55 57.41 -36.47
N LEU M 840 47.40 57.25 -37.77
CA LEU M 840 48.08 58.12 -38.72
C LEU M 840 47.33 58.19 -40.05
N SER M 847 43.44 76.26 -41.21
CA SER M 847 43.28 77.22 -40.11
C SER M 847 43.27 78.64 -40.65
N LEU M 848 43.38 79.61 -39.74
CA LEU M 848 43.48 81.01 -40.12
C LEU M 848 44.88 81.58 -39.93
N GLU M 849 45.73 80.91 -39.14
CA GLU M 849 47.10 81.37 -38.97
C GLU M 849 47.88 81.28 -40.28
N GLU M 850 47.69 80.19 -41.02
CA GLU M 850 48.21 80.13 -42.39
C GLU M 850 47.68 81.28 -43.21
N ILE M 851 46.39 81.60 -43.04
CA ILE M 851 45.78 82.68 -43.82
C ILE M 851 46.44 84.00 -43.48
N ARG M 852 46.60 84.31 -42.19
CA ARG M 852 47.16 85.60 -41.81
C ARG M 852 48.62 85.72 -42.22
N ILE M 853 49.40 84.64 -42.08
CA ILE M 853 50.81 84.73 -42.45
C ILE M 853 50.95 84.88 -43.97
N ARG M 854 50.13 84.15 -44.74
CA ARG M 854 50.17 84.34 -46.18
C ARG M 854 49.70 85.72 -46.57
N VAL M 855 48.71 86.26 -45.86
CA VAL M 855 48.23 87.61 -46.14
C VAL M 855 49.35 88.61 -45.95
N VAL M 856 50.03 88.56 -44.81
CA VAL M 856 51.08 89.54 -44.55
C VAL M 856 52.23 89.35 -45.53
N GLN M 857 52.53 88.10 -45.91
CA GLN M 857 53.57 87.88 -46.91
C GLN M 857 53.20 88.51 -48.24
N MET M 858 51.94 88.36 -48.66
CA MET M 858 51.50 88.96 -49.91
C MET M 858 51.51 90.49 -49.86
N LEU M 859 51.07 91.06 -48.74
CA LEU M 859 51.09 92.51 -48.61
C LEU M 859 52.50 93.05 -48.68
N GLY M 860 53.44 92.37 -48.01
CA GLY M 860 54.83 92.78 -48.15
C GLY M 860 55.33 92.64 -49.58
N SER M 861 55.06 91.50 -50.21
CA SER M 861 55.51 91.26 -51.57
C SER M 861 54.91 92.23 -52.56
N LEU M 862 53.79 92.86 -52.22
CA LEU M 862 53.26 93.95 -53.04
C LEU M 862 53.97 95.25 -52.72
N GLY M 863 53.93 95.67 -51.46
CA GLY M 863 54.56 96.90 -51.05
C GLY M 863 53.57 97.85 -50.37
N GLY M 864 54.05 98.63 -49.41
CA GLY M 864 53.17 99.53 -48.68
C GLY M 864 52.55 100.61 -49.54
N GLN M 865 53.13 100.89 -50.70
CA GLN M 865 52.61 101.91 -51.59
C GLN M 865 51.17 101.62 -52.01
N ILE M 866 50.77 100.36 -51.98
CA ILE M 866 49.38 100.00 -52.19
C ILE M 866 48.70 99.56 -50.90
N ASN M 867 49.45 99.03 -49.94
CA ASN M 867 48.87 98.66 -48.64
C ASN M 867 48.27 99.86 -47.93
N LYS M 868 48.73 101.07 -48.27
CA LYS M 868 48.11 102.27 -47.71
C LYS M 868 46.67 102.47 -48.17
N ASN M 869 46.22 101.73 -49.18
CA ASN M 869 44.85 101.82 -49.64
C ASN M 869 43.84 101.27 -48.63
N LEU M 870 44.30 100.62 -47.57
CA LEU M 870 43.38 100.05 -46.59
C LEU M 870 42.74 101.16 -45.75
N LEU M 871 43.49 102.18 -45.41
CA LEU M 871 42.95 103.26 -44.57
C LEU M 871 42.03 104.16 -45.40
N MET M 879 38.94 110.73 -40.31
CA MET M 879 38.01 110.36 -41.38
C MET M 879 36.57 110.44 -40.91
N MET M 880 35.65 109.91 -41.72
CA MET M 880 34.26 109.85 -41.32
C MET M 880 34.05 108.91 -40.14
N LYS M 881 34.90 107.88 -40.01
CA LYS M 881 35.02 107.01 -38.86
C LYS M 881 33.80 106.12 -38.63
N SER M 882 32.75 106.26 -39.43
CA SER M 882 31.50 105.50 -39.31
C SER M 882 30.79 105.72 -37.99
N TYR M 883 31.28 106.63 -37.16
CA TYR M 883 30.64 106.96 -35.89
C TYR M 883 31.30 108.21 -35.32
N VAL M 884 30.48 109.13 -34.80
CA VAL M 884 30.98 110.22 -33.98
C VAL M 884 30.22 110.17 -32.67
N ALA M 885 29.00 109.64 -32.72
CA ALA M 885 28.17 109.46 -31.54
C ALA M 885 27.03 108.52 -31.88
N TRP M 886 26.43 107.96 -30.84
CA TRP M 886 25.22 107.17 -30.98
C TRP M 886 24.00 107.83 -30.37
N ASP M 887 24.19 108.91 -29.62
CA ASP M 887 23.10 109.77 -29.16
C ASP M 887 23.69 111.12 -28.79
N ARG M 888 22.91 112.17 -29.03
CA ARG M 888 23.35 113.52 -28.66
C ARG M 888 23.55 113.62 -27.16
N GLU M 889 22.55 113.22 -26.38
CA GLU M 889 22.61 113.27 -24.93
C GLU M 889 22.78 111.88 -24.35
N LYS M 890 22.81 111.81 -23.03
CA LYS M 890 22.85 110.54 -22.30
C LYS M 890 21.57 110.47 -21.48
N ARG M 891 20.55 109.81 -22.03
CA ARG M 891 19.19 109.92 -21.54
C ARG M 891 18.64 108.63 -20.96
N LEU M 892 19.44 107.56 -20.88
CA LEU M 892 19.04 106.33 -20.23
C LEU M 892 19.99 106.04 -19.08
N SER M 893 19.43 105.82 -17.89
CA SER M 893 20.22 105.57 -16.70
C SER M 893 19.43 104.67 -15.76
N PHE M 894 20.08 104.27 -14.68
CA PHE M 894 19.44 103.38 -13.70
C PHE M 894 20.22 103.41 -12.40
N ALA M 895 19.50 103.51 -11.29
CA ALA M 895 20.11 103.42 -9.96
C ALA M 895 20.25 101.94 -9.61
N VAL M 896 21.48 101.45 -9.58
CA VAL M 896 21.71 100.03 -9.35
C VAL M 896 21.31 99.67 -7.92
N PRO M 897 20.67 98.52 -7.70
CA PRO M 897 20.25 98.17 -6.34
C PRO M 897 21.43 97.87 -5.44
N PHE M 898 21.23 98.16 -4.15
CA PHE M 898 22.08 97.67 -3.08
C PHE M 898 21.25 97.59 -1.80
N ARG M 899 21.88 97.12 -0.73
CA ARG M 899 21.23 97.11 0.56
C ARG M 899 21.30 98.46 1.25
N GLU M 900 22.16 99.37 0.78
CA GLU M 900 22.39 100.65 1.45
C GLU M 900 22.37 101.86 0.53
N MET M 901 22.57 101.71 -0.78
CA MET M 901 22.67 102.87 -1.66
C MET M 901 22.28 102.45 -3.07
N LYS M 902 21.96 103.45 -3.89
CA LYS M 902 21.56 103.21 -5.28
C LYS M 902 22.30 104.19 -6.18
N PRO M 903 23.59 103.94 -6.44
CA PRO M 903 24.33 104.81 -7.37
C PRO M 903 23.77 104.68 -8.78
N VAL M 904 23.29 105.80 -9.31
CA VAL M 904 22.66 105.81 -10.63
C VAL M 904 23.75 105.73 -11.69
N ILE M 905 23.58 104.82 -12.64
CA ILE M 905 24.58 104.55 -13.66
C ILE M 905 23.93 104.70 -15.04
N PHE M 906 24.62 105.40 -15.93
CA PHE M 906 24.14 105.55 -17.30
C PHE M 906 24.15 104.21 -18.03
N LEU M 907 23.18 104.02 -18.92
CA LEU M 907 23.03 102.78 -19.67
C LEU M 907 23.17 103.01 -21.18
N ASP M 908 23.95 104.02 -21.56
CA ASP M 908 23.99 104.50 -22.94
C ASP M 908 25.25 104.07 -23.69
N VAL M 909 26.42 104.20 -23.07
CA VAL M 909 27.68 103.93 -23.75
C VAL M 909 27.78 102.48 -24.20
N PHE M 910 26.98 101.60 -23.61
CA PHE M 910 27.03 100.18 -23.92
C PHE M 910 26.32 99.82 -25.21
N LEU M 911 25.51 100.74 -25.75
CA LEU M 911 24.70 100.43 -26.92
C LEU M 911 25.53 99.96 -28.11
N PRO M 912 26.58 100.65 -28.56
CA PRO M 912 27.36 100.12 -29.69
C PRO M 912 27.97 98.77 -29.40
N ARG M 913 28.48 98.57 -28.19
CA ARG M 913 29.17 97.32 -27.86
C ARG M 913 28.22 96.13 -27.90
N VAL M 914 27.13 96.20 -27.12
CA VAL M 914 26.18 95.10 -27.11
C VAL M 914 25.54 94.94 -28.47
N THR M 915 25.36 96.05 -29.20
CA THR M 915 24.79 95.98 -30.54
C THR M 915 25.65 95.12 -31.45
N GLU M 916 26.94 95.42 -31.53
CA GLU M 916 27.81 94.63 -32.39
C GLU M 916 28.01 93.22 -31.85
N LEU M 917 27.95 93.05 -30.52
CA LEU M 917 28.15 91.72 -29.94
C LEU M 917 27.00 90.79 -30.28
N ALA M 918 25.77 91.17 -29.89
CA ALA M 918 24.62 90.37 -30.27
C ALA M 918 24.49 90.28 -31.79
N LEU M 919 24.93 91.31 -32.50
CA LEU M 919 24.96 91.26 -33.96
C LEU M 919 26.02 90.26 -34.44
N THR M 920 27.24 90.37 -33.93
CA THR M 920 28.34 89.51 -34.33
C THR M 920 29.17 89.15 -33.11
N ALA M 921 29.23 87.86 -32.78
CA ALA M 921 30.09 87.39 -31.70
C ALA M 921 30.26 85.89 -31.83
N SER M 922 31.52 85.43 -31.82
CA SER M 922 31.78 84.01 -31.73
C SER M 922 31.20 83.48 -30.41
N ASP M 923 31.17 82.15 -30.28
CA ASP M 923 30.56 81.52 -29.12
C ASP M 923 29.09 81.95 -29.01
N ARG M 924 28.30 81.41 -29.93
CA ARG M 924 26.90 81.82 -30.10
C ARG M 924 26.19 81.99 -28.77
N GLN M 925 26.63 81.27 -27.74
CA GLN M 925 26.18 81.55 -26.38
C GLN M 925 26.45 83.00 -25.99
N THR M 926 27.63 83.52 -26.36
CA THR M 926 27.97 84.90 -26.02
C THR M 926 27.03 85.89 -26.69
N LYS M 927 26.82 85.74 -27.99
CA LYS M 927 25.94 86.67 -28.70
C LYS M 927 24.49 86.50 -28.25
N VAL M 928 24.09 85.29 -27.87
CA VAL M 928 22.74 85.10 -27.37
C VAL M 928 22.57 85.76 -26.01
N ALA M 929 23.59 85.70 -25.16
CA ALA M 929 23.55 86.44 -23.90
C ALA M 929 23.48 87.93 -24.17
N ALA M 930 24.19 88.40 -25.20
CA ALA M 930 24.09 89.80 -25.60
C ALA M 930 22.68 90.14 -26.06
N CYS M 931 22.03 89.23 -26.78
CA CYS M 931 20.64 89.42 -27.18
C CYS M 931 19.72 89.47 -25.97
N GLU M 932 19.99 88.63 -24.97
CA GLU M 932 19.21 88.65 -23.74
C GLU M 932 19.35 89.99 -23.02
N LEU M 933 20.59 90.47 -22.93
CA LEU M 933 20.81 91.80 -22.36
C LEU M 933 20.10 92.87 -23.17
N LEU M 934 20.11 92.73 -24.50
CA LEU M 934 19.36 93.66 -25.34
C LEU M 934 17.89 93.64 -25.02
N HIS M 935 17.31 92.45 -24.86
CA HIS M 935 15.91 92.34 -24.48
C HIS M 935 15.65 93.08 -23.18
N SER M 936 16.48 92.83 -22.16
CA SER M 936 16.27 93.45 -20.86
C SER M 936 16.38 94.97 -20.95
N MET M 937 17.40 95.46 -21.67
CA MET M 937 17.62 96.91 -21.70
C MET M 937 16.58 97.62 -22.55
N VAL M 938 16.16 97.02 -23.66
CA VAL M 938 15.10 97.64 -24.45
C VAL M 938 13.81 97.65 -23.65
N MET M 939 13.59 96.60 -22.85
CA MET M 939 12.38 96.55 -22.05
C MET M 939 12.38 97.69 -21.03
N PHE M 940 13.52 97.86 -20.35
CA PHE M 940 13.62 98.93 -19.35
C PHE M 940 13.53 100.30 -20.00
N MET M 941 14.15 100.50 -21.16
CA MET M 941 14.14 101.83 -21.76
C MET M 941 12.75 102.19 -22.27
N LEU M 942 12.00 101.23 -22.83
CA LEU M 942 10.63 101.55 -23.21
C LEU M 942 9.78 101.84 -21.98
N GLY M 943 9.95 101.05 -20.92
CA GLY M 943 9.21 101.31 -19.70
C GLY M 943 9.50 102.68 -19.12
N LYS M 944 10.77 103.10 -19.15
CA LYS M 944 11.15 104.39 -18.61
C LYS M 944 10.71 105.52 -19.52
N ALA M 945 10.80 105.31 -20.84
CA ALA M 945 10.37 106.34 -21.79
C ALA M 945 8.89 106.63 -21.64
N THR M 946 8.08 105.59 -21.44
CA THR M 946 6.67 105.85 -21.15
C THR M 946 6.48 106.34 -19.74
N GLN M 947 7.37 105.96 -18.82
CA GLN M 947 7.31 106.47 -17.45
C GLN M 947 7.70 107.94 -17.40
N MET M 948 8.83 108.31 -18.02
CA MET M 948 9.24 109.70 -18.06
C MET M 948 9.19 110.22 -19.50
N PRO M 949 8.34 111.20 -19.78
CA PRO M 949 8.29 111.78 -21.13
C PRO M 949 9.33 112.87 -21.30
N GLU M 950 10.31 112.62 -22.16
CA GLU M 950 11.33 113.61 -22.47
C GLU M 950 10.91 114.44 -23.68
N GLY M 951 11.08 115.75 -23.58
CA GLY M 951 10.60 116.67 -24.59
C GLY M 951 11.48 116.71 -25.83
N GLY M 952 11.16 117.65 -26.71
CA GLY M 952 11.81 117.82 -27.99
C GLY M 952 10.95 117.42 -29.18
N GLN M 953 10.10 116.41 -29.00
CA GLN M 953 9.17 115.94 -30.02
C GLN M 953 8.06 115.21 -29.28
N GLY M 954 7.25 114.42 -30.00
CA GLY M 954 6.22 113.65 -29.34
C GLY M 954 6.77 112.73 -28.27
N ALA M 955 7.84 112.00 -28.59
CA ALA M 955 8.55 111.18 -27.61
C ALA M 955 9.93 110.80 -28.13
N PRO M 956 10.90 111.72 -28.14
CA PRO M 956 12.29 111.35 -28.43
C PRO M 956 13.14 111.19 -27.18
N PRO M 957 12.86 110.24 -26.26
CA PRO M 957 13.78 110.08 -25.13
C PRO M 957 15.03 109.34 -25.55
N MET M 958 14.88 108.46 -26.54
CA MET M 958 15.94 107.65 -27.12
C MET M 958 15.87 107.70 -28.64
N TYR M 959 15.75 108.92 -29.17
CA TYR M 959 15.53 109.13 -30.60
C TYR M 959 16.70 108.59 -31.42
N GLN M 960 17.90 109.11 -31.16
CA GLN M 960 19.09 108.54 -31.78
C GLN M 960 19.25 107.08 -31.42
N LEU M 961 18.85 106.70 -30.20
CA LEU M 961 18.84 105.29 -29.85
C LEU M 961 17.82 104.52 -30.67
N TYR M 962 16.68 105.13 -31.00
CA TYR M 962 15.77 104.50 -31.95
C TYR M 962 16.48 104.20 -33.26
N LYS M 963 17.21 105.20 -33.77
CA LYS M 963 17.98 105.00 -35.00
C LYS M 963 18.97 103.85 -34.86
N ARG M 964 19.69 103.80 -33.73
CA ARG M 964 20.70 102.76 -33.57
C ARG M 964 20.09 101.38 -33.41
N THR M 965 18.94 101.27 -32.75
CA THR M 965 18.41 99.98 -32.35
C THR M 965 17.48 99.36 -33.38
N PHE M 966 16.58 100.13 -33.98
CA PHE M 966 15.56 99.52 -34.84
C PHE M 966 16.14 98.63 -35.93
N PRO M 967 17.11 99.08 -36.76
CA PRO M 967 17.57 98.25 -37.87
C PRO M 967 18.25 96.96 -37.44
N VAL M 968 19.18 97.06 -36.48
CA VAL M 968 19.87 95.87 -36.01
C VAL M 968 18.89 94.93 -35.33
N LEU M 969 17.91 95.47 -34.60
CA LEU M 969 16.93 94.64 -33.93
C LEU M 969 16.12 93.83 -34.95
N LEU M 970 15.61 94.50 -35.98
CA LEU M 970 14.82 93.76 -36.96
C LEU M 970 15.68 92.82 -37.78
N ARG M 971 16.95 93.16 -38.02
CA ARG M 971 17.83 92.27 -38.77
C ARG M 971 18.10 91.00 -38.00
N LEU M 972 18.45 91.13 -36.71
CA LEU M 972 18.63 89.95 -35.87
C LEU M 972 17.32 89.23 -35.60
N ALA M 973 16.18 89.90 -35.81
CA ALA M 973 14.90 89.22 -35.74
C ALA M 973 14.70 88.25 -36.89
N CYS M 974 15.54 88.32 -37.93
CA CYS M 974 15.56 87.34 -39.03
C CYS M 974 17.02 86.99 -39.29
N ASP M 975 17.53 86.00 -38.57
CA ASP M 975 18.92 85.59 -38.71
C ASP M 975 19.01 84.08 -38.66
N VAL M 976 20.21 83.57 -38.96
CA VAL M 976 20.40 82.13 -39.09
C VAL M 976 20.19 81.42 -37.76
N ASP M 977 20.65 82.02 -36.66
CA ASP M 977 20.49 81.38 -35.36
C ASP M 977 19.01 81.35 -34.99
N GLN M 978 18.49 80.14 -34.80
CA GLN M 978 17.05 79.97 -34.56
C GLN M 978 16.63 80.66 -33.27
N VAL M 979 17.44 80.56 -32.22
CA VAL M 979 17.04 81.08 -30.93
C VAL M 979 17.05 82.61 -30.93
N THR M 980 18.02 83.23 -31.60
CA THR M 980 18.08 84.69 -31.61
C THR M 980 16.84 85.29 -32.27
N ARG M 981 16.63 85.00 -33.55
CA ARG M 981 15.44 85.48 -34.23
C ARG M 981 14.18 84.99 -33.55
N GLN M 982 14.24 83.80 -32.93
CA GLN M 982 13.09 83.19 -32.29
C GLN M 982 12.62 84.00 -31.09
N LEU M 983 13.57 84.44 -30.27
CA LEU M 983 13.21 85.34 -29.18
C LEU M 983 12.96 86.74 -29.69
N TYR M 984 13.44 87.06 -30.90
CA TYR M 984 13.27 88.42 -31.39
C TYR M 984 11.88 88.68 -31.98
N GLU M 985 11.26 87.73 -32.69
CA GLU M 985 9.98 88.09 -33.31
C GLU M 985 8.96 88.48 -32.24
N PRO M 986 8.87 87.83 -31.07
CA PRO M 986 7.94 88.34 -30.06
C PRO M 986 8.23 89.77 -29.68
N LEU M 987 9.52 90.13 -29.57
CA LEU M 987 9.88 91.50 -29.23
C LEU M 987 9.45 92.46 -30.34
N VAL M 988 9.75 92.12 -31.58
CA VAL M 988 9.42 93.03 -32.67
C VAL M 988 7.91 93.16 -32.83
N MET M 989 7.18 92.07 -32.60
CA MET M 989 5.72 92.11 -32.71
C MET M 989 5.09 92.93 -31.58
N GLN M 990 5.57 92.74 -30.35
CA GLN M 990 5.06 93.53 -29.25
C GLN M 990 5.37 95.01 -29.45
N LEU M 991 6.57 95.31 -29.97
CA LEU M 991 6.91 96.69 -30.25
C LEU M 991 6.10 97.27 -31.41
N ILE M 992 5.75 96.44 -32.40
CA ILE M 992 4.80 96.87 -33.42
C ILE M 992 3.48 97.27 -32.77
N HIS M 993 2.93 96.37 -31.96
CA HIS M 993 1.62 96.60 -31.38
C HIS M 993 1.63 97.80 -30.45
N TRP M 994 2.76 98.09 -29.80
CA TRP M 994 2.82 99.27 -28.96
C TRP M 994 3.06 100.53 -29.80
N PHE M 995 4.12 100.54 -30.60
CA PHE M 995 4.38 101.66 -31.50
C PHE M 995 3.56 101.56 -32.77
N THR M 996 2.28 101.24 -32.63
CA THR M 996 1.29 101.51 -33.66
C THR M 996 -0.01 102.05 -33.08
N ASN M 997 -0.17 102.05 -31.75
CA ASN M 997 -1.36 102.56 -31.11
C ASN M 997 -1.50 104.06 -31.36
N ASN M 998 -2.73 104.54 -31.28
CA ASN M 998 -2.94 105.99 -31.29
C ASN M 998 -2.38 106.66 -30.04
N LYS M 999 -2.25 105.92 -28.94
CA LYS M 999 -1.63 106.47 -27.74
C LYS M 999 -0.15 106.73 -27.97
N LYS M 1000 0.57 105.75 -28.49
CA LYS M 1000 1.98 105.89 -28.87
C LYS M 1000 2.00 105.85 -30.39
N PHE M 1001 1.80 107.01 -31.01
CA PHE M 1001 1.37 107.07 -32.39
C PHE M 1001 2.34 107.75 -33.34
N GLU M 1002 3.07 108.77 -32.89
CA GLU M 1002 3.99 109.48 -33.76
C GLU M 1002 5.25 109.85 -32.97
N SER M 1003 6.28 110.25 -33.72
CA SER M 1003 7.59 110.67 -33.22
C SER M 1003 8.42 109.48 -32.76
N GLN M 1004 7.82 108.29 -32.75
CA GLN M 1004 8.54 107.06 -32.50
C GLN M 1004 8.08 106.00 -33.49
N ASP M 1005 6.83 106.10 -33.95
CA ASP M 1005 6.37 105.22 -35.01
C ASP M 1005 6.91 105.66 -36.36
N THR M 1006 7.16 106.95 -36.54
CA THR M 1006 7.77 107.44 -37.78
C THR M 1006 9.15 106.82 -37.98
N VAL M 1007 9.99 106.90 -36.95
CA VAL M 1007 11.32 106.33 -37.01
C VAL M 1007 11.23 104.83 -37.23
N ALA M 1008 10.32 104.17 -36.49
CA ALA M 1008 10.14 102.73 -36.62
C ALA M 1008 9.79 102.35 -38.05
N LEU M 1009 8.82 103.04 -38.65
CA LEU M 1009 8.37 102.67 -39.98
C LEU M 1009 9.44 102.94 -41.02
N LEU M 1010 10.15 104.06 -40.91
CA LEU M 1010 11.17 104.35 -41.93
C LEU M 1010 12.33 103.37 -41.84
N GLU M 1011 12.80 103.09 -40.62
CA GLU M 1011 13.89 102.13 -40.46
C GLU M 1011 13.42 100.72 -40.77
N ALA M 1012 12.12 100.46 -40.65
CA ALA M 1012 11.56 99.15 -40.95
C ALA M 1012 11.33 98.95 -42.44
N ILE M 1013 11.12 100.01 -43.20
CA ILE M 1013 10.97 99.88 -44.64
C ILE M 1013 12.34 99.80 -45.32
N LEU M 1014 13.23 100.74 -45.01
CA LEU M 1014 14.45 100.85 -45.81
C LEU M 1014 15.32 99.60 -45.72
N ASP M 1015 15.25 98.86 -44.60
CA ASP M 1015 16.13 97.72 -44.42
C ASP M 1015 15.87 96.64 -45.45
N GLY M 1016 14.61 96.33 -45.70
CA GLY M 1016 14.28 95.22 -46.57
C GLY M 1016 13.89 95.66 -47.96
N ILE M 1017 13.29 96.85 -48.08
CA ILE M 1017 12.88 97.33 -49.38
C ILE M 1017 14.11 97.68 -50.22
N VAL M 1018 15.08 98.37 -49.63
CA VAL M 1018 16.29 98.79 -50.33
C VAL M 1018 17.48 98.24 -49.58
N ASP M 1019 17.95 97.07 -50.00
CA ASP M 1019 19.16 96.47 -49.48
C ASP M 1019 19.90 95.72 -50.59
N PRO M 1020 21.23 95.68 -50.53
CA PRO M 1020 21.98 94.95 -51.56
C PRO M 1020 22.01 93.44 -51.34
N VAL M 1021 21.82 92.99 -50.10
CA VAL M 1021 21.89 91.57 -49.77
C VAL M 1021 20.71 91.22 -48.87
N ASP M 1022 20.70 89.99 -48.35
CA ASP M 1022 19.74 89.56 -47.33
C ASP M 1022 18.31 89.65 -47.86
N SER M 1023 18.03 88.80 -48.85
CA SER M 1023 16.64 88.60 -49.27
C SER M 1023 15.77 88.19 -48.09
N THR M 1024 16.35 87.52 -47.09
CA THR M 1024 15.65 87.27 -45.85
C THR M 1024 15.26 88.58 -45.17
N LEU M 1025 16.16 89.56 -45.17
CA LEU M 1025 15.77 90.88 -44.67
C LEU M 1025 14.61 91.43 -45.45
N ARG M 1026 14.62 91.26 -46.78
CA ARG M 1026 13.57 91.82 -47.62
C ARG M 1026 12.21 91.22 -47.29
N ASP M 1027 12.11 89.89 -47.29
CA ASP M 1027 10.79 89.29 -47.07
C ASP M 1027 10.37 89.39 -45.61
N PHE M 1028 11.31 89.35 -44.66
CA PHE M 1028 10.95 89.62 -43.26
C PHE M 1028 10.39 91.03 -43.12
N CYS M 1029 11.03 92.00 -43.76
CA CYS M 1029 10.50 93.36 -43.83
C CYS M 1029 9.07 93.36 -44.35
N GLY M 1030 8.85 92.69 -45.48
CA GLY M 1030 7.51 92.71 -46.06
C GLY M 1030 6.46 92.13 -45.14
N ARG M 1031 6.73 90.96 -44.56
CA ARG M 1031 5.75 90.35 -43.67
C ARG M 1031 5.52 91.22 -42.44
N CYS M 1032 6.60 91.69 -41.81
CA CYS M 1032 6.46 92.44 -40.56
C CYS M 1032 5.70 93.74 -40.78
N ILE M 1033 5.98 94.46 -41.87
CA ILE M 1033 5.20 95.66 -42.15
C ILE M 1033 3.76 95.29 -42.48
N ARG M 1034 3.55 94.10 -43.06
CA ARG M 1034 2.18 93.65 -43.30
C ARG M 1034 1.40 93.55 -41.99
N GLU M 1035 1.97 92.84 -41.00
CA GLU M 1035 1.23 92.77 -39.73
C GLU M 1035 1.23 94.09 -38.98
N PHE M 1036 2.21 94.97 -39.21
CA PHE M 1036 2.15 96.30 -38.62
C PHE M 1036 0.92 97.05 -39.12
N LEU M 1037 0.74 97.07 -40.44
CA LEU M 1037 -0.43 97.72 -41.02
C LEU M 1037 -1.71 97.03 -40.57
N LYS M 1038 -1.69 95.70 -40.50
CA LYS M 1038 -2.85 94.95 -40.05
C LYS M 1038 -3.26 95.34 -38.64
N TRP M 1039 -2.29 95.39 -37.72
CA TRP M 1039 -2.59 95.75 -36.34
C TRP M 1039 -3.06 97.19 -36.22
N SER M 1040 -2.42 98.11 -36.96
CA SER M 1040 -2.85 99.50 -36.93
C SER M 1040 -4.28 99.64 -37.41
N ILE M 1041 -4.65 98.93 -38.47
CA ILE M 1041 -6.02 98.97 -38.96
C ILE M 1041 -6.96 98.38 -37.92
N LYS M 1042 -6.62 97.21 -37.36
CA LYS M 1042 -7.50 96.50 -36.45
C LYS M 1042 -7.76 97.28 -35.16
N GLN M 1043 -6.72 97.49 -34.36
CA GLN M 1043 -6.91 97.98 -33.00
C GLN M 1043 -6.86 99.50 -32.90
N ILE M 1044 -6.59 100.21 -33.98
CA ILE M 1044 -6.74 101.67 -34.04
C ILE M 1044 -7.75 101.99 -35.13
N THR M 1045 -8.73 102.82 -34.80
CA THR M 1045 -9.80 103.12 -35.73
C THR M 1045 -9.26 103.79 -36.98
N PRO M 1046 -9.81 103.50 -38.15
CA PRO M 1046 -9.31 104.13 -39.38
C PRO M 1046 -9.42 105.65 -39.34
N GLN M 1047 -10.38 106.17 -38.58
CA GLN M 1047 -10.44 107.62 -38.35
C GLN M 1047 -9.10 108.15 -37.86
N GLN M 1048 -8.45 107.40 -36.97
CA GLN M 1048 -7.20 107.89 -36.38
C GLN M 1048 -6.08 107.95 -37.41
N GLN M 1049 -5.91 106.90 -38.22
CA GLN M 1049 -4.91 106.96 -39.27
C GLN M 1049 -5.22 108.06 -40.27
N GLU M 1050 -6.46 108.12 -40.75
CA GLU M 1050 -6.77 109.04 -41.83
C GLU M 1050 -6.71 110.50 -41.38
N LYS M 1051 -7.09 110.78 -40.14
CA LYS M 1051 -6.97 112.13 -39.61
C LYS M 1051 -5.52 112.51 -39.32
N SER M 1052 -4.61 111.55 -39.35
CA SER M 1052 -3.19 111.76 -39.10
C SER M 1052 -2.39 111.67 -40.39
N PRO M 1053 -1.20 112.27 -40.44
CA PRO M 1053 -0.38 112.21 -41.66
C PRO M 1053 0.27 110.85 -41.90
N VAL M 1054 0.15 109.92 -40.97
CA VAL M 1054 0.70 108.58 -41.13
C VAL M 1054 -0.36 107.61 -41.64
N ASN M 1055 -1.41 108.12 -42.30
CA ASN M 1055 -2.45 107.26 -42.86
C ASN M 1055 -1.87 106.31 -43.89
N THR M 1056 -2.66 105.30 -44.24
CA THR M 1056 -2.22 104.32 -45.23
C THR M 1056 -1.90 104.98 -46.56
N LYS M 1057 -2.60 106.05 -46.91
CA LYS M 1057 -2.39 106.70 -48.20
C LYS M 1057 -0.98 107.29 -48.30
N SER M 1058 -0.45 107.81 -47.20
CA SER M 1058 0.93 108.29 -47.20
C SER M 1058 1.89 107.15 -47.54
N LEU M 1059 1.66 105.98 -46.96
CA LEU M 1059 2.48 104.82 -47.28
C LEU M 1059 2.31 104.41 -48.74
N PHE M 1060 1.09 104.50 -49.26
CA PHE M 1060 0.85 104.20 -50.67
C PHE M 1060 1.68 105.10 -51.56
N LYS M 1061 1.65 106.41 -51.27
CA LYS M 1061 2.40 107.36 -52.06
C LYS M 1061 3.90 107.12 -51.95
N ARG M 1062 4.38 106.81 -50.74
CA ARG M 1062 5.79 106.52 -50.56
C ARG M 1062 6.20 105.30 -51.40
N LEU M 1063 5.39 104.25 -51.36
CA LEU M 1063 5.66 103.05 -52.14
C LEU M 1063 5.68 103.35 -53.63
N TYR M 1064 4.69 104.09 -54.11
CA TYR M 1064 4.64 104.43 -55.52
C TYR M 1064 5.90 105.19 -55.93
N SER M 1065 6.24 106.23 -55.18
CA SER M 1065 7.39 107.05 -55.52
C SER M 1065 8.66 106.22 -55.56
N LEU M 1066 8.93 105.45 -54.50
CA LEU M 1066 10.17 104.69 -54.45
C LEU M 1066 10.20 103.63 -55.55
N ALA M 1067 9.05 103.02 -55.86
CA ALA M 1067 9.02 102.10 -56.99
C ALA M 1067 9.36 102.81 -58.29
N LEU M 1068 9.00 104.08 -58.42
CA LEU M 1068 9.33 104.82 -59.64
C LEU M 1068 10.80 105.24 -59.70
N HIS M 1069 11.53 105.20 -58.58
CA HIS M 1069 12.85 105.78 -58.52
C HIS M 1069 13.90 104.89 -59.20
N PRO M 1070 15.02 105.47 -59.64
CA PRO M 1070 16.00 104.75 -60.47
C PRO M 1070 16.93 103.87 -59.66
N ASN M 1071 16.36 102.86 -58.98
CA ASN M 1071 17.17 101.82 -58.38
C ASN M 1071 16.35 100.54 -58.36
N ALA M 1072 17.03 99.43 -58.65
CA ALA M 1072 16.35 98.13 -58.66
C ALA M 1072 15.78 97.80 -57.29
N PHE M 1073 16.55 98.07 -56.23
CA PHE M 1073 16.13 97.71 -54.89
C PHE M 1073 14.80 98.35 -54.54
N LYS M 1074 14.64 99.64 -54.83
CA LYS M 1074 13.42 100.35 -54.47
C LYS M 1074 12.20 99.69 -55.10
N ARG M 1075 12.23 99.48 -56.41
CA ARG M 1075 11.07 98.95 -57.11
C ARG M 1075 10.79 97.50 -56.73
N LEU M 1076 11.83 96.67 -56.63
CA LEU M 1076 11.60 95.29 -56.23
C LEU M 1076 11.03 95.22 -54.81
N GLY M 1077 11.56 96.05 -53.91
CA GLY M 1077 11.04 96.07 -52.56
C GLY M 1077 9.59 96.52 -52.49
N ALA M 1078 9.24 97.54 -53.27
CA ALA M 1078 7.84 97.99 -53.30
C ALA M 1078 6.93 96.88 -53.80
N SER M 1079 7.32 96.24 -54.90
CA SER M 1079 6.49 95.17 -55.46
C SER M 1079 6.35 94.00 -54.50
N LEU M 1080 7.46 93.56 -53.89
CA LEU M 1080 7.37 92.43 -52.96
C LEU M 1080 6.62 92.82 -51.69
N ALA M 1081 6.78 94.06 -51.22
CA ALA M 1081 6.04 94.51 -50.05
C ALA M 1081 4.55 94.50 -50.32
N PHE M 1082 4.15 94.92 -51.52
CA PHE M 1082 2.75 94.76 -51.87
C PHE M 1082 2.34 93.30 -51.92
N ASN M 1083 3.22 92.44 -52.46
CA ASN M 1083 2.90 91.03 -52.49
C ASN M 1083 2.63 90.48 -51.08
N ASN M 1084 3.39 90.97 -50.10
CA ASN M 1084 3.20 90.54 -48.72
C ASN M 1084 1.93 91.11 -48.11
N ILE M 1085 1.69 92.42 -48.30
CA ILE M 1085 0.53 93.06 -47.71
C ILE M 1085 -0.76 92.79 -48.47
N TYR M 1086 -0.66 92.13 -49.62
CA TYR M 1086 -1.84 91.88 -50.45
C TYR M 1086 -2.85 90.99 -49.74
N ARG M 1087 -2.38 90.09 -48.88
CA ARG M 1087 -3.30 89.22 -48.16
C ARG M 1087 -4.30 90.03 -47.35
N GLU M 1088 -3.83 91.06 -46.64
CA GLU M 1088 -4.72 91.93 -45.90
C GLU M 1088 -5.38 92.97 -46.80
N PHE M 1089 -4.71 93.36 -47.90
CA PHE M 1089 -5.22 94.44 -48.73
C PHE M 1089 -6.43 94.01 -49.54
N ARG M 1090 -6.45 92.75 -50.00
CA ARG M 1090 -7.57 92.26 -50.79
C ARG M 1090 -8.85 92.17 -49.98
N GLU M 1091 -8.76 92.21 -48.65
CA GLU M 1091 -9.93 92.15 -47.78
C GLU M 1091 -10.41 93.53 -47.36
N GLU M 1092 -9.80 94.61 -47.85
CA GLU M 1092 -10.20 95.97 -47.54
C GLU M 1092 -10.89 96.56 -48.76
N GLU M 1093 -12.12 97.04 -48.56
CA GLU M 1093 -12.91 97.58 -49.67
C GLU M 1093 -12.64 99.07 -49.90
N SER M 1094 -12.47 99.84 -48.82
CA SER M 1094 -12.26 101.27 -48.99
C SER M 1094 -10.99 101.57 -49.76
N LEU M 1095 -9.91 100.83 -49.47
CA LEU M 1095 -8.64 101.10 -50.14
C LEU M 1095 -8.67 100.66 -51.60
N VAL M 1096 -9.19 99.47 -51.88
CA VAL M 1096 -9.27 99.03 -53.27
C VAL M 1096 -10.20 99.93 -54.06
N GLU M 1097 -11.28 100.42 -53.43
CA GLU M 1097 -12.07 101.45 -54.08
C GLU M 1097 -11.22 102.68 -54.37
N GLN M 1098 -10.44 103.11 -53.38
CA GLN M 1098 -9.58 104.29 -53.54
C GLN M 1098 -8.36 104.00 -54.40
N PHE M 1099 -7.70 102.87 -54.19
CA PHE M 1099 -6.37 102.62 -54.76
C PHE M 1099 -6.33 101.28 -55.49
N VAL M 1100 -6.70 101.28 -56.77
CA VAL M 1100 -6.35 100.20 -57.68
C VAL M 1100 -5.70 100.78 -58.93
N PHE M 1101 -6.34 101.79 -59.54
CA PHE M 1101 -5.80 102.38 -60.77
C PHE M 1101 -4.43 102.99 -60.52
N GLU M 1102 -4.28 103.75 -59.43
CA GLU M 1102 -3.02 104.42 -59.15
C GLU M 1102 -1.90 103.42 -58.91
N ALA M 1103 -2.16 102.43 -58.06
CA ALA M 1103 -1.16 101.41 -57.78
C ALA M 1103 -0.84 100.62 -59.05
N LEU M 1104 -1.86 100.28 -59.84
CA LEU M 1104 -1.65 99.51 -61.05
C LEU M 1104 -0.79 100.28 -62.05
N VAL M 1105 -1.04 101.58 -62.23
CA VAL M 1105 -0.25 102.33 -63.19
C VAL M 1105 1.16 102.56 -62.67
N ILE M 1106 1.33 102.72 -61.35
CA ILE M 1106 2.69 102.80 -60.81
C ILE M 1106 3.44 101.50 -61.06
N TYR M 1107 2.75 100.37 -60.91
CA TYR M 1107 3.40 99.09 -61.17
C TYR M 1107 3.67 98.89 -62.66
N MET M 1108 2.81 99.42 -63.53
CA MET M 1108 3.12 99.42 -64.96
C MET M 1108 4.38 100.22 -65.26
N GLU M 1109 4.50 101.40 -64.64
CA GLU M 1109 5.70 102.21 -64.84
C GLU M 1109 6.94 101.48 -64.34
N SER M 1110 6.84 100.88 -63.15
CA SER M 1110 7.97 100.15 -62.60
C SER M 1110 8.31 98.94 -63.46
N LEU M 1111 7.28 98.29 -64.03
CA LEU M 1111 7.52 97.18 -64.93
C LEU M 1111 8.24 97.63 -66.19
N ALA M 1112 7.82 98.75 -66.77
CA ALA M 1112 8.52 99.27 -67.94
C ALA M 1112 9.95 99.65 -67.61
N LEU M 1113 10.17 100.26 -66.45
CA LEU M 1113 11.52 100.65 -66.04
C LEU M 1113 12.41 99.43 -65.84
N ALA M 1114 11.88 98.39 -65.17
CA ALA M 1114 12.64 97.17 -64.95
C ALA M 1114 12.77 96.35 -66.22
N HIS M 1115 11.93 96.57 -67.22
CA HIS M 1115 12.14 95.96 -68.52
C HIS M 1115 13.24 96.68 -69.28
N ALA M 1116 13.31 98.01 -69.12
CA ALA M 1116 14.32 98.79 -69.82
C ALA M 1116 15.71 98.57 -69.23
N ASP M 1117 15.82 98.48 -67.90
CA ASP M 1117 17.13 98.48 -67.29
C ASP M 1117 17.85 97.13 -67.47
N GLU M 1118 17.26 96.05 -66.98
CA GLU M 1118 17.90 94.74 -67.08
C GLU M 1118 16.86 93.65 -66.93
N LYS M 1119 17.18 92.46 -67.44
CA LYS M 1119 16.28 91.33 -67.39
C LYS M 1119 16.66 90.28 -66.36
N SER M 1120 17.86 90.36 -65.79
CA SER M 1120 18.27 89.46 -64.72
C SER M 1120 17.95 90.02 -63.34
N LEU M 1121 16.87 90.78 -63.23
CA LEU M 1121 16.53 91.51 -62.03
C LEU M 1121 15.35 90.85 -61.33
N GLY M 1122 15.43 90.79 -60.00
CA GLY M 1122 14.34 90.27 -59.21
C GLY M 1122 13.11 91.16 -59.16
N THR M 1123 13.22 92.39 -59.66
CA THR M 1123 12.07 93.29 -59.65
C THR M 1123 10.93 92.75 -60.49
N ILE M 1124 11.23 92.23 -61.68
CA ILE M 1124 10.19 91.91 -62.65
C ILE M 1124 9.25 90.83 -62.12
N GLN M 1125 9.81 89.81 -61.45
CA GLN M 1125 8.98 88.74 -60.93
C GLN M 1125 8.06 89.26 -59.82
N GLN M 1126 8.60 90.04 -58.90
CA GLN M 1126 7.78 90.57 -57.81
C GLN M 1126 6.71 91.51 -58.37
N CYS M 1127 7.05 92.31 -59.37
CA CYS M 1127 6.10 93.22 -59.98
C CYS M 1127 4.99 92.47 -60.71
N CYS M 1128 5.34 91.39 -61.41
CA CYS M 1128 4.30 90.63 -62.10
C CYS M 1128 3.41 89.89 -61.11
N ASP M 1129 3.98 89.41 -60.00
CA ASP M 1129 3.12 88.87 -58.94
C ASP M 1129 2.21 89.94 -58.37
N ALA M 1130 2.74 91.16 -58.19
CA ALA M 1130 1.93 92.26 -57.68
C ALA M 1130 0.76 92.55 -58.61
N ILE M 1131 1.03 92.68 -59.90
CA ILE M 1131 -0.05 92.98 -60.84
C ILE M 1131 -0.96 91.77 -61.03
N ASP M 1132 -0.48 90.56 -60.76
CA ASP M 1132 -1.37 89.40 -60.74
C ASP M 1132 -2.35 89.47 -59.58
N HIS M 1133 -1.86 89.85 -58.39
CA HIS M 1133 -2.77 90.08 -57.28
C HIS M 1133 -3.77 91.18 -57.63
N LEU M 1134 -3.30 92.24 -58.27
CA LEU M 1134 -4.17 93.32 -58.68
C LEU M 1134 -5.24 92.85 -59.65
N CYS M 1135 -4.87 92.05 -60.65
CA CYS M 1135 -5.85 91.59 -61.62
C CYS M 1135 -6.85 90.64 -60.97
N ARG M 1136 -6.38 89.78 -60.06
CA ARG M 1136 -7.30 88.89 -59.36
C ARG M 1136 -8.33 89.68 -58.56
N ILE M 1137 -7.89 90.70 -57.82
CA ILE M 1137 -8.84 91.44 -57.00
C ILE M 1137 -9.69 92.41 -57.82
N ILE M 1138 -9.22 92.84 -58.98
CA ILE M 1138 -10.02 93.74 -59.80
C ILE M 1138 -11.08 92.96 -60.58
N GLU M 1139 -10.71 91.78 -61.10
CA GLU M 1139 -11.70 90.88 -61.64
C GLU M 1139 -12.67 90.41 -60.56
N LYS M 1140 -12.19 90.30 -59.33
CA LYS M 1140 -13.08 89.95 -58.21
C LYS M 1140 -14.14 91.02 -58.00
N LYS M 1141 -13.77 92.29 -58.08
CA LYS M 1141 -14.69 93.42 -57.89
C LYS M 1141 -14.47 94.41 -59.03
N HIS M 1142 -15.19 94.22 -60.14
CA HIS M 1142 -15.07 95.12 -61.28
C HIS M 1142 -16.24 96.09 -61.39
N VAL M 1143 -17.39 95.77 -60.78
CA VAL M 1143 -18.53 96.67 -60.83
C VAL M 1143 -18.22 97.96 -60.10
N SER M 1144 -17.41 97.89 -59.03
CA SER M 1144 -16.96 99.10 -58.36
C SER M 1144 -16.12 99.96 -59.29
N LEU M 1145 -15.44 99.34 -60.25
CA LEU M 1145 -14.70 100.08 -61.26
C LEU M 1145 -15.50 100.28 -62.54
N ASN M 1146 -16.54 99.48 -62.75
CA ASN M 1146 -17.45 99.71 -63.87
C ASN M 1146 -18.07 101.09 -63.78
N LYS M 1147 -18.38 101.54 -62.58
CA LYS M 1147 -18.84 102.90 -62.37
C LYS M 1147 -17.64 103.84 -62.33
N ALA M 1148 -17.78 105.00 -62.97
CA ALA M 1148 -16.73 106.01 -62.94
C ALA M 1148 -16.65 106.61 -61.54
N LYS M 1149 -15.56 106.35 -60.84
CA LYS M 1149 -15.38 106.79 -59.46
C LYS M 1149 -14.24 107.79 -59.43
N LYS M 1150 -14.58 109.08 -59.35
CA LYS M 1150 -13.56 110.11 -59.31
C LYS M 1150 -12.83 110.08 -57.98
N ARG M 1151 -11.51 109.96 -58.04
CA ARG M 1151 -10.66 109.80 -56.87
C ARG M 1151 -9.32 110.43 -57.16
N ARG M 1152 -8.31 110.08 -56.37
CA ARG M 1152 -6.94 110.46 -56.68
C ARG M 1152 -6.59 109.98 -58.08
N LEU M 1153 -6.24 110.92 -58.95
CA LEU M 1153 -6.04 110.60 -60.36
C LEU M 1153 -4.77 109.77 -60.55
N PRO M 1154 -4.87 108.58 -61.12
CA PRO M 1154 -3.66 107.83 -61.46
C PRO M 1154 -2.89 108.50 -62.59
N ARG M 1155 -1.58 108.23 -62.63
CA ARG M 1155 -0.76 108.75 -63.72
C ARG M 1155 -1.22 108.17 -65.05
N GLY M 1156 -1.53 106.88 -65.08
CA GLY M 1156 -2.27 106.34 -66.21
C GLY M 1156 -3.66 106.94 -66.28
N PHE M 1157 -4.18 107.05 -67.49
CA PHE M 1157 -5.36 107.85 -67.75
C PHE M 1157 -5.11 109.27 -67.24
N PRO M 1158 -4.20 110.00 -67.87
CA PRO M 1158 -3.80 111.33 -67.35
C PRO M 1158 -4.95 112.32 -67.27
N PRO M 1159 -5.95 112.27 -68.17
CA PRO M 1159 -7.11 113.14 -67.97
C PRO M 1159 -7.75 112.93 -66.62
N SER M 1160 -7.90 114.03 -65.87
CA SER M 1160 -8.47 113.99 -64.52
C SER M 1160 -9.98 113.96 -64.63
N ALA M 1161 -10.51 112.77 -64.92
CA ALA M 1161 -11.94 112.54 -65.00
C ALA M 1161 -12.34 111.48 -63.98
N SER M 1162 -13.65 111.26 -63.88
CA SER M 1162 -14.15 110.25 -62.95
C SER M 1162 -13.64 108.88 -63.35
N LEU M 1163 -12.84 108.27 -62.49
CA LEU M 1163 -12.08 107.07 -62.85
C LEU M 1163 -13.02 105.88 -63.01
N CYS M 1164 -13.11 105.38 -64.24
CA CYS M 1164 -13.82 104.15 -64.54
C CYS M 1164 -12.83 103.06 -64.92
N LEU M 1165 -13.30 101.81 -64.88
CA LEU M 1165 -12.48 100.71 -65.34
C LEU M 1165 -12.12 100.87 -66.81
N LEU M 1166 -13.11 101.23 -67.64
CA LEU M 1166 -12.85 101.40 -69.06
C LEU M 1166 -11.85 102.51 -69.33
N ASP M 1167 -11.82 103.54 -68.48
CA ASP M 1167 -10.84 104.62 -68.65
C ASP M 1167 -9.42 104.06 -68.68
N LEU M 1168 -9.02 103.39 -67.60
CA LEU M 1168 -7.67 102.84 -67.52
C LEU M 1168 -7.47 101.71 -68.53
N VAL M 1169 -8.52 100.94 -68.81
CA VAL M 1169 -8.38 99.85 -69.79
C VAL M 1169 -8.02 100.41 -71.16
N LYS M 1170 -8.76 101.42 -71.63
CA LYS M 1170 -8.49 101.96 -72.95
C LYS M 1170 -7.23 102.82 -72.95
N TRP M 1171 -6.86 103.43 -71.82
CA TRP M 1171 -5.58 104.11 -71.77
C TRP M 1171 -4.43 103.14 -71.90
N LEU M 1172 -4.52 101.99 -71.23
CA LEU M 1172 -3.51 100.95 -71.35
C LEU M 1172 -3.44 100.42 -72.78
N LEU M 1173 -4.61 100.25 -73.41
CA LEU M 1173 -4.64 99.88 -74.82
C LEU M 1173 -3.94 100.92 -75.69
N ALA M 1174 -4.18 102.20 -75.38
CA ALA M 1174 -3.59 103.27 -76.19
C ALA M 1174 -2.07 103.29 -76.08
N HIS M 1175 -1.55 103.04 -74.88
CA HIS M 1175 -0.11 103.15 -74.66
C HIS M 1175 0.66 101.92 -75.10
N CYS M 1176 -0.01 100.89 -75.62
CA CYS M 1176 0.70 99.72 -76.11
C CYS M 1176 1.58 100.12 -77.29
N GLY M 1177 2.70 99.41 -77.44
CA GLY M 1177 3.70 99.78 -78.41
C GLY M 1177 4.89 100.44 -77.73
N ARG M 1178 5.23 99.95 -76.54
CA ARG M 1178 6.33 100.51 -75.78
C ARG M 1178 7.65 100.11 -76.40
N PRO M 1179 8.74 100.79 -76.04
CA PRO M 1179 10.07 100.22 -76.31
C PRO M 1179 10.26 98.89 -75.61
N GLN M 1180 9.58 98.67 -74.49
CA GLN M 1180 9.64 97.41 -73.76
C GLN M 1180 8.62 96.45 -74.37
N THR M 1181 9.12 95.44 -75.09
CA THR M 1181 8.23 94.53 -75.80
C THR M 1181 7.45 93.65 -74.83
N GLU M 1182 8.08 93.17 -73.76
CA GLU M 1182 7.41 92.24 -72.88
C GLU M 1182 6.53 92.96 -71.84
N CYS M 1183 6.93 94.17 -71.44
CA CYS M 1183 6.00 94.98 -70.65
C CYS M 1183 4.71 95.23 -71.44
N ARG M 1184 4.85 95.55 -72.72
CA ARG M 1184 3.68 95.72 -73.57
C ARG M 1184 2.93 94.41 -73.74
N HIS M 1185 3.64 93.28 -73.83
CA HIS M 1185 2.97 91.99 -73.97
C HIS M 1185 2.13 91.68 -72.74
N LYS M 1186 2.69 91.89 -71.55
CA LYS M 1186 1.91 91.68 -70.33
C LYS M 1186 0.73 92.65 -70.28
N SER M 1187 0.96 93.90 -70.69
CA SER M 1187 -0.11 94.88 -70.67
C SER M 1187 -1.25 94.46 -71.60
N ILE M 1188 -0.93 93.98 -72.80
CA ILE M 1188 -1.98 93.61 -73.75
C ILE M 1188 -2.68 92.32 -73.32
N GLU M 1189 -1.95 91.38 -72.71
CA GLU M 1189 -2.63 90.21 -72.15
C GLU M 1189 -3.61 90.62 -71.06
N LEU M 1190 -3.19 91.53 -70.19
CA LEU M 1190 -4.07 92.02 -69.13
C LEU M 1190 -5.28 92.74 -69.70
N PHE M 1191 -5.05 93.57 -70.72
CA PHE M 1191 -6.14 94.27 -71.39
C PHE M 1191 -7.13 93.29 -72.00
N TYR M 1192 -6.62 92.29 -72.72
CA TYR M 1192 -7.48 91.32 -73.38
C TYR M 1192 -8.29 90.52 -72.36
N LYS M 1193 -7.68 90.18 -71.22
CA LYS M 1193 -8.41 89.46 -70.19
C LYS M 1193 -9.30 90.35 -69.34
N PHE M 1194 -9.20 91.68 -69.48
CA PHE M 1194 -10.06 92.58 -68.71
C PHE M 1194 -11.09 93.34 -69.53
N VAL M 1195 -11.09 93.21 -70.85
CA VAL M 1195 -12.22 93.71 -71.64
C VAL M 1195 -13.52 93.04 -71.24
N PRO M 1196 -13.60 91.73 -71.00
CA PRO M 1196 -14.86 91.16 -70.50
C PRO M 1196 -15.29 91.75 -69.16
N LEU M 1197 -14.34 92.17 -68.32
CA LEU M 1197 -14.67 92.76 -67.04
C LEU M 1197 -15.24 94.16 -67.17
N LEU M 1198 -15.18 94.76 -68.35
CA LEU M 1198 -15.72 96.09 -68.56
C LEU M 1198 -17.23 96.08 -68.33
N PRO M 1199 -17.81 97.22 -67.93
CA PRO M 1199 -19.26 97.25 -67.71
C PRO M 1199 -20.08 96.88 -68.93
N GLY M 1200 -19.59 97.19 -70.14
CA GLY M 1200 -20.35 96.94 -71.35
C GLY M 1200 -20.06 95.60 -72.00
N ASN M 1201 -19.57 95.65 -73.23
CA ASN M 1201 -19.36 94.43 -74.01
C ASN M 1201 -18.20 93.62 -73.45
N ARG M 1202 -18.23 92.32 -73.75
CA ARG M 1202 -17.15 91.40 -73.42
C ARG M 1202 -16.02 91.56 -74.43
N SER M 1203 -15.11 90.59 -74.48
CA SER M 1203 -13.98 90.69 -75.41
C SER M 1203 -14.05 89.68 -76.55
N PRO M 1204 -14.91 89.87 -77.54
CA PRO M 1204 -14.72 89.15 -78.80
C PRO M 1204 -13.90 90.01 -79.75
N ASN M 1205 -13.54 89.47 -80.92
CA ASN M 1205 -12.97 90.31 -81.95
C ASN M 1205 -13.97 91.34 -82.45
N LEU M 1206 -15.26 91.13 -82.18
CA LEU M 1206 -16.28 92.09 -82.59
C LEU M 1206 -16.13 93.41 -81.85
N TRP M 1207 -15.94 93.35 -80.53
CA TRP M 1207 -15.70 94.58 -79.77
C TRP M 1207 -14.39 95.24 -80.18
N LEU M 1208 -13.38 94.43 -80.54
CA LEU M 1208 -12.15 95.00 -81.04
C LEU M 1208 -12.37 95.73 -82.36
N LYS M 1209 -13.22 95.18 -83.23
CA LYS M 1209 -13.59 95.90 -84.45
C LYS M 1209 -14.38 97.17 -84.13
N ASP M 1210 -15.20 97.12 -83.08
CA ASP M 1210 -15.91 98.32 -82.64
C ASP M 1210 -14.92 99.42 -82.26
N VAL M 1211 -13.86 99.06 -81.53
CA VAL M 1211 -12.83 100.03 -81.20
C VAL M 1211 -12.06 100.47 -82.44
N LEU M 1212 -11.80 99.53 -83.35
CA LEU M 1212 -11.07 99.82 -84.58
C LEU M 1212 -11.84 100.76 -85.50
N LYS M 1213 -13.17 100.80 -85.38
CA LYS M 1213 -13.96 101.71 -86.20
C LYS M 1213 -13.47 103.15 -86.06
N GLU M 1214 -13.36 103.63 -84.81
CA GLU M 1214 -12.83 104.96 -84.59
C GLU M 1214 -11.32 104.99 -84.82
N GLU M 1215 -10.63 103.91 -84.46
CA GLU M 1215 -9.19 103.81 -84.64
C GLU M 1215 -8.86 103.06 -85.92
N GLY M 1216 -9.36 103.59 -87.04
CA GLY M 1216 -9.22 102.92 -88.32
C GLY M 1216 -7.79 102.86 -88.82
N VAL M 1217 -7.23 104.01 -89.18
CA VAL M 1217 -5.85 104.09 -89.63
C VAL M 1217 -4.92 104.58 -88.51
N SER M 1218 -5.44 105.31 -87.53
CA SER M 1218 -4.64 105.71 -86.39
C SER M 1218 -4.17 104.52 -85.58
N PHE M 1219 -4.84 103.38 -85.70
CA PHE M 1219 -4.39 102.16 -85.03
C PHE M 1219 -2.97 101.80 -85.43
N LEU M 1220 -2.55 102.19 -86.64
CA LEU M 1220 -1.20 101.89 -87.09
C LEU M 1220 -0.15 102.65 -86.29
N ILE M 1221 -0.48 103.85 -85.82
CA ILE M 1221 0.46 104.66 -85.07
C ILE M 1221 0.06 104.85 -83.61
N ASN M 1222 -1.24 104.85 -83.29
CA ASN M 1222 -1.65 104.99 -81.91
C ASN M 1222 -1.27 103.77 -81.10
N THR M 1223 -1.83 102.61 -81.45
CA THR M 1223 -1.45 101.37 -80.80
C THR M 1223 -0.03 100.93 -81.17
N PHE M 1224 0.54 101.48 -82.25
CA PHE M 1224 1.90 101.15 -82.65
C PHE M 1224 2.65 102.45 -82.92
N GLU M 1225 3.18 103.05 -81.87
CA GLU M 1225 4.02 104.22 -82.02
C GLU M 1225 5.44 103.75 -82.35
N GLY M 1226 5.55 102.92 -83.39
CA GLY M 1226 6.76 102.16 -83.60
C GLY M 1226 7.44 102.35 -84.94
N GLY M 1227 8.42 101.49 -85.23
CA GLY M 1227 9.25 101.66 -86.41
C GLY M 1227 10.12 102.90 -86.36
N GLY M 1228 10.28 103.53 -85.20
CA GLY M 1228 10.90 104.83 -85.11
C GLY M 1228 9.87 105.92 -84.93
N CYS M 1229 8.89 105.67 -84.06
CA CYS M 1229 7.74 106.55 -83.88
C CYS M 1229 7.10 106.85 -85.24
N GLY M 1230 6.62 105.80 -85.86
CA GLY M 1230 6.31 105.84 -87.27
C GLY M 1230 7.52 105.47 -88.09
N GLN M 1231 7.39 105.67 -89.40
CA GLN M 1231 8.48 105.32 -90.31
C GLN M 1231 9.77 106.12 -90.10
N PRO M 1232 9.75 107.45 -89.92
CA PRO M 1232 10.96 108.23 -90.24
C PRO M 1232 12.20 107.89 -89.42
N SER M 1233 12.08 107.81 -88.09
CA SER M 1233 13.27 107.57 -87.28
C SER M 1233 13.90 106.21 -87.60
N GLY M 1234 13.08 105.25 -88.03
CA GLY M 1234 13.63 103.99 -88.48
C GLY M 1234 14.56 104.17 -89.67
N ILE M 1235 14.17 105.01 -90.62
CA ILE M 1235 15.06 105.34 -91.73
C ILE M 1235 16.28 106.09 -91.22
N LEU M 1236 16.06 107.05 -90.31
CA LEU M 1236 17.16 107.89 -89.83
C LEU M 1236 18.24 107.06 -89.17
N ALA M 1237 17.86 106.04 -88.42
CA ALA M 1237 18.83 105.19 -87.75
C ALA M 1237 19.68 104.38 -88.74
N GLN M 1238 19.29 104.30 -90.01
CA GLN M 1238 20.06 103.49 -90.95
C GLN M 1238 21.38 104.17 -91.35
N PRO M 1239 21.40 105.42 -91.83
CA PRO M 1239 22.69 106.07 -92.07
C PRO M 1239 23.19 106.85 -90.87
N THR M 1240 22.29 107.15 -89.94
CA THR M 1240 22.63 107.95 -88.76
C THR M 1240 21.96 107.38 -87.52
N SER M 1249 24.13 107.22 -81.84
CA SER M 1249 23.09 106.78 -82.77
C SER M 1249 22.85 105.29 -82.65
N LEU M 1250 23.87 104.56 -82.17
CA LEU M 1250 23.72 103.13 -81.97
C LEU M 1250 22.68 102.83 -80.91
N GLN M 1251 22.66 103.62 -79.83
CA GLN M 1251 21.63 103.46 -78.81
C GLN M 1251 20.25 103.78 -79.37
N ALA M 1252 20.16 104.81 -80.21
CA ALA M 1252 18.91 105.08 -80.91
C ALA M 1252 18.54 103.92 -81.82
N THR M 1253 19.55 103.26 -82.42
CA THR M 1253 19.27 102.06 -83.20
C THR M 1253 18.68 100.96 -82.32
N LEU M 1254 19.20 100.80 -81.11
CA LEU M 1254 18.63 99.82 -80.19
C LEU M 1254 17.20 100.17 -79.83
N CYS M 1255 16.92 101.46 -79.62
CA CYS M 1255 15.56 101.89 -79.35
C CYS M 1255 14.64 101.55 -80.51
N TRP M 1256 15.10 101.82 -81.74
CA TRP M 1256 14.32 101.45 -82.91
C TRP M 1256 14.07 99.95 -82.94
N LEU M 1257 15.10 99.16 -82.65
CA LEU M 1257 14.97 97.71 -82.70
C LEU M 1257 13.96 97.21 -81.67
N ASP M 1258 14.05 97.69 -80.42
CA ASP M 1258 13.14 97.17 -79.39
C ASP M 1258 11.72 97.66 -79.61
N LEU M 1259 11.57 98.90 -80.08
CA LEU M 1259 10.24 99.40 -80.41
C LEU M 1259 9.61 98.60 -81.54
N LEU M 1260 10.40 98.29 -82.57
CA LEU M 1260 9.93 97.45 -83.66
C LEU M 1260 9.58 96.06 -83.17
N LEU M 1261 10.38 95.52 -82.25
CA LEU M 1261 10.09 94.21 -81.68
C LEU M 1261 8.76 94.21 -80.95
N ALA M 1262 8.51 95.25 -80.16
CA ALA M 1262 7.23 95.36 -79.46
C ALA M 1262 6.08 95.43 -80.44
N ALA M 1263 6.23 96.26 -81.49
CA ALA M 1263 5.16 96.36 -82.49
C ALA M 1263 4.91 95.02 -83.17
N LEU M 1264 5.98 94.32 -83.56
CA LEU M 1264 5.84 93.06 -84.25
C LEU M 1264 5.23 91.99 -83.34
N GLU M 1265 5.64 91.96 -82.07
CA GLU M 1265 5.08 90.99 -81.15
C GLU M 1265 3.59 91.24 -80.93
N CYS M 1266 3.20 92.51 -80.83
CA CYS M 1266 1.78 92.81 -80.70
C CYS M 1266 1.01 92.41 -81.96
N TYR M 1267 1.60 92.66 -83.14
CA TYR M 1267 1.02 92.17 -84.38
C TYR M 1267 0.82 90.66 -84.35
N ASN M 1268 1.86 89.94 -83.94
CA ASN M 1268 1.81 88.47 -83.91
C ASN M 1268 0.76 87.98 -82.93
N THR M 1269 0.64 88.63 -81.77
CA THR M 1269 -0.38 88.24 -80.81
C THR M 1269 -1.77 88.46 -81.38
N PHE M 1270 -2.01 89.63 -81.99
CA PHE M 1270 -3.33 89.92 -82.52
C PHE M 1270 -3.70 88.95 -83.64
N ILE M 1271 -2.75 88.64 -84.53
CA ILE M 1271 -3.03 87.69 -85.61
C ILE M 1271 -2.98 86.25 -85.12
N GLY M 1272 -2.52 86.01 -83.90
CA GLY M 1272 -2.53 84.68 -83.32
C GLY M 1272 -3.75 84.50 -82.46
N GLU M 1273 -4.20 85.59 -81.82
CA GLU M 1273 -5.49 85.61 -81.15
C GLU M 1273 -6.64 85.45 -82.12
N ARG M 1274 -6.39 85.62 -83.42
CA ARG M 1274 -7.41 85.63 -84.46
C ARG M 1274 -8.42 86.75 -84.22
N THR M 1275 -8.04 87.74 -83.42
CA THR M 1275 -8.89 88.88 -83.13
C THR M 1275 -8.68 90.03 -84.10
N VAL M 1276 -7.68 89.95 -84.98
CA VAL M 1276 -7.42 90.97 -85.99
C VAL M 1276 -7.23 90.25 -87.32
N GLY M 1277 -7.93 90.73 -88.36
CA GLY M 1277 -7.74 90.19 -89.68
C GLY M 1277 -6.37 90.53 -90.23
N ALA M 1278 -5.85 89.63 -91.09
CA ALA M 1278 -4.53 89.85 -91.67
C ALA M 1278 -4.54 91.04 -92.64
N LEU M 1279 -5.70 91.38 -93.18
CA LEU M 1279 -5.80 92.50 -94.12
C LEU M 1279 -5.81 93.85 -93.42
N GLN M 1280 -6.03 93.88 -92.11
CA GLN M 1280 -6.10 95.16 -91.40
C GLN M 1280 -4.74 95.87 -91.39
N VAL M 1281 -3.66 95.11 -91.23
CA VAL M 1281 -2.32 95.71 -91.13
C VAL M 1281 -1.76 96.10 -92.49
N LEU M 1282 -2.38 95.68 -93.58
CA LEU M 1282 -1.97 96.09 -94.92
C LEU M 1282 -3.13 96.64 -95.74
N GLY M 1283 -4.22 97.02 -95.09
CA GLY M 1283 -5.37 97.57 -95.78
C GLY M 1283 -5.54 99.06 -95.56
N THR M 1284 -6.47 99.44 -94.66
CA THR M 1284 -6.67 100.85 -94.36
C THR M 1284 -5.43 101.49 -93.76
N GLU M 1285 -4.62 100.71 -93.04
CA GLU M 1285 -3.37 101.18 -92.46
C GLU M 1285 -2.28 100.20 -92.82
N ALA M 1286 -1.25 100.68 -93.51
CA ALA M 1286 -0.14 99.83 -93.96
C ALA M 1286 1.14 100.32 -93.29
N GLN M 1287 1.80 99.43 -92.57
CA GLN M 1287 3.02 99.78 -91.85
C GLN M 1287 4.19 99.72 -92.81
N SER M 1288 4.68 100.89 -93.24
CA SER M 1288 5.89 100.93 -94.06
C SER M 1288 7.13 100.54 -93.27
N SER M 1289 7.06 100.58 -91.94
CA SER M 1289 8.17 100.10 -91.12
C SER M 1289 8.38 98.61 -91.28
N LEU M 1290 7.36 97.87 -91.76
CA LEU M 1290 7.56 96.47 -92.10
C LEU M 1290 8.53 96.33 -93.27
N LEU M 1291 8.25 97.05 -94.36
CA LEU M 1291 9.16 97.01 -95.50
C LEU M 1291 10.46 97.75 -95.20
N LYS M 1292 10.42 98.75 -94.32
CA LYS M 1292 11.67 99.38 -93.88
C LYS M 1292 12.54 98.37 -93.13
N ALA M 1293 11.93 97.54 -92.29
CA ALA M 1293 12.67 96.48 -91.62
C ALA M 1293 13.16 95.43 -92.62
N VAL M 1294 12.37 95.13 -93.65
CA VAL M 1294 12.83 94.20 -94.67
C VAL M 1294 14.07 94.73 -95.37
N ALA M 1295 14.05 96.02 -95.72
CA ALA M 1295 15.23 96.65 -96.30
C ALA M 1295 16.39 96.67 -95.32
N PHE M 1296 16.08 96.83 -94.03
CA PHE M 1296 17.13 96.79 -93.02
C PHE M 1296 17.79 95.41 -92.98
N PHE M 1297 16.98 94.35 -93.06
CA PHE M 1297 17.54 93.01 -93.16
C PHE M 1297 18.39 92.88 -94.41
N LEU M 1298 17.91 93.45 -95.52
CA LEU M 1298 18.70 93.52 -96.74
C LEU M 1298 20.00 94.28 -96.55
N GLU M 1299 20.08 95.12 -95.50
CA GLU M 1299 21.30 95.84 -95.20
C GLU M 1299 21.90 95.49 -93.85
N SER M 1300 21.27 94.64 -93.06
CA SER M 1300 21.83 94.29 -91.76
C SER M 1300 21.95 92.80 -91.53
N ILE M 1301 20.99 92.00 -91.99
CA ILE M 1301 20.96 90.58 -91.66
C ILE M 1301 21.94 89.84 -92.56
N ALA M 1302 22.98 89.27 -91.96
CA ALA M 1302 24.06 88.50 -92.58
C ALA M 1302 25.07 89.36 -93.31
N MET M 1303 24.93 90.69 -93.30
CA MET M 1303 25.97 91.56 -93.84
C MET M 1303 26.31 92.75 -92.96
N HIS M 1304 25.55 93.02 -91.89
CA HIS M 1304 25.88 94.09 -90.94
C HIS M 1304 25.63 93.53 -89.54
N ASP M 1305 26.68 92.95 -88.95
CA ASP M 1305 26.58 92.36 -87.62
C ASP M 1305 27.30 93.16 -86.55
N ILE M 1306 27.95 94.26 -86.91
CA ILE M 1306 28.70 95.07 -85.95
C ILE M 1306 28.26 96.52 -86.04
N ILE M 1307 27.59 96.88 -87.13
CA ILE M 1307 27.20 98.26 -87.38
C ILE M 1307 25.87 98.25 -88.12
N ALA M 1308 25.06 99.28 -87.86
CA ALA M 1308 23.74 99.42 -88.47
C ALA M 1308 23.77 100.15 -89.80
N ALA M 1309 24.89 100.08 -90.51
CA ALA M 1309 25.14 100.81 -91.76
C ALA M 1309 25.16 102.32 -91.56
N GLU M 1310 25.17 102.78 -90.32
CA GLU M 1310 25.25 104.20 -90.02
C GLU M 1310 26.67 104.70 -89.96
N LYS M 1311 27.61 103.84 -89.58
CA LYS M 1311 29.04 104.13 -89.51
C LYS M 1311 29.37 105.24 -88.51
N CYS M 1312 28.40 105.68 -87.71
CA CYS M 1312 28.61 106.68 -86.67
C CYS M 1312 28.53 106.13 -85.27
N PHE M 1313 27.98 104.92 -85.09
CA PHE M 1313 27.92 104.25 -83.80
C PHE M 1313 27.19 105.07 -82.76
N THR M 1322 30.85 92.71 -80.59
CA THR M 1322 31.82 92.59 -79.51
C THR M 1322 31.66 93.75 -78.53
N SER M 1323 32.15 93.56 -77.30
CA SER M 1323 31.96 94.58 -76.27
C SER M 1323 32.58 95.93 -76.59
N PRO M 1324 33.71 96.05 -77.30
CA PRO M 1324 34.14 97.39 -77.71
C PRO M 1324 33.08 98.15 -78.49
N GLN M 1325 32.35 97.46 -79.36
CA GLN M 1325 31.20 98.04 -80.04
C GLN M 1325 29.89 97.64 -79.37
N GLU M 1326 29.94 96.89 -78.28
CA GLU M 1326 28.75 96.33 -77.64
C GLU M 1326 27.90 95.56 -78.65
N GLY M 1327 28.58 94.84 -79.55
CA GLY M 1327 27.86 94.08 -80.56
C GLY M 1327 27.10 92.91 -80.01
N GLU M 1328 27.31 92.56 -78.75
CA GLU M 1328 26.64 91.40 -78.16
C GLU M 1328 25.13 91.60 -78.17
N ARG M 1329 24.64 92.52 -77.33
CA ARG M 1329 23.19 92.72 -77.24
C ARG M 1329 22.60 93.22 -78.55
N TYR M 1330 23.41 93.85 -79.41
CA TYR M 1330 22.96 94.14 -80.77
C TYR M 1330 22.63 92.84 -81.51
N ASN M 1331 23.53 91.86 -81.41
CA ASN M 1331 23.28 90.56 -82.02
C ASN M 1331 22.06 89.89 -81.41
N TYR M 1332 21.93 89.97 -80.08
CA TYR M 1332 20.81 89.29 -79.44
C TYR M 1332 19.49 89.94 -79.82
N SER M 1333 19.48 91.26 -79.97
CA SER M 1333 18.30 91.93 -80.52
C SER M 1333 18.06 91.50 -81.95
N LYS M 1334 19.13 91.27 -82.72
CA LYS M 1334 18.97 90.78 -84.09
C LYS M 1334 18.30 89.41 -84.10
N CYS M 1335 18.74 88.51 -83.23
CA CYS M 1335 18.13 87.20 -83.13
C CYS M 1335 16.69 87.28 -82.64
N THR M 1336 16.41 88.24 -81.75
CA THR M 1336 15.04 88.45 -81.30
C THR M 1336 14.15 88.92 -82.45
N VAL M 1337 14.67 89.82 -83.28
CA VAL M 1337 13.94 90.22 -84.50
C VAL M 1337 13.75 89.01 -85.40
N VAL M 1338 14.76 88.15 -85.48
CA VAL M 1338 14.69 86.97 -86.34
C VAL M 1338 13.56 86.06 -85.88
N VAL M 1339 13.48 85.80 -84.58
CA VAL M 1339 12.42 84.91 -84.10
C VAL M 1339 11.06 85.59 -84.19
N ARG M 1340 11.01 86.92 -84.03
CA ARG M 1340 9.75 87.64 -84.15
C ARG M 1340 9.20 87.55 -85.58
N ILE M 1341 10.04 87.85 -86.57
CA ILE M 1341 9.61 87.72 -87.96
C ILE M 1341 9.35 86.26 -88.29
N MET M 1342 10.06 85.34 -87.64
CA MET M 1342 9.87 83.92 -87.85
C MET M 1342 8.46 83.51 -87.49
N GLU M 1343 8.03 83.86 -86.27
CA GLU M 1343 6.68 83.53 -85.82
C GLU M 1343 5.64 84.35 -86.56
N PHE M 1344 5.96 85.58 -86.97
CA PHE M 1344 5.03 86.35 -87.80
C PHE M 1344 4.76 85.65 -89.12
N THR M 1345 5.81 85.16 -89.78
CA THR M 1345 5.61 84.44 -91.04
C THR M 1345 4.84 83.14 -90.82
N THR M 1346 5.15 82.41 -89.74
CA THR M 1346 4.40 81.18 -89.47
C THR M 1346 2.92 81.49 -89.28
N THR M 1347 2.61 82.55 -88.51
CA THR M 1347 1.21 82.93 -88.32
C THR M 1347 0.57 83.38 -89.62
N LEU M 1348 1.29 84.18 -90.42
CA LEU M 1348 0.73 84.66 -91.67
C LEU M 1348 0.45 83.52 -92.64
N LEU M 1349 1.24 82.46 -92.57
CA LEU M 1349 1.03 81.30 -93.44
C LEU M 1349 0.02 80.31 -92.87
N ASN M 1350 -0.19 80.30 -91.55
CA ASN M 1350 -1.08 79.35 -90.90
C ASN M 1350 -2.29 80.01 -90.26
N THR M 1351 -2.09 80.96 -89.35
CA THR M 1351 -3.22 81.67 -88.77
C THR M 1351 -3.96 82.45 -89.85
N SER M 1352 -3.22 83.07 -90.77
CA SER M 1352 -3.88 83.64 -91.92
C SER M 1352 -3.81 82.66 -93.09
N PRO M 1353 -4.90 82.46 -93.83
CA PRO M 1353 -4.90 81.51 -94.94
C PRO M 1353 -3.97 81.93 -96.07
N GLU M 1354 -3.85 81.08 -97.10
CA GLU M 1354 -3.01 81.39 -98.23
C GLU M 1354 -3.54 82.55 -99.07
N GLY M 1355 -4.78 82.98 -98.84
CA GLY M 1355 -5.27 84.18 -99.49
C GLY M 1355 -4.47 85.41 -99.14
N TRP M 1356 -3.72 85.37 -98.04
CA TRP M 1356 -2.80 86.43 -97.66
C TRP M 1356 -1.35 86.05 -97.87
N LYS M 1357 -1.08 84.87 -98.45
CA LYS M 1357 0.28 84.60 -98.92
C LYS M 1357 0.62 85.48 -100.11
N LEU M 1358 -0.39 86.04 -100.77
CA LEU M 1358 -0.17 87.12 -101.73
C LEU M 1358 0.39 88.36 -101.05
N LEU M 1359 0.14 88.52 -99.75
CA LEU M 1359 0.83 89.57 -99.00
C LEU M 1359 2.32 89.30 -98.92
N LYS M 1360 2.73 88.04 -98.98
CA LYS M 1360 4.15 87.72 -99.13
C LYS M 1360 4.68 88.15 -100.49
N LYS M 1361 3.81 88.20 -101.51
CA LYS M 1361 4.17 88.86 -102.74
C LYS M 1361 4.15 90.38 -102.59
N ASP M 1362 3.28 90.89 -101.71
CA ASP M 1362 3.36 92.28 -101.28
C ASP M 1362 4.50 92.51 -100.29
N LEU M 1363 5.25 91.46 -99.96
CA LEU M 1363 6.40 91.54 -99.07
C LEU M 1363 7.72 91.68 -99.83
N CYS M 1364 7.67 91.55 -101.16
CA CYS M 1364 8.84 91.66 -102.04
C CYS M 1364 9.91 90.62 -101.71
N ASN M 1365 9.55 89.35 -101.85
CA ASN M 1365 10.51 88.25 -101.96
C ASN M 1365 11.19 87.89 -100.64
N THR M 1366 10.87 88.61 -99.57
CA THR M 1366 11.15 88.14 -98.22
C THR M 1366 12.64 87.85 -97.98
N HIS M 1367 13.49 88.88 -98.01
CA HIS M 1367 14.94 88.68 -97.94
C HIS M 1367 15.34 87.74 -96.81
N LEU M 1368 14.49 87.56 -95.81
CA LEU M 1368 14.55 86.44 -94.88
C LEU M 1368 14.89 85.15 -95.63
N MET M 1369 14.27 84.98 -96.79
CA MET M 1369 14.46 83.77 -97.59
C MET M 1369 15.93 83.56 -97.94
N ARG M 1370 16.65 84.64 -98.28
CA ARG M 1370 18.06 84.53 -98.61
C ARG M 1370 18.91 84.19 -97.40
N VAL M 1371 18.43 84.47 -96.19
CA VAL M 1371 19.25 84.32 -95.00
C VAL M 1371 18.75 83.22 -94.05
N LEU M 1372 17.43 82.93 -94.05
CA LEU M 1372 16.89 82.03 -93.04
C LEU M 1372 17.50 80.63 -93.15
N VAL M 1373 17.76 80.18 -94.38
CA VAL M 1373 18.34 78.86 -94.56
C VAL M 1373 19.75 78.81 -93.95
N GLN M 1374 20.49 79.92 -93.99
CA GLN M 1374 21.75 79.97 -93.24
C GLN M 1374 21.50 79.75 -91.76
N THR M 1375 20.45 80.37 -91.22
CA THR M 1375 20.04 80.09 -89.84
C THR M 1375 19.77 78.61 -89.65
N LEU M 1376 19.22 77.94 -90.67
CA LEU M 1376 18.97 76.51 -90.56
C LEU M 1376 20.26 75.71 -90.49
N CYS M 1377 21.33 76.22 -91.09
CA CYS M 1377 22.63 75.56 -90.98
C CYS M 1377 23.55 76.22 -89.96
N GLU M 1378 23.33 77.49 -89.65
CA GLU M 1378 24.08 78.17 -88.60
C GLU M 1378 23.26 79.32 -88.01
N PRO M 1379 22.77 79.19 -86.77
CA PRO M 1379 22.12 80.34 -86.13
C PRO M 1379 23.05 81.53 -85.99
N ALA M 1380 24.37 81.30 -85.91
CA ALA M 1380 25.36 82.36 -85.88
C ALA M 1380 25.68 82.90 -87.27
N SER M 1381 24.78 82.71 -88.24
CA SER M 1381 24.92 83.32 -89.54
C SER M 1381 24.23 84.67 -89.63
N ILE M 1382 23.24 84.92 -88.78
CA ILE M 1382 22.57 86.22 -88.69
C ILE M 1382 23.44 87.18 -87.88
N GLY M 1383 24.61 86.71 -87.48
CA GLY M 1383 25.47 87.45 -86.56
C GLY M 1383 26.55 86.55 -86.02
N PHE M 1384 26.67 86.48 -84.69
CA PHE M 1384 27.51 85.53 -84.00
C PHE M 1384 26.73 84.85 -82.90
N ASN M 1385 25.49 84.45 -83.21
CA ASN M 1385 24.56 83.94 -82.20
C ASN M 1385 25.17 82.78 -81.43
N ILE M 1386 25.33 82.98 -80.14
CA ILE M 1386 26.00 82.00 -79.28
C ILE M 1386 25.02 80.87 -78.95
N GLY M 1387 25.56 79.66 -78.82
CA GLY M 1387 24.78 78.52 -78.38
C GLY M 1387 24.57 78.55 -76.88
N ASP M 1388 24.08 77.42 -76.37
CA ASP M 1388 23.78 77.20 -74.96
C ASP M 1388 22.71 78.15 -74.44
N VAL M 1389 22.04 78.89 -75.31
CA VAL M 1389 20.90 79.70 -74.93
C VAL M 1389 19.64 78.98 -75.39
N GLN M 1390 18.57 79.14 -74.62
CA GLN M 1390 17.34 78.38 -74.90
C GLN M 1390 16.77 78.71 -76.27
N VAL M 1391 17.03 79.93 -76.77
CA VAL M 1391 16.42 80.34 -78.02
C VAL M 1391 17.01 79.57 -79.20
N MET M 1392 18.33 79.37 -79.22
CA MET M 1392 18.96 78.72 -80.36
C MET M 1392 18.55 77.25 -80.46
N ALA M 1393 18.50 76.56 -79.32
CA ALA M 1393 17.98 75.19 -79.32
C ALA M 1393 16.47 75.17 -79.54
N HIS M 1394 15.79 76.27 -79.26
CA HIS M 1394 14.35 76.35 -79.49
C HIS M 1394 14.01 76.50 -80.96
N LEU M 1395 14.88 77.18 -81.72
CA LEU M 1395 14.56 77.50 -83.11
C LEU M 1395 14.09 76.32 -83.97
N PRO M 1396 14.70 75.13 -83.92
CA PRO M 1396 14.34 74.09 -84.91
C PRO M 1396 12.85 73.78 -84.99
N ASP M 1397 12.11 73.87 -83.88
CA ASP M 1397 10.68 73.57 -83.95
C ASP M 1397 9.94 74.57 -84.84
N VAL M 1398 10.18 75.86 -84.65
CA VAL M 1398 9.51 76.85 -85.47
C VAL M 1398 10.10 76.84 -86.88
N CYS M 1399 11.35 76.41 -87.03
CA CYS M 1399 11.92 76.24 -88.37
C CYS M 1399 11.15 75.18 -89.15
N VAL M 1400 10.89 74.04 -88.51
CA VAL M 1400 10.10 72.99 -89.16
C VAL M 1400 8.69 73.47 -89.40
N ASN M 1401 8.13 74.21 -88.44
CA ASN M 1401 6.79 74.76 -88.61
C ASN M 1401 6.70 75.66 -89.83
N LEU M 1402 7.68 76.55 -90.01
CA LEU M 1402 7.65 77.45 -91.15
C LEU M 1402 7.94 76.73 -92.45
N MET M 1403 8.80 75.71 -92.44
CA MET M 1403 9.01 74.94 -93.66
C MET M 1403 7.72 74.25 -94.09
N LYS M 1404 6.97 73.70 -93.13
CA LYS M 1404 5.69 73.09 -93.49
C LYS M 1404 4.63 74.14 -93.82
N ALA M 1405 4.76 75.35 -93.26
CA ALA M 1405 3.84 76.44 -93.59
C ALA M 1405 4.11 77.02 -94.96
N LEU M 1406 5.34 76.90 -95.46
CA LEU M 1406 5.68 77.26 -96.82
C LEU M 1406 5.55 76.08 -97.78
N LYS M 1407 5.33 74.87 -97.25
CA LYS M 1407 5.20 73.69 -98.11
C LYS M 1407 4.08 73.88 -99.13
N MET M 1408 2.90 74.29 -98.68
CA MET M 1408 1.82 74.60 -99.61
C MET M 1408 1.99 75.96 -100.26
N SER M 1409 2.86 76.82 -99.71
CA SER M 1409 3.20 78.07 -100.35
C SER M 1409 4.16 77.82 -101.52
N PRO M 1410 4.16 78.70 -102.53
CA PRO M 1410 5.06 78.48 -103.68
C PRO M 1410 6.53 78.55 -103.31
N TYR M 1411 6.92 79.59 -102.56
CA TYR M 1411 8.33 79.89 -102.32
C TYR M 1411 9.16 78.66 -101.99
N LYS M 1412 8.54 77.65 -101.36
CA LYS M 1412 9.27 76.47 -100.93
C LYS M 1412 10.11 75.89 -102.06
N ASP M 1413 9.52 75.76 -103.26
CA ASP M 1413 10.26 75.17 -104.37
C ASP M 1413 11.54 75.96 -104.64
N ILE M 1414 11.42 77.29 -104.78
CA ILE M 1414 12.61 78.09 -104.96
C ILE M 1414 13.40 78.17 -103.67
N LEU M 1415 12.73 78.07 -102.52
CA LEU M 1415 13.46 77.83 -101.29
C LEU M 1415 14.18 76.48 -101.34
N GLU M 1416 13.52 75.47 -101.91
CA GLU M 1416 14.22 74.24 -102.25
C GLU M 1416 15.40 74.54 -103.16
N THR M 1417 15.21 75.44 -104.12
CA THR M 1417 16.34 75.93 -104.90
C THR M 1417 17.35 76.60 -104.00
N HIS M 1418 16.88 77.43 -103.07
CA HIS M 1418 17.77 77.93 -102.02
C HIS M 1418 18.41 76.78 -101.26
N LEU M 1419 17.62 75.75 -100.94
CA LEU M 1419 18.18 74.51 -100.43
C LEU M 1419 19.24 73.99 -101.38
N ARG M 1420 18.87 73.84 -102.65
CA ARG M 1420 19.84 73.43 -103.66
C ARG M 1420 20.96 74.45 -103.79
N GLU M 1421 20.66 75.72 -103.51
CA GLU M 1421 21.72 76.73 -103.48
C GLU M 1421 22.71 76.46 -102.35
N LYS M 1422 22.21 76.09 -101.17
CA LYS M 1422 23.10 75.94 -100.02
C LYS M 1422 23.80 74.59 -100.01
N ILE M 1423 23.15 73.55 -100.52
CA ILE M 1423 23.75 72.22 -100.52
C ILE M 1423 23.03 71.39 -101.58
N THR M 1424 23.69 70.34 -102.04
CA THR M 1424 23.07 69.33 -102.90
C THR M 1424 22.95 68.00 -102.21
N ALA M 1425 23.37 67.90 -100.95
CA ALA M 1425 23.45 66.66 -100.19
C ALA M 1425 24.50 65.71 -100.79
N GLN M 1426 25.17 66.16 -101.85
CA GLN M 1426 26.20 65.38 -102.50
C GLN M 1426 27.58 66.04 -102.43
N SER M 1427 27.65 67.32 -102.10
CA SER M 1427 28.93 68.03 -102.05
C SER M 1427 29.62 67.91 -100.71
N ILE M 1428 28.98 67.31 -99.71
CA ILE M 1428 29.59 67.10 -98.40
C ILE M 1428 29.76 65.63 -98.07
N GLU M 1429 29.12 64.72 -98.81
CA GLU M 1429 29.28 63.30 -98.56
C GLU M 1429 30.70 62.82 -98.80
N GLU M 1430 31.51 63.61 -99.50
CA GLU M 1430 32.91 63.29 -99.73
C GLU M 1430 33.86 64.07 -98.83
N LEU M 1431 33.40 65.18 -98.25
CA LEU M 1431 34.24 65.95 -97.34
C LEU M 1431 34.51 65.21 -96.04
N CYS M 1432 33.71 64.18 -95.74
CA CYS M 1432 33.92 63.35 -94.56
C CYS M 1432 34.92 62.23 -94.82
N ALA M 1433 35.47 62.14 -96.03
CA ALA M 1433 36.49 61.15 -96.36
C ALA M 1433 37.88 61.57 -95.92
N VAL M 1434 37.97 62.55 -95.01
CA VAL M 1434 39.26 63.07 -94.54
C VAL M 1434 39.68 62.32 -93.30
N ASN M 1435 39.06 61.16 -93.05
CA ASN M 1435 39.37 60.30 -91.91
C ASN M 1435 39.20 61.06 -90.58
N LEU M 1436 37.93 61.40 -90.31
CA LEU M 1436 37.58 62.04 -89.05
C LEU M 1436 38.04 61.23 -87.84
N TYR M 1437 38.35 59.95 -88.04
CA TYR M 1437 38.86 59.12 -86.95
C TYR M 1437 40.13 59.74 -86.37
N GLY M 1438 40.20 59.80 -85.04
CA GLY M 1438 41.30 60.45 -84.36
C GLY M 1438 41.35 61.93 -84.69
N PRO M 1439 42.50 62.39 -85.16
CA PRO M 1439 42.63 63.81 -85.53
C PRO M 1439 41.69 64.16 -86.68
N ASP M 1440 41.10 65.34 -86.60
CA ASP M 1440 40.21 65.82 -87.65
C ASP M 1440 40.10 67.33 -87.54
N ALA M 1441 39.82 67.96 -88.68
CA ALA M 1441 39.60 69.40 -88.70
C ALA M 1441 38.34 69.74 -87.91
N GLN M 1442 38.46 70.69 -86.99
CA GLN M 1442 37.31 71.09 -86.19
C GLN M 1442 36.23 71.73 -87.05
N VAL M 1443 36.61 72.34 -88.17
CA VAL M 1443 35.62 72.91 -89.08
C VAL M 1443 34.87 71.79 -89.80
N ASP M 1444 35.57 70.71 -90.17
CA ASP M 1444 34.94 69.61 -90.91
C ASP M 1444 33.86 68.95 -90.06
N ARG M 1445 34.20 68.56 -88.83
CA ARG M 1445 33.22 67.99 -87.93
C ARG M 1445 32.07 68.96 -87.66
N SER M 1446 32.38 70.25 -87.53
CA SER M 1446 31.35 71.24 -87.22
C SER M 1446 30.34 71.34 -88.36
N ARG M 1447 30.85 71.45 -89.60
CA ARG M 1447 29.93 71.57 -90.73
C ARG M 1447 29.18 70.27 -90.98
N LEU M 1448 29.81 69.13 -90.75
CA LEU M 1448 29.08 67.87 -90.88
C LEU M 1448 27.94 67.80 -89.87
N ALA M 1449 28.19 68.20 -88.62
CA ALA M 1449 27.13 68.21 -87.63
C ALA M 1449 26.04 69.20 -88.02
N ALA M 1450 26.43 70.37 -88.55
CA ALA M 1450 25.45 71.37 -88.94
C ALA M 1450 24.55 70.85 -90.05
N VAL M 1451 25.12 70.18 -91.06
CA VAL M 1451 24.31 69.67 -92.14
C VAL M 1451 23.45 68.50 -91.67
N VAL M 1452 23.95 67.70 -90.72
CA VAL M 1452 23.11 66.65 -90.15
C VAL M 1452 21.90 67.26 -89.47
N SER M 1453 22.12 68.31 -88.69
CA SER M 1453 21.01 68.98 -88.01
C SER M 1453 20.03 69.58 -89.00
N ALA M 1454 20.54 70.22 -90.05
CA ALA M 1454 19.65 70.81 -91.06
C ALA M 1454 18.85 69.74 -91.77
N CYS M 1455 19.48 68.61 -92.08
CA CYS M 1455 18.75 67.50 -92.68
C CYS M 1455 17.68 66.98 -91.75
N LYS M 1456 17.96 66.94 -90.45
CA LYS M 1456 16.95 66.53 -89.50
C LYS M 1456 15.79 67.52 -89.47
N GLN M 1457 16.09 68.82 -89.55
CA GLN M 1457 15.03 69.83 -89.62
C GLN M 1457 14.16 69.60 -90.84
N LEU M 1458 14.79 69.37 -91.99
CA LEU M 1458 14.02 69.14 -93.22
C LEU M 1458 13.21 67.86 -93.14
N HIS M 1459 13.76 66.82 -92.53
CA HIS M 1459 13.03 65.56 -92.37
C HIS M 1459 11.82 65.75 -91.47
N ARG M 1460 11.98 66.51 -90.39
CA ARG M 1460 10.83 66.84 -89.56
C ARG M 1460 9.82 67.68 -90.33
N ALA M 1461 10.29 68.48 -91.29
CA ALA M 1461 9.40 69.17 -92.21
C ALA M 1461 8.82 68.22 -93.26
N GLY M 1462 9.13 66.94 -93.19
CA GLY M 1462 8.59 65.95 -94.10
C GLY M 1462 9.14 66.01 -95.50
N LEU M 1463 10.45 66.24 -95.66
CA LEU M 1463 11.06 66.30 -96.97
C LEU M 1463 12.44 65.66 -96.93
N LEU M 1464 12.69 64.72 -97.84
CA LEU M 1464 14.01 64.12 -97.99
C LEU M 1464 14.43 63.95 -99.44
N HIS M 1465 13.56 64.29 -100.40
CA HIS M 1465 13.87 64.12 -101.81
C HIS M 1465 14.02 65.45 -102.55
N ASN M 1466 13.58 66.57 -101.95
CA ASN M 1466 13.88 67.87 -102.53
C ASN M 1466 15.38 68.13 -102.53
N ILE M 1467 16.12 67.53 -101.61
CA ILE M 1467 17.56 67.63 -101.57
C ILE M 1467 18.24 66.35 -102.01
N LEU M 1468 17.59 65.19 -101.89
CA LEU M 1468 18.15 63.91 -102.32
C LEU M 1468 17.03 63.02 -102.79
N PRO M 1469 16.61 63.17 -104.04
CA PRO M 1469 15.59 62.27 -104.59
C PRO M 1469 16.15 60.86 -104.76
N SER M 1470 15.24 59.93 -105.08
CA SER M 1470 15.61 58.53 -105.23
C SER M 1470 16.72 58.35 -106.24
N GLN M 1471 17.89 57.93 -105.78
CA GLN M 1471 19.02 57.66 -106.65
C GLN M 1471 18.70 56.51 -107.58
N SER M 1472 18.46 55.33 -107.00
CA SER M 1472 17.95 54.18 -107.75
C SER M 1472 16.75 53.62 -107.01
N THR M 1473 16.78 53.71 -105.69
CA THR M 1473 15.69 53.31 -104.81
C THR M 1473 15.50 54.40 -103.76
N ASP M 1474 14.57 54.16 -102.83
CA ASP M 1474 14.46 55.04 -101.68
C ASP M 1474 15.71 54.99 -100.81
N LEU M 1475 16.44 53.88 -100.87
CA LEU M 1475 17.72 53.79 -100.15
C LEU M 1475 18.73 54.71 -100.81
N HIS M 1476 19.06 55.81 -100.17
CA HIS M 1476 20.15 56.68 -100.62
C HIS M 1476 21.41 56.14 -99.95
N HIS M 1477 22.07 55.21 -100.63
CA HIS M 1477 23.14 54.42 -100.04
C HIS M 1477 24.38 55.25 -99.68
N SER M 1478 24.33 56.54 -99.95
CA SER M 1478 25.44 57.41 -99.56
C SER M 1478 25.70 57.33 -98.06
N VAL M 1479 24.63 57.26 -97.27
CA VAL M 1479 24.79 57.17 -95.82
C VAL M 1479 25.40 55.81 -95.43
N GLY M 1480 24.85 54.73 -95.96
CA GLY M 1480 25.28 53.41 -95.53
C GLY M 1480 26.69 53.06 -95.96
N THR M 1481 27.08 53.49 -97.16
CA THR M 1481 28.45 53.25 -97.62
C THR M 1481 29.46 53.86 -96.67
N GLU M 1482 29.28 55.15 -96.35
CA GLU M 1482 30.17 55.81 -95.41
C GLU M 1482 30.11 55.15 -94.04
N LEU M 1483 28.90 54.80 -93.59
CA LEU M 1483 28.75 54.15 -92.30
C LEU M 1483 29.61 52.88 -92.23
N LEU M 1484 29.45 51.99 -93.19
CA LEU M 1484 30.17 50.72 -93.16
C LEU M 1484 31.67 50.93 -93.32
N SER M 1485 32.08 51.78 -94.27
CA SER M 1485 33.50 51.98 -94.51
C SER M 1485 34.18 52.55 -93.27
N LEU M 1486 33.60 53.58 -92.67
CA LEU M 1486 34.19 54.17 -91.47
C LEU M 1486 34.17 53.17 -90.32
N VAL M 1487 33.05 52.47 -90.11
CA VAL M 1487 32.95 51.61 -88.94
C VAL M 1487 33.91 50.43 -89.05
N TYR M 1488 34.26 50.03 -90.28
CA TYR M 1488 35.27 49.00 -90.43
C TYR M 1488 36.68 49.56 -90.27
N LYS M 1489 36.95 50.72 -90.90
CA LYS M 1489 38.31 51.24 -90.94
C LYS M 1489 38.81 51.68 -89.56
N GLY M 1490 37.93 51.80 -88.57
CA GLY M 1490 38.37 52.20 -87.25
C GLY M 1490 39.33 51.25 -86.59
N ILE M 1491 39.37 49.99 -87.03
CA ILE M 1491 40.24 48.99 -86.41
C ILE M 1491 41.51 48.80 -87.25
N ALA M 1492 41.39 48.97 -88.56
CA ALA M 1492 42.52 48.73 -89.46
C ALA M 1492 43.20 50.03 -89.86
N SER M 1502 41.58 53.21 -84.72
CA SER M 1502 41.22 54.62 -84.70
C SER M 1502 39.79 54.82 -84.22
N LEU M 1503 39.57 55.81 -83.36
CA LEU M 1503 38.26 56.09 -82.81
C LEU M 1503 38.29 57.47 -82.17
N ASP M 1504 37.10 57.95 -81.81
CA ASP M 1504 36.93 59.23 -81.12
C ASP M 1504 35.48 59.35 -80.68
N LEU M 1505 35.28 60.02 -79.55
CA LEU M 1505 33.91 60.38 -79.17
C LEU M 1505 33.29 61.29 -80.21
N SER M 1506 34.10 62.16 -80.82
CA SER M 1506 33.61 63.02 -81.89
C SER M 1506 33.11 62.21 -83.07
N CYS M 1507 33.95 61.29 -83.57
CA CYS M 1507 33.50 60.45 -84.67
C CYS M 1507 32.41 59.51 -84.22
N LYS M 1508 32.33 59.19 -82.94
CA LYS M 1508 31.22 58.38 -82.44
C LYS M 1508 29.89 59.11 -82.61
N GLN M 1509 29.81 60.34 -82.12
CA GLN M 1509 28.55 61.06 -82.25
C GLN M 1509 28.28 61.45 -83.70
N LEU M 1510 29.33 61.65 -84.50
CA LEU M 1510 29.11 61.93 -85.91
C LEU M 1510 28.57 60.71 -86.66
N ALA M 1511 29.10 59.53 -86.35
CA ALA M 1511 28.57 58.30 -86.92
C ALA M 1511 27.14 58.07 -86.46
N SER M 1512 26.84 58.43 -85.21
CA SER M 1512 25.46 58.39 -84.75
C SER M 1512 24.57 59.30 -85.59
N GLY M 1513 25.03 60.52 -85.83
CA GLY M 1513 24.30 61.45 -86.67
C GLY M 1513 24.04 60.87 -88.05
N LEU M 1514 25.08 60.30 -88.65
CA LEU M 1514 24.93 59.61 -89.93
C LEU M 1514 23.92 58.47 -89.82
N LEU M 1515 23.84 57.85 -88.65
CA LEU M 1515 22.88 56.76 -88.45
C LEU M 1515 21.45 57.29 -88.54
N GLU M 1516 21.14 58.40 -87.86
CA GLU M 1516 19.76 58.87 -88.04
C GLU M 1516 19.55 59.49 -89.41
N LEU M 1517 20.61 59.94 -90.08
CA LEU M 1517 20.44 60.34 -91.48
C LEU M 1517 20.01 59.16 -92.33
N ALA M 1518 20.64 58.00 -92.11
CA ALA M 1518 20.23 56.78 -92.80
C ALA M 1518 18.81 56.39 -92.42
N PHE M 1519 18.47 56.56 -91.14
CA PHE M 1519 17.11 56.23 -90.69
C PHE M 1519 16.08 57.15 -91.33
N ALA M 1520 16.45 58.39 -91.63
CA ALA M 1520 15.55 59.28 -92.35
C ALA M 1520 15.19 58.70 -93.71
N PHE M 1521 16.15 58.07 -94.38
CA PHE M 1521 15.87 57.32 -95.59
C PHE M 1521 15.20 56.00 -95.25
N GLY M 1522 14.47 55.45 -96.22
CA GLY M 1522 13.70 54.25 -96.02
C GLY M 1522 14.37 53.02 -96.62
N GLY M 1523 14.08 51.86 -96.02
CA GLY M 1523 14.55 50.59 -96.52
C GLY M 1523 15.96 50.23 -96.16
N LEU M 1524 16.67 51.08 -95.42
CA LEU M 1524 18.04 50.77 -95.03
C LEU M 1524 18.10 49.67 -93.98
N CYS M 1525 16.97 49.31 -93.38
CA CYS M 1525 16.97 48.35 -92.29
C CYS M 1525 17.47 46.98 -92.73
N GLU M 1526 17.02 46.53 -93.89
CA GLU M 1526 17.50 45.25 -94.43
C GLU M 1526 19.00 45.31 -94.68
N ARG M 1527 19.48 46.46 -95.17
CA ARG M 1527 20.91 46.63 -95.38
C ARG M 1527 21.66 46.53 -94.07
N LEU M 1528 21.13 47.12 -92.99
CA LEU M 1528 21.77 46.99 -91.68
C LEU M 1528 21.78 45.53 -91.22
N VAL M 1529 20.68 44.82 -91.46
CA VAL M 1529 20.62 43.39 -91.13
C VAL M 1529 21.73 42.64 -91.84
N SER M 1530 21.95 42.96 -93.12
CA SER M 1530 23.04 42.34 -93.86
C SER M 1530 24.40 42.74 -93.28
N LEU M 1531 24.57 44.01 -92.94
CA LEU M 1531 25.87 44.52 -92.50
C LEU M 1531 26.28 43.91 -91.18
N LEU M 1532 25.35 43.76 -90.24
CA LEU M 1532 25.70 43.15 -88.96
C LEU M 1532 26.11 41.70 -89.11
N LEU M 1533 25.79 41.07 -90.23
CA LEU M 1533 26.22 39.71 -90.53
C LEU M 1533 27.61 39.66 -91.16
N ASN M 1534 28.37 40.73 -91.08
CA ASN M 1534 29.70 40.76 -91.66
C ASN M 1534 30.64 39.86 -90.87
N PRO M 1535 31.23 38.84 -91.48
CA PRO M 1535 32.12 37.92 -90.75
C PRO M 1535 33.59 38.31 -90.75
N ALA M 1536 33.94 39.53 -91.14
CA ALA M 1536 35.33 39.95 -91.12
C ALA M 1536 35.89 39.85 -89.71
N VAL M 1537 37.08 39.28 -89.58
CA VAL M 1537 37.65 38.96 -88.29
C VAL M 1537 39.06 39.54 -88.19
N SER M 1554 35.21 39.25 -84.83
CA SER M 1554 34.28 39.53 -85.92
C SER M 1554 34.04 41.03 -86.05
N HIS M 1555 33.43 41.42 -87.17
CA HIS M 1555 33.28 42.83 -87.49
C HIS M 1555 31.84 43.30 -87.64
N GLY M 1556 30.94 42.48 -88.18
CA GLY M 1556 29.55 42.92 -88.27
C GLY M 1556 28.91 43.13 -86.92
N GLU M 1557 29.05 42.11 -86.04
CA GLU M 1557 28.61 42.27 -84.66
C GLU M 1557 29.38 43.37 -83.96
N TYR M 1558 30.63 43.60 -84.36
CA TYR M 1558 31.40 44.72 -83.81
C TYR M 1558 30.74 46.05 -84.14
N PHE M 1559 30.36 46.22 -85.42
CA PHE M 1559 29.70 47.45 -85.84
C PHE M 1559 28.38 47.63 -85.10
N TYR M 1560 27.64 46.53 -84.93
CA TYR M 1560 26.43 46.62 -84.12
C TYR M 1560 26.74 47.07 -82.70
N SER M 1561 27.78 46.49 -82.10
CA SER M 1561 28.13 46.80 -80.72
C SER M 1561 28.50 48.27 -80.56
N LEU M 1562 29.15 48.84 -81.58
CA LEU M 1562 29.54 50.25 -81.47
C LEU M 1562 28.32 51.15 -81.33
N PHE M 1563 27.26 50.87 -82.09
CA PHE M 1563 26.09 51.72 -82.11
C PHE M 1563 24.83 50.89 -81.98
N SER M 1564 24.82 49.98 -81.01
CA SER M 1564 23.63 49.20 -80.74
C SER M 1564 22.45 50.08 -80.38
N GLU M 1565 22.72 51.22 -79.74
CA GLU M 1565 21.64 52.09 -79.25
C GLU M 1565 20.80 52.63 -80.40
N THR M 1566 21.45 53.24 -81.39
CA THR M 1566 20.72 53.77 -82.54
C THR M 1566 20.06 52.65 -83.33
N ILE M 1567 20.71 51.49 -83.39
CA ILE M 1567 20.11 50.34 -84.06
C ILE M 1567 18.81 49.94 -83.37
N ASN M 1568 18.82 49.91 -82.04
CA ASN M 1568 17.60 49.63 -81.30
C ASN M 1568 16.55 50.69 -81.59
N THR M 1569 16.97 51.95 -81.59
CA THR M 1569 16.02 53.04 -81.78
C THR M 1569 15.33 52.93 -83.14
N GLU M 1570 16.11 52.65 -84.18
CA GLU M 1570 15.53 52.49 -85.51
C GLU M 1570 14.65 51.25 -85.58
N LEU M 1571 15.18 50.11 -85.12
CA LEU M 1571 14.50 48.84 -85.28
C LEU M 1571 13.20 48.76 -84.49
N LEU M 1572 13.06 49.56 -83.43
CA LEU M 1572 11.81 49.59 -82.71
C LEU M 1572 10.68 50.06 -83.63
N LYS M 1573 10.98 51.04 -84.49
CA LYS M 1573 10.02 51.45 -85.51
C LYS M 1573 9.75 50.32 -86.50
N ASN M 1574 10.79 49.57 -86.85
CA ASN M 1574 10.63 48.41 -87.72
C ASN M 1574 9.71 47.40 -87.07
N LEU M 1575 8.53 47.20 -87.66
CA LEU M 1575 7.52 46.36 -87.03
C LEU M 1575 7.98 44.92 -86.89
N ASP M 1576 8.11 44.22 -88.02
CA ASP M 1576 8.62 42.84 -87.97
C ASP M 1576 9.46 42.48 -89.19
N LEU M 1577 9.78 43.44 -90.06
CA LEU M 1577 10.49 43.12 -91.30
C LEU M 1577 11.85 42.50 -90.99
N ALA M 1578 12.72 43.27 -90.33
CA ALA M 1578 13.99 42.72 -89.88
C ALA M 1578 13.80 41.64 -88.83
N VAL M 1579 12.67 41.65 -88.13
CA VAL M 1579 12.37 40.56 -87.21
C VAL M 1579 12.30 39.24 -87.98
N LEU M 1580 11.60 39.25 -89.12
CA LEU M 1580 11.57 38.07 -89.96
C LEU M 1580 12.93 37.82 -90.61
N GLU M 1581 13.64 38.89 -90.98
CA GLU M 1581 14.98 38.74 -91.55
C GLU M 1581 15.86 37.92 -90.62
N LEU M 1582 15.92 38.31 -89.35
CA LEU M 1582 16.67 37.56 -88.37
C LEU M 1582 16.06 36.20 -88.12
N MET M 1583 14.73 36.12 -88.09
CA MET M 1583 14.06 34.86 -87.81
C MET M 1583 14.37 33.81 -88.87
N GLN M 1584 14.81 34.26 -90.04
CA GLN M 1584 15.24 33.34 -91.09
C GLN M 1584 16.76 33.18 -91.14
N SER M 1585 17.52 34.25 -91.01
CA SER M 1585 18.97 34.19 -91.09
C SER M 1585 19.62 33.59 -89.84
N SER M 1586 18.85 33.42 -88.76
CA SER M 1586 19.39 32.97 -87.49
C SER M 1586 19.49 31.45 -87.39
N VAL M 1587 19.09 30.73 -88.44
CA VAL M 1587 19.24 29.28 -88.42
C VAL M 1587 20.69 28.88 -88.26
N ASP M 1588 21.60 29.74 -88.68
CA ASP M 1588 23.04 29.57 -88.47
C ASP M 1588 23.61 30.60 -87.51
N ASN M 1589 23.23 31.86 -87.65
CA ASN M 1589 23.71 32.90 -86.75
C ASN M 1589 23.09 32.71 -85.37
N THR M 1590 23.93 32.77 -84.34
CA THR M 1590 23.48 32.50 -82.98
C THR M 1590 23.82 33.61 -81.99
N LYS M 1591 24.99 34.21 -82.11
CA LYS M 1591 25.45 35.15 -81.08
C LYS M 1591 24.86 36.54 -81.31
N MET M 1592 25.19 37.15 -82.45
CA MET M 1592 24.74 38.51 -82.72
C MET M 1592 23.23 38.60 -82.79
N VAL M 1593 22.56 37.54 -83.24
CA VAL M 1593 21.10 37.57 -83.32
C VAL M 1593 20.50 37.67 -81.93
N SER M 1594 20.99 36.87 -80.99
CA SER M 1594 20.50 36.96 -79.62
C SER M 1594 20.85 38.29 -78.99
N ALA M 1595 22.07 38.80 -79.28
CA ALA M 1595 22.47 40.09 -78.75
C ALA M 1595 21.52 41.19 -79.20
N VAL M 1596 21.23 41.25 -80.49
CA VAL M 1596 20.36 42.30 -80.99
C VAL M 1596 18.92 42.08 -80.52
N LEU M 1597 18.50 40.83 -80.32
CA LEU M 1597 17.18 40.59 -79.76
C LEU M 1597 17.07 41.16 -78.35
N ASN M 1598 18.11 40.93 -77.53
CA ASN M 1598 18.09 41.49 -76.19
C ASN M 1598 18.18 43.01 -76.21
N GLY M 1599 18.91 43.57 -77.18
CA GLY M 1599 18.89 45.00 -77.35
C GLY M 1599 17.50 45.52 -77.65
N MET M 1600 16.79 44.83 -78.55
CA MET M 1600 15.38 45.14 -78.79
C MET M 1600 14.60 45.12 -77.49
N LEU M 1601 14.80 44.07 -76.70
CA LEU M 1601 14.01 43.88 -75.49
C LEU M 1601 14.26 45.00 -74.50
N ASP M 1602 15.54 45.25 -74.18
CA ASP M 1602 15.87 46.25 -73.18
C ASP M 1602 15.55 47.65 -73.66
N GLN M 1603 15.65 47.91 -74.96
CA GLN M 1603 15.30 49.24 -75.45
C GLN M 1603 13.81 49.48 -75.32
N SER M 1604 12.99 48.53 -75.78
CA SER M 1604 11.55 48.72 -75.65
C SER M 1604 11.13 48.72 -74.20
N PHE M 1605 11.89 48.04 -73.33
CA PHE M 1605 11.65 48.14 -71.91
C PHE M 1605 11.90 49.56 -71.42
N ARG M 1606 13.01 50.14 -71.85
CA ARG M 1606 13.26 51.56 -71.60
C ARG M 1606 12.18 52.42 -72.23
N GLU M 1607 11.61 51.97 -73.34
CA GLU M 1607 10.49 52.67 -73.95
C GLU M 1607 9.26 52.42 -73.07
N ARG M 1608 9.10 53.26 -72.05
CA ARG M 1608 7.97 53.12 -71.13
C ARG M 1608 7.33 54.44 -70.78
N ALA M 1609 7.91 55.58 -71.14
CA ALA M 1609 7.32 56.87 -70.79
C ALA M 1609 5.93 57.02 -71.38
N ASN M 1610 5.77 56.64 -72.64
CA ASN M 1610 4.46 56.69 -73.29
C ASN M 1610 3.69 55.39 -73.12
N GLN M 1611 4.36 54.26 -73.30
CA GLN M 1611 3.73 52.95 -73.32
C GLN M 1611 4.85 51.92 -73.46
N LYS M 1612 4.47 50.65 -73.28
CA LYS M 1612 5.31 49.54 -73.70
C LYS M 1612 4.59 48.65 -74.71
N HIS M 1613 3.48 49.13 -75.29
CA HIS M 1613 2.71 48.32 -76.21
C HIS M 1613 3.49 47.99 -77.46
N GLN M 1614 4.48 48.81 -77.83
CA GLN M 1614 5.39 48.43 -78.90
C GLN M 1614 6.12 47.14 -78.56
N GLY M 1615 6.59 47.04 -77.32
CA GLY M 1615 7.20 45.79 -76.88
C GLY M 1615 6.23 44.64 -76.89
N LEU M 1616 4.96 44.89 -76.55
CA LEU M 1616 3.95 43.84 -76.56
C LEU M 1616 3.71 43.33 -77.98
N LYS M 1617 3.58 44.24 -78.94
CA LYS M 1617 3.41 43.84 -80.32
C LYS M 1617 4.63 43.10 -80.82
N LEU M 1618 5.83 43.57 -80.46
CA LEU M 1618 7.05 42.86 -80.84
C LEU M 1618 7.07 41.46 -80.25
N ALA M 1619 6.65 41.32 -79.00
CA ALA M 1619 6.60 40.02 -78.35
C ALA M 1619 5.64 39.09 -79.07
N THR M 1620 4.46 39.61 -79.43
CA THR M 1620 3.51 38.77 -80.16
C THR M 1620 4.06 38.35 -81.52
N THR M 1621 4.70 39.29 -82.22
CA THR M 1621 5.26 38.96 -83.54
C THR M 1621 6.32 37.89 -83.41
N ILE M 1622 7.23 38.02 -82.44
CA ILE M 1622 8.26 37.01 -82.30
C ILE M 1622 7.68 35.70 -81.78
N LEU M 1623 6.59 35.77 -81.01
CA LEU M 1623 5.92 34.54 -80.59
C LEU M 1623 5.44 33.76 -81.80
N GLN M 1624 4.84 34.45 -82.76
CA GLN M 1624 4.48 33.79 -84.01
C GLN M 1624 5.72 33.36 -84.78
N HIS M 1625 6.76 34.20 -84.79
CA HIS M 1625 7.98 33.91 -85.52
C HIS M 1625 8.74 32.70 -84.97
N TRP M 1626 8.42 32.30 -83.74
CA TRP M 1626 9.25 31.37 -82.99
C TRP M 1626 9.63 30.13 -83.79
N LYS M 1627 8.67 29.52 -84.48
CA LYS M 1627 8.95 28.28 -85.17
C LYS M 1627 9.64 28.46 -86.51
N LYS M 1628 9.83 29.70 -86.96
CA LYS M 1628 10.57 29.92 -88.20
C LYS M 1628 12.08 29.93 -88.01
N CYS M 1629 12.56 29.67 -86.80
CA CYS M 1629 13.97 29.36 -86.60
C CYS M 1629 14.08 28.40 -85.42
N ASP M 1630 14.60 27.21 -85.69
CA ASP M 1630 14.52 26.11 -84.75
C ASP M 1630 15.88 25.59 -84.31
N SER M 1631 16.96 26.29 -84.66
CA SER M 1631 18.30 25.78 -84.37
C SER M 1631 18.55 25.66 -82.87
N TRP M 1632 17.90 26.50 -82.07
CA TRP M 1632 18.03 26.43 -80.63
C TRP M 1632 17.08 25.36 -80.07
N TRP M 1633 16.93 25.35 -78.75
CA TRP M 1633 15.78 24.76 -78.05
C TRP M 1633 15.49 23.33 -78.46
N ALA M 1634 16.52 22.51 -78.58
CA ALA M 1634 16.36 21.08 -78.79
C ALA M 1634 17.72 20.43 -78.61
N LYS M 1635 17.75 19.11 -78.73
CA LYS M 1635 19.05 18.44 -78.79
C LYS M 1635 19.56 18.51 -80.23
N ASP M 1636 19.51 19.72 -80.77
CA ASP M 1636 20.18 20.10 -82.00
C ASP M 1636 21.16 21.24 -81.72
N SER M 1637 21.25 21.67 -80.48
CA SER M 1637 21.98 22.84 -80.04
C SER M 1637 22.68 22.51 -78.74
N PRO M 1638 23.80 23.17 -78.44
CA PRO M 1638 24.47 22.93 -77.17
C PRO M 1638 23.77 23.63 -76.02
N LEU M 1639 24.25 23.31 -74.82
CA LEU M 1639 23.66 23.87 -73.60
C LEU M 1639 23.78 25.39 -73.56
N GLU M 1640 24.88 25.94 -74.08
CA GLU M 1640 25.02 27.39 -74.12
C GLU M 1640 23.94 28.01 -75.01
N THR M 1641 23.69 27.40 -76.15
CA THR M 1641 22.64 27.86 -77.06
C THR M 1641 21.27 27.79 -76.39
N LYS M 1642 20.99 26.68 -75.70
CA LYS M 1642 19.72 26.52 -75.01
C LYS M 1642 19.54 27.59 -73.94
N MET M 1643 20.55 27.80 -73.10
CA MET M 1643 20.43 28.84 -72.09
C MET M 1643 20.38 30.22 -72.70
N ALA M 1644 20.96 30.42 -73.87
CA ALA M 1644 20.82 31.70 -74.55
C ALA M 1644 19.36 31.99 -74.85
N VAL M 1645 18.66 31.04 -75.47
CA VAL M 1645 17.23 31.30 -75.68
C VAL M 1645 16.46 31.32 -74.37
N LEU M 1646 16.92 30.59 -73.36
CA LEU M 1646 16.25 30.66 -72.06
C LEU M 1646 16.30 32.09 -71.51
N ALA M 1647 17.48 32.71 -71.58
CA ALA M 1647 17.61 34.08 -71.12
C ALA M 1647 16.77 35.03 -71.96
N LEU M 1648 16.77 34.84 -73.27
CA LEU M 1648 15.98 35.71 -74.14
C LEU M 1648 14.50 35.63 -73.82
N LEU M 1649 13.98 34.40 -73.70
CA LEU M 1649 12.56 34.25 -73.39
C LEU M 1649 12.24 34.73 -71.99
N ALA M 1650 13.18 34.61 -71.06
CA ALA M 1650 12.96 35.17 -69.72
C ALA M 1650 12.82 36.68 -69.79
N LYS M 1651 13.68 37.34 -70.57
CA LYS M 1651 13.55 38.77 -70.77
C LYS M 1651 12.22 39.11 -71.39
N ILE M 1652 11.78 38.30 -72.36
CA ILE M 1652 10.49 38.50 -73.00
C ILE M 1652 9.38 38.43 -71.97
N LEU M 1653 9.37 37.37 -71.16
CA LEU M 1653 8.29 37.15 -70.21
C LEU M 1653 8.25 38.25 -69.16
N GLN M 1654 9.41 38.66 -68.65
CA GLN M 1654 9.42 39.76 -67.71
C GLN M 1654 9.08 41.08 -68.39
N ILE M 1655 9.16 41.13 -69.72
CA ILE M 1655 8.67 42.28 -70.47
C ILE M 1655 7.19 42.16 -70.77
N ASP M 1656 6.78 41.01 -71.32
CA ASP M 1656 5.44 40.88 -71.85
C ASP M 1656 4.40 40.82 -70.73
N SER M 1657 3.14 41.03 -71.11
CA SER M 1657 2.04 40.92 -70.18
C SER M 1657 1.65 39.46 -70.02
N SER M 1658 1.81 38.92 -68.82
CA SER M 1658 1.46 37.54 -68.55
C SER M 1658 -0.04 37.31 -68.58
N VAL M 1659 -0.85 38.38 -68.63
CA VAL M 1659 -2.29 38.23 -68.71
C VAL M 1659 -2.69 37.50 -69.98
N SER M 1660 -1.88 37.60 -71.03
CA SER M 1660 -2.10 36.87 -72.27
C SER M 1660 -0.89 35.98 -72.53
N PHE M 1661 -1.12 34.94 -73.34
CA PHE M 1661 -0.11 33.93 -73.62
C PHE M 1661 0.41 33.27 -72.35
N ASN M 1662 -0.47 33.12 -71.35
CA ASN M 1662 -0.20 32.27 -70.20
C ASN M 1662 -0.98 30.97 -70.23
N THR M 1663 -2.19 31.00 -70.77
CA THR M 1663 -2.93 29.84 -71.23
C THR M 1663 -3.11 30.00 -72.74
N SER M 1664 -3.94 29.14 -73.32
CA SER M 1664 -4.10 29.13 -74.78
C SER M 1664 -4.44 30.52 -75.31
N HIS M 1665 -3.50 31.13 -76.02
CA HIS M 1665 -3.68 32.44 -76.63
C HIS M 1665 -2.89 32.45 -77.93
N GLY M 1666 -3.58 32.11 -79.03
CA GLY M 1666 -2.97 32.15 -80.34
C GLY M 1666 -1.69 31.35 -80.45
N SER M 1667 -0.57 32.05 -80.57
CA SER M 1667 0.75 31.42 -80.67
C SER M 1667 1.26 30.93 -79.33
N PHE M 1668 0.45 30.97 -78.28
CA PHE M 1668 0.92 30.50 -76.98
C PHE M 1668 1.31 29.03 -76.97
N PRO M 1669 0.49 28.09 -77.45
CA PRO M 1669 0.92 26.68 -77.42
C PRO M 1669 2.17 26.43 -78.25
N GLU M 1670 2.34 27.18 -79.35
CA GLU M 1670 3.51 27.01 -80.21
C GLU M 1670 4.80 27.10 -79.42
N VAL M 1671 4.94 28.13 -78.60
CA VAL M 1671 6.12 28.28 -77.76
C VAL M 1671 5.98 27.54 -76.44
N PHE M 1672 4.77 27.21 -76.02
CA PHE M 1672 4.56 26.63 -74.70
C PHE M 1672 4.92 25.14 -74.69
N THR M 1673 4.59 24.43 -75.77
CA THR M 1673 5.05 23.06 -75.90
C THR M 1673 6.57 23.01 -75.97
N THR M 1674 7.17 23.95 -76.71
CA THR M 1674 8.63 24.10 -76.69
C THR M 1674 9.13 24.29 -75.27
N TYR M 1675 8.49 25.18 -74.51
CA TYR M 1675 8.89 25.45 -73.14
C TYR M 1675 8.87 24.17 -72.31
N ILE M 1676 7.76 23.44 -72.38
CA ILE M 1676 7.64 22.18 -71.63
C ILE M 1676 8.75 21.22 -72.03
N SER M 1677 9.00 21.09 -73.35
CA SER M 1677 10.05 20.19 -73.81
C SER M 1677 11.41 20.59 -73.24
N LEU M 1678 11.70 21.89 -73.23
CA LEU M 1678 12.97 22.35 -72.69
C LEU M 1678 13.07 22.08 -71.19
N LEU M 1679 11.93 22.08 -70.49
CA LEU M 1679 11.96 21.69 -69.08
C LEU M 1679 12.40 20.23 -68.94
N ALA M 1680 11.99 19.38 -69.86
CA ALA M 1680 12.33 17.96 -69.79
C ALA M 1680 13.78 17.70 -70.14
N ASP M 1681 14.52 18.69 -70.62
CA ASP M 1681 15.91 18.49 -71.04
C ASP M 1681 16.77 18.19 -69.82
N THR M 1682 17.11 16.91 -69.64
CA THR M 1682 17.98 16.50 -68.55
C THR M 1682 19.44 16.79 -68.81
N LYS M 1683 19.80 17.15 -70.05
CA LYS M 1683 21.19 17.48 -70.35
C LYS M 1683 21.64 18.70 -69.57
N LEU M 1684 20.76 19.68 -69.40
CA LEU M 1684 21.08 20.87 -68.64
C LEU M 1684 21.22 20.53 -67.16
N ASP M 1685 22.08 21.30 -66.48
CA ASP M 1685 22.18 21.16 -65.04
C ASP M 1685 20.86 21.54 -64.39
N LEU M 1686 20.52 20.81 -63.32
CA LEU M 1686 19.27 21.08 -62.63
C LEU M 1686 19.23 22.49 -62.06
N HIS M 1687 20.40 23.05 -61.71
CA HIS M 1687 20.43 24.45 -61.28
C HIS M 1687 20.00 25.37 -62.42
N LEU M 1688 20.53 25.12 -63.62
CA LEU M 1688 20.12 25.92 -64.77
C LEU M 1688 18.65 25.70 -65.07
N LYS M 1689 18.18 24.47 -64.94
CA LYS M 1689 16.77 24.19 -65.18
C LYS M 1689 15.89 24.97 -64.22
N GLY M 1690 16.27 25.01 -62.94
CA GLY M 1690 15.48 25.76 -61.97
C GLY M 1690 15.53 27.25 -62.23
N GLN M 1691 16.71 27.79 -62.52
CA GLN M 1691 16.83 29.22 -62.79
C GLN M 1691 16.12 29.60 -64.08
N ALA M 1692 15.83 28.63 -64.94
CA ALA M 1692 14.98 28.89 -66.09
C ALA M 1692 13.51 28.85 -65.71
N VAL M 1693 13.08 27.80 -65.02
CA VAL M 1693 11.67 27.59 -64.71
C VAL M 1693 11.19 28.58 -63.65
N THR M 1694 12.13 29.37 -63.11
CA THR M 1694 11.74 30.40 -62.14
C THR M 1694 10.66 31.32 -62.67
N LEU M 1695 10.41 31.33 -63.97
CA LEU M 1695 9.32 32.08 -64.58
C LEU M 1695 7.96 31.44 -64.36
N LEU M 1696 7.87 30.42 -63.53
CA LEU M 1696 6.64 29.68 -63.30
C LEU M 1696 5.46 30.52 -62.77
N PRO M 1697 5.66 31.64 -62.07
CA PRO M 1697 4.48 32.44 -61.65
C PRO M 1697 3.61 32.90 -62.80
N PHE M 1698 4.02 32.72 -64.05
CA PHE M 1698 3.23 33.12 -65.19
C PHE M 1698 2.24 32.04 -65.61
N PHE M 1699 1.88 31.14 -64.70
CA PHE M 1699 0.95 30.06 -65.01
C PHE M 1699 -0.01 29.83 -63.85
N LEU M 1707 -3.68 21.08 -67.35
CA LEU M 1707 -2.43 21.55 -66.80
C LEU M 1707 -1.67 20.40 -66.14
N GLU M 1708 -1.98 19.19 -66.57
CA GLU M 1708 -1.30 18.01 -66.05
C GLU M 1708 0.19 18.04 -66.38
N GLU M 1709 0.53 18.61 -67.54
CA GLU M 1709 1.93 18.69 -67.94
C GLU M 1709 2.76 19.40 -66.90
N LEU M 1710 2.24 20.51 -66.37
CA LEU M 1710 2.94 21.24 -65.32
C LEU M 1710 3.35 20.31 -64.20
N ARG M 1711 2.36 19.74 -63.52
CA ARG M 1711 2.64 18.94 -62.33
C ARG M 1711 3.52 17.74 -62.68
N ARG M 1712 3.23 17.06 -63.78
CA ARG M 1712 3.97 15.83 -64.07
C ARG M 1712 5.44 16.12 -64.33
N VAL M 1713 5.75 17.19 -65.07
CA VAL M 1713 7.15 17.54 -65.24
C VAL M 1713 7.74 17.95 -63.90
N LEU M 1714 6.93 18.57 -63.04
CA LEU M 1714 7.40 18.93 -61.71
C LEU M 1714 7.90 17.71 -60.96
N GLU M 1715 7.08 16.65 -60.85
CA GLU M 1715 7.54 15.49 -60.11
C GLU M 1715 8.70 14.81 -60.82
N GLN M 1716 8.59 14.63 -62.13
CA GLN M 1716 9.62 13.87 -62.83
C GLN M 1716 10.96 14.60 -62.82
N LEU M 1717 10.96 15.91 -62.56
CA LEU M 1717 12.23 16.60 -62.39
C LEU M 1717 12.70 16.55 -60.95
N ILE M 1718 11.83 16.90 -60.00
CA ILE M 1718 12.27 17.01 -58.61
C ILE M 1718 12.65 15.66 -58.03
N VAL M 1719 12.13 14.56 -58.58
CA VAL M 1719 12.50 13.25 -58.08
C VAL M 1719 14.00 13.01 -58.26
N ALA M 1720 14.53 13.42 -59.40
CA ALA M 1720 15.94 13.26 -59.73
C ALA M 1720 16.85 14.18 -58.95
N HIS M 1721 16.38 14.90 -57.93
CA HIS M 1721 17.19 15.88 -57.22
C HIS M 1721 17.52 15.46 -55.80
N PHE M 1722 16.51 15.15 -54.99
CA PHE M 1722 16.72 14.86 -53.58
C PHE M 1722 16.22 13.45 -53.27
N PRO M 1723 17.11 12.51 -52.96
CA PRO M 1723 16.65 11.14 -52.75
C PRO M 1723 15.73 11.01 -51.55
N MET M 1724 16.24 11.37 -50.36
CA MET M 1724 15.42 11.53 -49.16
C MET M 1724 15.88 12.70 -48.31
N GLN M 1725 17.10 13.19 -48.50
CA GLN M 1725 17.76 14.03 -47.52
C GLN M 1725 18.71 14.97 -48.25
N SER M 1726 18.74 16.22 -47.81
CA SER M 1726 19.63 17.22 -48.39
C SER M 1726 20.87 17.47 -47.54
N ARG M 1727 20.74 17.42 -46.22
CA ARG M 1727 21.89 17.63 -45.36
C ARG M 1727 22.81 16.42 -45.29
N GLU M 1728 22.39 15.28 -45.86
CA GLU M 1728 23.34 14.20 -46.10
C GLU M 1728 24.47 14.66 -47.00
N PHE M 1729 24.19 15.60 -47.89
CA PHE M 1729 25.24 16.29 -48.63
C PHE M 1729 25.84 17.37 -47.74
N PRO M 1730 27.15 17.38 -47.53
CA PRO M 1730 27.74 18.30 -46.55
C PRO M 1730 27.43 19.74 -46.88
N PRO M 1731 27.16 20.57 -45.88
CA PRO M 1731 26.97 22.00 -46.14
C PRO M 1731 28.20 22.59 -46.81
N GLY M 1732 27.98 23.37 -47.85
CA GLY M 1732 29.06 23.97 -48.60
C GLY M 1732 29.59 23.13 -49.74
N THR M 1733 29.21 21.86 -49.83
CA THR M 1733 29.70 21.07 -50.95
C THR M 1733 28.92 21.46 -52.21
N PRO M 1734 29.57 21.35 -53.38
CA PRO M 1734 28.95 21.87 -54.61
C PRO M 1734 27.51 21.46 -54.85
N ARG M 1735 27.22 20.16 -54.85
CA ARG M 1735 25.84 19.74 -55.12
C ARG M 1735 24.89 20.21 -54.03
N PHE M 1736 25.35 20.28 -52.78
CA PHE M 1736 24.52 20.86 -51.72
C PHE M 1736 24.21 22.31 -52.01
N ASN M 1737 25.20 23.06 -52.50
CA ASN M 1737 24.95 24.46 -52.85
C ASN M 1737 23.96 24.56 -53.99
N ASN M 1738 24.07 23.67 -54.99
CA ASN M 1738 23.09 23.64 -56.06
C ASN M 1738 21.71 23.34 -55.50
N TYR M 1739 21.63 22.42 -54.53
CA TYR M 1739 20.36 22.09 -53.92
C TYR M 1739 19.76 23.30 -53.23
N VAL M 1740 20.55 24.02 -52.44
CA VAL M 1740 20.01 25.15 -51.70
C VAL M 1740 19.56 26.24 -52.68
N ASP M 1741 20.34 26.45 -53.75
CA ASP M 1741 19.95 27.44 -54.74
C ASP M 1741 18.64 27.08 -55.41
N CYS M 1742 18.52 25.83 -55.89
CA CYS M 1742 17.31 25.44 -56.61
C CYS M 1742 16.10 25.47 -55.68
N MET M 1743 16.27 25.00 -54.45
CA MET M 1743 15.13 25.01 -53.53
C MET M 1743 14.69 26.43 -53.19
N LYS M 1744 15.63 27.34 -52.97
CA LYS M 1744 15.21 28.71 -52.67
C LYS M 1744 14.55 29.36 -53.88
N LYS M 1745 15.06 29.06 -55.09
CA LYS M 1745 14.41 29.54 -56.30
C LYS M 1745 12.96 29.07 -56.36
N PHE M 1746 12.75 27.78 -56.13
CA PHE M 1746 11.40 27.23 -56.17
C PHE M 1746 10.53 27.86 -55.09
N LEU M 1747 11.09 28.05 -53.89
CA LEU M 1747 10.31 28.60 -52.79
C LEU M 1747 9.83 30.01 -53.11
N ASP M 1748 10.73 30.87 -53.58
CA ASP M 1748 10.32 32.23 -53.89
C ASP M 1748 9.35 32.25 -55.07
N ALA M 1749 9.61 31.43 -56.09
CA ALA M 1749 8.74 31.43 -57.26
C ALA M 1749 7.32 30.99 -56.89
N LEU M 1750 7.21 29.95 -56.07
CA LEU M 1750 5.89 29.51 -55.61
C LEU M 1750 5.25 30.54 -54.69
N GLU M 1751 6.04 31.14 -53.79
CA GLU M 1751 5.53 32.18 -52.92
C GLU M 1751 4.88 33.29 -53.74
N LEU M 1752 5.45 33.62 -54.88
CA LEU M 1752 4.81 34.58 -55.78
C LEU M 1752 3.59 33.98 -56.46
N SER M 1753 3.72 32.74 -56.96
CA SER M 1753 2.66 32.16 -57.79
C SER M 1753 1.54 31.55 -56.96
N GLN M 1754 1.85 31.09 -55.74
CA GLN M 1754 0.88 30.44 -54.84
C GLN M 1754 0.03 29.40 -55.58
N SER M 1755 0.70 28.60 -56.41
CA SER M 1755 0.08 27.49 -57.12
C SER M 1755 -0.03 26.27 -56.21
N PRO M 1756 -1.21 25.66 -56.10
CA PRO M 1756 -1.42 24.67 -55.04
C PRO M 1756 -0.55 23.42 -55.17
N MET M 1757 -0.47 22.83 -56.36
CA MET M 1757 0.26 21.57 -56.50
C MET M 1757 1.72 21.75 -56.13
N LEU M 1758 2.30 22.90 -56.49
CA LEU M 1758 3.64 23.23 -56.05
C LEU M 1758 3.72 23.28 -54.52
N LEU M 1759 2.69 23.82 -53.87
CA LEU M 1759 2.66 23.81 -52.42
C LEU M 1759 2.70 22.39 -51.88
N GLU M 1760 1.90 21.51 -52.46
CA GLU M 1760 1.89 20.11 -52.02
C GLU M 1760 3.26 19.50 -52.19
N LEU M 1761 3.89 19.72 -53.35
CA LEU M 1761 5.18 19.12 -53.61
C LEU M 1761 6.23 19.62 -52.63
N MET M 1762 6.27 20.92 -52.41
CA MET M 1762 7.31 21.50 -51.55
C MET M 1762 7.10 21.12 -50.08
N THR M 1763 5.84 21.12 -49.63
CA THR M 1763 5.57 20.63 -48.28
C THR M 1763 6.02 19.19 -48.12
N GLU M 1764 5.62 18.32 -49.06
CA GLU M 1764 5.92 16.90 -48.92
C GLU M 1764 7.43 16.64 -48.97
N VAL M 1765 8.13 17.31 -49.89
CA VAL M 1765 9.58 17.10 -49.95
C VAL M 1765 10.23 17.64 -48.68
N LEU M 1766 9.68 18.71 -48.11
CA LEU M 1766 10.18 19.14 -46.80
C LEU M 1766 9.63 18.28 -45.67
N CYS M 1767 8.41 17.77 -45.81
CA CYS M 1767 7.85 16.92 -44.76
C CYS M 1767 8.40 15.52 -44.86
N ARG M 1768 9.73 15.41 -44.97
CA ARG M 1768 10.42 14.13 -44.91
C ARG M 1768 11.36 14.06 -43.72
N GLU M 1769 12.22 15.05 -43.54
CA GLU M 1769 13.13 15.10 -42.41
C GLU M 1769 13.14 16.52 -41.86
N GLN M 1770 13.44 16.64 -40.58
CA GLN M 1770 13.31 17.92 -39.89
C GLN M 1770 14.46 18.86 -40.25
N GLN M 1771 14.09 20.04 -40.73
CA GLN M 1771 15.02 21.17 -40.91
C GLN M 1771 16.15 20.84 -41.89
N HIS M 1772 15.85 20.03 -42.90
CA HIS M 1772 16.82 19.79 -43.97
C HIS M 1772 16.42 20.47 -45.26
N VAL M 1773 15.30 21.18 -45.29
CA VAL M 1773 14.85 21.89 -46.48
C VAL M 1773 14.67 23.35 -46.04
N MET M 1774 15.45 23.77 -45.05
CA MET M 1774 15.46 25.15 -44.57
C MET M 1774 14.05 25.61 -44.20
N GLU M 1775 13.48 24.92 -43.20
CA GLU M 1775 12.08 25.09 -42.88
C GLU M 1775 11.75 26.48 -42.37
N GLU M 1776 12.76 27.26 -41.98
CA GLU M 1776 12.50 28.64 -41.58
C GLU M 1776 11.97 29.46 -42.74
N LEU M 1777 12.58 29.33 -43.92
CA LEU M 1777 12.08 30.07 -45.07
C LEU M 1777 10.75 29.51 -45.51
N PHE M 1778 10.59 28.18 -45.40
CA PHE M 1778 9.32 27.50 -45.56
C PHE M 1778 8.20 28.23 -44.83
N GLN M 1779 8.31 28.30 -43.50
CA GLN M 1779 7.26 28.92 -42.70
C GLN M 1779 7.16 30.41 -42.96
N SER M 1780 8.28 31.10 -43.21
CA SER M 1780 8.21 32.54 -43.38
C SER M 1780 7.56 32.92 -44.70
N SER M 1781 7.87 32.17 -45.76
CA SER M 1781 7.17 32.35 -47.03
C SER M 1781 5.70 32.02 -46.88
N PHE M 1782 5.38 31.03 -46.05
CA PHE M 1782 3.97 30.84 -45.71
C PHE M 1782 3.39 32.07 -45.04
N ARG M 1783 4.17 32.73 -44.19
CA ARG M 1783 3.68 33.94 -43.52
C ARG M 1783 3.36 35.03 -44.54
N ARG M 1784 4.23 35.21 -45.54
CA ARG M 1784 3.86 36.14 -46.61
C ARG M 1784 2.61 35.69 -47.36
N ILE M 1785 2.61 34.46 -47.88
CA ILE M 1785 1.53 34.09 -48.77
C ILE M 1785 0.19 34.02 -48.06
N ALA M 1786 0.19 33.86 -46.74
CA ALA M 1786 -1.07 33.87 -46.00
C ALA M 1786 -1.76 35.22 -46.12
N ARG M 1787 -1.00 36.30 -46.02
CA ARG M 1787 -1.58 37.63 -46.18
C ARG M 1787 -1.79 38.00 -47.65
N ARG M 1788 -1.18 37.26 -48.57
CA ARG M 1788 -1.34 37.54 -49.99
C ARG M 1788 -2.48 36.73 -50.57
N GLY M 1789 -2.79 37.02 -51.83
CA GLY M 1789 -3.79 36.27 -52.56
C GLY M 1789 -5.22 36.50 -52.12
N SER M 1790 -6.18 36.05 -52.93
CA SER M 1790 -7.58 36.17 -52.56
C SER M 1790 -7.94 35.14 -51.51
N CYS M 1791 -8.94 35.48 -50.68
CA CYS M 1791 -9.36 34.59 -49.62
C CYS M 1791 -9.82 33.25 -50.16
N VAL M 1792 -10.51 33.26 -51.30
CA VAL M 1792 -10.96 32.01 -51.91
C VAL M 1792 -9.76 31.18 -52.34
N THR M 1793 -8.74 31.84 -52.89
CA THR M 1793 -7.53 31.12 -53.27
C THR M 1793 -6.88 30.47 -52.06
N GLN M 1794 -6.77 31.21 -50.96
CA GLN M 1794 -6.20 30.66 -49.74
C GLN M 1794 -7.01 29.47 -49.25
N VAL M 1795 -8.33 29.60 -49.28
CA VAL M 1795 -9.20 28.52 -48.82
C VAL M 1795 -9.00 27.27 -49.68
N GLY M 1796 -8.98 27.44 -51.00
CA GLY M 1796 -8.78 26.30 -51.87
C GLY M 1796 -7.44 25.63 -51.67
N LEU M 1797 -6.39 26.44 -51.51
CA LEU M 1797 -5.06 25.89 -51.27
C LEU M 1797 -5.00 25.12 -49.95
N LEU M 1798 -5.62 25.68 -48.91
CA LEU M 1798 -5.66 24.98 -47.63
C LEU M 1798 -6.43 23.68 -47.73
N GLU M 1799 -7.54 23.68 -48.46
CA GLU M 1799 -8.29 22.44 -48.62
C GLU M 1799 -7.50 21.41 -49.41
N SER M 1800 -6.76 21.88 -50.42
CA SER M 1800 -5.91 20.98 -51.18
C SER M 1800 -4.89 20.31 -50.29
N VAL M 1801 -4.18 21.08 -49.47
CA VAL M 1801 -3.15 20.48 -48.62
C VAL M 1801 -3.78 19.61 -47.55
N TYR M 1802 -4.93 20.01 -47.01
CA TYR M 1802 -5.59 19.18 -46.00
C TYR M 1802 -6.03 17.85 -46.57
N GLU M 1803 -6.62 17.86 -47.77
CA GLU M 1803 -7.00 16.59 -48.39
C GLU M 1803 -5.77 15.75 -48.70
N MET M 1804 -4.68 16.40 -49.14
CA MET M 1804 -3.43 15.70 -49.32
C MET M 1804 -2.98 15.04 -48.03
N PHE M 1805 -3.28 15.65 -46.89
CA PHE M 1805 -2.91 15.07 -45.61
C PHE M 1805 -3.58 13.71 -45.39
N ARG M 1806 -4.70 13.45 -46.03
CA ARG M 1806 -5.39 12.17 -45.87
C ARG M 1806 -5.50 11.41 -47.19
N THR M 1815 6.19 10.88 -42.18
CA THR M 1815 5.00 10.45 -41.45
C THR M 1815 3.80 11.27 -41.85
N ARG M 1816 2.62 10.66 -41.79
CA ARG M 1816 1.40 11.32 -42.26
C ARG M 1816 1.14 12.60 -41.47
N GLN M 1817 1.30 12.54 -40.14
CA GLN M 1817 1.02 13.70 -39.31
C GLN M 1817 1.95 14.86 -39.64
N SER M 1818 3.23 14.58 -39.85
CA SER M 1818 4.20 15.64 -40.09
C SER M 1818 3.78 16.54 -41.25
N PHE M 1819 3.06 15.96 -42.22
CA PHE M 1819 2.58 16.72 -43.37
C PHE M 1819 1.82 17.97 -42.92
N VAL M 1820 0.73 17.78 -42.17
CA VAL M 1820 -0.02 18.93 -41.68
C VAL M 1820 0.78 19.68 -40.64
N ASP M 1821 1.53 18.97 -39.79
CA ASP M 1821 2.20 19.59 -38.65
C ASP M 1821 3.14 20.68 -39.09
N ARG M 1822 4.05 20.37 -40.01
CA ARG M 1822 5.08 21.33 -40.39
C ARG M 1822 4.53 22.51 -41.15
N SER M 1823 3.33 22.40 -41.72
CA SER M 1823 2.88 23.35 -42.73
C SER M 1823 1.66 24.16 -42.33
N LEU M 1824 0.56 23.51 -41.95
CA LEU M 1824 -0.74 24.18 -41.96
C LEU M 1824 -0.76 25.35 -40.98
N LEU M 1825 -0.27 25.12 -39.76
CA LEU M 1825 -0.42 26.09 -38.68
C LEU M 1825 0.07 27.47 -39.07
N THR M 1826 1.11 27.54 -39.90
CA THR M 1826 1.60 28.83 -40.36
C THR M 1826 0.51 29.58 -41.10
N LEU M 1827 -0.11 28.92 -42.07
CA LEU M 1827 -1.20 29.54 -42.81
C LEU M 1827 -2.36 29.87 -41.89
N LEU M 1828 -2.75 28.92 -41.05
CA LEU M 1828 -3.92 29.10 -40.21
C LEU M 1828 -3.73 30.29 -39.27
N TRP M 1829 -2.55 30.41 -38.69
CA TRP M 1829 -2.28 31.52 -37.77
C TRP M 1829 -2.11 32.85 -38.48
N HIS M 1830 -1.99 32.86 -39.80
CA HIS M 1830 -1.67 34.07 -40.52
C HIS M 1830 -2.63 34.43 -41.64
N CYS M 1831 -3.37 33.49 -42.21
CA CYS M 1831 -4.20 33.80 -43.35
C CYS M 1831 -5.32 34.76 -42.96
N SER M 1832 -5.91 35.40 -43.97
CA SER M 1832 -6.90 36.43 -43.73
C SER M 1832 -8.08 35.86 -42.94
N LEU M 1833 -8.55 36.66 -41.98
CA LEU M 1833 -9.61 36.21 -41.09
C LEU M 1833 -10.90 35.89 -41.85
N ASP M 1834 -11.18 36.65 -42.91
CA ASP M 1834 -12.34 36.34 -43.73
C ASP M 1834 -12.22 34.97 -44.38
N ALA M 1835 -11.05 34.65 -44.91
CA ALA M 1835 -10.84 33.32 -45.48
C ALA M 1835 -10.98 32.24 -44.42
N LEU M 1836 -10.60 32.55 -43.19
CA LEU M 1836 -10.77 31.58 -42.11
C LEU M 1836 -12.24 31.25 -41.91
N ARG M 1837 -13.11 32.25 -41.92
CA ARG M 1837 -14.54 32.01 -41.85
C ARG M 1837 -14.98 31.05 -42.95
N GLU M 1838 -14.59 31.35 -44.19
CA GLU M 1838 -15.00 30.53 -45.33
C GLU M 1838 -14.53 29.09 -45.16
N PHE M 1839 -13.23 28.92 -44.88
CA PHE M 1839 -12.65 27.59 -44.85
C PHE M 1839 -13.24 26.76 -43.70
N PHE M 1840 -13.32 27.35 -42.51
CA PHE M 1840 -13.87 26.62 -41.38
C PHE M 1840 -15.32 26.25 -41.61
N SER M 1841 -16.13 27.20 -42.08
CA SER M 1841 -17.52 26.90 -42.39
C SER M 1841 -17.59 25.80 -43.43
N THR M 1842 -16.61 25.73 -44.32
CA THR M 1842 -16.56 24.68 -45.32
C THR M 1842 -16.24 23.32 -44.71
N ILE M 1843 -15.61 23.29 -43.54
CA ILE M 1843 -15.13 22.03 -42.98
C ILE M 1843 -15.69 21.80 -41.59
N VAL M 1844 -16.84 22.39 -41.29
CA VAL M 1844 -17.44 22.19 -39.97
C VAL M 1844 -17.79 20.72 -39.76
N VAL M 1845 -18.71 20.19 -40.56
CA VAL M 1845 -19.10 18.79 -40.43
C VAL M 1845 -18.01 17.88 -40.96
N ASP M 1846 -17.15 18.39 -41.84
CA ASP M 1846 -16.01 17.60 -42.32
C ASP M 1846 -15.11 17.21 -41.16
N ALA M 1847 -15.04 18.04 -40.12
CA ALA M 1847 -14.28 17.71 -38.94
C ALA M 1847 -15.13 17.16 -37.79
N ILE M 1848 -16.43 17.46 -37.79
CA ILE M 1848 -17.31 16.95 -36.73
C ILE M 1848 -17.28 15.44 -36.71
N ASP M 1849 -17.50 14.82 -37.86
CA ASP M 1849 -17.58 13.37 -37.94
C ASP M 1849 -16.24 12.73 -37.59
N VAL M 1850 -15.16 13.19 -38.22
CA VAL M 1850 -13.86 12.57 -38.02
C VAL M 1850 -13.31 12.87 -36.63
N LEU M 1851 -13.89 13.85 -35.94
CA LEU M 1851 -13.51 14.09 -34.55
C LEU M 1851 -13.73 12.84 -33.70
N LYS M 1852 -14.75 12.06 -34.02
CA LYS M 1852 -15.01 10.83 -33.29
C LYS M 1852 -14.91 9.62 -34.22
N THR M 1862 -1.94 1.65 -37.59
CA THR M 1862 -3.21 1.19 -37.04
C THR M 1862 -3.94 2.34 -36.35
N PHE M 1863 -4.23 2.15 -35.06
CA PHE M 1863 -4.88 3.19 -34.28
C PHE M 1863 -4.03 4.45 -34.16
N ASP M 1864 -2.72 4.31 -34.37
CA ASP M 1864 -1.82 5.47 -34.34
C ASP M 1864 -2.23 6.52 -35.35
N THR M 1865 -2.64 6.08 -36.55
CA THR M 1865 -3.09 7.02 -37.57
C THR M 1865 -4.29 7.81 -37.09
N GLN M 1866 -5.23 7.14 -36.44
CA GLN M 1866 -6.36 7.84 -35.82
C GLN M 1866 -5.86 8.92 -34.88
N ILE M 1867 -4.88 8.58 -34.05
CA ILE M 1867 -4.40 9.53 -33.06
C ILE M 1867 -3.75 10.73 -33.76
N THR M 1868 -2.99 10.47 -34.83
CA THR M 1868 -2.31 11.55 -35.55
C THR M 1868 -3.32 12.50 -36.17
N LYS M 1869 -4.34 11.95 -36.82
CA LYS M 1869 -5.38 12.80 -37.36
C LYS M 1869 -6.05 13.61 -36.26
N LYS M 1870 -6.23 13.00 -35.07
CA LYS M 1870 -6.90 13.73 -34.01
C LYS M 1870 -6.03 14.85 -33.44
N MET M 1871 -4.72 14.62 -33.31
CA MET M 1871 -3.85 15.75 -33.03
C MET M 1871 -4.09 16.87 -34.01
N GLY M 1872 -3.98 16.57 -35.32
CA GLY M 1872 -4.16 17.63 -36.30
C GLY M 1872 -5.48 18.36 -36.16
N TYR M 1873 -6.55 17.62 -35.90
CA TYR M 1873 -7.86 18.25 -35.74
C TYR M 1873 -7.86 19.19 -34.53
N TYR M 1874 -7.27 18.77 -33.42
CA TYR M 1874 -7.23 19.67 -32.27
C TYR M 1874 -6.37 20.90 -32.58
N LYS M 1875 -5.24 20.69 -33.24
CA LYS M 1875 -4.34 21.76 -33.58
C LYS M 1875 -4.92 22.75 -34.59
N ILE M 1876 -5.96 22.39 -35.31
CA ILE M 1876 -6.59 23.31 -36.24
C ILE M 1876 -7.83 23.95 -35.64
N LEU M 1877 -8.60 23.20 -34.86
CA LEU M 1877 -9.76 23.77 -34.18
C LEU M 1877 -9.36 24.82 -33.16
N ASP M 1878 -8.30 24.57 -32.39
CA ASP M 1878 -7.93 25.53 -31.36
C ASP M 1878 -7.58 26.88 -31.98
N VAL M 1879 -6.79 26.87 -33.05
CA VAL M 1879 -6.39 28.11 -33.70
C VAL M 1879 -7.58 28.77 -34.38
N MET M 1880 -8.47 27.98 -34.99
CA MET M 1880 -9.64 28.58 -35.61
C MET M 1880 -10.57 29.21 -34.58
N TYR M 1881 -10.57 28.70 -33.34
CA TYR M 1881 -11.40 29.31 -32.30
C TYR M 1881 -10.96 30.73 -31.99
N SER M 1882 -9.69 31.04 -32.22
CA SER M 1882 -9.04 32.21 -31.64
C SER M 1882 -9.58 33.54 -32.17
N ARG M 1883 -10.61 33.57 -33.01
CA ARG M 1883 -11.04 34.83 -33.60
C ARG M 1883 -12.39 35.28 -33.09
N LEU M 1884 -13.43 34.47 -33.25
CA LEU M 1884 -14.79 34.89 -32.94
C LEU M 1884 -15.68 33.66 -32.83
N PRO M 1885 -16.74 33.69 -32.02
CA PRO M 1885 -17.69 32.57 -31.98
C PRO M 1885 -18.64 32.61 -33.17
N ASN M 1909 -22.86 29.11 -38.22
CA ASN M 1909 -23.62 27.86 -38.25
C ASN M 1909 -24.31 27.64 -36.90
N GLU M 1910 -25.18 26.62 -36.86
CA GLU M 1910 -25.96 26.33 -35.67
C GLU M 1910 -25.38 25.21 -34.83
N LEU M 1911 -24.68 24.25 -35.44
CA LEU M 1911 -24.16 23.10 -34.70
C LEU M 1911 -23.01 23.48 -33.78
N THR M 1912 -22.43 24.66 -34.00
CA THR M 1912 -21.25 25.12 -33.27
C THR M 1912 -21.35 24.91 -31.77
N LYS M 1913 -22.58 24.81 -31.25
CA LYS M 1913 -22.79 24.64 -29.82
C LYS M 1913 -22.08 23.41 -29.29
N THR M 1914 -22.30 22.26 -29.93
CA THR M 1914 -22.02 20.98 -29.26
C THR M 1914 -20.53 20.67 -29.18
N LEU M 1915 -19.83 20.82 -30.31
CA LEU M 1915 -18.53 20.19 -30.49
C LEU M 1915 -17.59 20.45 -29.33
N ILE M 1916 -17.80 21.56 -28.61
CA ILE M 1916 -16.93 21.93 -27.49
C ILE M 1916 -16.70 20.73 -26.59
N LYS M 1917 -17.78 20.08 -26.13
CA LYS M 1917 -17.62 19.00 -25.17
C LYS M 1917 -16.75 17.89 -25.73
N LEU M 1918 -16.94 17.57 -27.02
CA LEU M 1918 -16.21 16.48 -27.64
C LEU M 1918 -14.69 16.65 -27.56
N CYS M 1919 -14.21 17.82 -27.16
CA CYS M 1919 -12.78 17.98 -26.97
C CYS M 1919 -12.33 17.58 -25.58
N TYR M 1920 -13.04 18.05 -24.56
CA TYR M 1920 -12.54 17.94 -23.19
C TYR M 1920 -12.31 16.49 -22.80
N ASP M 1921 -13.33 15.65 -22.97
CA ASP M 1921 -13.23 14.23 -22.68
C ASP M 1921 -11.98 13.60 -23.26
N ALA M 1922 -11.53 14.10 -24.42
CA ALA M 1922 -10.38 13.51 -25.09
C ALA M 1922 -9.15 13.48 -24.19
N PHE M 1923 -8.93 14.54 -23.42
CA PHE M 1923 -7.77 14.52 -22.53
C PHE M 1923 -8.00 13.65 -21.31
N THR M 1924 -9.26 13.50 -20.90
CA THR M 1924 -9.61 12.94 -19.60
C THR M 1924 -9.23 11.48 -19.44
N GLU M 1925 -8.60 10.86 -20.43
CA GLU M 1925 -8.23 9.45 -20.32
C GLU M 1925 -7.31 9.22 -19.14
N ASN M 1926 -7.60 8.18 -18.36
CA ASN M 1926 -6.74 7.77 -17.27
C ASN M 1926 -6.07 6.44 -17.58
N LEU M 1934 3.13 5.03 -27.73
CA LEU M 1934 2.40 5.20 -26.47
C LEU M 1934 2.55 6.62 -25.94
N GLU M 1935 3.75 7.19 -26.10
CA GLU M 1935 3.94 8.60 -25.79
C GLU M 1935 3.03 9.46 -26.64
N ARG M 1936 2.67 8.97 -27.83
CA ARG M 1936 1.72 9.67 -28.68
C ARG M 1936 0.41 9.89 -27.95
N ARG M 1937 0.10 9.02 -26.99
CA ARG M 1937 -1.10 9.22 -26.18
C ARG M 1937 -0.97 10.48 -25.32
N ARG M 1938 0.21 10.70 -24.73
CA ARG M 1938 0.41 11.92 -23.97
C ARG M 1938 0.42 13.13 -24.87
N LEU M 1939 0.98 13.00 -26.08
CA LEU M 1939 0.89 14.07 -27.06
C LEU M 1939 -0.57 14.38 -27.37
N TYR M 1940 -1.39 13.34 -27.48
CA TYR M 1940 -2.82 13.50 -27.70
C TYR M 1940 -3.48 14.24 -26.54
N HIS M 1941 -3.09 13.89 -25.31
CA HIS M 1941 -3.61 14.57 -24.14
C HIS M 1941 -3.29 16.06 -24.21
N CYS M 1942 -2.03 16.39 -24.54
CA CYS M 1942 -1.65 17.79 -24.70
C CYS M 1942 -2.45 18.44 -25.82
N ALA M 1943 -2.70 17.71 -26.91
CA ALA M 1943 -3.45 18.29 -28.02
C ALA M 1943 -4.85 18.67 -27.59
N ALA M 1944 -5.54 17.75 -26.94
CA ALA M 1944 -6.89 18.03 -26.49
C ALA M 1944 -6.89 19.16 -25.45
N TYR M 1945 -5.92 19.15 -24.54
CA TYR M 1945 -5.92 20.15 -23.50
C TYR M 1945 -5.64 21.54 -24.07
N ASN M 1946 -4.70 21.65 -25.01
CA ASN M 1946 -4.46 22.94 -25.65
C ASN M 1946 -5.68 23.40 -26.44
N CYS M 1947 -6.36 22.47 -27.12
CA CYS M 1947 -7.56 22.86 -27.83
C CYS M 1947 -8.62 23.39 -26.88
N ALA M 1948 -8.78 22.74 -25.73
CA ALA M 1948 -9.72 23.23 -24.73
C ALA M 1948 -9.30 24.59 -24.19
N ILE M 1949 -8.01 24.77 -23.96
CA ILE M 1949 -7.51 26.06 -23.49
C ILE M 1949 -7.86 27.15 -24.49
N SER M 1950 -7.71 26.86 -25.77
CA SER M 1950 -8.17 27.79 -26.80
C SER M 1950 -9.66 28.08 -26.62
N VAL M 1951 -10.49 27.05 -26.81
CA VAL M 1951 -11.93 27.26 -26.88
C VAL M 1951 -12.52 27.84 -25.61
N ILE M 1952 -11.78 27.80 -24.50
CA ILE M 1952 -12.29 28.33 -23.24
C ILE M 1952 -12.14 29.84 -23.13
N CYS M 1953 -11.64 30.51 -24.17
CA CYS M 1953 -11.47 31.96 -24.10
C CYS M 1953 -12.80 32.68 -23.94
N CYS M 1954 -13.66 32.62 -24.97
CA CYS M 1954 -14.91 33.35 -24.93
C CYS M 1954 -16.01 32.60 -24.19
N VAL M 1955 -15.98 31.28 -24.24
CA VAL M 1955 -16.90 30.45 -23.47
C VAL M 1955 -16.26 30.16 -22.12
N PHE M 1956 -17.06 30.25 -21.06
CA PHE M 1956 -16.54 30.35 -19.70
C PHE M 1956 -15.57 31.52 -19.58
N ASN M 1957 -15.99 32.68 -20.10
CA ASN M 1957 -15.24 33.90 -19.86
C ASN M 1957 -15.22 34.25 -18.38
N GLU M 1958 -16.19 33.75 -17.60
CA GLU M 1958 -16.14 33.81 -16.15
C GLU M 1958 -15.23 32.72 -15.62
N LEU M 1959 -15.08 32.67 -14.31
CA LEU M 1959 -14.22 31.69 -13.66
C LEU M 1959 -14.87 30.31 -13.75
N LYS M 1960 -14.29 29.34 -13.04
CA LYS M 1960 -14.79 27.97 -13.03
C LYS M 1960 -14.73 27.39 -14.45
N PHE M 1961 -13.49 27.24 -14.91
CA PHE M 1961 -13.26 26.78 -16.27
C PHE M 1961 -13.55 25.30 -16.46
N TYR M 1962 -13.77 24.55 -15.38
CA TYR M 1962 -13.93 23.09 -15.43
C TYR M 1962 -12.71 22.42 -16.07
N GLN M 1963 -11.62 22.47 -15.31
CA GLN M 1963 -10.48 21.62 -15.53
C GLN M 1963 -10.92 20.17 -15.63
N SER M 2034 11.42 56.45 -58.05
CA SER M 2034 12.48 57.43 -58.21
C SER M 2034 13.25 57.22 -59.50
N THR M 2035 13.75 58.31 -60.08
CA THR M 2035 14.49 58.23 -61.33
C THR M 2035 15.70 57.31 -61.19
N LEU M 2036 16.52 57.56 -60.17
CA LEU M 2036 17.71 56.76 -59.95
C LEU M 2036 17.33 55.32 -59.61
N SER M 2037 16.33 55.13 -58.76
CA SER M 2037 15.91 53.78 -58.40
C SER M 2037 15.38 53.04 -59.61
N GLU M 2038 14.56 53.71 -60.42
CA GLU M 2038 13.95 53.05 -61.57
C GLU M 2038 15.00 52.70 -62.62
N GLU M 2039 15.98 53.57 -62.85
CA GLU M 2039 17.02 53.22 -63.80
C GLU M 2039 17.93 52.12 -63.27
N MET M 2040 18.20 52.12 -61.95
CA MET M 2040 18.96 51.04 -61.37
C MET M 2040 18.24 49.71 -61.55
N SER M 2041 16.92 49.71 -61.35
CA SER M 2041 16.14 48.50 -61.58
C SER M 2041 16.10 48.14 -63.06
N GLN M 2042 16.12 49.14 -63.95
CA GLN M 2042 16.15 48.85 -65.38
C GLN M 2042 17.43 48.11 -65.73
N PHE M 2043 18.53 48.49 -65.09
CA PHE M 2043 19.81 47.83 -65.36
C PHE M 2043 19.89 46.47 -64.69
N ASP M 2044 19.30 46.35 -63.49
CA ASP M 2044 19.13 45.02 -62.90
C ASP M 2044 18.31 44.12 -63.81
N PHE M 2045 17.31 44.70 -64.47
CA PHE M 2045 16.55 44.02 -65.51
C PHE M 2045 17.43 43.61 -66.66
N SER M 2046 18.29 44.53 -67.12
CA SER M 2046 19.15 44.23 -68.27
C SER M 2046 20.05 43.05 -67.97
N THR M 2047 20.66 43.02 -66.78
CA THR M 2047 21.36 41.81 -66.39
C THR M 2047 20.41 40.73 -65.90
N GLY M 2048 19.17 41.08 -65.55
CA GLY M 2048 18.18 40.11 -65.15
C GLY M 2048 18.40 39.49 -63.79
N VAL M 2049 19.40 39.94 -63.04
CA VAL M 2049 19.76 39.34 -61.77
C VAL M 2049 19.85 40.44 -60.71
N GLN M 2050 19.18 40.22 -59.59
CA GLN M 2050 19.30 41.14 -58.46
C GLN M 2050 20.50 40.74 -57.62
N ARG M 2090 15.45 22.66 -21.86
CA ARG M 2090 14.48 23.74 -21.95
C ARG M 2090 13.27 23.29 -22.76
N HIS M 2091 12.31 22.69 -22.08
CA HIS M 2091 11.15 22.08 -22.71
C HIS M 2091 9.97 23.04 -22.68
N GLU M 2092 9.22 23.11 -23.78
CA GLU M 2092 8.13 24.06 -23.91
C GLU M 2092 6.89 23.34 -24.43
N CYS M 2093 5.89 23.18 -23.56
CA CYS M 2093 4.59 22.70 -23.97
C CYS M 2093 3.46 23.41 -23.25
N MET M 2094 3.77 24.44 -22.45
CA MET M 2094 2.81 25.08 -21.56
C MET M 2094 2.63 26.56 -21.85
N ALA M 2095 3.20 27.07 -22.94
CA ALA M 2095 3.03 28.48 -23.28
C ALA M 2095 1.58 28.91 -23.39
N PRO M 2096 0.70 28.21 -24.12
CA PRO M 2096 -0.70 28.65 -24.14
C PRO M 2096 -1.35 28.62 -22.78
N LEU M 2097 -0.85 27.75 -21.90
CA LEU M 2097 -1.37 27.71 -20.54
C LEU M 2097 -1.09 29.02 -19.82
N THR M 2098 0.14 29.51 -19.92
CA THR M 2098 0.49 30.80 -19.35
C THR M 2098 -0.29 31.92 -20.03
N ALA M 2099 -0.50 31.80 -21.34
CA ALA M 2099 -1.27 32.81 -22.06
C ALA M 2099 -2.70 32.88 -21.52
N LEU M 2100 -3.32 31.73 -21.28
CA LEU M 2100 -4.64 31.71 -20.70
C LEU M 2100 -4.63 32.25 -19.28
N VAL M 2101 -3.56 31.99 -18.53
CA VAL M 2101 -3.43 32.56 -17.20
C VAL M 2101 -3.46 34.08 -17.28
N LYS M 2102 -2.70 34.63 -18.22
CA LYS M 2102 -2.70 36.08 -18.40
C LYS M 2102 -4.07 36.57 -18.83
N HIS M 2103 -4.74 35.85 -19.72
CA HIS M 2103 -6.06 36.26 -20.17
C HIS M 2103 -7.05 36.31 -19.01
N MET M 2104 -7.07 35.27 -18.18
CA MET M 2104 -7.97 35.27 -17.04
C MET M 2104 -7.58 36.34 -16.04
N HIS M 2105 -6.29 36.67 -15.95
CA HIS M 2105 -5.88 37.81 -15.15
C HIS M 2105 -6.46 39.10 -15.71
N ARG M 2106 -6.52 39.21 -17.03
CA ARG M 2106 -7.17 40.37 -17.64
C ARG M 2106 -8.64 40.43 -17.28
N SER M 2107 -9.33 39.29 -17.37
CA SER M 2107 -10.73 39.27 -17.00
C SER M 2107 -10.92 39.43 -15.50
N LEU M 2108 -9.90 39.08 -14.71
CA LEU M 2108 -9.98 39.20 -13.26
C LEU M 2108 -8.81 40.02 -12.73
N ARG M 2120 -4.67 35.30 -1.31
CA ARG M 2120 -6.10 35.43 -1.60
C ARG M 2120 -6.60 34.04 -1.99
N ASP M 2121 -7.90 33.90 -2.21
CA ASP M 2121 -8.51 32.60 -2.47
C ASP M 2121 -9.30 32.65 -3.77
N LEU M 2122 -9.11 31.64 -4.62
CA LEU M 2122 -9.83 31.56 -5.87
C LEU M 2122 -10.05 30.11 -6.25
N PRO M 2123 -11.25 29.77 -6.76
CA PRO M 2123 -11.42 28.46 -7.39
C PRO M 2123 -10.95 28.50 -8.83
N SER M 2124 -9.83 29.19 -9.04
CA SER M 2124 -9.07 29.13 -10.27
C SER M 2124 -8.09 27.97 -10.23
N TRP M 2125 -8.20 27.13 -9.21
CA TRP M 2125 -7.38 25.94 -8.96
C TRP M 2125 -5.98 26.33 -8.52
N MET M 2126 -5.68 27.62 -8.37
CA MET M 2126 -4.43 27.95 -7.70
C MET M 2126 -4.45 27.45 -6.26
N LYS M 2127 -5.64 27.31 -5.68
CA LYS M 2127 -5.79 26.50 -4.48
C LYS M 2127 -5.45 25.05 -4.78
N PHE M 2128 -6.04 24.51 -5.87
CA PHE M 2128 -5.82 23.11 -6.21
C PHE M 2128 -4.37 22.85 -6.57
N LEU M 2129 -3.79 23.71 -7.41
CA LEU M 2129 -2.38 23.54 -7.75
C LEU M 2129 -1.49 23.86 -6.57
N HIS M 2130 -1.92 24.75 -5.68
CA HIS M 2130 -1.15 25.04 -4.48
C HIS M 2130 -1.03 23.79 -3.63
N GLY M 2131 -2.14 23.08 -3.44
CA GLY M 2131 -2.08 21.81 -2.75
C GLY M 2131 -1.32 20.76 -3.54
N LYS M 2132 -1.46 20.78 -4.86
CA LYS M 2132 -0.81 19.78 -5.70
C LYS M 2132 0.69 19.84 -5.59
N LEU M 2133 1.26 21.03 -5.74
CA LEU M 2133 2.69 21.21 -5.65
C LEU M 2133 3.18 21.40 -4.23
N GLY M 2134 2.28 21.63 -3.27
CA GLY M 2134 2.68 21.64 -1.88
C GLY M 2134 3.14 20.28 -1.41
N ASN M 2135 2.39 19.25 -1.76
CA ASN M 2135 2.85 17.90 -1.49
C ASN M 2135 4.07 17.59 -2.35
N PRO M 2136 5.14 17.02 -1.79
CA PRO M 2136 6.27 16.60 -2.63
C PRO M 2136 6.06 15.26 -3.30
N ILE M 2137 4.99 14.54 -2.95
CA ILE M 2137 4.75 13.23 -3.54
C ILE M 2137 4.38 13.34 -5.01
N VAL M 2138 4.01 14.53 -5.47
CA VAL M 2138 3.76 14.75 -6.90
C VAL M 2138 5.03 14.42 -7.68
N PRO M 2139 4.93 13.75 -8.83
CA PRO M 2139 6.14 13.28 -9.53
C PRO M 2139 7.02 14.42 -10.01
N LEU M 2140 8.31 14.11 -10.14
CA LEU M 2140 9.31 15.14 -10.44
C LEU M 2140 9.02 15.82 -11.77
N ASN M 2141 8.65 15.06 -12.79
CA ASN M 2141 8.32 15.67 -14.07
C ASN M 2141 7.15 16.65 -13.92
N ILE M 2142 6.14 16.27 -13.15
CA ILE M 2142 5.00 17.15 -12.93
C ILE M 2142 5.42 18.41 -12.18
N ARG M 2143 6.28 18.27 -11.17
CA ARG M 2143 6.76 19.44 -10.46
C ARG M 2143 7.54 20.34 -11.39
N LEU M 2144 8.33 19.76 -12.29
CA LEU M 2144 9.06 20.55 -13.28
C LEU M 2144 8.09 21.33 -14.16
N PHE M 2145 7.05 20.65 -14.64
CA PHE M 2145 6.05 21.33 -15.48
C PHE M 2145 5.45 22.51 -14.74
N LEU M 2146 4.98 22.26 -13.51
CA LEU M 2146 4.30 23.29 -12.74
C LEU M 2146 5.24 24.45 -12.44
N ALA M 2147 6.48 24.16 -12.05
CA ALA M 2147 7.43 25.21 -11.70
C ALA M 2147 7.79 26.05 -12.92
N LYS M 2148 8.08 25.38 -14.05
CA LYS M 2148 8.43 26.13 -15.26
C LYS M 2148 7.27 27.01 -15.70
N LEU M 2149 6.04 26.52 -15.55
CA LEU M 2149 4.89 27.33 -15.93
C LEU M 2149 4.73 28.52 -14.99
N VAL M 2150 4.78 28.28 -13.68
CA VAL M 2150 4.54 29.34 -12.72
C VAL M 2150 5.67 30.36 -12.73
N ILE M 2151 6.84 29.99 -13.24
CA ILE M 2151 7.92 30.96 -13.38
C ILE M 2151 7.49 32.10 -14.29
N ASN M 2152 6.85 31.77 -15.41
CA ASN M 2152 6.47 32.77 -16.38
C ASN M 2152 5.45 33.76 -15.84
N THR M 2153 4.76 33.41 -14.76
CA THR M 2153 3.75 34.30 -14.21
C THR M 2153 3.67 34.15 -12.70
N GLU M 2154 3.95 35.24 -11.98
CA GLU M 2154 3.70 35.31 -10.56
C GLU M 2154 3.06 36.63 -10.13
N GLU M 2155 3.14 37.67 -10.97
CA GLU M 2155 2.47 38.93 -10.68
C GLU M 2155 0.96 38.78 -10.63
N VAL M 2156 0.42 37.75 -11.28
CA VAL M 2156 -1.03 37.55 -11.27
C VAL M 2156 -1.53 37.25 -9.87
N PHE M 2157 -0.76 36.51 -9.08
CA PHE M 2157 -1.16 36.12 -7.73
C PHE M 2157 -0.24 36.71 -6.67
N ARG M 2158 0.13 37.97 -6.82
CA ARG M 2158 0.88 38.63 -5.76
C ARG M 2158 0.18 38.54 -4.41
N PRO M 2159 -1.12 38.90 -4.27
CA PRO M 2159 -1.76 38.70 -2.97
C PRO M 2159 -2.20 37.26 -2.80
N TYR M 2160 -1.35 36.36 -3.26
CA TYR M 2160 -1.38 34.94 -2.91
C TYR M 2160 0.02 34.39 -2.74
N ALA M 2161 1.06 35.14 -3.13
CA ALA M 2161 2.42 34.69 -2.90
C ALA M 2161 2.69 34.49 -1.42
N LYS M 2162 1.98 35.22 -0.56
CA LYS M 2162 2.07 35.04 0.88
C LYS M 2162 1.75 33.61 1.31
N HIS M 2163 1.23 32.78 0.41
CA HIS M 2163 1.14 31.35 0.61
C HIS M 2163 2.06 30.56 -0.30
N TRP M 2164 2.30 31.07 -1.51
CA TRP M 2164 3.09 30.35 -2.49
C TRP M 2164 4.50 30.06 -2.01
N LEU M 2165 5.01 30.82 -1.04
CA LEU M 2165 6.34 30.56 -0.53
C LEU M 2165 6.44 29.19 0.10
N SER M 2166 5.32 28.65 0.60
CA SER M 2166 5.40 27.39 1.35
C SER M 2166 5.68 26.20 0.45
N PRO M 2167 4.98 25.97 -0.68
CA PRO M 2167 5.33 24.81 -1.51
C PRO M 2167 6.74 24.91 -2.07
N LEU M 2168 7.01 26.00 -2.77
CA LEU M 2168 8.31 26.19 -3.41
C LEU M 2168 9.46 25.95 -2.44
N LEU M 2169 9.29 26.41 -1.20
CA LEU M 2169 10.35 26.24 -0.20
C LEU M 2169 10.68 24.78 -0.01
N GLN M 2170 9.67 23.95 0.26
CA GLN M 2170 9.90 22.53 0.36
C GLN M 2170 10.27 21.93 -0.99
N LEU M 2171 9.87 22.58 -2.08
CA LEU M 2171 10.43 22.23 -3.37
C LEU M 2171 11.88 22.67 -3.45
N ALA M 2172 12.18 23.89 -2.98
CA ALA M 2172 13.58 24.32 -2.92
C ALA M 2172 14.38 23.47 -1.95
N ALA M 2173 13.72 22.86 -0.98
CA ALA M 2173 14.40 21.99 -0.01
C ALA M 2173 14.91 20.75 -0.73
N SER M 2174 16.23 20.66 -0.90
CA SER M 2174 16.90 19.48 -1.45
C SER M 2174 16.31 19.06 -2.80
N GLU M 2175 16.12 20.06 -3.65
CA GLU M 2175 15.64 19.79 -4.99
C GLU M 2175 16.61 18.93 -5.79
N ASN M 2176 16.03 18.12 -6.66
CA ASN M 2176 16.77 17.15 -7.46
C ASN M 2176 16.30 17.26 -8.90
N GLY M 2179 14.60 15.33 -16.86
CA GLY M 2179 15.76 15.99 -16.30
C GLY M 2179 16.54 16.76 -17.36
N GLU M 2180 16.79 18.05 -17.08
CA GLU M 2180 17.51 18.89 -18.02
C GLU M 2180 18.49 19.84 -17.34
N GLY M 2181 18.92 19.54 -16.12
CA GLY M 2181 19.81 20.43 -15.40
C GLY M 2181 19.10 21.10 -14.25
N ILE M 2182 19.32 20.58 -13.04
CA ILE M 2182 18.55 21.03 -11.88
C ILE M 2182 18.83 22.49 -11.58
N HIS M 2183 20.12 22.88 -11.62
CA HIS M 2183 20.49 24.21 -11.15
C HIS M 2183 19.91 25.31 -12.02
N TYR M 2184 19.66 25.04 -13.30
CA TYR M 2184 18.94 25.99 -14.14
C TYR M 2184 17.67 26.45 -13.44
N MET M 2185 16.75 25.51 -13.25
CA MET M 2185 15.47 25.85 -12.64
C MET M 2185 15.67 26.26 -11.19
N VAL M 2186 16.70 25.75 -10.52
CA VAL M 2186 16.94 26.13 -9.13
C VAL M 2186 17.18 27.63 -9.02
N VAL M 2187 18.11 28.14 -9.81
CA VAL M 2187 18.40 29.57 -9.75
C VAL M 2187 17.22 30.36 -10.28
N GLU M 2188 16.55 29.84 -11.32
CA GLU M 2188 15.40 30.54 -11.87
C GLU M 2188 14.32 30.74 -10.81
N ILE M 2189 13.99 29.67 -10.09
CA ILE M 2189 12.90 29.75 -9.12
C ILE M 2189 13.31 30.60 -7.92
N VAL M 2190 14.57 30.49 -7.47
CA VAL M 2190 14.94 31.28 -6.31
C VAL M 2190 14.91 32.77 -6.64
N ALA M 2191 15.33 33.13 -7.87
CA ALA M 2191 15.21 34.52 -8.28
C ALA M 2191 13.75 34.93 -8.37
N THR M 2192 12.89 34.04 -8.88
CA THR M 2192 11.47 34.36 -8.93
C THR M 2192 10.92 34.61 -7.52
N ILE M 2193 11.35 33.79 -6.56
CA ILE M 2193 10.90 33.97 -5.18
C ILE M 2193 11.33 35.33 -4.66
N LEU M 2194 12.61 35.65 -4.82
CA LEU M 2194 13.13 36.88 -4.27
C LEU M 2194 12.75 38.10 -5.09
N SER M 2195 12.01 37.91 -6.19
CA SER M 2195 11.50 39.05 -6.95
C SER M 2195 10.67 39.98 -6.08
N TRP M 2196 10.04 39.43 -5.04
CA TRP M 2196 9.42 40.23 -4.00
C TRP M 2196 10.15 40.04 -2.69
N THR M 2197 10.06 41.04 -1.85
CA THR M 2197 10.59 40.93 -0.50
C THR M 2197 9.56 41.25 0.57
N GLY M 2198 8.71 42.24 0.33
CA GLY M 2198 7.66 42.58 1.26
C GLY M 2198 6.39 41.80 1.12
N LEU M 2199 6.25 41.03 0.03
CA LEU M 2199 5.03 40.25 -0.15
C LEU M 2199 4.91 39.15 0.90
N ALA M 2200 6.02 38.49 1.23
CA ALA M 2200 6.01 37.43 2.23
C ALA M 2200 7.41 37.25 2.77
N THR M 2201 7.50 36.57 3.92
CA THR M 2201 8.76 36.29 4.56
C THR M 2201 8.80 34.83 5.00
N PRO M 2202 9.95 34.18 4.93
CA PRO M 2202 10.06 32.77 5.33
C PRO M 2202 10.40 32.60 6.81
N THR M 2203 9.59 33.21 7.67
CA THR M 2203 9.79 33.09 9.10
C THR M 2203 8.51 32.87 9.88
N GLY M 2204 7.35 32.82 9.24
CA GLY M 2204 6.10 32.67 9.97
C GLY M 2204 6.00 31.35 10.70
N VAL M 2205 6.33 30.27 10.01
CA VAL M 2205 6.30 28.93 10.63
C VAL M 2205 7.73 28.37 10.68
N PRO M 2206 8.31 28.25 11.88
CA PRO M 2206 9.75 27.96 12.02
C PRO M 2206 10.31 26.96 11.02
N LYS M 2207 9.48 26.01 10.60
CA LYS M 2207 9.89 25.10 9.54
C LYS M 2207 10.31 25.86 8.28
N ASP M 2208 9.70 27.03 8.03
CA ASP M 2208 10.06 27.75 6.82
C ASP M 2208 11.49 28.23 6.86
N GLU M 2209 11.90 28.86 7.97
CA GLU M 2209 13.27 29.31 8.10
C GLU M 2209 14.24 28.14 8.22
N VAL M 2210 13.79 27.02 8.79
CA VAL M 2210 14.63 25.83 8.82
C VAL M 2210 14.94 25.36 7.40
N LEU M 2211 13.90 25.22 6.57
CA LEU M 2211 14.12 24.78 5.19
C LEU M 2211 14.95 25.79 4.42
N ALA M 2212 14.71 27.08 4.68
CA ALA M 2212 15.50 28.12 4.02
C ALA M 2212 16.98 27.98 4.37
N ASN M 2213 17.29 27.80 5.64
CA ASN M 2213 18.68 27.64 6.05
C ASN M 2213 19.29 26.38 5.43
N ARG M 2214 18.52 25.29 5.40
CA ARG M 2214 19.02 24.06 4.81
C ARG M 2214 19.39 24.26 3.35
N LEU M 2215 18.51 24.88 2.58
CA LEU M 2215 18.80 25.09 1.18
C LEU M 2215 19.94 26.10 0.99
N LEU M 2216 20.07 27.07 1.91
CA LEU M 2216 21.23 27.95 1.86
C LEU M 2216 22.51 27.14 1.97
N ASN M 2217 22.56 26.22 2.93
CA ASN M 2217 23.74 25.37 3.07
C ASN M 2217 23.94 24.52 1.82
N PHE M 2218 22.84 23.99 1.27
CA PHE M 2218 22.93 23.18 0.05
C PHE M 2218 23.61 23.95 -1.06
N LEU M 2219 23.11 25.16 -1.35
CA LEU M 2219 23.64 25.92 -2.46
C LEU M 2219 25.07 26.38 -2.18
N MET M 2220 25.39 26.69 -0.92
CA MET M 2220 26.77 26.98 -0.58
C MET M 2220 27.66 25.79 -0.90
N LYS M 2221 27.15 24.58 -0.67
CA LYS M 2221 27.88 23.39 -1.12
C LYS M 2221 27.83 23.25 -2.63
N HIS M 2222 26.78 23.74 -3.27
CA HIS M 2222 26.64 23.64 -4.72
C HIS M 2222 27.31 24.78 -5.48
N VAL M 2223 27.68 25.87 -4.79
CA VAL M 2223 28.07 27.08 -5.49
C VAL M 2223 29.50 26.96 -6.00
N PHE M 2224 29.68 27.13 -7.30
CA PHE M 2224 30.97 27.24 -7.98
C PHE M 2224 30.73 27.55 -9.44
N HIS M 2225 31.64 28.33 -10.03
CA HIS M 2225 31.63 28.51 -11.47
C HIS M 2225 33.06 28.72 -11.91
N PRO M 2226 33.52 27.97 -12.92
CA PRO M 2226 34.80 28.34 -13.56
C PRO M 2226 34.74 29.71 -14.19
N LYS M 2227 33.56 30.17 -14.60
CA LYS M 2227 33.41 31.51 -15.14
C LYS M 2227 33.58 32.59 -14.07
N ARG M 2228 33.56 32.21 -12.80
CA ARG M 2228 34.00 32.99 -11.64
C ARG M 2228 33.36 34.37 -11.59
N ALA M 2229 32.38 34.61 -12.47
CA ALA M 2229 31.60 35.83 -12.47
C ALA M 2229 30.13 35.54 -12.24
N VAL M 2230 29.57 34.60 -13.02
CA VAL M 2230 28.28 34.03 -12.65
C VAL M 2230 28.39 33.38 -11.28
N PHE M 2231 29.56 32.84 -10.94
CA PHE M 2231 29.83 32.44 -9.57
C PHE M 2231 29.64 33.61 -8.62
N ARG M 2232 30.41 34.69 -8.84
CA ARG M 2232 30.25 35.89 -8.03
C ARG M 2232 28.84 36.46 -8.14
N HIS M 2233 28.21 36.29 -9.29
CA HIS M 2233 26.82 36.73 -9.44
C HIS M 2233 25.91 36.02 -8.44
N ASN M 2234 26.05 34.70 -8.35
CA ASN M 2234 25.27 33.96 -7.37
C ASN M 2234 25.65 34.35 -5.96
N LEU M 2235 26.93 34.62 -5.71
CA LEU M 2235 27.34 35.04 -4.38
C LEU M 2235 26.66 36.35 -3.99
N GLU M 2236 26.60 37.29 -4.93
CA GLU M 2236 25.90 38.54 -4.66
C GLU M 2236 24.40 38.32 -4.50
N ILE M 2237 23.84 37.34 -5.22
CA ILE M 2237 22.45 36.97 -5.01
C ILE M 2237 22.24 36.54 -3.57
N ILE M 2238 23.13 35.68 -3.09
CA ILE M 2238 23.04 35.19 -1.71
C ILE M 2238 23.16 36.35 -0.74
N LYS M 2239 24.09 37.27 -1.00
CA LYS M 2239 24.24 38.46 -0.18
C LYS M 2239 22.92 39.22 -0.09
N THR M 2240 22.30 39.49 -1.25
CA THR M 2240 21.06 40.25 -1.27
C THR M 2240 19.97 39.54 -0.50
N LEU M 2241 19.83 38.23 -0.70
CA LEU M 2241 18.73 37.53 -0.06
C LEU M 2241 18.94 37.37 1.44
N VAL M 2242 20.19 37.18 1.89
CA VAL M 2242 20.40 37.11 3.33
C VAL M 2242 20.17 38.47 3.96
N GLU M 2243 20.52 39.54 3.27
CA GLU M 2243 20.29 40.86 3.84
C GLU M 2243 18.82 41.24 3.82
N CYS M 2244 18.05 40.74 2.85
CA CYS M 2244 16.67 41.18 2.72
C CYS M 2244 15.78 40.63 3.84
N TRP M 2245 16.24 39.62 4.58
CA TRP M 2245 15.49 39.11 5.71
C TRP M 2245 16.22 39.36 7.03
N LYS M 2246 17.43 38.82 7.17
CA LYS M 2246 18.24 38.97 8.39
C LYS M 2246 17.46 38.61 9.65
N ASP M 2247 16.41 37.81 9.52
CA ASP M 2247 15.56 37.46 10.65
C ASP M 2247 15.18 35.99 10.70
N CYS M 2248 15.35 35.24 9.62
CA CYS M 2248 14.98 33.83 9.56
C CYS M 2248 16.16 32.98 9.15
N LEU M 2249 17.37 33.42 9.48
CA LEU M 2249 18.59 32.84 8.96
C LEU M 2249 19.54 32.45 10.08
N SER M 2250 20.27 31.37 9.85
CA SER M 2250 21.30 30.90 10.77
C SER M 2250 22.61 30.71 10.02
N ILE M 2251 23.72 30.80 10.73
CA ILE M 2251 25.06 30.75 10.15
C ILE M 2251 25.69 29.43 10.54
N PRO M 2252 26.12 28.59 9.59
CA PRO M 2252 26.74 27.32 9.97
C PRO M 2252 28.03 27.48 10.76
N TYR M 2253 28.99 28.24 10.23
CA TYR M 2253 30.29 28.51 10.84
C TYR M 2253 31.18 27.27 10.80
N ARG M 2254 30.63 26.14 10.35
CA ARG M 2254 31.39 24.90 10.24
C ARG M 2254 31.74 24.59 8.80
N LEU M 2255 30.74 24.60 7.92
CA LEU M 2255 31.02 24.61 6.49
C LEU M 2255 31.89 25.81 6.15
N ILE M 2256 31.62 26.94 6.78
CA ILE M 2256 32.42 28.15 6.57
C ILE M 2256 33.87 27.89 6.95
N PHE M 2257 34.08 27.23 8.10
CA PHE M 2257 35.44 27.05 8.61
C PHE M 2257 36.28 26.23 7.63
N GLU M 2258 35.76 25.08 7.21
CA GLU M 2258 36.49 24.28 6.24
C GLU M 2258 36.57 24.97 4.89
N LYS M 2259 35.60 25.84 4.58
CA LYS M 2259 35.59 26.49 3.27
C LYS M 2259 36.72 27.51 3.15
N PHE M 2260 36.93 28.33 4.19
CA PHE M 2260 38.09 29.21 4.11
C PHE M 2260 39.37 28.50 4.49
N SER M 2261 39.27 27.40 5.23
CA SER M 2261 40.47 26.65 5.62
C SER M 2261 40.94 25.75 4.50
N GLY M 2262 40.08 24.82 4.07
CA GLY M 2262 40.44 23.92 2.99
C GLY M 2262 41.65 23.08 3.35
N LYS M 2263 42.49 22.83 2.36
CA LYS M 2263 43.73 22.09 2.57
C LYS M 2263 44.86 22.98 3.07
N ASP M 2264 44.57 24.25 3.32
CA ASP M 2264 45.60 25.24 3.65
C ASP M 2264 46.69 25.26 2.57
N PRO M 2265 46.32 25.51 1.31
CA PRO M 2265 47.26 25.31 0.22
C PRO M 2265 48.22 26.48 0.05
N ASN M 2266 49.33 26.19 -0.61
CA ASN M 2266 50.13 27.26 -1.18
C ASN M 2266 49.30 28.05 -2.19
N SER M 2267 48.55 27.34 -3.04
CA SER M 2267 47.73 27.94 -4.07
C SER M 2267 46.44 28.47 -3.46
N LYS M 2268 45.47 28.81 -4.31
CA LYS M 2268 44.22 29.41 -3.90
C LYS M 2268 43.06 28.50 -4.31
N ASP M 2269 42.56 27.74 -3.35
CA ASP M 2269 41.36 26.94 -3.58
C ASP M 2269 40.30 27.15 -2.52
N ASN M 2270 40.71 27.31 -1.25
CA ASN M 2270 39.78 27.66 -0.19
C ASN M 2270 39.39 29.13 -0.22
N SER M 2271 40.00 29.91 -1.11
CA SER M 2271 39.70 31.33 -1.20
C SER M 2271 38.23 31.58 -1.45
N VAL M 2272 37.54 30.62 -2.07
CA VAL M 2272 36.10 30.77 -2.28
C VAL M 2272 35.39 30.95 -0.94
N GLY M 2273 35.73 30.12 0.05
CA GLY M 2273 35.19 30.33 1.38
C GLY M 2273 35.51 31.71 1.90
N ILE M 2274 36.71 32.19 1.60
CA ILE M 2274 37.10 33.56 1.96
C ILE M 2274 36.06 34.55 1.45
N GLN M 2275 35.68 34.40 0.18
CA GLN M 2275 34.70 35.32 -0.39
C GLN M 2275 33.38 35.25 0.36
N LEU M 2276 32.99 34.04 0.77
CA LEU M 2276 31.76 33.88 1.53
C LEU M 2276 31.80 34.77 2.77
N LEU M 2277 32.97 34.85 3.40
CA LEU M 2277 33.12 35.66 4.61
C LEU M 2277 32.70 37.10 4.36
N GLY M 2278 33.04 37.63 3.17
CA GLY M 2278 32.63 38.99 2.85
C GLY M 2278 31.13 39.17 2.94
N ILE M 2279 30.37 38.22 2.38
CA ILE M 2279 28.93 38.28 2.50
C ILE M 2279 28.53 38.30 3.96
N VAL M 2280 29.19 37.47 4.78
CA VAL M 2280 28.85 37.38 6.18
C VAL M 2280 28.94 38.73 6.87
N MET M 2281 29.83 39.59 6.38
CA MET M 2281 29.94 40.91 6.99
C MET M 2281 29.46 42.01 6.07
N ALA M 2282 29.05 41.69 4.83
CA ALA M 2282 28.11 42.58 4.20
C ALA M 2282 26.85 42.68 5.03
N ASN M 2283 26.57 41.63 5.80
CA ASN M 2283 25.64 41.69 6.91
C ASN M 2283 26.22 42.53 8.04
N ASP M 2284 25.36 43.30 8.69
CA ASP M 2284 25.76 44.06 9.87
C ASP M 2284 25.83 43.21 11.13
N LEU M 2285 25.46 41.93 11.04
CA LEU M 2285 25.43 41.06 12.19
C LEU M 2285 26.83 40.84 12.74
N PRO M 2286 26.95 40.46 14.01
CA PRO M 2286 28.26 40.10 14.56
C PRO M 2286 28.92 39.04 13.70
N PRO M 2287 30.19 39.25 13.34
CA PRO M 2287 30.84 38.35 12.37
C PRO M 2287 30.88 36.90 12.80
N TYR M 2288 31.01 36.62 14.09
CA TYR M 2288 31.12 35.25 14.57
C TYR M 2288 30.14 35.01 15.70
N ASP M 2289 29.57 33.81 15.72
CA ASP M 2289 28.78 33.32 16.83
C ASP M 2289 29.44 32.07 17.36
N PRO M 2290 29.87 32.05 18.61
CA PRO M 2290 30.40 30.82 19.22
C PRO M 2290 29.32 29.97 19.86
N GLN M 2291 28.23 29.74 19.11
CA GLN M 2291 27.17 28.86 19.62
C GLN M 2291 27.72 27.47 19.86
N CYS M 2292 28.40 26.90 18.87
CA CYS M 2292 29.46 25.92 19.05
C CYS M 2292 30.67 26.22 18.19
N GLY M 2293 30.52 26.87 17.04
CA GLY M 2293 31.59 27.10 16.09
C GLY M 2293 32.41 25.85 15.86
N ILE M 2294 33.73 26.02 15.86
CA ILE M 2294 34.63 24.87 15.86
C ILE M 2294 35.42 24.91 17.15
N GLN M 2295 36.11 26.04 17.39
CA GLN M 2295 36.76 26.26 18.67
C GLN M 2295 36.55 27.66 19.23
N SER M 2296 36.13 28.63 18.43
CA SER M 2296 35.73 29.97 18.84
C SER M 2296 36.88 30.79 19.43
N SER M 2297 38.08 30.21 19.57
CA SER M 2297 39.23 30.93 20.10
C SER M 2297 40.30 31.14 19.04
N GLU M 2298 40.81 30.05 18.45
CA GLU M 2298 41.62 30.12 17.25
C GLU M 2298 40.79 29.86 16.01
N TYR M 2299 39.47 30.06 16.10
CA TYR M 2299 38.60 29.96 14.94
C TYR M 2299 39.09 30.88 13.83
N PHE M 2300 39.70 31.99 14.20
CA PHE M 2300 40.21 32.98 13.25
C PHE M 2300 41.70 32.82 13.01
N GLN M 2301 42.36 31.88 13.70
CA GLN M 2301 43.76 31.59 13.40
C GLN M 2301 43.90 31.01 12.01
N ALA M 2302 42.96 30.13 11.63
CA ALA M 2302 42.97 29.60 10.27
C ALA M 2302 42.84 30.72 9.24
N LEU M 2303 42.20 31.82 9.61
CA LEU M 2303 42.08 32.95 8.69
C LEU M 2303 43.43 33.51 8.30
N VAL M 2304 44.26 33.85 9.30
CA VAL M 2304 45.58 34.39 8.99
C VAL M 2304 46.49 33.30 8.45
N ASN M 2305 46.22 32.03 8.80
CA ASN M 2305 46.96 30.93 8.22
C ASN M 2305 46.75 30.89 6.71
N ASN M 2306 45.48 31.00 6.28
CA ASN M 2306 45.19 31.04 4.85
C ASN M 2306 45.76 32.31 4.23
N MET M 2307 45.69 33.43 4.96
CA MET M 2307 46.23 34.68 4.45
C MET M 2307 47.74 34.59 4.25
N SER M 2308 48.44 33.85 5.11
CA SER M 2308 49.88 33.73 5.01
C SER M 2308 50.30 33.10 3.69
N PHE M 2309 49.44 32.28 3.10
CA PHE M 2309 49.80 31.58 1.87
C PHE M 2309 49.92 32.56 0.72
N VAL M 2310 51.04 32.49 0.01
CA VAL M 2310 51.32 33.38 -1.12
C VAL M 2310 51.69 32.50 -2.31
N ARG M 2311 50.69 32.13 -3.10
CA ARG M 2311 50.91 31.79 -4.49
C ARG M 2311 50.25 32.79 -5.41
N TYR M 2312 49.23 33.49 -4.94
CA TYR M 2312 48.60 34.55 -5.69
C TYR M 2312 48.33 35.74 -4.76
N LYS M 2313 48.28 36.92 -5.37
CA LYS M 2313 47.98 38.12 -4.61
C LYS M 2313 46.57 38.07 -4.03
N GLU M 2314 45.66 37.37 -4.72
CA GLU M 2314 44.26 37.38 -4.33
C GLU M 2314 44.07 36.81 -2.94
N VAL M 2315 44.83 35.78 -2.58
CA VAL M 2315 44.63 35.05 -1.33
C VAL M 2315 44.70 36.02 -0.17
N TYR M 2316 45.90 36.58 0.05
CA TYR M 2316 46.07 37.50 1.16
C TYR M 2316 45.38 38.82 0.89
N ALA M 2317 45.12 39.17 -0.37
CA ALA M 2317 44.35 40.39 -0.64
C ALA M 2317 42.96 40.30 -0.03
N ALA M 2318 42.18 39.31 -0.45
CA ALA M 2318 40.83 39.14 0.10
C ALA M 2318 40.88 38.81 1.59
N ALA M 2319 41.91 38.09 2.02
CA ALA M 2319 42.01 37.78 3.44
C ALA M 2319 42.19 39.05 4.27
N ALA M 2320 43.14 39.90 3.87
CA ALA M 2320 43.31 41.18 4.54
C ALA M 2320 42.05 42.02 4.46
N GLU M 2321 41.35 41.97 3.32
CA GLU M 2321 40.04 42.60 3.23
C GLU M 2321 39.18 42.19 4.43
N VAL M 2322 38.92 40.90 4.54
CA VAL M 2322 37.96 40.44 5.54
C VAL M 2322 38.49 40.67 6.95
N LEU M 2323 39.80 40.54 7.18
CA LEU M 2323 40.32 40.71 8.54
C LEU M 2323 40.30 42.18 8.97
N GLY M 2324 40.65 43.09 8.07
CA GLY M 2324 40.48 44.49 8.40
C GLY M 2324 39.02 44.84 8.65
N LEU M 2325 38.13 44.20 7.89
CA LEU M 2325 36.71 44.40 8.12
C LEU M 2325 36.31 43.90 9.50
N ILE M 2326 36.87 42.75 9.91
CA ILE M 2326 36.70 42.24 11.27
C ILE M 2326 37.08 43.33 12.25
N LEU M 2327 38.27 43.90 12.06
CA LEU M 2327 38.79 44.92 12.96
C LEU M 2327 37.87 46.13 13.01
N ARG M 2328 37.17 46.42 11.92
CA ARG M 2328 36.13 47.45 11.98
C ARG M 2328 34.78 46.89 12.40
N TYR M 2329 34.66 45.58 12.58
CA TYR M 2329 33.36 45.04 12.96
C TYR M 2329 33.41 43.94 14.00
N VAL M 2330 34.54 43.72 14.66
CA VAL M 2330 34.51 42.87 15.85
C VAL M 2330 33.73 43.63 16.93
N MET M 2331 32.66 43.00 17.42
CA MET M 2331 31.62 43.67 18.21
C MET M 2331 31.20 44.98 17.57
N GLU M 2332 31.32 45.07 16.24
CA GLU M 2332 30.96 46.26 15.48
C GLU M 2332 31.55 47.52 16.12
N ARG M 2333 32.74 47.39 16.69
CA ARG M 2333 33.47 48.46 17.37
C ARG M 2333 32.76 48.99 18.60
N LYS M 2334 31.64 48.39 19.01
CA LYS M 2334 31.05 48.79 20.28
C LYS M 2334 31.79 48.18 21.46
N ASN M 2335 32.71 47.26 21.19
CA ASN M 2335 33.51 46.59 22.21
C ASN M 2335 34.68 45.92 21.52
N ILE M 2336 35.78 45.79 22.24
CA ILE M 2336 36.96 45.07 21.76
C ILE M 2336 37.46 44.18 22.89
N LEU M 2337 37.05 42.91 22.87
CA LEU M 2337 37.66 41.88 23.71
C LEU M 2337 38.49 40.91 22.92
N GLU M 2338 38.29 40.82 21.60
CA GLU M 2338 39.12 40.01 20.72
C GLU M 2338 40.32 40.78 20.21
N GLU M 2339 40.78 41.78 20.96
CA GLU M 2339 42.05 42.43 20.66
C GLU M 2339 43.19 41.43 20.63
N SER M 2340 43.04 40.30 21.30
CA SER M 2340 44.00 39.21 21.17
C SER M 2340 44.10 38.74 19.73
N LEU M 2341 42.96 38.67 19.03
CA LEU M 2341 42.98 38.29 17.63
C LEU M 2341 43.75 39.33 16.80
N CYS M 2342 43.57 40.60 17.12
CA CYS M 2342 44.35 41.65 16.46
C CYS M 2342 45.83 41.47 16.76
N GLU M 2343 46.16 41.03 17.97
CA GLU M 2343 47.55 40.73 18.27
C GLU M 2343 48.06 39.58 17.42
N LEU M 2344 47.22 38.56 17.21
CA LEU M 2344 47.61 37.45 16.35
C LEU M 2344 47.90 37.93 14.94
N VAL M 2345 47.03 38.78 14.40
CA VAL M 2345 47.24 39.26 13.04
C VAL M 2345 48.48 40.16 12.98
N ALA M 2346 48.72 40.93 14.04
CA ALA M 2346 49.93 41.75 14.10
C ALA M 2346 51.18 40.89 14.12
N LYS M 2347 51.16 39.81 14.90
CA LYS M 2347 52.31 38.90 14.92
C LYS M 2347 52.50 38.27 13.55
N GLN M 2348 51.41 37.89 12.89
CA GLN M 2348 51.55 37.40 11.52
C GLN M 2348 52.20 38.46 10.63
N LEU M 2349 51.81 39.71 10.81
CA LEU M 2349 52.48 40.82 10.12
C LEU M 2349 53.97 40.77 10.37
N LYS M 2350 54.35 40.53 11.63
CA LYS M 2350 55.76 40.26 11.92
C LYS M 2350 56.20 38.94 11.30
N GLN M 2351 55.32 37.94 11.32
CA GLN M 2351 55.66 36.59 10.87
C GLN M 2351 55.82 36.58 9.35
N HIS M 2352 57.06 36.67 8.89
CA HIS M 2352 57.41 36.53 7.47
C HIS M 2352 56.86 37.68 6.61
N GLN M 2353 56.50 38.79 7.23
CA GLN M 2353 56.25 40.00 6.47
C GLN M 2353 57.02 41.19 7.03
N ASN M 2354 57.90 40.98 8.01
CA ASN M 2354 58.86 41.97 8.43
C ASN M 2354 60.25 41.70 7.87
N THR M 2355 60.35 40.74 6.95
CA THR M 2355 61.62 40.42 6.32
C THR M 2355 61.70 41.03 4.93
N MET M 2356 60.77 40.65 4.06
CA MET M 2356 60.68 41.22 2.72
C MET M 2356 59.70 42.38 2.68
N GLU M 2357 58.50 42.17 3.22
CA GLU M 2357 57.51 43.22 3.43
C GLU M 2357 56.99 43.83 2.13
N ASP M 2358 56.55 43.00 1.20
CA ASP M 2358 55.87 43.49 0.01
C ASP M 2358 54.35 43.32 0.10
N LYS M 2359 53.88 42.08 0.30
CA LYS M 2359 52.50 41.88 0.68
C LYS M 2359 52.19 42.52 2.03
N PHE M 2360 53.23 42.71 2.85
CA PHE M 2360 53.07 43.36 4.14
C PHE M 2360 52.36 44.69 4.00
N ILE M 2361 52.84 45.55 3.11
CA ILE M 2361 52.21 46.86 2.96
C ILE M 2361 50.80 46.72 2.41
N VAL M 2362 50.54 45.69 1.59
CA VAL M 2362 49.21 45.52 1.00
C VAL M 2362 48.19 45.15 2.08
N CYS M 2363 48.52 44.17 2.91
CA CYS M 2363 47.60 43.80 3.97
C CYS M 2363 47.48 44.91 4.99
N LEU M 2364 48.58 45.60 5.30
CA LEU M 2364 48.51 46.77 6.16
C LEU M 2364 47.56 47.81 5.58
N ASN M 2365 47.67 48.07 4.27
CA ASN M 2365 46.70 48.89 3.55
C ASN M 2365 45.28 48.47 3.86
N LYS M 2366 44.95 47.23 3.57
CA LYS M 2366 43.55 46.88 3.54
C LYS M 2366 42.98 46.86 4.96
N VAL M 2367 43.78 46.45 5.93
CA VAL M 2367 43.29 46.45 7.30
C VAL M 2367 43.22 47.86 7.87
N THR M 2368 44.13 48.75 7.48
CA THR M 2368 44.11 50.09 8.06
C THR M 2368 43.07 50.98 7.42
N LYS M 2369 42.65 50.68 6.18
CA LYS M 2369 41.54 51.43 5.62
C LYS M 2369 40.29 51.26 6.48
N SER M 2370 40.07 50.04 6.96
CA SER M 2370 38.96 49.76 7.87
C SER M 2370 39.34 49.92 9.33
N PHE M 2371 40.63 49.94 9.66
CA PHE M 2371 41.06 50.02 11.06
C PHE M 2371 42.36 50.79 11.13
N PRO M 2372 42.29 52.11 11.23
CA PRO M 2372 43.51 52.92 11.37
C PRO M 2372 44.39 52.47 12.53
N PRO M 2373 43.86 52.36 13.78
CA PRO M 2373 44.77 52.21 14.91
C PRO M 2373 45.49 50.87 14.98
N LEU M 2374 46.25 50.55 13.93
CA LEU M 2374 47.17 49.42 13.96
C LEU M 2374 48.54 49.71 13.36
N ALA M 2375 48.69 50.73 12.51
CA ALA M 2375 49.96 51.02 11.86
C ALA M 2375 50.98 51.63 12.82
N ASP M 2376 50.57 51.95 14.04
CA ASP M 2376 51.49 52.50 15.03
C ASP M 2376 52.68 51.58 15.25
N ARG M 2377 52.45 50.27 15.22
CA ARG M 2377 53.52 49.31 15.42
C ARG M 2377 54.51 49.26 14.27
N PHE M 2378 54.25 49.97 13.17
CA PHE M 2378 55.10 49.84 12.00
C PHE M 2378 55.43 51.18 11.37
N MET M 2379 55.24 52.29 12.10
CA MET M 2379 55.57 53.61 11.58
C MET M 2379 56.97 53.65 11.00
N ASN M 2380 57.98 53.42 11.84
CA ASN M 2380 59.34 53.34 11.37
C ASN M 2380 59.46 52.37 10.20
N ALA M 2381 58.78 51.22 10.31
CA ALA M 2381 58.79 50.24 9.24
C ALA M 2381 58.37 50.88 7.92
N VAL M 2382 57.22 51.55 7.91
CA VAL M 2382 56.78 52.16 6.66
C VAL M 2382 57.70 53.31 6.30
N PHE M 2383 58.27 53.98 7.30
CA PHE M 2383 59.28 54.99 7.02
C PHE M 2383 60.53 54.32 6.44
N PHE M 2384 60.87 53.13 6.93
CA PHE M 2384 62.07 52.45 6.46
C PHE M 2384 61.93 52.00 5.02
N LEU M 2385 60.80 51.42 4.67
CA LEU M 2385 60.62 50.79 3.37
C LEU M 2385 60.17 51.74 2.27
N LEU M 2386 59.87 52.99 2.61
CA LEU M 2386 59.46 53.94 1.57
C LEU M 2386 60.52 54.15 0.52
N PRO M 2387 61.80 54.42 0.85
CA PRO M 2387 62.80 54.53 -0.21
C PRO M 2387 62.97 53.26 -1.01
N LYS M 2388 62.73 52.10 -0.40
CA LYS M 2388 62.82 50.84 -1.14
C LYS M 2388 61.80 50.77 -2.26
N PHE M 2389 60.58 51.23 -1.99
CA PHE M 2389 59.51 51.13 -2.97
C PHE M 2389 59.47 52.35 -3.87
N HIS M 2390 59.02 52.14 -5.10
CA HIS M 2390 58.89 53.22 -6.06
C HIS M 2390 57.60 53.20 -6.86
N GLY M 2391 56.88 52.08 -6.91
CA GLY M 2391 55.67 52.02 -7.70
C GLY M 2391 54.46 52.50 -6.93
N VAL M 2392 53.30 51.88 -7.19
CA VAL M 2392 52.10 52.20 -6.44
C VAL M 2392 52.29 51.91 -4.97
N LEU M 2393 53.27 51.07 -4.64
CA LEU M 2393 53.60 50.80 -3.25
C LEU M 2393 53.82 52.09 -2.48
N LYS M 2394 54.42 53.09 -3.13
CA LYS M 2394 54.56 54.40 -2.51
C LYS M 2394 53.22 54.96 -2.07
N THR M 2395 52.23 54.96 -2.98
CA THR M 2395 50.91 55.47 -2.64
C THR M 2395 50.26 54.64 -1.55
N LEU M 2396 50.46 53.33 -1.58
CA LEU M 2396 49.96 52.46 -0.52
C LEU M 2396 50.50 52.90 0.83
N CYS M 2397 51.81 53.11 0.91
CA CYS M 2397 52.41 53.56 2.15
C CYS M 2397 51.86 54.92 2.57
N LEU M 2398 51.68 55.81 1.59
CA LEU M 2398 51.22 57.16 1.89
C LEU M 2398 49.81 57.12 2.48
N GLU M 2399 48.92 56.33 1.91
CA GLU M 2399 47.58 56.23 2.49
C GLU M 2399 47.64 55.53 3.85
N VAL M 2400 48.56 54.58 4.02
CA VAL M 2400 48.69 53.92 5.32
C VAL M 2400 49.01 54.94 6.41
N VAL M 2401 50.01 55.79 6.17
CA VAL M 2401 50.34 56.80 7.16
C VAL M 2401 49.26 57.88 7.21
N LEU M 2402 48.48 58.01 6.14
CA LEU M 2402 47.39 58.97 6.13
C LEU M 2402 46.26 58.52 7.04
N CYS M 2403 46.06 57.21 7.18
CA CYS M 2403 45.01 56.71 8.07
C CYS M 2403 45.27 57.09 9.52
N ARG M 2404 46.51 57.39 9.89
CA ARG M 2404 46.86 57.64 11.28
C ARG M 2404 46.91 59.14 11.56
N VAL M 2405 45.72 59.74 11.63
CA VAL M 2405 45.59 61.05 12.25
C VAL M 2405 45.84 60.94 13.75
N GLU M 2406 45.40 59.83 14.35
CA GLU M 2406 45.82 59.53 15.72
C GLU M 2406 47.32 59.38 15.79
N GLY M 2407 47.91 58.68 14.81
CA GLY M 2407 49.35 58.59 14.70
C GLY M 2407 50.04 59.89 14.37
N MET M 2408 49.29 60.90 13.92
CA MET M 2408 49.83 62.25 13.77
C MET M 2408 50.10 62.83 15.14
N THR M 2409 51.34 62.67 15.60
CA THR M 2409 51.92 63.43 16.69
C THR M 2409 53.05 64.34 16.22
N GLU M 2410 54.02 63.75 15.53
CA GLU M 2410 55.05 64.52 14.81
C GLU M 2410 55.57 63.64 13.69
N LEU M 2411 55.23 63.99 12.46
CA LEU M 2411 55.73 63.30 11.29
C LEU M 2411 56.42 64.21 10.30
N TYR M 2412 56.40 65.53 10.53
CA TYR M 2412 57.06 66.46 9.63
C TYR M 2412 58.55 66.14 9.51
N PHE M 2413 59.21 65.91 10.65
CA PHE M 2413 60.60 65.50 10.63
C PHE M 2413 60.76 64.16 9.95
N GLN M 2414 59.83 63.24 10.17
CA GLN M 2414 59.88 61.95 9.50
C GLN M 2414 59.81 62.12 7.98
N LEU M 2415 58.79 62.81 7.50
CA LEU M 2415 58.60 62.93 6.06
C LEU M 2415 59.73 63.70 5.40
N LYS M 2416 60.23 64.75 6.06
CA LYS M 2416 61.37 65.47 5.49
C LYS M 2416 62.64 64.63 5.54
N SER M 2417 62.78 63.79 6.56
CA SER M 2417 63.89 62.85 6.60
C SER M 2417 63.66 61.69 5.66
N LYS M 2418 62.41 61.24 5.52
CA LYS M 2418 62.06 60.26 4.51
C LYS M 2418 61.95 60.86 3.12
N ASP M 2419 62.37 62.12 2.98
CA ASP M 2419 62.40 62.81 1.68
C ASP M 2419 61.00 62.85 1.06
N PHE M 2420 60.10 63.55 1.74
CA PHE M 2420 58.83 63.89 1.13
C PHE M 2420 59.03 64.71 -0.13
N VAL M 2421 60.16 65.43 -0.24
CA VAL M 2421 60.34 66.39 -1.33
C VAL M 2421 60.26 65.69 -2.68
N GLN M 2422 60.92 64.53 -2.80
CA GLN M 2422 60.94 63.86 -4.09
C GLN M 2422 59.53 63.41 -4.50
N VAL M 2423 58.78 62.84 -3.56
CA VAL M 2423 57.46 62.30 -3.92
C VAL M 2423 56.48 63.43 -4.20
N MET M 2424 56.52 64.50 -3.40
CA MET M 2424 55.65 65.63 -3.67
C MET M 2424 56.04 66.34 -4.95
N ARG M 2425 57.33 66.35 -5.30
CA ARG M 2425 57.74 66.78 -6.63
C ARG M 2425 57.43 65.72 -7.68
N HIS M 2426 57.42 64.45 -7.28
CA HIS M 2426 57.13 63.37 -8.22
C HIS M 2426 55.66 63.41 -8.59
N ARG M 2427 55.37 63.96 -9.77
CA ARG M 2427 54.00 64.25 -10.18
C ARG M 2427 53.22 63.01 -10.59
N ASP M 2428 52.45 62.45 -9.67
CA ASP M 2428 51.46 61.42 -9.97
C ASP M 2428 50.14 61.79 -9.33
N ASP M 2429 49.07 61.79 -10.13
CA ASP M 2429 47.81 62.38 -9.70
C ASP M 2429 47.31 61.75 -8.40
N GLU M 2430 47.22 60.42 -8.36
CA GLU M 2430 46.81 59.77 -7.13
C GLU M 2430 47.83 60.02 -6.02
N ARG M 2431 49.11 60.07 -6.39
CA ARG M 2431 50.15 60.26 -5.39
C ARG M 2431 50.15 61.68 -4.85
N GLN M 2432 49.94 62.66 -5.73
CA GLN M 2432 49.78 64.03 -5.25
C GLN M 2432 48.53 64.16 -4.40
N LYS M 2433 47.45 63.49 -4.79
CA LYS M 2433 46.23 63.47 -3.97
C LYS M 2433 46.53 62.99 -2.56
N VAL M 2434 47.18 61.82 -2.44
CA VAL M 2434 47.40 61.26 -1.12
C VAL M 2434 48.40 62.09 -0.32
N CYS M 2435 49.42 62.63 -0.97
CA CYS M 2435 50.36 63.52 -0.29
C CYS M 2435 49.62 64.73 0.27
N LEU M 2436 48.72 65.30 -0.52
CA LEU M 2436 48.08 66.52 -0.05
C LEU M 2436 47.06 66.20 1.03
N ASP M 2437 46.41 65.04 0.96
CA ASP M 2437 45.49 64.68 2.02
C ASP M 2437 46.25 64.41 3.31
N ILE M 2438 47.49 63.92 3.20
CA ILE M 2438 48.38 63.89 4.35
C ILE M 2438 48.61 65.32 4.86
N ILE M 2439 48.83 66.26 3.95
CA ILE M 2439 48.95 67.66 4.36
C ILE M 2439 47.67 68.14 5.05
N TYR M 2440 46.53 67.61 4.64
CA TYR M 2440 45.26 68.03 5.21
C TYR M 2440 45.09 67.51 6.63
N LYS M 2441 45.43 66.25 6.86
CA LYS M 2441 45.49 65.74 8.23
C LYS M 2441 46.68 66.33 8.99
N MET M 2442 47.57 67.04 8.30
CA MET M 2442 48.81 67.58 8.82
C MET M 2442 48.65 68.96 9.45
N MET M 2443 48.02 69.91 8.76
CA MET M 2443 48.31 71.32 9.04
C MET M 2443 48.12 71.75 10.50
N PRO M 2444 47.07 71.36 11.23
CA PRO M 2444 46.81 72.02 12.52
C PRO M 2444 47.87 71.78 13.57
N LYS M 2445 48.89 70.97 13.29
CA LYS M 2445 49.91 70.62 14.25
C LYS M 2445 51.28 71.20 13.87
N LEU M 2446 51.31 72.22 13.02
CA LEU M 2446 52.56 72.80 12.57
C LEU M 2446 52.85 74.13 13.26
N LYS M 2447 54.08 74.58 13.08
CA LYS M 2447 54.63 75.81 13.60
C LYS M 2447 54.95 76.76 12.45
N PRO M 2448 54.91 78.08 12.69
CA PRO M 2448 55.09 79.02 11.56
C PRO M 2448 56.37 78.80 10.78
N VAL M 2449 57.48 78.50 11.45
CA VAL M 2449 58.74 78.29 10.74
C VAL M 2449 58.63 77.08 9.82
N GLU M 2450 58.20 75.95 10.36
CA GLU M 2450 58.07 74.76 9.54
C GLU M 2450 56.94 74.89 8.54
N LEU M 2451 55.87 75.60 8.93
CA LEU M 2451 54.78 75.83 7.99
C LEU M 2451 55.25 76.57 6.75
N ARG M 2452 55.94 77.69 6.94
CA ARG M 2452 56.39 78.46 5.79
C ARG M 2452 57.46 77.72 5.00
N GLU M 2453 58.43 77.11 5.70
CA GLU M 2453 59.46 76.38 4.99
C GLU M 2453 58.92 75.14 4.29
N LEU M 2454 57.72 74.70 4.66
CA LEU M 2454 57.10 73.53 4.04
C LEU M 2454 56.22 73.91 2.86
N LEU M 2455 55.51 75.04 2.96
CA LEU M 2455 54.57 75.40 1.91
C LEU M 2455 55.25 75.89 0.64
N ASN M 2456 56.48 76.39 0.73
CA ASN M 2456 57.15 76.94 -0.44
C ASN M 2456 57.23 75.95 -1.59
N PRO M 2457 57.67 74.69 -1.41
CA PRO M 2457 57.68 73.75 -2.54
C PRO M 2457 56.30 73.22 -2.91
N VAL M 2458 55.27 73.50 -2.11
CA VAL M 2458 53.94 72.97 -2.39
C VAL M 2458 53.13 73.89 -3.30
N VAL M 2459 53.38 75.20 -3.27
CA VAL M 2459 52.60 76.12 -4.07
C VAL M 2459 52.83 75.92 -5.57
N GLU M 2460 53.93 75.30 -5.97
CA GLU M 2460 54.20 75.06 -7.38
C GLU M 2460 53.22 74.08 -8.00
N PHE M 2461 52.43 73.41 -7.20
CA PHE M 2461 51.42 72.46 -7.66
C PHE M 2461 50.25 73.11 -8.30
N VAL M 2462 50.25 74.42 -8.58
CA VAL M 2462 49.14 74.97 -9.36
C VAL M 2462 49.20 74.41 -10.77
N SER M 2463 48.04 74.45 -11.45
CA SER M 2463 47.92 74.11 -12.87
C SER M 2463 48.16 72.62 -13.14
N HIS M 2464 47.72 71.75 -12.23
CA HIS M 2464 47.73 70.33 -12.53
C HIS M 2464 46.78 70.04 -13.68
N PRO M 2465 47.02 68.97 -14.45
CA PRO M 2465 45.93 68.42 -15.26
C PRO M 2465 44.76 67.92 -14.42
N SER M 2466 45.02 67.55 -13.17
CA SER M 2466 43.97 67.07 -12.28
C SER M 2466 43.43 68.24 -11.47
N THR M 2467 42.14 68.52 -11.64
CA THR M 2467 41.51 69.60 -10.88
C THR M 2467 41.45 69.27 -9.41
N THR M 2468 41.34 67.99 -9.06
CA THR M 2468 41.10 67.59 -7.68
C THR M 2468 42.27 67.98 -6.78
N CYS M 2469 43.51 67.75 -7.23
CA CYS M 2469 44.66 68.08 -6.41
C CYS M 2469 44.73 69.59 -6.14
N ARG M 2470 44.48 70.39 -7.17
CA ARG M 2470 44.51 71.83 -6.99
C ARG M 2470 43.40 72.30 -6.08
N GLU M 2471 42.19 71.74 -6.23
CA GLU M 2471 41.11 72.05 -5.32
C GLU M 2471 41.49 71.72 -3.88
N GLN M 2472 42.16 70.59 -3.69
CA GLN M 2472 42.59 70.19 -2.36
C GLN M 2472 43.57 71.20 -1.78
N MET M 2473 44.55 71.64 -2.59
CA MET M 2473 45.47 72.60 -1.99
C MET M 2473 44.79 73.93 -1.78
N TYR M 2474 43.76 74.25 -2.55
CA TYR M 2474 43.02 75.48 -2.29
C TYR M 2474 42.25 75.38 -0.98
N ASN M 2475 41.79 74.18 -0.63
CA ASN M 2475 41.28 73.96 0.72
C ASN M 2475 42.37 74.26 1.75
N ILE M 2476 43.58 73.77 1.48
CA ILE M 2476 44.70 74.03 2.36
C ILE M 2476 44.91 75.54 2.52
N LEU M 2477 44.89 76.25 1.38
CA LEU M 2477 45.18 77.67 1.33
C LEU M 2477 44.12 78.47 2.07
N MET M 2478 42.85 78.12 1.88
CA MET M 2478 41.79 78.84 2.58
C MET M 2478 41.85 78.56 4.08
N TRP M 2479 42.22 77.33 4.46
CA TRP M 2479 42.45 77.07 5.89
C TRP M 2479 43.52 78.00 6.43
N ILE M 2480 44.67 78.05 5.75
CA ILE M 2480 45.77 78.90 6.21
C ILE M 2480 45.35 80.35 6.28
N HIS M 2481 44.66 80.83 5.24
CA HIS M 2481 44.14 82.18 5.22
C HIS M 2481 43.28 82.45 6.44
N ASP M 2482 42.36 81.53 6.75
CA ASP M 2482 41.52 81.69 7.92
C ASP M 2482 42.32 81.41 9.20
N ASN M 2483 43.17 80.39 9.18
CA ASN M 2483 43.93 80.05 10.38
C ASN M 2483 44.96 81.11 10.71
N TYR M 2484 45.51 81.79 9.71
CA TYR M 2484 46.55 82.79 9.91
C TYR M 2484 45.98 84.16 9.57
N ARG M 2485 45.75 84.97 10.60
CA ARG M 2485 45.43 86.38 10.44
C ARG M 2485 46.61 87.26 10.84
N ASP M 2486 47.81 86.74 10.65
CA ASP M 2486 49.02 87.42 11.08
C ASP M 2486 50.19 87.03 10.18
N THR M 2491 53.32 91.26 13.80
CA THR M 2491 53.19 89.94 14.40
C THR M 2491 54.39 89.07 14.06
N ASP M 2492 54.20 87.76 14.08
CA ASP M 2492 55.27 86.84 13.72
C ASP M 2492 55.60 86.97 12.24
N ASN M 2493 56.87 87.22 11.94
CA ASN M 2493 57.28 87.43 10.56
C ASN M 2493 57.05 86.17 9.73
N ASP M 2494 57.36 85.00 10.29
CA ASP M 2494 57.12 83.76 9.58
C ASP M 2494 55.64 83.61 9.25
N SER M 2495 54.77 83.89 10.21
CA SER M 2495 53.34 83.95 9.94
C SER M 2495 53.02 84.97 8.87
N GLN M 2496 53.76 86.09 8.85
CA GLN M 2496 53.52 87.11 7.84
C GLN M 2496 53.79 86.58 6.44
N GLU M 2497 54.94 85.93 6.23
CA GLU M 2497 55.18 85.35 4.91
C GLU M 2497 54.22 84.22 4.61
N ILE M 2498 53.83 83.45 5.62
CA ILE M 2498 52.85 82.39 5.43
C ILE M 2498 51.58 82.96 4.84
N PHE M 2499 51.05 84.00 5.48
CA PHE M 2499 49.76 84.55 5.06
C PHE M 2499 49.88 85.35 3.76
N LYS M 2500 51.03 86.00 3.55
CA LYS M 2500 51.28 86.68 2.29
C LYS M 2500 51.25 85.69 1.13
N LEU M 2501 52.06 84.64 1.22
CA LEU M 2501 52.09 83.64 0.16
C LEU M 2501 50.74 82.95 0.02
N ALA M 2502 50.03 82.76 1.14
CA ALA M 2502 48.71 82.14 1.09
C ALA M 2502 47.75 82.98 0.26
N LYS M 2503 47.66 84.28 0.55
CA LYS M 2503 46.77 85.11 -0.23
C LYS M 2503 47.22 85.23 -1.68
N ASP M 2504 48.54 85.24 -1.92
CA ASP M 2504 49.03 85.33 -3.29
C ASP M 2504 48.60 84.12 -4.11
N VAL M 2505 48.83 82.93 -3.59
CA VAL M 2505 48.46 81.73 -4.35
C VAL M 2505 46.94 81.58 -4.41
N LEU M 2506 46.22 82.07 -3.39
CA LEU M 2506 44.76 82.09 -3.49
C LEU M 2506 44.29 83.00 -4.61
N ILE M 2507 44.95 84.15 -4.77
CA ILE M 2507 44.63 85.05 -5.88
C ILE M 2507 44.93 84.38 -7.21
N GLN M 2508 46.06 83.68 -7.30
CA GLN M 2508 46.37 82.95 -8.52
C GLN M 2508 45.32 81.89 -8.81
N GLY M 2509 44.86 81.19 -7.77
CA GLY M 2509 43.81 80.21 -7.91
C GLY M 2509 42.42 80.78 -8.10
N LEU M 2510 42.27 82.09 -7.95
CA LEU M 2510 40.99 82.72 -8.28
C LEU M 2510 40.61 82.50 -9.73
N ILE M 2511 41.60 82.37 -10.61
CA ILE M 2511 41.35 82.02 -12.00
C ILE M 2511 41.19 80.50 -12.07
N ASP M 2512 39.98 80.04 -12.37
CA ASP M 2512 39.66 78.62 -12.41
C ASP M 2512 39.03 78.29 -13.76
N GLU M 2513 39.67 77.39 -14.51
CA GLU M 2513 39.00 76.82 -15.67
C GLU M 2513 37.89 75.87 -15.26
N ASN M 2514 37.91 75.39 -14.01
CA ASN M 2514 36.84 74.56 -13.51
C ASN M 2514 35.69 75.43 -13.02
N PRO M 2515 34.50 75.33 -13.60
CA PRO M 2515 33.38 76.13 -13.09
C PRO M 2515 33.02 75.84 -11.65
N GLY M 2516 33.17 74.58 -11.21
CA GLY M 2516 32.95 74.30 -9.79
C GLY M 2516 33.99 74.97 -8.92
N LEU M 2517 35.24 74.95 -9.35
CA LEU M 2517 36.29 75.69 -8.64
C LEU M 2517 35.96 77.18 -8.61
N GLN M 2518 35.48 77.72 -9.73
CA GLN M 2518 35.10 79.13 -9.77
C GLN M 2518 33.97 79.42 -8.78
N LEU M 2519 32.96 78.56 -8.74
CA LEU M 2519 31.84 78.77 -7.82
C LEU M 2519 32.31 78.74 -6.38
N ILE M 2520 33.11 77.73 -6.02
CA ILE M 2520 33.53 77.60 -4.63
C ILE M 2520 34.47 78.73 -4.24
N ILE M 2521 35.34 79.16 -5.15
CA ILE M 2521 36.27 80.23 -4.81
C ILE M 2521 35.50 81.55 -4.69
N ARG M 2522 34.43 81.71 -5.48
CA ARG M 2522 33.55 82.86 -5.31
C ARG M 2522 32.88 82.83 -3.95
N ASN M 2523 32.31 81.69 -3.59
CA ASN M 2523 31.60 81.58 -2.32
C ASN M 2523 32.53 81.86 -1.15
N PHE M 2524 33.76 81.34 -1.21
CA PHE M 2524 34.72 81.62 -0.15
C PHE M 2524 35.14 83.08 -0.15
N TRP M 2525 35.33 83.66 -1.33
CA TRP M 2525 35.82 85.04 -1.41
C TRP M 2525 34.70 86.06 -1.26
N SER M 2526 33.55 85.84 -1.90
CA SER M 2526 32.44 86.77 -1.74
C SER M 2526 31.91 86.77 -0.30
N HIS M 2527 32.31 85.81 0.51
CA HIS M 2527 31.97 85.81 1.92
C HIS M 2527 32.48 87.09 2.58
N GLU M 2528 31.73 87.55 3.60
CA GLU M 2528 32.03 88.82 4.24
C GLU M 2528 33.46 88.84 4.79
N THR M 2529 33.90 87.74 5.37
CA THR M 2529 35.25 87.67 5.91
C THR M 2529 36.29 87.94 4.82
N ARG M 2530 36.05 87.43 3.62
CA ARG M 2530 36.98 87.61 2.52
C ARG M 2530 36.64 88.78 1.62
N LEU M 2531 35.39 89.24 1.63
CA LEU M 2531 35.02 90.44 0.89
C LEU M 2531 33.86 91.12 1.61
N PRO M 2532 34.06 92.34 2.11
CA PRO M 2532 33.02 92.99 2.93
C PRO M 2532 31.72 93.18 2.17
N SER M 2533 30.61 93.08 2.90
CA SER M 2533 29.29 93.23 2.32
C SER M 2533 28.94 94.69 2.04
N ASN M 2534 29.76 95.64 2.47
CA ASN M 2534 29.56 97.04 2.12
C ASN M 2534 30.24 97.30 0.77
N THR M 2535 29.55 98.03 -0.10
CA THR M 2535 30.07 98.30 -1.43
C THR M 2535 31.39 99.06 -1.36
N LEU M 2536 31.42 100.15 -0.61
CA LEU M 2536 32.66 100.92 -0.48
C LEU M 2536 33.76 100.08 0.15
N ASP M 2537 33.42 99.31 1.18
CA ASP M 2537 34.41 98.45 1.82
C ASP M 2537 34.91 97.38 0.86
N ARG M 2538 34.00 96.80 0.07
CA ARG M 2538 34.41 95.81 -0.92
C ARG M 2538 35.39 96.41 -1.92
N LEU M 2539 35.06 97.60 -2.44
CA LEU M 2539 35.92 98.25 -3.41
C LEU M 2539 37.28 98.58 -2.81
N LEU M 2540 37.30 99.06 -1.57
CA LEU M 2540 38.56 99.36 -0.92
C LEU M 2540 39.39 98.09 -0.71
N ALA M 2541 38.74 96.98 -0.35
CA ALA M 2541 39.46 95.74 -0.10
C ALA M 2541 40.03 95.16 -1.39
N LEU M 2542 39.26 95.15 -2.47
CA LEU M 2542 39.69 94.47 -3.69
C LEU M 2542 40.86 95.15 -4.37
N ASN M 2543 41.18 96.40 -4.03
CA ASN M 2543 42.34 97.05 -4.62
C ASN M 2543 43.63 96.29 -4.28
N SER M 2544 43.73 95.83 -3.04
CA SER M 2544 44.88 95.03 -2.62
C SER M 2544 44.90 93.66 -3.31
N LEU M 2545 43.78 93.22 -3.86
CA LEU M 2545 43.67 91.90 -4.48
C LEU M 2545 44.25 91.84 -5.88
N TYR M 2546 44.97 92.88 -6.32
CA TYR M 2546 45.49 92.92 -7.68
C TYR M 2546 46.74 92.06 -7.83
N SER M 2547 46.80 91.33 -8.94
CA SER M 2547 48.02 90.70 -9.40
C SER M 2547 48.09 90.96 -10.90
N PRO M 2548 49.28 91.18 -11.44
CA PRO M 2548 49.40 91.34 -12.90
C PRO M 2548 49.00 90.09 -13.67
N LYS M 2549 48.96 88.94 -13.00
CA LYS M 2549 48.51 87.71 -13.65
C LYS M 2549 47.01 87.72 -13.87
N ILE M 2550 46.24 88.08 -12.84
CA ILE M 2550 44.79 88.20 -12.97
C ILE M 2550 44.38 89.54 -13.57
N GLU M 2551 45.36 90.35 -13.97
CA GLU M 2551 45.07 91.66 -14.57
C GLU M 2551 44.14 91.55 -15.76
N VAL M 2552 44.23 90.47 -16.52
CA VAL M 2552 43.39 90.29 -17.70
C VAL M 2552 41.91 90.28 -17.30
N HIS M 2553 41.56 89.44 -16.34
CA HIS M 2553 40.17 89.28 -15.93
C HIS M 2553 39.81 90.15 -14.75
N PHE M 2554 40.76 90.91 -14.21
CA PHE M 2554 40.55 91.66 -12.97
C PHE M 2554 39.26 92.46 -13.01
N LEU M 2555 39.02 93.16 -14.14
CA LEU M 2555 37.80 93.93 -14.29
C LEU M 2555 36.57 93.04 -14.21
N SER M 2556 36.57 91.94 -14.96
CA SER M 2556 35.43 91.04 -14.97
C SER M 2556 35.21 90.41 -13.60
N LEU M 2557 36.28 89.97 -12.95
CA LEU M 2557 36.15 89.37 -11.62
C LEU M 2557 35.58 90.37 -10.63
N ALA M 2558 36.08 91.60 -10.65
CA ALA M 2558 35.57 92.61 -9.73
C ALA M 2558 34.09 92.89 -9.98
N THR M 2559 33.70 93.03 -11.25
CA THR M 2559 32.29 93.29 -11.56
C THR M 2559 31.41 92.13 -11.10
N ASN M 2560 31.83 90.89 -11.36
CA ASN M 2560 31.02 89.74 -10.98
C ASN M 2560 30.91 89.62 -9.47
N PHE M 2561 32.00 89.87 -8.75
CA PHE M 2561 31.94 89.80 -7.29
C PHE M 2561 31.05 90.90 -6.72
N LEU M 2562 31.12 92.10 -7.30
CA LEU M 2562 30.23 93.17 -6.86
C LEU M 2562 28.78 92.84 -7.17
N LEU M 2563 28.54 92.11 -8.25
CA LEU M 2563 27.17 91.72 -8.58
C LEU M 2563 26.65 90.64 -7.64
N GLU M 2564 27.51 89.67 -7.29
CA GLU M 2564 27.06 88.60 -6.41
C GLU M 2564 26.79 89.12 -5.00
N MET M 2565 27.58 90.09 -4.54
CA MET M 2565 27.22 90.79 -3.31
C MET M 2565 25.88 91.49 -3.44
N THR M 2566 25.53 91.94 -4.64
CA THR M 2566 24.25 92.60 -4.88
C THR M 2566 23.18 91.52 -5.07
N SER M 2567 22.86 90.88 -3.96
CA SER M 2567 21.84 89.83 -3.93
C SER M 2567 20.86 89.97 -2.78
N MET M 2568 21.23 90.67 -1.71
CA MET M 2568 20.32 90.90 -0.59
C MET M 2568 19.61 92.24 -0.71
N SER M 2569 19.83 92.97 -1.80
CA SER M 2569 19.18 94.27 -1.96
C SER M 2569 17.67 94.10 -2.03
N PRO M 2570 16.90 94.99 -1.40
CA PRO M 2570 15.44 94.80 -1.42
C PRO M 2570 14.84 94.96 -2.80
N ASP M 2571 15.31 95.91 -3.59
CA ASP M 2571 14.82 96.08 -4.95
C ASP M 2571 15.47 95.11 -5.92
N TYR M 2572 16.55 94.44 -5.50
CA TYR M 2572 17.24 93.49 -6.37
C TYR M 2572 16.32 92.45 -6.99
N PRO M 2573 15.34 91.88 -6.28
CA PRO M 2573 14.29 91.10 -6.96
C PRO M 2573 13.06 91.91 -7.35
N ASN M 2574 13.12 93.24 -7.26
CA ASN M 2574 11.90 94.00 -7.52
C ASN M 2574 11.89 94.53 -8.95
N PRO M 2575 10.71 94.56 -9.57
CA PRO M 2575 10.62 95.02 -10.96
C PRO M 2575 10.95 96.50 -11.10
N MET M 2576 11.33 96.87 -12.32
CA MET M 2576 11.59 98.27 -12.63
C MET M 2576 10.34 99.13 -12.38
N PHE M 2577 9.28 98.87 -13.14
CA PHE M 2577 8.02 99.58 -13.00
C PHE M 2577 6.90 98.56 -12.84
N GLU M 2578 6.02 98.80 -11.88
CA GLU M 2578 4.98 97.82 -11.57
C GLU M 2578 4.03 97.63 -12.74
N HIS M 2579 3.67 98.72 -13.42
CA HIS M 2579 2.67 98.64 -14.48
C HIS M 2579 3.30 98.08 -15.74
N PRO M 2580 2.81 96.97 -16.28
CA PRO M 2580 3.11 96.64 -17.67
C PRO M 2580 2.61 97.78 -18.55
N LEU M 2581 3.45 98.18 -19.51
CA LEU M 2581 3.16 99.37 -20.31
C LEU M 2581 1.77 99.32 -20.92
N SER M 2582 1.41 98.18 -21.50
CA SER M 2582 0.06 97.96 -22.02
C SER M 2582 -0.30 96.51 -21.70
N GLU M 2583 -1.09 96.34 -20.65
CA GLU M 2583 -1.28 95.03 -20.05
C GLU M 2583 -2.07 94.11 -20.96
N CYS M 2584 -1.50 92.93 -21.24
CA CYS M 2584 -2.19 91.86 -21.97
C CYS M 2584 -1.71 90.54 -21.39
N GLU M 2585 -2.29 89.44 -21.86
CA GLU M 2585 -1.91 88.12 -21.39
C GLU M 2585 -0.52 87.79 -21.91
N PHE M 2586 0.47 87.86 -21.02
CA PHE M 2586 1.85 87.51 -21.37
C PHE M 2586 2.11 86.06 -20.93
N GLN M 2587 2.44 85.20 -21.88
CA GLN M 2587 2.81 83.84 -21.59
C GLN M 2587 4.32 83.71 -21.56
N GLU M 2588 4.81 82.80 -20.72
CA GLU M 2588 6.25 82.60 -20.59
C GLU M 2588 6.79 82.00 -21.88
N TYR M 2589 7.48 82.83 -22.67
CA TYR M 2589 8.04 82.37 -23.94
C TYR M 2589 9.09 81.30 -23.70
N THR M 2590 9.10 80.30 -24.57
CA THR M 2590 10.02 79.17 -24.47
C THR M 2590 11.02 79.21 -25.62
N ILE M 2591 12.24 78.74 -25.32
CA ILE M 2591 13.34 78.70 -26.28
C ILE M 2591 13.96 77.31 -26.25
N ASP M 2592 14.23 76.75 -27.42
CA ASP M 2592 14.85 75.43 -27.54
C ASP M 2592 16.21 75.58 -28.20
N SER M 2593 17.22 74.98 -27.57
CA SER M 2593 18.59 74.98 -28.08
C SER M 2593 18.91 73.59 -28.63
N ASP M 2594 19.45 73.55 -29.85
CA ASP M 2594 19.76 72.30 -30.53
C ASP M 2594 21.15 72.36 -31.12
N TRP M 2595 21.65 71.19 -31.52
CA TRP M 2595 22.91 71.07 -32.22
C TRP M 2595 22.73 71.14 -33.74
N ARG M 2596 21.53 71.46 -34.21
CA ARG M 2596 21.26 71.57 -35.64
C ARG M 2596 21.80 72.90 -36.12
N PHE M 2597 22.83 72.86 -36.97
CA PHE M 2597 23.45 74.07 -37.49
C PHE M 2597 23.63 73.94 -39.00
N ARG M 2598 23.72 75.10 -39.65
CA ARG M 2598 23.59 75.21 -41.10
C ARG M 2598 24.93 75.68 -41.68
N SER M 2599 25.70 74.74 -42.23
CA SER M 2599 26.93 75.11 -42.94
C SER M 2599 27.16 74.26 -44.18
N THR M 2600 26.20 73.40 -44.56
CA THR M 2600 26.30 72.62 -45.79
C THR M 2600 24.98 72.50 -46.52
N VAL M 2601 23.94 73.19 -46.07
CA VAL M 2601 22.57 72.91 -46.52
C VAL M 2601 22.36 73.44 -47.91
N LEU M 2602 21.85 72.59 -48.80
CA LEU M 2602 21.37 73.01 -50.11
C LEU M 2602 20.06 72.38 -50.53
N THR M 2603 19.62 71.30 -49.88
CA THR M 2603 18.37 70.63 -50.23
C THR M 2603 17.90 69.77 -49.07
N GLY M 2721 16.13 43.79 -6.01
CA GLY M 2721 15.10 43.25 -5.15
C GLY M 2721 13.89 42.80 -5.93
N ARG M 2722 13.75 43.31 -7.14
CA ARG M 2722 12.64 42.94 -8.02
C ARG M 2722 13.16 42.50 -9.37
N THR M 2723 14.25 43.10 -9.83
CA THR M 2723 14.86 42.76 -11.10
C THR M 2723 15.90 41.64 -10.97
N ASP M 2724 15.87 40.91 -9.86
CA ASP M 2724 16.85 39.85 -9.64
C ASP M 2724 16.75 38.76 -10.69
N LEU M 2725 15.54 38.34 -11.03
CA LEU M 2725 15.38 37.34 -12.09
C LEU M 2725 15.87 37.88 -13.43
N LEU M 2726 15.64 39.17 -13.67
CA LEU M 2726 16.08 39.77 -14.92
C LEU M 2726 17.59 39.69 -15.06
N ARG M 2727 18.32 40.12 -14.04
CA ARG M 2727 19.78 40.05 -14.11
C ARG M 2727 20.27 38.61 -14.14
N LEU M 2728 19.60 37.72 -13.40
CA LEU M 2728 20.00 36.33 -13.40
C LEU M 2728 19.90 35.72 -14.80
N ARG M 2729 18.74 35.84 -15.42
CA ARG M 2729 18.53 35.23 -16.73
C ARG M 2729 19.34 35.94 -17.81
N ARG M 2730 19.53 37.25 -17.67
CA ARG M 2730 20.47 37.93 -18.57
C ARG M 2730 21.89 37.42 -18.36
N ARG M 2731 22.24 37.11 -17.12
CA ARG M 2731 23.58 36.62 -16.79
C ARG M 2731 23.63 35.10 -16.71
N PHE M 2732 22.82 34.41 -17.51
CA PHE M 2732 22.90 32.95 -17.62
C PHE M 2732 23.60 32.60 -18.92
N MET M 2733 24.93 32.65 -18.90
CA MET M 2733 25.74 32.14 -20.00
C MET M 2733 26.43 30.83 -19.64
N ARG M 2734 25.83 30.02 -18.77
CA ARG M 2734 26.42 28.73 -18.48
C ARG M 2734 26.28 27.78 -19.67
N ASP M 2735 25.39 28.08 -20.61
CA ASP M 2735 25.45 27.46 -21.92
C ASP M 2735 26.66 27.99 -22.69
N GLN M 2736 27.20 27.16 -23.57
CA GLN M 2736 28.49 27.45 -24.22
C GLN M 2736 28.35 28.64 -25.16
N GLU M 2737 28.84 29.80 -24.70
CA GLU M 2737 28.87 31.01 -25.51
C GLU M 2737 30.13 31.84 -25.25
N LYS M 2738 31.24 31.18 -24.91
CA LYS M 2738 32.40 31.90 -24.38
C LYS M 2738 33.18 32.60 -25.49
N LEU M 2739 33.55 31.87 -26.55
CA LEU M 2739 34.32 32.49 -27.63
C LEU M 2739 33.51 33.54 -28.37
N SER M 2740 32.19 33.33 -28.48
CA SER M 2740 31.34 34.36 -29.04
C SER M 2740 31.41 35.63 -28.21
N LEU M 2741 31.43 35.49 -26.89
CA LEU M 2741 31.59 36.65 -26.01
C LEU M 2741 32.98 37.28 -26.16
N MET M 2742 34.00 36.45 -26.36
CA MET M 2742 35.35 36.97 -26.61
C MET M 2742 35.36 37.88 -27.83
N TYR M 2743 34.84 37.35 -28.95
CA TYR M 2743 34.80 38.14 -30.17
C TYR M 2743 33.86 39.33 -30.01
N ALA M 2744 32.81 39.19 -29.21
CA ALA M 2744 31.93 40.31 -28.93
C ALA M 2744 32.69 41.42 -28.23
N ARG M 2745 33.42 41.09 -27.17
CA ARG M 2745 34.25 42.07 -26.48
C ARG M 2745 35.16 42.78 -27.48
N LYS M 2746 35.90 42.02 -28.28
CA LYS M 2746 36.86 42.63 -29.18
C LYS M 2746 36.17 43.51 -30.23
N GLY M 2747 35.28 42.91 -31.03
CA GLY M 2747 34.65 43.64 -32.11
C GLY M 2747 33.83 44.83 -31.63
N VAL M 2748 33.02 44.62 -30.59
CA VAL M 2748 32.26 45.72 -30.02
C VAL M 2748 33.19 46.76 -29.43
N ALA M 2749 34.41 46.37 -29.03
CA ALA M 2749 35.38 47.38 -28.62
C ALA M 2749 35.76 48.29 -29.79
N GLU M 2750 36.03 47.69 -30.95
CA GLU M 2750 36.28 48.55 -32.12
C GLU M 2750 35.04 49.39 -32.46
N GLN M 2751 33.85 48.81 -32.30
CA GLN M 2751 32.63 49.56 -32.54
C GLN M 2751 32.55 50.77 -31.62
N LYS M 2752 32.89 50.59 -30.34
CA LYS M 2752 32.86 51.69 -29.38
C LYS M 2752 33.94 52.73 -29.69
N ARG M 2753 35.09 52.31 -30.21
CA ARG M 2753 36.08 53.29 -30.65
C ARG M 2753 35.54 54.11 -31.83
N GLU M 2754 34.82 53.47 -32.74
CA GLU M 2754 34.17 54.23 -33.81
C GLU M 2754 33.13 55.20 -33.25
N LYS M 2755 32.38 54.77 -32.23
CA LYS M 2755 31.44 55.67 -31.57
C LYS M 2755 32.16 56.84 -30.91
N GLU M 2756 33.35 56.59 -30.37
CA GLU M 2756 34.15 57.68 -29.80
C GLU M 2756 34.58 58.65 -30.89
N ILE M 2757 34.93 58.14 -32.07
CA ILE M 2757 35.23 59.02 -33.21
C ILE M 2757 34.02 59.87 -33.56
N LYS M 2758 32.84 59.25 -33.58
CA LYS M 2758 31.61 60.00 -33.85
C LYS M 2758 31.42 61.10 -32.80
N SER M 2759 31.63 60.76 -31.53
CA SER M 2759 31.45 61.74 -30.45
C SER M 2759 32.43 62.89 -30.57
N GLU M 2760 33.68 62.61 -30.91
CA GLU M 2760 34.67 63.68 -31.02
C GLU M 2760 34.37 64.56 -32.24
N LEU M 2761 33.83 63.98 -33.30
CA LEU M 2761 33.36 64.82 -34.40
C LEU M 2761 32.15 65.67 -34.00
N LYS M 2762 31.26 65.11 -33.18
CA LYS M 2762 30.07 65.84 -32.75
C LYS M 2762 30.42 66.99 -31.82
N MET M 2763 31.42 66.79 -30.95
CA MET M 2763 31.77 67.80 -29.96
C MET M 2763 32.25 69.07 -30.65
N LYS M 2764 32.91 68.94 -31.81
CA LYS M 2764 33.41 70.11 -32.52
C LYS M 2764 32.30 71.06 -32.93
N GLN M 2765 31.05 70.60 -32.95
CA GLN M 2765 29.93 71.46 -33.28
C GLN M 2765 29.69 72.48 -32.16
N ASP M 2766 28.85 73.47 -32.46
CA ASP M 2766 28.61 74.56 -31.53
C ASP M 2766 27.92 74.06 -30.27
N ALA M 2767 28.43 74.49 -29.11
CA ALA M 2767 27.86 74.07 -27.83
C ALA M 2767 26.52 74.78 -27.59
N GLN M 2768 25.79 74.30 -26.59
CA GLN M 2768 24.47 74.82 -26.28
C GLN M 2768 24.59 76.15 -25.52
N VAL M 2769 23.46 76.80 -25.33
CA VAL M 2769 23.38 78.15 -24.79
C VAL M 2769 22.49 78.14 -23.56
N VAL M 2770 22.86 78.93 -22.55
CA VAL M 2770 22.11 79.03 -21.31
C VAL M 2770 21.56 80.45 -21.19
N LEU M 2771 20.42 80.58 -20.50
CA LEU M 2771 19.75 81.85 -20.31
C LEU M 2771 19.72 82.22 -18.83
N TYR M 2772 19.58 83.52 -18.57
CA TYR M 2772 19.51 84.05 -17.21
C TYR M 2772 18.26 84.89 -16.97
N ARG M 2773 17.33 84.94 -17.92
CA ARG M 2773 16.14 85.77 -17.80
C ARG M 2773 14.89 84.92 -17.94
N SER M 2774 13.77 85.49 -17.49
CA SER M 2774 12.45 84.92 -17.70
C SER M 2774 11.74 85.71 -18.78
N TYR M 2775 11.23 85.03 -19.79
CA TYR M 2775 10.66 85.66 -20.98
C TYR M 2775 9.15 85.43 -20.99
N ARG M 2776 8.41 86.34 -20.38
CA ARG M 2776 6.96 86.34 -20.51
C ARG M 2776 6.57 87.19 -21.71
N HIS M 2777 5.76 86.61 -22.59
CA HIS M 2777 5.43 87.24 -23.86
C HIS M 2777 3.93 87.22 -24.09
N GLY M 2778 3.37 88.36 -24.48
CA GLY M 2778 2.00 88.42 -24.95
C GLY M 2778 1.95 88.95 -26.37
N ASP M 2779 1.26 90.07 -26.56
CA ASP M 2779 1.35 90.82 -27.81
C ASP M 2779 1.82 92.25 -27.58
N LEU M 2780 2.11 92.61 -26.34
CA LEU M 2780 2.51 93.95 -25.97
C LEU M 2780 3.54 93.88 -24.85
N PRO M 2781 4.45 94.85 -24.79
CA PRO M 2781 5.52 94.80 -23.79
C PRO M 2781 4.97 94.78 -22.37
N ASP M 2782 5.63 94.00 -21.50
CA ASP M 2782 5.24 93.81 -20.11
C ASP M 2782 6.35 94.24 -19.16
N ILE M 2783 6.08 95.22 -18.32
CA ILE M 2783 7.09 95.77 -17.40
C ILE M 2783 6.98 95.00 -16.08
N GLN M 2784 7.69 93.89 -15.98
CA GLN M 2784 7.86 93.19 -14.70
C GLN M 2784 9.32 92.84 -14.45
N ILE M 2785 10.24 93.47 -15.18
CA ILE M 2785 11.65 93.08 -15.16
C ILE M 2785 12.25 93.50 -13.82
N LYS M 2786 12.64 92.53 -13.00
CA LYS M 2786 13.27 92.82 -11.73
C LYS M 2786 14.73 93.21 -11.94
N HIS M 2787 15.33 93.77 -10.89
CA HIS M 2787 16.73 94.15 -10.97
C HIS M 2787 17.62 92.95 -11.26
N SER M 2788 17.32 91.81 -10.64
CA SER M 2788 18.14 90.61 -10.83
C SER M 2788 18.14 90.17 -12.28
N SER M 2789 16.96 90.17 -12.91
CA SER M 2789 16.83 89.69 -14.28
C SER M 2789 17.61 90.57 -15.25
N LEU M 2790 17.80 91.84 -14.93
CA LEU M 2790 18.61 92.70 -15.78
C LEU M 2790 20.10 92.52 -15.52
N ILE M 2791 20.49 92.25 -14.28
CA ILE M 2791 21.91 92.25 -13.95
C ILE M 2791 22.55 90.91 -14.27
N THR M 2792 21.79 89.81 -14.29
CA THR M 2792 22.41 88.55 -14.65
C THR M 2792 22.98 88.55 -16.06
N PRO M 2793 22.28 89.04 -17.11
CA PRO M 2793 22.98 89.20 -18.39
C PRO M 2793 24.08 90.25 -18.33
N LEU M 2794 23.96 91.23 -17.43
CA LEU M 2794 25.07 92.15 -17.21
C LEU M 2794 26.30 91.43 -16.69
N GLN M 2795 26.10 90.50 -15.75
CA GLN M 2795 27.22 89.69 -15.28
C GLN M 2795 27.79 88.85 -16.42
N ALA M 2796 26.90 88.28 -17.25
CA ALA M 2796 27.37 87.49 -18.39
C ALA M 2796 28.25 88.32 -19.31
N VAL M 2797 27.76 89.49 -19.73
CA VAL M 2797 28.55 90.31 -20.66
C VAL M 2797 29.81 90.84 -19.97
N ALA M 2798 29.76 91.04 -18.65
CA ALA M 2798 30.96 91.44 -17.92
C ALA M 2798 32.03 90.38 -18.02
N GLN M 2799 31.66 89.11 -17.83
CA GLN M 2799 32.63 88.05 -17.96
C GLN M 2799 32.92 87.68 -19.42
N ARG M 2800 32.16 88.22 -20.36
CA ARG M 2800 32.43 87.93 -21.77
C ARG M 2800 33.53 88.82 -22.34
N ASP M 2801 33.40 90.14 -22.17
CA ASP M 2801 34.26 91.09 -22.85
C ASP M 2801 34.98 91.96 -21.84
N PRO M 2802 36.32 92.01 -21.86
CA PRO M 2802 37.03 92.95 -20.98
C PRO M 2802 36.71 94.40 -21.25
N ILE M 2803 36.39 94.77 -22.49
CA ILE M 2803 35.99 96.15 -22.76
C ILE M 2803 34.66 96.45 -22.08
N ILE M 2804 33.70 95.52 -22.18
CA ILE M 2804 32.46 95.64 -21.44
C ILE M 2804 32.75 95.82 -19.96
N ALA M 2805 33.63 94.97 -19.42
CA ALA M 2805 33.93 95.01 -17.99
C ALA M 2805 34.55 96.33 -17.59
N LYS M 2806 35.47 96.85 -18.40
CA LYS M 2806 36.16 98.09 -18.02
C LYS M 2806 35.21 99.28 -18.08
N GLN M 2807 34.36 99.36 -19.10
CA GLN M 2807 33.42 100.47 -19.14
C GLN M 2807 32.38 100.35 -18.02
N LEU M 2808 31.91 99.13 -17.74
CA LEU M 2808 31.09 98.91 -16.55
C LEU M 2808 31.78 99.45 -15.30
N PHE M 2809 33.04 99.08 -15.11
CA PHE M 2809 33.74 99.45 -13.88
C PHE M 2809 33.91 100.96 -13.78
N SER M 2810 34.27 101.62 -14.88
CA SER M 2810 34.43 103.07 -14.84
C SER M 2810 33.11 103.75 -14.52
N SER M 2811 32.03 103.33 -15.19
CA SER M 2811 30.73 103.95 -14.94
C SER M 2811 30.27 103.72 -13.50
N LEU M 2812 30.38 102.49 -13.01
CA LEU M 2812 29.93 102.20 -11.66
C LEU M 2812 30.83 102.84 -10.62
N PHE M 2813 32.11 103.04 -10.95
CA PHE M 2813 33.01 103.73 -10.04
C PHE M 2813 32.62 105.20 -9.91
N SER M 2814 32.32 105.85 -11.04
CA SER M 2814 31.82 107.22 -10.98
C SER M 2814 30.52 107.28 -10.19
N GLY M 2815 29.61 106.34 -10.44
CA GLY M 2815 28.34 106.34 -9.74
C GLY M 2815 28.48 106.12 -8.26
N ILE M 2816 29.33 105.17 -7.86
CA ILE M 2816 29.51 104.89 -6.45
C ILE M 2816 30.23 106.04 -5.76
N LEU M 2817 31.13 106.74 -6.46
CA LEU M 2817 31.75 107.91 -5.86
C LEU M 2817 30.73 109.02 -5.64
N LYS M 2818 29.91 109.30 -6.66
CA LYS M 2818 28.89 110.33 -6.50
C LYS M 2818 27.77 109.89 -5.56
N GLU M 2819 27.71 108.61 -5.22
CA GLU M 2819 26.77 108.11 -4.23
C GLU M 2819 27.32 108.22 -2.80
N MET M 2820 28.60 107.90 -2.62
CA MET M 2820 29.23 107.94 -1.31
C MET M 2820 29.56 109.36 -0.88
N ASP M 2821 29.97 110.22 -1.81
CA ASP M 2821 30.51 111.53 -1.46
C ASP M 2821 29.50 112.39 -0.70
N LYS M 2822 28.20 112.15 -0.88
CA LYS M 2822 27.19 112.99 -0.23
C LYS M 2822 27.29 112.91 1.28
N PHE M 2823 27.54 111.71 1.82
CA PHE M 2823 27.63 111.53 3.26
C PHE M 2823 29.05 111.24 3.75
N LYS M 2824 30.00 111.04 2.85
CA LYS M 2824 31.41 110.92 3.24
C LYS M 2824 32.02 112.31 3.34
N THR M 2825 32.62 112.59 4.50
CA THR M 2825 33.25 113.89 4.71
C THR M 2825 34.42 114.08 3.76
N LEU M 2826 34.63 115.34 3.36
CA LEU M 2826 35.65 115.65 2.37
C LEU M 2826 37.03 115.16 2.79
N SER M 2827 37.30 115.15 4.10
CA SER M 2827 38.55 114.56 4.58
C SER M 2827 38.62 113.09 4.23
N GLU M 2828 37.54 112.34 4.48
CA GLU M 2828 37.54 110.92 4.18
C GLU M 2828 37.56 110.67 2.68
N LYS M 2829 36.85 111.49 1.90
CA LYS M 2829 36.91 111.36 0.45
C LYS M 2829 38.33 111.58 -0.06
N ASN M 2830 39.01 112.60 0.48
CA ASN M 2830 40.39 112.82 0.09
C ASN M 2830 41.28 111.66 0.48
N ASN M 2831 41.08 111.11 1.68
CA ASN M 2831 41.89 109.96 2.11
C ASN M 2831 41.69 108.78 1.18
N ILE M 2832 40.44 108.50 0.80
CA ILE M 2832 40.16 107.43 -0.15
C ILE M 2832 40.81 107.75 -1.49
N THR M 2833 40.83 109.04 -1.87
CA THR M 2833 41.49 109.43 -3.11
C THR M 2833 42.97 109.07 -3.08
N GLN M 2834 43.67 109.42 -2.00
CA GLN M 2834 45.08 109.07 -1.92
C GLN M 2834 45.30 107.57 -1.86
N LYS M 2835 44.43 106.84 -1.14
CA LYS M 2835 44.56 105.40 -1.08
C LYS M 2835 44.44 104.79 -2.47
N LEU M 2836 43.44 105.23 -3.24
CA LEU M 2836 43.27 104.71 -4.59
C LEU M 2836 44.42 105.14 -5.50
N LEU M 2837 44.96 106.34 -5.30
CA LEU M 2837 46.12 106.76 -6.08
C LEU M 2837 47.31 105.85 -5.80
N GLN M 2838 47.55 105.52 -4.53
CA GLN M 2838 48.62 104.59 -4.19
C GLN M 2838 48.35 103.22 -4.79
N ASP M 2839 47.10 102.78 -4.78
CA ASP M 2839 46.74 101.51 -5.39
C ASP M 2839 47.08 101.51 -6.87
N PHE M 2840 46.73 102.59 -7.57
CA PHE M 2840 47.01 102.67 -9.01
C PHE M 2840 48.51 102.73 -9.27
N ASN M 2841 49.25 103.45 -8.43
CA ASN M 2841 50.71 103.43 -8.57
C ASN M 2841 51.25 102.01 -8.41
N ARG M 2842 50.74 101.28 -7.42
CA ARG M 2842 51.15 99.89 -7.25
C ARG M 2842 50.82 99.06 -8.48
N PHE M 2843 49.62 99.25 -9.04
CA PHE M 2843 49.24 98.49 -10.23
C PHE M 2843 50.18 98.77 -11.38
N LEU M 2844 50.47 100.06 -11.62
CA LEU M 2844 51.31 100.44 -12.76
C LEU M 2844 52.74 99.96 -12.57
N ASN M 2845 53.27 100.03 -11.35
CA ASN M 2845 54.63 99.55 -11.12
C ASN M 2845 54.71 98.03 -11.23
N THR M 2846 53.72 97.32 -10.70
CA THR M 2846 53.77 95.86 -10.65
C THR M 2846 53.45 95.22 -11.99
N THR M 2847 52.69 95.88 -12.86
CA THR M 2847 52.22 95.23 -14.08
C THR M 2847 53.39 95.01 -15.03
N PHE M 2848 53.74 93.75 -15.25
CA PHE M 2848 54.66 93.37 -16.32
C PHE M 2848 53.88 93.05 -17.60
N SER M 2849 52.83 92.24 -17.46
CA SER M 2849 51.86 92.10 -18.53
C SER M 2849 51.03 93.36 -18.63
N PHE M 2850 50.77 93.81 -19.85
CA PHE M 2850 50.06 95.06 -20.09
C PHE M 2850 48.74 94.75 -20.76
N PHE M 2851 47.66 94.86 -19.98
CA PHE M 2851 46.33 94.60 -20.48
C PHE M 2851 45.72 95.92 -20.95
N PRO M 2852 45.54 96.13 -22.25
CA PRO M 2852 45.02 97.41 -22.74
C PRO M 2852 43.69 97.79 -22.13
N PRO M 2853 42.72 96.86 -22.01
CA PRO M 2853 41.47 97.24 -21.33
C PRO M 2853 41.68 97.68 -19.90
N PHE M 2854 42.57 97.02 -19.17
CA PHE M 2854 42.76 97.31 -17.76
C PHE M 2854 43.44 98.66 -17.56
N VAL M 2855 44.52 98.91 -18.31
CA VAL M 2855 45.22 100.18 -18.19
C VAL M 2855 44.36 101.32 -18.72
N SER M 2856 43.59 101.08 -19.78
CA SER M 2856 42.67 102.11 -20.26
C SER M 2856 41.56 102.38 -19.26
N CYS M 2857 41.12 101.35 -18.53
CA CYS M 2857 40.16 101.58 -17.45
C CYS M 2857 40.77 102.42 -16.34
N ILE M 2858 42.04 102.20 -16.02
CA ILE M 2858 42.71 103.06 -15.06
C ILE M 2858 42.73 104.50 -15.54
N GLN M 2859 43.10 104.70 -16.80
CA GLN M 2859 43.13 106.05 -17.35
C GLN M 2859 41.74 106.67 -17.38
N ASP M 2860 40.71 105.86 -17.58
CA ASP M 2860 39.34 106.36 -17.58
C ASP M 2860 38.90 106.77 -16.18
N ILE M 2861 39.16 105.93 -15.18
CA ILE M 2861 38.73 106.26 -13.83
C ILE M 2861 39.53 107.45 -13.30
N SER M 2862 40.76 107.64 -13.78
CA SER M 2862 41.52 108.82 -13.39
C SER M 2862 41.03 110.08 -14.13
N CYS M 2863 40.65 109.95 -15.40
CA CYS M 2863 40.23 111.13 -16.15
C CYS M 2863 38.89 111.64 -15.64
N GLN M 2864 37.98 110.72 -15.29
CA GLN M 2864 36.64 111.10 -14.86
C GLN M 2864 36.61 111.79 -13.50
N HIS M 2865 37.72 111.78 -12.76
CA HIS M 2865 37.79 112.45 -11.46
C HIS M 2865 39.13 113.15 -11.36
N ALA M 2866 39.10 114.49 -11.32
CA ALA M 2866 40.34 115.26 -11.25
C ALA M 2866 41.12 114.98 -9.97
N ALA M 2867 40.42 114.58 -8.90
CA ALA M 2867 41.12 114.20 -7.69
C ALA M 2867 42.03 113.01 -7.92
N LEU M 2868 41.65 112.12 -8.83
CA LEU M 2868 42.48 110.99 -9.20
C LEU M 2868 43.43 111.31 -10.35
N LEU M 2869 43.37 112.52 -10.90
CA LEU M 2869 44.31 112.95 -11.93
C LEU M 2869 45.69 113.22 -11.38
N SER M 2870 45.88 113.13 -10.06
CA SER M 2870 47.17 113.37 -9.41
C SER M 2870 48.03 112.11 -9.33
N LEU M 2871 47.83 111.17 -10.23
CA LEU M 2871 48.63 109.95 -10.23
C LEU M 2871 50.04 110.24 -10.74
N ASP M 2872 50.94 109.29 -10.48
CA ASP M 2872 52.32 109.40 -10.94
C ASP M 2872 52.38 109.45 -12.45
N PRO M 2873 52.73 110.60 -13.04
CA PRO M 2873 52.72 110.71 -14.51
C PRO M 2873 53.69 109.77 -15.19
N ALA M 2874 54.82 109.46 -14.56
CA ALA M 2874 55.80 108.59 -15.19
C ALA M 2874 55.24 107.19 -15.41
N ALA M 2875 54.60 106.62 -14.38
CA ALA M 2875 54.04 105.29 -14.51
C ALA M 2875 52.92 105.27 -15.55
N VAL M 2876 52.07 106.30 -15.54
CA VAL M 2876 50.98 106.36 -16.51
C VAL M 2876 51.52 106.43 -17.94
N SER M 2877 52.54 107.27 -18.15
CA SER M 2877 53.13 107.39 -19.47
C SER M 2877 53.76 106.09 -19.92
N ALA M 2878 54.50 105.44 -19.01
CA ALA M 2878 55.13 104.16 -19.36
C ALA M 2878 54.09 103.11 -19.71
N GLY M 2879 53.01 103.03 -18.94
CA GLY M 2879 51.97 102.07 -19.23
C GLY M 2879 51.27 102.35 -20.55
N CYS M 2880 50.97 103.63 -20.82
CA CYS M 2880 50.26 103.97 -22.05
C CYS M 2880 51.11 103.72 -23.29
N LEU M 2881 52.41 104.05 -23.22
CA LEU M 2881 53.27 103.76 -24.35
C LEU M 2881 53.49 102.26 -24.51
N ALA M 2882 53.61 101.54 -23.40
CA ALA M 2882 53.83 100.10 -23.48
C ALA M 2882 52.58 99.38 -23.96
N SER M 2883 51.43 99.72 -23.39
CA SER M 2883 50.17 99.10 -23.78
C SER M 2883 49.54 99.77 -24.99
N LEU M 2884 50.26 100.65 -25.67
CA LEU M 2884 49.78 101.37 -26.84
C LEU M 2884 48.53 102.20 -26.51
N GLN M 2885 48.43 102.64 -25.26
CA GLN M 2885 47.42 103.61 -24.85
C GLN M 2885 47.91 105.03 -25.03
N GLN M 2886 48.84 105.24 -25.94
CA GLN M 2886 49.46 106.55 -26.13
C GLN M 2886 48.46 107.68 -26.36
N PRO M 2887 47.39 107.54 -27.17
CA PRO M 2887 46.42 108.64 -27.28
C PRO M 2887 45.78 108.99 -25.96
N VAL M 2888 45.13 108.01 -25.31
CA VAL M 2888 44.47 108.29 -24.04
C VAL M 2888 45.48 108.66 -22.97
N GLY M 2889 46.72 108.18 -23.10
CA GLY M 2889 47.77 108.66 -22.20
C GLY M 2889 48.07 110.13 -22.38
N ILE M 2890 48.10 110.59 -23.63
CA ILE M 2890 48.26 112.01 -23.92
C ILE M 2890 47.11 112.79 -23.32
N ARG M 2891 45.88 112.29 -23.49
CA ARG M 2891 44.71 112.94 -22.91
C ARG M 2891 44.87 113.07 -21.39
N LEU M 2892 45.24 111.97 -20.73
CA LEU M 2892 45.37 111.97 -19.28
C LEU M 2892 46.45 112.94 -18.82
N LEU M 2893 47.61 112.93 -19.48
CA LEU M 2893 48.67 113.84 -19.07
C LEU M 2893 48.28 115.29 -19.30
N GLU M 2894 47.62 115.60 -20.42
CA GLU M 2894 47.22 116.97 -20.70
C GLU M 2894 46.21 117.46 -19.68
N GLU M 2895 45.22 116.63 -19.33
CA GLU M 2895 44.22 117.08 -18.35
C GLU M 2895 44.81 117.14 -16.95
N ALA M 2896 45.78 116.27 -16.62
CA ALA M 2896 46.47 116.39 -15.35
C ALA M 2896 47.26 117.69 -15.29
N LEU M 2897 47.89 118.08 -16.39
CA LEU M 2897 48.55 119.38 -16.47
C LEU M 2897 47.56 120.51 -16.27
N LEU M 2898 46.43 120.45 -16.98
CA LEU M 2898 45.44 121.52 -16.91
C LEU M 2898 44.88 121.67 -15.50
N ARG M 2899 44.56 120.55 -14.85
CA ARG M 2899 44.10 120.59 -13.46
C ARG M 2899 45.20 121.06 -12.53
N LEU M 2900 46.44 120.64 -12.78
CA LEU M 2900 47.56 121.03 -11.92
C LEU M 2900 47.79 122.53 -11.96
N LEU M 2901 47.48 123.18 -13.07
CA LEU M 2901 47.64 124.62 -13.23
C LEU M 2901 49.09 125.05 -13.04
N LEU M 2916 59.46 126.25 -11.26
CA LEU M 2916 58.50 125.58 -12.14
C LEU M 2916 58.03 124.25 -11.55
N PRO M 2917 56.76 123.92 -11.75
CA PRO M 2917 56.22 122.66 -11.24
C PRO M 2917 56.84 121.47 -11.95
N PRO M 2918 56.66 120.24 -11.45
CA PRO M 2918 57.22 119.07 -12.13
C PRO M 2918 56.49 118.73 -13.42
N ASP M 2919 55.58 119.62 -13.85
CA ASP M 2919 54.86 119.41 -15.10
C ASP M 2919 55.82 119.21 -16.27
N VAL M 2920 56.99 119.87 -16.24
CA VAL M 2920 57.99 119.68 -17.27
C VAL M 2920 58.20 118.19 -17.52
N LEU M 2921 58.31 117.42 -16.43
CA LEU M 2921 58.41 115.97 -16.54
C LEU M 2921 57.28 115.41 -17.40
N ARG M 2922 56.03 115.57 -16.96
CA ARG M 2922 54.93 115.09 -17.78
C ARG M 2922 54.95 115.76 -19.15
N TRP M 2923 55.38 117.02 -19.21
CA TRP M 2923 55.52 117.69 -20.49
C TRP M 2923 56.43 116.88 -21.40
N VAL M 2924 57.64 116.57 -20.95
CA VAL M 2924 58.53 115.79 -21.80
C VAL M 2924 57.96 114.38 -21.96
N GLU M 2925 57.24 113.90 -20.94
CA GLU M 2925 56.53 112.63 -21.11
C GLU M 2925 55.58 112.71 -22.29
N LEU M 2926 54.79 113.79 -22.34
CA LEU M 2926 53.95 114.01 -23.52
C LEU M 2926 54.81 114.06 -24.77
N ALA M 2927 55.96 114.75 -24.70
CA ALA M 2927 56.88 114.78 -25.82
C ALA M 2927 57.28 113.36 -26.21
N LYS M 2928 57.58 112.51 -25.22
CA LYS M 2928 57.85 111.11 -25.51
C LYS M 2928 56.66 110.49 -26.23
N LEU M 2929 55.46 110.68 -25.67
CA LEU M 2929 54.27 110.23 -26.37
C LEU M 2929 54.18 110.87 -27.75
N TYR M 2930 54.53 112.15 -27.83
CA TYR M 2930 54.48 112.87 -29.10
C TYR M 2930 55.53 112.34 -30.07
N ARG M 2931 56.62 111.76 -29.57
CA ARG M 2931 57.51 111.02 -30.46
C ARG M 2931 57.19 109.53 -30.48
N SER M 2932 56.42 109.04 -29.50
CA SER M 2932 55.83 107.71 -29.63
C SER M 2932 54.83 107.69 -30.78
N ILE M 2933 54.00 108.73 -30.89
CA ILE M 2933 53.13 108.89 -32.05
C ILE M 2933 53.86 109.48 -33.24
N GLY M 2934 55.11 109.91 -33.06
CA GLY M 2934 55.95 110.33 -34.17
C GLY M 2934 55.73 111.74 -34.66
N GLU M 2935 54.95 112.55 -33.97
CA GLU M 2935 54.78 113.93 -34.40
C GLU M 2935 55.97 114.77 -33.97
N TYR M 2936 56.12 115.92 -34.61
CA TYR M 2936 57.27 116.79 -34.41
C TYR M 2936 56.94 118.25 -34.16
N ASP M 2937 55.72 118.70 -34.46
CA ASP M 2937 55.41 120.12 -34.40
C ASP M 2937 55.02 120.56 -33.00
N VAL M 2938 54.17 119.78 -32.33
CA VAL M 2938 53.87 120.08 -30.94
C VAL M 2938 55.14 119.99 -30.09
N LEU M 2939 56.14 119.24 -30.55
CA LEU M 2939 57.45 119.30 -29.90
C LEU M 2939 57.99 120.73 -29.93
N ARG M 2940 57.89 121.39 -31.09
CA ARG M 2940 58.29 122.79 -31.18
C ARG M 2940 57.46 123.65 -30.25
N GLY M 2941 56.14 123.45 -30.27
CA GLY M 2941 55.27 124.24 -29.40
C GLY M 2941 55.61 124.08 -27.92
N ILE M 2942 55.97 122.86 -27.53
CA ILE M 2942 56.41 122.60 -26.16
C ILE M 2942 57.72 123.32 -25.87
N PHE M 2943 58.66 123.26 -26.81
CA PHE M 2943 59.97 123.86 -26.59
C PHE M 2943 60.00 125.35 -26.95
N THR M 2944 58.92 125.90 -27.51
CA THR M 2944 58.78 127.35 -27.52
C THR M 2944 58.56 127.87 -26.11
N SER M 2945 58.01 127.02 -25.22
CA SER M 2945 57.80 127.37 -23.83
C SER M 2945 59.08 127.18 -23.02
N GLU M 2946 58.96 127.13 -21.69
CA GLU M 2946 60.12 127.00 -20.81
C GLU M 2946 60.93 125.75 -21.09
N ILE M 2947 60.32 124.74 -21.73
CA ILE M 2947 61.04 123.50 -22.02
C ILE M 2947 62.25 123.78 -22.90
N GLY M 2948 62.08 124.61 -23.92
CA GLY M 2948 63.20 125.11 -24.69
C GLY M 2948 63.69 126.45 -24.20
N THR M 2949 64.16 126.50 -22.94
CA THR M 2949 64.65 127.75 -22.38
C THR M 2949 65.83 128.28 -23.19
N LYS M 2950 66.77 127.42 -23.55
CA LYS M 2950 67.81 127.80 -24.48
C LYS M 2950 67.24 127.91 -25.89
N GLN M 2951 67.68 128.92 -26.63
CA GLN M 2951 67.24 129.09 -28.01
C GLN M 2951 68.07 128.28 -29.00
N ILE M 2952 69.21 127.72 -28.57
CA ILE M 2952 69.90 126.74 -29.39
C ILE M 2952 69.03 125.51 -29.56
N THR M 2953 68.17 125.23 -28.57
CA THR M 2953 67.13 124.22 -28.74
C THR M 2953 66.27 124.53 -29.97
N GLN M 2954 65.78 125.75 -30.08
CA GLN M 2954 64.95 126.13 -31.20
C GLN M 2954 65.74 126.12 -32.51
N SER M 2955 67.02 126.49 -32.46
CA SER M 2955 67.86 126.44 -33.64
C SER M 2955 67.98 125.01 -34.16
N ALA M 2956 68.26 124.06 -33.26
CA ALA M 2956 68.34 122.67 -33.65
C ALA M 2956 66.99 122.14 -34.12
N LEU M 2957 65.91 122.60 -33.50
CA LEU M 2957 64.57 122.16 -33.91
C LEU M 2957 64.26 122.62 -35.33
N LEU M 2958 64.54 123.88 -35.64
CA LEU M 2958 64.28 124.37 -36.99
C LEU M 2958 65.24 123.74 -38.00
N ALA M 2959 66.45 123.41 -37.58
CA ALA M 2959 67.37 122.68 -38.46
C ALA M 2959 66.84 121.29 -38.78
N GLU M 2960 66.29 120.59 -37.79
CA GLU M 2960 65.66 119.30 -38.02
C GLU M 2960 64.40 119.43 -38.87
N ALA M 2961 63.69 120.55 -38.75
CA ALA M 2961 62.42 120.72 -39.46
C ALA M 2961 62.60 120.73 -40.97
N ARG M 2962 63.81 120.96 -41.47
CA ARG M 2962 64.09 120.97 -42.90
C ARG M 2962 64.89 119.75 -43.34
N SER M 2963 64.75 118.64 -42.62
CA SER M 2963 65.41 117.37 -42.93
C SER M 2963 66.94 117.49 -42.94
N ASP M 2964 67.48 118.52 -42.27
CA ASP M 2964 68.92 118.70 -42.16
C ASP M 2964 69.33 118.31 -40.74
N TYR M 2965 69.94 117.14 -40.61
CA TYR M 2965 70.25 116.55 -39.32
C TYR M 2965 71.70 116.75 -38.90
N SER M 2966 72.50 117.45 -39.71
CA SER M 2966 73.88 117.73 -39.37
C SER M 2966 74.01 119.01 -38.55
N GLU M 2967 73.43 120.11 -39.04
CA GLU M 2967 73.43 121.35 -38.28
C GLU M 2967 72.67 121.20 -36.98
N ALA M 2968 71.53 120.50 -37.01
CA ALA M 2968 70.77 120.27 -35.80
C ALA M 2968 71.57 119.44 -34.79
N ALA M 2969 72.28 118.41 -35.28
CA ALA M 2969 73.12 117.62 -34.40
C ALA M 2969 74.22 118.47 -33.78
N LYS M 2970 74.82 119.36 -34.59
CA LYS M 2970 75.85 120.24 -34.05
C LYS M 2970 75.27 121.16 -32.97
N GLN M 2971 74.07 121.69 -33.20
CA GLN M 2971 73.43 122.54 -32.20
C GLN M 2971 73.15 121.76 -30.92
N TYR M 2972 72.64 120.54 -31.04
CA TYR M 2972 72.40 119.73 -29.85
C TYR M 2972 73.70 119.43 -29.11
N ASP M 2973 74.75 119.09 -29.85
CA ASP M 2973 76.04 118.79 -29.23
C ASP M 2973 76.58 120.02 -28.50
N GLU M 2974 76.50 121.19 -29.13
CA GLU M 2974 76.95 122.42 -28.48
C GLU M 2974 76.11 122.73 -27.24
N ALA M 2975 74.80 122.52 -27.33
CA ALA M 2975 73.91 122.85 -26.22
C ALA M 2975 74.17 121.95 -25.02
N LEU M 2976 74.28 120.64 -25.24
CA LEU M 2976 74.52 119.73 -24.12
C LEU M 2976 75.97 119.81 -23.64
N ASN M 2977 76.89 120.19 -24.52
CA ASN M 2977 78.29 120.29 -24.14
C ASN M 2977 78.58 121.55 -23.32
N LYS M 2978 77.86 122.63 -23.58
CA LYS M 2978 78.14 123.91 -22.94
C LYS M 2978 77.29 124.04 -21.67
N GLN M 2979 77.95 124.04 -20.52
CA GLN M 2979 77.33 124.39 -19.26
C GLN M 2979 77.55 125.85 -18.91
N ASP M 2980 77.99 126.67 -19.86
CA ASP M 2980 78.24 128.09 -19.67
C ASP M 2980 77.40 128.88 -20.67
N TRP M 2981 76.38 129.58 -20.16
CA TRP M 2981 75.50 130.40 -20.99
C TRP M 2981 75.23 131.69 -20.24
N VAL M 2982 74.30 132.48 -20.76
CA VAL M 2982 73.87 133.70 -20.06
C VAL M 2982 73.18 133.34 -18.74
N ASP M 2983 72.44 132.22 -18.73
CA ASP M 2983 71.78 131.74 -17.53
C ASP M 2983 72.52 130.57 -16.88
N GLY M 2984 73.85 130.57 -16.97
CA GLY M 2984 74.62 129.47 -16.43
C GLY M 2984 74.38 128.19 -17.22
N GLU M 2985 74.50 127.07 -16.53
CA GLU M 2985 74.24 125.79 -17.17
C GLU M 2985 72.74 125.63 -17.41
N PRO M 2986 72.36 124.94 -18.49
CA PRO M 2986 70.95 124.69 -18.76
C PRO M 2986 70.40 123.61 -17.82
N THR M 2987 69.07 123.50 -17.82
CA THR M 2987 68.43 122.48 -17.01
C THR M 2987 68.75 121.09 -17.54
N GLU M 2988 68.74 120.12 -16.62
CA GLU M 2988 69.09 118.75 -17.00
C GLU M 2988 68.07 118.17 -17.98
N ALA M 2989 66.81 118.60 -17.89
CA ALA M 2989 65.82 118.15 -18.86
C ALA M 2989 66.19 118.58 -20.27
N GLU M 2990 66.68 119.81 -20.42
CA GLU M 2990 67.14 120.27 -21.72
C GLU M 2990 68.35 119.47 -22.20
N LYS M 2991 69.28 119.15 -21.30
CA LYS M 2991 70.44 118.37 -21.70
C LYS M 2991 70.03 116.97 -22.17
N ASP M 2992 69.09 116.35 -21.43
CA ASP M 2992 68.60 115.05 -21.85
C ASP M 2992 67.88 115.13 -23.20
N PHE M 2993 67.07 116.17 -23.39
CA PHE M 2993 66.39 116.33 -24.67
C PHE M 2993 67.38 116.53 -25.80
N TRP M 2994 68.41 117.35 -25.57
CA TRP M 2994 69.41 117.59 -26.61
C TRP M 2994 70.14 116.30 -26.96
N GLU M 2995 70.51 115.51 -25.94
CA GLU M 2995 71.16 114.24 -26.20
C GLU M 2995 70.27 113.32 -27.02
N LEU M 2996 69.01 113.16 -26.59
CA LEU M 2996 68.11 112.25 -27.28
C LEU M 2996 67.82 112.72 -28.71
N ALA M 2997 67.66 114.02 -28.90
CA ALA M 2997 67.38 114.54 -30.23
C ALA M 2997 68.61 114.51 -31.12
N SER M 2998 69.81 114.66 -30.55
CA SER M 2998 71.03 114.44 -31.32
C SER M 2998 71.11 113.00 -31.77
N LEU M 2999 70.78 112.05 -30.89
CA LEU M 2999 70.70 110.65 -31.29
C LEU M 2999 69.69 110.47 -32.41
N ASP M 3000 68.52 111.10 -32.27
CA ASP M 3000 67.46 110.94 -33.25
C ASP M 3000 67.87 111.46 -34.62
N CYS M 3001 68.49 112.64 -34.67
CA CYS M 3001 68.89 113.20 -35.96
C CYS M 3001 70.10 112.47 -36.54
N TYR M 3002 71.00 111.99 -35.68
CA TYR M 3002 72.08 111.12 -36.16
C TYR M 3002 71.52 109.88 -36.83
N ASN M 3003 70.48 109.29 -36.23
CA ASN M 3003 69.79 108.19 -36.88
C ASN M 3003 69.14 108.66 -38.19
N HIS M 3004 68.54 109.85 -38.18
CA HIS M 3004 68.03 110.44 -39.40
C HIS M 3004 69.16 110.74 -40.37
N LEU M 3005 70.30 111.20 -39.85
CA LEU M 3005 71.47 111.44 -40.68
C LEU M 3005 71.91 110.12 -41.32
N ALA M 3006 72.35 110.22 -42.57
CA ALA M 3006 72.71 109.05 -43.37
C ALA M 3006 73.95 108.34 -42.88
N GLU M 3007 74.52 108.69 -41.73
CA GLU M 3007 75.73 108.05 -41.23
C GLU M 3007 75.40 107.24 -39.96
N TRP M 3008 75.71 105.94 -40.00
CA TRP M 3008 75.71 105.13 -38.80
C TRP M 3008 77.01 105.27 -38.02
N LYS M 3009 78.02 105.89 -38.63
CA LYS M 3009 79.25 106.17 -37.90
C LYS M 3009 78.98 107.20 -36.82
N SER M 3010 77.98 108.06 -37.05
CA SER M 3010 77.48 108.94 -36.00
C SER M 3010 76.87 108.13 -34.86
N LEU M 3011 76.10 107.08 -35.21
CA LEU M 3011 75.62 106.15 -34.20
C LEU M 3011 76.78 105.62 -33.39
N GLU M 3012 77.89 105.31 -34.05
CA GLU M 3012 79.05 104.78 -33.35
C GLU M 3012 79.70 105.84 -32.47
N TYR M 3013 79.71 107.10 -32.93
CA TYR M 3013 80.19 108.17 -32.04
C TYR M 3013 79.35 108.24 -30.78
N CYS M 3014 78.03 108.13 -30.91
CA CYS M 3014 77.17 108.18 -29.73
C CYS M 3014 77.40 106.97 -28.84
N SER M 3015 77.68 105.81 -29.43
CA SER M 3015 77.89 104.59 -28.68
C SER M 3015 79.31 104.40 -28.19
N THR M 3016 80.23 105.31 -28.54
CA THR M 3016 81.62 105.23 -28.10
C THR M 3016 81.72 104.93 -26.62
N ALA M 3017 82.40 103.81 -26.31
CA ALA M 3017 82.65 103.37 -24.95
C ALA M 3017 81.38 103.17 -24.13
N SER M 3018 80.23 103.03 -24.81
CA SER M 3018 78.94 102.90 -24.15
C SER M 3018 78.74 104.03 -23.15
N ILE M 3019 78.61 105.24 -23.71
CA ILE M 3019 78.82 106.51 -23.01
C ILE M 3019 78.24 106.47 -21.60
N ASP M 3020 79.03 106.94 -20.63
CA ASP M 3020 78.90 106.74 -19.19
C ASP M 3020 79.35 105.34 -18.79
N SER M 3021 79.91 104.57 -19.73
CA SER M 3021 80.46 103.24 -19.45
C SER M 3021 79.41 102.33 -18.80
N GLU M 3022 78.17 102.42 -19.30
CA GLU M 3022 77.08 101.64 -18.74
C GLU M 3022 76.71 100.48 -19.67
N LYS M 3029 71.42 93.67 -19.60
CA LYS M 3029 71.92 93.46 -18.26
C LYS M 3029 72.77 94.63 -17.82
N ILE M 3030 73.93 94.80 -18.47
CA ILE M 3030 74.75 95.98 -18.23
C ILE M 3030 74.03 97.24 -18.68
N TRP M 3031 73.42 97.20 -19.85
CA TRP M 3031 72.75 98.37 -20.42
C TRP M 3031 71.27 98.43 -20.08
N SER M 3032 70.65 97.31 -19.73
CA SER M 3032 69.28 97.36 -19.25
C SER M 3032 69.19 97.72 -17.78
N GLU M 3033 70.33 97.94 -17.13
CA GLU M 3033 70.34 98.39 -15.74
C GLU M 3033 70.01 99.88 -15.65
N PRO M 3034 70.71 100.77 -16.37
CA PRO M 3034 70.37 102.19 -16.25
C PRO M 3034 69.34 102.63 -17.28
N PHE M 3035 68.42 103.51 -16.82
CA PHE M 3035 67.37 103.99 -17.70
C PHE M 3035 67.92 104.76 -18.89
N TYR M 3036 69.09 105.39 -18.74
CA TYR M 3036 69.76 105.99 -19.88
C TYR M 3036 69.93 104.98 -20.99
N GLN M 3037 70.66 103.90 -20.70
CA GLN M 3037 70.85 102.87 -21.70
C GLN M 3037 69.58 102.08 -21.98
N GLU M 3038 68.63 102.02 -21.04
CA GLU M 3038 67.35 101.41 -21.36
C GLU M 3038 66.66 102.15 -22.49
N THR M 3039 66.68 103.49 -22.45
CA THR M 3039 66.14 104.27 -23.55
C THR M 3039 67.01 104.19 -24.79
N TYR M 3040 68.32 104.11 -24.61
CA TYR M 3040 69.24 104.04 -25.75
C TYR M 3040 69.24 102.68 -26.43
N LEU M 3041 68.65 101.65 -25.81
CA LEU M 3041 68.66 100.28 -26.32
C LEU M 3041 68.40 100.21 -27.81
N PRO M 3042 67.28 100.74 -28.33
CA PRO M 3042 67.09 100.70 -29.79
C PRO M 3042 68.22 101.40 -30.52
N TYR M 3043 68.71 102.51 -29.99
CA TYR M 3043 69.79 103.25 -30.63
C TYR M 3043 71.07 102.43 -30.67
N MET M 3044 71.51 101.89 -29.52
CA MET M 3044 72.78 101.15 -29.54
C MET M 3044 72.67 99.92 -30.40
N ILE M 3045 71.55 99.20 -30.33
CA ILE M 3045 71.48 97.94 -31.07
C ILE M 3045 71.32 98.21 -32.57
N ARG M 3046 70.66 99.31 -32.95
CA ARG M 3046 70.64 99.71 -34.36
C ARG M 3046 72.05 100.06 -34.84
N SER M 3047 72.80 100.78 -34.00
CA SER M 3047 74.22 101.05 -34.30
C SER M 3047 74.98 99.76 -34.50
N LYS M 3048 74.86 98.84 -33.54
CA LYS M 3048 75.65 97.60 -33.55
C LYS M 3048 75.25 96.69 -34.70
N LEU M 3049 73.97 96.68 -35.07
CA LEU M 3049 73.57 95.87 -36.21
C LEU M 3049 74.05 96.47 -37.52
N LYS M 3050 74.13 97.81 -37.60
CA LYS M 3050 74.76 98.39 -38.78
C LYS M 3050 76.25 98.09 -38.81
N LEU M 3051 76.88 97.95 -37.65
CA LEU M 3051 78.25 97.44 -37.64
C LEU M 3051 78.30 96.01 -38.15
N LEU M 3052 77.45 95.15 -37.61
CA LEU M 3052 77.55 93.72 -37.88
C LEU M 3052 77.24 93.39 -39.34
N LEU M 3053 76.15 93.93 -39.86
CA LEU M 3053 75.66 93.52 -41.17
C LEU M 3053 76.24 94.35 -42.32
N GLN M 3054 77.16 95.27 -42.04
CA GLN M 3054 77.72 96.12 -43.09
C GLN M 3054 79.24 96.07 -43.06
N GLY M 3055 79.82 94.89 -42.88
CA GLY M 3055 81.24 94.69 -43.04
C GLY M 3055 82.08 94.83 -41.79
N GLU M 3056 81.48 94.83 -40.60
CA GLU M 3056 82.22 94.94 -39.35
C GLU M 3056 81.68 93.90 -38.38
N ALA M 3057 82.42 93.69 -37.30
CA ALA M 3057 82.02 92.70 -36.30
C ALA M 3057 82.59 93.09 -34.94
N ASP M 3058 81.71 93.12 -33.94
CA ASP M 3058 82.12 93.33 -32.55
C ASP M 3058 81.70 92.20 -31.64
N GLN M 3059 80.50 91.65 -31.85
CA GLN M 3059 79.98 90.50 -31.12
C GLN M 3059 79.82 90.78 -29.62
N SER M 3060 80.08 92.02 -29.20
CA SER M 3060 79.70 92.42 -27.86
C SER M 3060 78.19 92.35 -27.69
N LEU M 3061 77.46 92.79 -28.72
CA LEU M 3061 76.01 92.60 -28.74
C LEU M 3061 75.65 91.11 -28.83
N LEU M 3062 76.51 90.30 -29.44
CA LEU M 3062 76.24 88.86 -29.48
C LEU M 3062 76.30 88.26 -28.08
N THR M 3063 77.35 88.59 -27.33
CA THR M 3063 77.42 88.17 -25.94
C THR M 3063 76.29 88.78 -25.12
N PHE M 3064 75.86 90.00 -25.48
CA PHE M 3064 74.72 90.60 -24.82
C PHE M 3064 73.45 89.80 -25.07
N ILE M 3065 73.28 89.28 -26.28
CA ILE M 3065 72.14 88.42 -26.58
C ILE M 3065 72.25 87.12 -25.80
N ASP M 3066 73.46 86.56 -25.69
CA ASP M 3066 73.65 85.34 -24.94
C ASP M 3066 73.26 85.53 -23.48
N LYS M 3067 73.71 86.64 -22.87
CA LYS M 3067 73.31 86.96 -21.51
C LYS M 3067 71.87 87.43 -21.42
N ALA M 3068 71.29 87.86 -22.55
CA ALA M 3068 69.87 88.18 -22.58
C ALA M 3068 69.04 86.92 -22.44
N MET M 3069 69.40 85.88 -23.18
CA MET M 3069 68.73 84.60 -23.06
C MET M 3069 68.79 84.11 -21.62
N HIS M 3070 69.89 84.41 -20.93
CA HIS M 3070 70.05 84.11 -19.51
C HIS M 3070 69.26 85.13 -18.72
N GLY M 3071 68.08 84.73 -18.25
CA GLY M 3071 67.18 85.68 -17.62
C GLY M 3071 66.02 86.03 -18.52
N GLU M 3072 64.81 86.02 -17.97
CA GLU M 3072 63.61 86.17 -18.79
C GLU M 3072 63.38 87.60 -19.24
N LEU M 3073 63.85 88.59 -18.48
CA LEU M 3073 63.50 89.98 -18.77
C LEU M 3073 64.17 90.47 -20.05
N GLN M 3074 65.50 90.38 -20.12
CA GLN M 3074 66.21 90.87 -21.30
C GLN M 3074 65.86 90.02 -22.53
N LYS M 3075 65.80 88.71 -22.36
CA LYS M 3075 65.37 87.83 -23.44
C LYS M 3075 64.02 88.25 -23.98
N ALA M 3076 63.04 88.43 -23.10
CA ALA M 3076 61.69 88.75 -23.53
C ALA M 3076 61.63 90.10 -24.23
N ILE M 3077 62.31 91.12 -23.69
CA ILE M 3077 62.22 92.44 -24.29
C ILE M 3077 62.91 92.44 -25.66
N LEU M 3078 64.11 91.86 -25.76
CA LEU M 3078 64.82 91.86 -27.02
C LEU M 3078 64.11 91.00 -28.06
N GLU M 3079 63.34 90.00 -27.63
CA GLU M 3079 62.59 89.19 -28.58
C GLU M 3079 61.33 89.92 -29.05
N LEU M 3080 60.47 90.31 -28.12
CA LEU M 3080 59.20 90.93 -28.49
C LEU M 3080 59.40 92.26 -29.20
N HIS M 3081 60.51 92.95 -28.95
CA HIS M 3081 60.72 94.25 -29.55
C HIS M 3081 61.75 94.27 -30.67
N TYR M 3082 62.65 93.30 -30.71
CA TYR M 3082 63.70 93.27 -31.72
C TYR M 3082 63.80 91.88 -32.34
N SER M 3083 62.66 91.23 -32.56
CA SER M 3083 62.67 89.95 -33.26
C SER M 3083 63.18 90.10 -34.69
N GLN M 3084 62.91 91.25 -35.32
CA GLN M 3084 63.47 91.51 -36.64
C GLN M 3084 64.98 91.57 -36.60
N GLU M 3085 65.54 92.28 -35.61
CA GLU M 3085 66.99 92.37 -35.49
C GLU M 3085 67.60 91.01 -35.17
N LEU M 3086 66.94 90.24 -34.30
CA LEU M 3086 67.43 88.91 -33.96
C LEU M 3086 67.39 87.98 -35.18
N SER M 3087 66.33 88.06 -35.98
CA SER M 3087 66.26 87.27 -37.21
C SER M 3087 67.35 87.69 -38.18
N LEU M 3088 67.61 89.00 -38.28
CA LEU M 3088 68.70 89.47 -39.11
C LEU M 3088 70.03 88.90 -38.65
N LEU M 3089 70.25 88.85 -37.34
CA LEU M 3089 71.49 88.27 -36.82
C LEU M 3089 71.58 86.78 -37.15
N TYR M 3090 70.51 86.04 -36.90
CA TYR M 3090 70.53 84.60 -37.17
C TYR M 3090 70.78 84.33 -38.65
N LEU M 3091 70.25 85.18 -39.52
CA LEU M 3091 70.60 85.09 -40.93
C LEU M 3091 72.08 85.39 -41.15
N LEU M 3092 72.59 86.42 -40.47
CA LEU M 3092 74.02 86.70 -40.50
C LEU M 3092 74.82 85.56 -39.90
N GLN M 3093 74.32 84.99 -38.79
CA GLN M 3093 74.92 83.81 -38.18
C GLN M 3093 74.52 82.52 -38.88
N ASP M 3094 73.79 82.62 -39.99
CA ASP M 3094 73.34 81.49 -40.79
C ASP M 3094 72.40 80.56 -40.03
N ASP M 3095 71.89 81.00 -38.87
CA ASP M 3095 70.90 80.24 -38.12
C ASP M 3095 69.52 80.52 -38.73
N VAL M 3096 69.35 80.02 -39.96
CA VAL M 3096 68.15 80.31 -40.74
C VAL M 3096 66.90 79.80 -40.03
N ASP M 3097 67.03 78.74 -39.24
CA ASP M 3097 65.89 78.23 -38.49
C ASP M 3097 65.32 79.29 -37.56
N ARG M 3098 66.12 79.71 -36.57
CA ARG M 3098 65.65 80.76 -35.67
C ARG M 3098 65.54 82.10 -36.38
N ALA M 3099 66.23 82.30 -37.50
CA ALA M 3099 66.02 83.52 -38.28
C ALA M 3099 64.58 83.60 -38.77
N LYS M 3100 64.10 82.53 -39.41
CA LYS M 3100 62.71 82.50 -39.86
C LYS M 3100 61.76 82.50 -38.68
N TYR M 3101 62.12 81.80 -37.60
CA TYR M 3101 61.29 81.81 -36.40
C TYR M 3101 61.13 83.23 -35.85
N TYR M 3102 62.23 83.97 -35.77
CA TYR M 3102 62.18 85.33 -35.25
C TYR M 3102 61.48 86.28 -36.22
N ILE M 3103 61.62 86.06 -37.52
CA ILE M 3103 60.93 86.94 -38.45
C ILE M 3103 59.42 86.69 -38.41
N GLN M 3104 58.99 85.44 -38.24
CA GLN M 3104 57.55 85.21 -38.12
C GLN M 3104 57.03 85.66 -36.76
N ASN M 3105 57.85 85.56 -35.71
CA ASN M 3105 57.46 86.14 -34.43
C ASN M 3105 57.30 87.65 -34.56
N GLY M 3106 58.21 88.28 -35.30
CA GLY M 3106 58.03 89.67 -35.63
C GLY M 3106 56.74 89.92 -36.39
N ILE M 3107 56.42 89.03 -37.35
CA ILE M 3107 55.17 89.15 -38.08
C ILE M 3107 54.00 89.18 -37.11
N GLN M 3108 53.99 88.25 -36.17
CA GLN M 3108 52.93 88.18 -35.18
C GLN M 3108 52.87 89.46 -34.36
N SER M 3109 54.04 89.96 -33.95
CA SER M 3109 54.07 91.17 -33.14
C SER M 3109 53.51 92.36 -33.91
N PHE M 3110 53.95 92.55 -35.16
CA PHE M 3110 53.44 93.71 -35.90
C PHE M 3110 51.94 93.59 -36.13
N MET M 3111 51.46 92.40 -36.50
CA MET M 3111 50.03 92.32 -36.80
C MET M 3111 49.19 92.41 -35.54
N GLN M 3112 49.70 91.93 -34.41
CA GLN M 3112 48.95 92.05 -33.15
C GLN M 3112 48.93 93.49 -32.67
N ASN M 3113 50.06 94.20 -32.80
CA ASN M 3113 50.05 95.63 -32.51
C ASN M 3113 49.08 96.35 -33.43
N TYR M 3114 49.13 96.04 -34.72
CA TYR M 3114 48.18 96.56 -35.70
C TYR M 3114 46.75 96.31 -35.25
N SER M 3115 46.51 95.13 -34.67
CA SER M 3115 45.21 94.85 -34.08
C SER M 3115 44.90 95.84 -32.95
N SER M 3116 45.90 96.11 -32.10
CA SER M 3116 45.70 97.09 -31.04
C SER M 3116 45.83 98.53 -31.55
N ILE M 3117 46.35 98.74 -32.75
CA ILE M 3117 46.40 100.07 -33.34
C ILE M 3117 45.07 100.37 -34.03
N ASP M 3118 44.48 101.52 -33.70
CA ASP M 3118 43.31 101.99 -34.42
C ASP M 3118 43.70 102.48 -35.80
N VAL M 3119 42.72 102.47 -36.71
CA VAL M 3119 42.95 103.05 -38.03
C VAL M 3119 43.23 104.54 -37.90
N LEU M 3120 42.74 105.15 -36.81
CA LEU M 3120 43.01 106.57 -36.55
C LEU M 3120 44.48 106.83 -36.31
N LEU M 3121 45.28 105.80 -36.02
CA LEU M 3121 46.73 105.94 -35.88
C LEU M 3121 47.38 105.63 -37.22
N HIS M 3122 47.13 106.51 -38.19
CA HIS M 3122 47.52 106.25 -39.57
C HIS M 3122 49.03 106.20 -39.73
N GLN M 3123 49.75 107.06 -39.00
CA GLN M 3123 51.21 107.08 -39.12
C GLN M 3123 51.82 105.76 -38.68
N SER M 3124 51.28 105.17 -37.61
CA SER M 3124 51.73 103.85 -37.20
C SER M 3124 51.38 102.80 -38.23
N ARG M 3125 50.24 102.97 -38.91
CA ARG M 3125 49.90 102.05 -40.00
C ARG M 3125 50.91 102.14 -41.13
N LEU M 3126 51.32 103.36 -41.49
CA LEU M 3126 52.34 103.53 -42.52
C LEU M 3126 53.66 102.91 -42.07
N THR M 3127 54.03 103.11 -40.81
CA THR M 3127 55.23 102.47 -40.27
C THR M 3127 55.12 100.96 -40.38
N LYS M 3128 53.92 100.42 -40.13
CA LYS M 3128 53.69 98.99 -40.32
C LYS M 3128 53.91 98.58 -41.77
N LEU M 3129 53.47 99.42 -42.71
CA LEU M 3129 53.68 99.12 -44.13
C LEU M 3129 55.17 99.05 -44.45
N GLN M 3130 55.94 100.00 -43.95
CA GLN M 3130 57.38 99.98 -44.21
C GLN M 3130 58.02 98.75 -43.56
N SER M 3131 57.58 98.42 -42.34
CA SER M 3131 58.10 97.25 -41.66
C SER M 3131 57.81 95.98 -42.44
N VAL M 3132 56.60 95.85 -42.98
CA VAL M 3132 56.29 94.64 -43.74
C VAL M 3132 56.95 94.62 -45.11
N GLN M 3133 57.30 95.78 -45.68
CA GLN M 3133 58.12 95.77 -46.89
C GLN M 3133 59.51 95.22 -46.60
N ALA M 3134 60.16 95.74 -45.56
CA ALA M 3134 61.43 95.16 -45.14
C ALA M 3134 61.27 93.69 -44.79
N LEU M 3135 60.10 93.32 -44.25
CA LEU M 3135 59.80 91.95 -43.89
C LEU M 3135 59.75 91.05 -45.12
N THR M 3136 59.11 91.50 -46.20
CA THR M 3136 59.08 90.67 -47.39
C THR M 3136 60.47 90.57 -48.00
N GLU M 3137 61.28 91.63 -47.87
CA GLU M 3137 62.66 91.53 -48.34
C GLU M 3137 63.42 90.44 -47.59
N ILE M 3138 63.36 90.46 -46.26
CA ILE M 3138 64.09 89.46 -45.49
C ILE M 3138 63.50 88.08 -45.69
N GLN M 3139 62.17 87.98 -45.84
CA GLN M 3139 61.53 86.70 -46.10
C GLN M 3139 62.00 86.10 -47.41
N GLU M 3140 62.00 86.90 -48.48
CA GLU M 3140 62.42 86.38 -49.77
C GLU M 3140 63.91 86.04 -49.78
N PHE M 3141 64.72 86.76 -49.00
CA PHE M 3141 66.10 86.30 -48.85
C PHE M 3141 66.15 84.94 -48.17
N ILE M 3142 65.34 84.75 -47.12
CA ILE M 3142 65.24 83.43 -46.50
C ILE M 3142 64.82 82.40 -47.52
N SER M 3143 63.98 82.80 -48.47
CA SER M 3143 63.64 81.96 -49.60
C SER M 3143 64.80 81.79 -50.58
N PHE M 3144 65.85 82.60 -50.47
CA PHE M 3144 67.05 82.42 -51.29
C PHE M 3144 68.18 81.95 -50.37
N ILE M 3145 68.15 80.66 -50.05
CA ILE M 3145 69.32 80.00 -49.46
C ILE M 3145 69.63 78.79 -50.32
N SER M 3146 68.71 77.83 -50.34
CA SER M 3146 68.74 76.73 -51.31
C SER M 3146 67.34 76.29 -51.71
N LYS M 3147 66.30 77.04 -51.34
CA LYS M 3147 64.91 76.58 -51.46
C LYS M 3147 64.57 76.15 -52.87
N GLN M 3148 64.58 77.09 -53.80
CA GLN M 3148 64.49 76.78 -55.22
C GLN M 3148 65.84 76.42 -55.81
N GLY M 3149 66.90 76.55 -55.03
CA GLY M 3149 68.25 76.39 -55.51
C GLY M 3149 68.88 77.75 -55.71
N ASN M 3150 69.68 78.19 -54.73
CA ASN M 3150 70.38 79.46 -54.82
C ASN M 3150 71.87 79.28 -55.02
N LEU M 3151 72.47 78.32 -54.32
CA LEU M 3151 73.77 77.80 -54.72
C LEU M 3151 73.66 76.66 -55.71
N SER M 3152 72.47 76.08 -55.84
CA SER M 3152 72.15 75.08 -56.84
C SER M 3152 71.74 75.78 -58.14
N SER M 3153 71.12 75.05 -59.06
CA SER M 3153 70.64 75.61 -60.31
C SER M 3153 69.89 76.91 -60.08
N GLN M 3154 70.23 77.94 -60.87
CA GLN M 3154 69.77 79.30 -60.64
C GLN M 3154 68.54 79.57 -61.49
N VAL M 3155 67.46 79.99 -60.82
CA VAL M 3155 66.23 80.38 -61.51
C VAL M 3155 66.30 81.88 -61.80
N PRO M 3156 65.81 82.35 -62.95
CA PRO M 3156 65.87 83.79 -63.22
C PRO M 3156 64.88 84.63 -62.44
N LEU M 3157 63.86 84.01 -61.84
CA LEU M 3157 62.84 84.80 -61.15
C LEU M 3157 63.42 85.54 -59.94
N LYS M 3158 64.31 84.89 -59.20
CA LYS M 3158 64.88 85.52 -58.01
C LYS M 3158 65.71 86.74 -58.38
N ARG M 3159 66.51 86.63 -59.43
CA ARG M 3159 67.39 87.72 -59.85
C ARG M 3159 66.67 88.77 -60.69
N LEU M 3160 65.35 88.67 -60.82
CA LEU M 3160 64.56 89.67 -61.50
C LEU M 3160 63.47 90.30 -60.64
N LEU M 3161 62.96 89.57 -59.64
CA LEU M 3161 62.00 90.17 -58.72
C LEU M 3161 62.69 91.13 -57.77
N ASN M 3162 63.90 90.79 -57.33
CA ASN M 3162 64.73 91.74 -56.61
C ASN M 3162 65.07 92.94 -57.50
N THR M 3163 65.32 92.67 -58.77
CA THR M 3163 65.40 93.74 -59.76
C THR M 3163 64.06 94.45 -59.82
N TRP M 3164 64.06 95.67 -60.38
CA TRP M 3164 62.92 96.56 -60.32
C TRP M 3164 62.62 96.93 -58.87
N THR M 3165 63.69 97.10 -58.09
CA THR M 3165 63.66 97.62 -56.73
C THR M 3165 62.83 96.76 -55.77
N ASN M 3166 62.43 95.55 -56.19
CA ASN M 3166 61.71 94.62 -55.33
C ASN M 3166 60.38 95.20 -54.84
N ARG M 3167 59.49 95.47 -55.80
CA ARG M 3167 58.05 95.53 -55.55
C ARG M 3167 57.70 96.57 -54.48
N TYR M 3168 57.88 97.84 -54.85
CA TYR M 3168 57.62 98.97 -53.98
C TYR M 3168 58.51 98.93 -52.74
N PRO M 3169 59.80 99.18 -52.88
CA PRO M 3169 60.68 99.21 -51.70
C PRO M 3169 60.39 100.43 -50.84
N ASP M 3170 59.17 100.54 -50.32
CA ASP M 3170 58.74 101.74 -49.61
C ASP M 3170 58.91 102.97 -50.50
N ALA M 3171 58.47 102.83 -51.75
CA ALA M 3171 58.95 103.66 -52.85
C ALA M 3171 58.61 105.13 -52.68
N LYS M 3172 59.64 105.96 -52.64
CA LYS M 3172 59.59 107.39 -52.96
C LYS M 3172 58.90 108.24 -51.90
N MET M 3173 58.22 107.62 -50.94
CA MET M 3173 57.43 108.38 -49.98
C MET M 3173 57.75 107.85 -48.59
N ASP M 3174 58.88 108.30 -48.03
CA ASP M 3174 59.45 107.88 -46.76
C ASP M 3174 60.71 108.66 -46.41
N PRO M 3175 61.07 108.74 -45.13
CA PRO M 3175 62.40 109.22 -44.77
C PRO M 3175 63.46 108.24 -45.22
N MET M 3176 64.68 108.75 -45.39
CA MET M 3176 65.77 107.91 -45.86
C MET M 3176 66.27 106.93 -44.82
N ASN M 3177 65.74 106.97 -43.59
CA ASN M 3177 66.16 106.02 -42.57
C ASN M 3177 65.68 104.61 -42.91
N ILE M 3178 64.37 104.46 -43.06
CA ILE M 3178 63.81 103.17 -43.48
C ILE M 3178 64.39 102.77 -44.83
N TRP M 3179 64.61 103.75 -45.70
CA TRP M 3179 65.20 103.48 -47.00
C TRP M 3179 66.58 102.86 -46.89
N ASP M 3180 67.45 103.48 -46.08
CA ASP M 3180 68.79 102.92 -45.93
C ASP M 3180 68.74 101.56 -45.27
N ASP M 3181 67.86 101.39 -44.29
CA ASP M 3181 67.71 100.06 -43.67
C ASP M 3181 67.37 99.01 -44.71
N ILE M 3182 66.31 99.26 -45.49
CA ILE M 3182 65.83 98.24 -46.42
C ILE M 3182 66.85 97.98 -47.53
N ILE M 3183 67.57 99.02 -47.97
CA ILE M 3183 68.43 98.79 -49.12
C ILE M 3183 69.82 98.30 -48.72
N THR M 3184 70.35 98.65 -47.54
CA THR M 3184 71.52 97.93 -47.07
C THR M 3184 71.15 96.49 -46.75
N ASN M 3185 69.89 96.27 -46.37
CA ASN M 3185 69.38 94.92 -46.15
C ASN M 3185 69.41 94.12 -47.45
N ARG M 3186 68.89 94.72 -48.52
CA ARG M 3186 68.93 94.11 -49.85
C ARG M 3186 70.37 93.90 -50.33
N CYS M 3187 71.25 94.87 -50.07
CA CYS M 3187 72.64 94.74 -50.49
C CYS M 3187 73.32 93.59 -49.77
N PHE M 3188 73.07 93.42 -48.46
CA PHE M 3188 73.59 92.27 -47.75
C PHE M 3188 73.06 90.98 -48.35
N PHE M 3189 71.78 90.93 -48.67
CA PHE M 3189 71.21 89.75 -49.33
C PHE M 3189 71.93 89.41 -50.62
N LEU M 3190 72.11 90.40 -51.50
CA LEU M 3190 72.71 90.11 -52.80
C LEU M 3190 74.19 89.79 -52.68
N SER M 3191 74.88 90.42 -51.72
CA SER M 3191 76.27 90.05 -51.48
C SER M 3191 76.35 88.59 -51.04
N LYS M 3192 75.46 88.16 -50.13
CA LYS M 3192 75.47 86.77 -49.70
C LYS M 3192 75.13 85.83 -50.85
N ILE M 3193 74.15 86.21 -51.68
CA ILE M 3193 73.78 85.37 -52.82
C ILE M 3193 74.94 85.24 -53.78
N GLU M 3194 75.65 86.33 -54.04
CA GLU M 3194 76.86 86.28 -54.86
C GLU M 3194 77.91 85.38 -54.23
N GLU M 3195 78.04 85.43 -52.90
CA GLU M 3195 78.99 84.57 -52.20
C GLU M 3195 78.66 83.10 -52.43
N LYS M 3196 77.38 82.73 -52.34
CA LYS M 3196 76.97 81.37 -52.63
C LYS M 3196 76.67 81.15 -54.11
N LEU M 3197 77.10 82.06 -54.97
CA LEU M 3197 76.95 81.89 -56.42
C LEU M 3197 78.31 81.64 -57.06
N ASP M 3226 75.25 85.96 -66.12
CA ASP M 3226 73.89 85.46 -66.00
C ASP M 3226 73.27 85.91 -64.68
N ILE M 3227 73.75 85.35 -63.58
CA ILE M 3227 73.21 85.66 -62.26
C ILE M 3227 74.01 86.75 -61.57
N SER M 3228 75.34 86.69 -61.65
CA SER M 3228 76.18 87.68 -60.99
C SER M 3228 75.95 89.07 -61.56
N SER M 3229 75.92 89.18 -62.89
CA SER M 3229 75.69 90.48 -63.51
C SER M 3229 74.30 91.00 -63.17
N LEU M 3230 73.30 90.11 -63.16
CA LEU M 3230 71.94 90.52 -62.82
C LEU M 3230 71.84 91.04 -61.40
N ILE M 3231 72.48 90.37 -60.45
CA ILE M 3231 72.39 90.83 -59.05
C ILE M 3231 73.21 92.10 -58.85
N ARG M 3232 74.33 92.25 -59.57
CA ARG M 3232 75.06 93.52 -59.52
C ARG M 3232 74.19 94.66 -60.03
N SER M 3233 73.50 94.44 -61.15
CA SER M 3233 72.60 95.46 -61.68
C SER M 3233 71.44 95.73 -60.74
N CYS M 3234 70.99 94.71 -60.00
CA CYS M 3234 69.92 94.91 -59.02
C CYS M 3234 70.40 95.80 -57.87
N LYS M 3235 71.60 95.52 -57.35
CA LYS M 3235 72.20 96.41 -56.36
C LYS M 3235 72.30 97.83 -56.89
N PHE M 3236 72.73 97.97 -58.15
CA PHE M 3236 72.87 99.29 -58.76
C PHE M 3236 71.53 100.01 -58.84
N SER M 3237 70.50 99.29 -59.28
CA SER M 3237 69.17 99.86 -59.40
C SER M 3237 68.63 100.30 -58.05
N MET M 3238 68.88 99.52 -56.99
CA MET M 3238 68.36 99.94 -55.69
C MET M 3238 69.15 101.11 -55.12
N LYS M 3239 70.44 101.20 -55.43
CA LYS M 3239 71.17 102.42 -55.05
C LYS M 3239 70.58 103.63 -55.76
N MET M 3240 70.25 103.48 -57.05
CA MET M 3240 69.52 104.54 -57.74
C MET M 3240 68.19 104.84 -57.07
N LYS M 3241 67.50 103.80 -56.59
CA LYS M 3241 66.21 104.00 -55.91
C LYS M 3241 66.39 104.79 -54.62
N MET M 3242 67.44 104.48 -53.85
CA MET M 3242 67.82 105.30 -52.71
C MET M 3242 68.00 106.75 -53.09
N ILE M 3243 68.80 107.01 -54.13
CA ILE M 3243 69.08 108.40 -54.49
C ILE M 3243 67.81 109.10 -54.97
N ASP M 3244 66.96 108.41 -55.72
CA ASP M 3244 65.72 109.00 -56.20
C ASP M 3244 64.79 109.34 -55.04
N SER M 3245 64.64 108.41 -54.09
CA SER M 3245 63.76 108.68 -52.95
C SER M 3245 64.30 109.81 -52.09
N ALA M 3246 65.62 109.86 -51.91
CA ALA M 3246 66.24 110.94 -51.16
C ALA M 3246 66.01 112.28 -51.85
N ARG M 3247 66.13 112.32 -53.18
CA ARG M 3247 65.85 113.55 -53.91
C ARG M 3247 64.39 113.95 -53.81
N LYS M 3248 63.48 112.97 -53.85
CA LYS M 3248 62.06 113.28 -53.73
C LYS M 3248 61.73 113.84 -52.36
N GLN M 3249 62.28 113.23 -51.30
CA GLN M 3249 62.18 113.86 -49.99
C GLN M 3249 63.13 115.04 -49.85
N ASN M 3250 64.07 115.18 -50.77
CA ASN M 3250 65.00 116.32 -50.82
C ASN M 3250 65.72 116.50 -49.49
N ASN M 3251 66.26 115.41 -48.97
CA ASN M 3251 67.04 115.48 -47.75
C ASN M 3251 68.28 116.35 -47.96
N PHE M 3252 68.56 117.20 -46.97
CA PHE M 3252 69.69 118.11 -47.05
C PHE M 3252 70.84 117.72 -46.15
N SER M 3253 70.69 116.65 -45.37
CA SER M 3253 71.79 116.04 -44.63
C SER M 3253 71.92 114.62 -45.15
N LEU M 3254 72.68 114.46 -46.23
CA LEU M 3254 72.85 113.18 -46.88
C LEU M 3254 74.28 112.69 -46.67
N ALA M 3255 74.57 111.51 -47.23
CA ALA M 3255 75.93 111.01 -47.32
C ALA M 3255 76.40 111.23 -48.75
N MET M 3256 76.89 112.45 -49.01
CA MET M 3256 77.37 112.78 -50.34
C MET M 3256 78.60 111.93 -50.70
N LYS M 3257 79.46 111.67 -49.71
CA LYS M 3257 80.60 110.80 -49.95
C LYS M 3257 80.16 109.38 -50.25
N LEU M 3258 79.01 108.95 -49.74
CA LEU M 3258 78.46 107.66 -50.15
C LEU M 3258 78.15 107.66 -51.64
N LEU M 3259 77.57 108.76 -52.13
CA LEU M 3259 77.38 108.88 -53.57
C LEU M 3259 78.71 108.86 -54.32
N LYS M 3260 79.71 109.55 -53.79
CA LYS M 3260 81.01 109.57 -54.47
C LYS M 3260 81.63 108.18 -54.51
N GLU M 3261 81.44 107.39 -53.44
CA GLU M 3261 81.93 106.01 -53.45
C GLU M 3261 81.15 105.17 -54.44
N LEU M 3262 79.84 105.40 -54.56
CA LEU M 3262 79.08 104.75 -55.63
C LEU M 3262 79.61 105.15 -57.00
N HIS M 3263 80.06 106.39 -57.14
CA HIS M 3263 80.65 106.85 -58.39
C HIS M 3263 81.94 106.10 -58.69
N LYS M 3264 82.78 105.92 -57.66
CA LYS M 3264 83.96 105.09 -57.83
C LYS M 3264 83.57 103.66 -58.19
N GLU M 3265 82.42 103.20 -57.69
CA GLU M 3265 81.82 101.97 -58.19
C GLU M 3265 81.14 102.18 -59.54
N SER M 3266 80.71 103.41 -59.83
CA SER M 3266 80.00 103.66 -61.09
C SER M 3266 80.93 103.49 -62.29
N LYS M 3267 82.18 103.89 -62.17
CA LYS M 3267 83.10 103.82 -63.29
C LYS M 3267 83.51 102.40 -63.65
N THR M 3268 83.04 101.39 -62.90
CA THR M 3268 83.31 100.01 -63.29
C THR M 3268 82.70 99.69 -64.65
N ARG M 3269 81.48 100.13 -64.89
CA ARG M 3269 80.83 100.01 -66.19
C ARG M 3269 80.17 101.35 -66.53
N ASP M 3270 80.33 101.76 -67.80
CA ASP M 3270 79.96 103.12 -68.18
C ASP M 3270 78.47 103.39 -68.04
N ASP M 3271 77.64 102.37 -68.19
CA ASP M 3271 76.20 102.57 -68.01
C ASP M 3271 75.90 102.96 -66.56
N TRP M 3272 76.44 102.19 -65.61
CA TRP M 3272 76.28 102.51 -64.20
C TRP M 3272 76.99 103.82 -63.86
N LEU M 3273 78.10 104.12 -64.55
CA LEU M 3273 78.75 105.42 -64.42
C LEU M 3273 77.79 106.56 -64.73
N VAL M 3274 77.25 106.58 -65.95
CA VAL M 3274 76.38 107.67 -66.38
C VAL M 3274 75.11 107.71 -65.54
N SER M 3275 74.60 106.54 -65.14
CA SER M 3275 73.42 106.51 -64.28
C SER M 3275 73.68 107.22 -62.95
N TRP M 3276 74.77 106.86 -62.28
CA TRP M 3276 75.09 107.54 -61.03
C TRP M 3276 75.36 109.02 -61.27
N VAL M 3277 76.00 109.36 -62.39
CA VAL M 3277 76.33 110.76 -62.63
C VAL M 3277 75.07 111.60 -62.79
N GLN M 3278 74.11 111.10 -63.56
CA GLN M 3278 72.84 111.80 -63.72
C GLN M 3278 72.09 111.88 -62.40
N SER M 3279 72.06 110.79 -61.64
CA SER M 3279 71.39 110.83 -60.35
C SER M 3279 72.05 111.82 -59.40
N TYR M 3280 73.38 111.93 -59.48
CA TYR M 3280 74.12 112.76 -58.54
C TYR M 3280 73.93 114.23 -58.87
N CYS M 3281 73.95 114.58 -60.15
CA CYS M 3281 73.60 115.94 -60.55
C CYS M 3281 72.15 116.26 -60.23
N ARG M 3282 71.25 115.28 -60.39
CA ARG M 3282 69.86 115.48 -60.04
C ARG M 3282 69.68 115.77 -58.56
N LEU M 3283 70.39 115.02 -57.71
CA LEU M 3283 70.36 115.29 -56.28
C LEU M 3283 70.94 116.66 -55.96
N SER M 3284 71.99 117.04 -56.69
CA SER M 3284 72.53 118.39 -56.54
C SER M 3284 71.49 119.45 -56.90
N HIS M 3285 70.67 119.18 -57.91
CA HIS M 3285 69.73 120.17 -58.40
C HIS M 3285 68.51 120.30 -57.49
N CYS M 3286 67.97 119.16 -57.02
CA CYS M 3286 66.76 119.20 -56.21
C CYS M 3286 67.00 119.90 -54.88
N ARG M 3287 68.23 119.88 -54.39
CA ARG M 3287 68.58 120.57 -53.16
C ARG M 3287 68.73 122.08 -53.36
N SER M 3288 68.35 122.60 -54.52
CA SER M 3288 68.26 124.04 -54.70
C SER M 3288 67.20 124.61 -53.77
N ARG M 3289 67.43 125.84 -53.30
CA ARG M 3289 66.63 126.41 -52.23
C ARG M 3289 66.37 127.88 -52.58
N SER M 3290 65.93 128.65 -51.59
CA SER M 3290 65.81 130.10 -51.77
C SER M 3290 67.14 130.70 -52.18
N GLN M 3291 68.24 130.20 -51.62
CA GLN M 3291 69.57 130.52 -52.09
C GLN M 3291 70.01 129.62 -53.25
N GLY M 3292 69.05 129.01 -53.95
CA GLY M 3292 69.37 128.21 -55.12
C GLY M 3292 70.10 128.98 -56.19
N CYS M 3293 69.96 130.31 -56.22
CA CYS M 3293 70.77 131.14 -57.08
C CYS M 3293 72.25 130.92 -56.81
N SER M 3294 72.68 131.31 -55.60
CA SER M 3294 74.10 131.21 -55.25
C SER M 3294 74.58 129.76 -55.26
N GLU M 3295 73.76 128.84 -54.75
CA GLU M 3295 74.15 127.44 -54.73
C GLU M 3295 74.32 126.89 -56.14
N GLN M 3296 73.26 126.93 -56.93
CA GLN M 3296 73.28 126.36 -58.28
C GLN M 3296 74.21 127.11 -59.22
N VAL M 3297 74.66 128.32 -58.86
CA VAL M 3297 75.72 128.95 -59.63
C VAL M 3297 77.09 128.46 -59.16
N LEU M 3298 77.29 128.39 -57.84
CA LEU M 3298 78.53 127.83 -57.31
C LEU M 3298 78.64 126.34 -57.60
N THR M 3299 77.50 125.66 -57.81
CA THR M 3299 77.51 124.25 -58.21
C THR M 3299 76.29 123.99 -59.10
N VAL M 3300 76.52 124.08 -60.41
CA VAL M 3300 75.49 123.77 -61.40
C VAL M 3300 75.60 122.28 -61.75
N LEU M 3301 74.71 121.49 -61.13
CA LEU M 3301 74.65 120.04 -61.33
C LEU M 3301 76.01 119.38 -61.04
N LYS M 3302 76.89 120.08 -60.32
CA LYS M 3302 78.24 119.58 -60.01
C LYS M 3302 79.01 119.23 -61.28
N THR M 3303 79.40 120.28 -62.01
CA THR M 3303 80.06 120.18 -63.31
C THR M 3303 79.06 119.74 -64.39
N VAL M 3304 77.84 120.26 -64.28
CA VAL M 3304 76.68 119.92 -65.10
C VAL M 3304 76.69 118.45 -65.49
N SER M 3305 76.20 117.58 -64.59
CA SER M 3305 76.17 116.14 -64.78
C SER M 3305 77.59 115.59 -64.86
N LEU M 3306 78.45 116.08 -63.97
CA LEU M 3306 79.76 115.52 -63.64
C LEU M 3306 80.53 114.97 -64.84
N LEU M 3307 80.62 115.77 -65.91
CA LEU M 3307 81.44 115.44 -67.08
C LEU M 3307 81.05 114.11 -67.72
N ASP M 3308 79.74 113.82 -67.75
CA ASP M 3308 79.21 112.86 -68.70
C ASP M 3308 78.52 113.55 -69.87
N GLU M 3309 78.74 114.86 -70.02
CA GLU M 3309 78.27 115.59 -71.18
C GLU M 3309 79.05 115.19 -72.43
N ASN M 3310 80.28 114.72 -72.26
CA ASN M 3310 81.04 114.22 -73.40
C ASN M 3310 80.32 113.06 -74.08
N ASN M 3311 79.61 112.24 -73.32
CA ASN M 3311 78.74 111.20 -73.86
C ASN M 3311 77.30 111.58 -73.51
N VAL M 3312 76.69 112.42 -74.35
CA VAL M 3312 75.29 112.77 -74.16
C VAL M 3312 74.48 111.50 -74.30
N SER M 3313 73.73 111.16 -73.25
CA SER M 3313 73.02 109.88 -73.17
C SER M 3313 73.91 108.74 -73.63
N SER M 3314 75.10 108.68 -73.03
CA SER M 3314 76.15 107.72 -73.38
C SER M 3314 76.39 107.69 -74.89
N TYR M 3315 76.70 108.88 -75.44
CA TYR M 3315 76.89 109.06 -76.87
C TYR M 3315 75.63 108.67 -77.65
N LEU M 3316 74.46 108.98 -77.08
CA LEU M 3316 73.18 108.71 -77.71
C LEU M 3316 72.94 107.21 -77.96
N SER M 3317 73.59 106.36 -77.18
CA SER M 3317 73.50 104.91 -77.36
C SER M 3317 72.31 104.30 -76.64
N LYS M 3318 71.39 105.11 -76.13
CA LYS M 3318 70.20 104.63 -75.44
C LYS M 3318 68.96 105.23 -76.12
N ASN M 3319 67.81 105.04 -75.47
CA ASN M 3319 66.56 105.57 -76.00
C ASN M 3319 66.61 107.09 -76.06
N ILE M 3320 65.91 107.65 -77.05
CA ILE M 3320 65.93 109.09 -77.26
C ILE M 3320 65.31 109.84 -76.10
N LEU M 3321 64.55 109.15 -75.24
CA LEU M 3321 64.02 109.80 -74.03
C LEU M 3321 65.15 110.19 -73.08
N ALA M 3322 66.19 109.36 -72.99
CA ALA M 3322 67.35 109.71 -72.18
C ALA M 3322 68.05 110.95 -72.72
N PHE M 3323 68.17 111.05 -74.04
CA PHE M 3323 68.72 112.26 -74.65
C PHE M 3323 67.84 113.46 -74.35
N ARG M 3324 66.53 113.27 -74.42
CA ARG M 3324 65.59 114.34 -74.07
C ARG M 3324 65.83 114.83 -72.65
N ASP M 3325 65.97 113.90 -71.72
CA ASP M 3325 66.14 114.27 -70.32
C ASP M 3325 67.50 114.89 -70.06
N GLN M 3326 68.54 114.43 -70.75
CA GLN M 3326 69.85 115.06 -70.64
C GLN M 3326 69.79 116.51 -71.11
N ASN M 3327 69.15 116.74 -72.27
CA ASN M 3327 68.97 118.11 -72.74
C ASN M 3327 68.08 118.90 -71.80
N ILE M 3328 67.08 118.26 -71.21
CA ILE M 3328 66.19 118.95 -70.28
C ILE M 3328 66.99 119.46 -69.08
N LEU M 3329 67.80 118.59 -68.47
CA LEU M 3329 68.64 119.01 -67.35
C LEU M 3329 69.58 120.13 -67.78
N LEU M 3330 70.27 119.93 -68.91
CA LEU M 3330 71.24 120.92 -69.39
C LEU M 3330 70.61 122.28 -69.56
N GLY M 3331 69.61 122.38 -70.45
CA GLY M 3331 68.98 123.65 -70.74
C GLY M 3331 68.25 124.25 -69.56
N THR M 3332 67.57 123.40 -68.77
CA THR M 3332 66.81 123.89 -67.63
C THR M 3332 67.73 124.51 -66.59
N THR M 3333 68.86 123.86 -66.28
CA THR M 3333 69.76 124.45 -65.30
C THR M 3333 70.47 125.67 -65.87
N TYR M 3334 70.72 125.69 -67.19
CA TYR M 3334 71.28 126.90 -67.80
C TYR M 3334 70.31 128.08 -67.67
N ARG M 3335 69.03 127.84 -67.94
CA ARG M 3335 68.03 128.89 -67.83
C ARG M 3335 67.84 129.31 -66.38
N ILE M 3336 67.91 128.36 -65.45
CA ILE M 3336 67.82 128.69 -64.03
C ILE M 3336 68.97 129.59 -63.62
N ILE M 3337 70.19 129.26 -64.07
CA ILE M 3337 71.33 130.11 -63.80
C ILE M 3337 71.11 131.50 -64.38
N ALA M 3338 70.62 131.57 -65.61
CA ALA M 3338 70.43 132.86 -66.26
C ALA M 3338 69.42 133.71 -65.51
N ASN M 3339 68.31 133.10 -65.08
CA ASN M 3339 67.32 133.84 -64.30
C ASN M 3339 67.87 134.26 -62.95
N ALA M 3340 68.69 133.41 -62.34
CA ALA M 3340 69.29 133.75 -61.05
C ALA M 3340 70.24 134.94 -61.19
N LEU M 3341 71.04 134.95 -62.25
CA LEU M 3341 71.98 136.05 -62.46
C LEU M 3341 71.25 137.34 -62.84
N SER M 3342 70.21 137.24 -63.66
CA SER M 3342 69.44 138.43 -64.02
C SER M 3342 68.72 139.01 -62.81
N SER M 3343 68.12 138.15 -61.99
CA SER M 3343 67.45 138.61 -60.79
C SER M 3343 68.44 139.04 -59.72
N GLU M 3344 69.59 138.35 -59.64
CA GLU M 3344 70.61 138.63 -58.63
C GLU M 3344 71.94 138.84 -59.34
N PRO M 3345 72.19 140.05 -59.85
CA PRO M 3345 73.46 140.32 -60.55
C PRO M 3345 74.62 140.48 -59.59
N ALA M 3346 74.36 141.03 -58.41
CA ALA M 3346 75.38 141.22 -57.39
C ALA M 3346 75.46 140.03 -56.45
N CYS M 3347 75.58 138.83 -57.03
CA CYS M 3347 75.71 137.61 -56.27
C CYS M 3347 77.18 137.30 -56.02
N LEU M 3348 77.49 136.88 -54.78
CA LEU M 3348 78.85 136.51 -54.46
C LEU M 3348 79.33 135.30 -55.25
N ALA M 3349 78.40 134.52 -55.81
CA ALA M 3349 78.77 133.40 -56.65
C ALA M 3349 79.35 133.83 -57.99
N GLU M 3350 79.26 135.11 -58.33
CA GLU M 3350 79.88 135.63 -59.55
C GLU M 3350 81.30 136.10 -59.31
N ILE M 3351 81.53 136.83 -58.21
CA ILE M 3351 82.88 137.24 -57.84
C ILE M 3351 83.75 136.01 -57.57
N GLU M 3352 83.21 135.06 -56.81
CA GLU M 3352 83.89 133.79 -56.60
C GLU M 3352 83.78 132.95 -57.87
N GLU M 3353 84.91 132.41 -58.31
CA GLU M 3353 84.99 131.65 -59.55
C GLU M 3353 85.41 130.21 -59.25
N ASP M 3354 84.63 129.26 -59.75
CA ASP M 3354 84.88 127.84 -59.54
C ASP M 3354 84.58 127.09 -60.83
N LYS M 3355 84.66 125.75 -60.76
CA LYS M 3355 84.40 124.92 -61.93
C LYS M 3355 82.99 125.12 -62.45
N ALA M 3356 82.01 125.20 -61.54
CA ALA M 3356 80.64 125.44 -61.95
C ALA M 3356 80.49 126.78 -62.64
N ARG M 3357 81.17 127.82 -62.13
CA ARG M 3357 81.10 129.12 -62.78
C ARG M 3357 81.77 129.09 -64.16
N ARG M 3358 82.84 128.31 -64.33
CA ARG M 3358 83.47 128.21 -65.65
C ARG M 3358 82.54 127.52 -66.64
N ILE M 3359 81.99 126.36 -66.27
CA ILE M 3359 81.05 125.68 -67.16
C ILE M 3359 79.78 126.51 -67.34
N LEU M 3360 79.52 127.43 -66.42
CA LEU M 3360 78.44 128.39 -66.55
C LEU M 3360 78.74 129.41 -67.64
N GLU M 3361 79.95 130.00 -67.58
CA GLU M 3361 80.34 131.01 -68.55
C GLU M 3361 80.49 130.42 -69.96
N LEU M 3362 80.83 129.14 -70.05
CA LEU M 3362 80.88 128.50 -71.37
C LEU M 3362 79.50 128.49 -72.03
N SER M 3363 78.46 128.20 -71.25
CA SER M 3363 77.11 128.20 -71.80
C SER M 3363 76.65 129.61 -72.16
N GLY M 3364 77.11 130.62 -71.42
CA GLY M 3364 76.73 131.99 -71.68
C GLY M 3364 77.63 132.68 -72.68
N GLU M 3368 83.06 137.20 -68.19
CA GLU M 3368 82.30 138.03 -69.13
C GLU M 3368 81.12 138.71 -68.43
N ASP M 3369 80.49 139.64 -69.12
CA ASP M 3369 79.37 140.37 -68.54
C ASP M 3369 78.19 139.44 -68.26
N SER M 3370 77.49 139.71 -67.16
CA SER M 3370 76.42 138.83 -66.71
C SER M 3370 75.30 138.74 -67.74
N GLU M 3371 74.99 139.85 -68.40
CA GLU M 3371 73.91 139.84 -69.39
C GLU M 3371 74.25 138.94 -70.57
N LYS M 3372 75.51 138.97 -71.02
CA LYS M 3372 75.93 138.03 -72.06
C LYS M 3372 75.78 136.59 -71.60
N VAL M 3373 76.14 136.33 -70.33
CA VAL M 3373 76.00 134.98 -69.78
C VAL M 3373 74.55 134.54 -69.82
N ILE M 3374 73.64 135.41 -69.36
CA ILE M 3374 72.23 135.01 -69.30
C ILE M 3374 71.66 134.84 -70.70
N ALA M 3375 72.10 135.66 -71.66
CA ALA M 3375 71.63 135.48 -73.03
C ALA M 3375 72.10 134.15 -73.61
N GLY M 3376 73.38 133.81 -73.39
CA GLY M 3376 73.88 132.53 -73.86
C GLY M 3376 73.18 131.36 -73.20
N LEU M 3377 72.88 131.48 -71.90
CA LEU M 3377 72.17 130.43 -71.19
C LEU M 3377 70.75 130.29 -71.71
N TYR M 3378 70.09 131.42 -72.06
CA TYR M 3378 68.78 131.35 -72.69
C TYR M 3378 68.84 130.62 -74.01
N GLN M 3379 69.85 130.94 -74.83
CA GLN M 3379 69.97 130.28 -76.12
C GLN M 3379 70.21 128.78 -75.97
N ARG M 3380 71.11 128.39 -75.07
CA ARG M 3380 71.37 126.98 -74.83
C ARG M 3380 70.15 126.29 -74.27
N ALA M 3381 69.41 126.95 -73.39
CA ALA M 3381 68.17 126.39 -72.85
C ALA M 3381 67.17 126.15 -73.96
N PHE M 3382 67.01 127.12 -74.87
CA PHE M 3382 66.07 126.96 -75.96
C PHE M 3382 66.48 125.81 -76.88
N GLN M 3383 67.77 125.70 -77.18
CA GLN M 3383 68.25 124.62 -78.03
C GLN M 3383 68.00 123.26 -77.39
N HIS M 3384 68.38 123.11 -76.13
CA HIS M 3384 68.20 121.84 -75.43
C HIS M 3384 66.73 121.51 -75.25
N LEU M 3385 65.88 122.51 -75.05
CA LEU M 3385 64.45 122.27 -74.95
C LEU M 3385 63.86 121.88 -76.30
N SER M 3386 64.40 122.40 -77.39
CA SER M 3386 63.96 121.94 -78.71
C SER M 3386 64.33 120.48 -78.92
N GLU M 3387 65.54 120.10 -78.53
CA GLU M 3387 65.92 118.68 -78.60
C GLU M 3387 65.01 117.83 -77.71
N ALA M 3388 64.70 118.32 -76.52
CA ALA M 3388 63.80 117.60 -75.63
C ALA M 3388 62.41 117.46 -76.24
N VAL M 3389 61.92 118.51 -76.90
CA VAL M 3389 60.60 118.49 -77.51
C VAL M 3389 60.57 117.47 -78.65
N GLN M 3390 61.59 117.48 -79.51
CA GLN M 3390 61.59 116.52 -80.62
C GLN M 3390 61.72 115.09 -80.11
N ALA M 3391 62.59 114.86 -79.12
CA ALA M 3391 62.74 113.51 -78.59
C ALA M 3391 61.50 113.06 -77.82
N ALA M 3392 60.76 113.99 -77.23
CA ALA M 3392 59.50 113.65 -76.59
C ALA M 3392 58.45 113.27 -77.62
N GLU M 3393 58.31 114.10 -78.67
CA GLU M 3393 57.37 113.78 -79.74
C GLU M 3393 57.75 112.50 -80.46
N GLU M 3394 58.99 112.04 -80.31
CA GLU M 3394 59.36 110.71 -80.79
C GLU M 3394 58.67 109.58 -80.02
N GLU M 3395 58.06 109.88 -78.87
CA GLU M 3395 57.35 108.85 -78.09
C GLU M 3395 56.18 108.27 -78.89
N ALA M 3407 52.30 112.47 -71.41
CA ALA M 3407 53.59 111.81 -71.26
C ALA M 3407 54.72 112.83 -71.28
N GLY M 3408 55.92 112.37 -71.64
CA GLY M 3408 57.05 113.27 -71.77
C GLY M 3408 56.86 114.31 -72.86
N VAL M 3409 55.94 114.06 -73.79
CA VAL M 3409 55.59 115.05 -74.80
C VAL M 3409 55.06 116.32 -74.12
N ILE M 3410 54.09 116.14 -73.22
CA ILE M 3410 53.56 117.26 -72.46
C ILE M 3410 54.63 117.86 -71.55
N ASP M 3411 55.55 117.03 -71.05
CA ASP M 3411 56.62 117.54 -70.20
C ASP M 3411 57.51 118.51 -70.95
N ALA M 3412 57.95 118.12 -72.15
CA ALA M 3412 58.77 119.00 -72.97
C ALA M 3412 58.00 120.25 -73.38
N TYR M 3413 56.71 120.08 -73.68
CA TYR M 3413 55.87 121.25 -73.97
C TYR M 3413 55.84 122.22 -72.80
N MET M 3414 55.67 121.69 -71.59
CA MET M 3414 55.69 122.52 -70.39
C MET M 3414 57.03 123.24 -70.25
N THR M 3415 58.13 122.52 -70.44
CA THR M 3415 59.45 123.13 -70.29
C THR M 3415 59.61 124.31 -71.23
N LEU M 3416 59.32 124.10 -72.52
CA LEU M 3416 59.52 125.18 -73.49
C LEU M 3416 58.55 126.33 -73.27
N ALA M 3417 57.28 126.01 -72.98
CA ALA M 3417 56.29 127.06 -72.75
C ALA M 3417 56.65 127.90 -71.53
N ASP M 3418 57.08 127.27 -70.45
CA ASP M 3418 57.45 128.02 -69.25
C ASP M 3418 58.73 128.82 -69.47
N PHE M 3419 59.69 128.29 -70.24
CA PHE M 3419 60.87 129.06 -70.56
C PHE M 3419 60.51 130.33 -71.33
N CYS M 3420 59.63 130.20 -72.33
CA CYS M 3420 59.24 131.38 -73.09
C CYS M 3420 58.40 132.33 -72.26
N ASP M 3421 57.55 131.80 -71.38
CA ASP M 3421 56.76 132.67 -70.51
C ASP M 3421 57.66 133.46 -69.58
N GLN M 3422 58.71 132.83 -69.04
CA GLN M 3422 59.69 133.55 -68.25
C GLN M 3422 60.39 134.61 -69.07
N GLN M 3423 60.78 134.28 -70.31
CA GLN M 3423 61.42 135.27 -71.16
C GLN M 3423 60.51 136.46 -71.42
N LEU M 3424 59.23 136.20 -71.70
CA LEU M 3424 58.30 137.27 -72.01
C LEU M 3424 58.02 138.13 -70.78
N ARG M 3425 57.80 137.51 -69.62
CA ARG M 3425 57.57 138.27 -68.40
C ARG M 3425 58.81 139.03 -67.96
N LYS M 3426 60.00 138.55 -68.32
CA LYS M 3426 61.19 139.38 -68.18
C LYS M 3426 61.14 140.57 -69.13
N GLU M 3427 60.76 140.32 -70.39
CA GLU M 3427 60.55 141.41 -71.34
C GLU M 3427 59.38 142.30 -70.90
N GLU M 3428 58.31 141.69 -70.41
CA GLU M 3428 57.16 142.44 -69.93
C GLU M 3428 57.53 143.23 -68.68
N GLU M 3429 57.00 144.45 -68.58
CA GLU M 3429 57.24 145.29 -67.42
C GLU M 3429 56.12 145.13 -66.39
N ALA M 3441 56.22 134.35 -82.98
CA ALA M 3441 57.00 133.18 -83.34
C ALA M 3441 57.35 132.35 -82.10
N TYR M 3442 58.25 132.91 -81.28
CA TYR M 3442 58.63 132.24 -80.04
C TYR M 3442 57.44 132.05 -79.10
N PRO M 3443 56.66 133.09 -78.75
CA PRO M 3443 55.39 132.82 -78.05
C PRO M 3443 54.46 131.96 -78.88
N ALA M 3444 54.45 132.16 -80.20
CA ALA M 3444 53.59 131.36 -81.07
C ALA M 3444 53.95 129.88 -80.95
N LEU M 3445 55.23 129.56 -81.08
CA LEU M 3445 55.63 128.15 -81.06
C LEU M 3445 55.39 127.53 -79.69
N VAL M 3446 55.65 128.27 -78.61
CA VAL M 3446 55.45 127.66 -77.29
C VAL M 3446 53.96 127.45 -77.00
N VAL M 3447 53.10 128.41 -77.40
CA VAL M 3447 51.68 128.19 -77.15
C VAL M 3447 51.11 127.13 -78.08
N GLU M 3448 51.69 126.97 -79.28
CA GLU M 3448 51.28 125.86 -80.13
C GLU M 3448 51.65 124.52 -79.51
N LYS M 3449 52.86 124.42 -78.95
CA LYS M 3449 53.25 123.21 -78.23
C LYS M 3449 52.35 123.00 -77.01
N MET M 3450 51.96 124.09 -76.35
CA MET M 3450 51.04 123.99 -75.24
C MET M 3450 49.70 123.42 -75.69
N LEU M 3451 49.21 123.88 -76.84
CA LEU M 3451 47.97 123.34 -77.39
C LEU M 3451 48.11 121.87 -77.74
N LYS M 3452 49.25 121.48 -78.31
CA LYS M 3452 49.50 120.06 -78.57
C LYS M 3452 49.48 119.26 -77.28
N ALA M 3453 49.95 119.85 -76.18
CA ALA M 3453 49.78 119.22 -74.88
C ALA M 3453 48.29 119.11 -74.52
N LEU M 3454 47.52 120.15 -74.80
CA LEU M 3454 46.08 120.11 -74.56
C LEU M 3454 45.37 119.08 -75.43
N LYS M 3455 46.01 118.60 -76.50
CA LYS M 3455 45.45 117.48 -77.24
C LYS M 3455 45.12 116.33 -76.30
N LEU M 3456 46.05 116.00 -75.41
CA LEU M 3456 45.74 115.13 -74.30
C LEU M 3456 44.88 115.87 -73.28
N ASN M 3457 43.96 115.15 -72.66
CA ASN M 3457 43.05 115.75 -71.69
C ASN M 3457 43.65 115.84 -70.29
N SER M 3458 44.98 115.84 -70.19
CA SER M 3458 45.64 115.93 -68.89
C SER M 3458 45.30 117.26 -68.22
N ASN M 3459 45.15 117.20 -66.89
CA ASN M 3459 44.84 118.40 -66.13
C ASN M 3459 45.98 119.41 -66.15
N GLU M 3460 47.22 118.94 -66.23
CA GLU M 3460 48.35 119.87 -66.29
C GLU M 3460 48.30 120.74 -67.53
N ALA M 3461 47.88 120.17 -68.67
CA ALA M 3461 47.70 120.97 -69.87
C ALA M 3461 46.55 121.96 -69.70
N ARG M 3462 45.44 121.51 -69.13
CA ARG M 3462 44.27 122.38 -68.98
C ARG M 3462 44.53 123.54 -68.03
N LEU M 3463 45.44 123.34 -67.05
CA LEU M 3463 45.71 124.38 -66.07
C LEU M 3463 46.21 125.68 -66.71
N LYS M 3464 46.74 125.61 -67.93
CA LYS M 3464 47.32 126.77 -68.59
C LYS M 3464 46.26 127.76 -69.10
N PHE M 3465 44.98 127.41 -68.97
CA PHE M 3465 43.90 128.19 -69.58
C PHE M 3465 43.92 129.67 -69.24
N PRO M 3466 44.01 130.09 -67.96
CA PRO M 3466 44.04 131.54 -67.71
C PRO M 3466 45.30 132.21 -68.25
N ARG M 3467 46.46 131.57 -68.08
CA ARG M 3467 47.67 132.06 -68.71
C ARG M 3467 47.53 132.07 -70.23
N LEU M 3468 46.80 131.11 -70.79
CA LEU M 3468 46.54 131.12 -72.22
C LEU M 3468 45.75 132.36 -72.64
N LEU M 3469 44.71 132.70 -71.87
CA LEU M 3469 43.94 133.90 -72.19
C LEU M 3469 44.81 135.15 -72.07
N GLN M 3470 45.62 135.23 -71.02
CA GLN M 3470 46.45 136.43 -70.85
C GLN M 3470 47.54 136.52 -71.90
N ILE M 3471 48.04 135.39 -72.41
CA ILE M 3471 49.02 135.44 -73.49
C ILE M 3471 48.35 135.71 -74.83
N ILE M 3472 47.07 135.37 -74.97
CA ILE M 3472 46.31 135.83 -76.12
C ILE M 3472 46.20 137.35 -76.10
N GLU M 3473 45.87 137.90 -74.93
CA GLU M 3473 45.75 139.34 -74.80
C GLU M 3473 47.09 140.05 -75.02
N ARG M 3474 48.16 139.50 -74.45
CA ARG M 3474 49.48 140.14 -74.57
C ARG M 3474 49.97 140.10 -76.02
N TYR M 3475 49.87 138.94 -76.66
CA TYR M 3475 50.38 138.75 -78.01
C TYR M 3475 49.29 138.14 -78.88
N PRO M 3476 48.30 138.94 -79.28
CA PRO M 3476 47.32 138.46 -80.25
C PRO M 3476 47.94 138.17 -81.60
N GLU M 3477 49.11 138.73 -81.90
CA GLU M 3477 49.79 138.51 -83.16
C GLU M 3477 50.00 137.03 -83.45
N GLU M 3478 50.23 136.23 -82.41
CA GLU M 3478 50.54 134.82 -82.54
C GLU M 3478 49.37 133.90 -82.19
N THR M 3479 48.64 134.23 -81.12
CA THR M 3479 47.48 133.45 -80.76
C THR M 3479 46.38 133.57 -81.81
N LEU M 3480 46.17 134.78 -82.34
CA LEU M 3480 45.22 134.98 -83.43
C LEU M 3480 45.71 134.41 -84.74
N SER M 3481 46.98 133.98 -84.82
CA SER M 3481 47.48 133.24 -85.98
C SER M 3481 47.24 131.75 -85.83
N LEU M 3482 47.51 131.20 -84.64
CA LEU M 3482 47.14 129.83 -84.31
C LEU M 3482 45.63 129.68 -84.10
N MET M 3483 44.92 130.80 -84.22
CA MET M 3483 43.46 130.84 -84.11
C MET M 3483 42.80 129.80 -85.00
N THR M 3484 43.33 129.63 -86.21
CA THR M 3484 42.71 128.74 -87.19
C THR M 3484 42.86 127.27 -86.82
N LYS M 3485 43.83 126.91 -85.98
CA LYS M 3485 44.07 125.52 -85.61
C LYS M 3485 43.66 125.24 -84.17
N GLU M 3486 42.65 125.96 -83.66
CA GLU M 3486 42.17 125.71 -82.31
C GLU M 3486 41.47 124.36 -82.24
N ILE M 3487 40.36 124.20 -82.96
CA ILE M 3487 39.78 122.87 -83.06
C ILE M 3487 40.37 122.19 -84.29
N SER M 3488 41.62 121.77 -84.17
CA SER M 3488 42.16 120.68 -84.98
C SER M 3488 43.16 119.86 -84.20
N SER M 3489 43.43 120.20 -82.93
CA SER M 3489 44.42 119.52 -82.11
C SER M 3489 43.97 119.42 -80.66
N VAL M 3490 42.68 119.54 -80.39
CA VAL M 3490 42.14 119.34 -79.04
C VAL M 3490 40.67 118.96 -79.16
N PRO M 3491 40.37 117.70 -79.51
CA PRO M 3491 38.97 117.27 -79.59
C PRO M 3491 38.32 117.07 -78.23
N CYS M 3492 39.08 117.19 -77.14
CA CYS M 3492 38.51 117.06 -75.81
C CYS M 3492 37.50 118.16 -75.57
N TRP M 3493 36.45 117.83 -74.82
CA TRP M 3493 35.41 118.79 -74.44
C TRP M 3493 35.66 119.38 -73.07
N GLN M 3494 36.94 119.57 -72.73
CA GLN M 3494 37.37 119.98 -71.39
C GLN M 3494 37.16 121.48 -71.21
N PHE M 3495 37.79 122.03 -70.17
CA PHE M 3495 37.66 123.44 -69.77
C PHE M 3495 36.25 123.77 -69.31
N ILE M 3496 35.52 122.78 -68.78
CA ILE M 3496 34.19 123.04 -68.26
C ILE M 3496 34.26 123.94 -67.04
N SER M 3497 35.35 123.87 -66.28
CA SER M 3497 35.52 124.76 -65.14
C SER M 3497 35.47 126.22 -65.58
N TRP M 3498 36.08 126.54 -66.72
CA TRP M 3498 36.01 127.88 -67.30
C TRP M 3498 34.85 128.03 -68.29
N ILE M 3499 33.75 127.33 -68.04
CA ILE M 3499 32.60 127.41 -68.96
C ILE M 3499 32.08 128.83 -69.05
N SER M 3500 32.09 129.55 -67.93
CA SER M 3500 31.63 130.94 -67.94
C SER M 3500 32.62 131.88 -68.61
N HIS M 3501 33.85 131.44 -68.85
CA HIS M 3501 34.87 132.32 -69.42
C HIS M 3501 34.77 132.37 -70.94
N MET M 3502 34.98 131.22 -71.61
CA MET M 3502 35.16 131.23 -73.05
C MET M 3502 33.90 131.70 -73.78
N VAL M 3503 32.73 131.28 -73.33
CA VAL M 3503 31.50 131.73 -73.96
C VAL M 3503 31.28 133.22 -73.74
N ALA M 3504 31.83 133.78 -72.66
CA ALA M 3504 31.89 135.24 -72.54
C ALA M 3504 32.87 135.81 -73.55
N LEU M 3505 34.00 135.14 -73.75
CA LEU M 3505 34.92 135.52 -74.82
C LEU M 3505 34.29 135.31 -76.19
N LEU M 3506 33.35 134.36 -76.29
CA LEU M 3506 32.68 134.11 -77.56
C LEU M 3506 31.88 135.31 -78.03
N ASP M 3507 31.19 136.00 -77.10
CA ASP M 3507 30.41 137.17 -77.48
C ASP M 3507 31.30 138.27 -78.04
N LYS M 3508 32.54 138.36 -77.58
CA LYS M 3508 33.53 139.22 -78.19
C LYS M 3508 33.85 138.71 -79.59
N ASP M 3509 34.31 139.61 -80.46
CA ASP M 3509 34.58 139.22 -81.83
C ASP M 3509 35.76 138.26 -81.85
N GLN M 3510 35.45 136.97 -81.82
CA GLN M 3510 36.43 135.95 -81.44
C GLN M 3510 36.23 134.72 -82.30
N ALA M 3511 36.77 133.60 -81.82
CA ALA M 3511 37.00 132.42 -82.64
C ALA M 3511 35.71 131.82 -83.18
N VAL M 3512 35.84 131.24 -84.38
CA VAL M 3512 34.85 130.30 -84.90
C VAL M 3512 35.09 128.89 -84.38
N ALA M 3513 36.13 128.70 -83.56
CA ALA M 3513 36.42 127.40 -82.96
C ALA M 3513 36.09 127.35 -81.47
N VAL M 3514 36.08 128.49 -80.77
CA VAL M 3514 35.57 128.50 -79.41
C VAL M 3514 34.10 128.12 -79.39
N GLN M 3515 33.36 128.48 -80.45
CA GLN M 3515 31.98 128.03 -80.57
C GLN M 3515 31.91 126.53 -80.85
N HIS M 3516 32.89 125.97 -81.57
CA HIS M 3516 32.99 124.52 -81.67
C HIS M 3516 33.18 123.90 -80.29
N SER M 3517 34.08 124.47 -79.49
CA SER M 3517 34.36 123.92 -78.16
C SER M 3517 33.11 123.96 -77.28
N VAL M 3518 32.43 125.10 -77.25
CA VAL M 3518 31.25 125.23 -76.40
C VAL M 3518 30.09 124.40 -76.94
N GLU M 3519 30.00 124.23 -78.26
CA GLU M 3519 28.99 123.35 -78.83
C GLU M 3519 29.22 121.91 -78.41
N GLU M 3520 30.48 121.47 -78.44
CA GLU M 3520 30.80 120.12 -77.96
C GLU M 3520 30.52 119.98 -76.47
N ILE M 3521 30.82 121.03 -75.70
CA ILE M 3521 30.58 120.99 -74.26
C ILE M 3521 29.09 120.85 -73.97
N THR M 3522 28.27 121.64 -74.67
CA THR M 3522 26.83 121.53 -74.50
C THR M 3522 26.31 120.21 -75.04
N ASP M 3523 26.98 119.63 -76.03
CA ASP M 3523 26.63 118.29 -76.49
C ASP M 3523 26.88 117.26 -75.40
N ASN M 3524 27.97 117.42 -74.65
CA ASN M 3524 28.24 116.53 -73.53
C ASN M 3524 27.11 116.61 -72.50
N TYR M 3525 26.76 117.81 -72.07
CA TYR M 3525 25.69 118.03 -71.10
C TYR M 3525 24.78 119.13 -71.65
N PRO M 3526 23.53 118.83 -71.99
CA PRO M 3526 22.64 119.88 -72.50
C PRO M 3526 22.42 121.01 -71.51
N GLN M 3527 22.52 120.73 -70.22
CA GLN M 3527 22.41 121.73 -69.16
C GLN M 3527 23.73 121.79 -68.41
N ALA M 3528 23.73 122.58 -67.32
CA ALA M 3528 24.91 122.90 -66.51
C ALA M 3528 25.81 123.87 -67.26
N ILE M 3529 25.48 124.14 -68.51
CA ILE M 3529 26.03 125.26 -69.25
C ILE M 3529 24.97 126.33 -69.49
N VAL M 3530 23.69 126.00 -69.35
CA VAL M 3530 22.62 126.95 -69.63
C VAL M 3530 22.79 128.19 -68.77
N TYR M 3531 23.15 128.02 -67.50
CA TYR M 3531 23.24 129.18 -66.61
C TYR M 3531 24.49 129.98 -66.90
N PRO M 3532 25.68 129.38 -67.03
CA PRO M 3532 26.82 130.16 -67.54
C PRO M 3532 26.58 130.77 -68.90
N PHE M 3533 25.86 130.05 -69.78
CA PHE M 3533 25.57 130.59 -71.10
C PHE M 3533 24.70 131.85 -71.01
N ILE M 3534 23.72 131.84 -70.12
CA ILE M 3534 22.88 133.03 -69.93
C ILE M 3534 23.70 134.16 -69.30
N ILE M 3535 24.49 133.84 -68.26
CA ILE M 3535 25.24 134.88 -67.58
C ILE M 3535 26.33 135.46 -68.48
N SER M 3536 26.71 134.74 -69.53
CA SER M 3536 27.65 135.26 -70.52
C SER M 3536 26.96 136.03 -71.64
N SER M 3537 25.87 135.48 -72.19
CA SER M 3537 25.14 136.17 -73.25
C SER M 3537 24.52 137.47 -72.75
N GLU M 3538 24.26 137.56 -71.44
CA GLU M 3538 23.83 138.83 -70.87
C GLU M 3538 24.91 139.89 -70.96
N SER M 3539 26.17 139.48 -71.04
CA SER M 3539 27.31 140.39 -71.18
C SER M 3539 27.40 141.38 -70.02
N THR M 3545 29.82 143.61 -84.87
CA THR M 3545 30.97 143.83 -85.75
C THR M 3545 31.00 142.81 -86.88
N SER M 3546 32.09 142.81 -87.65
CA SER M 3546 32.25 141.82 -88.70
C SER M 3546 32.29 140.41 -88.13
N THR M 3547 32.84 140.25 -86.93
CA THR M 3547 32.77 139.00 -86.19
C THR M 3547 31.75 139.05 -85.06
N GLY M 3548 31.20 140.23 -84.77
CA GLY M 3548 30.14 140.32 -83.77
C GLY M 3548 28.91 139.54 -84.20
N HIS M 3549 28.50 139.68 -85.45
CA HIS M 3549 27.40 138.87 -85.97
C HIS M 3549 27.78 137.39 -85.98
N LYS M 3550 29.06 137.08 -86.16
CA LYS M 3550 29.51 135.70 -85.99
C LYS M 3550 29.28 135.24 -84.56
N ASN M 3551 29.56 136.10 -83.58
CA ASN M 3551 29.29 135.77 -82.19
C ASN M 3551 27.80 135.52 -81.98
N LYS M 3552 26.96 136.35 -82.58
CA LYS M 3552 25.51 136.19 -82.43
C LYS M 3552 25.05 134.87 -83.02
N GLU M 3553 25.52 134.52 -84.22
CA GLU M 3553 25.13 133.26 -84.82
C GLU M 3553 25.66 132.07 -84.02
N PHE M 3554 26.85 132.20 -83.43
CA PHE M 3554 27.40 131.13 -82.61
C PHE M 3554 26.56 130.92 -81.36
N VAL M 3555 26.24 132.00 -80.64
CA VAL M 3555 25.45 131.82 -79.43
C VAL M 3555 24.05 131.32 -79.78
N ALA M 3556 23.52 131.70 -80.94
CA ALA M 3556 22.23 131.16 -81.37
C ALA M 3556 22.32 129.65 -81.59
N ARG M 3557 23.36 129.20 -82.29
CA ARG M 3557 23.51 127.77 -82.53
C ARG M 3557 23.82 127.00 -81.24
N ILE M 3558 24.36 127.68 -80.22
CA ILE M 3558 24.60 127.01 -78.95
C ILE M 3558 23.30 126.89 -78.16
N LYS M 3559 22.56 127.99 -78.04
CA LYS M 3559 21.28 127.95 -77.33
C LYS M 3559 20.22 127.13 -78.06
N SER M 3560 20.45 126.80 -79.34
CA SER M 3560 19.53 125.92 -80.05
C SER M 3560 19.53 124.50 -79.48
N LYS M 3561 20.52 124.15 -78.67
CA LYS M 3561 20.63 122.81 -78.12
C LYS M 3561 20.23 122.72 -76.65
N LEU M 3562 20.14 123.85 -75.95
CA LEU M 3562 19.68 123.84 -74.57
C LEU M 3562 18.19 123.52 -74.51
N ASP M 3563 17.77 122.94 -73.38
CA ASP M 3563 16.41 122.45 -73.24
C ASP M 3563 15.78 122.99 -71.97
N GLN M 3564 14.44 123.08 -71.99
CA GLN M 3564 13.59 123.49 -70.87
C GLN M 3564 14.13 124.67 -70.08
N GLY M 3565 14.79 125.61 -70.77
CA GLY M 3565 15.18 126.83 -70.10
C GLY M 3565 13.99 127.65 -69.65
N GLY M 3566 12.87 127.53 -70.35
CA GLY M 3566 11.69 128.32 -70.01
C GLY M 3566 11.12 127.95 -68.65
N VAL M 3567 11.01 126.66 -68.34
CA VAL M 3567 10.50 126.27 -67.04
C VAL M 3567 11.49 126.65 -65.94
N ILE M 3568 12.79 126.58 -66.25
CA ILE M 3568 13.80 127.04 -65.30
C ILE M 3568 13.59 128.52 -64.98
N GLN M 3569 13.38 129.34 -66.02
CA GLN M 3569 13.14 130.77 -65.80
C GLN M 3569 11.82 131.01 -65.08
N ASP M 3570 10.82 130.14 -65.31
CA ASP M 3570 9.57 130.25 -64.56
C ASP M 3570 9.80 130.00 -63.08
N PHE M 3571 10.59 128.99 -62.75
CA PHE M 3571 10.93 128.75 -61.34
C PHE M 3571 11.78 129.88 -60.77
N ILE M 3572 12.61 130.50 -61.61
CA ILE M 3572 13.39 131.67 -61.19
C ILE M 3572 12.46 132.83 -60.84
N ASN M 3573 11.48 133.10 -61.69
CA ASN M 3573 10.52 134.15 -61.40
C ASN M 3573 9.67 133.81 -60.19
N ALA M 3574 9.41 132.52 -59.96
CA ALA M 3574 8.76 132.11 -58.72
C ALA M 3574 9.60 132.44 -57.51
N LEU M 3575 10.92 132.18 -57.61
CA LEU M 3575 11.82 132.54 -56.52
C LEU M 3575 11.78 134.04 -56.26
N ASP M 3576 11.78 134.84 -57.33
CA ASP M 3576 11.62 136.29 -57.16
C ASP M 3576 10.28 136.64 -56.55
N GLN M 3577 9.23 135.86 -56.86
CA GLN M 3577 7.92 136.07 -56.27
C GLN M 3577 7.92 135.78 -54.76
N LEU M 3578 8.74 134.83 -54.34
CA LEU M 3578 8.89 134.57 -52.90
C LEU M 3578 9.38 135.83 -52.19
N SER M 3579 10.38 136.49 -52.76
CA SER M 3579 10.81 137.78 -52.27
C SER M 3579 9.71 138.82 -52.52
N ASN M 3580 9.57 139.76 -51.59
CA ASN M 3580 8.55 140.78 -51.74
C ASN M 3580 8.90 141.70 -52.92
N PRO M 3581 7.88 142.20 -53.63
CA PRO M 3581 8.14 142.97 -54.86
C PRO M 3581 8.92 144.25 -54.62
N GLU M 3582 8.80 144.85 -53.43
CA GLU M 3582 9.53 146.08 -53.15
C GLU M 3582 11.03 145.85 -53.18
N LEU M 3583 11.49 144.61 -53.08
CA LEU M 3583 12.91 144.31 -53.27
C LEU M 3583 13.34 144.62 -54.70
N LEU M 3584 12.58 144.11 -55.68
CA LEU M 3584 12.81 144.48 -57.06
C LEU M 3584 12.61 145.98 -57.27
N PHE M 3585 11.65 146.56 -56.57
CA PHE M 3585 11.39 148.00 -56.72
C PHE M 3585 12.59 148.82 -56.27
N LYS M 3586 13.17 148.47 -55.12
CA LYS M 3586 14.31 149.23 -54.61
C LYS M 3586 15.58 148.90 -55.38
N ASP M 3587 15.70 147.69 -55.93
CA ASP M 3587 16.78 147.42 -56.87
C ASP M 3587 16.68 148.32 -58.09
N TRP M 3588 15.46 148.46 -58.63
CA TRP M 3588 15.23 149.39 -59.73
C TRP M 3588 15.57 150.82 -59.33
N SER M 3589 15.19 151.20 -58.10
CA SER M 3589 15.47 152.56 -57.63
C SER M 3589 16.98 152.81 -57.53
N ASN M 3590 17.72 151.85 -56.97
CA ASN M 3590 19.17 152.01 -56.90
C ASN M 3590 19.78 152.06 -58.30
N ASP M 3591 19.30 151.22 -59.22
CA ASP M 3591 19.84 151.22 -60.57
C ASP M 3591 19.57 152.54 -61.28
N VAL M 3592 18.36 153.08 -61.14
CA VAL M 3592 18.04 154.34 -61.80
C VAL M 3592 18.79 155.49 -61.16
N ARG M 3593 19.02 155.44 -59.85
CA ARG M 3593 19.87 156.45 -59.22
C ARG M 3593 21.30 156.37 -59.75
N ALA M 3594 21.82 155.16 -59.91
CA ALA M 3594 23.20 154.99 -60.37
C ALA M 3594 23.36 155.46 -61.81
N GLU M 3595 22.48 155.02 -62.70
CA GLU M 3595 22.57 155.43 -64.10
C GLU M 3595 22.22 156.89 -64.29
N LEU M 3596 21.30 157.42 -63.49
CA LEU M 3596 20.99 158.84 -63.51
C LEU M 3596 22.21 159.66 -63.09
N ALA M 3597 22.91 159.21 -62.05
CA ALA M 3597 24.12 159.89 -61.59
C ALA M 3597 25.33 159.39 -62.36
N VAL M 3601 22.13 159.30 -66.64
CA VAL M 3601 21.33 159.19 -67.85
C VAL M 3601 19.90 158.83 -67.50
N ASN M 3602 18.96 159.21 -68.38
CA ASN M 3602 17.55 158.93 -68.19
C ASN M 3602 16.95 158.43 -69.49
N LYS M 3603 16.06 157.44 -69.39
CA LYS M 3603 15.26 156.91 -70.48
C LYS M 3603 16.09 156.32 -71.61
N LYS M 3604 17.41 156.17 -71.43
CA LYS M 3604 18.24 155.46 -72.39
C LYS M 3604 18.81 154.18 -71.79
N ASN M 3605 19.53 154.28 -70.66
CA ASN M 3605 19.83 153.11 -69.87
C ASN M 3605 18.71 152.82 -68.87
N ILE M 3606 17.98 153.85 -68.46
CA ILE M 3606 16.79 153.66 -67.66
C ILE M 3606 15.69 152.99 -68.46
N GLU M 3607 15.76 153.07 -69.79
CA GLU M 3607 14.71 152.51 -70.64
C GLU M 3607 14.64 150.99 -70.53
N LYS M 3608 15.79 150.31 -70.70
CA LYS M 3608 15.80 148.85 -70.70
C LYS M 3608 15.45 148.29 -69.32
N MET M 3609 16.08 148.84 -68.28
CA MET M 3609 15.80 148.40 -66.92
C MET M 3609 14.38 148.75 -66.49
N TYR M 3610 13.85 149.87 -66.99
CA TYR M 3610 12.44 150.21 -66.76
C TYR M 3610 11.51 149.20 -67.44
N GLU M 3611 11.84 148.78 -68.66
CA GLU M 3611 11.03 147.78 -69.34
C GLU M 3611 11.06 146.45 -68.61
N ARG M 3612 12.24 146.02 -68.16
CA ARG M 3612 12.33 144.78 -67.39
C ARG M 3612 11.59 144.89 -66.07
N MET M 3613 11.59 146.08 -65.46
CA MET M 3613 10.85 146.29 -64.23
C MET M 3613 9.34 146.25 -64.48
N TYR M 3614 8.91 146.83 -65.60
CA TYR M 3614 7.50 146.76 -66.01
C TYR M 3614 7.08 145.32 -66.22
N ALA M 3615 7.93 144.53 -66.87
CA ALA M 3615 7.67 143.10 -66.99
C ALA M 3615 7.77 142.37 -65.66
N ALA M 3616 8.43 142.98 -64.67
CA ALA M 3616 8.56 142.37 -63.35
C ALA M 3616 7.37 142.71 -62.45
N LEU M 3617 7.15 143.99 -62.19
CA LEU M 3617 6.01 144.42 -61.38
C LEU M 3617 5.03 145.30 -62.12
N GLY M 3618 5.49 146.09 -63.11
CA GLY M 3618 4.58 147.01 -63.78
C GLY M 3618 3.45 146.30 -64.48
N ASP M 3619 3.73 145.16 -65.11
CA ASP M 3619 2.68 144.40 -65.74
C ASP M 3619 1.77 143.77 -64.70
N PRO M 3620 0.47 143.64 -64.99
CA PRO M 3620 -0.44 143.03 -64.01
C PRO M 3620 -0.18 141.55 -63.76
N LYS M 3621 0.56 140.88 -64.65
CA LYS M 3621 0.82 139.45 -64.52
C LYS M 3621 2.26 139.20 -64.12
N ALA M 3622 2.50 138.03 -63.53
CA ALA M 3622 3.83 137.58 -63.21
C ALA M 3622 4.04 136.19 -63.77
N PRO M 3623 5.22 135.89 -64.30
CA PRO M 3623 5.49 134.53 -64.78
C PRO M 3623 5.36 133.50 -63.67
N GLY M 3624 4.38 132.62 -63.78
CA GLY M 3624 4.08 131.62 -62.78
C GLY M 3624 2.62 131.64 -62.43
N LEU M 3625 2.27 130.89 -61.39
CA LEU M 3625 0.89 130.75 -60.94
C LEU M 3625 0.66 131.44 -59.59
N GLY M 3626 1.43 132.48 -59.31
CA GLY M 3626 1.30 133.14 -58.02
C GLY M 3626 -0.01 133.90 -57.88
N ALA M 3627 -0.33 134.22 -56.63
CA ALA M 3627 -1.55 134.96 -56.30
C ALA M 3627 -1.28 136.16 -55.42
N PHE M 3628 -0.36 136.05 -54.46
CA PHE M 3628 -0.06 137.18 -53.59
C PHE M 3628 0.71 138.27 -54.34
N ARG M 3629 1.87 137.92 -54.87
CA ARG M 3629 2.63 138.86 -55.69
C ARG M 3629 1.86 139.21 -56.95
N ARG M 3630 1.06 138.28 -57.47
CA ARG M 3630 0.25 138.55 -58.66
C ARG M 3630 -0.78 139.65 -58.39
N LYS M 3631 -1.48 139.57 -57.25
CA LYS M 3631 -2.43 140.62 -56.91
C LYS M 3631 -1.72 141.89 -56.45
N PHE M 3632 -0.49 141.77 -55.97
CA PHE M 3632 0.28 142.94 -55.55
C PHE M 3632 0.69 143.78 -56.77
N ILE M 3633 1.23 143.12 -57.80
CA ILE M 3633 1.82 143.84 -58.92
C ILE M 3633 0.77 144.63 -59.67
N GLN M 3634 -0.39 144.02 -59.95
CA GLN M 3634 -1.39 144.63 -60.82
C GLN M 3634 -1.88 145.96 -60.29
N THR M 3635 -1.73 146.23 -59.00
CA THR M 3635 -2.15 147.49 -58.42
C THR M 3635 -1.00 148.34 -57.91
N PHE M 3636 0.20 147.79 -57.77
CA PHE M 3636 1.29 148.59 -57.21
C PHE M 3636 2.48 148.76 -58.16
N GLY M 3637 2.81 147.75 -58.97
CA GLY M 3637 3.76 147.99 -60.04
C GLY M 3637 3.23 148.96 -61.07
N LYS M 3638 1.91 148.91 -61.32
CA LYS M 3638 1.28 149.93 -62.16
C LYS M 3638 1.40 151.31 -61.53
N GLU M 3639 1.24 151.39 -60.21
CA GLU M 3639 1.45 152.65 -59.51
C GLU M 3639 2.88 153.14 -59.67
N PHE M 3640 3.84 152.21 -59.61
CA PHE M 3640 5.24 152.55 -59.89
C PHE M 3640 5.40 153.09 -61.30
N ASP M 3641 4.74 152.47 -62.28
CA ASP M 3641 4.80 152.97 -63.64
C ASP M 3641 4.25 154.39 -63.74
N LYS M 3642 3.11 154.64 -63.08
CA LYS M 3642 2.54 155.99 -63.08
C LYS M 3642 3.45 156.98 -62.37
N HIS M 3643 4.28 156.50 -61.43
CA HIS M 3643 5.22 157.37 -60.77
C HIS M 3643 6.22 157.96 -61.76
N PHE M 3644 6.99 157.10 -62.42
CA PHE M 3644 8.20 157.50 -63.12
C PHE M 3644 7.96 157.68 -64.61
N GLY M 3645 8.40 158.82 -65.14
CA GLY M 3645 8.68 158.96 -66.55
C GLY M 3645 10.09 158.53 -66.92
N LYS M 3646 10.87 158.12 -65.93
CA LYS M 3646 12.25 157.69 -66.14
C LYS M 3646 12.25 156.30 -66.77
N GLY M 3647 12.69 156.20 -68.02
CA GLY M 3647 12.72 154.93 -68.71
C GLY M 3647 11.80 154.90 -69.91
N SER M 3657 16.78 161.36 -57.68
CA SER M 3657 16.98 160.42 -56.58
C SER M 3657 15.87 160.52 -55.55
N ASP M 3658 15.47 161.76 -55.25
CA ASP M 3658 14.47 161.98 -54.21
C ASP M 3658 13.12 161.37 -54.59
N PHE M 3659 12.72 161.50 -55.86
CA PHE M 3659 11.45 160.93 -56.27
C PHE M 3659 11.48 159.41 -56.19
N ASN M 3660 12.60 158.79 -56.54
CA ASN M 3660 12.73 157.35 -56.38
C ASN M 3660 12.58 156.96 -54.91
N ASP M 3661 13.18 157.73 -54.01
CA ASP M 3661 13.04 157.46 -52.58
C ASP M 3661 11.58 157.56 -52.15
N ILE M 3662 10.89 158.62 -52.57
CA ILE M 3662 9.52 158.82 -52.09
C ILE M 3662 8.61 157.73 -52.66
N THR M 3663 8.85 157.28 -53.89
CA THR M 3663 8.11 156.13 -54.39
C THR M 3663 8.43 154.87 -53.59
N ASN M 3664 9.69 154.71 -53.18
CA ASN M 3664 10.06 153.59 -52.33
C ASN M 3664 9.26 153.60 -51.03
N MET M 3665 9.18 154.76 -50.36
CA MET M 3665 8.38 154.83 -49.15
C MET M 3665 6.89 154.61 -49.45
N LEU M 3666 6.41 155.11 -50.59
CA LEU M 3666 5.02 154.88 -50.96
C LEU M 3666 4.73 153.38 -51.08
N LEU M 3667 5.69 152.62 -51.61
CA LEU M 3667 5.46 151.19 -51.79
C LEU M 3667 5.90 150.34 -50.60
N LEU M 3668 6.59 150.91 -49.62
CA LEU M 3668 7.06 150.10 -48.49
C LEU M 3668 6.24 150.28 -47.22
N LYS M 3669 5.42 151.34 -47.13
CA LYS M 3669 4.50 151.44 -46.01
C LYS M 3669 3.52 150.28 -45.98
N MET M 3670 3.29 149.67 -47.13
CA MET M 3670 2.42 148.51 -47.30
C MET M 3670 3.24 147.23 -47.14
N ASN M 3671 2.70 146.10 -47.61
CA ASN M 3671 3.09 144.75 -47.18
C ASN M 3671 4.58 144.56 -46.92
N LYS M 3672 5.42 144.77 -47.92
CA LYS M 3672 6.87 144.59 -47.85
C LYS M 3672 7.28 143.15 -47.58
N ASP M 3673 6.34 142.21 -47.51
CA ASP M 3673 6.69 140.81 -47.26
C ASP M 3673 5.62 139.94 -47.94
N SER M 3674 5.92 139.52 -49.17
CA SER M 3674 5.01 138.65 -49.91
C SER M 3674 5.13 137.23 -49.40
N LYS M 3675 4.10 136.75 -48.73
CA LYS M 3675 4.03 135.35 -48.35
C LYS M 3675 3.86 134.52 -49.62
N PRO M 3676 4.74 133.58 -49.90
CA PRO M 3676 4.59 132.76 -51.10
C PRO M 3676 3.28 132.00 -51.08
N PRO M 3677 2.63 131.82 -52.22
CA PRO M 3677 1.35 131.09 -52.23
C PRO M 3677 1.57 129.65 -51.80
N GLY M 3678 1.10 129.31 -50.60
CA GLY M 3678 1.37 128.00 -50.02
C GLY M 3678 2.83 127.82 -49.65
N ASN M 3679 3.12 126.91 -48.73
CA ASN M 3679 4.51 126.56 -48.46
C ASN M 3679 5.15 125.93 -49.68
N LEU M 3680 4.43 125.03 -50.35
CA LEU M 3680 4.82 124.62 -51.70
C LEU M 3680 4.66 125.80 -52.64
N LYS M 3681 5.67 126.04 -53.47
CA LYS M 3681 5.68 127.23 -54.32
C LYS M 3681 4.60 127.10 -55.38
N GLU M 3682 3.46 127.74 -55.14
CA GLU M 3682 2.38 127.80 -56.12
C GLU M 3682 2.57 128.94 -57.12
N CYS M 3683 3.66 129.69 -57.00
CA CYS M 3683 4.00 130.72 -57.97
C CYS M 3683 4.85 130.20 -59.12
N SER M 3684 5.04 128.89 -59.20
CA SER M 3684 5.70 128.24 -60.33
C SER M 3684 4.90 127.02 -60.75
N PRO M 3685 5.00 126.64 -62.02
CA PRO M 3685 4.45 125.35 -62.44
C PRO M 3685 5.32 124.19 -61.99
N TRP M 3686 6.63 124.41 -61.95
CA TRP M 3686 7.56 123.33 -61.64
C TRP M 3686 7.43 122.86 -60.19
N MET M 3687 7.25 123.80 -59.25
CA MET M 3687 7.13 123.43 -57.85
C MET M 3687 5.71 123.08 -57.44
N SER M 3688 4.73 123.25 -58.33
CA SER M 3688 3.36 122.84 -58.08
C SER M 3688 2.95 121.62 -58.89
N ASP M 3689 3.51 121.46 -60.08
CA ASP M 3689 3.21 120.37 -61.01
C ASP M 3689 4.48 120.12 -61.82
N PHE M 3690 4.33 119.48 -62.98
CA PHE M 3690 5.42 119.36 -63.95
C PHE M 3690 6.61 118.62 -63.34
N LYS M 3691 6.37 117.36 -63.01
CA LYS M 3691 7.40 116.48 -62.49
C LYS M 3691 8.57 116.39 -63.47
N VAL M 3692 9.66 115.79 -63.02
CA VAL M 3692 10.76 115.51 -63.92
C VAL M 3692 10.91 114.00 -64.06
N GLU M 3693 10.18 113.42 -65.02
CA GLU M 3693 10.34 112.02 -65.37
C GLU M 3693 10.77 111.87 -66.82
N PHE M 3694 9.95 112.35 -67.77
CA PHE M 3694 10.36 112.50 -69.15
C PHE M 3694 9.79 113.75 -69.80
N LEU M 3695 9.04 114.58 -69.07
CA LEU M 3695 8.47 115.81 -69.59
C LEU M 3695 9.29 117.03 -69.24
N ARG M 3696 10.29 116.89 -68.36
CA ARG M 3696 11.24 117.95 -68.04
C ARG M 3696 12.64 117.38 -68.20
N ASN M 3697 13.49 118.08 -68.96
CA ASN M 3697 14.87 117.66 -69.07
C ASN M 3697 15.54 117.79 -67.71
N GLU M 3698 16.07 116.67 -67.21
CA GLU M 3698 16.40 116.56 -65.80
C GLU M 3698 17.61 117.43 -65.44
N LEU M 3699 17.47 118.21 -64.37
CA LEU M 3699 18.58 118.92 -63.77
C LEU M 3699 19.18 118.09 -62.63
N GLU M 3700 20.29 118.59 -62.08
CA GLU M 3700 21.11 117.83 -61.16
C GLU M 3700 21.46 118.69 -59.96
N ILE M 3701 21.94 118.04 -58.90
CA ILE M 3701 22.57 118.79 -57.80
C ILE M 3701 23.73 119.59 -58.38
N PRO M 3702 23.80 120.92 -58.16
CA PRO M 3702 24.66 121.75 -59.02
C PRO M 3702 26.09 121.27 -59.11
N GLY M 3703 26.43 120.70 -60.27
CA GLY M 3703 27.76 120.26 -60.59
C GLY M 3703 27.99 118.82 -60.19
N GLN M 3704 27.88 117.89 -61.13
CA GLN M 3704 28.34 116.52 -60.88
C GLN M 3704 28.93 115.85 -62.10
N TYR M 3705 29.01 116.51 -63.24
CA TYR M 3705 29.43 115.89 -64.49
C TYR M 3705 30.51 116.74 -65.14
N ASP M 3706 31.70 116.17 -65.27
CA ASP M 3706 32.83 116.83 -65.92
C ASP M 3706 33.42 115.88 -66.94
N GLY M 3707 33.33 116.26 -68.21
CA GLY M 3707 33.85 115.42 -69.28
C GLY M 3707 34.86 116.11 -70.16
N ARG M 3708 36.04 115.51 -70.28
CA ARG M 3708 37.09 115.98 -71.19
C ARG M 3708 37.09 115.18 -72.49
N GLY M 3709 35.90 114.83 -72.97
CA GLY M 3709 35.74 113.87 -74.02
C GLY M 3709 35.24 112.51 -73.56
N LYS M 3710 34.72 112.40 -72.34
CA LYS M 3710 34.28 111.15 -71.77
C LYS M 3710 32.82 111.26 -71.33
N PRO M 3711 32.02 110.22 -71.57
CA PRO M 3711 30.60 110.27 -71.20
C PRO M 3711 30.35 109.78 -69.79
N LEU M 3712 29.38 110.42 -69.14
CA LEU M 3712 28.95 110.05 -67.80
C LEU M 3712 27.46 109.74 -67.83
N PRO M 3713 27.03 108.55 -67.45
CA PRO M 3713 25.60 108.20 -67.52
C PRO M 3713 24.79 109.07 -66.59
N GLU M 3714 23.53 109.28 -66.95
CA GLU M 3714 22.63 110.20 -66.25
C GLU M 3714 21.41 109.43 -65.74
N TYR M 3715 21.57 108.80 -64.58
CA TYR M 3715 20.43 108.18 -63.90
C TYR M 3715 20.46 108.37 -62.39
N HIS M 3716 21.54 108.90 -61.83
CA HIS M 3716 21.81 108.79 -60.40
C HIS M 3716 20.86 109.68 -59.60
N VAL M 3717 21.10 109.76 -58.29
CA VAL M 3717 20.32 110.64 -57.45
C VAL M 3717 20.55 112.08 -57.91
N ARG M 3718 19.45 112.75 -58.25
CA ARG M 3718 19.49 114.06 -58.89
C ARG M 3718 18.25 114.82 -58.43
N ILE M 3719 17.89 115.86 -59.17
CA ILE M 3719 16.71 116.67 -58.89
C ILE M 3719 15.56 116.22 -59.77
N ALA M 3720 14.37 116.15 -59.18
CA ALA M 3720 13.12 115.88 -59.90
C ALA M 3720 11.96 116.11 -58.96
N GLY M 3721 10.74 116.07 -59.53
CA GLY M 3721 9.54 116.23 -58.73
C GLY M 3721 9.36 117.64 -58.21
N PHE M 3722 8.53 117.75 -57.17
CA PHE M 3722 8.33 119.03 -56.50
C PHE M 3722 7.93 118.78 -55.04
N ASP M 3723 8.68 119.38 -54.13
CA ASP M 3723 8.37 119.47 -52.70
C ASP M 3723 9.11 120.69 -52.16
N GLU M 3724 8.40 121.54 -51.42
CA GLU M 3724 9.00 122.78 -50.97
C GLU M 3724 8.24 123.33 -49.77
N ARG M 3725 8.98 123.83 -48.79
CA ARG M 3725 8.43 124.64 -47.71
C ARG M 3725 9.23 125.94 -47.70
N VAL M 3726 8.55 127.06 -47.93
CA VAL M 3726 9.25 128.34 -48.14
C VAL M 3726 9.80 128.83 -46.81
N THR M 3727 11.12 128.81 -46.67
CA THR M 3727 11.81 129.44 -45.56
C THR M 3727 12.94 130.29 -46.12
N VAL M 3728 13.02 131.55 -45.68
CA VAL M 3728 13.90 132.53 -46.28
C VAL M 3728 14.77 133.16 -45.19
N MET M 3729 16.07 133.25 -45.46
CA MET M 3729 16.99 134.05 -44.67
C MET M 3729 17.47 135.24 -45.50
N ALA M 3730 17.90 136.28 -44.81
CA ALA M 3730 18.25 137.53 -45.48
C ALA M 3730 19.40 138.20 -44.73
N SER M 3731 20.57 138.29 -45.37
CA SER M 3731 21.68 139.06 -44.84
C SER M 3731 22.03 140.24 -45.74
N LEU M 3732 22.36 140.01 -47.00
CA LEU M 3732 22.56 141.07 -47.97
C LEU M 3732 21.69 140.89 -49.21
N ARG M 3733 21.65 139.69 -49.79
CA ARG M 3733 20.88 139.41 -50.99
C ARG M 3733 19.92 138.25 -50.79
N ARG M 3734 19.44 138.06 -49.55
CA ARG M 3734 18.38 137.12 -49.20
C ARG M 3734 18.65 135.68 -49.65
N PRO M 3735 19.54 134.96 -48.98
CA PRO M 3735 19.66 133.52 -49.27
C PRO M 3735 18.45 132.75 -48.79
N LYS M 3736 17.59 132.32 -49.72
CA LYS M 3736 16.37 131.61 -49.38
C LYS M 3736 16.63 130.11 -49.43
N ARG M 3737 16.57 129.45 -48.28
CA ARG M 3737 16.72 128.00 -48.22
C ARG M 3737 15.48 127.35 -48.80
N ILE M 3738 15.59 126.83 -50.01
CA ILE M 3738 14.45 126.26 -50.74
C ILE M 3738 14.63 124.75 -50.78
N ILE M 3739 13.62 124.03 -50.30
CA ILE M 3739 13.65 122.57 -50.34
C ILE M 3739 13.51 122.11 -51.78
N ILE M 3740 14.46 121.28 -52.23
CA ILE M 3740 14.53 120.86 -53.62
C ILE M 3740 14.42 119.34 -53.64
N ARG M 3741 13.22 118.84 -53.94
CA ARG M 3741 13.01 117.40 -54.02
C ARG M 3741 13.83 116.81 -55.16
N GLY M 3742 14.18 115.53 -55.02
CA GLY M 3742 15.18 114.90 -55.86
C GLY M 3742 14.63 113.96 -56.93
N HIS M 3743 15.58 113.39 -57.67
CA HIS M 3743 15.23 112.46 -58.74
C HIS M 3743 14.72 111.14 -58.17
N ASP M 3744 15.29 110.69 -57.06
CA ASP M 3744 14.72 109.64 -56.25
C ASP M 3744 13.82 110.19 -55.14
N GLU M 3745 13.32 111.42 -55.31
CA GLU M 3745 12.44 112.10 -54.37
C GLU M 3745 13.08 112.20 -52.98
N ARG M 3746 14.23 112.86 -52.94
CA ARG M 3746 14.85 113.28 -51.70
C ARG M 3746 15.13 114.77 -51.79
N GLU M 3747 14.88 115.49 -50.71
CA GLU M 3747 15.07 116.94 -50.76
C GLU M 3747 16.55 117.27 -50.88
N HIS M 3748 16.84 118.31 -51.66
CA HIS M 3748 18.17 118.88 -51.77
C HIS M 3748 18.07 120.37 -51.45
N PRO M 3749 17.77 120.72 -50.21
CA PRO M 3749 17.47 122.12 -49.89
C PRO M 3749 18.65 123.04 -50.14
N PHE M 3750 18.53 123.86 -51.17
CA PHE M 3750 19.57 124.80 -51.55
C PHE M 3750 19.17 126.20 -51.10
N LEU M 3751 20.12 127.12 -51.19
CA LEU M 3751 19.90 128.51 -50.83
C LEU M 3751 20.05 129.36 -52.08
N VAL M 3752 19.08 130.25 -52.30
CA VAL M 3752 19.04 131.08 -53.49
C VAL M 3752 19.14 132.54 -53.06
N LYS M 3753 20.09 133.27 -53.63
CA LYS M 3753 20.42 134.63 -53.20
C LYS M 3753 20.10 135.62 -54.32
N GLY M 3754 20.33 136.91 -54.04
CA GLY M 3754 19.93 137.97 -54.94
C GLY M 3754 21.04 138.58 -55.77
N GLY M 3755 21.24 139.89 -55.62
CA GLY M 3755 22.18 140.63 -56.45
C GLY M 3755 23.62 140.23 -56.20
N GLU M 3756 24.53 141.03 -56.76
CA GLU M 3756 25.97 140.79 -56.69
C GLU M 3756 26.30 139.41 -57.28
N ASP M 3757 26.14 139.35 -58.61
CA ASP M 3757 26.14 138.11 -59.39
C ASP M 3757 27.19 137.12 -58.94
N LEU M 3758 26.83 135.83 -59.02
CA LEU M 3758 27.63 134.73 -58.49
C LEU M 3758 28.39 133.98 -59.57
N ARG M 3759 28.95 134.70 -60.55
CA ARG M 3759 29.95 134.09 -61.42
C ARG M 3759 31.36 134.20 -60.83
N GLN M 3760 31.63 135.29 -60.13
CA GLN M 3760 32.94 135.47 -59.51
C GLN M 3760 33.21 134.40 -58.46
N ASP M 3761 32.21 134.07 -57.64
CA ASP M 3761 32.42 133.03 -56.64
C ASP M 3761 32.48 131.65 -57.28
N GLN M 3762 31.84 131.46 -58.44
CA GLN M 3762 32.05 130.22 -59.19
C GLN M 3762 33.49 130.10 -59.65
N ARG M 3763 34.06 131.18 -60.17
CA ARG M 3763 35.48 131.17 -60.50
C ARG M 3763 36.34 130.92 -59.26
N VAL M 3764 35.92 131.48 -58.12
CA VAL M 3764 36.64 131.26 -56.87
C VAL M 3764 36.62 129.78 -56.49
N GLU M 3765 35.48 129.12 -56.67
CA GLU M 3765 35.40 127.69 -56.38
C GLU M 3765 36.25 126.87 -57.34
N GLN M 3766 36.27 127.26 -58.62
CA GLN M 3766 37.16 126.59 -59.57
C GLN M 3766 38.62 126.73 -59.13
N LEU M 3767 39.01 127.93 -58.71
CA LEU M 3767 40.38 128.12 -58.24
C LEU M 3767 40.63 127.36 -56.94
N PHE M 3768 39.62 127.21 -56.10
CA PHE M 3768 39.77 126.37 -54.90
C PHE M 3768 40.05 124.93 -55.29
N GLN M 3769 39.33 124.43 -56.29
CA GLN M 3769 39.59 123.07 -56.76
C GLN M 3769 41.00 122.93 -57.34
N VAL M 3770 41.42 123.91 -58.14
CA VAL M 3770 42.74 123.79 -58.75
C VAL M 3770 43.85 123.94 -57.71
N MET M 3771 43.65 124.76 -56.67
CA MET M 3771 44.66 124.87 -55.64
C MET M 3771 44.68 123.64 -54.73
N ASN M 3772 43.53 123.00 -54.55
CA ASN M 3772 43.52 121.70 -53.89
C ASN M 3772 44.31 120.67 -54.70
N GLY M 3773 44.12 120.68 -56.01
CA GLY M 3773 44.92 119.82 -56.87
C GLY M 3773 46.40 120.12 -56.77
N ILE M 3774 46.74 121.41 -56.65
CA ILE M 3774 48.13 121.81 -56.48
C ILE M 3774 48.69 121.30 -55.15
N LEU M 3775 47.89 121.42 -54.08
CA LEU M 3775 48.30 120.89 -52.79
C LEU M 3775 48.55 119.38 -52.89
N ALA M 3776 47.69 118.67 -53.62
CA ALA M 3776 47.94 117.26 -53.89
C ALA M 3776 49.24 117.08 -54.67
N GLN M 3777 49.52 117.99 -55.60
CA GLN M 3777 50.70 117.86 -56.44
C GLN M 3777 51.99 117.94 -55.64
N ASP M 3778 52.04 118.82 -54.64
CA ASP M 3778 53.24 118.98 -53.85
C ASP M 3778 53.48 117.72 -53.01
N SER M 3779 54.70 117.18 -53.11
CA SER M 3779 55.05 116.01 -52.33
C SER M 3779 55.04 116.32 -50.83
N ALA M 3780 55.56 117.49 -50.45
CA ALA M 3780 55.57 117.87 -49.04
C ALA M 3780 54.14 118.01 -48.50
N CYS M 3781 53.27 118.67 -49.26
CA CYS M 3781 51.89 118.82 -48.81
C CYS M 3781 51.20 117.47 -48.70
N SER M 3782 51.45 116.56 -49.64
CA SER M 3782 50.87 115.23 -49.55
C SER M 3782 51.46 114.44 -48.38
N GLN M 3783 52.67 114.77 -47.95
CA GLN M 3783 53.21 114.19 -46.73
C GLN M 3783 52.32 114.51 -45.53
N ARG M 3784 51.90 115.78 -45.43
CA ARG M 3784 50.97 116.21 -44.40
C ARG M 3784 49.52 116.03 -44.82
N ALA M 3785 49.27 115.56 -46.05
CA ALA M 3785 47.92 115.33 -46.56
C ALA M 3785 47.09 116.61 -46.51
N LEU M 3786 47.60 117.64 -47.19
CA LEU M 3786 46.93 118.93 -47.20
C LEU M 3786 45.87 118.94 -48.30
N GLN M 3787 44.62 119.17 -47.90
CA GLN M 3787 43.50 119.14 -48.84
C GLN M 3787 42.32 119.87 -48.20
N LEU M 3788 41.61 120.65 -49.01
CA LEU M 3788 40.46 121.41 -48.56
C LEU M 3788 39.23 121.02 -49.36
N ARG M 3789 38.11 120.84 -48.67
CA ARG M 3789 36.85 120.52 -49.33
C ARG M 3789 36.36 121.70 -50.16
N THR M 3790 35.59 121.39 -51.20
CA THR M 3790 35.08 122.41 -52.10
C THR M 3790 33.64 122.06 -52.47
N TYR M 3791 32.85 123.08 -52.73
CA TYR M 3791 31.46 122.95 -53.13
C TYR M 3791 31.27 123.61 -54.51
N SER M 3792 30.02 123.74 -54.93
CA SER M 3792 29.70 124.32 -56.23
C SER M 3792 28.64 125.41 -56.09
N VAL M 3793 28.81 126.51 -56.82
CA VAL M 3793 27.84 127.58 -56.90
C VAL M 3793 27.57 127.90 -58.37
N VAL M 3794 26.29 128.04 -58.70
CA VAL M 3794 25.84 128.23 -60.07
C VAL M 3794 25.32 129.66 -60.20
N PRO M 3795 25.86 130.47 -61.11
CA PRO M 3795 25.28 131.79 -61.33
C PRO M 3795 23.96 131.68 -62.05
N MET M 3796 22.88 132.08 -61.39
CA MET M 3796 21.56 132.02 -61.97
C MET M 3796 21.36 133.21 -62.90
N THR M 3797 21.34 134.41 -62.31
CA THR M 3797 21.27 135.68 -63.01
C THR M 3797 22.19 136.66 -62.28
N SER M 3798 22.14 137.93 -62.68
CA SER M 3798 22.85 138.97 -61.93
C SER M 3798 22.14 139.29 -60.62
N ARG M 3799 20.81 139.27 -60.63
CA ARG M 3799 20.01 139.61 -59.46
C ARG M 3799 19.50 138.37 -58.72
N LEU M 3800 19.90 137.17 -59.14
CA LEU M 3800 19.46 135.97 -58.45
C LEU M 3800 20.57 134.93 -58.58
N GLY M 3801 20.79 134.16 -57.52
CA GLY M 3801 21.83 133.17 -57.53
C GLY M 3801 21.55 132.04 -56.57
N LEU M 3802 21.95 130.83 -56.97
CA LEU M 3802 21.74 129.62 -56.19
C LEU M 3802 23.08 129.00 -55.81
N ILE M 3803 23.10 128.36 -54.64
CA ILE M 3803 24.27 127.65 -54.14
C ILE M 3803 23.87 126.21 -53.85
N GLU M 3804 24.82 125.30 -54.00
CA GLU M 3804 24.57 123.89 -53.70
C GLU M 3804 24.87 123.61 -52.24
N TRP M 3805 23.93 122.95 -51.56
CA TRP M 3805 24.08 122.57 -50.18
C TRP M 3805 24.56 121.11 -50.11
N LEU M 3806 25.76 120.90 -49.58
CA LEU M 3806 26.29 119.56 -49.44
C LEU M 3806 25.51 118.74 -48.41
N GLU M 3807 24.77 119.40 -47.52
CA GLU M 3807 23.84 118.75 -46.60
C GLU M 3807 24.57 117.81 -45.64
N ASN M 3808 25.65 118.30 -45.04
CA ASN M 3808 26.33 117.56 -44.00
C ASN M 3808 26.84 118.45 -42.87
N THR M 3809 26.54 119.74 -42.87
CA THR M 3809 27.20 120.70 -42.00
C THR M 3809 26.19 121.64 -41.37
N VAL M 3810 26.57 122.19 -40.22
CA VAL M 3810 25.80 123.23 -39.54
C VAL M 3810 26.80 124.29 -39.08
N THR M 3811 26.28 125.50 -38.82
CA THR M 3811 27.13 126.60 -38.42
C THR M 3811 27.74 126.34 -37.04
N LEU M 3812 28.81 127.08 -36.74
CA LEU M 3812 29.44 126.98 -35.44
C LEU M 3812 28.63 127.68 -34.36
N LYS M 3813 27.76 128.62 -34.74
CA LYS M 3813 27.08 129.45 -33.75
C LYS M 3813 26.14 128.61 -32.88
N ASP M 3814 25.27 127.80 -33.50
CA ASP M 3814 24.35 126.99 -32.73
C ASP M 3814 25.06 125.82 -32.07
N LEU M 3815 26.12 125.31 -32.70
CA LEU M 3815 26.87 124.20 -32.10
C LEU M 3815 27.57 124.63 -30.82
N LEU M 3816 28.06 125.87 -30.78
CA LEU M 3816 28.66 126.42 -29.57
C LEU M 3816 27.64 127.09 -28.67
N LEU M 3817 26.40 127.27 -29.13
CA LEU M 3817 25.34 127.86 -28.31
C LEU M 3817 24.86 126.88 -27.26
N ASN M 3818 24.40 125.70 -27.71
CA ASN M 3818 23.94 124.66 -26.78
C ASN M 3818 25.08 124.07 -25.96
N THR M 3819 26.34 124.35 -26.32
CA THR M 3819 27.46 123.92 -25.49
C THR M 3819 27.37 124.53 -24.09
N MET M 3820 27.20 125.84 -24.02
CA MET M 3820 26.99 126.57 -22.78
C MET M 3820 25.51 126.52 -22.38
N SER M 3821 25.25 126.86 -21.13
CA SER M 3821 23.97 126.55 -20.50
C SER M 3821 22.82 127.29 -21.17
N GLN M 3822 21.63 126.67 -21.08
CA GLN M 3822 20.44 127.22 -21.72
C GLN M 3822 20.04 128.57 -21.13
N GLU M 3823 20.32 128.78 -19.84
CA GLU M 3823 20.07 130.08 -19.24
C GLU M 3823 21.07 131.11 -19.77
N GLU M 3824 22.34 130.73 -19.89
CA GLU M 3824 23.37 131.67 -20.30
C GLU M 3824 23.19 132.07 -21.76
N LYS M 3825 22.97 131.08 -22.62
CA LYS M 3825 22.88 131.34 -24.06
C LYS M 3825 21.84 132.39 -24.39
N ALA M 3826 20.81 132.52 -23.56
CA ALA M 3826 19.80 133.56 -23.71
C ALA M 3826 20.19 134.81 -22.94
N ALA M 3827 20.35 134.70 -21.62
CA ALA M 3827 20.50 135.88 -20.78
C ALA M 3827 21.77 136.65 -21.13
N TYR M 3828 22.92 135.98 -21.13
CA TYR M 3828 24.17 136.71 -21.27
C TYR M 3828 24.40 137.19 -22.70
N LEU M 3829 23.93 136.43 -23.69
CA LEU M 3829 24.06 136.88 -25.07
C LEU M 3829 23.04 137.95 -25.43
N SER M 3830 21.94 138.08 -24.66
CA SER M 3830 21.00 139.14 -24.95
C SER M 3830 21.41 140.46 -24.30
N ASP M 3831 21.38 140.53 -22.96
CA ASP M 3831 21.60 141.81 -22.30
C ASP M 3831 23.08 142.18 -22.19
N PRO M 3832 23.94 141.41 -21.44
CA PRO M 3832 25.34 141.81 -21.26
C PRO M 3832 26.29 141.23 -22.30
N ARG M 3833 25.93 141.35 -23.58
CA ARG M 3833 26.79 140.89 -24.65
C ARG M 3833 27.43 142.05 -25.41
N ALA M 3834 26.62 142.94 -25.97
CA ALA M 3834 27.12 144.11 -26.68
C ALA M 3834 27.41 145.29 -25.75
N PRO M 3835 26.51 145.69 -24.85
CA PRO M 3835 26.74 146.89 -24.03
C PRO M 3835 28.03 146.82 -23.22
N PRO M 3836 28.23 145.80 -22.38
CA PRO M 3836 29.37 145.85 -21.46
C PRO M 3836 30.71 145.43 -22.07
N CYS M 3837 30.77 145.27 -23.39
CA CYS M 3837 32.02 144.86 -24.02
C CYS M 3837 32.36 145.72 -25.23
N GLU M 3838 31.34 146.30 -25.86
CA GLU M 3838 31.54 147.06 -27.10
C GLU M 3838 31.10 148.51 -27.01
N TYR M 3839 29.94 148.78 -26.40
CA TYR M 3839 29.41 150.15 -26.39
C TYR M 3839 30.30 151.11 -25.62
N LYS M 3840 30.79 150.69 -24.46
CA LYS M 3840 31.53 151.61 -23.59
C LYS M 3840 32.95 151.83 -24.09
N ASP M 3841 33.68 150.76 -24.40
CA ASP M 3841 35.05 150.90 -24.87
C ASP M 3841 35.12 151.39 -26.31
N TRP M 3842 33.99 151.51 -27.00
CA TRP M 3842 33.90 152.23 -28.26
C TRP M 3842 32.98 153.44 -28.16
N LEU M 3843 32.69 153.90 -26.95
CA LEU M 3843 31.93 155.12 -26.77
C LEU M 3843 32.82 156.33 -27.02
N ASP M 3851 28.58 153.59 -28.56
CA ASP M 3851 27.56 153.37 -29.58
C ASP M 3851 27.95 154.01 -30.90
N VAL M 3852 27.05 153.93 -31.89
CA VAL M 3852 27.31 154.53 -33.18
C VAL M 3852 27.51 156.03 -33.03
N GLY M 3853 28.28 156.61 -33.94
CA GLY M 3853 28.70 157.99 -33.80
C GLY M 3853 29.90 158.10 -32.89
N ALA M 3854 29.74 157.67 -31.63
CA ALA M 3854 30.89 157.51 -30.75
C ALA M 3854 31.85 156.46 -31.28
N TYR M 3855 31.31 155.44 -31.96
CA TYR M 3855 32.15 154.48 -32.67
C TYR M 3855 33.13 155.19 -33.60
N MET M 3856 32.60 156.09 -34.43
CA MET M 3856 33.40 156.80 -35.42
C MET M 3856 34.56 157.53 -34.75
N LEU M 3857 34.29 158.18 -33.62
CA LEU M 3857 35.33 158.99 -32.98
C LEU M 3857 36.35 158.12 -32.25
N MET M 3858 35.91 157.07 -31.56
CA MET M 3858 36.91 156.33 -30.79
C MET M 3858 37.63 155.28 -31.64
N TYR M 3859 37.19 155.07 -32.89
CA TYR M 3859 38.10 154.44 -33.85
C TYR M 3859 39.32 155.31 -34.10
N LYS M 3860 39.13 156.63 -34.16
CA LYS M 3860 40.27 157.53 -34.07
C LYS M 3860 40.94 157.42 -32.71
N GLY M 3861 40.14 157.22 -31.66
CA GLY M 3861 40.64 157.10 -30.30
C GLY M 3861 41.21 155.75 -29.94
N ALA M 3862 41.25 154.80 -30.89
CA ALA M 3862 41.75 153.47 -30.60
C ALA M 3862 43.24 153.51 -30.27
N ASN M 3863 43.62 152.77 -29.23
CA ASN M 3863 45.00 152.72 -28.77
C ASN M 3863 45.20 151.45 -27.94
N ARG M 3864 46.40 151.31 -27.39
CA ARG M 3864 46.72 150.12 -26.59
C ARG M 3864 45.85 150.02 -25.35
N THR M 3865 45.56 151.17 -24.71
CA THR M 3865 44.74 151.16 -23.50
C THR M 3865 43.37 150.56 -23.78
N GLU M 3866 42.63 151.16 -24.71
CA GLU M 3866 41.33 150.60 -25.06
C GLU M 3866 41.46 149.23 -25.70
N THR M 3867 42.59 148.96 -26.35
CA THR M 3867 42.85 147.63 -26.89
C THR M 3867 42.75 146.57 -25.79
N VAL M 3868 43.61 146.68 -24.78
CA VAL M 3868 43.60 145.70 -23.70
C VAL M 3868 42.32 145.80 -22.88
N THR M 3869 41.70 146.98 -22.82
CA THR M 3869 40.45 147.12 -22.07
C THR M 3869 39.34 146.30 -22.71
N SER M 3870 39.11 146.48 -24.01
CA SER M 3870 38.10 145.69 -24.70
C SER M 3870 38.48 144.21 -24.76
N PHE M 3871 39.79 143.93 -24.83
CA PHE M 3871 40.26 142.56 -24.72
C PHE M 3871 39.77 141.91 -23.43
N ARG M 3872 40.22 142.44 -22.30
CA ARG M 3872 39.84 141.88 -21.01
C ARG M 3872 38.33 141.87 -20.82
N LYS M 3873 37.62 142.82 -21.43
CA LYS M 3873 36.16 142.76 -21.38
C LYS M 3873 35.64 141.55 -22.15
N ARG M 3874 36.26 141.23 -23.29
CA ARG M 3874 35.86 140.04 -24.03
C ARG M 3874 36.06 138.78 -23.19
N GLU M 3875 37.25 138.60 -22.61
CA GLU M 3875 37.47 137.39 -21.83
C GLU M 3875 36.62 137.37 -20.56
N SER M 3876 36.51 138.49 -19.84
CA SER M 3876 35.66 138.52 -18.66
C SER M 3876 34.18 138.42 -19.00
N LYS M 3877 33.81 138.59 -20.26
CA LYS M 3877 32.42 138.52 -20.71
C LYS M 3877 32.01 137.08 -21.03
N VAL M 3878 32.72 136.45 -21.97
CA VAL M 3878 32.32 135.15 -22.50
C VAL M 3878 33.28 134.08 -22.01
N PRO M 3879 32.80 132.87 -21.71
CA PRO M 3879 33.72 131.78 -21.35
C PRO M 3879 34.60 131.36 -22.53
N ALA M 3880 35.66 130.64 -22.20
CA ALA M 3880 36.63 130.16 -23.17
C ALA M 3880 36.73 128.64 -23.11
N ASP M 3881 37.33 128.07 -24.16
CA ASP M 3881 37.56 126.64 -24.29
C ASP M 3881 36.28 125.83 -24.30
N LEU M 3882 35.13 126.48 -24.51
CA LEU M 3882 33.91 125.72 -24.71
C LEU M 3882 33.86 125.05 -26.09
N LEU M 3883 34.82 125.36 -26.96
CA LEU M 3883 34.95 124.63 -28.22
C LEU M 3883 35.28 123.16 -27.97
N LYS M 3884 36.20 122.90 -27.03
CA LYS M 3884 36.48 121.51 -26.67
C LYS M 3884 35.31 120.88 -25.94
N ARG M 3885 34.54 121.66 -25.19
CA ARG M 3885 33.30 121.14 -24.61
C ARG M 3885 32.33 120.72 -25.70
N ALA M 3886 32.23 121.52 -26.75
CA ALA M 3886 31.41 121.14 -27.90
C ALA M 3886 31.92 119.85 -28.54
N PHE M 3887 33.24 119.73 -28.69
CA PHE M 3887 33.81 118.52 -29.27
C PHE M 3887 33.49 117.29 -28.43
N VAL M 3888 33.64 117.39 -27.10
CA VAL M 3888 33.43 116.22 -26.26
C VAL M 3888 31.94 115.87 -26.18
N ARG M 3889 31.05 116.87 -26.21
CA ARG M 3889 29.64 116.52 -26.27
C ARG M 3889 29.21 116.00 -27.63
N MET M 3890 30.07 116.13 -28.65
CA MET M 3890 29.82 115.46 -29.93
C MET M 3890 30.33 114.02 -29.90
N SER M 3891 31.61 113.85 -29.55
CA SER M 3891 32.28 112.57 -29.67
C SER M 3891 31.96 111.69 -28.46
N THR M 3892 31.56 110.45 -28.72
CA THR M 3892 31.33 109.46 -27.68
C THR M 3892 32.59 108.66 -27.36
N SER M 3893 33.75 109.10 -27.84
CA SER M 3893 35.01 108.42 -27.62
C SER M 3893 36.13 109.44 -27.65
N PRO M 3894 37.15 109.30 -26.81
CA PRO M 3894 38.29 110.22 -26.88
C PRO M 3894 39.00 110.19 -28.21
N GLU M 3895 39.04 109.04 -28.88
CA GLU M 3895 39.69 108.95 -30.18
C GLU M 3895 38.91 109.73 -31.23
N ALA M 3896 37.58 109.64 -31.20
CA ALA M 3896 36.76 110.46 -32.09
C ALA M 3896 36.96 111.94 -31.79
N PHE M 3897 37.07 112.29 -30.51
CA PHE M 3897 37.35 113.66 -30.12
C PHE M 3897 38.66 114.15 -30.73
N LEU M 3898 39.72 113.34 -30.61
CA LEU M 3898 41.03 113.74 -31.12
C LEU M 3898 41.01 113.89 -32.63
N ALA M 3899 40.43 112.92 -33.33
CA ALA M 3899 40.36 113.00 -34.78
C ALA M 3899 39.57 114.24 -35.21
N LEU M 3900 38.42 114.46 -34.57
CA LEU M 3900 37.59 115.61 -34.89
C LEU M 3900 38.36 116.91 -34.70
N ARG M 3901 38.99 117.09 -33.53
CA ARG M 3901 39.66 118.34 -33.24
C ARG M 3901 40.86 118.56 -34.16
N SER M 3902 41.65 117.51 -34.39
CA SER M 3902 42.84 117.65 -35.22
C SER M 3902 42.47 117.98 -36.67
N HIS M 3903 41.53 117.22 -37.24
CA HIS M 3903 41.12 117.50 -38.62
C HIS M 3903 40.47 118.87 -38.73
N PHE M 3904 39.67 119.26 -37.74
CA PHE M 3904 39.04 120.57 -37.76
C PHE M 3904 40.09 121.67 -37.73
N ALA M 3905 41.09 121.54 -36.86
CA ALA M 3905 42.14 122.56 -36.79
C ALA M 3905 42.89 122.66 -38.11
N SER M 3906 43.26 121.51 -38.69
CA SER M 3906 44.02 121.53 -39.94
C SER M 3906 43.21 122.16 -41.06
N SER M 3907 41.94 121.75 -41.20
CA SER M 3907 41.10 122.30 -42.26
C SER M 3907 40.82 123.79 -42.04
N HIS M 3908 40.68 124.21 -40.78
CA HIS M 3908 40.49 125.62 -40.49
C HIS M 3908 41.73 126.43 -40.84
N ALA M 3909 42.91 125.89 -40.55
CA ALA M 3909 44.14 126.58 -40.96
C ALA M 3909 44.22 126.70 -42.47
N LEU M 3910 43.87 125.63 -43.18
CA LEU M 3910 43.86 125.69 -44.64
C LEU M 3910 42.88 126.74 -45.15
N ILE M 3911 41.68 126.79 -44.56
CA ILE M 3911 40.70 127.80 -44.96
C ILE M 3911 41.23 129.20 -44.72
N CYS M 3912 41.82 129.41 -43.53
CA CYS M 3912 42.31 130.74 -43.17
C CYS M 3912 43.40 131.19 -44.12
N ILE M 3913 44.37 130.32 -44.41
CA ILE M 3913 45.47 130.71 -45.29
C ILE M 3913 44.97 130.91 -46.71
N SER M 3914 44.03 130.08 -47.17
CA SER M 3914 43.51 130.22 -48.53
C SER M 3914 42.78 131.55 -48.69
N HIS M 3915 41.92 131.90 -47.74
CA HIS M 3915 41.17 133.14 -47.88
C HIS M 3915 41.99 134.38 -47.52
N TRP M 3916 43.11 134.21 -46.81
CA TRP M 3916 44.01 135.34 -46.61
C TRP M 3916 44.85 135.59 -47.86
N ILE M 3917 45.25 134.53 -48.56
CA ILE M 3917 45.82 134.71 -49.89
C ILE M 3917 44.80 135.35 -50.82
N LEU M 3918 43.55 134.90 -50.74
CA LEU M 3918 42.45 135.60 -51.39
C LEU M 3918 42.31 137.02 -50.85
N GLY M 3919 42.62 137.22 -49.58
CA GLY M 3919 42.56 138.54 -48.98
C GLY M 3919 41.24 138.92 -48.37
N ILE M 3920 40.35 137.96 -48.12
CA ILE M 3920 39.04 138.23 -47.56
C ILE M 3920 38.94 137.45 -46.26
N GLY M 3921 39.10 138.15 -45.13
CA GLY M 3921 38.89 137.54 -43.84
C GLY M 3921 37.41 137.41 -43.52
N ASP M 3922 37.13 136.66 -42.45
CA ASP M 3922 35.77 136.42 -42.02
C ASP M 3922 35.42 137.31 -40.83
N ARG M 3923 34.17 137.80 -40.82
CA ARG M 3923 33.75 138.80 -39.85
C ARG M 3923 33.23 138.18 -38.56
N HIS M 3924 32.18 137.38 -38.65
CA HIS M 3924 31.50 136.82 -37.49
C HIS M 3924 31.69 135.31 -37.42
N LEU M 3925 31.07 134.70 -36.41
CA LEU M 3925 31.23 133.26 -36.20
C LEU M 3925 30.46 132.44 -37.22
N ASN M 3926 29.29 132.94 -37.66
CA ASN M 3926 28.52 132.22 -38.68
C ASN M 3926 29.15 132.29 -40.05
N ASN M 3927 30.37 132.82 -40.14
CA ASN M 3927 31.13 132.80 -41.38
C ASN M 3927 31.79 131.44 -41.63
N PHE M 3928 31.60 130.50 -40.71
CA PHE M 3928 32.04 129.12 -40.89
C PHE M 3928 30.92 128.18 -40.47
N MET M 3929 30.93 127.00 -41.07
CA MET M 3929 30.04 125.93 -40.66
C MET M 3929 30.79 124.61 -40.72
N VAL M 3930 30.42 123.69 -39.83
CA VAL M 3930 31.22 122.52 -39.52
C VAL M 3930 30.37 121.26 -39.68
N ALA M 3931 30.99 120.19 -40.17
CA ALA M 3931 30.35 118.90 -40.34
C ALA M 3931 30.83 117.96 -39.24
N MET M 3932 29.89 117.37 -38.49
CA MET M 3932 30.24 116.54 -37.34
C MET M 3932 30.37 115.07 -37.71
N GLU M 3933 31.18 114.78 -38.73
CA GLU M 3933 31.51 113.40 -39.08
C GLU M 3933 33.01 113.24 -39.19
N THR M 3934 33.69 114.31 -39.58
CA THR M 3934 35.15 114.33 -39.66
C THR M 3934 35.77 115.58 -39.05
N GLY M 3935 35.01 116.66 -38.89
CA GLY M 3935 35.55 117.94 -38.52
C GLY M 3935 35.77 118.89 -39.67
N GLY M 3936 34.96 118.79 -40.72
CA GLY M 3936 35.16 119.62 -41.90
C GLY M 3936 34.51 120.98 -41.79
N VAL M 3937 35.30 121.99 -41.46
CA VAL M 3937 34.82 123.37 -41.49
C VAL M 3937 34.80 123.84 -42.93
N ILE M 3938 33.77 124.61 -43.26
CA ILE M 3938 33.62 125.19 -44.60
C ILE M 3938 33.56 126.71 -44.44
N GLY M 3939 34.30 127.42 -45.27
CA GLY M 3939 34.38 128.86 -45.18
C GLY M 3939 33.39 129.57 -46.07
N ILE M 3940 32.90 130.71 -45.57
CA ILE M 3940 32.04 131.60 -46.34
C ILE M 3940 32.54 133.02 -46.07
N ASP M 3941 31.80 134.03 -46.56
CA ASP M 3941 32.20 135.43 -46.45
C ASP M 3941 33.46 135.69 -47.25
N PHE M 3942 33.39 135.46 -48.56
CA PHE M 3942 34.43 135.85 -49.51
C PHE M 3942 33.85 136.85 -50.52
N GLY M 3943 33.03 137.78 -50.05
CA GLY M 3943 32.31 138.68 -50.92
C GLY M 3943 32.90 140.07 -51.05
N HIS M 3944 34.21 140.15 -51.14
CA HIS M 3944 34.90 141.43 -51.35
C HIS M 3944 36.06 141.19 -52.32
N ALA M 3945 36.96 142.16 -52.41
CA ALA M 3945 38.12 142.03 -53.29
C ALA M 3945 39.27 142.84 -52.68
N PHE M 3946 40.15 142.15 -51.96
CA PHE M 3946 41.33 142.76 -51.33
C PHE M 3946 40.92 143.93 -50.43
N GLY M 3947 40.16 143.59 -49.40
CA GLY M 3947 39.78 144.58 -48.41
C GLY M 3947 38.83 145.64 -48.91
N SER M 3948 38.02 145.33 -49.93
CA SER M 3948 36.97 146.26 -50.34
C SER M 3948 35.98 146.51 -49.22
N ALA M 3949 35.92 145.62 -48.22
CA ALA M 3949 35.17 145.90 -47.01
C ALA M 3949 35.70 147.15 -46.32
N THR M 3950 36.97 147.14 -45.94
CA THR M 3950 37.61 148.35 -45.41
C THR M 3950 38.26 149.17 -46.52
N GLN M 3951 37.50 149.33 -47.60
CA GLN M 3951 37.81 150.30 -48.64
C GLN M 3951 36.62 151.16 -49.03
N PHE M 3952 35.39 150.67 -48.87
CA PHE M 3952 34.19 151.45 -49.11
C PHE M 3952 33.29 151.53 -47.89
N LEU M 3953 33.53 150.71 -46.88
CA LEU M 3953 32.80 150.78 -45.61
C LEU M 3953 33.78 151.11 -44.50
N PRO M 3954 33.72 152.29 -43.90
CA PRO M 3954 34.70 152.64 -42.86
C PRO M 3954 34.44 152.00 -41.51
N VAL M 3955 33.33 151.28 -41.35
CA VAL M 3955 33.04 150.55 -40.12
C VAL M 3955 34.06 149.42 -39.99
N PRO M 3956 34.39 148.97 -38.77
CA PRO M 3956 35.40 147.92 -38.62
C PRO M 3956 35.05 146.65 -39.37
N GLU M 3957 35.82 146.37 -40.43
CA GLU M 3957 35.66 145.15 -41.21
C GLU M 3957 37.02 144.58 -41.61
N LEU M 3958 38.08 144.90 -40.87
CA LEU M 3958 39.44 144.51 -41.20
C LEU M 3958 39.81 143.27 -40.39
N MET M 3959 40.35 142.27 -41.09
CA MET M 3959 40.82 141.05 -40.44
C MET M 3959 41.65 140.25 -41.44
N PRO M 3960 42.83 139.77 -41.05
CA PRO M 3960 43.50 138.76 -41.88
C PRO M 3960 42.70 137.48 -41.95
N PHE M 3961 42.00 137.16 -40.86
CA PHE M 3961 41.09 136.03 -40.79
C PHE M 3961 40.22 136.23 -39.56
N ARG M 3962 39.26 135.34 -39.37
CA ARG M 3962 38.44 135.40 -38.17
C ARG M 3962 39.31 135.12 -36.95
N LEU M 3963 39.10 135.90 -35.88
CA LEU M 3963 39.87 135.79 -34.65
C LEU M 3963 38.91 135.51 -33.50
N THR M 3964 38.98 134.29 -32.97
CA THR M 3964 38.19 133.90 -31.81
C THR M 3964 39.11 133.37 -30.72
N ARG M 3965 38.71 133.56 -29.47
CA ARG M 3965 39.50 133.05 -28.36
C ARG M 3965 39.56 131.53 -28.38
N GLN M 3966 38.51 130.88 -28.91
CA GLN M 3966 38.48 129.42 -28.96
C GLN M 3966 39.57 128.83 -29.84
N PHE M 3967 40.15 129.62 -30.75
CA PHE M 3967 41.20 129.11 -31.62
C PHE M 3967 42.43 128.71 -30.80
N ILE M 3968 42.88 129.61 -29.91
CA ILE M 3968 43.98 129.26 -29.02
C ILE M 3968 43.53 128.26 -27.97
N ASN M 3969 42.23 128.13 -27.76
CA ASN M 3969 41.67 127.14 -26.84
C ASN M 3969 41.62 125.74 -27.44
N LEU M 3970 42.32 125.51 -28.56
CA LEU M 3970 42.30 124.19 -29.17
C LEU M 3970 42.88 123.14 -28.23
N MET M 3971 43.97 123.46 -27.54
CA MET M 3971 44.59 122.57 -26.57
C MET M 3971 45.69 123.35 -25.84
N LEU M 3972 45.94 123.00 -24.57
CA LEU M 3972 46.73 123.89 -23.71
C LEU M 3972 48.21 123.88 -24.05
N PRO M 3973 48.94 122.76 -23.94
CA PRO M 3973 50.41 122.84 -23.99
C PRO M 3973 50.97 123.43 -25.26
N MET M 3974 50.36 123.20 -26.41
CA MET M 3974 50.80 123.76 -27.68
C MET M 3974 49.85 124.89 -28.07
N LYS M 3975 50.42 126.03 -28.43
CA LYS M 3975 49.70 127.30 -28.53
C LYS M 3975 49.54 127.73 -29.99
N GLU M 3976 49.21 126.80 -30.87
CA GLU M 3976 49.15 126.98 -32.32
C GLU M 3976 50.52 127.28 -32.92
N THR M 3977 51.58 127.15 -32.13
CA THR M 3977 52.95 127.24 -32.63
C THR M 3977 53.48 125.90 -33.11
N GLY M 3978 52.71 124.84 -32.96
CA GLY M 3978 53.13 123.52 -33.39
C GLY M 3978 52.52 123.11 -34.70
N LEU M 3979 51.48 122.28 -34.64
CA LEU M 3979 50.82 121.81 -35.86
C LEU M 3979 50.28 122.98 -36.66
N MET M 3980 49.68 123.96 -36.00
CA MET M 3980 49.11 125.09 -36.72
C MET M 3980 50.21 125.86 -37.46
N TYR M 3981 51.26 126.24 -36.73
CA TYR M 3981 52.35 127.01 -37.32
C TYR M 3981 53.03 126.22 -38.43
N SER M 3982 53.25 124.92 -38.23
CA SER M 3982 53.85 124.12 -39.29
C SER M 3982 52.94 124.06 -40.50
N ILE M 3983 51.63 123.97 -40.29
CA ILE M 3983 50.69 123.93 -41.41
C ILE M 3983 50.79 125.19 -42.24
N MET M 3984 50.79 126.36 -41.59
CA MET M 3984 50.95 127.59 -42.36
C MET M 3984 52.33 127.65 -43.03
N VAL M 3985 53.38 127.17 -42.34
CA VAL M 3985 54.71 127.19 -42.93
C VAL M 3985 54.76 126.37 -44.20
N HIS M 3986 54.23 125.15 -44.15
CA HIS M 3986 54.25 124.28 -45.31
C HIS M 3986 53.38 124.84 -46.43
N ALA M 3987 52.20 125.37 -46.09
CA ALA M 3987 51.33 125.93 -47.12
C ALA M 3987 51.98 127.11 -47.81
N LEU M 3988 52.60 128.02 -47.04
CA LEU M 3988 53.22 129.19 -47.65
C LEU M 3988 54.48 128.82 -48.44
N ARG M 3989 55.20 127.78 -48.00
CA ARG M 3989 56.30 127.27 -48.82
C ARG M 3989 55.79 126.73 -50.14
N ALA M 3990 54.64 126.03 -50.11
CA ALA M 3990 54.01 125.61 -51.35
C ALA M 3990 53.51 126.79 -52.16
N PHE M 3991 53.08 127.86 -51.49
CA PHE M 3991 52.64 129.06 -52.19
C PHE M 3991 53.78 129.71 -52.95
N GLY M 3996 52.72 131.23 -60.71
CA GLY M 3996 53.01 132.23 -61.72
C GLY M 3996 51.83 132.51 -62.64
N LEU M 3997 50.73 131.79 -62.41
CA LEU M 3997 49.53 131.94 -63.21
C LEU M 3997 48.31 132.35 -62.39
N LEU M 3998 48.47 132.61 -61.10
CA LEU M 3998 47.34 133.02 -60.27
C LEU M 3998 46.78 134.35 -60.74
N THR M 3999 47.66 135.32 -61.03
CA THR M 3999 47.20 136.63 -61.51
C THR M 3999 46.42 136.50 -62.81
N ASN M 4000 46.68 135.43 -63.58
CA ASN M 4000 45.95 135.21 -64.82
C ASN M 4000 44.50 134.80 -64.58
N THR M 4001 44.16 134.35 -63.39
CA THR M 4001 42.80 133.93 -63.08
C THR M 4001 42.17 134.66 -61.90
N MET M 4002 42.96 135.15 -60.95
CA MET M 4002 42.38 136.07 -59.97
C MET M 4002 42.10 137.43 -60.58
N ASP M 4003 42.62 137.67 -61.79
CA ASP M 4003 42.18 138.77 -62.65
C ASP M 4003 42.09 138.16 -64.05
N VAL M 4004 40.95 137.56 -64.39
CA VAL M 4004 40.80 136.92 -65.69
C VAL M 4004 40.76 138.02 -66.74
N PHE M 4005 39.71 138.84 -66.72
CA PHE M 4005 39.73 140.13 -67.40
C PHE M 4005 39.46 141.28 -66.44
N VAL M 4006 38.32 141.25 -65.73
CA VAL M 4006 38.00 142.26 -64.74
C VAL M 4006 37.43 141.58 -63.50
N LYS M 4007 37.00 140.32 -63.64
CA LYS M 4007 36.44 139.55 -62.54
C LYS M 4007 35.19 140.23 -61.96
N GLU M 4008 34.09 140.15 -62.73
CA GLU M 4008 32.81 140.73 -62.33
C GLU M 4008 32.92 142.25 -62.25
N PRO M 4009 32.85 142.92 -63.41
CA PRO M 4009 33.20 144.36 -63.46
C PRO M 4009 32.38 145.17 -62.47
N SER M 4010 33.06 146.18 -61.89
CA SER M 4010 32.45 147.10 -60.94
C SER M 4010 31.88 146.37 -59.72
N PHE M 4011 32.45 145.22 -59.39
CA PHE M 4011 32.04 144.53 -58.17
C PHE M 4011 32.40 145.36 -56.94
N ASP M 4012 33.59 145.98 -56.94
CA ASP M 4012 33.95 146.86 -55.85
C ASP M 4012 33.37 148.25 -56.10
N TRP M 4013 32.10 148.31 -56.44
CA TRP M 4013 31.34 149.56 -56.45
C TRP M 4013 29.90 149.35 -56.03
N LYS M 4014 29.51 148.13 -55.64
CA LYS M 4014 28.12 147.81 -55.36
C LYS M 4014 27.96 146.95 -54.11
N ASN M 4015 29.00 146.79 -53.30
CA ASN M 4015 28.91 145.98 -52.09
C ASN M 4015 28.37 146.81 -50.93
N TRP M 4038 39.34 151.90 -56.17
CA TRP M 4038 39.76 150.52 -56.36
C TRP M 4038 40.25 150.28 -57.78
N TYR M 4039 41.06 149.24 -57.94
CA TYR M 4039 41.59 148.88 -59.25
C TYR M 4039 42.06 147.42 -59.21
N PRO M 4040 41.71 146.62 -60.22
CA PRO M 4040 42.15 145.21 -60.20
C PRO M 4040 43.66 145.05 -60.16
N ARG M 4041 44.42 145.93 -60.81
CA ARG M 4041 45.86 145.81 -60.78
C ARG M 4041 46.42 146.04 -59.38
N GLN M 4042 45.75 146.85 -58.57
CA GLN M 4042 46.14 146.97 -57.16
C GLN M 4042 45.99 145.63 -56.46
N LYS M 4043 44.89 144.91 -56.73
CA LYS M 4043 44.72 143.59 -56.15
C LYS M 4043 45.80 142.63 -56.63
N ILE M 4044 46.13 142.67 -57.92
CA ILE M 4044 47.12 141.71 -58.44
C ILE M 4044 48.50 142.02 -57.89
N CYS M 4045 48.83 143.31 -57.72
CA CYS M 4045 50.15 143.65 -57.19
C CYS M 4045 50.25 143.30 -55.71
N TYR M 4046 49.16 143.51 -54.96
CA TYR M 4046 49.14 143.05 -53.57
C TYR M 4046 49.33 141.54 -53.49
N ALA M 4047 48.63 140.80 -54.36
CA ALA M 4047 48.74 139.34 -54.35
C ALA M 4047 50.14 138.88 -54.70
N LYS M 4048 50.75 139.49 -55.73
CA LYS M 4048 52.07 139.06 -56.14
C LYS M 4048 53.14 139.46 -55.12
N ARG M 4049 52.93 140.56 -54.41
CA ARG M 4049 53.84 140.89 -53.30
C ARG M 4049 53.69 139.87 -52.18
N LYS M 4050 52.45 139.45 -51.89
CA LYS M 4050 52.23 138.44 -50.86
C LYS M 4050 52.88 137.11 -51.22
N LEU M 4051 52.75 136.69 -52.48
CA LEU M 4051 53.28 135.40 -52.90
C LEU M 4051 54.80 135.34 -52.76
N ALA M 4052 55.49 136.41 -53.16
CA ALA M 4052 56.93 136.48 -53.03
C ALA M 4052 57.38 136.85 -51.62
N GLY M 4053 56.48 136.75 -50.64
CA GLY M 4053 56.79 137.17 -49.28
C GLY M 4053 56.45 138.63 -49.08
N ALA M 4054 55.63 138.93 -48.09
CA ALA M 4054 55.20 140.29 -47.84
C ALA M 4054 55.04 140.52 -46.34
N ASN M 4055 55.19 141.77 -45.93
CA ASN M 4055 54.93 142.13 -44.54
C ASN M 4055 53.43 142.21 -44.32
N PRO M 4056 52.87 141.42 -43.41
CA PRO M 4056 51.43 141.55 -43.13
C PRO M 4056 51.02 142.95 -42.70
N ALA M 4057 51.88 143.64 -41.94
CA ALA M 4057 51.60 145.03 -41.58
C ALA M 4057 51.56 145.91 -42.82
N VAL M 4058 52.59 145.81 -43.67
CA VAL M 4058 52.62 146.62 -44.88
C VAL M 4058 51.51 146.21 -45.83
N ILE M 4059 51.15 144.93 -45.86
CA ILE M 4059 50.04 144.48 -46.69
C ILE M 4059 48.74 145.15 -46.23
N THR M 4060 48.51 145.15 -44.91
CA THR M 4060 47.32 145.80 -44.38
C THR M 4060 47.34 147.30 -44.67
N CYS M 4061 48.50 147.95 -44.51
CA CYS M 4061 48.59 149.38 -44.74
C CYS M 4061 48.35 149.73 -46.21
N ASP M 4062 48.86 148.93 -47.14
CA ASP M 4062 48.66 149.23 -48.55
C ASP M 4062 47.25 148.88 -49.01
N GLU M 4063 46.64 147.83 -48.46
CA GLU M 4063 45.24 147.55 -48.75
C GLU M 4063 44.35 148.68 -48.24
N LEU M 4064 44.58 149.14 -47.01
CA LEU M 4064 43.84 150.26 -46.48
C LEU M 4064 44.16 151.56 -47.21
N LEU M 4065 45.32 151.64 -47.84
CA LEU M 4065 45.63 152.76 -48.72
C LEU M 4065 44.87 152.66 -50.03
N LEU M 4066 44.44 151.47 -50.43
CA LEU M 4066 43.68 151.30 -51.65
C LEU M 4066 42.27 151.85 -51.43
N GLY M 4067 42.06 153.11 -51.81
CA GLY M 4067 40.74 153.70 -51.78
C GLY M 4067 40.12 153.86 -50.41
N HIS M 4068 40.92 153.88 -49.35
CA HIS M 4068 40.40 154.03 -47.99
C HIS M 4068 41.26 154.98 -47.18
N GLU M 4069 41.66 156.11 -47.79
CA GLU M 4069 42.44 157.10 -47.07
C GLU M 4069 41.59 158.02 -46.21
N LYS M 4070 40.30 158.13 -46.49
CA LYS M 4070 39.42 159.11 -45.87
C LYS M 4070 38.80 158.61 -44.57
N ALA M 4071 39.19 157.44 -44.10
CA ALA M 4071 38.61 156.88 -42.89
C ALA M 4071 38.97 157.73 -41.68
N PRO M 4072 38.10 157.78 -40.65
CA PRO M 4072 38.36 158.64 -39.49
C PRO M 4072 39.64 158.28 -38.75
N ALA M 4073 40.61 159.18 -38.78
CA ALA M 4073 41.98 158.91 -38.35
C ALA M 4073 42.48 157.61 -38.96
N PHE M 4074 42.49 157.59 -40.29
CA PHE M 4074 43.00 156.45 -41.04
C PHE M 4074 44.45 156.16 -40.67
N ARG M 4075 45.18 157.19 -40.22
CA ARG M 4075 46.53 156.99 -39.70
C ARG M 4075 46.52 156.06 -38.49
N ASP M 4076 45.53 156.23 -37.61
CA ASP M 4076 45.41 155.33 -36.47
C ASP M 4076 45.16 153.90 -36.93
N TYR M 4077 44.34 153.73 -37.98
CA TYR M 4077 44.06 152.40 -38.48
C TYR M 4077 45.30 151.73 -39.03
N VAL M 4078 46.10 152.46 -39.83
CA VAL M 4078 47.31 151.84 -40.35
C VAL M 4078 48.37 151.69 -39.28
N ALA M 4079 48.31 152.47 -38.20
CA ALA M 4079 49.25 152.29 -37.10
C ALA M 4079 48.92 151.03 -36.31
N VAL M 4080 47.64 150.82 -35.99
CA VAL M 4080 47.26 149.61 -35.28
C VAL M 4080 47.31 148.38 -36.18
N ALA M 4081 47.29 148.56 -37.50
CA ALA M 4081 47.49 147.45 -38.41
C ALA M 4081 48.89 146.87 -38.25
N ARG M 4082 49.90 147.74 -38.13
CA ARG M 4082 51.25 147.29 -37.81
C ARG M 4082 51.35 146.80 -36.37
N GLY M 4083 50.38 147.13 -35.53
CA GLY M 4083 50.39 146.70 -34.14
C GLY M 4083 50.04 147.81 -33.17
N SER M 4084 49.05 147.57 -32.33
CA SER M 4084 48.70 148.50 -31.26
C SER M 4084 49.45 148.19 -29.97
N LYS M 4085 50.27 147.15 -29.96
CA LYS M 4085 51.03 146.76 -28.78
C LYS M 4085 52.49 147.19 -28.94
N ASP M 4086 53.10 147.56 -27.82
CA ASP M 4086 54.48 148.04 -27.84
C ASP M 4086 55.46 146.95 -28.27
N HIS M 4087 55.07 145.68 -28.16
CA HIS M 4087 55.89 144.58 -28.66
C HIS M 4087 55.42 144.08 -30.02
N ASN M 4088 54.15 144.30 -30.38
CA ASN M 4088 53.69 143.98 -31.72
C ASN M 4088 54.20 144.94 -32.78
N ILE M 4089 54.76 146.08 -32.38
CA ILE M 4089 55.33 147.02 -33.35
C ILE M 4089 56.76 146.57 -33.59
N ARG M 4090 56.91 145.54 -34.42
CA ARG M 4090 58.20 145.09 -34.90
C ARG M 4090 58.11 144.64 -36.36
N ALA M 4091 57.00 144.92 -37.04
CA ALA M 4091 56.76 144.42 -38.38
C ALA M 4091 57.50 145.25 -39.42
N GLN M 4092 58.79 145.46 -39.18
CA GLN M 4092 59.72 145.97 -40.18
C GLN M 4092 60.88 145.02 -40.41
N GLU M 4093 61.22 144.20 -39.43
CA GLU M 4093 62.05 143.03 -39.68
C GLU M 4093 61.38 142.05 -40.64
N PRO M 4094 60.09 141.68 -40.46
CA PRO M 4094 59.45 140.76 -41.42
C PRO M 4094 58.81 141.50 -42.60
N GLU M 4095 59.63 142.17 -43.39
CA GLU M 4095 59.14 142.88 -44.57
C GLU M 4095 58.97 141.92 -45.74
N SER M 4096 58.79 142.47 -46.94
CA SER M 4096 58.56 141.65 -48.13
C SER M 4096 59.80 140.82 -48.46
N GLY M 4097 59.58 139.75 -49.21
CA GLY M 4097 60.66 138.83 -49.53
C GLY M 4097 61.19 138.08 -48.33
N LEU M 4098 60.33 137.77 -47.37
CA LEU M 4098 60.72 137.17 -46.12
C LEU M 4098 60.44 135.66 -46.13
N SER M 4099 60.83 135.00 -45.05
CA SER M 4099 60.54 133.58 -44.89
C SER M 4099 59.07 133.37 -44.58
N GLU M 4100 58.59 132.17 -44.88
CA GLU M 4100 57.19 131.83 -44.69
C GLU M 4100 56.80 131.88 -43.21
N GLU M 4101 57.66 131.31 -42.35
CA GLU M 4101 57.38 131.32 -40.92
C GLU M 4101 57.36 132.74 -40.37
N THR M 4102 58.29 133.59 -40.82
CA THR M 4102 58.25 134.99 -40.41
C THR M 4102 56.97 135.66 -40.89
N GLN M 4103 56.52 135.34 -42.10
CA GLN M 4103 55.29 135.91 -42.61
C GLN M 4103 54.09 135.53 -41.73
N VAL M 4104 53.99 134.25 -41.38
CA VAL M 4104 52.83 133.82 -40.59
C VAL M 4104 52.90 134.36 -39.16
N LYS M 4105 54.10 134.39 -38.57
CA LYS M 4105 54.19 134.93 -37.21
C LYS M 4105 53.88 136.42 -37.19
N CYS M 4106 54.28 137.14 -38.24
CA CYS M 4106 53.94 138.56 -38.33
C CYS M 4106 52.45 138.74 -38.56
N LEU M 4107 51.83 137.84 -39.32
CA LEU M 4107 50.39 137.91 -39.54
C LEU M 4107 49.62 137.71 -38.24
N MET M 4108 50.01 136.69 -37.47
CA MET M 4108 49.29 136.37 -36.25
C MET M 4108 49.61 137.32 -35.10
N ASP M 4109 50.83 137.87 -35.07
CA ASP M 4109 51.26 138.66 -33.93
C ASP M 4109 50.74 140.10 -34.01
N GLN M 4110 51.08 140.80 -35.09
CA GLN M 4110 50.74 142.22 -35.21
C GLN M 4110 49.63 142.51 -36.21
N ALA M 4111 49.38 141.61 -37.15
CA ALA M 4111 48.33 141.84 -38.14
C ALA M 4111 47.00 141.22 -37.74
N THR M 4112 46.98 140.30 -36.78
CA THR M 4112 45.76 139.65 -36.34
C THR M 4112 45.29 140.15 -34.98
N ASP M 4113 46.13 140.03 -33.95
CA ASP M 4113 45.70 140.34 -32.60
C ASP M 4113 45.47 141.83 -32.36
N PRO M 4114 46.52 142.67 -32.36
CA PRO M 4114 46.39 143.98 -31.69
C PRO M 4114 45.32 144.88 -32.29
N ASN M 4115 45.16 144.85 -33.62
CA ASN M 4115 44.13 145.70 -34.22
C ASN M 4115 42.73 145.24 -33.85
N ILE M 4116 42.48 143.93 -33.89
CA ILE M 4116 41.16 143.41 -33.54
C ILE M 4116 40.88 143.64 -32.05
N LEU M 4117 41.87 143.39 -31.20
CA LEU M 4117 41.71 143.69 -29.78
C LEU M 4117 41.50 145.18 -29.55
N GLY M 4118 42.03 146.02 -30.42
CA GLY M 4118 41.80 147.45 -30.33
C GLY M 4118 40.56 147.92 -31.06
N ARG M 4119 40.49 147.65 -32.37
CA ARG M 4119 39.38 148.09 -33.21
C ARG M 4119 38.68 146.87 -33.77
N THR M 4120 37.38 146.75 -33.51
CA THR M 4120 36.57 145.66 -34.04
C THR M 4120 35.11 146.06 -33.97
N TRP M 4121 34.30 145.33 -34.73
CA TRP M 4121 32.87 145.60 -34.84
C TRP M 4121 32.08 144.70 -33.90
N GLU M 4122 30.93 145.19 -33.44
CA GLU M 4122 30.06 144.37 -32.60
C GLU M 4122 29.51 143.18 -33.37
N GLY M 4123 29.06 143.40 -34.61
CA GLY M 4123 28.67 142.30 -35.47
C GLY M 4123 29.82 141.39 -35.85
N TRP M 4124 31.05 141.91 -35.82
CA TRP M 4124 32.22 141.06 -35.94
C TRP M 4124 32.32 140.06 -34.80
N GLU M 4125 31.65 140.34 -33.67
CA GLU M 4125 31.64 139.48 -32.49
C GLU M 4125 33.06 139.27 -32.00
N PRO M 4126 33.69 140.29 -31.42
CA PRO M 4126 35.10 140.16 -31.01
C PRO M 4126 35.33 139.10 -29.96
N TRP M 4127 34.32 138.76 -29.16
CA TRP M 4127 34.48 137.71 -28.16
C TRP M 4127 34.45 136.33 -28.82
N MET M 4128 33.38 136.04 -29.57
CA MET M 4128 33.33 134.85 -30.43
C MET M 4128 33.68 135.19 -31.86
N TYR N 32 70.89 33.01 -2.58
CA TYR N 32 71.48 34.27 -2.10
C TYR N 32 70.80 34.73 -0.83
N SER N 33 71.57 35.35 0.05
CA SER N 33 71.06 35.94 1.28
C SER N 33 71.53 37.39 1.36
N GLY N 34 70.86 38.17 2.21
CA GLY N 34 71.14 39.59 2.32
C GLY N 34 72.55 39.93 2.76
N ARG N 35 72.84 41.21 2.90
CA ARG N 35 74.17 41.67 3.23
C ARG N 35 74.26 42.03 4.72
N ASP N 36 75.41 42.56 5.12
CA ASP N 36 75.66 42.98 6.48
C ASP N 36 75.79 44.49 6.52
N SER N 37 75.04 45.13 7.40
CA SER N 37 75.09 46.57 7.60
C SER N 37 75.85 46.83 8.90
N LEU N 38 77.04 47.42 8.78
CA LEU N 38 77.89 47.70 9.92
C LEU N 38 77.91 49.21 10.14
N ILE N 39 77.38 49.64 11.28
CA ILE N 39 77.24 51.05 11.60
C ILE N 39 78.27 51.41 12.67
N PHE N 40 79.05 52.45 12.41
CA PHE N 40 80.10 52.90 13.31
C PHE N 40 79.81 54.32 13.78
N LEU N 41 79.87 54.53 15.09
CA LEU N 41 79.47 55.81 15.67
C LEU N 41 80.25 56.05 16.95
N VAL N 42 81.07 57.10 16.96
CA VAL N 42 81.93 57.41 18.09
C VAL N 42 81.51 58.74 18.68
N ASP N 43 81.81 58.91 19.97
CA ASP N 43 81.54 60.17 20.65
C ASP N 43 82.62 61.19 20.30
N ALA N 44 82.23 62.46 20.32
CA ALA N 44 83.16 63.58 20.15
C ALA N 44 83.10 64.39 21.44
N SER N 45 83.91 63.99 22.42
CA SER N 45 83.97 64.67 23.70
C SER N 45 85.37 64.52 24.26
N LYS N 46 85.55 64.93 25.51
CA LYS N 46 86.85 64.80 26.16
C LYS N 46 87.10 63.39 26.68
N ALA N 47 86.04 62.64 26.96
CA ALA N 47 86.20 61.26 27.41
C ALA N 47 86.85 60.40 26.34
N MET N 48 86.47 60.61 25.07
CA MET N 48 87.11 59.90 23.97
C MET N 48 88.57 60.31 23.78
N PHE N 49 88.97 61.44 24.34
CA PHE N 49 90.27 62.05 24.09
C PHE N 49 91.19 61.92 25.29
N GLU N 50 90.83 61.10 26.27
CA GLU N 50 91.55 61.02 27.53
C GLU N 50 91.63 59.57 27.98
N SER N 51 92.61 59.29 28.82
CA SER N 51 92.82 57.93 29.32
C SER N 51 93.37 57.99 30.73
N GLN N 52 93.20 56.89 31.46
CA GLN N 52 93.87 56.75 32.74
C GLN N 52 95.39 56.77 32.56
N SER N 53 95.86 56.37 31.38
CA SER N 53 97.27 56.51 30.99
C SER N 53 97.28 56.89 29.51
N GLU N 54 97.71 58.12 29.23
CA GLU N 54 97.68 58.62 27.85
C GLU N 54 98.62 57.87 26.93
N ASP N 55 99.55 57.07 27.47
CA ASP N 55 100.34 56.20 26.61
C ASP N 55 99.46 55.21 25.88
N GLU N 56 98.46 54.66 26.57
CA GLU N 56 97.42 53.90 25.90
C GLU N 56 96.55 54.85 25.08
N LEU N 57 96.27 54.46 23.84
CA LEU N 57 95.59 55.35 22.91
C LEU N 57 94.16 55.61 23.37
N THR N 58 93.75 56.88 23.32
CA THR N 58 92.47 57.31 23.87
C THR N 58 91.31 56.61 23.18
N PRO N 59 90.12 56.63 23.80
CA PRO N 59 88.97 55.94 23.18
C PRO N 59 88.70 56.36 21.75
N PHE N 60 88.83 57.65 21.45
CA PHE N 60 88.70 58.08 20.06
C PHE N 60 89.69 57.36 19.18
N ASP N 61 90.97 57.48 19.48
CA ASP N 61 91.98 56.87 18.62
C ASP N 61 91.87 55.35 18.64
N MET N 62 91.49 54.76 19.78
CA MET N 62 91.34 53.31 19.81
C MET N 62 90.23 52.87 18.87
N SER N 63 89.11 53.58 18.90
CA SER N 63 88.06 53.35 17.91
C SER N 63 88.60 53.57 16.51
N ILE N 64 89.59 54.46 16.36
CA ILE N 64 90.16 54.73 15.04
C ILE N 64 90.90 53.49 14.52
N GLN N 65 91.77 52.88 15.33
CA GLN N 65 92.41 51.67 14.80
C GLN N 65 91.40 50.54 14.65
N CYS N 66 90.38 50.49 15.51
CA CYS N 66 89.35 49.46 15.31
C CYS N 66 88.69 49.60 13.94
N ILE N 67 88.27 50.82 13.59
CA ILE N 67 87.57 51.00 12.33
C ILE N 67 88.51 50.79 11.15
N GLN N 68 89.77 51.24 11.27
CA GLN N 68 90.73 50.98 10.19
C GLN N 68 90.95 49.48 10.01
N SER N 69 91.11 48.75 11.11
CA SER N 69 91.37 47.31 11.03
C SER N 69 90.18 46.57 10.46
N VAL N 70 88.97 46.91 10.90
CA VAL N 70 87.80 46.23 10.35
C VAL N 70 87.58 46.63 8.89
N TYR N 71 87.94 47.86 8.51
CA TYR N 71 87.86 48.25 7.10
C TYR N 71 88.81 47.41 6.26
N ILE N 72 90.05 47.23 6.72
CA ILE N 72 91.01 46.42 5.99
C ILE N 72 90.53 44.97 5.91
N SER N 73 90.02 44.45 7.02
CA SER N 73 89.52 43.08 7.04
C SER N 73 88.35 42.90 6.08
N LYS N 74 87.45 43.88 6.04
CA LYS N 74 86.32 43.83 5.11
C LYS N 74 86.80 43.93 3.67
N ILE N 75 87.79 44.78 3.40
CA ILE N 75 88.36 44.87 2.07
C ILE N 75 88.92 43.52 1.64
N ILE N 76 89.64 42.85 2.54
CA ILE N 76 90.23 41.56 2.22
C ILE N 76 89.15 40.51 2.02
N SER N 77 88.13 40.52 2.86
CA SER N 77 87.18 39.42 2.96
C SER N 77 85.85 39.70 2.26
N SER N 78 85.19 40.81 2.62
CA SER N 78 83.82 41.06 2.19
C SER N 78 83.66 42.47 1.67
N ASP N 79 84.55 42.89 0.78
CA ASP N 79 84.51 44.27 0.27
C ASP N 79 83.36 44.44 -0.70
N ARG N 80 82.14 44.15 -0.26
CA ARG N 80 80.94 44.40 -1.04
C ARG N 80 79.82 45.04 -0.24
N ASP N 81 79.81 44.93 1.09
CA ASP N 81 78.75 45.51 1.91
C ASP N 81 79.05 46.99 2.12
N LEU N 82 78.26 47.63 2.97
CA LEU N 82 78.25 49.08 3.07
C LEU N 82 78.58 49.48 4.50
N LEU N 83 79.50 50.43 4.66
CA LEU N 83 79.98 50.84 5.98
C LEU N 83 79.92 52.36 6.11
N ALA N 84 79.53 52.85 7.28
CA ALA N 84 79.30 54.26 7.51
C ALA N 84 80.03 54.75 8.76
N VAL N 85 80.28 56.06 8.79
CA VAL N 85 80.92 56.73 9.92
C VAL N 85 80.08 57.96 10.28
N VAL N 86 79.77 58.11 11.57
CA VAL N 86 78.94 59.19 12.07
C VAL N 86 79.40 59.54 13.48
N PHE N 87 79.15 60.79 13.89
CA PHE N 87 79.58 61.27 15.19
C PHE N 87 78.43 61.94 15.93
N TYR N 88 78.51 61.89 17.26
CA TYR N 88 77.70 62.72 18.14
C TYR N 88 78.62 63.40 19.14
N GLY N 89 78.03 64.28 19.96
CA GLY N 89 78.80 65.01 20.96
C GLY N 89 79.54 66.19 20.38
N THR N 90 79.93 66.08 19.11
CA THR N 90 80.49 67.21 18.39
C THR N 90 79.50 68.37 18.34
N GLU N 91 79.94 69.56 18.74
CA GLU N 91 79.03 70.70 18.74
C GLU N 91 78.61 71.11 17.33
N LYS N 92 79.37 70.73 16.31
CA LYS N 92 78.99 70.95 14.93
C LYS N 92 78.36 69.68 14.37
N ASP N 93 77.17 69.82 13.79
CA ASP N 93 76.42 68.68 13.27
C ASP N 93 76.26 68.79 11.76
N LYS N 94 76.04 67.63 11.14
CA LYS N 94 75.75 67.58 9.71
C LYS N 94 74.93 66.31 9.47
N ASN N 95 73.62 66.48 9.29
CA ASN N 95 72.73 65.37 8.98
C ASN N 95 71.45 65.93 8.38
N SER N 96 70.75 65.07 7.64
CA SER N 96 69.54 65.50 6.95
C SER N 96 68.47 65.95 7.93
N VAL N 97 68.30 65.21 9.03
CA VAL N 97 67.29 65.55 10.02
C VAL N 97 67.65 66.83 10.77
N ASN N 98 68.89 67.30 10.63
CA ASN N 98 69.37 68.52 11.29
C ASN N 98 69.37 68.38 12.80
N PHE N 99 69.50 67.15 13.28
CA PHE N 99 69.67 66.92 14.72
C PHE N 99 70.99 67.51 15.18
N LYS N 100 70.92 68.49 16.07
CA LYS N 100 72.11 69.19 16.51
C LYS N 100 73.07 68.25 17.22
N ASN N 101 74.36 68.51 17.05
CA ASN N 101 75.47 67.73 17.60
C ASN N 101 75.54 66.34 17.03
N ILE N 102 74.77 66.02 16.00
CA ILE N 102 74.84 64.74 15.31
C ILE N 102 75.41 65.01 13.93
N TYR N 103 76.68 64.67 13.74
CA TYR N 103 77.42 64.93 12.51
C TYR N 103 77.82 63.59 11.90
N VAL N 104 77.35 63.32 10.71
CA VAL N 104 77.74 62.13 9.97
C VAL N 104 78.95 62.46 9.09
N LEU N 105 79.89 61.52 9.01
CA LEU N 105 81.09 61.70 8.21
C LEU N 105 80.97 61.00 6.86
N GLN N 106 80.78 59.69 6.87
CA GLN N 106 80.74 58.89 5.66
C GLN N 106 79.42 58.12 5.64
N GLU N 107 78.76 58.11 4.50
CA GLU N 107 77.57 57.30 4.32
C GLU N 107 77.95 55.82 4.40
N LEU N 108 76.94 54.96 4.38
CA LEU N 108 77.19 53.54 4.26
C LEU N 108 77.93 53.30 2.95
N ASP N 109 79.20 52.91 3.03
CA ASP N 109 80.05 52.84 1.86
C ASP N 109 81.03 51.68 1.99
N ASN N 110 81.38 51.10 0.84
CA ASN N 110 82.49 50.17 0.81
C ASN N 110 83.78 50.90 1.15
N PRO N 111 84.62 50.35 2.02
CA PRO N 111 85.83 51.09 2.43
C PRO N 111 86.87 51.17 1.34
N GLY N 112 87.04 52.36 0.77
CA GLY N 112 88.12 52.59 -0.16
C GLY N 112 89.32 53.20 0.52
N ALA N 113 90.42 53.31 -0.23
CA ALA N 113 91.62 53.94 0.30
C ALA N 113 91.35 55.37 0.74
N LYS N 114 90.39 56.03 0.09
CA LYS N 114 90.01 57.39 0.47
C LYS N 114 89.54 57.44 1.92
N ARG N 115 88.65 56.51 2.31
CA ARG N 115 88.16 56.50 3.69
C ARG N 115 89.29 56.19 4.66
N ILE N 116 90.17 55.26 4.30
CA ILE N 116 91.27 54.89 5.18
C ILE N 116 92.17 56.11 5.41
N LEU N 117 92.52 56.81 4.34
CA LEU N 117 93.43 57.95 4.48
C LEU N 117 92.77 59.10 5.22
N GLU N 118 91.47 59.33 4.97
CA GLU N 118 90.78 60.42 5.64
C GLU N 118 90.44 60.10 7.09
N LEU N 119 90.55 58.84 7.50
CA LEU N 119 90.45 58.50 8.92
C LEU N 119 91.80 58.37 9.61
N ASP N 120 92.87 58.13 8.85
CA ASP N 120 94.21 58.06 9.44
C ASP N 120 94.80 59.41 9.76
N GLN N 121 94.28 60.49 9.16
CA GLN N 121 94.77 61.82 9.51
C GLN N 121 94.46 62.14 10.97
N PHE N 122 93.27 61.75 11.44
CA PHE N 122 92.92 61.89 12.84
C PHE N 122 93.44 60.74 13.70
N LYS N 123 93.95 59.68 13.07
CA LYS N 123 94.58 58.61 13.81
C LYS N 123 95.84 59.13 14.51
N GLY N 124 96.04 58.69 15.73
CA GLY N 124 97.14 59.20 16.53
C GLY N 124 96.68 60.30 17.47
N GLN N 125 97.40 60.44 18.58
CA GLN N 125 97.05 61.47 19.55
C GLN N 125 97.22 62.88 19.00
N GLN N 126 98.11 63.06 18.01
CA GLN N 126 98.17 64.33 17.32
C GLN N 126 96.97 64.49 16.38
N GLY N 127 96.53 63.39 15.77
CA GLY N 127 95.39 63.45 14.88
C GLY N 127 94.10 63.84 15.58
N GLN N 128 93.94 63.42 16.84
CA GLN N 128 92.74 63.81 17.57
C GLN N 128 92.74 65.29 17.91
N LYS N 129 93.92 65.90 18.06
CA LYS N 129 93.98 67.34 18.23
C LYS N 129 93.53 68.06 16.96
N ARG N 130 94.00 67.59 15.80
CA ARG N 130 93.50 68.10 14.53
C ARG N 130 91.99 67.93 14.46
N PHE N 131 91.49 66.78 14.91
CA PHE N 131 90.05 66.56 14.97
C PHE N 131 89.39 67.64 15.80
N GLN N 132 89.87 67.86 17.02
CA GLN N 132 89.28 68.88 17.89
C GLN N 132 89.29 70.25 17.22
N ASP N 133 90.33 70.54 16.44
CA ASP N 133 90.43 71.84 15.81
C ASP N 133 89.41 71.99 14.68
N MET N 134 89.44 71.07 13.71
CA MET N 134 88.57 71.18 12.55
C MET N 134 87.22 70.49 12.75
N MET N 135 87.02 69.82 13.87
CA MET N 135 85.78 69.08 14.13
C MET N 135 85.42 69.27 15.60
N GLY N 136 84.13 69.38 15.87
CA GLY N 136 83.69 69.65 17.22
C GLY N 136 83.93 68.47 18.15
N HIS N 137 83.92 68.77 19.45
CA HIS N 137 84.18 67.76 20.46
C HIS N 137 83.59 68.22 21.79
N GLY N 138 82.53 67.57 22.23
CA GLY N 138 81.93 67.86 23.51
C GLY N 138 80.71 68.76 23.44
N SER N 139 79.53 68.16 23.51
CA SER N 139 78.27 68.89 23.51
C SER N 139 77.15 67.91 23.83
N ASP N 140 76.01 68.46 24.22
CA ASP N 140 74.86 67.62 24.55
C ASP N 140 74.28 66.99 23.29
N TYR N 141 73.63 65.84 23.47
CA TYR N 141 73.03 65.10 22.37
C TYR N 141 72.06 64.09 22.96
N SER N 142 71.15 63.61 22.13
CA SER N 142 70.15 62.63 22.52
C SER N 142 70.31 61.36 21.70
N LEU N 143 70.16 60.21 22.37
CA LEU N 143 70.24 58.94 21.66
C LEU N 143 69.09 58.77 20.66
N SER N 144 67.94 59.40 20.93
CA SER N 144 66.86 59.35 19.95
C SER N 144 67.29 59.97 18.64
N GLU N 145 68.12 61.01 18.69
CA GLU N 145 68.60 61.65 17.46
C GLU N 145 69.43 60.68 16.63
N VAL N 146 70.40 60.01 17.26
CA VAL N 146 71.26 59.11 16.50
C VAL N 146 70.48 57.88 16.03
N LEU N 147 69.54 57.40 16.85
CA LEU N 147 68.68 56.31 16.40
C LEU N 147 67.88 56.73 15.16
N TRP N 148 67.33 57.94 15.18
CA TRP N 148 66.57 58.44 14.04
C TRP N 148 67.44 58.52 12.79
N VAL N 149 68.62 59.12 12.92
CA VAL N 149 69.45 59.33 11.73
C VAL N 149 69.97 58.01 11.19
N CYS N 150 70.31 57.06 12.07
CA CYS N 150 70.79 55.77 11.60
C CYS N 150 69.65 54.97 10.97
N ALA N 151 68.44 55.07 11.53
CA ALA N 151 67.30 54.42 10.91
C ALA N 151 67.04 54.99 9.53
N ASN N 152 67.16 56.32 9.38
CA ASN N 152 66.99 56.93 8.07
C ASN N 152 68.06 56.46 7.09
N LEU N 153 69.32 56.42 7.55
CA LEU N 153 70.41 55.97 6.70
C LEU N 153 70.20 54.54 6.24
N PHE N 154 69.77 53.67 7.16
CA PHE N 154 69.42 52.31 6.77
C PHE N 154 68.23 52.28 5.83
N SER N 155 67.30 53.22 5.98
CA SER N 155 66.18 53.32 5.05
C SER N 155 66.66 53.70 3.66
N ASP N 156 67.80 54.39 3.56
CA ASP N 156 68.30 54.84 2.27
C ASP N 156 68.88 53.71 1.42
N VAL N 157 69.32 52.62 2.03
CA VAL N 157 69.98 51.55 1.25
C VAL N 157 68.95 50.87 0.36
N GLN N 158 69.43 50.30 -0.74
CA GLN N 158 68.56 49.69 -1.75
C GLN N 158 69.06 48.30 -2.11
N PHE N 159 69.45 47.50 -1.12
CA PHE N 159 69.98 46.17 -1.36
C PHE N 159 69.32 45.15 -0.44
N LYS N 160 69.24 43.91 -0.91
CA LYS N 160 68.76 42.82 -0.09
C LYS N 160 69.66 42.70 1.13
N MET N 161 69.05 42.62 2.31
CA MET N 161 69.76 42.83 3.57
C MET N 161 69.48 41.70 4.53
N SER N 162 70.48 41.35 5.32
CA SER N 162 70.31 40.31 6.33
C SER N 162 70.74 40.75 7.73
N HIS N 163 71.81 41.54 7.84
CA HIS N 163 72.40 41.87 9.14
C HIS N 163 72.23 43.35 9.42
N LYS N 164 71.78 43.66 10.64
CA LYS N 164 71.59 45.02 11.11
C LYS N 164 72.48 45.18 12.33
N ARG N 165 73.68 45.75 12.14
CA ARG N 165 74.67 45.82 13.21
C ARG N 165 75.08 47.27 13.42
N ILE N 166 74.81 47.78 14.62
CA ILE N 166 75.22 49.11 15.02
C ILE N 166 76.22 49.00 16.17
N MET N 167 77.38 49.63 16.00
CA MET N 167 78.50 49.54 16.94
C MET N 167 78.79 50.94 17.48
N LEU N 168 78.29 51.22 18.68
CA LEU N 168 78.56 52.51 19.30
C LEU N 168 80.01 52.57 19.79
N PHE N 169 80.39 53.75 20.28
CA PHE N 169 81.73 53.96 20.83
C PHE N 169 81.59 55.02 21.93
N THR N 170 81.46 54.57 23.18
CA THR N 170 81.38 55.49 24.30
C THR N 170 81.89 54.78 25.55
N ASN N 171 82.35 55.57 26.52
CA ASN N 171 82.93 55.05 27.74
C ASN N 171 82.11 55.39 28.98
N GLU N 172 80.83 55.66 28.83
CA GLU N 172 79.98 55.89 29.98
C GLU N 172 78.53 55.58 29.61
N ASP N 173 77.86 54.83 30.49
CA ASP N 173 76.47 54.44 30.26
C ASP N 173 75.48 55.49 30.74
N ASN N 174 75.83 56.22 31.80
CA ASN N 174 74.87 57.12 32.44
C ASN N 174 74.35 58.26 31.57
N PRO N 175 75.19 59.00 30.77
CA PRO N 175 74.84 60.38 30.41
C PRO N 175 73.40 60.62 29.96
N HIS N 176 72.72 59.60 29.47
CA HIS N 176 71.33 59.73 29.07
C HIS N 176 70.36 59.09 30.05
N GLY N 177 70.83 58.19 30.91
CA GLY N 177 70.06 57.85 32.10
C GLY N 177 69.96 58.99 33.08
N ASN N 178 70.85 59.99 32.95
CA ASN N 178 70.74 61.19 33.75
C ASN N 178 69.42 61.91 33.46
N ASP N 179 69.07 62.04 32.19
CA ASP N 179 67.78 62.61 31.79
C ASP N 179 66.81 61.46 31.60
N SER N 180 65.91 61.27 32.56
CA SER N 180 65.03 60.11 32.55
C SER N 180 64.14 60.09 31.32
N ALA N 181 63.63 61.25 30.91
CA ALA N 181 62.85 61.31 29.68
C ALA N 181 63.68 60.91 28.48
N LYS N 182 64.92 61.40 28.41
CA LYS N 182 65.82 61.01 27.33
C LYS N 182 66.07 59.51 27.33
N ALA N 183 66.34 58.94 28.52
CA ALA N 183 66.58 57.51 28.60
C ALA N 183 65.36 56.72 28.15
N SER N 184 64.17 57.14 28.57
CA SER N 184 62.96 56.40 28.22
C SER N 184 62.69 56.46 26.73
N ARG N 185 62.78 57.65 26.12
CA ARG N 185 62.52 57.73 24.69
C ARG N 185 63.60 57.03 23.89
N ALA N 186 64.85 57.10 24.34
CA ALA N 186 65.94 56.41 23.65
C ALA N 186 65.74 54.89 23.71
N ARG N 187 65.37 54.36 24.87
CA ARG N 187 65.17 52.92 24.97
C ARG N 187 63.93 52.48 24.20
N THR N 188 62.88 53.32 24.16
CA THR N 188 61.72 52.99 23.35
C THR N 188 62.09 52.92 21.87
N LYS N 189 62.85 53.91 21.39
CA LYS N 189 63.29 53.92 20.00
C LYS N 189 64.17 52.72 19.69
N ALA N 190 65.11 52.40 20.59
CA ALA N 190 66.00 51.27 20.37
C ALA N 190 65.23 49.95 20.39
N GLY N 191 64.25 49.82 21.29
CA GLY N 191 63.44 48.62 21.31
C GLY N 191 62.65 48.45 20.03
N ASP N 192 62.05 49.54 19.54
CA ASP N 192 61.33 49.46 18.27
C ASP N 192 62.27 49.10 17.13
N LEU N 193 63.47 49.69 17.12
CA LEU N 193 64.44 49.37 16.07
C LEU N 193 64.84 47.90 16.10
N ARG N 194 65.11 47.36 17.29
CA ARG N 194 65.44 45.95 17.38
C ARG N 194 64.26 45.05 17.06
N ASP N 195 63.03 45.55 17.25
CA ASP N 195 61.87 44.85 16.71
C ASP N 195 61.93 44.83 15.19
N THR N 196 62.37 45.92 14.59
CA THR N 196 62.62 45.96 13.15
C THR N 196 63.92 45.28 12.76
N GLY N 197 64.55 44.56 13.70
CA GLY N 197 65.78 43.85 13.42
C GLY N 197 67.05 44.65 13.63
N ILE N 198 66.95 45.94 13.92
CA ILE N 198 68.13 46.77 14.12
C ILE N 198 68.85 46.30 15.36
N PHE N 199 70.02 45.69 15.19
CA PHE N 199 70.71 44.99 16.26
C PHE N 199 71.91 45.83 16.69
N LEU N 200 71.87 46.31 17.93
CA LEU N 200 72.92 47.13 18.50
C LEU N 200 73.82 46.27 19.38
N ASP N 201 75.13 46.42 19.23
CA ASP N 201 76.10 45.69 20.05
C ASP N 201 76.89 46.66 20.91
N LEU N 202 76.92 46.39 22.22
CA LEU N 202 77.69 47.21 23.14
C LEU N 202 79.18 46.95 22.97
N MET N 203 79.97 48.01 23.06
CA MET N 203 81.42 47.95 23.00
C MET N 203 81.96 48.40 24.35
N HIS N 204 82.53 47.47 25.11
CA HIS N 204 83.16 47.83 26.37
C HIS N 204 84.33 48.77 26.10
N LEU N 205 84.38 49.88 26.81
CA LEU N 205 85.40 50.90 26.56
C LEU N 205 86.06 51.31 27.86
N LYS N 206 87.38 51.46 27.80
CA LYS N 206 88.16 51.79 28.98
C LYS N 206 87.76 53.15 29.55
N LYS N 207 87.58 53.20 30.85
CA LYS N 207 87.21 54.40 31.57
C LYS N 207 87.73 54.28 33.00
N PRO N 208 88.55 55.23 33.46
CA PRO N 208 89.01 55.18 34.85
C PRO N 208 87.88 55.18 35.86
N GLY N 209 86.68 55.62 35.49
CA GLY N 209 85.51 55.47 36.32
C GLY N 209 84.71 54.21 36.08
N GLY N 210 84.93 53.52 34.97
CA GLY N 210 84.21 52.31 34.65
C GLY N 210 83.18 52.54 33.55
N PHE N 211 82.79 51.44 32.91
CA PHE N 211 81.80 51.41 31.83
C PHE N 211 80.72 50.39 32.15
N ASP N 212 80.17 50.50 33.37
CA ASP N 212 79.40 49.42 33.96
C ASP N 212 78.24 48.99 33.08
N ILE N 213 77.86 47.73 33.22
CA ILE N 213 76.69 47.18 32.57
C ILE N 213 75.59 47.00 33.62
N SER N 214 74.39 46.70 33.15
CA SER N 214 73.20 46.53 34.00
C SER N 214 72.85 47.79 34.78
N LEU N 215 73.40 48.94 34.38
CA LEU N 215 73.04 50.23 34.94
C LEU N 215 72.23 51.05 33.94
N PHE N 216 72.80 51.31 32.77
CA PHE N 216 72.08 51.80 31.62
C PHE N 216 72.06 50.78 30.50
N TYR N 217 72.74 49.64 30.69
CA TYR N 217 72.91 48.61 29.69
C TYR N 217 72.19 47.34 30.14
N ARG N 218 72.23 46.32 29.29
CA ARG N 218 71.48 45.08 29.44
C ARG N 218 69.98 45.30 29.49
N ASP N 219 69.52 46.53 29.23
CA ASP N 219 68.11 46.84 29.11
C ASP N 219 67.82 47.70 27.89
N ILE N 220 68.86 48.11 27.15
CA ILE N 220 68.70 48.94 25.97
C ILE N 220 69.52 48.32 24.83
N ILE N 221 70.29 47.28 25.14
CA ILE N 221 71.03 46.51 24.15
C ILE N 221 70.41 45.13 24.04
N SER N 222 70.21 44.66 22.81
CA SER N 222 69.83 43.29 22.56
C SER N 222 71.08 42.44 22.40
N ILE N 223 71.16 41.36 23.16
CA ILE N 223 72.33 40.49 23.14
C ILE N 223 71.98 39.13 22.53
N LEU N 229 77.46 42.63 35.31
CA LEU N 229 78.66 41.88 35.69
C LEU N 229 79.81 42.82 36.00
N ARG N 230 80.92 42.61 35.29
CA ARG N 230 82.08 43.48 35.45
C ARG N 230 81.72 44.89 35.02
N VAL N 231 82.33 45.87 35.68
CA VAL N 231 82.03 47.27 35.44
C VAL N 231 82.68 47.65 34.12
N HIS N 232 83.32 46.69 33.46
CA HIS N 232 83.93 46.91 32.16
C HIS N 232 84.86 48.11 32.21
N PHE N 233 85.65 48.22 33.28
CA PHE N 233 86.68 49.24 33.38
C PHE N 233 87.61 49.17 32.18
N GLU N 234 87.84 47.96 31.66
CA GLU N 234 88.64 47.72 30.48
C GLU N 234 87.84 48.01 29.22
N GLU N 235 88.38 47.63 28.06
CA GLU N 235 87.67 47.84 26.81
C GLU N 235 87.46 46.53 26.04
N SER N 236 87.39 45.40 26.72
CA SER N 236 87.30 44.09 26.08
C SER N 236 85.90 43.88 25.52
N SER N 237 85.76 44.04 24.21
CA SER N 237 84.56 43.69 23.47
C SER N 237 84.94 42.96 22.18
N LYS N 238 85.82 41.97 22.31
CA LYS N 238 86.44 41.29 21.18
C LYS N 238 87.22 42.26 20.29
N LEU N 239 87.62 43.41 20.87
CA LEU N 239 88.37 44.39 20.09
C LEU N 239 89.70 43.83 19.61
N GLU N 240 90.22 42.81 20.29
CA GLU N 240 91.45 42.17 19.86
C GLU N 240 91.29 41.59 18.47
N ASP N 241 90.20 40.85 18.23
CA ASP N 241 89.95 40.29 16.91
C ASP N 241 89.58 41.38 15.91
N LEU N 242 88.90 42.44 16.37
CA LEU N 242 88.61 43.55 15.47
C LEU N 242 89.88 44.19 14.95
N LEU N 243 90.92 44.25 15.79
CA LEU N 243 92.24 44.66 15.32
C LEU N 243 92.96 43.56 14.55
N ARG N 244 92.56 42.30 14.73
CA ARG N 244 93.18 41.20 14.00
C ARG N 244 92.70 41.26 12.56
N LYS N 245 93.53 41.82 11.68
CA LYS N 245 93.22 41.84 10.27
C LYS N 245 93.12 40.41 9.74
N VAL N 246 92.06 40.14 9.00
CA VAL N 246 91.79 38.79 8.49
C VAL N 246 92.21 38.73 7.03
N ARG N 247 93.06 37.76 6.70
CA ARG N 247 93.43 37.49 5.31
C ARG N 247 92.62 36.31 4.77
N ALA N 248 91.30 36.52 4.71
CA ALA N 248 90.38 35.48 4.31
C ALA N 248 89.46 36.00 3.21
N LYS N 249 88.79 35.07 2.52
CA LYS N 249 87.87 35.43 1.45
C LYS N 249 86.97 34.23 1.17
N GLU N 250 85.66 34.44 1.22
CA GLU N 250 84.70 33.41 0.84
C GLU N 250 83.40 34.09 0.42
N THR N 251 82.71 33.46 -0.53
CA THR N 251 81.49 34.02 -1.07
C THR N 251 80.31 33.80 -0.13
N ARG N 252 79.20 34.47 -0.43
CA ARG N 252 78.03 34.50 0.44
C ARG N 252 77.05 33.43 -0.01
N LYS N 253 77.17 32.24 0.58
CA LYS N 253 76.20 31.15 0.39
C LYS N 253 76.02 30.82 -1.10
N ARG N 254 77.11 30.89 -1.85
CA ARG N 254 77.03 30.69 -3.29
C ARG N 254 76.95 29.20 -3.63
N ALA N 255 75.95 28.84 -4.43
CA ALA N 255 75.82 27.47 -4.89
C ALA N 255 76.85 27.16 -5.96
N LEU N 256 77.57 26.05 -5.80
CA LEU N 256 78.54 25.65 -6.81
C LEU N 256 77.84 25.02 -8.01
N SER N 257 77.16 23.89 -7.79
CA SER N 257 76.41 23.21 -8.84
C SER N 257 75.53 22.16 -8.19
N ARG N 258 74.31 22.04 -8.69
CA ARG N 258 73.36 21.03 -8.24
C ARG N 258 73.15 20.03 -9.36
N LEU N 259 73.30 18.75 -9.06
CA LEU N 259 73.17 17.70 -10.05
C LEU N 259 72.04 16.75 -9.66
N LYS N 260 71.74 15.83 -10.56
CA LYS N 260 70.63 14.89 -10.40
C LYS N 260 71.18 13.48 -10.66
N LEU N 261 71.34 12.72 -9.58
CA LEU N 261 71.93 11.38 -9.67
C LEU N 261 70.85 10.40 -10.14
N LYS N 262 71.02 9.88 -11.35
CA LYS N 262 70.17 8.79 -11.82
C LYS N 262 70.63 7.49 -11.16
N LEU N 263 69.67 6.74 -10.60
CA LEU N 263 70.04 5.50 -9.93
C LEU N 263 70.45 4.43 -10.93
N ASN N 264 69.52 4.00 -11.78
CA ASN N 264 69.86 3.11 -12.89
C ASN N 264 69.61 3.77 -14.23
N LYS N 265 68.36 4.12 -14.55
CA LYS N 265 68.07 4.98 -15.68
C LYS N 265 66.93 5.96 -15.42
N ASP N 266 66.09 5.74 -14.40
CA ASP N 266 64.85 6.50 -14.29
C ASP N 266 64.67 7.10 -12.89
N ILE N 267 65.18 6.41 -11.87
CA ILE N 267 65.05 6.92 -10.50
C ILE N 267 66.20 7.88 -10.25
N VAL N 268 65.86 9.12 -9.92
CA VAL N 268 66.83 10.21 -9.89
C VAL N 268 66.78 10.90 -8.54
N ILE N 269 67.95 11.34 -8.07
CA ILE N 269 68.11 11.99 -6.79
C ILE N 269 68.72 13.37 -7.01
N SER N 270 68.08 14.40 -6.46
CA SER N 270 68.64 15.74 -6.50
C SER N 270 69.70 15.89 -5.41
N VAL N 271 70.89 16.35 -5.80
CA VAL N 271 72.02 16.44 -4.89
C VAL N 271 72.67 17.81 -5.05
N GLY N 272 73.11 18.38 -3.92
CA GLY N 272 73.89 19.60 -3.93
C GLY N 272 75.34 19.27 -3.63
N ILE N 273 76.22 19.64 -4.57
CA ILE N 273 77.64 19.34 -4.49
C ILE N 273 78.38 20.61 -4.14
N TYR N 274 79.19 20.56 -3.09
CA TYR N 274 79.78 21.76 -2.52
C TYR N 274 81.15 21.43 -1.95
N ASN N 275 81.89 22.47 -1.57
CA ASN N 275 83.19 22.30 -0.96
C ASN N 275 83.29 23.12 0.32
N LEU N 276 84.01 22.57 1.30
CA LEU N 276 84.41 23.31 2.48
C LEU N 276 85.80 23.89 2.32
N VAL N 277 86.40 23.74 1.14
CA VAL N 277 87.76 24.21 0.87
C VAL N 277 87.83 24.56 -0.61
N GLN N 278 88.47 25.69 -0.93
CA GLN N 278 88.60 26.11 -2.32
C GLN N 278 89.82 27.00 -2.47
N LYS N 279 90.62 26.71 -3.50
CA LYS N 279 91.88 27.43 -3.71
C LYS N 279 91.64 28.93 -3.88
N ALA N 280 92.48 29.73 -3.25
CA ALA N 280 92.42 31.18 -3.34
C ALA N 280 93.76 31.71 -3.83
N LEU N 281 93.71 32.89 -4.46
CA LEU N 281 94.91 33.49 -5.02
C LEU N 281 94.73 35.01 -5.09
N LYS N 282 95.83 35.69 -5.39
CA LYS N 282 95.78 37.13 -5.57
C LYS N 282 94.88 37.48 -6.77
N PRO N 283 94.18 38.60 -6.72
CA PRO N 283 93.35 39.02 -7.86
C PRO N 283 94.20 39.14 -9.11
N PRO N 284 93.66 38.78 -10.27
CA PRO N 284 94.44 38.81 -11.50
C PRO N 284 94.78 40.24 -11.89
N PRO N 285 95.83 40.42 -12.69
CA PRO N 285 96.20 41.78 -13.12
C PRO N 285 95.05 42.52 -13.78
N ILE N 286 94.57 43.57 -13.12
CA ILE N 286 93.49 44.39 -13.66
C ILE N 286 94.14 45.40 -14.59
N LYS N 287 94.16 45.09 -15.89
CA LYS N 287 94.83 45.94 -16.85
C LYS N 287 94.22 47.33 -16.87
N LEU N 288 95.09 48.34 -16.91
CA LEU N 288 94.64 49.72 -16.97
C LEU N 288 95.69 50.56 -17.67
N TYR N 289 95.25 51.68 -18.22
CA TYR N 289 96.14 52.54 -18.98
C TYR N 289 97.09 53.26 -18.03
N ARG N 290 98.38 53.26 -18.37
CA ARG N 290 99.36 53.94 -17.53
C ARG N 290 99.19 55.44 -17.54
N GLU N 291 98.38 56.00 -18.44
CA GLU N 291 98.20 57.43 -18.51
C GLU N 291 96.80 57.88 -18.10
N THR N 292 95.86 56.96 -17.89
CA THR N 292 94.55 57.31 -17.39
C THR N 292 94.03 56.38 -16.29
N ASN N 293 94.74 55.30 -15.95
CA ASN N 293 94.27 54.26 -15.05
C ASN N 293 92.99 53.60 -15.54
N GLU N 294 92.62 53.82 -16.78
CA GLU N 294 91.40 53.29 -17.37
C GLU N 294 91.68 51.92 -17.96
N PRO N 295 90.91 50.90 -17.59
CA PRO N 295 91.09 49.57 -18.19
C PRO N 295 90.96 49.61 -19.70
N VAL N 296 92.06 49.37 -20.39
CA VAL N 296 92.10 49.46 -21.84
C VAL N 296 91.45 48.20 -22.42
N LYS N 297 90.55 48.39 -23.38
CA LYS N 297 89.91 47.26 -24.04
C LYS N 297 90.95 46.37 -24.69
N THR N 298 91.01 45.12 -24.23
CA THR N 298 91.98 44.14 -24.73
C THR N 298 91.23 43.20 -25.66
N LYS N 299 91.17 43.58 -26.94
CA LYS N 299 90.51 42.76 -27.94
C LYS N 299 91.58 42.11 -28.81
N THR N 300 91.52 40.79 -28.91
CA THR N 300 92.42 40.00 -29.74
C THR N 300 91.76 39.72 -31.08
N ARG N 301 92.59 39.38 -32.06
CA ARG N 301 92.06 39.19 -33.42
C ARG N 301 93.02 38.34 -34.23
N THR N 302 92.54 37.18 -34.69
CA THR N 302 93.23 36.40 -35.71
C THR N 302 92.80 36.91 -37.08
N PHE N 303 93.78 37.05 -37.98
CA PHE N 303 93.52 37.61 -39.28
C PHE N 303 94.35 36.88 -40.32
N ASN N 304 93.91 36.96 -41.58
CA ASN N 304 94.54 36.20 -42.64
C ASN N 304 95.96 36.69 -42.87
N THR N 305 96.92 35.76 -42.91
CA THR N 305 98.27 36.14 -43.30
C THR N 305 98.33 36.51 -44.77
N SER N 306 97.46 35.92 -45.59
CA SER N 306 97.42 36.24 -47.01
C SER N 306 96.98 37.69 -47.24
N THR N 307 96.02 38.17 -46.46
CA THR N 307 95.44 39.49 -46.67
C THR N 307 95.67 40.45 -45.53
N GLY N 308 95.63 39.98 -44.28
CA GLY N 308 95.60 40.84 -43.14
C GLY N 308 94.20 41.06 -42.58
N GLY N 309 93.17 40.73 -43.35
CA GLY N 309 91.82 40.85 -42.87
C GLY N 309 91.46 39.75 -41.88
N LEU N 310 90.45 40.05 -41.08
CA LEU N 310 90.08 39.18 -39.96
C LEU N 310 89.70 37.78 -40.45
N LEU N 311 90.12 36.78 -39.69
CA LEU N 311 89.76 35.40 -39.97
C LEU N 311 88.37 35.11 -39.41
N LEU N 312 87.47 34.67 -40.27
CA LEU N 312 86.18 34.21 -39.81
C LEU N 312 86.32 32.88 -39.09
N PRO N 313 85.35 32.51 -38.25
CA PRO N 313 85.40 31.18 -37.62
C PRO N 313 85.43 30.06 -38.63
N SER N 314 84.84 30.26 -39.81
CA SER N 314 84.90 29.26 -40.87
C SER N 314 86.32 29.09 -41.40
N ASP N 315 87.11 30.18 -41.42
CA ASP N 315 88.44 30.16 -42.02
C ASP N 315 89.45 29.33 -41.25
N THR N 316 89.11 28.89 -40.04
CA THR N 316 90.06 28.21 -39.16
C THR N 316 89.67 26.75 -38.97
N LYS N 317 90.62 25.85 -39.20
CA LYS N 317 90.41 24.42 -39.05
C LYS N 317 91.28 23.90 -37.91
N ARG N 318 90.73 22.95 -37.14
CA ARG N 318 91.51 22.28 -36.12
C ARG N 318 92.40 21.22 -36.77
N SER N 319 93.68 21.23 -36.42
CA SER N 319 94.63 20.32 -37.03
C SER N 319 95.53 19.72 -35.97
N GLN N 320 95.79 18.42 -36.11
CA GLN N 320 96.81 17.71 -35.34
C GLN N 320 97.51 16.79 -36.31
N ILE N 321 98.69 17.18 -36.76
CA ILE N 321 99.41 16.46 -37.80
C ILE N 321 100.12 15.27 -37.17
N TYR N 322 99.45 14.12 -37.12
CA TYR N 322 100.05 12.89 -36.65
C TYR N 322 100.76 12.20 -37.80
N GLY N 323 101.95 11.67 -37.53
CA GLY N 323 102.76 11.06 -38.56
C GLY N 323 103.11 12.03 -39.66
N SER N 324 102.56 11.81 -40.85
CA SER N 324 102.74 12.72 -41.98
C SER N 324 101.46 13.37 -42.46
N ARG N 325 100.31 13.00 -41.90
CA ARG N 325 99.01 13.52 -42.34
C ARG N 325 98.47 14.50 -41.32
N GLN N 326 97.86 15.57 -41.81
CA GLN N 326 97.26 16.60 -40.97
C GLN N 326 95.77 16.31 -40.82
N ILE N 327 95.39 15.82 -39.64
CA ILE N 327 93.99 15.50 -39.39
C ILE N 327 93.22 16.80 -39.16
N ILE N 328 92.30 17.11 -40.06
CA ILE N 328 91.54 18.35 -40.03
C ILE N 328 90.19 18.07 -39.39
N LEU N 329 89.79 18.89 -38.43
CA LEU N 329 88.57 18.63 -37.69
C LEU N 329 88.03 19.99 -37.20
N GLU N 330 86.92 19.97 -36.48
CA GLU N 330 86.28 21.21 -36.03
C GLU N 330 85.93 21.11 -34.54
N LYS N 331 85.31 22.17 -34.03
CA LYS N 331 85.09 22.34 -32.60
C LYS N 331 83.92 21.52 -32.08
N GLU N 332 82.83 21.45 -32.84
CA GLU N 332 81.61 20.82 -32.34
C GLU N 332 81.87 19.37 -31.97
N GLU N 333 82.41 18.59 -32.91
CA GLU N 333 82.76 17.22 -32.60
C GLU N 333 83.94 17.13 -31.66
N THR N 334 84.79 18.15 -31.60
CA THR N 334 85.88 18.15 -30.62
C THR N 334 85.33 18.12 -29.21
N GLU N 335 84.36 18.98 -28.91
CA GLU N 335 83.75 18.95 -27.58
C GLU N 335 82.81 17.77 -27.41
N GLU N 336 82.19 17.31 -28.50
CA GLU N 336 81.40 16.08 -28.42
C GLU N 336 82.25 14.87 -28.12
N LEU N 337 83.57 14.95 -28.37
CA LEU N 337 84.50 13.95 -27.86
C LEU N 337 84.91 14.29 -26.43
N LYS N 338 85.09 15.57 -26.13
CA LYS N 338 85.36 15.98 -24.76
C LYS N 338 84.20 15.62 -23.84
N ARG N 339 82.99 15.97 -24.25
CA ARG N 339 81.80 15.53 -23.54
C ARG N 339 81.49 14.08 -23.89
N PHE N 340 81.10 13.31 -22.90
CA PHE N 340 80.65 11.94 -23.15
C PHE N 340 79.37 11.56 -22.42
N ASP N 341 79.00 12.24 -21.35
CA ASP N 341 77.82 11.90 -20.58
C ASP N 341 77.13 13.18 -20.11
N ASP N 342 75.86 13.03 -19.76
CA ASP N 342 75.06 14.17 -19.33
C ASP N 342 75.48 14.65 -17.95
N PRO N 343 75.26 15.93 -17.63
CA PRO N 343 75.48 16.39 -16.26
C PRO N 343 74.66 15.59 -15.27
N GLY N 344 75.34 14.83 -14.42
CA GLY N 344 74.66 13.93 -13.51
C GLY N 344 75.64 12.90 -12.98
N LEU N 345 75.07 11.87 -12.38
CA LEU N 345 75.87 10.81 -11.76
C LEU N 345 75.26 9.45 -12.11
N MET N 346 76.12 8.52 -12.50
CA MET N 346 75.71 7.18 -12.90
C MET N 346 76.34 6.18 -11.94
N LEU N 347 75.52 5.56 -11.09
CA LEU N 347 76.04 4.70 -10.04
C LEU N 347 76.64 3.42 -10.61
N MET N 348 77.77 3.01 -10.05
CA MET N 348 78.43 1.77 -10.44
C MET N 348 78.15 0.62 -9.48
N GLY N 349 78.18 0.88 -8.18
CA GLY N 349 77.90 -0.16 -7.21
C GLY N 349 78.35 0.24 -5.82
N PHE N 350 78.34 -0.75 -4.93
CA PHE N 350 78.74 -0.58 -3.54
C PHE N 350 79.95 -1.45 -3.24
N LYS N 351 80.88 -0.91 -2.46
CA LYS N 351 82.09 -1.66 -2.17
C LYS N 351 82.70 -1.19 -0.86
N PRO N 352 83.20 -2.10 -0.02
CA PRO N 352 83.87 -1.70 1.21
C PRO N 352 85.08 -0.80 0.92
N LEU N 353 85.29 0.14 1.85
CA LEU N 353 86.31 1.17 1.65
C LEU N 353 87.71 0.60 1.51
N VAL N 354 87.93 -0.65 1.93
CA VAL N 354 89.25 -1.24 1.87
C VAL N 354 89.73 -1.44 0.43
N LEU N 355 88.84 -1.34 -0.55
CA LEU N 355 89.19 -1.60 -1.94
C LEU N 355 89.83 -0.41 -2.63
N LEU N 356 90.31 0.59 -1.89
CA LEU N 356 90.99 1.73 -2.47
C LEU N 356 92.40 1.84 -1.90
N LYS N 357 93.33 2.30 -2.73
CA LYS N 357 94.71 2.48 -2.31
C LYS N 357 94.92 3.89 -1.77
N LYS N 358 95.76 4.00 -0.74
CA LYS N 358 96.00 5.30 -0.13
C LYS N 358 96.73 6.24 -1.08
N HIS N 359 97.67 5.72 -1.87
CA HIS N 359 98.33 6.56 -2.85
C HIS N 359 97.42 6.93 -4.01
N HIS N 360 96.35 6.16 -4.22
CA HIS N 360 95.38 6.48 -5.26
C HIS N 360 94.60 7.72 -4.85
N TYR N 361 94.87 8.85 -5.50
CA TYR N 361 94.17 10.09 -5.21
C TYR N 361 94.29 10.97 -6.46
N LEU N 362 93.15 11.21 -7.12
CA LEU N 362 93.14 11.94 -8.39
C LEU N 362 93.03 13.46 -8.18
N ARG N 363 91.89 13.92 -7.66
CA ARG N 363 91.69 15.34 -7.41
C ARG N 363 91.00 15.58 -6.07
N PRO N 364 91.23 16.77 -5.49
CA PRO N 364 90.93 16.98 -4.07
C PRO N 364 89.45 16.75 -3.78
N SER N 365 89.20 16.16 -2.60
CA SER N 365 87.89 15.65 -2.24
C SER N 365 86.86 16.76 -2.10
N LEU N 366 85.62 16.43 -2.45
CA LEU N 366 84.48 17.32 -2.35
C LEU N 366 83.45 16.76 -1.38
N PHE N 367 82.43 17.56 -1.10
CA PHE N 367 81.33 17.16 -0.23
C PHE N 367 80.02 17.17 -1.01
N VAL N 368 79.14 16.24 -0.67
CA VAL N 368 77.84 16.10 -1.32
C VAL N 368 76.76 16.27 -0.27
N TYR N 369 75.78 17.12 -0.54
CA TYR N 369 74.69 17.34 0.37
C TYR N 369 73.35 17.00 -0.29
N PRO N 370 72.40 16.44 0.45
CA PRO N 370 71.09 16.15 -0.13
C PRO N 370 70.41 17.42 -0.62
N GLU N 371 69.70 17.31 -1.73
CA GLU N 371 68.96 18.42 -2.30
C GLU N 371 67.51 18.00 -2.48
N GLU N 372 66.59 18.83 -2.01
CA GLU N 372 65.16 18.52 -2.00
C GLU N 372 64.37 19.55 -2.81
N SER N 373 64.89 19.93 -3.98
CA SER N 373 64.19 20.84 -4.88
C SER N 373 63.81 20.14 -6.18
N LEU N 374 64.79 19.58 -6.89
CA LEU N 374 64.48 18.86 -8.12
C LEU N 374 63.83 17.52 -7.83
N VAL N 375 64.33 16.81 -6.82
CA VAL N 375 63.74 15.57 -6.34
C VAL N 375 63.47 15.72 -4.86
N ILE N 376 62.19 15.71 -4.49
CA ILE N 376 61.77 15.82 -3.09
C ILE N 376 61.47 14.42 -2.58
N GLY N 377 61.78 14.20 -1.31
CA GLY N 377 61.78 12.86 -0.74
C GLY N 377 63.13 12.19 -0.76
N SER N 378 64.14 12.82 -1.34
CA SER N 378 65.50 12.30 -1.34
C SER N 378 66.24 12.59 -0.05
N SER N 379 65.63 13.31 0.89
CA SER N 379 66.25 13.49 2.20
C SER N 379 66.04 12.26 3.08
N THR N 380 64.83 11.70 3.08
CA THR N 380 64.61 10.42 3.72
C THR N 380 65.49 9.35 3.10
N LEU N 381 65.56 9.34 1.77
CA LEU N 381 66.42 8.39 1.07
C LEU N 381 67.88 8.61 1.41
N PHE N 382 68.32 9.87 1.49
CA PHE N 382 69.70 10.16 1.83
C PHE N 382 70.03 9.67 3.24
N SER N 383 69.13 9.90 4.20
CA SER N 383 69.38 9.42 5.55
C SER N 383 69.43 7.90 5.58
N ALA N 384 68.51 7.24 4.87
CA ALA N 384 68.48 5.78 4.87
C ALA N 384 69.77 5.21 4.27
N LEU N 385 70.18 5.71 3.10
CA LEU N 385 71.39 5.21 2.47
C LEU N 385 72.63 5.56 3.28
N LEU N 386 72.65 6.74 3.90
CA LEU N 386 73.75 7.12 4.77
C LEU N 386 73.93 6.11 5.88
N ILE N 387 72.84 5.82 6.60
CA ILE N 387 72.92 4.88 7.72
C ILE N 387 73.32 3.49 7.21
N LYS N 388 72.71 3.05 6.10
CA LYS N 388 72.95 1.69 5.62
C LYS N 388 74.39 1.50 5.16
N CYS N 389 74.95 2.48 4.44
CA CYS N 389 76.34 2.40 4.04
C CYS N 389 77.28 2.61 5.23
N LEU N 390 76.82 3.28 6.29
CA LEU N 390 77.58 3.29 7.53
C LEU N 390 77.67 1.89 8.13
N GLU N 391 76.56 1.15 8.10
CA GLU N 391 76.54 -0.18 8.69
C GLU N 391 77.53 -1.11 7.99
N LYS N 392 77.46 -1.17 6.67
CA LYS N 392 78.28 -2.09 5.89
C LYS N 392 79.58 -1.48 5.40
N GLU N 393 79.82 -0.19 5.68
CA GLU N 393 81.04 0.49 5.25
C GLU N 393 81.25 0.33 3.75
N VAL N 394 80.17 0.47 3.00
CA VAL N 394 80.20 0.29 1.55
C VAL N 394 80.16 1.65 0.88
N ALA N 395 81.21 1.96 0.11
CA ALA N 395 81.29 3.21 -0.61
C ALA N 395 80.47 3.14 -1.89
N ALA N 396 80.01 4.30 -2.35
CA ALA N 396 79.18 4.39 -3.55
C ALA N 396 80.06 4.85 -4.71
N LEU N 397 80.61 3.88 -5.43
CA LEU N 397 81.35 4.19 -6.64
C LEU N 397 80.39 4.61 -7.73
N CYS N 398 80.71 5.70 -8.43
CA CYS N 398 79.76 6.32 -9.32
C CYS N 398 80.48 6.92 -10.53
N ARG N 399 79.89 6.75 -11.71
CA ARG N 399 80.33 7.50 -12.88
C ARG N 399 79.73 8.89 -12.81
N TYR N 400 80.59 9.90 -12.75
CA TYR N 400 80.17 11.26 -12.44
C TYR N 400 80.51 12.19 -13.59
N THR N 401 79.53 12.99 -14.00
CA THR N 401 79.74 14.03 -15.01
C THR N 401 79.19 15.33 -14.46
N PRO N 402 80.06 16.31 -14.13
CA PRO N 402 79.55 17.54 -13.51
C PRO N 402 78.67 18.36 -14.44
N ARG N 403 79.08 18.55 -15.68
CA ARG N 403 78.35 19.41 -16.62
C ARG N 403 78.56 18.84 -18.03
N ARG N 404 78.27 19.66 -19.03
CA ARG N 404 78.58 19.29 -20.40
C ARG N 404 80.04 19.61 -20.71
N ASN N 405 80.50 19.12 -21.86
CA ASN N 405 81.86 19.36 -22.35
C ASN N 405 82.91 18.84 -21.37
N ILE N 406 82.59 17.76 -20.65
CA ILE N 406 83.53 17.21 -19.67
C ILE N 406 83.34 15.70 -19.61
N PRO N 407 84.43 14.93 -19.54
CA PRO N 407 84.30 13.47 -19.53
C PRO N 407 83.67 12.97 -18.22
N PRO N 408 83.00 11.83 -18.26
CA PRO N 408 82.52 11.19 -17.03
C PRO N 408 83.65 10.45 -16.33
N TYR N 409 84.07 10.98 -15.18
CA TYR N 409 85.07 10.30 -14.37
C TYR N 409 84.39 9.36 -13.38
N PHE N 410 85.21 8.72 -12.55
CA PHE N 410 84.75 7.77 -11.55
C PHE N 410 85.10 8.30 -10.18
N VAL N 411 84.12 8.30 -9.28
CA VAL N 411 84.25 8.94 -7.97
C VAL N 411 83.81 7.96 -6.89
N ALA N 412 84.48 8.02 -5.75
CA ALA N 412 84.13 7.21 -4.59
C ALA N 412 83.35 8.06 -3.60
N LEU N 413 82.23 7.53 -3.12
CA LEU N 413 81.36 8.24 -2.20
C LEU N 413 81.41 7.58 -0.83
N VAL N 414 81.92 8.30 0.16
CA VAL N 414 81.98 7.78 1.52
C VAL N 414 81.04 8.63 2.40
N PRO N 415 80.24 8.00 3.25
CA PRO N 415 79.35 8.77 4.15
C PRO N 415 80.15 9.67 5.07
N GLN N 416 79.97 10.97 4.90
CA GLN N 416 80.59 11.97 5.77
C GLN N 416 79.53 12.44 6.76
N GLU N 417 79.61 11.95 7.99
CA GLU N 417 78.56 12.14 8.97
C GLU N 417 78.64 13.54 9.60
N GLU N 418 77.59 13.87 10.34
CA GLU N 418 77.57 15.10 11.11
C GLU N 418 78.41 14.96 12.36
N GLU N 419 79.32 15.90 12.58
CA GLU N 419 80.14 15.96 13.77
C GLU N 419 79.79 17.21 14.54
N LEU N 420 79.39 17.05 15.80
CA LEU N 420 78.97 18.16 16.64
C LEU N 420 80.11 18.54 17.58
N ASP N 421 80.36 19.84 17.68
CA ASP N 421 81.43 20.36 18.54
C ASP N 421 80.94 20.39 19.99
N ASP N 422 81.68 21.10 20.84
CA ASP N 422 81.29 21.22 22.24
C ASP N 422 79.90 21.83 22.39
N GLN N 423 79.60 22.86 21.59
CA GLN N 423 78.29 23.50 21.60
C GLN N 423 77.31 22.82 20.65
N LYS N 424 77.59 21.59 20.23
CA LYS N 424 76.74 20.80 19.35
C LYS N 424 76.52 21.47 17.99
N ILE N 425 77.44 22.35 17.59
CA ILE N 425 77.40 22.95 16.26
C ILE N 425 78.14 22.01 15.31
N GLN N 426 77.50 21.70 14.19
CA GLN N 426 78.06 20.75 13.23
C GLN N 426 79.34 21.30 12.63
N VAL N 427 80.48 20.72 13.02
CA VAL N 427 81.75 21.08 12.43
C VAL N 427 82.06 20.24 11.19
N THR N 428 81.41 19.09 11.04
CA THR N 428 81.49 18.28 9.83
C THR N 428 80.06 18.08 9.36
N PRO N 429 79.69 18.53 8.16
CA PRO N 429 78.30 18.41 7.74
C PRO N 429 77.94 16.96 7.50
N PRO N 430 76.67 16.59 7.73
CA PRO N 430 76.22 15.24 7.39
C PRO N 430 75.98 15.12 5.90
N GLY N 431 76.52 14.07 5.30
CA GLY N 431 76.40 13.87 3.88
C GLY N 431 77.44 12.90 3.36
N PHE N 432 77.99 13.18 2.18
CA PHE N 432 78.97 12.29 1.58
C PHE N 432 80.22 13.09 1.21
N GLN N 433 81.37 12.59 1.66
CA GLN N 433 82.66 13.08 1.18
C GLN N 433 82.97 12.34 -0.10
N LEU N 434 83.02 13.06 -1.22
CA LEU N 434 83.17 12.46 -2.53
C LEU N 434 84.65 12.45 -2.89
N VAL N 435 85.19 11.27 -3.18
CA VAL N 435 86.61 11.12 -3.48
C VAL N 435 86.78 10.60 -4.89
N PHE N 436 87.76 11.14 -5.61
CA PHE N 436 87.87 10.99 -7.05
C PHE N 436 88.92 9.94 -7.41
N LEU N 437 88.66 9.20 -8.50
CA LEU N 437 89.52 8.06 -8.85
C LEU N 437 90.24 8.29 -10.17
N PRO N 438 91.56 8.09 -10.19
CA PRO N 438 92.32 8.22 -11.43
C PRO N 438 92.12 7.05 -12.36
N PHE N 439 92.88 7.01 -13.45
CA PHE N 439 92.79 5.95 -14.43
C PHE N 439 94.16 5.32 -14.66
N ALA N 440 94.19 4.24 -15.44
CA ALA N 440 95.44 3.50 -15.66
C ALA N 440 96.49 4.36 -16.33
N ASP N 441 96.11 5.08 -17.40
CA ASP N 441 97.03 6.00 -18.04
C ASP N 441 97.31 7.22 -17.18
N ASP N 442 96.51 7.46 -16.14
CA ASP N 442 96.67 8.59 -15.24
C ASP N 442 97.60 8.28 -14.07
N LYS N 443 98.41 7.24 -14.18
CA LYS N 443 99.36 6.86 -13.13
C LYS N 443 100.71 6.61 -13.77
N ARG N 444 101.71 7.40 -13.39
CA ARG N 444 103.06 7.23 -13.91
C ARG N 444 103.75 6.06 -13.21
N LYS N 445 104.82 5.59 -13.85
CA LYS N 445 105.54 4.43 -13.34
C LYS N 445 106.54 4.85 -12.26
N MET N 446 106.84 3.91 -11.37
CA MET N 446 107.78 4.12 -10.28
C MET N 446 108.93 3.12 -10.42
N PRO N 447 110.17 3.56 -10.58
CA PRO N 447 111.28 2.61 -10.63
C PRO N 447 111.38 1.83 -9.33
N PHE N 448 111.78 0.56 -9.45
CA PHE N 448 111.82 -0.32 -8.29
C PHE N 448 112.77 0.23 -7.23
N THR N 449 112.31 0.24 -5.99
CA THR N 449 113.06 0.78 -4.87
C THR N 449 113.43 -0.34 -3.91
N GLU N 450 114.60 -0.23 -3.29
CA GLU N 450 115.04 -1.20 -2.31
C GLU N 450 114.35 -0.96 -0.97
N LYS N 451 113.94 -2.04 -0.32
CA LYS N 451 113.37 -1.99 1.02
C LYS N 451 114.42 -2.56 1.97
N ILE N 452 115.32 -1.70 2.41
CA ILE N 452 116.40 -2.10 3.31
C ILE N 452 116.03 -1.63 4.72
N MET N 453 115.85 -2.60 5.62
CA MET N 453 115.29 -2.32 6.93
C MET N 453 116.25 -1.46 7.76
N ALA N 454 115.71 -0.92 8.86
CA ALA N 454 116.47 -0.15 9.82
C ALA N 454 116.40 -0.83 11.18
N THR N 455 117.48 -0.74 11.94
CA THR N 455 117.51 -1.38 13.24
C THR N 455 116.46 -0.75 14.15
N PRO N 456 115.89 -1.51 15.07
CA PRO N 456 114.85 -0.95 15.95
C PRO N 456 115.33 0.23 16.77
N GLU N 457 116.63 0.32 17.05
CA GLU N 457 117.15 1.47 17.78
C GLU N 457 116.98 2.75 16.97
N GLN N 458 117.20 2.68 15.65
CA GLN N 458 116.96 3.84 14.80
C GLN N 458 115.48 4.23 14.80
N VAL N 459 114.61 3.22 14.77
CA VAL N 459 113.17 3.47 14.79
C VAL N 459 112.79 4.19 16.08
N GLY N 460 113.31 3.71 17.21
CA GLY N 460 113.07 4.39 18.48
C GLY N 460 113.67 5.78 18.54
N LYS N 461 114.83 5.97 17.91
CA LYS N 461 115.44 7.29 17.85
C LYS N 461 114.51 8.28 17.17
N MET N 462 113.98 7.92 16.00
CA MET N 462 113.11 8.89 15.35
C MET N 462 111.76 8.96 16.06
N LYS N 463 111.34 7.88 16.73
CA LYS N 463 110.12 7.96 17.53
C LYS N 463 110.26 9.02 18.63
N ALA N 464 111.41 9.03 19.30
CA ALA N 464 111.68 10.08 20.29
C ALA N 464 111.73 11.45 19.61
N ILE N 465 112.36 11.53 18.44
CA ILE N 465 112.44 12.79 17.71
C ILE N 465 111.05 13.34 17.43
N VAL N 466 110.16 12.49 16.90
CA VAL N 466 108.83 12.93 16.50
C VAL N 466 107.98 13.23 17.73
N GLU N 467 108.09 12.41 18.78
CA GLU N 467 107.36 12.68 20.01
C GLU N 467 107.76 14.03 20.58
N LYS N 468 109.04 14.39 20.49
CA LYS N 468 109.45 15.75 20.82
C LYS N 468 108.83 16.76 19.87
N LEU N 469 108.72 16.41 18.58
CA LEU N 469 108.20 17.31 17.55
C LEU N 469 106.71 17.09 17.29
N ARG N 470 105.96 16.62 18.27
CA ARG N 470 104.55 16.29 18.09
C ARG N 470 103.66 17.48 18.41
N PHE N 471 102.63 17.67 17.59
CA PHE N 471 101.62 18.69 17.84
C PHE N 471 100.38 18.34 17.03
N THR N 472 99.32 19.13 17.21
CA THR N 472 98.07 18.91 16.53
C THR N 472 98.00 19.69 15.23
N TYR N 473 97.04 19.30 14.38
CA TYR N 473 96.85 19.92 13.08
C TYR N 473 95.65 20.83 13.08
N ARG N 474 95.77 21.97 12.39
CA ARG N 474 94.65 22.89 12.19
C ARG N 474 94.98 23.75 10.97
N SER N 475 94.12 23.68 9.96
CA SER N 475 94.43 24.31 8.67
C SER N 475 94.35 25.84 8.74
N ASP N 476 93.64 26.38 9.71
CA ASP N 476 93.59 27.83 9.87
C ASP N 476 94.91 28.40 10.38
N SER N 477 95.85 27.56 10.80
CA SER N 477 97.17 28.00 11.19
C SER N 477 98.18 27.94 10.05
N PHE N 478 97.75 27.57 8.85
CA PHE N 478 98.64 27.45 7.70
C PHE N 478 98.14 28.32 6.56
N GLU N 479 99.09 28.87 5.81
CA GLU N 479 98.78 29.83 4.76
C GLU N 479 99.86 29.73 3.69
N ASN N 480 99.69 30.52 2.64
CA ASN N 480 100.76 30.71 1.66
C ASN N 480 101.46 32.01 1.98
N PRO N 481 102.70 31.98 2.49
CA PRO N 481 103.37 33.25 2.82
C PRO N 481 103.56 34.16 1.62
N VAL N 482 103.66 33.60 0.43
CA VAL N 482 103.73 34.43 -0.78
C VAL N 482 102.43 35.20 -0.96
N LEU N 483 101.30 34.51 -0.80
CA LEU N 483 100.00 35.17 -0.92
C LEU N 483 99.81 36.22 0.17
N GLN N 484 100.21 35.90 1.40
CA GLN N 484 100.10 36.88 2.48
C GLN N 484 100.95 38.10 2.19
N GLN N 485 102.17 37.89 1.69
CA GLN N 485 103.01 39.01 1.29
C GLN N 485 102.34 39.83 0.21
N HIS N 486 101.73 39.16 -0.77
CA HIS N 486 101.00 39.88 -1.81
C HIS N 486 99.92 40.78 -1.21
N PHE N 487 99.12 40.22 -0.30
CA PHE N 487 98.04 40.98 0.32
C PHE N 487 98.59 42.19 1.06
N ARG N 488 99.61 41.97 1.89
CA ARG N 488 100.17 43.05 2.69
C ARG N 488 100.80 44.12 1.81
N ASN N 489 101.49 43.72 0.75
CA ASN N 489 102.06 44.69 -0.17
C ASN N 489 100.97 45.54 -0.80
N LEU N 490 99.92 44.89 -1.32
CA LEU N 490 98.84 45.63 -1.96
C LEU N 490 98.20 46.61 -0.99
N GLU N 491 97.95 46.16 0.24
CA GLU N 491 97.41 47.06 1.26
C GLU N 491 98.34 48.24 1.48
N ALA N 492 99.57 47.98 1.90
CA ALA N 492 100.48 49.04 2.32
C ALA N 492 100.76 50.03 1.20
N LEU N 493 100.76 49.57 -0.06
CA LEU N 493 100.90 50.54 -1.14
C LEU N 493 99.60 51.32 -1.34
N ALA N 494 98.46 50.65 -1.18
CA ALA N 494 97.19 51.37 -1.16
C ALA N 494 97.06 52.22 0.10
N LEU N 495 97.62 51.74 1.21
CA LEU N 495 97.69 52.54 2.43
C LEU N 495 98.80 53.57 2.41
N ASP N 496 99.65 53.54 1.38
CA ASP N 496 100.76 54.48 1.22
C ASP N 496 101.71 54.42 2.41
N LEU N 497 101.88 53.22 2.95
CA LEU N 497 102.81 53.01 4.05
C LEU N 497 104.25 53.04 3.54
N MET N 498 105.15 53.46 4.42
CA MET N 498 106.57 53.48 4.08
C MET N 498 107.14 52.08 3.93
N GLU N 499 106.44 51.06 4.45
CA GLU N 499 106.94 49.71 4.45
C GLU N 499 105.77 48.74 4.46
N PRO N 500 105.86 47.65 3.71
CA PRO N 500 104.78 46.65 3.71
C PRO N 500 104.76 45.84 4.99
N GLU N 501 103.57 45.44 5.39
CA GLU N 501 103.44 44.48 6.49
C GLU N 501 104.11 43.17 6.07
N GLN N 502 104.83 42.56 7.01
CA GLN N 502 105.64 41.39 6.70
C GLN N 502 104.85 40.12 6.96
N ALA N 503 104.71 39.29 5.93
CA ALA N 503 104.05 38.00 6.09
C ALA N 503 104.90 37.07 6.93
N VAL N 504 104.25 36.28 7.77
CA VAL N 504 104.93 35.32 8.64
C VAL N 504 105.03 33.99 7.91
N ASP N 505 106.27 33.53 7.69
CA ASP N 505 106.50 32.28 6.98
C ASP N 505 106.34 31.13 7.95
N LEU N 506 105.09 30.69 8.13
CA LEU N 506 104.80 29.51 8.93
C LEU N 506 105.14 28.22 8.22
N THR N 507 105.63 28.30 6.97
CA THR N 507 106.10 27.15 6.22
C THR N 507 107.59 26.92 6.39
N LEU N 508 108.16 27.29 7.54
CA LEU N 508 109.56 27.06 7.84
C LEU N 508 109.66 26.64 9.31
N PRO N 509 110.41 25.60 9.63
CA PRO N 509 110.51 25.16 11.03
C PRO N 509 111.39 26.09 11.84
N LYS N 510 111.17 26.05 13.16
CA LYS N 510 111.97 26.84 14.10
C LYS N 510 113.21 26.03 14.45
N VAL N 511 114.36 26.44 13.87
CA VAL N 511 115.58 25.65 13.99
C VAL N 511 116.07 25.58 15.43
N GLU N 512 115.85 26.63 16.21
CA GLU N 512 116.34 26.66 17.59
C GLU N 512 115.70 25.55 18.41
N ALA N 513 114.37 25.59 18.56
CA ALA N 513 113.65 24.54 19.27
C ALA N 513 113.79 23.19 18.55
N MET N 514 113.98 23.22 17.23
CA MET N 514 114.26 21.99 16.49
C MET N 514 115.46 21.27 17.08
N ASN N 515 116.63 21.92 17.01
CA ASN N 515 117.85 21.32 17.55
C ASN N 515 117.76 21.13 19.06
N LYS N 516 116.94 21.94 19.74
CA LYS N 516 116.72 21.74 21.16
C LYS N 516 116.08 20.38 21.44
N ARG N 517 115.08 20.01 20.65
CA ARG N 517 114.36 18.75 20.84
C ARG N 517 114.97 17.59 20.08
N LEU N 518 115.98 17.83 19.25
CA LEU N 518 116.76 16.75 18.65
C LEU N 518 117.99 16.41 19.49
N GLY N 519 118.88 17.39 19.66
CA GLY N 519 120.10 17.14 20.41
C GLY N 519 120.95 16.07 19.77
N SER N 520 121.29 15.05 20.57
CA SER N 520 122.12 13.95 20.12
C SER N 520 121.37 12.93 19.27
N LEU N 521 120.05 13.06 19.15
CA LEU N 521 119.29 12.09 18.37
C LEU N 521 119.71 12.10 16.91
N VAL N 522 119.96 13.28 16.35
CA VAL N 522 120.27 13.39 14.92
C VAL N 522 121.56 12.64 14.59
N ASP N 523 122.66 13.02 15.24
CA ASP N 523 123.93 12.37 14.93
C ASP N 523 123.97 10.93 15.42
N GLU N 524 123.23 10.60 16.47
CA GLU N 524 123.12 9.19 16.87
C GLU N 524 122.50 8.37 15.75
N PHE N 525 121.36 8.83 15.22
CA PHE N 525 120.72 8.15 14.10
C PHE N 525 121.64 8.12 12.89
N LYS N 526 122.41 9.20 12.68
CA LYS N 526 123.38 9.23 11.61
C LYS N 526 124.36 8.07 11.73
N GLU N 527 125.13 8.04 12.82
CA GLU N 527 126.12 6.97 13.00
C GLU N 527 125.47 5.60 13.01
N LEU N 528 124.21 5.51 13.43
CA LEU N 528 123.49 4.24 13.32
C LEU N 528 123.26 3.86 11.87
N VAL N 529 122.98 4.83 11.00
CA VAL N 529 122.66 4.60 9.61
C VAL N 529 123.80 5.03 8.69
N TYR N 530 124.14 6.32 8.70
CA TYR N 530 125.08 6.91 7.77
C TYR N 530 126.50 6.86 8.31
N PRO N 531 127.49 6.64 7.45
CA PRO N 531 128.89 6.79 7.88
C PRO N 531 129.17 8.22 8.28
N PRO N 532 130.00 8.43 9.31
CA PRO N 532 130.31 9.82 9.72
C PRO N 532 130.98 10.62 8.62
N ASP N 533 131.85 10.01 7.83
CA ASP N 533 132.52 10.72 6.74
C ASP N 533 131.65 10.87 5.51
N TYR N 534 130.61 10.05 5.39
CA TYR N 534 129.73 10.07 4.22
C TYR N 534 128.46 10.83 4.58
N ASN N 535 128.37 12.08 4.13
CA ASN N 535 127.12 12.80 4.21
C ASN N 535 126.13 12.17 3.23
N PRO N 536 124.83 12.38 3.44
CA PRO N 536 123.84 11.86 2.48
C PRO N 536 124.03 12.41 1.08
N GLU N 537 124.72 13.54 0.92
CA GLU N 537 125.14 14.04 -0.37
C GLU N 537 126.66 13.98 -0.45
N GLY N 538 127.17 13.31 -1.47
CA GLY N 538 128.61 13.19 -1.66
C GLY N 538 129.27 12.23 -0.68
N LYS S 293 -37.34 -16.72 95.69
CA LYS S 293 -38.30 -17.38 96.56
C LYS S 293 -39.66 -16.67 96.53
N PRO S 294 -40.74 -17.45 96.63
CA PRO S 294 -42.07 -16.93 96.28
C PRO S 294 -42.89 -16.43 97.45
N ARG S 295 -43.58 -15.28 97.29
CA ARG S 295 -44.75 -14.98 98.14
C ARG S 295 -45.69 -14.04 97.38
N GLY S 296 -46.54 -14.59 96.53
CA GLY S 296 -47.46 -13.69 95.85
C GLY S 296 -48.41 -14.38 94.92
N LEU S 297 -48.70 -13.73 93.78
CA LEU S 297 -49.37 -14.42 92.71
C LEU S 297 -48.52 -15.59 92.26
N PHE S 298 -47.22 -15.51 92.53
CA PHE S 298 -46.27 -16.60 92.37
C PHE S 298 -46.16 -17.33 93.70
N SER S 299 -47.12 -18.22 93.92
CA SER S 299 -47.16 -19.05 95.12
C SER S 299 -48.13 -20.22 94.92
N LYS T 293 104.57 -10.35 -15.63
CA LYS T 293 105.24 -9.22 -16.28
C LYS T 293 104.92 -9.18 -17.78
N PRO T 294 104.18 -8.16 -18.21
CA PRO T 294 103.88 -8.03 -19.64
C PRO T 294 105.16 -7.85 -20.46
N ARG T 295 105.09 -8.25 -21.73
CA ARG T 295 106.24 -8.15 -22.63
C ARG T 295 105.73 -8.00 -24.05
N GLY T 296 105.92 -6.82 -24.64
CA GLY T 296 105.80 -6.71 -26.09
C GLY T 296 104.66 -5.92 -26.68
N LEU T 297 103.72 -6.62 -27.32
CA LEU T 297 102.48 -5.95 -27.69
C LEU T 297 101.77 -5.45 -26.44
N PHE T 298 102.08 -6.03 -25.28
CA PHE T 298 101.88 -5.35 -24.01
C PHE T 298 103.16 -4.65 -23.54
N SER T 299 103.75 -3.85 -24.44
CA SER T 299 104.81 -2.91 -24.10
C SER T 299 105.04 -2.03 -25.32
#